data_8EJ4
#
_entry.id   8EJ4
#
_cell.length_a   1.00
_cell.length_b   1.00
_cell.length_c   1.00
_cell.angle_alpha   90.00
_cell.angle_beta   90.00
_cell.angle_gamma   90.00
#
_symmetry.space_group_name_H-M   'P 1'
#
loop_
_entity.id
_entity.type
_entity.pdbx_description
1 polymer 'NACHT, LRR and PYD domains-containing protein 3'
2 polymer 'Serine/threonine-protein kinase Nek7'
3 non-polymer 'PHOSPHOTHIOPHOSPHORIC ACID-ADENYLATE ESTER'
4 non-polymer 'MAGNESIUM ION'
#
loop_
_entity_poly.entity_id
_entity_poly.type
_entity_poly.pdbx_seq_one_letter_code
_entity_poly.pdbx_strand_id
1 'polypeptide(L)'
;KKDYRKKYRKYVRSRFQCIEDRNARLGESVSLNKRYTRLRLIKEHRSQQEREQELLAIGKTKTCESPVSPIKMELLFDPD
DEHSEPVHTVVFQGAAGIGKTILARKMMLDWASGTLYQDRFDYLFYIHCREVSLVTQRSLGDLIMSCCPDPNPPIHKIVR
KPSRILFLMDGFDELQGAFDEHIGPLCTDWQKAERGDILLSSLIRKKLLPEASLLITTRPVALEKLQHLLDHPRHVEILG
FSEAKRKEYFFKYFSDEAQARAAFSLIQENEVLFTMCFIPLVCWIVCTGLKQQMESGKSLAQTSKTTTAVYVFFLSSLLQ
PRGGSQEHGLCAHLWGLCSLAADGIWNQKILFEESDLRNHGLQKADVSAFLRMNLFQKEVDCEKFYSFIHMTFQEFFAAM
YYLLEEEKEGRTNVPGSRLKLPSRDVTVLLENYGKFEKGYLIFVVRFLFGLVNQERTSYLEKKLSCKISQQIRLELLKWI
EVKAKAKKLQIQPSQLELFYCLYEMQEEDFVQRAMDYFPKIEINLSTRMDHMVSSFCIENCHRVESLSLGFLHNMPKEEE
EEEKEGRHLDMVQCVLPSSSHAACSHGLVNSHLTSSFCRGLFSVLSTSQSLTELDLSDNSLGDPGMRVLCETLQHPGCNI
RRLWLGRCGLSHECCFDISLVLSSNQKLVELDLSDNALGDFGIRLLCVGLKHLLCNLKKLWLVSCCLTSACCQDLASVLS
TSHSLTRLYVGENALGDSGVAILCEKAKNPQCNLQKLGLVNSGLTSVCCSALSSVLSTNQNLTHLYLRGNTLGDKGIKLL
CEGLLHPDCKLQVLELDNCNLTSHCCWDLSTLLTSSQSLRKLSLGNNDLGDLGVMMFCEVLKQQSCLLQNLGLSEMYFNY
ETKSALETLQEEKPELTVVFEP
;
A,B,C,D,E,F,G,H,I,J
2 'polypeptide(L)'
;KALRPDMGYNTLANFRIEKKIGRGQFSEVYRAACLLDGVPVALKKVQIFDLMDAKARADCIKEIDLLKQLNHPNVIKYYA
SFIEDNELNIVLELADAGDLSRMIKHFKKQKRLIPERTVWKYFVQLCSALEHMHSRRVMHRDIKPANVFITATGVVKLGD
LGLGRFFSSKTTAAHSLVGTPYYMSPERIHENGYNFKSDIWSLGCLLYEMAALQSPFYGDKMNLYSLCKKIEQCDYPPLP
SDHYSEELRQLVNMCINPDPEKRPDVTYVYDVAKRMHA
;
K,L,M,N,O,P,Q,R,S,T
#
loop_
_chem_comp.id
_chem_comp.type
_chem_comp.name
_chem_comp.formula
AGS non-polymer 'PHOSPHOTHIOPHOSPHORIC ACID-ADENYLATE ESTER' 'C10 H16 N5 O12 P3 S'
MG non-polymer 'MAGNESIUM ION' 'Mg 2'
#
# COMPACT_ATOMS: atom_id res chain seq x y z
N LYS A 1 14.20 -31.27 -38.18
CA LYS A 1 13.98 -31.38 -39.62
C LYS A 1 12.53 -31.12 -39.98
N LYS A 2 12.33 -30.19 -40.92
CA LYS A 2 11.02 -29.73 -41.43
C LYS A 2 11.18 -28.77 -42.61
N ASP A 3 11.40 -29.31 -43.79
CA ASP A 3 11.70 -28.42 -44.91
C ASP A 3 10.56 -27.58 -45.38
N TYR A 4 10.25 -26.64 -44.52
CA TYR A 4 9.18 -25.67 -44.68
C TYR A 4 9.20 -25.10 -46.09
N ARG A 5 10.38 -25.04 -46.71
CA ARG A 5 10.44 -24.75 -48.15
C ARG A 5 9.59 -25.75 -48.92
N LYS A 6 9.72 -27.04 -48.61
CA LYS A 6 8.94 -28.05 -49.29
C LYS A 6 7.45 -27.85 -49.09
N LYS A 7 7.05 -27.58 -47.85
CA LYS A 7 5.62 -27.43 -47.57
C LYS A 7 5.05 -26.19 -48.26
N TYR A 8 5.79 -25.08 -48.22
CA TYR A 8 5.33 -23.87 -48.90
C TYR A 8 5.28 -24.07 -50.41
N ARG A 9 6.26 -24.77 -50.97
CA ARG A 9 6.25 -25.05 -52.40
C ARG A 9 5.02 -25.87 -52.76
N LYS A 10 4.70 -26.89 -51.96
CA LYS A 10 3.51 -27.69 -52.24
C LYS A 10 2.26 -26.82 -52.19
N TYR A 11 2.14 -25.97 -51.16
CA TYR A 11 0.95 -25.15 -51.05
C TYR A 11 0.81 -24.20 -52.23
N VAL A 12 1.90 -23.54 -52.61
CA VAL A 12 1.83 -22.58 -53.72
C VAL A 12 1.52 -23.30 -55.02
N ARG A 13 2.17 -24.44 -55.26
CA ARG A 13 1.89 -25.21 -56.46
C ARG A 13 0.45 -25.69 -56.51
N SER A 14 -0.16 -25.94 -55.36
CA SER A 14 -1.57 -26.30 -55.34
C SER A 14 -2.49 -25.10 -55.57
N ARG A 15 -2.16 -23.95 -54.99
CA ARG A 15 -3.03 -22.78 -55.05
C ARG A 15 -2.88 -21.98 -56.34
N PHE A 16 -1.81 -22.17 -57.09
CA PHE A 16 -1.54 -21.37 -58.28
C PHE A 16 -1.43 -22.22 -59.53
N GLN A 17 -2.38 -23.14 -59.71
CA GLN A 17 -2.34 -24.06 -60.85
C GLN A 17 -3.57 -24.00 -61.74
N CYS A 18 -4.52 -23.13 -61.46
CA CYS A 18 -5.73 -23.02 -62.26
C CYS A 18 -6.06 -21.55 -62.49
N ILE A 19 -6.62 -21.28 -63.67
CA ILE A 19 -6.93 -19.93 -64.11
C ILE A 19 -8.41 -19.88 -64.46
N GLU A 20 -9.19 -19.20 -63.63
CA GLU A 20 -10.62 -19.03 -63.90
C GLU A 20 -10.83 -17.84 -64.83
N ASP A 21 -11.57 -18.06 -65.91
CA ASP A 21 -11.86 -17.02 -66.87
C ASP A 21 -12.86 -16.03 -66.25
N ARG A 22 -13.24 -15.00 -67.01
CA ARG A 22 -14.21 -14.04 -66.50
C ARG A 22 -15.58 -14.68 -66.35
N ASN A 23 -16.05 -15.37 -67.40
CA ASN A 23 -17.34 -16.06 -67.36
C ASN A 23 -17.09 -17.54 -67.08
N ALA A 24 -16.83 -17.85 -65.82
CA ALA A 24 -16.56 -19.22 -65.38
C ALA A 24 -17.61 -19.61 -64.35
N ARG A 25 -18.59 -20.40 -64.79
CA ARG A 25 -19.53 -20.97 -63.84
C ARG A 25 -18.79 -21.89 -62.88
N LEU A 26 -19.38 -22.08 -61.70
CA LEU A 26 -18.71 -22.78 -60.61
C LEU A 26 -17.96 -24.01 -61.13
N GLY A 27 -16.72 -24.16 -60.66
CA GLY A 27 -15.92 -25.31 -60.99
C GLY A 27 -15.61 -25.50 -62.46
N GLU A 28 -15.19 -24.43 -63.14
CA GLU A 28 -14.80 -24.49 -64.54
C GLU A 28 -13.41 -23.91 -64.74
N SER A 29 -12.51 -24.17 -63.79
CA SER A 29 -11.15 -23.66 -63.89
C SER A 29 -10.37 -24.42 -64.97
N VAL A 30 -9.32 -23.78 -65.47
CA VAL A 30 -8.49 -24.33 -66.53
C VAL A 30 -7.04 -24.27 -66.10
N SER A 31 -6.30 -25.35 -66.37
CA SER A 31 -4.91 -25.43 -65.93
C SER A 31 -4.05 -24.41 -66.65
N LEU A 32 -3.15 -23.78 -65.90
CA LEU A 32 -2.25 -22.79 -66.48
C LEU A 32 -1.34 -23.41 -67.53
N ASN A 33 -0.75 -24.57 -67.21
CA ASN A 33 0.14 -25.22 -68.16
C ASN A 33 -0.57 -25.56 -69.46
N LYS A 34 -1.90 -25.68 -69.44
CA LYS A 34 -2.64 -25.87 -70.68
C LYS A 34 -2.91 -24.54 -71.36
N ARG A 35 -3.60 -23.63 -70.68
CA ARG A 35 -3.95 -22.34 -71.28
C ARG A 35 -3.00 -21.24 -70.79
N TYR A 36 -1.72 -21.41 -71.10
CA TYR A 36 -0.73 -20.35 -70.93
C TYR A 36 0.25 -20.41 -72.08
N THR A 37 0.22 -19.40 -72.93
CA THR A 37 1.21 -19.24 -73.99
C THR A 37 2.38 -18.42 -73.46
N ARG A 38 3.28 -18.00 -74.35
CA ARG A 38 4.43 -17.19 -73.97
C ARG A 38 4.34 -15.85 -74.66
N LEU A 39 4.41 -14.77 -73.89
CA LEU A 39 4.26 -13.42 -74.43
C LEU A 39 5.59 -12.94 -74.99
N ARG A 40 5.66 -11.66 -75.32
CA ARG A 40 6.89 -11.02 -75.79
C ARG A 40 7.32 -9.99 -74.76
N LEU A 41 8.55 -10.12 -74.27
CA LEU A 41 9.12 -9.17 -73.34
C LEU A 41 10.31 -8.47 -74.01
N ILE A 42 10.42 -7.17 -73.80
CA ILE A 42 11.48 -6.38 -74.40
C ILE A 42 11.96 -5.34 -73.41
N LYS A 43 13.27 -5.10 -73.39
CA LYS A 43 13.83 -3.99 -72.61
C LYS A 43 13.51 -2.69 -73.34
N GLU A 44 12.60 -1.90 -72.78
CA GLU A 44 11.97 -0.84 -73.55
C GLU A 44 13.01 0.15 -74.11
N HIS A 45 12.90 0.39 -75.41
CA HIS A 45 13.67 1.41 -76.11
C HIS A 45 12.78 2.15 -77.10
N ARG A 46 11.54 2.39 -76.70
CA ARG A 46 10.50 2.83 -77.63
C ARG A 46 10.52 4.35 -77.73
N SER A 47 10.95 4.86 -78.88
CA SER A 47 10.97 6.29 -79.14
C SER A 47 9.56 6.79 -79.49
N GLN A 48 9.44 8.11 -79.67
CA GLN A 48 8.13 8.70 -79.95
C GLN A 48 7.65 8.34 -81.37
N GLN A 49 8.49 8.57 -82.37
CA GLN A 49 8.14 8.18 -83.73
C GLN A 49 7.93 6.67 -83.81
N GLU A 50 8.76 5.90 -83.08
CA GLU A 50 8.60 4.46 -83.07
C GLU A 50 7.23 4.07 -82.51
N ARG A 51 6.81 4.72 -81.43
CA ARG A 51 5.51 4.42 -80.85
C ARG A 51 4.37 4.76 -81.81
N GLU A 52 4.45 5.93 -82.45
CA GLU A 52 3.38 6.32 -83.36
C GLU A 52 3.30 5.37 -84.55
N GLN A 53 4.45 5.02 -85.12
CA GLN A 53 4.46 4.09 -86.25
C GLN A 53 3.96 2.72 -85.82
N GLU A 54 4.32 2.27 -84.62
CA GLU A 54 3.79 1.01 -84.12
C GLU A 54 2.26 1.05 -84.08
N LEU A 55 1.71 2.09 -83.44
CA LEU A 55 0.26 2.25 -83.41
C LEU A 55 -0.32 2.07 -84.81
N LEU A 56 0.08 2.93 -85.75
CA LEU A 56 -0.57 2.96 -87.04
C LEU A 56 -0.38 1.66 -87.81
N ALA A 57 0.86 1.17 -87.89
CA ALA A 57 1.13 -0.05 -88.66
C ALA A 57 0.42 -1.25 -88.06
N ILE A 58 0.61 -1.50 -86.77
CA ILE A 58 -0.07 -2.60 -86.11
C ILE A 58 -1.56 -2.50 -86.34
N GLY A 59 -2.09 -1.28 -86.40
CA GLY A 59 -3.47 -1.11 -86.81
C GLY A 59 -3.71 -1.64 -88.22
N LYS A 60 -2.84 -1.27 -89.15
CA LYS A 60 -3.05 -1.72 -90.52
C LYS A 60 -2.98 -3.24 -90.62
N THR A 61 -1.78 -3.82 -90.51
CA THR A 61 -1.69 -5.26 -90.30
C THR A 61 -0.53 -5.64 -89.38
N LYS A 62 0.52 -4.83 -89.38
CA LYS A 62 1.81 -5.19 -88.80
C LYS A 62 2.11 -6.67 -89.03
N THR A 63 1.95 -7.14 -90.26
CA THR A 63 2.18 -8.54 -90.59
C THR A 63 3.54 -8.77 -91.25
N CYS A 64 4.34 -7.73 -91.43
CA CYS A 64 5.65 -7.88 -92.05
C CYS A 64 6.60 -8.64 -91.12
N GLU A 65 7.57 -9.31 -91.73
CA GLU A 65 8.56 -10.08 -90.98
C GLU A 65 9.46 -9.12 -90.21
N SER A 66 9.27 -9.04 -88.90
CA SER A 66 10.05 -8.17 -88.02
C SER A 66 10.52 -8.95 -86.81
N PRO A 67 11.41 -9.93 -87.00
CA PRO A 67 11.93 -10.68 -85.85
C PRO A 67 12.78 -9.81 -84.95
N VAL A 68 12.84 -10.20 -83.68
CA VAL A 68 13.60 -9.47 -82.67
C VAL A 68 14.33 -10.47 -81.79
N SER A 69 15.23 -9.95 -80.94
CA SER A 69 15.96 -10.77 -79.99
C SER A 69 15.17 -10.85 -78.70
N PRO A 70 14.79 -12.05 -78.25
CA PRO A 70 13.92 -12.16 -77.07
C PRO A 70 14.72 -12.22 -75.77
N ILE A 71 14.04 -11.80 -74.70
CA ILE A 71 14.55 -11.91 -73.34
C ILE A 71 14.02 -13.18 -72.70
N LYS A 72 14.86 -13.84 -71.91
CA LYS A 72 14.45 -15.03 -71.21
C LYS A 72 13.88 -14.66 -69.84
N MET A 73 13.50 -15.66 -69.05
CA MET A 73 12.87 -15.42 -67.77
C MET A 73 13.68 -15.88 -66.56
N GLU A 74 14.49 -16.93 -66.69
CA GLU A 74 15.26 -17.40 -65.55
C GLU A 74 16.36 -16.43 -65.16
N LEU A 75 16.96 -15.74 -66.14
CA LEU A 75 18.05 -14.79 -65.89
C LEU A 75 17.56 -13.36 -65.95
N LEU A 76 16.33 -13.11 -65.52
CA LEU A 76 15.81 -11.75 -65.49
C LEU A 76 16.47 -10.92 -64.39
N PHE A 77 17.02 -11.55 -63.36
CA PHE A 77 17.66 -10.85 -62.26
C PHE A 77 19.17 -10.85 -62.35
N ASP A 78 19.74 -11.50 -63.35
CA ASP A 78 21.19 -11.57 -63.45
C ASP A 78 21.79 -10.23 -63.85
N PRO A 79 23.01 -9.95 -63.43
CA PRO A 79 23.63 -8.66 -63.75
C PRO A 79 23.85 -8.50 -65.25
N ASP A 80 23.75 -7.26 -65.70
CA ASP A 80 23.91 -6.91 -67.11
C ASP A 80 25.15 -7.52 -67.73
N ASP A 81 26.29 -7.33 -67.09
CA ASP A 81 27.55 -7.87 -67.60
C ASP A 81 27.75 -9.31 -67.18
N GLU A 82 28.86 -9.56 -66.47
CA GLU A 82 29.17 -10.91 -66.02
C GLU A 82 29.96 -10.86 -64.71
N HIS A 83 30.32 -9.67 -64.29
CA HIS A 83 31.09 -9.49 -63.06
C HIS A 83 30.62 -8.27 -62.29
N SER A 84 29.41 -7.82 -62.59
CA SER A 84 28.83 -6.66 -61.92
C SER A 84 27.96 -7.13 -60.76
N GLU A 85 26.95 -6.35 -60.42
CA GLU A 85 26.07 -6.75 -59.33
C GLU A 85 24.69 -7.12 -59.87
N PRO A 86 24.09 -8.17 -59.30
CA PRO A 86 22.76 -8.56 -59.76
C PRO A 86 21.73 -7.50 -59.43
N VAL A 87 20.73 -7.36 -60.30
CA VAL A 87 19.68 -6.38 -60.10
C VAL A 87 18.81 -6.80 -58.93
N HIS A 88 18.24 -5.80 -58.24
CA HIS A 88 17.36 -6.06 -57.12
C HIS A 88 16.00 -5.39 -57.31
N THR A 89 15.58 -5.22 -58.56
CA THR A 89 14.22 -4.81 -58.83
C THR A 89 13.95 -4.92 -60.33
N VAL A 90 12.79 -5.48 -60.67
CA VAL A 90 12.32 -5.54 -62.04
C VAL A 90 10.91 -4.97 -62.06
N VAL A 91 10.55 -4.35 -63.18
CA VAL A 91 9.27 -3.68 -63.33
C VAL A 91 8.68 -4.13 -64.66
N PHE A 92 7.72 -5.05 -64.59
CA PHE A 92 6.96 -5.43 -65.77
C PHE A 92 5.90 -4.36 -66.04
N GLN A 93 5.83 -3.90 -67.28
CA GLN A 93 4.83 -2.91 -67.64
C GLN A 93 4.22 -3.27 -68.98
N GLY A 94 2.90 -3.17 -69.06
CA GLY A 94 2.19 -3.48 -70.29
C GLY A 94 0.81 -2.86 -70.26
N ALA A 95 0.10 -2.99 -71.39
CA ALA A 95 -1.22 -2.41 -71.49
C ALA A 95 -2.17 -3.09 -70.51
N ALA A 96 -3.41 -2.61 -70.42
CA ALA A 96 -4.37 -3.19 -69.50
C ALA A 96 -4.81 -4.57 -70.00
N GLY A 97 -4.76 -5.55 -69.11
CA GLY A 97 -5.09 -6.91 -69.49
C GLY A 97 -4.25 -7.41 -70.66
N ILE A 98 -2.95 -7.55 -70.44
CA ILE A 98 -2.03 -8.01 -71.49
C ILE A 98 -1.26 -9.21 -71.00
N GLY A 99 -1.33 -9.50 -69.71
CA GLY A 99 -0.70 -10.70 -69.19
C GLY A 99 0.15 -10.55 -67.95
N LYS A 100 0.09 -9.41 -67.27
CA LYS A 100 0.94 -9.21 -66.10
C LYS A 100 0.64 -10.24 -65.03
N THR A 101 -0.63 -10.36 -64.63
CA THR A 101 -0.98 -11.25 -63.53
C THR A 101 -0.79 -12.71 -63.92
N ILE A 102 -1.14 -13.07 -65.14
CA ILE A 102 -0.94 -14.44 -65.58
C ILE A 102 0.54 -14.78 -65.62
N LEU A 103 1.38 -13.83 -66.01
CA LEU A 103 2.82 -14.07 -66.01
C LEU A 103 3.34 -14.22 -64.58
N ALA A 104 2.85 -13.42 -63.65
CA ALA A 104 3.25 -13.58 -62.26
C ALA A 104 2.84 -14.96 -61.73
N ARG A 105 1.61 -15.38 -62.04
CA ARG A 105 1.18 -16.71 -61.62
C ARG A 105 2.03 -17.80 -62.26
N LYS A 106 2.38 -17.63 -63.54
CA LYS A 106 3.22 -18.61 -64.21
C LYS A 106 4.58 -18.71 -63.53
N MET A 107 5.18 -17.56 -63.19
CA MET A 107 6.46 -17.59 -62.49
C MET A 107 6.32 -18.30 -61.15
N MET A 108 5.26 -17.99 -60.41
CA MET A 108 5.06 -18.62 -59.10
C MET A 108 4.93 -20.12 -59.23
N LEU A 109 4.07 -20.58 -60.14
CA LEU A 109 3.84 -22.02 -60.29
C LEU A 109 5.10 -22.72 -60.80
N ASP A 110 5.82 -22.11 -61.74
CA ASP A 110 7.04 -22.71 -62.25
C ASP A 110 8.08 -22.82 -61.15
N TRP A 111 8.23 -21.78 -60.34
CA TRP A 111 9.15 -21.88 -59.20
C TRP A 111 8.74 -23.00 -58.26
N ALA A 112 7.44 -23.06 -57.93
CA ALA A 112 6.97 -24.09 -57.01
C ALA A 112 7.28 -25.47 -57.55
N SER A 113 7.00 -25.71 -58.83
CA SER A 113 7.34 -26.97 -59.47
C SER A 113 8.85 -27.18 -59.60
N GLY A 114 9.64 -26.12 -59.47
CA GLY A 114 11.07 -26.23 -59.61
C GLY A 114 11.53 -26.20 -61.05
N THR A 115 11.06 -25.20 -61.81
CA THR A 115 11.44 -25.04 -63.21
C THR A 115 12.22 -23.75 -63.47
N LEU A 116 12.35 -22.87 -62.49
CA LEU A 116 13.15 -21.66 -62.64
C LEU A 116 13.42 -21.10 -61.26
N TYR A 117 14.55 -20.41 -61.11
CA TYR A 117 14.98 -19.86 -59.84
C TYR A 117 15.08 -20.96 -58.77
N GLN A 118 15.58 -22.12 -59.18
CA GLN A 118 15.84 -23.18 -58.19
C GLN A 118 16.77 -22.67 -57.09
N ASP A 119 17.84 -21.99 -57.49
CA ASP A 119 18.71 -21.27 -56.56
C ASP A 119 18.21 -19.84 -56.47
N ARG A 120 19.02 -18.94 -55.92
CA ARG A 120 18.70 -17.51 -55.87
C ARG A 120 17.75 -17.21 -54.72
N PHE A 121 16.48 -17.63 -54.84
CA PHE A 121 15.51 -17.39 -53.79
C PHE A 121 14.50 -18.52 -53.79
N ASP A 122 13.84 -18.68 -52.64
CA ASP A 122 12.89 -19.77 -52.45
C ASP A 122 11.64 -19.34 -51.70
N TYR A 123 11.32 -18.05 -51.68
CA TYR A 123 10.17 -17.55 -50.94
C TYR A 123 9.42 -16.49 -51.74
N LEU A 124 9.06 -16.82 -52.98
CA LEU A 124 8.37 -15.85 -53.81
C LEU A 124 6.99 -15.55 -53.25
N PHE A 125 6.89 -14.47 -52.48
CA PHE A 125 5.66 -14.11 -51.79
C PHE A 125 4.81 -13.25 -52.72
N TYR A 126 3.86 -13.89 -53.41
CA TYR A 126 2.92 -13.11 -54.22
C TYR A 126 2.15 -12.13 -53.34
N ILE A 127 2.08 -10.89 -53.78
CA ILE A 127 1.36 -9.86 -53.05
C ILE A 127 0.54 -9.02 -54.01
N HIS A 128 -0.76 -9.32 -54.11
CA HIS A 128 -1.63 -8.52 -54.95
C HIS A 128 -1.84 -7.15 -54.33
N CYS A 129 -1.89 -6.13 -55.17
CA CYS A 129 -2.02 -4.76 -54.66
C CYS A 129 -3.47 -4.41 -54.34
N ARG A 130 -4.40 -4.79 -55.21
CA ARG A 130 -5.80 -4.47 -54.98
C ARG A 130 -6.29 -5.03 -53.64
N GLU A 131 -5.97 -6.29 -53.36
CA GLU A 131 -6.45 -6.91 -52.14
C GLU A 131 -5.89 -6.22 -50.91
N VAL A 132 -4.62 -5.80 -50.96
CA VAL A 132 -3.97 -5.21 -49.80
C VAL A 132 -4.46 -3.77 -49.66
N SER A 133 -5.48 -3.58 -48.81
CA SER A 133 -5.91 -2.24 -48.46
C SER A 133 -4.89 -1.62 -47.51
N LEU A 134 -4.67 -0.31 -47.67
CA LEU A 134 -3.64 0.39 -46.90
C LEU A 134 -4.28 1.44 -46.01
N VAL A 135 -4.83 1.00 -44.88
CA VAL A 135 -5.13 1.94 -43.80
C VAL A 135 -4.76 1.36 -42.43
N THR A 136 -4.84 0.04 -42.28
CA THR A 136 -5.05 -0.45 -40.92
C THR A 136 -3.79 -0.67 -40.10
N GLN A 137 -3.09 -1.79 -40.33
CA GLN A 137 -1.87 -2.04 -39.56
C GLN A 137 -0.84 -2.91 -40.29
N ARG A 138 -0.95 -3.09 -41.61
CA ARG A 138 -0.21 -4.15 -42.28
C ARG A 138 1.24 -4.22 -41.85
N SER A 139 1.62 -5.35 -41.26
CA SER A 139 3.00 -5.60 -40.82
C SER A 139 3.59 -6.71 -41.68
N LEU A 140 4.88 -6.61 -41.97
CA LEU A 140 5.49 -7.60 -42.85
C LEU A 140 5.28 -9.01 -42.32
N GLY A 141 5.18 -9.18 -40.99
CA GLY A 141 4.84 -10.49 -40.46
C GLY A 141 3.51 -11.00 -40.98
N ASP A 142 2.49 -10.14 -40.95
CA ASP A 142 1.19 -10.54 -41.45
C ASP A 142 1.19 -10.70 -42.97
N LEU A 143 1.94 -9.84 -43.66
CA LEU A 143 2.02 -9.92 -45.11
C LEU A 143 2.74 -11.18 -45.58
N ILE A 144 3.60 -11.75 -44.74
CA ILE A 144 4.22 -13.03 -45.05
C ILE A 144 3.34 -14.20 -44.59
N MET A 145 2.60 -14.03 -43.49
CA MET A 145 1.68 -15.08 -43.05
C MET A 145 0.58 -15.30 -44.06
N SER A 146 0.00 -14.21 -44.58
CA SER A 146 -1.15 -14.32 -45.48
C SER A 146 -0.86 -15.27 -46.63
N CYS A 147 0.28 -15.08 -47.29
CA CYS A 147 0.74 -16.02 -48.32
C CYS A 147 1.65 -17.09 -47.73
N CYS A 148 1.21 -17.75 -46.67
CA CYS A 148 1.98 -18.81 -46.03
C CYS A 148 1.08 -19.59 -45.09
N PRO A 149 0.44 -20.67 -45.58
CA PRO A 149 -0.57 -21.34 -44.76
C PRO A 149 0.02 -22.05 -43.55
N ASP A 150 -0.24 -21.51 -42.37
CA ASP A 150 0.19 -22.10 -41.12
C ASP A 150 -0.34 -21.27 -39.96
N PRO A 151 -0.54 -21.87 -38.79
CA PRO A 151 -0.83 -21.02 -37.61
C PRO A 151 0.25 -19.99 -37.38
N ASN A 152 1.50 -20.37 -37.66
CA ASN A 152 2.63 -19.45 -37.60
C ASN A 152 3.72 -19.95 -38.56
N PRO A 153 4.07 -19.17 -39.58
CA PRO A 153 5.19 -19.53 -40.43
C PRO A 153 6.48 -19.00 -39.85
N PRO A 154 7.59 -19.73 -39.98
CA PRO A 154 8.83 -19.28 -39.32
C PRO A 154 9.37 -18.03 -40.01
N ILE A 155 9.15 -16.87 -39.39
CA ILE A 155 9.55 -15.61 -39.98
C ILE A 155 10.95 -15.21 -39.52
N HIS A 156 11.25 -15.38 -38.23
CA HIS A 156 12.59 -15.09 -37.73
C HIS A 156 13.61 -16.01 -38.38
N LYS A 157 13.13 -16.94 -39.21
CA LYS A 157 13.98 -17.79 -40.03
C LYS A 157 13.84 -17.54 -41.52
N ILE A 158 12.63 -17.24 -42.01
CA ILE A 158 12.44 -16.94 -43.42
C ILE A 158 13.11 -15.61 -43.77
N VAL A 159 12.91 -14.60 -42.95
CA VAL A 159 13.34 -13.24 -43.22
C VAL A 159 14.75 -13.03 -42.69
N ARG A 160 15.40 -14.12 -42.29
CA ARG A 160 16.78 -14.05 -41.80
C ARG A 160 17.79 -14.16 -42.92
N LYS A 161 17.34 -14.29 -44.16
CA LYS A 161 18.21 -14.36 -45.33
C LYS A 161 17.57 -13.62 -46.49
N PRO A 162 17.30 -12.32 -46.34
CA PRO A 162 16.60 -11.59 -47.41
C PRO A 162 17.31 -11.65 -48.75
N SER A 163 18.56 -12.14 -48.75
CA SER A 163 19.25 -12.34 -50.02
C SER A 163 18.53 -13.36 -50.89
N ARG A 164 17.76 -14.25 -50.28
CA ARG A 164 17.01 -15.28 -50.99
C ARG A 164 15.53 -15.03 -50.76
N ILE A 165 14.94 -14.14 -51.58
CA ILE A 165 13.51 -13.87 -51.53
C ILE A 165 13.08 -13.21 -52.82
N LEU A 166 11.80 -13.35 -53.16
CA LEU A 166 11.18 -12.55 -54.20
C LEU A 166 9.86 -12.03 -53.68
N PHE A 167 9.52 -10.81 -54.10
CA PHE A 167 8.32 -10.15 -53.61
C PHE A 167 7.41 -9.78 -54.76
N LEU A 168 7.12 -10.75 -55.62
CA LEU A 168 6.21 -10.55 -56.75
C LEU A 168 5.01 -9.71 -56.32
N MET A 169 4.73 -8.65 -57.06
CA MET A 169 3.58 -7.80 -56.79
C MET A 169 2.71 -7.76 -58.04
N ASP A 170 1.64 -6.96 -57.99
CA ASP A 170 0.74 -6.85 -59.13
C ASP A 170 -0.09 -5.59 -59.04
N GLY A 171 -0.54 -5.10 -60.20
CA GLY A 171 -1.41 -3.95 -60.28
C GLY A 171 -0.99 -2.76 -59.45
N PHE A 172 0.26 -2.32 -59.60
CA PHE A 172 0.67 -1.13 -58.87
C PHE A 172 -0.09 0.10 -59.33
N ASP A 173 -0.77 0.05 -60.47
CA ASP A 173 -1.70 1.10 -60.86
C ASP A 173 -2.89 1.18 -59.92
N GLU A 174 -3.13 0.14 -59.12
CA GLU A 174 -4.20 0.17 -58.13
C GLU A 174 -3.95 1.21 -57.04
N LEU A 175 -2.70 1.66 -56.92
CA LEU A 175 -2.34 2.59 -55.87
C LEU A 175 -1.67 3.92 -56.26
N GLN A 176 -1.79 4.30 -57.53
CA GLN A 176 -1.19 5.52 -58.05
C GLN A 176 -1.60 6.69 -57.18
N GLY A 177 -2.90 6.82 -57.01
CA GLY A 177 -3.48 7.83 -56.17
C GLY A 177 -2.87 7.75 -54.78
N ALA A 178 -2.81 6.55 -54.20
CA ALA A 178 -2.21 6.37 -52.89
C ALA A 178 -0.83 6.97 -52.69
N PHE A 179 0.07 7.00 -53.68
CA PHE A 179 1.36 7.69 -53.32
C PHE A 179 1.47 9.21 -53.65
N ASP A 180 1.28 10.14 -52.68
CA ASP A 180 1.27 11.54 -53.09
C ASP A 180 2.19 12.37 -52.21
N GLU A 181 2.14 12.15 -50.91
CA GLU A 181 3.01 12.82 -49.94
C GLU A 181 4.02 11.82 -49.44
N HIS A 182 5.30 12.20 -49.45
CA HIS A 182 6.35 11.28 -49.03
C HIS A 182 6.19 10.97 -47.55
N ILE A 183 5.68 9.77 -47.25
CA ILE A 183 5.44 9.40 -45.86
C ILE A 183 6.77 9.39 -45.11
N GLY A 184 6.89 10.30 -44.13
CA GLY A 184 8.12 10.44 -43.38
C GLY A 184 8.55 9.17 -42.69
N PRO A 185 7.63 8.52 -41.98
CA PRO A 185 7.97 7.25 -41.32
C PRO A 185 8.14 6.14 -42.35
N LEU A 186 9.35 5.60 -42.43
CA LEU A 186 9.68 4.48 -43.32
C LEU A 186 10.25 3.38 -42.44
N CYS A 187 9.38 2.49 -41.96
CA CYS A 187 9.78 1.41 -41.08
C CYS A 187 10.89 0.57 -41.71
N THR A 188 11.68 -0.10 -40.87
CA THR A 188 12.73 -0.98 -41.35
C THR A 188 12.71 -2.32 -40.61
N ASP A 189 11.57 -2.68 -40.05
CA ASP A 189 11.43 -3.91 -39.29
C ASP A 189 10.17 -4.64 -39.73
N TRP A 190 10.19 -5.97 -39.62
CA TRP A 190 9.07 -6.80 -40.00
C TRP A 190 8.24 -7.27 -38.81
N GLN A 191 8.56 -6.79 -37.61
CA GLN A 191 7.82 -7.16 -36.39
C GLN A 191 7.13 -5.95 -35.79
N LYS A 192 6.61 -5.06 -36.62
CA LYS A 192 6.00 -3.82 -36.16
C LYS A 192 4.69 -3.57 -36.90
N ALA A 193 3.83 -2.78 -36.27
CA ALA A 193 2.61 -2.31 -36.92
C ALA A 193 3.00 -1.25 -37.93
N GLU A 194 3.18 -1.65 -39.19
CA GLU A 194 3.83 -0.82 -40.19
C GLU A 194 2.87 0.13 -40.90
N ARG A 195 1.60 0.15 -40.52
CA ARG A 195 0.62 1.14 -40.95
C ARG A 195 0.05 0.86 -42.35
N GLY A 196 0.55 -0.15 -43.06
CA GLY A 196 -0.04 -0.48 -44.35
C GLY A 196 0.62 0.18 -45.55
N ASP A 197 0.08 1.31 -45.98
CA ASP A 197 0.66 2.02 -47.12
C ASP A 197 2.10 2.42 -46.85
N ILE A 198 2.40 2.82 -45.60
CA ILE A 198 3.78 3.15 -45.26
C ILE A 198 4.67 1.92 -45.39
N LEU A 199 4.19 0.75 -44.95
CA LEU A 199 4.94 -0.47 -45.13
C LEU A 199 5.17 -0.77 -46.61
N LEU A 200 4.15 -0.55 -47.42
CA LEU A 200 4.28 -0.79 -48.86
C LEU A 200 5.35 0.12 -49.47
N SER A 201 5.32 1.39 -49.10
CA SER A 201 6.32 2.33 -49.60
C SER A 201 7.72 1.94 -49.15
N SER A 202 7.86 1.51 -47.89
CA SER A 202 9.16 1.08 -47.40
C SER A 202 9.65 -0.14 -48.15
N LEU A 203 8.75 -1.11 -48.41
CA LEU A 203 9.14 -2.27 -49.19
C LEU A 203 9.59 -1.88 -50.59
N ILE A 204 8.86 -0.95 -51.22
CA ILE A 204 9.24 -0.51 -52.56
C ILE A 204 10.61 0.15 -52.53
N ARG A 205 10.87 0.99 -51.53
CA ARG A 205 12.14 1.68 -51.42
C ARG A 205 13.26 0.78 -50.89
N LYS A 206 12.94 -0.44 -50.48
CA LYS A 206 13.93 -1.42 -50.04
C LYS A 206 14.50 -1.07 -48.67
N LYS A 207 13.65 -0.52 -47.79
CA LYS A 207 14.03 -0.39 -46.39
C LYS A 207 13.86 -1.72 -45.65
N LEU A 208 12.69 -2.34 -45.79
CA LEU A 208 12.47 -3.67 -45.24
C LEU A 208 13.16 -4.70 -46.11
N LEU A 209 14.06 -5.49 -45.52
CA LEU A 209 14.87 -6.45 -46.25
C LEU A 209 15.54 -5.77 -47.44
N PRO A 210 16.36 -4.75 -47.20
CA PRO A 210 16.93 -3.98 -48.32
C PRO A 210 17.62 -4.83 -49.36
N GLU A 211 18.11 -6.00 -48.99
CA GLU A 211 18.75 -6.92 -49.92
C GLU A 211 17.82 -8.03 -50.37
N ALA A 212 16.51 -7.83 -50.23
CA ALA A 212 15.52 -8.80 -50.68
C ALA A 212 15.02 -8.38 -52.07
N SER A 213 15.17 -9.28 -53.03
CA SER A 213 14.83 -8.94 -54.41
C SER A 213 13.36 -8.56 -54.52
N LEU A 214 12.97 -7.99 -55.66
CA LEU A 214 11.62 -7.50 -55.84
C LEU A 214 11.19 -7.75 -57.28
N LEU A 215 9.90 -7.55 -57.53
CA LEU A 215 9.35 -7.55 -58.87
C LEU A 215 7.97 -6.91 -58.84
N ILE A 216 7.76 -5.90 -59.66
CA ILE A 216 6.52 -5.12 -59.64
C ILE A 216 5.93 -5.13 -61.03
N THR A 217 4.68 -5.56 -61.13
CA THR A 217 3.95 -5.42 -62.38
C THR A 217 3.03 -4.21 -62.28
N THR A 218 2.87 -3.50 -63.38
CA THR A 218 2.06 -2.29 -63.31
C THR A 218 1.68 -1.83 -64.69
N ARG A 219 0.47 -1.28 -64.79
CA ARG A 219 0.05 -0.61 -66.01
C ARG A 219 0.86 0.67 -66.20
N PRO A 220 1.08 1.09 -67.44
CA PRO A 220 1.84 2.33 -67.68
C PRO A 220 1.00 3.57 -67.37
N VAL A 221 0.80 3.83 -66.08
CA VAL A 221 -0.07 4.91 -65.66
C VAL A 221 0.63 5.80 -64.63
N ALA A 222 1.74 5.33 -64.07
CA ALA A 222 2.48 6.09 -63.07
C ALA A 222 3.87 6.49 -63.57
N LEU A 223 4.69 5.52 -63.94
CA LEU A 223 6.03 5.76 -64.46
C LEU A 223 6.78 6.86 -63.71
N GLU A 224 6.36 8.11 -63.91
CA GLU A 224 7.06 9.24 -63.30
C GLU A 224 7.09 9.15 -61.78
N LYS A 225 5.92 9.18 -61.15
CA LYS A 225 5.87 9.13 -59.70
C LYS A 225 6.53 7.87 -59.16
N LEU A 226 6.50 6.78 -59.93
CA LEU A 226 7.14 5.55 -59.50
C LEU A 226 8.66 5.66 -59.54
N GLN A 227 9.19 6.42 -60.50
CA GLN A 227 10.64 6.53 -60.67
C GLN A 227 11.34 7.17 -59.48
N HIS A 228 10.61 7.84 -58.59
CA HIS A 228 11.19 8.41 -57.39
C HIS A 228 11.25 7.40 -56.24
N LEU A 229 10.88 6.15 -56.48
CA LEU A 229 10.89 5.13 -55.45
C LEU A 229 11.69 3.89 -55.81
N LEU A 230 12.04 3.70 -57.08
CA LEU A 230 12.70 2.49 -57.54
C LEU A 230 14.22 2.63 -57.41
N ASP A 231 14.87 1.52 -57.08
CA ASP A 231 16.33 1.48 -56.94
C ASP A 231 16.94 1.00 -58.26
N HIS A 232 16.93 1.90 -59.23
CA HIS A 232 17.47 1.65 -60.56
C HIS A 232 16.99 0.28 -61.08
N PRO A 233 15.69 0.09 -61.24
CA PRO A 233 15.18 -1.24 -61.58
C PRO A 233 15.23 -1.50 -63.07
N ARG A 234 15.54 -2.76 -63.40
CA ARG A 234 15.56 -3.21 -64.79
C ARG A 234 14.14 -3.58 -65.17
N HIS A 235 13.51 -2.77 -66.02
CA HIS A 235 12.11 -3.01 -66.33
C HIS A 235 11.98 -3.71 -67.68
N VAL A 236 10.87 -4.42 -67.83
CA VAL A 236 10.57 -5.16 -69.06
C VAL A 236 9.17 -4.80 -69.51
N GLU A 237 9.04 -4.42 -70.78
CA GLU A 237 7.75 -4.13 -71.36
C GLU A 237 7.19 -5.39 -72.01
N ILE A 238 5.90 -5.63 -71.78
CA ILE A 238 5.20 -6.80 -72.30
C ILE A 238 4.41 -6.38 -73.52
N LEU A 239 4.28 -7.30 -74.48
CA LEU A 239 3.59 -6.99 -75.72
C LEU A 239 2.36 -7.86 -75.95
N GLY A 240 2.49 -9.17 -75.82
CA GLY A 240 1.40 -10.09 -76.05
C GLY A 240 1.86 -11.25 -76.90
N PHE A 241 0.92 -11.87 -77.60
CA PHE A 241 1.25 -12.92 -78.56
C PHE A 241 1.63 -12.26 -79.87
N SER A 242 2.73 -12.73 -80.47
CA SER A 242 3.31 -11.93 -81.55
C SER A 242 2.62 -12.13 -82.89
N GLU A 243 2.85 -13.26 -83.56
CA GLU A 243 2.08 -13.57 -84.75
C GLU A 243 1.68 -15.03 -84.81
N ALA A 244 2.58 -15.91 -84.40
CA ALA A 244 2.30 -17.34 -84.36
C ALA A 244 1.83 -17.79 -82.99
N LYS A 245 2.16 -17.03 -81.95
CA LYS A 245 1.67 -17.37 -80.63
C LYS A 245 0.16 -17.34 -80.58
N ARG A 246 -0.50 -16.53 -81.43
CA ARG A 246 -1.95 -16.51 -81.49
C ARG A 246 -2.50 -17.82 -82.06
N LYS A 247 -1.94 -18.24 -83.19
CA LYS A 247 -2.42 -19.43 -83.89
C LYS A 247 -1.99 -20.67 -83.12
N GLU A 248 -1.14 -20.49 -82.11
CA GLU A 248 -0.86 -21.54 -81.14
C GLU A 248 -1.76 -21.46 -79.92
N TYR A 249 -2.20 -20.26 -79.55
CA TYR A 249 -3.16 -20.09 -78.46
C TYR A 249 -4.51 -20.70 -78.82
N PHE A 250 -4.93 -20.54 -80.06
CA PHE A 250 -6.18 -21.16 -80.47
C PHE A 250 -6.13 -22.67 -80.31
N PHE A 251 -4.98 -23.28 -80.60
CA PHE A 251 -4.83 -24.72 -80.46
C PHE A 251 -4.77 -25.16 -79.00
N LYS A 252 -4.60 -24.23 -78.06
CA LYS A 252 -4.71 -24.55 -76.65
C LYS A 252 -6.08 -24.25 -76.06
N TYR A 253 -6.81 -23.29 -76.65
CA TYR A 253 -8.14 -22.99 -76.16
C TYR A 253 -9.16 -23.99 -76.69
N PHE A 254 -9.09 -24.31 -77.98
CA PHE A 254 -10.05 -25.23 -78.58
C PHE A 254 -9.56 -26.66 -78.48
N SER A 255 -10.52 -27.60 -78.54
CA SER A 255 -10.26 -29.00 -78.29
C SER A 255 -9.31 -29.63 -79.31
N ASP A 256 -9.71 -29.66 -80.57
CA ASP A 256 -9.01 -30.44 -81.59
C ASP A 256 -8.71 -29.57 -82.81
N GLU A 257 -8.03 -30.18 -83.79
CA GLU A 257 -7.73 -29.48 -85.03
C GLU A 257 -9.01 -29.10 -85.78
N ALA A 258 -10.00 -29.99 -85.79
CA ALA A 258 -11.24 -29.70 -86.50
C ALA A 258 -11.82 -28.36 -86.06
N GLN A 259 -11.86 -28.13 -84.74
CA GLN A 259 -12.27 -26.82 -84.24
C GLN A 259 -11.24 -25.76 -84.59
N ALA A 260 -10.01 -25.95 -84.13
CA ALA A 260 -9.01 -24.87 -84.14
C ALA A 260 -8.79 -24.30 -85.53
N ARG A 261 -8.72 -25.15 -86.55
CA ARG A 261 -8.43 -24.65 -87.89
C ARG A 261 -9.47 -23.64 -88.35
N ALA A 262 -10.75 -24.03 -88.30
CA ALA A 262 -11.81 -23.12 -88.72
C ALA A 262 -11.89 -21.91 -87.81
N ALA A 263 -11.76 -22.13 -86.50
CA ALA A 263 -11.81 -21.02 -85.55
C ALA A 263 -10.77 -19.97 -85.88
N PHE A 264 -9.53 -20.40 -86.10
CA PHE A 264 -8.47 -19.46 -86.44
C PHE A 264 -8.73 -18.79 -87.78
N SER A 265 -9.05 -19.58 -88.81
CA SER A 265 -9.27 -19.01 -90.13
C SER A 265 -10.33 -17.91 -90.09
N LEU A 266 -11.39 -18.12 -89.32
CA LEU A 266 -12.46 -17.12 -89.23
C LEU A 266 -11.91 -15.76 -88.80
N ILE A 267 -10.87 -15.75 -87.98
CA ILE A 267 -10.27 -14.50 -87.51
C ILE A 267 -9.20 -14.02 -88.46
N GLN A 268 -8.33 -14.92 -88.90
CA GLN A 268 -7.25 -14.55 -89.80
C GLN A 268 -7.78 -13.92 -91.08
N GLU A 269 -9.01 -14.28 -91.47
CA GLU A 269 -9.63 -13.59 -92.60
C GLU A 269 -9.77 -12.10 -92.30
N ASN A 270 -10.23 -11.76 -91.11
CA ASN A 270 -10.35 -10.36 -90.69
C ASN A 270 -9.00 -9.87 -90.17
N GLU A 271 -8.58 -8.70 -90.61
CA GLU A 271 -7.27 -8.17 -90.25
C GLU A 271 -7.32 -7.25 -89.05
N VAL A 272 -8.28 -6.33 -89.01
CA VAL A 272 -8.41 -5.40 -87.91
C VAL A 272 -8.46 -6.16 -86.59
N LEU A 273 -8.91 -7.38 -86.63
CA LEU A 273 -8.99 -8.15 -85.42
C LEU A 273 -7.74 -8.85 -85.31
N PHE A 274 -7.20 -9.32 -86.40
CA PHE A 274 -5.99 -10.03 -86.29
C PHE A 274 -4.81 -9.31 -85.77
N THR A 275 -4.69 -7.98 -85.69
CA THR A 275 -3.56 -7.44 -85.02
C THR A 275 -4.01 -7.25 -83.63
N MET A 276 -5.23 -6.72 -83.45
CA MET A 276 -5.79 -6.46 -82.15
C MET A 276 -5.79 -7.69 -81.29
N CYS A 277 -5.51 -8.82 -81.91
CA CYS A 277 -5.40 -10.08 -81.17
C CYS A 277 -4.13 -10.32 -80.38
N PHE A 278 -3.20 -9.36 -80.33
CA PHE A 278 -2.02 -9.56 -79.50
C PHE A 278 -2.36 -9.45 -78.03
N ILE A 279 -3.26 -8.53 -77.67
CA ILE A 279 -3.73 -8.44 -76.30
C ILE A 279 -4.35 -9.79 -75.94
N PRO A 280 -3.75 -10.54 -75.01
CA PRO A 280 -4.28 -11.88 -74.72
C PRO A 280 -5.75 -11.87 -74.31
N LEU A 281 -6.16 -10.86 -73.54
CA LEU A 281 -7.57 -10.78 -73.17
C LEU A 281 -8.45 -10.58 -74.39
N VAL A 282 -8.00 -9.78 -75.36
CA VAL A 282 -8.78 -9.55 -76.58
C VAL A 282 -8.69 -10.71 -77.55
N CYS A 283 -7.77 -11.64 -77.33
CA CYS A 283 -7.79 -12.90 -78.08
C CYS A 283 -8.70 -13.94 -77.43
N TRP A 284 -8.71 -13.99 -76.10
CA TRP A 284 -9.66 -14.84 -75.40
C TRP A 284 -11.09 -14.41 -75.66
N ILE A 285 -11.35 -13.10 -75.63
CA ILE A 285 -12.69 -12.59 -75.88
C ILE A 285 -13.19 -12.99 -77.26
N VAL A 286 -12.29 -13.21 -78.21
CA VAL A 286 -12.68 -13.61 -79.55
C VAL A 286 -12.69 -15.13 -79.72
N CYS A 287 -11.94 -15.87 -78.89
CA CYS A 287 -11.94 -17.32 -79.03
C CYS A 287 -13.11 -17.95 -78.28
N THR A 288 -13.46 -17.43 -77.10
CA THR A 288 -14.67 -17.89 -76.42
C THR A 288 -15.91 -17.58 -77.25
N GLY A 289 -15.92 -16.43 -77.92
CA GLY A 289 -17.04 -16.11 -78.79
C GLY A 289 -17.26 -17.16 -79.86
N LEU A 290 -16.18 -17.67 -80.43
CA LEU A 290 -16.30 -18.74 -81.43
C LEU A 290 -16.61 -20.08 -80.78
N LYS A 291 -16.12 -20.31 -79.56
CA LYS A 291 -16.44 -21.55 -78.86
C LYS A 291 -17.94 -21.67 -78.62
N GLN A 292 -18.59 -20.55 -78.27
CA GLN A 292 -20.03 -20.59 -78.05
C GLN A 292 -20.77 -21.07 -79.30
N GLN A 293 -20.47 -20.48 -80.46
CA GLN A 293 -21.09 -20.94 -81.69
C GLN A 293 -20.73 -22.39 -82.00
N MET A 294 -19.47 -22.77 -81.76
CA MET A 294 -19.06 -24.13 -82.08
C MET A 294 -19.84 -25.15 -81.26
N GLU A 295 -20.07 -24.89 -79.99
CA GLU A 295 -20.75 -25.84 -79.11
C GLU A 295 -22.24 -25.58 -78.98
N SER A 296 -22.79 -24.57 -79.66
CA SER A 296 -24.23 -24.33 -79.66
C SER A 296 -24.88 -24.77 -80.97
N GLY A 297 -24.34 -25.81 -81.59
CA GLY A 297 -24.90 -26.33 -82.82
C GLY A 297 -25.09 -25.28 -83.90
N LYS A 298 -23.98 -24.73 -84.39
CA LYS A 298 -24.03 -23.72 -85.43
C LYS A 298 -22.84 -23.91 -86.36
N SER A 299 -22.97 -23.38 -87.57
CA SER A 299 -21.93 -23.51 -88.60
C SER A 299 -21.01 -22.30 -88.52
N LEU A 300 -19.74 -22.54 -88.15
CA LEU A 300 -18.76 -21.46 -88.14
C LEU A 300 -18.42 -21.00 -89.56
N ALA A 301 -18.51 -21.90 -90.54
CA ALA A 301 -18.26 -21.49 -91.92
C ALA A 301 -19.17 -20.34 -92.32
N GLN A 302 -20.37 -20.28 -91.78
CA GLN A 302 -21.26 -19.15 -91.94
C GLN A 302 -21.28 -18.24 -90.73
N THR A 303 -20.49 -18.53 -89.69
CA THR A 303 -20.45 -17.70 -88.51
C THR A 303 -19.82 -16.33 -88.84
N SER A 304 -20.25 -15.32 -88.09
CA SER A 304 -19.77 -13.96 -88.26
C SER A 304 -19.11 -13.49 -86.97
N LYS A 305 -18.01 -12.74 -87.11
CA LYS A 305 -17.30 -12.16 -85.97
C LYS A 305 -17.04 -10.69 -86.31
N THR A 306 -18.00 -9.83 -85.94
CA THR A 306 -17.88 -8.41 -86.23
C THR A 306 -16.82 -7.80 -85.33
N THR A 307 -16.10 -6.80 -85.87
CA THR A 307 -14.98 -6.21 -85.18
C THR A 307 -15.41 -5.30 -84.02
N THR A 308 -16.69 -4.99 -83.90
CA THR A 308 -17.16 -4.11 -82.84
C THR A 308 -17.64 -4.85 -81.60
N ALA A 309 -18.15 -6.08 -81.77
CA ALA A 309 -18.54 -6.85 -80.60
C ALA A 309 -17.33 -7.15 -79.71
N VAL A 310 -16.19 -7.44 -80.34
CA VAL A 310 -14.97 -7.71 -79.56
C VAL A 310 -14.63 -6.50 -78.71
N TYR A 311 -14.70 -5.30 -79.30
CA TYR A 311 -14.36 -4.10 -78.53
C TYR A 311 -15.39 -3.82 -77.44
N VAL A 312 -16.67 -4.08 -77.72
CA VAL A 312 -17.67 -3.87 -76.69
C VAL A 312 -17.41 -4.77 -75.50
N PHE A 313 -17.13 -6.05 -75.76
CA PHE A 313 -16.84 -6.97 -74.67
C PHE A 313 -15.55 -6.61 -73.96
N PHE A 314 -14.54 -6.17 -74.72
CA PHE A 314 -13.28 -5.74 -74.10
C PHE A 314 -13.51 -4.58 -73.15
N LEU A 315 -14.23 -3.55 -73.62
CA LEU A 315 -14.54 -2.41 -72.77
C LEU A 315 -15.31 -2.84 -71.53
N SER A 316 -16.32 -3.69 -71.70
CA SER A 316 -17.11 -4.13 -70.56
C SER A 316 -16.26 -4.90 -69.56
N SER A 317 -15.40 -5.78 -70.03
CA SER A 317 -14.54 -6.54 -69.14
C SER A 317 -13.56 -5.63 -68.41
N LEU A 318 -13.10 -4.57 -69.08
CA LEU A 318 -12.13 -3.68 -68.44
C LEU A 318 -12.79 -2.80 -67.39
N LEU A 319 -13.97 -2.25 -67.67
CA LEU A 319 -14.53 -1.31 -66.71
C LEU A 319 -15.26 -2.06 -65.59
N GLN A 320 -14.60 -3.03 -64.99
CA GLN A 320 -15.19 -3.74 -63.86
C GLN A 320 -15.28 -2.80 -62.66
N PRO A 321 -16.45 -2.67 -62.04
CA PRO A 321 -16.54 -1.83 -60.83
C PRO A 321 -15.59 -2.32 -59.76
N ARG A 322 -14.57 -1.51 -59.45
CA ARG A 322 -13.59 -1.86 -58.43
C ARG A 322 -14.10 -1.38 -57.07
N GLY A 323 -15.16 -2.05 -56.62
CA GLY A 323 -15.88 -1.63 -55.44
C GLY A 323 -16.96 -0.63 -55.78
N GLY A 324 -18.15 -0.79 -55.22
CA GLY A 324 -19.24 0.11 -55.52
C GLY A 324 -18.88 1.54 -55.20
N SER A 325 -18.67 2.35 -56.23
CA SER A 325 -18.27 3.74 -56.03
C SER A 325 -18.32 4.53 -57.32
N GLN A 326 -18.98 5.68 -57.31
CA GLN A 326 -18.97 6.63 -58.41
C GLN A 326 -19.40 5.96 -59.72
N GLU A 327 -20.67 5.52 -59.76
CA GLU A 327 -21.25 5.13 -61.04
C GLU A 327 -21.33 6.32 -61.99
N HIS A 328 -21.84 7.44 -61.48
CA HIS A 328 -21.85 8.68 -62.26
C HIS A 328 -20.43 9.12 -62.60
N GLY A 329 -19.50 8.95 -61.65
CA GLY A 329 -18.12 9.28 -61.93
C GLY A 329 -17.53 8.45 -63.07
N LEU A 330 -17.82 7.15 -63.07
CA LEU A 330 -17.35 6.28 -64.13
C LEU A 330 -17.96 6.69 -65.47
N CYS A 331 -19.26 6.98 -65.47
CA CYS A 331 -19.90 7.41 -66.72
C CYS A 331 -19.29 8.71 -67.22
N ALA A 332 -19.07 9.67 -66.33
CA ALA A 332 -18.50 10.96 -66.72
C ALA A 332 -17.07 10.80 -67.23
N HIS A 333 -16.25 9.97 -66.57
CA HIS A 333 -14.89 9.80 -67.03
C HIS A 333 -14.84 9.04 -68.35
N LEU A 334 -15.75 8.08 -68.54
CA LEU A 334 -15.81 7.40 -69.83
C LEU A 334 -16.22 8.36 -70.93
N TRP A 335 -17.18 9.25 -70.67
CA TRP A 335 -17.55 10.22 -71.68
C TRP A 335 -16.41 11.21 -71.94
N GLY A 336 -15.67 11.59 -70.90
CA GLY A 336 -14.54 12.48 -71.11
C GLY A 336 -13.45 11.84 -71.96
N LEU A 337 -13.09 10.59 -71.64
CA LEU A 337 -12.16 9.84 -72.47
C LEU A 337 -12.71 9.68 -73.88
N CYS A 338 -14.02 9.54 -74.01
CA CYS A 338 -14.64 9.31 -75.30
C CYS A 338 -14.55 10.55 -76.18
N SER A 339 -14.85 11.72 -75.59
CA SER A 339 -14.67 12.99 -76.30
C SER A 339 -13.20 13.23 -76.60
N LEU A 340 -12.31 12.82 -75.70
CA LEU A 340 -10.88 12.89 -75.99
C LEU A 340 -10.56 12.13 -77.26
N ALA A 341 -11.02 10.89 -77.36
CA ALA A 341 -10.77 10.11 -78.57
C ALA A 341 -11.39 10.79 -79.79
N ALA A 342 -12.58 11.35 -79.64
CA ALA A 342 -13.27 11.98 -80.77
C ALA A 342 -12.49 13.17 -81.30
N ASP A 343 -12.13 14.11 -80.43
CA ASP A 343 -11.41 15.29 -80.91
C ASP A 343 -10.01 14.94 -81.35
N GLY A 344 -9.39 13.92 -80.75
CA GLY A 344 -8.11 13.45 -81.23
C GLY A 344 -8.20 12.90 -82.64
N ILE A 345 -9.27 12.15 -82.94
CA ILE A 345 -9.43 11.62 -84.28
C ILE A 345 -9.71 12.74 -85.26
N TRP A 346 -10.47 13.76 -84.84
CA TRP A 346 -10.73 14.88 -85.73
C TRP A 346 -9.46 15.68 -86.02
N ASN A 347 -8.61 15.88 -85.02
CA ASN A 347 -7.39 16.67 -85.18
C ASN A 347 -6.17 15.82 -85.49
N GLN A 348 -6.36 14.54 -85.80
CA GLN A 348 -5.25 13.63 -86.09
C GLN A 348 -4.26 13.57 -84.93
N LYS A 349 -4.77 13.69 -83.70
CA LYS A 349 -3.94 13.74 -82.50
C LYS A 349 -3.70 12.31 -82.01
N ILE A 350 -2.71 11.66 -82.62
CA ILE A 350 -2.38 10.30 -82.21
C ILE A 350 -1.87 10.28 -80.77
N LEU A 351 -1.00 11.23 -80.42
CA LEU A 351 -0.38 11.28 -79.10
C LEU A 351 -0.86 12.54 -78.39
N PHE A 352 -1.62 12.35 -77.31
CA PHE A 352 -2.15 13.46 -76.54
C PHE A 352 -1.10 13.95 -75.53
N GLU A 353 -1.46 14.99 -74.80
CA GLU A 353 -0.59 15.57 -73.79
C GLU A 353 -1.41 15.91 -72.56
N GLU A 354 -0.71 16.10 -71.44
CA GLU A 354 -1.39 16.39 -70.17
C GLU A 354 -2.27 17.62 -70.30
N SER A 355 -1.82 18.62 -71.06
CA SER A 355 -2.64 19.81 -71.25
C SER A 355 -3.97 19.48 -71.89
N ASP A 356 -3.95 18.64 -72.94
CA ASP A 356 -5.20 18.26 -73.60
C ASP A 356 -6.06 17.38 -72.69
N LEU A 357 -5.42 16.49 -71.92
CA LEU A 357 -6.18 15.64 -71.01
C LEU A 357 -6.86 16.45 -69.92
N ARG A 358 -6.24 17.57 -69.51
CA ARG A 358 -6.88 18.48 -68.57
C ARG A 358 -7.99 19.29 -69.26
N ASN A 359 -7.72 19.76 -70.48
CA ASN A 359 -8.74 20.47 -71.23
C ASN A 359 -10.03 19.66 -71.30
N HIS A 360 -9.91 18.39 -71.71
CA HIS A 360 -11.04 17.49 -71.60
C HIS A 360 -11.24 17.08 -70.14
N GLY A 361 -12.51 16.87 -69.77
CA GLY A 361 -12.78 16.51 -68.39
C GLY A 361 -12.05 15.25 -68.00
N LEU A 362 -10.88 15.42 -67.40
CA LEU A 362 -10.01 14.32 -66.96
C LEU A 362 -8.92 14.85 -66.04
N GLN A 363 -8.44 13.99 -65.15
CA GLN A 363 -7.37 14.35 -64.24
C GLN A 363 -6.58 13.10 -63.89
N LYS A 364 -7.24 12.16 -63.24
CA LYS A 364 -6.62 10.89 -62.86
C LYS A 364 -7.59 9.74 -63.09
N ALA A 365 -7.96 9.05 -62.01
CA ALA A 365 -8.95 7.97 -62.00
C ALA A 365 -8.73 6.92 -63.06
N ASP A 366 -9.00 7.22 -64.33
CA ASP A 366 -8.79 6.24 -65.41
C ASP A 366 -7.33 5.77 -65.41
N VAL A 367 -7.10 4.66 -64.70
CA VAL A 367 -5.79 4.09 -64.47
C VAL A 367 -5.23 3.30 -65.62
N SER A 368 -4.91 4.02 -66.67
CA SER A 368 -4.34 3.43 -67.85
C SER A 368 -5.07 2.23 -68.36
N ALA A 369 -6.34 2.40 -68.67
CA ALA A 369 -7.12 1.32 -69.22
C ALA A 369 -6.90 1.42 -70.72
N PHE A 370 -7.15 2.60 -71.29
CA PHE A 370 -6.97 2.83 -72.72
C PHE A 370 -6.02 4.00 -72.98
N LEU A 371 -5.33 4.43 -71.92
CA LEU A 371 -4.39 5.54 -71.93
C LEU A 371 -3.07 5.13 -71.27
N ARG A 372 -2.11 4.67 -72.06
CA ARG A 372 -0.82 4.25 -71.55
C ARG A 372 0.13 5.43 -71.59
N MET A 373 0.59 5.86 -70.42
CA MET A 373 1.48 7.02 -70.32
C MET A 373 2.87 6.60 -70.78
N ASN A 374 3.09 6.71 -72.09
CA ASN A 374 4.43 6.55 -72.63
C ASN A 374 5.11 7.90 -72.65
N LEU A 375 6.23 8.01 -71.93
CA LEU A 375 6.91 9.27 -71.69
C LEU A 375 8.15 9.33 -72.57
N PHE A 376 8.28 10.41 -73.34
CA PHE A 376 9.41 10.56 -74.25
C PHE A 376 10.36 11.62 -73.72
N GLN A 377 11.64 11.28 -73.68
CA GLN A 377 12.68 12.21 -73.23
C GLN A 377 13.29 12.89 -74.43
N LYS A 378 13.31 14.23 -74.41
CA LYS A 378 13.92 15.02 -75.45
C LYS A 378 14.85 16.05 -74.81
N GLU A 379 16.04 16.19 -75.38
CA GLU A 379 17.01 17.15 -74.86
C GLU A 379 17.47 16.74 -73.47
N VAL A 380 16.88 17.35 -72.44
CA VAL A 380 17.33 17.13 -71.07
C VAL A 380 16.26 16.50 -70.18
N ASP A 381 14.98 16.63 -70.52
CA ASP A 381 13.92 16.09 -69.69
C ASP A 381 12.86 15.44 -70.57
N CYS A 382 12.10 14.53 -69.95
CA CYS A 382 11.08 13.77 -70.65
C CYS A 382 9.68 14.26 -70.26
N GLU A 383 8.77 14.22 -71.22
CA GLU A 383 7.40 14.66 -71.05
C GLU A 383 6.42 13.50 -71.25
N LYS A 384 5.20 13.71 -70.72
CA LYS A 384 4.20 12.67 -70.56
C LYS A 384 3.74 12.07 -71.88
N PHE A 385 3.10 12.88 -72.73
CA PHE A 385 2.59 12.43 -74.02
C PHE A 385 1.73 11.18 -73.88
N TYR A 386 0.60 11.36 -73.19
CA TYR A 386 -0.39 10.29 -73.09
C TYR A 386 -0.78 9.79 -74.48
N SER A 387 -1.16 8.51 -74.54
CA SER A 387 -1.53 7.91 -75.81
C SER A 387 -2.51 6.79 -75.57
N PHE A 388 -3.26 6.45 -76.62
CA PHE A 388 -4.24 5.39 -76.59
C PHE A 388 -3.57 4.05 -76.89
N ILE A 389 -4.14 2.97 -76.34
CA ILE A 389 -3.58 1.65 -76.56
C ILE A 389 -3.46 1.34 -78.04
N HIS A 390 -4.28 1.96 -78.87
CA HIS A 390 -4.21 1.69 -80.31
C HIS A 390 -5.14 2.61 -81.09
N MET A 391 -4.79 2.88 -82.35
CA MET A 391 -5.56 3.83 -83.15
C MET A 391 -6.97 3.33 -83.40
N THR A 392 -7.14 2.03 -83.67
CA THR A 392 -8.48 1.49 -83.84
C THR A 392 -9.30 1.63 -82.56
N PHE A 393 -8.66 1.42 -81.41
CA PHE A 393 -9.36 1.63 -80.15
C PHE A 393 -9.80 3.08 -80.00
N GLN A 394 -8.95 4.02 -80.36
CA GLN A 394 -9.32 5.42 -80.27
C GLN A 394 -10.47 5.75 -81.22
N GLU A 395 -10.45 5.16 -82.42
CA GLU A 395 -11.56 5.36 -83.35
C GLU A 395 -12.86 4.81 -82.78
N PHE A 396 -12.79 3.63 -82.14
CA PHE A 396 -13.98 3.07 -81.51
C PHE A 396 -14.50 4.00 -80.42
N PHE A 397 -13.60 4.59 -79.64
CA PHE A 397 -14.03 5.52 -78.61
C PHE A 397 -14.64 6.77 -79.21
N ALA A 398 -14.12 7.23 -80.35
CA ALA A 398 -14.77 8.36 -81.03
C ALA A 398 -16.18 8.01 -81.47
N ALA A 399 -16.34 6.81 -82.02
CA ALA A 399 -17.67 6.36 -82.42
C ALA A 399 -18.60 6.29 -81.21
N MET A 400 -18.09 5.83 -80.08
CA MET A 400 -18.89 5.81 -78.86
C MET A 400 -19.25 7.21 -78.40
N TYR A 401 -18.34 8.17 -78.58
CA TYR A 401 -18.67 9.56 -78.26
C TYR A 401 -19.86 10.02 -79.10
N TYR A 402 -19.82 9.73 -80.40
CA TYR A 402 -20.94 10.13 -81.25
C TYR A 402 -22.23 9.44 -80.82
N LEU A 403 -22.19 8.13 -80.61
CA LEU A 403 -23.41 7.38 -80.28
C LEU A 403 -23.99 7.83 -78.94
N LEU A 404 -23.16 7.84 -77.90
CA LEU A 404 -23.63 8.19 -76.57
C LEU A 404 -24.26 9.57 -76.56
N GLU A 405 -25.05 9.84 -75.52
CA GLU A 405 -25.78 11.08 -75.39
C GLU A 405 -25.11 11.97 -74.35
N GLU A 406 -25.01 13.27 -74.63
CA GLU A 406 -24.41 14.25 -73.70
C GLU A 406 -24.87 14.15 -72.25
N LEU A 419 -13.99 25.87 -74.71
CA LEU A 419 -13.63 24.53 -75.14
C LEU A 419 -14.85 23.73 -75.61
N LYS A 420 -14.75 23.18 -76.81
CA LYS A 420 -15.84 22.38 -77.37
C LYS A 420 -15.34 21.41 -78.44
N LEU A 421 -15.65 20.13 -78.25
CA LEU A 421 -15.24 19.10 -79.21
C LEU A 421 -16.12 19.14 -80.44
N PRO A 422 -15.62 18.59 -81.56
CA PRO A 422 -16.28 18.53 -82.87
C PRO A 422 -17.79 18.32 -82.80
N SER A 423 -18.52 19.19 -83.50
CA SER A 423 -19.99 19.16 -83.54
C SER A 423 -20.54 17.76 -83.73
N ARG A 424 -21.39 17.35 -82.80
CA ARG A 424 -21.99 16.03 -82.84
C ARG A 424 -22.85 15.76 -84.07
N ASP A 425 -22.69 16.55 -85.14
CA ASP A 425 -23.52 16.23 -86.29
C ASP A 425 -23.09 14.92 -86.91
N VAL A 426 -23.91 13.88 -86.74
CA VAL A 426 -23.61 12.59 -87.36
C VAL A 426 -23.51 12.76 -88.87
N THR A 427 -24.38 13.59 -89.45
CA THR A 427 -24.30 13.85 -90.89
C THR A 427 -23.08 14.66 -91.30
N VAL A 428 -22.48 15.33 -90.31
CA VAL A 428 -21.27 16.10 -90.56
C VAL A 428 -20.20 15.03 -90.44
N LEU A 429 -20.42 14.08 -89.56
CA LEU A 429 -19.48 12.99 -89.41
C LEU A 429 -19.55 12.30 -90.77
N LEU A 430 -20.77 11.96 -91.13
CA LEU A 430 -21.10 11.29 -92.37
C LEU A 430 -20.68 12.17 -93.53
N GLU A 431 -20.98 13.46 -93.42
CA GLU A 431 -20.54 14.41 -94.42
C GLU A 431 -19.04 14.29 -94.56
N ASN A 432 -18.30 14.39 -93.47
CA ASN A 432 -16.84 14.30 -93.52
C ASN A 432 -16.33 13.02 -94.17
N TYR A 433 -16.99 11.90 -93.87
CA TYR A 433 -16.64 10.59 -94.44
C TYR A 433 -16.91 10.53 -95.92
N GLY A 434 -17.74 11.42 -96.43
CA GLY A 434 -17.98 11.42 -97.88
C GLY A 434 -17.45 12.78 -98.37
N LYS A 435 -16.54 13.42 -97.64
CA LYS A 435 -16.04 14.73 -98.08
C LYS A 435 -14.57 14.94 -98.42
N PHE A 436 -13.89 15.68 -97.55
CA PHE A 436 -12.53 16.14 -97.86
C PHE A 436 -11.29 15.45 -97.26
N GLU A 437 -10.82 14.41 -97.94
CA GLU A 437 -9.62 13.67 -97.53
C GLU A 437 -9.59 13.25 -96.06
N LYS A 438 -10.59 12.48 -95.66
CA LYS A 438 -10.74 11.97 -94.31
C LYS A 438 -10.90 10.45 -94.33
N GLY A 439 -10.06 9.77 -95.10
CA GLY A 439 -10.03 8.31 -95.12
C GLY A 439 -9.93 7.74 -93.73
N TYR A 440 -9.41 8.53 -92.80
CA TYR A 440 -9.38 8.15 -91.38
C TYR A 440 -10.71 8.44 -90.68
N LEU A 441 -11.81 8.05 -91.31
CA LEU A 441 -13.12 8.06 -90.68
C LEU A 441 -13.94 6.84 -91.05
N ILE A 442 -13.48 6.01 -91.98
CA ILE A 442 -14.17 4.78 -92.32
C ILE A 442 -14.35 3.93 -91.06
N PHE A 443 -13.30 3.84 -90.25
CA PHE A 443 -13.36 2.99 -89.07
C PHE A 443 -14.27 3.58 -87.99
N VAL A 444 -14.26 4.90 -87.83
CA VAL A 444 -15.16 5.51 -86.86
C VAL A 444 -16.61 5.28 -87.27
N VAL A 445 -16.91 5.44 -88.56
CA VAL A 445 -18.26 5.18 -89.04
C VAL A 445 -18.62 3.70 -88.85
N ARG A 446 -17.67 2.81 -89.15
CA ARG A 446 -17.92 1.39 -88.97
C ARG A 446 -18.27 1.06 -87.53
N PHE A 447 -17.54 1.65 -86.58
CA PHE A 447 -17.81 1.35 -85.18
C PHE A 447 -19.08 2.03 -84.69
N LEU A 448 -19.42 3.19 -85.25
CA LEU A 448 -20.73 3.77 -84.98
C LEU A 448 -21.84 2.83 -85.42
N PHE A 449 -21.70 2.23 -86.61
CA PHE A 449 -22.70 1.29 -87.08
C PHE A 449 -22.74 0.04 -86.20
N GLY A 450 -21.57 -0.46 -85.80
CA GLY A 450 -21.56 -1.59 -84.89
C GLY A 450 -22.27 -1.29 -83.58
N LEU A 451 -22.11 -0.06 -83.08
CA LEU A 451 -22.72 0.31 -81.80
C LEU A 451 -24.21 0.58 -81.91
N VAL A 452 -24.67 1.13 -83.05
CA VAL A 452 -26.07 1.49 -83.20
C VAL A 452 -26.92 0.23 -83.23
N ASN A 453 -26.27 -0.93 -83.14
CA ASN A 453 -26.97 -2.20 -83.07
C ASN A 453 -27.87 -2.25 -81.84
N GLN A 454 -29.07 -2.80 -82.04
CA GLN A 454 -30.11 -2.71 -81.01
C GLN A 454 -29.74 -3.50 -79.76
N GLU A 455 -29.55 -4.80 -79.89
CA GLU A 455 -29.17 -5.60 -78.72
C GLU A 455 -27.81 -5.17 -78.17
N ARG A 456 -26.84 -4.87 -79.03
CA ARG A 456 -25.56 -4.38 -78.53
C ARG A 456 -25.71 -3.05 -77.82
N THR A 457 -26.53 -2.16 -78.37
CA THR A 457 -26.77 -0.87 -77.72
C THR A 457 -27.41 -1.05 -76.36
N SER A 458 -28.39 -1.96 -76.27
CA SER A 458 -29.03 -2.23 -74.99
C SER A 458 -28.04 -2.83 -73.99
N TYR A 459 -27.16 -3.72 -74.46
CA TYR A 459 -26.17 -4.29 -73.57
C TYR A 459 -25.23 -3.21 -73.03
N LEU A 460 -24.79 -2.31 -73.91
CA LEU A 460 -23.94 -1.21 -73.45
C LEU A 460 -24.69 -0.31 -72.46
N GLU A 461 -25.98 -0.07 -72.71
CA GLU A 461 -26.78 0.71 -71.79
C GLU A 461 -26.85 0.04 -70.42
N LYS A 462 -27.09 -1.26 -70.39
CA LYS A 462 -27.15 -1.96 -69.11
C LYS A 462 -25.79 -1.98 -68.42
N LYS A 463 -24.72 -1.96 -69.20
CA LYS A 463 -23.38 -1.98 -68.61
C LYS A 463 -23.02 -0.64 -67.99
N LEU A 464 -23.32 0.46 -68.67
CA LEU A 464 -22.84 1.77 -68.28
C LEU A 464 -23.90 2.65 -67.62
N SER A 465 -25.14 2.18 -67.49
CA SER A 465 -26.22 2.95 -66.89
C SER A 465 -26.37 4.31 -67.58
N CYS A 466 -26.60 4.26 -68.89
CA CYS A 466 -26.75 5.47 -69.69
C CYS A 466 -27.50 5.13 -70.96
N LYS A 467 -28.71 5.66 -71.11
CA LYS A 467 -29.52 5.37 -72.28
C LYS A 467 -28.86 5.91 -73.54
N ILE A 468 -29.16 5.26 -74.66
CA ILE A 468 -28.58 5.60 -75.95
C ILE A 468 -29.67 6.19 -76.83
N SER A 469 -29.24 6.79 -77.95
CA SER A 469 -30.14 7.40 -78.93
C SER A 469 -30.21 6.48 -80.14
N GLN A 470 -31.41 6.09 -80.53
CA GLN A 470 -31.59 5.22 -81.68
C GLN A 470 -31.87 5.99 -82.96
N GLN A 471 -32.31 7.25 -82.86
CA GLN A 471 -32.57 8.04 -84.06
C GLN A 471 -31.32 8.24 -84.89
N ILE A 472 -30.14 8.07 -84.31
CA ILE A 472 -28.93 8.06 -85.11
C ILE A 472 -28.97 6.92 -86.11
N ARG A 473 -29.58 5.80 -85.74
CA ARG A 473 -29.75 4.69 -86.67
C ARG A 473 -30.61 5.11 -87.87
N LEU A 474 -31.70 5.83 -87.61
CA LEU A 474 -32.53 6.30 -88.72
C LEU A 474 -31.82 7.34 -89.56
N GLU A 475 -31.00 8.18 -88.92
CA GLU A 475 -30.19 9.14 -89.68
C GLU A 475 -29.22 8.41 -90.60
N LEU A 476 -28.55 7.38 -90.10
CA LEU A 476 -27.66 6.60 -90.94
C LEU A 476 -28.42 5.90 -92.06
N LEU A 477 -29.62 5.40 -91.75
CA LEU A 477 -30.45 4.77 -92.78
C LEU A 477 -30.81 5.77 -93.87
N LYS A 478 -31.14 7.00 -93.50
CA LYS A 478 -31.45 8.01 -94.50
C LYS A 478 -30.21 8.38 -95.31
N TRP A 479 -29.03 8.39 -94.68
CA TRP A 479 -27.81 8.59 -95.45
C TRP A 479 -27.61 7.47 -96.46
N ILE A 480 -27.84 6.23 -96.05
CA ILE A 480 -27.70 5.11 -96.98
C ILE A 480 -28.73 5.22 -98.09
N GLU A 481 -29.92 5.70 -97.77
CA GLU A 481 -30.94 5.94 -98.79
C GLU A 481 -30.48 6.98 -99.80
N VAL A 482 -29.86 8.06 -99.32
CA VAL A 482 -29.34 9.09 -100.23
C VAL A 482 -28.23 8.51 -101.08
N LYS A 483 -27.33 7.75 -100.47
CA LYS A 483 -26.24 7.14 -101.23
C LYS A 483 -26.76 6.18 -102.29
N ALA A 484 -27.84 5.45 -101.99
CA ALA A 484 -28.40 4.52 -102.96
C ALA A 484 -29.18 5.24 -104.05
N LYS A 485 -29.82 6.35 -103.69
CA LYS A 485 -30.56 7.14 -104.66
C LYS A 485 -29.59 8.11 -105.33
N ALA A 486 -28.31 7.75 -105.35
CA ALA A 486 -27.27 8.57 -105.94
C ALA A 486 -26.73 7.96 -107.22
N LYS A 487 -27.37 6.89 -107.68
CA LYS A 487 -26.97 6.19 -108.90
C LYS A 487 -25.49 5.88 -108.96
N LYS A 488 -25.04 5.01 -108.07
CA LYS A 488 -23.63 4.61 -107.98
C LYS A 488 -22.72 5.83 -107.94
N LEU A 489 -22.96 6.71 -106.98
CA LEU A 489 -22.17 7.93 -106.82
C LEU A 489 -20.75 7.64 -106.35
N GLN A 490 -20.59 6.51 -105.67
CA GLN A 490 -19.31 5.97 -105.16
C GLN A 490 -18.13 6.94 -104.93
N ILE A 491 -18.42 8.10 -104.37
CA ILE A 491 -17.37 9.08 -104.11
C ILE A 491 -16.34 8.43 -103.19
N GLN A 492 -16.79 8.02 -102.01
CA GLN A 492 -15.97 7.34 -101.04
C GLN A 492 -16.73 6.27 -100.29
N PRO A 493 -17.86 6.66 -99.70
CA PRO A 493 -18.83 5.71 -99.13
C PRO A 493 -19.42 4.82 -100.21
N SER A 494 -18.58 4.09 -100.92
CA SER A 494 -19.01 3.34 -102.09
C SER A 494 -19.84 2.13 -101.65
N GLN A 495 -20.24 1.32 -102.65
CA GLN A 495 -21.09 0.18 -102.37
C GLN A 495 -20.40 -0.80 -101.42
N LEU A 496 -19.11 -1.06 -101.64
CA LEU A 496 -18.39 -1.98 -100.77
C LEU A 496 -18.27 -1.41 -99.35
N GLU A 497 -18.03 -0.11 -99.23
CA GLU A 497 -17.94 0.50 -97.91
C GLU A 497 -19.28 0.38 -97.18
N LEU A 498 -20.38 0.64 -97.87
CA LEU A 498 -21.69 0.50 -97.22
C LEU A 498 -21.98 -0.95 -96.88
N PHE A 499 -21.54 -1.90 -97.72
CA PHE A 499 -21.67 -3.30 -97.38
C PHE A 499 -20.93 -3.62 -96.09
N TYR A 500 -19.70 -3.12 -95.95
CA TYR A 500 -18.94 -3.35 -94.73
C TYR A 500 -19.64 -2.73 -93.53
N CYS A 501 -20.16 -1.51 -93.70
CA CYS A 501 -20.88 -0.86 -92.61
C CYS A 501 -22.07 -1.69 -92.15
N LEU A 502 -22.90 -2.14 -93.10
CA LEU A 502 -24.06 -2.94 -92.74
C LEU A 502 -23.65 -4.28 -92.12
N TYR A 503 -22.61 -4.90 -92.67
CA TYR A 503 -22.09 -6.15 -92.10
C TYR A 503 -21.75 -5.96 -90.64
N GLU A 504 -20.99 -4.90 -90.32
CA GLU A 504 -20.68 -4.65 -88.92
C GLU A 504 -21.93 -4.31 -88.12
N MET A 505 -22.93 -3.71 -88.77
CA MET A 505 -24.19 -3.45 -88.10
C MET A 505 -24.84 -4.75 -87.63
N GLN A 506 -24.86 -5.76 -88.49
CA GLN A 506 -25.33 -7.11 -88.18
C GLN A 506 -26.78 -7.16 -87.74
N GLU A 507 -27.52 -6.07 -87.90
CA GLU A 507 -28.93 -6.04 -87.53
C GLU A 507 -29.77 -6.46 -88.74
N GLU A 508 -30.46 -7.59 -88.63
CA GLU A 508 -31.12 -8.18 -89.79
C GLU A 508 -32.18 -7.25 -90.35
N ASP A 509 -33.07 -6.75 -89.50
CA ASP A 509 -34.16 -5.91 -89.99
C ASP A 509 -33.63 -4.62 -90.60
N PHE A 510 -32.64 -4.00 -89.96
CA PHE A 510 -32.06 -2.77 -90.50
C PHE A 510 -31.41 -3.04 -91.85
N VAL A 511 -30.69 -4.16 -91.99
CA VAL A 511 -30.05 -4.48 -93.25
C VAL A 511 -31.10 -4.70 -94.34
N GLN A 512 -32.18 -5.41 -94.02
CA GLN A 512 -33.24 -5.61 -95.01
C GLN A 512 -33.84 -4.27 -95.43
N ARG A 513 -34.14 -3.42 -94.47
CA ARG A 513 -34.78 -2.13 -94.76
C ARG A 513 -33.85 -1.18 -95.51
N ALA A 514 -32.54 -1.35 -95.38
CA ALA A 514 -31.60 -0.45 -96.04
C ALA A 514 -31.15 -0.94 -97.41
N MET A 515 -31.01 -2.25 -97.60
CA MET A 515 -30.49 -2.77 -98.85
C MET A 515 -31.47 -2.65 -100.01
N ASP A 516 -32.72 -2.28 -99.76
CA ASP A 516 -33.73 -2.27 -100.80
C ASP A 516 -33.44 -1.26 -101.92
N TYR A 517 -32.56 -0.29 -101.69
CA TYR A 517 -32.28 0.75 -102.68
C TYR A 517 -31.12 0.38 -103.61
N PHE A 518 -30.44 -0.73 -103.36
CA PHE A 518 -29.27 -1.23 -104.07
C PHE A 518 -29.49 -1.76 -105.49
N PRO A 519 -30.72 -2.15 -105.91
CA PRO A 519 -30.89 -3.17 -106.95
C PRO A 519 -29.85 -3.18 -108.07
N LYS A 520 -29.34 -2.02 -108.45
CA LYS A 520 -28.22 -1.92 -109.38
C LYS A 520 -26.92 -1.88 -108.57
N ILE A 521 -26.15 -2.97 -108.62
CA ILE A 521 -24.98 -3.12 -107.76
C ILE A 521 -23.79 -3.53 -108.62
N GLU A 522 -22.65 -2.87 -108.39
CA GLU A 522 -21.39 -3.20 -109.04
C GLU A 522 -20.33 -3.31 -107.96
N ILE A 523 -19.80 -4.52 -107.74
CA ILE A 523 -18.87 -4.77 -106.66
C ILE A 523 -17.73 -5.64 -107.16
N ASN A 524 -16.55 -5.46 -106.57
CA ASN A 524 -15.40 -6.29 -106.85
C ASN A 524 -14.75 -6.72 -105.54
N LEU A 525 -14.11 -7.88 -105.57
CA LEU A 525 -13.59 -8.54 -104.38
C LEU A 525 -12.08 -8.68 -104.51
N SER A 526 -11.39 -8.52 -103.36
CA SER A 526 -9.96 -8.72 -103.28
C SER A 526 -9.54 -9.52 -102.05
N THR A 527 -10.44 -9.79 -101.11
CA THR A 527 -10.09 -10.52 -99.90
C THR A 527 -11.28 -11.34 -99.43
N ARG A 528 -10.98 -12.34 -98.60
CA ARG A 528 -12.04 -13.14 -98.01
C ARG A 528 -13.03 -12.28 -97.24
N MET A 529 -12.56 -11.20 -96.61
CA MET A 529 -13.48 -10.29 -95.93
C MET A 529 -14.44 -9.64 -96.93
N ASP A 530 -13.93 -9.26 -98.10
CA ASP A 530 -14.80 -8.75 -99.14
C ASP A 530 -15.81 -9.80 -99.57
N HIS A 531 -15.37 -11.05 -99.72
CA HIS A 531 -16.29 -12.12 -100.07
C HIS A 531 -17.41 -12.23 -99.04
N MET A 532 -17.05 -12.25 -97.75
CA MET A 532 -18.05 -12.41 -96.71
C MET A 532 -19.01 -11.23 -96.67
N VAL A 533 -18.48 -10.01 -96.78
CA VAL A 533 -19.34 -8.83 -96.72
C VAL A 533 -20.31 -8.83 -97.89
N SER A 534 -19.82 -9.11 -99.10
CA SER A 534 -20.69 -9.15 -100.26
C SER A 534 -21.74 -10.24 -100.12
N SER A 535 -21.35 -11.43 -99.64
CA SER A 535 -22.30 -12.51 -99.49
C SER A 535 -23.41 -12.14 -98.50
N PHE A 536 -23.04 -11.63 -97.32
CA PHE A 536 -24.04 -11.27 -96.33
C PHE A 536 -24.96 -10.17 -96.85
N CYS A 537 -24.38 -9.15 -97.49
CA CYS A 537 -25.19 -8.04 -97.99
C CYS A 537 -26.17 -8.52 -99.06
N ILE A 538 -25.70 -9.36 -99.99
CA ILE A 538 -26.58 -9.87 -101.04
C ILE A 538 -27.68 -10.74 -100.43
N GLU A 539 -27.33 -11.59 -99.47
CA GLU A 539 -28.33 -12.43 -98.83
C GLU A 539 -29.40 -11.59 -98.15
N ASN A 540 -29.00 -10.52 -97.47
CA ASN A 540 -29.96 -9.62 -96.85
C ASN A 540 -30.72 -8.76 -97.86
N CYS A 541 -30.17 -8.57 -99.06
CA CYS A 541 -30.82 -7.76 -100.07
C CYS A 541 -32.07 -8.47 -100.59
N HIS A 542 -33.18 -7.73 -100.66
CA HIS A 542 -34.43 -8.25 -101.17
C HIS A 542 -34.86 -7.59 -102.47
N ARG A 543 -34.22 -6.50 -102.88
CA ARG A 543 -34.62 -5.75 -104.06
C ARG A 543 -33.48 -5.67 -105.06
N VAL A 544 -32.83 -6.80 -105.34
CA VAL A 544 -31.65 -6.84 -106.20
C VAL A 544 -32.03 -7.44 -107.54
N GLU A 545 -31.76 -6.69 -108.62
CA GLU A 545 -31.94 -7.19 -109.98
C GLU A 545 -30.65 -7.25 -110.76
N SER A 546 -29.89 -6.15 -110.84
CA SER A 546 -28.70 -6.09 -111.68
C SER A 546 -27.47 -6.14 -110.78
N LEU A 547 -26.60 -7.12 -111.03
CA LEU A 547 -25.39 -7.31 -110.24
C LEU A 547 -24.21 -7.57 -111.16
N SER A 548 -23.14 -6.81 -110.95
CA SER A 548 -21.86 -7.02 -111.62
C SER A 548 -20.81 -7.35 -110.57
N LEU A 549 -20.09 -8.44 -110.76
CA LEU A 549 -19.13 -8.93 -109.78
C LEU A 549 -17.76 -9.08 -110.43
N GLY A 550 -16.74 -8.54 -109.77
CA GLY A 550 -15.37 -8.69 -110.23
C GLY A 550 -14.49 -9.34 -109.17
N PHE A 551 -13.39 -9.95 -109.58
CA PHE A 551 -12.50 -10.63 -108.65
C PHE A 551 -11.06 -10.28 -108.96
N LEU A 552 -10.24 -10.14 -107.91
CA LEU A 552 -8.81 -9.91 -108.07
C LEU A 552 -8.02 -11.05 -107.42
N HIS A 553 -6.93 -11.44 -108.08
CA HIS A 553 -6.07 -12.51 -107.59
C HIS A 553 -6.75 -13.87 -107.72
N THR A 594 -10.04 -18.80 -104.59
CA THR A 594 -11.09 -18.26 -105.44
C THR A 594 -12.37 -19.08 -105.33
N SER A 595 -12.29 -20.35 -105.71
CA SER A 595 -13.47 -21.21 -105.69
C SER A 595 -13.99 -21.41 -104.27
N SER A 596 -13.10 -21.41 -103.28
CA SER A 596 -13.54 -21.64 -101.91
C SER A 596 -14.51 -20.57 -101.44
N PHE A 597 -14.12 -19.30 -101.58
CA PHE A 597 -15.02 -18.21 -101.21
C PHE A 597 -16.11 -18.01 -102.26
N CYS A 598 -15.74 -18.13 -103.54
CA CYS A 598 -16.75 -18.05 -104.59
C CYS A 598 -17.82 -19.12 -104.43
N ARG A 599 -17.44 -20.28 -103.88
CA ARG A 599 -18.44 -21.30 -103.57
C ARG A 599 -19.60 -20.70 -102.78
N GLY A 600 -19.32 -20.15 -101.60
CA GLY A 600 -20.34 -19.56 -100.76
C GLY A 600 -20.98 -18.34 -101.38
N LEU A 601 -20.19 -17.50 -102.06
CA LEU A 601 -20.76 -16.32 -102.70
C LEU A 601 -21.85 -16.70 -103.70
N PHE A 602 -21.52 -17.60 -104.62
CA PHE A 602 -22.50 -18.02 -105.62
C PHE A 602 -23.61 -18.85 -105.00
N SER A 603 -23.35 -19.57 -103.91
CA SER A 603 -24.43 -20.26 -103.21
C SER A 603 -25.46 -19.27 -102.70
N VAL A 604 -25.00 -18.17 -102.09
CA VAL A 604 -25.92 -17.16 -101.59
C VAL A 604 -26.64 -16.48 -102.76
N LEU A 605 -25.92 -16.24 -103.86
CA LEU A 605 -26.57 -15.67 -105.04
C LEU A 605 -27.70 -16.57 -105.52
N SER A 606 -27.44 -17.88 -105.65
CA SER A 606 -28.48 -18.80 -106.08
C SER A 606 -29.63 -18.83 -105.10
N THR A 607 -29.34 -18.83 -103.80
CA THR A 607 -30.40 -18.75 -102.80
C THR A 607 -31.26 -17.52 -103.00
N SER A 608 -30.65 -16.41 -103.42
CA SER A 608 -31.41 -15.21 -103.74
C SER A 608 -32.44 -15.52 -104.83
N GLN A 609 -33.64 -14.97 -104.67
CA GLN A 609 -34.75 -15.28 -105.56
C GLN A 609 -35.22 -14.08 -106.38
N SER A 610 -34.66 -12.90 -106.15
CA SER A 610 -35.05 -11.71 -106.90
C SER A 610 -34.05 -11.31 -107.98
N LEU A 611 -32.98 -12.08 -108.16
CA LEU A 611 -31.94 -11.71 -109.11
C LEU A 611 -32.42 -11.86 -110.55
N THR A 612 -31.87 -11.01 -111.42
CA THR A 612 -32.16 -11.07 -112.85
C THR A 612 -30.90 -11.11 -113.70
N GLU A 613 -29.84 -10.41 -113.30
CA GLU A 613 -28.62 -10.31 -114.11
C GLU A 613 -27.41 -10.76 -113.29
N LEU A 614 -26.40 -11.24 -114.01
CA LEU A 614 -25.12 -11.62 -113.41
C LEU A 614 -24.02 -11.28 -114.41
N ASP A 615 -23.24 -10.24 -114.11
CA ASP A 615 -22.14 -9.81 -114.95
C ASP A 615 -20.84 -10.34 -114.36
N LEU A 616 -20.28 -11.38 -114.97
CA LEU A 616 -19.00 -11.94 -114.55
C LEU A 616 -17.89 -11.60 -115.54
N SER A 617 -18.13 -10.64 -116.42
CA SER A 617 -17.16 -10.31 -117.46
C SER A 617 -15.88 -9.76 -116.84
N ASP A 618 -14.79 -9.88 -117.62
CA ASP A 618 -13.48 -9.40 -117.19
C ASP A 618 -13.05 -10.05 -115.89
N ASN A 619 -13.40 -11.32 -115.71
CA ASN A 619 -13.03 -12.09 -114.54
C ASN A 619 -12.41 -13.42 -114.98
N SER A 620 -11.24 -13.73 -114.42
CA SER A 620 -10.54 -14.97 -114.75
C SER A 620 -11.08 -16.11 -113.89
N LEU A 621 -12.32 -16.49 -114.19
CA LEU A 621 -12.98 -17.54 -113.41
C LEU A 621 -12.27 -18.88 -113.58
N GLY A 622 -11.88 -19.21 -114.80
CA GLY A 622 -11.24 -20.48 -115.08
C GLY A 622 -12.23 -21.63 -115.12
N ASP A 623 -11.72 -22.80 -115.49
CA ASP A 623 -12.57 -24.00 -115.55
C ASP A 623 -13.13 -24.37 -114.19
N PRO A 624 -12.34 -24.42 -113.11
CA PRO A 624 -12.94 -24.71 -111.80
C PRO A 624 -14.00 -23.69 -111.40
N GLY A 625 -13.76 -22.41 -111.69
CA GLY A 625 -14.75 -21.40 -111.38
C GLY A 625 -16.03 -21.59 -112.16
N MET A 626 -15.92 -21.90 -113.45
CA MET A 626 -17.11 -22.15 -114.26
C MET A 626 -17.86 -23.38 -113.77
N ARG A 627 -17.13 -24.42 -113.36
CA ARG A 627 -17.79 -25.60 -112.80
C ARG A 627 -18.55 -25.26 -111.52
N VAL A 628 -17.94 -24.46 -110.64
CA VAL A 628 -18.63 -24.06 -109.43
C VAL A 628 -19.87 -23.24 -109.78
N LEU A 629 -19.74 -22.33 -110.74
CA LEU A 629 -20.87 -21.49 -111.14
C LEU A 629 -22.01 -22.33 -111.69
N CYS A 630 -21.71 -23.29 -112.57
CA CYS A 630 -22.76 -24.12 -113.14
C CYS A 630 -23.40 -25.01 -112.07
N GLU A 631 -22.59 -25.52 -111.15
CA GLU A 631 -23.16 -26.28 -110.04
C GLU A 631 -24.15 -25.42 -109.25
N THR A 632 -23.77 -24.18 -108.95
CA THR A 632 -24.67 -23.29 -108.24
C THR A 632 -25.93 -23.00 -109.03
N LEU A 633 -25.79 -22.74 -110.34
CA LEU A 633 -26.94 -22.44 -111.18
C LEU A 633 -27.88 -23.63 -111.29
N GLN A 634 -27.35 -24.85 -111.21
CA GLN A 634 -28.19 -26.04 -111.33
C GLN A 634 -29.19 -26.15 -110.20
N HIS A 635 -29.13 -25.29 -109.19
CA HIS A 635 -30.08 -25.36 -108.10
C HIS A 635 -31.49 -25.10 -108.62
N PRO A 636 -32.48 -25.87 -108.18
CA PRO A 636 -33.85 -25.65 -108.68
C PRO A 636 -34.38 -24.26 -108.42
N GLY A 637 -33.98 -23.63 -107.32
CA GLY A 637 -34.43 -22.30 -106.99
C GLY A 637 -33.74 -21.18 -107.72
N CYS A 638 -32.78 -21.49 -108.59
CA CYS A 638 -32.06 -20.46 -109.32
C CYS A 638 -33.03 -19.57 -110.09
N ASN A 639 -32.88 -18.26 -109.91
CA ASN A 639 -33.73 -17.27 -110.58
C ASN A 639 -32.92 -16.36 -111.48
N ILE A 640 -31.76 -16.81 -111.94
CA ILE A 640 -30.90 -16.00 -112.80
C ILE A 640 -31.41 -16.09 -114.24
N ARG A 641 -31.68 -14.94 -114.84
CA ARG A 641 -32.17 -14.88 -116.22
C ARG A 641 -31.09 -14.55 -117.23
N ARG A 642 -30.17 -13.63 -116.90
CA ARG A 642 -29.11 -13.25 -117.82
C ARG A 642 -27.76 -13.37 -117.11
N LEU A 643 -26.78 -13.91 -117.83
CA LEU A 643 -25.43 -14.09 -117.29
C LEU A 643 -24.42 -13.83 -118.40
N TRP A 644 -23.62 -12.79 -118.24
CA TRP A 644 -22.64 -12.40 -119.24
C TRP A 644 -21.25 -12.81 -118.78
N LEU A 645 -20.57 -13.63 -119.60
CA LEU A 645 -19.30 -14.25 -119.23
C LEU A 645 -18.18 -13.82 -120.17
N GLY A 646 -18.22 -12.57 -120.63
CA GLY A 646 -17.22 -12.08 -121.55
C GLY A 646 -15.81 -12.13 -121.00
N ARG A 647 -14.89 -12.71 -121.77
CA ARG A 647 -13.46 -12.71 -121.43
C ARG A 647 -13.21 -13.30 -120.05
N CYS A 648 -13.87 -14.43 -119.76
CA CYS A 648 -13.75 -15.09 -118.47
C CYS A 648 -12.81 -16.28 -118.50
N GLY A 649 -12.08 -16.50 -119.59
CA GLY A 649 -11.19 -17.64 -119.68
C GLY A 649 -11.89 -18.98 -119.66
N LEU A 650 -13.02 -19.10 -120.35
CA LEU A 650 -13.76 -20.35 -120.41
C LEU A 650 -13.34 -21.15 -121.64
N SER A 651 -13.58 -22.45 -121.59
CA SER A 651 -13.10 -23.36 -122.63
C SER A 651 -14.11 -24.47 -122.85
N HIS A 652 -13.74 -25.44 -123.67
CA HIS A 652 -14.62 -26.56 -123.98
C HIS A 652 -14.96 -27.36 -122.73
N GLU A 653 -13.97 -27.57 -121.86
CA GLU A 653 -14.21 -28.33 -120.64
C GLU A 653 -15.38 -27.75 -119.85
N CYS A 654 -15.35 -26.43 -119.61
CA CYS A 654 -16.49 -25.78 -118.98
C CYS A 654 -17.71 -25.76 -119.89
N CYS A 655 -17.51 -25.92 -121.21
CA CYS A 655 -18.65 -25.99 -122.11
C CYS A 655 -19.51 -27.22 -121.83
N PHE A 656 -18.91 -28.31 -121.36
CA PHE A 656 -19.70 -29.48 -120.95
C PHE A 656 -20.68 -29.11 -119.85
N ASP A 657 -20.19 -28.46 -118.79
CA ASP A 657 -21.07 -28.05 -117.70
C ASP A 657 -22.04 -26.97 -118.16
N ILE A 658 -21.64 -26.12 -119.10
CA ILE A 658 -22.57 -25.13 -119.64
C ILE A 658 -23.72 -25.81 -120.35
N SER A 659 -23.43 -26.84 -121.14
CA SER A 659 -24.50 -27.61 -121.79
C SER A 659 -25.37 -28.30 -120.76
N LEU A 660 -24.77 -28.83 -119.70
CA LEU A 660 -25.58 -29.43 -118.63
C LEU A 660 -26.52 -28.40 -118.02
N VAL A 661 -26.03 -27.20 -117.77
CA VAL A 661 -26.86 -26.13 -117.21
C VAL A 661 -27.98 -25.78 -118.18
N LEU A 662 -27.66 -25.67 -119.47
CA LEU A 662 -28.68 -25.33 -120.46
C LEU A 662 -29.77 -26.39 -120.51
N SER A 663 -29.39 -27.67 -120.45
CA SER A 663 -30.36 -28.75 -120.51
C SER A 663 -31.15 -28.91 -119.23
N SER A 664 -30.58 -28.54 -118.07
CA SER A 664 -31.26 -28.72 -116.79
C SER A 664 -32.14 -27.53 -116.45
N ASN A 665 -31.54 -26.34 -116.33
CA ASN A 665 -32.30 -25.16 -115.95
C ASN A 665 -33.26 -24.78 -117.06
N GLN A 666 -34.48 -24.39 -116.68
CA GLN A 666 -35.49 -23.93 -117.62
C GLN A 666 -35.75 -22.43 -117.50
N LYS A 667 -34.93 -21.71 -116.75
CA LYS A 667 -35.08 -20.28 -116.58
C LYS A 667 -34.12 -19.47 -117.45
N LEU A 668 -33.00 -20.06 -117.86
CA LEU A 668 -32.03 -19.32 -118.67
C LEU A 668 -32.70 -18.79 -119.94
N VAL A 669 -32.39 -17.53 -120.26
CA VAL A 669 -33.02 -16.83 -121.38
C VAL A 669 -32.01 -16.45 -122.45
N GLU A 670 -30.84 -15.95 -122.05
CA GLU A 670 -29.85 -15.45 -122.99
C GLU A 670 -28.45 -15.81 -122.48
N LEU A 671 -27.48 -15.76 -123.38
CA LEU A 671 -26.11 -16.06 -122.99
C LEU A 671 -25.13 -15.34 -123.93
N ASP A 672 -24.10 -14.74 -123.33
CA ASP A 672 -23.00 -14.14 -124.07
C ASP A 672 -21.70 -14.67 -123.50
N LEU A 673 -20.90 -15.32 -124.35
CA LEU A 673 -19.64 -15.94 -123.97
C LEU A 673 -18.51 -15.41 -124.85
N SER A 674 -18.51 -14.11 -125.11
CA SER A 674 -17.54 -13.52 -126.03
C SER A 674 -16.11 -13.74 -125.54
N ASP A 675 -15.21 -14.01 -126.47
CA ASP A 675 -13.78 -14.19 -126.16
C ASP A 675 -13.56 -15.42 -125.29
N ASN A 676 -14.32 -16.48 -125.55
CA ASN A 676 -14.18 -17.75 -124.85
C ASN A 676 -13.53 -18.77 -125.77
N ALA A 677 -12.54 -19.48 -125.24
CA ALA A 677 -11.84 -20.51 -126.00
C ALA A 677 -12.67 -21.79 -126.08
N LEU A 678 -13.87 -21.64 -126.65
CA LEU A 678 -14.79 -22.76 -126.77
C LEU A 678 -14.21 -23.86 -127.66
N GLY A 679 -13.79 -23.49 -128.87
CA GLY A 679 -13.25 -24.45 -129.79
C GLY A 679 -14.33 -25.32 -130.43
N ASP A 680 -13.93 -26.15 -131.39
CA ASP A 680 -14.88 -27.08 -132.01
C ASP A 680 -15.44 -28.04 -130.98
N PHE A 681 -14.59 -28.56 -130.09
CA PHE A 681 -15.08 -29.44 -129.04
C PHE A 681 -16.01 -28.71 -128.09
N GLY A 682 -15.69 -27.45 -127.76
CA GLY A 682 -16.58 -26.68 -126.91
C GLY A 682 -17.95 -26.49 -127.52
N ILE A 683 -18.00 -26.13 -128.80
CA ILE A 683 -19.29 -25.98 -129.48
C ILE A 683 -20.01 -27.32 -129.58
N ARG A 684 -19.26 -28.41 -129.77
CA ARG A 684 -19.85 -29.73 -129.80
C ARG A 684 -20.54 -30.06 -128.49
N LEU A 685 -19.89 -29.76 -127.37
CA LEU A 685 -20.52 -29.97 -126.07
C LEU A 685 -21.71 -29.04 -125.88
N LEU A 686 -21.58 -27.78 -126.32
CA LEU A 686 -22.65 -26.80 -126.12
C LEU A 686 -23.92 -27.19 -126.86
N CYS A 687 -23.77 -27.63 -128.12
CA CYS A 687 -24.95 -27.97 -128.91
C CYS A 687 -25.71 -29.16 -128.32
N VAL A 688 -25.01 -30.03 -127.58
CA VAL A 688 -25.70 -31.14 -126.93
C VAL A 688 -26.75 -30.62 -125.96
N GLY A 689 -26.37 -29.62 -125.14
CA GLY A 689 -27.34 -29.00 -124.27
C GLY A 689 -28.38 -28.19 -125.03
N LEU A 690 -27.96 -27.49 -126.09
CA LEU A 690 -28.90 -26.68 -126.85
C LEU A 690 -30.03 -27.51 -127.44
N LYS A 691 -29.71 -28.69 -127.97
CA LYS A 691 -30.72 -29.52 -128.61
C LYS A 691 -31.61 -30.25 -127.61
N HIS A 692 -31.35 -30.12 -126.32
CA HIS A 692 -32.23 -30.71 -125.32
C HIS A 692 -33.60 -30.04 -125.37
N LEU A 693 -34.65 -30.84 -125.14
CA LEU A 693 -36.01 -30.32 -125.19
C LEU A 693 -36.22 -29.21 -124.17
N LEU A 694 -35.54 -29.28 -123.03
CA LEU A 694 -35.67 -28.27 -121.99
C LEU A 694 -34.88 -27.00 -122.29
N CYS A 695 -34.06 -27.00 -123.33
CA CYS A 695 -33.28 -25.83 -123.69
C CYS A 695 -34.22 -24.69 -124.05
N ASN A 696 -34.25 -23.66 -123.23
CA ASN A 696 -35.11 -22.50 -123.44
C ASN A 696 -34.32 -21.23 -123.77
N LEU A 697 -33.03 -21.36 -124.07
CA LEU A 697 -32.24 -20.20 -124.43
C LEU A 697 -32.75 -19.56 -125.71
N LYS A 698 -32.67 -18.24 -125.78
CA LYS A 698 -33.15 -17.49 -126.94
C LYS A 698 -32.02 -16.81 -127.70
N LYS A 699 -31.21 -16.00 -127.03
CA LYS A 699 -30.17 -15.22 -127.68
C LYS A 699 -28.80 -15.75 -127.27
N LEU A 700 -27.91 -15.90 -128.25
CA LEU A 700 -26.57 -16.40 -128.02
C LEU A 700 -25.57 -15.49 -128.70
N TRP A 701 -24.54 -15.08 -127.95
CA TRP A 701 -23.40 -14.35 -128.48
C TRP A 701 -22.15 -15.19 -128.26
N LEU A 702 -21.47 -15.54 -129.36
CA LEU A 702 -20.21 -16.27 -129.33
C LEU A 702 -19.14 -15.54 -130.13
N VAL A 703 -19.19 -14.20 -130.12
CA VAL A 703 -18.27 -13.41 -130.92
C VAL A 703 -16.84 -13.70 -130.50
N SER A 704 -15.96 -13.82 -131.50
CA SER A 704 -14.53 -14.04 -131.26
C SER A 704 -14.30 -15.27 -130.38
N CYS A 705 -15.05 -16.33 -130.66
CA CYS A 705 -14.93 -17.58 -129.92
C CYS A 705 -13.92 -18.54 -130.53
N CYS A 706 -13.19 -18.11 -131.56
CA CYS A 706 -12.17 -18.94 -132.21
C CYS A 706 -12.79 -20.15 -132.90
N LEU A 707 -14.09 -20.12 -133.16
CA LEU A 707 -14.77 -21.24 -133.80
C LEU A 707 -14.52 -21.22 -135.31
N THR A 708 -14.88 -22.32 -135.96
CA THR A 708 -14.73 -22.47 -137.39
C THR A 708 -15.95 -23.18 -137.95
N SER A 709 -15.94 -23.43 -139.26
CA SER A 709 -17.06 -24.07 -139.91
C SER A 709 -17.27 -25.51 -139.45
N ALA A 710 -16.28 -26.09 -138.76
CA ALA A 710 -16.42 -27.48 -138.30
C ALA A 710 -17.60 -27.62 -137.36
N CYS A 711 -17.78 -26.67 -136.44
CA CYS A 711 -18.92 -26.68 -135.53
C CYS A 711 -20.18 -26.13 -136.17
N CYS A 712 -20.09 -25.59 -137.39
CA CYS A 712 -21.27 -25.06 -138.05
C CYS A 712 -22.34 -26.12 -138.26
N GLN A 713 -21.94 -27.38 -138.42
CA GLN A 713 -22.92 -28.46 -138.54
C GLN A 713 -23.78 -28.54 -137.29
N ASP A 714 -23.13 -28.58 -136.11
CA ASP A 714 -23.88 -28.62 -134.87
C ASP A 714 -24.68 -27.34 -134.67
N LEU A 715 -24.13 -26.19 -135.07
CA LEU A 715 -24.87 -24.94 -134.93
C LEU A 715 -26.16 -24.98 -135.75
N ALA A 716 -26.09 -25.44 -137.00
CA ALA A 716 -27.27 -25.54 -137.83
C ALA A 716 -28.25 -26.57 -137.27
N SER A 717 -27.73 -27.69 -136.75
CA SER A 717 -28.61 -28.68 -136.15
C SER A 717 -29.37 -28.10 -134.97
N VAL A 718 -28.68 -27.35 -134.10
CA VAL A 718 -29.36 -26.74 -132.96
C VAL A 718 -30.35 -25.68 -133.43
N LEU A 719 -30.00 -24.92 -134.46
CA LEU A 719 -30.92 -23.91 -134.98
C LEU A 719 -32.20 -24.56 -135.50
N SER A 720 -32.07 -25.69 -136.19
CA SER A 720 -33.25 -26.38 -136.71
C SER A 720 -33.99 -27.18 -135.64
N THR A 721 -33.34 -27.47 -134.51
CA THR A 721 -33.96 -28.28 -133.47
C THR A 721 -34.65 -27.45 -132.38
N SER A 722 -33.91 -26.53 -131.75
CA SER A 722 -34.45 -25.83 -130.60
C SER A 722 -35.67 -24.99 -130.98
N HIS A 723 -36.62 -24.91 -130.05
CA HIS A 723 -37.84 -24.15 -130.25
C HIS A 723 -37.77 -22.74 -129.67
N SER A 724 -36.68 -22.40 -128.98
CA SER A 724 -36.54 -21.09 -128.35
C SER A 724 -35.36 -20.28 -128.86
N LEU A 725 -34.27 -20.92 -129.27
CA LEU A 725 -33.12 -20.20 -129.78
C LEU A 725 -33.51 -19.40 -131.02
N THR A 726 -33.45 -18.08 -130.91
CA THR A 726 -33.89 -17.19 -132.00
C THR A 726 -32.73 -16.41 -132.61
N ARG A 727 -31.97 -15.68 -131.79
CA ARG A 727 -30.90 -14.81 -132.29
C ARG A 727 -29.56 -15.44 -131.95
N LEU A 728 -28.68 -15.54 -132.95
CA LEU A 728 -27.34 -16.06 -132.79
C LEU A 728 -26.35 -15.13 -133.47
N TYR A 729 -25.29 -14.76 -132.76
CA TYR A 729 -24.25 -13.88 -133.30
C TYR A 729 -22.90 -14.54 -133.02
N VAL A 730 -22.32 -15.13 -134.07
CA VAL A 730 -21.08 -15.89 -133.96
C VAL A 730 -19.96 -15.26 -134.78
N GLY A 731 -19.99 -13.95 -134.97
CA GLY A 731 -18.97 -13.27 -135.74
C GLY A 731 -17.58 -13.43 -135.15
N GLU A 732 -16.58 -12.87 -135.82
CA GLU A 732 -15.18 -12.97 -135.37
C GLU A 732 -14.72 -14.42 -135.27
N ASN A 733 -15.29 -15.28 -136.12
CA ASN A 733 -14.93 -16.69 -136.16
C ASN A 733 -14.66 -17.09 -137.60
N ALA A 734 -13.72 -18.01 -137.80
CA ALA A 734 -13.35 -18.46 -139.14
C ALA A 734 -14.38 -19.44 -139.69
N LEU A 735 -15.63 -18.96 -139.77
CA LEU A 735 -16.70 -19.78 -140.32
C LEU A 735 -16.52 -19.99 -141.81
N GLY A 736 -16.25 -18.91 -142.55
CA GLY A 736 -16.01 -19.01 -143.97
C GLY A 736 -17.27 -19.18 -144.79
N ASP A 737 -17.07 -19.22 -146.11
CA ASP A 737 -18.21 -19.43 -147.01
C ASP A 737 -18.84 -20.79 -146.79
N SER A 738 -18.03 -21.82 -146.56
CA SER A 738 -18.58 -23.14 -146.31
C SER A 738 -19.42 -23.16 -145.03
N GLY A 739 -18.92 -22.52 -143.98
CA GLY A 739 -19.69 -22.45 -142.74
C GLY A 739 -20.99 -21.68 -142.91
N VAL A 740 -20.93 -20.57 -143.66
CA VAL A 740 -22.14 -19.78 -143.89
C VAL A 740 -23.15 -20.59 -144.69
N ALA A 741 -22.69 -21.34 -145.69
CA ALA A 741 -23.59 -22.18 -146.47
C ALA A 741 -24.19 -23.30 -145.60
N ILE A 742 -23.39 -23.87 -144.71
CA ILE A 742 -23.90 -24.90 -143.80
C ILE A 742 -24.99 -24.32 -142.92
N LEU A 743 -24.75 -23.12 -142.37
CA LEU A 743 -25.77 -22.47 -141.55
C LEU A 743 -27.02 -22.17 -142.36
N CYS A 744 -26.85 -21.72 -143.61
CA CYS A 744 -27.99 -21.35 -144.45
C CYS A 744 -28.83 -22.57 -144.81
N GLU A 745 -28.18 -23.72 -145.05
CA GLU A 745 -28.93 -24.90 -145.46
C GLU A 745 -29.96 -25.29 -144.40
N LYS A 746 -29.74 -24.92 -143.15
CA LYS A 746 -30.68 -25.15 -142.06
C LYS A 746 -31.56 -23.95 -141.78
N ALA A 747 -31.03 -22.74 -141.87
CA ALA A 747 -31.82 -21.54 -141.64
C ALA A 747 -32.89 -21.35 -142.71
N LYS A 748 -32.70 -21.92 -143.90
CA LYS A 748 -33.71 -21.79 -144.95
C LYS A 748 -35.04 -22.40 -144.56
N ASN A 749 -35.06 -23.28 -143.57
CA ASN A 749 -36.30 -23.89 -143.15
C ASN A 749 -37.26 -22.80 -142.67
N PRO A 750 -38.45 -22.68 -143.27
CA PRO A 750 -39.37 -21.61 -142.84
C PRO A 750 -39.72 -21.69 -141.37
N GLN A 751 -39.82 -22.90 -140.80
CA GLN A 751 -40.13 -23.03 -139.38
C GLN A 751 -38.97 -22.61 -138.49
N CYS A 752 -37.77 -22.45 -139.05
CA CYS A 752 -36.63 -22.05 -138.25
C CYS A 752 -36.90 -20.71 -137.55
N ASN A 753 -36.53 -20.63 -136.29
CA ASN A 753 -36.86 -19.49 -135.44
C ASN A 753 -35.80 -18.40 -135.45
N LEU A 754 -34.72 -18.57 -136.21
CA LEU A 754 -33.68 -17.54 -136.25
C LEU A 754 -34.26 -16.22 -136.74
N GLN A 755 -33.99 -15.14 -135.99
CA GLN A 755 -34.53 -13.82 -136.31
C GLN A 755 -33.44 -12.84 -136.69
N LYS A 756 -32.43 -12.63 -135.85
CA LYS A 756 -31.34 -11.72 -136.13
C LYS A 756 -30.05 -12.53 -136.26
N LEU A 757 -29.39 -12.40 -137.41
CA LEU A 757 -28.18 -13.16 -137.72
C LEU A 757 -27.00 -12.20 -137.85
N GLY A 758 -25.93 -12.49 -137.12
CA GLY A 758 -24.72 -11.70 -137.18
C GLY A 758 -23.48 -12.52 -137.49
N LEU A 759 -22.79 -12.16 -138.56
CA LEU A 759 -21.55 -12.83 -138.96
C LEU A 759 -20.40 -11.86 -138.86
N VAL A 760 -20.34 -11.12 -137.75
CA VAL A 760 -19.42 -9.99 -137.62
C VAL A 760 -18.02 -10.43 -138.00
N ASN A 761 -17.47 -9.81 -139.05
CA ASN A 761 -16.12 -10.09 -139.53
C ASN A 761 -15.87 -11.60 -139.64
N SER A 762 -16.82 -12.30 -140.25
CA SER A 762 -16.75 -13.75 -140.40
C SER A 762 -16.00 -14.19 -141.65
N GLY A 763 -15.43 -13.25 -142.41
CA GLY A 763 -14.70 -13.59 -143.61
C GLY A 763 -15.58 -14.19 -144.68
N LEU A 764 -16.74 -13.58 -144.92
CA LEU A 764 -17.69 -14.07 -145.90
C LEU A 764 -17.41 -13.46 -147.26
N THR A 765 -17.64 -14.25 -148.31
CA THR A 765 -17.47 -13.83 -149.69
C THR A 765 -18.82 -13.84 -150.41
N SER A 766 -18.79 -13.55 -151.71
CA SER A 766 -20.01 -13.50 -152.49
C SER A 766 -20.64 -14.88 -152.69
N VAL A 767 -19.86 -15.95 -152.55
CA VAL A 767 -20.40 -17.30 -152.77
C VAL A 767 -21.52 -17.59 -151.78
N CYS A 768 -21.30 -17.28 -150.50
CA CYS A 768 -22.34 -17.46 -149.50
C CYS A 768 -23.46 -16.45 -149.61
N CYS A 769 -23.30 -15.42 -150.45
CA CYS A 769 -24.35 -14.42 -150.63
C CYS A 769 -25.61 -15.06 -151.22
N SER A 770 -25.45 -15.95 -152.20
CA SER A 770 -26.60 -16.62 -152.78
C SER A 770 -27.30 -17.50 -151.75
N ALA A 771 -26.53 -18.23 -150.94
CA ALA A 771 -27.13 -19.06 -149.90
C ALA A 771 -27.87 -18.21 -148.88
N LEU A 772 -27.30 -17.07 -148.51
CA LEU A 772 -27.97 -16.18 -147.56
C LEU A 772 -29.24 -15.59 -148.15
N SER A 773 -29.22 -15.27 -149.46
CA SER A 773 -30.43 -14.81 -150.12
C SER A 773 -31.50 -15.90 -150.13
N SER A 774 -31.10 -17.14 -150.37
CA SER A 774 -32.05 -18.25 -150.30
C SER A 774 -32.62 -18.39 -148.89
N VAL A 775 -31.78 -18.23 -147.88
CA VAL A 775 -32.26 -18.28 -146.50
C VAL A 775 -33.26 -17.16 -146.25
N LEU A 776 -32.97 -15.96 -146.73
CA LEU A 776 -33.88 -14.84 -146.55
C LEU A 776 -35.22 -15.11 -147.23
N SER A 777 -35.19 -15.67 -148.43
CA SER A 777 -36.43 -15.93 -149.15
C SER A 777 -37.23 -17.06 -148.53
N THR A 778 -36.55 -18.06 -147.94
CA THR A 778 -37.23 -19.23 -147.40
C THR A 778 -37.71 -19.01 -145.97
N ASN A 779 -36.77 -18.73 -145.06
CA ASN A 779 -37.14 -18.44 -143.68
C ASN A 779 -37.86 -17.11 -143.59
N GLN A 780 -38.97 -17.09 -142.87
CA GLN A 780 -39.77 -15.88 -142.69
C GLN A 780 -39.59 -15.25 -141.32
N ASN A 781 -38.68 -15.76 -140.49
CA ASN A 781 -38.47 -15.25 -139.15
C ASN A 781 -37.22 -14.39 -139.02
N LEU A 782 -36.45 -14.22 -140.09
CA LEU A 782 -35.25 -13.39 -140.03
C LEU A 782 -35.62 -11.91 -140.11
N THR A 783 -35.06 -11.12 -139.21
CA THR A 783 -35.37 -9.70 -139.12
C THR A 783 -34.17 -8.79 -139.36
N HIS A 784 -33.04 -9.04 -138.71
CA HIS A 784 -31.86 -8.20 -138.80
C HIS A 784 -30.67 -9.03 -139.28
N LEU A 785 -29.84 -8.42 -140.12
CA LEU A 785 -28.69 -9.12 -140.70
C LEU A 785 -27.47 -8.21 -140.61
N TYR A 786 -26.46 -8.66 -139.87
CA TYR A 786 -25.17 -7.97 -139.78
C TYR A 786 -24.11 -8.82 -140.45
N LEU A 787 -23.37 -8.22 -141.38
CA LEU A 787 -22.31 -8.94 -142.09
C LEU A 787 -21.03 -8.11 -142.11
N ARG A 788 -20.81 -7.31 -141.07
CA ARG A 788 -19.63 -6.46 -141.03
C ARG A 788 -18.35 -7.28 -141.08
N GLY A 789 -17.34 -6.74 -141.76
CA GLY A 789 -16.05 -7.39 -141.87
C GLY A 789 -15.93 -8.41 -142.98
N ASN A 790 -16.93 -8.52 -143.85
CA ASN A 790 -16.91 -9.46 -144.96
C ASN A 790 -16.90 -8.70 -146.27
N THR A 791 -15.90 -8.98 -147.11
CA THR A 791 -15.75 -8.29 -148.40
C THR A 791 -16.60 -9.01 -149.44
N LEU A 792 -17.90 -8.72 -149.39
CA LEU A 792 -18.84 -9.35 -150.32
C LEU A 792 -18.54 -8.95 -151.75
N GLY A 793 -18.33 -7.66 -151.98
CA GLY A 793 -18.17 -7.14 -153.33
C GLY A 793 -19.51 -6.83 -153.98
N ASP A 794 -19.43 -6.26 -155.18
CA ASP A 794 -20.64 -5.88 -155.90
C ASP A 794 -21.44 -7.11 -156.33
N LYS A 795 -20.76 -8.19 -156.70
CA LYS A 795 -21.47 -9.42 -157.03
C LYS A 795 -22.25 -9.95 -155.84
N GLY A 796 -21.62 -9.95 -154.66
CA GLY A 796 -22.33 -10.37 -153.47
C GLY A 796 -23.47 -9.44 -153.10
N ILE A 797 -23.28 -8.14 -153.31
CA ILE A 797 -24.34 -7.18 -153.04
C ILE A 797 -25.54 -7.46 -153.92
N LYS A 798 -25.29 -7.69 -155.22
CA LYS A 798 -26.39 -8.01 -156.13
C LYS A 798 -27.05 -9.33 -155.77
N LEU A 799 -26.25 -10.33 -155.37
CA LEU A 799 -26.81 -11.62 -154.97
C LEU A 799 -27.74 -11.46 -153.78
N LEU A 800 -27.31 -10.70 -152.77
CA LEU A 800 -28.17 -10.45 -151.61
C LEU A 800 -29.42 -9.69 -152.01
N CYS A 801 -29.27 -8.67 -152.86
CA CYS A 801 -30.42 -7.87 -153.29
C CYS A 801 -31.43 -8.73 -154.01
N GLU A 802 -30.98 -9.67 -154.83
CA GLU A 802 -31.90 -10.54 -155.55
C GLU A 802 -32.87 -11.24 -154.61
N GLY A 803 -32.43 -11.58 -153.40
CA GLY A 803 -33.28 -12.25 -152.44
C GLY A 803 -34.05 -11.28 -151.56
N LEU A 804 -33.40 -10.21 -151.12
CA LEU A 804 -34.08 -9.25 -150.26
C LEU A 804 -35.17 -8.48 -150.99
N LEU A 805 -35.10 -8.37 -152.32
CA LEU A 805 -36.21 -7.80 -153.07
C LEU A 805 -37.41 -8.73 -153.12
N HIS A 806 -37.22 -10.01 -152.85
CA HIS A 806 -38.32 -10.95 -152.86
C HIS A 806 -39.34 -10.55 -151.79
N PRO A 807 -40.63 -10.57 -152.10
CA PRO A 807 -41.63 -10.15 -151.09
C PRO A 807 -41.56 -10.96 -149.82
N ASP A 808 -41.18 -12.24 -149.89
CA ASP A 808 -41.06 -13.05 -148.69
C ASP A 808 -39.98 -12.55 -147.74
N CYS A 809 -39.04 -11.74 -148.23
CA CYS A 809 -38.01 -11.19 -147.35
C CYS A 809 -38.64 -10.36 -146.25
N LYS A 810 -38.22 -10.61 -145.02
CA LYS A 810 -38.76 -9.91 -143.85
C LYS A 810 -37.69 -9.21 -143.04
N LEU A 811 -36.54 -8.94 -143.65
CA LEU A 811 -35.46 -8.24 -142.96
C LEU A 811 -35.87 -6.81 -142.64
N GLN A 812 -35.34 -6.29 -141.54
CA GLN A 812 -35.63 -4.93 -141.10
C GLN A 812 -34.40 -4.05 -141.05
N VAL A 813 -33.25 -4.59 -140.61
CA VAL A 813 -32.00 -3.84 -140.51
C VAL A 813 -30.92 -4.63 -141.22
N LEU A 814 -30.10 -3.94 -142.01
CA LEU A 814 -29.02 -4.56 -142.75
C LEU A 814 -27.74 -3.76 -142.52
N GLU A 815 -26.76 -4.38 -141.87
CA GLU A 815 -25.46 -3.77 -141.62
C GLU A 815 -24.43 -4.44 -142.52
N LEU A 816 -23.76 -3.63 -143.35
CA LEU A 816 -22.79 -4.14 -144.32
C LEU A 816 -21.54 -3.28 -144.34
N ASP A 817 -21.13 -2.75 -143.18
CA ASP A 817 -19.91 -1.96 -143.10
C ASP A 817 -18.69 -2.87 -143.23
N ASN A 818 -17.60 -2.30 -143.74
CA ASN A 818 -16.37 -3.05 -143.99
C ASN A 818 -16.64 -4.22 -144.93
N CYS A 819 -17.58 -4.04 -145.85
CA CYS A 819 -17.98 -5.08 -146.79
C CYS A 819 -17.22 -5.03 -148.11
N ASN A 820 -16.31 -4.07 -148.27
CA ASN A 820 -15.56 -3.91 -149.53
C ASN A 820 -16.52 -3.76 -150.70
N LEU A 821 -17.38 -2.74 -150.60
CA LEU A 821 -18.40 -2.47 -151.60
C LEU A 821 -17.99 -1.24 -152.41
N THR A 822 -18.07 -1.36 -153.73
CA THR A 822 -17.68 -0.30 -154.63
C THR A 822 -18.93 0.47 -155.10
N SER A 823 -18.75 1.40 -156.01
CA SER A 823 -19.86 2.19 -156.54
C SER A 823 -20.81 1.37 -157.39
N HIS A 824 -20.41 0.16 -157.80
CA HIS A 824 -21.28 -0.66 -158.63
C HIS A 824 -22.56 -1.06 -157.89
N CYS A 825 -22.44 -1.42 -156.62
CA CYS A 825 -23.63 -1.79 -155.85
C CYS A 825 -24.59 -0.64 -155.64
N CYS A 826 -24.28 0.55 -156.17
CA CYS A 826 -25.17 1.69 -156.01
C CYS A 826 -26.54 1.41 -156.63
N TRP A 827 -26.56 0.84 -157.83
CA TRP A 827 -27.85 0.54 -158.46
C TRP A 827 -28.58 -0.58 -157.74
N ASP A 828 -27.83 -1.58 -157.25
CA ASP A 828 -28.45 -2.62 -156.43
C ASP A 828 -29.18 -2.00 -155.24
N LEU A 829 -28.50 -1.10 -154.53
CA LEU A 829 -29.11 -0.50 -153.35
C LEU A 829 -30.23 0.46 -153.71
N SER A 830 -30.13 1.15 -154.85
CA SER A 830 -31.22 2.00 -155.29
C SER A 830 -32.47 1.18 -155.59
N THR A 831 -32.29 0.04 -156.27
CA THR A 831 -33.42 -0.84 -156.54
C THR A 831 -34.01 -1.38 -155.23
N LEU A 832 -33.14 -1.74 -154.28
CA LEU A 832 -33.63 -2.21 -152.99
C LEU A 832 -34.43 -1.12 -152.27
N LEU A 833 -33.95 0.12 -152.33
CA LEU A 833 -34.68 1.21 -151.70
C LEU A 833 -36.02 1.46 -152.38
N THR A 834 -36.05 1.34 -153.71
CA THR A 834 -37.29 1.59 -154.45
C THR A 834 -38.31 0.46 -154.31
N SER A 835 -37.86 -0.77 -154.06
CA SER A 835 -38.76 -1.91 -154.03
C SER A 835 -39.00 -2.47 -152.64
N SER A 836 -37.93 -2.81 -151.91
CA SER A 836 -38.03 -3.38 -150.57
C SER A 836 -39.06 -2.64 -149.72
N GLN A 837 -40.00 -3.39 -149.16
CA GLN A 837 -41.09 -2.83 -148.37
C GLN A 837 -41.05 -3.28 -146.91
N SER A 838 -39.95 -3.88 -146.46
CA SER A 838 -39.88 -4.39 -145.10
C SER A 838 -38.71 -3.82 -144.31
N LEU A 839 -37.56 -3.62 -144.95
CA LEU A 839 -36.38 -3.14 -144.24
C LEU A 839 -36.59 -1.71 -143.76
N ARG A 840 -35.99 -1.40 -142.61
CA ARG A 840 -36.11 -0.08 -141.98
C ARG A 840 -34.78 0.64 -141.78
N LYS A 841 -33.69 -0.10 -141.64
CA LYS A 841 -32.38 0.48 -141.36
C LYS A 841 -31.35 -0.13 -142.29
N LEU A 842 -30.50 0.71 -142.88
CA LEU A 842 -29.41 0.27 -143.74
C LEU A 842 -28.14 1.01 -143.36
N SER A 843 -27.15 0.29 -142.86
CA SER A 843 -25.85 0.85 -142.53
C SER A 843 -24.82 0.30 -143.50
N LEU A 844 -24.06 1.20 -144.15
CA LEU A 844 -23.13 0.78 -145.18
C LEU A 844 -21.80 1.53 -145.12
N GLY A 845 -21.49 2.13 -143.97
CA GLY A 845 -20.28 2.93 -143.85
C GLY A 845 -19.00 2.18 -144.20
N ASN A 846 -17.88 2.89 -144.22
CA ASN A 846 -16.59 2.31 -144.58
C ASN A 846 -16.65 1.68 -145.97
N ASN A 847 -17.36 2.37 -146.87
CA ASN A 847 -17.46 1.94 -148.26
C ASN A 847 -17.48 3.17 -149.15
N ASP A 848 -16.63 3.17 -150.18
CA ASP A 848 -16.50 4.31 -151.08
C ASP A 848 -17.54 4.24 -152.20
N LEU A 849 -18.81 4.32 -151.79
CA LEU A 849 -19.89 4.31 -152.77
C LEU A 849 -19.81 5.49 -153.71
N GLY A 850 -19.51 6.67 -153.18
CA GLY A 850 -19.22 7.82 -154.00
C GLY A 850 -20.31 8.87 -153.93
N ASP A 851 -19.93 10.09 -154.35
CA ASP A 851 -20.90 11.19 -154.41
C ASP A 851 -22.02 10.86 -155.39
N LEU A 852 -21.69 10.20 -156.50
CA LEU A 852 -22.73 9.79 -157.45
C LEU A 852 -23.71 8.83 -156.78
N GLY A 853 -23.21 7.85 -156.02
CA GLY A 853 -24.10 6.94 -155.34
C GLY A 853 -24.96 7.63 -154.31
N VAL A 854 -24.38 8.55 -153.53
CA VAL A 854 -25.15 9.27 -152.53
C VAL A 854 -26.22 10.12 -153.20
N MET A 855 -25.88 10.77 -154.32
CA MET A 855 -26.85 11.59 -155.03
C MET A 855 -28.01 10.75 -155.57
N MET A 856 -27.70 9.61 -156.18
CA MET A 856 -28.76 8.74 -156.68
C MET A 856 -29.63 8.23 -155.54
N PHE A 857 -29.01 7.86 -154.42
CA PHE A 857 -29.78 7.36 -153.28
C PHE A 857 -30.69 8.45 -152.72
N CYS A 858 -30.19 9.68 -152.64
CA CYS A 858 -31.03 10.78 -152.15
C CYS A 858 -32.15 11.10 -153.14
N GLU A 859 -31.86 11.00 -154.44
CA GLU A 859 -32.90 11.21 -155.44
C GLU A 859 -34.01 10.18 -155.30
N VAL A 860 -33.65 8.92 -155.07
CA VAL A 860 -34.67 7.91 -154.82
C VAL A 860 -35.37 8.14 -153.49
N LEU A 861 -34.65 8.65 -152.49
CA LEU A 861 -35.21 8.79 -151.15
C LEU A 861 -36.21 9.93 -151.08
N LYS A 862 -36.01 10.99 -151.87
CA LYS A 862 -36.90 12.14 -151.79
C LYS A 862 -38.34 11.77 -152.12
N GLN A 863 -38.54 10.64 -152.80
CA GLN A 863 -39.89 10.14 -153.00
C GLN A 863 -40.50 9.72 -151.67
N GLN A 864 -41.84 9.77 -151.60
CA GLN A 864 -42.55 9.33 -150.40
C GLN A 864 -42.63 7.82 -150.27
N SER A 865 -42.12 7.08 -151.26
CA SER A 865 -42.22 5.62 -151.27
C SER A 865 -41.15 4.94 -150.44
N CYS A 866 -40.23 5.68 -149.83
CA CYS A 866 -39.14 5.11 -149.05
C CYS A 866 -39.65 4.80 -147.65
N LEU A 867 -40.00 3.53 -147.41
CA LEU A 867 -40.46 3.10 -146.09
C LEU A 867 -39.33 2.95 -145.08
N LEU A 868 -38.09 2.89 -145.54
CA LEU A 868 -36.96 2.82 -144.61
C LEU A 868 -36.86 4.11 -143.81
N GLN A 869 -36.27 4.00 -142.62
CA GLN A 869 -36.17 5.14 -141.71
C GLN A 869 -34.75 5.53 -141.36
N ASN A 870 -33.80 4.60 -141.38
CA ASN A 870 -32.44 4.89 -140.95
C ASN A 870 -31.44 4.52 -142.05
N LEU A 871 -30.53 5.43 -142.34
CA LEU A 871 -29.44 5.19 -143.28
C LEU A 871 -28.14 5.67 -142.65
N GLY A 872 -27.11 4.84 -142.72
CA GLY A 872 -25.83 5.17 -142.13
C GLY A 872 -24.68 5.13 -143.12
N LEU A 873 -24.09 6.29 -143.41
CA LEU A 873 -22.96 6.40 -144.32
C LEU A 873 -21.72 6.92 -143.60
N SER A 874 -21.57 6.56 -142.33
CA SER A 874 -20.43 7.03 -141.56
C SER A 874 -19.13 6.49 -142.14
N GLU A 875 -18.06 7.27 -142.00
CA GLU A 875 -16.73 7.02 -142.55
C GLU A 875 -16.70 7.29 -144.05
N MET A 876 -17.82 7.61 -144.68
CA MET A 876 -17.84 8.00 -146.09
C MET A 876 -17.50 9.48 -146.21
N TYR A 877 -16.52 9.80 -147.04
CA TYR A 877 -16.07 11.16 -147.24
C TYR A 877 -16.61 11.71 -148.55
N PHE A 878 -17.28 12.85 -148.47
CA PHE A 878 -17.95 13.46 -149.61
C PHE A 878 -17.52 14.91 -149.74
N ASN A 879 -18.19 15.64 -150.62
CA ASN A 879 -17.89 17.05 -150.85
C ASN A 879 -18.94 17.93 -150.19
N TYR A 880 -18.74 19.24 -150.29
CA TYR A 880 -19.71 20.19 -149.73
C TYR A 880 -21.07 20.04 -150.39
N GLU A 881 -21.09 19.85 -151.72
CA GLU A 881 -22.36 19.68 -152.41
C GLU A 881 -23.09 18.44 -151.92
N THR A 882 -22.38 17.32 -151.78
CA THR A 882 -23.01 16.10 -151.31
C THR A 882 -23.50 16.24 -149.87
N LYS A 883 -22.71 16.90 -149.01
CA LYS A 883 -23.15 17.12 -147.64
C LYS A 883 -24.41 17.97 -147.59
N SER A 884 -24.46 19.04 -148.40
CA SER A 884 -25.64 19.89 -148.43
C SER A 884 -26.85 19.12 -148.94
N ALA A 885 -26.67 18.29 -149.96
CA ALA A 885 -27.77 17.48 -150.46
C ALA A 885 -28.26 16.50 -149.41
N LEU A 886 -27.34 15.88 -148.68
CA LEU A 886 -27.74 14.95 -147.62
C LEU A 886 -28.53 15.67 -146.53
N GLU A 887 -28.06 16.85 -146.12
CA GLU A 887 -28.79 17.62 -145.11
C GLU A 887 -30.18 18.01 -145.61
N THR A 888 -30.27 18.44 -146.87
CA THR A 888 -31.55 18.81 -147.44
C THR A 888 -32.51 17.63 -147.45
N LEU A 889 -32.02 16.45 -147.85
CA LEU A 889 -32.86 15.26 -147.83
C LEU A 889 -33.32 14.91 -146.41
N GLN A 890 -32.39 14.99 -145.45
CA GLN A 890 -32.75 14.64 -144.07
C GLN A 890 -33.79 15.59 -143.52
N GLU A 891 -33.67 16.88 -143.81
CA GLU A 891 -34.65 17.85 -143.32
C GLU A 891 -35.96 17.81 -144.10
N GLU A 892 -35.93 17.37 -145.36
CA GLU A 892 -37.16 17.17 -146.12
C GLU A 892 -37.92 15.94 -145.65
N LYS A 893 -37.20 14.94 -145.14
CA LYS A 893 -37.81 13.73 -144.59
C LYS A 893 -37.32 13.57 -143.16
N PRO A 894 -37.93 14.27 -142.19
CA PRO A 894 -37.47 14.14 -140.80
C PRO A 894 -37.53 12.72 -140.27
N GLU A 895 -38.54 11.95 -140.68
CA GLU A 895 -38.62 10.56 -140.24
C GLU A 895 -37.55 9.69 -140.88
N LEU A 896 -36.98 10.12 -142.00
CA LEU A 896 -35.88 9.43 -142.65
C LEU A 896 -34.58 10.14 -142.27
N THR A 897 -33.72 9.44 -141.53
CA THR A 897 -32.48 10.00 -141.03
C THR A 897 -31.30 9.41 -141.81
N VAL A 898 -30.33 10.26 -142.13
CA VAL A 898 -29.09 9.85 -142.76
C VAL A 898 -27.94 10.34 -141.90
N VAL A 899 -27.15 9.42 -141.37
CA VAL A 899 -26.04 9.74 -140.48
C VAL A 899 -24.76 9.74 -141.30
N PHE A 900 -24.19 10.92 -141.51
CA PHE A 900 -22.97 11.10 -142.29
C PHE A 900 -22.03 12.10 -141.63
N GLU A 901 -22.00 12.13 -140.30
CA GLU A 901 -21.23 13.13 -139.59
C GLU A 901 -19.73 12.95 -139.84
N PRO A 902 -18.95 14.02 -139.68
CA PRO A 902 -17.50 14.01 -139.89
C PRO A 902 -16.74 13.37 -138.73
N LYS B 1 32.15 -16.28 -36.60
CA LYS B 1 32.62 -15.80 -37.90
C LYS B 1 31.48 -15.25 -38.76
N LYS B 2 31.66 -14.03 -39.24
CA LYS B 2 30.70 -13.26 -40.06
C LYS B 2 31.31 -11.97 -40.57
N ASP B 3 32.07 -12.04 -41.65
CA ASP B 3 32.79 -10.86 -42.07
C ASP B 3 31.93 -9.77 -42.64
N TYR B 4 31.20 -9.18 -41.71
CA TYR B 4 30.25 -8.10 -41.95
C TYR B 4 30.87 -7.06 -42.87
N ARG B 5 32.20 -6.90 -42.82
CA ARG B 5 32.88 -6.11 -43.85
C ARG B 5 32.55 -6.64 -45.22
N LYS B 6 32.62 -7.96 -45.41
CA LYS B 6 32.31 -8.55 -46.71
C LYS B 6 30.87 -8.25 -47.13
N LYS B 7 29.93 -8.43 -46.19
CA LYS B 7 28.53 -8.22 -46.54
C LYS B 7 28.26 -6.75 -46.89
N TYR B 8 28.81 -5.84 -46.09
CA TYR B 8 28.64 -4.42 -46.37
C TYR B 8 29.28 -4.04 -47.71
N ARG B 9 30.47 -4.58 -47.98
CA ARG B 9 31.11 -4.31 -49.26
C ARG B 9 30.25 -4.79 -50.42
N LYS B 10 29.67 -5.98 -50.29
CA LYS B 10 28.79 -6.48 -51.36
C LYS B 10 27.60 -5.55 -51.54
N TYR B 11 26.97 -5.14 -50.44
CA TYR B 11 25.80 -4.28 -50.56
C TYR B 11 26.15 -2.95 -51.22
N VAL B 12 27.24 -2.33 -50.78
CA VAL B 12 27.62 -1.03 -51.33
C VAL B 12 27.98 -1.17 -52.81
N ARG B 13 28.75 -2.21 -53.15
CA ARG B 13 29.10 -2.43 -54.54
C ARG B 13 27.87 -2.69 -55.41
N SER B 14 26.82 -3.27 -54.84
CA SER B 14 25.59 -3.45 -55.58
C SER B 14 24.81 -2.15 -55.73
N ARG B 15 24.75 -1.34 -54.66
CA ARG B 15 23.92 -0.15 -54.65
C ARG B 15 24.58 1.06 -55.32
N PHE B 16 25.89 1.04 -55.53
CA PHE B 16 26.62 2.19 -56.06
C PHE B 16 27.34 1.86 -57.36
N GLN B 17 26.64 1.18 -58.28
CA GLN B 17 27.26 0.76 -59.53
C GLN B 17 26.56 1.29 -60.78
N CYS B 18 25.53 2.10 -60.63
CA CYS B 18 24.81 2.64 -61.78
C CYS B 18 24.52 4.12 -61.56
N ILE B 19 24.54 4.87 -62.65
CA ILE B 19 24.37 6.32 -62.62
C ILE B 19 23.21 6.67 -63.54
N GLU B 20 22.10 7.08 -62.96
CA GLU B 20 20.94 7.50 -63.75
C GLU B 20 21.09 8.97 -64.14
N ASP B 21 20.94 9.25 -65.43
CA ASP B 21 21.04 10.61 -65.93
C ASP B 21 19.81 11.40 -65.50
N ARG B 22 19.74 12.68 -65.87
CA ARG B 22 18.59 13.49 -65.53
C ARG B 22 17.34 13.01 -66.27
N ASN B 23 17.45 12.82 -67.58
CA ASN B 23 16.33 12.31 -68.39
C ASN B 23 16.54 10.82 -68.62
N ALA B 24 16.21 10.04 -67.60
CA ALA B 24 16.35 8.58 -67.65
C ALA B 24 14.98 7.97 -67.45
N ARG B 25 14.35 7.51 -68.53
CA ARG B 25 13.12 6.75 -68.40
C ARG B 25 13.41 5.45 -67.65
N LEU B 26 12.36 4.91 -67.03
CA LEU B 26 12.52 3.78 -66.12
C LEU B 26 13.51 2.75 -66.67
N GLY B 27 14.41 2.30 -65.81
CA GLY B 27 15.36 1.26 -66.16
C GLY B 27 16.31 1.61 -67.29
N GLU B 28 16.91 2.79 -67.23
CA GLU B 28 17.90 3.21 -68.22
C GLU B 28 19.19 3.65 -67.54
N SER B 29 19.57 2.96 -66.47
CA SER B 29 20.78 3.29 -65.76
C SER B 29 22.01 2.91 -66.57
N VAL B 30 23.14 3.56 -66.27
CA VAL B 30 24.40 3.35 -66.97
C VAL B 30 25.49 3.07 -65.95
N SER B 31 26.34 2.09 -66.25
CA SER B 31 27.38 1.69 -65.31
C SER B 31 28.40 2.80 -65.12
N LEU B 32 28.82 2.99 -63.87
CA LEU B 32 29.81 4.02 -63.56
C LEU B 32 31.14 3.72 -64.25
N ASN B 33 31.60 2.47 -64.17
CA ASN B 33 32.86 2.12 -64.80
C ASN B 33 32.84 2.37 -66.30
N LYS B 34 31.67 2.41 -66.91
CA LYS B 34 31.58 2.78 -68.32
C LYS B 34 31.56 4.29 -68.48
N ARG B 35 30.58 4.97 -67.89
CA ARG B 35 30.44 6.42 -68.02
C ARG B 35 30.98 7.13 -66.79
N TYR B 36 32.27 6.93 -66.53
CA TYR B 36 33.00 7.74 -65.55
C TYR B 36 34.40 7.99 -66.06
N THR B 37 34.69 9.25 -66.38
CA THR B 37 36.04 9.66 -66.74
C THR B 37 36.79 10.08 -65.47
N ARG B 38 37.95 10.70 -65.64
CA ARG B 38 38.75 11.16 -64.51
C ARG B 38 38.89 12.68 -64.60
N LEU B 39 38.52 13.37 -63.53
CA LEU B 39 38.54 14.83 -63.51
C LEU B 39 39.95 15.31 -63.19
N ARG B 40 40.07 16.62 -62.93
CA ARG B 40 41.33 17.24 -62.52
C ARG B 40 41.18 17.76 -61.10
N LEU B 41 42.06 17.29 -60.21
CA LEU B 41 42.08 17.76 -58.83
C LEU B 41 43.38 18.51 -58.58
N ILE B 42 43.29 19.63 -57.86
CA ILE B 42 44.46 20.45 -57.58
C ILE B 42 44.36 20.99 -56.16
N LYS B 43 45.49 21.03 -55.46
CA LYS B 43 45.55 21.70 -54.17
C LYS B 43 45.52 23.21 -54.39
N GLU B 44 44.41 23.84 -54.04
CA GLU B 44 44.12 25.18 -54.54
C GLU B 44 45.22 26.16 -54.16
N HIS B 45 45.71 26.89 -55.16
CA HIS B 45 46.65 27.99 -54.99
C HIS B 45 46.25 29.14 -55.90
N ARG B 46 44.95 29.36 -56.05
CA ARG B 46 44.41 30.24 -57.08
C ARG B 46 44.37 31.67 -56.57
N SER B 47 45.23 32.53 -57.12
CA SER B 47 45.27 33.94 -56.77
C SER B 47 44.15 34.69 -57.49
N GLN B 48 44.02 35.98 -57.18
CA GLN B 48 42.96 36.79 -57.77
C GLN B 48 43.19 37.04 -59.25
N GLN B 49 44.38 37.53 -59.60
CA GLN B 49 44.71 37.71 -61.01
C GLN B 49 44.66 36.38 -61.75
N GLU B 50 45.13 35.31 -61.09
CA GLU B 50 45.08 33.99 -61.71
C GLU B 50 43.64 33.59 -62.02
N ARG B 51 42.72 33.83 -61.08
CA ARG B 51 41.32 33.49 -61.29
C ARG B 51 40.73 34.30 -62.45
N GLU B 52 41.01 35.61 -62.49
CA GLU B 52 40.44 36.43 -63.54
C GLU B 52 40.98 36.01 -64.90
N GLN B 53 42.29 35.76 -64.99
CA GLN B 53 42.88 35.32 -66.25
C GLN B 53 42.33 33.97 -66.66
N GLU B 54 42.13 33.07 -65.71
CA GLU B 54 41.53 31.78 -66.02
C GLU B 54 40.15 31.98 -66.64
N LEU B 55 39.30 32.76 -65.97
CA LEU B 55 37.98 33.07 -66.54
C LEU B 55 38.11 33.49 -67.99
N LEU B 56 38.83 34.59 -68.24
CA LEU B 56 38.84 35.18 -69.57
C LEU B 56 39.46 34.25 -70.61
N ALA B 57 40.62 33.67 -70.31
CA ALA B 57 41.30 32.81 -71.28
C ALA B 57 40.48 31.56 -71.57
N ILE B 58 40.08 30.82 -70.53
CA ILE B 58 39.25 29.65 -70.73
C ILE B 58 38.02 30.00 -71.54
N GLY B 59 37.50 31.22 -71.36
CA GLY B 59 36.45 31.68 -72.24
C GLY B 59 36.91 31.75 -73.68
N LYS B 60 38.09 32.32 -73.91
CA LYS B 60 38.56 32.45 -75.28
C LYS B 60 38.77 31.08 -75.92
N THR B 61 39.81 30.36 -75.52
CA THR B 61 39.90 28.94 -75.86
C THR B 61 40.53 28.12 -74.75
N LYS B 62 41.42 28.74 -73.97
CA LYS B 62 42.32 28.04 -73.07
C LYS B 62 42.79 26.73 -73.69
N THR B 63 43.24 26.77 -74.94
CA THR B 63 43.69 25.58 -75.64
C THR B 63 45.22 25.45 -75.65
N CYS B 64 45.93 26.39 -75.05
CA CYS B 64 47.39 26.32 -75.03
C CYS B 64 47.87 25.17 -74.15
N GLU B 65 49.06 24.65 -74.47
CA GLU B 65 49.65 23.55 -73.70
C GLU B 65 50.03 24.05 -72.31
N SER B 66 49.26 23.64 -71.31
CA SER B 66 49.49 24.04 -69.92
C SER B 66 49.41 22.80 -69.02
N PRO B 67 50.36 21.88 -69.16
CA PRO B 67 50.35 20.70 -68.30
C PRO B 67 50.64 21.06 -66.85
N VAL B 68 50.14 20.22 -65.94
CA VAL B 68 50.31 20.43 -64.51
C VAL B 68 50.62 19.09 -63.86
N SER B 69 51.00 19.16 -62.58
CA SER B 69 51.28 17.96 -61.79
C SER B 69 50.00 17.48 -61.13
N PRO B 70 49.53 16.27 -61.39
CA PRO B 70 48.24 15.82 -60.87
C PRO B 70 48.34 15.19 -59.48
N ILE B 71 47.23 15.26 -58.76
CA ILE B 71 47.09 14.60 -57.48
C ILE B 71 46.41 13.25 -57.69
N LYS B 72 46.84 12.26 -56.92
CA LYS B 72 46.23 10.94 -56.99
C LYS B 72 45.10 10.85 -55.99
N MET B 73 44.47 9.67 -55.90
CA MET B 73 43.30 9.49 -55.05
C MET B 73 43.51 8.52 -53.90
N GLU B 74 44.37 7.51 -54.05
CA GLU B 74 44.56 6.56 -52.96
C GLU B 74 45.30 7.18 -51.78
N LEU B 75 46.22 8.10 -52.05
CA LEU B 75 47.01 8.75 -51.00
C LEU B 75 46.51 10.16 -50.72
N LEU B 76 45.19 10.38 -50.82
CA LEU B 76 44.62 11.68 -50.49
C LEU B 76 44.66 11.96 -48.99
N PHE B 77 44.72 10.93 -48.17
CA PHE B 77 44.73 11.09 -46.72
C PHE B 77 46.12 10.93 -46.11
N ASP B 78 47.13 10.65 -46.92
CA ASP B 78 48.47 10.44 -46.39
C ASP B 78 49.08 11.77 -45.93
N PRO B 79 49.97 11.72 -44.94
CA PRO B 79 50.56 12.96 -44.43
C PRO B 79 51.43 13.63 -45.49
N ASP B 80 51.46 14.96 -45.42
CA ASP B 80 52.21 15.77 -46.36
C ASP B 80 53.64 15.30 -46.55
N ASP B 81 54.36 15.11 -45.44
CA ASP B 81 55.74 14.65 -45.50
C ASP B 81 55.83 13.14 -45.63
N GLU B 82 56.50 12.52 -44.66
CA GLU B 82 56.67 11.07 -44.67
C GLU B 82 56.78 10.53 -43.25
N HIS B 83 56.83 11.44 -42.28
CA HIS B 83 56.93 11.05 -40.88
C HIS B 83 56.08 11.94 -40.00
N SER B 84 55.11 12.61 -40.61
CA SER B 84 54.22 13.49 -39.87
C SER B 84 52.96 12.73 -39.50
N GLU B 85 51.85 13.44 -39.38
CA GLU B 85 50.60 12.77 -39.04
C GLU B 85 49.65 12.79 -40.22
N PRO B 86 48.92 11.70 -40.43
CA PRO B 86 47.98 11.66 -41.55
C PRO B 86 46.83 12.63 -41.34
N VAL B 87 46.35 13.21 -42.42
CA VAL B 87 45.24 14.16 -42.36
C VAL B 87 43.97 13.45 -41.95
N HIS B 88 43.08 14.17 -41.27
CA HIS B 88 41.80 13.61 -40.85
C HIS B 88 40.64 14.46 -41.36
N THR B 89 40.82 15.13 -42.49
CA THR B 89 39.70 15.78 -43.16
C THR B 89 40.15 16.27 -44.52
N VAL B 90 39.32 16.02 -45.53
CA VAL B 90 39.52 16.53 -46.87
C VAL B 90 38.25 17.22 -47.30
N VAL B 91 38.40 18.25 -48.12
CA VAL B 91 37.28 19.08 -48.55
C VAL B 91 37.37 19.22 -50.07
N PHE B 92 36.57 18.47 -50.80
CA PHE B 92 36.44 18.65 -52.23
C PHE B 92 35.56 19.85 -52.51
N GLN B 93 36.02 20.75 -53.36
CA GLN B 93 35.23 21.92 -53.71
C GLN B 93 35.33 22.15 -55.22
N GLY B 94 34.19 22.43 -55.83
CA GLY B 94 34.13 22.70 -57.26
C GLY B 94 32.86 23.41 -57.61
N ALA B 95 32.75 23.79 -58.88
CA ALA B 95 31.57 24.51 -59.34
C ALA B 95 30.34 23.64 -59.22
N ALA B 96 29.16 24.20 -59.51
CA ALA B 96 27.93 23.44 -59.42
C ALA B 96 27.86 22.41 -60.54
N GLY B 97 27.58 21.16 -60.19
CA GLY B 97 27.55 20.09 -61.17
C GLY B 97 28.86 19.96 -61.92
N ILE B 98 29.92 19.59 -61.22
CA ILE B 98 31.24 19.46 -61.85
C ILE B 98 31.79 18.07 -61.56
N GLY B 99 31.16 17.33 -60.65
CA GLY B 99 31.57 15.96 -60.43
C GLY B 99 31.75 15.54 -58.99
N LYS B 100 31.31 16.36 -58.02
CA LYS B 100 31.52 16.00 -56.63
C LYS B 100 30.83 14.68 -56.28
N THR B 101 29.54 14.58 -56.58
CA THR B 101 28.79 13.39 -56.18
C THR B 101 29.23 12.17 -56.96
N ILE B 102 29.51 12.33 -58.26
CA ILE B 102 29.98 11.20 -59.05
C ILE B 102 31.34 10.74 -58.55
N LEU B 103 32.20 11.66 -58.13
CA LEU B 103 33.48 11.27 -57.57
C LEU B 103 33.32 10.53 -56.24
N ALA B 104 32.39 10.99 -55.41
CA ALA B 104 32.13 10.27 -54.16
C ALA B 104 31.62 8.85 -54.45
N ARG B 105 30.70 8.72 -55.40
CA ARG B 105 30.22 7.39 -55.77
C ARG B 105 31.34 6.54 -56.33
N LYS B 106 32.22 7.13 -57.14
CA LYS B 106 33.34 6.37 -57.69
C LYS B 106 34.25 5.87 -56.57
N MET B 107 34.55 6.72 -55.59
CA MET B 107 35.37 6.29 -54.47
C MET B 107 34.69 5.16 -53.72
N MET B 108 33.38 5.29 -53.47
CA MET B 108 32.67 4.25 -52.74
C MET B 108 32.70 2.92 -53.49
N LEU B 109 32.38 2.94 -54.78
CA LEU B 109 32.35 1.71 -55.56
C LEU B 109 33.74 1.10 -55.68
N ASP B 110 34.77 1.93 -55.89
CA ASP B 110 36.12 1.41 -55.99
C ASP B 110 36.56 0.78 -54.68
N TRP B 111 36.26 1.41 -53.55
CA TRP B 111 36.57 0.80 -52.27
C TRP B 111 35.84 -0.53 -52.11
N ALA B 112 34.55 -0.57 -52.45
CA ALA B 112 33.79 -1.79 -52.30
C ALA B 112 34.40 -2.91 -53.14
N SER B 113 34.75 -2.61 -54.39
CA SER B 113 35.43 -3.58 -55.23
C SER B 113 36.83 -3.91 -54.74
N GLY B 114 37.42 -3.07 -53.89
CA GLY B 114 38.76 -3.29 -53.41
C GLY B 114 39.82 -2.77 -54.37
N THR B 115 39.67 -1.51 -54.80
CA THR B 115 40.63 -0.89 -55.69
C THR B 115 41.36 0.30 -55.07
N LEU B 116 40.97 0.73 -53.88
CA LEU B 116 41.67 1.80 -53.17
C LEU B 116 41.23 1.78 -51.73
N TYR B 117 42.13 2.22 -50.85
CA TYR B 117 41.87 2.20 -49.41
C TYR B 117 41.56 0.79 -48.93
N GLN B 118 42.28 -0.20 -49.47
CA GLN B 118 42.14 -1.56 -48.97
C GLN B 118 42.42 -1.60 -47.48
N ASP B 119 43.50 -0.98 -47.05
CA ASP B 119 43.81 -0.75 -45.65
C ASP B 119 43.22 0.59 -45.23
N ARG B 120 43.63 1.12 -44.08
CA ARG B 120 43.22 2.44 -43.64
C ARG B 120 41.84 2.42 -43.02
N PHE B 121 40.80 2.22 -43.84
CA PHE B 121 39.44 2.17 -43.32
C PHE B 121 38.62 1.24 -44.21
N ASP B 122 37.51 0.74 -43.64
CA ASP B 122 36.67 -0.22 -44.32
C ASP B 122 35.18 0.05 -44.10
N TYR B 123 34.80 1.26 -43.74
CA TYR B 123 33.41 1.58 -43.46
C TYR B 123 33.04 2.95 -44.03
N LEU B 124 33.30 3.15 -45.32
CA LEU B 124 33.01 4.44 -45.92
C LEU B 124 31.50 4.67 -45.97
N PHE B 125 30.99 5.38 -44.98
CA PHE B 125 29.56 5.61 -44.82
C PHE B 125 29.15 6.84 -45.63
N TYR B 126 28.68 6.63 -46.85
CA TYR B 126 28.15 7.75 -47.63
C TYR B 126 27.01 8.42 -46.88
N ILE B 127 27.06 9.74 -46.79
CA ILE B 127 26.01 10.49 -46.12
C ILE B 127 25.65 11.72 -46.95
N HIS B 128 24.58 11.64 -47.72
CA HIS B 128 24.13 12.79 -48.48
C HIS B 128 23.56 13.84 -47.54
N CYS B 129 23.81 15.11 -47.85
CA CYS B 129 23.38 16.19 -46.97
C CYS B 129 21.93 16.56 -47.21
N ARG B 130 21.52 16.64 -48.48
CA ARG B 130 20.15 17.02 -48.79
C ARG B 130 19.15 16.07 -48.15
N GLU B 131 19.40 14.76 -48.26
CA GLU B 131 18.45 13.80 -47.72
C GLU B 131 18.34 13.91 -46.21
N VAL B 132 19.46 14.16 -45.54
CA VAL B 132 19.48 14.20 -44.07
C VAL B 132 18.87 15.52 -43.64
N SER B 133 17.57 15.51 -43.32
CA SER B 133 16.95 16.66 -42.70
C SER B 133 17.37 16.76 -41.24
N LEU B 134 17.54 17.99 -40.78
CA LEU B 134 18.06 18.23 -39.43
C LEU B 134 17.02 18.94 -38.58
N VAL B 135 16.04 18.19 -38.09
CA VAL B 135 15.22 18.68 -36.98
C VAL B 135 14.97 17.60 -35.94
N THR B 136 14.92 16.33 -36.35
CA THR B 136 14.15 15.41 -35.54
C THR B 136 14.91 14.74 -34.40
N GLN B 137 15.72 13.72 -34.70
CA GLN B 137 16.47 13.06 -33.64
C GLN B 137 17.78 12.41 -34.10
N ARG B 138 18.28 12.74 -35.28
CA ARG B 138 19.33 11.93 -35.91
C ARG B 138 20.43 11.53 -34.94
N SER B 139 20.58 10.23 -34.72
CA SER B 139 21.61 9.67 -33.87
C SER B 139 22.60 8.90 -34.72
N LEU B 140 23.88 8.94 -34.34
CA LEU B 140 24.89 8.29 -35.16
C LEU B 140 24.56 6.82 -35.37
N GLY B 141 23.88 6.18 -34.41
CA GLY B 141 23.43 4.82 -34.63
C GLY B 141 22.52 4.70 -35.84
N ASP B 142 21.54 5.60 -35.93
CA ASP B 142 20.64 5.57 -37.08
C ASP B 142 21.34 6.00 -38.36
N LEU B 143 22.26 6.95 -38.26
CA LEU B 143 23.00 7.40 -39.43
C LEU B 143 23.94 6.33 -39.97
N ILE B 144 24.35 5.39 -39.12
CA ILE B 144 25.13 4.26 -39.60
C ILE B 144 24.23 3.12 -40.06
N MET B 145 23.06 2.95 -39.43
CA MET B 145 22.12 1.93 -39.88
C MET B 145 21.62 2.24 -41.29
N SER B 146 21.26 3.50 -41.54
CA SER B 146 20.66 3.87 -42.82
C SER B 146 21.51 3.39 -43.99
N CYS B 147 22.80 3.67 -43.94
CA CYS B 147 23.74 3.14 -44.93
C CYS B 147 24.36 1.83 -44.46
N CYS B 148 23.53 0.87 -44.05
CA CYS B 148 24.00 -0.43 -43.60
C CYS B 148 22.83 -1.40 -43.56
N PRO B 149 22.55 -2.12 -44.63
CA PRO B 149 21.33 -2.94 -44.68
C PRO B 149 21.35 -4.10 -43.71
N ASP B 150 20.55 -4.01 -42.66
CA ASP B 150 20.40 -5.08 -41.69
C ASP B 150 19.34 -4.68 -40.67
N PRO B 151 18.67 -5.64 -40.03
CA PRO B 151 17.83 -5.26 -38.88
C PRO B 151 18.61 -4.53 -37.83
N ASN B 152 19.88 -4.91 -37.64
CA ASN B 152 20.80 -4.24 -36.74
C ASN B 152 22.23 -4.47 -37.21
N PRO B 153 22.95 -3.41 -37.59
CA PRO B 153 24.36 -3.56 -37.92
C PRO B 153 25.20 -3.43 -36.67
N PRO B 154 26.29 -4.19 -36.56
CA PRO B 154 27.06 -4.16 -35.32
C PRO B 154 27.77 -2.83 -35.14
N ILE B 155 27.21 -1.96 -34.31
CA ILE B 155 27.75 -0.63 -34.11
C ILE B 155 28.75 -0.60 -32.96
N HIS B 156 28.45 -1.26 -31.86
CA HIS B 156 29.39 -1.34 -30.74
C HIS B 156 30.65 -2.07 -31.17
N LYS B 157 30.68 -2.56 -32.40
CA LYS B 157 31.85 -3.15 -33.02
C LYS B 157 32.38 -2.35 -34.20
N ILE B 158 31.51 -1.74 -35.01
CA ILE B 158 31.97 -0.92 -36.12
C ILE B 158 32.63 0.36 -35.60
N VAL B 159 32.01 1.01 -34.63
CA VAL B 159 32.42 2.31 -34.14
C VAL B 159 33.43 2.14 -33.01
N ARG B 160 33.90 0.91 -32.80
CA ARG B 160 34.88 0.63 -31.78
C ARG B 160 36.30 0.82 -32.28
N LYS B 161 36.47 1.23 -33.54
CA LYS B 161 37.78 1.49 -34.11
C LYS B 161 37.69 2.67 -35.06
N PRO B 162 37.29 3.85 -34.55
CA PRO B 162 37.11 5.00 -35.44
C PRO B 162 38.35 5.36 -36.24
N SER B 163 39.49 4.77 -35.88
CA SER B 163 40.70 4.97 -36.67
C SER B 163 40.53 4.44 -38.09
N ARG B 164 39.62 3.48 -38.29
CA ARG B 164 39.36 2.89 -39.59
C ARG B 164 37.92 3.21 -39.96
N ILE B 165 37.70 4.40 -40.54
CA ILE B 165 36.39 4.80 -41.03
C ILE B 165 36.55 5.94 -42.02
N LEU B 166 35.58 6.10 -42.91
CA LEU B 166 35.44 7.29 -43.73
C LEU B 166 34.00 7.73 -43.69
N PHE B 167 33.79 9.04 -43.71
CA PHE B 167 32.46 9.61 -43.59
C PHE B 167 32.16 10.49 -44.79
N LEU B 168 32.36 9.95 -45.99
CA LEU B 168 32.05 10.66 -47.22
C LEU B 168 30.74 11.42 -47.09
N MET B 169 30.74 12.71 -47.40
CA MET B 169 29.54 13.53 -47.38
C MET B 169 29.32 14.13 -48.76
N ASP B 170 28.30 14.97 -48.88
CA ASP B 170 28.01 15.61 -50.17
C ASP B 170 27.14 16.83 -49.97
N GLY B 171 27.23 17.76 -50.93
CA GLY B 171 26.42 18.96 -50.94
C GLY B 171 26.34 19.69 -49.62
N PHE B 172 27.48 20.00 -49.02
CA PHE B 172 27.43 20.78 -47.79
C PHE B 172 26.87 22.18 -48.02
N ASP B 173 26.80 22.63 -49.27
CA ASP B 173 26.07 23.86 -49.59
C ASP B 173 24.58 23.71 -49.34
N GLU B 174 24.09 22.49 -49.18
CA GLU B 174 22.68 22.28 -48.84
C GLU B 174 22.34 22.79 -47.47
N LEU B 175 23.35 23.02 -46.63
CA LEU B 175 23.14 23.44 -45.27
C LEU B 175 23.82 24.73 -44.77
N GLN B 176 24.26 25.56 -45.70
CA GLN B 176 24.95 26.83 -45.39
C GLN B 176 24.11 27.61 -44.42
N GLY B 177 22.86 27.83 -44.82
CA GLY B 177 21.90 28.51 -44.00
C GLY B 177 21.81 27.84 -42.64
N ALA B 178 21.69 26.52 -42.60
CA ALA B 178 21.65 25.80 -41.34
C ALA B 178 22.73 26.11 -40.34
N PHE B 179 23.98 26.41 -40.73
CA PHE B 179 24.90 26.76 -39.60
C PHE B 179 25.06 28.26 -39.24
N ASP B 180 24.38 28.78 -38.18
CA ASP B 180 24.46 30.22 -37.98
C ASP B 180 24.82 30.55 -36.53
N GLU B 181 24.20 29.86 -35.59
CA GLU B 181 24.48 30.03 -34.17
C GLU B 181 25.23 28.79 -33.69
N HIS B 182 26.34 29.00 -32.99
CA HIS B 182 27.14 27.88 -32.53
C HIS B 182 26.35 27.06 -31.52
N ILE B 183 25.85 25.90 -31.95
CA ILE B 183 25.03 25.07 -31.09
C ILE B 183 25.86 24.63 -29.90
N GLY B 184 25.47 25.08 -28.71
CA GLY B 184 26.21 24.79 -27.49
C GLY B 184 26.37 23.31 -27.23
N PRO B 185 25.27 22.55 -27.32
CA PRO B 185 25.36 21.10 -27.12
C PRO B 185 26.05 20.44 -28.30
N LEU B 186 27.20 19.84 -28.04
CA LEU B 186 27.97 19.09 -29.04
C LEU B 186 28.16 17.69 -28.50
N CYS B 187 27.23 16.79 -28.84
CA CYS B 187 27.27 15.42 -28.36
C CYS B 187 28.59 14.76 -28.70
N THR B 188 28.96 13.72 -27.93
CA THR B 188 30.18 12.97 -28.19
C THR B 188 29.92 11.47 -28.11
N ASP B 189 28.67 11.05 -28.31
CA ASP B 189 28.29 9.66 -28.23
C ASP B 189 27.42 9.31 -29.43
N TRP B 190 27.49 8.04 -29.84
CA TRP B 190 26.72 7.54 -30.96
C TRP B 190 25.47 6.77 -30.54
N GLN B 191 25.17 6.72 -29.25
CA GLN B 191 24.00 6.02 -28.73
C GLN B 191 23.02 6.99 -28.08
N LYS B 192 22.87 8.18 -28.65
CA LYS B 192 22.03 9.22 -28.07
C LYS B 192 21.20 9.89 -29.15
N ALA B 193 20.09 10.48 -28.73
CA ALA B 193 19.26 11.29 -29.61
C ALA B 193 20.00 12.61 -29.85
N GLU B 194 20.76 12.68 -30.94
CA GLU B 194 21.73 13.74 -31.15
C GLU B 194 21.13 14.99 -31.78
N ARG B 195 19.84 15.02 -32.03
CA ARG B 195 19.09 16.20 -32.44
C ARG B 195 19.24 16.54 -33.93
N GLY B 196 20.08 15.81 -34.67
CA GLY B 196 20.17 16.06 -36.09
C GLY B 196 21.25 17.03 -36.52
N ASP B 197 20.89 18.30 -36.67
CA ASP B 197 21.87 19.31 -37.07
C ASP B 197 23.00 19.40 -36.05
N ILE B 198 22.67 19.27 -34.77
CA ILE B 198 23.72 19.28 -33.74
C ILE B 198 24.66 18.10 -33.94
N LEU B 199 24.10 16.92 -34.23
CA LEU B 199 24.94 15.76 -34.51
C LEU B 199 25.83 16.02 -35.72
N LEU B 200 25.28 16.64 -36.76
CA LEU B 200 26.07 16.94 -37.95
C LEU B 200 27.23 17.88 -37.62
N SER B 201 26.95 18.93 -36.84
CA SER B 201 28.00 19.85 -36.45
C SER B 201 29.07 19.15 -35.61
N SER B 202 28.64 18.27 -34.69
CA SER B 202 29.60 17.54 -33.88
C SER B 202 30.47 16.63 -34.74
N LEU B 203 29.87 15.96 -35.71
CA LEU B 203 30.63 15.12 -36.63
C LEU B 203 31.64 15.95 -37.42
N ILE B 204 31.22 17.13 -37.89
CA ILE B 204 32.14 17.99 -38.63
C ILE B 204 33.30 18.42 -37.75
N ARG B 205 33.01 18.79 -36.51
CA ARG B 205 34.05 19.23 -35.58
C ARG B 205 34.85 18.08 -35.01
N LYS B 206 34.47 16.84 -35.29
CA LYS B 206 35.23 15.66 -34.86
C LYS B 206 35.08 15.40 -33.36
N LYS B 207 33.88 15.67 -32.82
CA LYS B 207 33.58 15.24 -31.47
C LYS B 207 33.18 13.77 -31.45
N LEU B 208 32.26 13.38 -32.33
CA LEU B 208 31.90 11.98 -32.48
C LEU B 208 32.98 11.27 -33.28
N LEU B 209 33.56 10.22 -32.71
CA LEU B 209 34.67 9.51 -33.32
C LEU B 209 35.77 10.50 -33.72
N PRO B 210 36.31 11.25 -32.77
CA PRO B 210 37.28 12.31 -33.12
C PRO B 210 38.42 11.84 -33.99
N GLU B 211 38.78 10.55 -33.92
CA GLU B 211 39.84 9.98 -34.74
C GLU B 211 39.28 9.22 -35.95
N ALA B 212 38.04 9.51 -36.33
CA ALA B 212 37.42 8.91 -37.51
C ALA B 212 37.60 9.87 -38.68
N SER B 213 38.23 9.39 -39.76
CA SER B 213 38.53 10.25 -40.89
C SER B 213 37.26 10.82 -41.48
N LEU B 214 37.38 11.81 -42.36
CA LEU B 214 36.22 12.49 -42.92
C LEU B 214 36.51 12.85 -44.37
N LEU B 215 35.47 13.29 -45.06
CA LEU B 215 35.58 13.84 -46.40
C LEU B 215 34.30 14.59 -46.74
N ILE B 216 34.42 15.86 -47.10
CA ILE B 216 33.25 16.71 -47.33
C ILE B 216 33.36 17.28 -48.74
N THR B 217 32.34 17.06 -49.55
CA THR B 217 32.23 17.75 -50.82
C THR B 217 31.29 18.92 -50.68
N THR B 218 31.61 20.01 -51.38
CA THR B 218 30.77 21.19 -51.20
C THR B 218 31.02 22.19 -52.33
N ARG B 219 29.96 22.87 -52.72
CA ARG B 219 30.09 23.99 -53.65
C ARG B 219 30.82 25.14 -52.95
N PRO B 220 31.54 25.96 -53.69
CA PRO B 220 32.24 27.10 -53.06
C PRO B 220 31.27 28.23 -52.71
N VAL B 221 30.48 28.01 -51.66
CA VAL B 221 29.44 28.95 -51.28
C VAL B 221 29.53 29.31 -49.81
N ALA B 222 30.29 28.54 -49.04
CA ALA B 222 30.45 28.79 -47.61
C ALA B 222 31.87 29.17 -47.25
N LEU B 223 32.85 28.31 -47.55
CA LEU B 223 34.26 28.56 -47.29
C LEU B 223 34.50 29.22 -45.93
N GLU B 224 34.14 30.49 -45.78
CA GLU B 224 34.40 31.22 -44.55
C GLU B 224 33.75 30.56 -43.35
N LYS B 225 32.41 30.50 -43.34
CA LYS B 225 31.71 29.91 -42.21
C LYS B 225 32.15 28.48 -41.97
N LEU B 226 32.54 27.76 -43.02
CA LEU B 226 33.01 26.39 -42.86
C LEU B 226 34.37 26.33 -42.17
N GLN B 227 35.21 27.34 -42.41
CA GLN B 227 36.57 27.32 -41.87
C GLN B 227 36.61 27.39 -40.35
N HIS B 228 35.51 27.75 -39.70
CA HIS B 228 35.44 27.76 -38.25
C HIS B 228 35.04 26.41 -37.68
N LEU B 229 34.91 25.39 -38.53
CA LEU B 229 34.51 24.06 -38.07
C LEU B 229 35.48 22.97 -38.50
N LEU B 230 36.38 23.22 -39.43
CA LEU B 230 37.26 22.19 -39.96
C LEU B 230 38.54 22.10 -39.15
N ASP B 231 39.05 20.87 -39.02
CA ASP B 231 40.28 20.62 -38.27
C ASP B 231 41.46 20.59 -39.25
N HIS B 232 41.82 21.79 -39.70
CA HIS B 232 42.92 21.98 -40.63
C HIS B 232 42.83 20.97 -41.78
N PRO B 233 41.77 21.01 -42.57
CA PRO B 233 41.56 19.98 -43.58
C PRO B 233 42.31 20.28 -44.86
N ARG B 234 42.81 19.22 -45.48
CA ARG B 234 43.50 19.32 -46.76
C ARG B 234 42.44 19.28 -47.85
N HIS B 235 42.19 20.41 -48.50
CA HIS B 235 41.12 20.47 -49.47
C HIS B 235 41.66 20.35 -50.88
N VAL B 236 40.80 19.87 -51.78
CA VAL B 236 41.13 19.68 -53.19
C VAL B 236 40.07 20.36 -54.03
N GLU B 237 40.50 21.19 -54.97
CA GLU B 237 39.59 21.83 -55.91
C GLU B 237 39.48 20.98 -57.16
N ILE B 238 38.25 20.82 -57.64
CA ILE B 238 37.95 20.01 -58.82
C ILE B 238 37.77 20.95 -60.00
N LEU B 239 38.15 20.48 -61.18
CA LEU B 239 38.08 21.31 -62.37
C LEU B 239 37.16 20.74 -63.45
N GLY B 240 37.31 19.47 -63.79
CA GLY B 240 36.50 18.84 -64.81
C GLY B 240 37.39 18.04 -65.73
N PHE B 241 36.91 17.83 -66.96
CA PHE B 241 37.71 17.19 -67.99
C PHE B 241 38.61 18.23 -68.64
N SER B 242 39.88 17.89 -68.82
CA SER B 242 40.83 18.96 -69.12
C SER B 242 40.84 19.36 -70.59
N GLU B 243 41.43 18.54 -71.45
CA GLU B 243 41.31 18.79 -72.89
C GLU B 243 41.08 17.51 -73.68
N ALA B 244 41.76 16.43 -73.28
CA ALA B 244 41.59 15.14 -73.92
C ALA B 244 40.58 14.27 -73.20
N LYS B 245 40.35 14.55 -71.92
CA LYS B 245 39.34 13.81 -71.19
C LYS B 245 37.96 13.99 -71.82
N ARG B 246 37.72 15.13 -72.48
CA ARG B 246 36.46 15.34 -73.17
C ARG B 246 36.31 14.42 -74.38
N LYS B 247 37.36 14.38 -75.21
CA LYS B 247 37.33 13.60 -76.44
C LYS B 247 37.44 12.12 -76.11
N GLU B 248 37.73 11.82 -74.84
CA GLU B 248 37.61 10.46 -74.34
C GLU B 248 36.25 10.19 -73.71
N TYR B 249 35.60 11.21 -73.14
CA TYR B 249 34.25 11.06 -72.63
C TYR B 249 33.25 10.79 -73.75
N PHE B 250 33.44 11.46 -74.89
CA PHE B 250 32.55 11.19 -76.01
C PHE B 250 32.63 9.73 -76.43
N PHE B 251 33.83 9.14 -76.40
CA PHE B 251 34.00 7.74 -76.76
C PHE B 251 33.42 6.79 -75.73
N LYS B 252 33.08 7.27 -74.54
CA LYS B 252 32.36 6.46 -73.56
C LYS B 252 30.86 6.69 -73.59
N TYR B 253 30.41 7.88 -74.01
CA TYR B 253 28.97 8.13 -74.10
C TYR B 253 28.39 7.52 -75.36
N PHE B 254 29.06 7.70 -76.49
CA PHE B 254 28.54 7.19 -77.76
C PHE B 254 29.03 5.77 -78.01
N SER B 255 28.27 5.06 -78.84
CA SER B 255 28.49 3.63 -79.07
C SER B 255 29.84 3.33 -79.71
N ASP B 256 30.07 3.82 -80.93
CA ASP B 256 31.21 3.40 -81.73
C ASP B 256 31.96 4.61 -82.25
N GLU B 257 33.04 4.33 -82.98
CA GLU B 257 33.83 5.41 -83.59
C GLU B 257 33.01 6.18 -84.60
N ALA B 258 32.19 5.49 -85.40
CA ALA B 258 31.40 6.17 -86.41
C ALA B 258 30.58 7.29 -85.80
N GLN B 259 29.94 7.03 -84.66
CA GLN B 259 29.25 8.09 -83.93
C GLN B 259 30.25 9.09 -83.35
N ALA B 260 31.15 8.59 -82.51
CA ALA B 260 31.97 9.46 -81.66
C ALA B 260 32.75 10.49 -82.47
N ARG B 261 33.34 10.08 -83.59
CA ARG B 261 34.17 10.99 -84.36
C ARG B 261 33.38 12.22 -84.80
N ALA B 262 32.25 12.00 -85.47
CA ALA B 262 31.44 13.11 -85.94
C ALA B 262 30.87 13.90 -84.77
N ALA B 263 30.41 13.19 -83.73
CA ALA B 263 29.84 13.87 -82.56
C ALA B 263 30.85 14.85 -81.96
N PHE B 264 32.08 14.38 -81.76
CA PHE B 264 33.11 15.24 -81.20
C PHE B 264 33.44 16.39 -82.14
N SER B 265 33.68 16.08 -83.42
CA SER B 265 34.04 17.12 -84.38
C SER B 265 33.01 18.24 -84.38
N LEU B 266 31.72 17.89 -84.31
CA LEU B 266 30.68 18.90 -84.33
C LEU B 266 30.87 19.92 -83.23
N ILE B 267 31.42 19.52 -82.09
CA ILE B 267 31.65 20.42 -80.97
C ILE B 267 33.01 21.10 -81.08
N GLN B 268 34.05 20.31 -81.38
CA GLN B 268 35.39 20.86 -81.49
C GLN B 268 35.44 21.98 -82.52
N GLU B 269 34.56 21.95 -83.52
CA GLU B 269 34.47 23.07 -84.45
C GLU B 269 34.11 24.35 -83.70
N ASN B 270 33.14 24.28 -82.80
CA ASN B 270 32.75 25.41 -81.98
C ASN B 270 33.67 25.51 -80.77
N GLU B 271 34.16 26.72 -80.50
CA GLU B 271 35.13 26.90 -79.42
C GLU B 271 34.47 27.32 -78.11
N VAL B 272 33.53 28.26 -78.16
CA VAL B 272 32.85 28.73 -76.96
C VAL B 272 32.27 27.53 -76.20
N LEU B 273 32.01 26.44 -76.92
CA LEU B 273 31.53 25.22 -76.30
C LEU B 273 32.66 24.29 -75.89
N PHE B 274 33.72 24.19 -76.70
CA PHE B 274 34.78 23.25 -76.35
C PHE B 274 35.35 23.64 -75.00
N THR B 275 35.66 24.92 -74.77
CA THR B 275 36.08 25.36 -73.45
C THR B 275 35.17 25.09 -72.26
N MET B 276 33.92 25.54 -72.34
CA MET B 276 32.97 25.29 -71.27
C MET B 276 32.52 23.84 -71.21
N CYS B 277 33.05 22.98 -72.07
CA CYS B 277 32.79 21.55 -71.97
C CYS B 277 33.59 20.88 -70.86
N PHE B 278 34.31 21.64 -70.04
CA PHE B 278 35.01 21.01 -68.92
C PHE B 278 34.03 20.61 -67.84
N ILE B 279 33.00 21.42 -67.60
CA ILE B 279 31.95 21.04 -66.66
C ILE B 279 31.34 19.74 -67.16
N PRO B 280 31.50 18.64 -66.43
CA PRO B 280 30.98 17.36 -66.94
C PRO B 280 29.50 17.39 -67.25
N LEU B 281 28.71 18.08 -66.43
CA LEU B 281 27.28 18.19 -66.72
C LEU B 281 27.04 18.92 -68.03
N VAL B 282 27.83 19.97 -68.31
CA VAL B 282 27.67 20.72 -69.55
C VAL B 282 28.27 20.01 -70.74
N CYS B 283 29.05 18.96 -70.52
CA CYS B 283 29.47 18.09 -71.61
C CYS B 283 28.44 17.00 -71.88
N TRP B 284 27.83 16.46 -70.84
CA TRP B 284 26.73 15.53 -71.01
C TRP B 284 25.54 16.20 -71.70
N ILE B 285 25.20 17.42 -71.29
CA ILE B 285 24.08 18.13 -71.89
C ILE B 285 24.29 18.34 -73.38
N VAL B 286 25.55 18.38 -73.83
CA VAL B 286 25.84 18.55 -75.25
C VAL B 286 26.01 17.22 -75.98
N CYS B 287 26.35 16.15 -75.26
CA CYS B 287 26.51 14.87 -75.92
C CYS B 287 25.18 14.13 -76.07
N THR B 288 24.30 14.22 -75.07
CA THR B 288 22.95 13.69 -75.24
C THR B 288 22.20 14.43 -76.35
N GLY B 289 22.41 15.73 -76.46
CA GLY B 289 21.79 16.49 -77.53
C GLY B 289 22.17 15.95 -78.90
N LEU B 290 23.42 15.56 -79.08
CA LEU B 290 23.83 14.97 -80.34
C LEU B 290 23.36 13.52 -80.47
N LYS B 291 23.26 12.80 -79.36
CA LYS B 291 22.74 11.43 -79.41
C LYS B 291 21.30 11.41 -79.92
N GLN B 292 20.49 12.39 -79.50
CA GLN B 292 19.11 12.45 -79.98
C GLN B 292 19.06 12.55 -81.50
N GLN B 293 19.81 13.49 -82.07
CA GLN B 293 19.85 13.60 -83.53
C GLN B 293 20.41 12.34 -84.18
N MET B 294 21.45 11.75 -83.58
CA MET B 294 22.05 10.57 -84.16
C MET B 294 21.06 9.41 -84.25
N GLU B 295 20.26 9.21 -83.21
CA GLU B 295 19.33 8.09 -83.17
C GLU B 295 17.92 8.45 -83.63
N SER B 296 17.67 9.70 -84.03
CA SER B 296 16.38 10.09 -84.58
C SER B 296 16.43 10.26 -86.10
N GLY B 297 17.26 9.45 -86.76
CA GLY B 297 17.36 9.51 -88.21
C GLY B 297 17.60 10.89 -88.77
N LYS B 298 18.76 11.46 -88.46
CA LYS B 298 19.13 12.78 -88.94
C LYS B 298 20.63 12.81 -89.22
N SER B 299 21.03 13.77 -90.06
CA SER B 299 22.42 13.91 -90.48
C SER B 299 23.13 14.88 -89.55
N LEU B 300 24.10 14.37 -88.77
CA LEU B 300 24.89 15.25 -87.92
C LEU B 300 25.80 16.15 -88.73
N ALA B 301 26.23 15.71 -89.92
CA ALA B 301 27.05 16.56 -90.76
C ALA B 301 26.35 17.89 -91.05
N GLN B 302 25.02 17.86 -91.12
CA GLN B 302 24.22 19.09 -91.22
C GLN B 302 23.59 19.48 -89.89
N THR B 303 23.86 18.73 -88.82
CA THR B 303 23.30 19.05 -87.52
C THR B 303 23.90 20.35 -86.99
N SER B 304 23.12 21.06 -86.18
CA SER B 304 23.53 22.31 -85.58
C SER B 304 23.49 22.19 -84.07
N LYS B 305 24.47 22.80 -83.40
CA LYS B 305 24.56 22.84 -81.94
C LYS B 305 24.82 24.28 -81.54
N THR B 306 23.75 25.04 -81.34
CA THR B 306 23.90 26.44 -80.96
C THR B 306 24.38 26.56 -79.53
N THR B 307 25.20 27.58 -79.28
CA THR B 307 25.84 27.74 -77.98
C THR B 307 24.87 28.19 -76.89
N THR B 308 23.65 28.59 -77.24
CA THR B 308 22.70 29.06 -76.25
C THR B 308 21.76 27.97 -75.75
N ALA B 309 21.47 26.97 -76.58
CA ALA B 309 20.64 25.86 -76.10
C ALA B 309 21.33 25.12 -74.97
N VAL B 310 22.65 24.94 -75.08
CA VAL B 310 23.39 24.28 -74.02
C VAL B 310 23.24 25.03 -72.70
N TYR B 311 23.35 26.36 -72.74
CA TYR B 311 23.22 27.14 -71.52
C TYR B 311 21.79 27.12 -70.99
N VAL B 312 20.81 27.12 -71.88
CA VAL B 312 19.43 27.06 -71.41
C VAL B 312 19.18 25.74 -70.67
N PHE B 313 19.64 24.64 -71.26
CA PHE B 313 19.46 23.35 -70.60
C PHE B 313 20.26 23.26 -69.31
N PHE B 314 21.47 23.83 -69.30
CA PHE B 314 22.27 23.85 -68.08
C PHE B 314 21.56 24.59 -66.96
N LEU B 315 21.07 25.80 -67.27
CA LEU B 315 20.33 26.56 -66.29
C LEU B 315 19.12 25.80 -65.79
N SER B 316 18.35 25.20 -66.70
CA SER B 316 17.16 24.46 -66.30
C SER B 316 17.51 23.29 -65.40
N SER B 317 18.56 22.55 -65.76
CA SER B 317 18.97 21.41 -64.93
C SER B 317 19.44 21.87 -63.56
N LEU B 318 20.08 23.03 -63.48
CA LEU B 318 20.58 23.51 -62.20
C LEU B 318 19.46 23.99 -61.30
N LEU B 319 18.50 24.74 -61.84
CA LEU B 319 17.50 25.32 -60.94
C LEU B 319 16.40 24.30 -60.66
N GLN B 320 16.78 23.11 -60.25
CA GLN B 320 15.79 22.11 -59.87
C GLN B 320 15.10 22.53 -58.58
N PRO B 321 13.77 22.56 -58.55
CA PRO B 321 13.09 22.90 -57.29
C PRO B 321 13.48 21.94 -56.18
N ARG B 322 14.20 22.44 -55.17
CA ARG B 322 14.62 21.63 -54.04
C ARG B 322 13.51 21.62 -52.99
N GLY B 323 12.41 20.96 -53.35
CA GLY B 323 11.21 20.99 -52.54
C GLY B 323 10.33 22.17 -52.92
N GLY B 324 9.03 21.94 -53.06
CA GLY B 324 8.14 23.02 -53.45
C GLY B 324 8.21 24.18 -52.48
N SER B 325 8.81 25.28 -52.91
CA SER B 325 8.97 26.45 -52.03
C SER B 325 9.48 27.66 -52.79
N GLN B 326 8.79 28.79 -52.63
CA GLN B 326 9.24 30.07 -53.16
C GLN B 326 9.50 29.99 -54.67
N GLU B 327 8.43 29.76 -55.43
CA GLU B 327 8.51 29.93 -56.87
C GLU B 327 8.78 31.40 -57.22
N HIS B 328 8.03 32.30 -56.59
CA HIS B 328 8.29 33.73 -56.76
C HIS B 328 9.66 34.10 -56.23
N GLY B 329 10.08 33.47 -55.12
CA GLY B 329 11.42 33.72 -54.61
C GLY B 329 12.50 33.31 -55.59
N LEU B 330 12.34 32.13 -56.21
CA LEU B 330 13.31 31.68 -57.21
C LEU B 330 13.33 32.63 -58.40
N CYS B 331 12.17 33.05 -58.87
CA CYS B 331 12.13 33.98 -59.99
C CYS B 331 12.82 35.30 -59.63
N ALA B 332 12.54 35.82 -58.44
CA ALA B 332 13.13 37.08 -58.01
C ALA B 332 14.64 36.96 -57.86
N HIS B 333 15.12 35.86 -57.28
CA HIS B 333 16.57 35.71 -57.10
C HIS B 333 17.25 35.50 -58.44
N LEU B 334 16.60 34.80 -59.37
CA LEU B 334 17.17 34.65 -60.70
C LEU B 334 17.25 36.00 -61.40
N TRP B 335 16.21 36.82 -61.28
CA TRP B 335 16.29 38.15 -61.89
C TRP B 335 17.34 39.02 -61.21
N GLY B 336 17.51 38.89 -59.90
CA GLY B 336 18.54 39.66 -59.22
C GLY B 336 19.93 39.26 -59.68
N LEU B 337 20.19 37.95 -59.73
CA LEU B 337 21.45 37.46 -60.28
C LEU B 337 21.62 37.89 -61.73
N CYS B 338 20.53 37.97 -62.47
CA CYS B 338 20.57 38.31 -63.88
C CYS B 338 20.96 39.78 -64.07
N SER B 339 20.35 40.66 -63.28
CA SER B 339 20.75 42.07 -63.29
C SER B 339 22.17 42.25 -62.79
N LEU B 340 22.58 41.42 -61.81
CA LEU B 340 23.98 41.41 -61.38
C LEU B 340 24.89 41.16 -62.57
N ALA B 341 24.61 40.10 -63.33
CA ALA B 341 25.43 39.81 -64.50
C ALA B 341 25.40 40.96 -65.49
N ALA B 342 24.22 41.56 -65.68
CA ALA B 342 24.09 42.63 -66.67
C ALA B 342 24.95 43.85 -66.30
N ASP B 343 24.79 44.34 -65.07
CA ASP B 343 25.57 45.52 -64.68
C ASP B 343 27.05 45.19 -64.56
N GLY B 344 27.38 43.96 -64.18
CA GLY B 344 28.78 43.56 -64.18
C GLY B 344 29.37 43.59 -65.58
N ILE B 345 28.61 43.14 -66.57
CA ILE B 345 29.11 43.16 -67.94
C ILE B 345 29.24 44.60 -68.42
N TRP B 346 28.31 45.46 -68.04
CA TRP B 346 28.40 46.85 -68.44
C TRP B 346 29.60 47.56 -67.82
N ASN B 347 29.89 47.27 -66.54
CA ASN B 347 30.99 47.91 -65.83
C ASN B 347 32.27 47.10 -65.86
N GLN B 348 32.33 46.05 -66.69
CA GLN B 348 33.51 45.19 -66.78
C GLN B 348 33.87 44.59 -65.42
N LYS B 349 32.85 44.30 -64.61
CA LYS B 349 33.04 43.80 -63.25
C LYS B 349 33.12 42.28 -63.29
N ILE B 350 34.33 41.79 -63.60
CA ILE B 350 34.54 40.35 -63.65
C ILE B 350 34.33 39.73 -62.27
N LEU B 351 34.88 40.37 -61.23
CA LEU B 351 34.82 39.86 -59.86
C LEU B 351 33.98 40.81 -59.02
N PHE B 352 32.84 40.32 -58.55
CA PHE B 352 31.94 41.13 -57.73
C PHE B 352 32.37 41.07 -56.28
N GLU B 353 31.65 41.80 -55.43
CA GLU B 353 31.93 41.86 -54.00
C GLU B 353 30.61 41.80 -53.25
N GLU B 354 30.71 41.47 -51.96
CA GLU B 354 29.51 41.35 -51.13
C GLU B 354 28.71 42.64 -51.15
N SER B 355 29.38 43.79 -51.18
CA SER B 355 28.65 45.05 -51.23
C SER B 355 27.78 45.15 -52.47
N ASP B 356 28.34 44.77 -53.64
CA ASP B 356 27.56 44.79 -54.86
C ASP B 356 26.45 43.76 -54.84
N LEU B 357 26.72 42.58 -54.29
CA LEU B 357 25.70 41.54 -54.21
C LEU B 357 24.54 41.97 -53.32
N ARG B 358 24.83 42.77 -52.29
CA ARG B 358 23.76 43.33 -51.47
C ARG B 358 23.05 44.46 -52.19
N ASN B 359 23.79 45.32 -52.89
CA ASN B 359 23.18 46.38 -53.68
C ASN B 359 22.13 45.81 -54.62
N HIS B 360 22.51 44.78 -55.38
CA HIS B 360 21.51 44.04 -56.15
C HIS B 360 20.70 43.15 -55.21
N GLY B 361 19.43 42.96 -55.54
CA GLY B 361 18.59 42.15 -54.69
C GLY B 361 19.14 40.75 -54.55
N LEU B 362 19.89 40.54 -53.46
CA LEU B 362 20.55 39.27 -53.14
C LEU B 362 21.07 39.29 -51.71
N GLN B 363 21.14 38.11 -51.11
CA GLN B 363 21.66 37.98 -49.75
C GLN B 363 22.28 36.61 -49.61
N LYS B 364 21.46 35.57 -49.74
CA LYS B 364 21.93 34.19 -49.64
C LYS B 364 21.25 33.33 -50.70
N ALA B 365 20.53 32.30 -50.26
CA ALA B 365 19.74 31.39 -51.10
C ALA B 365 20.45 30.73 -52.26
N ASP B 366 20.81 31.51 -53.27
CA ASP B 366 21.50 30.94 -54.41
C ASP B 366 22.79 30.35 -53.88
N VAL B 367 22.84 29.03 -53.81
CA VAL B 367 24.02 28.32 -53.30
C VAL B 367 25.11 28.14 -54.34
N SER B 368 25.68 29.25 -54.78
CA SER B 368 26.73 29.27 -55.78
C SER B 368 26.46 28.40 -56.99
N ALA B 369 25.27 28.49 -57.56
CA ALA B 369 25.03 27.68 -58.73
C ALA B 369 25.90 28.33 -59.78
N PHE B 370 25.83 29.67 -59.84
CA PHE B 370 26.60 30.45 -60.79
C PHE B 370 27.50 31.48 -60.12
N LEU B 371 27.58 31.43 -58.79
CA LEU B 371 28.41 32.36 -58.04
C LEU B 371 29.31 31.60 -57.07
N ARG B 372 30.55 31.36 -57.48
CA ARG B 372 31.49 30.63 -56.64
C ARG B 372 32.27 31.62 -55.80
N MET B 373 32.14 31.52 -54.48
CA MET B 373 32.78 32.45 -53.56
C MET B 373 34.27 32.07 -53.48
N ASN B 374 35.04 32.63 -54.40
CA ASN B 374 36.49 32.52 -54.31
C ASN B 374 37.01 33.70 -53.49
N LEU B 375 37.67 33.40 -52.38
CA LEU B 375 38.07 34.39 -51.40
C LEU B 375 39.57 34.62 -51.53
N PHE B 376 39.96 35.89 -51.68
CA PHE B 376 41.37 36.23 -51.86
C PHE B 376 41.90 36.90 -50.61
N GLN B 377 43.04 36.42 -50.14
CA GLN B 377 43.69 36.98 -48.95
C GLN B 377 44.74 37.99 -49.40
N LYS B 378 44.64 39.21 -48.86
CA LYS B 378 45.61 40.26 -49.12
C LYS B 378 46.07 40.85 -47.80
N GLU B 379 47.37 41.06 -47.67
CA GLU B 379 47.94 41.63 -46.45
C GLU B 379 47.74 40.68 -45.27
N VAL B 380 46.70 40.92 -44.47
CA VAL B 380 46.50 40.16 -43.25
C VAL B 380 45.20 39.38 -43.24
N ASP B 381 44.20 39.77 -44.04
CA ASP B 381 42.91 39.10 -44.05
C ASP B 381 42.42 38.94 -45.48
N CYS B 382 41.53 37.97 -45.67
CA CYS B 382 40.98 37.64 -46.97
C CYS B 382 39.54 38.12 -47.09
N GLU B 383 39.17 38.55 -48.30
CA GLU B 383 37.84 39.05 -48.59
C GLU B 383 37.14 38.18 -49.63
N LYS B 384 35.81 38.32 -49.67
CA LYS B 384 34.91 37.42 -50.38
C LYS B 384 35.15 37.42 -51.89
N PHE B 385 34.91 38.54 -52.55
CA PHE B 385 35.08 38.68 -53.99
C PHE B 385 34.33 37.57 -54.75
N TYR B 386 33.01 37.61 -54.62
CA TYR B 386 32.15 36.72 -55.39
C TYR B 386 32.48 36.82 -56.87
N SER B 387 32.25 35.70 -57.58
CA SER B 387 32.55 35.65 -59.00
C SER B 387 31.64 34.66 -59.68
N PHE B 388 31.48 34.83 -60.99
CA PHE B 388 30.66 33.94 -61.81
C PHE B 388 31.49 32.75 -62.26
N ILE B 389 30.81 31.63 -62.49
CA ILE B 389 31.49 30.42 -62.92
C ILE B 389 32.30 30.68 -64.18
N HIS B 390 31.91 31.66 -64.99
CA HIS B 390 32.64 31.93 -66.22
C HIS B 390 32.11 33.17 -66.93
N MET B 391 32.97 33.85 -67.68
CA MET B 391 32.59 35.10 -68.31
C MET B 391 31.47 34.91 -69.33
N THR B 392 31.54 33.83 -70.10
CA THR B 392 30.47 33.56 -71.06
C THR B 392 29.15 33.31 -70.33
N PHE B 393 29.20 32.62 -69.20
CA PHE B 393 28.00 32.41 -68.40
C PHE B 393 27.43 33.75 -67.93
N GLN B 394 28.30 34.66 -67.47
CA GLN B 394 27.83 35.96 -67.03
C GLN B 394 27.21 36.74 -68.19
N GLU B 395 27.81 36.64 -69.37
CA GLU B 395 27.24 37.30 -70.54
C GLU B 395 25.87 36.73 -70.87
N PHE B 396 25.72 35.41 -70.77
CA PHE B 396 24.41 34.80 -71.00
C PHE B 396 23.39 35.31 -70.00
N PHE B 397 23.81 35.46 -68.74
CA PHE B 397 22.87 35.98 -67.74
C PHE B 397 22.52 37.43 -68.02
N ALA B 398 23.46 38.22 -68.54
CA ALA B 398 23.14 39.59 -68.93
C ALA B 398 22.11 39.59 -70.06
N ALA B 399 22.29 38.71 -71.04
CA ALA B 399 21.32 38.60 -72.12
C ALA B 399 19.95 38.20 -71.58
N MET B 400 19.92 37.29 -70.62
CA MET B 400 18.66 36.91 -69.99
C MET B 400 18.03 38.07 -69.24
N TYR B 401 18.86 38.91 -68.60
CA TYR B 401 18.33 40.12 -67.97
C TYR B 401 17.62 40.99 -68.99
N TYR B 402 18.26 41.20 -70.15
CA TYR B 402 17.63 42.02 -71.18
C TYR B 402 16.33 41.38 -71.66
N LEU B 403 16.36 40.09 -71.98
CA LEU B 403 15.18 39.43 -72.54
C LEU B 403 14.03 39.40 -71.54
N LEU B 404 14.30 38.93 -70.32
CA LEU B 404 13.25 38.81 -69.32
C LEU B 404 12.59 40.16 -69.06
N GLU B 405 11.40 40.11 -68.47
CA GLU B 405 10.60 41.29 -68.21
C GLU B 405 10.66 41.64 -66.73
N GLU B 406 10.78 42.93 -66.42
CA GLU B 406 10.82 43.41 -65.02
C GLU B 406 9.74 42.85 -64.10
N LEU B 419 19.72 53.26 -56.75
CA LEU B 419 20.33 52.14 -57.45
C LEU B 419 19.53 51.72 -58.67
N LYS B 420 20.19 51.65 -59.82
CA LYS B 420 19.54 51.26 -61.07
C LYS B 420 20.53 50.70 -62.08
N LEU B 421 20.26 49.49 -62.56
CA LEU B 421 21.14 48.86 -63.53
C LEU B 421 20.91 49.46 -64.91
N PRO B 422 21.89 49.30 -65.82
CA PRO B 422 21.92 49.80 -67.19
C PRO B 422 20.56 49.77 -67.88
N SER B 423 20.15 50.91 -68.43
CA SER B 423 18.88 51.08 -69.14
C SER B 423 18.57 49.93 -70.07
N ARG B 424 17.42 49.30 -69.85
CA ARG B 424 17.01 48.18 -70.66
C ARG B 424 16.82 48.49 -72.14
N ASP B 425 17.39 49.59 -72.64
CA ASP B 425 17.19 49.83 -74.06
C ASP B 425 17.95 48.78 -74.86
N VAL B 426 17.21 47.87 -75.50
CA VAL B 426 17.85 46.89 -76.36
C VAL B 426 18.62 47.59 -77.47
N THR B 427 18.05 48.66 -78.01
CA THR B 427 18.76 49.43 -79.04
C THR B 427 20.03 50.05 -78.48
N VAL B 428 20.00 50.53 -77.23
CA VAL B 428 21.19 51.11 -76.63
C VAL B 428 22.29 50.07 -76.51
N LEU B 429 21.96 48.91 -75.93
CA LEU B 429 22.92 47.81 -75.87
C LEU B 429 23.40 47.46 -77.26
N LEU B 430 22.51 47.56 -78.25
CA LEU B 430 22.84 47.15 -79.60
C LEU B 430 23.90 48.06 -80.21
N GLU B 431 23.52 49.33 -80.06
CA GLU B 431 24.21 50.56 -80.38
C GLU B 431 25.19 50.79 -79.25
N ASN B 432 25.83 49.72 -78.85
CA ASN B 432 26.82 49.66 -77.82
C ASN B 432 27.69 48.53 -78.32
N TYR B 433 27.05 47.41 -78.65
CA TYR B 433 27.75 46.31 -79.23
C TYR B 433 28.06 46.88 -80.60
N GLY B 434 27.13 47.69 -81.08
CA GLY B 434 27.28 48.26 -82.40
C GLY B 434 27.80 49.67 -82.18
N LYS B 435 28.62 49.86 -81.13
CA LYS B 435 29.23 51.14 -80.82
C LYS B 435 30.54 51.05 -80.02
N PHE B 436 30.91 52.19 -79.48
CA PHE B 436 32.09 52.41 -78.64
C PHE B 436 32.87 51.28 -77.93
N GLU B 437 33.95 50.74 -78.56
CA GLU B 437 34.97 49.85 -77.99
C GLU B 437 34.35 48.89 -76.99
N LYS B 438 33.20 48.33 -77.35
CA LYS B 438 32.49 47.37 -76.51
C LYS B 438 32.46 45.99 -77.17
N GLY B 439 33.61 45.56 -77.69
CA GLY B 439 33.74 44.23 -78.25
C GLY B 439 33.24 43.16 -77.31
N TYR B 440 33.23 43.48 -76.01
CA TYR B 440 32.63 42.61 -75.01
C TYR B 440 31.11 42.78 -74.91
N LEU B 441 30.44 42.77 -76.07
CA LEU B 441 28.99 42.70 -76.13
C LEU B 441 28.51 41.82 -77.27
N ILE B 442 29.41 41.35 -78.13
CA ILE B 442 29.03 40.42 -79.18
C ILE B 442 28.36 39.19 -78.57
N PHE B 443 28.93 38.67 -77.48
CA PHE B 443 28.40 37.46 -76.88
C PHE B 443 27.06 37.71 -76.19
N VAL B 444 26.92 38.86 -75.53
CA VAL B 444 25.63 39.17 -74.92
C VAL B 444 24.54 39.28 -75.99
N VAL B 445 24.86 39.95 -77.10
CA VAL B 445 23.88 40.05 -78.19
C VAL B 445 23.58 38.67 -78.76
N ARG B 446 24.62 37.84 -78.93
CA ARG B 446 24.42 36.49 -79.44
C ARG B 446 23.47 35.69 -78.56
N PHE B 447 23.66 35.79 -77.24
CA PHE B 447 22.80 35.03 -76.34
C PHE B 447 21.41 35.63 -76.24
N LEU B 448 21.27 36.95 -76.40
CA LEU B 448 19.95 37.53 -76.55
C LEU B 448 19.23 36.96 -77.76
N PHE B 449 19.93 36.84 -78.89
CA PHE B 449 19.33 36.25 -80.07
C PHE B 449 18.98 34.80 -79.86
N GLY B 450 19.86 34.04 -79.20
CA GLY B 450 19.54 32.66 -78.90
C GLY B 450 18.30 32.53 -78.03
N LEU B 451 18.12 33.46 -77.08
CA LEU B 451 16.98 33.40 -76.19
C LEU B 451 15.68 33.86 -76.84
N VAL B 452 15.75 34.85 -77.74
CA VAL B 452 14.55 35.40 -78.35
C VAL B 452 13.90 34.35 -79.24
N ASN B 453 14.52 33.18 -79.32
CA ASN B 453 13.96 32.06 -80.06
C ASN B 453 12.60 31.66 -79.49
N GLN B 454 11.65 31.37 -80.39
CA GLN B 454 10.26 31.20 -79.99
C GLN B 454 10.08 29.97 -79.11
N GLU B 455 10.40 28.78 -79.63
CA GLU B 455 10.26 27.58 -78.82
C GLU B 455 11.19 27.60 -77.61
N ARG B 456 12.42 28.08 -77.76
CA ARG B 456 13.30 28.19 -76.60
C ARG B 456 12.74 29.18 -75.58
N THR B 457 12.21 30.31 -76.04
CA THR B 457 11.61 31.27 -75.13
C THR B 457 10.44 30.67 -74.39
N SER B 458 9.59 29.92 -75.10
CA SER B 458 8.45 29.27 -74.45
C SER B 458 8.91 28.23 -73.44
N TYR B 459 9.98 27.48 -73.76
CA TYR B 459 10.50 26.50 -72.81
C TYR B 459 11.00 27.19 -71.56
N LEU B 460 11.73 28.30 -71.72
CA LEU B 460 12.20 29.03 -70.54
C LEU B 460 11.02 29.58 -69.73
N GLU B 461 9.98 30.05 -70.42
CA GLU B 461 8.79 30.51 -69.72
C GLU B 461 8.17 29.41 -68.90
N LYS B 462 8.02 28.22 -69.50
CA LYS B 462 7.43 27.11 -68.76
C LYS B 462 8.33 26.67 -67.60
N LYS B 463 9.64 26.86 -67.74
CA LYS B 463 10.56 26.46 -66.67
C LYS B 463 10.51 27.42 -65.50
N LEU B 464 10.47 28.73 -65.77
CA LEU B 464 10.63 29.73 -64.72
C LEU B 464 9.32 30.41 -64.32
N SER B 465 8.19 30.07 -64.96
CA SER B 465 6.91 30.70 -64.65
C SER B 465 6.99 32.22 -64.76
N CYS B 466 7.39 32.69 -65.94
CA CYS B 466 7.54 34.12 -66.18
C CYS B 466 7.47 34.36 -67.68
N LYS B 467 6.42 35.07 -68.12
CA LYS B 467 6.26 35.32 -69.55
C LYS B 467 7.38 36.20 -70.08
N ILE B 468 7.67 36.06 -71.37
CA ILE B 468 8.74 36.78 -72.02
C ILE B 468 8.13 37.79 -72.99
N SER B 469 8.98 38.70 -73.47
CA SER B 469 8.58 39.72 -74.42
C SER B 469 9.14 39.34 -75.79
N GLN B 470 8.26 39.27 -76.79
CA GLN B 470 8.71 38.92 -78.14
C GLN B 470 8.97 40.15 -79.01
N GLN B 471 8.45 41.31 -78.63
CA GLN B 471 8.71 42.52 -79.41
C GLN B 471 10.19 42.87 -79.45
N ILE B 472 10.98 42.35 -78.52
CA ILE B 472 12.43 42.50 -78.64
C ILE B 472 12.93 41.82 -79.91
N ARG B 473 12.28 40.73 -80.31
CA ARG B 473 12.64 40.07 -81.56
C ARG B 473 12.40 41.01 -82.75
N LEU B 474 11.26 41.71 -82.76
CA LEU B 474 10.98 42.64 -83.85
C LEU B 474 11.94 43.83 -83.80
N GLU B 475 12.31 44.27 -82.60
CA GLU B 475 13.30 45.34 -82.49
C GLU B 475 14.64 44.91 -83.09
N LEU B 476 15.06 43.68 -82.78
CA LEU B 476 16.30 43.17 -83.36
C LEU B 476 16.18 43.03 -84.87
N LEU B 477 15.01 42.60 -85.35
CA LEU B 477 14.78 42.50 -86.79
C LEU B 477 14.89 43.86 -87.45
N LYS B 478 14.33 44.90 -86.82
CA LYS B 478 14.46 46.24 -87.38
C LYS B 478 15.90 46.73 -87.35
N TRP B 479 16.66 46.37 -86.30
CA TRP B 479 18.08 46.69 -86.30
C TRP B 479 18.79 46.03 -87.47
N ILE B 480 18.48 44.75 -87.72
CA ILE B 480 19.12 44.05 -88.84
C ILE B 480 18.69 44.69 -90.16
N GLU B 481 17.45 45.16 -90.24
CA GLU B 481 17.00 45.87 -91.42
C GLU B 481 17.80 47.15 -91.64
N VAL B 482 18.05 47.90 -90.55
CA VAL B 482 18.85 49.12 -90.66
C VAL B 482 20.28 48.77 -91.09
N LYS B 483 20.85 47.73 -90.49
CA LYS B 483 22.20 47.33 -90.84
C LYS B 483 22.28 46.90 -92.31
N ALA B 484 21.24 46.25 -92.83
CA ALA B 484 21.24 45.82 -94.21
C ALA B 484 21.00 46.99 -95.17
N LYS B 485 20.19 47.94 -94.73
CA LYS B 485 19.92 49.12 -95.55
C LYS B 485 21.01 50.15 -95.29
N ALA B 486 22.19 49.66 -94.87
CA ALA B 486 23.32 50.53 -94.57
C ALA B 486 24.43 50.38 -95.61
N LYS B 487 24.15 49.63 -96.67
CA LYS B 487 25.09 49.39 -97.76
C LYS B 487 26.47 48.96 -97.26
N LYS B 488 26.52 47.78 -96.66
CA LYS B 488 27.76 47.20 -96.12
C LYS B 488 28.47 48.21 -95.23
N LEU B 489 27.76 48.68 -94.21
CA LEU B 489 28.29 49.66 -93.27
C LEU B 489 29.37 49.05 -92.37
N GLN B 490 29.27 47.73 -92.17
CA GLN B 490 30.22 46.90 -91.41
C GLN B 490 31.09 47.57 -90.34
N ILE B 491 30.51 48.47 -89.55
CA ILE B 491 31.27 49.14 -88.50
C ILE B 491 31.81 48.08 -87.56
N GLN B 492 30.89 47.33 -86.96
CA GLN B 492 31.23 46.23 -86.06
C GLN B 492 30.28 45.05 -86.20
N PRO B 493 28.97 45.33 -86.08
CA PRO B 493 27.93 44.35 -86.41
C PRO B 493 27.95 44.02 -87.89
N SER B 494 29.08 43.50 -88.37
CA SER B 494 29.27 43.30 -89.79
C SER B 494 28.42 42.12 -90.28
N GLN B 495 28.57 41.80 -91.57
CA GLN B 495 27.77 40.74 -92.15
C GLN B 495 28.02 39.40 -91.46
N LEU B 496 29.29 39.08 -91.17
CA LEU B 496 29.59 37.84 -90.49
C LEU B 496 29.01 37.82 -89.07
N GLU B 497 29.09 38.94 -88.37
CA GLU B 497 28.52 39.00 -87.03
C GLU B 497 27.01 38.78 -87.06
N LEU B 498 26.32 39.40 -88.02
CA LEU B 498 24.88 39.19 -88.13
C LEU B 498 24.56 37.76 -88.55
N PHE B 499 25.40 37.15 -89.39
CA PHE B 499 25.23 35.74 -89.71
C PHE B 499 25.33 34.88 -88.46
N TYR B 500 26.32 35.15 -87.62
CA TYR B 500 26.46 34.38 -86.38
C TYR B 500 25.25 34.60 -85.48
N CYS B 501 24.78 35.83 -85.38
CA CYS B 501 23.60 36.13 -84.56
C CYS B 501 22.39 35.34 -85.04
N LEU B 502 22.13 35.37 -86.35
CA LEU B 502 20.98 34.63 -86.88
C LEU B 502 21.16 33.12 -86.71
N TYR B 503 22.38 32.63 -86.93
CA TYR B 503 22.65 31.22 -86.73
C TYR B 503 22.29 30.80 -85.32
N GLU B 504 22.74 31.56 -84.32
CA GLU B 504 22.37 31.24 -82.94
C GLU B 504 20.87 31.41 -82.72
N MET B 505 20.24 32.32 -83.46
CA MET B 505 18.78 32.46 -83.39
C MET B 505 18.10 31.16 -83.79
N GLN B 506 18.55 30.55 -84.89
CA GLN B 506 18.07 29.25 -85.35
C GLN B 506 16.59 29.22 -85.67
N GLU B 507 15.92 30.36 -85.70
CA GLU B 507 14.50 30.41 -86.02
C GLU B 507 14.34 30.58 -87.53
N GLU B 508 13.75 29.57 -88.18
CA GLU B 508 13.74 29.55 -89.64
C GLU B 508 12.99 30.74 -90.21
N ASP B 509 11.77 30.98 -89.73
CA ASP B 509 10.96 32.07 -90.28
C ASP B 509 11.63 33.43 -90.04
N PHE B 510 12.16 33.65 -88.85
CA PHE B 510 12.85 34.90 -88.56
C PHE B 510 14.06 35.08 -89.48
N VAL B 511 14.82 34.01 -89.69
CA VAL B 511 16.00 34.12 -90.55
C VAL B 511 15.58 34.45 -91.97
N GLN B 512 14.53 33.79 -92.48
CA GLN B 512 14.04 34.10 -93.82
C GLN B 512 13.62 35.57 -93.91
N ARG B 513 12.84 36.03 -92.94
CA ARG B 513 12.32 37.39 -92.97
C ARG B 513 13.42 38.44 -92.80
N ALA B 514 14.54 38.08 -92.17
CA ALA B 514 15.60 39.05 -91.94
C ALA B 514 16.65 39.05 -93.04
N MET B 515 16.96 37.90 -93.64
CA MET B 515 18.04 37.82 -94.62
C MET B 515 17.69 38.48 -95.94
N ASP B 516 16.44 38.87 -96.16
CA ASP B 516 16.00 39.40 -97.45
C ASP B 516 16.69 40.71 -97.83
N TYR B 517 17.31 41.41 -96.88
CA TYR B 517 17.94 42.69 -97.16
C TYR B 517 19.41 42.58 -97.53
N PHE B 518 19.97 41.37 -97.45
CA PHE B 518 21.38 41.04 -97.71
C PHE B 518 21.87 41.09 -99.16
N PRO B 519 20.99 41.05 -100.19
CA PRO B 519 21.39 40.52 -101.50
C PRO B 519 22.82 40.79 -101.95
N LYS B 520 23.36 41.96 -101.59
CA LYS B 520 24.77 42.25 -101.80
C LYS B 520 25.55 41.83 -100.57
N ILE B 521 26.33 40.76 -100.67
CA ILE B 521 27.00 40.16 -99.52
C ILE B 521 28.47 39.96 -99.83
N GLU B 522 29.34 40.35 -98.89
CA GLU B 522 30.78 40.14 -98.98
C GLU B 522 31.24 39.52 -97.68
N ILE B 523 31.69 38.27 -97.74
CA ILE B 523 32.04 37.51 -96.55
C ILE B 523 33.35 36.77 -96.78
N ASN B 524 34.10 36.57 -95.70
CA ASN B 524 35.32 35.78 -95.74
C ASN B 524 35.32 34.82 -94.57
N LEU B 525 35.99 33.69 -94.75
CA LEU B 525 35.96 32.58 -93.80
C LEU B 525 37.36 32.31 -93.29
N SER B 526 37.44 31.95 -92.01
CA SER B 526 38.69 31.57 -91.37
C SER B 526 38.57 30.33 -90.50
N THR B 527 37.36 29.83 -90.24
CA THR B 527 37.17 28.67 -89.38
C THR B 527 35.95 27.89 -89.84
N ARG B 528 35.91 26.62 -89.42
CA ARG B 528 34.75 25.78 -89.73
C ARG B 528 33.46 26.41 -89.21
N MET B 529 33.53 27.11 -88.08
CA MET B 529 32.34 27.81 -87.59
C MET B 529 31.90 28.88 -88.57
N ASP B 530 32.86 29.61 -89.15
CA ASP B 530 32.52 30.58 -90.19
C ASP B 530 31.88 29.88 -91.39
N HIS B 531 32.44 28.73 -91.79
CA HIS B 531 31.85 27.99 -92.89
C HIS B 531 30.39 27.65 -92.60
N MET B 532 30.14 27.11 -91.41
CA MET B 532 28.78 26.68 -91.06
C MET B 532 27.83 27.88 -91.00
N VAL B 533 28.26 28.97 -90.39
CA VAL B 533 27.40 30.14 -90.27
C VAL B 533 27.06 30.69 -91.66
N SER B 534 28.06 30.81 -92.52
CA SER B 534 27.82 31.32 -93.86
C SER B 534 26.90 30.39 -94.64
N SER B 535 27.11 29.07 -94.52
CA SER B 535 26.28 28.12 -95.24
C SER B 535 24.82 28.23 -94.79
N PHE B 536 24.59 28.22 -93.48
CA PHE B 536 23.21 28.30 -92.98
C PHE B 536 22.55 29.61 -93.38
N CYS B 537 23.29 30.73 -93.25
CA CYS B 537 22.71 32.02 -93.60
C CYS B 537 22.37 32.10 -95.08
N ILE B 538 23.26 31.61 -95.94
CA ILE B 538 22.99 31.64 -97.37
C ILE B 538 21.80 30.75 -97.71
N GLU B 539 21.73 29.57 -97.10
CA GLU B 539 20.62 28.67 -97.36
C GLU B 539 19.29 29.32 -96.96
N ASN B 540 19.27 30.00 -95.81
CA ASN B 540 18.06 30.71 -95.40
C ASN B 540 17.80 31.96 -96.22
N CYS B 541 18.81 32.52 -96.87
CA CYS B 541 18.64 33.73 -97.67
C CYS B 541 17.82 33.41 -98.92
N HIS B 542 16.81 34.25 -99.18
CA HIS B 542 15.97 34.10 -100.35
C HIS B 542 16.13 35.24 -101.35
N ARG B 543 16.81 36.32 -100.97
CA ARG B 543 16.93 37.50 -101.82
C ARG B 543 18.40 37.82 -102.09
N VAL B 544 19.19 36.81 -102.46
CA VAL B 544 20.62 36.94 -102.64
C VAL B 544 20.94 36.94 -104.13
N GLU B 545 21.61 38.00 -104.60
CA GLU B 545 22.10 38.06 -105.97
C GLU B 545 23.62 38.14 -106.05
N SER B 546 24.25 39.09 -105.36
CA SER B 546 25.68 39.33 -105.48
C SER B 546 26.37 38.80 -104.23
N LEU B 547 27.33 37.89 -104.42
CA LEU B 547 28.05 37.28 -103.32
C LEU B 547 29.54 37.25 -103.63
N SER B 548 30.34 37.74 -102.69
CA SER B 548 31.79 37.65 -102.75
C SER B 548 32.27 36.83 -101.56
N LEU B 549 33.08 35.80 -101.83
CA LEU B 549 33.52 34.88 -100.78
C LEU B 549 35.03 34.82 -100.76
N GLY B 550 35.60 34.95 -99.57
CA GLY B 550 37.04 34.81 -99.38
C GLY B 550 37.38 33.73 -98.39
N PHE B 551 38.60 33.18 -98.46
CA PHE B 551 39.01 32.11 -97.58
C PHE B 551 40.41 32.38 -97.05
N LEU B 552 40.65 32.02 -95.79
CA LEU B 552 41.97 32.12 -95.19
C LEU B 552 42.46 30.74 -94.77
N HIS B 553 43.76 30.49 -94.95
CA HIS B 553 44.36 29.22 -94.59
C HIS B 553 43.91 28.11 -95.53
N THR B 594 39.92 22.78 -96.33
CA THR B 594 39.33 23.72 -97.29
C THR B 594 38.20 23.09 -98.08
N SER B 595 38.55 22.04 -98.85
CA SER B 595 37.54 21.39 -99.68
C SER B 595 36.45 20.72 -98.84
N SER B 596 36.79 20.26 -97.64
CA SER B 596 35.80 19.58 -96.81
C SER B 596 34.64 20.51 -96.45
N PHE B 597 34.96 21.69 -95.90
CA PHE B 597 33.93 22.66 -95.58
C PHE B 597 33.42 23.36 -96.84
N CYS B 598 34.33 23.69 -97.76
CA CYS B 598 33.91 24.27 -99.03
C CYS B 598 32.96 23.34 -99.78
N ARG B 599 33.13 22.04 -99.62
CA ARG B 599 32.16 21.10 -100.20
C ARG B 599 30.74 21.49 -99.86
N GLY B 600 30.42 21.52 -98.57
CA GLY B 600 29.09 21.88 -98.11
C GLY B 600 28.70 23.31 -98.43
N LEU B 601 29.67 24.23 -98.31
CA LEU B 601 29.36 25.63 -98.62
C LEU B 601 28.88 25.78 -100.06
N PHE B 602 29.64 25.25 -101.01
CA PHE B 602 29.27 25.35 -102.41
C PHE B 602 28.05 24.50 -102.72
N SER B 603 27.84 23.40 -101.99
CA SER B 603 26.62 22.63 -102.17
C SER B 603 25.40 23.46 -101.83
N VAL B 604 25.46 24.20 -100.71
CA VAL B 604 24.33 25.05 -100.34
C VAL B 604 24.19 26.20 -101.34
N LEU B 605 25.31 26.75 -101.82
CA LEU B 605 25.22 27.78 -102.84
C LEU B 605 24.49 27.27 -104.08
N SER B 606 24.88 26.09 -104.56
CA SER B 606 24.22 25.51 -105.73
C SER B 606 22.75 25.26 -105.47
N THR B 607 22.42 24.74 -104.27
CA THR B 607 21.03 24.57 -103.92
C THR B 607 20.27 25.88 -103.99
N SER B 608 20.92 26.99 -103.62
CA SER B 608 20.30 28.29 -103.76
C SER B 608 19.91 28.54 -105.21
N GLN B 609 18.73 29.12 -105.41
CA GLN B 609 18.16 29.31 -106.74
C GLN B 609 18.05 30.77 -107.16
N SER B 610 18.35 31.72 -106.28
CA SER B 610 18.26 33.14 -106.60
C SER B 610 19.61 33.78 -106.86
N LEU B 611 20.70 33.01 -106.84
CA LEU B 611 22.03 33.58 -107.01
C LEU B 611 22.26 34.04 -108.44
N THR B 612 23.08 35.08 -108.57
CA THR B 612 23.50 35.59 -109.88
C THR B 612 25.00 35.71 -110.02
N GLU B 613 25.71 36.09 -108.96
CA GLU B 613 27.14 36.32 -109.03
C GLU B 613 27.89 35.48 -108.01
N LEU B 614 29.15 35.19 -108.33
CA LEU B 614 30.03 34.46 -107.42
C LEU B 614 31.44 35.01 -107.61
N ASP B 615 31.92 35.76 -106.61
CA ASP B 615 33.25 36.35 -106.64
C ASP B 615 34.18 35.49 -105.79
N LEU B 616 35.02 34.69 -106.44
CA LEU B 616 36.00 33.86 -105.74
C LEU B 616 37.42 34.40 -105.92
N SER B 617 37.54 35.65 -106.38
CA SER B 617 38.85 36.23 -106.65
C SER B 617 39.67 36.36 -105.38
N ASP B 618 40.99 36.41 -105.56
CA ASP B 618 41.94 36.54 -104.45
C ASP B 618 41.77 35.40 -103.45
N ASN B 619 41.48 34.21 -103.97
CA ASN B 619 41.32 33.02 -103.15
C ASN B 619 42.15 31.88 -103.73
N SER B 620 42.97 31.25 -102.88
CA SER B 620 43.83 30.16 -103.32
C SER B 620 43.03 28.84 -103.30
N LEU B 621 42.09 28.76 -104.23
CA LEU B 621 41.23 27.58 -104.30
C LEU B 621 42.02 26.32 -104.64
N GLY B 622 42.95 26.42 -105.58
CA GLY B 622 43.74 25.29 -106.01
C GLY B 622 42.95 24.36 -106.93
N ASP B 623 43.66 23.36 -107.45
CA ASP B 623 43.02 22.39 -108.33
C ASP B 623 41.92 21.60 -107.62
N PRO B 624 42.13 21.05 -106.42
CA PRO B 624 41.03 20.37 -105.74
C PRO B 624 39.84 21.28 -105.49
N GLY B 625 40.10 22.54 -105.13
CA GLY B 625 39.00 23.48 -104.93
C GLY B 625 38.22 23.74 -106.20
N MET B 626 38.94 23.92 -107.31
CA MET B 626 38.27 24.14 -108.59
C MET B 626 37.46 22.91 -109.00
N ARG B 627 38.00 21.71 -108.74
CA ARG B 627 37.24 20.51 -109.04
C ARG B 627 35.97 20.42 -108.21
N VAL B 628 36.06 20.75 -106.92
CA VAL B 628 34.86 20.76 -106.09
C VAL B 628 33.86 21.79 -106.61
N LEU B 629 34.35 22.97 -106.98
CA LEU B 629 33.46 24.03 -107.48
C LEU B 629 32.76 23.60 -108.76
N CYS B 630 33.50 23.00 -109.70
CA CYS B 630 32.88 22.58 -110.95
C CYS B 630 31.89 21.44 -110.71
N GLU B 631 32.21 20.52 -109.80
CA GLU B 631 31.25 19.48 -109.45
C GLU B 631 29.97 20.09 -108.91
N THR B 632 30.08 21.08 -108.03
CA THR B 632 28.89 21.74 -107.51
C THR B 632 28.11 22.45 -108.61
N LEU B 633 28.82 23.16 -109.50
CA LEU B 633 28.15 23.89 -110.57
C LEU B 633 27.45 22.95 -111.54
N GLN B 634 27.98 21.72 -111.72
CA GLN B 634 27.37 20.77 -112.63
C GLN B 634 25.96 20.37 -112.22
N HIS B 635 25.51 20.78 -111.03
CA HIS B 635 24.16 20.42 -110.60
C HIS B 635 23.14 21.02 -111.54
N PRO B 636 22.11 20.26 -111.93
CA PRO B 636 21.10 20.80 -112.86
C PRO B 636 20.42 22.06 -112.35
N GLY B 637 20.23 22.18 -111.03
CA GLY B 637 19.58 23.34 -110.45
C GLY B 637 20.46 24.57 -110.31
N CYS B 638 21.72 24.48 -110.71
CA CYS B 638 22.62 25.62 -110.58
C CYS B 638 22.05 26.84 -111.29
N ASN B 639 22.01 27.97 -110.57
CA ASN B 639 21.48 29.22 -111.11
C ASN B 639 22.55 30.30 -111.14
N ILE B 640 23.83 29.92 -111.17
CA ILE B 640 24.92 30.89 -111.19
C ILE B 640 25.13 31.39 -112.60
N ARG B 641 25.08 32.71 -112.77
CA ARG B 641 25.27 33.33 -114.07
C ARG B 641 26.67 33.90 -114.28
N ARG B 642 27.27 34.50 -113.26
CA ARG B 642 28.61 35.06 -113.38
C ARG B 642 29.50 34.53 -112.27
N LEU B 643 30.73 34.20 -112.61
CA LEU B 643 31.68 33.67 -111.65
C LEU B 643 33.06 34.19 -112.00
N TRP B 644 33.64 35.01 -111.11
CA TRP B 644 34.94 35.62 -111.34
C TRP B 644 36.00 34.90 -110.50
N LEU B 645 37.03 34.37 -111.18
CA LEU B 645 38.02 33.52 -110.55
C LEU B 645 39.42 34.13 -110.66
N GLY B 646 39.50 35.45 -110.57
CA GLY B 646 40.78 36.13 -110.67
C GLY B 646 41.79 35.72 -109.62
N ARG B 647 42.99 35.36 -110.06
CA ARG B 647 44.11 35.07 -109.16
C ARG B 647 43.74 33.97 -108.15
N CYS B 648 43.10 32.91 -108.64
CA CYS B 648 42.67 31.81 -107.80
C CYS B 648 43.60 30.61 -107.86
N GLY B 649 44.76 30.73 -108.51
CA GLY B 649 45.67 29.60 -108.62
C GLY B 649 45.13 28.45 -109.43
N LEU B 650 44.44 28.73 -110.53
CA LEU B 650 43.91 27.69 -111.39
C LEU B 650 44.90 27.36 -112.50
N SER B 651 44.75 26.17 -113.08
CA SER B 651 45.71 25.67 -114.05
C SER B 651 44.99 24.84 -115.11
N HIS B 652 45.77 24.21 -115.98
CA HIS B 652 45.20 23.40 -117.05
C HIS B 652 44.38 22.24 -116.49
N GLU B 653 44.88 21.60 -115.43
CA GLU B 653 44.16 20.47 -114.84
C GLU B 653 42.73 20.86 -114.50
N CYS B 654 42.56 21.97 -113.78
CA CYS B 654 41.22 22.48 -113.53
C CYS B 654 40.55 22.98 -114.80
N CYS B 655 41.33 23.30 -115.83
CA CYS B 655 40.73 23.69 -117.11
C CYS B 655 39.93 22.57 -117.73
N PHE B 656 40.32 21.31 -117.51
CA PHE B 656 39.52 20.19 -117.97
C PHE B 656 38.12 20.23 -117.38
N ASP B 657 38.03 20.37 -116.05
CA ASP B 657 36.72 20.46 -115.40
C ASP B 657 35.99 21.73 -115.79
N ILE B 658 36.71 22.81 -116.06
CA ILE B 658 36.07 24.04 -116.52
C ILE B 658 35.41 23.81 -117.87
N SER B 659 36.10 23.12 -118.77
CA SER B 659 35.51 22.78 -120.06
C SER B 659 34.30 21.87 -119.89
N LEU B 660 34.39 20.90 -118.96
CA LEU B 660 33.24 20.06 -118.69
C LEU B 660 32.05 20.89 -118.22
N VAL B 661 32.29 21.85 -117.33
CA VAL B 661 31.22 22.72 -116.84
C VAL B 661 30.64 23.53 -117.99
N LEU B 662 31.50 24.09 -118.84
CA LEU B 662 31.03 24.88 -119.97
C LEU B 662 30.16 24.05 -120.90
N SER B 663 30.56 22.82 -121.17
CA SER B 663 29.81 21.94 -122.07
C SER B 663 28.52 21.41 -121.44
N SER B 664 28.48 21.26 -120.12
CA SER B 664 27.31 20.69 -119.46
C SER B 664 26.28 21.77 -119.10
N ASN B 665 26.68 22.74 -118.28
CA ASN B 665 25.76 23.79 -117.87
C ASN B 665 25.38 24.67 -119.05
N GLN B 666 24.10 25.02 -119.13
CA GLN B 666 23.59 25.92 -120.16
C GLN B 666 23.21 27.28 -119.61
N LYS B 667 23.54 27.56 -118.35
CA LYS B 667 23.24 28.84 -117.72
C LYS B 667 24.42 29.79 -117.69
N LEU B 668 25.64 29.29 -117.76
CA LEU B 668 26.82 30.14 -117.70
C LEU B 668 26.77 31.18 -118.82
N VAL B 669 27.10 32.42 -118.47
CA VAL B 669 27.00 33.55 -119.39
C VAL B 669 28.37 34.19 -119.65
N GLU B 670 29.18 34.36 -118.61
CA GLU B 670 30.46 35.05 -118.73
C GLU B 670 31.48 34.36 -117.85
N LEU B 671 32.76 34.64 -118.12
CA LEU B 671 33.82 34.06 -117.32
C LEU B 671 35.06 34.95 -117.36
N ASP B 672 35.66 35.15 -116.20
CA ASP B 672 36.93 35.86 -116.08
C ASP B 672 37.86 34.99 -115.24
N LEU B 673 39.01 34.63 -115.82
CA LEU B 673 40.01 33.77 -115.19
C LEU B 673 41.37 34.45 -115.20
N SER B 674 41.39 35.74 -114.91
CA SER B 674 42.63 36.51 -115.00
C SER B 674 43.69 35.96 -114.04
N ASP B 675 44.93 35.95 -114.51
CA ASP B 675 46.07 35.50 -113.69
C ASP B 675 45.96 34.02 -113.36
N ASN B 676 45.48 33.23 -114.32
CA ASN B 676 45.37 31.78 -114.18
C ASN B 676 46.44 31.11 -115.02
N ALA B 677 47.13 30.14 -114.43
CA ALA B 677 48.17 29.39 -115.12
C ALA B 677 47.55 28.34 -116.05
N LEU B 678 46.74 28.84 -116.99
CA LEU B 678 46.05 27.95 -117.93
C LEU B 678 47.04 27.20 -118.81
N GLY B 679 47.94 27.94 -119.46
CA GLY B 679 48.90 27.34 -120.34
C GLY B 679 48.30 26.90 -121.66
N ASP B 680 49.15 26.45 -122.59
CA ASP B 680 48.65 25.94 -123.86
C ASP B 680 47.75 24.74 -123.65
N PHE B 681 48.14 23.83 -122.75
CA PHE B 681 47.29 22.68 -122.46
C PHE B 681 45.98 23.11 -121.82
N GLY B 682 46.03 24.11 -120.94
CA GLY B 682 44.81 24.61 -120.34
C GLY B 682 43.84 25.17 -121.36
N ILE B 683 44.35 25.98 -122.29
CA ILE B 683 43.51 26.53 -123.35
C ILE B 683 43.01 25.41 -124.26
N ARG B 684 43.84 24.40 -124.50
CA ARG B 684 43.42 23.27 -125.31
C ARG B 684 42.23 22.56 -124.68
N LEU B 685 42.28 22.33 -123.36
CA LEU B 685 41.15 21.74 -122.67
C LEU B 685 39.93 22.67 -122.69
N LEU B 686 40.16 23.96 -122.50
CA LEU B 686 39.06 24.92 -122.43
C LEU B 686 38.29 24.99 -123.75
N CYS B 687 39.02 25.04 -124.87
CA CYS B 687 38.37 25.15 -126.18
C CYS B 687 37.51 23.93 -126.48
N VAL B 688 37.84 22.77 -125.92
CA VAL B 688 37.02 21.59 -126.12
C VAL B 688 35.60 21.84 -125.59
N GLY B 689 35.51 22.39 -124.39
CA GLY B 689 34.20 22.77 -123.87
C GLY B 689 33.57 23.91 -124.64
N LEU B 690 34.38 24.90 -125.04
CA LEU B 690 33.83 26.04 -125.76
C LEU B 690 33.15 25.62 -127.06
N LYS B 691 33.76 24.70 -127.80
CA LYS B 691 33.21 24.29 -129.08
C LYS B 691 32.01 23.36 -128.95
N HIS B 692 31.65 22.96 -127.74
CA HIS B 692 30.46 22.15 -127.55
C HIS B 692 29.21 22.95 -127.93
N LEU B 693 28.24 22.25 -128.53
CA LEU B 693 27.02 22.91 -128.97
C LEU B 693 26.29 23.58 -127.82
N LEU B 694 26.38 23.01 -126.62
CA LEU B 694 25.72 23.56 -125.44
C LEU B 694 26.47 24.75 -124.85
N CYS B 695 27.68 25.04 -125.32
CA CYS B 695 28.45 26.17 -124.82
C CYS B 695 27.69 27.46 -125.10
N ASN B 696 27.22 28.11 -124.04
CA ASN B 696 26.47 29.36 -124.15
C ASN B 696 27.23 30.55 -123.57
N LEU B 697 28.52 30.40 -123.31
CA LEU B 697 29.31 31.51 -122.78
C LEU B 697 29.40 32.62 -123.81
N LYS B 698 29.41 33.87 -123.33
CA LYS B 698 29.45 35.04 -124.19
C LYS B 698 30.76 35.81 -124.05
N LYS B 699 31.11 36.22 -122.83
CA LYS B 699 32.28 37.05 -122.58
C LYS B 699 33.35 36.25 -121.85
N LEU B 700 34.59 36.37 -122.32
CA LEU B 700 35.72 35.66 -121.73
C LEU B 700 36.86 36.64 -121.48
N TRP B 701 37.39 36.61 -120.26
CA TRP B 701 38.59 37.34 -119.90
C TRP B 701 39.67 36.36 -119.49
N LEU B 702 40.79 36.36 -120.21
CA LEU B 702 41.94 35.52 -119.90
C LEU B 702 43.20 36.36 -119.79
N VAL B 703 43.07 37.60 -119.31
CA VAL B 703 44.20 38.52 -119.24
C VAL B 703 45.30 37.93 -118.38
N SER B 704 46.54 38.09 -118.83
CA SER B 704 47.71 37.62 -118.09
C SER B 704 47.60 36.13 -117.75
N CYS B 705 47.14 35.35 -118.71
CA CYS B 705 46.99 33.91 -118.55
C CYS B 705 48.24 33.14 -118.96
N CYS B 706 49.32 33.82 -119.30
CA CYS B 706 50.58 33.19 -119.70
C CYS B 706 50.44 32.40 -120.99
N LEU B 707 49.39 32.68 -121.77
CA LEU B 707 49.15 31.97 -123.02
C LEU B 707 50.06 32.52 -124.12
N THR B 708 50.11 31.78 -125.23
CA THR B 708 50.91 32.17 -126.39
C THR B 708 50.12 31.86 -127.65
N SER B 709 50.75 32.13 -128.81
CA SER B 709 50.09 31.90 -130.08
C SER B 709 49.80 30.43 -130.34
N ALA B 710 50.41 29.52 -129.57
CA ALA B 710 50.18 28.10 -129.79
C ALA B 710 48.70 27.75 -129.61
N CYS B 711 48.07 28.30 -128.58
CA CYS B 711 46.64 28.09 -128.35
C CYS B 711 45.77 28.99 -129.22
N CYS B 712 46.36 29.92 -129.96
CA CYS B 712 45.58 30.80 -130.81
C CYS B 712 44.79 30.03 -131.87
N GLN B 713 45.32 28.87 -132.31
CA GLN B 713 44.58 28.05 -133.25
C GLN B 713 43.25 27.60 -132.65
N ASP B 714 43.29 27.06 -131.43
CA ASP B 714 42.06 26.65 -130.76
C ASP B 714 41.17 27.84 -130.47
N LEU B 715 41.77 28.98 -130.11
CA LEU B 715 40.96 30.17 -129.85
C LEU B 715 40.19 30.60 -131.09
N ALA B 716 40.86 30.62 -132.24
CA ALA B 716 40.18 30.98 -133.49
C ALA B 716 39.13 29.95 -133.86
N SER B 717 39.44 28.66 -133.64
CA SER B 717 38.44 27.62 -133.93
C SER B 717 37.19 27.82 -133.09
N VAL B 718 37.36 28.09 -131.79
CA VAL B 718 36.20 28.31 -130.93
C VAL B 718 35.46 29.58 -131.34
N LEU B 719 36.19 30.61 -131.73
CA LEU B 719 35.54 31.84 -132.17
C LEU B 719 34.68 31.60 -133.41
N SER B 720 35.19 30.80 -134.35
CA SER B 720 34.43 30.49 -135.56
C SER B 720 33.34 29.46 -135.33
N THR B 721 33.41 28.69 -134.24
CA THR B 721 32.45 27.63 -133.98
C THR B 721 31.30 28.07 -133.09
N SER B 722 31.59 28.59 -131.90
CA SER B 722 30.54 28.88 -130.93
C SER B 722 29.58 29.93 -131.45
N HIS B 723 28.31 29.77 -131.10
CA HIS B 723 27.25 30.69 -131.50
C HIS B 723 26.96 31.77 -130.46
N SER B 724 27.59 31.70 -129.30
CA SER B 724 27.34 32.64 -128.22
C SER B 724 28.56 33.45 -127.80
N LEU B 725 29.75 32.88 -127.89
CA LEU B 725 30.96 33.60 -127.52
C LEU B 725 31.12 34.84 -128.39
N THR B 726 31.03 36.02 -127.77
CA THR B 726 31.08 37.27 -128.50
C THR B 726 32.33 38.09 -128.18
N ARG B 727 32.58 38.38 -126.90
CA ARG B 727 33.70 39.22 -126.49
C ARG B 727 34.78 38.37 -125.86
N LEU B 728 36.02 38.55 -126.32
CA LEU B 728 37.18 37.84 -125.80
C LEU B 728 38.29 38.84 -125.55
N TYR B 729 38.88 38.78 -124.37
CA TYR B 729 39.99 39.67 -123.99
C TYR B 729 41.11 38.80 -123.43
N VAL B 730 42.15 38.58 -124.24
CA VAL B 730 43.25 37.70 -123.89
C VAL B 730 44.58 38.45 -123.82
N GLY B 731 44.54 39.73 -123.48
CA GLY B 731 45.75 40.52 -123.39
C GLY B 731 46.73 39.99 -122.36
N GLU B 732 47.89 40.63 -122.24
CA GLU B 732 48.93 40.22 -121.30
C GLU B 732 49.39 38.79 -121.58
N ASN B 733 49.33 38.38 -122.84
CA ASN B 733 49.77 37.06 -123.26
C ASN B 733 50.68 37.20 -124.46
N ALA B 734 51.68 36.31 -124.56
CA ALA B 734 52.65 36.34 -125.64
C ALA B 734 52.04 35.77 -126.93
N LEU B 735 50.94 36.38 -127.36
CA LEU B 735 50.30 35.96 -128.59
C LEU B 735 51.16 36.31 -129.80
N GLY B 736 51.64 37.54 -129.87
CA GLY B 736 52.52 37.95 -130.95
C GLY B 736 51.78 38.24 -132.24
N ASP B 737 52.55 38.69 -133.23
CA ASP B 737 51.97 38.96 -134.54
C ASP B 737 51.40 37.70 -135.17
N SER B 738 52.10 36.57 -135.02
CA SER B 738 51.59 35.32 -135.57
C SER B 738 50.27 34.93 -134.91
N GLY B 739 50.18 35.06 -133.59
CA GLY B 739 48.92 34.76 -132.91
C GLY B 739 47.81 35.69 -133.33
N VAL B 740 48.11 36.99 -133.48
CA VAL B 740 47.10 37.94 -133.90
C VAL B 740 46.61 37.60 -135.31
N ALA B 741 47.53 37.23 -136.20
CA ALA B 741 47.14 36.85 -137.56
C ALA B 741 46.30 35.58 -137.55
N ILE B 742 46.64 34.62 -136.69
CA ILE B 742 45.85 33.40 -136.58
C ILE B 742 44.44 33.72 -136.12
N LEU B 743 44.31 34.60 -135.12
CA LEU B 743 42.99 35.02 -134.65
C LEU B 743 42.23 35.74 -135.75
N CYS B 744 42.92 36.60 -136.51
CA CYS B 744 42.26 37.38 -137.55
C CYS B 744 41.77 36.50 -138.69
N GLU B 745 42.53 35.46 -139.03
CA GLU B 745 42.13 34.61 -140.15
C GLU B 745 40.76 33.98 -139.91
N LYS B 746 40.37 33.83 -138.64
CA LYS B 746 39.06 33.32 -138.28
C LYS B 746 38.05 34.42 -137.98
N ALA B 747 38.49 35.51 -137.35
CA ALA B 747 37.59 36.62 -137.06
C ALA B 747 37.11 37.32 -138.32
N LYS B 748 37.86 37.22 -139.42
CA LYS B 748 37.45 37.85 -140.66
C LYS B 748 36.12 37.30 -141.18
N ASN B 749 35.72 36.12 -140.72
CA ASN B 749 34.46 35.54 -141.16
C ASN B 749 33.32 36.49 -140.79
N PRO B 750 32.53 36.96 -141.75
CA PRO B 750 31.44 37.89 -141.40
C PRO B 750 30.45 37.31 -140.40
N GLN B 751 30.21 36.01 -140.45
CA GLN B 751 29.30 35.39 -139.50
C GLN B 751 29.89 35.31 -138.09
N CYS B 752 31.19 35.53 -137.95
CA CYS B 752 31.82 35.46 -136.64
C CYS B 752 31.17 36.46 -135.69
N ASN B 753 30.92 36.02 -134.46
CA ASN B 753 30.16 36.79 -133.49
C ASN B 753 31.03 37.68 -132.60
N LEU B 754 32.35 37.68 -132.80
CA LEU B 754 33.21 38.52 -131.99
C LEU B 754 32.83 39.99 -132.13
N GLN B 755 32.67 40.66 -130.99
CA GLN B 755 32.23 42.06 -130.98
C GLN B 755 33.31 42.99 -130.42
N LYS B 756 33.81 42.73 -129.22
CA LYS B 756 34.85 43.54 -128.61
C LYS B 756 36.10 42.71 -128.45
N LEU B 757 37.20 43.18 -129.04
CA LEU B 757 38.46 42.45 -129.05
C LEU B 757 39.50 43.23 -128.27
N GLY B 758 40.15 42.57 -127.30
CA GLY B 758 41.18 43.18 -126.52
C GLY B 758 42.48 42.39 -126.53
N LEU B 759 43.56 43.05 -126.95
CA LEU B 759 44.88 42.43 -126.99
C LEU B 759 45.80 43.15 -126.01
N VAL B 760 45.30 43.41 -124.80
CA VAL B 760 45.98 44.30 -123.86
C VAL B 760 47.43 43.86 -123.71
N ASN B 761 48.35 44.76 -124.09
CA ASN B 761 49.78 44.52 -123.98
C ASN B 761 50.16 43.15 -124.54
N SER B 762 49.65 42.84 -125.72
CA SER B 762 49.87 41.56 -126.36
C SER B 762 51.14 41.53 -127.22
N GLY B 763 51.92 42.60 -127.21
CA GLY B 763 53.15 42.65 -127.99
C GLY B 763 52.89 42.60 -129.49
N LEU B 764 51.93 43.38 -129.95
CA LEU B 764 51.56 43.41 -131.36
C LEU B 764 52.38 44.45 -132.11
N THR B 765 52.71 44.13 -133.36
CA THR B 765 53.45 45.03 -134.23
C THR B 765 52.58 45.43 -135.42
N SER B 766 53.19 46.18 -136.35
CA SER B 766 52.46 46.66 -137.51
C SER B 766 52.08 45.55 -138.48
N VAL B 767 52.78 44.41 -138.42
CA VAL B 767 52.49 43.32 -139.37
C VAL B 767 51.06 42.82 -139.17
N CYS B 768 50.67 42.61 -137.91
CA CYS B 768 49.30 42.18 -137.64
C CYS B 768 48.28 43.29 -137.84
N CYS B 769 48.75 44.53 -138.05
CA CYS B 769 47.81 45.63 -138.28
C CYS B 769 47.01 45.42 -139.56
N SER B 770 47.66 44.94 -140.62
CA SER B 770 46.95 44.68 -141.86
C SER B 770 45.92 43.57 -141.69
N ALA B 771 46.28 42.50 -140.97
CA ALA B 771 45.34 41.42 -140.71
C ALA B 771 44.15 41.91 -139.89
N LEU B 772 44.42 42.76 -138.89
CA LEU B 772 43.32 43.30 -138.08
C LEU B 772 42.43 44.21 -138.90
N SER B 773 43.02 44.99 -139.81
CA SER B 773 42.21 45.80 -140.72
C SER B 773 41.34 44.93 -141.61
N SER B 774 41.90 43.83 -142.12
CA SER B 774 41.10 42.90 -142.91
C SER B 774 39.96 42.31 -142.07
N VAL B 775 40.23 41.98 -140.82
CA VAL B 775 39.18 41.48 -139.93
C VAL B 775 38.10 42.54 -139.75
N LEU B 776 38.50 43.79 -139.54
CA LEU B 776 37.54 44.87 -139.37
C LEU B 776 36.66 45.02 -140.61
N SER B 777 37.28 44.95 -141.80
CA SER B 777 36.52 45.13 -143.03
C SER B 777 35.61 43.94 -143.31
N THR B 778 36.01 42.73 -142.92
CA THR B 778 35.25 41.53 -143.24
C THR B 778 34.16 41.26 -142.20
N ASN B 779 34.55 41.07 -140.94
CA ASN B 779 33.59 40.85 -139.88
C ASN B 779 32.81 42.14 -139.61
N GLN B 780 31.49 42.02 -139.52
CA GLN B 780 30.62 43.16 -139.27
C GLN B 780 30.11 43.21 -137.84
N ASN B 781 30.58 42.32 -136.95
CA ASN B 781 30.12 42.27 -135.58
C ASN B 781 31.10 42.87 -134.58
N LEU B 782 32.27 43.34 -135.03
CA LEU B 782 33.25 43.93 -134.14
C LEU B 782 32.85 45.37 -133.81
N THR B 783 32.89 45.70 -132.52
CA THR B 783 32.47 47.01 -132.04
C THR B 783 33.58 47.79 -131.36
N HIS B 784 34.30 47.18 -130.43
CA HIS B 784 35.33 47.85 -129.65
C HIS B 784 36.66 47.12 -129.84
N LEU B 785 37.75 47.89 -129.90
CA LEU B 785 39.09 47.34 -130.12
C LEU B 785 40.07 48.00 -129.17
N TYR B 786 40.66 47.19 -128.29
CA TYR B 786 41.71 47.63 -127.38
C TYR B 786 43.02 46.98 -127.78
N LEU B 787 44.06 47.78 -127.97
CA LEU B 787 45.37 47.27 -128.35
C LEU B 787 46.46 47.88 -127.49
N ARG B 788 46.14 48.21 -126.24
CA ARG B 788 47.09 48.84 -125.34
C ARG B 788 48.31 47.95 -125.13
N GLY B 789 49.48 48.58 -125.04
CA GLY B 789 50.72 47.86 -124.80
C GLY B 789 51.40 47.33 -126.04
N ASN B 790 50.92 47.67 -127.23
CA ASN B 790 51.50 47.21 -128.49
C ASN B 790 52.06 48.40 -129.24
N THR B 791 53.35 48.34 -129.58
CA THR B 791 54.02 49.44 -130.30
C THR B 791 53.78 49.27 -131.81
N LEU B 792 52.58 49.66 -132.23
CA LEU B 792 52.21 49.54 -133.64
C LEU B 792 53.11 50.42 -134.51
N GLY B 793 53.32 51.66 -134.11
CA GLY B 793 54.03 52.62 -134.92
C GLY B 793 53.11 53.31 -135.92
N ASP B 794 53.68 54.26 -136.64
CA ASP B 794 52.91 55.02 -137.62
C ASP B 794 52.48 54.15 -138.78
N LYS B 795 53.32 53.21 -139.21
CA LYS B 795 52.94 52.29 -140.26
C LYS B 795 51.74 51.44 -139.84
N GLY B 796 51.76 50.93 -138.61
CA GLY B 796 50.61 50.18 -138.12
C GLY B 796 49.37 51.04 -137.98
N ILE B 797 49.55 52.30 -137.56
CA ILE B 797 48.41 53.21 -137.45
C ILE B 797 47.77 53.41 -138.81
N LYS B 798 48.58 53.65 -139.83
CA LYS B 798 48.06 53.83 -141.18
C LYS B 798 47.40 52.55 -141.68
N LEU B 799 48.00 51.40 -141.38
CA LEU B 799 47.41 50.13 -141.81
C LEU B 799 46.02 49.94 -141.19
N LEU B 800 45.90 50.22 -139.90
CA LEU B 800 44.60 50.11 -139.24
C LEU B 800 43.61 51.11 -139.84
N CYS B 801 44.06 52.34 -140.05
CA CYS B 801 43.18 53.37 -140.60
C CYS B 801 42.65 52.98 -141.98
N GLU B 802 43.50 52.35 -142.80
CA GLU B 802 43.07 51.93 -144.13
C GLU B 802 41.83 51.05 -144.06
N GLY B 803 41.71 50.24 -143.02
CA GLY B 803 40.56 49.37 -142.88
C GLY B 803 39.40 50.01 -142.14
N LEU B 804 39.71 50.76 -141.08
CA LEU B 804 38.65 51.41 -140.31
C LEU B 804 37.96 52.52 -141.10
N LEU B 805 38.61 53.10 -142.10
CA LEU B 805 37.93 54.04 -142.98
C LEU B 805 36.96 53.35 -143.91
N HIS B 806 37.09 52.05 -144.09
CA HIS B 806 36.17 51.31 -144.95
C HIS B 806 34.76 51.41 -144.38
N PRO B 807 33.76 51.66 -145.22
CA PRO B 807 32.38 51.78 -144.70
C PRO B 807 31.92 50.55 -143.94
N ASP B 808 32.38 49.35 -144.31
CA ASP B 808 31.99 48.15 -143.60
C ASP B 808 32.49 48.13 -142.17
N CYS B 809 33.49 48.95 -141.83
CA CYS B 809 33.97 49.00 -140.46
C CYS B 809 32.86 49.44 -139.52
N LYS B 810 32.68 48.70 -138.43
CA LYS B 810 31.62 48.97 -137.46
C LYS B 810 32.16 49.19 -136.06
N LEU B 811 33.44 49.53 -135.94
CA LEU B 811 34.03 49.78 -134.63
C LEU B 811 33.43 51.04 -134.01
N GLN B 812 33.36 51.03 -132.68
CA GLN B 812 32.82 52.17 -131.93
C GLN B 812 33.82 52.81 -130.99
N VAL B 813 34.68 52.01 -130.35
CA VAL B 813 35.69 52.51 -129.42
C VAL B 813 37.03 51.92 -129.82
N LEU B 814 38.06 52.76 -129.84
CA LEU B 814 39.41 52.34 -130.18
C LEU B 814 40.37 52.84 -129.12
N GLU B 815 41.00 51.91 -128.40
CA GLU B 815 42.00 52.22 -127.39
C GLU B 815 43.37 51.82 -127.92
N LEU B 816 44.29 52.79 -127.99
CA LEU B 816 45.62 52.58 -128.53
C LEU B 816 46.68 53.22 -127.65
N ASP B 817 46.48 53.23 -126.34
CA ASP B 817 47.47 53.78 -125.43
C ASP B 817 48.68 52.85 -125.34
N ASN B 818 49.84 53.44 -125.05
CA ASN B 818 51.09 52.69 -125.00
C ASN B 818 51.36 52.00 -126.33
N CYS B 819 50.94 52.62 -127.42
CA CYS B 819 51.08 52.05 -128.75
C CYS B 819 52.35 52.50 -129.46
N ASN B 820 53.17 53.34 -128.82
CA ASN B 820 54.39 53.86 -129.45
C ASN B 820 54.06 54.56 -130.76
N LEU B 821 53.18 55.56 -130.67
CA LEU B 821 52.71 56.31 -131.83
C LEU B 821 53.35 57.68 -131.84
N THR B 822 53.89 58.07 -132.99
CA THR B 822 54.57 59.34 -133.14
C THR B 822 53.62 60.36 -133.77
N SER B 823 54.14 61.55 -134.07
CA SER B 823 53.33 62.60 -134.68
C SER B 823 52.94 62.27 -136.11
N HIS B 824 53.56 61.27 -136.73
CA HIS B 824 53.21 60.92 -138.11
C HIS B 824 51.78 60.44 -138.23
N CYS B 825 51.32 59.61 -137.28
CA CYS B 825 49.95 59.11 -137.32
C CYS B 825 48.91 60.22 -137.14
N CYS B 826 49.35 61.47 -136.98
CA CYS B 826 48.40 62.57 -136.81
C CYS B 826 47.50 62.71 -138.02
N TRP B 827 48.06 62.62 -139.23
CA TRP B 827 47.23 62.75 -140.43
C TRP B 827 46.34 61.52 -140.61
N ASP B 828 46.84 60.34 -140.26
CA ASP B 828 45.98 59.15 -140.26
C ASP B 828 44.76 59.37 -139.39
N LEU B 829 44.97 59.84 -138.16
CA LEU B 829 43.86 60.02 -137.24
C LEU B 829 42.96 61.17 -137.66
N SER B 830 43.52 62.23 -138.27
CA SER B 830 42.69 63.31 -138.80
C SER B 830 41.78 62.80 -139.91
N THR B 831 42.32 61.99 -140.82
CA THR B 831 41.50 61.40 -141.87
C THR B 831 40.43 60.50 -141.29
N LEU B 832 40.78 59.71 -140.27
CA LEU B 832 39.80 58.85 -139.62
C LEU B 832 38.69 59.68 -138.98
N LEU B 833 39.05 60.79 -138.33
CA LEU B 833 38.05 61.65 -137.72
C LEU B 833 37.14 62.28 -138.78
N THR B 834 37.72 62.68 -139.91
CA THR B 834 36.94 63.33 -140.97
C THR B 834 36.07 62.36 -141.74
N SER B 835 36.42 61.08 -141.82
CA SER B 835 35.69 60.11 -142.64
C SER B 835 34.88 59.12 -141.82
N SER B 836 35.52 58.41 -140.90
CA SER B 836 34.87 57.40 -140.07
C SER B 836 33.52 57.89 -139.55
N GLN B 837 32.48 57.09 -139.80
CA GLN B 837 31.11 57.44 -139.44
C GLN B 837 30.52 56.49 -138.41
N SER B 838 31.33 55.64 -137.79
CA SER B 838 30.81 54.65 -136.84
C SER B 838 31.46 54.74 -135.47
N LEU B 839 32.76 55.03 -135.39
CA LEU B 839 33.45 55.07 -134.11
C LEU B 839 32.94 56.23 -133.27
N ARG B 840 32.91 56.02 -131.95
CA ARG B 840 32.44 57.01 -131.00
C ARG B 840 33.48 57.43 -129.97
N LYS B 841 34.44 56.58 -129.64
CA LYS B 841 35.44 56.86 -128.62
C LYS B 841 36.82 56.51 -129.15
N LEU B 842 37.78 57.41 -128.92
CA LEU B 842 39.17 57.19 -129.31
C LEU B 842 40.08 57.59 -128.15
N SER B 843 40.77 56.61 -127.58
CA SER B 843 41.74 56.86 -126.53
C SER B 843 43.14 56.60 -127.06
N LEU B 844 44.04 57.57 -126.90
CA LEU B 844 45.37 57.47 -127.49
C LEU B 844 46.46 57.97 -126.55
N GLY B 845 46.19 58.06 -125.26
CA GLY B 845 47.15 58.61 -124.32
C GLY B 845 48.48 57.90 -124.33
N ASN B 846 49.45 58.42 -123.57
CA ASN B 846 50.79 57.88 -123.51
C ASN B 846 51.41 57.82 -124.90
N ASN B 847 51.15 58.88 -125.69
CA ASN B 847 51.72 59.01 -127.02
C ASN B 847 52.02 60.47 -127.27
N ASP B 848 53.23 60.75 -127.73
CA ASP B 848 53.68 62.12 -127.96
C ASP B 848 53.27 62.60 -129.36
N LEU B 849 51.95 62.68 -129.56
CA LEU B 849 51.43 63.14 -130.84
C LEU B 849 51.86 64.58 -131.11
N GLY B 850 51.81 65.44 -130.10
CA GLY B 850 52.36 66.77 -130.19
C GLY B 850 51.28 67.84 -130.20
N ASP B 851 51.72 69.06 -129.91
CA ASP B 851 50.82 70.21 -129.98
C ASP B 851 50.29 70.42 -131.39
N LEU B 852 51.13 70.17 -132.40
CA LEU B 852 50.66 70.27 -133.78
C LEU B 852 49.56 69.26 -134.05
N GLY B 853 49.73 68.03 -133.58
CA GLY B 853 48.69 67.02 -133.77
C GLY B 853 47.41 67.39 -133.06
N VAL B 854 47.51 67.87 -131.81
CA VAL B 854 46.31 68.25 -131.08
C VAL B 854 45.61 69.42 -131.76
N MET B 855 46.37 70.38 -132.27
CA MET B 855 45.78 71.52 -132.96
C MET B 855 45.06 71.08 -134.23
N MET B 856 45.69 70.21 -135.02
CA MET B 856 45.03 69.73 -136.24
C MET B 856 43.78 68.94 -135.91
N PHE B 857 43.84 68.11 -134.87
CA PHE B 857 42.68 67.32 -134.47
C PHE B 857 41.54 68.22 -134.01
N CYS B 858 41.86 69.27 -133.23
CA CYS B 858 40.82 70.20 -132.79
C CYS B 858 40.26 70.98 -133.98
N GLU B 859 41.11 71.35 -134.94
CA GLU B 859 40.63 72.04 -136.12
C GLU B 859 39.64 71.17 -136.91
N VAL B 860 39.94 69.88 -137.03
CA VAL B 860 39.00 68.98 -137.68
C VAL B 860 37.76 68.77 -136.82
N LEU B 861 37.91 68.78 -135.49
CA LEU B 861 36.80 68.48 -134.61
C LEU B 861 35.79 69.62 -134.56
N LYS B 862 36.25 70.87 -134.69
CA LYS B 862 35.35 72.00 -134.58
C LYS B 862 34.25 71.96 -135.64
N GLN B 863 34.44 71.20 -136.72
CA GLN B 863 33.38 70.96 -137.67
C GLN B 863 32.26 70.16 -137.03
N GLN B 864 31.05 70.33 -137.54
CA GLN B 864 29.89 69.57 -137.06
C GLN B 864 29.87 68.14 -137.57
N SER B 865 30.82 67.76 -138.42
CA SER B 865 30.84 66.43 -139.04
C SER B 865 31.47 65.37 -138.15
N CYS B 866 31.95 65.73 -136.96
CA CYS B 866 32.60 64.77 -136.07
C CYS B 866 31.54 64.03 -135.28
N LEU B 867 31.20 62.82 -135.72
CA LEU B 867 30.23 61.99 -135.04
C LEU B 867 30.77 61.34 -133.77
N LEU B 868 32.10 61.29 -133.61
CA LEU B 868 32.68 60.76 -132.39
C LEU B 868 32.32 61.64 -131.19
N GLN B 869 32.31 61.03 -130.01
CA GLN B 869 31.91 61.72 -128.80
C GLN B 869 32.98 61.78 -127.72
N ASN B 870 33.90 60.83 -127.68
CA ASN B 870 34.90 60.77 -126.61
C ASN B 870 36.30 60.71 -127.20
N LEU B 871 37.18 61.56 -126.69
CA LEU B 871 38.59 61.55 -127.06
C LEU B 871 39.43 61.61 -125.79
N GLY B 872 40.43 60.75 -125.70
CA GLY B 872 41.28 60.69 -124.53
C GLY B 872 42.75 60.88 -124.83
N LEU B 873 43.33 61.99 -124.36
CA LEU B 873 44.74 62.30 -124.56
C LEU B 873 45.47 62.37 -123.22
N SER B 874 45.06 61.54 -122.26
CA SER B 874 45.68 61.55 -120.96
C SER B 874 47.14 61.11 -121.06
N GLU B 875 47.97 61.66 -120.18
CA GLU B 875 49.41 61.48 -120.13
C GLU B 875 50.12 62.27 -121.21
N MET B 876 49.38 62.94 -122.10
CA MET B 876 49.97 63.82 -123.09
C MET B 876 50.23 65.19 -122.47
N TYR B 877 51.46 65.67 -122.59
CA TYR B 877 51.85 66.95 -122.02
C TYR B 877 51.92 68.00 -123.12
N PHE B 878 51.21 69.11 -122.92
CA PHE B 878 51.09 70.17 -123.90
C PHE B 878 51.44 71.50 -123.26
N ASN B 879 51.20 72.58 -123.99
CA ASN B 879 51.47 73.92 -123.50
C ASN B 879 50.17 74.62 -123.10
N TYR B 880 50.30 75.84 -122.59
CA TYR B 880 49.12 76.61 -122.20
C TYR B 880 48.21 76.88 -123.40
N GLU B 881 48.81 77.21 -124.54
CA GLU B 881 48.02 77.46 -125.75
C GLU B 881 47.23 76.23 -126.15
N THR B 882 47.88 75.06 -126.15
CA THR B 882 47.19 73.83 -126.52
C THR B 882 46.09 73.48 -125.51
N LYS B 883 46.36 73.68 -124.21
CA LYS B 883 45.33 73.42 -123.21
C LYS B 883 44.13 74.33 -123.40
N SER B 884 44.37 75.62 -123.67
CA SER B 884 43.28 76.56 -123.89
C SER B 884 42.48 76.18 -125.13
N ALA B 885 43.18 75.78 -126.21
CA ALA B 885 42.47 75.35 -127.42
C ALA B 885 41.63 74.12 -127.16
N LEU B 886 42.16 73.16 -126.39
CA LEU B 886 41.39 71.97 -126.06
C LEU B 886 40.15 72.31 -125.26
N GLU B 887 40.29 73.19 -124.26
CA GLU B 887 39.14 73.60 -123.48
C GLU B 887 38.11 74.32 -124.35
N THR B 888 38.58 75.19 -125.25
CA THR B 888 37.66 75.90 -126.13
C THR B 888 36.89 74.92 -127.02
N LEU B 889 37.59 73.92 -127.58
CA LEU B 889 36.91 72.92 -128.39
C LEU B 889 35.90 72.13 -127.58
N GLN B 890 36.27 71.73 -126.36
CA GLN B 890 35.36 70.94 -125.54
C GLN B 890 34.10 71.73 -125.20
N GLU B 891 34.25 73.02 -124.87
CA GLU B 891 33.10 73.85 -124.54
C GLU B 891 32.30 74.25 -125.78
N GLU B 892 32.93 74.31 -126.95
CA GLU B 892 32.19 74.56 -128.18
C GLU B 892 31.39 73.34 -128.61
N LYS B 893 31.86 72.15 -128.28
CA LYS B 893 31.15 70.90 -128.56
C LYS B 893 30.95 70.16 -127.24
N PRO B 894 29.92 70.51 -126.47
CA PRO B 894 29.72 69.82 -125.18
C PRO B 894 29.52 68.33 -125.33
N GLU B 895 28.85 67.89 -126.40
CA GLU B 895 28.68 66.46 -126.62
C GLU B 895 29.99 65.77 -126.99
N LEU B 896 30.97 66.52 -127.49
CA LEU B 896 32.29 65.98 -127.78
C LEU B 896 33.22 66.35 -126.62
N THR B 897 33.70 65.33 -125.91
CA THR B 897 34.55 65.52 -124.74
C THR B 897 35.97 65.11 -125.06
N VAL B 898 36.92 65.90 -124.57
CA VAL B 898 38.35 65.61 -124.70
C VAL B 898 38.94 65.61 -123.29
N VAL B 899 39.46 64.46 -122.87
CA VAL B 899 40.02 64.30 -121.54
C VAL B 899 41.53 64.45 -121.64
N PHE B 900 42.05 65.56 -121.08
CA PHE B 900 43.47 65.87 -121.12
C PHE B 900 43.94 66.43 -119.78
N GLU B 901 43.36 65.97 -118.68
CA GLU B 901 43.65 66.52 -117.37
C GLU B 901 45.11 66.28 -116.99
N PRO B 902 45.66 67.11 -116.10
CA PRO B 902 47.04 67.01 -115.63
C PRO B 902 47.24 65.90 -114.60
N LYS C 1 46.30 -5.16 -21.60
CA LYS C 1 47.28 -4.31 -22.27
C LYS C 1 46.61 -3.34 -23.26
N LYS C 2 46.91 -2.06 -23.10
CA LYS C 2 46.37 -0.94 -23.89
C LYS C 2 47.07 0.37 -23.54
N ASP C 3 48.24 0.62 -24.09
CA ASP C 3 48.98 1.79 -23.67
C ASP C 3 48.40 3.10 -24.09
N TYR C 4 47.30 3.38 -23.44
CA TYR C 4 46.48 4.57 -23.63
C TYR C 4 47.38 5.80 -23.69
N ARG C 5 48.53 5.77 -23.01
CA ARG C 5 49.54 6.79 -23.23
C ARG C 5 49.92 6.87 -24.71
N LYS C 6 50.15 5.71 -25.34
CA LYS C 6 50.50 5.69 -26.75
C LYS C 6 49.39 6.28 -27.60
N LYS C 7 48.15 5.89 -27.34
CA LYS C 7 47.04 6.37 -28.17
C LYS C 7 46.86 7.88 -28.00
N TYR C 8 46.92 8.37 -26.76
CA TYR C 8 46.81 9.81 -26.53
C TYR C 8 47.95 10.57 -27.17
N ARG C 9 49.17 10.03 -27.08
CA ARG C 9 50.31 10.68 -27.72
C ARG C 9 50.10 10.77 -29.22
N LYS C 10 49.61 9.70 -29.85
CA LYS C 10 49.36 9.75 -31.27
C LYS C 10 48.31 10.80 -31.59
N TYR C 11 47.22 10.85 -30.82
CA TYR C 11 46.17 11.82 -31.11
C TYR C 11 46.70 13.25 -30.98
N VAL C 12 47.43 13.53 -29.90
CA VAL C 12 47.92 14.89 -29.69
C VAL C 12 48.93 15.26 -30.76
N ARG C 13 49.83 14.35 -31.11
CA ARG C 13 50.79 14.62 -32.16
C ARG C 13 50.11 14.85 -33.50
N SER C 14 48.97 14.22 -33.74
CA SER C 14 48.22 14.48 -34.96
C SER C 14 47.50 15.82 -34.92
N ARG C 15 46.91 16.18 -33.77
CA ARG C 15 46.09 17.37 -33.68
C ARG C 15 46.88 18.65 -33.46
N PHE C 16 48.15 18.56 -33.06
CA PHE C 16 48.95 19.73 -32.71
C PHE C 16 50.21 19.82 -33.59
N GLN C 17 50.06 19.63 -34.89
CA GLN C 17 51.20 19.63 -35.79
C GLN C 17 51.12 20.65 -36.90
N CYS C 18 50.08 21.48 -36.93
CA CYS C 18 49.91 22.49 -37.97
C CYS C 18 49.46 23.80 -37.35
N ILE C 19 49.92 24.89 -37.94
CA ILE C 19 49.65 26.24 -37.43
C ILE C 19 49.03 27.04 -38.56
N GLU C 20 47.74 27.34 -38.43
CA GLU C 20 47.04 28.15 -39.42
C GLU C 20 47.25 29.63 -39.10
N ASP C 21 47.69 30.39 -40.11
CA ASP C 21 47.91 31.81 -39.94
C ASP C 21 46.56 32.53 -39.84
N ARG C 22 46.59 33.85 -39.69
CA ARG C 22 45.35 34.61 -39.60
C ARG C 22 44.61 34.58 -40.94
N ASN C 23 45.32 34.89 -42.03
CA ASN C 23 44.73 34.86 -43.37
C ASN C 23 45.11 33.54 -44.04
N ALA C 24 44.42 32.48 -43.65
CA ALA C 24 44.67 31.15 -44.20
C ALA C 24 43.39 30.66 -44.88
N ARG C 25 43.37 30.73 -46.21
CA ARG C 25 42.27 30.12 -46.94
C ARG C 25 42.27 28.61 -46.71
N LEU C 26 41.10 28.00 -46.88
CA LEU C 26 40.90 26.60 -46.51
C LEU C 26 42.10 25.76 -46.91
N GLY C 27 42.54 24.90 -45.99
CA GLY C 27 43.61 23.97 -46.25
C GLY C 27 44.94 24.59 -46.61
N GLU C 28 45.38 25.60 -45.84
CA GLU C 28 46.67 26.22 -46.04
C GLU C 28 47.48 26.23 -44.75
N SER C 29 47.37 25.15 -43.98
CA SER C 29 48.11 25.05 -42.73
C SER C 29 49.60 24.85 -43.00
N VAL C 30 50.41 25.20 -42.00
CA VAL C 30 51.86 25.12 -42.09
C VAL C 30 52.39 24.36 -40.89
N SER C 31 53.34 23.46 -41.12
CA SER C 31 53.87 22.62 -40.07
C SER C 31 54.62 23.45 -39.02
N LEU C 32 54.40 23.11 -37.75
CA LEU C 32 55.07 23.82 -36.67
C LEU C 32 56.58 23.65 -36.75
N ASN C 33 57.05 22.41 -36.96
CA ASN C 33 58.48 22.17 -37.05
C ASN C 33 59.13 22.97 -38.17
N LYS C 34 58.36 23.36 -39.17
CA LYS C 34 58.89 24.24 -40.21
C LYS C 34 58.85 25.71 -39.76
N ARG C 35 57.65 26.21 -39.46
CA ARG C 35 57.50 27.62 -39.07
C ARG C 35 57.37 27.75 -37.56
N TYR C 36 58.41 27.33 -36.86
CA TYR C 36 58.55 27.60 -35.43
C TYR C 36 60.01 27.87 -35.12
N THR C 37 60.34 29.11 -34.77
CA THR C 37 61.66 29.46 -34.30
C THR C 37 61.72 29.30 -32.79
N ARG C 38 62.79 29.77 -32.16
CA ARG C 38 62.95 29.70 -30.71
C ARG C 38 63.01 31.11 -30.15
N LEU C 39 62.15 31.39 -29.18
CA LEU C 39 62.06 32.72 -28.59
C LEU C 39 63.12 32.88 -27.51
N ARG C 40 63.03 33.97 -26.75
CA ARG C 40 63.91 34.24 -25.63
C ARG C 40 63.10 34.20 -24.34
N LEU C 41 63.50 33.35 -23.41
CA LEU C 41 62.86 33.26 -22.10
C LEU C 41 63.86 33.70 -21.03
N ILE C 42 63.37 34.47 -20.07
CA ILE C 42 64.23 34.99 -19.00
C ILE C 42 63.46 34.96 -17.70
N LYS C 43 64.14 34.61 -16.61
CA LYS C 43 63.56 34.73 -15.27
C LYS C 43 63.53 36.22 -14.89
N GLU C 44 62.34 36.79 -14.86
CA GLU C 44 62.22 38.25 -14.87
C GLU C 44 62.95 38.89 -13.70
N HIS C 45 63.79 39.86 -14.02
CA HIS C 45 64.47 40.70 -13.04
C HIS C 45 64.45 42.16 -13.51
N ARG C 46 63.35 42.57 -14.13
CA ARG C 46 63.28 43.83 -14.86
C ARG C 46 62.91 44.96 -13.91
N SER C 47 63.87 45.84 -13.65
CA SER C 47 63.65 47.01 -12.81
C SER C 47 62.92 48.10 -13.60
N GLN C 48 62.59 49.19 -12.91
CA GLN C 48 61.85 50.28 -13.54
C GLN C 48 62.72 51.04 -14.55
N GLN C 49 63.90 51.47 -14.11
CA GLN C 49 64.82 52.12 -15.03
C GLN C 49 65.20 51.18 -16.16
N GLU C 50 65.39 49.89 -15.84
CA GLU C 50 65.71 48.91 -16.87
C GLU C 50 64.60 48.83 -17.91
N ARG C 51 63.35 48.82 -17.47
CA ARG C 51 62.23 48.75 -18.39
C ARG C 51 62.17 49.99 -19.28
N GLU C 52 62.34 51.17 -18.68
CA GLU C 52 62.27 52.40 -19.47
C GLU C 52 63.39 52.44 -20.50
N GLN C 53 64.61 52.09 -20.08
CA GLN C 53 65.73 52.09 -21.01
C GLN C 53 65.53 51.06 -22.11
N GLU C 54 64.98 49.90 -21.77
CA GLU C 54 64.68 48.90 -22.79
C GLU C 54 63.72 49.49 -23.82
N LEU C 55 62.60 50.05 -23.36
CA LEU C 55 61.67 50.71 -24.28
C LEU C 55 62.42 51.62 -25.24
N LEU C 56 63.10 52.64 -24.69
CA LEU C 56 63.67 53.67 -25.55
C LEU C 56 64.75 53.13 -26.47
N ALA C 57 65.69 52.35 -25.93
CA ALA C 57 66.79 51.84 -26.74
C ALA C 57 66.28 50.89 -27.83
N ILE C 58 65.50 49.88 -27.44
CA ILE C 58 64.94 48.96 -28.42
C ILE C 58 64.19 49.74 -29.49
N GLY C 59 63.56 50.85 -29.10
CA GLY C 59 63.00 51.73 -30.11
C GLY C 59 64.06 52.27 -31.05
N LYS C 60 65.17 52.75 -30.49
CA LYS C 60 66.20 53.32 -31.34
C LYS C 60 66.76 52.27 -32.28
N THR C 61 67.57 51.34 -31.77
CA THR C 61 67.90 50.15 -32.55
C THR C 61 68.01 48.90 -31.70
N LYS C 62 68.41 49.08 -30.44
CA LYS C 62 68.85 48.00 -29.57
C LYS C 62 69.64 46.96 -30.37
N THR C 63 70.60 47.41 -31.16
CA THR C 63 71.40 46.52 -31.99
C THR C 63 72.77 46.23 -31.37
N CYS C 64 73.06 46.77 -30.20
CA CYS C 64 74.36 46.53 -29.56
C CYS C 64 74.46 45.09 -29.09
N GLU C 65 75.69 44.59 -29.01
CA GLU C 65 75.96 43.23 -28.56
C GLU C 65 75.63 43.12 -27.07
N SER C 66 74.51 42.47 -26.75
CA SER C 66 74.06 42.29 -25.38
C SER C 66 73.66 40.83 -25.16
N PRO C 67 74.63 39.91 -25.21
CA PRO C 67 74.32 38.50 -24.97
C PRO C 67 73.90 38.27 -23.53
N VAL C 68 73.09 37.22 -23.33
CA VAL C 68 72.57 36.85 -22.02
C VAL C 68 72.65 35.33 -21.86
N SER C 69 72.40 34.87 -20.64
CA SER C 69 72.37 33.45 -20.34
C SER C 69 70.96 32.93 -20.55
N PRO C 70 70.75 31.95 -21.44
CA PRO C 70 69.40 31.51 -21.76
C PRO C 70 68.91 30.40 -20.84
N ILE C 71 67.59 30.32 -20.73
CA ILE C 71 66.92 29.25 -20.00
C ILE C 71 66.51 28.17 -20.99
N LYS C 72 66.61 26.92 -20.56
CA LYS C 72 66.20 25.80 -21.39
C LYS C 72 64.73 25.48 -21.12
N MET C 73 64.22 24.44 -21.78
CA MET C 73 62.81 24.09 -21.69
C MET C 73 62.54 22.75 -21.04
N GLU C 74 63.44 21.78 -21.16
CA GLU C 74 63.18 20.47 -20.56
C GLU C 74 63.26 20.52 -19.04
N LEU C 75 64.14 21.36 -18.49
CA LEU C 75 64.31 21.46 -17.05
C LEU C 75 63.63 22.72 -16.49
N LEU C 76 62.50 23.11 -17.08
CA LEU C 76 61.76 24.25 -16.57
C LEU C 76 61.09 23.96 -15.24
N PHE C 77 60.84 22.68 -14.93
CA PHE C 77 60.18 22.29 -13.69
C PHE C 77 61.15 21.76 -12.64
N ASP C 78 62.44 21.68 -12.95
CA ASP C 78 63.40 21.13 -12.02
C ASP C 78 63.63 22.10 -10.86
N PRO C 79 63.97 21.59 -9.69
CA PRO C 79 64.19 22.47 -8.53
C PRO C 79 65.40 23.38 -8.74
N ASP C 80 65.30 24.57 -8.16
CA ASP C 80 66.34 25.59 -8.27
C ASP C 80 67.73 25.05 -7.97
N ASP C 81 67.87 24.37 -6.84
CA ASP C 81 69.16 23.81 -6.44
C ASP C 81 69.40 22.46 -7.09
N GLU C 82 69.60 21.44 -6.24
CA GLU C 82 69.85 20.10 -6.73
C GLU C 82 69.34 19.07 -5.75
N HIS C 83 68.88 19.53 -4.59
CA HIS C 83 68.37 18.64 -3.56
C HIS C 83 67.15 19.24 -2.88
N SER C 84 66.52 20.19 -3.54
CA SER C 84 65.32 20.83 -3.01
C SER C 84 64.09 20.14 -3.57
N GLU C 85 62.99 20.89 -3.69
CA GLU C 85 61.78 20.30 -4.22
C GLU C 85 61.47 20.87 -5.59
N PRO C 86 61.00 20.02 -6.51
CA PRO C 86 60.68 20.51 -7.84
C PRO C 86 59.50 21.46 -7.80
N VAL C 87 59.52 22.46 -8.68
CA VAL C 87 58.44 23.44 -8.75
C VAL C 87 57.17 22.77 -9.26
N HIS C 88 56.02 23.30 -8.83
CA HIS C 88 54.74 22.78 -9.28
C HIS C 88 53.88 23.88 -9.87
N THR C 89 54.51 24.92 -10.44
CA THR C 89 53.77 25.88 -11.24
C THR C 89 54.75 26.79 -11.95
N VAL C 90 54.49 27.02 -13.23
CA VAL C 90 55.25 27.97 -14.04
C VAL C 90 54.26 28.93 -14.69
N VAL C 91 54.69 30.17 -14.89
CA VAL C 91 53.84 31.22 -15.42
C VAL C 91 54.61 31.90 -16.54
N PHE C 92 54.28 31.57 -17.78
CA PHE C 92 54.81 32.29 -18.92
C PHE C 92 54.06 33.60 -19.08
N GLN C 93 54.80 34.70 -19.23
CA GLN C 93 54.18 36.00 -19.41
C GLN C 93 54.92 36.76 -20.49
N GLY C 94 54.18 37.39 -21.39
CA GLY C 94 54.76 38.16 -22.47
C GLY C 94 53.73 39.10 -23.04
N ALA C 95 54.19 39.93 -23.98
CA ALA C 95 53.30 40.91 -24.59
C ALA C 95 52.20 40.21 -25.38
N ALA C 96 51.26 40.98 -25.92
CA ALA C 96 50.18 40.38 -26.70
C ALA C 96 50.71 39.86 -28.03
N GLY C 97 50.37 38.62 -28.34
CA GLY C 97 50.86 38.00 -29.55
C GLY C 97 52.38 38.01 -29.64
N ILE C 98 53.03 37.28 -28.74
CA ILE C 98 54.49 37.23 -28.71
C ILE C 98 54.95 35.79 -28.76
N GLY C 99 54.03 34.84 -28.59
CA GLY C 99 54.38 33.45 -28.75
C GLY C 99 53.93 32.50 -27.67
N LYS C 100 53.04 32.94 -26.78
CA LYS C 100 52.61 32.07 -25.69
C LYS C 100 51.94 30.81 -26.22
N THR C 101 50.93 30.98 -27.07
CA THR C 101 50.16 29.83 -27.54
C THR C 101 51.00 28.94 -28.45
N ILE C 102 51.82 29.54 -29.30
CA ILE C 102 52.67 28.74 -30.18
C ILE C 102 53.69 27.96 -29.36
N LEU C 103 54.19 28.55 -28.27
CA LEU C 103 55.11 27.83 -27.41
C LEU C 103 54.42 26.68 -26.69
N ALA C 104 53.18 26.90 -26.24
CA ALA C 104 52.43 25.80 -25.63
C ALA C 104 52.21 24.67 -26.62
N ARG C 105 51.84 25.00 -27.85
CA ARG C 105 51.67 23.99 -28.88
C ARG C 105 52.98 23.26 -29.16
N LYS C 106 54.09 24.00 -29.21
CA LYS C 106 55.38 23.38 -29.44
C LYS C 106 55.72 22.40 -28.33
N MET C 107 55.47 22.79 -27.08
CA MET C 107 55.72 21.88 -25.97
C MET C 107 54.85 20.63 -26.09
N MET C 108 53.57 20.81 -26.43
CA MET C 108 52.67 19.67 -26.56
C MET C 108 53.14 18.72 -27.65
N LEU C 109 53.45 19.26 -28.83
CA LEU C 109 53.86 18.42 -29.95
C LEU C 109 55.19 17.73 -29.66
N ASP C 110 56.13 18.46 -29.06
CA ASP C 110 57.42 17.86 -28.73
C ASP C 110 57.26 16.73 -27.72
N TRP C 111 56.42 16.93 -26.70
CA TRP C 111 56.16 15.85 -25.76
C TRP C 111 55.55 14.65 -26.47
N ALA C 112 54.55 14.91 -27.32
CA ALA C 112 53.89 13.81 -28.03
C ALA C 112 54.89 13.02 -28.86
N SER C 113 55.76 13.72 -29.59
CA SER C 113 56.81 13.06 -30.35
C SER C 113 57.86 12.42 -29.45
N GLY C 114 57.92 12.80 -28.18
CA GLY C 114 58.92 12.26 -27.28
C GLY C 114 60.25 12.96 -27.39
N THR C 115 60.24 14.29 -27.31
CA THR C 115 61.45 15.09 -27.37
C THR C 115 61.73 15.88 -26.10
N LEU C 116 60.82 15.87 -25.13
CA LEU C 116 61.03 16.51 -23.85
C LEU C 116 59.99 16.00 -22.87
N TYR C 117 60.36 15.98 -21.60
CA TYR C 117 59.48 15.45 -20.55
C TYR C 117 59.09 14.01 -20.84
N GLN C 118 60.03 13.22 -21.35
CA GLN C 118 59.78 11.80 -21.52
C GLN C 118 59.36 11.16 -20.21
N ASP C 119 60.09 11.46 -19.14
CA ASP C 119 59.70 11.10 -17.79
C ASP C 119 58.89 12.26 -17.19
N ARG C 120 58.69 12.26 -15.88
CA ARG C 120 58.04 13.37 -15.19
C ARG C 120 56.53 13.28 -15.32
N PHE C 121 55.99 13.53 -16.51
CA PHE C 121 54.56 13.45 -16.73
C PHE C 121 54.29 13.03 -18.16
N ASP C 122 53.08 12.48 -18.37
CA ASP C 122 52.71 11.95 -19.68
C ASP C 122 51.28 12.29 -20.06
N TYR C 123 50.69 13.31 -19.46
CA TYR C 123 49.30 13.68 -19.73
C TYR C 123 49.13 15.19 -19.84
N LEU C 124 49.94 15.82 -20.68
CA LEU C 124 49.86 17.27 -20.81
C LEU C 124 48.53 17.67 -21.43
N PHE C 125 47.57 18.02 -20.57
CA PHE C 125 46.22 18.35 -21.00
C PHE C 125 46.15 19.83 -21.36
N TYR C 126 46.29 20.14 -22.65
CA TYR C 126 46.10 21.53 -23.07
C TYR C 126 44.70 21.99 -22.72
N ILE C 127 44.61 23.18 -22.11
CA ILE C 127 43.32 23.74 -21.75
C ILE C 127 43.30 25.22 -22.11
N HIS C 128 42.70 25.56 -23.24
CA HIS C 128 42.57 26.96 -23.62
C HIS C 128 41.56 27.65 -22.71
N CYS C 129 41.85 28.89 -22.35
CA CYS C 129 40.98 29.61 -21.42
C CYS C 129 39.77 30.22 -22.12
N ARG C 130 39.99 30.82 -23.29
CA ARG C 130 38.88 31.44 -24.01
C ARG C 130 37.77 30.44 -24.29
N GLU C 131 38.13 29.26 -24.78
CA GLU C 131 37.12 28.27 -25.14
C GLU C 131 36.32 27.83 -23.92
N VAL C 132 36.99 27.68 -22.77
CA VAL C 132 36.33 27.17 -21.57
C VAL C 132 35.51 28.30 -20.98
N SER C 133 34.21 28.33 -21.31
CA SER C 133 33.29 29.23 -20.64
C SER C 133 33.01 28.73 -19.24
N LEU C 134 32.86 29.67 -18.31
CA LEU C 134 32.69 29.33 -16.90
C LEU C 134 31.33 29.79 -16.39
N VAL C 135 30.29 29.02 -16.72
CA VAL C 135 29.03 29.16 -16.00
C VAL C 135 28.40 27.81 -15.69
N THR C 136 28.63 26.81 -16.53
CA THR C 136 27.65 25.73 -16.56
C THR C 136 27.84 24.62 -15.56
N GLN C 137 28.78 23.69 -15.84
CA GLN C 137 29.00 22.60 -14.90
C GLN C 137 30.42 22.02 -14.95
N ARG C 138 31.38 22.70 -15.55
CA ARG C 138 32.65 22.06 -15.91
C ARG C 138 33.21 21.21 -14.79
N SER C 139 33.34 19.91 -15.04
CA SER C 139 33.90 18.95 -14.10
C SER C 139 35.22 18.44 -14.65
N LEU C 140 36.18 18.19 -13.76
CA LEU C 140 37.50 17.77 -14.23
C LEU C 140 37.40 16.53 -15.10
N GLY C 141 36.41 15.67 -14.87
CA GLY C 141 36.21 14.56 -15.77
C GLY C 141 35.96 15.00 -17.20
N ASP C 142 35.06 15.98 -17.37
CA ASP C 142 34.78 16.48 -18.71
C ASP C 142 35.96 17.26 -19.27
N LEU C 143 36.67 18.00 -18.41
CA LEU C 143 37.83 18.77 -18.87
C LEU C 143 38.98 17.87 -19.29
N ILE C 144 39.02 16.64 -18.78
CA ILE C 144 40.01 15.69 -19.26
C ILE C 144 39.50 14.91 -20.47
N MET C 145 38.18 14.66 -20.55
CA MET C 145 37.63 14.01 -21.72
C MET C 145 37.79 14.87 -22.96
N SER C 146 37.51 16.17 -22.84
CA SER C 146 37.52 17.05 -24.01
C SER C 146 38.84 16.95 -24.75
N CYS C 147 39.96 17.04 -24.03
CA CYS C 147 41.27 16.80 -24.62
C CYS C 147 41.70 15.35 -24.47
N CYS C 148 40.85 14.41 -24.87
CA CYS C 148 41.15 12.99 -24.81
C CYS C 148 40.16 12.22 -25.66
N PRO C 149 40.45 11.98 -26.93
CA PRO C 149 39.45 11.40 -27.83
C PRO C 149 39.11 9.97 -27.48
N ASP C 150 37.91 9.76 -26.96
CA ASP C 150 37.41 8.43 -26.64
C ASP C 150 35.98 8.54 -26.13
N PRO C 151 35.16 7.50 -26.28
CA PRO C 151 33.86 7.52 -25.58
C PRO C 151 34.03 7.71 -24.09
N ASN C 152 35.09 7.13 -23.54
CA ASN C 152 35.45 7.32 -22.14
C ASN C 152 36.96 7.11 -21.97
N PRO C 153 37.69 8.14 -21.55
CA PRO C 153 39.10 7.95 -21.25
C PRO C 153 39.27 7.51 -19.81
N PRO C 154 40.25 6.64 -19.54
CA PRO C 154 40.36 6.11 -18.17
C PRO C 154 40.82 7.19 -17.21
N ILE C 155 39.88 7.74 -16.44
CA ILE C 155 40.18 8.83 -15.53
C ILE C 155 40.55 8.31 -14.15
N HIS C 156 39.81 7.32 -13.64
CA HIS C 156 40.15 6.73 -12.35
C HIS C 156 41.52 6.06 -12.42
N LYS C 157 42.14 6.07 -13.60
CA LYS C 157 43.51 5.62 -13.80
C LYS C 157 44.46 6.74 -14.20
N ILE C 158 44.01 7.70 -15.01
CA ILE C 158 44.86 8.81 -15.40
C ILE C 158 45.13 9.72 -14.20
N VAL C 159 44.09 10.03 -13.43
CA VAL C 159 44.14 11.00 -12.35
C VAL C 159 44.53 10.30 -11.05
N ARG C 160 44.93 9.03 -11.16
CA ARG C 160 45.38 8.27 -9.99
C ARG C 160 46.85 8.47 -9.70
N LYS C 161 47.53 9.29 -10.48
CA LYS C 161 48.95 9.58 -10.27
C LYS C 161 49.21 11.05 -10.62
N PRO C 162 48.55 11.99 -9.94
CA PRO C 162 48.71 13.41 -10.29
C PRO C 162 50.16 13.88 -10.25
N SER C 163 51.04 13.06 -9.67
CA SER C 163 52.45 13.40 -9.71
C SER C 163 52.98 13.46 -11.14
N ARG C 164 52.34 12.75 -12.06
CA ARG C 164 52.74 12.73 -13.46
C ARG C 164 51.60 13.34 -14.28
N ILE C 165 51.60 14.67 -14.39
CA ILE C 165 50.63 15.37 -15.21
C ILE C 165 51.14 16.78 -15.50
N LEU C 166 50.67 17.37 -16.60
CA LEU C 166 50.84 18.79 -16.85
C LEU C 166 49.50 19.35 -17.30
N PHE C 167 49.24 20.59 -16.90
CA PHE C 167 47.97 21.23 -17.17
C PHE C 167 48.17 22.52 -17.94
N LEU C 168 48.94 22.45 -19.03
CA LEU C 168 49.18 23.60 -19.90
C LEU C 168 47.89 24.40 -20.08
N MET C 169 47.96 25.70 -19.84
CA MET C 169 46.82 26.58 -20.03
C MET C 169 47.22 27.68 -21.02
N ASP C 170 46.31 28.62 -21.25
CA ASP C 170 46.58 29.72 -22.17
C ASP C 170 45.64 30.87 -21.93
N GLY C 171 46.10 32.07 -22.31
CA GLY C 171 45.29 33.28 -22.22
C GLY C 171 44.57 33.47 -20.91
N PHE C 172 45.29 33.40 -19.79
CA PHE C 172 44.63 33.67 -18.51
C PHE C 172 44.15 35.10 -18.41
N ASP C 173 44.62 35.99 -19.29
CA ASP C 173 44.03 37.32 -19.39
C ASP C 173 42.61 37.29 -19.91
N GLU C 174 42.17 36.16 -20.48
CA GLU C 174 40.79 36.00 -20.91
C GLU C 174 39.82 36.01 -19.74
N LEU C 175 40.33 35.79 -18.54
CA LEU C 175 39.49 35.69 -17.35
C LEU C 175 39.78 36.60 -16.16
N GLN C 176 40.54 37.68 -16.40
CA GLN C 176 40.92 38.63 -15.36
C GLN C 176 39.68 39.10 -14.64
N GLY C 177 38.74 39.59 -15.43
CA GLY C 177 37.46 40.03 -14.93
C GLY C 177 36.81 38.93 -14.13
N ALA C 178 36.77 37.70 -14.66
CA ALA C 178 36.21 36.57 -13.94
C ALA C 178 36.71 36.36 -12.52
N PHE C 179 37.98 36.63 -12.18
CA PHE C 179 38.25 36.42 -10.71
C PHE C 179 38.12 37.65 -9.77
N ASP C 180 37.00 37.82 -9.03
CA ASP C 180 36.88 39.07 -8.27
C ASP C 180 36.53 38.78 -6.82
N GLU C 181 35.58 37.87 -6.58
CA GLU C 181 35.18 37.46 -5.25
C GLU C 181 35.71 36.06 -5.00
N HIS C 182 36.37 35.86 -3.86
CA HIS C 182 36.95 34.56 -3.57
C HIS C 182 35.85 33.53 -3.42
N ILE C 183 35.68 32.68 -4.44
CA ILE C 183 34.61 31.69 -4.42
C ILE C 183 34.84 30.74 -3.26
N GLY C 184 33.93 30.75 -2.30
CA GLY C 184 34.05 29.95 -1.10
C GLY C 184 34.17 28.47 -1.38
N PRO C 185 33.28 27.94 -2.23
CA PRO C 185 33.38 26.52 -2.59
C PRO C 185 34.57 26.27 -3.49
N LEU C 186 35.53 25.48 -2.99
CA LEU C 186 36.71 25.07 -3.74
C LEU C 186 36.73 23.55 -3.77
N CYS C 187 36.11 22.97 -4.80
CA CYS C 187 36.02 21.53 -4.92
C CYS C 187 37.40 20.88 -4.86
N THR C 188 37.45 19.61 -4.48
CA THR C 188 38.71 18.85 -4.44
C THR C 188 38.54 17.48 -5.06
N ASP C 189 37.55 17.32 -5.94
CA ASP C 189 37.27 16.05 -6.59
C ASP C 189 37.07 16.28 -8.07
N TRP C 190 37.40 15.25 -8.85
CA TRP C 190 37.27 15.31 -10.31
C TRP C 190 36.03 14.59 -10.82
N GLN C 191 35.17 14.10 -9.92
CA GLN C 191 33.94 13.40 -10.28
C GLN C 191 32.71 14.17 -9.83
N LYS C 192 32.76 15.49 -9.89
CA LYS C 192 31.68 16.32 -9.39
C LYS C 192 31.39 17.44 -10.39
N ALA C 193 30.16 17.96 -10.31
CA ALA C 193 29.78 19.14 -11.08
C ALA C 193 30.44 20.35 -10.44
N GLU C 194 31.62 20.73 -10.96
CA GLU C 194 32.49 21.67 -10.28
C GLU C 194 32.17 23.13 -10.58
N ARG C 195 31.12 23.40 -11.35
CA ARG C 195 30.57 24.74 -11.55
C ARG C 195 31.35 25.57 -12.56
N GLY C 196 32.49 25.09 -13.07
CA GLY C 196 33.19 25.83 -14.10
C GLY C 196 34.28 26.76 -13.59
N ASP C 197 33.94 28.03 -13.38
CA ASP C 197 34.92 28.99 -12.88
C ASP C 197 35.45 28.56 -11.52
N ILE C 198 34.60 28.00 -10.66
CA ILE C 198 35.06 27.50 -9.38
C ILE C 198 36.06 26.38 -9.56
N LEU C 199 35.79 25.47 -10.51
CA LEU C 199 36.73 24.41 -10.80
C LEU C 199 38.06 24.98 -11.29
N LEU C 200 38.00 26.01 -12.14
CA LEU C 200 39.22 26.63 -12.63
C LEU C 200 40.03 27.23 -11.49
N SER C 201 39.36 27.94 -10.58
CA SER C 201 40.05 28.53 -9.45
C SER C 201 40.66 27.44 -8.55
N SER C 202 39.93 26.35 -8.34
CA SER C 202 40.47 25.25 -7.54
C SER C 202 41.69 24.64 -8.20
N LEU C 203 41.64 24.45 -9.52
CA LEU C 203 42.80 23.92 -10.24
C LEU C 203 43.99 24.86 -10.10
N ILE C 204 43.75 26.17 -10.22
CA ILE C 204 44.84 27.14 -10.09
C ILE C 204 45.44 27.07 -8.70
N ARG C 205 44.60 26.98 -7.67
CA ARG C 205 45.07 26.92 -6.29
C ARG C 205 45.60 25.55 -5.90
N LYS C 206 45.47 24.56 -6.79
CA LYS C 206 46.03 23.22 -6.55
C LYS C 206 45.24 22.45 -5.51
N LYS C 207 43.92 22.63 -5.50
CA LYS C 207 43.05 21.77 -4.70
C LYS C 207 42.80 20.44 -5.43
N LEU C 208 42.40 20.53 -6.71
CA LEU C 208 42.25 19.34 -7.53
C LEU C 208 43.63 18.85 -7.97
N LEU C 209 43.95 17.61 -7.65
CA LEU C 209 45.27 17.05 -7.91
C LEU C 209 46.36 17.98 -7.37
N PRO C 210 46.36 18.25 -6.07
CA PRO C 210 47.29 19.24 -5.53
C PRO C 210 48.74 18.99 -5.91
N GLU C 211 49.11 17.74 -6.18
CA GLU C 211 50.46 17.41 -6.60
C GLU C 211 50.57 17.22 -8.11
N ALA C 212 49.63 17.78 -8.86
CA ALA C 212 49.66 17.73 -10.32
C ALA C 212 50.28 19.03 -10.83
N SER C 213 51.35 18.91 -11.60
CA SER C 213 52.08 20.10 -12.05
C SER C 213 51.18 20.99 -12.88
N LEU C 214 51.62 22.21 -13.15
CA LEU C 214 50.80 23.17 -13.85
C LEU C 214 51.70 24.01 -14.77
N LEU C 215 51.05 24.80 -15.62
CA LEU C 215 51.73 25.79 -16.44
C LEU C 215 50.69 26.75 -17.00
N ILE C 216 50.87 28.05 -16.76
CA ILE C 216 49.88 29.05 -17.13
C ILE C 216 50.57 30.10 -17.99
N THR C 217 50.05 30.32 -19.18
CA THR C 217 50.49 31.43 -20.00
C THR C 217 49.50 32.58 -19.85
N THR C 218 50.02 33.81 -19.86
CA THR C 218 49.12 34.93 -19.63
C THR C 218 49.78 36.22 -20.05
N ARG C 219 48.98 37.13 -20.59
CA ARG C 219 49.44 38.48 -20.84
C ARG C 219 49.67 39.20 -19.51
N PRO C 220 50.60 40.15 -19.48
CA PRO C 220 50.86 40.88 -18.23
C PRO C 220 49.76 41.91 -17.94
N VAL C 221 48.60 41.40 -17.51
CA VAL C 221 47.44 42.26 -17.31
C VAL C 221 46.83 42.02 -15.95
N ALA C 222 47.20 40.93 -15.28
CA ALA C 222 46.68 40.61 -13.96
C ALA C 222 47.75 40.66 -12.88
N LEU C 223 48.80 39.86 -13.02
CA LEU C 223 49.92 39.84 -12.09
C LEU C 223 49.48 39.90 -10.63
N GLU C 224 49.00 41.07 -10.18
CA GLU C 224 48.63 41.25 -8.79
C GLU C 224 47.54 40.27 -8.36
N LYS C 225 46.36 40.37 -8.97
CA LYS C 225 45.26 39.49 -8.59
C LYS C 225 45.64 38.03 -8.75
N LEU C 226 46.51 37.72 -9.70
CA LEU C 226 46.95 36.34 -9.89
C LEU C 226 47.85 35.88 -8.75
N GLN C 227 48.65 36.78 -8.19
CA GLN C 227 49.61 36.40 -7.16
C GLN C 227 48.95 35.90 -5.88
N HIS C 228 47.64 36.12 -5.70
CA HIS C 228 46.93 35.60 -4.55
C HIS C 228 46.41 34.19 -4.79
N LEU C 229 46.74 33.57 -5.93
CA LEU C 229 46.28 32.23 -6.25
C LEU C 229 47.41 31.26 -6.58
N LEU C 230 48.62 31.74 -6.84
CA LEU C 230 49.71 30.89 -7.27
C LEU C 230 50.47 30.35 -6.08
N ASP C 231 50.95 29.11 -6.22
CA ASP C 231 51.73 28.45 -5.17
C ASP C 231 53.22 28.65 -5.45
N HIS C 232 53.66 29.87 -5.19
CA HIS C 232 55.05 30.27 -5.38
C HIS C 232 55.58 29.79 -6.74
N PRO C 233 54.96 30.23 -7.84
CA PRO C 233 55.31 29.68 -9.15
C PRO C 233 56.55 30.35 -9.74
N ARG C 234 57.35 29.54 -10.42
CA ARG C 234 58.54 30.03 -11.11
C ARG C 234 58.08 30.53 -12.47
N HIS C 235 58.09 31.85 -12.68
CA HIS C 235 57.57 32.38 -13.92
C HIS C 235 58.71 32.73 -14.87
N VAL C 236 58.38 32.73 -16.15
CA VAL C 236 59.33 33.04 -17.22
C VAL C 236 58.73 34.10 -18.12
N GLU C 237 59.48 35.17 -18.37
CA GLU C 237 59.05 36.21 -19.29
C GLU C 237 59.58 35.91 -20.67
N ILE C 238 58.72 36.08 -21.67
CA ILE C 238 59.03 35.82 -23.06
C ILE C 238 59.35 37.14 -23.74
N LEU C 239 60.27 37.11 -24.71
CA LEU C 239 60.69 38.32 -25.39
C LEU C 239 60.40 38.30 -26.88
N GLY C 240 60.76 37.24 -27.58
CA GLY C 240 60.57 37.13 -29.01
C GLY C 240 61.82 36.63 -29.67
N PHE C 241 61.97 36.96 -30.95
CA PHE C 241 63.19 36.65 -31.68
C PHE C 241 64.21 37.75 -31.41
N SER C 242 65.45 37.36 -31.11
CA SER C 242 66.35 38.34 -30.52
C SER C 242 67.01 39.25 -31.55
N GLU C 243 67.98 38.76 -32.31
CA GLU C 243 68.51 39.53 -33.43
C GLU C 243 68.74 38.67 -34.66
N ALA C 244 69.24 37.45 -34.45
CA ALA C 244 69.48 36.52 -35.54
C ALA C 244 68.31 35.58 -35.73
N LYS C 245 67.50 35.38 -34.70
CA LYS C 245 66.33 34.54 -34.84
C LYS C 245 65.38 35.11 -35.89
N ARG C 246 65.39 36.42 -36.09
CA ARG C 246 64.56 37.04 -37.14
C ARG C 246 65.05 36.65 -38.53
N LYS C 247 66.35 36.80 -38.75
CA LYS C 247 66.94 36.55 -40.06
C LYS C 247 66.99 35.04 -40.31
N GLU C 248 66.70 34.26 -39.27
CA GLU C 248 66.46 32.84 -39.44
C GLU C 248 64.99 32.51 -39.66
N TYR C 249 64.08 33.32 -39.09
CA TYR C 249 62.65 33.16 -39.32
C TYR C 249 62.30 33.45 -40.77
N PHE C 250 62.93 34.46 -41.36
CA PHE C 250 62.67 34.72 -42.77
C PHE C 250 63.04 33.54 -43.63
N PHE C 251 64.12 32.83 -43.30
CA PHE C 251 64.53 31.67 -44.06
C PHE C 251 63.62 30.48 -43.86
N LYS C 252 62.74 30.52 -42.85
CA LYS C 252 61.71 29.49 -42.69
C LYS C 252 60.38 29.89 -43.29
N TYR C 253 60.09 31.19 -43.38
CA TYR C 253 58.84 31.62 -43.98
C TYR C 253 58.94 31.61 -45.51
N PHE C 254 60.03 32.11 -46.05
CA PHE C 254 60.18 32.18 -47.49
C PHE C 254 60.84 30.91 -48.03
N SER C 255 60.58 30.64 -49.32
CA SER C 255 60.98 29.40 -49.95
C SER C 255 62.49 29.19 -49.99
N ASP C 256 63.20 30.07 -50.69
CA ASP C 256 64.61 29.85 -51.00
C ASP C 256 65.44 31.07 -50.61
N GLU C 257 66.75 30.96 -50.82
CA GLU C 257 67.66 32.07 -50.55
C GLU C 257 67.33 33.27 -51.44
N ALA C 258 67.01 33.02 -52.72
CA ALA C 258 66.72 34.11 -53.63
C ALA C 258 65.64 35.03 -53.05
N GLN C 259 64.57 34.43 -52.53
CA GLN C 259 63.56 35.22 -51.84
C GLN C 259 64.11 35.80 -50.54
N ALA C 260 64.56 34.92 -49.64
CA ALA C 260 64.84 35.31 -48.26
C ALA C 260 65.83 36.46 -48.18
N ARG C 261 66.90 36.43 -48.99
CA ARG C 261 67.92 37.46 -48.88
C ARG C 261 67.34 38.85 -49.12
N ALA C 262 66.66 39.03 -50.25
CA ALA C 262 66.06 40.33 -50.56
C ALA C 262 64.97 40.68 -49.56
N ALA C 263 64.13 39.71 -49.20
CA ALA C 263 63.07 39.96 -48.25
C ALA C 263 63.62 40.51 -46.94
N PHE C 264 64.65 39.86 -46.40
CA PHE C 264 65.25 40.33 -45.16
C PHE C 264 65.89 41.69 -45.34
N SER C 265 66.70 41.86 -46.39
CA SER C 265 67.39 43.13 -46.59
C SER C 265 66.40 44.29 -46.63
N LEU C 266 65.26 44.09 -47.28
CA LEU C 266 64.26 45.15 -47.37
C LEU C 266 63.85 45.66 -45.99
N ILE C 267 63.85 44.79 -44.99
CA ILE C 267 63.49 45.18 -43.64
C ILE C 267 64.70 45.68 -42.86
N GLN C 268 65.81 44.95 -42.95
CA GLN C 268 67.02 45.35 -42.23
C GLN C 268 67.45 46.75 -42.61
N GLU C 269 67.13 47.19 -43.82
CA GLU C 269 67.39 48.58 -44.17
C GLU C 269 66.65 49.53 -43.24
N ASN C 270 65.38 49.24 -42.97
CA ASN C 270 64.57 50.03 -42.05
C ASN C 270 64.84 49.56 -40.62
N GLU C 271 65.07 50.51 -39.72
CA GLU C 271 65.43 50.16 -38.34
C GLU C 271 64.21 50.13 -37.41
N VAL C 272 63.34 51.13 -37.51
CA VAL C 272 62.15 51.19 -36.66
C VAL C 272 61.37 49.89 -36.77
N LEU C 273 61.55 49.18 -37.88
CA LEU C 273 60.93 47.87 -38.06
C LEU C 273 61.81 46.73 -37.59
N PHE C 274 63.12 46.81 -37.80
CA PHE C 274 63.97 45.70 -37.42
C PHE C 274 63.84 45.49 -35.91
N THR C 275 63.92 46.54 -35.11
CA THR C 275 63.67 46.41 -33.69
C THR C 275 62.34 45.83 -33.22
N MET C 276 61.22 46.42 -33.67
CA MET C 276 59.91 45.91 -33.32
C MET C 276 59.58 44.60 -34.03
N CYS C 277 60.51 44.06 -34.83
CA CYS C 277 60.34 42.74 -35.41
C CYS C 277 60.57 41.62 -34.41
N PHE C 278 60.80 41.92 -33.13
CA PHE C 278 60.95 40.85 -32.16
C PHE C 278 59.61 40.19 -31.87
N ILE C 279 58.54 40.97 -31.82
CA ILE C 279 57.20 40.40 -31.68
C ILE C 279 56.97 39.46 -32.85
N PRO C 280 56.86 38.15 -32.62
CA PRO C 280 56.73 37.23 -33.76
C PRO C 280 55.55 37.54 -34.65
N LEU C 281 54.43 37.98 -34.07
CA LEU C 281 53.29 38.34 -34.90
C LEU C 281 53.62 39.54 -35.78
N VAL C 282 54.37 40.51 -35.26
CA VAL C 282 54.74 41.69 -36.04
C VAL C 282 55.86 41.40 -37.02
N CYS C 283 56.54 40.25 -36.89
CA CYS C 283 57.45 39.81 -37.92
C CYS C 283 56.74 39.04 -39.02
N TRP C 284 55.76 38.22 -38.66
CA TRP C 284 54.92 37.56 -39.65
C TRP C 284 54.14 38.56 -40.47
N ILE C 285 53.57 39.58 -39.82
CA ILE C 285 52.80 40.60 -40.53
C ILE C 285 53.65 41.31 -41.55
N VAL C 286 54.96 41.37 -41.36
CA VAL C 286 55.85 42.03 -42.31
C VAL C 286 56.43 41.05 -43.32
N CYS C 287 56.48 39.76 -43.01
CA CYS C 287 57.02 38.79 -43.97
C CYS C 287 55.96 38.34 -44.96
N THR C 288 54.71 38.15 -44.52
CA THR C 288 53.63 37.88 -45.46
C THR C 288 53.41 39.07 -46.39
N GLY C 289 53.56 40.28 -45.88
CA GLY C 289 53.44 41.46 -46.74
C GLY C 289 54.43 41.42 -47.88
N LEU C 290 55.66 40.98 -47.62
CA LEU C 290 56.64 40.85 -48.70
C LEU C 290 56.37 39.63 -49.56
N LYS C 291 55.82 38.56 -48.98
CA LYS C 291 55.48 37.39 -49.79
C LYS C 291 54.45 37.73 -50.85
N GLN C 292 53.47 38.56 -50.49
CA GLN C 292 52.46 38.96 -51.46
C GLN C 292 53.09 39.63 -52.68
N GLN C 293 53.95 40.62 -52.45
CA GLN C 293 54.65 41.26 -53.57
C GLN C 293 55.52 40.27 -54.33
N MET C 294 56.21 39.38 -53.61
CA MET C 294 57.09 38.44 -54.27
C MET C 294 56.34 37.52 -55.22
N GLU C 295 55.17 37.04 -54.81
CA GLU C 295 54.40 36.11 -55.62
C GLU C 295 53.33 36.78 -56.49
N SER C 296 53.22 38.11 -56.44
CA SER C 296 52.29 38.83 -57.31
C SER C 296 53.00 39.54 -58.45
N GLY C 297 54.10 38.95 -58.93
CA GLY C 297 54.84 39.52 -60.04
C GLY C 297 55.21 40.98 -59.84
N LYS C 298 56.08 41.25 -58.86
CA LYS C 298 56.53 42.60 -58.58
C LYS C 298 57.98 42.56 -58.14
N SER C 299 58.64 43.70 -58.27
CA SER C 299 60.06 43.82 -57.94
C SER C 299 60.20 44.28 -56.48
N LEU C 300 60.74 43.41 -55.63
CA LEU C 300 60.99 43.81 -54.25
C LEU C 300 62.11 44.84 -54.16
N ALA C 301 63.07 44.81 -55.09
CA ALA C 301 64.11 45.82 -55.09
C ALA C 301 63.54 47.22 -55.12
N GLN C 302 62.39 47.40 -55.78
CA GLN C 302 61.65 48.64 -55.74
C GLN C 302 60.46 48.58 -54.80
N THR C 303 60.25 47.46 -54.10
CA THR C 303 59.14 47.35 -53.17
C THR C 303 59.34 48.28 -51.98
N SER C 304 58.23 48.73 -51.40
CA SER C 304 58.24 49.61 -50.24
C SER C 304 57.53 48.92 -49.08
N LYS C 305 58.06 49.13 -47.88
CA LYS C 305 57.46 48.60 -46.64
C LYS C 305 57.42 49.75 -45.64
N THR C 306 56.32 50.51 -45.67
CA THR C 306 56.18 51.65 -44.76
C THR C 306 55.96 51.16 -43.34
N THR C 307 56.49 51.91 -42.38
CA THR C 307 56.46 51.49 -40.98
C THR C 307 55.08 51.62 -40.35
N THR C 308 54.12 52.26 -41.03
CA THR C 308 52.79 52.44 -40.47
C THR C 308 51.82 51.36 -40.90
N ALA C 309 51.98 50.78 -42.08
CA ALA C 309 51.12 49.68 -42.50
C ALA C 309 51.28 48.50 -41.55
N VAL C 310 52.50 48.22 -41.12
CA VAL C 310 52.72 47.12 -40.20
C VAL C 310 51.93 47.35 -38.91
N TYR C 311 51.96 48.58 -38.38
CA TYR C 311 51.24 48.84 -37.15
C TYR C 311 49.74 48.80 -37.37
N VAL C 312 49.26 49.26 -38.52
CA VAL C 312 47.83 49.18 -38.78
C VAL C 312 47.37 47.74 -38.79
N PHE C 313 48.11 46.87 -39.48
CA PHE C 313 47.75 45.46 -39.53
C PHE C 313 47.89 44.81 -38.17
N PHE C 314 48.91 45.19 -37.39
CA PHE C 314 49.06 44.65 -36.05
C PHE C 314 47.87 45.01 -35.18
N LEU C 315 47.49 46.29 -35.18
CA LEU C 315 46.34 46.72 -34.41
C LEU C 315 45.08 45.97 -34.84
N SER C 316 44.87 45.85 -36.16
CA SER C 316 43.67 45.17 -36.65
C SER C 316 43.66 43.71 -36.22
N SER C 317 44.80 43.02 -36.32
CA SER C 317 44.87 41.63 -35.91
C SER C 317 44.63 41.48 -34.41
N LEU C 318 45.08 42.46 -33.62
CA LEU C 318 44.91 42.34 -32.18
C LEU C 318 43.48 42.61 -31.75
N LEU C 319 42.82 43.61 -32.33
CA LEU C 319 41.48 43.92 -31.83
C LEU C 319 40.45 43.01 -32.47
N GLN C 320 40.67 41.71 -32.43
CA GLN C 320 39.70 40.77 -32.95
C GLN C 320 38.47 40.76 -32.05
N PRO C 321 37.27 40.93 -32.61
CA PRO C 321 36.07 40.86 -31.76
C PRO C 321 35.98 39.51 -31.06
N ARG C 322 36.12 39.52 -29.73
CA ARG C 322 36.04 38.29 -28.94
C ARG C 322 34.58 38.03 -28.58
N GLY C 323 33.81 37.69 -29.62
CA GLY C 323 32.38 37.56 -29.49
C GLY C 323 31.69 38.89 -29.73
N GLY C 324 30.61 38.89 -30.51
CA GLY C 324 29.92 40.13 -30.80
C GLY C 324 29.46 40.83 -29.54
N SER C 325 30.11 41.93 -29.20
CA SER C 325 29.78 42.64 -27.97
C SER C 325 30.49 43.99 -27.90
N GLN C 326 29.72 45.05 -27.64
CA GLN C 326 30.28 46.37 -27.37
C GLN C 326 31.20 46.84 -28.51
N GLU C 327 30.61 47.03 -29.69
CA GLU C 327 31.33 47.72 -30.75
C GLU C 327 31.63 49.16 -30.35
N HIS C 328 30.61 49.86 -29.83
CA HIS C 328 30.83 51.20 -29.31
C HIS C 328 31.78 51.17 -28.13
N GLY C 329 31.68 50.14 -27.28
CA GLY C 329 32.61 50.02 -26.18
C GLY C 329 34.05 49.87 -26.64
N LEU C 330 34.27 49.05 -27.67
CA LEU C 330 35.61 48.89 -28.22
C LEU C 330 36.12 50.20 -28.81
N CYS C 331 35.26 50.90 -29.55
CA CYS C 331 35.68 52.19 -30.11
C CYS C 331 36.03 53.18 -29.01
N ALA C 332 35.21 53.24 -27.96
CA ALA C 332 35.45 54.17 -26.88
C ALA C 332 36.73 53.83 -26.13
N HIS C 333 36.97 52.54 -25.87
CA HIS C 333 38.18 52.17 -25.14
C HIS C 333 39.42 52.39 -26.01
N LEU C 334 39.31 52.17 -27.32
CA LEU C 334 40.43 52.46 -28.19
C LEU C 334 40.73 53.95 -28.20
N TRP C 335 39.69 54.79 -28.26
CA TRP C 335 39.94 56.23 -28.20
C TRP C 335 40.51 56.65 -26.85
N GLY C 336 40.07 56.03 -25.76
CA GLY C 336 40.63 56.36 -24.46
C GLY C 336 42.10 55.99 -24.37
N LEU C 337 42.45 54.78 -24.79
CA LEU C 337 43.85 54.38 -24.87
C LEU C 337 44.62 55.31 -25.80
N CYS C 338 43.98 55.77 -26.86
CA CYS C 338 44.64 56.61 -27.84
C CYS C 338 44.97 57.98 -27.26
N SER C 339 44.01 58.58 -26.55
CA SER C 339 44.26 59.83 -25.85
C SER C 339 45.29 59.63 -24.74
N LEU C 340 45.27 58.46 -24.09
CA LEU C 340 46.31 58.14 -23.13
C LEU C 340 47.68 58.22 -23.77
N ALA C 341 47.85 57.57 -24.92
CA ALA C 341 49.13 57.64 -25.61
C ALA C 341 49.47 59.08 -25.99
N ALA C 342 48.48 59.84 -26.44
CA ALA C 342 48.74 61.21 -26.87
C ALA C 342 49.25 62.08 -25.73
N ASP C 343 48.51 62.10 -24.61
CA ASP C 343 48.95 62.95 -23.51
C ASP C 343 50.22 62.43 -22.87
N GLY C 344 50.44 61.11 -22.90
CA GLY C 344 51.70 60.58 -22.43
C GLY C 344 52.87 61.06 -23.28
N ILE C 345 52.67 61.10 -24.60
CA ILE C 345 53.74 61.57 -25.48
C ILE C 345 53.97 63.06 -25.26
N TRP C 346 52.90 63.82 -25.02
CA TRP C 346 53.08 65.25 -24.78
C TRP C 346 53.81 65.51 -23.46
N ASN C 347 53.51 64.74 -22.42
CA ASN C 347 54.11 64.93 -21.11
C ASN C 347 55.32 64.04 -20.88
N GLN C 348 55.83 63.38 -21.92
CA GLN C 348 56.98 62.48 -21.80
C GLN C 348 56.71 61.38 -20.78
N LYS C 349 55.46 60.94 -20.68
CA LYS C 349 55.05 59.95 -19.69
C LYS C 349 55.25 58.56 -20.27
N ILE C 350 56.49 58.08 -20.17
CA ILE C 350 56.80 56.74 -20.67
C ILE C 350 56.03 55.68 -19.88
N LEU C 351 56.00 55.82 -18.56
CA LEU C 351 55.37 54.85 -17.67
C LEU C 351 54.17 55.50 -17.00
N PHE C 352 52.97 55.01 -17.32
CA PHE C 352 51.75 55.56 -16.74
C PHE C 352 51.47 54.92 -15.39
N GLU C 353 50.40 55.36 -14.75
CA GLU C 353 49.99 54.85 -13.45
C GLU C 353 48.48 54.67 -13.44
N GLU C 354 48.01 53.88 -12.47
CA GLU C 354 46.58 53.60 -12.38
C GLU C 354 45.77 54.89 -12.26
N SER C 355 46.31 55.88 -11.55
CA SER C 355 45.60 57.15 -11.42
C SER C 355 45.39 57.81 -12.78
N ASP C 356 46.44 57.82 -13.62
CA ASP C 356 46.30 58.40 -14.96
C ASP C 356 45.37 57.56 -15.83
N LEU C 357 45.45 56.24 -15.71
CA LEU C 357 44.57 55.38 -16.51
C LEU C 357 43.12 55.58 -16.13
N ARG C 358 42.84 55.89 -14.86
CA ARG C 358 41.49 56.23 -14.45
C ARG C 358 41.09 57.63 -14.93
N ASN C 359 42.02 58.59 -14.83
CA ASN C 359 41.76 59.93 -15.33
C ASN C 359 41.30 59.88 -16.78
N HIS C 360 42.05 59.17 -17.62
CA HIS C 360 41.57 58.89 -18.96
C HIS C 360 40.49 57.82 -18.91
N GLY C 361 39.51 57.92 -19.81
CA GLY C 361 38.43 56.96 -19.82
C GLY C 361 38.95 55.55 -19.99
N LEU C 362 39.15 54.87 -18.86
CA LEU C 362 39.67 53.50 -18.80
C LEU C 362 39.48 52.93 -17.40
N GLN C 363 39.36 51.60 -17.33
CA GLN C 363 39.20 50.92 -16.06
C GLN C 363 39.80 49.53 -16.19
N LYS C 364 39.19 48.71 -17.06
CA LYS C 364 39.66 47.35 -17.30
C LYS C 364 39.60 47.04 -18.79
N ALA C 365 38.85 45.99 -19.16
CA ALA C 365 38.60 45.57 -20.53
C ALA C 365 39.82 45.32 -21.40
N ASP C 366 40.52 46.39 -21.77
CA ASP C 366 41.72 46.26 -22.59
C ASP C 366 42.68 45.38 -21.83
N VAL C 367 42.72 44.11 -22.21
CA VAL C 367 43.58 43.14 -21.54
C VAL C 367 45.03 43.18 -22.01
N SER C 368 45.71 44.26 -21.65
CA SER C 368 47.10 44.46 -21.96
C SER C 368 47.45 44.20 -23.41
N ALA C 369 46.70 44.79 -24.33
CA ALA C 369 47.01 44.63 -25.73
C ALA C 369 48.27 45.47 -25.93
N PHE C 370 48.16 46.75 -25.64
CA PHE C 370 49.26 47.69 -25.72
C PHE C 370 49.61 48.26 -24.35
N LEU C 371 49.13 47.61 -23.30
CA LEU C 371 49.36 48.04 -21.94
C LEU C 371 49.77 46.87 -21.05
N ARG C 372 51.08 46.64 -20.91
CA ARG C 372 51.58 45.54 -20.10
C ARG C 372 51.83 46.06 -18.68
N MET C 373 51.10 45.49 -17.71
CA MET C 373 51.20 45.92 -16.33
C MET C 373 52.50 45.36 -15.75
N ASN C 374 53.57 46.13 -15.93
CA ASN C 374 54.82 45.84 -15.26
C ASN C 374 54.84 46.55 -13.91
N LEU C 375 54.94 45.78 -12.83
CA LEU C 375 54.78 46.28 -11.48
C LEU C 375 56.16 46.36 -10.84
N PHE C 376 56.48 47.54 -10.30
CA PHE C 376 57.79 47.75 -9.68
C PHE C 376 57.65 47.84 -8.18
N GLN C 377 58.48 47.09 -7.46
CA GLN C 377 58.48 47.09 -6.01
C GLN C 377 59.54 48.06 -5.51
N LYS C 378 59.12 48.98 -4.65
CA LYS C 378 60.03 49.94 -4.03
C LYS C 378 59.80 49.93 -2.53
N GLU C 379 60.89 49.92 -1.77
CA GLU C 379 60.80 49.93 -0.31
C GLU C 379 60.15 48.64 0.19
N VAL C 380 58.84 48.69 0.47
CA VAL C 380 58.16 47.56 1.08
C VAL C 380 57.05 46.99 0.20
N ASP C 381 56.50 47.77 -0.73
CA ASP C 381 55.41 47.30 -1.57
C ASP C 381 55.64 47.75 -3.01
N CYS C 382 55.00 47.03 -3.93
CA CYS C 382 55.13 47.28 -5.36
C CYS C 382 53.86 47.93 -5.91
N GLU C 383 54.06 48.82 -6.88
CA GLU C 383 52.97 49.55 -7.52
C GLU C 383 52.90 49.23 -9.01
N LYS C 384 51.72 49.52 -9.57
CA LYS C 384 51.31 49.06 -10.89
C LYS C 384 52.20 49.59 -12.01
N PHE C 385 52.20 50.91 -12.22
CA PHE C 385 53.01 51.54 -13.25
C PHE C 385 52.76 50.89 -14.62
N TYR C 386 51.52 51.04 -15.10
CA TYR C 386 51.18 50.60 -16.44
C TYR C 386 52.13 51.21 -17.46
N SER C 387 52.34 50.48 -18.56
CA SER C 387 53.25 50.93 -19.60
C SER C 387 52.81 50.37 -20.95
N PHE C 388 53.25 51.03 -22.00
CA PHE C 388 52.96 50.62 -23.36
C PHE C 388 53.98 49.59 -23.82
N ILE C 389 53.56 48.72 -24.75
CA ILE C 389 54.46 47.70 -25.25
C ILE C 389 55.73 48.30 -25.82
N HIS C 390 55.67 49.55 -26.27
CA HIS C 390 56.86 50.17 -26.84
C HIS C 390 56.62 51.65 -27.16
N MET C 391 57.69 52.44 -27.13
CA MET C 391 57.54 53.88 -27.32
C MET C 391 57.04 54.22 -28.72
N THR C 392 57.53 53.51 -29.74
CA THR C 392 57.02 53.73 -31.09
C THR C 392 55.54 53.39 -31.18
N PHE C 393 55.12 52.32 -30.51
CA PHE C 393 53.70 51.99 -30.47
C PHE C 393 52.89 53.10 -29.83
N GLN C 394 53.40 53.66 -28.73
CA GLN C 394 52.68 54.75 -28.08
C GLN C 394 52.60 55.98 -28.98
N GLU C 395 53.68 56.26 -29.72
CA GLU C 395 53.66 57.37 -30.66
C GLU C 395 52.62 57.13 -31.76
N PHE C 396 52.55 55.89 -32.26
CA PHE C 396 51.53 55.57 -33.26
C PHE C 396 50.14 55.78 -32.71
N PHE C 397 49.92 55.41 -31.44
CA PHE C 397 48.61 55.62 -30.84
C PHE C 397 48.32 57.11 -30.67
N ALA C 398 49.33 57.91 -30.36
CA ALA C 398 49.12 59.36 -30.30
C ALA C 398 48.72 59.91 -31.67
N ALA C 399 49.39 59.43 -32.73
CA ALA C 399 49.02 59.85 -34.08
C ALA C 399 47.60 59.44 -34.40
N MET C 400 47.20 58.24 -33.98
CA MET C 400 45.81 57.82 -34.19
C MET C 400 44.84 58.69 -33.40
N TYR C 401 45.22 59.13 -32.20
CA TYR C 401 44.38 60.06 -31.46
C TYR C 401 44.15 61.33 -32.27
N TYR C 402 45.23 61.87 -32.84
CA TYR C 402 45.08 63.08 -33.63
C TYR C 402 44.20 62.84 -34.85
N LEU C 403 44.46 61.76 -35.59
CA LEU C 403 43.72 61.50 -36.82
C LEU C 403 42.24 61.24 -36.53
N LEU C 404 41.95 60.32 -35.62
CA LEU C 404 40.57 59.96 -35.31
C LEU C 404 39.78 61.19 -34.88
N GLU C 405 38.46 61.05 -34.95
CA GLU C 405 37.55 62.15 -34.64
C GLU C 405 36.90 61.91 -33.28
N GLU C 406 36.79 62.97 -32.47
CA GLU C 406 36.17 62.90 -31.13
C GLU C 406 34.85 62.12 -31.04
N LEU C 419 39.61 67.82 -16.71
CA LEU C 419 40.55 66.97 -17.42
C LEU C 419 40.41 67.15 -18.94
N LYS C 420 41.54 67.43 -19.61
CA LYS C 420 41.54 67.60 -21.05
C LYS C 420 42.92 67.34 -21.65
N LEU C 421 43.00 66.45 -22.62
CA LEU C 421 44.26 66.12 -23.27
C LEU C 421 44.63 67.21 -24.26
N PRO C 422 45.93 67.29 -24.61
CA PRO C 422 46.54 68.27 -25.52
C PRO C 422 45.65 68.65 -26.69
N SER C 423 45.47 69.95 -26.88
CA SER C 423 44.65 70.52 -27.94
C SER C 423 44.88 69.85 -29.28
N ARG C 424 43.80 69.32 -29.86
CA ARG C 424 43.87 68.63 -31.13
C ARG C 424 44.36 69.49 -32.28
N ASP C 425 44.64 70.75 -31.88
CA ASP C 425 45.05 71.85 -32.74
C ASP C 425 46.03 71.18 -33.56
N VAL C 426 45.54 70.82 -34.74
CA VAL C 426 46.22 70.02 -35.71
C VAL C 426 47.58 70.57 -35.88
N THR C 427 47.68 71.83 -36.28
CA THR C 427 48.96 72.50 -36.50
C THR C 427 49.83 72.67 -35.27
N VAL C 428 49.22 72.72 -34.09
CA VAL C 428 49.99 72.88 -32.85
C VAL C 428 50.98 71.75 -32.80
N LEU C 429 50.57 70.59 -33.32
CA LEU C 429 51.51 69.47 -33.36
C LEU C 429 52.87 69.68 -34.07
N LEU C 430 52.78 69.73 -35.40
CA LEU C 430 53.93 69.91 -36.28
C LEU C 430 54.76 71.09 -35.81
N GLU C 431 54.10 72.25 -35.76
CA GLU C 431 54.79 73.45 -35.32
C GLU C 431 55.41 73.30 -33.94
N ASN C 432 54.73 72.63 -32.98
CA ASN C 432 55.28 72.44 -31.64
C ASN C 432 56.60 71.81 -31.78
N TYR C 433 56.64 70.68 -32.51
CA TYR C 433 57.92 69.96 -32.67
C TYR C 433 58.98 70.89 -33.28
N GLY C 434 58.57 71.58 -34.34
CA GLY C 434 59.42 72.51 -35.05
C GLY C 434 60.08 73.54 -34.15
N LYS C 435 59.35 74.07 -33.18
CA LYS C 435 59.97 75.07 -32.35
C LYS C 435 60.02 74.72 -30.89
N PHE C 436 60.17 73.43 -30.53
CA PHE C 436 60.23 73.23 -29.06
C PHE C 436 61.14 72.15 -28.54
N GLU C 437 62.25 71.91 -29.24
CA GLU C 437 63.14 70.79 -28.85
C GLU C 437 62.35 69.50 -28.53
N LYS C 438 61.28 69.34 -29.29
CA LYS C 438 60.34 68.23 -29.30
C LYS C 438 60.71 67.22 -30.38
N GLY C 439 62.00 66.88 -30.45
CA GLY C 439 62.46 65.84 -31.36
C GLY C 439 61.66 64.57 -31.22
N TYR C 440 61.03 64.39 -30.06
CA TYR C 440 60.11 63.27 -29.84
C TYR C 440 58.71 63.57 -30.38
N LEU C 441 58.64 64.08 -31.61
CA LEU C 441 57.38 64.21 -32.33
C LEU C 441 57.54 63.87 -33.81
N ILE C 442 58.76 63.66 -34.28
CA ILE C 442 58.96 63.24 -35.66
C ILE C 442 58.18 61.96 -35.94
N PHE C 443 58.22 61.02 -35.00
CA PHE C 443 57.57 59.74 -35.22
C PHE C 443 56.04 59.87 -35.16
N VAL C 444 55.53 60.70 -34.25
CA VAL C 444 54.09 60.90 -34.21
C VAL C 444 53.61 61.55 -35.50
N VAL C 445 54.35 62.53 -36.02
CA VAL C 445 53.97 63.14 -37.29
C VAL C 445 54.06 62.12 -38.43
N ARG C 446 55.11 61.29 -38.41
CA ARG C 446 55.26 60.27 -39.44
C ARG C 446 54.07 59.32 -39.45
N PHE C 447 53.62 58.90 -38.26
CA PHE C 447 52.52 57.95 -38.20
C PHE C 447 51.19 58.63 -38.52
N LEU C 448 51.05 59.93 -38.20
CA LEU C 448 49.89 60.68 -38.68
C LEU C 448 49.85 60.69 -40.20
N PHE C 449 51.00 60.91 -40.83
CA PHE C 449 51.04 60.88 -42.30
C PHE C 449 50.73 59.50 -42.84
N GLY C 450 51.28 58.46 -42.21
CA GLY C 450 50.94 57.11 -42.63
C GLY C 450 49.45 56.83 -42.53
N LEU C 451 48.80 57.35 -41.49
CA LEU C 451 47.38 57.09 -41.29
C LEU C 451 46.50 57.92 -42.21
N VAL C 452 46.90 59.14 -42.54
CA VAL C 452 46.07 60.03 -43.35
C VAL C 452 45.98 59.47 -44.77
N ASN C 453 46.64 58.34 -45.00
CA ASN C 453 46.55 57.66 -46.29
C ASN C 453 45.11 57.24 -46.58
N GLN C 454 44.71 57.43 -47.84
CA GLN C 454 43.30 57.28 -48.20
C GLN C 454 42.83 55.84 -48.05
N GLU C 455 43.43 54.90 -48.78
CA GLU C 455 43.02 53.51 -48.65
C GLU C 455 43.29 52.97 -47.25
N ARG C 456 44.43 53.32 -46.63
CA ARG C 456 44.66 52.89 -45.26
C ARG C 456 43.64 53.48 -44.31
N THR C 457 43.29 54.75 -44.49
CA THR C 457 42.28 55.38 -43.63
C THR C 457 40.94 54.68 -43.79
N SER C 458 40.56 54.36 -45.02
CA SER C 458 39.31 53.65 -45.26
C SER C 458 39.33 52.27 -44.64
N TYR C 459 40.47 51.57 -44.71
CA TYR C 459 40.57 50.26 -44.09
C TYR C 459 40.41 50.35 -42.58
N LEU C 460 41.04 51.36 -41.97
CA LEU C 460 40.88 51.54 -40.52
C LEU C 460 39.44 51.88 -40.18
N GLU C 461 38.78 52.69 -41.02
CA GLU C 461 37.37 53.00 -40.81
C GLU C 461 36.52 51.75 -40.85
N LYS C 462 36.75 50.90 -41.84
CA LYS C 462 35.96 49.67 -41.94
C LYS C 462 36.27 48.73 -40.77
N LYS C 463 37.48 48.80 -40.23
CA LYS C 463 37.83 47.92 -39.11
C LYS C 463 37.20 48.38 -37.81
N LEU C 464 37.19 49.69 -37.55
CA LEU C 464 36.78 50.20 -36.25
C LEU C 464 35.40 50.84 -36.24
N SER C 465 34.71 50.89 -37.38
CA SER C 465 33.39 51.51 -37.47
C SER C 465 33.41 52.93 -36.93
N CYS C 466 34.27 53.75 -37.53
CA CYS C 466 34.40 55.15 -37.11
C CYS C 466 35.00 55.95 -38.27
N LYS C 467 34.24 56.87 -38.82
CA LYS C 467 34.71 57.66 -39.94
C LYS C 467 35.89 58.54 -39.53
N ILE C 468 36.74 58.85 -40.50
CA ILE C 468 37.94 59.64 -40.27
C ILE C 468 37.78 60.99 -40.95
N SER C 469 38.68 61.91 -40.61
CA SER C 469 38.69 63.26 -41.16
C SER C 469 39.84 63.35 -42.16
N GLN C 470 39.52 63.76 -43.40
CA GLN C 470 40.54 63.88 -44.43
C GLN C 470 41.09 65.30 -44.54
N GLN C 471 40.38 66.30 -44.01
CA GLN C 471 40.87 67.66 -44.07
C GLN C 471 42.18 67.83 -43.31
N ILE C 472 42.50 66.90 -42.40
CA ILE C 472 43.84 66.92 -41.80
C ILE C 472 44.89 66.71 -42.87
N ARG C 473 44.58 65.92 -43.90
CA ARG C 473 45.52 65.76 -45.00
C ARG C 473 45.77 67.08 -45.71
N LEU C 474 44.72 67.86 -45.95
CA LEU C 474 44.90 69.16 -46.59
C LEU C 474 45.65 70.12 -45.69
N GLU C 475 45.40 70.05 -44.37
CA GLU C 475 46.16 70.87 -43.44
C GLU C 475 47.64 70.53 -43.49
N LEU C 476 47.97 69.24 -43.53
CA LEU C 476 49.37 68.83 -43.64
C LEU C 476 49.95 69.28 -44.97
N LEU C 477 49.16 69.20 -46.04
CA LEU C 477 49.62 69.67 -47.35
C LEU C 477 49.93 71.17 -47.32
N LYS C 478 49.07 71.94 -46.65
CA LYS C 478 49.34 73.38 -46.53
C LYS C 478 50.58 73.64 -45.68
N TRP C 479 50.80 72.83 -44.64
CA TRP C 479 52.04 72.97 -43.88
C TRP C 479 53.25 72.70 -44.77
N ILE C 480 53.19 71.66 -45.59
CA ILE C 480 54.29 71.36 -46.49
C ILE C 480 54.48 72.48 -47.50
N GLU C 481 53.38 73.08 -47.93
CA GLU C 481 53.47 74.24 -48.82
C GLU C 481 54.18 75.41 -48.15
N VAL C 482 53.86 75.66 -46.87
CA VAL C 482 54.54 76.72 -46.13
C VAL C 482 56.02 76.40 -45.98
N LYS C 483 56.33 75.15 -45.64
CA LYS C 483 57.72 74.75 -45.49
C LYS C 483 58.49 74.89 -46.79
N ALA C 484 57.84 74.61 -47.92
CA ALA C 484 58.51 74.73 -49.22
C ALA C 484 58.64 76.18 -49.65
N LYS C 485 57.66 77.00 -49.29
CA LYS C 485 57.71 78.42 -49.61
C LYS C 485 58.50 79.14 -48.51
N ALA C 486 59.37 78.40 -47.84
CA ALA C 486 60.19 78.95 -46.77
C ALA C 486 61.65 79.06 -47.17
N LYS C 487 61.93 78.81 -48.45
CA LYS C 487 63.29 78.88 -49.00
C LYS C 487 64.31 78.13 -48.14
N LYS C 488 64.17 76.81 -48.10
CA LYS C 488 65.06 75.94 -47.33
C LYS C 488 65.21 76.45 -45.90
N LEU C 489 64.09 76.59 -45.22
CA LEU C 489 64.07 77.07 -43.84
C LEU C 489 64.66 76.05 -42.87
N GLN C 490 64.59 74.78 -43.26
CA GLN C 490 65.14 73.61 -42.54
C GLN C 490 65.37 73.72 -41.03
N ILE C 491 64.42 74.34 -40.32
CA ILE C 491 64.54 74.49 -38.88
C ILE C 491 64.68 73.10 -38.26
N GLN C 492 63.65 72.28 -38.49
CA GLN C 492 63.62 70.91 -38.02
C GLN C 492 62.96 70.01 -39.04
N PRO C 493 61.71 70.33 -39.38
CA PRO C 493 60.99 69.68 -40.49
C PRO C 493 61.72 69.92 -41.80
N SER C 494 62.97 69.49 -41.89
CA SER C 494 63.80 69.81 -43.05
C SER C 494 63.35 69.01 -44.27
N GLN C 495 64.10 69.17 -45.36
CA GLN C 495 63.72 68.50 -46.60
C GLN C 495 63.72 66.99 -46.44
N LEU C 496 64.73 66.45 -45.77
CA LEU C 496 64.78 64.99 -45.56
C LEU C 496 63.63 64.53 -44.68
N GLU C 497 63.29 65.30 -43.65
CA GLU C 497 62.18 64.92 -42.79
C GLU C 497 60.87 64.90 -43.57
N LEU C 498 60.65 65.92 -44.41
CA LEU C 498 59.43 65.93 -45.23
C LEU C 498 59.44 64.80 -46.25
N PHE C 499 60.61 64.46 -46.79
CA PHE C 499 60.70 63.30 -47.67
C PHE C 499 60.28 62.03 -46.95
N TYR C 500 60.76 61.84 -45.72
CA TYR C 500 60.36 60.67 -44.95
C TYR C 500 58.87 60.67 -44.67
N CYS C 501 58.32 61.83 -44.33
CA CYS C 501 56.88 61.93 -44.08
C CYS C 501 56.09 61.53 -45.31
N LEU C 502 56.44 62.07 -46.47
CA LEU C 502 55.71 61.73 -47.70
C LEU C 502 55.90 60.26 -48.06
N TYR C 503 57.12 59.75 -47.88
CA TYR C 503 57.37 58.33 -48.14
C TYR C 503 56.42 57.46 -47.32
N GLU C 504 56.32 57.74 -46.02
CA GLU C 504 55.39 56.98 -45.20
C GLU C 504 53.95 57.23 -45.62
N MET C 505 53.66 58.42 -46.15
CA MET C 505 52.33 58.69 -46.68
C MET C 505 51.99 57.73 -47.81
N GLN C 506 52.92 57.52 -48.74
CA GLN C 506 52.82 56.55 -49.82
C GLN C 506 51.64 56.81 -50.75
N GLU C 507 50.98 57.96 -50.63
CA GLU C 507 49.86 58.29 -51.50
C GLU C 507 50.39 59.03 -52.73
N GLU C 508 50.24 58.42 -53.90
CA GLU C 508 50.89 58.93 -55.10
C GLU C 508 50.40 60.34 -55.43
N ASP C 509 49.08 60.53 -55.49
CA ASP C 509 48.55 61.83 -55.88
C ASP C 509 48.93 62.90 -54.88
N PHE C 510 48.85 62.60 -53.58
CA PHE C 510 49.23 63.57 -52.56
C PHE C 510 50.71 63.93 -52.69
N VAL C 511 51.56 62.94 -52.93
CA VAL C 511 53.00 63.21 -53.08
C VAL C 511 53.25 64.10 -54.29
N GLN C 512 52.59 63.80 -55.42
CA GLN C 512 52.75 64.66 -56.60
C GLN C 512 52.31 66.08 -56.30
N ARG C 513 51.14 66.24 -55.67
CA ARG C 513 50.60 67.56 -55.41
C ARG C 513 51.42 68.33 -54.39
N ALA C 514 52.15 67.64 -53.52
CA ALA C 514 52.93 68.31 -52.48
C ALA C 514 54.37 68.60 -52.90
N MET C 515 54.99 67.73 -53.69
CA MET C 515 56.39 67.90 -54.04
C MET C 515 56.65 69.04 -55.01
N ASP C 516 55.60 69.63 -55.59
CA ASP C 516 55.77 70.64 -56.63
C ASP C 516 56.46 71.90 -56.13
N TYR C 517 56.53 72.12 -54.81
CA TYR C 517 57.12 73.34 -54.26
C TYR C 517 58.62 73.19 -53.96
N PHE C 518 59.16 71.99 -54.11
CA PHE C 518 60.55 71.62 -53.82
C PHE C 518 61.64 72.16 -54.75
N PRO C 519 61.33 72.59 -55.99
CA PRO C 519 62.31 72.55 -57.09
C PRO C 519 63.77 72.79 -56.70
N LYS C 520 64.01 73.66 -55.73
CA LYS C 520 65.34 73.85 -55.16
C LYS C 520 65.49 72.91 -53.97
N ILE C 521 66.32 71.87 -54.12
CA ILE C 521 66.42 70.82 -53.12
C ILE C 521 67.89 70.57 -52.80
N GLU C 522 68.20 70.47 -51.51
CA GLU C 522 69.54 70.15 -51.02
C GLU C 522 69.39 69.03 -50.00
N ILE C 523 69.91 67.85 -50.33
CA ILE C 523 69.73 66.67 -49.49
C ILE C 523 71.04 65.91 -49.39
N ASN C 524 71.24 65.24 -48.27
CA ASN C 524 72.39 64.38 -48.05
C ASN C 524 71.93 63.06 -47.47
N LEU C 525 72.68 62.01 -47.76
CA LEU C 525 72.31 60.64 -47.43
C LEU C 525 73.34 60.03 -46.49
N SER C 526 72.85 59.22 -45.56
CA SER C 526 73.70 58.48 -44.64
C SER C 526 73.28 57.03 -44.46
N THR C 527 72.11 56.62 -44.98
CA THR C 527 71.64 55.25 -44.82
C THR C 527 70.83 54.84 -46.03
N ARG C 528 70.68 53.53 -46.20
CA ARG C 528 69.85 53.00 -47.29
C ARG C 528 68.42 53.54 -47.20
N MET C 529 67.92 53.77 -45.98
CA MET C 529 66.60 54.36 -45.84
C MET C 529 66.57 55.77 -46.42
N ASP C 530 67.63 56.55 -46.18
CA ASP C 530 67.74 57.86 -46.80
C ASP C 530 67.78 57.74 -48.33
N HIS C 531 68.53 56.78 -48.84
CA HIS C 531 68.56 56.57 -50.28
C HIS C 531 67.16 56.31 -50.82
N MET C 532 66.42 55.39 -50.18
CA MET C 532 65.09 55.05 -50.67
C MET C 532 64.13 56.22 -50.59
N VAL C 533 64.17 56.97 -49.48
CA VAL C 533 63.26 58.10 -49.32
C VAL C 533 63.55 59.15 -50.38
N SER C 534 64.83 59.48 -50.58
CA SER C 534 65.19 60.47 -51.58
C SER C 534 64.79 60.00 -52.98
N SER C 535 65.02 58.73 -53.29
CA SER C 535 64.66 58.22 -54.61
C SER C 535 63.16 58.33 -54.85
N PHE C 536 62.35 57.86 -53.90
CA PHE C 536 60.91 57.91 -54.08
C PHE C 536 60.41 59.35 -54.18
N CYS C 537 60.92 60.23 -53.33
CA CYS C 537 60.48 61.62 -53.37
C CYS C 537 60.85 62.29 -54.68
N ILE C 538 62.07 62.05 -55.18
CA ILE C 538 62.48 62.64 -56.45
C ILE C 538 61.63 62.09 -57.58
N GLU C 539 61.38 60.78 -57.58
CA GLU C 539 60.56 60.18 -58.63
C GLU C 539 59.17 60.79 -58.64
N ASN C 540 58.58 61.00 -57.46
CA ASN C 540 57.27 61.63 -57.39
C ASN C 540 57.32 63.13 -57.69
N CYS C 541 58.48 63.76 -57.55
CA CYS C 541 58.60 65.19 -57.81
C CYS C 541 58.46 65.47 -59.30
N HIS C 542 57.63 66.44 -59.64
CA HIS C 542 57.42 66.85 -61.03
C HIS C 542 57.94 68.26 -61.32
N ARG C 543 58.30 69.03 -60.30
CA ARG C 543 58.71 70.41 -60.48
C ARG C 543 60.12 70.63 -59.93
N VAL C 544 61.05 69.74 -60.27
CA VAL C 544 62.40 69.77 -59.73
C VAL C 544 63.36 70.28 -60.79
N GLU C 545 64.09 71.35 -60.45
CA GLU C 545 65.15 71.86 -61.32
C GLU C 545 66.53 71.78 -60.69
N SER C 546 66.70 72.33 -59.48
CA SER C 546 68.01 72.42 -58.86
C SER C 546 68.10 71.38 -57.73
N LEU C 547 69.10 70.51 -57.82
CA LEU C 547 69.28 69.45 -56.84
C LEU C 547 70.74 69.35 -56.45
N SER C 548 71.00 69.37 -55.14
CA SER C 548 72.32 69.13 -54.58
C SER C 548 72.26 67.87 -53.72
N LEU C 549 73.16 66.93 -53.96
CA LEU C 549 73.15 65.64 -53.28
C LEU C 549 74.49 65.40 -52.61
N GLY C 550 74.44 65.01 -51.34
CA GLY C 550 75.64 64.65 -50.61
C GLY C 550 75.58 63.24 -50.08
N PHE C 551 76.73 62.62 -49.81
CA PHE C 551 76.76 61.25 -49.31
C PHE C 551 77.74 61.13 -48.17
N LEU C 552 77.41 60.30 -47.18
CA LEU C 552 78.30 60.01 -46.06
C LEU C 552 78.64 58.53 -46.03
N HIS C 553 79.90 58.22 -45.71
CA HIS C 553 80.36 56.84 -45.63
C HIS C 553 80.46 56.21 -47.01
N THR C 594 77.65 52.09 -51.49
CA THR C 594 77.50 53.38 -52.16
C THR C 594 76.90 53.22 -53.55
N SER C 595 77.62 52.52 -54.42
CA SER C 595 77.15 52.33 -55.79
C SER C 595 75.86 51.54 -55.85
N SER C 596 75.64 50.63 -54.90
CA SER C 596 74.42 49.81 -54.94
C SER C 596 73.17 50.68 -54.79
N PHE C 597 73.13 51.51 -53.76
CA PHE C 597 71.99 52.42 -53.59
C PHE C 597 72.06 53.59 -54.55
N CYS C 598 73.27 54.12 -54.78
CA CYS C 598 73.43 55.18 -55.77
C CYS C 598 73.00 54.73 -57.15
N ARG C 599 73.16 53.43 -57.45
CA ARG C 599 72.64 52.90 -58.71
C ARG C 599 71.19 53.31 -58.90
N GLY C 600 70.31 52.89 -57.99
CA GLY C 600 68.91 53.20 -58.08
C GLY C 600 68.61 54.69 -57.96
N LEU C 601 69.33 55.38 -57.09
CA LEU C 601 69.12 56.81 -56.92
C LEU C 601 69.33 57.55 -58.25
N PHE C 602 70.49 57.32 -58.88
CA PHE C 602 70.77 57.98 -60.15
C PHE C 602 69.89 57.45 -61.27
N SER C 603 69.46 56.19 -61.19
CA SER C 603 68.51 55.70 -62.17
C SER C 603 67.20 56.49 -62.12
N VAL C 604 66.70 56.74 -60.92
CA VAL C 604 65.47 57.53 -60.78
C VAL C 604 65.72 58.97 -61.22
N LEU C 605 66.89 59.52 -60.89
CA LEU C 605 67.21 60.87 -61.36
C LEU C 605 67.16 60.93 -62.88
N SER C 606 67.80 59.98 -63.56
CA SER C 606 67.79 59.97 -65.02
C SER C 606 66.38 59.81 -65.56
N THR C 607 65.59 58.92 -64.93
CA THR C 607 64.19 58.80 -65.33
C THR C 607 63.46 60.13 -65.22
N SER C 608 63.80 60.92 -64.21
CA SER C 608 63.22 62.26 -64.09
C SER C 608 63.52 63.08 -65.35
N GLN C 609 62.51 63.83 -65.80
CA GLN C 609 62.61 64.55 -67.07
C GLN C 609 62.60 66.07 -66.89
N SER C 610 62.40 66.57 -65.68
CA SER C 610 62.36 68.01 -65.44
C SER C 610 63.64 68.54 -64.80
N LEU C 611 64.65 67.70 -64.60
CA LEU C 611 65.86 68.12 -63.91
C LEU C 611 66.69 69.05 -64.80
N THR C 612 67.41 69.96 -64.14
CA THR C 612 68.33 70.87 -64.82
C THR C 612 69.72 70.87 -64.22
N GLU C 613 69.85 70.73 -62.90
CA GLU C 613 71.13 70.80 -62.23
C GLU C 613 71.39 69.55 -61.40
N LEU C 614 72.68 69.25 -61.22
CA LEU C 614 73.10 68.14 -60.37
C LEU C 614 74.40 68.55 -59.67
N ASP C 615 74.32 68.81 -58.37
CA ASP C 615 75.47 69.21 -57.58
C ASP C 615 75.97 67.99 -56.80
N LEU C 616 77.07 67.40 -57.27
CA LEU C 616 77.68 66.26 -56.58
C LEU C 616 78.98 66.65 -55.89
N SER C 617 79.21 67.96 -55.72
CA SER C 617 80.46 68.44 -55.15
C SER C 617 80.60 67.98 -53.70
N ASP C 618 81.85 67.94 -53.24
CA ASP C 618 82.18 67.54 -51.87
C ASP C 618 81.65 66.14 -51.58
N ASN C 619 81.71 65.26 -52.58
CA ASN C 619 81.28 63.88 -52.44
C ASN C 619 82.37 62.97 -52.98
N SER C 620 82.75 61.97 -52.18
CA SER C 620 83.78 61.01 -52.56
C SER C 620 83.16 59.90 -53.41
N LEU C 621 82.75 60.27 -54.62
CA LEU C 621 82.10 59.31 -55.50
C LEU C 621 83.05 58.19 -55.91
N GLY C 622 84.29 58.53 -56.22
CA GLY C 622 85.26 57.54 -56.66
C GLY C 622 85.05 57.12 -58.10
N ASP C 623 85.99 56.32 -58.60
CA ASP C 623 85.88 55.82 -59.97
C ASP C 623 84.65 54.96 -60.19
N PRO C 624 84.32 53.99 -59.33
CA PRO C 624 83.07 53.23 -59.53
C PRO C 624 81.84 54.14 -59.51
N GLY C 625 81.81 55.12 -58.62
CA GLY C 625 80.69 56.04 -58.59
C GLY C 625 80.56 56.84 -59.86
N MET C 626 81.69 57.35 -60.37
CA MET C 626 81.65 58.10 -61.62
C MET C 626 81.22 57.22 -62.78
N ARG C 627 81.66 55.95 -62.80
CA ARG C 627 81.21 55.04 -63.84
C ARG C 627 79.71 54.81 -63.76
N VAL C 628 79.17 54.63 -62.55
CA VAL C 628 77.72 54.46 -62.41
C VAL C 628 77.01 55.72 -62.88
N LEU C 629 77.52 56.89 -62.50
CA LEU C 629 76.89 58.15 -62.90
C LEU C 629 76.88 58.31 -64.42
N CYS C 630 78.00 58.02 -65.08
CA CYS C 630 78.06 58.17 -66.53
C CYS C 630 77.14 57.15 -67.21
N GLU C 631 77.08 55.94 -66.68
CA GLU C 631 76.15 54.96 -67.22
C GLU C 631 74.71 55.47 -67.13
N THR C 632 74.36 56.05 -65.98
CA THR C 632 73.01 56.60 -65.82
C THR C 632 72.77 57.75 -66.79
N LEU C 633 73.75 58.65 -66.93
CA LEU C 633 73.60 59.80 -67.82
C LEU C 633 73.48 59.38 -69.27
N GLN C 634 74.11 58.26 -69.64
CA GLN C 634 74.05 57.80 -71.02
C GLN C 634 72.65 57.43 -71.47
N HIS C 635 71.67 57.43 -70.56
CA HIS C 635 70.31 57.09 -70.94
C HIS C 635 69.78 58.12 -71.93
N PRO C 636 69.09 57.69 -72.99
CA PRO C 636 68.59 58.65 -73.97
C PRO C 636 67.66 59.70 -73.38
N GLY C 637 66.89 59.35 -72.36
CA GLY C 637 65.97 60.27 -71.74
C GLY C 637 66.60 61.24 -70.76
N CYS C 638 67.91 61.17 -70.55
CA CYS C 638 68.58 62.06 -69.61
C CYS C 638 68.31 63.51 -69.98
N ASN C 639 67.86 64.29 -68.99
CA ASN C 639 67.56 65.70 -69.17
C ASN C 639 68.44 66.58 -68.29
N ILE C 640 69.61 66.09 -67.91
CA ILE C 640 70.52 66.85 -67.05
C ILE C 640 71.32 67.83 -67.91
N ARG C 641 71.26 69.11 -67.56
CA ARG C 641 71.97 70.14 -68.29
C ARG C 641 73.27 70.57 -67.63
N ARG C 642 73.30 70.68 -66.30
CA ARG C 642 74.50 71.09 -65.59
C ARG C 642 74.81 70.07 -64.50
N LEU C 643 76.10 69.75 -64.36
CA LEU C 643 76.54 68.79 -63.35
C LEU C 643 77.90 69.24 -62.83
N TRP C 644 77.94 69.59 -61.53
CA TRP C 644 79.16 70.08 -60.91
C TRP C 644 79.77 68.98 -60.04
N LEU C 645 81.02 68.62 -60.33
CA LEU C 645 81.69 67.49 -59.72
C LEU C 645 82.93 67.93 -58.94
N GLY C 646 82.87 69.10 -58.32
CA GLY C 646 84.01 69.61 -57.58
C GLY C 646 84.45 68.72 -56.44
N ARG C 647 85.76 68.40 -56.40
CA ARG C 647 86.35 67.68 -55.29
C ARG C 647 85.64 66.34 -55.05
N CYS C 648 85.37 65.62 -56.14
CA CYS C 648 84.68 64.34 -56.08
C CYS C 648 85.61 63.14 -56.17
N GLY C 649 86.94 63.37 -56.14
CA GLY C 649 87.87 62.26 -56.25
C GLY C 649 87.84 61.56 -57.59
N LEU C 650 87.71 62.31 -58.68
CA LEU C 650 87.70 61.73 -60.01
C LEU C 650 89.10 61.73 -60.60
N SER C 651 89.32 60.87 -61.59
CA SER C 651 90.65 60.65 -62.15
C SER C 651 90.54 60.37 -63.64
N HIS C 652 91.68 60.03 -64.24
CA HIS C 652 91.71 59.74 -65.67
C HIS C 652 90.82 58.56 -66.03
N GLU C 653 90.82 57.52 -65.20
CA GLU C 653 89.99 56.35 -65.47
C GLU C 653 88.54 56.74 -65.67
N CYS C 654 87.98 57.53 -64.74
CA CYS C 654 86.63 58.05 -64.94
C CYS C 654 86.59 59.06 -66.07
N CYS C 655 87.73 59.65 -66.45
CA CYS C 655 87.75 60.56 -67.59
C CYS C 655 87.39 59.85 -68.89
N PHE C 656 87.73 58.57 -69.00
CA PHE C 656 87.31 57.80 -70.17
C PHE C 656 85.79 57.78 -70.30
N ASP C 657 85.10 57.43 -69.21
CA ASP C 657 83.65 57.42 -69.23
C ASP C 657 83.07 58.82 -69.39
N ILE C 658 83.77 59.84 -68.86
CA ILE C 658 83.31 61.22 -69.05
C ILE C 658 83.36 61.59 -70.52
N SER C 659 84.43 61.20 -71.21
CA SER C 659 84.52 61.45 -72.65
C SER C 659 83.43 60.68 -73.39
N LEU C 660 83.16 59.44 -72.97
CA LEU C 660 82.06 58.70 -73.60
C LEU C 660 80.74 59.43 -73.42
N VAL C 661 80.49 59.95 -72.22
CA VAL C 661 79.25 60.69 -71.98
C VAL C 661 79.20 61.94 -72.84
N LEU C 662 80.32 62.66 -72.94
CA LEU C 662 80.35 63.87 -73.76
C LEU C 662 80.06 63.56 -75.22
N SER C 663 80.62 62.47 -75.73
CA SER C 663 80.42 62.10 -77.13
C SER C 663 79.04 61.52 -77.40
N SER C 664 78.41 60.90 -76.39
CA SER C 664 77.11 60.27 -76.60
C SER C 664 75.96 61.25 -76.36
N ASN C 665 75.88 61.79 -75.14
CA ASN C 665 74.79 62.70 -74.82
C ASN C 665 74.93 64.00 -75.60
N GLN C 666 73.80 64.52 -76.10
CA GLN C 666 73.76 65.78 -76.81
C GLN C 666 73.08 66.87 -76.02
N LYS C 667 72.78 66.63 -74.74
CA LYS C 667 72.13 67.61 -73.87
C LYS C 667 73.11 68.34 -72.97
N LEU C 668 74.26 67.74 -72.67
CA LEU C 668 75.21 68.38 -71.78
C LEU C 668 75.61 69.76 -72.30
N VAL C 669 75.66 70.73 -71.38
CA VAL C 669 75.91 72.11 -71.73
C VAL C 669 77.19 72.64 -71.10
N GLU C 670 77.43 72.32 -69.84
CA GLU C 670 78.58 72.84 -69.10
C GLU C 670 79.13 71.77 -68.19
N LEU C 671 80.37 71.96 -67.75
CA LEU C 671 80.99 71.00 -66.84
C LEU C 671 82.05 71.69 -65.99
N ASP C 672 82.04 71.38 -64.70
CA ASP C 672 83.06 71.83 -63.77
C ASP C 672 83.57 70.61 -63.00
N LEU C 673 84.87 70.35 -63.11
CA LEU C 673 85.53 69.21 -62.49
C LEU C 673 86.70 69.68 -61.63
N SER C 674 86.50 70.76 -60.88
CA SER C 674 87.59 71.35 -60.11
C SER C 674 88.12 70.36 -59.08
N ASP C 675 89.45 70.38 -58.91
CA ASP C 675 90.12 69.53 -57.91
C ASP C 675 89.97 68.05 -58.26
N ASN C 676 90.04 67.74 -59.55
CA ASN C 676 89.98 66.37 -60.05
C ASN C 676 91.35 65.94 -60.52
N ALA C 677 91.77 64.74 -60.10
CA ALA C 677 93.07 64.19 -60.49
C ALA C 677 93.00 63.64 -61.92
N LEU C 678 92.68 64.55 -62.84
CA LEU C 678 92.55 64.15 -64.25
C LEU C 678 93.88 63.68 -64.81
N GLY C 679 94.92 64.49 -64.65
CA GLY C 679 96.23 64.16 -65.17
C GLY C 679 96.32 64.31 -66.68
N ASP C 680 97.53 64.14 -67.23
CA ASP C 680 97.70 64.21 -68.67
C ASP C 680 96.89 63.13 -69.37
N PHE C 681 96.89 61.91 -68.82
CA PHE C 681 96.08 60.84 -69.39
C PHE C 681 94.59 61.16 -69.29
N GLY C 682 94.17 61.75 -68.18
CA GLY C 682 92.77 62.12 -68.04
C GLY C 682 92.35 63.14 -69.09
N ILE C 683 93.17 64.18 -69.29
CA ILE C 683 92.85 65.17 -70.31
C ILE C 683 92.90 64.54 -71.70
N ARG C 684 93.82 63.59 -71.91
CA ARG C 684 93.89 62.90 -73.20
C ARG C 684 92.60 62.16 -73.49
N LEU C 685 92.07 61.46 -72.48
CA LEU C 685 90.78 60.78 -72.66
C LEU C 685 89.65 61.79 -72.86
N LEU C 686 89.68 62.89 -72.11
CA LEU C 686 88.60 63.88 -72.17
C LEU C 686 88.52 64.52 -73.55
N CYS C 687 89.67 64.89 -74.12
CA CYS C 687 89.66 65.56 -75.41
C CYS C 687 89.12 64.65 -76.51
N VAL C 688 89.26 63.33 -76.35
CA VAL C 688 88.69 62.41 -77.34
C VAL C 688 87.19 62.62 -77.44
N GLY C 689 86.51 62.70 -76.30
CA GLY C 689 85.09 63.00 -76.32
C GLY C 689 84.80 64.42 -76.78
N LEU C 690 85.62 65.38 -76.37
CA LEU C 690 85.38 66.77 -76.76
C LEU C 690 85.41 66.95 -78.27
N LYS C 691 86.34 66.29 -78.95
CA LYS C 691 86.47 66.46 -80.39
C LYS C 691 85.42 65.70 -81.17
N HIS C 692 84.57 64.92 -80.51
CA HIS C 692 83.48 64.25 -81.19
C HIS C 692 82.49 65.27 -81.76
N LEU C 693 81.95 64.96 -82.93
CA LEU C 693 81.02 65.89 -83.58
C LEU C 693 79.79 66.15 -82.72
N LEU C 694 79.37 65.17 -81.93
CA LEU C 694 78.22 65.34 -81.05
C LEU C 694 78.53 66.11 -79.79
N CYS C 695 79.80 66.42 -79.52
CA CYS C 695 80.18 67.17 -78.33
C CYS C 695 79.55 68.55 -78.40
N ASN C 696 78.60 68.81 -77.50
CA ASN C 696 77.90 70.09 -77.44
C ASN C 696 78.23 70.89 -76.18
N LEU C 697 79.26 70.49 -75.45
CA LEU C 697 79.65 71.22 -74.25
C LEU C 697 80.13 72.62 -74.62
N LYS C 698 79.81 73.58 -73.74
CA LYS C 698 80.17 74.98 -73.97
C LYS C 698 81.21 75.48 -72.98
N LYS C 699 80.94 75.36 -71.68
CA LYS C 699 81.81 75.90 -70.64
C LYS C 699 82.48 74.77 -69.88
N LEU C 700 83.79 74.90 -69.66
CA LEU C 700 84.57 73.90 -68.95
C LEU C 700 85.40 74.57 -67.87
N TRP C 701 85.32 74.02 -66.66
CA TRP C 701 86.18 74.42 -65.55
C TRP C 701 87.01 73.23 -65.12
N LEU C 702 88.34 73.37 -65.21
CA LEU C 702 89.28 72.35 -64.78
C LEU C 702 90.29 72.94 -63.80
N VAL C 703 89.86 73.90 -62.98
CA VAL C 703 90.77 74.59 -62.08
C VAL C 703 91.39 73.60 -61.11
N SER C 704 92.69 73.77 -60.88
CA SER C 704 93.43 72.92 -59.93
C SER C 704 93.28 71.44 -60.27
N CYS C 705 93.36 71.14 -61.56
CA CYS C 705 93.26 69.76 -62.04
C CYS C 705 94.60 69.05 -62.12
N CYS C 706 95.68 69.69 -61.65
CA CYS C 706 97.02 69.10 -61.66
C CYS C 706 97.53 68.87 -63.08
N LEU C 707 96.93 69.54 -64.07
CA LEU C 707 97.34 69.38 -65.45
C LEU C 707 98.61 70.19 -65.73
N THR C 708 99.21 69.92 -66.89
CA THR C 708 100.42 70.61 -67.32
C THR C 708 100.32 70.90 -68.81
N SER C 709 101.39 71.49 -69.36
CA SER C 709 101.39 71.84 -70.78
C SER C 709 101.36 70.62 -71.68
N ALA C 710 101.60 69.42 -71.14
CA ALA C 710 101.60 68.22 -71.97
C ALA C 710 100.23 68.01 -72.60
N CYS C 711 99.16 68.20 -71.85
CA CYS C 711 97.80 68.10 -72.37
C CYS C 711 97.36 69.35 -73.12
N CYS C 712 98.17 70.42 -73.10
CA CYS C 712 97.80 71.63 -73.80
C CYS C 712 97.63 71.41 -75.29
N GLN C 713 98.37 70.44 -75.85
CA GLN C 713 98.20 70.12 -77.27
C GLN C 713 96.78 69.65 -77.55
N ASP C 714 96.30 68.69 -76.75
CA ASP C 714 94.94 68.21 -76.91
C ASP C 714 93.92 69.30 -76.61
N LEU C 715 94.21 70.14 -75.61
CA LEU C 715 93.30 71.24 -75.30
C LEU C 715 93.14 72.18 -76.50
N ALA C 716 94.26 72.57 -77.11
CA ALA C 716 94.21 73.44 -78.29
C ALA C 716 93.51 72.74 -79.45
N SER C 717 93.77 71.44 -79.63
CA SER C 717 93.10 70.71 -80.70
C SER C 717 91.58 70.72 -80.51
N VAL C 718 91.13 70.48 -79.28
CA VAL C 718 89.69 70.50 -79.01
C VAL C 718 89.13 71.89 -79.18
N LEU C 719 89.89 72.92 -78.78
CA LEU C 719 89.43 74.29 -78.96
C LEU C 719 89.24 74.63 -80.42
N SER C 720 90.17 74.18 -81.28
CA SER C 720 90.07 74.43 -82.70
C SER C 720 89.07 73.53 -83.40
N THR C 721 88.69 72.40 -82.78
CA THR C 721 87.79 71.44 -83.41
C THR C 721 86.33 71.66 -83.03
N SER C 722 86.01 71.66 -81.74
CA SER C 722 84.62 71.68 -81.30
C SER C 722 83.93 72.97 -81.75
N HIS C 723 82.66 72.83 -82.10
CA HIS C 723 81.84 73.96 -82.54
C HIS C 723 81.04 74.60 -81.41
N SER C 724 81.06 74.02 -80.21
CA SER C 724 80.28 74.53 -79.09
C SER C 724 81.12 74.96 -77.90
N LEU C 725 82.27 74.33 -77.67
CA LEU C 725 83.12 74.71 -76.54
C LEU C 725 83.57 76.16 -76.70
N THR C 726 83.13 77.02 -75.79
CA THR C 726 83.41 78.45 -75.88
C THR C 726 84.32 78.93 -74.75
N ARG C 727 83.95 78.70 -73.49
CA ARG C 727 84.69 79.18 -72.34
C ARG C 727 85.43 78.04 -71.68
N LEU C 728 86.72 78.23 -71.43
CA LEU C 728 87.56 77.24 -70.76
C LEU C 728 88.38 77.94 -69.69
N TYR C 729 88.36 77.38 -68.48
CA TYR C 729 89.12 77.92 -67.35
C TYR C 729 89.92 76.79 -66.73
N VAL C 730 91.22 76.76 -67.01
CA VAL C 730 92.10 75.68 -66.58
C VAL C 730 93.20 76.19 -65.64
N GLY C 731 92.92 77.25 -64.89
CA GLY C 731 93.90 77.80 -63.98
C GLY C 731 94.33 76.81 -62.91
N GLU C 732 95.26 77.22 -62.05
CA GLU C 732 95.79 76.36 -60.99
C GLU C 732 96.42 75.10 -61.55
N ASN C 733 96.98 75.20 -62.76
CA ASN C 733 97.65 74.09 -63.41
C ASN C 733 99.00 74.55 -63.92
N ALA C 734 99.98 73.64 -63.90
CA ALA C 734 101.34 73.98 -64.34
C ALA C 734 101.43 73.99 -65.87
N LEU C 735 100.60 74.85 -66.47
CA LEU C 735 100.62 75.00 -67.92
C LEU C 735 101.91 75.66 -68.39
N GLY C 736 102.29 76.76 -67.75
CA GLY C 736 103.52 77.44 -68.07
C GLY C 736 103.43 78.28 -69.33
N ASP C 737 104.55 78.96 -69.62
CA ASP C 737 104.61 79.77 -70.83
C ASP C 737 104.47 78.91 -72.08
N SER C 738 105.10 77.74 -72.09
CA SER C 738 104.98 76.85 -73.24
C SER C 738 103.53 76.40 -73.44
N GLY C 739 102.84 76.04 -72.37
CA GLY C 739 101.45 75.66 -72.49
C GLY C 739 100.58 76.81 -72.97
N VAL C 740 100.83 78.01 -72.44
CA VAL C 740 100.05 79.17 -72.88
C VAL C 740 100.28 79.45 -74.36
N ALA C 741 101.53 79.33 -74.81
CA ALA C 741 101.83 79.53 -76.23
C ALA C 741 101.16 78.45 -77.09
N ILE C 742 101.15 77.21 -76.61
CA ILE C 742 100.47 76.13 -77.34
C ILE C 742 98.99 76.43 -77.47
N LEU C 743 98.36 76.88 -76.37
CA LEU C 743 96.94 77.25 -76.43
C LEU C 743 96.71 78.41 -77.38
N CYS C 744 97.61 79.40 -77.35
CA CYS C 744 97.45 80.59 -78.19
C CYS C 744 97.59 80.26 -79.67
N GLU C 745 98.50 79.34 -80.01
CA GLU C 745 98.71 79.02 -81.42
C GLU C 745 97.42 78.51 -82.08
N LYS C 746 96.51 77.95 -81.28
CA LYS C 746 95.21 77.50 -81.78
C LYS C 746 94.11 78.52 -81.55
N ALA C 747 94.15 79.24 -80.42
CA ALA C 747 93.13 80.26 -80.16
C ALA C 747 93.24 81.44 -81.12
N LYS C 748 94.41 81.66 -81.73
CA LYS C 748 94.56 82.75 -82.68
C LYS C 748 93.66 82.59 -83.89
N ASN C 749 93.17 81.39 -84.15
CA ASN C 749 92.29 81.17 -85.28
C ASN C 749 91.05 82.03 -85.13
N PRO C 750 90.74 82.92 -86.08
CA PRO C 750 89.56 83.78 -85.93
C PRO C 750 88.27 82.99 -85.76
N GLN C 751 88.16 81.83 -86.42
CA GLN C 751 86.95 81.02 -86.29
C GLN C 751 86.85 80.35 -84.92
N CYS C 752 87.93 80.34 -84.14
CA CYS C 752 87.90 79.72 -82.83
C CYS C 752 86.83 80.36 -81.96
N ASN C 753 86.07 79.53 -81.25
CA ASN C 753 84.90 79.98 -80.51
C ASN C 753 85.22 80.36 -79.06
N LEU C 754 86.48 80.28 -78.64
CA LEU C 754 86.80 80.64 -77.27
C LEU C 754 86.43 82.09 -76.99
N GLN C 755 85.72 82.31 -75.89
CA GLN C 755 85.23 83.64 -75.53
C GLN C 755 85.87 84.16 -74.25
N LYS C 756 85.79 83.42 -73.15
CA LYS C 756 86.37 83.82 -71.88
C LYS C 756 87.48 82.84 -71.53
N LEU C 757 88.68 83.36 -71.33
CA LEU C 757 89.86 82.54 -71.05
C LEU C 757 90.38 82.85 -69.65
N GLY C 758 90.56 81.81 -68.85
CA GLY C 758 91.07 81.95 -67.51
C GLY C 758 92.30 81.08 -67.25
N LEU C 759 93.40 81.71 -66.86
CA LEU C 759 94.63 80.99 -66.53
C LEU C 759 94.95 81.19 -65.06
N VAL C 760 93.93 81.03 -64.21
CA VAL C 760 94.04 81.42 -62.80
C VAL C 760 95.31 80.80 -62.21
N ASN C 761 96.23 81.65 -61.76
CA ASN C 761 97.47 81.22 -61.13
C ASN C 761 98.15 80.12 -61.93
N SER C 762 98.26 80.34 -63.24
CA SER C 762 98.84 79.36 -64.15
C SER C 762 100.35 79.51 -64.29
N GLY C 763 100.97 80.40 -63.52
CA GLY C 763 102.40 80.59 -63.59
C GLY C 763 102.86 81.13 -64.94
N LEU C 764 102.17 82.15 -65.44
CA LEU C 764 102.47 82.73 -66.74
C LEU C 764 103.48 83.87 -66.58
N THR C 765 104.36 84.01 -67.56
CA THR C 765 105.36 85.07 -67.59
C THR C 765 105.10 85.98 -68.79
N SER C 766 106.00 86.95 -68.98
CA SER C 766 105.85 87.91 -70.07
C SER C 766 106.03 87.28 -71.45
N VAL C 767 106.70 86.14 -71.52
CA VAL C 767 106.95 85.51 -72.83
C VAL C 767 105.63 85.15 -73.50
N CYS C 768 104.73 84.54 -72.75
CA CYS C 768 103.41 84.21 -73.29
C CYS C 768 102.53 85.42 -73.48
N CYS C 769 102.94 86.59 -72.97
CA CYS C 769 102.14 87.80 -73.15
C CYS C 769 102.02 88.17 -74.62
N SER C 770 103.12 88.06 -75.37
CA SER C 770 103.07 88.36 -76.80
C SER C 770 102.15 87.39 -77.53
N ALA C 771 102.23 86.09 -77.21
CA ALA C 771 101.35 85.12 -77.84
C ALA C 771 99.88 85.40 -77.50
N LEU C 772 99.60 85.78 -76.25
CA LEU C 772 98.24 86.10 -75.87
C LEU C 772 97.75 87.36 -76.58
N SER C 773 98.63 88.35 -76.76
CA SER C 773 98.26 89.53 -77.54
C SER C 773 97.96 89.16 -78.99
N SER C 774 98.76 88.27 -79.57
CA SER C 774 98.46 87.80 -80.92
C SER C 774 97.12 87.09 -80.98
N VAL C 775 96.82 86.27 -79.97
CA VAL C 775 95.51 85.61 -79.91
C VAL C 775 94.40 86.65 -79.83
N LEU C 776 94.58 87.67 -79.01
CA LEU C 776 93.57 88.72 -78.89
C LEU C 776 93.34 89.42 -80.22
N SER C 777 94.43 89.73 -80.93
CA SER C 777 94.31 90.44 -82.19
C SER C 777 93.72 89.56 -83.29
N THR C 778 93.98 88.26 -83.25
CA THR C 778 93.52 87.36 -84.31
C THR C 778 92.10 86.85 -84.06
N ASN C 779 91.89 86.16 -82.95
CA ASN C 779 90.57 85.68 -82.59
C ASN C 779 89.66 86.86 -82.22
N GLN C 780 88.45 86.87 -82.79
CA GLN C 780 87.49 87.93 -82.52
C GLN C 780 86.38 87.50 -81.57
N ASN C 781 86.46 86.31 -80.99
CA ASN C 781 85.43 85.80 -80.11
C ASN C 781 85.82 85.86 -78.63
N LEU C 782 87.02 86.32 -78.31
CA LEU C 782 87.45 86.42 -76.92
C LEU C 782 86.84 87.67 -76.28
N THR C 783 86.27 87.49 -75.09
CA THR C 783 85.60 88.57 -74.38
C THR C 783 86.21 88.90 -73.03
N HIS C 784 86.47 87.90 -72.20
CA HIS C 784 86.99 88.10 -70.86
C HIS C 784 88.30 87.35 -70.68
N LEU C 785 89.24 87.96 -69.97
CA LEU C 785 90.56 87.37 -69.76
C LEU C 785 90.96 87.51 -68.30
N TYR C 786 91.14 86.36 -67.64
CA TYR C 786 91.63 86.31 -66.27
C TYR C 786 93.01 85.70 -66.26
N LEU C 787 93.97 86.39 -65.64
CA LEU C 787 95.35 85.90 -65.57
C LEU C 787 95.88 86.02 -64.15
N ARG C 788 95.00 85.89 -63.16
CA ARG C 788 95.41 86.03 -61.77
C ARG C 788 96.45 84.99 -61.40
N GLY C 789 97.40 85.38 -60.55
CA GLY C 789 98.44 84.50 -60.09
C GLY C 789 99.64 84.38 -61.00
N ASN C 790 99.74 85.20 -62.03
CA ASN C 790 100.85 85.17 -62.97
C ASN C 790 101.62 86.49 -62.88
N THR C 791 102.92 86.40 -62.60
CA THR C 791 103.76 87.59 -62.47
C THR C 791 104.25 88.02 -63.86
N LEU C 792 103.35 88.69 -64.58
CA LEU C 792 103.67 89.14 -65.93
C LEU C 792 104.80 90.17 -65.90
N GLY C 793 104.71 91.14 -65.00
CA GLY C 793 105.65 92.24 -64.98
C GLY C 793 105.24 93.35 -65.93
N ASP C 794 106.02 94.44 -65.89
CA ASP C 794 105.72 95.59 -66.73
C ASP C 794 105.93 95.27 -68.21
N LYS C 795 106.94 94.46 -68.53
CA LYS C 795 107.14 94.05 -69.92
C LYS C 795 105.94 93.27 -70.43
N GLY C 796 105.43 92.32 -69.62
CA GLY C 796 104.24 91.59 -70.03
C GLY C 796 103.02 92.48 -70.13
N ILE C 797 102.89 93.45 -69.22
CA ILE C 797 101.77 94.38 -69.29
C ILE C 797 101.80 95.16 -70.60
N LYS C 798 102.98 95.66 -70.97
CA LYS C 798 103.12 96.39 -72.23
C LYS C 798 102.85 95.49 -73.42
N LEU C 799 103.32 94.24 -73.36
CA LEU C 799 103.08 93.29 -74.46
C LEU C 799 101.59 93.06 -74.64
N LEU C 800 100.86 92.84 -73.55
CA LEU C 800 99.42 92.66 -73.63
C LEU C 800 98.74 93.91 -74.16
N CYS C 801 99.15 95.08 -73.67
CA CYS C 801 98.56 96.33 -74.11
C CYS C 801 98.74 96.54 -75.60
N GLU C 802 99.91 96.18 -76.13
CA GLU C 802 100.16 96.34 -77.56
C GLU C 802 99.08 95.65 -78.40
N GLY C 803 98.55 94.53 -77.92
CA GLY C 803 97.53 93.81 -78.65
C GLY C 803 96.13 94.27 -78.32
N LEU C 804 95.86 94.52 -77.04
CA LEU C 804 94.52 94.96 -76.65
C LEU C 804 94.19 96.36 -77.16
N LEU C 805 95.19 97.19 -77.45
CA LEU C 805 94.92 98.46 -78.10
C LEU C 805 94.52 98.28 -79.56
N HIS C 806 94.82 97.13 -80.15
CA HIS C 806 94.45 96.89 -81.53
C HIS C 806 92.92 96.92 -81.67
N PRO C 807 92.40 97.60 -82.69
CA PRO C 807 90.93 97.68 -82.82
C PRO C 807 90.25 96.31 -82.89
N ASP C 808 90.93 95.30 -83.45
CA ASP C 808 90.34 93.97 -83.52
C ASP C 808 90.12 93.36 -82.13
N CYS C 809 90.81 93.87 -81.11
CA CYS C 809 90.61 93.35 -79.76
C CYS C 809 89.16 93.54 -79.33
N LYS C 810 88.56 92.47 -78.81
CA LYS C 810 87.16 92.48 -78.40
C LYS C 810 86.99 92.10 -76.93
N LEU C 811 88.05 92.22 -76.14
CA LEU C 811 87.96 91.90 -74.72
C LEU C 811 87.06 92.89 -74.00
N GLN C 812 86.39 92.40 -72.96
CA GLN C 812 85.48 93.23 -72.16
C GLN C 812 85.91 93.35 -70.70
N VAL C 813 86.42 92.28 -70.11
CA VAL C 813 86.87 92.28 -68.72
C VAL C 813 88.29 91.71 -68.66
N LEU C 814 89.15 92.37 -67.90
CA LEU C 814 90.54 91.96 -67.75
C LEU C 814 90.88 91.91 -66.27
N GLU C 815 91.17 90.71 -65.77
CA GLU C 815 91.57 90.50 -64.38
C GLU C 815 93.06 90.17 -64.36
N LEU C 816 93.83 90.98 -63.63
CA LEU C 816 95.28 90.82 -63.56
C LEU C 816 95.78 90.97 -62.12
N ASP C 817 95.00 90.51 -61.16
CA ASP C 817 95.44 90.56 -59.77
C ASP C 817 96.53 89.53 -59.51
N ASN C 818 97.39 89.82 -58.54
CA ASN C 818 98.53 88.97 -58.23
C ASN C 818 99.43 88.79 -59.44
N CYS C 819 99.50 89.82 -60.28
CA CYS C 819 100.27 89.78 -61.51
C CYS C 819 101.68 90.30 -61.35
N ASN C 820 102.07 90.74 -60.15
CA ASN C 820 103.40 91.30 -59.91
C ASN C 820 103.66 92.48 -60.86
N LEU C 821 102.77 93.46 -60.79
CA LEU C 821 102.82 94.64 -61.64
C LEU C 821 103.30 95.84 -60.84
N THR C 822 104.28 96.56 -61.37
CA THR C 822 104.86 97.71 -60.71
C THR C 822 104.23 98.99 -61.25
N SER C 823 104.74 100.14 -60.81
CA SER C 823 104.24 101.42 -61.26
C SER C 823 104.56 101.71 -62.73
N HIS C 824 105.46 100.93 -63.34
CA HIS C 824 105.81 101.17 -64.73
C HIS C 824 104.62 100.94 -65.65
N CYS C 825 103.84 99.88 -65.41
CA CYS C 825 102.67 99.61 -66.24
C CYS C 825 101.60 100.67 -66.12
N CYS C 826 101.82 101.71 -65.32
CA CYS C 826 100.83 102.77 -65.19
C CYS C 826 100.57 103.46 -66.51
N TRP C 827 101.62 103.77 -67.27
CA TRP C 827 101.41 104.41 -68.56
C TRP C 827 100.78 103.47 -69.58
N ASP C 828 101.16 102.18 -69.53
CA ASP C 828 100.49 101.19 -70.36
C ASP C 828 98.99 101.22 -70.12
N LEU C 829 98.58 101.17 -68.85
CA LEU C 829 97.16 101.13 -68.53
C LEU C 829 96.47 102.46 -68.83
N SER C 830 97.19 103.58 -68.67
CA SER C 830 96.60 104.87 -69.05
C SER C 830 96.34 104.93 -70.55
N THR C 831 97.29 104.45 -71.36
CA THR C 831 97.07 104.40 -72.79
C THR C 831 95.91 103.48 -73.15
N LEU C 832 95.83 102.34 -72.46
CA LEU C 832 94.72 101.42 -72.71
C LEU C 832 93.38 102.07 -72.36
N LEU C 833 93.33 102.81 -71.25
CA LEU C 833 92.10 103.49 -70.88
C LEU C 833 91.74 104.58 -71.89
N THR C 834 92.75 105.29 -72.39
CA THR C 834 92.49 106.38 -73.34
C THR C 834 92.13 105.88 -74.74
N SER C 835 92.57 104.68 -75.13
CA SER C 835 92.36 104.20 -76.49
C SER C 835 91.34 103.07 -76.57
N SER C 836 91.53 101.99 -75.80
CA SER C 836 90.65 100.83 -75.83
C SER C 836 89.18 101.24 -75.82
N GLN C 837 88.43 100.73 -76.78
CA GLN C 837 87.02 101.08 -76.95
C GLN C 837 86.08 99.89 -76.76
N SER C 838 86.59 98.78 -76.23
CA SER C 838 85.77 97.58 -76.07
C SER C 838 85.71 97.08 -74.63
N LEU C 839 86.81 97.16 -73.89
CA LEU C 839 86.84 96.64 -72.53
C LEU C 839 85.92 97.45 -71.62
N ARG C 840 85.32 96.77 -70.65
CA ARG C 840 84.39 97.39 -69.70
C ARG C 840 84.82 97.27 -68.25
N LYS C 841 85.59 96.25 -67.89
CA LYS C 841 85.98 96.00 -66.51
C LYS C 841 87.48 95.73 -66.46
N LEU C 842 88.16 96.35 -65.50
CA LEU C 842 89.58 96.13 -65.29
C LEU C 842 89.84 95.96 -63.79
N SER C 843 90.27 94.77 -63.39
CA SER C 843 90.62 94.48 -62.01
C SER C 843 92.13 94.27 -61.92
N LEU C 844 92.79 95.01 -61.02
CA LEU C 844 94.25 94.96 -60.95
C LEU C 844 94.76 94.94 -59.51
N GLY C 845 93.92 94.59 -58.54
CA GLY C 845 94.31 94.63 -57.16
C GLY C 845 95.55 93.82 -56.84
N ASN C 846 96.02 93.91 -55.60
CA ASN C 846 97.23 93.22 -55.16
C ASN C 846 98.42 93.61 -56.04
N ASN C 847 98.47 94.91 -56.38
CA ASN C 847 99.57 95.45 -57.16
C ASN C 847 99.85 96.87 -56.67
N ASP C 848 101.12 97.15 -56.39
CA ASP C 848 101.53 98.44 -55.85
C ASP C 848 101.76 99.44 -56.98
N LEU C 849 100.68 99.75 -57.70
CA LEU C 849 100.77 100.72 -58.78
C LEU C 849 101.17 102.09 -58.26
N GLY C 850 100.60 102.50 -57.13
CA GLY C 850 101.04 103.70 -56.45
C GLY C 850 100.02 104.82 -56.53
N ASP C 851 100.19 105.79 -55.63
CA ASP C 851 99.33 106.98 -55.65
C ASP C 851 99.50 107.75 -56.94
N LEU C 852 100.71 107.81 -57.48
CA LEU C 852 100.92 108.46 -58.77
C LEU C 852 100.13 107.77 -59.86
N GLY C 853 100.16 106.43 -59.89
CA GLY C 853 99.39 105.71 -60.88
C GLY C 853 97.90 105.92 -60.74
N VAL C 854 97.40 105.91 -59.50
CA VAL C 854 95.97 106.11 -59.28
C VAL C 854 95.58 107.52 -59.71
N MET C 855 96.42 108.52 -59.41
CA MET C 855 96.13 109.89 -59.79
C MET C 855 96.10 110.05 -61.31
N MET C 856 97.07 109.47 -62.00
CA MET C 856 97.08 109.55 -63.47
C MET C 856 95.87 108.85 -64.06
N PHE C 857 95.51 107.69 -63.50
CA PHE C 857 94.36 106.95 -64.01
C PHE C 857 93.07 107.74 -63.79
N CYS C 858 92.93 108.38 -62.62
CA CYS C 858 91.75 109.21 -62.37
C CYS C 858 91.72 110.43 -63.27
N GLU C 859 92.89 111.02 -63.54
CA GLU C 859 92.96 112.16 -64.45
C GLU C 859 92.49 111.76 -65.85
N VAL C 860 92.91 110.59 -66.31
CA VAL C 860 92.43 110.11 -67.61
C VAL C 860 90.95 109.76 -67.54
N LEU C 861 90.48 109.25 -66.40
CA LEU C 861 89.11 108.78 -66.28
C LEU C 861 88.11 109.93 -66.25
N LYS C 862 88.51 111.07 -65.68
CA LYS C 862 87.57 112.18 -65.56
C LYS C 862 87.08 112.66 -66.92
N GLN C 863 87.79 112.33 -67.99
CA GLN C 863 87.30 112.60 -69.33
C GLN C 863 86.06 111.75 -69.61
N GLN C 864 85.20 112.25 -70.51
CA GLN C 864 84.02 111.51 -70.91
C GLN C 864 84.33 110.39 -71.89
N SER C 865 85.58 110.24 -72.30
CA SER C 865 85.98 109.25 -73.30
C SER C 865 86.21 107.87 -72.71
N CYS C 866 86.06 107.69 -71.40
CA CYS C 866 86.30 106.40 -70.76
C CYS C 866 85.04 105.55 -70.88
N LEU C 867 85.04 104.64 -71.85
CA LEU C 867 83.92 103.73 -72.04
C LEU C 867 83.88 102.60 -71.03
N LEU C 868 84.98 102.35 -70.32
CA LEU C 868 84.99 101.33 -69.29
C LEU C 868 84.05 101.74 -68.14
N GLN C 869 83.54 100.73 -67.42
CA GLN C 869 82.59 100.98 -66.35
C GLN C 869 83.05 100.50 -64.98
N ASN C 870 83.92 99.49 -64.91
CA ASN C 870 84.32 98.93 -63.62
C ASN C 870 85.83 98.93 -63.50
N LEU C 871 86.33 99.41 -62.37
CA LEU C 871 87.75 99.38 -62.04
C LEU C 871 87.91 98.86 -60.62
N GLY C 872 88.83 97.92 -60.43
CA GLY C 872 89.05 97.32 -59.14
C GLY C 872 90.49 97.44 -58.65
N LEU C 873 90.70 98.21 -57.59
CA LEU C 873 92.01 98.40 -57.00
C LEU C 873 92.06 97.88 -55.57
N SER C 874 91.32 96.81 -55.29
CA SER C 874 91.28 96.25 -53.96
C SER C 874 92.65 95.72 -53.56
N GLU C 875 92.94 95.80 -52.26
CA GLU C 875 94.21 95.43 -51.65
C GLU C 875 95.28 96.50 -51.91
N MET C 876 94.98 97.52 -52.71
CA MET C 876 95.90 98.63 -52.91
C MET C 876 95.74 99.63 -51.76
N TYR C 877 96.86 99.98 -51.13
CA TYR C 877 96.87 100.90 -50.00
C TYR C 877 97.35 102.26 -50.45
N PHE C 878 96.55 103.29 -50.18
CA PHE C 878 96.82 104.65 -50.62
C PHE C 878 96.73 105.60 -49.43
N ASN C 879 96.78 106.89 -49.72
CA ASN C 879 96.71 107.91 -48.68
C ASN C 879 95.32 108.55 -48.66
N TYR C 880 95.12 109.48 -47.73
CA TYR C 880 93.84 110.18 -47.64
C TYR C 880 93.58 110.98 -48.90
N GLU C 881 94.60 111.65 -49.45
CA GLU C 881 94.43 112.41 -50.67
C GLU C 881 93.99 111.52 -51.83
N THR C 882 94.65 110.36 -51.99
CA THR C 882 94.28 109.45 -53.06
C THR C 882 92.88 108.90 -52.86
N LYS C 883 92.51 108.56 -51.63
CA LYS C 883 91.17 108.07 -51.37
C LYS C 883 90.12 109.13 -51.71
N SER C 884 90.37 110.38 -51.32
CA SER C 884 89.44 111.45 -51.62
C SER C 884 89.33 111.66 -53.13
N ALA C 885 90.45 111.61 -53.85
CA ALA C 885 90.41 111.75 -55.30
C ALA C 885 89.62 110.61 -55.94
N LEU C 886 89.81 109.38 -55.45
CA LEU C 886 89.07 108.25 -55.99
C LEU C 886 87.57 108.42 -55.75
N GLU C 887 87.19 108.84 -54.55
CA GLU C 887 85.77 109.07 -54.28
C GLU C 887 85.21 110.18 -55.16
N THR C 888 85.96 111.25 -55.34
CA THR C 888 85.51 112.35 -56.20
C THR C 888 85.30 111.87 -57.63
N LEU C 889 86.24 111.08 -58.15
CA LEU C 889 86.09 110.54 -59.50
C LEU C 889 84.86 109.63 -59.59
N GLN C 890 84.67 108.76 -58.59
CA GLN C 890 83.54 107.84 -58.64
C GLN C 890 82.22 108.58 -58.61
N GLU C 891 82.11 109.63 -57.79
CA GLU C 891 80.88 110.40 -57.72
C GLU C 891 80.70 111.33 -58.91
N GLU C 892 81.79 111.75 -59.57
CA GLU C 892 81.68 112.53 -60.80
C GLU C 892 81.25 111.67 -61.97
N LYS C 893 81.59 110.37 -61.94
CA LYS C 893 81.18 109.41 -62.97
C LYS C 893 80.45 108.27 -62.27
N PRO C 894 79.16 108.43 -61.96
CA PRO C 894 78.44 107.34 -61.28
C PRO C 894 78.44 106.05 -62.07
N GLU C 895 78.37 106.11 -63.40
CA GLU C 895 78.41 104.90 -64.20
C GLU C 895 79.79 104.25 -64.19
N LEU C 896 80.83 105.00 -63.86
CA LEU C 896 82.17 104.47 -63.71
C LEU C 896 82.46 104.26 -62.23
N THR C 897 82.62 103.00 -61.84
CA THR C 897 82.83 102.64 -60.44
C THR C 897 84.27 102.22 -60.23
N VAL C 898 84.84 102.65 -59.09
CA VAL C 898 86.18 102.27 -58.68
C VAL C 898 86.07 101.67 -57.27
N VAL C 899 86.42 100.40 -57.14
CA VAL C 899 86.32 99.68 -55.87
C VAL C 899 87.70 99.68 -55.23
N PHE C 900 87.83 100.43 -54.13
CA PHE C 900 89.08 100.56 -53.40
C PHE C 900 88.86 100.51 -51.90
N GLU C 901 87.87 99.75 -51.45
CA GLU C 901 87.50 99.74 -50.05
C GLU C 901 88.64 99.20 -49.18
N PRO C 902 88.66 99.57 -47.89
CA PRO C 902 89.69 99.14 -46.93
C PRO C 902 89.47 97.71 -46.44
N LYS D 1 51.31 -2.20 1.10
CA LYS D 1 52.40 -1.28 1.33
C LYS D 1 52.19 0.05 0.61
N LYS D 2 52.29 1.14 1.36
CA LYS D 2 52.10 2.54 0.91
C LYS D 2 52.47 3.53 2.01
N ASP D 3 53.75 3.81 2.17
CA ASP D 3 54.13 4.65 3.29
C ASP D 3 53.71 6.08 3.20
N TYR D 4 52.42 6.22 3.34
CA TYR D 4 51.71 7.49 3.29
C TYR D 4 52.44 8.55 4.10
N ARG D 5 53.15 8.13 5.15
CA ARG D 5 54.08 9.03 5.81
C ARG D 5 55.09 9.60 4.82
N LYS D 6 55.65 8.74 3.97
CA LYS D 6 56.61 9.20 2.98
C LYS D 6 55.98 10.20 2.02
N LYS D 7 54.78 9.88 1.52
CA LYS D 7 54.14 10.78 0.56
C LYS D 7 53.79 12.12 1.19
N TYR D 8 53.25 12.11 2.41
CA TYR D 8 52.94 13.35 3.09
C TYR D 8 54.20 14.15 3.38
N ARG D 9 55.28 13.48 3.78
CA ARG D 9 56.54 14.18 4.02
C ARG D 9 57.02 14.85 2.75
N LYS D 10 56.95 14.15 1.62
CA LYS D 10 57.36 14.76 0.36
C LYS D 10 56.51 15.97 0.04
N TYR D 11 55.19 15.86 0.20
CA TYR D 11 54.33 16.98 -0.12
C TYR D 11 54.63 18.19 0.76
N VAL D 12 54.77 17.97 2.07
CA VAL D 12 55.02 19.07 2.99
C VAL D 12 56.38 19.70 2.70
N ARG D 13 57.40 18.88 2.48
CA ARG D 13 58.72 19.40 2.15
C ARG D 13 58.69 20.20 0.85
N SER D 14 57.82 19.84 -0.09
CA SER D 14 57.70 20.63 -1.31
C SER D 14 56.95 21.93 -1.08
N ARG D 15 55.89 21.90 -0.28
CA ARG D 15 55.02 23.06 -0.10
C ARG D 15 55.55 24.06 0.91
N PHE D 16 56.50 23.67 1.77
CA PHE D 16 56.97 24.53 2.85
C PHE D 16 58.47 24.79 2.74
N GLN D 17 58.95 25.12 1.54
CA GLN D 17 60.38 25.32 1.31
C GLN D 17 60.73 26.69 0.77
N CYS D 18 59.77 27.58 0.60
CA CYS D 18 60.03 28.91 0.08
C CYS D 18 59.25 29.94 0.89
N ILE D 19 59.85 31.12 1.03
CA ILE D 19 59.29 32.19 1.83
C ILE D 19 59.18 33.44 0.95
N GLU D 20 57.96 33.81 0.59
CA GLU D 20 57.73 35.01 -0.20
C GLU D 20 57.68 36.23 0.72
N ASP D 21 58.47 37.25 0.38
CA ASP D 21 58.49 38.47 1.17
C ASP D 21 57.20 39.25 0.93
N ARG D 22 57.06 40.41 1.57
CA ARG D 22 55.87 41.22 1.38
C ARG D 22 55.82 41.78 -0.04
N ASN D 23 56.92 42.39 -0.50
CA ASN D 23 57.01 42.93 -1.85
C ASN D 23 57.76 41.92 -2.73
N ALA D 24 57.04 40.88 -3.14
CA ALA D 24 57.60 39.83 -3.97
C ALA D 24 56.81 39.78 -5.27
N ARG D 25 57.38 40.33 -6.34
CA ARG D 25 56.78 40.18 -7.66
C ARG D 25 56.78 38.71 -8.04
N LEU D 26 55.86 38.34 -8.92
CA LEU D 26 55.62 36.94 -9.26
C LEU D 26 56.92 36.17 -9.38
N GLY D 27 56.94 34.98 -8.76
CA GLY D 27 58.08 34.10 -8.86
C GLY D 27 59.38 34.65 -8.32
N GLU D 28 59.35 35.24 -7.12
CA GLU D 28 60.55 35.74 -6.45
C GLU D 28 60.68 35.17 -5.06
N SER D 29 60.31 33.89 -4.89
CA SER D 29 60.40 33.24 -3.60
C SER D 29 61.87 32.99 -3.22
N VAL D 30 62.10 32.85 -1.92
CA VAL D 30 63.44 32.63 -1.37
C VAL D 30 63.42 31.42 -0.46
N SER D 31 64.44 30.58 -0.57
CA SER D 31 64.49 29.35 0.20
C SER D 31 64.62 29.64 1.69
N LEU D 32 63.87 28.87 2.49
CA LEU D 32 63.92 29.05 3.94
C LEU D 32 65.32 28.74 4.48
N ASN D 33 65.91 27.63 4.03
CA ASN D 33 67.23 27.26 4.52
C ASN D 33 68.26 28.34 4.20
N LYS D 34 68.01 29.18 3.20
CA LYS D 34 68.89 30.30 2.93
C LYS D 34 68.54 31.49 3.84
N ARG D 35 67.32 31.98 3.74
CA ARG D 35 66.90 33.15 4.53
C ARG D 35 66.09 32.73 5.75
N TYR D 36 66.73 31.96 6.62
CA TYR D 36 66.19 31.66 7.94
C TYR D 36 67.33 31.62 8.94
N THR D 37 67.37 32.59 9.83
CA THR D 37 68.31 32.58 10.94
C THR D 37 67.67 31.86 12.14
N ARG D 38 68.31 31.94 13.30
CA ARG D 38 67.80 31.30 14.51
C ARG D 38 67.49 32.39 15.54
N LEU D 39 66.27 32.39 16.05
CA LEU D 39 65.83 33.41 16.99
C LEU D 39 66.28 33.03 18.40
N ARG D 40 65.78 33.77 19.39
CA ARG D 40 66.03 33.49 20.80
C ARG D 40 64.73 33.07 21.47
N LEU D 41 64.72 31.89 22.06
CA LEU D 41 63.57 31.41 22.82
C LEU D 41 63.94 31.30 24.28
N ILE D 42 63.00 31.70 25.16
CA ILE D 42 63.24 31.68 26.59
C ILE D 42 61.96 31.26 27.30
N LYS D 43 62.11 30.45 28.35
CA LYS D 43 60.97 30.14 29.21
C LYS D 43 60.68 31.37 30.08
N GLU D 44 59.56 32.04 29.79
CA GLU D 44 59.36 33.38 30.29
C GLU D 44 59.44 33.45 31.81
N HIS D 45 60.25 34.38 32.30
CA HIS D 45 60.35 34.70 33.72
C HIS D 45 60.44 36.21 33.89
N ARG D 46 59.71 36.95 33.05
CA ARG D 46 59.91 38.39 32.91
C ARG D 46 59.06 39.12 33.95
N SER D 47 59.73 39.73 34.93
CA SER D 47 59.07 40.51 35.96
C SER D 47 58.72 41.89 35.42
N GLN D 48 58.03 42.68 36.25
CA GLN D 48 57.59 44.01 35.82
C GLN D 48 58.76 44.98 35.68
N GLN D 49 59.59 45.08 36.73
CA GLN D 49 60.77 45.91 36.64
C GLN D 49 61.69 45.41 35.54
N GLU D 50 61.80 44.09 35.38
CA GLU D 50 62.63 43.53 34.32
C GLU D 50 62.12 43.98 32.96
N ARG D 51 60.81 43.94 32.76
CA ARG D 51 60.24 44.35 31.48
C ARG D 51 60.50 45.83 31.21
N GLU D 52 60.30 46.68 32.22
CA GLU D 52 60.51 48.11 32.02
C GLU D 52 61.98 48.41 31.70
N GLN D 53 62.89 47.79 32.46
CA GLN D 53 64.31 48.00 32.20
C GLN D 53 64.70 47.48 30.83
N GLU D 54 64.13 46.34 30.41
CA GLU D 54 64.39 45.85 29.07
C GLU D 54 63.97 46.87 28.03
N LEU D 55 62.74 47.36 28.13
CA LEU D 55 62.29 48.42 27.22
C LEU D 55 63.33 49.53 27.13
N LEU D 56 63.61 50.18 28.25
CA LEU D 56 64.43 51.38 28.22
C LEU D 56 65.85 51.10 27.74
N ALA D 57 66.49 50.06 28.30
CA ALA D 57 67.87 49.77 27.93
C ALA D 57 67.98 49.36 26.46
N ILE D 58 67.18 48.38 26.04
CA ILE D 58 67.19 47.97 24.64
C ILE D 58 66.96 49.16 23.74
N GLY D 59 66.15 50.11 24.21
CA GLY D 59 66.04 51.37 23.48
C GLY D 59 67.37 52.09 23.40
N LYS D 60 68.07 52.19 24.53
CA LYS D 60 69.33 52.91 24.52
C LYS D 60 70.34 52.22 23.60
N THR D 61 70.88 51.09 24.02
CA THR D 61 71.61 50.24 23.07
C THR D 61 71.41 48.76 23.34
N LYS D 62 71.18 48.41 24.61
CA LYS D 62 71.25 47.04 25.08
C LYS D 62 72.38 46.28 24.39
N THR D 63 73.57 46.88 24.35
CA THR D 63 74.72 46.28 23.69
C THR D 63 75.67 45.61 24.69
N CYS D 64 75.36 45.65 25.98
CA CYS D 64 76.24 45.03 26.97
C CYS D 64 76.21 43.51 26.85
N GLU D 65 77.31 42.88 27.27
CA GLU D 65 77.43 41.43 27.23
C GLU D 65 76.47 40.82 28.25
N SER D 66 75.38 40.23 27.76
CA SER D 66 74.37 39.60 28.61
C SER D 66 74.02 38.23 28.04
N PRO D 67 74.97 37.29 28.07
CA PRO D 67 74.67 35.94 27.60
C PRO D 67 73.66 35.23 28.48
N VAL D 68 72.93 34.29 27.88
CA VAL D 68 71.90 33.53 28.57
C VAL D 68 72.00 32.07 28.15
N SER D 69 71.25 31.21 28.85
CA SER D 69 71.19 29.80 28.54
C SER D 69 70.07 29.56 27.53
N PRO D 70 70.37 29.02 26.35
CA PRO D 70 69.33 28.89 25.32
C PRO D 70 68.56 27.58 25.43
N ILE D 71 67.33 27.62 24.90
CA ILE D 71 66.49 26.45 24.78
C ILE D 71 66.65 25.87 23.39
N LYS D 72 66.63 24.54 23.28
CA LYS D 72 66.72 23.88 22.01
C LYS D 72 65.32 23.65 21.45
N MET D 73 65.23 23.01 20.29
CA MET D 73 63.97 22.82 19.61
C MET D 73 63.52 21.37 19.50
N GLU D 74 64.44 20.41 19.42
CA GLU D 74 64.03 19.01 19.29
C GLU D 74 63.41 18.49 20.57
N LEU D 75 63.87 18.94 21.73
CA LEU D 75 63.36 18.50 23.02
C LEU D 75 62.43 19.52 23.64
N LEU D 76 61.66 20.23 22.83
CA LEU D 76 60.69 21.18 23.35
C LEU D 76 59.51 20.49 24.02
N PHE D 77 59.24 19.23 23.66
CA PHE D 77 58.12 18.49 24.22
C PHE D 77 58.54 17.50 25.29
N ASP D 78 59.83 17.38 25.58
CA ASP D 78 60.29 16.42 26.56
C ASP D 78 59.92 16.86 27.97
N PRO D 79 59.71 15.90 28.87
CA PRO D 79 59.33 16.27 30.24
C PRO D 79 60.42 17.04 30.96
N ASP D 80 60.00 17.93 31.84
CA ASP D 80 60.89 18.79 32.60
C ASP D 80 62.03 18.02 33.26
N ASP D 81 61.69 16.96 33.98
CA ASP D 81 62.69 16.15 34.65
C ASP D 81 63.29 15.10 33.72
N GLU D 82 63.16 13.84 34.10
CA GLU D 82 63.70 12.74 33.30
C GLU D 82 62.86 11.48 33.48
N HIS D 83 61.90 11.53 34.39
CA HIS D 83 61.04 10.39 34.65
C HIS D 83 59.60 10.83 34.89
N SER D 84 59.27 12.04 34.44
CA SER D 84 57.93 12.58 34.58
C SER D 84 57.14 12.29 33.32
N GLU D 85 56.17 13.14 33.03
CA GLU D 85 55.37 12.94 31.82
C GLU D 85 55.68 14.02 30.80
N PRO D 86 55.74 13.64 29.52
CA PRO D 86 56.02 14.62 28.49
C PRO D 86 54.89 15.62 28.36
N VAL D 87 55.23 16.87 28.04
CA VAL D 87 54.24 17.92 27.88
C VAL D 87 53.39 17.66 26.66
N HIS D 88 52.15 18.11 26.70
CA HIS D 88 51.23 17.95 25.56
C HIS D 88 50.67 19.29 25.12
N THR D 89 51.42 20.37 25.34
CA THR D 89 51.06 21.65 24.73
C THR D 89 52.20 22.63 24.94
N VAL D 90 52.53 23.35 23.88
CA VAL D 90 53.51 24.44 23.93
C VAL D 90 52.85 25.67 23.33
N VAL D 91 53.24 26.84 23.83
CA VAL D 91 52.65 28.10 23.43
C VAL D 91 53.80 29.06 23.12
N PHE D 92 54.09 29.25 21.85
CA PHE D 92 55.03 30.28 21.43
C PHE D 92 54.34 31.63 21.48
N GLN D 93 55.00 32.61 22.11
CA GLN D 93 54.43 33.95 22.18
C GLN D 93 55.53 34.97 21.93
N GLY D 94 55.24 35.96 21.11
CA GLY D 94 56.19 37.01 20.79
C GLY D 94 55.48 38.21 20.23
N ALA D 95 56.24 39.27 20.00
CA ALA D 95 55.66 40.50 19.49
C ALA D 95 55.10 40.28 18.09
N ALA D 96 54.47 41.29 17.53
CA ALA D 96 53.89 41.17 16.20
C ALA D 96 54.99 41.12 15.15
N GLY D 97 54.93 40.13 14.27
CA GLY D 97 55.97 39.95 13.26
C GLY D 97 57.34 39.82 13.87
N ILE D 98 57.57 38.73 14.62
CA ILE D 98 58.85 38.50 15.27
C ILE D 98 59.39 37.13 14.87
N GLY D 99 58.56 36.32 14.24
CA GLY D 99 59.04 35.06 13.73
C GLY D 99 58.20 33.82 14.04
N LYS D 100 56.98 34.01 14.53
CA LYS D 100 56.17 32.85 14.90
C LYS D 100 55.90 31.97 13.68
N THR D 101 55.38 32.56 12.61
CA THR D 101 55.00 31.76 11.45
C THR D 101 56.21 31.18 10.74
N ILE D 102 57.29 31.97 10.64
CA ILE D 102 58.49 31.45 10.02
C ILE D 102 59.08 30.31 10.83
N LEU D 103 58.99 30.39 12.16
CA LEU D 103 59.47 29.29 12.99
C LEU D 103 58.60 28.05 12.82
N ALA D 104 57.28 28.23 12.72
CA ALA D 104 56.42 27.08 12.46
C ALA D 104 56.75 26.44 11.12
N ARG D 105 56.96 27.25 10.08
CA ARG D 105 57.34 26.71 8.78
C ARG D 105 58.68 25.99 8.87
N LYS D 106 59.64 26.56 9.61
CA LYS D 106 60.93 25.91 9.76
C LYS D 106 60.80 24.56 10.43
N MET D 107 59.99 24.47 11.48
CA MET D 107 59.77 23.19 12.14
C MET D 107 59.13 22.20 11.17
N MET D 108 58.14 22.65 10.40
CA MET D 108 57.48 21.75 9.46
C MET D 108 58.46 21.22 8.42
N LEU D 109 59.22 22.12 7.81
CA LEU D 109 60.16 21.72 6.77
C LEU D 109 61.26 20.82 7.32
N ASP D 110 61.77 21.16 8.51
CA ASP D 110 62.81 20.32 9.11
C ASP D 110 62.29 18.94 9.43
N TRP D 111 61.07 18.84 9.96
CA TRP D 111 60.48 17.53 10.19
C TRP D 111 60.34 16.76 8.89
N ALA D 112 59.83 17.42 7.85
CA ALA D 112 59.63 16.75 6.56
C ALA D 112 60.95 16.22 6.04
N SER D 113 62.01 17.04 6.09
CA SER D 113 63.33 16.59 5.69
C SER D 113 63.91 15.53 6.63
N GLY D 114 63.36 15.41 7.84
CA GLY D 114 63.87 14.46 8.80
C GLY D 114 65.06 14.99 9.58
N THR D 115 64.92 16.19 10.14
CA THR D 115 65.97 16.81 10.94
C THR D 115 65.58 17.01 12.40
N LEU D 116 64.33 16.76 12.76
CA LEU D 116 63.90 16.84 14.15
C LEU D 116 62.56 16.14 14.28
N TYR D 117 62.31 15.60 15.47
CA TYR D 117 61.09 14.83 15.73
C TYR D 117 60.97 13.65 14.76
N GLN D 118 62.10 13.00 14.48
CA GLN D 118 62.05 11.79 13.67
C GLN D 118 61.12 10.76 14.31
N ASP D 119 61.26 10.56 15.60
CA ASP D 119 60.33 9.77 16.39
C ASP D 119 59.26 10.71 16.96
N ARG D 120 58.49 10.25 17.94
CA ARG D 120 57.52 11.09 18.62
C ARG D 120 56.24 11.23 17.82
N PHE D 121 56.29 11.96 16.71
CA PHE D 121 55.12 12.15 15.86
C PHE D 121 55.55 12.32 14.43
N ASP D 122 54.63 12.04 13.51
CA ASP D 122 54.93 12.09 12.09
C ASP D 122 53.80 12.71 11.27
N TYR D 123 52.94 13.50 11.88
CA TYR D 123 51.80 14.10 11.18
C TYR D 123 51.59 15.54 11.61
N LEU D 124 52.65 16.35 11.52
CA LEU D 124 52.55 17.74 11.94
C LEU D 124 51.62 18.49 11.01
N PHE D 125 50.35 18.62 11.40
CA PHE D 125 49.32 19.23 10.58
C PHE D 125 49.31 20.73 10.83
N TYR D 126 50.00 21.49 9.97
CA TYR D 126 49.94 22.94 10.08
C TYR D 126 48.49 23.40 9.92
N ILE D 127 48.06 24.29 10.82
CA ILE D 127 46.71 24.82 10.76
C ILE D 127 46.75 26.32 11.03
N HIS D 128 46.71 27.12 9.97
CA HIS D 128 46.66 28.56 10.15
C HIS D 128 45.31 28.97 10.71
N CYS D 129 45.31 29.96 11.60
CA CYS D 129 44.07 30.38 12.24
C CYS D 129 43.29 31.34 11.38
N ARG D 130 43.96 32.30 10.74
CA ARG D 130 43.26 33.28 9.92
C ARG D 130 42.46 32.59 8.81
N GLU D 131 43.09 31.64 8.12
CA GLU D 131 42.42 30.98 7.00
C GLU D 131 41.19 30.21 7.46
N VAL D 132 41.27 29.58 8.63
CA VAL D 132 40.19 28.73 9.12
C VAL D 132 39.09 29.65 9.66
N SER D 133 38.11 29.95 8.83
CA SER D 133 36.92 30.65 9.31
C SER D 133 36.06 29.70 10.13
N LEU D 134 35.44 30.23 11.17
CA LEU D 134 34.67 29.42 12.11
C LEU D 134 33.20 29.82 12.08
N VAL D 135 32.48 29.35 11.07
CA VAL D 135 31.03 29.36 11.14
C VAL D 135 30.41 28.07 10.60
N THR D 136 31.08 27.44 9.64
CA THR D 136 30.29 26.58 8.75
C THR D 136 30.10 25.15 9.23
N GLN D 137 31.11 24.29 9.06
CA GLN D 137 30.96 22.91 9.50
C GLN D 137 32.28 22.22 9.88
N ARG D 138 33.36 22.96 10.07
CA ARG D 138 34.69 22.36 10.10
C ARG D 138 34.74 21.09 10.93
N SER D 139 35.07 19.97 10.28
CA SER D 139 35.20 18.68 10.93
C SER D 139 36.66 18.26 10.87
N LEU D 140 37.12 17.58 11.93
CA LEU D 140 38.53 17.21 11.97
C LEU D 140 38.93 16.41 10.75
N GLY D 141 38.00 15.65 10.16
CA GLY D 141 38.32 14.98 8.91
C GLY D 141 38.71 15.95 7.81
N ASP D 142 37.92 17.02 7.65
CA ASP D 142 38.24 18.02 6.64
C ASP D 142 39.50 18.80 7.02
N LEU D 143 39.68 19.08 8.30
CA LEU D 143 40.86 19.82 8.75
C LEU D 143 42.14 19.01 8.57
N ILE D 144 42.04 17.68 8.53
CA ILE D 144 43.19 16.86 8.21
C ILE D 144 43.34 16.66 6.71
N MET D 145 42.23 16.62 5.97
CA MET D 145 42.31 16.52 4.52
C MET D 145 42.97 17.76 3.92
N SER D 146 42.57 18.94 4.39
CA SER D 146 43.05 20.18 3.79
C SER D 146 44.57 20.21 3.74
N CYS D 147 45.23 19.89 4.85
CA CYS D 147 46.68 19.73 4.86
C CYS D 147 47.09 18.30 4.62
N CYS D 148 46.58 17.68 3.55
CA CYS D 148 46.91 16.31 3.20
C CYS D 148 46.47 16.03 1.77
N PRO D 149 47.33 16.26 0.78
CA PRO D 149 46.88 16.17 -0.62
C PRO D 149 46.53 14.76 -1.04
N ASP D 150 45.23 14.52 -1.23
CA ASP D 150 44.75 13.23 -1.69
C ASP D 150 43.24 13.32 -1.88
N PRO D 151 42.65 12.52 -2.77
CA PRO D 151 41.18 12.42 -2.78
C PRO D 151 40.64 12.02 -1.42
N ASN D 152 41.36 11.16 -0.72
CA ASN D 152 41.03 10.76 0.65
C ASN D 152 42.31 10.35 1.37
N PRO D 153 42.70 11.04 2.43
CA PRO D 153 43.84 10.60 3.23
C PRO D 153 43.37 9.63 4.30
N PRO D 154 44.16 8.61 4.62
CA PRO D 154 43.67 7.60 5.58
C PRO D 154 43.57 8.19 6.96
N ILE D 155 42.36 8.52 7.38
CA ILE D 155 42.13 9.15 8.68
C ILE D 155 41.86 8.11 9.76
N HIS D 156 41.05 7.10 9.46
CA HIS D 156 40.81 6.04 10.43
C HIS D 156 42.09 5.28 10.72
N LYS D 157 43.18 5.66 10.06
CA LYS D 157 44.51 5.16 10.33
C LYS D 157 45.47 6.22 10.84
N ILE D 158 45.37 7.46 10.36
CA ILE D 158 46.23 8.53 10.86
C ILE D 158 45.85 8.89 12.29
N VAL D 159 44.56 9.01 12.57
CA VAL D 159 44.05 9.49 13.84
C VAL D 159 43.85 8.32 14.79
N ARG D 160 44.35 7.15 14.41
CA ARG D 160 44.26 5.96 15.25
C ARG D 160 45.42 5.85 16.22
N LYS D 161 46.33 6.82 16.21
CA LYS D 161 47.48 6.85 17.12
C LYS D 161 47.75 8.29 17.52
N PRO D 162 46.80 8.98 18.14
CA PRO D 162 47.00 10.40 18.46
C PRO D 162 48.22 10.66 19.32
N SER D 163 48.82 9.58 19.86
CA SER D 163 50.07 9.74 20.60
C SER D 163 51.17 10.27 19.70
N ARG D 164 51.08 10.03 18.39
CA ARG D 164 52.07 10.49 17.43
C ARG D 164 51.39 11.49 16.50
N ILE D 165 51.34 12.74 16.91
CA ILE D 165 50.81 13.82 16.09
C ILE D 165 51.29 15.16 16.62
N LEU D 166 51.33 16.16 15.75
CA LEU D 166 51.50 17.55 16.16
C LEU D 166 50.48 18.39 15.42
N PHE D 167 49.98 19.41 16.10
CA PHE D 167 48.93 20.26 15.56
C PHE D 167 49.38 21.71 15.53
N LEU D 168 50.55 21.95 14.96
CA LEU D 168 51.07 23.30 14.81
C LEU D 168 49.96 24.26 14.40
N MET D 169 49.82 25.36 15.12
CA MET D 169 48.84 26.39 14.80
C MET D 169 49.56 27.71 14.60
N ASP D 170 48.80 28.77 14.36
CA ASP D 170 49.38 30.09 14.17
C ASP D 170 48.36 31.18 14.38
N GLY D 171 48.85 32.37 14.74
CA GLY D 171 48.01 33.54 14.92
C GLY D 171 46.75 33.32 15.73
N PHE D 172 46.89 32.75 16.93
CA PHE D 172 45.71 32.60 17.77
C PHE D 172 45.14 33.94 18.19
N ASP D 173 45.89 35.03 18.04
CA ASP D 173 45.33 36.37 18.20
C ASP D 173 44.29 36.69 17.13
N GLU D 174 44.25 35.92 16.05
CA GLU D 174 43.23 36.10 15.02
C GLU D 174 41.83 35.78 15.54
N LEU D 175 41.76 35.07 16.66
CA LEU D 175 40.48 34.64 17.20
C LEU D 175 40.13 35.00 18.65
N GLN D 176 40.84 35.99 19.21
CA GLN D 176 40.64 36.44 20.58
C GLN D 176 39.17 36.75 20.80
N GLY D 177 38.67 37.60 19.92
CA GLY D 177 37.27 37.97 19.93
C GLY D 177 36.40 36.73 19.86
N ALA D 178 36.70 35.82 18.96
CA ALA D 178 35.95 34.57 18.86
C ALA D 178 35.77 33.79 20.14
N PHE D 179 36.71 33.76 21.08
CA PHE D 179 36.32 32.99 22.31
C PHE D 179 35.68 33.79 23.48
N ASP D 180 34.33 33.80 23.66
CA ASP D 180 33.79 34.68 24.69
C ASP D 180 32.84 33.93 25.61
N GLU D 181 31.96 33.11 25.03
CA GLU D 181 31.02 32.29 25.78
C GLU D 181 31.49 30.84 25.66
N HIS D 182 31.57 30.15 26.80
CA HIS D 182 32.04 28.77 26.79
C HIS D 182 31.06 27.89 26.03
N ILE D 183 31.43 27.52 24.81
CA ILE D 183 30.54 26.72 23.96
C ILE D 183 30.29 25.39 24.66
N GLY D 184 29.03 25.16 25.03
CA GLY D 184 28.66 23.97 25.75
C GLY D 184 28.99 22.69 25.00
N PRO D 185 28.63 22.62 23.72
CA PRO D 185 28.97 21.43 22.92
C PRO D 185 30.47 21.40 22.63
N LEU D 186 31.14 20.37 23.15
CA LEU D 186 32.56 20.14 22.91
C LEU D 186 32.70 18.73 22.32
N CYS D 187 32.66 18.66 20.98
CA CYS D 187 32.73 17.38 20.29
C CYS D 187 33.98 16.61 20.70
N THR D 188 33.94 15.29 20.54
CA THR D 188 35.08 14.43 20.85
C THR D 188 35.32 13.41 19.74
N ASP D 189 34.85 13.72 18.53
CA ASP D 189 34.98 12.82 17.40
C ASP D 189 35.47 13.60 16.19
N TRP D 190 36.19 12.91 15.31
CA TRP D 190 36.72 13.52 14.10
C TRP D 190 35.89 13.19 12.86
N GLN D 191 34.76 12.50 13.02
CA GLN D 191 33.89 12.15 11.91
C GLN D 191 32.53 12.82 12.02
N LYS D 192 32.51 14.06 12.50
CA LYS D 192 31.27 14.78 12.74
C LYS D 192 31.38 16.20 12.24
N ALA D 193 30.22 16.80 11.95
CA ALA D 193 30.14 18.22 11.62
C ALA D 193 30.37 19.02 12.89
N GLU D 194 31.62 19.41 13.14
CA GLU D 194 32.03 19.92 14.44
C GLU D 194 31.77 21.42 14.61
N ARG D 195 31.18 22.09 13.63
CA ARG D 195 30.68 23.45 13.72
C ARG D 195 31.77 24.50 13.59
N GLY D 196 33.04 24.11 13.49
CA GLY D 196 34.09 25.10 13.25
C GLY D 196 34.75 25.63 14.51
N ASP D 197 34.27 26.76 15.01
CA ASP D 197 34.85 27.34 16.22
C ASP D 197 34.74 26.39 17.40
N ILE D 198 33.62 25.65 17.49
CA ILE D 198 33.48 24.66 18.54
C ILE D 198 34.54 23.57 18.41
N LEU D 199 34.78 23.11 17.18
CA LEU D 199 35.84 22.14 16.95
C LEU D 199 37.20 22.69 17.36
N LEU D 200 37.45 23.96 17.06
CA LEU D 200 38.73 24.58 17.42
C LEU D 200 38.89 24.61 18.95
N SER D 201 37.83 25.00 19.65
CA SER D 201 37.88 25.03 21.11
C SER D 201 38.09 23.64 21.68
N SER D 202 37.42 22.63 21.11
CA SER D 202 37.61 21.26 21.57
C SER D 202 39.04 20.81 21.35
N LEU D 203 39.61 21.12 20.18
CA LEU D 203 40.99 20.77 19.92
C LEU D 203 41.93 21.44 20.91
N ILE D 204 41.68 22.72 21.22
CA ILE D 204 42.53 23.43 22.18
C ILE D 204 42.43 22.78 23.55
N ARG D 205 41.22 22.41 23.97
CA ARG D 205 41.01 21.79 25.27
C ARG D 205 41.41 20.32 25.29
N LYS D 206 41.76 19.75 24.14
CA LYS D 206 42.24 18.37 24.06
C LYS D 206 41.12 17.36 24.26
N LYS D 207 39.92 17.69 23.76
CA LYS D 207 38.86 16.69 23.68
C LYS D 207 39.06 15.79 22.47
N LEU D 208 39.28 16.37 21.30
CA LEU D 208 39.60 15.60 20.11
C LEU D 208 41.05 15.16 20.18
N LEU D 209 41.28 13.85 20.10
CA LEU D 209 42.62 13.28 20.25
C LEU D 209 43.27 13.81 21.53
N PRO D 210 42.66 13.57 22.69
CA PRO D 210 43.18 14.18 23.93
C PRO D 210 44.65 13.91 24.16
N GLU D 211 45.18 12.82 23.64
CA GLU D 211 46.60 12.50 23.77
C GLU D 211 47.40 12.89 22.52
N ALA D 212 46.87 13.79 21.71
CA ALA D 212 47.56 14.28 20.53
C ALA D 212 48.25 15.60 20.88
N SER D 213 49.57 15.65 20.69
CA SER D 213 50.33 16.82 21.11
C SER D 213 49.84 18.05 20.38
N LEU D 214 50.27 19.23 20.83
CA LEU D 214 49.81 20.48 20.26
C LEU D 214 50.95 21.48 20.24
N LEU D 215 50.72 22.60 19.56
CA LEU D 215 51.62 23.74 19.58
C LEU D 215 50.88 24.95 19.05
N ILE D 216 50.85 26.03 19.81
CA ILE D 216 50.07 27.22 19.46
C ILE D 216 51.00 28.42 19.47
N THR D 217 51.05 29.13 18.35
CA THR D 217 51.74 30.40 18.31
C THR D 217 50.72 31.52 18.44
N THR D 218 51.10 32.59 19.13
CA THR D 218 50.11 33.65 19.34
C THR D 218 50.81 34.91 19.80
N ARG D 219 50.27 36.04 19.35
CA ARG D 219 50.70 37.33 19.88
C ARG D 219 50.26 37.47 21.33
N PRO D 220 51.00 38.22 22.14
CA PRO D 220 50.61 38.40 23.54
C PRO D 220 49.43 39.36 23.68
N VAL D 221 48.24 38.88 23.32
CA VAL D 221 47.06 39.73 23.29
C VAL D 221 45.91 39.08 24.04
N ALA D 222 46.03 37.78 24.32
CA ALA D 222 44.97 37.06 25.03
C ALA D 222 45.44 36.57 26.40
N LEU D 223 46.50 35.77 26.45
CA LEU D 223 47.06 35.27 27.70
C LEU D 223 46.00 34.83 28.70
N GLU D 224 45.29 35.80 29.30
CA GLU D 224 44.31 35.49 30.33
C GLU D 224 43.22 34.56 29.82
N LYS D 225 42.44 35.02 28.84
CA LYS D 225 41.36 34.20 28.32
C LYS D 225 41.87 32.87 27.80
N LEU D 226 43.11 32.83 27.30
CA LEU D 226 43.67 31.58 26.81
C LEU D 226 43.98 30.62 27.95
N GLN D 227 44.38 31.15 29.10
CA GLN D 227 44.78 30.30 30.22
C GLN D 227 43.65 29.45 30.77
N HIS D 228 42.39 29.74 30.42
CA HIS D 228 41.27 28.92 30.83
C HIS D 228 41.02 27.76 29.87
N LEU D 229 41.87 27.59 28.87
CA LEU D 229 41.70 26.52 27.88
C LEU D 229 42.91 25.62 27.74
N LEU D 230 44.08 26.01 28.26
CA LEU D 230 45.30 25.26 28.06
C LEU D 230 45.48 24.23 29.16
N ASP D 231 46.06 23.09 28.78
CA ASP D 231 46.31 21.99 29.72
C ASP D 231 47.74 22.11 30.24
N HIS D 232 47.94 23.09 31.12
CA HIS D 232 49.23 23.36 31.73
C HIS D 232 50.35 23.35 30.67
N PRO D 233 50.27 24.24 29.69
CA PRO D 233 51.22 24.19 28.57
C PRO D 233 52.53 24.87 28.90
N ARG D 234 53.61 24.28 28.39
CA ARG D 234 54.95 24.85 28.54
C ARG D 234 55.13 25.87 27.43
N HIS D 235 55.14 27.16 27.78
CA HIS D 235 55.20 28.18 26.75
C HIS D 235 56.62 28.71 26.62
N VAL D 236 56.91 29.24 25.43
CA VAL D 236 58.22 29.80 25.11
C VAL D 236 58.01 31.18 24.52
N GLU D 237 58.73 32.17 25.06
CA GLU D 237 58.69 33.52 24.54
C GLU D 237 59.82 33.70 23.52
N ILE D 238 59.49 34.33 22.40
CA ILE D 238 60.43 34.56 21.31
C ILE D 238 60.92 36.00 21.42
N LEU D 239 62.17 36.22 21.02
CA LEU D 239 62.77 37.54 21.12
C LEU D 239 63.19 38.11 19.78
N GLY D 240 63.92 37.35 18.97
CA GLY D 240 64.39 37.81 17.69
C GLY D 240 65.84 37.44 17.51
N PHE D 241 66.53 38.20 16.68
CA PHE D 241 67.97 38.05 16.51
C PHE D 241 68.68 38.83 17.60
N SER D 242 69.67 38.22 18.24
CA SER D 242 70.14 38.79 19.49
C SER D 242 71.12 39.94 19.29
N GLU D 243 72.37 39.65 18.93
CA GLU D 243 73.29 40.72 18.55
C GLU D 243 74.12 40.35 17.33
N ALA D 244 74.55 39.10 17.26
CA ALA D 244 75.32 38.62 16.12
C ALA D 244 74.44 37.95 15.09
N LYS D 245 73.26 37.49 15.49
CA LYS D 245 72.33 36.91 14.53
C LYS D 245 71.93 37.94 13.47
N ARG D 246 71.94 39.22 13.82
CA ARG D 246 71.64 40.26 12.84
C ARG D 246 72.73 40.37 11.79
N LYS D 247 73.99 40.44 12.25
CA LYS D 247 75.12 40.61 11.34
C LYS D 247 75.38 39.32 10.59
N GLU D 248 74.70 38.26 11.00
CA GLU D 248 74.66 37.03 10.21
C GLU D 248 73.47 36.99 9.27
N TYR D 249 72.36 37.63 9.63
CA TYR D 249 71.21 37.73 8.74
C TYR D 249 71.53 38.58 7.52
N PHE D 250 72.29 39.65 7.72
CA PHE D 250 72.68 40.46 6.56
C PHE D 250 73.48 39.63 5.56
N PHE D 251 74.34 38.75 6.05
CA PHE D 251 75.14 37.90 5.17
C PHE D 251 74.31 36.83 4.48
N LYS D 252 73.07 36.60 4.91
CA LYS D 252 72.16 35.72 4.19
C LYS D 252 71.22 36.47 3.26
N TYR D 253 70.91 37.73 3.56
CA TYR D 253 70.05 38.51 2.68
C TYR D 253 70.83 39.05 1.49
N PHE D 254 72.01 39.59 1.72
CA PHE D 254 72.80 40.16 0.65
C PHE D 254 73.71 39.12 0.02
N SER D 255 74.09 39.38 -1.24
CA SER D 255 74.81 38.42 -2.06
C SER D 255 76.18 38.06 -1.48
N ASP D 256 77.08 39.05 -1.40
CA ASP D 256 78.49 38.79 -1.11
C ASP D 256 78.96 39.68 0.04
N GLU D 257 80.23 39.50 0.40
CA GLU D 257 80.83 40.32 1.45
C GLU D 257 80.86 41.79 1.05
N ALA D 258 81.19 42.07 -0.21
CA ALA D 258 81.26 43.45 -0.67
C ALA D 258 79.97 44.20 -0.33
N GLN D 259 78.83 43.59 -0.60
CA GLN D 259 77.56 44.17 -0.20
C GLN D 259 77.42 44.16 1.33
N ALA D 260 77.47 42.96 1.92
CA ALA D 260 77.07 42.78 3.30
C ALA D 260 77.83 43.69 4.26
N ARG D 261 79.14 43.83 4.06
CA ARG D 261 79.93 44.63 5.00
C ARG D 261 79.42 46.06 5.08
N ALA D 262 79.33 46.73 3.93
CA ALA D 262 78.85 48.11 3.92
C ALA D 262 77.40 48.20 4.38
N ALA D 263 76.56 47.26 3.92
CA ALA D 263 75.17 47.26 4.31
C ALA D 263 75.02 47.22 5.82
N PHE D 264 75.73 46.30 6.47
CA PHE D 264 75.67 46.20 7.92
C PHE D 264 76.22 47.45 8.58
N SER D 265 77.42 47.89 8.17
CA SER D 265 78.02 49.06 8.79
C SER D 265 77.09 50.25 8.77
N LEU D 266 76.38 50.45 7.64
CA LEU D 266 75.46 51.58 7.55
C LEU D 266 74.44 51.59 8.67
N ILE D 267 74.04 50.41 9.15
CA ILE D 267 73.07 50.31 10.23
C ILE D 267 73.77 50.34 11.59
N GLN D 268 74.84 49.57 11.74
CA GLN D 268 75.56 49.51 13.01
C GLN D 268 76.02 50.90 13.44
N GLU D 269 76.26 51.80 12.48
CA GLU D 269 76.55 53.18 12.84
C GLU D 269 75.39 53.79 13.63
N ASN D 270 74.16 53.58 13.17
CA ASN D 270 72.98 54.05 13.86
C ASN D 270 72.60 53.06 14.96
N GLU D 271 72.33 53.57 16.15
CA GLU D 271 72.05 52.70 17.29
C GLU D 271 70.55 52.47 17.49
N VAL D 272 69.75 53.53 17.41
CA VAL D 272 68.30 53.41 17.59
C VAL D 272 67.75 52.34 16.67
N LEU D 273 68.46 52.08 15.57
CA LEU D 273 68.08 51.02 14.65
C LEU D 273 68.72 49.69 14.98
N PHE D 274 69.98 49.69 15.42
CA PHE D 274 70.64 48.41 15.68
C PHE D 274 69.84 47.68 16.74
N THR D 275 69.50 48.33 17.86
CA THR D 275 68.63 47.72 18.84
C THR D 275 67.27 47.17 18.40
N MET D 276 66.46 48.01 17.77
CA MET D 276 65.17 47.56 17.27
C MET D 276 65.28 46.67 16.05
N CYS D 277 66.50 46.35 15.62
CA CYS D 277 66.70 45.37 14.56
C CYS D 277 66.54 43.94 15.04
N PHE D 278 66.14 43.72 16.29
CA PHE D 278 65.92 42.35 16.73
C PHE D 278 64.64 41.79 16.11
N ILE D 279 63.61 42.62 15.98
CA ILE D 279 62.39 42.21 15.29
C ILE D 279 62.79 41.81 13.87
N PRO D 280 62.69 40.53 13.51
CA PRO D 280 63.14 40.11 12.18
C PRO D 280 62.48 40.88 11.05
N LEU D 281 61.19 41.19 11.19
CA LEU D 281 60.52 41.98 10.15
C LEU D 281 61.14 43.37 10.04
N VAL D 282 61.50 43.97 11.17
CA VAL D 282 62.09 45.30 11.15
C VAL D 282 63.56 45.27 10.76
N CYS D 283 64.17 44.09 10.72
CA CYS D 283 65.49 43.95 10.12
C CYS D 283 65.42 43.73 8.62
N TRP D 284 64.44 42.96 8.16
CA TRP D 284 64.19 42.82 6.74
C TRP D 284 63.79 44.15 6.10
N ILE D 285 62.92 44.91 6.77
CA ILE D 285 62.49 46.20 6.24
C ILE D 285 63.66 47.14 6.07
N VAL D 286 64.74 46.96 6.82
CA VAL D 286 65.91 47.81 6.71
C VAL D 286 66.95 47.22 5.76
N CYS D 287 66.94 45.90 5.55
CA CYS D 287 67.92 45.32 4.64
C CYS D 287 67.46 45.39 3.19
N THR D 288 66.17 45.21 2.92
CA THR D 288 65.65 45.43 1.58
C THR D 288 65.80 46.90 1.18
N GLY D 289 65.62 47.81 2.12
CA GLY D 289 65.82 49.22 1.83
C GLY D 289 67.23 49.50 1.33
N LEU D 290 68.23 48.84 1.92
CA LEU D 290 69.59 49.02 1.43
C LEU D 290 69.85 48.25 0.14
N LYS D 291 69.17 47.11 -0.04
CA LYS D 291 69.31 46.37 -1.29
C LYS D 291 68.84 47.19 -2.48
N GLN D 292 67.76 47.95 -2.30
CA GLN D 292 67.27 48.80 -3.39
C GLN D 292 68.34 49.79 -3.83
N GLN D 293 68.94 50.52 -2.89
CA GLN D 293 70.02 51.44 -3.24
C GLN D 293 71.20 50.70 -3.85
N MET D 294 71.54 49.54 -3.29
CA MET D 294 72.70 48.81 -3.80
C MET D 294 72.53 48.40 -5.26
N GLU D 295 71.34 47.96 -5.63
CA GLU D 295 71.08 47.49 -6.99
C GLU D 295 70.48 48.55 -7.90
N SER D 296 70.27 49.77 -7.41
CA SER D 296 69.78 50.86 -8.24
C SER D 296 70.89 51.85 -8.59
N GLY D 297 72.13 51.37 -8.70
CA GLY D 297 73.25 52.23 -9.06
C GLY D 297 73.40 53.44 -8.17
N LYS D 298 73.69 53.22 -6.89
CA LYS D 298 73.86 54.31 -5.94
C LYS D 298 74.96 53.94 -4.96
N SER D 299 75.54 54.95 -4.33
CA SER D 299 76.63 54.77 -3.38
C SER D 299 76.06 54.65 -1.97
N LEU D 300 76.21 53.47 -1.38
CA LEU D 300 75.79 53.29 0.02
C LEU D 300 76.66 54.07 0.98
N ALA D 301 77.93 54.28 0.63
CA ALA D 301 78.80 55.08 1.49
C ALA D 301 78.20 56.46 1.74
N GLN D 302 77.46 56.99 0.77
CA GLN D 302 76.70 58.21 0.95
C GLN D 302 75.22 57.94 1.16
N THR D 303 74.81 56.68 1.20
CA THR D 303 73.40 56.36 1.42
C THR D 303 72.97 56.75 2.83
N SER D 304 71.69 57.08 2.98
CA SER D 304 71.11 57.46 4.24
C SER D 304 70.00 56.49 4.62
N LYS D 305 69.90 56.17 5.90
CA LYS D 305 68.85 55.30 6.44
C LYS D 305 68.28 55.99 7.67
N THR D 306 67.26 56.82 7.45
CA THR D 306 66.65 57.54 8.55
C THR D 306 65.84 56.60 9.42
N THR D 307 65.83 56.86 10.73
CA THR D 307 65.19 55.97 11.68
C THR D 307 63.67 56.02 11.62
N THR D 308 63.08 56.97 10.91
CA THR D 308 61.63 57.08 10.83
C THR D 308 61.04 56.37 9.64
N ALA D 309 61.77 56.25 8.53
CA ALA D 309 61.27 55.50 7.39
C ALA D 309 61.05 54.04 7.77
N VAL D 310 61.97 53.47 8.55
CA VAL D 310 61.81 52.09 8.99
C VAL D 310 60.52 51.91 9.76
N TYR D 311 60.22 52.84 10.66
CA TYR D 311 59.00 52.72 11.45
C TYR D 311 57.76 52.94 10.60
N VAL D 312 57.83 53.84 9.62
CA VAL D 312 56.68 54.05 8.75
C VAL D 312 56.38 52.76 7.98
N PHE D 313 57.41 52.14 7.41
CA PHE D 313 57.21 50.90 6.66
C PHE D 313 56.76 49.78 7.59
N PHE D 314 57.29 49.72 8.81
CA PHE D 314 56.86 48.71 9.76
C PHE D 314 55.38 48.86 10.08
N LEU D 315 54.95 50.08 10.39
CA LEU D 315 53.54 50.32 10.67
C LEU D 315 52.68 49.95 9.48
N SER D 316 53.09 50.35 8.27
CA SER D 316 52.30 50.04 7.09
C SER D 316 52.19 48.54 6.86
N SER D 317 53.30 47.81 7.03
CA SER D 317 53.28 46.37 6.86
C SER D 317 52.39 45.71 7.90
N LEU D 318 52.37 46.25 9.11
CA LEU D 318 51.57 45.64 10.17
C LEU D 318 50.08 45.89 9.97
N LEU D 319 49.69 47.11 9.60
CA LEU D 319 48.26 47.36 9.53
C LEU D 319 47.69 46.89 8.19
N GLN D 320 47.97 45.64 7.83
CA GLN D 320 47.40 45.08 6.61
C GLN D 320 45.90 44.90 6.79
N PRO D 321 45.07 45.40 5.88
CA PRO D 321 43.63 45.15 6.00
C PRO D 321 43.32 43.67 6.01
N ARG D 322 42.84 43.17 7.16
CA ARG D 322 42.50 41.75 7.29
C ARG D 322 41.05 41.55 6.82
N GLY D 323 40.87 41.71 5.52
CA GLY D 323 39.54 41.72 4.93
C GLY D 323 38.96 43.10 4.95
N GLY D 324 38.35 43.52 3.84
CA GLY D 324 37.79 44.85 3.78
C GLY D 324 36.76 45.08 4.86
N SER D 325 37.10 45.90 5.85
CA SER D 325 36.19 46.14 6.97
C SER D 325 36.70 47.26 7.85
N GLN D 326 35.84 48.24 8.14
CA GLN D 326 36.11 49.29 9.10
C GLN D 326 37.41 50.03 8.77
N GLU D 327 37.41 50.71 7.63
CA GLU D 327 38.49 51.66 7.35
C GLU D 327 38.47 52.80 8.36
N HIS D 328 37.28 53.37 8.59
CA HIS D 328 37.14 54.39 9.63
C HIS D 328 37.45 53.81 11.00
N GLY D 329 37.06 52.56 11.24
CA GLY D 329 37.39 51.92 12.51
C GLY D 329 38.89 51.80 12.71
N LEU D 330 39.61 51.39 11.66
CA LEU D 330 41.06 51.29 11.75
C LEU D 330 41.68 52.65 12.01
N CYS D 331 41.21 53.68 11.30
CA CYS D 331 41.75 55.02 11.52
C CYS D 331 41.49 55.48 12.95
N ALA D 332 40.28 55.25 13.44
CA ALA D 332 39.94 55.68 14.80
C ALA D 332 40.76 54.92 15.84
N HIS D 333 40.94 53.62 15.66
CA HIS D 333 41.71 52.87 16.65
C HIS D 333 43.18 53.24 16.58
N LEU D 334 43.70 53.54 15.39
CA LEU D 334 45.08 54.00 15.29
C LEU D 334 45.24 55.34 15.98
N TRP D 335 44.29 56.25 15.81
CA TRP D 335 44.38 57.53 16.50
C TRP D 335 44.25 57.35 18.02
N GLY D 336 43.40 56.42 18.46
CA GLY D 336 43.28 56.17 19.88
C GLY D 336 44.57 55.63 20.48
N LEU D 337 45.16 54.63 19.82
CA LEU D 337 46.47 54.12 20.23
C LEU D 337 47.52 55.22 20.17
N CYS D 338 47.38 56.13 19.21
CA CYS D 338 48.37 57.19 19.03
C CYS D 338 48.30 58.20 20.18
N SER D 339 47.08 58.60 20.55
CA SER D 339 46.90 59.46 21.72
C SER D 339 47.32 58.74 22.99
N LEU D 340 47.10 57.43 23.06
CA LEU D 340 47.60 56.64 24.18
C LEU D 340 49.11 56.80 24.30
N ALA D 341 49.83 56.61 23.20
CA ALA D 341 51.27 56.78 23.23
C ALA D 341 51.65 58.20 23.63
N ALA D 342 50.91 59.19 23.11
CA ALA D 342 51.25 60.58 23.40
C ALA D 342 51.12 60.90 24.88
N ASP D 343 49.96 60.58 25.47
CA ASP D 343 49.78 60.91 26.88
C ASP D 343 50.66 60.05 27.77
N GLY D 344 50.95 58.80 27.34
CA GLY D 344 51.91 58.00 28.08
C GLY D 344 53.29 58.62 28.09
N ILE D 345 53.72 59.17 26.95
CA ILE D 345 55.03 59.80 26.90
C ILE D 345 55.03 61.06 27.74
N TRP D 346 53.92 61.81 27.75
CA TRP D 346 53.87 63.01 28.58
C TRP D 346 53.90 62.67 30.07
N ASN D 347 53.21 61.61 30.48
CA ASN D 347 53.14 61.23 31.88
C ASN D 347 54.17 60.18 32.27
N GLN D 348 55.14 59.90 31.40
CA GLN D 348 56.17 58.90 31.66
C GLN D 348 55.55 57.53 31.95
N LYS D 349 54.42 57.24 31.31
CA LYS D 349 53.67 56.00 31.54
C LYS D 349 54.22 54.91 30.62
N ILE D 350 55.31 54.29 31.07
CA ILE D 350 55.89 53.20 30.29
C ILE D 350 54.93 52.03 30.18
N LEU D 351 54.29 51.67 31.29
CA LEU D 351 53.39 50.52 31.35
C LEU D 351 51.98 51.01 31.62
N PHE D 352 51.09 50.83 30.64
CA PHE D 352 49.71 51.26 30.77
C PHE D 352 48.90 50.19 31.50
N GLU D 353 47.62 50.49 31.71
CA GLU D 353 46.71 49.58 32.38
C GLU D 353 45.37 49.60 31.66
N GLU D 354 44.56 48.56 31.92
CA GLU D 354 43.27 48.44 31.25
C GLU D 354 42.41 49.68 31.49
N SER D 355 42.50 50.27 32.69
CA SER D 355 41.71 51.47 32.96
C SER D 355 42.11 52.61 32.01
N ASP D 356 43.41 52.80 31.80
CA ASP D 356 43.86 53.85 30.89
C ASP D 356 43.50 53.52 29.44
N LEU D 357 43.60 52.24 29.07
CA LEU D 357 43.24 51.85 27.70
C LEU D 357 41.77 52.07 27.44
N ARG D 358 40.92 51.91 28.46
CA ARG D 358 39.51 52.24 28.33
C ARG D 358 39.29 53.75 28.30
N ASN D 359 39.99 54.49 29.15
CA ASN D 359 39.89 55.94 29.16
C ASN D 359 40.15 56.48 27.75
N HIS D 360 41.25 56.06 27.14
CA HIS D 360 41.45 56.35 25.73
C HIS D 360 40.54 55.48 24.88
N GLY D 361 40.08 56.02 23.76
CA GLY D 361 39.18 55.26 22.91
C GLY D 361 39.82 53.97 22.45
N LEU D 362 39.53 52.90 23.20
CA LEU D 362 40.06 51.56 22.95
C LEU D 362 39.30 50.53 23.77
N GLN D 363 39.25 49.30 23.27
CA GLN D 363 38.58 48.21 23.97
C GLN D 363 39.26 46.91 23.59
N LYS D 364 39.18 46.56 22.31
CA LYS D 364 39.79 45.34 21.80
C LYS D 364 40.44 45.61 20.45
N ALA D 365 40.00 44.87 19.41
CA ALA D 365 40.44 45.03 18.02
C ALA D 365 41.92 44.96 17.76
N ASP D 366 42.65 46.00 18.15
CA ASP D 366 44.09 46.03 17.96
C ASP D 366 44.65 44.82 18.66
N VAL D 367 44.95 43.78 17.89
CA VAL D 367 45.46 42.54 18.46
C VAL D 367 46.96 42.58 18.73
N SER D 368 47.33 43.35 19.74
CA SER D 368 48.69 43.51 20.17
C SER D 368 49.68 43.75 19.04
N ALA D 369 49.43 44.78 18.24
CA ALA D 369 50.36 45.10 17.18
C ALA D 369 51.51 45.81 17.89
N PHE D 370 51.17 46.86 18.62
CA PHE D 370 52.12 47.62 19.42
C PHE D 370 51.78 47.61 20.89
N LEU D 371 50.89 46.70 21.29
CA LEU D 371 50.48 46.57 22.68
C LEU D 371 50.50 45.12 23.13
N ARG D 372 51.62 44.67 23.68
CA ARG D 372 51.78 43.30 24.14
C ARG D 372 51.32 43.21 25.59
N MET D 373 50.27 42.43 25.84
CA MET D 373 49.71 42.29 27.17
C MET D 373 50.64 41.41 28.00
N ASN D 374 51.61 42.05 28.62
CA ASN D 374 52.44 41.38 29.61
C ASN D 374 51.79 41.54 30.98
N LEU D 375 51.45 40.42 31.59
CA LEU D 375 50.65 40.40 32.82
C LEU D 375 51.56 40.07 33.99
N PHE D 376 51.54 40.91 35.01
CA PHE D 376 52.40 40.74 36.17
C PHE D 376 51.59 40.27 37.37
N GLN D 377 52.05 39.21 38.01
CA GLN D 377 51.40 38.67 39.20
C GLN D 377 52.04 39.25 40.45
N LYS D 378 51.22 39.84 41.31
CA LYS D 378 51.68 40.37 42.58
C LYS D 378 50.79 39.83 43.69
N GLU D 379 51.41 39.42 44.79
CA GLU D 379 50.67 38.89 45.93
C GLU D 379 49.95 37.60 45.55
N VAL D 380 48.67 37.69 45.22
CA VAL D 380 47.86 36.51 44.97
C VAL D 380 47.31 36.44 43.55
N ASP D 381 47.19 37.57 42.85
CA ASP D 381 46.63 37.58 41.51
C ASP D 381 47.45 38.50 40.62
N CYS D 382 47.36 38.26 39.32
CA CYS D 382 48.11 39.01 38.32
C CYS D 382 47.20 39.96 37.56
N GLU D 383 47.75 41.11 37.20
CA GLU D 383 47.02 42.15 36.48
C GLU D 383 47.65 42.42 35.11
N LYS D 384 46.84 43.03 34.24
CA LYS D 384 47.12 43.15 32.82
C LYS D 384 48.37 43.94 32.51
N PHE D 385 48.37 45.23 32.85
CA PHE D 385 49.52 46.12 32.61
C PHE D 385 49.97 46.05 31.15
N TYR D 386 49.07 46.51 30.27
CA TYR D 386 49.40 46.64 28.86
C TYR D 386 50.68 47.48 28.69
N SER D 387 51.41 47.18 27.61
CA SER D 387 52.66 47.88 27.35
C SER D 387 52.92 47.91 25.85
N PHE D 388 53.75 48.87 25.45
CA PHE D 388 54.14 49.02 24.05
C PHE D 388 55.33 48.13 23.74
N ILE D 389 55.42 47.72 22.47
CA ILE D 389 56.53 46.86 22.07
C ILE D 389 57.87 47.47 22.41
N HIS D 390 57.95 48.80 22.50
CA HIS D 390 59.21 49.44 22.80
C HIS D 390 59.04 50.94 23.00
N MET D 391 59.92 51.55 23.81
CA MET D 391 59.78 52.96 24.14
C MET D 391 59.94 53.84 22.90
N THR D 392 60.88 53.51 22.04
CA THR D 392 61.03 54.28 20.80
C THR D 392 59.79 54.18 19.94
N PHE D 393 59.18 52.99 19.89
CA PHE D 393 57.93 52.84 19.15
C PHE D 393 56.84 53.73 19.74
N GLN D 394 56.74 53.77 21.07
CA GLN D 394 55.74 54.62 21.70
C GLN D 394 56.01 56.09 21.40
N GLU D 395 57.28 56.49 21.40
CA GLU D 395 57.61 57.87 21.05
C GLU D 395 57.21 58.18 19.61
N PHE D 396 57.45 57.24 18.70
CA PHE D 396 57.02 57.44 17.31
C PHE D 396 55.52 57.59 17.22
N PHE D 397 54.78 56.80 18.00
CA PHE D 397 53.32 56.93 17.99
C PHE D 397 52.88 58.27 18.57
N ALA D 398 53.59 58.77 19.58
CA ALA D 398 53.28 60.10 20.08
C ALA D 398 53.49 61.17 19.01
N ALA D 399 54.61 61.04 18.28
CA ALA D 399 54.88 61.97 17.19
C ALA D 399 53.78 61.89 16.13
N MET D 400 53.31 60.68 15.83
CA MET D 400 52.21 60.52 14.88
C MET D 400 50.93 61.15 15.41
N TYR D 401 50.69 61.06 16.73
CA TYR D 401 49.54 61.74 17.31
C TYR D 401 49.62 63.23 17.05
N TYR D 402 50.79 63.82 17.28
CA TYR D 402 50.94 65.25 17.03
C TYR D 402 50.73 65.58 15.55
N LEU D 403 51.37 64.83 14.66
CA LEU D 403 51.29 65.14 13.23
C LEU D 403 49.87 64.97 12.71
N LEU D 404 49.26 63.83 12.97
CA LEU D 404 47.93 63.53 12.47
C LEU D 404 46.94 64.60 12.93
N GLU D 405 45.80 64.66 12.24
CA GLU D 405 44.77 65.65 12.50
C GLU D 405 43.59 65.01 13.22
N GLU D 406 43.05 65.69 14.23
CA GLU D 406 41.90 65.20 15.01
C GLU D 406 40.74 64.64 14.18
N LEU D 419 38.06 63.97 30.11
CA LEU D 419 39.29 63.35 29.62
C LEU D 419 39.83 64.08 28.41
N LYS D 420 41.11 64.45 28.47
CA LYS D 420 41.77 65.15 27.38
C LYS D 420 43.29 64.98 27.41
N LEU D 421 43.84 64.50 26.31
CA LEU D 421 45.28 64.29 26.22
C LEU D 421 46.00 65.62 26.00
N PRO D 422 47.30 65.67 26.33
CA PRO D 422 48.19 66.83 26.23
C PRO D 422 47.91 67.73 25.03
N SER D 423 47.74 69.02 25.31
CA SER D 423 47.45 70.04 24.29
C SER D 423 48.31 69.89 23.05
N ARG D 424 47.65 69.75 21.91
CA ARG D 424 48.35 69.58 20.64
C ARG D 424 49.24 70.74 20.26
N ASP D 425 49.62 71.60 21.20
CA ASP D 425 50.49 72.68 20.77
C ASP D 425 51.86 72.13 20.40
N VAL D 426 52.17 72.13 19.10
CA VAL D 426 53.49 71.69 18.66
C VAL D 426 54.56 72.57 19.30
N THR D 427 54.30 73.86 19.42
CA THR D 427 55.26 74.74 20.09
C THR D 427 55.42 74.38 21.56
N VAL D 428 54.32 73.99 22.22
CA VAL D 428 54.41 73.60 23.62
C VAL D 428 55.28 72.36 23.78
N LEU D 429 55.00 71.32 22.98
CA LEU D 429 55.86 70.14 22.99
C LEU D 429 57.29 70.53 22.68
N LEU D 430 57.46 71.52 21.81
CA LEU D 430 58.79 71.90 21.36
C LEU D 430 59.60 72.51 22.49
N GLU D 431 59.02 73.46 23.24
CA GLU D 431 59.78 74.03 24.35
C GLU D 431 59.93 73.03 25.48
N ASN D 432 58.96 72.11 25.65
CA ASN D 432 59.12 71.06 26.62
C ASN D 432 60.31 70.17 26.28
N TYR D 433 60.57 70.07 24.98
CA TYR D 433 61.75 69.37 24.51
C TYR D 433 62.92 70.35 24.62
N GLY D 434 62.62 71.65 24.51
CA GLY D 434 63.62 72.71 24.56
C GLY D 434 64.30 72.98 25.88
N LYS D 435 63.74 72.44 26.97
CA LYS D 435 64.26 72.57 28.34
C LYS D 435 63.46 71.64 29.25
N PHE D 436 62.90 72.21 30.32
CA PHE D 436 62.06 71.52 31.29
C PHE D 436 62.29 70.03 31.60
N GLU D 437 63.55 69.64 31.83
CA GLU D 437 63.99 68.28 32.16
C GLU D 437 63.17 67.23 31.42
N LYS D 438 62.92 67.49 30.14
CA LYS D 438 62.16 66.58 29.29
C LYS D 438 63.05 66.00 28.20
N GLY D 439 64.25 65.56 28.58
CA GLY D 439 65.15 64.89 27.64
C GLY D 439 64.46 63.77 26.91
N TYR D 440 63.40 63.23 27.51
CA TYR D 440 62.55 62.23 26.84
C TYR D 440 61.53 62.88 25.90
N LEU D 441 61.99 63.81 25.07
CA LEU D 441 61.19 64.35 23.98
C LEU D 441 62.02 64.57 22.73
N ILE D 442 63.34 64.41 22.80
CA ILE D 442 64.18 64.51 21.60
C ILE D 442 63.70 63.53 20.55
N PHE D 443 63.38 62.30 20.96
CA PHE D 443 62.98 61.28 20.00
C PHE D 443 61.59 61.56 19.42
N VAL D 444 60.67 62.05 20.25
CA VAL D 444 59.35 62.39 19.73
C VAL D 444 59.47 63.51 18.71
N VAL D 445 60.29 64.53 19.00
CA VAL D 445 60.50 65.61 18.03
C VAL D 445 61.16 65.08 16.77
N ARG D 446 62.14 64.19 16.92
CA ARG D 446 62.81 63.61 15.76
C ARG D 446 61.83 62.88 14.87
N PHE D 447 60.92 62.10 15.47
CA PHE D 447 59.97 61.35 14.66
C PHE D 447 58.90 62.25 14.07
N LEU D 448 58.54 63.34 14.77
CA LEU D 448 57.68 64.34 14.16
C LEU D 448 58.32 64.92 12.91
N PHE D 449 59.62 65.23 12.99
CA PHE D 449 60.33 65.75 11.82
C PHE D 449 60.39 64.71 10.70
N GLY D 450 60.66 63.45 11.07
CA GLY D 450 60.65 62.41 10.06
C GLY D 450 59.31 62.28 9.36
N LEU D 451 58.22 62.45 10.12
CA LEU D 451 56.88 62.31 9.55
C LEU D 451 56.46 63.51 8.73
N VAL D 452 56.87 64.72 9.11
CA VAL D 452 56.45 65.93 8.42
C VAL D 452 57.04 65.95 7.03
N ASN D 453 57.82 64.93 6.70
CA ASN D 453 58.38 64.79 5.35
C ASN D 453 57.27 64.68 4.31
N GLN D 454 57.46 65.36 3.19
CA GLN D 454 56.38 65.53 2.21
C GLN D 454 55.99 64.20 1.58
N GLU D 455 56.93 63.55 0.89
CA GLU D 455 56.60 62.26 0.29
C GLU D 455 56.24 61.21 1.33
N ARG D 456 56.94 61.17 2.46
CA ARG D 456 56.57 60.24 3.51
C ARG D 456 55.18 60.55 4.06
N THR D 457 54.87 61.83 4.25
CA THR D 457 53.54 62.20 4.74
C THR D 457 52.46 61.78 3.74
N SER D 458 52.71 61.98 2.45
CA SER D 458 51.75 61.57 1.43
C SER D 458 51.59 60.06 1.42
N TYR D 459 52.69 59.32 1.59
CA TYR D 459 52.58 57.87 1.63
C TYR D 459 51.74 57.42 2.82
N LEU D 460 51.96 58.02 3.99
CA LEU D 460 51.15 57.68 5.15
C LEU D 460 49.68 58.04 4.91
N GLU D 461 49.43 59.18 4.26
CA GLU D 461 48.06 59.55 3.93
C GLU D 461 47.41 58.51 3.03
N LYS D 462 48.12 58.07 2.00
CA LYS D 462 47.55 57.06 1.11
C LYS D 462 47.36 55.73 1.82
N LYS D 463 48.19 55.45 2.83
CA LYS D 463 48.06 54.19 3.55
C LYS D 463 46.86 54.20 4.49
N LEU D 464 46.65 55.31 5.21
CA LEU D 464 45.65 55.35 6.28
C LEU D 464 44.38 56.09 5.91
N SER D 465 44.28 56.65 4.70
CA SER D 465 43.11 57.40 4.27
C SER D 465 42.78 58.52 5.27
N CYS D 466 43.76 59.40 5.49
CA CYS D 466 43.58 60.51 6.42
C CYS D 466 44.60 61.59 6.05
N LYS D 467 44.10 62.75 5.63
CA LYS D 467 44.97 63.84 5.23
C LYS D 467 45.78 64.34 6.43
N ILE D 468 46.95 64.89 6.14
CA ILE D 468 47.86 65.39 7.15
C ILE D 468 47.92 66.91 7.06
N SER D 469 48.51 67.52 8.09
CA SER D 469 48.68 68.97 8.16
C SER D 469 50.15 69.29 7.89
N GLN D 470 50.39 70.15 6.91
CA GLN D 470 51.76 70.53 6.57
C GLN D 470 52.20 71.82 7.27
N GLN D 471 51.26 72.63 7.76
CA GLN D 471 51.63 73.85 8.47
C GLN D 471 52.44 73.56 9.73
N ILE D 472 52.38 72.34 10.25
CA ILE D 472 53.28 71.97 11.33
C ILE D 472 54.72 72.05 10.86
N ARG D 473 54.97 71.75 9.58
CA ARG D 473 56.31 71.89 9.03
C ARG D 473 56.77 73.34 9.09
N LEU D 474 55.89 74.27 8.72
CA LEU D 474 56.25 75.69 8.79
C LEU D 474 56.43 76.15 10.23
N GLU D 475 55.62 75.62 11.15
CA GLU D 475 55.82 75.94 12.56
C GLU D 475 57.18 75.46 13.04
N LEU D 476 57.57 74.26 12.66
CA LEU D 476 58.90 73.76 13.03
C LEU D 476 60.00 74.60 12.38
N LEU D 477 59.78 75.01 11.14
CA LEU D 477 60.75 75.87 10.47
C LEU D 477 60.90 77.20 11.21
N LYS D 478 59.79 77.78 11.67
CA LYS D 478 59.87 79.02 12.43
C LYS D 478 60.56 78.80 13.77
N TRP D 479 60.35 77.65 14.40
CA TRP D 479 61.10 77.33 15.62
C TRP D 479 62.59 77.27 15.33
N ILE D 480 62.98 76.64 14.23
CA ILE D 480 64.39 76.55 13.89
C ILE D 480 64.93 77.94 13.59
N GLU D 481 64.11 78.80 12.98
CA GLU D 481 64.52 80.18 12.74
C GLU D 481 64.76 80.91 14.05
N VAL D 482 63.88 80.72 15.04
CA VAL D 482 64.08 81.34 16.34
C VAL D 482 65.35 80.81 17.00
N LYS D 483 65.55 79.49 16.94
CA LYS D 483 66.74 78.90 17.52
C LYS D 483 68.01 79.42 16.86
N ALA D 484 67.97 79.66 15.55
CA ALA D 484 69.14 80.17 14.85
C ALA D 484 69.36 81.66 15.11
N LYS D 485 68.27 82.39 15.28
CA LYS D 485 68.36 83.81 15.59
C LYS D 485 68.51 83.98 17.09
N ALA D 486 69.03 82.94 17.75
CA ALA D 486 69.23 82.95 19.19
C ALA D 486 70.70 83.03 19.57
N LYS D 487 71.55 83.24 18.55
CA LYS D 487 73.00 83.36 18.74
C LYS D 487 73.57 82.23 19.60
N LYS D 488 73.52 81.01 19.06
CA LYS D 488 74.02 79.82 19.74
C LYS D 488 73.47 79.73 21.16
N LEU D 489 72.15 79.75 21.28
CA LEU D 489 71.48 79.68 22.57
C LEU D 489 71.62 78.31 23.23
N GLN D 490 71.83 77.29 22.39
CA GLN D 490 72.07 75.88 22.77
C GLN D 490 71.58 75.39 24.14
N ILE D 491 70.37 75.80 24.53
CA ILE D 491 69.81 75.37 25.81
C ILE D 491 69.76 73.86 25.82
N GLN D 492 69.02 73.30 24.87
CA GLN D 492 68.87 71.87 24.70
C GLN D 492 68.85 71.56 23.23
N PRO D 493 67.82 72.09 22.54
CA PRO D 493 67.73 71.99 21.08
C PRO D 493 68.95 72.62 20.43
N SER D 494 70.14 72.11 20.75
CA SER D 494 71.38 72.73 20.30
C SER D 494 71.58 72.50 18.81
N GLN D 495 72.73 72.97 18.32
CA GLN D 495 73.02 72.86 16.89
C GLN D 495 73.04 71.40 16.44
N LEU D 496 73.67 70.52 17.23
CA LEU D 496 73.72 69.12 16.86
C LEU D 496 72.33 68.49 16.87
N GLU D 497 71.51 68.85 17.87
CA GLU D 497 70.15 68.32 17.92
C GLU D 497 69.35 68.76 16.70
N LEU D 498 69.47 70.02 16.30
CA LEU D 498 68.76 70.48 15.11
C LEU D 498 69.30 69.82 13.85
N PHE D 499 70.61 69.58 13.81
CA PHE D 499 71.18 68.82 12.69
C PHE D 499 70.56 67.44 12.59
N TYR D 500 70.44 66.74 13.73
CA TYR D 500 69.82 65.42 13.73
C TYR D 500 68.37 65.51 13.28
N CYS D 501 67.65 66.50 13.77
CA CYS D 501 66.25 66.67 13.37
C CYS D 501 66.13 66.85 11.87
N LEU D 502 66.93 67.75 11.29
CA LEU D 502 66.87 67.97 9.85
C LEU D 502 67.30 66.73 9.07
N TYR D 503 68.34 66.05 9.56
CA TYR D 503 68.78 64.81 8.92
C TYR D 503 67.63 63.82 8.83
N GLU D 504 66.93 63.61 9.95
CA GLU D 504 65.78 62.71 9.90
C GLU D 504 64.67 63.27 9.02
N MET D 505 64.57 64.59 8.91
CA MET D 505 63.61 65.19 8.00
C MET D 505 63.89 64.77 6.56
N GLN D 506 65.16 64.81 6.16
CA GLN D 506 65.61 64.34 4.85
C GLN D 506 64.97 65.07 3.68
N GLU D 507 64.26 66.15 3.92
CA GLU D 507 63.63 66.92 2.84
C GLU D 507 64.62 67.99 2.37
N GLU D 508 65.06 67.88 1.13
CA GLU D 508 66.14 68.73 0.64
C GLU D 508 65.77 70.20 0.69
N ASP D 509 64.60 70.55 0.13
CA ASP D 509 64.22 71.95 0.07
C ASP D 509 64.03 72.53 1.47
N PHE D 510 63.39 71.77 2.36
CA PHE D 510 63.20 72.24 3.73
C PHE D 510 64.55 72.45 4.42
N VAL D 511 65.48 71.52 4.22
CA VAL D 511 66.79 71.66 4.85
C VAL D 511 67.51 72.90 4.32
N GLN D 512 67.45 73.13 3.01
CA GLN D 512 68.08 74.33 2.44
C GLN D 512 67.45 75.58 3.04
N ARG D 513 66.12 75.63 3.08
CA ARG D 513 65.44 76.82 3.57
C ARG D 513 65.64 77.05 5.06
N ALA D 514 65.95 76.00 5.82
CA ALA D 514 66.12 76.15 7.26
C ALA D 514 67.57 76.40 7.67
N MET D 515 68.54 75.82 6.98
CA MET D 515 69.93 75.93 7.38
C MET D 515 70.52 77.32 7.14
N ASP D 516 69.81 78.20 6.44
CA ASP D 516 70.36 79.49 6.07
C ASP D 516 70.67 80.39 7.26
N TYR D 517 70.11 80.09 8.44
CA TYR D 517 70.30 80.94 9.61
C TYR D 517 71.50 80.51 10.47
N PHE D 518 72.14 79.39 10.13
CA PHE D 518 73.26 78.78 10.83
C PHE D 518 74.62 79.50 10.77
N PRO D 519 74.87 80.40 9.79
CA PRO D 519 76.25 80.65 9.33
C PRO D 519 77.35 80.56 10.38
N LYS D 520 77.05 80.97 11.62
CA LYS D 520 77.97 80.77 12.74
C LYS D 520 77.63 79.44 13.40
N ILE D 521 78.50 78.45 13.24
CA ILE D 521 78.21 77.09 13.70
C ILE D 521 79.39 76.57 14.52
N GLU D 522 79.08 75.97 15.67
CA GLU D 522 80.07 75.33 16.53
C GLU D 522 79.56 73.93 16.86
N ILE D 523 80.26 72.91 16.37
CA ILE D 523 79.80 71.53 16.51
C ILE D 523 80.97 70.64 16.89
N ASN D 524 80.67 69.59 17.63
CA ASN D 524 81.65 68.58 17.98
C ASN D 524 81.07 67.20 17.74
N LEU D 525 81.96 66.25 17.44
CA LEU D 525 81.56 64.92 17.02
C LEU D 525 82.09 63.87 18.00
N SER D 526 81.29 62.84 18.23
CA SER D 526 81.67 61.72 19.06
C SER D 526 81.32 60.36 18.46
N THR D 527 80.57 60.32 17.37
CA THR D 527 80.16 59.06 16.77
C THR D 527 80.01 59.23 15.26
N ARG D 528 80.05 58.10 14.56
CA ARG D 528 79.84 58.12 13.11
C ARG D 528 78.51 58.75 12.76
N MET D 529 77.49 58.56 13.60
CA MET D 529 76.20 59.22 13.36
C MET D 529 76.35 60.73 13.41
N ASP D 530 77.13 61.23 14.38
CA ASP D 530 77.41 62.65 14.43
C ASP D 530 78.14 63.11 13.17
N HIS D 531 79.11 62.32 12.71
CA HIS D 531 79.81 62.66 11.47
C HIS D 531 78.83 62.79 10.32
N MET D 532 77.95 61.81 10.16
CA MET D 532 77.01 61.81 9.04
C MET D 532 76.04 62.99 9.13
N VAL D 533 75.51 63.25 10.34
CA VAL D 533 74.57 64.34 10.49
C VAL D 533 75.23 65.68 10.17
N SER D 534 76.44 65.89 10.70
CA SER D 534 77.15 67.14 10.42
C SER D 534 77.44 67.28 8.94
N SER D 535 77.88 66.19 8.30
CA SER D 535 78.20 66.25 6.88
C SER D 535 76.97 66.62 6.05
N PHE D 536 75.85 65.93 6.29
CA PHE D 536 74.64 66.21 5.52
C PHE D 536 74.16 67.63 5.77
N CYS D 537 74.16 68.08 7.03
CA CYS D 537 73.69 69.41 7.33
C CYS D 537 74.56 70.48 6.69
N ILE D 538 75.89 70.30 6.74
CA ILE D 538 76.79 71.27 6.12
C ILE D 538 76.60 71.28 4.61
N GLU D 539 76.46 70.10 4.00
CA GLU D 539 76.25 70.04 2.56
C GLU D 539 74.98 70.77 2.16
N ASN D 540 73.90 70.59 2.94
CA ASN D 540 72.66 71.30 2.65
C ASN D 540 72.74 72.79 3.00
N CYS D 541 73.66 73.18 3.88
CA CYS D 541 73.79 74.57 4.27
C CYS D 541 74.33 75.40 3.10
N HIS D 542 73.68 76.54 2.83
CA HIS D 542 74.09 77.45 1.78
C HIS D 542 74.59 78.79 2.31
N ARG D 543 74.39 79.08 3.60
CA ARG D 543 74.74 80.36 4.16
C ARG D 543 75.72 80.19 5.32
N VAL D 544 76.76 79.39 5.11
CA VAL D 544 77.72 79.06 6.16
C VAL D 544 79.02 79.81 5.93
N GLU D 545 79.44 80.58 6.93
CA GLU D 545 80.74 81.24 6.89
C GLU D 545 81.67 80.78 7.99
N SER D 546 81.25 80.82 9.26
CA SER D 546 82.12 80.51 10.39
C SER D 546 81.77 79.13 10.93
N LEU D 547 82.74 78.24 10.97
CA LEU D 547 82.54 76.87 11.44
C LEU D 547 83.67 76.47 12.38
N SER D 548 83.30 75.96 13.54
CA SER D 548 84.24 75.38 14.50
C SER D 548 83.88 73.91 14.69
N LEU D 549 84.86 73.03 14.52
CA LEU D 549 84.62 71.60 14.58
C LEU D 549 85.53 70.96 15.62
N GLY D 550 84.93 70.13 16.48
CA GLY D 550 85.69 69.38 17.46
C GLY D 550 85.48 67.90 17.32
N PHE D 551 86.42 67.09 17.82
CA PHE D 551 86.34 65.64 17.69
C PHE D 551 86.69 64.99 19.04
N LEU D 552 86.01 63.90 19.36
CA LEU D 552 86.31 63.12 20.54
C LEU D 552 86.69 61.70 20.15
N HIS D 553 87.68 61.15 20.86
CA HIS D 553 88.16 59.80 20.60
C HIS D 553 88.91 59.72 19.27
N THR D 594 88.74 57.92 12.82
CA THR D 594 88.82 59.37 12.71
C THR D 594 88.94 59.81 11.26
N SER D 595 90.02 59.39 10.60
CA SER D 595 90.24 59.79 9.22
C SER D 595 89.16 59.24 8.28
N SER D 596 88.61 58.07 8.60
CA SER D 596 87.60 57.48 7.72
C SER D 596 86.37 58.37 7.61
N PHE D 597 85.80 58.76 8.76
CA PHE D 597 84.65 59.66 8.74
C PHE D 597 85.07 61.09 8.43
N CYS D 598 86.21 61.52 8.99
CA CYS D 598 86.72 62.85 8.68
C CYS D 598 87.00 62.99 7.19
N ARG D 599 87.38 61.90 6.52
CA ARG D 599 87.52 61.94 5.06
C ARG D 599 86.29 62.56 4.41
N GLY D 600 85.13 61.94 4.60
CA GLY D 600 83.89 62.43 4.03
C GLY D 600 83.47 63.78 4.56
N LEU D 601 83.68 64.01 5.86
CA LEU D 601 83.31 65.30 6.44
C LEU D 601 84.05 66.43 5.75
N PHE D 602 85.37 66.32 5.66
CA PHE D 602 86.16 67.37 5.03
C PHE D 602 85.93 67.40 3.52
N SER D 603 85.59 66.27 2.90
CA SER D 603 85.24 66.29 1.49
C SER D 603 83.99 67.15 1.26
N VAL D 604 82.98 67.00 2.12
CA VAL D 604 81.78 67.82 1.98
C VAL D 604 82.08 69.27 2.29
N LEU D 605 82.94 69.52 3.29
CA LEU D 605 83.35 70.90 3.56
C LEU D 605 83.99 71.53 2.33
N SER D 606 84.94 70.83 1.71
CA SER D 606 85.59 71.37 0.51
C SER D 606 84.59 71.58 -0.61
N THR D 607 83.67 70.63 -0.79
CA THR D 607 82.62 70.83 -1.78
C THR D 607 81.82 72.09 -1.51
N SER D 608 81.61 72.42 -0.24
CA SER D 608 80.95 73.67 0.11
C SER D 608 81.73 74.85 -0.46
N GLN D 609 80.99 75.83 -0.99
CA GLN D 609 81.60 76.96 -1.69
C GLN D 609 81.41 78.30 -0.97
N SER D 610 80.64 78.33 0.11
CA SER D 610 80.40 79.57 0.85
C SER D 610 81.21 79.67 2.14
N LEU D 611 82.07 78.70 2.42
CA LEU D 611 82.81 78.69 3.68
C LEU D 611 83.89 79.78 3.70
N THR D 612 84.16 80.29 4.88
CA THR D 612 85.22 81.27 5.10
C THR D 612 86.19 80.87 6.20
N GLU D 613 85.71 80.24 7.27
CA GLU D 613 86.54 79.91 8.41
C GLU D 613 86.48 78.42 8.73
N LEU D 614 87.56 77.92 9.33
CA LEU D 614 87.62 76.53 9.78
C LEU D 614 88.43 76.50 11.07
N ASP D 615 87.75 76.26 12.19
CA ASP D 615 88.39 76.20 13.50
C ASP D 615 88.56 74.73 13.87
N LEU D 616 89.79 74.22 13.77
CA LEU D 616 90.10 72.85 14.15
C LEU D 616 90.92 72.81 15.44
N SER D 617 90.96 73.92 16.18
CA SER D 617 91.76 74.00 17.38
C SER D 617 91.26 73.03 18.45
N ASP D 618 92.17 72.67 19.35
CA ASP D 618 91.87 71.75 20.45
C ASP D 618 91.37 70.41 19.92
N ASN D 619 91.93 69.97 18.80
CA ASN D 619 91.58 68.70 18.19
C ASN D 619 92.85 67.92 17.89
N SER D 620 92.90 66.67 18.31
CA SER D 620 94.07 65.81 18.10
C SER D 620 93.97 65.16 16.72
N LEU D 621 94.14 66.01 15.70
CA LEU D 621 94.02 65.53 14.33
C LEU D 621 95.12 64.54 13.98
N GLY D 622 96.34 64.81 14.41
CA GLY D 622 97.48 63.96 14.11
C GLY D 622 97.97 64.13 12.68
N ASP D 623 99.09 63.46 12.40
CA ASP D 623 99.64 63.53 11.04
C ASP D 623 98.70 62.97 9.99
N PRO D 624 98.09 61.79 10.17
CA PRO D 624 97.12 61.32 9.17
C PRO D 624 95.97 62.28 8.98
N GLY D 625 95.47 62.86 10.07
CA GLY D 625 94.39 63.83 9.95
C GLY D 625 94.81 65.06 9.17
N MET D 626 96.00 65.58 9.45
CA MET D 626 96.49 66.74 8.71
C MET D 626 96.69 66.41 7.24
N ARG D 627 97.17 65.20 6.93
CA ARG D 627 97.31 64.80 5.54
C ARG D 627 95.96 64.73 4.85
N VAL D 628 94.94 64.18 5.52
CA VAL D 628 93.61 64.15 4.93
C VAL D 628 93.09 65.57 4.71
N LEU D 629 93.30 66.44 5.69
CA LEU D 629 92.84 67.82 5.57
C LEU D 629 93.51 68.54 4.41
N CYS D 630 94.83 68.39 4.26
CA CYS D 630 95.51 69.05 3.17
C CYS D 630 95.09 68.48 1.82
N GLU D 631 94.87 67.17 1.75
CA GLU D 631 94.36 66.58 0.52
C GLU D 631 93.01 67.19 0.16
N THR D 632 92.13 67.33 1.15
CA THR D 632 90.83 67.94 0.89
C THR D 632 90.97 69.40 0.44
N LEU D 633 91.84 70.15 1.11
CA LEU D 633 92.03 71.56 0.77
C LEU D 633 92.62 71.73 -0.63
N GLN D 634 93.42 70.76 -1.07
CA GLN D 634 94.03 70.85 -2.40
C GLN D 634 93.00 70.85 -3.53
N HIS D 635 91.73 70.61 -3.22
CA HIS D 635 90.72 70.62 -4.26
C HIS D 635 90.62 72.00 -4.90
N PRO D 636 90.53 72.07 -6.23
CA PRO D 636 90.46 73.39 -6.89
C PRO D 636 89.29 74.24 -6.42
N GLY D 637 88.17 73.63 -6.07
CA GLY D 637 87.01 74.36 -5.61
C GLY D 637 87.05 74.81 -4.18
N CYS D 638 88.12 74.51 -3.45
CA CYS D 638 88.23 74.90 -2.06
C CYS D 638 88.06 76.41 -1.91
N ASN D 639 87.16 76.81 -1.01
CA ASN D 639 86.87 78.21 -0.74
C ASN D 639 87.20 78.59 0.69
N ILE D 640 88.10 77.86 1.34
CA ILE D 640 88.46 78.14 2.72
C ILE D 640 89.49 79.26 2.76
N ARG D 641 89.19 80.31 3.51
CA ARG D 641 90.09 81.46 3.63
C ARG D 641 90.91 81.45 4.91
N ARG D 642 90.32 81.05 6.03
CA ARG D 642 91.03 81.02 7.30
C ARG D 642 90.89 79.65 7.94
N LEU D 643 91.99 79.14 8.50
CA LEU D 643 91.99 77.83 9.14
C LEU D 643 92.92 77.89 10.34
N TRP D 644 92.36 77.73 11.54
CA TRP D 644 93.11 77.80 12.78
C TRP D 644 93.34 76.40 13.32
N LEU D 645 94.62 76.03 13.51
CA LEU D 645 95.00 74.67 13.87
C LEU D 645 95.71 74.63 15.21
N GLY D 646 95.30 75.49 16.15
CA GLY D 646 95.94 75.55 17.44
C GLY D 646 95.88 74.26 18.22
N ARG D 647 97.04 73.81 18.71
CA ARG D 647 97.11 72.64 19.60
C ARG D 647 96.47 71.41 18.96
N CYS D 648 96.77 71.19 17.68
CA CYS D 648 96.22 70.06 16.93
C CYS D 648 97.18 68.89 16.82
N GLY D 649 98.31 68.93 17.51
CA GLY D 649 99.27 67.84 17.41
C GLY D 649 99.91 67.70 16.05
N LEU D 650 100.24 68.81 15.40
CA LEU D 650 100.87 68.77 14.09
C LEU D 650 102.39 68.83 14.24
N SER D 651 103.08 68.38 13.19
CA SER D 651 104.53 68.22 13.26
C SER D 651 105.13 68.54 11.90
N HIS D 652 106.44 68.30 11.78
CA HIS D 652 107.14 68.56 10.53
C HIS D 652 106.59 67.72 9.40
N GLU D 653 106.29 66.45 9.66
CA GLU D 653 105.77 65.57 8.62
C GLU D 653 104.53 66.19 7.96
N CYS D 654 103.56 66.63 8.77
CA CYS D 654 102.42 67.35 8.22
C CYS D 654 102.82 68.71 7.67
N CYS D 655 103.97 69.24 8.09
CA CYS D 655 104.45 70.51 7.54
C CYS D 655 104.77 70.38 6.05
N PHE D 656 105.20 69.20 5.61
CA PHE D 656 105.42 68.97 4.19
C PHE D 656 104.13 69.19 3.40
N ASP D 657 103.04 68.54 3.84
CA ASP D 657 101.76 68.71 3.17
C ASP D 657 101.22 70.12 3.34
N ILE D 658 101.53 70.78 4.45
CA ILE D 658 101.12 72.17 4.63
C ILE D 658 101.80 73.05 3.60
N SER D 659 103.10 72.83 3.37
CA SER D 659 103.81 73.57 2.33
C SER D 659 103.24 73.28 0.96
N LEU D 660 102.89 72.02 0.70
CA LEU D 660 102.25 71.68 -0.57
C LEU D 660 100.95 72.45 -0.74
N VAL D 661 100.14 72.52 0.31
CA VAL D 661 98.88 73.26 0.25
C VAL D 661 99.15 74.74 0.01
N LEU D 662 100.13 75.31 0.70
CA LEU D 662 100.44 76.72 0.52
C LEU D 662 100.87 77.02 -0.91
N SER D 663 101.68 76.13 -1.49
CA SER D 663 102.16 76.34 -2.86
C SER D 663 101.10 76.06 -3.91
N SER D 664 100.13 75.19 -3.63
CA SER D 664 99.11 74.84 -4.61
C SER D 664 97.91 75.79 -4.54
N ASN D 665 97.25 75.86 -3.39
CA ASN D 665 96.07 76.70 -3.26
C ASN D 665 96.46 78.17 -3.33
N GLN D 666 95.65 78.96 -4.04
CA GLN D 666 95.85 80.39 -4.15
C GLN D 666 94.80 81.19 -3.38
N LYS D 667 93.98 80.51 -2.58
CA LYS D 667 92.94 81.18 -1.80
C LYS D 667 93.35 81.39 -0.35
N LEU D 668 94.27 80.60 0.18
CA LEU D 668 94.67 80.74 1.57
C LEU D 668 95.17 82.15 1.85
N VAL D 669 94.72 82.71 2.98
CA VAL D 669 95.01 84.08 3.34
C VAL D 669 95.83 84.18 4.62
N GLU D 670 95.48 83.39 5.64
CA GLU D 670 96.13 83.47 6.94
C GLU D 670 96.29 82.07 7.50
N LEU D 671 97.17 81.93 8.49
CA LEU D 671 97.38 80.64 9.14
C LEU D 671 97.88 80.83 10.57
N ASP D 672 97.31 80.06 11.49
CA ASP D 672 97.76 80.01 12.87
C ASP D 672 97.95 78.54 13.25
N LEU D 673 99.17 78.20 13.63
CA LEU D 673 99.56 76.84 14.00
C LEU D 673 100.17 76.81 15.40
N SER D 674 99.58 77.56 16.32
CA SER D 674 100.16 77.68 17.66
C SER D 674 100.23 76.32 18.34
N ASP D 675 101.32 76.11 19.08
CA ASP D 675 101.52 74.89 19.85
C ASP D 675 101.66 73.67 18.94
N ASN D 676 102.33 73.86 17.81
CA ASN D 676 102.58 72.79 16.85
C ASN D 676 104.05 72.39 16.92
N ALA D 677 104.32 71.09 16.98
CA ALA D 677 105.69 70.58 17.03
C ALA D 677 106.32 70.61 15.63
N LEU D 678 106.38 71.82 15.09
CA LEU D 678 106.93 72.00 13.74
C LEU D 678 108.41 71.61 13.70
N GLY D 679 109.21 72.19 14.60
CA GLY D 679 110.62 71.91 14.63
C GLY D 679 111.37 72.60 13.51
N ASP D 680 112.71 72.50 13.54
CA ASP D 680 113.50 73.09 12.47
C ASP D 680 113.18 72.45 11.14
N PHE D 681 113.02 71.12 11.11
CA PHE D 681 112.64 70.45 9.88
C PHE D 681 111.25 70.87 9.42
N GLY D 682 110.32 71.05 10.36
CA GLY D 682 109.00 71.51 10.00
C GLY D 682 109.02 72.89 9.35
N ILE D 683 109.77 73.82 9.94
CA ILE D 683 109.89 75.15 9.36
C ILE D 683 110.62 75.09 8.02
N ARG D 684 111.59 74.19 7.89
CA ARG D 684 112.28 74.01 6.62
C ARG D 684 111.31 73.59 5.52
N LEU D 685 110.43 72.64 5.83
CA LEU D 685 109.43 72.23 4.86
C LEU D 685 108.43 73.36 4.58
N LEU D 686 108.04 74.10 5.62
CA LEU D 686 107.05 75.16 5.47
C LEU D 686 107.56 76.27 4.57
N CYS D 687 108.81 76.69 4.76
CA CYS D 687 109.36 77.78 3.97
C CYS D 687 109.44 77.43 2.49
N VAL D 688 109.57 76.13 2.17
CA VAL D 688 109.58 75.72 0.77
C VAL D 688 108.28 76.13 0.09
N GLY D 689 107.15 75.85 0.75
CA GLY D 689 105.87 76.31 0.22
C GLY D 689 105.73 77.82 0.26
N LEU D 690 106.22 78.45 1.33
CA LEU D 690 106.07 79.90 1.44
C LEU D 690 106.78 80.63 0.30
N LYS D 691 107.97 80.17 -0.08
CA LYS D 691 108.72 80.85 -1.14
C LYS D 691 108.19 80.57 -2.54
N HIS D 692 107.19 79.70 -2.67
CA HIS D 692 106.57 79.46 -3.96
C HIS D 692 105.88 80.73 -4.46
N LEU D 693 105.96 80.95 -5.78
CA LEU D 693 105.37 82.14 -6.36
C LEU D 693 103.87 82.22 -6.10
N LEU D 694 103.20 81.07 -6.02
CA LEU D 694 101.76 81.03 -5.77
C LEU D 694 101.41 81.24 -4.31
N CYS D 695 102.40 81.27 -3.42
CA CYS D 695 102.14 81.48 -2.00
C CYS D 695 101.51 82.85 -1.79
N ASN D 696 100.24 82.87 -1.40
CA ASN D 696 99.51 84.11 -1.17
C ASN D 696 99.17 84.33 0.30
N LEU D 697 99.78 83.57 1.21
CA LEU D 697 99.54 83.76 2.63
C LEU D 697 100.03 85.13 3.08
N LYS D 698 99.29 85.72 4.02
CA LYS D 698 99.61 87.05 4.53
C LYS D 698 100.04 87.02 5.99
N LYS D 699 99.22 86.45 6.87
CA LYS D 699 99.49 86.47 8.31
C LYS D 699 99.82 85.06 8.79
N LEU D 700 100.87 84.94 9.59
CA LEU D 700 101.31 83.67 10.13
C LEU D 700 101.51 83.79 11.63
N TRP D 701 100.92 82.84 12.37
CA TRP D 701 101.16 82.69 13.80
C TRP D 701 101.78 81.34 14.06
N LEU D 702 102.99 81.34 14.63
CA LEU D 702 103.70 80.13 15.02
C LEU D 702 104.11 80.18 16.48
N VAL D 703 103.30 80.82 17.32
CA VAL D 703 103.65 81.01 18.72
C VAL D 703 103.83 79.67 19.39
N SER D 704 104.87 79.58 20.23
CA SER D 704 105.15 78.38 21.01
C SER D 704 105.27 77.16 20.09
N CYS D 705 105.96 77.33 18.96
CA CYS D 705 106.16 76.27 18.00
C CYS D 705 107.46 75.48 18.26
N CYS D 706 108.15 75.76 19.36
CA CYS D 706 109.38 75.07 19.72
C CYS D 706 110.50 75.32 18.72
N LEU D 707 110.37 76.37 17.91
CA LEU D 707 111.38 76.70 16.91
C LEU D 707 112.58 77.40 17.56
N THR D 708 113.65 77.51 16.79
CA THR D 708 114.87 78.16 17.24
C THR D 708 115.45 78.99 16.10
N SER D 709 116.59 79.61 16.34
CA SER D 709 117.22 80.45 15.34
C SER D 709 117.69 79.67 14.12
N ALA D 710 117.74 78.34 14.21
CA ALA D 710 118.20 77.54 13.07
C ALA D 710 117.29 77.75 11.87
N CYS D 711 115.98 77.77 12.09
CA CYS D 711 115.02 78.03 11.02
C CYS D 711 114.88 79.51 10.70
N CYS D 712 115.51 80.39 11.48
CA CYS D 712 115.42 81.82 11.22
C CYS D 712 115.97 82.19 9.85
N GLN D 713 116.95 81.42 9.36
CA GLN D 713 117.46 81.67 8.01
C GLN D 713 116.35 81.50 6.97
N ASP D 714 115.63 80.38 7.04
CA ASP D 714 114.53 80.16 6.11
C ASP D 714 113.41 81.17 6.32
N LEU D 715 113.16 81.55 7.58
CA LEU D 715 112.14 82.55 7.84
C LEU D 715 112.48 83.88 7.18
N ALA D 716 113.73 84.32 7.31
CA ALA D 716 114.14 85.57 6.68
C ALA D 716 114.10 85.45 5.16
N SER D 717 114.51 84.29 4.64
CA SER D 717 114.44 84.09 3.19
C SER D 717 113.02 84.21 2.67
N VAL D 718 112.07 83.59 3.37
CA VAL D 718 110.67 83.67 2.96
C VAL D 718 110.15 85.09 3.10
N LEU D 719 110.57 85.79 4.16
CA LEU D 719 110.14 87.17 4.34
C LEU D 719 110.63 88.05 3.20
N SER D 720 111.87 87.85 2.75
CA SER D 720 112.41 88.63 1.66
C SER D 720 111.90 88.17 0.29
N THR D 721 111.36 86.95 0.20
CA THR D 721 110.91 86.40 -1.08
C THR D 721 109.43 86.63 -1.34
N SER D 722 108.57 86.19 -0.44
CA SER D 722 107.13 86.22 -0.69
C SER D 722 106.63 87.64 -0.87
N HIS D 723 105.66 87.81 -1.77
CA HIS D 723 105.06 89.10 -2.05
C HIS D 723 103.79 89.36 -1.26
N SER D 724 103.31 88.38 -0.49
CA SER D 724 102.07 88.51 0.26
C SER D 724 102.24 88.38 1.77
N LEU D 725 103.19 87.58 2.22
CA LEU D 725 103.41 87.41 3.65
C LEU D 725 103.79 88.75 4.28
N THR D 726 102.93 89.26 5.16
CA THR D 726 103.12 90.57 5.77
C THR D 726 103.37 90.49 7.26
N ARG D 727 102.48 89.84 8.02
CA ARG D 727 102.60 89.78 9.48
C ARG D 727 103.02 88.39 9.90
N LEU D 728 104.06 88.32 10.75
CA LEU D 728 104.56 87.07 11.28
C LEU D 728 104.75 87.21 12.78
N TYR D 729 104.22 86.24 13.54
CA TYR D 729 104.34 86.24 15.00
C TYR D 729 104.85 84.87 15.41
N VAL D 730 106.13 84.79 15.75
CA VAL D 730 106.80 83.53 16.09
C VAL D 730 107.31 83.54 17.53
N GLY D 731 106.65 84.26 18.42
CA GLY D 731 107.07 84.31 19.81
C GLY D 731 107.03 82.94 20.48
N GLU D 732 107.45 82.90 21.75
CA GLU D 732 107.48 81.65 22.51
C GLU D 732 108.39 80.62 21.85
N ASN D 733 109.43 81.09 21.15
CA ASN D 733 110.40 80.23 20.49
C ASN D 733 111.80 80.69 20.86
N ALA D 734 112.72 79.74 20.97
CA ALA D 734 114.11 80.03 21.34
C ALA D 734 114.88 80.62 20.16
N LEU D 735 114.35 81.72 19.63
CA LEU D 735 115.01 82.40 18.52
C LEU D 735 116.33 83.03 18.97
N GLY D 736 116.30 83.76 20.08
CA GLY D 736 117.50 84.35 20.63
C GLY D 736 117.93 85.61 19.89
N ASP D 737 119.00 86.21 20.41
CA ASP D 737 119.55 87.41 19.77
C ASP D 737 120.06 87.10 18.37
N SER D 738 120.70 85.94 18.19
CA SER D 738 121.18 85.56 16.86
C SER D 738 120.02 85.40 15.88
N GLY D 739 118.95 84.75 16.32
CA GLY D 739 117.78 84.61 15.45
C GLY D 739 117.14 85.94 15.11
N VAL D 740 117.05 86.84 16.10
CA VAL D 740 116.48 88.15 15.85
C VAL D 740 117.34 88.93 14.86
N ALA D 741 118.66 88.84 15.01
CA ALA D 741 119.55 89.51 14.06
C ALA D 741 119.43 88.92 12.67
N ILE D 742 119.28 87.60 12.57
CA ILE D 742 119.09 86.96 11.27
C ILE D 742 117.81 87.46 10.62
N LEU D 743 116.73 87.54 11.40
CA LEU D 743 115.47 88.07 10.86
C LEU D 743 115.62 89.53 10.43
N CYS D 744 116.33 90.32 11.24
CA CYS D 744 116.48 91.74 10.95
C CYS D 744 117.31 91.97 9.69
N GLU D 745 118.33 91.15 9.45
CA GLU D 745 119.18 91.35 8.29
C GLU D 745 118.38 91.27 7.00
N LYS D 746 117.24 90.57 7.01
CA LYS D 746 116.34 90.49 5.87
C LYS D 746 115.19 91.48 5.96
N ALA D 747 114.65 91.72 7.15
CA ALA D 747 113.58 92.68 7.31
C ALA D 747 114.02 94.11 7.02
N LYS D 748 115.31 94.39 7.14
CA LYS D 748 115.80 95.74 6.86
C LYS D 748 115.56 96.15 5.41
N ASN D 749 115.34 95.20 4.53
CA ASN D 749 115.09 95.52 3.13
C ASN D 749 113.85 96.41 3.03
N PRO D 750 113.96 97.61 2.48
CA PRO D 750 112.77 98.48 2.40
C PRO D 750 111.61 97.86 1.66
N GLN D 751 111.89 97.05 0.64
CA GLN D 751 110.82 96.39 -0.11
C GLN D 751 110.15 95.28 0.70
N CYS D 752 110.75 94.85 1.80
CA CYS D 752 110.17 93.79 2.61
C CYS D 752 108.78 94.19 3.08
N ASN D 753 107.84 93.25 3.00
CA ASN D 753 106.43 93.51 3.26
C ASN D 753 106.03 93.29 4.71
N LEU D 754 106.96 92.92 5.59
CA LEU D 754 106.61 92.70 6.99
C LEU D 754 106.05 93.98 7.59
N GLN D 755 104.90 93.85 8.26
CA GLN D 755 104.21 95.00 8.84
C GLN D 755 104.16 94.93 10.36
N LYS D 756 103.64 93.85 10.93
CA LYS D 756 103.55 93.68 12.38
C LYS D 756 104.44 92.51 12.78
N LEU D 757 105.39 92.78 13.67
CA LEU D 757 106.36 91.78 14.11
C LEU D 757 106.16 91.49 15.59
N GLY D 758 106.03 90.20 15.91
CA GLY D 758 105.88 89.77 17.29
C GLY D 758 106.90 88.74 17.70
N LEU D 759 107.66 89.03 18.75
CA LEU D 759 108.65 88.11 19.28
C LEU D 759 108.26 87.71 20.69
N VAL D 760 106.98 87.37 20.88
CA VAL D 760 106.42 87.18 22.21
C VAL D 760 107.29 86.24 23.02
N ASN D 761 107.85 86.76 24.11
CA ASN D 761 108.70 85.97 25.02
C ASN D 761 109.75 85.18 24.24
N SER D 762 110.43 85.85 23.31
CA SER D 762 111.42 85.23 22.45
C SER D 762 112.81 85.23 23.07
N GLY D 763 112.96 85.69 24.31
CA GLY D 763 114.26 85.73 24.96
C GLY D 763 115.23 86.67 24.29
N LEU D 764 114.77 87.87 23.97
CA LEU D 764 115.59 88.86 23.27
C LEU D 764 116.33 89.73 24.28
N THR D 765 117.56 90.12 23.93
CA THR D 765 118.38 90.99 24.75
C THR D 765 118.63 92.31 24.02
N SER D 766 119.45 93.15 24.64
CA SER D 766 119.74 94.46 24.06
C SER D 766 120.57 94.38 22.79
N VAL D 767 121.29 93.27 22.58
CA VAL D 767 122.15 93.16 21.40
C VAL D 767 121.30 93.23 20.13
N CYS D 768 120.19 92.49 20.10
CA CYS D 768 119.30 92.54 18.95
C CYS D 768 118.51 93.84 18.87
N CYS D 769 118.57 94.67 19.92
CA CYS D 769 117.86 95.94 19.88
C CYS D 769 118.40 96.85 18.78
N SER D 770 119.73 96.89 18.62
CA SER D 770 120.30 97.71 17.55
C SER D 770 119.88 97.20 16.17
N ALA D 771 119.89 95.88 15.99
CA ALA D 771 119.46 95.32 14.71
C ALA D 771 118.00 95.63 14.43
N LEU D 772 117.15 95.54 15.46
CA LEU D 772 115.74 95.86 15.29
C LEU D 772 115.55 97.34 14.98
N SER D 773 116.34 98.21 15.60
CA SER D 773 116.29 99.63 15.27
C SER D 773 116.71 99.87 13.82
N SER D 774 117.74 99.17 13.35
CA SER D 774 118.13 99.26 11.96
C SER D 774 117.01 98.80 11.04
N VAL D 775 116.34 97.71 11.41
CA VAL D 775 115.20 97.23 10.62
C VAL D 775 114.10 98.29 10.59
N LEU D 776 113.81 98.91 11.73
CA LEU D 776 112.78 99.94 11.78
C LEU D 776 113.14 101.11 10.87
N SER D 777 114.42 101.53 10.90
CA SER D 777 114.83 102.67 10.09
C SER D 777 114.87 102.34 8.60
N THR D 778 115.17 101.09 8.25
CA THR D 778 115.31 100.71 6.84
C THR D 778 113.97 100.32 6.22
N ASN D 779 113.32 99.29 6.77
CA ASN D 779 112.02 98.88 6.27
C ASN D 779 110.97 99.93 6.63
N GLN D 780 110.15 100.29 5.65
CA GLN D 780 109.11 101.29 5.83
C GLN D 780 107.72 100.68 5.95
N ASN D 781 107.61 99.34 5.99
CA ASN D 781 106.33 98.68 6.06
C ASN D 781 105.99 98.13 7.44
N LEU D 782 106.88 98.30 8.42
CA LEU D 782 106.62 97.82 9.77
C LEU D 782 105.70 98.80 10.50
N THR D 783 104.67 98.26 11.14
CA THR D 783 103.67 99.07 11.82
C THR D 783 103.59 98.80 13.32
N HIS D 784 103.50 97.54 13.73
CA HIS D 784 103.33 97.17 15.12
C HIS D 784 104.48 96.25 15.55
N LEU D 785 104.95 96.44 16.79
CA LEU D 785 106.08 95.67 17.31
C LEU D 785 105.75 95.20 18.72
N TYR D 786 105.69 93.88 18.90
CA TYR D 786 105.50 93.27 20.21
C TYR D 786 106.77 92.53 20.60
N LEU D 787 107.29 92.83 21.79
CA LEU D 787 108.51 92.19 22.27
C LEU D 787 108.33 91.70 23.70
N ARG D 788 107.11 91.32 24.06
CA ARG D 788 106.82 90.88 25.42
C ARG D 788 107.66 89.66 25.79
N GLY D 789 108.09 89.61 27.04
CA GLY D 789 108.87 88.49 27.53
C GLY D 789 110.36 88.57 27.29
N ASN D 790 110.85 89.71 26.81
CA ASN D 790 112.28 89.89 26.54
C ASN D 790 112.81 90.99 27.46
N THR D 791 113.86 90.65 28.22
CA THR D 791 114.46 91.59 29.16
C THR D 791 115.49 92.45 28.43
N LEU D 792 114.98 93.44 27.69
CA LEU D 792 115.84 94.33 26.92
C LEU D 792 116.76 95.13 27.83
N GLY D 793 116.21 95.69 28.89
CA GLY D 793 116.96 96.59 29.75
C GLY D 793 116.94 98.02 29.23
N ASP D 794 117.54 98.91 30.02
CA ASP D 794 117.57 100.32 29.65
C ASP D 794 118.45 100.54 28.43
N LYS D 795 119.56 99.81 28.31
CA LYS D 795 120.39 99.91 27.12
C LYS D 795 119.61 99.51 25.86
N GLY D 796 118.86 98.42 25.93
CA GLY D 796 118.04 98.03 24.80
C GLY D 796 116.94 99.03 24.51
N ILE D 797 116.35 99.61 25.55
CA ILE D 797 115.32 100.62 25.37
C ILE D 797 115.89 101.81 24.62
N LYS D 798 117.07 102.28 25.03
CA LYS D 798 117.70 103.41 24.35
C LYS D 798 118.08 103.04 22.92
N LEU D 799 118.55 101.82 22.70
CA LEU D 799 118.90 101.38 21.35
C LEU D 799 117.69 101.41 20.44
N LEU D 800 116.56 100.89 20.93
CA LEU D 800 115.32 100.92 20.15
C LEU D 800 114.88 102.36 19.89
N CYS D 801 114.93 103.20 20.93
CA CYS D 801 114.51 104.59 20.79
C CYS D 801 115.35 105.31 19.73
N GLU D 802 116.64 105.03 19.69
CA GLU D 802 117.51 105.68 18.70
C GLU D 802 116.99 105.49 17.28
N GLY D 803 116.38 104.34 17.00
CA GLY D 803 115.85 104.07 15.68
C GLY D 803 114.42 104.54 15.50
N LEU D 804 113.58 104.33 16.52
CA LEU D 804 112.18 104.74 16.42
C LEU D 804 112.02 106.26 16.39
N LEU D 805 112.99 107.01 16.91
CA LEU D 805 112.97 108.47 16.76
C LEU D 805 113.28 108.89 15.33
N HIS D 806 113.89 108.01 14.54
CA HIS D 806 114.20 108.34 13.17
C HIS D 806 112.91 108.61 12.39
N PRO D 807 112.86 109.67 11.59
CA PRO D 807 111.61 109.97 10.86
C PRO D 807 111.14 108.82 9.99
N ASP D 808 112.06 108.01 9.44
CA ASP D 808 111.66 106.88 8.62
C ASP D 808 110.88 105.83 9.40
N CYS D 809 110.99 105.84 10.73
CA CYS D 809 110.24 104.89 11.54
C CYS D 809 108.75 105.07 11.30
N LYS D 810 108.05 103.96 11.05
CA LYS D 810 106.62 103.99 10.77
C LYS D 810 105.82 103.11 11.74
N LEU D 811 106.39 102.79 12.90
CA LEU D 811 105.69 101.98 13.88
C LEU D 811 104.50 102.74 14.45
N GLN D 812 103.47 101.98 14.80
CA GLN D 812 102.24 102.55 15.37
C GLN D 812 101.95 102.07 16.78
N VAL D 813 102.21 100.80 17.07
CA VAL D 813 101.97 100.24 18.40
C VAL D 813 103.24 99.53 18.86
N LEU D 814 103.61 99.75 20.11
CA LEU D 814 104.81 99.14 20.69
C LEU D 814 104.44 98.51 22.02
N GLU D 815 104.56 97.18 22.10
CA GLU D 815 104.30 96.42 23.31
C GLU D 815 105.63 95.93 23.87
N LEU D 816 105.93 96.31 25.11
CA LEU D 816 107.19 95.98 25.76
C LEU D 816 106.98 95.52 27.19
N ASP D 817 105.88 94.83 27.46
CA ASP D 817 105.64 94.31 28.79
C ASP D 817 106.56 93.13 29.09
N ASN D 818 106.86 92.95 30.37
CA ASN D 818 107.79 91.90 30.81
C ASN D 818 109.15 92.09 30.14
N CYS D 819 109.53 93.33 29.90
CA CYS D 819 110.77 93.66 29.22
C CYS D 819 111.92 93.92 30.19
N ASN D 820 111.68 93.84 31.50
CA ASN D 820 112.71 94.11 32.50
C ASN D 820 113.29 95.51 32.30
N LEU D 821 112.41 96.50 32.34
CA LEU D 821 112.76 97.89 32.12
C LEU D 821 112.73 98.63 33.44
N THR D 822 113.80 99.39 33.72
CA THR D 822 113.93 100.12 34.96
C THR D 822 113.53 101.58 34.73
N SER D 823 113.71 102.41 35.76
CA SER D 823 113.37 103.83 35.66
C SER D 823 114.31 104.59 34.73
N HIS D 824 115.43 104.00 34.34
CA HIS D 824 116.36 104.70 33.45
C HIS D 824 115.74 104.97 32.09
N CYS D 825 115.01 103.99 31.54
CA CYS D 825 114.38 104.19 30.24
C CYS D 825 113.29 105.26 30.27
N CYS D 826 113.06 105.89 31.42
CA CYS D 826 112.03 106.93 31.49
C CYS D 826 112.35 108.09 30.57
N TRP D 827 113.62 108.53 30.54
CA TRP D 827 113.98 109.64 29.65
C TRP D 827 113.94 109.20 28.19
N ASP D 828 114.34 107.96 27.89
CA ASP D 828 114.20 107.44 26.54
C ASP D 828 112.75 107.55 26.07
N LEU D 829 111.82 107.08 26.91
CA LEU D 829 110.41 107.10 26.52
C LEU D 829 109.85 108.51 26.49
N SER D 830 110.33 109.40 27.36
CA SER D 830 109.89 110.79 27.29
C SER D 830 110.33 111.44 25.99
N THR D 831 111.58 111.19 25.57
CA THR D 831 112.05 111.70 24.29
C THR D 831 111.24 111.12 23.14
N LEU D 832 110.94 109.82 23.21
CA LEU D 832 110.12 109.20 22.16
C LEU D 832 108.73 109.83 22.10
N LEU D 833 108.13 110.10 23.26
CA LEU D 833 106.82 110.74 23.28
C LEU D 833 106.88 112.16 22.72
N THR D 834 107.95 112.89 23.03
CA THR D 834 108.09 114.26 22.56
C THR D 834 108.43 114.37 21.08
N SER D 835 109.08 113.36 20.50
CA SER D 835 109.55 113.44 19.12
C SER D 835 108.76 112.55 18.16
N SER D 836 108.65 111.26 18.46
CA SER D 836 107.96 110.30 17.61
C SER D 836 106.63 110.85 17.13
N GLN D 837 106.43 110.83 15.80
CA GLN D 837 105.24 111.38 15.18
C GLN D 837 104.40 110.32 14.47
N SER D 838 104.68 109.05 14.70
CA SER D 838 103.97 107.98 14.00
C SER D 838 103.30 106.99 14.94
N LEU D 839 103.93 106.66 16.06
CA LEU D 839 103.38 105.67 16.97
C LEU D 839 102.09 106.19 17.61
N ARG D 840 101.16 105.27 17.88
CA ARG D 840 99.86 105.60 18.47
C ARG D 840 99.59 104.91 19.78
N LYS D 841 100.18 103.73 20.02
CA LYS D 841 99.93 102.95 21.22
C LYS D 841 101.25 102.49 21.83
N LEU D 842 101.37 102.63 23.14
CA LEU D 842 102.56 102.17 23.87
C LEU D 842 102.12 101.44 25.12
N SER D 843 102.40 100.14 25.17
CA SER D 843 102.11 99.32 26.35
C SER D 843 103.42 98.93 27.00
N LEU D 844 103.55 99.19 28.30
CA LEU D 844 104.81 98.95 28.99
C LEU D 844 104.61 98.34 30.39
N GLY D 845 103.45 97.74 30.65
CA GLY D 845 103.16 97.21 31.97
C GLY D 845 104.17 96.21 32.47
N ASN D 846 104.01 95.77 33.71
CA ASN D 846 104.94 94.83 34.33
C ASN D 846 106.37 95.39 34.31
N ASN D 847 106.48 96.69 34.55
CA ASN D 847 107.77 97.36 34.62
C ASN D 847 107.70 98.44 35.69
N ASP D 848 108.68 98.45 36.58
CA ASP D 848 108.71 99.39 37.69
C ASP D 848 109.37 100.71 37.27
N LEU D 849 108.70 101.38 36.32
CA LEU D 849 109.21 102.67 35.86
C LEU D 849 109.24 103.69 36.99
N GLY D 850 108.19 103.72 37.80
CA GLY D 850 108.18 104.51 39.00
C GLY D 850 107.24 105.70 38.92
N ASP D 851 106.92 106.24 40.10
CA ASP D 851 106.08 107.43 40.16
C ASP D 851 106.76 108.61 39.48
N LEU D 852 108.08 108.71 39.62
CA LEU D 852 108.80 109.77 38.91
C LEU D 852 108.65 109.64 37.40
N GLY D 853 108.78 108.41 36.89
CA GLY D 853 108.60 108.20 35.47
C GLY D 853 107.19 108.53 35.00
N VAL D 854 106.19 108.10 35.77
CA VAL D 854 104.80 108.39 35.39
C VAL D 854 104.55 109.89 35.41
N MET D 855 105.09 110.59 36.41
CA MET D 855 104.91 112.04 36.49
C MET D 855 105.57 112.74 35.32
N MET D 856 106.79 112.35 34.97
CA MET D 856 107.45 112.98 33.82
C MET D 856 106.69 112.69 32.54
N PHE D 857 106.20 111.46 32.37
CA PHE D 857 105.46 111.11 31.17
C PHE D 857 104.16 111.91 31.08
N CYS D 858 103.46 112.08 32.21
CA CYS D 858 102.24 112.89 32.21
C CYS D 858 102.55 114.35 31.93
N GLU D 859 103.66 114.85 32.46
CA GLU D 859 104.05 116.23 32.19
C GLU D 859 104.30 116.44 30.70
N VAL D 860 104.97 115.48 30.06
CA VAL D 860 105.17 115.57 28.61
C VAL D 860 103.84 115.40 27.87
N LEU D 861 102.95 114.56 28.40
CA LEU D 861 101.71 114.25 27.70
C LEU D 861 100.73 115.42 27.72
N LYS D 862 100.74 116.22 28.80
CA LYS D 862 99.78 117.30 28.91
C LYS D 862 99.92 118.31 27.77
N GLN D 863 101.06 118.32 27.10
CA GLN D 863 101.22 119.13 25.89
C GLN D 863 100.30 118.59 24.79
N GLN D 864 99.92 119.48 23.88
CA GLN D 864 99.10 119.09 22.74
C GLN D 864 99.90 118.38 21.65
N SER D 865 101.21 118.25 21.82
CA SER D 865 102.08 117.66 20.80
C SER D 865 102.11 116.14 20.86
N CYS D 866 101.40 115.52 21.78
CA CYS D 866 101.42 114.06 21.92
C CYS D 866 100.42 113.47 20.94
N LEU D 867 100.91 112.99 19.79
CA LEU D 867 100.07 112.36 18.79
C LEU D 867 99.65 110.96 19.16
N LEU D 868 100.32 110.32 20.12
CA LEU D 868 99.93 109.00 20.58
C LEU D 868 98.55 109.06 21.24
N GLN D 869 97.85 107.93 21.21
CA GLN D 869 96.50 107.87 21.76
C GLN D 869 96.32 106.87 22.88
N ASN D 870 97.12 105.81 22.95
CA ASN D 870 96.93 104.76 23.94
C ASN D 870 98.22 104.54 24.72
N LEU D 871 98.12 104.51 26.05
CA LEU D 871 99.23 104.18 26.92
C LEU D 871 98.76 103.15 27.94
N GLY D 872 99.56 102.11 28.13
CA GLY D 872 99.20 101.05 29.07
C GLY D 872 100.25 100.82 30.13
N LEU D 873 99.90 101.10 31.39
CA LEU D 873 100.79 100.90 32.52
C LEU D 873 100.22 99.89 33.49
N SER D 874 99.50 98.88 32.98
CA SER D 874 98.90 97.89 33.84
C SER D 874 99.98 97.08 34.56
N GLU D 875 99.64 96.64 35.77
CA GLU D 875 100.51 95.92 36.69
C GLU D 875 101.50 96.88 37.36
N MET D 876 101.53 98.15 36.99
CA MET D 876 102.36 99.14 37.65
C MET D 876 101.64 99.65 38.89
N TYR D 877 102.31 99.61 40.03
CA TYR D 877 101.74 100.02 41.30
C TYR D 877 102.29 101.40 41.68
N PHE D 878 101.38 102.33 41.94
CA PHE D 878 101.72 103.72 42.21
C PHE D 878 101.04 104.16 43.51
N ASN D 879 101.12 105.45 43.80
CA ASN D 879 100.52 106.02 44.99
C ASN D 879 99.24 106.77 44.63
N TYR D 880 98.57 107.29 45.66
CA TYR D 880 97.34 108.05 45.43
C TYR D 880 97.62 109.30 44.59
N GLU D 881 98.73 109.99 44.87
CA GLU D 881 99.09 111.17 44.09
C GLU D 881 99.28 110.82 42.62
N THR D 882 100.02 109.75 42.34
CA THR D 882 100.25 109.35 40.95
C THR D 882 98.96 108.92 40.28
N LYS D 883 98.08 108.20 40.99
CA LYS D 883 96.80 107.81 40.41
C LYS D 883 95.96 109.04 40.08
N SER D 884 95.92 110.02 40.99
CA SER D 884 95.16 111.23 40.74
C SER D 884 95.72 111.99 39.55
N ALA D 885 97.05 112.08 39.45
CA ALA D 885 97.66 112.76 38.30
C ALA D 885 97.34 112.04 37.01
N LEU D 886 97.37 110.71 37.01
CA LEU D 886 97.03 109.95 35.81
C LEU D 886 95.58 110.20 35.40
N GLU D 887 94.66 110.18 36.37
CA GLU D 887 93.26 110.46 36.05
C GLU D 887 93.09 111.87 35.50
N THR D 888 93.78 112.84 36.11
CA THR D 888 93.67 114.22 35.63
C THR D 888 94.18 114.34 34.20
N LEU D 889 95.31 113.68 33.89
CA LEU D 889 95.82 113.72 32.52
C LEU D 889 94.84 113.05 31.55
N GLN D 890 94.27 111.91 31.95
CA GLN D 890 93.35 111.20 31.05
C GLN D 890 92.11 112.04 30.77
N GLU D 891 91.58 112.71 31.79
CA GLU D 891 90.40 113.55 31.60
C GLU D 891 90.71 114.86 30.91
N GLU D 892 91.94 115.36 31.02
CA GLU D 892 92.35 116.54 30.28
C GLU D 892 92.56 116.23 28.81
N LYS D 893 92.95 115.00 28.48
CA LYS D 893 93.11 114.55 27.11
C LYS D 893 92.23 113.32 26.90
N PRO D 894 90.94 113.50 26.64
CA PRO D 894 90.06 112.34 26.46
C PRO D 894 90.50 111.43 25.32
N GLU D 895 91.04 112.00 24.24
CA GLU D 895 91.53 111.18 23.14
C GLU D 895 92.79 110.41 23.51
N LEU D 896 93.52 110.86 24.54
CA LEU D 896 94.69 110.15 25.04
C LEU D 896 94.27 109.38 26.29
N THR D 897 94.33 108.05 26.21
CA THR D 897 93.90 107.17 27.29
C THR D 897 95.12 106.54 27.94
N VAL D 898 95.07 106.44 29.27
CA VAL D 898 96.10 105.77 30.05
C VAL D 898 95.41 104.72 30.91
N VAL D 899 95.75 103.45 30.68
CA VAL D 899 95.13 102.34 31.39
C VAL D 899 96.06 101.94 32.52
N PHE D 900 95.63 102.20 33.76
CA PHE D 900 96.41 101.90 34.95
C PHE D 900 95.52 101.33 36.06
N GLU D 901 94.49 100.58 35.70
CA GLU D 901 93.52 100.09 36.66
C GLU D 901 94.17 99.13 37.65
N PRO D 902 93.59 98.99 38.85
CA PRO D 902 94.10 98.12 39.91
C PRO D 902 93.77 96.64 39.67
N LYS E 1 45.23 -8.48 22.80
CA LYS E 1 46.05 -7.85 23.84
C LYS E 1 46.10 -6.33 23.66
N LYS E 2 45.77 -5.62 24.74
CA LYS E 2 45.71 -4.15 24.83
C LYS E 2 45.46 -3.69 26.26
N ASP E 3 46.50 -3.63 27.07
CA ASP E 3 46.27 -3.34 28.47
C ASP E 3 45.84 -1.93 28.76
N TYR E 4 44.62 -1.70 28.36
CA TYR E 4 43.92 -0.42 28.48
C TYR E 4 44.14 0.15 29.87
N ARG E 5 44.32 -0.70 30.87
CA ARG E 5 44.78 -0.23 32.17
C ARG E 5 46.08 0.55 32.03
N LYS E 6 47.03 0.00 31.26
CA LYS E 6 48.31 0.68 31.07
C LYS E 6 48.11 2.04 30.40
N LYS E 7 47.28 2.07 29.34
CA LYS E 7 47.09 3.33 28.62
C LYS E 7 46.41 4.37 29.49
N TYR E 8 45.38 3.96 30.23
CA TYR E 8 44.70 4.89 31.13
C TYR E 8 45.63 5.37 32.23
N ARG E 9 46.45 4.48 32.78
CA ARG E 9 47.41 4.89 33.79
C ARG E 9 48.37 5.92 33.24
N LYS E 10 48.87 5.71 32.03
CA LYS E 10 49.77 6.68 31.42
C LYS E 10 49.08 8.03 31.26
N TYR E 11 47.85 8.01 30.75
CA TYR E 11 47.14 9.28 30.54
C TYR E 11 46.92 10.02 31.85
N VAL E 12 46.47 9.30 32.88
CA VAL E 12 46.20 9.96 34.16
C VAL E 12 47.49 10.48 34.78
N ARG E 13 48.55 9.68 34.73
CA ARG E 13 49.83 10.13 35.25
C ARG E 13 50.35 11.34 34.51
N SER E 14 50.03 11.47 33.23
CA SER E 14 50.42 12.67 32.48
C SER E 14 49.56 13.87 32.83
N ARG E 15 48.26 13.67 33.00
CA ARG E 15 47.34 14.78 33.20
C ARG E 15 47.26 15.25 34.65
N PHE E 16 47.74 14.47 35.61
CA PHE E 16 47.61 14.80 37.03
C PHE E 16 48.97 14.90 37.70
N GLN E 17 49.92 15.59 37.07
CA GLN E 17 51.27 15.69 37.60
C GLN E 17 51.74 17.11 37.85
N CYS E 18 50.90 18.11 37.62
CA CYS E 18 51.28 19.49 37.83
C CYS E 18 50.15 20.24 38.53
N ILE E 19 50.53 21.20 39.37
CA ILE E 19 49.59 21.96 40.18
C ILE E 19 49.82 23.43 39.90
N GLU E 20 48.86 24.05 39.21
CA GLU E 20 48.94 25.48 38.93
C GLU E 20 48.39 26.27 40.12
N ASP E 21 49.17 27.23 40.59
CA ASP E 21 48.75 28.07 41.71
C ASP E 21 47.65 29.04 41.24
N ARG E 22 47.17 29.87 42.15
CA ARG E 22 46.13 30.84 41.77
C ARG E 22 46.69 31.89 40.82
N ASN E 23 47.84 32.48 41.16
CA ASN E 23 48.50 33.47 40.32
C ASN E 23 49.63 32.79 39.56
N ALA E 24 49.25 32.07 38.51
CA ALA E 24 50.20 31.34 37.67
C ALA E 24 50.09 31.88 36.25
N ARG E 25 51.04 32.72 35.86
CA ARG E 25 51.12 33.14 34.47
C ARG E 25 51.41 31.93 33.59
N LEU E 26 51.01 32.03 32.32
CA LEU E 26 51.05 30.90 31.41
C LEU E 26 52.31 30.07 31.59
N GLY E 27 52.14 28.75 31.64
CA GLY E 27 53.25 27.83 31.73
C GLY E 27 54.13 27.99 32.97
N GLU E 28 53.52 28.08 34.14
CA GLU E 28 54.24 28.16 35.41
C GLU E 28 53.75 27.09 36.37
N SER E 29 53.44 25.90 35.86
CA SER E 29 52.98 24.81 36.69
C SER E 29 54.12 24.26 37.55
N VAL E 30 53.75 23.62 38.65
CA VAL E 30 54.71 23.07 39.60
C VAL E 30 54.36 21.61 39.87
N SER E 31 55.37 20.75 39.90
CA SER E 31 55.15 19.32 40.07
C SER E 31 54.57 19.03 41.45
N LEU E 32 53.59 18.11 41.48
CA LEU E 32 52.97 17.73 42.74
C LEU E 32 53.98 17.07 43.67
N ASN E 33 54.78 16.14 43.15
CA ASN E 33 55.77 15.48 43.99
C ASN E 33 56.76 16.46 44.60
N LYS E 34 56.92 17.63 44.00
CA LYS E 34 57.74 18.66 44.61
C LYS E 34 56.95 19.46 45.65
N ARG E 35 55.87 20.10 45.22
CA ARG E 35 55.07 20.92 46.11
C ARG E 35 53.81 20.18 46.58
N TYR E 36 54.04 19.06 47.27
CA TYR E 36 52.97 18.36 47.98
C TYR E 36 53.54 17.81 49.28
N THR E 37 53.10 18.37 50.40
CA THR E 37 53.43 17.84 51.71
C THR E 37 52.37 16.81 52.11
N ARG E 38 52.40 16.37 53.37
CA ARG E 38 51.45 15.41 53.88
C ARG E 38 50.63 16.05 54.99
N LEU E 39 49.31 16.00 54.86
CA LEU E 39 48.42 16.65 55.83
C LEU E 39 48.20 15.73 57.02
N ARG E 40 47.25 16.09 57.87
CA ARG E 40 46.86 15.27 59.01
C ARG E 40 45.43 14.80 58.82
N LEU E 41 45.23 13.49 58.85
CA LEU E 41 43.90 12.90 58.75
C LEU E 41 43.56 12.21 60.07
N ILE E 42 42.32 12.36 60.50
CA ILE E 42 41.88 11.78 61.77
C ILE E 42 40.44 11.29 61.60
N LYS E 43 40.15 10.13 62.21
CA LYS E 43 38.77 9.66 62.29
C LYS E 43 38.03 10.50 63.32
N GLU E 44 37.12 11.35 62.85
CA GLU E 44 36.62 12.43 63.69
C GLU E 44 35.99 11.91 64.97
N HIS E 45 36.43 12.49 66.09
CA HIS E 45 35.86 12.26 67.41
C HIS E 45 35.76 13.57 68.17
N ARG E 46 35.43 14.64 67.46
CA ARG E 46 35.57 15.99 67.98
C ARG E 46 34.30 16.39 68.73
N SER E 47 34.41 16.50 70.05
CA SER E 47 33.29 16.92 70.88
C SER E 47 33.12 18.44 70.82
N GLN E 48 32.09 18.93 71.49
CA GLN E 48 31.80 20.36 71.46
C GLN E 48 32.83 21.16 72.24
N GLN E 49 33.08 20.77 73.50
CA GLN E 49 34.12 21.43 74.27
C GLN E 49 35.47 21.28 73.60
N GLU E 50 35.72 20.10 73.02
CA GLU E 50 36.99 19.88 72.30
C GLU E 50 37.13 20.86 71.14
N ARG E 51 36.05 21.06 70.38
CA ARG E 51 36.10 22.00 69.25
C ARG E 51 36.35 23.41 69.73
N GLU E 52 35.65 23.84 70.79
CA GLU E 52 35.83 25.20 71.27
C GLU E 52 37.25 25.42 71.77
N GLN E 53 37.77 24.47 72.55
CA GLN E 53 39.13 24.59 73.06
C GLN E 53 40.14 24.57 71.92
N GLU E 54 39.90 23.75 70.89
CA GLU E 54 40.78 23.77 69.74
C GLU E 54 40.81 25.15 69.11
N LEU E 55 39.64 25.70 68.82
CA LEU E 55 39.57 27.06 68.29
C LEU E 55 40.45 28.00 69.10
N LEU E 56 40.15 28.15 70.39
CA LEU E 56 40.80 29.17 71.19
C LEU E 56 42.31 28.92 71.33
N ALA E 57 42.70 27.68 71.67
CA ALA E 57 44.11 27.38 71.86
C ALA E 57 44.90 27.54 70.58
N ILE E 58 44.45 26.88 69.50
CA ILE E 58 45.13 27.03 68.22
C ILE E 58 45.25 28.49 67.85
N GLY E 59 44.26 29.30 68.23
CA GLY E 59 44.40 30.74 68.07
C GLY E 59 45.57 31.27 68.88
N LYS E 60 45.66 30.86 70.14
CA LYS E 60 46.74 31.38 70.97
C LYS E 60 48.09 30.97 70.41
N THR E 61 48.47 29.70 70.55
CA THR E 61 49.61 29.19 69.78
C THR E 61 49.42 27.74 69.35
N LYS E 62 48.65 26.98 70.12
CA LYS E 62 48.59 25.54 70.02
C LYS E 62 49.97 24.96 69.67
N THR E 63 51.01 25.39 70.39
CA THR E 63 52.36 24.93 70.15
C THR E 63 52.81 23.84 71.12
N CYS E 64 51.94 23.43 72.04
CA CYS E 64 52.30 22.39 73.00
C CYS E 64 52.45 21.04 72.30
N GLU E 65 53.27 20.17 72.89
CA GLU E 65 53.49 18.84 72.34
C GLU E 65 52.23 18.01 72.50
N SER E 66 51.52 17.78 71.40
CA SER E 66 50.28 17.01 71.39
C SER E 66 50.32 15.99 70.25
N PRO E 67 51.21 15.01 70.34
CA PRO E 67 51.27 13.97 69.30
C PRO E 67 50.01 13.12 69.30
N VAL E 68 49.71 12.56 68.13
CA VAL E 68 48.53 11.72 67.93
C VAL E 68 48.91 10.52 67.08
N SER E 69 47.99 9.56 66.98
CA SER E 69 48.17 8.38 66.15
C SER E 69 47.65 8.67 64.75
N PRO E 70 48.49 8.58 63.72
CA PRO E 70 48.05 8.96 62.37
C PRO E 70 47.41 7.82 61.61
N ILE E 71 46.56 8.19 60.66
CA ILE E 71 45.94 7.26 59.73
C ILE E 71 46.76 7.23 58.45
N LYS E 72 46.89 6.04 57.86
CA LYS E 72 47.59 5.90 56.60
C LYS E 72 46.61 6.06 55.44
N MET E 73 47.12 5.92 54.22
CA MET E 73 46.31 6.15 53.04
C MET E 73 46.07 4.91 52.18
N GLU E 74 46.98 3.94 52.16
CA GLU E 74 46.78 2.76 51.34
C GLU E 74 45.68 1.86 51.90
N LEU E 75 45.53 1.80 53.22
CA LEU E 75 44.53 0.97 53.86
C LEU E 75 43.34 1.79 54.34
N LEU E 76 42.99 2.84 53.61
CA LEU E 76 41.82 3.63 53.96
C LEU E 76 40.52 2.89 53.71
N PHE E 77 40.53 1.90 52.83
CA PHE E 77 39.33 1.14 52.50
C PHE E 77 39.27 -0.22 53.17
N ASP E 78 40.31 -0.59 53.94
CA ASP E 78 40.33 -1.89 54.55
C ASP E 78 39.33 -1.98 55.70
N PRO E 79 38.80 -3.17 55.98
CA PRO E 79 37.81 -3.30 57.05
C PRO E 79 38.40 -2.98 58.41
N ASP E 80 37.56 -2.44 59.28
CA ASP E 80 37.95 -2.04 60.62
C ASP E 80 38.71 -3.13 61.36
N ASP E 81 38.16 -4.33 61.39
CA ASP E 81 38.79 -5.46 62.07
C ASP E 81 39.83 -6.13 61.18
N GLU E 82 39.63 -7.42 60.94
CA GLU E 82 40.54 -8.20 60.11
C GLU E 82 39.81 -9.33 59.40
N HIS E 83 38.54 -9.50 59.73
CA HIS E 83 37.74 -10.55 59.12
C HIS E 83 36.32 -10.07 58.84
N SER E 84 36.15 -8.74 58.80
CA SER E 84 34.85 -8.15 58.52
C SER E 84 34.74 -7.85 57.03
N GLU E 85 33.96 -6.83 56.69
CA GLU E 85 33.82 -6.48 55.29
C GLU E 85 34.48 -5.14 55.01
N PRO E 86 35.14 -5.02 53.86
CA PRO E 86 35.80 -3.76 53.52
C PRO E 86 34.78 -2.66 53.31
N VAL E 87 35.14 -1.44 53.68
CA VAL E 87 34.26 -0.29 53.52
C VAL E 87 34.08 0.02 52.04
N HIS E 88 32.92 0.57 51.70
CA HIS E 88 32.64 0.96 50.31
C HIS E 88 32.25 2.43 50.22
N THR E 89 32.74 3.25 51.14
CA THR E 89 32.61 4.68 50.98
C THR E 89 33.46 5.38 52.03
N VAL E 90 34.17 6.41 51.60
CA VAL E 90 34.95 7.27 52.49
C VAL E 90 34.56 8.70 52.20
N VAL E 91 34.59 9.54 53.23
CA VAL E 91 34.16 10.93 53.13
C VAL E 91 35.26 11.79 53.76
N PHE E 92 36.08 12.40 52.93
CA PHE E 92 37.02 13.40 53.41
C PHE E 92 36.30 14.71 53.66
N GLN E 93 36.53 15.29 54.83
CA GLN E 93 35.91 16.56 55.15
C GLN E 93 36.92 17.46 55.83
N GLY E 94 36.97 18.72 55.42
CA GLY E 94 37.88 19.68 56.00
C GLY E 94 37.42 21.09 55.68
N ALA E 95 38.13 22.06 56.24
CA ALA E 95 37.77 23.45 56.05
C ALA E 95 37.92 23.84 54.58
N ALA E 96 37.53 25.06 54.22
CA ALA E 96 37.64 25.50 52.85
C ALA E 96 39.10 25.71 52.48
N GLY E 97 39.51 25.14 51.35
CA GLY E 97 40.90 25.23 50.94
C GLY E 97 41.86 24.71 51.98
N ILE E 98 41.80 23.41 52.28
CA ILE E 98 42.66 22.80 53.29
C ILE E 98 43.40 21.63 52.68
N GLY E 99 43.02 21.21 51.48
CA GLY E 99 43.76 20.18 50.80
C GLY E 99 42.96 19.04 50.20
N LYS E 100 41.64 19.16 50.13
CA LYS E 100 40.83 18.06 49.61
C LYS E 100 41.21 17.73 48.17
N THR E 101 41.20 18.74 47.30
CA THR E 101 41.43 18.48 45.89
C THR E 101 42.88 18.07 45.63
N ILE E 102 43.83 18.70 46.33
CA ILE E 102 45.23 18.31 46.16
C ILE E 102 45.44 16.89 46.64
N LEU E 103 44.76 16.48 47.71
CA LEU E 103 44.88 15.10 48.17
C LEU E 103 44.27 14.13 47.18
N ALA E 104 43.14 14.48 46.57
CA ALA E 104 42.57 13.63 45.54
C ALA E 104 43.51 13.49 44.35
N ARG E 105 44.12 14.60 43.92
CA ARG E 105 45.09 14.54 42.83
C ARG E 105 46.30 13.70 43.22
N LYS E 106 46.76 13.83 44.47
CA LYS E 106 47.89 13.02 44.91
C LYS E 106 47.56 11.54 44.87
N MET E 107 46.36 11.18 45.33
CA MET E 107 45.95 9.78 45.26
C MET E 107 45.91 9.30 43.83
N MET E 108 45.34 10.11 42.94
CA MET E 108 45.24 9.71 41.53
C MET E 108 46.63 9.50 40.93
N LEU E 109 47.52 10.46 41.12
CA LEU E 109 48.85 10.37 40.53
C LEU E 109 49.64 9.21 41.13
N ASP E 110 49.53 9.01 42.44
CA ASP E 110 50.24 7.90 43.07
C ASP E 110 49.73 6.56 42.56
N TRP E 111 48.41 6.43 42.41
CA TRP E 111 47.87 5.19 41.83
C TRP E 111 48.40 5.00 40.42
N ALA E 112 48.36 6.06 39.61
CA ALA E 112 48.83 5.94 38.23
C ALA E 112 50.28 5.49 38.17
N SER E 113 51.13 6.09 39.00
CA SER E 113 52.52 5.67 39.10
C SER E 113 52.67 4.29 39.71
N GLY E 114 51.65 3.78 40.39
CA GLY E 114 51.73 2.48 41.03
C GLY E 114 52.39 2.54 42.39
N THR E 115 51.93 3.45 43.25
CA THR E 115 52.45 3.60 44.59
C THR E 115 51.43 3.30 45.68
N LEU E 116 50.16 3.07 45.33
CA LEU E 116 49.15 2.69 46.29
C LEU E 116 47.96 2.15 45.53
N TYR E 117 47.23 1.24 46.18
CA TYR E 117 46.09 0.58 45.54
C TYR E 117 46.50 -0.13 44.26
N GLN E 118 47.67 -0.75 44.27
CA GLN E 118 48.08 -1.57 43.13
C GLN E 118 47.04 -2.64 42.84
N ASP E 119 46.58 -3.33 43.88
CA ASP E 119 45.45 -4.24 43.79
C ASP E 119 44.19 -3.46 44.13
N ARG E 120 43.08 -4.15 44.41
CA ARG E 120 41.85 -3.51 44.86
C ARG E 120 41.08 -2.93 43.69
N PHE E 121 41.57 -1.85 43.10
CA PHE E 121 40.90 -1.24 41.96
C PHE E 121 41.94 -0.59 41.06
N ASP E 122 41.55 -0.39 39.79
CA ASP E 122 42.46 0.14 38.80
C ASP E 122 41.79 1.15 37.88
N TYR E 123 40.68 1.76 38.29
CA TYR E 123 39.95 2.70 37.46
C TYR E 123 39.48 3.90 38.26
N LEU E 124 40.40 4.55 38.97
CA LEU E 124 40.02 5.69 39.80
C LEU E 124 39.56 6.84 38.92
N PHE E 125 38.25 6.95 38.72
CA PHE E 125 37.66 7.94 37.83
C PHE E 125 37.45 9.24 38.61
N TYR E 126 38.39 10.17 38.51
CA TYR E 126 38.18 11.47 39.13
C TYR E 126 36.95 12.13 38.54
N ILE E 127 36.09 12.65 39.41
CA ILE E 127 34.88 13.33 38.97
C ILE E 127 34.69 14.61 39.78
N HIS E 128 35.07 15.75 39.22
CA HIS E 128 34.85 17.00 39.90
C HIS E 128 33.37 17.35 39.90
N CYS E 129 32.90 17.92 41.01
CA CYS E 129 31.48 18.20 41.14
C CYS E 129 31.10 19.51 40.46
N ARG E 130 31.92 20.56 40.61
CA ARG E 130 31.61 21.84 40.01
C ARG E 130 31.46 21.72 38.50
N GLU E 131 32.39 21.02 37.85
CA GLU E 131 32.35 20.91 36.40
C GLU E 131 31.11 20.19 35.93
N VAL E 132 30.69 19.14 36.66
CA VAL E 132 29.56 18.32 36.25
C VAL E 132 28.28 19.09 36.56
N SER E 133 27.75 19.79 35.56
CA SER E 133 26.44 20.40 35.69
C SER E 133 25.37 19.32 35.60
N LEU E 134 24.31 19.49 36.38
CA LEU E 134 23.26 18.49 36.48
C LEU E 134 21.94 19.04 35.95
N VAL E 135 21.79 19.08 34.64
CA VAL E 135 20.47 19.24 34.05
C VAL E 135 20.26 18.32 32.85
N THR E 136 21.33 18.02 32.12
CA THR E 136 21.10 17.65 30.72
C THR E 136 20.80 16.18 30.47
N GLN E 137 21.84 15.33 30.46
CA GLN E 137 21.60 13.91 30.21
C GLN E 137 22.65 12.99 30.83
N ARG E 138 23.47 13.47 31.77
CA ARG E 138 24.68 12.74 32.15
C ARG E 138 24.44 11.25 32.35
N SER E 139 25.10 10.44 31.54
CA SER E 139 25.02 8.98 31.63
C SER E 139 26.37 8.44 32.07
N LEU E 140 26.35 7.38 32.86
CA LEU E 140 27.60 6.85 33.38
C LEU E 140 28.57 6.52 32.26
N GLY E 141 28.07 6.15 31.08
CA GLY E 141 28.95 5.96 29.95
C GLY E 141 29.74 7.21 29.62
N ASP E 142 29.04 8.36 29.55
CA ASP E 142 29.72 9.61 29.26
C ASP E 142 30.60 10.05 30.42
N LEU E 143 30.16 9.80 31.65
CA LEU E 143 30.95 10.18 32.81
C LEU E 143 32.22 9.35 32.93
N ILE E 144 32.25 8.16 32.35
CA ILE E 144 33.47 7.37 32.29
C ILE E 144 34.30 7.73 31.05
N MET E 145 33.66 8.10 29.95
CA MET E 145 34.39 8.54 28.77
C MET E 145 35.17 9.83 29.06
N SER E 146 34.52 10.79 29.71
CA SER E 146 35.13 12.10 29.92
C SER E 146 36.50 11.96 30.56
N CYS E 147 36.59 11.17 31.63
CA CYS E 147 37.89 10.86 32.23
C CYS E 147 38.47 9.57 31.66
N CYS E 148 38.55 9.46 30.34
CA CYS E 148 39.10 8.30 29.67
C CYS E 148 39.37 8.62 28.21
N PRO E 149 40.57 9.10 27.88
CA PRO E 149 40.82 9.59 26.52
C PRO E 149 40.78 8.49 25.47
N ASP E 150 39.75 8.49 24.66
CA ASP E 150 39.61 7.55 23.56
C ASP E 150 38.35 7.88 22.78
N PRO E 151 38.29 7.53 21.49
CA PRO E 151 36.99 7.63 20.80
C PRO E 151 35.92 6.81 21.49
N ASN E 152 36.30 5.67 22.06
CA ASN E 152 35.42 4.85 22.86
C ASN E 152 36.26 4.03 23.85
N PRO E 153 36.07 4.23 25.15
CA PRO E 153 36.75 3.39 26.13
C PRO E 153 35.90 2.15 26.41
N PRO E 154 36.54 1.00 26.63
CA PRO E 154 35.75 -0.23 26.80
C PRO E 154 34.98 -0.19 28.11
N ILE E 155 33.68 0.10 28.03
CA ILE E 155 32.85 0.23 29.22
C ILE E 155 32.20 -1.10 29.57
N HIS E 156 31.68 -1.82 28.58
CA HIS E 156 31.10 -3.13 28.85
C HIS E 156 32.16 -4.09 29.38
N LYS E 157 33.41 -3.62 29.46
CA LYS E 157 34.50 -4.34 30.08
C LYS E 157 35.04 -3.67 31.33
N ILE E 158 35.08 -2.34 31.36
CA ILE E 158 35.54 -1.64 32.57
C ILE E 158 34.54 -1.80 33.70
N VAL E 159 33.25 -1.64 33.40
CA VAL E 159 32.19 -1.60 34.39
C VAL E 159 31.66 -3.02 34.62
N ARG E 160 32.35 -4.01 34.07
CA ARG E 160 31.98 -5.40 34.25
C ARG E 160 32.57 -6.00 35.51
N LYS E 161 33.32 -5.21 36.28
CA LYS E 161 33.91 -5.66 37.53
C LYS E 161 33.89 -4.52 38.54
N PRO E 162 32.70 -3.99 38.88
CA PRO E 162 32.64 -2.84 39.78
C PRO E 162 33.32 -3.07 41.12
N SER E 163 33.66 -4.33 41.41
CA SER E 163 34.44 -4.61 42.62
C SER E 163 35.79 -3.92 42.59
N ARG E 164 36.31 -3.63 41.40
CA ARG E 164 37.60 -2.98 41.23
C ARG E 164 37.35 -1.64 40.56
N ILE E 165 37.03 -0.62 41.36
CA ILE E 165 36.85 0.74 40.86
C ILE E 165 36.95 1.71 42.03
N LEU E 166 37.32 2.95 41.74
CA LEU E 166 37.18 4.05 42.67
C LEU E 166 36.55 5.23 41.95
N PHE E 167 35.74 5.98 42.67
CA PHE E 167 34.98 7.08 42.09
C PHE E 167 35.29 8.37 42.82
N LEU E 168 36.58 8.67 42.98
CA LEU E 168 37.02 9.91 43.61
C LEU E 168 36.15 11.08 43.14
N MET E 169 35.63 11.84 44.09
CA MET E 169 34.82 13.01 43.79
C MET E 169 35.46 14.22 44.45
N ASP E 170 34.82 15.38 44.34
CA ASP E 170 35.33 16.59 44.95
C ASP E 170 34.25 17.64 45.08
N GLY E 171 34.44 18.54 46.04
CA GLY E 171 33.53 19.65 46.27
C GLY E 171 32.07 19.29 46.28
N PHE E 172 31.68 18.31 47.09
CA PHE E 172 30.26 18.00 47.19
C PHE E 172 29.46 19.15 47.80
N ASP E 173 30.12 20.12 48.42
CA ASP E 173 29.46 21.35 48.82
C ASP E 173 29.00 22.16 47.62
N GLU E 174 29.52 21.86 46.42
CA GLU E 174 29.06 22.53 45.21
C GLU E 174 27.62 22.22 44.89
N LEU E 175 27.08 21.15 45.48
CA LEU E 175 25.73 20.71 45.19
C LEU E 175 24.73 20.55 46.34
N GLN E 176 25.05 21.16 47.49
CA GLN E 176 24.20 21.09 48.69
C GLN E 176 22.79 21.46 48.33
N GLY E 177 22.67 22.64 47.72
CA GLY E 177 21.41 23.14 47.25
C GLY E 177 20.76 22.13 46.34
N ALA E 178 21.50 21.58 45.37
CA ALA E 178 20.97 20.57 44.48
C ALA E 178 20.27 19.40 45.14
N PHE E 179 20.69 18.90 46.31
CA PHE E 179 19.82 17.79 46.83
C PHE E 179 18.67 18.16 47.81
N ASP E 180 17.40 18.26 47.35
CA ASP E 180 16.39 18.75 48.29
C ASP E 180 15.17 17.83 48.31
N GLU E 181 14.72 17.39 47.14
CA GLU E 181 13.60 16.47 47.01
C GLU E 181 14.17 15.13 46.57
N HIS E 182 13.77 14.06 47.25
CA HIS E 182 14.28 12.73 46.93
C HIS E 182 13.82 12.33 45.55
N ILE E 183 14.74 12.39 44.57
CA ILE E 183 14.39 12.08 43.20
C ILE E 183 13.93 10.63 43.12
N GLY E 184 12.67 10.42 42.77
CA GLY E 184 12.09 9.10 42.73
C GLY E 184 12.82 8.17 41.78
N PRO E 185 13.09 8.62 40.56
CA PRO E 185 13.84 7.79 39.61
C PRO E 185 15.29 7.68 40.02
N LEU E 186 15.73 6.47 40.35
CA LEU E 186 17.13 6.17 40.70
C LEU E 186 17.61 5.09 39.74
N CYS E 187 18.19 5.52 38.62
CA CYS E 187 18.65 4.59 37.60
C CYS E 187 19.63 3.58 38.19
N THR E 188 19.75 2.42 37.53
CA THR E 188 20.69 1.40 37.96
C THR E 188 21.48 0.84 36.78
N ASP E 189 21.58 1.62 35.70
CA ASP E 189 22.28 1.20 34.50
C ASP E 189 23.21 2.31 34.04
N TRP E 190 24.30 1.92 33.38
CA TRP E 190 25.28 2.87 32.87
C TRP E 190 25.14 3.13 31.38
N GLN E 191 24.11 2.57 30.74
CA GLN E 191 23.86 2.76 29.31
C GLN E 191 22.56 3.50 29.06
N LYS E 192 22.23 4.47 29.93
CA LYS E 192 20.97 5.19 29.84
C LYS E 192 21.20 6.68 30.03
N ALA E 193 20.26 7.46 29.52
CA ALA E 193 20.25 8.90 29.76
C ALA E 193 19.80 9.13 31.20
N GLU E 194 20.77 9.27 32.09
CA GLU E 194 20.52 9.21 33.53
C GLU E 194 20.10 10.54 34.13
N ARG E 195 19.97 11.59 33.33
CA ARG E 195 19.39 12.87 33.71
C ARG E 195 20.36 13.76 34.48
N GLY E 196 21.56 13.28 34.83
CA GLY E 196 22.52 14.15 35.48
C GLY E 196 22.51 14.10 37.00
N ASP E 197 21.77 15.01 37.63
CA ASP E 197 21.69 15.02 39.08
C ASP E 197 21.13 13.72 39.62
N ILE E 198 20.15 13.14 38.92
CA ILE E 198 19.60 11.85 39.33
C ILE E 198 20.69 10.78 39.26
N LEU E 199 21.49 10.79 38.20
CA LEU E 199 22.60 9.85 38.11
C LEU E 199 23.57 10.04 39.26
N LEU E 200 23.86 11.30 39.61
CA LEU E 200 24.77 11.57 40.72
C LEU E 200 24.21 11.02 42.03
N SER E 201 22.93 11.24 42.28
CA SER E 201 22.32 10.72 43.49
C SER E 201 22.35 9.20 43.51
N SER E 202 22.08 8.56 42.37
CA SER E 202 22.13 7.11 42.30
C SER E 202 23.53 6.60 42.57
N LEU E 203 24.55 7.26 42.01
CA LEU E 203 25.92 6.87 42.28
C LEU E 203 26.26 7.01 43.76
N ILE E 204 25.81 8.10 44.39
CA ILE E 204 26.07 8.30 45.80
C ILE E 204 25.40 7.19 46.63
N ARG E 205 24.16 6.85 46.29
CA ARG E 205 23.43 5.81 47.00
C ARG E 205 23.88 4.41 46.64
N LYS E 206 24.75 4.26 45.64
CA LYS E 206 25.32 2.97 45.27
C LYS E 206 24.30 2.10 44.53
N LYS E 207 23.44 2.73 43.72
CA LYS E 207 22.60 1.97 42.80
C LYS E 207 23.39 1.56 41.56
N LEU E 208 24.08 2.51 40.94
CA LEU E 208 24.96 2.21 39.82
C LEU E 208 26.25 1.60 40.35
N LEU E 209 26.58 0.40 39.88
CA LEU E 209 27.74 -0.34 40.39
C LEU E 209 27.69 -0.41 41.92
N PRO E 210 26.63 -0.98 42.50
CA PRO E 210 26.49 -0.95 43.96
C PRO E 210 27.71 -1.45 44.71
N GLU E 211 28.51 -2.33 44.09
CA GLU E 211 29.73 -2.84 44.70
C GLU E 211 30.97 -2.12 44.19
N ALA E 212 30.81 -0.92 43.65
CA ALA E 212 31.92 -0.10 43.19
C ALA E 212 32.28 0.89 44.29
N SER E 213 33.54 0.85 44.75
CA SER E 213 33.94 1.68 45.87
C SER E 213 33.76 3.15 45.53
N LEU E 214 33.85 4.01 46.54
CA LEU E 214 33.60 5.43 46.36
C LEU E 214 34.56 6.23 47.24
N LEU E 215 34.58 7.53 47.01
CA LEU E 215 35.30 8.47 47.87
C LEU E 215 34.81 9.87 47.57
N ILE E 216 34.34 10.59 48.60
CA ILE E 216 33.74 11.90 48.42
C ILE E 216 34.47 12.89 49.30
N THR E 217 34.98 13.95 48.70
CA THR E 217 35.52 15.05 49.47
C THR E 217 34.48 16.16 49.54
N THR E 218 34.43 16.84 50.68
CA THR E 218 33.38 17.85 50.82
C THR E 218 33.71 18.77 51.99
N ARG E 219 33.34 20.04 51.83
CA ARG E 219 33.40 20.97 52.93
C ARG E 219 32.34 20.61 53.96
N PRO E 220 32.58 20.91 55.23
CA PRO E 220 31.58 20.60 56.27
C PRO E 220 30.40 21.58 56.23
N VAL E 221 29.55 21.41 55.22
CA VAL E 221 28.46 22.35 55.00
C VAL E 221 27.14 21.60 54.85
N ALA E 222 27.20 20.29 54.62
CA ALA E 222 25.99 19.48 54.45
C ALA E 222 25.82 18.47 55.58
N LEU E 223 26.78 17.59 55.78
CA LEU E 223 26.76 16.59 56.84
C LEU E 223 25.39 15.95 57.02
N GLU E 224 24.42 16.70 57.55
CA GLU E 224 23.10 16.15 57.84
C GLU E 224 22.43 15.60 56.58
N LYS E 225 22.15 16.49 55.62
CA LYS E 225 21.49 16.06 54.40
C LYS E 225 22.27 14.96 53.69
N LEU E 226 23.59 14.97 53.83
CA LEU E 226 24.40 13.93 53.20
C LEU E 226 24.23 12.59 53.89
N GLN E 227 24.02 12.60 55.21
CA GLN E 227 23.93 11.36 55.97
C GLN E 227 22.73 10.50 55.57
N HIS E 228 21.76 11.04 54.85
CA HIS E 228 20.63 10.27 54.36
C HIS E 228 20.93 9.59 53.03
N LEU E 229 22.16 9.71 52.52
CA LEU E 229 22.52 9.11 51.25
C LEU E 229 23.73 8.20 51.33
N LEU E 230 24.50 8.22 52.41
CA LEU E 230 25.73 7.46 52.51
C LEU E 230 25.46 6.08 53.08
N ASP E 231 26.22 5.10 52.59
CA ASP E 231 26.10 3.71 53.04
C ASP E 231 27.12 3.46 54.14
N HIS E 232 26.83 4.01 55.32
CA HIS E 232 27.68 3.88 56.49
C HIS E 232 29.15 4.13 56.12
N PRO E 233 29.47 5.33 55.65
CA PRO E 233 30.81 5.58 55.14
C PRO E 233 31.79 5.93 56.25
N ARG E 234 33.02 5.44 56.09
CA ARG E 234 34.10 5.76 57.03
C ARG E 234 34.70 7.09 56.60
N HIS E 235 34.46 8.14 57.38
CA HIS E 235 34.90 9.46 56.97
C HIS E 235 36.19 9.83 57.70
N VAL E 236 36.96 10.72 57.07
CA VAL E 236 38.22 11.20 57.61
C VAL E 236 38.21 12.73 57.58
N GLU E 237 38.52 13.35 58.71
CA GLU E 237 38.64 14.79 58.79
C GLU E 237 40.08 15.20 58.54
N ILE E 238 40.26 16.22 57.74
CA ILE E 238 41.57 16.75 57.35
C ILE E 238 41.86 17.96 58.22
N LEU E 239 43.14 18.16 58.53
CA LEU E 239 43.53 19.27 59.39
C LEU E 239 44.48 20.25 58.72
N GLY E 240 45.54 19.76 58.09
CA GLY E 240 46.52 20.61 57.43
C GLY E 240 47.91 20.16 57.80
N PHE E 241 48.86 21.09 57.73
CA PHE E 241 50.22 20.84 58.17
C PHE E 241 50.29 21.08 59.66
N SER E 242 50.92 20.15 60.39
CA SER E 242 50.73 20.17 61.83
C SER E 242 51.61 21.17 62.55
N GLU E 243 52.91 20.89 62.70
CA GLU E 243 53.81 21.90 63.21
C GLU E 243 55.13 21.93 62.46
N ALA E 244 55.64 20.75 62.10
CA ALA E 244 56.87 20.64 61.34
C ALA E 244 56.61 20.53 59.86
N LYS E 245 55.41 20.08 59.48
CA LYS E 245 55.07 20.01 58.06
C LYS E 245 55.12 21.39 57.44
N ARG E 246 54.88 22.45 58.21
CA ARG E 246 54.98 23.81 57.69
C ARG E 246 56.43 24.17 57.36
N LYS E 247 57.32 23.92 58.32
CA LYS E 247 58.73 24.29 58.16
C LYS E 247 59.40 23.35 57.16
N GLU E 248 58.69 22.29 56.79
CA GLU E 248 59.10 21.46 55.66
C GLU E 248 58.48 21.91 54.35
N TYR E 249 57.27 22.49 54.39
CA TYR E 249 56.65 23.07 53.20
C TYR E 249 57.44 24.26 52.68
N PHE E 250 57.94 25.09 53.59
CA PHE E 250 58.76 26.21 53.14
C PHE E 250 59.98 25.73 52.37
N PHE E 251 60.58 24.62 52.81
CA PHE E 251 61.74 24.08 52.12
C PHE E 251 61.40 23.45 50.78
N LYS E 252 60.12 23.23 50.49
CA LYS E 252 59.70 22.79 49.18
C LYS E 252 59.24 23.94 48.29
N TYR E 253 58.74 25.02 48.88
CA TYR E 253 58.32 26.16 48.08
C TYR E 253 59.51 27.02 47.67
N PHE E 254 60.42 27.28 48.60
CA PHE E 254 61.57 28.12 48.30
C PHE E 254 62.74 27.29 47.79
N SER E 255 63.62 27.95 47.05
CA SER E 255 64.71 27.29 46.34
C SER E 255 65.69 26.59 47.27
N ASP E 256 66.38 27.35 48.13
CA ASP E 256 67.51 26.84 48.88
C ASP E 256 67.35 27.18 50.36
N GLU E 257 68.33 26.71 51.15
CA GLU E 257 68.32 27.01 52.58
C GLU E 257 68.44 28.51 52.84
N ALA E 258 69.28 29.20 52.06
CA ALA E 258 69.44 30.64 52.26
C ALA E 258 68.11 31.36 52.26
N GLN E 259 67.25 31.04 51.29
CA GLN E 259 65.90 31.57 51.28
C GLN E 259 65.09 31.01 52.45
N ALA E 260 64.95 29.69 52.48
CA ALA E 260 63.97 29.04 53.35
C ALA E 260 64.15 29.44 54.82
N ARG E 261 65.39 29.49 55.29
CA ARG E 261 65.61 29.77 56.71
C ARG E 261 65.02 31.12 57.10
N ALA E 262 65.41 32.17 56.38
CA ALA E 262 64.90 33.51 56.69
C ALA E 262 63.40 33.58 56.45
N ALA E 263 62.93 32.99 55.35
CA ALA E 263 61.50 33.02 55.04
C ALA E 263 60.69 32.43 56.19
N PHE E 264 61.10 31.26 56.68
CA PHE E 264 60.38 30.63 57.78
C PHE E 264 60.50 31.47 59.05
N SER E 265 61.72 31.89 59.41
CA SER E 265 61.88 32.65 60.64
C SER E 265 60.98 33.88 60.65
N LEU E 266 60.84 34.56 59.51
CA LEU E 266 60.00 35.75 59.46
C LEU E 266 58.58 35.45 59.91
N ILE E 267 58.09 34.24 59.67
CA ILE E 267 56.75 33.86 60.09
C ILE E 267 56.73 33.30 61.49
N GLN E 268 57.68 32.41 61.80
CA GLN E 268 57.74 31.81 63.12
C GLN E 268 57.86 32.86 64.20
N GLU E 269 58.44 34.02 63.88
CA GLU E 269 58.44 35.12 64.84
C GLU E 269 57.02 35.52 65.20
N ASN E 270 56.15 35.64 64.20
CA ASN E 270 54.75 35.97 64.41
C ASN E 270 53.98 34.69 64.75
N GLU E 271 53.16 34.74 65.79
CA GLU E 271 52.46 33.55 66.25
C GLU E 271 51.05 33.44 65.66
N VAL E 272 50.30 34.54 65.65
CA VAL E 272 48.95 34.54 65.10
C VAL E 272 48.95 33.97 63.69
N LEU E 273 50.11 34.05 63.02
CA LEU E 273 50.26 33.46 61.70
C LEU E 273 50.77 32.03 61.75
N PHE E 274 51.69 31.72 62.66
CA PHE E 274 52.23 30.37 62.68
C PHE E 274 51.09 29.40 62.89
N THR E 275 50.25 29.62 63.90
CA THR E 275 49.06 28.79 64.06
C THR E 275 48.10 28.61 62.90
N MET E 276 47.60 29.72 62.35
CA MET E 276 46.70 29.65 61.19
C MET E 276 47.44 29.26 59.92
N CYS E 277 48.74 28.99 59.98
CA CYS E 277 49.46 28.46 58.84
C CYS E 277 49.20 26.99 58.61
N PHE E 278 48.29 26.36 59.36
CA PHE E 278 47.98 24.96 59.08
C PHE E 278 47.17 24.83 57.81
N ILE E 279 46.27 25.78 57.56
CA ILE E 279 45.53 25.79 56.30
C ILE E 279 46.56 25.90 55.17
N PRO E 280 46.71 24.87 54.34
CA PRO E 280 47.76 24.93 53.31
C PRO E 280 47.63 26.13 52.39
N LEU E 281 46.40 26.53 52.05
CA LEU E 281 46.22 27.70 51.22
C LEU E 281 46.72 28.96 51.93
N VAL E 282 46.49 29.05 53.25
CA VAL E 282 46.93 30.21 54.01
C VAL E 282 48.42 30.15 54.34
N CYS E 283 49.06 29.01 54.12
CA CYS E 283 50.52 28.95 54.16
C CYS E 283 51.14 29.33 52.83
N TRP E 284 50.54 28.89 51.73
CA TRP E 284 50.98 29.32 50.41
C TRP E 284 50.82 30.83 50.24
N ILE E 285 49.69 31.38 50.68
CA ILE E 285 49.46 32.82 50.56
C ILE E 285 50.51 33.61 51.30
N VAL E 286 51.13 33.03 52.33
CA VAL E 286 52.17 33.72 53.08
C VAL E 286 53.56 33.40 52.55
N CYS E 287 53.74 32.29 51.88
CA CYS E 287 55.06 31.96 51.35
C CYS E 287 55.32 32.62 50.00
N THR E 288 54.30 32.70 49.14
CA THR E 288 54.44 33.48 47.90
C THR E 288 54.65 34.95 48.21
N GLY E 289 53.99 35.46 49.25
CA GLY E 289 54.21 36.85 49.64
C GLY E 289 55.66 37.13 49.96
N LEU E 290 56.33 36.19 50.64
CA LEU E 290 57.75 36.36 50.91
C LEU E 290 58.61 36.10 49.69
N LYS E 291 58.17 35.21 48.80
CA LYS E 291 58.91 34.97 47.57
C LYS E 291 58.98 36.23 46.71
N GLN E 292 57.89 36.99 46.66
CA GLN E 292 57.90 38.23 45.90
C GLN E 292 58.98 39.19 46.39
N GLN E 293 59.04 39.43 47.70
CA GLN E 293 60.08 40.28 48.25
C GLN E 293 61.46 39.70 48.02
N MET E 294 61.60 38.38 48.16
CA MET E 294 62.91 37.75 47.99
C MET E 294 63.44 37.95 46.58
N GLU E 295 62.58 37.82 45.57
CA GLU E 295 63.02 37.92 44.18
C GLU E 295 62.81 39.31 43.58
N SER E 296 62.32 40.28 44.35
CA SER E 296 62.19 41.65 43.88
C SER E 296 63.26 42.56 44.49
N GLY E 297 64.45 42.01 44.75
CA GLY E 297 65.54 42.78 45.29
C GLY E 297 65.18 43.56 46.54
N LYS E 298 64.88 42.85 47.63
CA LYS E 298 64.53 43.47 48.89
C LYS E 298 65.08 42.63 50.03
N SER E 299 65.23 43.27 51.19
CA SER E 299 65.79 42.62 52.37
C SER E 299 64.65 42.04 53.20
N LEU E 300 64.59 40.72 53.31
CA LEU E 300 63.60 40.09 54.16
C LEU E 300 63.88 40.35 55.63
N ALA E 301 65.15 40.51 56.01
CA ALA E 301 65.47 40.82 57.39
C ALA E 301 64.73 42.07 57.85
N GLN E 302 64.49 43.01 56.95
CA GLN E 302 63.63 44.16 57.23
C GLN E 302 62.24 44.01 56.64
N THR E 303 61.94 42.88 56.00
CA THR E 303 60.62 42.68 55.43
C THR E 303 59.58 42.55 56.52
N SER E 304 58.35 42.96 56.20
CA SER E 304 57.23 42.90 57.12
C SER E 304 56.15 42.01 56.55
N LYS E 305 55.49 41.24 57.42
CA LYS E 305 54.38 40.36 57.06
C LYS E 305 53.26 40.60 58.05
N THR E 306 52.40 41.58 57.75
CA THR E 306 51.30 41.91 58.65
C THR E 306 50.25 40.80 58.62
N THR E 307 49.63 40.57 59.78
CA THR E 307 48.69 39.46 59.93
C THR E 307 47.37 39.71 59.21
N THR E 308 47.11 40.93 58.75
CA THR E 308 45.85 41.23 58.08
C THR E 308 45.91 41.08 56.57
N ALA E 309 47.07 41.31 55.96
CA ALA E 309 47.20 41.09 54.52
C ALA E 309 46.93 39.63 54.17
N VAL E 310 47.42 38.71 55.00
CA VAL E 310 47.20 37.30 54.74
C VAL E 310 45.71 37.00 54.73
N TYR E 311 44.96 37.56 55.68
CA TYR E 311 43.53 37.29 55.73
C TYR E 311 42.81 37.97 54.57
N VAL E 312 43.24 39.15 54.17
CA VAL E 312 42.61 39.80 53.02
C VAL E 312 42.78 38.95 51.78
N PHE E 313 44.00 38.46 51.54
CA PHE E 313 44.25 37.61 50.37
C PHE E 313 43.50 36.29 50.47
N PHE E 314 43.42 35.72 51.69
CA PHE E 314 42.68 34.48 51.87
C PHE E 314 41.21 34.68 51.52
N LEU E 315 40.60 35.73 52.06
CA LEU E 315 39.21 36.03 51.75
C LEU E 315 39.01 36.23 50.25
N SER E 316 39.90 36.99 49.62
CA SER E 316 39.76 37.25 48.19
C SER E 316 39.87 35.96 47.39
N SER E 317 40.83 35.10 47.74
CA SER E 317 40.98 33.84 47.02
C SER E 317 39.77 32.94 47.22
N LEU E 318 39.15 33.00 48.41
CA LEU E 318 38.02 32.14 48.67
C LEU E 318 36.76 32.61 47.94
N LEU E 319 36.50 33.92 47.94
CA LEU E 319 35.24 34.36 47.33
C LEU E 319 35.38 34.48 45.83
N GLN E 320 35.88 33.44 45.18
CA GLN E 320 35.97 33.45 43.72
C GLN E 320 34.56 33.38 43.13
N PRO E 321 34.21 34.28 42.22
CA PRO E 321 32.89 34.19 41.58
C PRO E 321 32.71 32.85 40.88
N ARG E 322 31.81 32.02 41.40
CA ARG E 322 31.54 30.71 40.81
C ARG E 322 30.49 30.87 39.71
N GLY E 323 30.91 31.53 38.63
CA GLY E 323 30.00 31.90 37.58
C GLY E 323 29.36 33.25 37.86
N GLY E 324 29.30 34.12 36.85
CA GLY E 324 28.74 35.43 37.06
C GLY E 324 27.32 35.37 37.56
N SER E 325 27.11 35.70 38.83
CA SER E 325 25.79 35.61 39.43
C SER E 325 25.75 36.27 40.81
N GLN E 326 24.79 37.16 41.02
CA GLN E 326 24.52 37.72 42.33
C GLN E 326 25.77 38.38 42.92
N GLU E 327 26.24 39.44 42.26
CA GLU E 327 27.26 40.28 42.89
C GLU E 327 26.71 40.96 44.13
N HIS E 328 25.51 41.54 44.01
CA HIS E 328 24.84 42.10 45.17
C HIS E 328 24.53 41.02 46.20
N GLY E 329 24.15 39.83 45.74
CA GLY E 329 23.92 38.73 46.67
C GLY E 329 25.17 38.36 47.45
N LEU E 330 26.31 38.30 46.77
CA LEU E 330 27.56 37.99 47.44
C LEU E 330 27.91 39.08 48.45
N CYS E 331 27.74 40.35 48.07
CA CYS E 331 28.02 41.43 48.99
C CYS E 331 27.11 41.36 50.22
N ALA E 332 25.83 41.10 50.00
CA ALA E 332 24.87 41.04 51.10
C ALA E 332 25.18 39.86 52.02
N HIS E 333 25.51 38.69 51.45
CA HIS E 333 25.81 37.55 52.29
C HIS E 333 27.12 37.74 53.05
N LEU E 334 28.10 38.39 52.42
CA LEU E 334 29.34 38.69 53.13
C LEU E 334 29.08 39.65 54.29
N TRP E 335 28.24 40.67 54.07
CA TRP E 335 27.92 41.57 55.17
C TRP E 335 27.13 40.86 56.26
N GLY E 336 26.24 39.95 55.89
CA GLY E 336 25.50 39.19 56.90
C GLY E 336 26.41 38.32 57.74
N LEU E 337 27.30 37.57 57.08
CA LEU E 337 28.31 36.81 57.80
C LEU E 337 29.19 37.72 58.65
N CYS E 338 29.46 38.92 58.16
CA CYS E 338 30.33 39.84 58.85
C CYS E 338 29.68 40.35 60.14
N SER E 339 28.40 40.73 60.06
CA SER E 339 27.65 41.11 61.25
C SER E 339 27.50 39.92 62.19
N LEU E 340 27.35 38.71 61.64
CA LEU E 340 27.35 37.51 62.47
C LEU E 340 28.62 37.44 63.30
N ALA E 341 29.76 37.59 62.65
CA ALA E 341 31.03 37.55 63.38
C ALA E 341 31.08 38.68 64.41
N ALA E 342 30.59 39.87 64.06
CA ALA E 342 30.66 41.00 64.98
C ALA E 342 29.84 40.76 66.24
N ASP E 343 28.58 40.38 66.08
CA ASP E 343 27.75 40.18 67.26
C ASP E 343 28.19 38.94 68.04
N GLY E 344 28.73 37.93 67.34
CA GLY E 344 29.30 36.80 68.05
C GLY E 344 30.49 37.20 68.91
N ILE E 345 31.34 38.08 68.39
CA ILE E 345 32.48 38.53 69.18
C ILE E 345 32.02 39.38 70.36
N TRP E 346 30.97 40.19 70.15
CA TRP E 346 30.46 40.99 71.26
C TRP E 346 29.84 40.12 72.35
N ASN E 347 29.11 39.07 71.97
CA ASN E 347 28.43 38.21 72.93
C ASN E 347 29.25 36.97 73.29
N GLN E 348 30.52 36.93 72.91
CA GLN E 348 31.39 35.78 73.19
C GLN E 348 30.81 34.50 72.63
N LYS E 349 30.12 34.61 71.49
CA LYS E 349 29.43 33.47 70.87
C LYS E 349 30.41 32.74 69.95
N ILE E 350 31.21 31.86 70.55
CA ILE E 350 32.17 31.09 69.78
C ILE E 350 31.44 30.16 68.81
N LEU E 351 30.39 29.49 69.28
CA LEU E 351 29.65 28.51 68.49
C LEU E 351 28.24 29.04 68.27
N PHE E 352 27.91 29.34 67.01
CA PHE E 352 26.60 29.85 66.67
C PHE E 352 25.61 28.70 66.48
N GLU E 353 24.36 29.05 66.20
CA GLU E 353 23.31 28.07 65.98
C GLU E 353 22.45 28.51 64.81
N GLU E 354 21.69 27.55 64.27
CA GLU E 354 20.86 27.85 63.11
C GLU E 354 19.90 29.00 63.39
N SER E 355 19.38 29.09 64.62
CA SER E 355 18.48 30.18 64.96
C SER E 355 19.19 31.53 64.81
N ASP E 356 20.43 31.64 65.29
CA ASP E 356 21.17 32.89 65.15
C ASP E 356 21.52 33.16 63.70
N LEU E 357 21.88 32.12 62.95
CA LEU E 357 22.21 32.31 61.53
C LEU E 357 20.99 32.78 60.75
N ARG E 358 19.80 32.36 61.15
CA ARG E 358 18.58 32.87 60.52
C ARG E 358 18.29 34.31 60.99
N ASN E 359 18.48 34.57 62.28
CA ASN E 359 18.29 35.93 62.80
C ASN E 359 19.11 36.92 61.99
N HIS E 360 20.39 36.63 61.81
CA HIS E 360 21.20 37.40 60.86
C HIS E 360 20.84 37.02 59.44
N GLY E 361 20.90 37.99 58.53
CA GLY E 361 20.55 37.72 57.16
C GLY E 361 21.41 36.62 56.58
N LEU E 362 20.89 35.39 56.64
CA LEU E 362 21.57 34.18 56.15
C LEU E 362 20.59 33.02 56.09
N GLN E 363 20.86 32.09 55.19
CA GLN E 363 20.02 30.91 55.04
C GLN E 363 20.89 29.77 54.53
N LYS E 364 21.42 29.93 53.33
CA LYS E 364 22.29 28.93 52.72
C LYS E 364 23.46 29.60 52.01
N ALA E 365 23.54 29.42 50.70
CA ALA E 365 24.53 30.05 49.83
C ALA E 365 25.95 29.92 50.30
N ASP E 366 26.28 30.69 51.34
CA ASP E 366 27.60 30.69 51.97
C ASP E 366 27.96 29.27 52.31
N VAL E 367 28.64 28.60 51.39
CA VAL E 367 29.01 27.19 51.57
C VAL E 367 30.21 26.94 52.48
N SER E 368 30.04 27.25 53.76
CA SER E 368 31.06 27.02 54.77
C SER E 368 32.46 27.46 54.40
N ALA E 369 32.63 28.64 53.83
CA ALA E 369 33.97 29.05 53.52
C ALA E 369 34.63 29.29 54.87
N PHE E 370 33.94 30.05 55.73
CA PHE E 370 34.40 30.37 57.06
C PHE E 370 33.34 29.98 58.07
N LEU E 371 32.56 28.96 57.70
CA LEU E 371 31.46 28.46 58.51
C LEU E 371 31.40 26.96 58.31
N ARG E 372 31.98 26.21 59.24
CA ARG E 372 32.00 24.75 59.16
C ARG E 372 30.94 24.20 60.09
N MET E 373 29.96 23.50 59.52
CA MET E 373 28.85 22.94 60.30
C MET E 373 29.36 21.72 61.05
N ASN E 374 29.90 21.96 62.23
CA ASN E 374 30.23 20.87 63.13
C ASN E 374 29.03 20.58 64.01
N LEU E 375 28.52 19.36 63.93
CA LEU E 375 27.25 18.98 64.57
C LEU E 375 27.56 18.14 65.78
N PHE E 376 27.01 18.53 66.93
CA PHE E 376 27.26 17.84 68.17
C PHE E 376 26.02 17.06 68.61
N GLN E 377 26.21 15.79 68.93
CA GLN E 377 25.14 14.93 69.38
C GLN E 377 25.10 14.93 70.90
N LYS E 378 23.94 15.24 71.47
CA LYS E 378 23.73 15.19 72.90
C LYS E 378 22.47 14.40 73.20
N GLU E 379 22.55 13.53 74.21
CA GLU E 379 21.41 12.71 74.59
C GLU E 379 21.03 11.75 73.47
N VAL E 380 20.04 12.10 72.66
CA VAL E 380 19.51 11.21 71.65
C VAL E 380 19.68 11.74 70.23
N ASP E 381 19.82 13.04 70.05
CA ASP E 381 19.93 13.63 68.71
C ASP E 381 21.00 14.71 68.72
N CYS E 382 21.53 14.99 67.53
CA CYS E 382 22.59 15.96 67.34
C CYS E 382 22.06 17.22 66.69
N GLU E 383 22.64 18.36 67.08
CA GLU E 383 22.24 19.67 66.58
C GLU E 383 23.40 20.34 65.86
N LYS E 384 23.04 21.33 65.02
CA LYS E 384 23.93 21.94 64.04
C LYS E 384 25.13 22.63 64.66
N PHE E 385 24.88 23.69 65.43
CA PHE E 385 25.94 24.46 66.08
C PHE E 385 27.02 24.89 65.08
N TYR E 386 26.58 25.74 64.15
CA TYR E 386 27.51 26.36 63.21
C TYR E 386 28.66 27.03 63.95
N SER E 387 29.82 27.07 63.29
CA SER E 387 31.00 27.67 63.91
C SER E 387 31.92 28.22 62.82
N PHE E 388 32.77 29.15 63.23
CA PHE E 388 33.74 29.78 62.35
C PHE E 388 35.00 28.92 62.27
N ILE E 389 35.69 29.00 61.14
CA ILE E 389 36.91 28.23 60.96
C ILE E 389 37.91 28.52 62.07
N HIS E 390 37.84 29.70 62.69
CA HIS E 390 38.78 30.02 63.75
C HIS E 390 38.43 31.35 64.41
N MET E 391 38.81 31.50 65.68
CA MET E 391 38.43 32.70 66.44
C MET E 391 39.07 33.95 65.84
N THR E 392 40.34 33.86 65.43
CA THR E 392 40.98 35.00 64.80
C THR E 392 40.26 35.38 63.51
N PHE E 393 39.83 34.37 62.74
CA PHE E 393 39.07 34.66 61.53
C PHE E 393 37.77 35.38 61.87
N GLN E 394 37.08 34.94 62.92
CA GLN E 394 35.84 35.61 63.30
C GLN E 394 36.10 37.04 63.74
N GLU E 395 37.20 37.26 64.46
CA GLU E 395 37.57 38.63 64.85
C GLU E 395 37.84 39.49 63.63
N PHE E 396 38.53 38.94 62.63
CA PHE E 396 38.78 39.68 61.41
C PHE E 396 37.47 40.03 60.73
N PHE E 397 36.51 39.11 60.72
CA PHE E 397 35.23 39.41 60.11
C PHE E 397 34.47 40.47 60.90
N ALA E 398 34.61 40.48 62.23
CA ALA E 398 34.00 41.55 63.01
C ALA E 398 34.62 42.90 62.65
N ALA E 399 35.95 42.93 62.51
CA ALA E 399 36.61 44.16 62.09
C ALA E 399 36.13 44.61 60.72
N MET E 400 35.94 43.66 59.80
CA MET E 400 35.39 44.01 58.49
C MET E 400 33.97 44.53 58.59
N TYR E 401 33.17 43.99 59.52
CA TYR E 401 31.84 44.54 59.73
C TYR E 401 31.92 46.00 60.14
N TYR E 402 32.82 46.31 61.06
CA TYR E 402 32.97 47.71 61.48
C TYR E 402 33.43 48.58 60.32
N LEU E 403 34.45 48.15 59.60
CA LEU E 403 35.00 48.97 58.52
C LEU E 403 33.99 49.19 57.41
N LEU E 404 33.41 48.10 56.90
CA LEU E 404 32.47 48.18 55.78
C LEU E 404 31.31 49.11 56.14
N GLU E 405 30.62 49.56 55.09
CA GLU E 405 29.52 50.50 55.23
C GLU E 405 28.19 49.77 55.04
N GLU E 406 27.20 50.10 55.88
CA GLU E 406 25.85 49.48 55.79
C GLU E 406 25.25 49.44 54.38
N LEU E 419 15.67 43.18 65.84
CA LEU E 419 17.02 42.64 65.75
C LEU E 419 18.01 43.71 65.29
N LYS E 420 19.09 43.87 66.06
CA LYS E 420 20.12 44.86 65.73
C LYS E 420 21.46 44.50 66.37
N LEU E 421 22.50 44.40 65.54
CA LEU E 421 23.83 44.08 66.02
C LEU E 421 24.46 45.28 66.68
N PRO E 422 25.47 45.05 67.54
CA PRO E 422 26.22 46.06 68.32
C PRO E 422 26.45 47.36 67.56
N SER E 423 26.09 48.47 68.20
CA SER E 423 26.23 49.82 67.64
C SER E 423 27.56 50.05 66.97
N ARG E 424 27.51 50.42 65.70
CA ARG E 424 28.71 50.64 64.92
C ARG E 424 29.60 51.76 65.44
N ASP E 425 29.45 52.15 66.71
CA ASP E 425 30.35 53.21 67.17
C ASP E 425 31.76 52.68 67.26
N VAL E 426 32.63 53.12 66.35
CA VAL E 426 34.03 52.72 66.41
C VAL E 426 34.64 53.16 67.74
N THR E 427 34.26 54.34 68.22
CA THR E 427 34.74 54.80 69.53
C THR E 427 34.24 53.89 70.64
N VAL E 428 33.00 53.42 70.54
CA VAL E 428 32.46 52.52 71.57
C VAL E 428 33.26 51.22 71.60
N LEU E 429 33.42 50.59 70.44
CA LEU E 429 34.27 49.40 70.38
C LEU E 429 35.66 49.70 70.90
N LEU E 430 36.14 50.92 70.66
CA LEU E 430 37.49 51.29 71.03
C LEU E 430 37.66 51.32 72.55
N GLU E 431 36.75 51.99 73.26
CA GLU E 431 36.87 52.01 74.71
C GLU E 431 36.55 50.64 75.30
N ASN E 432 35.68 49.87 74.65
CA ASN E 432 35.45 48.50 75.11
C ASN E 432 36.72 47.68 75.02
N TYR E 433 37.57 48.04 74.06
CA TYR E 433 38.88 47.43 73.94
C TYR E 433 39.81 48.10 74.96
N GLY E 434 39.41 49.27 75.46
CA GLY E 434 40.22 50.05 76.39
C GLY E 434 40.13 49.76 77.88
N LYS E 435 39.24 48.82 78.27
CA LYS E 435 38.98 48.36 79.66
C LYS E 435 37.86 47.31 79.59
N PHE E 436 36.90 47.44 80.52
CA PHE E 436 35.66 46.67 80.63
C PHE E 436 35.92 45.19 80.40
N GLU E 437 37.12 44.73 80.76
CA GLU E 437 37.44 43.30 80.70
C GLU E 437 37.13 42.71 79.32
N LYS E 438 37.47 43.45 78.27
CA LYS E 438 37.25 43.03 76.90
C LYS E 438 38.58 42.80 76.19
N GLY E 439 39.50 42.11 76.86
CA GLY E 439 40.77 41.73 76.25
C GLY E 439 40.57 41.05 74.91
N TYR E 440 39.39 40.47 74.71
CA TYR E 440 39.01 39.91 73.42
C TYR E 440 38.49 40.96 72.45
N LEU E 441 39.21 42.07 72.35
CA LEU E 441 38.97 43.07 71.32
C LEU E 441 40.26 43.64 70.76
N ILE E 442 41.41 43.30 71.34
CA ILE E 442 42.69 43.74 70.78
C ILE E 442 42.81 43.30 69.33
N PHE E 443 42.42 42.05 69.05
CA PHE E 443 42.58 41.52 67.70
C PHE E 443 41.59 42.15 66.74
N VAL E 444 40.35 42.41 67.18
CA VAL E 444 39.40 43.07 66.30
C VAL E 444 39.89 44.48 65.96
N VAL E 445 40.42 45.20 66.96
CA VAL E 445 40.96 46.53 66.68
C VAL E 445 42.16 46.43 65.75
N ARG E 446 43.02 45.44 65.97
CA ARG E 446 44.19 45.26 65.11
C ARG E 446 43.77 45.03 63.67
N PHE E 447 42.76 44.20 63.45
CA PHE E 447 42.33 43.92 62.08
C PHE E 447 41.58 45.10 61.48
N LEU E 448 40.87 45.88 62.30
CA LEU E 448 40.31 47.14 61.80
C LEU E 448 41.41 48.05 61.31
N PHE E 449 42.50 48.16 62.06
CA PHE E 449 43.63 48.99 61.63
C PHE E 449 44.27 48.44 60.36
N GLY E 450 44.43 47.12 60.28
CA GLY E 450 44.95 46.54 59.07
C GLY E 450 44.08 46.84 57.86
N LEU E 451 42.76 46.84 58.05
CA LEU E 451 41.84 47.08 56.95
C LEU E 451 41.76 48.55 56.56
N VAL E 452 41.87 49.46 57.52
CA VAL E 452 41.72 50.89 57.23
C VAL E 452 42.89 51.35 56.37
N ASN E 453 43.80 50.44 56.06
CA ASN E 453 44.90 50.75 55.17
C ASN E 453 44.40 51.17 53.80
N GLN E 454 45.04 52.19 53.23
CA GLN E 454 44.51 52.84 52.03
C GLN E 454 44.55 51.90 50.83
N GLU E 455 45.74 51.43 50.44
CA GLU E 455 45.82 50.52 49.30
C GLU E 455 45.09 49.21 49.59
N ARG E 456 45.21 48.67 50.80
CA ARG E 456 44.45 47.46 51.13
C ARG E 456 42.95 47.71 51.07
N THR E 457 42.50 48.86 51.58
CA THR E 457 41.07 49.18 51.52
C THR E 457 40.60 49.28 50.07
N SER E 458 41.40 49.93 49.22
CA SER E 458 41.04 50.04 47.81
C SER E 458 41.00 48.68 47.15
N TYR E 459 41.94 47.79 47.49
CA TYR E 459 41.94 46.46 46.91
C TYR E 459 40.69 45.69 47.33
N LEU E 460 40.31 45.80 48.60
CA LEU E 460 39.07 45.15 49.05
C LEU E 460 37.86 45.73 48.35
N GLU E 461 37.86 47.05 48.14
CA GLU E 461 36.76 47.68 47.41
C GLU E 461 36.67 47.14 45.99
N LYS E 462 37.80 47.02 45.31
CA LYS E 462 37.77 46.51 43.95
C LYS E 462 37.36 45.04 43.92
N LYS E 463 37.66 44.30 44.99
CA LYS E 463 37.31 42.89 45.04
C LYS E 463 35.81 42.68 45.27
N LEU E 464 35.22 43.47 46.18
CA LEU E 464 33.85 43.22 46.62
C LEU E 464 32.83 44.20 46.04
N SER E 465 33.26 45.17 45.24
CA SER E 465 32.36 46.17 44.67
C SER E 465 31.53 46.85 45.75
N CYS E 466 32.25 47.47 46.69
CA CYS E 466 31.60 48.17 47.81
C CYS E 466 32.57 49.18 48.38
N LYS E 467 32.25 50.46 48.25
CA LYS E 467 33.14 51.51 48.74
C LYS E 467 33.26 51.44 50.26
N ILE E 468 34.41 51.90 50.76
CA ILE E 468 34.71 51.87 52.17
C ILE E 468 34.70 53.30 52.71
N SER E 469 34.71 53.42 54.04
CA SER E 469 34.73 54.70 54.73
C SER E 469 36.13 54.93 55.29
N GLN E 470 36.74 56.06 54.94
CA GLN E 470 38.08 56.38 55.43
C GLN E 470 38.06 57.23 56.68
N GLN E 471 36.95 57.91 56.97
CA GLN E 471 36.88 58.73 58.17
C GLN E 471 37.03 57.91 59.43
N ILE E 472 36.83 56.59 59.36
CA ILE E 472 37.16 55.73 60.49
C ILE E 472 38.65 55.81 60.79
N ARG E 473 39.47 55.98 59.75
CA ARG E 473 40.90 56.16 59.95
C ARG E 473 41.19 57.42 60.76
N LEU E 474 40.51 58.52 60.44
CA LEU E 474 40.70 59.76 61.19
C LEU E 474 40.17 59.61 62.61
N GLU E 475 39.07 58.89 62.79
CA GLU E 475 38.58 58.63 64.14
C GLU E 475 39.60 57.86 64.97
N LEU E 476 40.21 56.83 64.37
CA LEU E 476 41.25 56.08 65.07
C LEU E 476 42.46 56.95 65.35
N LEU E 477 42.81 57.84 64.41
CA LEU E 477 43.91 58.76 64.63
C LEU E 477 43.62 59.69 65.81
N LYS E 478 42.38 60.18 65.90
CA LYS E 478 42.03 61.02 67.03
C LYS E 478 42.04 60.24 68.34
N TRP E 479 41.64 58.97 68.30
CA TRP E 479 41.77 58.15 69.50
C TRP E 479 43.23 58.03 69.92
N ILE E 480 44.13 57.80 68.95
CA ILE E 480 45.54 57.69 69.28
C ILE E 480 46.06 59.01 69.81
N GLU E 481 45.56 60.12 69.28
CA GLU E 481 45.92 61.43 69.80
C GLU E 481 45.49 61.59 71.25
N VAL E 482 44.28 61.15 71.58
CA VAL E 482 43.81 61.21 72.97
C VAL E 482 44.67 60.32 73.86
N LYS E 483 44.97 59.12 73.38
CA LYS E 483 45.81 58.21 74.16
C LYS E 483 47.20 58.79 74.39
N ALA E 484 47.75 59.50 73.40
CA ALA E 484 49.07 60.09 73.56
C ALA E 484 49.03 61.34 74.44
N LYS E 485 47.93 62.08 74.37
CA LYS E 485 47.78 63.26 75.20
C LYS E 485 47.22 62.83 76.56
N ALA E 486 47.46 61.57 76.92
CA ALA E 486 46.98 61.03 78.18
C ALA E 486 48.11 60.79 79.17
N LYS E 487 49.31 61.25 78.80
CA LYS E 487 50.50 61.11 79.65
C LYS E 487 50.70 59.68 80.16
N LYS E 488 50.98 58.78 79.23
CA LYS E 488 51.19 57.36 79.55
C LYS E 488 50.07 56.82 80.42
N LEU E 489 48.84 56.94 79.93
CA LEU E 489 47.66 56.49 80.65
C LEU E 489 47.59 54.96 80.72
N GLN E 490 48.22 54.31 79.73
CA GLN E 490 48.36 52.85 79.61
C GLN E 490 47.33 51.96 80.31
N ILE E 491 46.05 52.33 80.22
CA ILE E 491 44.99 51.54 80.84
C ILE E 491 45.04 50.14 80.27
N GLN E 492 44.87 50.06 78.95
CA GLN E 492 44.93 48.81 78.21
C GLN E 492 45.59 49.09 76.88
N PRO E 493 44.99 50.00 76.11
CA PRO E 493 45.56 50.40 74.82
C PRO E 493 46.90 51.08 75.08
N SER E 494 47.84 50.35 75.66
CA SER E 494 49.09 50.93 76.10
C SER E 494 49.97 51.26 74.89
N GLN E 495 51.19 51.74 75.18
CA GLN E 495 52.09 52.14 74.11
C GLN E 495 52.42 50.96 73.20
N LEU E 496 52.69 49.78 73.79
CA LEU E 496 52.99 48.62 72.96
C LEU E 496 51.80 48.21 72.12
N GLU E 497 50.59 48.28 72.69
CA GLU E 497 49.40 47.92 71.93
C GLU E 497 49.21 48.87 70.75
N LEU E 498 49.41 50.17 70.97
CA LEU E 498 49.29 51.13 69.87
C LEU E 498 50.39 50.92 68.84
N PHE E 499 51.59 50.55 69.28
CA PHE E 499 52.65 50.21 68.35
C PHE E 499 52.25 49.04 67.46
N TYR E 500 51.67 48.00 68.06
CA TYR E 500 51.21 46.86 67.28
C TYR E 500 50.12 47.26 66.30
N CYS E 501 49.19 48.10 66.76
CA CYS E 501 48.12 48.57 65.89
C CYS E 501 48.68 49.31 64.68
N LEU E 502 49.60 50.24 64.91
CA LEU E 502 50.17 51.00 63.81
C LEU E 502 51.00 50.10 62.89
N TYR E 503 51.76 49.16 63.48
CA TYR E 503 52.51 48.20 62.69
C TYR E 503 51.61 47.47 61.73
N GLU E 504 50.49 46.93 62.22
CA GLU E 504 49.55 46.26 61.33
C GLU E 504 48.94 47.23 60.34
N MET E 505 48.80 48.51 60.73
CA MET E 505 48.32 49.51 59.79
C MET E 505 49.25 49.63 58.59
N GLN E 506 50.56 49.67 58.84
CA GLN E 506 51.59 49.66 57.81
C GLN E 506 51.51 50.84 56.86
N GLU E 507 50.68 51.84 57.15
CA GLU E 507 50.57 53.02 56.30
C GLU E 507 51.58 54.06 56.77
N GLU E 508 52.55 54.37 55.90
CA GLU E 508 53.68 55.21 56.32
C GLU E 508 53.22 56.59 56.76
N ASP E 509 52.41 57.26 55.93
CA ASP E 509 51.99 58.62 56.25
C ASP E 509 51.15 58.65 57.52
N PHE E 510 50.23 57.70 57.67
CA PHE E 510 49.41 57.64 58.88
C PHE E 510 50.27 57.42 60.11
N VAL E 511 51.25 56.52 60.01
CA VAL E 511 52.13 56.26 61.14
C VAL E 511 52.92 57.51 61.52
N GLN E 512 53.46 58.22 60.52
CA GLN E 512 54.18 59.46 60.80
C GLN E 512 53.26 60.46 61.49
N ARG E 513 52.06 60.65 60.95
CA ARG E 513 51.15 61.65 61.50
C ARG E 513 50.64 61.28 62.88
N ALA E 514 50.63 60.00 63.23
CA ALA E 514 50.12 59.57 64.53
C ALA E 514 51.20 59.48 65.60
N MET E 515 52.42 59.09 65.24
CA MET E 515 53.47 58.87 66.24
C MET E 515 54.00 60.17 66.83
N ASP E 516 53.63 61.32 66.29
CA ASP E 516 54.19 62.60 66.73
C ASP E 516 53.85 62.94 68.18
N TYR E 517 52.85 62.30 68.77
CA TYR E 517 52.44 62.61 70.13
C TYR E 517 53.13 61.76 71.19
N PHE E 518 53.94 60.79 70.77
CA PHE E 518 54.66 59.82 71.60
C PHE E 518 55.84 60.33 72.42
N PRO E 519 56.44 61.50 72.10
CA PRO E 519 57.86 61.74 72.44
C PRO E 519 58.37 61.13 73.74
N LYS E 520 57.51 61.09 74.76
CA LYS E 520 57.82 60.38 76.00
C LYS E 520 57.31 58.95 75.89
N ILE E 521 58.23 57.99 75.76
CA ILE E 521 57.87 56.60 75.48
C ILE E 521 58.57 55.69 76.46
N GLU E 522 57.82 54.74 77.02
CA GLU E 522 58.35 53.71 77.90
C GLU E 522 57.84 52.36 77.41
N ILE E 523 58.74 51.52 76.93
CA ILE E 523 58.37 50.26 76.31
C ILE E 523 59.30 49.16 76.80
N ASN E 524 58.78 47.94 76.86
CA ASN E 524 59.56 46.77 77.20
C ASN E 524 59.25 45.65 76.21
N LEU E 525 60.24 44.79 75.99
CA LEU E 525 60.18 43.77 74.96
C LEU E 525 60.27 42.38 75.60
N SER E 526 59.53 41.44 75.01
CA SER E 526 59.57 40.05 75.43
C SER E 526 59.62 39.07 74.27
N THR E 527 59.45 39.53 73.03
CA THR E 527 59.45 38.64 71.88
C THR E 527 59.99 39.37 70.67
N ARG E 528 60.42 38.59 69.67
CA ARG E 528 60.89 39.17 68.42
C ARG E 528 59.83 40.04 67.78
N MET E 529 58.54 39.68 67.94
CA MET E 529 57.48 40.52 67.42
C MET E 529 57.47 41.88 68.13
N ASP E 530 57.70 41.88 69.44
CA ASP E 530 57.83 43.14 70.15
C ASP E 530 59.02 43.94 69.63
N HIS E 531 60.15 43.27 69.40
CA HIS E 531 61.30 43.96 68.83
C HIS E 531 60.94 44.63 67.51
N MET E 532 60.31 43.89 66.61
CA MET E 532 59.98 44.43 65.29
C MET E 532 58.99 45.58 65.39
N VAL E 533 57.97 45.45 66.22
CA VAL E 533 56.97 46.51 66.35
C VAL E 533 57.62 47.77 66.89
N SER E 534 58.43 47.63 67.95
CA SER E 534 59.09 48.79 68.52
C SER E 534 60.03 49.44 67.50
N SER E 535 60.78 48.62 66.76
CA SER E 535 61.71 49.18 65.78
C SER E 535 60.97 49.97 64.71
N PHE E 536 59.92 49.37 64.14
CA PHE E 536 59.18 50.06 63.09
C PHE E 536 58.53 51.35 63.62
N CYS E 537 57.93 51.27 64.81
CA CYS E 537 57.28 52.45 65.36
C CYS E 537 58.28 53.56 65.64
N ILE E 538 59.44 53.22 66.20
CA ILE E 538 60.45 54.24 66.47
C ILE E 538 60.97 54.84 65.17
N GLU E 539 61.20 54.00 64.17
CA GLU E 539 61.68 54.51 62.88
C GLU E 539 60.68 55.47 62.27
N ASN E 540 59.39 55.14 62.35
CA ASN E 540 58.36 56.06 61.85
C ASN E 540 58.17 57.28 62.73
N CYS E 541 58.56 57.21 64.00
CA CYS E 541 58.40 58.34 64.91
C CYS E 541 59.36 59.46 64.53
N HIS E 542 58.81 60.68 64.45
CA HIS E 542 59.61 61.86 64.14
C HIS E 542 59.70 62.85 65.30
N ARG E 543 58.93 62.65 66.36
CA ARG E 543 58.88 63.58 67.48
C ARG E 543 59.25 62.89 68.78
N VAL E 544 60.32 62.10 68.77
CA VAL E 544 60.72 61.28 69.92
C VAL E 544 61.92 61.91 70.59
N GLU E 545 61.79 62.19 71.89
CA GLU E 545 62.91 62.67 72.69
C GLU E 545 63.28 61.72 73.82
N SER E 546 62.33 61.33 74.66
CA SER E 546 62.60 60.53 75.85
C SER E 546 62.13 59.10 75.60
N LEU E 547 63.05 58.14 75.73
CA LEU E 547 62.75 56.73 75.49
C LEU E 547 63.35 55.89 76.59
N SER E 548 62.53 55.02 77.18
CA SER E 548 62.96 54.02 78.14
C SER E 548 62.66 52.65 77.56
N LEU E 549 63.67 51.77 77.53
CA LEU E 549 63.53 50.46 76.92
C LEU E 549 63.90 49.38 77.92
N GLY E 550 63.05 48.37 78.04
CA GLY E 550 63.33 47.23 78.88
C GLY E 550 63.30 45.93 78.10
N PHE E 551 63.97 44.89 78.61
CA PHE E 551 64.04 43.62 77.91
C PHE E 551 63.81 42.49 78.90
N LEU E 552 63.12 41.43 78.44
CA LEU E 552 62.91 40.23 79.24
C LEU E 552 63.53 39.03 78.54
N HIS E 553 64.13 38.14 79.34
CA HIS E 553 64.75 36.93 78.82
C HIS E 553 66.04 37.27 78.06
N THR E 594 68.94 38.04 72.07
CA THR E 594 68.97 39.40 72.58
C THR E 594 69.70 40.34 71.61
N SER E 595 70.99 40.07 71.40
CA SER E 595 71.79 40.93 70.53
C SER E 595 71.30 40.90 69.10
N SER E 596 70.74 39.77 68.65
CA SER E 596 70.29 39.67 67.27
C SER E 596 69.18 40.67 66.98
N PHE E 597 68.12 40.68 67.79
CA PHE E 597 67.05 41.65 67.62
C PHE E 597 67.47 43.03 68.10
N CYS E 598 68.19 43.09 69.23
CA CYS E 598 68.70 44.36 69.71
C CYS E 598 69.62 45.01 68.69
N ARG E 599 70.33 44.22 67.90
CA ARG E 599 71.11 44.78 66.81
C ARG E 599 70.27 45.74 65.97
N GLY E 600 69.20 45.22 65.37
CA GLY E 600 68.33 46.04 64.54
C GLY E 600 67.62 47.14 65.31
N LEU E 601 67.19 46.83 66.54
CA LEU E 601 66.51 47.85 67.33
C LEU E 601 67.41 49.07 67.54
N PHE E 602 68.63 48.85 68.02
CA PHE E 602 69.54 49.95 68.25
C PHE E 602 70.02 50.57 66.94
N SER E 603 70.08 49.80 65.86
CA SER E 603 70.40 50.38 64.57
C SER E 603 69.35 51.41 64.17
N VAL E 604 68.07 51.07 64.34
CA VAL E 604 67.00 52.00 64.01
C VAL E 604 67.04 53.20 64.96
N LEU E 605 67.33 52.96 66.24
CA LEU E 605 67.47 54.07 67.18
C LEU E 605 68.55 55.04 66.71
N SER E 606 69.72 54.52 66.36
CA SER E 606 70.82 55.37 65.90
C SER E 606 70.42 56.10 64.62
N THR E 607 69.75 55.42 63.70
CA THR E 607 69.26 56.09 62.50
C THR E 607 68.33 57.24 62.85
N SER E 608 67.55 57.10 63.92
CA SER E 608 66.72 58.20 64.39
C SER E 608 67.59 59.40 64.73
N GLN E 609 67.11 60.59 64.35
CA GLN E 609 67.88 61.82 64.49
C GLN E 609 67.29 62.80 65.49
N SER E 610 66.11 62.52 66.04
CA SER E 610 65.48 63.41 67.01
C SER E 610 65.61 62.93 68.45
N LEU E 611 66.31 61.82 68.69
CA LEU E 611 66.39 61.27 70.03
C LEU E 611 67.26 62.13 70.94
N THR E 612 66.93 62.12 72.22
CA THR E 612 67.71 62.82 73.24
C THR E 612 68.09 61.93 74.41
N GLU E 613 67.23 61.01 74.82
CA GLU E 613 67.47 60.18 75.99
C GLU E 613 67.37 58.70 75.64
N LEU E 614 68.09 57.89 76.42
CA LEU E 614 68.04 56.44 76.28
C LEU E 614 68.17 55.83 77.67
N ASP E 615 67.08 55.28 78.18
CA ASP E 615 67.05 54.65 79.50
C ASP E 615 67.14 53.14 79.31
N LEU E 616 68.32 52.56 79.57
CA LEU E 616 68.50 51.12 79.50
C LEU E 616 68.65 50.51 80.88
N SER E 617 68.27 51.25 81.93
CA SER E 617 68.43 50.78 83.29
C SER E 617 67.57 49.55 83.55
N ASP E 618 67.99 48.77 84.56
CA ASP E 618 67.28 47.55 84.95
C ASP E 618 67.17 46.58 83.78
N ASN E 619 68.22 46.53 82.96
CA ASN E 619 68.28 45.62 81.82
C ASN E 619 69.60 44.88 81.84
N SER E 620 69.53 43.55 81.73
CA SER E 620 70.72 42.70 81.74
C SER E 620 71.31 42.64 80.33
N LEU E 621 71.86 43.78 79.90
CA LEU E 621 72.42 43.86 78.56
C LEU E 621 73.62 42.94 78.40
N GLY E 622 74.50 42.89 79.39
CA GLY E 622 75.69 42.08 79.32
C GLY E 622 76.76 42.71 78.46
N ASP E 623 77.93 42.08 78.45
CA ASP E 623 79.04 42.57 77.65
C ASP E 623 78.73 42.56 76.15
N PRO E 624 78.18 41.48 75.58
CA PRO E 624 77.82 41.53 74.15
C PRO E 624 76.81 42.62 73.86
N GLY E 625 75.83 42.81 74.74
CA GLY E 625 74.86 43.87 74.53
C GLY E 625 75.49 45.25 74.56
N MET E 626 76.40 45.48 75.51
CA MET E 626 77.08 46.77 75.58
C MET E 626 77.95 46.99 74.35
N ARG E 627 78.60 45.93 73.86
CA ARG E 627 79.38 46.07 72.64
C ARG E 627 78.51 46.43 71.45
N VAL E 628 77.34 45.78 71.34
CA VAL E 628 76.42 46.13 70.25
C VAL E 628 75.97 47.58 70.38
N LEU E 629 75.65 48.00 71.61
CA LEU E 629 75.18 49.37 71.84
C LEU E 629 76.25 50.38 71.47
N CYS E 630 77.50 50.14 71.89
CA CYS E 630 78.57 51.09 71.55
C CYS E 630 78.84 51.11 70.06
N GLU E 631 78.79 49.95 69.40
CA GLU E 631 78.92 49.93 67.96
C GLU E 631 77.85 50.78 67.29
N THR E 632 76.61 50.66 67.76
CA THR E 632 75.53 51.47 67.20
C THR E 632 75.75 52.95 67.47
N LEU E 633 76.17 53.30 68.69
CA LEU E 633 76.40 54.70 69.03
C LEU E 633 77.54 55.31 68.23
N GLN E 634 78.53 54.48 67.85
CA GLN E 634 79.67 54.99 67.09
C GLN E 634 79.27 55.53 65.73
N HIS E 635 78.02 55.35 65.31
CA HIS E 635 77.58 55.86 64.02
C HIS E 635 77.71 57.38 63.99
N PRO E 636 78.22 57.96 62.90
CA PRO E 636 78.37 59.42 62.85
C PRO E 636 77.05 60.16 63.04
N GLY E 637 75.94 59.60 62.58
CA GLY E 637 74.64 60.24 62.72
C GLY E 637 73.99 60.12 64.07
N CYS E 638 74.65 59.44 65.02
CA CYS E 638 74.07 59.28 66.35
C CYS E 638 73.74 60.63 66.96
N ASN E 639 72.51 60.77 67.45
CA ASN E 639 72.04 62.00 68.08
C ASN E 639 71.65 61.77 69.53
N ILE E 640 72.21 60.75 70.17
CA ILE E 640 71.88 60.44 71.55
C ILE E 640 72.70 61.34 72.47
N ARG E 641 72.03 62.07 73.36
CA ARG E 641 72.68 62.97 74.29
C ARG E 641 72.83 62.39 75.69
N ARG E 642 71.83 61.67 76.19
CA ARG E 642 71.88 61.08 77.51
C ARG E 642 71.56 59.60 77.43
N LEU E 643 72.32 58.79 78.18
CA LEU E 643 72.12 57.35 78.20
C LEU E 643 72.39 56.85 79.61
N TRP E 644 71.35 56.32 80.26
CA TRP E 644 71.47 55.83 81.62
C TRP E 644 71.51 54.31 81.63
N LEU E 645 72.58 53.76 82.20
CA LEU E 645 72.85 52.33 82.15
C LEU E 645 72.88 51.71 83.54
N GLY E 646 72.03 52.20 84.44
CA GLY E 646 72.00 51.70 85.79
C GLY E 646 71.69 50.21 85.90
N ARG E 647 72.52 49.48 86.64
CA ARG E 647 72.27 48.07 86.94
C ARG E 647 72.08 47.25 85.67
N CYS E 648 72.94 47.49 84.68
CA CYS E 648 72.86 46.80 83.40
C CYS E 648 73.85 45.64 83.27
N GLY E 649 74.54 45.28 84.35
CA GLY E 649 75.51 44.21 84.28
C GLY E 649 76.71 44.52 83.40
N LEU E 650 77.22 45.74 83.45
CA LEU E 650 78.38 46.12 82.67
C LEU E 650 79.66 45.93 83.48
N SER E 651 80.78 45.82 82.77
CA SER E 651 82.05 45.49 83.41
C SER E 651 83.19 46.21 82.70
N HIS E 652 84.41 45.87 83.09
CA HIS E 652 85.59 46.51 82.50
C HIS E 652 85.67 46.22 81.00
N GLU E 653 85.36 44.99 80.60
CA GLU E 653 85.43 44.63 79.19
C GLU E 653 84.60 45.59 78.34
N CYS E 654 83.34 45.80 78.74
CA CYS E 654 82.53 46.80 78.06
C CYS E 654 83.04 48.21 78.31
N CYS E 655 83.83 48.41 79.38
CA CYS E 655 84.42 49.73 79.62
C CYS E 655 85.38 50.13 78.52
N PHE E 656 86.06 49.15 77.90
CA PHE E 656 86.91 49.46 76.76
C PHE E 656 86.10 50.10 75.63
N ASP E 657 84.99 49.47 75.25
CA ASP E 657 84.14 50.02 74.21
C ASP E 657 83.49 51.33 74.65
N ILE E 658 83.20 51.47 75.94
CA ILE E 658 82.67 52.74 76.44
C ILE E 658 83.68 53.86 76.25
N SER E 659 84.95 53.58 76.55
CA SER E 659 86.00 54.57 76.32
C SER E 659 86.14 54.88 74.83
N LEU E 660 86.04 53.85 73.99
CA LEU E 660 86.07 54.10 72.55
C LEU E 660 84.94 55.03 72.12
N VAL E 661 83.73 54.79 72.65
CA VAL E 661 82.59 55.65 72.32
C VAL E 661 82.83 57.06 72.80
N LEU E 662 83.35 57.21 74.02
CA LEU E 662 83.62 58.54 74.57
C LEU E 662 84.63 59.29 73.71
N SER E 663 85.68 58.60 73.25
CA SER E 663 86.71 59.23 72.44
C SER E 663 86.26 59.51 71.02
N SER E 664 85.33 58.71 70.49
CA SER E 664 84.90 58.88 69.10
C SER E 664 83.74 59.87 68.98
N ASN E 665 82.62 59.58 69.64
CA ASN E 665 81.46 60.45 69.55
C ASN E 665 81.74 61.79 70.23
N GLN E 666 81.28 62.86 69.60
CA GLN E 666 81.41 64.21 70.16
C GLN E 666 80.08 64.78 70.61
N LYS E 667 79.02 63.96 70.64
CA LYS E 667 77.71 64.40 71.07
C LYS E 667 77.39 64.01 72.50
N LEU E 668 78.03 62.96 73.03
CA LEU E 668 77.74 62.52 74.39
C LEU E 668 77.95 63.67 75.38
N VAL E 669 77.01 63.81 76.31
CA VAL E 669 76.99 64.91 77.27
C VAL E 669 77.14 64.43 78.70
N GLU E 670 76.43 63.36 79.06
CA GLU E 670 76.41 62.87 80.43
C GLU E 670 76.38 61.34 80.42
N LEU E 671 76.72 60.75 81.57
CA LEU E 671 76.70 59.30 81.67
C LEU E 671 76.49 58.89 83.12
N ASP E 672 75.62 57.90 83.31
CA ASP E 672 75.39 57.28 84.62
C ASP E 672 75.49 55.78 84.44
N LEU E 673 76.42 55.16 85.17
CA LEU E 673 76.70 53.73 85.11
C LEU E 673 76.60 53.10 86.50
N SER E 674 75.61 53.52 87.28
CA SER E 674 75.50 53.07 88.66
C SER E 674 75.35 51.56 88.73
N ASP E 675 76.00 50.96 89.73
CA ASP E 675 75.91 49.52 89.98
C ASP E 675 76.53 48.72 88.83
N ASN E 676 77.63 49.24 88.28
CA ASN E 676 78.37 48.58 87.21
C ASN E 676 79.66 48.02 87.77
N ALA E 677 79.97 46.77 87.43
CA ALA E 677 81.19 46.11 87.88
C ALA E 677 82.38 46.59 87.05
N LEU E 678 82.61 47.90 87.10
CA LEU E 678 83.69 48.49 86.33
C LEU E 678 85.05 47.99 86.81
N GLY E 679 85.30 48.08 88.11
CA GLY E 679 86.58 47.64 88.65
C GLY E 679 87.71 48.61 88.35
N ASP E 680 88.88 48.35 88.93
CA ASP E 680 90.03 49.19 88.64
C ASP E 680 90.39 49.14 87.17
N PHE E 681 90.35 47.95 86.57
CA PHE E 681 90.62 47.83 85.14
C PHE E 681 89.57 48.57 84.31
N GLY E 682 88.31 48.48 84.73
CA GLY E 682 87.26 49.20 84.02
C GLY E 682 87.49 50.70 84.05
N ILE E 683 87.82 51.24 85.22
CA ILE E 683 88.10 52.68 85.31
C ILE E 683 89.34 53.04 84.52
N ARG E 684 90.34 52.14 84.50
CA ARG E 684 91.54 52.38 83.71
C ARG E 684 91.21 52.51 82.24
N LEU E 685 90.36 51.62 81.73
CA LEU E 685 89.93 51.73 80.33
C LEU E 685 89.10 52.98 80.10
N LEU E 686 88.23 53.32 81.06
CA LEU E 686 87.35 54.47 80.90
C LEU E 686 88.12 55.78 80.82
N CYS E 687 89.12 55.94 81.70
CA CYS E 687 89.89 57.18 81.72
C CYS E 687 90.66 57.39 80.42
N VAL E 688 91.01 56.31 79.73
CA VAL E 688 91.69 56.45 78.44
C VAL E 688 90.81 57.23 77.48
N GLY E 689 89.53 56.86 77.39
CA GLY E 689 88.60 57.63 76.58
C GLY E 689 88.35 59.03 77.12
N LEU E 690 88.25 59.14 78.45
CA LEU E 690 87.98 60.45 79.04
C LEU E 690 89.07 61.47 78.70
N LYS E 691 90.33 61.05 78.75
CA LYS E 691 91.43 61.97 78.49
C LYS E 691 91.61 62.30 77.01
N HIS E 692 90.85 61.66 76.13
CA HIS E 692 90.91 62.00 74.71
C HIS E 692 90.44 63.44 74.49
N LEU E 693 91.09 64.13 73.54
CA LEU E 693 90.74 65.51 73.27
C LEU E 693 89.29 65.66 72.84
N LEU E 694 88.74 64.66 72.16
CA LEU E 694 87.35 64.69 71.72
C LEU E 694 86.36 64.39 72.83
N CYS E 695 86.83 63.96 74.00
CA CYS E 695 85.94 63.66 75.11
C CYS E 695 85.19 64.91 75.52
N ASN E 696 83.88 64.94 75.29
CA ASN E 696 83.04 66.07 75.62
C ASN E 696 82.07 65.78 76.75
N LEU E 697 82.25 64.67 77.46
CA LEU E 697 81.36 64.34 78.57
C LEU E 697 81.50 65.37 79.68
N LYS E 698 80.38 65.65 80.34
CA LYS E 698 80.33 66.65 81.41
C LYS E 698 80.06 66.03 82.77
N LYS E 699 78.97 65.27 82.91
CA LYS E 699 78.55 64.72 84.19
C LYS E 699 78.72 63.21 84.17
N LEU E 700 79.30 62.68 85.26
CA LEU E 700 79.53 61.25 85.40
C LEU E 700 79.02 60.77 86.74
N TRP E 701 78.23 59.70 86.72
CA TRP E 701 77.79 59.00 87.92
C TRP E 701 78.33 57.58 87.89
N LEU E 702 79.14 57.24 88.89
CA LEU E 702 79.68 55.89 89.05
C LEU E 702 79.38 55.34 90.43
N VAL E 703 78.22 55.72 91.00
CA VAL E 703 77.88 55.33 92.35
C VAL E 703 77.84 53.81 92.47
N SER E 704 78.38 53.30 93.57
CA SER E 704 78.36 51.87 93.85
C SER E 704 78.98 51.07 92.70
N CYS E 705 80.08 51.58 92.17
CA CYS E 705 80.78 50.93 91.07
C CYS E 705 81.86 49.96 91.54
N CYS E 706 81.95 49.72 92.86
CA CYS E 706 82.93 48.80 93.43
C CYS E 706 84.37 49.28 93.22
N LEU E 707 84.55 50.56 92.90
CA LEU E 707 85.87 51.11 92.67
C LEU E 707 86.59 51.37 93.99
N THR E 708 87.90 51.63 93.89
CA THR E 708 88.73 51.91 95.05
C THR E 708 89.69 53.04 94.70
N SER E 709 90.55 53.38 95.66
CA SER E 709 91.51 54.47 95.45
C SER E 709 92.53 54.14 94.36
N ALA E 710 92.64 52.87 93.95
CA ALA E 710 93.60 52.51 92.93
C ALA E 710 93.34 53.26 91.63
N CYS E 711 92.07 53.35 91.23
CA CYS E 711 91.70 54.10 90.03
C CYS E 711 91.61 55.60 90.28
N CYS E 712 91.75 56.04 91.53
CA CYS E 712 91.69 57.47 91.83
C CYS E 712 92.78 58.25 91.11
N GLN E 713 93.92 57.61 90.85
CA GLN E 713 94.97 58.28 90.09
C GLN E 713 94.48 58.64 88.70
N ASP E 714 93.89 57.68 87.99
CA ASP E 714 93.34 57.94 86.67
C ASP E 714 92.18 58.94 86.74
N LEU E 715 91.36 58.84 87.79
CA LEU E 715 90.26 59.79 87.93
C LEU E 715 90.77 61.22 88.05
N ALA E 716 91.78 61.43 88.89
CA ALA E 716 92.36 62.76 89.04
C ALA E 716 93.03 63.22 87.75
N SER E 717 93.70 62.31 87.06
CA SER E 717 94.33 62.67 85.78
C SER E 717 93.28 63.13 84.78
N VAL E 718 92.16 62.42 84.68
CA VAL E 718 91.10 62.81 83.76
C VAL E 718 90.48 64.13 84.19
N LEU E 719 90.31 64.33 85.50
CA LEU E 719 89.76 65.59 85.99
C LEU E 719 90.65 66.76 85.62
N SER E 720 91.96 66.59 85.73
CA SER E 720 92.89 67.66 85.38
C SER E 720 93.10 67.79 83.88
N THR E 721 92.75 66.77 83.09
CA THR E 721 92.97 66.80 81.65
C THR E 721 91.75 67.28 80.87
N SER E 722 90.60 66.64 81.05
CA SER E 722 89.45 66.93 80.21
C SER E 722 88.98 68.37 80.39
N HIS E 723 88.52 68.98 79.30
CA HIS E 723 88.03 70.34 79.29
C HIS E 723 86.51 70.43 79.47
N SER E 724 85.80 69.31 79.50
CA SER E 724 84.35 69.30 79.62
C SER E 724 83.83 68.59 80.85
N LEU E 725 84.54 67.57 81.34
CA LEU E 725 84.08 66.86 82.53
C LEU E 725 84.04 67.81 83.72
N THR E 726 82.84 68.06 84.24
CA THR E 726 82.64 69.01 85.32
C THR E 726 82.19 68.35 86.61
N ARG E 727 81.11 67.58 86.59
CA ARG E 727 80.55 66.97 87.79
C ARG E 727 80.83 65.47 87.78
N LEU E 728 81.36 64.98 88.90
CA LEU E 728 81.65 63.57 89.08
C LEU E 728 81.12 63.11 90.43
N TYR E 729 80.39 62.01 90.43
CA TYR E 729 79.83 61.44 91.67
C TYR E 729 80.19 59.97 91.71
N VAL E 730 81.18 59.61 92.52
CA VAL E 730 81.70 58.25 92.60
C VAL E 730 81.50 57.65 93.99
N GLY E 731 80.46 58.07 94.69
CA GLY E 731 80.20 57.54 96.02
C GLY E 731 79.95 56.06 96.03
N GLU E 732 79.74 55.48 97.22
CA GLU E 732 79.52 54.05 97.36
C GLU E 732 80.70 53.24 96.84
N ASN E 733 81.90 53.81 96.92
CA ASN E 733 83.12 53.15 96.50
C ASN E 733 84.17 53.27 97.58
N ALA E 734 85.00 52.24 97.72
CA ALA E 734 86.04 52.21 98.76
C ALA E 734 87.23 53.09 98.36
N LEU E 735 86.92 54.37 98.13
CA LEU E 735 87.97 55.33 97.78
C LEU E 735 88.89 55.58 98.98
N GLY E 736 88.31 55.85 100.14
CA GLY E 736 89.08 56.04 101.35
C GLY E 736 89.71 57.42 101.42
N ASP E 737 90.39 57.67 102.55
CA ASP E 737 91.08 58.93 102.74
C ASP E 737 92.19 59.11 101.71
N SER E 738 92.92 58.04 101.41
CA SER E 738 93.98 58.12 100.40
C SER E 738 93.40 58.48 99.03
N GLY E 739 92.29 57.85 98.65
CA GLY E 739 91.67 58.18 97.38
C GLY E 739 91.16 59.61 97.34
N VAL E 740 90.56 60.06 98.44
CA VAL E 740 90.08 61.45 98.49
C VAL E 740 91.24 62.42 98.37
N ALA E 741 92.36 62.13 99.04
CA ALA E 741 93.52 63.00 98.93
C ALA E 741 94.09 62.99 97.52
N ILE E 742 94.11 61.83 96.87
CA ILE E 742 94.57 61.75 95.49
C ILE E 742 93.69 62.60 94.59
N LEU E 743 92.37 62.52 94.77
CA LEU E 743 91.47 63.34 93.98
C LEU E 743 91.69 64.83 94.26
N CYS E 744 91.90 65.18 95.53
CA CYS E 744 92.07 66.57 95.91
C CYS E 744 93.35 67.16 95.34
N GLU E 745 94.42 66.36 95.29
CA GLU E 745 95.70 66.87 94.80
C GLU E 745 95.57 67.38 93.37
N LYS E 746 94.61 66.87 92.61
CA LYS E 746 94.34 67.33 91.25
C LYS E 746 93.21 68.35 91.19
N ALA E 747 92.18 68.18 92.02
CA ALA E 747 91.07 69.13 92.03
C ALA E 747 91.49 70.51 92.55
N LYS E 748 92.57 70.57 93.33
CA LYS E 748 93.04 71.86 93.84
C LYS E 748 93.46 72.80 92.72
N ASN E 749 93.73 72.28 91.53
CA ASN E 749 94.12 73.14 90.42
C ASN E 749 93.01 74.12 90.14
N PRO E 750 93.26 75.44 90.18
CA PRO E 750 92.19 76.40 89.93
C PRO E 750 91.54 76.24 88.58
N GLN E 751 92.31 75.85 87.56
CA GLN E 751 91.74 75.64 86.24
C GLN E 751 90.86 74.40 86.17
N CYS E 752 90.93 73.52 87.16
CA CYS E 752 90.11 72.32 87.15
C CYS E 752 88.63 72.68 87.06
N ASN E 753 87.91 71.94 86.22
CA ASN E 753 86.52 72.27 85.91
C ASN E 753 85.51 71.57 86.82
N LEU E 754 85.97 70.79 87.79
CA LEU E 754 85.04 70.10 88.68
C LEU E 754 84.17 71.12 89.41
N GLN E 755 82.86 70.90 89.40
CA GLN E 755 81.90 71.81 90.00
C GLN E 755 81.18 71.19 91.18
N LYS E 756 80.52 70.04 90.99
CA LYS E 756 79.81 69.36 92.05
C LYS E 756 80.49 68.03 92.33
N LEU E 757 80.91 67.82 93.57
CA LEU E 757 81.64 66.64 93.97
C LEU E 757 80.81 65.83 94.97
N GLY E 758 80.64 64.55 94.69
CA GLY E 758 79.91 63.66 95.56
C GLY E 758 80.70 62.43 95.95
N LEU E 759 80.87 62.22 97.25
CA LEU E 759 81.58 61.06 97.76
C LEU E 759 80.61 60.21 98.58
N VAL E 760 79.41 59.98 98.03
CA VAL E 760 78.33 59.38 98.79
C VAL E 760 78.80 58.11 99.46
N ASN E 761 78.76 58.11 100.80
CA ASN E 761 79.16 56.94 101.61
C ASN E 761 80.50 56.38 101.13
N SER E 762 81.47 57.27 100.95
CA SER E 762 82.79 56.89 100.46
C SER E 762 83.75 56.50 101.58
N GLY E 763 83.28 56.44 102.82
CA GLY E 763 84.13 56.09 103.93
C GLY E 763 85.24 57.08 104.18
N LEU E 764 84.90 58.37 104.18
CA LEU E 764 85.87 59.43 104.37
C LEU E 764 86.01 59.78 105.85
N THR E 765 87.22 60.11 106.26
CA THR E 765 87.53 60.51 107.63
C THR E 765 87.98 61.96 107.65
N SER E 766 88.37 62.42 108.84
CA SER E 766 88.79 63.81 109.01
C SER E 766 90.13 64.10 108.31
N VAL E 767 90.94 63.08 108.04
CA VAL E 767 92.24 63.31 107.42
C VAL E 767 92.06 63.95 106.05
N CYS E 768 91.14 63.41 105.25
CA CYS E 768 90.88 63.99 103.94
C CYS E 768 90.12 65.31 104.03
N CYS E 769 89.64 65.68 105.22
CA CYS E 769 88.93 66.95 105.36
C CYS E 769 89.85 68.13 105.06
N SER E 770 91.09 68.08 105.53
CA SER E 770 92.04 69.15 105.25
C SER E 770 92.33 69.24 103.75
N ALA E 771 92.51 68.10 103.08
CA ALA E 771 92.75 68.11 101.65
C ALA E 771 91.55 68.67 100.89
N LEU E 772 90.34 68.31 101.32
CA LEU E 772 89.15 68.84 100.67
C LEU E 772 89.00 70.34 100.91
N SER E 773 89.38 70.81 102.10
CA SER E 773 89.38 72.25 102.35
C SER E 773 90.38 72.96 101.45
N SER E 774 91.56 72.36 101.27
CA SER E 774 92.55 72.93 100.35
C SER E 774 92.00 72.97 98.93
N VAL E 775 91.31 71.91 98.51
CA VAL E 775 90.70 71.90 97.19
C VAL E 775 89.67 73.02 97.08
N LEU E 776 88.84 73.19 98.11
CA LEU E 776 87.84 74.25 98.09
C LEU E 776 88.49 75.62 97.97
N SER E 777 89.57 75.85 98.71
CA SER E 777 90.23 77.15 98.68
C SER E 777 90.95 77.39 97.37
N THR E 778 91.48 76.34 96.74
CA THR E 778 92.26 76.50 95.52
C THR E 778 91.39 76.53 94.27
N ASN E 779 90.64 75.45 94.02
CA ASN E 779 89.73 75.41 92.90
C ASN E 779 88.57 76.38 93.11
N GLN E 780 88.26 77.17 92.09
CA GLN E 780 87.19 78.14 92.16
C GLN E 780 85.93 77.70 91.41
N ASN E 781 85.92 76.48 90.88
CA ASN E 781 84.79 75.97 90.10
C ASN E 781 83.90 75.00 90.86
N LEU E 782 84.23 74.69 92.11
CA LEU E 782 83.42 73.78 92.90
C LEU E 782 82.21 74.51 93.46
N THR E 783 81.04 73.91 93.32
CA THR E 783 79.77 74.51 93.74
C THR E 783 79.04 73.72 94.81
N HIS E 784 78.88 72.42 94.61
CA HIS E 784 78.12 71.57 95.53
C HIS E 784 79.00 70.44 96.02
N LEU E 785 78.85 70.08 97.30
CA LEU E 785 79.66 69.05 97.93
C LEU E 785 78.76 68.13 98.75
N TYR E 786 78.72 66.86 98.36
CA TYR E 786 77.99 65.83 99.10
C TYR E 786 79.00 64.85 99.69
N LEU E 787 78.91 64.62 101.01
CA LEU E 787 79.80 63.71 101.69
C LEU E 787 79.03 62.75 102.58
N ARG E 788 77.81 62.41 102.18
CA ARG E 788 76.97 61.54 102.99
C ARG E 788 77.62 60.18 103.18
N GLY E 789 77.44 59.61 104.37
CA GLY E 789 77.98 58.30 104.68
C GLY E 789 79.41 58.29 105.19
N ASN E 790 80.00 59.46 105.45
CA ASN E 790 81.37 59.56 105.93
C ASN E 790 81.35 60.16 107.33
N THR E 791 81.95 59.45 108.29
CA THR E 791 81.99 59.89 109.69
C THR E 791 83.18 60.83 109.87
N LEU E 792 82.99 62.08 109.43
CA LEU E 792 84.05 63.07 109.53
C LEU E 792 84.39 63.36 110.99
N GLY E 793 83.38 63.55 111.82
CA GLY E 793 83.59 63.98 113.19
C GLY E 793 83.72 65.48 113.31
N ASP E 794 83.82 65.93 114.56
CA ASP E 794 83.93 67.37 114.82
C ASP E 794 85.25 67.93 114.30
N LYS E 795 86.33 67.16 114.41
CA LYS E 795 87.61 67.61 113.86
C LYS E 795 87.52 67.80 112.36
N GLY E 796 86.89 66.85 111.65
CA GLY E 796 86.71 67.01 110.22
C GLY E 796 85.78 68.17 109.88
N ILE E 797 84.75 68.38 110.70
CA ILE E 797 83.85 69.51 110.46
C ILE E 797 84.62 70.83 110.58
N LYS E 798 85.45 70.96 111.62
CA LYS E 798 86.24 72.17 111.79
C LYS E 798 87.25 72.32 110.64
N LEU E 799 87.86 71.22 110.21
CA LEU E 799 88.81 71.29 109.11
C LEU E 799 88.13 71.79 107.84
N LEU E 800 86.95 71.27 107.53
CA LEU E 800 86.21 71.73 106.37
C LEU E 800 85.82 73.20 106.51
N CYS E 801 85.35 73.58 107.70
CA CYS E 801 84.95 74.97 107.94
C CYS E 801 86.11 75.93 107.73
N GLU E 802 87.31 75.53 108.16
CA GLU E 802 88.48 76.39 108.00
C GLU E 802 88.67 76.80 106.55
N GLY E 803 88.34 75.92 105.61
CA GLY E 803 88.48 76.23 104.20
C GLY E 803 87.27 76.89 103.60
N LEU E 804 86.07 76.43 103.97
CA LEU E 804 84.86 77.01 103.42
C LEU E 804 84.62 78.44 103.91
N LEU E 805 85.19 78.82 105.05
CA LEU E 805 85.13 80.22 105.48
C LEU E 805 86.03 81.11 104.62
N HIS E 806 87.00 80.52 103.92
CA HIS E 806 87.87 81.30 103.07
C HIS E 806 87.06 81.99 101.99
N PRO E 807 87.31 83.27 101.71
CA PRO E 807 86.52 83.96 100.68
C PRO E 807 86.57 83.29 99.32
N ASP E 808 87.69 82.64 98.99
CA ASP E 808 87.79 81.96 97.70
C ASP E 808 86.82 80.78 97.59
N CYS E 809 86.30 80.29 98.71
CA CYS E 809 85.33 79.20 98.67
C CYS E 809 84.10 79.63 97.89
N LYS E 810 83.67 78.78 96.95
CA LYS E 810 82.53 79.08 96.09
C LYS E 810 81.45 78.00 96.17
N LEU E 811 81.45 77.21 97.25
CA LEU E 811 80.44 76.18 97.42
C LEU E 811 79.07 76.81 97.64
N GLN E 812 78.04 76.11 97.18
CA GLN E 812 76.66 76.56 97.31
C GLN E 812 75.79 75.63 98.13
N VAL E 813 75.97 74.33 98.00
CA VAL E 813 75.20 73.33 98.75
C VAL E 813 76.17 72.36 99.41
N LEU E 814 75.92 72.06 100.67
CA LEU E 814 76.75 71.13 101.44
C LEU E 814 75.86 70.10 102.11
N GLU E 815 76.03 68.83 101.71
CA GLU E 815 75.30 67.73 102.30
C GLU E 815 76.25 66.90 103.15
N LEU E 816 75.94 66.75 104.44
CA LEU E 816 76.79 66.05 105.39
C LEU E 816 75.98 65.13 106.27
N ASP E 817 74.92 64.52 105.73
CA ASP E 817 74.13 63.58 106.51
C ASP E 817 74.90 62.28 106.70
N ASN E 818 74.60 61.58 107.80
CA ASN E 818 75.30 60.36 108.17
C ASN E 818 76.80 60.61 108.30
N CYS E 819 77.15 61.81 108.75
CA CYS E 819 78.54 62.21 108.89
C CYS E 819 79.11 61.95 110.28
N ASN E 820 78.30 61.42 111.20
CA ASN E 820 78.75 61.17 112.58
C ASN E 820 79.26 62.46 113.21
N LEU E 821 78.38 63.46 113.22
CA LEU E 821 78.70 64.79 113.73
C LEU E 821 78.02 64.98 115.08
N THR E 822 78.79 65.44 116.07
CA THR E 822 78.29 65.64 117.41
C THR E 822 77.93 67.12 117.61
N SER E 823 77.56 67.48 118.85
CA SER E 823 77.22 68.86 119.16
C SER E 823 78.42 69.79 119.11
N HIS E 824 79.64 69.26 119.07
CA HIS E 824 80.81 70.12 119.05
C HIS E 824 80.86 70.95 117.77
N CYS E 825 80.54 70.35 116.62
CA CYS E 825 80.55 71.09 115.36
C CYS E 825 79.50 72.20 115.31
N CYS E 826 78.73 72.37 116.38
CA CYS E 826 77.71 73.43 116.39
C CYS E 826 78.33 74.80 116.22
N TRP E 827 79.44 75.07 116.93
CA TRP E 827 80.09 76.37 116.80
C TRP E 827 80.74 76.53 115.44
N ASP E 828 81.32 75.45 114.91
CA ASP E 828 81.84 75.49 113.54
C ASP E 828 80.77 75.93 112.57
N LEU E 829 79.58 75.30 112.64
CA LEU E 829 78.52 75.62 111.71
C LEU E 829 77.94 77.01 111.98
N SER E 830 77.90 77.45 113.24
CA SER E 830 77.45 78.80 113.52
C SER E 830 78.38 79.83 112.91
N THR E 831 79.70 79.61 113.04
CA THR E 831 80.67 80.50 112.41
C THR E 831 80.52 80.49 110.89
N LEU E 832 80.31 79.30 110.31
CA LEU E 832 80.10 79.22 108.87
C LEU E 832 78.85 79.98 108.45
N LEU E 833 77.77 79.87 109.23
CA LEU E 833 76.55 80.62 108.90
C LEU E 833 76.77 82.11 109.02
N THR E 834 77.53 82.55 110.02
CA THR E 834 77.76 83.98 110.24
C THR E 834 78.72 84.58 109.23
N SER E 835 79.64 83.79 108.67
CA SER E 835 80.67 84.33 107.78
C SER E 835 80.48 83.96 106.32
N SER E 836 80.34 82.67 106.01
CA SER E 836 80.18 82.19 104.65
C SER E 836 79.17 83.03 103.87
N GLN E 837 79.60 83.52 102.72
CA GLN E 837 78.79 84.41 101.89
C GLN E 837 78.45 83.79 100.53
N SER E 838 78.68 82.51 100.34
CA SER E 838 78.43 81.87 99.06
C SER E 838 77.48 80.69 99.14
N LEU E 839 77.56 79.89 100.20
CA LEU E 839 76.71 78.71 100.31
C LEU E 839 75.24 79.10 100.45
N ARG E 840 74.37 78.26 99.90
CA ARG E 840 72.93 78.50 99.93
C ARG E 840 72.13 77.40 100.62
N LYS E 841 72.62 76.16 100.61
CA LYS E 841 71.91 75.02 101.17
C LYS E 841 72.84 74.22 102.07
N LEU E 842 72.35 73.84 103.24
CA LEU E 842 73.10 73.01 104.17
C LEU E 842 72.19 71.93 104.71
N SER E 843 72.50 70.68 104.38
CA SER E 843 71.77 69.53 104.89
C SER E 843 72.67 68.75 105.85
N LEU E 844 72.16 68.49 107.06
CA LEU E 844 72.98 67.86 108.09
C LEU E 844 72.23 66.81 108.89
N GLY E 845 71.11 66.31 108.36
CA GLY E 845 70.29 65.37 109.09
C GLY E 845 71.04 64.13 109.55
N ASN E 846 70.36 63.28 110.32
CA ASN E 846 70.97 62.07 110.88
C ASN E 846 72.21 62.42 111.71
N ASN E 847 72.10 63.52 112.45
CA ASN E 847 73.17 63.95 113.34
C ASN E 847 72.54 64.56 114.58
N ASP E 848 73.01 64.11 115.75
CA ASP E 848 72.46 64.56 117.03
C ASP E 848 73.14 65.86 117.48
N LEU E 849 72.94 66.91 116.68
CA LEU E 849 73.52 68.21 117.03
C LEU E 849 72.95 68.72 118.34
N GLY E 850 71.65 68.58 118.54
CA GLY E 850 71.04 68.86 119.82
C GLY E 850 70.16 70.09 119.79
N ASP E 851 69.30 70.19 120.81
CA ASP E 851 68.44 71.37 120.95
C ASP E 851 69.27 72.62 121.15
N LEU E 852 70.38 72.51 121.89
CA LEU E 852 71.27 73.66 122.05
C LEU E 852 71.82 74.11 120.70
N GLY E 853 72.26 73.16 119.88
CA GLY E 853 72.76 73.53 118.56
C GLY E 853 71.71 74.16 117.69
N VAL E 854 70.50 73.60 117.70
CA VAL E 854 69.42 74.18 116.89
C VAL E 854 69.07 75.58 117.37
N MET E 855 69.05 75.79 118.69
CA MET E 855 68.76 77.11 119.23
C MET E 855 69.82 78.12 118.84
N MET E 856 71.10 77.75 118.96
CA MET E 856 72.16 78.67 118.56
C MET E 856 72.09 78.98 117.07
N PHE E 857 71.81 77.96 116.25
CA PHE E 857 71.72 78.17 114.81
C PHE E 857 70.56 79.09 114.47
N CYS E 858 69.42 78.92 115.14
CA CYS E 858 68.28 79.80 114.90
C CYS E 858 68.56 81.22 115.38
N GLU E 859 69.29 81.35 116.49
CA GLU E 859 69.66 82.67 116.99
C GLU E 859 70.55 83.39 115.98
N VAL E 860 71.49 82.67 115.38
CA VAL E 860 72.31 83.27 114.33
C VAL E 860 71.50 83.54 113.08
N LEU E 861 70.52 82.68 112.79
CA LEU E 861 69.75 82.81 111.54
C LEU E 861 68.79 83.99 111.58
N LYS E 862 68.26 84.31 112.76
CA LYS E 862 67.28 85.39 112.83
C LYS E 862 67.85 86.71 112.37
N GLN E 863 69.18 86.85 112.34
CA GLN E 863 69.80 88.02 111.74
C GLN E 863 69.54 88.05 110.24
N GLN E 864 69.54 89.25 109.67
CA GLN E 864 69.36 89.42 108.24
C GLN E 864 70.62 89.07 107.44
N SER E 865 71.71 88.74 108.11
CA SER E 865 72.99 88.47 107.45
C SER E 865 73.10 87.04 106.92
N CYS E 866 72.09 86.21 107.12
CA CYS E 866 72.14 84.81 106.68
C CYS E 866 71.74 84.75 105.20
N LEU E 867 72.74 84.68 104.31
CA LEU E 867 72.48 84.58 102.89
C LEU E 867 72.04 83.19 102.45
N LEU E 868 72.25 82.18 103.29
CA LEU E 868 71.78 80.83 102.98
C LEU E 868 70.26 80.80 102.93
N GLN E 869 69.72 79.86 102.15
CA GLN E 869 68.28 79.76 101.96
C GLN E 869 67.68 78.44 102.41
N ASN E 870 68.44 77.35 102.41
CA ASN E 870 67.89 76.03 102.73
C ASN E 870 68.70 75.38 103.85
N LEU E 871 68.00 74.87 104.86
CA LEU E 871 68.62 74.12 105.94
C LEU E 871 67.80 72.85 106.16
N GLY E 872 68.49 71.71 106.27
CA GLY E 872 67.83 70.44 106.46
C GLY E 872 68.29 69.70 107.69
N LEU E 873 67.39 69.55 108.67
CA LEU E 873 67.69 68.82 109.90
C LEU E 873 66.80 67.60 110.04
N SER E 874 66.47 66.96 108.92
CA SER E 874 65.61 65.78 108.96
C SER E 874 66.29 64.65 109.71
N GLU E 875 65.48 63.83 110.38
CA GLU E 875 65.88 62.72 111.24
C GLU E 875 66.39 63.23 112.59
N MET E 876 66.50 64.54 112.78
CA MET E 876 66.87 65.11 114.08
C MET E 876 65.62 65.20 114.95
N TYR E 877 65.70 64.66 116.15
CA TYR E 877 64.59 64.63 117.09
C TYR E 877 64.81 65.69 118.16
N PHE E 878 63.82 66.57 118.33
CA PHE E 878 63.90 67.70 119.24
C PHE E 878 62.68 67.70 120.15
N ASN E 879 62.53 68.78 120.92
CA ASN E 879 61.41 68.92 121.83
C ASN E 879 60.38 69.90 121.27
N TYR E 880 59.28 70.08 121.99
CA TYR E 880 58.24 71.01 121.56
C TYR E 880 58.78 72.43 121.48
N GLU E 881 59.60 72.83 122.47
CA GLU E 881 60.18 74.16 122.45
C GLU E 881 61.05 74.37 121.22
N THR E 882 61.91 73.40 120.90
CA THR E 882 62.77 73.52 119.74
C THR E 882 61.95 73.54 118.45
N LYS E 883 60.92 72.71 118.36
CA LYS E 883 60.07 72.72 117.17
C LYS E 883 59.38 74.07 116.99
N SER E 884 58.87 74.64 118.08
CA SER E 884 58.22 75.95 118.01
C SER E 884 59.20 77.02 117.60
N ALA E 885 60.43 76.98 118.14
CA ALA E 885 61.44 77.95 117.75
C ALA E 885 61.80 77.82 116.27
N LEU E 886 61.92 76.59 115.78
CA LEU E 886 62.22 76.38 114.38
C LEU E 886 61.10 76.93 113.49
N GLU E 887 59.85 76.66 113.85
CA GLU E 887 58.73 77.20 113.09
C GLU E 887 58.72 78.72 113.11
N THR E 888 58.98 79.31 114.27
CA THR E 888 59.02 80.76 114.37
C THR E 888 60.11 81.35 113.49
N LEU E 889 61.29 80.73 113.48
CA LEU E 889 62.37 81.21 112.62
C LEU E 889 61.99 81.08 111.15
N GLN E 890 61.39 79.95 110.77
CA GLN E 890 61.03 79.73 109.37
C GLN E 890 60.00 80.76 108.91
N GLU E 891 59.01 81.06 109.76
CA GLU E 891 57.99 82.04 109.39
C GLU E 891 58.49 83.48 109.49
N GLU E 892 59.50 83.74 110.33
CA GLU E 892 60.12 85.06 110.35
C GLU E 892 61.00 85.29 109.14
N LYS E 893 61.57 84.24 108.57
CA LYS E 893 62.38 84.31 107.36
C LYS E 893 61.77 83.36 106.33
N PRO E 894 60.73 83.79 105.62
CA PRO E 894 60.12 82.89 104.62
C PRO E 894 61.09 82.41 103.56
N GLU E 895 62.02 83.29 103.14
CA GLU E 895 63.01 82.88 102.15
C GLU E 895 64.01 81.88 102.72
N LEU E 896 64.16 81.84 104.04
CA LEU E 896 65.02 80.86 104.69
C LEU E 896 64.14 79.72 105.22
N THR E 897 64.32 78.52 104.66
CA THR E 897 63.52 77.37 105.01
C THR E 897 64.33 76.39 105.84
N VAL E 898 63.70 75.83 106.86
CA VAL E 898 64.29 74.79 107.69
C VAL E 898 63.37 73.58 107.67
N VAL E 899 63.86 72.46 107.16
CA VAL E 899 63.07 71.25 107.02
C VAL E 899 63.40 70.34 108.20
N PHE E 900 62.44 70.17 109.11
CA PHE E 900 62.61 69.36 110.31
C PHE E 900 61.36 68.53 110.59
N GLU E 901 60.67 68.09 109.54
CA GLU E 901 59.40 67.40 109.71
C GLU E 901 59.60 66.07 110.43
N PRO E 902 58.54 65.56 111.08
CA PRO E 902 58.57 64.30 111.83
C PRO E 902 58.50 63.08 110.92
N LYS F 1 30.37 -21.67 35.28
CA LYS F 1 30.58 -21.57 36.71
C LYS F 1 30.60 -20.11 37.18
N LYS F 2 29.77 -19.82 38.18
CA LYS F 2 29.57 -18.49 38.79
C LYS F 2 28.68 -18.56 40.01
N ASP F 3 29.23 -18.93 41.16
CA ASP F 3 28.36 -19.16 42.30
C ASP F 3 27.75 -17.92 42.89
N TYR F 4 26.84 -17.41 42.11
CA TYR F 4 26.07 -16.20 42.39
C TYR F 4 25.59 -16.21 43.83
N ARG F 5 25.35 -17.40 44.39
CA ARG F 5 25.14 -17.50 45.83
C ARG F 5 26.30 -16.89 46.59
N LYS F 6 27.54 -17.22 46.19
CA LYS F 6 28.71 -16.67 46.84
C LYS F 6 28.75 -15.14 46.73
N LYS F 7 28.49 -14.62 45.53
CA LYS F 7 28.57 -13.17 45.34
C LYS F 7 27.48 -12.46 46.14
N TYR F 8 26.27 -12.98 46.13
CA TYR F 8 25.19 -12.39 46.91
C TYR F 8 25.48 -12.46 48.41
N ARG F 9 26.03 -13.58 48.87
CA ARG F 9 26.39 -13.70 50.28
C ARG F 9 27.43 -12.66 50.65
N LYS F 10 28.43 -12.46 49.80
CA LYS F 10 29.44 -11.44 50.09
C LYS F 10 28.80 -10.06 50.16
N TYR F 11 27.94 -9.74 49.20
CA TYR F 11 27.32 -8.42 49.20
C TYR F 11 26.48 -8.20 50.46
N VAL F 12 25.66 -9.18 50.82
CA VAL F 12 24.79 -9.03 51.98
C VAL F 12 25.62 -8.93 53.25
N ARG F 13 26.64 -9.77 53.38
CA ARG F 13 27.51 -9.70 54.54
C ARG F 13 28.23 -8.37 54.64
N SER F 14 28.52 -7.74 53.50
CA SER F 14 29.12 -6.41 53.54
C SER F 14 28.11 -5.33 53.90
N ARG F 15 26.89 -5.42 53.38
CA ARG F 15 25.90 -4.37 53.56
C ARG F 15 25.14 -4.45 54.88
N PHE F 16 25.19 -5.59 55.57
CA PHE F 16 24.41 -5.80 56.79
C PHE F 16 25.30 -6.12 57.97
N GLN F 17 26.39 -5.36 58.15
CA GLN F 17 27.34 -5.62 59.21
C GLN F 17 27.55 -4.47 60.17
N CYS F 18 26.83 -3.36 59.99
CA CYS F 18 26.98 -2.20 60.87
C CYS F 18 25.61 -1.65 61.21
N ILE F 19 25.50 -1.12 62.43
CA ILE F 19 24.24 -0.62 62.97
C ILE F 19 24.47 0.82 63.40
N GLU F 20 23.89 1.76 62.66
CA GLU F 20 23.99 3.17 63.02
C GLU F 20 22.90 3.52 64.03
N ASP F 21 23.31 4.15 65.13
CA ASP F 21 22.38 4.55 66.17
C ASP F 21 21.55 5.74 65.67
N ARG F 22 20.64 6.23 66.52
CA ARG F 22 19.84 7.39 66.12
C ARG F 22 20.69 8.63 66.01
N ASN F 23 21.51 8.91 67.03
CA ASN F 23 22.41 10.06 67.02
C ASN F 23 23.81 9.59 66.63
N ALA F 24 24.00 9.36 65.34
CA ALA F 24 25.27 8.89 64.80
C ALA F 24 25.79 9.93 63.81
N ARG F 25 26.75 10.73 64.24
CA ARG F 25 27.42 11.62 63.31
C ARG F 25 28.15 10.80 62.26
N LEU F 26 28.38 11.42 61.10
CA LEU F 26 28.90 10.70 59.93
C LEU F 26 29.99 9.73 60.33
N GLY F 27 29.91 8.52 59.79
CA GLY F 27 30.93 7.50 60.01
C GLY F 27 31.13 7.08 61.44
N GLU F 28 30.04 6.81 62.17
CA GLU F 28 30.11 6.32 63.54
C GLU F 28 29.31 5.04 63.70
N SER F 29 29.35 4.17 62.69
CA SER F 29 28.63 2.91 62.74
C SER F 29 29.30 1.96 63.73
N VAL F 30 28.51 0.99 64.21
CA VAL F 30 28.97 0.02 65.19
C VAL F 30 28.63 -1.38 64.69
N SER F 31 29.59 -2.30 64.84
CA SER F 31 29.41 -3.65 64.33
C SER F 31 28.29 -4.37 65.07
N LEU F 32 27.48 -5.10 64.31
CA LEU F 32 26.37 -5.86 64.90
C LEU F 32 26.89 -6.93 65.87
N ASN F 33 27.91 -7.68 65.44
CA ASN F 33 28.45 -8.72 66.30
C ASN F 33 28.98 -8.17 67.61
N LYS F 34 29.32 -6.89 67.65
CA LYS F 34 29.70 -6.26 68.91
C LYS F 34 28.48 -5.81 69.69
N ARG F 35 27.66 -4.94 69.11
CA ARG F 35 26.48 -4.41 69.81
C ARG F 35 25.21 -5.13 69.34
N TYR F 36 25.18 -6.44 69.56
CA TYR F 36 23.96 -7.22 69.41
C TYR F 36 23.91 -8.27 70.50
N THR F 37 22.97 -8.12 71.42
CA THR F 37 22.71 -9.14 72.43
C THR F 37 21.66 -10.11 71.89
N ARG F 38 21.14 -10.99 72.75
CA ARG F 38 20.12 -11.96 72.37
C ARG F 38 18.86 -11.68 73.16
N LEU F 39 17.74 -11.52 72.45
CA LEU F 39 16.47 -11.18 73.08
C LEU F 39 15.80 -12.46 73.59
N ARG F 40 14.54 -12.32 74.01
CA ARG F 40 13.73 -13.45 74.44
C ARG F 40 12.58 -13.64 73.46
N LEU F 41 12.48 -14.83 72.90
CA LEU F 41 11.39 -15.18 72.00
C LEU F 41 10.54 -16.27 72.64
N ILE F 42 9.22 -16.14 72.51
CA ILE F 42 8.30 -17.09 73.11
C ILE F 42 7.14 -17.33 72.17
N LYS F 43 6.68 -18.57 72.08
CA LYS F 43 5.45 -18.88 71.35
C LYS F 43 4.26 -18.40 72.17
N GLU F 44 3.61 -17.34 71.73
CA GLU F 44 2.71 -16.59 72.59
C GLU F 44 1.61 -17.48 73.16
N HIS F 45 1.45 -17.41 74.48
CA HIS F 45 0.36 -18.05 75.20
C HIS F 45 -0.16 -17.11 76.27
N ARG F 46 -0.20 -15.82 75.97
CA ARG F 46 -0.42 -14.77 76.97
C ARG F 46 -1.91 -14.55 77.16
N SER F 47 -2.43 -14.96 78.32
CA SER F 47 -3.82 -14.75 78.67
C SER F 47 -4.05 -13.30 79.12
N GLN F 48 -5.31 -12.97 79.40
CA GLN F 48 -5.66 -11.61 79.79
C GLN F 48 -5.15 -11.28 81.19
N GLN F 49 -5.47 -12.14 82.16
CA GLN F 49 -4.94 -11.95 83.51
C GLN F 49 -3.43 -12.00 83.50
N GLU F 50 -2.85 -12.89 82.70
CA GLU F 50 -1.40 -12.98 82.59
C GLU F 50 -0.81 -11.66 82.09
N ARG F 51 -1.44 -11.07 81.07
CA ARG F 51 -0.95 -9.80 80.54
C ARG F 51 -1.04 -8.69 81.58
N GLU F 52 -2.16 -8.62 82.28
CA GLU F 52 -2.32 -7.55 83.28
C GLU F 52 -1.30 -7.71 84.41
N GLN F 53 -1.13 -8.94 84.89
CA GLN F 53 -0.15 -9.18 85.95
C GLN F 53 1.25 -8.89 85.48
N GLU F 54 1.57 -9.23 84.23
CA GLU F 54 2.88 -8.90 83.69
C GLU F 54 3.09 -7.39 83.72
N LEU F 55 2.14 -6.63 83.18
CA LEU F 55 2.22 -5.18 83.24
C LEU F 55 2.58 -4.72 84.65
N LEU F 56 1.71 -5.03 85.62
CA LEU F 56 1.87 -4.46 86.95
C LEU F 56 3.15 -4.92 87.63
N ALA F 57 3.42 -6.23 87.59
CA ALA F 57 4.62 -6.74 88.28
C ALA F 57 5.89 -6.21 87.64
N ILE F 58 6.04 -6.37 86.32
CA ILE F 58 7.20 -5.84 85.64
C ILE F 58 7.38 -4.36 85.95
N GLY F 59 6.26 -3.65 86.13
CA GLY F 59 6.36 -2.29 86.62
C GLY F 59 6.99 -2.23 87.99
N LYS F 60 6.54 -3.10 88.89
CA LYS F 60 7.09 -3.05 90.25
C LYS F 60 8.57 -3.38 90.24
N THR F 61 8.93 -4.64 90.03
CA THR F 61 10.32 -4.96 89.72
C THR F 61 10.45 -6.10 88.72
N LYS F 62 9.47 -7.00 88.73
CA LYS F 62 9.56 -8.30 88.05
C LYS F 62 10.98 -8.85 88.17
N THR F 63 11.54 -8.85 89.38
CA THR F 63 12.89 -9.34 89.60
C THR F 63 12.92 -10.76 90.17
N CYS F 64 11.76 -11.38 90.37
CA CYS F 64 11.73 -12.73 90.91
C CYS F 64 12.26 -13.74 89.89
N GLU F 65 12.79 -14.84 90.40
CA GLU F 65 13.33 -15.90 89.55
C GLU F 65 12.18 -16.57 88.80
N SER F 66 12.07 -16.30 87.50
CA SER F 66 11.03 -16.85 86.64
C SER F 66 11.66 -17.38 85.36
N PRO F 67 12.47 -18.42 85.44
CA PRO F 67 13.07 -18.99 84.23
C PRO F 67 12.01 -19.63 83.34
N VAL F 68 12.32 -19.67 82.04
CA VAL F 68 11.41 -20.23 81.03
C VAL F 68 12.22 -21.06 80.05
N SER F 69 11.51 -21.80 79.20
CA SER F 69 12.14 -22.60 78.16
C SER F 69 12.30 -21.76 76.91
N PRO F 70 13.51 -21.55 76.41
CA PRO F 70 13.70 -20.65 75.27
C PRO F 70 13.55 -21.35 73.92
N ILE F 71 13.21 -20.54 72.92
CA ILE F 71 13.15 -20.98 71.53
C ILE F 71 14.46 -20.63 70.85
N LYS F 72 14.92 -21.52 69.97
CA LYS F 72 16.13 -21.27 69.21
C LYS F 72 15.77 -20.57 67.91
N MET F 73 16.79 -20.31 67.07
CA MET F 73 16.59 -19.57 65.84
C MET F 73 16.85 -20.36 64.57
N GLU F 74 17.74 -21.35 64.59
CA GLU F 74 18.02 -22.11 63.38
C GLU F 74 16.84 -23.01 63.00
N LEU F 75 16.12 -23.54 63.98
CA LEU F 75 14.99 -24.44 63.74
C LEU F 75 13.66 -23.72 63.92
N LEU F 76 13.60 -22.43 63.57
CA LEU F 76 12.35 -21.69 63.65
C LEU F 76 11.36 -22.14 62.58
N PHE F 77 11.84 -22.72 61.48
CA PHE F 77 10.98 -23.15 60.40
C PHE F 77 10.73 -24.65 60.40
N ASP F 78 11.32 -25.38 61.33
CA ASP F 78 11.15 -26.83 61.34
C ASP F 78 9.74 -27.21 61.79
N PRO F 79 9.23 -28.34 61.32
CA PRO F 79 7.87 -28.75 61.70
C PRO F 79 7.76 -29.04 63.19
N ASP F 80 6.58 -28.75 63.72
CA ASP F 80 6.29 -28.94 65.14
C ASP F 80 6.71 -30.30 65.66
N ASP F 81 6.29 -31.36 64.97
CA ASP F 81 6.62 -32.72 65.38
C ASP F 81 7.98 -33.14 64.85
N GLU F 82 8.01 -34.22 64.08
CA GLU F 82 9.25 -34.72 63.51
C GLU F 82 9.00 -35.41 62.18
N HIS F 83 7.73 -35.54 61.81
CA HIS F 83 7.37 -36.18 60.56
C HIS F 83 6.21 -35.47 59.90
N SER F 84 5.98 -34.22 60.29
CA SER F 84 4.92 -33.42 59.72
C SER F 84 5.47 -32.57 58.59
N GLU F 85 4.86 -31.41 58.35
CA GLU F 85 5.34 -30.55 57.29
C GLU F 85 5.96 -29.29 57.87
N PRO F 86 7.07 -28.84 57.27
CA PRO F 86 7.71 -27.63 57.78
C PRO F 86 6.84 -26.41 57.58
N VAL F 87 6.91 -25.47 58.50
CA VAL F 87 6.11 -24.25 58.42
C VAL F 87 6.61 -23.39 57.27
N HIS F 88 5.70 -22.61 56.69
CA HIS F 88 6.05 -21.72 55.59
C HIS F 88 5.64 -20.29 55.91
N THR F 89 5.60 -19.92 57.18
CA THR F 89 5.45 -18.53 57.55
C THR F 89 5.68 -18.38 59.04
N VAL F 90 6.44 -17.36 59.41
CA VAL F 90 6.66 -16.99 60.79
C VAL F 90 6.35 -15.51 60.93
N VAL F 91 5.86 -15.13 62.11
CA VAL F 91 5.42 -13.76 62.37
C VAL F 91 6.05 -13.33 63.69
N PHE F 92 7.11 -12.55 63.62
CA PHE F 92 7.68 -11.93 64.81
C PHE F 92 6.83 -10.73 65.20
N GLN F 93 6.45 -10.66 66.47
CA GLN F 93 5.66 -9.53 66.95
C GLN F 93 6.20 -9.08 68.30
N GLY F 94 6.33 -7.77 68.46
CA GLY F 94 6.82 -7.21 69.71
C GLY F 94 6.45 -5.74 69.78
N ALA F 95 6.76 -5.15 70.93
CA ALA F 95 6.43 -3.74 71.14
C ALA F 95 7.21 -2.86 70.17
N ALA F 96 6.94 -1.56 70.18
CA ALA F 96 7.63 -0.65 69.28
C ALA F 96 9.08 -0.49 69.71
N GLY F 97 10.00 -0.64 68.76
CA GLY F 97 11.41 -0.58 69.07
C GLY F 97 11.82 -1.55 70.15
N ILE F 98 11.72 -2.85 69.86
CA ILE F 98 12.07 -3.89 70.82
C ILE F 98 13.10 -4.83 70.22
N GLY F 99 13.32 -4.72 68.91
CA GLY F 99 14.37 -5.51 68.29
C GLY F 99 14.01 -6.25 67.02
N LYS F 100 12.86 -5.95 66.42
CA LYS F 100 12.45 -6.67 65.22
C LYS F 100 13.46 -6.49 64.10
N THR F 101 13.78 -5.24 63.77
CA THR F 101 14.65 -4.96 62.63
C THR F 101 16.08 -5.43 62.91
N ILE F 102 16.56 -5.22 64.14
CA ILE F 102 17.90 -5.68 64.47
C ILE F 102 17.98 -7.19 64.41
N LEU F 103 16.91 -7.89 64.81
CA LEU F 103 16.91 -9.34 64.71
C LEU F 103 16.88 -9.80 63.26
N ALA F 104 16.13 -9.11 62.41
CA ALA F 104 16.15 -9.45 60.99
C ALA F 104 17.54 -9.24 60.40
N ARG F 105 18.20 -8.13 60.74
CA ARG F 105 19.55 -7.89 60.26
C ARG F 105 20.51 -8.96 60.78
N LYS F 106 20.35 -9.36 62.05
CA LYS F 106 21.21 -10.39 62.61
C LYS F 106 21.04 -11.70 61.86
N MET F 107 19.78 -12.07 61.56
CA MET F 107 19.55 -13.29 60.80
C MET F 107 20.20 -13.19 59.42
N MET F 108 20.04 -12.04 58.76
CA MET F 108 20.61 -11.88 57.43
C MET F 108 22.13 -12.02 57.46
N LEU F 109 22.78 -11.30 58.39
CA LEU F 109 24.24 -11.32 58.46
C LEU F 109 24.75 -12.71 58.86
N ASP F 110 24.06 -13.37 59.79
CA ASP F 110 24.47 -14.71 60.19
C ASP F 110 24.35 -15.69 59.03
N TRP F 111 23.25 -15.60 58.28
CA TRP F 111 23.13 -16.46 57.10
C TRP F 111 24.26 -16.17 56.12
N ALA F 112 24.52 -14.89 55.85
CA ALA F 112 25.56 -14.55 54.90
C ALA F 112 26.90 -15.12 55.32
N SER F 113 27.25 -14.96 56.60
CA SER F 113 28.47 -15.55 57.13
C SER F 113 28.42 -17.07 57.17
N GLY F 114 27.23 -17.67 57.07
CA GLY F 114 27.10 -19.12 57.13
C GLY F 114 27.07 -19.64 58.55
N THR F 115 26.21 -19.06 59.38
CA THR F 115 26.05 -19.49 60.76
C THR F 115 24.68 -20.06 61.07
N LEU F 116 23.73 -19.99 60.15
CA LEU F 116 22.40 -20.58 60.32
C LEU F 116 21.74 -20.65 58.97
N TYR F 117 20.86 -21.64 58.82
CA TYR F 117 20.18 -21.88 57.55
C TYR F 117 21.18 -22.10 56.42
N GLN F 118 22.26 -22.82 56.71
CA GLN F 118 23.19 -23.19 55.65
C GLN F 118 22.48 -23.94 54.55
N ASP F 119 21.66 -24.91 54.92
CA ASP F 119 20.75 -25.59 54.00
C ASP F 119 19.41 -24.85 54.02
N ARG F 120 18.36 -25.46 53.48
CA ARG F 120 17.01 -24.90 53.54
C ARG F 120 16.81 -23.83 52.47
N PHE F 121 17.45 -22.68 52.64
CA PHE F 121 17.33 -21.60 51.65
C PHE F 121 18.61 -20.80 51.63
N ASP F 122 18.82 -20.10 50.51
CA ASP F 122 20.05 -19.34 50.30
C ASP F 122 19.80 -17.99 49.65
N TYR F 123 18.59 -17.47 49.73
CA TYR F 123 18.26 -16.20 49.08
C TYR F 123 17.38 -15.33 49.99
N LEU F 124 17.84 -15.11 51.22
CA LEU F 124 17.04 -14.32 52.16
C LEU F 124 16.95 -12.88 51.68
N PHE F 125 15.87 -12.55 50.99
CA PHE F 125 15.68 -11.24 50.39
C PHE F 125 15.05 -10.31 51.42
N TYR F 126 15.86 -9.53 52.12
CA TYR F 126 15.31 -8.53 53.03
C TYR F 126 14.44 -7.56 52.25
N ILE F 127 13.24 -7.30 52.78
CA ILE F 127 12.32 -6.37 52.15
C ILE F 127 11.69 -5.48 53.20
N HIS F 128 12.21 -4.26 53.35
CA HIS F 128 11.62 -3.33 54.29
C HIS F 128 10.28 -2.85 53.77
N CYS F 129 9.32 -2.67 54.68
CA CYS F 129 7.98 -2.29 54.26
C CYS F 129 7.86 -0.78 54.04
N ARG F 130 8.44 0.02 54.93
CA ARG F 130 8.35 1.47 54.80
C ARG F 130 8.91 1.93 53.46
N GLU F 131 10.09 1.42 53.09
CA GLU F 131 10.72 1.87 51.85
C GLU F 131 9.87 1.52 50.64
N VAL F 132 9.24 0.34 50.64
CA VAL F 132 8.49 -0.13 49.50
C VAL F 132 7.16 0.60 49.47
N SER F 133 7.09 1.69 48.70
CA SER F 133 5.82 2.35 48.45
C SER F 133 4.99 1.52 47.50
N LEU F 134 3.68 1.52 47.72
CA LEU F 134 2.77 0.67 46.95
C LEU F 134 1.80 1.53 46.15
N VAL F 135 2.26 2.08 45.03
CA VAL F 135 1.34 2.59 44.03
C VAL F 135 1.76 2.22 42.62
N THR F 136 3.07 2.09 42.38
CA THR F 136 3.52 2.30 41.01
C THR F 136 3.47 1.08 40.11
N GLN F 137 4.46 0.17 40.23
CA GLN F 137 4.46 -1.01 39.39
C GLN F 137 5.18 -2.22 40.00
N ARG F 138 5.45 -2.23 41.30
CA ARG F 138 6.40 -3.17 41.87
C ARG F 138 6.19 -4.59 41.35
N SER F 139 7.20 -5.12 40.67
CA SER F 139 7.20 -6.48 40.15
C SER F 139 8.23 -7.30 40.90
N LEU F 140 7.92 -8.58 41.12
CA LEU F 140 8.84 -9.40 41.90
C LEU F 140 10.24 -9.40 41.30
N GLY F 141 10.34 -9.25 39.99
CA GLY F 141 11.66 -9.11 39.38
C GLY F 141 12.42 -7.92 39.94
N ASP F 142 11.75 -6.76 40.02
CA ASP F 142 12.40 -5.57 40.56
C ASP F 142 12.63 -5.71 42.06
N LEU F 143 11.69 -6.34 42.77
CA LEU F 143 11.85 -6.53 44.20
C LEU F 143 12.98 -7.48 44.55
N ILE F 144 13.35 -8.36 43.62
CA ILE F 144 14.52 -9.20 43.83
C ILE F 144 15.79 -8.52 43.34
N MET F 145 15.69 -7.69 42.29
CA MET F 145 16.85 -6.94 41.84
C MET F 145 17.31 -5.95 42.89
N SER F 146 16.37 -5.23 43.51
CA SER F 146 16.73 -4.17 44.46
C SER F 146 17.68 -4.69 45.53
N CYS F 147 17.33 -5.83 46.14
CA CYS F 147 18.23 -6.50 47.07
C CYS F 147 19.09 -7.54 46.38
N CYS F 148 19.77 -7.16 45.29
CA CYS F 148 20.64 -8.04 44.55
C CYS F 148 21.52 -7.24 43.62
N PRO F 149 22.71 -6.81 44.06
CA PRO F 149 23.51 -5.88 43.26
C PRO F 149 24.03 -6.50 41.98
N ASP F 150 23.48 -6.08 40.85
CA ASP F 150 23.92 -6.53 39.55
C ASP F 150 23.13 -5.78 38.47
N PRO F 151 23.68 -5.62 37.27
CA PRO F 151 22.84 -5.12 36.18
C PRO F 151 21.64 -5.99 35.95
N ASN F 152 21.80 -7.30 36.14
CA ASN F 152 20.70 -8.26 36.08
C ASN F 152 21.05 -9.48 36.94
N PRO F 153 20.28 -9.75 37.99
CA PRO F 153 20.50 -10.97 38.76
C PRO F 153 19.71 -12.11 38.14
N PRO F 154 20.25 -13.33 38.15
CA PRO F 154 19.56 -14.43 37.47
C PRO F 154 18.28 -14.80 38.21
N ILE F 155 17.14 -14.34 37.68
CA ILE F 155 15.85 -14.57 38.32
C ILE F 155 15.21 -15.85 37.81
N HIS F 156 15.24 -16.08 36.50
CA HIS F 156 14.70 -17.32 35.95
C HIS F 156 15.47 -18.52 36.49
N LYS F 157 16.51 -18.27 37.28
CA LYS F 157 17.24 -19.30 37.99
C LYS F 157 17.11 -19.20 39.50
N ILE F 158 17.05 -17.99 40.07
CA ILE F 158 16.86 -17.85 41.51
C ILE F 158 15.46 -18.30 41.91
N VAL F 159 14.44 -17.89 41.17
CA VAL F 159 13.04 -18.10 41.50
C VAL F 159 12.57 -19.42 40.91
N ARG F 160 13.50 -20.22 40.40
CA ARG F 160 13.19 -21.53 39.85
C ARG F 160 13.19 -22.62 40.91
N LYS F 161 13.44 -22.28 42.16
CA LYS F 161 13.44 -23.22 43.27
C LYS F 161 12.88 -22.53 44.51
N PRO F 162 11.63 -22.04 44.45
CA PRO F 162 11.08 -21.30 45.60
C PRO F 162 11.10 -22.10 46.90
N SER F 163 11.37 -23.40 46.80
CA SER F 163 11.51 -24.19 48.01
C SER F 163 12.69 -23.71 48.86
N ARG F 164 13.67 -23.07 48.23
CA ARG F 164 14.85 -22.55 48.93
C ARG F 164 14.84 -21.03 48.79
N ILE F 165 14.11 -20.37 49.68
CA ILE F 165 14.10 -18.91 49.72
C ILE F 165 13.58 -18.45 51.08
N LEU F 166 13.96 -17.24 51.48
CA LEU F 166 13.33 -16.56 52.60
C LEU F 166 13.02 -15.13 52.19
N PHE F 167 11.91 -14.62 52.70
CA PHE F 167 11.43 -13.30 52.31
C PHE F 167 11.29 -12.41 53.54
N LEU F 168 12.33 -12.35 54.35
CA LEU F 168 12.36 -11.49 55.53
C LEU F 168 11.71 -10.14 55.23
N MET F 169 10.76 -9.74 56.04
CA MET F 169 10.11 -8.45 55.90
C MET F 169 10.29 -7.66 57.18
N ASP F 170 9.70 -6.47 57.25
CA ASP F 170 9.79 -5.63 58.43
C ASP F 170 8.68 -4.60 58.47
N GLY F 171 8.35 -4.15 59.68
CA GLY F 171 7.37 -3.10 59.88
C GLY F 171 6.09 -3.27 59.11
N PHE F 172 5.45 -4.42 59.21
CA PHE F 172 4.16 -4.58 58.55
C PHE F 172 3.10 -3.66 59.12
N ASP F 173 3.34 -3.08 60.29
CA ASP F 173 2.48 -2.01 60.80
C ASP F 173 2.56 -0.76 59.93
N GLU F 174 3.58 -0.65 59.07
CA GLU F 174 3.68 0.47 58.15
C GLU F 174 2.56 0.47 57.13
N LEU F 175 1.90 -0.67 56.96
CA LEU F 175 0.86 -0.81 55.95
C LEU F 175 -0.54 -1.27 56.38
N GLN F 176 -0.82 -1.17 57.68
CA GLN F 176 -2.10 -1.58 58.25
C GLN F 176 -3.22 -0.93 57.48
N GLY F 177 -3.13 0.38 57.39
CA GLY F 177 -4.08 1.17 56.64
C GLY F 177 -4.18 0.66 55.22
N ALA F 178 -3.05 0.43 54.57
CA ALA F 178 -3.05 -0.12 53.22
C ALA F 178 -3.87 -1.36 52.98
N PHE F 179 -4.01 -2.30 53.94
CA PHE F 179 -4.93 -3.42 53.54
C PHE F 179 -6.42 -3.30 53.96
N ASP F 180 -7.35 -2.89 53.06
CA ASP F 180 -8.71 -2.66 53.56
C ASP F 180 -9.73 -3.38 52.69
N GLU F 181 -9.58 -3.28 51.37
CA GLU F 181 -10.44 -3.96 50.42
C GLU F 181 -9.65 -5.09 49.79
N HIS F 182 -10.25 -6.29 49.76
CA HIS F 182 -9.55 -7.45 49.23
C HIS F 182 -9.29 -7.26 47.74
N ILE F 183 -8.05 -6.95 47.39
CA ILE F 183 -7.71 -6.68 46.00
C ILE F 183 -7.97 -7.93 45.18
N GLY F 184 -8.93 -7.85 44.25
CA GLY F 184 -9.33 -8.98 43.46
C GLY F 184 -8.20 -9.58 42.65
N PRO F 185 -7.43 -8.72 41.95
CA PRO F 185 -6.28 -9.23 41.20
C PRO F 185 -5.16 -9.65 42.14
N LEU F 186 -4.83 -10.94 42.13
CA LEU F 186 -3.75 -11.51 42.92
C LEU F 186 -2.80 -12.20 41.94
N CYS F 187 -1.81 -11.46 41.45
CA CYS F 187 -0.87 -11.99 40.49
C CYS F 187 -0.19 -13.25 41.00
N THR F 188 0.29 -14.09 40.08
CA THR F 188 1.00 -15.32 40.45
C THR F 188 2.27 -15.48 39.62
N ASP F 189 2.81 -14.37 39.11
CA ASP F 189 4.00 -14.39 38.28
C ASP F 189 4.96 -13.30 38.75
N TRP F 190 6.25 -13.55 38.55
CA TRP F 190 7.29 -12.60 38.94
C TRP F 190 7.81 -11.80 37.76
N GLN F 191 7.23 -11.94 36.57
CA GLN F 191 7.65 -11.21 35.39
C GLN F 191 6.55 -10.28 34.89
N LYS F 192 5.81 -9.68 35.81
CA LYS F 192 4.68 -8.84 35.45
C LYS F 192 4.69 -7.57 36.28
N ALA F 193 4.03 -6.54 35.75
CA ALA F 193 3.81 -5.30 36.49
C ALA F 193 2.75 -5.57 37.55
N GLU F 194 3.20 -5.90 38.76
CA GLU F 194 2.32 -6.45 39.78
C GLU F 194 1.58 -5.39 40.60
N ARG F 195 1.76 -4.11 40.29
CA ARG F 195 0.98 -3.01 40.84
C ARG F 195 1.43 -2.59 42.24
N GLY F 196 2.36 -3.30 42.86
CA GLY F 196 2.86 -2.86 44.15
C GLY F 196 2.17 -3.47 45.35
N ASP F 197 1.17 -2.77 45.88
CA ASP F 197 0.43 -3.30 47.04
C ASP F 197 -0.22 -4.63 46.71
N ILE F 198 -0.73 -4.78 45.48
CA ILE F 198 -1.30 -6.07 45.08
C ILE F 198 -0.25 -7.15 45.10
N LEU F 199 0.96 -6.84 44.61
CA LEU F 199 2.05 -7.80 44.67
C LEU F 199 2.38 -8.18 46.11
N LEU F 200 2.38 -7.18 47.00
CA LEU F 200 2.67 -7.46 48.40
C LEU F 200 1.63 -8.38 49.01
N SER F 201 0.35 -8.12 48.72
CA SER F 201 -0.71 -8.97 49.23
C SER F 201 -0.59 -10.38 48.68
N SER F 202 -0.26 -10.51 47.39
CA SER F 202 -0.09 -11.83 46.80
C SER F 202 1.08 -12.56 47.45
N LEU F 203 2.18 -11.87 47.70
CA LEU F 203 3.31 -12.50 48.37
C LEU F 203 2.92 -12.96 49.76
N ILE F 204 2.17 -12.13 50.49
CA ILE F 204 1.74 -12.51 51.84
C ILE F 204 0.85 -13.75 51.78
N ARG F 205 -0.07 -13.79 50.83
CA ARG F 205 -0.98 -14.93 50.69
C ARG F 205 -0.32 -16.14 50.04
N LYS F 206 0.93 -16.00 49.58
CA LYS F 206 1.68 -17.12 49.02
C LYS F 206 1.17 -17.53 47.64
N LYS F 207 0.74 -16.55 46.84
CA LYS F 207 0.46 -16.81 45.44
C LYS F 207 1.76 -16.82 44.64
N LEU F 208 2.58 -15.78 44.80
CA LEU F 208 3.90 -15.75 44.17
C LEU F 208 4.84 -16.67 44.93
N LEU F 209 5.43 -17.64 44.24
CA LEU F 209 6.27 -18.64 44.87
C LEU F 209 5.55 -19.27 46.07
N PRO F 210 4.39 -19.89 45.84
CA PRO F 210 3.60 -20.38 46.98
C PRO F 210 4.38 -21.27 47.93
N GLU F 211 5.43 -21.94 47.45
CA GLU F 211 6.26 -22.78 48.30
C GLU F 211 7.54 -22.08 48.71
N ALA F 212 7.57 -20.75 48.66
CA ALA F 212 8.72 -19.96 49.10
C ALA F 212 8.47 -19.50 50.53
N SER F 213 9.37 -19.85 51.43
CA SER F 213 9.16 -19.55 52.84
C SER F 213 9.05 -18.05 53.06
N LEU F 214 8.63 -17.64 54.25
CA LEU F 214 8.39 -16.24 54.53
C LEU F 214 8.78 -15.95 55.97
N LEU F 215 8.80 -14.67 56.30
CA LEU F 215 8.99 -14.21 57.68
C LEU F 215 8.59 -12.74 57.75
N ILE F 216 7.67 -12.41 58.64
CA ILE F 216 7.12 -11.07 58.74
C ILE F 216 7.30 -10.57 60.16
N THR F 217 7.96 -9.42 60.31
CA THR F 217 8.01 -8.76 61.60
C THR F 217 6.97 -7.65 61.62
N THR F 218 6.36 -7.44 62.78
CA THR F 218 5.30 -6.44 62.82
C THR F 218 4.99 -6.06 64.26
N ARG F 219 4.66 -4.79 64.45
CA ARG F 219 4.14 -4.35 65.73
C ARG F 219 2.75 -4.94 65.96
N PRO F 220 2.37 -5.16 67.20
CA PRO F 220 1.03 -5.72 67.47
C PRO F 220 -0.06 -4.66 67.30
N VAL F 221 -0.34 -4.34 66.03
CA VAL F 221 -1.29 -3.27 65.73
C VAL F 221 -2.33 -3.74 64.74
N ALA F 222 -2.10 -4.88 64.08
CA ALA F 222 -3.03 -5.41 63.10
C ALA F 222 -3.63 -6.74 63.54
N LEU F 223 -2.79 -7.75 63.80
CA LEU F 223 -3.23 -9.05 64.27
C LEU F 223 -4.48 -9.55 63.56
N GLU F 224 -5.63 -8.95 63.85
CA GLU F 224 -6.89 -9.41 63.28
C GLU F 224 -6.89 -9.35 61.76
N LYS F 225 -6.76 -8.15 61.20
CA LYS F 225 -6.78 -8.02 59.74
C LYS F 225 -5.68 -8.85 59.09
N LEU F 226 -4.56 -9.06 59.80
CA LEU F 226 -3.49 -9.87 59.25
C LEU F 226 -3.86 -11.34 59.22
N GLN F 227 -4.65 -11.80 60.19
CA GLN F 227 -4.99 -13.21 60.30
C GLN F 227 -5.81 -13.72 59.12
N HIS F 228 -6.38 -12.83 58.31
CA HIS F 228 -7.11 -13.23 57.11
C HIS F 228 -6.20 -13.39 55.90
N LEU F 229 -4.88 -13.24 56.09
CA LEU F 229 -3.93 -13.36 54.99
C LEU F 229 -2.84 -14.38 55.24
N LEU F 230 -2.64 -14.84 56.46
CA LEU F 230 -1.55 -15.72 56.80
C LEU F 230 -1.95 -17.18 56.60
N ASP F 231 -0.99 -18.00 56.17
CA ASP F 231 -1.20 -19.42 55.95
C ASP F 231 -0.77 -20.20 57.20
N HIS F 232 -1.60 -20.09 58.23
CA HIS F 232 -1.37 -20.75 59.51
C HIS F 232 0.08 -20.54 59.96
N PRO F 233 0.51 -19.31 60.18
CA PRO F 233 1.91 -19.04 60.46
C PRO F 233 2.25 -19.24 61.93
N ARG F 234 3.44 -19.77 62.17
CA ARG F 234 3.95 -19.97 63.52
C ARG F 234 4.59 -18.64 63.95
N HIS F 235 3.94 -17.94 64.87
CA HIS F 235 4.45 -16.63 65.25
C HIS F 235 5.22 -16.71 66.55
N VAL F 236 6.13 -15.75 66.73
CA VAL F 236 6.97 -15.65 67.91
C VAL F 236 6.88 -14.24 68.45
N GLU F 237 6.60 -14.13 69.75
CA GLU F 237 6.56 -12.85 70.42
C GLU F 237 7.93 -12.55 71.02
N ILE F 238 8.38 -11.31 70.84
CA ILE F 238 9.69 -10.86 71.32
C ILE F 238 9.47 -10.09 72.60
N LEU F 239 10.45 -10.17 73.51
CA LEU F 239 10.33 -9.51 74.81
C LEU F 239 11.41 -8.47 75.05
N GLY F 240 12.67 -8.81 74.82
CA GLY F 240 13.78 -7.91 75.05
C GLY F 240 14.88 -8.62 75.80
N PHE F 241 15.69 -7.84 76.51
CA PHE F 241 16.71 -8.40 77.38
C PHE F 241 16.08 -8.75 78.72
N SER F 242 16.38 -9.95 79.23
CA SER F 242 15.54 -10.45 80.31
C SER F 242 15.94 -9.89 81.68
N GLU F 243 17.04 -10.35 82.26
CA GLU F 243 17.55 -9.72 83.48
C GLU F 243 19.06 -9.57 83.45
N ALA F 244 19.75 -10.59 82.94
CA ALA F 244 21.20 -10.55 82.82
C ALA F 244 21.65 -10.07 81.46
N LYS F 245 20.78 -10.21 80.45
CA LYS F 245 21.13 -9.70 79.14
C LYS F 245 21.37 -8.19 79.17
N ARG F 246 20.72 -7.49 80.10
CA ARG F 246 20.95 -6.05 80.24
C ARG F 246 22.37 -5.76 80.76
N LYS F 247 22.75 -6.45 81.84
CA LYS F 247 24.04 -6.23 82.47
C LYS F 247 25.14 -6.81 81.61
N GLU F 248 24.76 -7.56 80.57
CA GLU F 248 25.70 -7.94 79.52
C GLU F 248 25.71 -6.96 78.36
N TYR F 249 24.58 -6.31 78.09
CA TYR F 249 24.52 -5.27 77.06
C TYR F 249 25.38 -4.07 77.45
N PHE F 250 25.36 -3.70 78.74
CA PHE F 250 26.21 -2.60 79.17
C PHE F 250 27.67 -2.90 78.90
N PHE F 251 28.09 -4.15 79.09
CA PHE F 251 29.47 -4.53 78.85
C PHE F 251 29.81 -4.57 77.37
N LYS F 252 28.82 -4.52 76.48
CA LYS F 252 29.08 -4.38 75.05
C LYS F 252 28.99 -2.94 74.57
N TYR F 253 28.21 -2.11 75.25
CA TYR F 253 28.12 -0.70 74.85
C TYR F 253 29.30 0.09 75.38
N PHE F 254 29.67 -0.11 76.63
CA PHE F 254 30.77 0.64 77.22
C PHE F 254 32.10 -0.09 77.01
N SER F 255 33.18 0.70 77.05
CA SER F 255 34.51 0.22 76.71
C SER F 255 35.01 -0.88 77.63
N ASP F 256 35.18 -0.57 78.91
CA ASP F 256 35.87 -1.46 79.84
C ASP F 256 35.04 -1.69 81.09
N GLU F 257 35.57 -2.52 82.00
CA GLU F 257 34.90 -2.78 83.26
C GLU F 257 34.78 -1.50 84.09
N ALA F 258 35.83 -0.68 84.11
CA ALA F 258 35.79 0.55 84.90
C ALA F 258 34.55 1.37 84.57
N GLN F 259 34.26 1.53 83.28
CA GLN F 259 33.03 2.19 82.88
C GLN F 259 31.82 1.33 83.25
N ALA F 260 31.77 0.12 82.70
CA ALA F 260 30.54 -0.69 82.74
C ALA F 260 30.01 -0.89 84.14
N ARG F 261 30.89 -1.17 85.10
CA ARG F 261 30.43 -1.46 86.45
C ARG F 261 29.64 -0.28 87.03
N ALA F 262 30.23 0.91 87.02
CA ALA F 262 29.55 2.08 87.56
C ALA F 262 28.32 2.41 86.73
N ALA F 263 28.44 2.34 85.40
CA ALA F 263 27.31 2.64 84.54
C ALA F 263 26.11 1.77 84.88
N PHE F 264 26.33 0.46 85.00
CA PHE F 264 25.24 -0.44 85.34
C PHE F 264 24.71 -0.15 86.73
N SER F 265 25.59 -0.05 87.72
CA SER F 265 25.14 0.19 89.08
C SER F 265 24.24 1.41 89.17
N LEU F 266 24.59 2.48 88.44
CA LEU F 266 23.78 3.69 88.49
C LEU F 266 22.34 3.41 88.11
N ILE F 267 22.10 2.45 87.24
CA ILE F 267 20.74 2.10 86.82
C ILE F 267 20.13 1.06 87.75
N GLN F 268 20.90 0.02 88.07
CA GLN F 268 20.39 -1.03 88.93
C GLN F 268 19.94 -0.48 90.28
N GLU F 269 20.51 0.64 90.71
CA GLU F 269 20.00 1.29 91.91
C GLU F 269 18.55 1.70 91.73
N ASN F 270 18.22 2.29 90.58
CA ASN F 270 16.85 2.67 90.25
C ASN F 270 16.11 1.46 89.69
N GLU F 271 14.90 1.21 90.19
CA GLU F 271 14.15 0.03 89.80
C GLU F 271 13.17 0.32 88.65
N VAL F 272 12.44 1.42 88.73
CA VAL F 272 11.48 1.78 87.69
C VAL F 272 12.17 1.78 86.33
N LEU F 273 13.49 1.96 86.33
CA LEU F 273 14.26 1.90 85.10
C LEU F 273 14.80 0.50 84.82
N PHE F 274 15.22 -0.23 85.85
CA PHE F 274 15.79 -1.54 85.59
C PHE F 274 14.74 -2.38 84.88
N THR F 275 13.53 -2.45 85.41
CA THR F 275 12.46 -3.13 84.69
C THR F 275 12.15 -2.75 83.25
N MET F 276 11.88 -1.47 83.00
CA MET F 276 11.61 -1.00 81.65
C MET F 276 12.86 -0.97 80.79
N CYS F 277 14.00 -1.40 81.32
CA CYS F 277 15.20 -1.55 80.52
C CYS F 277 15.18 -2.79 79.65
N PHE F 278 14.07 -3.54 79.61
CA PHE F 278 14.02 -4.68 78.71
C PHE F 278 13.89 -4.23 77.27
N ILE F 279 13.14 -3.18 77.02
CA ILE F 279 13.05 -2.60 75.69
C ILE F 279 14.46 -2.20 75.27
N PRO F 280 15.06 -2.86 74.27
CA PRO F 280 16.44 -2.54 73.92
C PRO F 280 16.67 -1.08 73.58
N LEU F 281 15.70 -0.44 72.91
CA LEU F 281 15.84 0.98 72.62
C LEU F 281 15.87 1.80 73.90
N VAL F 282 15.06 1.42 74.89
CA VAL F 282 15.03 2.17 76.15
C VAL F 282 16.20 1.81 77.05
N CYS F 283 16.96 0.77 76.72
CA CYS F 283 18.23 0.52 77.39
C CYS F 283 19.36 1.28 76.73
N TRP F 284 19.36 1.36 75.40
CA TRP F 284 20.32 2.20 74.70
C TRP F 284 20.15 3.67 75.06
N ILE F 285 18.91 4.15 75.13
CA ILE F 285 18.66 5.55 75.48
C ILE F 285 19.21 5.88 76.85
N VAL F 286 19.32 4.89 77.74
CA VAL F 286 19.87 5.12 79.07
C VAL F 286 21.36 4.87 79.14
N CYS F 287 21.91 4.06 78.24
CA CYS F 287 23.35 3.80 78.27
C CYS F 287 24.13 4.88 77.55
N THR F 288 23.61 5.39 76.43
CA THR F 288 24.24 6.55 75.79
C THR F 288 24.20 7.77 76.70
N GLY F 289 23.10 7.94 77.43
CA GLY F 289 23.02 9.03 78.39
C GLY F 289 24.15 9.01 79.41
N LEU F 290 24.50 7.81 79.88
CA LEU F 290 25.62 7.69 80.81
C LEU F 290 26.95 7.81 80.10
N LYS F 291 27.04 7.37 78.84
CA LYS F 291 28.27 7.52 78.08
C LYS F 291 28.63 8.99 77.91
N GLN F 292 27.63 9.83 77.67
CA GLN F 292 27.89 11.27 77.52
C GLN F 292 28.57 11.83 78.78
N GLN F 293 28.00 11.56 79.95
CA GLN F 293 28.62 12.02 81.19
C GLN F 293 30.00 11.40 81.38
N MET F 294 30.15 10.12 81.05
CA MET F 294 31.43 9.46 81.26
C MET F 294 32.53 10.10 80.43
N GLU F 295 32.24 10.45 79.17
CA GLU F 295 33.24 11.02 78.29
C GLU F 295 33.25 12.54 78.25
N SER F 296 32.38 13.20 79.02
CA SER F 296 32.39 14.65 79.11
C SER F 296 33.01 15.14 80.42
N GLY F 297 33.97 14.39 80.95
CA GLY F 297 34.65 14.79 82.17
C GLY F 297 33.71 15.08 83.32
N LYS F 298 32.99 14.05 83.79
CA LYS F 298 32.07 14.21 84.90
C LYS F 298 32.09 12.94 85.74
N SER F 299 31.66 13.07 86.99
CA SER F 299 31.66 11.98 87.95
C SER F 299 30.31 11.27 87.91
N LEU F 300 30.31 10.02 87.45
CA LEU F 300 29.07 9.23 87.46
C LEU F 300 28.64 8.88 88.88
N ALA F 301 29.60 8.75 89.80
CA ALA F 301 29.23 8.49 91.19
C ALA F 301 28.27 9.55 91.71
N GLN F 302 28.40 10.79 91.24
CA GLN F 302 27.44 11.84 91.52
C GLN F 302 26.48 12.09 90.37
N THR F 303 26.58 11.32 89.28
CA THR F 303 25.68 11.50 88.16
C THR F 303 24.27 11.10 88.53
N SER F 304 23.30 11.74 87.88
CA SER F 304 21.88 11.48 88.11
C SER F 304 21.25 10.99 86.82
N LYS F 305 20.32 10.04 86.95
CA LYS F 305 19.56 9.50 85.81
C LYS F 305 18.10 9.48 86.22
N THR F 306 17.40 10.59 85.96
CA THR F 306 16.00 10.69 86.33
C THR F 306 15.15 9.81 85.42
N THR F 307 14.08 9.23 86.00
CA THR F 307 13.27 8.27 85.27
C THR F 307 12.40 8.92 84.20
N THR F 308 12.29 10.25 84.17
CA THR F 308 11.46 10.93 83.19
C THR F 308 12.20 11.34 81.94
N ALA F 309 13.50 11.64 82.05
CA ALA F 309 14.28 11.95 80.85
C ALA F 309 14.31 10.77 79.90
N VAL F 310 14.43 9.57 80.43
CA VAL F 310 14.44 8.38 79.59
C VAL F 310 13.15 8.29 78.80
N TYR F 311 12.00 8.53 79.46
CA TYR F 311 10.73 8.44 78.75
C TYR F 311 10.57 9.58 77.75
N VAL F 312 11.07 10.77 78.07
CA VAL F 312 10.97 11.86 77.11
C VAL F 312 11.75 11.53 75.85
N PHE F 313 12.98 11.01 76.02
CA PHE F 313 13.78 10.64 74.85
C PHE F 313 13.16 9.47 74.10
N PHE F 314 12.59 8.52 74.83
CA PHE F 314 11.92 7.39 74.17
C PHE F 314 10.76 7.87 73.31
N LEU F 315 9.91 8.72 73.89
CA LEU F 315 8.79 9.27 73.13
C LEU F 315 9.28 10.03 71.90
N SER F 316 10.31 10.87 72.08
CA SER F 316 10.81 11.65 70.95
C SER F 316 11.36 10.75 69.86
N SER F 317 12.12 9.72 70.24
CA SER F 317 12.66 8.80 69.25
C SER F 317 11.56 8.05 68.53
N LEU F 318 10.47 7.73 69.23
CA LEU F 318 9.40 6.97 68.61
C LEU F 318 8.58 7.83 67.65
N LEU F 319 8.26 9.06 68.02
CA LEU F 319 7.38 9.84 67.15
C LEU F 319 8.19 10.50 66.03
N GLN F 320 8.99 9.72 65.33
CA GLN F 320 9.73 10.26 64.20
C GLN F 320 8.76 10.58 63.07
N PRO F 321 8.80 11.79 62.52
CA PRO F 321 7.92 12.10 61.38
C PRO F 321 8.17 11.14 60.22
N ARG F 322 7.20 10.30 59.92
CA ARG F 322 7.31 9.34 58.82
C ARG F 322 6.86 10.02 57.53
N GLY F 323 7.68 10.98 57.09
CA GLY F 323 7.32 11.82 55.97
C GLY F 323 6.54 13.04 56.44
N GLY F 324 6.88 14.21 55.93
CA GLY F 324 6.20 15.42 56.35
C GLY F 324 4.71 15.33 56.10
N SER F 325 3.93 15.20 57.18
CA SER F 325 2.49 15.05 57.03
C SER F 325 1.78 15.14 58.38
N GLN F 326 0.77 16.00 58.48
CA GLN F 326 -0.10 16.06 59.63
C GLN F 326 0.70 16.30 60.93
N GLU F 327 1.34 17.47 61.00
CA GLU F 327 1.90 17.89 62.27
C GLU F 327 0.80 18.11 63.30
N HIS F 328 -0.25 18.84 62.89
CA HIS F 328 -1.41 19.00 63.76
C HIS F 328 -2.08 17.66 64.04
N GLY F 329 -2.12 16.78 63.04
CA GLY F 329 -2.67 15.45 63.27
C GLY F 329 -1.89 14.67 64.31
N LEU F 330 -0.57 14.73 64.24
CA LEU F 330 0.26 14.05 65.23
C LEU F 330 0.04 14.64 66.61
N CYS F 331 -0.02 15.97 66.71
CA CYS F 331 -0.27 16.59 68.01
C CYS F 331 -1.63 16.18 68.56
N ALA F 332 -2.65 16.17 67.72
CA ALA F 332 -3.99 15.80 68.16
C ALA F 332 -4.06 14.35 68.59
N HIS F 333 -3.42 13.45 67.84
CA HIS F 333 -3.46 12.05 68.21
C HIS F 333 -2.65 11.78 69.46
N LEU F 334 -1.55 12.51 69.65
CA LEU F 334 -0.79 12.37 70.89
C LEU F 334 -1.61 12.86 72.07
N TRP F 335 -2.33 13.97 71.92
CA TRP F 335 -3.18 14.43 73.02
C TRP F 335 -4.33 13.46 73.27
N GLY F 336 -4.88 12.86 72.22
CA GLY F 336 -5.94 11.89 72.42
C GLY F 336 -5.45 10.67 73.18
N LEU F 337 -4.32 10.11 72.76
CA LEU F 337 -3.69 9.02 73.48
C LEU F 337 -3.35 9.44 74.91
N CYS F 338 -2.99 10.70 75.10
CA CYS F 338 -2.58 11.19 76.41
C CYS F 338 -3.78 11.26 77.35
N SER F 339 -4.91 11.79 76.86
CA SER F 339 -6.14 11.78 77.64
C SER F 339 -6.62 10.35 77.88
N LEU F 340 -6.42 9.47 76.90
CA LEU F 340 -6.72 8.05 77.11
C LEU F 340 -5.96 7.53 78.32
N ALA F 341 -4.65 7.77 78.36
CA ALA F 341 -3.87 7.31 79.50
C ALA F 341 -4.36 7.95 80.79
N ALA F 342 -4.72 9.24 80.74
CA ALA F 342 -5.15 9.93 81.95
C ALA F 342 -6.43 9.34 82.51
N ASP F 343 -7.46 9.20 81.68
CA ASP F 343 -8.72 8.67 82.20
C ASP F 343 -8.59 7.19 82.54
N GLY F 344 -7.73 6.46 81.84
CA GLY F 344 -7.47 5.09 82.23
C GLY F 344 -6.83 5.00 83.61
N ILE F 345 -5.90 5.90 83.90
CA ILE F 345 -5.27 5.88 85.22
C ILE F 345 -6.28 6.29 86.28
N TRP F 346 -7.16 7.22 85.97
CA TRP F 346 -8.18 7.61 86.94
C TRP F 346 -9.17 6.49 87.22
N ASN F 347 -9.57 5.75 86.19
CA ASN F 347 -10.54 4.67 86.33
C ASN F 347 -9.90 3.31 86.52
N GLN F 348 -8.59 3.26 86.75
CA GLN F 348 -7.87 1.99 86.93
C GLN F 348 -8.05 1.09 85.72
N LYS F 349 -8.14 1.69 84.53
CA LYS F 349 -8.40 0.95 83.29
C LYS F 349 -7.06 0.51 82.70
N ILE F 350 -6.56 -0.61 83.21
CA ILE F 350 -5.30 -1.14 82.70
C ILE F 350 -5.44 -1.55 81.24
N LEU F 351 -6.55 -2.22 80.90
CA LEU F 351 -6.78 -2.74 79.56
C LEU F 351 -7.97 -2.01 78.95
N PHE F 352 -7.71 -1.23 77.90
CA PHE F 352 -8.76 -0.47 77.24
C PHE F 352 -9.47 -1.35 76.21
N GLU F 353 -10.47 -0.78 75.56
CA GLU F 353 -11.25 -1.48 74.54
C GLU F 353 -11.50 -0.53 73.38
N GLU F 354 -11.87 -1.12 72.24
CA GLU F 354 -12.10 -0.32 71.04
C GLU F 354 -13.16 0.75 71.29
N SER F 355 -14.18 0.43 72.09
CA SER F 355 -15.20 1.42 72.39
C SER F 355 -14.61 2.64 73.09
N ASP F 356 -13.74 2.40 74.07
CA ASP F 356 -13.10 3.52 74.77
C ASP F 356 -12.15 4.28 73.85
N LEU F 357 -11.42 3.55 73.00
CA LEU F 357 -10.50 4.22 72.08
C LEU F 357 -11.24 5.09 71.08
N ARG F 358 -12.47 4.69 70.71
CA ARG F 358 -13.30 5.54 69.87
C ARG F 358 -13.86 6.71 70.66
N ASN F 359 -14.31 6.46 71.89
CA ASN F 359 -14.80 7.53 72.75
C ASN F 359 -13.77 8.66 72.84
N HIS F 360 -12.53 8.30 73.14
CA HIS F 360 -11.44 9.27 73.05
C HIS F 360 -11.08 9.49 71.58
N GLY F 361 -10.68 10.71 71.25
CA GLY F 361 -10.36 11.02 69.87
C GLY F 361 -9.26 10.12 69.37
N LEU F 362 -9.66 9.03 68.71
CA LEU F 362 -8.76 8.01 68.16
C LEU F 362 -9.51 7.09 67.22
N GLN F 363 -8.80 6.53 66.25
CA GLN F 363 -9.39 5.59 65.31
C GLN F 363 -8.32 4.63 64.85
N LYS F 364 -7.30 5.16 64.17
CA LYS F 364 -6.19 4.36 63.68
C LYS F 364 -4.88 5.10 63.88
N ALA F 365 -4.19 5.43 62.78
CA ALA F 365 -2.96 6.21 62.76
C ALA F 365 -1.91 5.75 63.73
N ASP F 366 -2.10 6.01 65.02
CA ASP F 366 -1.12 5.58 66.03
C ASP F 366 -0.90 4.07 65.95
N VAL F 367 0.11 3.67 65.19
CA VAL F 367 0.44 2.26 65.00
C VAL F 367 1.12 1.60 66.20
N SER F 368 0.35 1.39 67.25
CA SER F 368 0.81 0.74 68.46
C SER F 368 2.18 1.15 68.99
N ALA F 369 2.48 2.44 69.01
CA ALA F 369 3.76 2.81 69.54
C ALA F 369 3.72 2.47 71.02
N PHE F 370 2.69 2.94 71.71
CA PHE F 370 2.48 2.67 73.12
C PHE F 370 1.12 2.05 73.32
N LEU F 371 0.68 1.33 72.29
CA LEU F 371 -0.64 0.71 72.26
C LEU F 371 -0.51 -0.61 71.49
N ARG F 372 -0.35 -1.70 72.22
CA ARG F 372 -0.19 -3.02 71.60
C ARG F 372 -1.52 -3.76 71.67
N MET F 373 -2.08 -4.07 70.50
CA MET F 373 -3.38 -4.73 70.43
C MET F 373 -3.18 -6.21 70.78
N ASN F 374 -3.25 -6.48 72.09
CA ASN F 374 -3.30 -7.86 72.55
C ASN F 374 -4.75 -8.31 72.61
N LEU F 375 -5.08 -9.34 71.84
CA LEU F 375 -6.45 -9.78 71.66
C LEU F 375 -6.68 -11.05 72.46
N PHE F 376 -7.72 -11.04 73.29
CA PHE F 376 -8.02 -12.19 74.14
C PHE F 376 -9.25 -12.91 73.65
N GLN F 377 -9.15 -14.23 73.51
CA GLN F 377 -10.25 -15.06 73.06
C GLN F 377 -10.97 -15.62 74.28
N LYS F 378 -12.28 -15.41 74.33
CA LYS F 378 -13.12 -15.95 75.40
C LYS F 378 -14.31 -16.65 74.77
N GLU F 379 -14.64 -17.83 75.29
CA GLU F 379 -15.77 -18.59 74.78
C GLU F 379 -15.53 -19.02 73.33
N VAL F 380 -16.08 -18.27 72.38
CA VAL F 380 -16.02 -18.67 70.98
C VAL F 380 -15.26 -17.67 70.10
N ASP F 381 -15.14 -16.40 70.52
CA ASP F 381 -14.48 -15.39 69.72
C ASP F 381 -13.60 -14.52 70.61
N CYS F 382 -12.61 -13.89 69.98
CA CYS F 382 -11.65 -13.05 70.68
C CYS F 382 -11.92 -11.57 70.39
N GLU F 383 -11.66 -10.75 71.41
CA GLU F 383 -11.87 -9.31 71.33
C GLU F 383 -10.56 -8.55 71.51
N LYS F 384 -10.58 -7.29 71.06
CA LYS F 384 -9.39 -6.46 70.89
C LYS F 384 -8.65 -6.20 72.20
N PHE F 385 -9.29 -5.50 73.11
CA PHE F 385 -8.69 -5.15 74.40
C PHE F 385 -7.32 -4.50 74.23
N TYR F 386 -7.34 -3.32 73.61
CA TYR F 386 -6.13 -2.51 73.50
C TYR F 386 -5.49 -2.31 74.87
N SER F 387 -4.17 -2.16 74.87
CA SER F 387 -3.43 -1.98 76.12
C SER F 387 -2.18 -1.18 75.87
N PHE F 388 -1.67 -0.57 76.93
CA PHE F 388 -0.44 0.21 76.88
C PHE F 388 0.76 -0.69 77.05
N ILE F 389 1.89 -0.27 76.47
CA ILE F 389 3.11 -1.06 76.57
C ILE F 389 3.47 -1.33 78.03
N HIS F 390 3.05 -0.46 78.95
CA HIS F 390 3.38 -0.67 80.34
C HIS F 390 2.68 0.34 81.24
N MET F 391 2.42 -0.04 82.49
CA MET F 391 1.66 0.83 83.39
C MET F 391 2.41 2.13 83.69
N THR F 392 3.73 2.05 83.87
CA THR F 392 4.50 3.26 84.08
C THR F 392 4.44 4.18 82.86
N PHE F 393 4.47 3.59 81.67
CA PHE F 393 4.32 4.39 80.46
C PHE F 393 2.96 5.08 80.43
N GLN F 394 1.91 4.37 80.80
CA GLN F 394 0.59 4.98 80.82
C GLN F 394 0.52 6.10 81.85
N GLU F 395 1.15 5.92 83.00
CA GLU F 395 1.21 6.98 84.00
C GLU F 395 1.95 8.21 83.47
N PHE F 396 3.05 7.98 82.76
CA PHE F 396 3.77 9.10 82.15
C PHE F 396 2.90 9.83 81.16
N PHE F 397 2.11 9.09 80.38
CA PHE F 397 1.22 9.74 79.43
C PHE F 397 0.12 10.52 80.14
N ALA F 398 -0.36 10.01 81.28
CA ALA F 398 -1.33 10.79 82.05
C ALA F 398 -0.71 12.09 82.55
N ALA F 399 0.53 12.01 83.04
CA ALA F 399 1.22 13.22 83.47
C ALA F 399 1.39 14.20 82.31
N MET F 400 1.70 13.68 81.13
CA MET F 400 1.78 14.55 79.95
C MET F 400 0.44 15.17 79.60
N TYR F 401 -0.65 14.43 79.79
CA TYR F 401 -1.97 15.00 79.59
C TYR F 401 -2.18 16.20 80.51
N TYR F 402 -1.83 16.03 81.78
CA TYR F 402 -1.97 17.14 82.72
C TYR F 402 -1.11 18.32 82.31
N LEU F 403 0.16 18.08 82.02
CA LEU F 403 1.09 19.17 81.71
C LEU F 403 0.68 19.90 80.44
N LEU F 404 0.46 19.15 79.36
CA LEU F 404 0.14 19.76 78.07
C LEU F 404 -1.12 20.62 78.19
N GLU F 405 -1.29 21.50 77.21
CA GLU F 405 -2.40 22.44 77.20
C GLU F 405 -3.45 22.00 76.18
N GLU F 406 -4.72 22.10 76.54
CA GLU F 406 -5.84 21.73 75.66
C GLU F 406 -5.76 22.23 74.22
N LEU F 419 -19.02 13.39 76.83
CA LEU F 419 -17.74 12.77 77.16
C LEU F 419 -16.72 13.81 77.64
N LYS F 420 -16.12 13.55 78.79
CA LYS F 420 -15.13 14.45 79.36
C LYS F 420 -14.20 13.72 80.33
N LEU F 421 -12.90 13.82 80.09
CA LEU F 421 -11.91 13.18 80.95
C LEU F 421 -11.73 13.98 82.23
N PRO F 422 -11.21 13.33 83.28
CA PRO F 422 -10.95 13.88 84.63
C PRO F 422 -10.50 15.33 84.62
N SER F 423 -11.19 16.16 85.41
CA SER F 423 -10.91 17.59 85.53
C SER F 423 -9.43 17.89 85.66
N ARG F 424 -8.93 18.71 84.75
CA ARG F 424 -7.53 19.07 84.73
C ARG F 424 -7.05 19.80 85.99
N ASP F 425 -7.79 19.70 87.10
CA ASP F 425 -7.27 20.40 88.28
C ASP F 425 -6.02 19.70 88.78
N VAL F 426 -4.87 20.35 88.59
CA VAL F 426 -3.62 19.80 89.11
C VAL F 426 -3.72 19.64 90.62
N THR F 427 -4.36 20.60 91.30
CA THR F 427 -4.54 20.46 92.74
C THR F 427 -5.44 19.28 93.08
N VAL F 428 -6.47 19.03 92.26
CA VAL F 428 -7.34 17.89 92.51
C VAL F 428 -6.56 16.58 92.40
N LEU F 429 -5.83 16.41 91.28
CA LEU F 429 -4.98 15.24 91.15
C LEU F 429 -4.00 15.16 92.31
N LEU F 430 -3.55 16.31 92.79
CA LEU F 430 -2.55 16.35 93.84
C LEU F 430 -3.08 15.80 95.15
N GLU F 431 -4.27 16.27 95.58
CA GLU F 431 -4.83 15.73 96.81
C GLU F 431 -5.28 14.29 96.63
N ASN F 432 -5.70 13.92 95.42
CA ASN F 432 -6.01 12.52 95.16
C ASN F 432 -4.78 11.64 95.34
N TYR F 433 -3.63 12.22 95.06
CA TYR F 433 -2.37 11.55 95.31
C TYR F 433 -2.05 11.68 96.81
N GLY F 434 -2.72 12.61 97.49
CA GLY F 434 -2.47 12.87 98.89
C GLY F 434 -3.21 12.08 99.95
N LYS F 435 -4.10 11.18 99.53
CA LYS F 435 -4.93 10.27 100.35
C LYS F 435 -5.84 9.46 99.40
N PHE F 436 -7.11 9.35 99.78
CA PHE F 436 -8.21 8.76 99.03
C PHE F 436 -7.77 7.45 98.39
N GLU F 437 -6.84 6.75 99.02
CA GLU F 437 -6.41 5.42 98.58
C GLU F 437 -6.03 5.42 97.10
N LYS F 438 -5.30 6.45 96.69
CA LYS F 438 -4.84 6.59 95.31
C LYS F 438 -3.33 6.49 95.23
N GLY F 439 -2.76 5.49 95.93
CA GLY F 439 -1.34 5.23 95.85
C GLY F 439 -0.86 5.12 94.42
N TYR F 440 -1.77 4.80 93.51
CA TYR F 440 -1.49 4.80 92.08
C TYR F 440 -1.59 6.20 91.46
N LEU F 441 -0.97 7.18 92.12
CA LEU F 441 -0.79 8.51 91.57
C LEU F 441 0.57 9.09 91.90
N ILE F 442 1.35 8.43 92.75
CA ILE F 442 2.71 8.89 93.04
C ILE F 442 3.50 9.00 91.76
N PHE F 443 3.36 8.00 90.88
CA PHE F 443 4.16 7.99 89.65
C PHE F 443 3.67 9.05 88.67
N VAL F 444 2.36 9.27 88.58
CA VAL F 444 1.87 10.32 87.70
C VAL F 444 2.36 11.69 88.18
N VAL F 445 2.33 11.92 89.49
CA VAL F 445 2.84 13.18 90.02
C VAL F 445 4.34 13.29 89.76
N ARG F 446 5.07 12.20 89.95
CA ARG F 446 6.51 12.22 89.70
C ARG F 446 6.81 12.59 88.26
N PHE F 447 6.07 12.03 87.31
CA PHE F 447 6.33 12.33 85.91
C PHE F 447 5.85 13.72 85.53
N LEU F 448 4.79 14.22 86.19
CA LEU F 448 4.44 15.63 86.02
C LEU F 448 5.58 16.53 86.47
N PHE F 449 6.20 16.22 87.60
CA PHE F 449 7.34 17.01 88.06
C PHE F 449 8.51 16.90 87.10
N GLY F 450 8.79 15.69 86.61
CA GLY F 450 9.85 15.55 85.63
C GLY F 450 9.60 16.37 84.38
N LEU F 451 8.33 16.46 83.96
CA LEU F 451 8.00 17.20 82.74
C LEU F 451 8.00 18.71 82.96
N VAL F 452 7.61 19.18 84.14
CA VAL F 452 7.50 20.61 84.38
C VAL F 452 8.90 21.23 84.38
N ASN F 453 9.91 20.39 84.18
CA ASN F 453 11.27 20.88 84.07
C ASN F 453 11.42 21.84 82.89
N GLN F 454 12.18 22.92 83.11
CA GLN F 454 12.21 24.02 82.15
C GLN F 454 12.85 23.60 80.84
N GLU F 455 14.12 23.17 80.88
CA GLU F 455 14.76 22.75 79.64
C GLU F 455 14.09 21.52 79.04
N ARG F 456 13.67 20.55 79.87
CA ARG F 456 12.94 19.41 79.33
C ARG F 456 11.62 19.84 78.72
N THR F 457 10.91 20.76 79.37
CA THR F 457 9.64 21.24 78.82
C THR F 457 9.87 21.93 77.48
N SER F 458 10.92 22.75 77.38
CA SER F 458 11.23 23.42 76.13
C SER F 458 11.59 22.41 75.04
N TYR F 459 12.34 21.36 75.40
CA TYR F 459 12.68 20.34 74.42
C TYR F 459 11.43 19.63 73.91
N LEU F 460 10.51 19.30 74.82
CA LEU F 460 9.27 18.68 74.39
C LEU F 460 8.46 19.62 73.50
N GLU F 461 8.46 20.92 73.83
CA GLU F 461 7.78 21.90 73.00
C GLU F 461 8.37 21.94 71.60
N LYS F 462 9.70 21.96 71.50
CA LYS F 462 10.33 21.99 70.18
C LYS F 462 10.07 20.69 69.42
N LYS F 463 9.92 19.58 70.14
CA LYS F 463 9.67 18.31 69.48
C LYS F 463 8.26 18.21 68.93
N LEU F 464 7.26 18.66 69.71
CA LEU F 464 5.86 18.43 69.36
C LEU F 464 5.15 19.67 68.81
N SER F 465 5.83 20.80 68.73
CA SER F 465 5.21 22.04 68.24
C SER F 465 3.95 22.37 69.02
N CYS F 466 4.10 22.50 70.33
CA CYS F 466 2.97 22.81 71.21
C CYS F 466 3.52 23.42 72.49
N LYS F 467 3.20 24.68 72.75
CA LYS F 467 3.69 25.35 73.94
C LYS F 467 3.12 24.71 75.19
N ILE F 468 3.87 24.83 76.28
CA ILE F 468 3.51 24.23 77.56
C ILE F 468 3.16 25.35 78.54
N SER F 469 2.55 24.96 79.66
CA SER F 469 2.16 25.88 80.72
C SER F 469 3.14 25.71 81.88
N GLN F 470 3.76 26.82 82.30
CA GLN F 470 4.71 26.77 83.40
C GLN F 470 4.06 27.09 84.75
N GLN F 471 2.90 27.75 84.75
CA GLN F 471 2.23 28.06 86.00
C GLN F 471 1.85 26.81 86.78
N ILE F 472 1.80 25.65 86.12
CA ILE F 472 1.64 24.40 86.87
C ILE F 472 2.82 24.19 87.79
N ARG F 473 4.01 24.63 87.37
CA ARG F 473 5.17 24.55 88.25
C ARG F 473 4.98 25.38 89.51
N LEU F 474 4.44 26.60 89.37
CA LEU F 474 4.19 27.43 90.54
C LEU F 474 3.08 26.84 91.40
N GLU F 475 2.07 26.23 90.78
CA GLU F 475 1.03 25.55 91.55
C GLU F 475 1.63 24.41 92.38
N LEU F 476 2.51 23.61 91.77
CA LEU F 476 3.17 22.55 92.50
C LEU F 476 4.05 23.11 93.62
N LEU F 477 4.73 24.22 93.34
CA LEU F 477 5.54 24.86 94.37
C LEU F 477 4.68 25.32 95.55
N LYS F 478 3.51 25.87 95.27
CA LYS F 478 2.62 26.28 96.35
C LYS F 478 2.10 25.07 97.11
N TRP F 479 1.84 23.95 96.42
CA TRP F 479 1.47 22.74 97.14
C TRP F 479 2.59 22.29 98.07
N ILE F 480 3.84 22.34 97.59
CA ILE F 480 4.96 21.95 98.44
C ILE F 480 5.09 22.91 99.61
N GLU F 481 4.80 24.18 99.38
CA GLU F 481 4.80 25.16 100.47
C GLU F 481 3.74 24.81 101.51
N VAL F 482 2.56 24.43 101.07
CA VAL F 482 1.50 24.03 102.01
C VAL F 482 1.93 22.77 102.78
N LYS F 483 2.49 21.80 102.07
CA LYS F 483 2.95 20.59 102.72
C LYS F 483 4.03 20.87 103.74
N ALA F 484 4.92 21.82 103.46
CA ALA F 484 5.98 22.16 104.39
C ALA F 484 5.46 22.98 105.57
N LYS F 485 4.47 23.82 105.32
CA LYS F 485 3.87 24.62 106.37
C LYS F 485 2.78 23.78 107.06
N ALA F 486 2.93 22.46 106.97
CA ALA F 486 1.96 21.55 107.56
C ALA F 486 2.54 20.83 108.78
N LYS F 487 3.74 21.24 109.20
CA LYS F 487 4.42 20.66 110.35
C LYS F 487 4.46 19.13 110.31
N LYS F 488 5.20 18.61 109.33
CA LYS F 488 5.34 17.16 109.14
C LYS F 488 3.98 16.48 109.15
N LEU F 489 3.11 16.92 108.25
CA LEU F 489 1.76 16.37 108.13
C LEU F 489 1.78 14.94 107.57
N GLN F 490 2.82 14.63 106.81
CA GLN F 490 3.10 13.32 106.20
C GLN F 490 1.94 12.35 105.97
N ILE F 491 0.82 12.88 105.48
CA ILE F 491 -0.36 12.05 105.20
C ILE F 491 0.06 10.96 104.22
N GLN F 492 0.49 11.40 103.05
CA GLN F 492 0.97 10.52 101.99
C GLN F 492 2.15 11.20 101.32
N PRO F 493 1.91 12.40 100.79
CA PRO F 493 2.96 13.18 100.14
C PRO F 493 3.99 13.55 101.21
N SER F 494 4.61 12.55 101.81
CA SER F 494 5.49 12.78 102.95
C SER F 494 6.79 13.42 102.49
N GLN F 495 7.70 13.61 103.45
CA GLN F 495 8.97 14.27 103.14
C GLN F 495 9.75 13.49 102.09
N LEU F 496 9.80 12.15 102.23
CA LEU F 496 10.54 11.35 101.26
C LEU F 496 9.88 11.42 99.88
N GLU F 497 8.55 11.42 99.84
CA GLU F 497 7.86 11.52 98.56
C GLU F 497 8.16 12.85 97.88
N LEU F 498 8.14 13.95 98.64
CA LEU F 498 8.47 15.24 98.06
C LEU F 498 9.93 15.31 97.64
N PHE F 499 10.83 14.66 98.39
CA PHE F 499 12.22 14.57 97.97
C PHE F 499 12.34 13.87 96.63
N TYR F 500 11.63 12.76 96.46
CA TYR F 500 11.65 12.05 95.19
C TYR F 500 11.10 12.92 94.06
N CYS F 501 10.00 13.62 94.34
CA CYS F 501 9.42 14.51 93.34
C CYS F 501 10.42 15.57 92.90
N LEU F 502 11.06 16.24 93.85
CA LEU F 502 12.03 17.28 93.50
C LEU F 502 13.23 16.69 92.78
N TYR F 503 13.69 15.52 93.24
CA TYR F 503 14.80 14.84 92.56
C TYR F 503 14.48 14.63 91.09
N GLU F 504 13.30 14.09 90.81
CA GLU F 504 12.92 13.91 89.40
C GLU F 504 12.76 15.24 88.70
N MET F 505 12.37 16.29 89.44
CA MET F 505 12.31 17.63 88.86
C MET F 505 13.66 18.06 88.34
N GLN F 506 14.71 17.86 89.14
CA GLN F 506 16.10 18.10 88.76
C GLN F 506 16.37 19.56 88.40
N GLU F 507 15.44 20.47 88.66
CA GLU F 507 15.64 21.88 88.38
C GLU F 507 16.25 22.54 89.59
N GLU F 508 17.47 23.04 89.45
CA GLU F 508 18.23 23.51 90.61
C GLU F 508 17.53 24.69 91.29
N ASP F 509 17.15 25.71 90.52
CA ASP F 509 16.54 26.88 91.12
C ASP F 509 15.21 26.54 91.78
N PHE F 510 14.40 25.72 91.13
CA PHE F 510 13.12 25.31 91.72
C PHE F 510 13.34 24.55 93.01
N VAL F 511 14.33 23.65 93.03
CA VAL F 511 14.61 22.88 94.23
C VAL F 511 15.05 23.80 95.37
N GLN F 512 15.93 24.76 95.06
CA GLN F 512 16.35 25.71 96.08
C GLN F 512 15.16 26.49 96.62
N ARG F 513 14.33 27.01 95.73
CA ARG F 513 13.19 27.83 96.14
C ARG F 513 12.13 27.04 96.90
N ALA F 514 12.07 25.72 96.69
CA ALA F 514 11.05 24.91 97.35
C ALA F 514 11.53 24.30 98.67
N MET F 515 12.81 23.93 98.76
CA MET F 515 13.30 23.25 99.95
C MET F 515 13.40 24.15 101.17
N ASP F 516 13.24 25.46 101.01
CA ASP F 516 13.46 26.39 102.10
C ASP F 516 12.48 26.21 103.26
N TYR F 517 11.37 25.52 103.05
CA TYR F 517 10.35 25.34 104.08
C TYR F 517 10.55 24.09 104.92
N PHE F 518 11.52 23.26 104.57
CA PHE F 518 11.85 21.96 105.19
C PHE F 518 12.50 22.00 106.58
N PRO F 519 13.10 23.13 107.03
CA PRO F 519 14.18 23.06 108.03
C PRO F 519 14.08 21.95 109.07
N LYS F 520 12.87 21.63 109.50
CA LYS F 520 12.63 20.48 110.37
C LYS F 520 12.33 19.27 109.50
N ILE F 521 13.27 18.32 109.43
CA ILE F 521 13.17 17.19 108.51
C ILE F 521 13.41 15.90 109.27
N GLU F 522 12.55 14.90 109.03
CA GLU F 522 12.69 13.56 109.59
C GLU F 522 12.56 12.57 108.45
N ILE F 523 13.64 11.87 108.14
CA ILE F 523 13.68 10.98 106.98
C ILE F 523 14.36 9.67 107.37
N ASN F 524 13.95 8.59 106.72
CA ASN F 524 14.58 7.29 106.89
C ASN F 524 14.83 6.67 105.52
N LEU F 525 15.86 5.85 105.45
CA LEU F 525 16.35 5.29 104.20
C LEU F 525 16.24 3.78 104.22
N SER F 526 15.91 3.21 103.06
CA SER F 526 15.85 1.77 102.88
C SER F 526 16.49 1.29 101.59
N THR F 527 16.87 2.19 100.69
CA THR F 527 17.45 1.80 99.41
C THR F 527 18.44 2.86 98.95
N ARG F 528 19.33 2.46 98.04
CA ARG F 528 20.27 3.40 97.46
C ARG F 528 19.55 4.57 96.80
N MET F 529 18.37 4.33 96.23
CA MET F 529 17.60 5.42 95.65
C MET F 529 17.18 6.41 96.74
N ASP F 530 16.78 5.90 97.90
CA ASP F 530 16.48 6.79 99.03
C ASP F 530 17.72 7.57 99.44
N HIS F 531 18.88 6.91 99.48
CA HIS F 531 20.11 7.62 99.81
C HIS F 531 20.35 8.77 98.84
N MET F 532 20.25 8.49 97.54
CA MET F 532 20.51 9.51 96.54
C MET F 532 19.52 10.66 96.62
N VAL F 533 18.23 10.34 96.79
CA VAL F 533 17.21 11.39 96.86
C VAL F 533 17.46 12.28 98.07
N SER F 534 17.70 11.66 99.22
CA SER F 534 17.97 12.44 100.43
C SER F 534 19.21 13.30 100.28
N SER F 535 20.27 12.74 99.70
CA SER F 535 21.50 13.51 99.52
C SER F 535 21.27 14.71 98.63
N PHE F 536 20.64 14.51 97.46
CA PHE F 536 20.41 15.63 96.55
C PHE F 536 19.51 16.68 97.18
N CYS F 537 18.44 16.24 97.86
CA CYS F 537 17.52 17.20 98.47
C CYS F 537 18.22 18.00 99.57
N ILE F 538 19.01 17.34 100.41
CA ILE F 538 19.72 18.06 101.47
C ILE F 538 20.72 19.03 100.87
N GLU F 539 21.45 18.60 99.83
CA GLU F 539 22.42 19.49 99.20
C GLU F 539 21.74 20.73 98.63
N ASN F 540 20.58 20.56 98.00
CA ASN F 540 19.84 21.70 97.49
C ASN F 540 19.18 22.52 98.59
N CYS F 541 18.96 21.94 99.77
CA CYS F 541 18.32 22.65 100.87
C CYS F 541 19.26 23.72 101.41
N HIS F 542 18.73 24.93 101.58
CA HIS F 542 19.49 26.05 102.13
C HIS F 542 18.99 26.51 103.48
N ARG F 543 17.83 26.02 103.92
CA ARG F 543 17.22 26.47 105.18
C ARG F 543 17.00 25.30 106.11
N VAL F 544 18.01 24.46 106.28
CA VAL F 544 17.90 23.23 107.07
C VAL F 544 18.61 23.41 108.40
N GLU F 545 17.89 23.22 109.50
CA GLU F 545 18.49 23.22 110.83
C GLU F 545 18.37 21.87 111.53
N SER F 546 17.16 21.32 111.65
CA SER F 546 16.94 20.11 112.42
C SER F 546 16.73 18.94 111.46
N LEU F 547 17.55 17.91 111.60
CA LEU F 547 17.49 16.73 110.74
C LEU F 547 17.59 15.47 111.58
N SER F 548 16.64 14.56 111.35
CA SER F 548 16.67 13.22 111.95
C SER F 548 16.75 12.20 110.82
N LEU F 549 17.73 11.29 110.91
CA LEU F 549 17.98 10.33 109.84
C LEU F 549 17.92 8.92 110.40
N GLY F 550 17.18 8.05 109.73
CA GLY F 550 17.13 6.65 110.09
C GLY F 550 17.55 5.75 108.95
N PHE F 551 17.98 4.52 109.27
CA PHE F 551 18.45 3.60 108.26
C PHE F 551 17.87 2.22 108.51
N LEU F 552 17.54 1.50 107.43
CA LEU F 552 17.08 0.13 107.51
C LEU F 552 18.02 -0.80 106.77
N HIS F 553 18.26 -1.98 107.33
CA HIS F 553 19.14 -2.97 106.74
C HIS F 553 20.60 -2.53 106.82
N THR F 594 25.85 0.06 103.55
CA THR F 594 25.54 1.13 104.49
C THR F 594 26.55 2.25 104.39
N SER F 595 27.82 1.93 104.69
CA SER F 595 28.86 2.95 104.68
C SER F 595 29.08 3.51 103.28
N SER F 596 28.87 2.71 102.24
CA SER F 596 29.11 3.18 100.88
C SER F 596 28.18 4.35 100.54
N PHE F 597 26.87 4.17 100.74
CA PHE F 597 25.94 5.26 100.49
C PHE F 597 25.98 6.30 101.61
N CYS F 598 26.11 5.85 102.85
CA CYS F 598 26.26 6.78 103.96
C CYS F 598 27.48 7.66 103.79
N ARG F 599 28.53 7.13 103.15
CA ARG F 599 29.69 7.96 102.83
C ARG F 599 29.26 9.26 102.14
N GLY F 600 28.61 9.14 100.99
CA GLY F 600 28.16 10.30 100.25
C GLY F 600 27.11 11.11 100.97
N LEU F 601 26.19 10.43 101.66
CA LEU F 601 25.16 11.14 102.40
C LEU F 601 25.76 12.08 103.43
N PHE F 602 26.65 11.55 104.28
CA PHE F 602 27.28 12.38 105.30
C PHE F 602 28.26 13.38 104.68
N SER F 603 28.86 13.06 103.54
CA SER F 603 29.69 14.04 102.85
C SER F 603 28.86 15.26 102.46
N VAL F 604 27.67 15.03 101.90
CA VAL F 604 26.81 16.15 101.52
C VAL F 604 26.32 16.89 102.77
N LEU F 605 26.02 16.15 103.84
CA LEU F 605 25.64 16.82 105.08
C LEU F 605 26.75 17.75 105.56
N SER F 606 27.99 17.26 105.60
CA SER F 606 29.11 18.09 106.02
C SER F 606 29.28 19.29 105.10
N THR F 607 29.16 19.08 103.79
CA THR F 607 29.21 20.20 102.86
C THR F 607 28.15 21.24 103.19
N SER F 608 26.98 20.80 103.64
CA SER F 608 25.95 21.74 104.08
C SER F 608 26.48 22.62 105.20
N GLN F 609 26.15 23.92 105.14
CA GLN F 609 26.69 24.90 106.07
C GLN F 609 25.64 25.49 106.99
N SER F 610 24.36 25.17 106.81
CA SER F 610 23.30 25.71 107.65
C SER F 610 22.79 24.72 108.69
N LEU F 611 23.38 23.53 108.77
CA LEU F 611 22.89 22.50 109.68
C LEU F 611 23.19 22.87 111.13
N THR F 612 22.31 22.42 112.02
CA THR F 612 22.48 22.59 113.46
C THR F 612 22.37 21.28 114.24
N GLU F 613 21.46 20.39 113.82
CA GLU F 613 21.22 19.16 114.57
C GLU F 613 21.39 17.94 113.67
N LEU F 614 21.73 16.82 114.31
CA LEU F 614 21.86 15.54 113.61
C LEU F 614 21.39 14.45 114.56
N ASP F 615 20.21 13.88 114.28
CA ASP F 615 19.63 12.82 115.10
C ASP F 615 19.90 11.48 114.41
N LEU F 616 20.87 10.72 114.91
CA LEU F 616 21.18 9.39 114.39
C LEU F 616 20.71 8.29 115.33
N SER F 617 19.85 8.64 116.30
CA SER F 617 19.41 7.68 117.30
C SER F 617 18.61 6.55 116.66
N ASP F 618 18.59 5.41 117.36
CA ASP F 618 17.86 4.23 116.90
C ASP F 618 18.36 3.78 115.53
N ASN F 619 19.67 3.91 115.30
CA ASN F 619 20.29 3.50 114.06
C ASN F 619 21.52 2.64 114.38
N SER F 620 21.60 1.47 113.74
CA SER F 620 22.70 0.55 113.95
C SER F 620 23.88 0.94 113.05
N LEU F 621 24.47 2.08 113.38
CA LEU F 621 25.58 2.60 112.58
C LEU F 621 26.79 1.66 112.62
N GLY F 622 27.12 1.15 113.81
CA GLY F 622 28.27 0.29 113.97
C GLY F 622 29.57 1.07 113.98
N ASP F 623 30.65 0.34 114.25
CA ASP F 623 31.97 0.96 114.28
C ASP F 623 32.37 1.54 112.94
N PRO F 624 32.23 0.83 111.80
CA PRO F 624 32.54 1.45 110.51
C PRO F 624 31.70 2.69 110.24
N GLY F 625 30.41 2.65 110.60
CA GLY F 625 29.58 3.82 110.41
C GLY F 625 30.03 5.00 111.23
N MET F 626 30.39 4.75 112.50
CA MET F 626 30.87 5.83 113.35
C MET F 626 32.18 6.39 112.83
N ARG F 627 33.06 5.52 112.31
CA ARG F 627 34.31 6.01 111.72
C ARG F 627 34.04 6.88 110.51
N VAL F 628 33.10 6.48 109.65
CA VAL F 628 32.75 7.31 108.50
C VAL F 628 32.19 8.65 108.96
N LEU F 629 31.32 8.61 109.97
CA LEU F 629 30.71 9.84 110.48
C LEU F 629 31.76 10.79 111.04
N CYS F 630 32.70 10.26 111.84
CA CYS F 630 33.72 11.12 112.42
C CYS F 630 34.65 11.67 111.34
N GLU F 631 34.97 10.85 110.33
CA GLU F 631 35.76 11.36 109.21
C GLU F 631 35.03 12.51 108.53
N THR F 632 33.73 12.37 108.29
CA THR F 632 32.98 13.46 107.68
C THR F 632 32.95 14.69 108.56
N LEU F 633 32.74 14.51 109.88
CA LEU F 633 32.69 15.65 110.79
C LEU F 633 34.02 16.36 110.88
N GLN F 634 35.13 15.64 110.69
CA GLN F 634 36.45 16.25 110.78
C GLN F 634 36.68 17.30 109.70
N HIS F 635 35.77 17.44 108.75
CA HIS F 635 35.94 18.43 107.70
C HIS F 635 35.95 19.84 108.31
N PRO F 636 36.86 20.71 107.87
CA PRO F 636 36.91 22.06 108.46
C PRO F 636 35.61 22.83 108.32
N GLY F 637 34.86 22.62 107.25
CA GLY F 637 33.62 23.31 107.02
C GLY F 637 32.43 22.76 107.79
N CYS F 638 32.62 21.72 108.58
CA CYS F 638 31.53 21.14 109.33
C CYS F 638 30.86 22.19 110.21
N ASN F 639 29.53 22.28 110.11
CA ASN F 639 28.75 23.24 110.88
C ASN F 639 27.75 22.53 111.80
N ILE F 640 28.02 21.29 112.17
CA ILE F 640 27.13 20.53 113.04
C ILE F 640 27.38 20.92 114.48
N ARG F 641 26.32 21.34 115.18
CA ARG F 641 26.43 21.75 116.57
C ARG F 641 25.97 20.68 117.54
N ARG F 642 24.90 19.95 117.23
CA ARG F 642 24.38 18.91 118.10
C ARG F 642 24.24 17.60 117.33
N LEU F 643 24.62 16.50 117.96
CA LEU F 643 24.54 15.19 117.33
C LEU F 643 24.18 14.17 118.40
N TRP F 644 23.00 13.56 118.26
CA TRP F 644 22.50 12.60 119.23
C TRP F 644 22.65 11.18 118.67
N LEU F 645 23.38 10.33 119.40
CA LEU F 645 23.75 9.00 118.92
C LEU F 645 23.19 7.92 119.83
N GLY F 646 21.99 8.14 120.36
CA GLY F 646 21.38 7.17 121.26
C GLY F 646 21.16 5.80 120.64
N ARG F 647 21.62 4.75 121.32
CA ARG F 647 21.35 3.37 120.92
C ARG F 647 21.82 3.11 119.48
N CYS F 648 23.01 3.60 119.16
CA CYS F 648 23.58 3.45 117.82
C CYS F 648 24.60 2.32 117.72
N GLY F 649 24.75 1.51 118.76
CA GLY F 649 25.71 0.42 118.72
C GLY F 649 27.15 0.89 118.66
N LEU F 650 27.49 1.94 119.39
CA LEU F 650 28.85 2.44 119.41
C LEU F 650 29.63 1.82 120.57
N SER F 651 30.96 1.85 120.46
CA SER F 651 31.82 1.15 121.40
C SER F 651 33.10 1.95 121.60
N HIS F 652 34.03 1.35 122.34
CA HIS F 652 35.30 2.02 122.63
C HIS F 652 36.08 2.30 121.35
N GLU F 653 36.07 1.35 120.41
CA GLU F 653 36.80 1.53 119.16
C GLU F 653 36.38 2.83 118.47
N CYS F 654 35.07 3.03 118.32
CA CYS F 654 34.60 4.30 117.79
C CYS F 654 34.83 5.44 118.76
N CYS F 655 35.02 5.14 120.06
CA CYS F 655 35.35 6.19 121.02
C CYS F 655 36.68 6.86 120.70
N PHE F 656 37.63 6.10 120.13
CA PHE F 656 38.89 6.71 119.70
C PHE F 656 38.63 7.81 118.67
N ASP F 657 37.85 7.50 117.63
CA ASP F 657 37.54 8.50 116.62
C ASP F 657 36.68 9.62 117.19
N ILE F 658 35.83 9.31 118.17
CA ILE F 658 35.03 10.35 118.82
C ILE F 658 35.94 11.33 119.55
N SER F 659 36.95 10.82 120.25
CA SER F 659 37.92 11.68 120.90
C SER F 659 38.70 12.50 119.88
N LEU F 660 39.06 11.89 118.75
CA LEU F 660 39.74 12.65 117.70
C LEU F 660 38.85 13.79 117.20
N VAL F 661 37.56 13.52 117.00
CA VAL F 661 36.63 14.56 116.56
C VAL F 661 36.54 15.66 117.61
N LEU F 662 36.43 15.29 118.88
CA LEU F 662 36.33 16.28 119.94
C LEU F 662 37.56 17.17 119.99
N SER F 663 38.74 16.58 119.83
CA SER F 663 39.98 17.34 119.87
C SER F 663 40.22 18.17 118.61
N SER F 664 39.69 17.75 117.46
CA SER F 664 39.92 18.47 116.23
C SER F 664 38.88 19.57 115.99
N ASN F 665 37.61 19.18 115.92
CA ASN F 665 36.55 20.15 115.66
C ASN F 665 36.39 21.09 116.85
N GLN F 666 36.21 22.38 116.55
CA GLN F 666 35.97 23.39 117.58
C GLN F 666 34.54 23.90 117.57
N LYS F 667 33.65 23.27 116.80
CA LYS F 667 32.25 23.67 116.74
C LYS F 667 31.34 22.82 117.61
N LEU F 668 31.75 21.59 117.93
CA LEU F 668 30.90 20.71 118.72
C LEU F 668 30.57 21.36 120.06
N VAL F 669 29.28 21.26 120.45
CA VAL F 669 28.78 21.92 121.64
C VAL F 669 28.28 20.92 122.68
N GLU F 670 27.56 19.88 122.24
CA GLU F 670 26.95 18.93 123.16
C GLU F 670 27.04 17.54 122.55
N LEU F 671 26.87 16.53 123.40
CA LEU F 671 26.90 15.15 122.94
C LEU F 671 26.08 14.26 123.85
N ASP F 672 25.28 13.39 123.24
CA ASP F 672 24.54 12.35 123.96
C ASP F 672 24.81 11.02 123.28
N LEU F 673 25.35 10.07 124.04
CA LEU F 673 25.72 8.74 123.57
C LEU F 673 25.06 7.66 124.42
N SER F 674 23.78 7.87 124.75
CA SER F 674 23.09 6.96 125.65
C SER F 674 23.03 5.56 125.07
N ASP F 675 23.20 4.56 125.93
CA ASP F 675 23.11 3.15 125.54
C ASP F 675 24.24 2.77 124.58
N ASN F 676 25.42 3.33 124.83
CA ASN F 676 26.61 3.03 124.04
C ASN F 676 27.55 2.15 124.85
N ALA F 677 28.06 1.08 124.23
CA ALA F 677 28.99 0.16 124.89
C ALA F 677 30.39 0.78 124.92
N LEU F 678 30.47 1.94 125.56
CA LEU F 678 31.75 2.65 125.65
C LEU F 678 32.77 1.84 126.44
N GLY F 679 32.40 1.41 127.64
CA GLY F 679 33.32 0.66 128.49
C GLY F 679 34.39 1.53 129.11
N ASP F 680 35.18 0.94 130.00
CA ASP F 680 36.29 1.68 130.61
C ASP F 680 37.28 2.14 129.55
N PHE F 681 37.60 1.27 128.60
CA PHE F 681 38.49 1.65 127.51
C PHE F 681 37.88 2.76 126.65
N GLY F 682 36.58 2.69 126.40
CA GLY F 682 35.92 3.73 125.64
C GLY F 682 36.00 5.09 126.34
N ILE F 683 35.73 5.10 127.64
CA ILE F 683 35.84 6.35 128.39
C ILE F 683 37.28 6.83 128.45
N ARG F 684 38.23 5.90 128.52
CA ARG F 684 39.64 6.26 128.51
C ARG F 684 40.01 6.97 127.21
N LEU F 685 39.55 6.45 126.08
CA LEU F 685 39.79 7.11 124.80
C LEU F 685 39.07 8.46 124.74
N LEU F 686 37.84 8.51 125.25
CA LEU F 686 37.04 9.74 125.17
C LEU F 686 37.68 10.87 125.95
N CYS F 687 38.15 10.58 127.17
CA CYS F 687 38.74 11.62 128.00
C CYS F 687 40.00 12.21 127.38
N VAL F 688 40.70 11.42 126.55
CA VAL F 688 41.88 11.96 125.86
C VAL F 688 41.49 13.14 124.99
N GLY F 689 40.41 12.98 124.22
CA GLY F 689 39.90 14.10 123.44
C GLY F 689 39.34 15.21 124.30
N LEU F 690 38.64 14.84 125.38
CA LEU F 690 38.04 15.87 126.24
C LEU F 690 39.08 16.80 126.84
N LYS F 691 40.22 16.25 127.27
CA LYS F 691 41.25 17.05 127.91
C LYS F 691 42.06 17.88 126.91
N HIS F 692 41.82 17.72 125.62
CA HIS F 692 42.49 18.55 124.64
C HIS F 692 42.08 20.01 124.79
N LEU F 693 43.04 20.91 124.58
CA LEU F 693 42.76 22.33 124.74
C LEU F 693 41.65 22.81 123.80
N LEU F 694 41.54 22.19 122.62
CA LEU F 694 40.51 22.57 121.66
C LEU F 694 39.15 21.98 122.00
N CYS F 695 39.06 21.10 122.99
CA CYS F 695 37.79 20.51 123.38
C CYS F 695 36.85 21.61 123.87
N ASN F 696 35.79 21.87 123.11
CA ASN F 696 34.81 22.90 123.45
C ASN F 696 33.45 22.31 123.81
N LEU F 697 33.37 21.01 124.04
CA LEU F 697 32.11 20.40 124.42
C LEU F 697 31.65 20.92 125.77
N LYS F 698 30.33 21.07 125.92
CA LYS F 698 29.74 21.59 127.15
C LYS F 698 28.92 20.54 127.88
N LYS F 699 27.94 19.93 127.23
CA LYS F 699 27.03 18.99 127.86
C LYS F 699 27.28 17.58 127.35
N LEU F 700 27.34 16.62 128.27
CA LEU F 700 27.59 15.23 127.94
C LEU F 700 26.56 14.35 128.62
N TRP F 701 25.94 13.46 127.84
CA TRP F 701 25.05 12.43 128.36
C TRP F 701 25.64 11.07 128.02
N LEU F 702 25.93 10.27 129.06
CA LEU F 702 26.44 8.92 128.91
C LEU F 702 25.58 7.93 129.69
N VAL F 703 24.27 8.21 129.78
CA VAL F 703 23.38 7.39 130.58
C VAL F 703 23.38 5.96 130.07
N SER F 704 23.41 5.00 131.00
CA SER F 704 23.36 3.58 130.67
C SER F 704 24.48 3.20 129.71
N CYS F 705 25.68 3.73 129.96
CA CYS F 705 26.84 3.47 129.13
C CYS F 705 27.65 2.27 129.62
N CYS F 706 27.16 1.56 130.63
CA CYS F 706 27.83 0.38 131.18
C CYS F 706 29.17 0.72 131.83
N LEU F 707 29.38 2.00 132.15
CA LEU F 707 30.63 2.44 132.76
C LEU F 707 30.65 2.10 134.24
N THR F 708 31.82 2.23 134.85
CA THR F 708 32.02 1.97 136.27
C THR F 708 32.96 3.02 136.84
N SER F 709 33.27 2.87 138.13
CA SER F 709 34.14 3.83 138.80
C SER F 709 35.56 3.82 138.25
N ALA F 710 35.93 2.79 137.48
CA ALA F 710 37.28 2.72 136.93
C ALA F 710 37.58 3.92 136.05
N CYS F 711 36.63 4.31 135.20
CA CYS F 711 36.78 5.49 134.36
C CYS F 711 36.49 6.79 135.10
N CYS F 712 36.03 6.71 136.35
CA CYS F 712 35.73 7.92 137.10
C CYS F 712 36.98 8.77 137.29
N GLN F 713 38.15 8.15 137.35
CA GLN F 713 39.38 8.93 137.46
C GLN F 713 39.55 9.84 136.25
N ASP F 714 39.41 9.28 135.04
CA ASP F 714 39.51 10.09 133.84
C ASP F 714 38.38 11.11 133.76
N LEU F 715 37.18 10.73 134.21
CA LEU F 715 36.07 11.68 134.20
C LEU F 715 36.37 12.89 135.07
N ALA F 716 36.88 12.64 136.29
CA ALA F 716 37.24 13.75 137.17
C ALA F 716 38.37 14.57 136.60
N SER F 717 39.36 13.91 135.98
CA SER F 717 40.46 14.65 135.37
C SER F 717 39.95 15.57 134.27
N VAL F 718 39.05 15.08 133.41
CA VAL F 718 38.51 15.91 132.35
C VAL F 718 37.66 17.03 132.93
N LEU F 719 36.91 16.75 134.00
CA LEU F 719 36.11 17.79 134.62
C LEU F 719 36.98 18.91 135.17
N SER F 720 38.11 18.55 135.78
CA SER F 720 39.03 19.55 136.32
C SER F 720 39.88 20.22 135.24
N THR F 721 39.99 19.61 134.06
CA THR F 721 40.84 20.15 133.00
C THR F 721 40.08 21.03 132.02
N SER F 722 39.02 20.51 131.40
CA SER F 722 38.36 21.23 130.33
C SER F 722 37.77 22.53 130.83
N HIS F 723 37.81 23.55 129.96
CA HIS F 723 37.27 24.87 130.27
C HIS F 723 35.84 25.06 129.78
N SER F 724 35.28 24.10 129.05
CA SER F 724 33.94 24.23 128.50
C SER F 724 32.96 23.17 129.00
N LEU F 725 33.43 21.96 129.31
CA LEU F 725 32.55 20.92 129.80
C LEU F 725 31.90 21.36 131.11
N THR F 726 30.58 21.53 131.09
CA THR F 726 29.84 22.04 132.25
C THR F 726 28.91 21.00 132.84
N ARG F 727 28.01 20.43 132.04
CA ARG F 727 27.01 19.49 132.52
C ARG F 727 27.36 18.08 132.08
N LEU F 728 27.37 17.15 133.03
CA LEU F 728 27.65 15.74 132.76
C LEU F 728 26.59 14.89 133.44
N TYR F 729 26.01 13.95 132.70
CA TYR F 729 24.99 13.04 133.23
C TYR F 729 25.40 11.62 132.85
N VAL F 730 25.93 10.88 133.82
CA VAL F 730 26.46 9.54 133.59
C VAL F 730 25.70 8.49 134.40
N GLY F 731 24.41 8.73 134.67
CA GLY F 731 23.61 7.79 135.42
C GLY F 731 23.50 6.44 134.75
N GLU F 732 22.81 5.50 135.40
CA GLU F 732 22.64 4.14 134.87
C GLU F 732 23.99 3.46 134.66
N ASN F 733 24.97 3.81 135.48
CA ASN F 733 26.31 3.22 135.42
C ASN F 733 26.73 2.80 136.82
N ALA F 734 27.49 1.70 136.89
CA ALA F 734 27.93 1.17 138.18
C ALA F 734 29.11 1.99 138.73
N LEU F 735 28.85 3.29 138.90
CA LEU F 735 29.88 4.17 139.45
C LEU F 735 30.13 3.86 140.92
N GLY F 736 29.06 3.73 141.71
CA GLY F 736 29.19 3.39 143.10
C GLY F 736 29.62 4.55 143.97
N ASP F 737 29.70 4.27 145.28
CA ASP F 737 30.14 5.28 146.22
C ASP F 737 31.58 5.70 145.95
N SER F 738 32.44 4.74 145.61
CA SER F 738 33.83 5.06 145.31
C SER F 738 33.92 5.97 144.09
N GLY F 739 33.15 5.66 143.04
CA GLY F 739 33.15 6.51 141.86
C GLY F 739 32.62 7.90 142.14
N VAL F 740 31.55 7.98 142.95
CA VAL F 740 31.00 9.29 143.31
C VAL F 740 32.02 10.10 144.09
N ALA F 741 32.73 9.46 145.03
CA ALA F 741 33.75 10.15 145.79
C ALA F 741 34.91 10.61 144.90
N ILE F 742 35.29 9.77 143.92
CA ILE F 742 36.33 10.16 142.98
C ILE F 742 35.90 11.38 142.19
N LEU F 743 34.65 11.39 141.72
CA LEU F 743 34.15 12.55 140.99
C LEU F 743 34.11 13.79 141.89
N CYS F 744 33.70 13.61 143.15
CA CYS F 744 33.59 14.74 144.07
C CYS F 744 34.95 15.34 144.40
N GLU F 745 35.97 14.50 144.53
CA GLU F 745 37.29 15.01 144.90
C GLU F 745 37.79 16.02 143.88
N LYS F 746 37.32 15.94 142.64
CA LYS F 746 37.66 16.90 141.60
C LYS F 746 36.62 17.99 141.43
N ALA F 747 35.33 17.66 141.58
CA ALA F 747 34.29 18.66 141.47
C ALA F 747 34.33 19.68 142.60
N LYS F 748 34.93 19.32 143.74
CA LYS F 748 35.03 20.26 144.85
C LYS F 748 35.83 21.50 144.49
N ASN F 749 36.65 21.43 143.45
CA ASN F 749 37.45 22.58 143.05
C ASN F 749 36.52 23.74 142.71
N PRO F 750 36.63 24.88 143.37
CA PRO F 750 35.72 26.00 143.06
C PRO F 750 35.77 26.43 141.60
N GLN F 751 36.95 26.35 140.97
CA GLN F 751 37.06 26.73 139.57
C GLN F 751 36.39 25.71 138.64
N CYS F 752 36.06 24.53 139.15
CA CYS F 752 35.43 23.52 138.31
C CYS F 752 34.13 24.06 137.72
N ASN F 753 33.91 23.78 136.44
CA ASN F 753 32.80 24.36 135.68
C ASN F 753 31.54 23.49 135.72
N LEU F 754 31.56 22.35 136.40
CA LEU F 754 30.37 21.51 136.45
C LEU F 754 29.20 22.27 137.05
N GLN F 755 28.06 22.23 136.36
CA GLN F 755 26.87 22.97 136.78
C GLN F 755 25.73 22.04 137.18
N LYS F 756 25.32 21.13 136.30
CA LYS F 756 24.25 20.18 136.57
C LYS F 756 24.83 18.79 136.58
N LEU F 757 24.64 18.08 137.70
CA LEU F 757 25.19 16.75 137.90
C LEU F 757 24.06 15.74 138.02
N GLY F 758 24.12 14.68 137.22
CA GLY F 758 23.14 13.63 137.27
C GLY F 758 23.75 12.25 137.46
N LEU F 759 23.34 11.56 138.51
CA LEU F 759 23.80 10.21 138.80
C LEU F 759 22.64 9.24 138.70
N VAL F 760 21.84 9.37 137.63
CA VAL F 760 20.57 8.67 137.53
C VAL F 760 20.78 7.19 137.81
N ASN F 761 20.14 6.70 138.87
CA ASN F 761 20.20 5.28 139.25
C ASN F 761 21.64 4.78 139.25
N SER F 762 22.53 5.55 139.88
CA SER F 762 23.95 5.23 139.92
C SER F 762 24.32 4.34 141.10
N GLY F 763 23.34 3.89 141.88
CA GLY F 763 23.61 3.04 143.02
C GLY F 763 24.42 3.74 144.09
N LEU F 764 24.03 4.96 144.44
CA LEU F 764 24.73 5.76 145.43
C LEU F 764 24.16 5.50 146.82
N THR F 765 25.04 5.52 147.82
CA THR F 765 24.65 5.34 149.21
C THR F 765 24.94 6.61 150.00
N SER F 766 24.71 6.55 151.31
CA SER F 766 24.92 7.71 152.17
C SER F 766 26.40 8.08 152.30
N VAL F 767 27.31 7.15 152.05
CA VAL F 767 28.74 7.44 152.21
C VAL F 767 29.16 8.56 151.27
N CYS F 768 28.75 8.47 150.00
CA CYS F 768 29.06 9.52 149.05
C CYS F 768 28.26 10.79 149.29
N CYS F 769 27.26 10.76 150.18
CA CYS F 769 26.47 11.95 150.48
C CYS F 769 27.34 13.04 151.08
N SER F 770 28.25 12.67 152.00
CA SER F 770 29.14 13.65 152.60
C SER F 770 30.08 14.25 151.56
N ALA F 771 30.62 13.42 150.67
CA ALA F 771 31.48 13.95 149.61
C ALA F 771 30.72 14.88 148.68
N LEU F 772 29.47 14.53 148.35
CA LEU F 772 28.67 15.40 147.50
C LEU F 772 28.34 16.71 148.20
N SER F 773 28.09 16.65 149.51
CA SER F 773 27.88 17.89 150.27
C SER F 773 29.13 18.76 150.26
N SER F 774 30.30 18.14 150.41
CA SER F 774 31.56 18.89 150.31
C SER F 774 31.71 19.52 148.94
N VAL F 775 31.36 18.78 147.88
CA VAL F 775 31.41 19.34 146.53
C VAL F 775 30.47 20.53 146.42
N LEU F 776 29.27 20.40 146.96
CA LEU F 776 28.31 21.51 146.90
C LEU F 776 28.85 22.73 147.62
N SER F 777 29.45 22.54 148.79
CA SER F 777 29.96 23.67 149.55
C SER F 777 31.19 24.29 148.91
N THR F 778 32.01 23.50 148.22
CA THR F 778 33.25 24.01 147.64
C THR F 778 33.03 24.60 146.25
N ASN F 779 32.55 23.79 145.31
CA ASN F 779 32.27 24.28 143.97
C ASN F 779 31.07 25.22 144.01
N GLN F 780 31.20 26.37 143.35
CA GLN F 780 30.14 27.37 143.30
C GLN F 780 29.41 27.39 141.96
N ASN F 781 29.72 26.45 141.06
CA ASN F 781 29.10 26.42 139.74
C ASN F 781 28.04 25.35 139.59
N LEU F 782 27.79 24.55 140.63
CA LEU F 782 26.76 23.51 140.56
C LEU F 782 25.38 24.13 140.76
N THR F 783 24.45 23.76 139.88
CA THR F 783 23.11 24.31 139.90
C THR F 783 22.02 23.27 140.14
N HIS F 784 22.05 22.15 139.40
CA HIS F 784 21.02 21.13 139.48
C HIS F 784 21.65 19.80 139.85
N LEU F 785 20.96 19.01 140.67
CA LEU F 785 21.47 17.74 141.14
C LEU F 785 20.37 16.69 141.05
N TYR F 786 20.59 15.67 140.23
CA TYR F 786 19.68 14.53 140.12
C TYR F 786 20.38 13.29 140.67
N LEU F 787 19.71 12.60 141.60
CA LEU F 787 20.27 11.40 142.20
C LEU F 787 19.25 10.28 142.22
N ARG F 788 18.37 10.26 141.21
CA ARG F 788 17.30 9.25 141.16
C ARG F 788 17.90 7.86 141.09
N GLY F 789 17.23 6.91 141.75
CA GLY F 789 17.67 5.52 141.75
C GLY F 789 18.70 5.16 142.78
N ASN F 790 19.02 6.07 143.71
CA ASN F 790 20.01 5.83 144.74
C ASN F 790 19.33 5.86 146.09
N THR F 791 19.47 4.78 146.86
CA THR F 791 18.84 4.66 148.18
C THR F 791 19.75 5.31 149.23
N LEU F 792 19.69 6.65 149.26
CA LEU F 792 20.52 7.40 150.19
C LEU F 792 20.15 7.09 151.64
N GLY F 793 18.86 7.07 151.94
CA GLY F 793 18.39 6.93 153.30
C GLY F 793 18.35 8.25 154.03
N ASP F 794 17.84 8.19 155.27
CA ASP F 794 17.72 9.40 156.08
C ASP F 794 19.08 9.96 156.46
N LYS F 795 20.05 9.08 156.73
CA LYS F 795 21.40 9.55 157.03
C LYS F 795 21.99 10.30 155.84
N GLY F 796 21.82 9.76 154.62
CA GLY F 796 22.29 10.47 153.45
C GLY F 796 21.56 11.77 153.22
N ILE F 797 20.25 11.78 153.49
CA ILE F 797 19.48 13.01 153.34
C ILE F 797 20.01 14.09 154.27
N LYS F 798 20.27 13.72 155.53
CA LYS F 798 20.82 14.68 156.48
C LYS F 798 22.21 15.13 156.07
N LEU F 799 23.03 14.20 155.56
CA LEU F 799 24.37 14.56 155.11
C LEU F 799 24.32 15.58 153.98
N LEU F 800 23.43 15.35 153.01
CA LEU F 800 23.28 16.31 151.91
C LEU F 800 22.77 17.64 152.42
N CYS F 801 21.78 17.61 153.33
CA CYS F 801 21.22 18.84 153.86
C CYS F 801 22.28 19.67 154.59
N GLU F 802 23.17 18.99 155.31
CA GLU F 802 24.22 19.71 156.03
C GLU F 802 25.02 20.61 155.10
N GLY F 803 25.23 20.19 153.85
CA GLY F 803 25.97 20.98 152.89
C GLY F 803 25.11 21.96 152.13
N LEU F 804 23.92 21.53 151.71
CA LEU F 804 23.04 22.41 150.96
C LEU F 804 22.52 23.58 151.79
N LEU F 805 22.47 23.43 153.12
CA LEU F 805 22.13 24.57 153.97
C LEU F 805 23.26 25.60 154.02
N HIS F 806 24.47 25.20 153.65
CA HIS F 806 25.58 26.13 153.66
C HIS F 806 25.31 27.27 152.68
N PRO F 807 25.57 28.52 153.06
CA PRO F 807 25.28 29.63 152.13
C PRO F 807 25.99 29.51 150.80
N ASP F 808 27.19 28.91 150.78
CA ASP F 808 27.90 28.74 149.52
C ASP F 808 27.17 27.83 148.55
N CYS F 809 26.24 27.00 149.04
CA CYS F 809 25.48 26.13 148.16
C CYS F 809 24.71 26.96 147.15
N LYS F 810 24.81 26.59 145.87
CA LYS F 810 24.16 27.32 144.78
C LYS F 810 23.24 26.42 143.96
N LEU F 811 22.81 25.30 144.52
CA LEU F 811 21.90 24.40 143.82
C LEU F 811 20.54 25.06 143.62
N GLN F 812 19.88 24.70 142.52
CA GLN F 812 18.58 25.24 142.20
C GLN F 812 17.49 24.18 142.12
N VAL F 813 17.80 23.00 141.59
CA VAL F 813 16.85 21.90 141.48
C VAL F 813 17.48 20.65 142.07
N LEU F 814 16.69 19.92 142.86
CA LEU F 814 17.14 18.69 143.50
C LEU F 814 16.13 17.60 143.25
N GLU F 815 16.54 16.57 142.53
CA GLU F 815 15.71 15.41 142.24
C GLU F 815 16.24 14.23 143.04
N LEU F 816 15.38 13.64 143.88
CA LEU F 816 15.75 12.55 144.76
C LEU F 816 14.68 11.45 144.76
N ASP F 817 14.04 11.23 143.62
CA ASP F 817 13.05 10.16 143.54
C ASP F 817 13.73 8.80 143.54
N ASN F 818 13.01 7.79 144.03
CA ASN F 818 13.56 6.44 144.16
C ASN F 818 14.81 6.44 145.03
N CYS F 819 14.83 7.34 146.02
CA CYS F 819 15.98 7.50 146.90
C CYS F 819 15.87 6.67 148.18
N ASN F 820 14.78 5.94 148.36
CA ASN F 820 14.56 5.14 149.57
C ASN F 820 14.64 6.04 150.81
N LEU F 821 13.78 7.06 150.82
CA LEU F 821 13.74 8.05 151.88
C LEU F 821 12.51 7.80 152.75
N THR F 822 12.71 7.77 154.06
CA THR F 822 11.65 7.52 155.01
C THR F 822 11.13 8.85 155.58
N SER F 823 10.23 8.76 156.55
CA SER F 823 9.68 9.95 157.18
C SER F 823 10.70 10.69 158.04
N HIS F 824 11.84 10.07 158.34
CA HIS F 824 12.84 10.74 159.17
C HIS F 824 13.41 11.98 158.48
N CYS F 825 13.68 11.88 157.17
CA CYS F 825 14.21 13.03 156.44
C CYS F 825 13.22 14.18 156.36
N CYS F 826 12.04 14.05 156.95
CA CYS F 826 11.06 15.13 156.90
C CYS F 826 11.60 16.39 157.58
N TRP F 827 12.24 16.23 158.75
CA TRP F 827 12.78 17.41 159.42
C TRP F 827 13.97 17.99 158.68
N ASP F 828 14.80 17.12 158.09
CA ASP F 828 15.88 17.60 157.23
C ASP F 828 15.33 18.50 156.13
N LEU F 829 14.30 18.03 155.43
CA LEU F 829 13.75 18.80 154.32
C LEU F 829 13.01 20.04 154.81
N SER F 830 12.38 19.99 155.98
CA SER F 830 11.75 21.18 156.54
C SER F 830 12.79 22.25 156.86
N THR F 831 13.92 21.84 157.45
CA THR F 831 15.00 22.79 157.71
C THR F 831 15.56 23.35 156.41
N LEU F 832 15.71 22.49 155.40
CA LEU F 832 16.19 22.99 154.11
C LEU F 832 15.22 24.00 153.50
N LEU F 833 13.92 23.73 153.61
CA LEU F 833 12.93 24.67 153.09
C LEU F 833 12.97 25.99 153.86
N THR F 834 13.15 25.92 155.17
CA THR F 834 13.16 27.13 156.00
C THR F 834 14.44 27.95 155.85
N SER F 835 15.56 27.32 155.49
CA SER F 835 16.84 28.02 155.44
C SER F 835 17.35 28.25 154.02
N SER F 836 17.47 27.19 153.21
CA SER F 836 17.97 27.27 151.86
C SER F 836 17.37 28.45 151.11
N GLN F 837 18.24 29.29 150.55
CA GLN F 837 17.84 30.51 149.86
C GLN F 837 18.19 30.49 148.38
N SER F 838 18.57 29.34 147.83
CA SER F 838 18.98 29.27 146.43
C SER F 838 18.18 28.26 145.62
N LEU F 839 17.82 27.12 146.21
CA LEU F 839 17.10 26.09 145.47
C LEU F 839 15.71 26.57 145.09
N ARG F 840 15.24 26.11 143.93
CA ARG F 840 13.93 26.49 143.41
C ARG F 840 12.99 25.31 143.18
N LYS F 841 13.51 24.12 142.93
CA LYS F 841 12.70 22.95 142.63
C LYS F 841 13.18 21.77 143.45
N LEU F 842 12.24 21.04 144.04
CA LEU F 842 12.53 19.84 144.82
C LEU F 842 11.56 18.75 144.43
N SER F 843 12.07 17.68 143.82
CA SER F 843 11.27 16.52 143.46
C SER F 843 11.70 15.35 144.34
N LEU F 844 10.71 14.71 145.00
CA LEU F 844 11.02 13.66 145.95
C LEU F 844 10.05 12.48 145.86
N GLY F 845 9.34 12.34 144.74
CA GLY F 845 8.34 11.30 144.61
C GLY F 845 8.88 9.90 144.84
N ASN F 846 7.98 8.91 144.84
CA ASN F 846 8.36 7.52 145.10
C ASN F 846 9.06 7.39 146.45
N ASN F 847 8.56 8.14 147.43
CA ASN F 847 9.07 8.08 148.79
C ASN F 847 7.90 8.25 149.75
N ASP F 848 7.81 7.35 150.73
CA ASP F 848 6.72 7.36 151.69
C ASP F 848 7.03 8.30 152.86
N LEU F 849 7.14 9.59 152.53
CA LEU F 849 7.40 10.59 153.57
C LEU F 849 6.27 10.64 154.58
N GLY F 850 5.03 10.58 154.10
CA GLY F 850 3.89 10.44 154.98
C GLY F 850 3.04 11.69 155.03
N ASP F 851 1.80 11.50 155.51
CA ASP F 851 0.90 12.63 155.70
C ASP F 851 1.46 13.62 156.72
N LEU F 852 2.12 13.11 157.76
CA LEU F 852 2.75 14.01 158.72
C LEU F 852 3.82 14.85 158.05
N GLY F 853 4.66 14.24 157.21
CA GLY F 853 5.67 15.00 156.51
C GLY F 853 5.08 16.04 155.58
N VAL F 854 4.04 15.66 154.83
CA VAL F 854 3.41 16.62 153.92
C VAL F 854 2.79 17.77 154.71
N MET F 855 2.16 17.47 155.83
CA MET F 855 1.55 18.52 156.65
C MET F 855 2.61 19.48 157.20
N MET F 856 3.73 18.94 157.72
CA MET F 856 4.78 19.81 158.22
C MET F 856 5.37 20.65 157.09
N PHE F 857 5.57 20.05 155.92
CA PHE F 857 6.13 20.79 154.80
C PHE F 857 5.19 21.91 154.37
N CYS F 858 3.88 21.63 154.32
CA CYS F 858 2.91 22.67 153.96
C CYS F 858 2.85 23.76 155.02
N GLU F 859 2.97 23.38 156.30
CA GLU F 859 3.00 24.37 157.37
C GLU F 859 4.19 25.31 157.22
N VAL F 860 5.35 24.75 156.88
CA VAL F 860 6.52 25.60 156.63
C VAL F 860 6.34 26.41 155.35
N LEU F 861 5.66 25.84 154.35
CA LEU F 861 5.54 26.51 153.05
C LEU F 861 4.58 27.70 153.11
N LYS F 862 3.55 27.62 153.95
CA LYS F 862 2.58 28.70 153.99
C LYS F 862 3.21 30.02 154.38
N GLN F 863 4.38 30.00 155.00
CA GLN F 863 5.13 31.23 155.23
C GLN F 863 5.57 31.84 153.92
N GLN F 864 5.76 33.16 153.92
CA GLN F 864 6.23 33.88 152.75
C GLN F 864 7.73 33.71 152.52
N SER F 865 8.42 33.02 153.42
CA SER F 865 9.88 32.87 153.35
C SER F 865 10.32 31.74 152.42
N CYS F 866 9.39 31.01 151.81
CA CYS F 866 9.73 29.89 150.94
C CYS F 866 10.04 30.43 149.55
N LEU F 867 11.34 30.57 149.25
CA LEU F 867 11.77 31.04 147.94
C LEU F 867 11.67 29.97 146.86
N LEU F 868 11.54 28.70 147.24
CA LEU F 868 11.37 27.64 146.26
C LEU F 868 10.03 27.81 145.53
N GLN F 869 9.97 27.29 144.30
CA GLN F 869 8.79 27.45 143.48
C GLN F 869 8.14 26.13 143.06
N ASN F 870 8.89 25.03 142.98
CA ASN F 870 8.35 23.78 142.50
C ASN F 870 8.60 22.67 143.51
N LEU F 871 7.57 21.90 143.82
CA LEU F 871 7.68 20.72 144.68
C LEU F 871 6.94 19.58 144.01
N GLY F 872 7.58 18.41 143.97
CA GLY F 872 7.00 17.24 143.33
C GLY F 872 6.90 16.05 144.26
N LEU F 873 5.67 15.65 144.58
CA LEU F 873 5.42 14.49 145.45
C LEU F 873 4.65 13.41 144.69
N SER F 874 4.91 13.28 143.39
CA SER F 874 4.22 12.29 142.59
C SER F 874 4.55 10.87 143.07
N GLU F 875 3.59 9.98 142.93
CA GLU F 875 3.64 8.59 143.39
C GLU F 875 3.44 8.50 144.89
N MET F 876 3.35 9.62 145.61
CA MET F 876 3.05 9.62 147.03
C MET F 876 1.55 9.53 147.22
N TYR F 877 1.11 8.57 148.03
CA TYR F 877 -0.30 8.33 148.28
C TYR F 877 -0.67 8.88 149.65
N PHE F 878 -1.69 9.73 149.68
CA PHE F 878 -2.11 10.43 150.90
C PHE F 878 -3.60 10.23 151.09
N ASN F 879 -4.16 10.95 152.06
CA ASN F 879 -5.58 10.88 152.35
C ASN F 879 -6.30 12.12 151.82
N TYR F 880 -7.62 12.14 151.99
CA TYR F 880 -8.41 13.28 151.53
C TYR F 880 -8.00 14.55 152.26
N GLU F 881 -7.74 14.46 153.57
CA GLU F 881 -7.31 15.63 154.33
C GLU F 881 -6.00 16.18 153.80
N THR F 882 -5.03 15.29 153.55
CA THR F 882 -3.74 15.74 153.03
C THR F 882 -3.87 16.33 151.63
N LYS F 883 -4.70 15.72 150.78
CA LYS F 883 -4.91 16.28 149.45
C LYS F 883 -5.54 17.66 149.52
N SER F 884 -6.53 17.84 150.39
CA SER F 884 -7.17 19.15 150.54
C SER F 884 -6.18 20.18 151.06
N ALA F 885 -5.33 19.79 152.03
CA ALA F 885 -4.33 20.71 152.53
C ALA F 885 -3.33 21.10 151.44
N LEU F 886 -2.92 20.13 150.63
CA LEU F 886 -2.00 20.43 149.53
C LEU F 886 -2.62 21.40 148.54
N GLU F 887 -3.89 21.16 148.17
CA GLU F 887 -4.57 22.08 147.25
C GLU F 887 -4.69 23.47 147.86
N THR F 888 -5.02 23.55 149.15
CA THR F 888 -5.14 24.84 149.80
C THR F 888 -3.81 25.59 149.79
N LEU F 889 -2.71 24.87 150.08
CA LEU F 889 -1.39 25.51 150.03
C LEU F 889 -1.06 25.99 148.62
N GLN F 890 -1.34 25.15 147.62
CA GLN F 890 -1.01 25.52 146.24
C GLN F 890 -1.79 26.75 145.81
N GLU F 891 -3.08 26.83 146.17
CA GLU F 891 -3.88 27.99 145.80
C GLU F 891 -3.58 29.22 146.65
N GLU F 892 -3.08 29.04 147.87
CA GLU F 892 -2.64 30.16 148.68
C GLU F 892 -1.31 30.73 148.18
N LYS F 893 -0.48 29.90 147.57
CA LYS F 893 0.78 30.33 146.96
C LYS F 893 0.78 29.90 145.50
N PRO F 894 0.14 30.68 144.62
CA PRO F 894 0.11 30.29 143.20
C PRO F 894 1.49 30.15 142.59
N GLU F 895 2.45 30.99 143.00
CA GLU F 895 3.81 30.86 142.49
C GLU F 895 4.51 29.62 143.00
N LEU F 896 4.05 29.07 144.13
CA LEU F 896 4.57 27.82 144.65
C LEU F 896 3.63 26.68 144.26
N THR F 897 4.14 25.76 143.44
CA THR F 897 3.34 24.67 142.91
C THR F 897 3.75 23.37 143.57
N VAL F 898 2.77 22.54 143.89
CA VAL F 898 3.00 21.20 144.45
C VAL F 898 2.27 20.21 143.55
N VAL F 899 3.01 19.32 142.92
CA VAL F 899 2.46 18.33 141.99
C VAL F 899 2.29 17.02 142.75
N PHE F 900 1.02 16.64 142.99
CA PHE F 900 0.69 15.43 143.72
C PHE F 900 -0.49 14.71 143.07
N GLU F 901 -0.60 14.78 141.75
CA GLU F 901 -1.76 14.23 141.06
C GLU F 901 -1.82 12.71 141.22
N PRO F 902 -3.02 12.13 141.09
CA PRO F 902 -3.24 10.69 141.22
C PRO F 902 -2.81 9.90 139.99
N LYS G 1 12.44 -36.69 33.71
CA LYS G 1 11.96 -37.15 35.02
C LYS G 1 11.67 -35.99 35.96
N LYS G 2 10.45 -36.00 36.51
CA LYS G 2 9.92 -34.97 37.43
C LYS G 2 8.57 -35.39 37.99
N ASP G 3 8.56 -36.22 39.02
CA ASP G 3 7.29 -36.75 39.48
C ASP G 3 6.40 -35.76 40.16
N TYR G 4 5.90 -34.88 39.32
CA TYR G 4 5.01 -33.79 39.66
C TYR G 4 3.93 -34.28 40.61
N ARG G 5 3.55 -35.55 40.51
CA ARG G 5 2.71 -36.15 41.54
C ARG G 5 3.36 -36.01 42.91
N LYS G 6 4.66 -36.30 43.00
CA LYS G 6 5.36 -36.18 44.27
C LYS G 6 5.34 -34.74 44.78
N LYS G 7 5.63 -33.79 43.90
CA LYS G 7 5.68 -32.39 44.33
C LYS G 7 4.30 -31.90 44.77
N TYR G 8 3.26 -32.24 44.02
CA TYR G 8 1.90 -31.85 44.40
C TYR G 8 1.50 -32.51 45.71
N ARG G 9 1.85 -33.78 45.90
CA ARG G 9 1.54 -34.45 47.15
C ARG G 9 2.21 -33.75 48.31
N LYS G 10 3.48 -33.38 48.15
CA LYS G 10 4.17 -32.67 49.22
C LYS G 10 3.48 -31.35 49.52
N TYR G 11 3.13 -30.59 48.49
CA TYR G 11 2.49 -29.30 48.72
C TYR G 11 1.16 -29.46 49.45
N VAL G 12 0.34 -30.41 49.00
CA VAL G 12 -0.98 -30.59 49.61
C VAL G 12 -0.84 -31.07 51.05
N ARG G 13 0.07 -32.02 51.28
CA ARG G 13 0.32 -32.49 52.64
C ARG G 13 0.82 -31.39 53.55
N SER G 14 1.55 -30.41 53.00
CA SER G 14 1.98 -29.27 53.80
C SER G 14 0.83 -28.29 54.07
N ARG G 15 0.00 -28.03 53.07
CA ARG G 15 -1.04 -27.02 53.18
C ARG G 15 -2.30 -27.50 53.88
N PHE G 16 -2.50 -28.81 54.03
CA PHE G 16 -3.72 -29.36 54.58
C PHE G 16 -3.45 -30.21 55.82
N GLN G 17 -2.61 -29.70 56.73
CA GLN G 17 -2.23 -30.45 57.91
C GLN G 17 -2.57 -29.76 59.22
N CYS G 18 -3.20 -28.60 59.18
CA CYS G 18 -3.55 -27.88 60.39
C CYS G 18 -4.97 -27.33 60.29
N ILE G 19 -5.64 -27.28 61.43
CA ILE G 19 -7.04 -26.87 61.50
C ILE G 19 -7.14 -25.73 62.51
N GLU G 20 -7.39 -24.52 62.01
CA GLU G 20 -7.56 -23.37 62.88
C GLU G 20 -9.00 -23.29 63.36
N ASP G 21 -9.18 -23.18 64.67
CA ASP G 21 -10.51 -23.09 65.25
C ASP G 21 -11.10 -21.71 64.94
N ARG G 22 -12.32 -21.46 65.40
CA ARG G 22 -12.95 -20.16 65.16
C ARG G 22 -12.21 -19.06 65.93
N ASN G 23 -11.98 -19.28 67.23
CA ASN G 23 -11.25 -18.32 68.06
C ASN G 23 -9.80 -18.79 68.19
N ALA G 24 -9.03 -18.54 67.14
CA ALA G 24 -7.62 -18.92 67.08
C ALA G 24 -6.79 -17.66 66.91
N ARG G 25 -6.17 -17.19 68.00
CA ARG G 25 -5.22 -16.11 67.89
C ARG G 25 -4.03 -16.56 67.04
N LEU G 26 -3.35 -15.58 66.44
CA LEU G 26 -2.31 -15.87 65.46
C LEU G 26 -1.45 -17.04 65.89
N GLY G 27 -1.20 -17.96 64.95
CA GLY G 27 -0.33 -19.08 65.19
C GLY G 27 -0.77 -20.04 66.27
N GLU G 28 -2.04 -20.42 66.27
CA GLU G 28 -2.57 -21.39 67.23
C GLU G 28 -3.26 -22.54 66.51
N SER G 29 -2.70 -22.96 65.38
CA SER G 29 -3.28 -24.06 64.62
C SER G 29 -3.08 -25.39 65.35
N VAL G 30 -3.92 -26.36 65.02
CA VAL G 30 -3.90 -27.68 65.64
C VAL G 30 -3.86 -28.73 64.55
N SER G 31 -3.03 -29.75 64.74
CA SER G 31 -2.86 -30.78 63.73
C SER G 31 -4.14 -31.59 63.55
N LEU G 32 -4.47 -31.89 62.30
CA LEU G 32 -5.67 -32.68 62.01
C LEU G 32 -5.56 -34.07 62.60
N ASN G 33 -4.42 -34.73 62.41
CA ASN G 33 -4.25 -36.08 62.95
C ASN G 33 -4.43 -36.11 64.46
N LYS G 34 -4.23 -34.98 65.14
CA LYS G 34 -4.50 -34.92 66.57
C LYS G 34 -5.98 -34.65 66.82
N ARG G 35 -6.50 -33.54 66.33
CA ARG G 35 -7.89 -33.17 66.56
C ARG G 35 -8.76 -33.50 65.36
N TYR G 36 -8.81 -34.79 65.02
CA TYR G 36 -9.77 -35.31 64.04
C TYR G 36 -10.23 -36.68 64.50
N THR G 37 -11.50 -36.77 64.89
CA THR G 37 -12.12 -38.05 65.20
C THR G 37 -12.74 -38.62 63.92
N ARG G 38 -13.53 -39.69 64.05
CA ARG G 38 -14.18 -40.32 62.92
C ARG G 38 -15.69 -40.20 63.10
N LEU G 39 -16.37 -39.66 62.10
CA LEU G 39 -17.80 -39.43 62.17
C LEU G 39 -18.55 -40.72 61.80
N ARG G 40 -19.86 -40.60 61.63
CA ARG G 40 -20.71 -41.70 61.19
C ARG G 40 -21.27 -41.38 59.81
N LEU G 41 -21.02 -42.26 58.85
CA LEU G 41 -21.56 -42.11 57.51
C LEU G 41 -22.53 -43.25 57.23
N ILE G 42 -23.65 -42.93 56.60
CA ILE G 42 -24.67 -43.92 56.30
C ILE G 42 -25.26 -43.65 54.92
N LYS G 43 -25.54 -44.71 54.18
CA LYS G 43 -26.27 -44.57 52.92
C LYS G 43 -27.74 -44.30 53.24
N GLU G 44 -28.18 -43.07 53.00
CA GLU G 44 -29.43 -42.60 53.59
C GLU G 44 -30.61 -43.49 53.22
N HIS G 45 -31.35 -43.91 54.24
CA HIS G 45 -32.61 -44.63 54.09
C HIS G 45 -33.63 -44.11 55.09
N ARG G 46 -33.61 -42.80 55.32
CA ARG G 46 -34.33 -42.19 56.44
C ARG G 46 -35.76 -41.88 56.02
N SER G 47 -36.71 -42.62 56.57
CA SER G 47 -38.13 -42.39 56.31
C SER G 47 -38.63 -41.21 57.13
N GLN G 48 -39.90 -40.85 56.93
CA GLN G 48 -40.48 -39.70 57.61
C GLN G 48 -40.69 -39.98 59.09
N GLN G 49 -41.35 -41.10 59.41
CA GLN G 49 -41.51 -41.48 60.81
C GLN G 49 -40.15 -41.70 61.46
N GLU G 50 -39.22 -42.29 60.71
CA GLU G 50 -37.87 -42.51 61.24
C GLU G 50 -37.22 -41.18 61.61
N ARG G 51 -37.35 -40.18 60.74
CA ARG G 51 -36.76 -38.88 61.01
C ARG G 51 -37.39 -38.23 62.23
N GLU G 52 -38.72 -38.28 62.34
CA GLU G 52 -39.38 -37.66 63.48
C GLU G 52 -38.98 -38.35 64.78
N GLN G 53 -38.96 -39.68 64.79
CA GLN G 53 -38.56 -40.40 65.98
C GLN G 53 -37.11 -40.13 66.33
N GLU G 54 -36.24 -40.02 65.33
CA GLU G 54 -34.86 -39.66 65.60
C GLU G 54 -34.79 -38.31 66.30
N LEU G 55 -35.44 -37.30 65.72
CA LEU G 55 -35.49 -35.99 66.37
C LEU G 55 -35.85 -36.14 67.85
N LEU G 56 -37.03 -36.68 68.13
CA LEU G 56 -37.55 -36.67 69.49
C LEU G 56 -36.68 -37.51 70.43
N ALA G 57 -36.33 -38.73 70.03
CA ALA G 57 -35.55 -39.60 70.91
C ALA G 57 -34.17 -39.02 71.17
N ILE G 58 -33.43 -38.69 70.11
CA ILE G 58 -32.11 -38.09 70.27
C ILE G 58 -32.21 -36.87 71.17
N GLY G 59 -33.33 -36.14 71.09
CA GLY G 59 -33.55 -35.08 72.06
C GLY G 59 -33.62 -35.61 73.48
N LYS G 60 -34.38 -36.69 73.68
CA LYS G 60 -34.51 -37.21 75.02
C LYS G 60 -33.17 -37.69 75.56
N THR G 61 -32.66 -38.82 75.06
CA THR G 61 -31.27 -39.16 75.30
C THR G 61 -30.62 -39.86 74.11
N LYS G 62 -31.43 -40.58 73.33
CA LYS G 62 -30.95 -41.52 72.34
C LYS G 62 -29.70 -42.25 72.85
N THR G 63 -29.75 -42.77 74.07
CA THR G 63 -28.63 -43.46 74.67
C THR G 63 -28.75 -44.97 74.60
N CYS G 64 -29.83 -45.49 74.01
CA CYS G 64 -30.01 -46.93 73.90
C CYS G 64 -29.01 -47.54 72.93
N GLU G 65 -28.69 -48.81 73.15
CA GLU G 65 -27.76 -49.53 72.29
C GLU G 65 -28.38 -49.74 70.92
N SER G 66 -27.91 -48.98 69.94
CA SER G 66 -28.41 -49.06 68.56
C SER G 66 -27.24 -49.13 67.60
N PRO G 67 -26.48 -50.22 67.62
CA PRO G 67 -25.36 -50.36 66.69
C PRO G 67 -25.84 -50.50 65.25
N VAL G 68 -24.99 -50.09 64.32
CA VAL G 68 -25.29 -50.12 62.89
C VAL G 68 -24.06 -50.62 62.14
N SER G 69 -24.26 -50.90 60.85
CA SER G 69 -23.17 -51.32 59.98
C SER G 69 -22.53 -50.10 59.36
N PRO G 70 -21.24 -49.87 59.57
CA PRO G 70 -20.60 -48.63 59.08
C PRO G 70 -20.08 -48.76 57.66
N ILE G 71 -19.99 -47.61 57.01
CA ILE G 71 -19.38 -47.49 55.68
C ILE G 71 -17.93 -47.07 55.85
N LYS G 72 -17.06 -47.61 55.00
CA LYS G 72 -15.66 -47.25 55.01
C LYS G 72 -15.43 -46.07 54.07
N MET G 73 -14.17 -45.65 53.95
CA MET G 73 -13.83 -44.48 53.15
C MET G 73 -12.98 -44.77 51.94
N GLU G 74 -12.13 -45.79 51.97
CA GLU G 74 -11.28 -46.08 50.81
C GLU G 74 -12.09 -46.62 49.64
N LEU G 75 -13.13 -47.40 49.91
CA LEU G 75 -13.96 -47.99 48.86
C LEU G 75 -15.27 -47.24 48.70
N LEU G 76 -15.26 -45.92 48.88
CA LEU G 76 -16.45 -45.12 48.67
C LEU G 76 -16.82 -45.01 47.20
N PHE G 77 -15.85 -45.19 46.30
CA PHE G 77 -16.10 -45.08 44.87
C PHE G 77 -16.22 -46.44 44.18
N ASP G 78 -16.07 -47.53 44.91
CA ASP G 78 -16.12 -48.85 44.30
C ASP G 78 -17.55 -49.20 43.89
N PRO G 79 -17.71 -50.01 42.85
CA PRO G 79 -19.06 -50.36 42.40
C PRO G 79 -19.81 -51.17 43.45
N ASP G 80 -21.13 -50.97 43.45
CA ASP G 80 -22.01 -51.63 44.41
C ASP G 80 -21.78 -53.13 44.49
N ASP G 81 -21.77 -53.79 43.33
CA ASP G 81 -21.56 -55.23 43.29
C ASP G 81 -20.09 -55.59 43.31
N GLU G 82 -19.64 -56.30 42.28
CA GLU G 82 -18.25 -56.70 42.18
C GLU G 82 -17.81 -56.80 40.73
N HIS G 83 -18.76 -56.64 39.82
CA HIS G 83 -18.47 -56.72 38.40
C HIS G 83 -19.26 -55.68 37.62
N SER G 84 -19.72 -54.65 38.32
CA SER G 84 -20.46 -53.57 37.69
C SER G 84 -19.51 -52.44 37.34
N GLU G 85 -20.03 -51.21 37.32
CA GLU G 85 -19.18 -50.09 37.01
C GLU G 85 -18.98 -49.21 38.24
N PRO G 86 -17.75 -48.70 38.42
CA PRO G 86 -17.49 -47.85 39.58
C PRO G 86 -18.27 -46.55 39.49
N VAL G 87 -18.69 -46.04 40.63
CA VAL G 87 -19.44 -44.79 40.70
C VAL G 87 -18.54 -43.63 40.31
N HIS G 88 -19.13 -42.60 39.72
CA HIS G 88 -18.39 -41.40 39.34
C HIS G 88 -18.99 -40.15 39.96
N THR G 89 -19.64 -40.29 41.11
CA THR G 89 -20.03 -39.12 41.88
C THR G 89 -20.52 -39.56 43.25
N VAL G 90 -20.08 -38.85 44.28
CA VAL G 90 -20.54 -39.05 45.64
C VAL G 90 -20.99 -37.71 46.18
N VAL G 91 -21.97 -37.73 47.06
CA VAL G 91 -22.57 -36.51 47.61
C VAL G 91 -22.65 -36.69 49.12
N PHE G 92 -21.73 -36.07 49.83
CA PHE G 92 -21.81 -36.01 51.29
C PHE G 92 -22.82 -34.95 51.69
N GLN G 93 -23.74 -35.31 52.57
CA GLN G 93 -24.74 -34.36 53.04
C GLN G 93 -24.90 -34.51 54.54
N GLY G 94 -24.95 -33.37 55.24
CA GLY G 94 -25.13 -33.38 56.68
C GLY G 94 -25.59 -32.01 57.14
N ALA G 95 -25.87 -31.92 58.43
CA ALA G 95 -26.36 -30.67 59.00
C ALA G 95 -25.28 -29.60 58.89
N ALA G 96 -25.62 -28.37 59.29
CA ALA G 96 -24.66 -27.28 59.22
C ALA G 96 -23.58 -27.46 60.27
N GLY G 97 -22.32 -27.36 59.85
CA GLY G 97 -21.21 -27.58 60.75
C GLY G 97 -21.27 -28.93 61.44
N ILE G 98 -21.13 -30.01 60.66
CA ILE G 98 -21.19 -31.36 61.20
C ILE G 98 -19.95 -32.13 60.79
N GLY G 99 -19.16 -31.57 59.88
CA GLY G 99 -17.89 -32.18 59.54
C GLY G 99 -17.59 -32.35 58.07
N LYS G 100 -18.36 -31.71 57.19
CA LYS G 100 -18.12 -31.89 55.75
C LYS G 100 -16.73 -31.42 55.37
N THR G 101 -16.38 -30.18 55.72
CA THR G 101 -15.11 -29.62 55.29
C THR G 101 -13.94 -30.31 55.97
N ILE G 102 -14.08 -30.64 57.25
CA ILE G 102 -13.01 -31.33 57.95
C ILE G 102 -12.81 -32.72 57.36
N LEU G 103 -13.89 -33.38 56.95
CA LEU G 103 -13.75 -34.68 56.30
C LEU G 103 -13.08 -34.56 54.94
N ALA G 104 -13.41 -33.52 54.18
CA ALA G 104 -12.72 -33.30 52.91
C ALA G 104 -11.23 -33.07 53.13
N ARG G 105 -10.89 -32.24 54.13
CA ARG G 105 -9.47 -32.01 54.44
C ARG G 105 -8.79 -33.30 54.87
N LYS G 106 -9.48 -34.11 55.67
CA LYS G 106 -8.91 -35.38 56.10
C LYS G 106 -8.62 -36.28 54.92
N MET G 107 -9.57 -36.37 53.98
CA MET G 107 -9.34 -37.18 52.79
C MET G 107 -8.15 -36.65 52.00
N MET G 108 -8.08 -35.33 51.83
CA MET G 108 -6.96 -34.75 51.08
C MET G 108 -5.63 -35.07 51.73
N LEU G 109 -5.53 -34.83 53.04
CA LEU G 109 -4.26 -35.06 53.74
C LEU G 109 -3.90 -36.53 53.75
N ASP G 110 -4.88 -37.41 53.96
CA ASP G 110 -4.60 -38.85 53.94
C ASP G 110 -4.12 -39.29 52.57
N TRP G 111 -4.75 -38.82 51.51
CA TRP G 111 -4.27 -39.15 50.17
C TRP G 111 -2.84 -38.64 49.98
N ALA G 112 -2.58 -37.41 50.37
CA ALA G 112 -1.24 -36.85 50.20
C ALA G 112 -0.20 -37.69 50.93
N SER G 113 -0.49 -38.07 52.17
CA SER G 113 0.40 -38.95 52.91
C SER G 113 0.44 -40.36 52.33
N GLY G 114 -0.53 -40.74 51.50
CA GLY G 114 -0.57 -42.07 50.94
C GLY G 114 -1.21 -43.08 51.86
N THR G 115 -2.40 -42.75 52.38
CA THR G 115 -3.13 -43.65 53.26
C THR G 115 -4.45 -44.12 52.69
N LEU G 116 -4.87 -43.59 51.54
CA LEU G 116 -6.08 -44.05 50.88
C LEU G 116 -6.06 -43.53 49.45
N TYR G 117 -6.71 -44.28 48.56
CA TYR G 117 -6.72 -43.95 47.13
C TYR G 117 -5.31 -43.85 46.58
N GLN G 118 -4.42 -44.76 47.03
CA GLN G 118 -3.09 -44.82 46.45
C GLN G 118 -3.17 -45.00 44.94
N ASP G 119 -4.01 -45.94 44.49
CA ASP G 119 -4.34 -46.11 43.09
C ASP G 119 -5.59 -45.28 42.80
N ARG G 120 -6.24 -45.52 41.67
CA ARG G 120 -7.50 -44.86 41.34
C ARG G 120 -7.27 -43.46 40.79
N PHE G 121 -6.85 -42.53 41.65
CA PHE G 121 -6.59 -41.17 41.20
C PHE G 121 -5.49 -40.57 42.07
N ASP G 122 -4.84 -39.54 41.53
CA ASP G 122 -3.71 -38.91 42.19
C ASP G 122 -3.73 -37.39 42.07
N TYR G 123 -4.88 -36.79 41.79
CA TYR G 123 -4.97 -35.35 41.62
C TYR G 123 -6.22 -34.78 42.30
N LEU G 124 -6.39 -35.09 43.58
CA LEU G 124 -7.57 -34.62 44.28
C LEU G 124 -7.53 -33.11 44.42
N PHE G 125 -8.21 -32.42 43.50
CA PHE G 125 -8.20 -30.95 43.44
C PHE G 125 -9.29 -30.41 44.34
N TYR G 126 -8.94 -30.05 45.58
CA TYR G 126 -9.91 -29.41 46.44
C TYR G 126 -10.40 -28.11 45.80
N ILE G 127 -11.72 -27.94 45.80
CA ILE G 127 -12.31 -26.73 45.24
C ILE G 127 -13.41 -26.23 46.15
N HIS G 128 -13.10 -25.23 46.98
CA HIS G 128 -14.12 -24.64 47.83
C HIS G 128 -15.11 -23.84 46.99
N CYS G 129 -16.39 -23.91 47.37
CA CYS G 129 -17.42 -23.24 46.58
C CYS G 129 -17.52 -21.76 46.93
N ARG G 130 -17.46 -21.43 48.22
CA ARG G 130 -17.58 -20.04 48.63
C ARG G 130 -16.52 -19.17 47.97
N GLU G 131 -15.26 -19.63 48.00
CA GLU G 131 -14.17 -18.84 47.45
C GLU G 131 -14.35 -18.62 45.95
N VAL G 132 -14.83 -19.64 45.23
CA VAL G 132 -14.94 -19.55 43.77
C VAL G 132 -16.16 -18.71 43.46
N SER G 133 -15.95 -17.41 43.21
CA SER G 133 -17.00 -16.56 42.71
C SER G 133 -17.26 -16.87 41.24
N LEU G 134 -18.52 -16.81 40.84
CA LEU G 134 -18.92 -17.18 39.49
C LEU G 134 -19.48 -15.98 38.74
N VAL G 135 -18.60 -15.12 38.26
CA VAL G 135 -19.00 -14.16 37.23
C VAL G 135 -17.95 -14.03 36.13
N THR G 136 -16.68 -14.22 36.47
CA THR G 136 -15.67 -13.56 35.63
C THR G 136 -15.22 -14.35 34.42
N GLN G 137 -14.33 -15.35 34.61
CA GLN G 137 -13.87 -16.12 33.47
C GLN G 137 -13.42 -17.55 33.82
N ARG G 138 -13.77 -18.06 35.00
CA ARG G 138 -13.12 -19.27 35.52
C ARG G 138 -12.97 -20.35 34.46
N SER G 139 -11.74 -20.71 34.15
CA SER G 139 -11.41 -21.76 33.20
C SER G 139 -10.77 -22.93 33.95
N LEU G 140 -11.06 -24.15 33.51
CA LEU G 140 -10.54 -25.31 34.23
C LEU G 140 -9.03 -25.24 34.36
N GLY G 141 -8.34 -24.63 33.41
CA GLY G 141 -6.91 -24.43 33.56
C GLY G 141 -6.57 -23.63 34.80
N ASP G 142 -7.27 -22.51 35.01
CA ASP G 142 -7.03 -21.70 36.20
C ASP G 142 -7.50 -22.41 37.46
N LEU G 143 -8.61 -23.15 37.37
CA LEU G 143 -9.12 -23.86 38.54
C LEU G 143 -8.20 -25.01 38.95
N ILE G 144 -7.39 -25.52 38.02
CA ILE G 144 -6.38 -26.51 38.38
C ILE G 144 -5.08 -25.85 38.82
N MET G 145 -4.75 -24.68 38.24
CA MET G 145 -3.56 -23.95 38.68
C MET G 145 -3.70 -23.50 40.12
N SER G 146 -4.86 -22.95 40.48
CA SER G 146 -5.05 -22.37 41.81
C SER G 146 -4.67 -23.37 42.89
N CYS G 147 -5.17 -24.59 42.79
CA CYS G 147 -4.75 -25.66 43.70
C CYS G 147 -3.60 -26.46 43.12
N CYS G 148 -2.54 -25.79 42.69
CA CYS G 148 -1.36 -26.44 42.13
C CYS G 148 -0.21 -25.45 42.09
N PRO G 149 0.61 -25.37 43.13
CA PRO G 149 1.63 -24.31 43.19
C PRO G 149 2.72 -24.46 42.16
N ASP G 150 2.71 -23.59 41.16
CA ASP G 150 3.72 -23.57 40.12
C ASP G 150 3.46 -22.39 39.19
N PRO G 151 4.48 -21.86 38.53
CA PRO G 151 4.21 -20.88 37.46
C PRO G 151 3.29 -21.47 36.41
N ASN G 152 3.44 -22.76 36.13
CA ASN G 152 2.57 -23.50 35.22
C ASN G 152 2.57 -24.98 35.61
N PRO G 153 1.43 -25.52 36.01
CA PRO G 153 1.35 -26.96 36.26
C PRO G 153 1.01 -27.69 34.98
N PRO G 154 1.56 -28.89 34.76
CA PRO G 154 1.34 -29.56 33.47
C PRO G 154 -0.10 -30.02 33.36
N ILE G 155 -0.91 -29.26 32.60
CA ILE G 155 -2.33 -29.56 32.46
C ILE G 155 -2.58 -30.47 31.27
N HIS G 156 -1.94 -30.21 30.14
CA HIS G 156 -2.08 -31.08 28.98
C HIS G 156 -1.56 -32.47 29.29
N LYS G 157 -1.02 -32.66 30.49
CA LYS G 157 -0.61 -33.95 31.00
C LYS G 157 -1.43 -34.42 32.20
N ILE G 158 -1.83 -33.51 33.09
CA ILE G 158 -2.66 -33.89 34.23
C ILE G 158 -4.05 -34.29 33.76
N VAL G 159 -4.64 -33.50 32.86
CA VAL G 159 -6.02 -33.67 32.43
C VAL G 159 -6.08 -34.61 31.24
N ARG G 160 -4.97 -35.26 30.92
CA ARG G 160 -4.92 -36.22 29.84
C ARG G 160 -5.32 -37.61 30.28
N LYS G 161 -5.68 -37.79 31.54
CA LYS G 161 -6.12 -39.07 32.07
C LYS G 161 -7.23 -38.84 33.09
N PRO G 162 -8.35 -38.22 32.69
CA PRO G 162 -9.41 -37.90 33.66
C PRO G 162 -9.93 -39.12 34.40
N SER G 163 -9.56 -40.31 33.95
CA SER G 163 -9.92 -41.51 34.69
C SER G 163 -9.29 -41.52 36.07
N ARG G 164 -8.19 -40.81 36.25
CA ARG G 164 -7.48 -40.73 37.53
C ARG G 164 -7.55 -39.28 38.00
N ILE G 165 -8.64 -38.91 38.67
CA ILE G 165 -8.78 -37.59 39.24
C ILE G 165 -9.88 -37.61 40.30
N LEU G 166 -9.81 -36.68 41.25
CA LEU G 166 -10.92 -36.41 42.14
C LEU G 166 -11.10 -34.90 42.21
N PHE G 167 -12.36 -34.48 42.33
CA PHE G 167 -12.70 -33.07 42.32
C PHE G 167 -13.45 -32.69 43.58
N LEU G 168 -12.89 -33.06 44.73
CA LEU G 168 -13.46 -32.71 46.02
C LEU G 168 -13.99 -31.28 46.01
N MET G 169 -15.24 -31.09 46.40
CA MET G 169 -15.84 -29.77 46.48
C MET G 169 -16.32 -29.54 47.91
N ASP G 170 -16.96 -28.41 48.15
CA ASP G 170 -17.48 -28.09 49.48
C ASP G 170 -18.54 -27.02 49.42
N GLY G 171 -19.41 -27.01 50.42
CA GLY G 171 -20.45 -26.01 50.56
C GLY G 171 -21.23 -25.72 49.29
N PHE G 172 -21.77 -26.76 48.65
CA PHE G 172 -22.59 -26.50 47.47
C PHE G 172 -23.86 -25.73 47.83
N ASP G 173 -24.22 -25.66 49.10
CA ASP G 173 -25.28 -24.76 49.54
C ASP G 173 -24.90 -23.30 49.35
N GLU G 174 -23.62 -23.00 49.16
CA GLU G 174 -23.19 -21.64 48.88
C GLU G 174 -23.71 -21.13 47.55
N LEU G 175 -24.16 -22.03 46.69
CA LEU G 175 -24.60 -21.67 45.36
C LEU G 175 -26.01 -22.09 44.92
N GLN G 176 -26.86 -22.45 45.88
CA GLN G 176 -28.23 -22.88 45.61
C GLN G 176 -28.92 -21.86 44.73
N GLY G 177 -28.89 -20.63 45.20
CA GLY G 177 -29.44 -19.51 44.48
C GLY G 177 -28.84 -19.45 43.09
N ALA G 178 -27.52 -19.55 42.98
CA ALA G 178 -26.88 -19.54 41.68
C ALA G 178 -27.42 -20.50 40.64
N PHE G 179 -27.91 -21.70 40.99
CA PHE G 179 -28.48 -22.49 39.83
C PHE G 179 -29.99 -22.36 39.55
N ASP G 180 -30.45 -21.54 38.58
CA ASP G 180 -31.89 -21.35 38.46
C ASP G 180 -32.36 -21.57 37.03
N GLU G 181 -31.62 -21.01 36.06
CA GLU G 181 -31.91 -21.17 34.64
C GLU G 181 -30.84 -22.08 34.05
N HIS G 182 -31.28 -23.10 33.31
CA HIS G 182 -30.34 -24.05 32.74
C HIS G 182 -29.45 -23.34 31.73
N ILE G 183 -28.20 -23.07 32.11
CA ILE G 183 -27.29 -22.35 31.24
C ILE G 183 -27.07 -23.17 29.98
N GLY G 184 -27.50 -22.63 28.84
CA GLY G 184 -27.42 -23.33 27.58
C GLY G 184 -26.00 -23.71 27.20
N PRO G 185 -25.06 -22.78 27.31
CA PRO G 185 -23.65 -23.09 27.01
C PRO G 185 -23.07 -23.97 28.11
N LEU G 186 -22.69 -25.18 27.74
CA LEU G 186 -22.03 -26.13 28.66
C LEU G 186 -20.70 -26.51 28.02
N CYS G 187 -19.66 -25.77 28.34
CA CYS G 187 -18.33 -26.01 27.77
C CYS G 187 -17.89 -27.44 28.01
N THR G 188 -16.98 -27.93 27.17
CA THR G 188 -16.43 -29.27 27.31
C THR G 188 -14.91 -29.27 27.14
N ASP G 189 -14.29 -28.13 27.37
CA ASP G 189 -12.84 -27.98 27.23
C ASP G 189 -12.29 -27.26 28.46
N TRP G 190 -11.03 -27.57 28.78
CA TRP G 190 -10.34 -26.96 29.91
C TRP G 190 -9.40 -25.84 29.50
N GLN G 191 -9.37 -25.48 28.22
CA GLN G 191 -8.51 -24.41 27.74
C GLN G 191 -9.32 -23.23 27.20
N LYS G 192 -10.44 -22.93 27.84
CA LYS G 192 -11.35 -21.88 27.37
C LYS G 192 -11.80 -21.02 28.54
N ALA G 193 -12.21 -19.81 28.21
CA ALA G 193 -12.83 -18.91 29.19
C ALA G 193 -14.23 -19.43 29.47
N GLU G 194 -14.37 -20.23 30.52
CA GLU G 194 -15.58 -21.03 30.75
C GLU G 194 -16.67 -20.27 31.49
N ARG G 195 -16.46 -19.00 31.81
CA ARG G 195 -17.48 -18.09 32.33
C ARG G 195 -17.75 -18.28 33.82
N GLY G 196 -17.14 -19.27 34.47
CA GLY G 196 -17.31 -19.41 35.91
C GLY G 196 -18.44 -20.33 36.33
N ASP G 197 -19.62 -19.77 36.59
CA ASP G 197 -20.75 -20.59 37.00
C ASP G 197 -21.10 -21.62 35.93
N ILE G 198 -20.99 -21.25 34.66
CA ILE G 198 -21.22 -22.20 33.58
C ILE G 198 -20.21 -23.34 33.65
N LEU G 199 -18.95 -23.01 33.89
CA LEU G 199 -17.94 -24.05 34.06
C LEU G 199 -18.27 -24.96 35.24
N LEU G 200 -18.75 -24.39 36.34
CA LEU G 200 -19.10 -25.18 37.50
C LEU G 200 -20.25 -26.14 37.16
N SER G 201 -21.27 -25.64 36.47
CA SER G 201 -22.38 -26.51 36.08
C SER G 201 -21.93 -27.61 35.15
N SER G 202 -21.05 -27.28 34.20
CA SER G 202 -20.53 -28.30 33.30
C SER G 202 -19.74 -29.36 34.06
N LEU G 203 -18.91 -28.94 35.01
CA LEU G 203 -18.18 -29.90 35.83
C LEU G 203 -19.13 -30.80 36.60
N ILE G 204 -20.18 -30.22 37.18
CA ILE G 204 -21.14 -31.02 37.93
C ILE G 204 -21.82 -32.03 37.01
N ARG G 205 -22.21 -31.60 35.81
CA ARG G 205 -22.87 -32.49 34.86
C ARG G 205 -21.91 -33.44 34.17
N LYS G 206 -20.60 -33.29 34.39
CA LYS G 206 -19.59 -34.21 33.85
C LYS G 206 -19.40 -34.01 32.35
N LYS G 207 -19.49 -32.76 31.89
CA LYS G 207 -19.07 -32.44 30.53
C LYS G 207 -17.56 -32.30 30.45
N LEU G 208 -16.97 -31.51 31.34
CA LEU G 208 -15.52 -31.41 31.43
C LEU G 208 -14.97 -32.64 32.11
N LEU G 209 -14.06 -33.35 31.44
CA LEU G 209 -13.53 -34.61 31.94
C LEU G 209 -14.68 -35.54 32.35
N PRO G 210 -15.56 -35.89 31.42
CA PRO G 210 -16.75 -36.68 31.79
C PRO G 210 -16.42 -37.94 32.57
N GLU G 211 -15.23 -38.51 32.39
CA GLU G 211 -14.81 -39.69 33.13
C GLU G 211 -13.91 -39.35 34.30
N ALA G 212 -13.95 -38.11 34.78
CA ALA G 212 -13.19 -37.68 35.95
C ALA G 212 -14.10 -37.76 37.17
N SER G 213 -13.67 -38.53 38.17
CA SER G 213 -14.52 -38.76 39.33
C SER G 213 -14.82 -37.44 40.04
N LEU G 214 -15.78 -37.46 40.96
CA LEU G 214 -16.21 -36.24 41.62
C LEU G 214 -16.53 -36.55 43.08
N LEU G 215 -16.75 -35.49 43.85
CA LEU G 215 -17.25 -35.61 45.21
C LEU G 215 -17.73 -34.23 45.67
N ILE G 216 -18.98 -34.16 46.11
CA ILE G 216 -19.61 -32.88 46.45
C ILE G 216 -20.12 -32.99 47.88
N THR G 217 -19.68 -32.06 48.72
CA THR G 217 -20.28 -31.93 50.05
C THR G 217 -21.29 -30.79 50.03
N THR G 218 -22.37 -30.96 50.78
CA THR G 218 -23.40 -29.93 50.73
C THR G 218 -24.35 -30.08 51.90
N ARG G 219 -24.82 -28.95 52.40
CA ARG G 219 -25.89 -28.95 53.37
C ARG G 219 -27.18 -29.42 52.71
N PRO G 220 -28.08 -30.04 53.46
CA PRO G 220 -29.36 -30.49 52.88
C PRO G 220 -30.31 -29.33 52.66
N VAL G 221 -30.01 -28.53 51.62
CA VAL G 221 -30.79 -27.31 51.38
C VAL G 221 -31.23 -27.25 49.92
N ALA G 222 -30.64 -28.08 49.07
CA ALA G 222 -30.99 -28.10 47.65
C ALA G 222 -31.64 -29.42 47.23
N LEU G 223 -30.93 -30.54 47.43
CA LEU G 223 -31.46 -31.86 47.10
C LEU G 223 -32.21 -31.91 45.78
N GLU G 224 -33.40 -31.33 45.74
CA GLU G 224 -34.23 -31.39 44.54
C GLU G 224 -33.54 -30.77 43.34
N LYS G 225 -33.25 -29.47 43.40
CA LYS G 225 -32.61 -28.81 42.27
C LYS G 225 -31.28 -29.47 41.91
N LEU G 226 -30.60 -30.05 42.90
CA LEU G 226 -29.33 -30.72 42.62
C LEU G 226 -29.56 -32.02 41.87
N GLN G 227 -30.67 -32.71 42.13
CA GLN G 227 -30.91 -34.00 41.51
C GLN G 227 -31.07 -33.94 40.00
N HIS G 228 -31.27 -32.76 39.44
CA HIS G 228 -31.34 -32.59 37.99
C HIS G 228 -29.98 -32.39 37.35
N LEU G 229 -28.90 -32.48 38.14
CA LEU G 229 -27.56 -32.30 37.63
C LEU G 229 -26.62 -33.46 37.92
N LEU G 230 -26.99 -34.36 38.82
CA LEU G 230 -26.09 -35.44 39.25
C LEU G 230 -26.26 -36.66 38.35
N ASP G 231 -25.16 -37.35 38.12
CA ASP G 231 -25.15 -38.56 37.29
C ASP G 231 -25.29 -39.79 38.20
N HIS G 232 -26.50 -39.97 38.71
CA HIS G 232 -26.82 -41.08 39.60
C HIS G 232 -25.76 -41.24 40.69
N PRO G 233 -25.56 -40.23 41.52
CA PRO G 233 -24.46 -40.26 42.48
C PRO G 233 -24.81 -41.03 43.73
N ARG G 234 -23.82 -41.74 44.24
CA ARG G 234 -23.97 -42.48 45.50
C ARG G 234 -23.70 -41.50 46.64
N HIS G 235 -24.73 -41.13 47.37
CA HIS G 235 -24.55 -40.12 48.40
C HIS G 235 -24.45 -40.76 49.78
N VAL G 236 -23.79 -40.06 50.68
CA VAL G 236 -23.58 -40.51 52.05
C VAL G 236 -24.02 -39.40 53.00
N GLU G 237 -24.86 -39.74 53.96
CA GLU G 237 -25.28 -38.80 54.98
C GLU G 237 -24.36 -38.92 56.19
N ILE G 238 -23.96 -37.76 56.72
CA ILE G 238 -23.06 -37.68 57.85
C ILE G 238 -23.88 -37.42 59.10
N LEU G 239 -23.42 -37.94 60.24
CA LEU G 239 -24.16 -37.81 61.48
C LEU G 239 -23.39 -37.08 62.56
N GLY G 240 -22.14 -37.45 62.81
CA GLY G 240 -21.33 -36.83 63.82
C GLY G 240 -20.64 -37.90 64.65
N PHE G 241 -20.30 -37.54 65.88
CA PHE G 241 -19.74 -38.50 66.83
C PHE G 241 -20.88 -39.25 67.50
N SER G 242 -20.77 -40.57 67.59
CA SER G 242 -21.97 -41.34 67.90
C SER G 242 -22.28 -41.38 69.39
N GLU G 243 -21.53 -42.15 70.17
CA GLU G 243 -21.68 -42.08 71.62
C GLU G 243 -20.34 -42.12 72.34
N ALA G 244 -19.42 -42.95 71.83
CA ALA G 244 -18.08 -43.03 72.40
C ALA G 244 -17.09 -42.15 71.68
N LYS G 245 -17.40 -41.79 70.43
CA LYS G 245 -16.53 -40.88 69.71
C LYS G 245 -16.44 -39.53 70.42
N ARG G 246 -17.48 -39.15 71.16
CA ARG G 246 -17.43 -37.91 71.93
C ARG G 246 -16.44 -38.00 73.09
N LYS G 247 -16.54 -39.09 73.87
CA LYS G 247 -15.70 -39.26 75.04
C LYS G 247 -14.28 -39.61 74.60
N GLU G 248 -14.10 -39.86 73.32
CA GLU G 248 -12.77 -39.94 72.73
C GLU G 248 -12.30 -38.61 72.16
N TYR G 249 -13.22 -37.77 71.70
CA TYR G 249 -12.87 -36.42 71.25
C TYR G 249 -12.38 -35.57 72.39
N PHE G 250 -13.00 -35.71 73.57
CA PHE G 250 -12.52 -34.95 74.72
C PHE G 250 -11.08 -35.31 75.04
N PHE G 251 -10.71 -36.57 74.90
CA PHE G 251 -9.34 -37.00 75.17
C PHE G 251 -8.36 -36.53 74.11
N LYS G 252 -8.85 -36.03 72.97
CA LYS G 252 -7.97 -35.40 71.99
C LYS G 252 -7.93 -33.89 72.11
N TYR G 253 -9.00 -33.27 72.62
CA TYR G 253 -9.00 -31.83 72.80
C TYR G 253 -8.24 -31.43 74.06
N PHE G 254 -8.47 -32.14 75.16
CA PHE G 254 -7.80 -31.79 76.40
C PHE G 254 -6.48 -32.53 76.55
N SER G 255 -5.60 -31.95 77.37
CA SER G 255 -4.23 -32.43 77.51
C SER G 255 -4.13 -33.85 78.04
N ASP G 256 -4.58 -34.06 79.28
CA ASP G 256 -4.32 -35.31 79.99
C ASP G 256 -5.62 -35.88 80.54
N GLU G 257 -5.49 -37.04 81.20
CA GLU G 257 -6.65 -37.67 81.83
C GLU G 257 -7.21 -36.79 82.94
N ALA G 258 -6.35 -36.16 83.73
CA ALA G 258 -6.83 -35.32 84.83
C ALA G 258 -7.84 -34.29 84.32
N GLN G 259 -7.52 -33.64 83.22
CA GLN G 259 -8.48 -32.73 82.59
C GLN G 259 -9.67 -33.51 82.03
N ALA G 260 -9.38 -34.42 81.09
CA ALA G 260 -10.42 -35.03 80.26
C ALA G 260 -11.52 -35.67 81.10
N ARG G 261 -11.16 -36.39 82.16
CA ARG G 261 -12.16 -37.11 82.94
C ARG G 261 -13.21 -36.15 83.49
N ALA G 262 -12.76 -35.12 84.21
CA ALA G 262 -13.70 -34.16 84.79
C ALA G 262 -14.43 -33.39 83.70
N ALA G 263 -13.71 -32.99 82.65
CA ALA G 263 -14.34 -32.25 81.56
C ALA G 263 -15.50 -33.04 80.97
N PHE G 264 -15.27 -34.32 80.68
CA PHE G 264 -16.33 -35.14 80.12
C PHE G 264 -17.47 -35.34 81.11
N SER G 265 -17.13 -35.71 82.36
CA SER G 265 -18.17 -35.95 83.34
C SER G 265 -19.09 -34.74 83.49
N LEU G 266 -18.53 -33.53 83.46
CA LEU G 266 -19.34 -32.33 83.60
C LEU G 266 -20.44 -32.28 82.55
N ILE G 267 -20.19 -32.81 81.36
CA ILE G 267 -21.18 -32.82 80.30
C ILE G 267 -22.08 -34.05 80.38
N GLN G 268 -21.47 -35.22 80.57
CA GLN G 268 -22.24 -36.45 80.64
C GLN G 268 -23.29 -36.39 81.74
N GLU G 269 -23.05 -35.59 82.78
CA GLU G 269 -24.09 -35.37 83.77
C GLU G 269 -25.33 -34.75 83.13
N ASN G 270 -25.14 -33.75 82.28
CA ASN G 270 -26.23 -33.11 81.56
C ASN G 270 -26.55 -33.93 80.32
N GLU G 271 -27.83 -34.20 80.09
CA GLU G 271 -28.24 -35.05 78.98
C GLU G 271 -28.61 -34.25 77.73
N VAL G 272 -29.37 -33.17 77.89
CA VAL G 272 -29.77 -32.34 76.76
C VAL G 272 -28.55 -31.91 75.97
N LEU G 273 -27.38 -31.90 76.62
CA LEU G 273 -26.13 -31.60 75.94
C LEU G 273 -25.44 -32.84 75.42
N PHE G 274 -25.48 -33.95 76.17
CA PHE G 274 -24.76 -35.12 75.71
C PHE G 274 -25.31 -35.51 74.34
N THR G 275 -26.62 -35.63 74.20
CA THR G 275 -27.21 -35.87 72.88
C THR G 275 -26.85 -34.94 71.72
N MET G 276 -27.07 -33.64 71.90
CA MET G 276 -26.73 -32.67 70.86
C MET G 276 -25.23 -32.47 70.74
N CYS G 277 -24.42 -33.20 71.52
CA CYS G 277 -22.98 -33.18 71.33
C CYS G 277 -22.52 -34.00 70.13
N PHE G 278 -23.43 -34.54 69.33
CA PHE G 278 -22.99 -35.26 68.15
C PHE G 278 -22.49 -34.29 67.08
N ILE G 279 -23.11 -33.13 66.96
CA ILE G 279 -22.62 -32.09 66.06
C ILE G 279 -21.21 -31.74 66.50
N PRO G 280 -20.18 -32.05 65.70
CA PRO G 280 -18.81 -31.78 66.16
C PRO G 280 -18.57 -30.34 66.55
N LEU G 281 -19.16 -29.40 65.82
CA LEU G 281 -19.00 -27.99 66.19
C LEU G 281 -19.61 -27.72 67.55
N VAL G 282 -20.76 -28.34 67.85
CA VAL G 282 -21.41 -28.12 69.15
C VAL G 282 -20.75 -28.91 70.26
N CYS G 283 -19.86 -29.85 69.92
CA CYS G 283 -19.01 -30.47 70.93
C CYS G 283 -17.75 -29.66 71.20
N TRP G 284 -17.17 -29.09 70.15
CA TRP G 284 -16.05 -28.17 70.33
C TRP G 284 -16.47 -26.93 71.12
N ILE G 285 -17.64 -26.37 70.80
CA ILE G 285 -18.12 -25.19 71.50
C ILE G 285 -18.28 -25.45 72.99
N VAL G 286 -18.50 -26.71 73.38
CA VAL G 286 -18.65 -27.05 74.79
C VAL G 286 -17.33 -27.50 75.41
N CYS G 287 -16.37 -27.97 74.61
CA CYS G 287 -15.11 -28.38 75.18
C CYS G 287 -14.14 -27.21 75.36
N THR G 288 -14.14 -26.26 74.42
CA THR G 288 -13.37 -25.03 74.63
C THR G 288 -13.91 -24.24 75.81
N GLY G 289 -15.22 -24.24 75.99
CA GLY G 289 -15.80 -23.57 77.14
C GLY G 289 -15.27 -24.11 78.45
N LEU G 290 -15.09 -25.43 78.53
CA LEU G 290 -14.50 -26.01 79.75
C LEU G 290 -13.00 -25.80 79.81
N LYS G 291 -12.33 -25.74 78.65
CA LYS G 291 -10.89 -25.47 78.64
C LYS G 291 -10.60 -24.09 79.22
N GLN G 292 -11.44 -23.11 78.92
CA GLN G 292 -11.23 -21.77 79.47
C GLN G 292 -11.25 -21.79 81.00
N GLN G 293 -12.26 -22.42 81.59
CA GLN G 293 -12.30 -22.53 83.05
C GLN G 293 -11.13 -23.34 83.57
N MET G 294 -10.76 -24.42 82.88
CA MET G 294 -9.67 -25.25 83.37
C MET G 294 -8.36 -24.48 83.43
N GLU G 295 -8.07 -23.66 82.42
CA GLU G 295 -6.81 -22.92 82.36
C GLU G 295 -6.90 -21.51 82.92
N SER G 296 -8.07 -21.08 83.41
CA SER G 296 -8.20 -19.77 84.05
C SER G 296 -8.28 -19.89 85.57
N GLY G 297 -7.61 -20.88 86.14
CA GLY G 297 -7.60 -21.07 87.58
C GLY G 297 -8.98 -21.11 88.20
N LYS G 298 -9.75 -22.14 87.87
CA LYS G 298 -11.09 -22.31 88.41
C LYS G 298 -11.36 -23.79 88.63
N SER G 299 -12.32 -24.08 89.49
CA SER G 299 -12.68 -25.45 89.85
C SER G 299 -13.80 -25.92 88.95
N LEU G 300 -13.52 -26.90 88.09
CA LEU G 300 -14.56 -27.48 87.25
C LEU G 300 -15.57 -28.27 88.07
N ALA G 301 -15.13 -28.85 89.19
CA ALA G 301 -16.07 -29.57 90.06
C ALA G 301 -17.23 -28.68 90.46
N GLN G 302 -16.98 -27.38 90.60
CA GLN G 302 -18.04 -26.39 90.82
C GLN G 302 -18.39 -25.63 89.55
N THR G 303 -17.75 -25.95 88.42
CA THR G 303 -18.05 -25.25 87.18
C THR G 303 -19.45 -25.59 86.70
N SER G 304 -20.07 -24.65 85.99
CA SER G 304 -21.40 -24.81 85.45
C SER G 304 -21.35 -24.70 83.92
N LYS G 305 -22.16 -25.51 83.26
CA LYS G 305 -22.29 -25.50 81.80
C LYS G 305 -23.77 -25.49 81.47
N THR G 306 -24.35 -24.29 81.38
CA THR G 306 -25.77 -24.17 81.09
C THR G 306 -26.05 -24.54 79.64
N THR G 307 -27.20 -25.17 79.41
CA THR G 307 -27.54 -25.68 78.09
C THR G 307 -27.87 -24.58 77.09
N THR G 308 -28.04 -23.34 77.53
CA THR G 308 -28.39 -22.25 76.62
C THR G 308 -27.18 -21.49 76.10
N ALA G 309 -26.11 -21.41 76.88
CA ALA G 309 -24.89 -20.76 76.38
C ALA G 309 -24.35 -21.50 75.16
N VAL G 310 -24.40 -22.83 75.19
CA VAL G 310 -23.93 -23.61 74.05
C VAL G 310 -24.71 -23.24 72.80
N TYR G 311 -26.03 -23.13 72.92
CA TYR G 311 -26.84 -22.80 71.76
C TYR G 311 -26.61 -21.36 71.31
N VAL G 312 -26.39 -20.44 72.24
CA VAL G 312 -26.12 -19.07 71.85
C VAL G 312 -24.82 -19.00 71.04
N PHE G 313 -23.78 -19.67 71.52
CA PHE G 313 -22.52 -19.68 70.80
C PHE G 313 -22.64 -20.40 69.46
N PHE G 314 -23.41 -21.48 69.43
CA PHE G 314 -23.63 -22.20 68.17
C PHE G 314 -24.30 -21.30 67.15
N LEU G 315 -25.38 -20.63 67.55
CA LEU G 315 -26.07 -19.71 66.65
C LEU G 315 -25.13 -18.62 66.18
N SER G 316 -24.35 -18.03 67.09
CA SER G 316 -23.45 -16.95 66.71
C SER G 316 -22.40 -17.44 65.73
N SER G 317 -21.83 -18.62 65.97
CA SER G 317 -20.83 -19.16 65.06
C SER G 317 -21.44 -19.46 63.69
N LEU G 318 -22.69 -19.88 63.66
CA LEU G 318 -23.32 -20.22 62.39
C LEU G 318 -23.66 -18.97 61.57
N LEU G 319 -24.21 -17.94 62.21
CA LEU G 319 -24.63 -16.80 61.41
C LEU G 319 -23.46 -15.88 61.11
N GLN G 320 -22.37 -16.43 60.61
CA GLN G 320 -21.24 -15.59 60.22
C GLN G 320 -21.61 -14.76 59.00
N PRO G 321 -21.41 -13.45 59.04
CA PRO G 321 -21.69 -12.64 57.84
C PRO G 321 -20.88 -13.11 56.66
N ARG G 322 -21.55 -13.67 55.65
CA ARG G 322 -20.88 -14.15 54.45
C ARG G 322 -20.73 -13.00 53.46
N GLY G 323 -19.88 -12.05 53.83
CA GLY G 323 -19.74 -10.81 53.10
C GLY G 323 -20.73 -9.77 53.59
N GLY G 324 -20.29 -8.54 53.79
CA GLY G 324 -21.17 -7.51 54.29
C GLY G 324 -22.37 -7.32 53.39
N SER G 325 -23.54 -7.75 53.85
CA SER G 325 -24.75 -7.66 53.05
C SER G 325 -25.99 -8.00 53.86
N GLN G 326 -26.99 -7.12 53.81
CA GLN G 326 -28.31 -7.39 54.40
C GLN G 326 -28.20 -7.74 55.88
N GLU G 327 -27.73 -6.78 56.67
CA GLU G 327 -27.84 -6.92 58.13
C GLU G 327 -29.31 -6.97 58.54
N HIS G 328 -30.11 -6.03 58.03
CA HIS G 328 -31.55 -6.06 58.28
C HIS G 328 -32.17 -7.31 57.69
N GLY G 329 -31.68 -7.75 56.53
CA GLY G 329 -32.19 -9.00 55.95
C GLY G 329 -31.92 -10.19 56.85
N LEU G 330 -30.71 -10.28 57.40
CA LEU G 330 -30.37 -11.37 58.31
C LEU G 330 -31.25 -11.31 59.55
N CYS G 331 -31.43 -10.12 60.12
CA CYS G 331 -32.29 -10.00 61.29
C CYS G 331 -33.72 -10.43 60.99
N ALA G 332 -34.25 -9.99 59.85
CA ALA G 332 -35.62 -10.33 59.47
C ALA G 332 -35.76 -11.83 59.22
N HIS G 333 -34.80 -12.44 58.55
CA HIS G 333 -34.90 -13.88 58.29
C HIS G 333 -34.74 -14.68 59.57
N LEU G 334 -33.89 -14.21 60.49
CA LEU G 334 -33.78 -14.89 61.78
C LEU G 334 -35.07 -14.78 62.56
N TRP G 335 -35.71 -13.61 62.54
CA TRP G 335 -37.00 -13.50 63.23
C TRP G 335 -38.07 -14.34 62.55
N GLY G 336 -38.04 -14.45 61.23
CA GLY G 336 -39.01 -15.29 60.55
C GLY G 336 -38.84 -16.76 60.90
N LEU G 337 -37.59 -17.24 60.85
CA LEU G 337 -37.29 -18.59 61.31
C LEU G 337 -37.67 -18.78 62.76
N CYS G 338 -37.52 -17.73 63.57
CA CYS G 338 -37.79 -17.81 64.99
C CYS G 338 -39.29 -17.96 65.25
N SER G 339 -40.10 -17.16 64.57
CA SER G 339 -41.55 -17.31 64.64
C SER G 339 -41.99 -18.65 64.07
N LEU G 340 -41.30 -19.13 63.03
CA LEU G 340 -41.56 -20.47 62.53
C LEU G 340 -41.41 -21.50 63.63
N ALA G 341 -40.27 -21.45 64.35
CA ALA G 341 -40.06 -22.38 65.45
C ALA G 341 -41.14 -22.21 66.51
N ALA G 342 -41.52 -20.97 66.81
CA ALA G 342 -42.50 -20.73 67.87
C ALA G 342 -43.85 -21.34 67.52
N ASP G 343 -44.39 -21.03 66.33
CA ASP G 343 -45.70 -21.56 65.99
C ASP G 343 -45.64 -23.06 65.77
N GLY G 344 -44.50 -23.58 65.29
CA GLY G 344 -44.35 -25.02 65.19
C GLY G 344 -44.41 -25.69 66.55
N ILE G 345 -43.77 -25.08 67.56
CA ILE G 345 -43.81 -25.65 68.90
C ILE G 345 -45.22 -25.56 69.46
N TRP G 346 -45.94 -24.48 69.18
CA TRP G 346 -47.30 -24.36 69.67
C TRP G 346 -48.23 -25.39 69.02
N ASN G 347 -48.06 -25.64 67.72
CA ASN G 347 -48.92 -26.57 66.99
C ASN G 347 -48.34 -27.97 66.90
N GLN G 348 -47.28 -28.26 67.65
CA GLN G 348 -46.63 -29.57 67.63
C GLN G 348 -46.17 -29.93 66.22
N LYS G 349 -45.77 -28.92 65.46
CA LYS G 349 -45.37 -29.11 64.05
C LYS G 349 -43.89 -29.46 64.00
N ILE G 350 -43.60 -30.74 64.20
CA ILE G 350 -42.21 -31.19 64.15
C ILE G 350 -41.64 -31.01 62.75
N LEU G 351 -42.42 -31.37 61.72
CA LEU G 351 -41.99 -31.32 60.33
C LEU G 351 -42.81 -30.27 59.59
N PHE G 352 -42.16 -29.20 59.16
CA PHE G 352 -42.84 -28.13 58.44
C PHE G 352 -42.94 -28.47 56.96
N GLU G 353 -43.58 -27.58 56.21
CA GLU G 353 -43.76 -27.76 54.77
C GLU G 353 -43.52 -26.42 54.09
N GLU G 354 -43.29 -26.50 52.77
CA GLU G 354 -43.01 -25.29 52.00
C GLU G 354 -44.13 -24.27 52.15
N SER G 355 -45.38 -24.75 52.21
CA SER G 355 -46.49 -23.82 52.38
C SER G 355 -46.37 -23.03 53.68
N ASP G 356 -46.03 -23.72 54.78
CA ASP G 356 -45.86 -23.02 56.05
C ASP G 356 -44.64 -22.10 56.02
N LEU G 357 -43.55 -22.53 55.38
CA LEU G 357 -42.37 -21.69 55.30
C LEU G 357 -42.64 -20.43 54.49
N ARG G 358 -43.53 -20.51 53.50
CA ARG G 358 -43.94 -19.31 52.78
C ARG G 358 -44.88 -18.47 53.61
N ASN G 359 -45.82 -19.10 54.32
CA ASN G 359 -46.72 -18.37 55.21
C ASN G 359 -45.93 -17.50 56.16
N HIS G 360 -44.94 -18.09 56.83
CA HIS G 360 -43.99 -17.28 57.61
C HIS G 360 -43.03 -16.58 56.66
N GLY G 361 -42.61 -15.38 57.04
CA GLY G 361 -41.71 -14.63 56.19
C GLY G 361 -40.44 -15.40 55.92
N LEU G 362 -40.43 -16.11 54.79
CA LEU G 362 -39.30 -16.94 54.36
C LEU G 362 -39.48 -17.36 52.91
N GLN G 363 -38.37 -17.60 52.22
CA GLN G 363 -38.40 -18.03 50.84
C GLN G 363 -37.17 -18.87 50.57
N LYS G 364 -36.00 -18.25 50.67
CA LYS G 364 -34.73 -18.94 50.47
C LYS G 364 -33.72 -18.49 51.50
N ALA G 365 -32.63 -17.87 51.04
CA ALA G 365 -31.58 -17.29 51.87
C ALA G 365 -31.05 -18.19 52.94
N ASP G 366 -31.83 -18.39 54.01
CA ASP G 366 -31.43 -19.28 55.11
C ASP G 366 -31.11 -20.64 54.55
N VAL G 367 -29.83 -20.85 54.27
CA VAL G 367 -29.34 -22.10 53.68
C VAL G 367 -29.21 -23.26 54.65
N SER G 368 -30.34 -23.73 55.14
CA SER G 368 -30.39 -24.86 56.04
C SER G 368 -29.41 -24.80 57.19
N ALA G 369 -29.43 -23.71 57.94
CA ALA G 369 -28.55 -23.62 59.09
C ALA G 369 -29.20 -24.53 60.13
N PHE G 370 -30.46 -24.26 60.43
CA PHE G 370 -31.26 -25.03 61.35
C PHE G 370 -32.49 -25.50 60.62
N LEU G 371 -32.34 -25.75 59.32
CA LEU G 371 -33.46 -26.16 58.48
C LEU G 371 -32.89 -27.09 57.42
N ARG G 372 -33.01 -28.39 57.64
CA ARG G 372 -32.50 -29.39 56.72
C ARG G 372 -33.66 -29.95 55.89
N MET G 373 -33.61 -29.74 54.58
CA MET G 373 -34.68 -30.16 53.69
C MET G 373 -34.56 -31.68 53.51
N ASN G 374 -35.20 -32.40 54.41
CA ASN G 374 -35.35 -33.83 54.24
C ASN G 374 -36.65 -34.10 53.47
N LEU G 375 -36.52 -34.73 52.30
CA LEU G 375 -37.62 -34.90 51.37
C LEU G 375 -38.09 -36.34 51.44
N PHE G 376 -39.40 -36.52 51.65
CA PHE G 376 -39.97 -37.85 51.77
C PHE G 376 -40.80 -38.19 50.54
N GLN G 377 -40.54 -39.36 49.97
CA GLN G 377 -41.27 -39.83 48.80
C GLN G 377 -42.41 -40.72 49.25
N LYS G 378 -43.62 -40.38 48.80
CA LYS G 378 -44.80 -41.18 49.07
C LYS G 378 -45.53 -41.44 47.77
N GLU G 379 -45.98 -42.69 47.59
CA GLU G 379 -46.70 -43.07 46.38
C GLU G 379 -45.80 -42.95 45.15
N VAL G 380 -45.90 -41.84 44.43
CA VAL G 380 -45.18 -41.69 43.17
C VAL G 380 -44.19 -40.53 43.18
N ASP G 381 -44.36 -39.55 44.05
CA ASP G 381 -43.47 -38.40 44.09
C ASP G 381 -43.17 -38.02 45.53
N CYS G 382 -42.04 -37.33 45.70
CA CYS G 382 -41.56 -36.93 47.02
C CYS G 382 -41.77 -35.44 47.24
N GLU G 383 -42.06 -35.08 48.49
CA GLU G 383 -42.31 -33.70 48.88
C GLU G 383 -41.28 -33.23 49.91
N LYS G 384 -41.18 -31.90 50.02
CA LYS G 384 -40.11 -31.22 50.73
C LYS G 384 -40.06 -31.55 52.21
N PHE G 385 -41.10 -31.15 52.95
CA PHE G 385 -41.17 -31.40 54.38
C PHE G 385 -39.92 -30.89 55.11
N TYR G 386 -39.74 -29.57 55.06
CA TYR G 386 -38.67 -28.94 55.80
C TYR G 386 -38.74 -29.33 57.28
N SER G 387 -37.58 -29.35 57.92
CA SER G 387 -37.51 -29.74 59.33
C SER G 387 -36.32 -29.05 59.99
N PHE G 388 -36.40 -28.95 61.32
CA PHE G 388 -35.35 -28.35 62.11
C PHE G 388 -34.28 -29.39 62.44
N ILE G 389 -33.05 -28.92 62.63
CA ILE G 389 -31.96 -29.83 62.96
C ILE G 389 -32.28 -30.66 64.19
N HIS G 390 -33.14 -30.16 65.08
CA HIS G 390 -33.46 -30.91 66.28
C HIS G 390 -34.56 -30.22 67.09
N MET G 391 -35.33 -31.01 67.84
CA MET G 391 -36.47 -30.45 68.56
C MET G 391 -36.03 -29.46 69.62
N THR G 392 -34.94 -29.75 70.33
CA THR G 392 -34.43 -28.81 71.32
C THR G 392 -34.00 -27.50 70.65
N PHE G 393 -33.40 -27.61 69.47
CA PHE G 393 -33.03 -26.40 68.72
C PHE G 393 -34.27 -25.59 68.37
N GLN G 394 -35.33 -26.26 67.93
CA GLN G 394 -36.55 -25.55 67.60
C GLN G 394 -37.16 -24.90 68.83
N GLU G 395 -37.10 -25.56 69.98
CA GLU G 395 -37.58 -24.96 71.21
C GLU G 395 -36.78 -23.73 71.57
N PHE G 396 -35.45 -23.81 71.41
CA PHE G 396 -34.61 -22.63 71.67
C PHE G 396 -34.99 -21.49 70.75
N PHE G 397 -35.27 -21.79 69.48
CA PHE G 397 -35.68 -20.72 68.57
C PHE G 397 -37.03 -20.14 68.96
N ALA G 398 -37.94 -20.97 69.48
CA ALA G 398 -39.22 -20.44 69.97
C ALA G 398 -38.98 -19.49 71.15
N ALA G 399 -38.10 -19.90 72.06
CA ALA G 399 -37.76 -19.02 73.18
C ALA G 399 -37.16 -17.71 72.70
N MET G 400 -36.31 -17.78 71.67
CA MET G 400 -35.75 -16.55 71.10
C MET G 400 -36.83 -15.69 70.46
N TYR G 401 -37.84 -16.32 69.84
CA TYR G 401 -38.96 -15.56 69.31
C TYR G 401 -39.63 -14.78 70.42
N TYR G 402 -39.90 -15.45 71.54
CA TYR G 402 -40.54 -14.76 72.66
C TYR G 402 -39.66 -13.62 73.18
N LEU G 403 -38.38 -13.89 73.41
CA LEU G 403 -37.49 -12.87 73.99
C LEU G 403 -37.32 -11.68 73.05
N LEU G 404 -36.98 -11.94 71.80
CA LEU G 404 -36.72 -10.87 70.84
C LEU G 404 -37.95 -9.98 70.71
N GLU G 405 -37.72 -8.78 70.18
CA GLU G 405 -38.76 -7.78 70.04
C GLU G 405 -39.20 -7.67 68.58
N GLU G 406 -40.51 -7.57 68.34
CA GLU G 406 -41.07 -7.44 66.99
C GLU G 406 -40.37 -6.43 66.07
N LEU G 419 -52.73 -14.00 58.89
CA LEU G 419 -51.70 -14.84 59.49
C LEU G 419 -51.09 -14.19 60.72
N LYS G 420 -51.06 -14.93 61.82
CA LYS G 420 -50.50 -14.43 63.07
C LYS G 420 -50.06 -15.57 63.99
N LEU G 421 -48.80 -15.54 64.41
CA LEU G 421 -48.27 -16.57 65.29
C LEU G 421 -48.75 -16.33 66.72
N PRO G 422 -48.72 -17.38 67.55
CA PRO G 422 -49.15 -17.40 68.96
C PRO G 422 -48.84 -16.12 69.72
N SER G 423 -49.87 -15.57 70.37
CA SER G 423 -49.77 -14.33 71.14
C SER G 423 -48.54 -14.27 72.01
N ARG G 424 -47.73 -13.24 71.82
CA ARG G 424 -46.51 -13.08 72.57
C ARG G 424 -46.71 -12.93 74.08
N ASP G 425 -47.86 -13.34 74.61
CA ASP G 425 -47.98 -13.19 76.05
C ASP G 425 -47.05 -14.16 76.75
N VAL G 426 -45.99 -13.64 77.36
CA VAL G 426 -45.08 -14.49 78.13
C VAL G 426 -45.84 -15.19 79.24
N THR G 427 -46.78 -14.48 79.88
CA THR G 427 -47.60 -15.11 80.91
C THR G 427 -48.46 -16.23 80.32
N VAL G 428 -48.98 -16.03 79.11
CA VAL G 428 -49.80 -17.08 78.49
C VAL G 428 -48.97 -18.32 78.24
N LEU G 429 -47.81 -18.15 77.60
CA LEU G 429 -46.89 -19.28 77.43
C LEU G 429 -46.55 -19.91 78.77
N LEU G 430 -46.45 -19.08 79.80
CA LEU G 430 -46.04 -19.55 81.11
C LEU G 430 -47.08 -20.48 81.71
N GLU G 431 -48.34 -20.07 81.71
CA GLU G 431 -49.36 -20.96 82.26
C GLU G 431 -49.59 -22.16 81.36
N ASN G 432 -49.38 -22.01 80.05
CA ASN G 432 -49.45 -23.17 79.16
C ASN G 432 -48.38 -24.18 79.52
N TYR G 433 -47.26 -23.67 80.03
CA TYR G 433 -46.22 -24.55 80.53
C TYR G 433 -46.64 -25.06 81.92
N GLY G 434 -47.56 -24.32 82.55
CA GLY G 434 -48.01 -24.64 83.90
C GLY G 434 -49.09 -25.68 84.12
N LYS G 435 -49.65 -26.23 83.03
CA LYS G 435 -50.70 -27.29 82.98
C LYS G 435 -51.00 -27.57 81.50
N PHE G 436 -52.30 -27.66 81.20
CA PHE G 436 -52.89 -27.80 79.88
C PHE G 436 -52.13 -28.82 79.04
N GLU G 437 -51.53 -29.81 79.71
CA GLU G 437 -50.87 -30.92 79.02
C GLU G 437 -49.85 -30.41 77.99
N LYS G 438 -49.09 -29.40 78.39
CA LYS G 438 -48.07 -28.81 77.52
C LYS G 438 -46.68 -29.05 78.10
N GLY G 439 -46.42 -30.29 78.53
CA GLY G 439 -45.11 -30.67 78.99
C GLY G 439 -44.02 -30.31 78.01
N TYR G 440 -44.40 -30.15 76.74
CA TYR G 440 -43.50 -29.65 75.72
C TYR G 440 -43.40 -28.13 75.71
N LEU G 441 -43.22 -27.55 76.90
CA LEU G 441 -42.90 -26.13 77.03
C LEU G 441 -41.88 -25.89 78.14
N ILE G 442 -41.53 -26.90 78.91
CA ILE G 442 -40.50 -26.75 79.93
C ILE G 442 -39.21 -26.26 79.28
N PHE G 443 -38.86 -26.83 78.12
CA PHE G 443 -37.60 -26.48 77.48
C PHE G 443 -37.66 -25.09 76.88
N VAL G 444 -38.80 -24.70 76.31
CA VAL G 444 -38.91 -23.35 75.78
C VAL G 444 -38.79 -22.32 76.90
N VAL G 445 -39.42 -22.59 78.05
CA VAL G 445 -39.30 -21.69 79.19
C VAL G 445 -37.86 -21.67 79.69
N ARG G 446 -37.22 -22.83 79.75
CA ARG G 446 -35.83 -22.89 80.19
C ARG G 446 -34.92 -22.04 79.30
N PHE G 447 -35.12 -22.12 77.99
CA PHE G 447 -34.27 -21.36 77.08
C PHE G 447 -34.62 -19.87 77.10
N LEU G 448 -35.89 -19.53 77.35
CA LEU G 448 -36.23 -18.13 77.60
C LEU G 448 -35.48 -17.60 78.82
N PHE G 449 -35.43 -18.39 79.88
CA PHE G 449 -34.68 -17.97 81.07
C PHE G 449 -33.20 -17.86 80.78
N GLY G 450 -32.64 -18.81 80.04
CA GLY G 450 -31.25 -18.71 79.65
C GLY G 450 -30.96 -17.45 78.86
N LEU G 451 -31.88 -17.07 77.98
CA LEU G 451 -31.68 -15.90 77.13
C LEU G 451 -31.88 -14.58 77.88
N VAL G 452 -32.80 -14.54 78.85
CA VAL G 452 -33.11 -13.30 79.55
C VAL G 452 -31.92 -12.90 80.40
N ASN G 453 -30.87 -13.72 80.37
CA ASN G 453 -29.64 -13.39 81.07
C ASN G 453 -29.04 -12.08 80.56
N GLN G 454 -28.54 -11.27 81.49
CA GLN G 454 -28.15 -9.90 81.14
C GLN G 454 -26.95 -9.86 80.20
N GLU G 455 -25.82 -10.42 80.64
CA GLU G 455 -24.65 -10.44 79.76
C GLU G 455 -24.90 -11.27 78.49
N ARG G 456 -25.58 -12.41 78.62
CA ARG G 456 -25.90 -13.18 77.41
C ARG G 456 -26.83 -12.39 76.49
N THR G 457 -27.81 -11.71 77.05
CA THR G 457 -28.71 -10.91 76.24
C THR G 457 -27.96 -9.80 75.51
N SER G 458 -27.04 -9.13 76.22
CA SER G 458 -26.24 -8.10 75.60
C SER G 458 -25.35 -8.66 74.49
N TYR G 459 -24.78 -9.84 74.71
CA TYR G 459 -23.96 -10.47 73.69
C TYR G 459 -24.79 -10.77 72.44
N LEU G 460 -26.00 -11.31 72.64
CA LEU G 460 -26.87 -11.57 71.50
C LEU G 460 -27.24 -10.27 70.79
N GLU G 461 -27.48 -9.21 71.55
CA GLU G 461 -27.78 -7.91 70.95
C GLU G 461 -26.62 -7.42 70.10
N LYS G 462 -25.40 -7.54 70.62
CA LYS G 462 -24.24 -7.10 69.84
C LYS G 462 -24.03 -7.98 68.61
N LYS G 463 -24.43 -9.24 68.70
CA LYS G 463 -24.25 -10.15 67.56
C LYS G 463 -25.26 -9.86 66.45
N LEU G 464 -26.52 -9.62 66.81
CA LEU G 464 -27.59 -9.53 65.82
C LEU G 464 -28.06 -8.11 65.53
N SER G 465 -27.50 -7.10 66.20
CA SER G 465 -27.90 -5.71 66.02
C SER G 465 -29.41 -5.54 66.21
N CYS G 466 -29.88 -5.93 67.40
CA CYS G 466 -31.30 -5.84 67.72
C CYS G 466 -31.44 -5.83 69.24
N LYS G 467 -31.93 -4.72 69.78
CA LYS G 467 -32.08 -4.60 71.22
C LYS G 467 -33.11 -5.59 71.74
N ILE G 468 -32.94 -5.98 72.99
CA ILE G 468 -33.81 -6.96 73.63
C ILE G 468 -34.64 -6.25 74.71
N SER G 469 -35.66 -6.96 75.20
CA SER G 469 -36.54 -6.45 76.24
C SER G 469 -36.19 -7.16 77.55
N GLN G 470 -35.92 -6.37 78.58
CA GLN G 470 -35.57 -6.93 79.88
C GLN G 470 -36.78 -7.06 80.80
N GLN G 471 -37.86 -6.32 80.54
CA GLN G 471 -39.04 -6.42 81.38
C GLN G 471 -39.64 -7.82 81.36
N ILE G 472 -39.32 -8.64 80.36
CA ILE G 472 -39.71 -10.04 80.40
C ILE G 472 -39.06 -10.71 81.61
N ARG G 473 -37.85 -10.30 81.96
CA ARG G 473 -37.21 -10.83 83.15
C ARG G 473 -38.02 -10.52 84.41
N LEU G 474 -38.51 -9.28 84.52
CA LEU G 474 -39.33 -8.92 85.67
C LEU G 474 -40.65 -9.65 85.66
N GLU G 475 -41.23 -9.86 84.47
CA GLU G 475 -42.45 -10.66 84.38
C GLU G 475 -42.22 -12.08 84.88
N LEU G 476 -41.11 -12.69 84.46
CA LEU G 476 -40.79 -14.03 84.94
C LEU G 476 -40.55 -14.03 86.45
N LEU G 477 -39.89 -12.98 86.96
CA LEU G 477 -39.68 -12.87 88.39
C LEU G 477 -41.01 -12.79 89.14
N LYS G 478 -41.96 -12.03 88.60
CA LYS G 478 -43.28 -11.95 89.25
C LYS G 478 -44.00 -13.29 89.17
N TRP G 479 -43.83 -14.03 88.06
CA TRP G 479 -44.41 -15.37 88.01
C TRP G 479 -43.80 -16.26 89.10
N ILE G 480 -42.48 -16.19 89.28
CA ILE G 480 -41.85 -17.00 90.31
C ILE G 480 -42.33 -16.56 91.69
N GLU G 481 -42.57 -15.27 91.86
CA GLU G 481 -43.13 -14.78 93.12
C GLU G 481 -44.52 -15.35 93.37
N VAL G 482 -45.35 -15.41 92.33
CA VAL G 482 -46.68 -16.00 92.46
C VAL G 482 -46.57 -17.48 92.79
N LYS G 483 -45.68 -18.18 92.09
CA LYS G 483 -45.49 -19.61 92.35
C LYS G 483 -45.00 -19.85 93.77
N ALA G 484 -44.16 -18.97 94.31
CA ALA G 484 -43.66 -19.14 95.67
C ALA G 484 -44.71 -18.76 96.71
N LYS G 485 -45.54 -17.78 96.38
CA LYS G 485 -46.60 -17.36 97.28
C LYS G 485 -47.82 -18.25 97.03
N ALA G 486 -47.57 -19.45 96.52
CA ALA G 486 -48.63 -20.41 96.22
C ALA G 486 -48.61 -21.58 97.18
N LYS G 487 -47.78 -21.50 98.20
CA LYS G 487 -47.65 -22.55 99.22
C LYS G 487 -47.49 -23.94 98.62
N LYS G 488 -46.36 -24.15 97.95
CA LYS G 488 -46.05 -25.42 97.31
C LYS G 488 -47.20 -25.91 96.44
N LEU G 489 -47.61 -25.05 95.50
CA LEU G 489 -48.70 -25.36 94.60
C LEU G 489 -48.33 -26.46 93.60
N GLN G 490 -47.04 -26.58 93.33
CA GLN G 490 -46.42 -27.59 92.45
C GLN G 490 -47.29 -28.27 91.38
N ILE G 491 -48.10 -27.47 90.68
CA ILE G 491 -48.96 -28.02 89.62
C ILE G 491 -48.07 -28.69 88.60
N GLN G 492 -47.18 -27.90 88.01
CA GLN G 492 -46.21 -28.36 87.04
C GLN G 492 -44.91 -27.63 87.24
N PRO G 493 -44.97 -26.29 87.20
CA PRO G 493 -43.79 -25.46 87.43
C PRO G 493 -43.39 -25.63 88.90
N SER G 494 -43.05 -26.86 89.27
CA SER G 494 -42.80 -27.18 90.67
C SER G 494 -41.47 -26.57 91.13
N GLN G 495 -41.11 -26.86 92.38
CA GLN G 495 -39.90 -26.29 92.94
C GLN G 495 -38.66 -26.71 92.15
N LEU G 496 -38.59 -27.99 91.78
CA LEU G 496 -37.45 -28.46 91.00
C LEU G 496 -37.40 -27.80 89.62
N GLU G 497 -38.57 -27.64 88.99
CA GLU G 497 -38.60 -26.98 87.69
C GLU G 497 -38.12 -25.54 87.79
N LEU G 498 -38.56 -24.82 88.82
CA LEU G 498 -38.09 -23.44 88.99
C LEU G 498 -36.61 -23.40 89.33
N PHE G 499 -36.11 -24.39 90.09
CA PHE G 499 -34.68 -24.48 90.33
C PHE G 499 -33.92 -24.64 89.02
N TYR G 500 -34.39 -25.51 88.14
CA TYR G 500 -33.74 -25.69 86.85
C TYR G 500 -33.78 -24.42 86.03
N CYS G 501 -34.93 -23.73 86.04
CA CYS G 501 -35.05 -22.48 85.31
C CYS G 501 -34.04 -21.45 85.80
N LEU G 502 -33.95 -21.27 87.12
CA LEU G 502 -33.00 -20.29 87.66
C LEU G 502 -31.57 -20.72 87.39
N TYR G 503 -31.28 -22.01 87.51
CA TYR G 503 -29.94 -22.52 87.20
C TYR G 503 -29.54 -22.13 85.78
N GLU G 504 -30.42 -22.39 84.82
CA GLU G 504 -30.12 -21.99 83.45
C GLU G 504 -30.03 -20.47 83.32
N MET G 505 -30.78 -19.73 84.15
CA MET G 505 -30.68 -18.29 84.15
C MET G 505 -29.26 -17.84 84.51
N GLN G 506 -28.68 -18.46 85.54
CA GLN G 506 -27.29 -18.26 85.96
C GLN G 506 -26.99 -16.82 86.34
N GLU G 507 -28.00 -15.96 86.48
CA GLU G 507 -27.79 -14.58 86.88
C GLU G 507 -27.84 -14.50 88.40
N GLU G 508 -26.72 -14.13 89.01
CA GLU G 508 -26.60 -14.21 90.47
C GLU G 508 -27.62 -13.31 91.16
N ASP G 509 -27.68 -12.03 90.76
CA ASP G 509 -28.58 -11.10 91.42
C ASP G 509 -30.04 -11.51 91.24
N PHE G 510 -30.41 -11.92 90.03
CA PHE G 510 -31.78 -12.36 89.78
C PHE G 510 -32.12 -13.58 90.64
N VAL G 511 -31.19 -14.53 90.74
CA VAL G 511 -31.44 -15.72 91.55
C VAL G 511 -31.62 -15.34 93.01
N GLN G 512 -30.77 -14.45 93.53
CA GLN G 512 -30.92 -14.01 94.91
C GLN G 512 -32.27 -13.35 95.12
N ARG G 513 -32.66 -12.44 94.22
CA ARG G 513 -33.90 -11.71 94.37
C ARG G 513 -35.13 -12.59 94.20
N ALA G 514 -35.01 -13.71 93.50
CA ALA G 514 -36.15 -14.58 93.27
C ALA G 514 -36.28 -15.69 94.31
N MET G 515 -35.17 -16.23 94.82
CA MET G 515 -35.22 -17.35 95.74
C MET G 515 -35.74 -16.99 97.12
N ASP G 516 -35.90 -15.70 97.42
CA ASP G 516 -36.27 -15.27 98.76
C ASP G 516 -37.65 -15.75 99.19
N TYR G 517 -38.50 -16.18 98.26
CA TYR G 517 -39.86 -16.60 98.58
C TYR G 517 -39.98 -18.10 98.87
N PHE G 518 -38.89 -18.85 98.68
CA PHE G 518 -38.80 -20.30 98.84
C PHE G 518 -38.86 -20.86 100.26
N PRO G 519 -38.60 -20.07 101.33
CA PRO G 519 -38.09 -20.63 102.59
C PRO G 519 -38.58 -22.03 102.97
N LYS G 520 -39.83 -22.34 102.66
CA LYS G 520 -40.35 -23.69 102.81
C LYS G 520 -40.14 -24.44 101.51
N ILE G 521 -39.21 -25.41 101.51
CA ILE G 521 -38.81 -26.09 100.29
C ILE G 521 -38.85 -27.60 100.51
N GLU G 522 -39.43 -28.31 99.55
CA GLU G 522 -39.47 -29.77 99.56
C GLU G 522 -38.99 -30.25 98.18
N ILE G 523 -37.84 -30.91 98.14
CA ILE G 523 -37.23 -31.31 96.89
C ILE G 523 -36.70 -32.73 97.00
N ASN G 524 -36.70 -33.44 95.88
CA ASN G 524 -36.13 -34.77 95.80
C ASN G 524 -35.24 -34.86 94.56
N LEU G 525 -34.24 -35.72 94.64
CA LEU G 525 -33.20 -35.82 93.63
C LEU G 525 -33.20 -37.22 93.02
N SER G 526 -32.92 -37.27 91.72
CA SER G 526 -32.80 -38.52 90.99
C SER G 526 -31.61 -38.56 90.05
N THR G 527 -30.93 -37.44 89.83
CA THR G 527 -29.80 -37.39 88.91
C THR G 527 -28.79 -36.36 89.38
N ARG G 528 -27.56 -36.50 88.88
CA ARG G 528 -26.52 -35.52 89.20
C ARG G 528 -26.94 -34.12 88.79
N MET G 529 -27.71 -33.98 87.71
CA MET G 529 -28.22 -32.68 87.33
C MET G 529 -29.15 -32.12 88.40
N ASP G 530 -30.00 -32.97 88.97
CA ASP G 530 -30.83 -32.54 90.08
C ASP G 530 -29.97 -32.11 91.27
N HIS G 531 -28.92 -32.87 91.57
CA HIS G 531 -28.02 -32.49 92.65
C HIS G 531 -27.45 -31.10 92.41
N MET G 532 -26.93 -30.86 91.20
CA MET G 532 -26.31 -29.58 90.91
C MET G 532 -27.31 -28.44 90.97
N VAL G 533 -28.51 -28.64 90.41
CA VAL G 533 -29.51 -27.58 90.41
C VAL G 533 -29.91 -27.24 91.85
N SER G 534 -30.17 -28.27 92.66
CA SER G 534 -30.55 -28.03 94.04
C SER G 534 -29.43 -27.33 94.80
N SER G 535 -28.18 -27.76 94.59
CA SER G 535 -27.06 -27.13 95.29
C SER G 535 -26.94 -25.66 94.93
N PHE G 536 -26.97 -25.34 93.63
CA PHE G 536 -26.83 -23.95 93.22
C PHE G 536 -27.99 -23.10 93.74
N CYS G 537 -29.21 -23.63 93.64
CA CYS G 537 -30.37 -22.86 94.09
C CYS G 537 -30.32 -22.62 95.59
N ILE G 538 -29.94 -23.63 96.38
CA ILE G 538 -29.85 -23.45 97.82
C ILE G 538 -28.75 -22.45 98.16
N GLU G 539 -27.60 -22.55 97.48
CA GLU G 539 -26.52 -21.61 97.73
C GLU G 539 -26.95 -20.18 97.46
N ASN G 540 -27.69 -19.97 96.36
CA ASN G 540 -28.19 -18.63 96.06
C ASN G 540 -29.33 -18.22 96.97
N CYS G 541 -30.02 -19.16 97.59
CA CYS G 541 -31.13 -18.83 98.48
C CYS G 541 -30.62 -18.16 99.75
N HIS G 542 -31.25 -17.05 100.11
CA HIS G 542 -30.91 -16.32 101.32
C HIS G 542 -31.99 -16.33 102.38
N ARG G 543 -33.19 -16.81 102.03
CA ARG G 543 -34.33 -16.79 102.95
C ARG G 543 -34.88 -18.19 103.16
N VAL G 544 -34.00 -19.15 103.42
CA VAL G 544 -34.37 -20.56 103.53
C VAL G 544 -34.35 -20.97 105.00
N GLU G 545 -35.47 -21.47 105.49
CA GLU G 545 -35.55 -22.04 106.83
C GLU G 545 -35.88 -23.52 106.84
N SER G 546 -36.97 -23.93 106.18
CA SER G 546 -37.44 -25.31 106.25
C SER G 546 -37.10 -26.00 104.93
N LEU G 547 -36.37 -27.10 105.01
CA LEU G 547 -35.95 -27.85 103.83
C LEU G 547 -36.16 -29.34 104.06
N SER G 548 -36.83 -29.99 103.11
CA SER G 548 -36.98 -31.44 103.09
C SER G 548 -36.32 -31.96 101.83
N LEU G 549 -35.44 -32.94 101.98
CA LEU G 549 -34.66 -33.47 100.86
C LEU G 549 -34.86 -34.97 100.75
N GLY G 550 -35.16 -35.43 99.54
CA GLY G 550 -35.28 -36.85 99.27
C GLY G 550 -34.32 -37.32 98.20
N PHE G 551 -34.00 -38.60 98.17
CA PHE G 551 -33.05 -39.14 97.20
C PHE G 551 -33.59 -40.44 96.62
N LEU G 552 -33.34 -40.65 95.32
CA LEU G 552 -33.70 -41.90 94.66
C LEU G 552 -32.46 -42.58 94.12
N HIS G 553 -32.43 -43.91 94.23
CA HIS G 553 -31.30 -44.70 93.75
C HIS G 553 -30.07 -44.51 94.64
N THR G 594 -24.11 -41.53 95.32
CA THR G 594 -24.88 -40.86 96.36
C THR G 594 -24.01 -39.90 97.17
N SER G 595 -23.01 -40.45 97.84
CA SER G 595 -22.14 -39.64 98.68
C SER G 595 -21.35 -38.63 97.87
N SER G 596 -21.01 -38.96 96.62
CA SER G 596 -20.21 -38.04 95.80
C SER G 596 -20.96 -36.73 95.57
N PHE G 597 -22.20 -36.81 95.08
CA PHE G 597 -23.00 -35.61 94.88
C PHE G 597 -23.54 -35.07 96.20
N CYS G 598 -23.95 -35.96 97.09
CA CYS G 598 -24.39 -35.54 98.42
C CYS G 598 -23.28 -34.81 99.15
N ARG G 599 -22.02 -35.18 98.90
CA ARG G 599 -20.91 -34.44 99.48
C ARG G 599 -21.07 -32.94 99.24
N GLY G 600 -21.12 -32.54 97.97
CA GLY G 600 -21.26 -31.15 97.60
C GLY G 600 -22.59 -30.55 98.03
N LEU G 601 -23.67 -31.32 97.93
CA LEU G 601 -24.97 -30.81 98.33
C LEU G 601 -24.96 -30.40 99.81
N PHE G 602 -24.52 -31.31 100.67
CA PHE G 602 -24.47 -31.00 102.10
C PHE G 602 -23.41 -29.97 102.43
N SER G 603 -22.33 -29.91 101.63
CA SER G 603 -21.35 -28.85 101.83
C SER G 603 -21.99 -27.48 101.61
N VAL G 604 -22.77 -27.35 100.54
CA VAL G 604 -23.44 -26.07 100.29
C VAL G 604 -24.49 -25.79 101.36
N LEU G 605 -25.19 -26.84 101.81
CA LEU G 605 -26.15 -26.64 102.91
C LEU G 605 -25.44 -26.09 104.14
N SER G 606 -24.32 -26.70 104.53
CA SER G 606 -23.58 -26.23 105.69
C SER G 606 -23.08 -24.81 105.49
N THR G 607 -22.59 -24.50 104.29
CA THR G 607 -22.19 -23.12 103.99
C THR G 607 -23.36 -22.16 104.19
N SER G 608 -24.57 -22.60 103.86
CA SER G 608 -25.76 -21.77 104.11
C SER G 608 -25.85 -21.43 105.60
N GLN G 609 -26.21 -20.20 105.90
CA GLN G 609 -26.22 -19.69 107.26
C GLN G 609 -27.61 -19.36 107.78
N SER G 610 -28.64 -19.44 106.95
CA SER G 610 -30.00 -19.13 107.36
C SER G 610 -30.86 -20.37 107.59
N LEU G 611 -30.30 -21.56 107.47
CA LEU G 611 -31.07 -22.78 107.59
C LEU G 611 -31.49 -23.03 109.04
N THR G 612 -32.64 -23.67 109.19
CA THR G 612 -33.15 -24.06 110.50
C THR G 612 -33.52 -25.53 110.58
N GLU G 613 -34.07 -26.11 109.50
CA GLU G 613 -34.55 -27.48 109.52
C GLU G 613 -33.89 -28.29 108.40
N LEU G 614 -33.81 -29.61 108.64
CA LEU G 614 -33.30 -30.54 107.64
C LEU G 614 -34.08 -31.84 107.78
N ASP G 615 -34.94 -32.12 106.81
CA ASP G 615 -35.75 -33.34 106.81
C ASP G 615 -35.12 -34.34 105.85
N LEU G 616 -34.43 -35.35 106.41
CA LEU G 616 -33.83 -36.40 105.60
C LEU G 616 -34.60 -37.71 105.75
N SER G 617 -35.82 -37.66 106.27
CA SER G 617 -36.60 -38.85 106.52
C SER G 617 -36.93 -39.57 105.21
N ASP G 618 -37.20 -40.87 105.33
CA ASP G 618 -37.55 -41.70 104.17
C ASP G 618 -36.46 -41.67 103.11
N ASN G 619 -35.20 -41.61 103.56
CA ASN G 619 -34.04 -41.61 102.68
C ASN G 619 -33.05 -42.66 103.15
N SER G 620 -32.62 -43.51 102.23
CA SER G 620 -31.65 -44.57 102.53
C SER G 620 -30.23 -44.01 102.47
N LEU G 621 -29.93 -43.16 103.45
CA LEU G 621 -28.62 -42.52 103.49
C LEU G 621 -27.51 -43.53 103.70
N GLY G 622 -27.72 -44.48 104.60
CA GLY G 622 -26.70 -45.48 104.91
C GLY G 622 -25.61 -44.92 105.80
N ASP G 623 -24.73 -45.82 106.23
CA ASP G 623 -23.61 -45.40 107.07
C ASP G 623 -22.69 -44.42 106.38
N PRO G 624 -22.25 -44.64 105.14
CA PRO G 624 -21.43 -43.62 104.47
C PRO G 624 -22.13 -42.28 104.35
N GLY G 625 -23.43 -42.30 104.05
CA GLY G 625 -24.17 -41.06 103.97
C GLY G 625 -24.23 -40.33 105.30
N MET G 626 -24.48 -41.07 106.38
CA MET G 626 -24.50 -40.45 107.70
C MET G 626 -23.13 -39.90 108.08
N ARG G 627 -22.06 -40.61 107.72
CA ARG G 627 -20.72 -40.09 107.97
C ARG G 627 -20.46 -38.80 107.21
N VAL G 628 -20.88 -38.74 105.95
CA VAL G 628 -20.73 -37.51 105.18
C VAL G 628 -21.53 -36.39 105.81
N LEU G 629 -22.76 -36.69 106.24
CA LEU G 629 -23.61 -35.67 106.84
C LEU G 629 -23.01 -35.14 108.14
N CYS G 630 -22.49 -36.02 108.99
CA CYS G 630 -21.90 -35.57 110.24
C CYS G 630 -20.63 -34.77 109.99
N GLU G 631 -19.83 -35.19 109.01
CA GLU G 631 -18.66 -34.40 108.63
C GLU G 631 -19.07 -32.99 108.21
N THR G 632 -20.11 -32.89 107.39
CA THR G 632 -20.59 -31.57 106.98
C THR G 632 -21.09 -30.76 108.16
N LEU G 633 -21.86 -31.38 109.05
CA LEU G 633 -22.40 -30.68 110.20
C LEU G 633 -21.31 -30.21 111.15
N GLN G 634 -20.19 -30.94 111.21
CA GLN G 634 -19.09 -30.56 112.10
C GLN G 634 -18.47 -29.22 111.73
N HIS G 635 -18.86 -28.63 110.60
CA HIS G 635 -18.30 -27.34 110.22
C HIS G 635 -18.67 -26.28 111.26
N PRO G 636 -17.72 -25.42 111.64
CA PRO G 636 -18.04 -24.41 112.66
C PRO G 636 -19.18 -23.49 112.26
N GLY G 637 -19.33 -23.20 110.98
CA GLY G 637 -20.40 -22.34 110.51
C GLY G 637 -21.75 -22.97 110.40
N CYS G 638 -21.87 -24.25 110.72
CA CYS G 638 -23.15 -24.95 110.62
C CYS G 638 -24.21 -24.22 111.44
N ASN G 639 -25.35 -23.94 110.79
CA ASN G 639 -26.47 -23.26 111.44
C ASN G 639 -27.72 -24.12 111.48
N ILE G 640 -27.56 -25.44 111.42
CA ILE G 640 -28.69 -26.35 111.43
C ILE G 640 -29.15 -26.56 112.86
N ARG G 641 -30.44 -26.31 113.12
CA ARG G 641 -31.01 -26.47 114.45
C ARG G 641 -31.78 -27.76 114.62
N ARG G 642 -32.54 -28.18 113.61
CA ARG G 642 -33.32 -29.41 113.68
C ARG G 642 -33.01 -30.30 112.50
N LEU G 643 -32.87 -31.60 112.75
CA LEU G 643 -32.58 -32.57 111.71
C LEU G 643 -33.31 -33.86 112.02
N TRP G 644 -34.26 -34.23 111.15
CA TRP G 644 -35.07 -35.42 111.35
C TRP G 644 -34.59 -36.52 110.41
N LEU G 645 -34.20 -37.67 111.00
CA LEU G 645 -33.58 -38.76 110.27
C LEU G 645 -34.41 -40.03 110.34
N GLY G 646 -35.73 -39.88 110.32
CA GLY G 646 -36.61 -41.03 110.41
C GLY G 646 -36.44 -42.03 109.28
N ARG G 647 -36.27 -43.31 109.63
CA ARG G 647 -36.22 -44.39 108.65
C ARG G 647 -35.13 -44.15 107.59
N CYS G 648 -33.96 -43.72 108.05
CA CYS G 648 -32.84 -43.44 107.17
C CYS G 648 -31.82 -44.57 107.10
N GLY G 649 -32.11 -45.72 107.70
CA GLY G 649 -31.15 -46.81 107.68
C GLY G 649 -29.88 -46.54 108.45
N LEU G 650 -29.97 -45.88 109.59
CA LEU G 650 -28.81 -45.58 110.42
C LEU G 650 -28.59 -46.68 111.46
N SER G 651 -27.37 -46.77 111.97
CA SER G 651 -26.99 -47.86 112.85
C SER G 651 -26.00 -47.35 113.88
N HIS G 652 -25.47 -48.29 114.67
CA HIS G 652 -24.51 -47.94 115.72
C HIS G 652 -23.26 -47.30 115.13
N GLU G 653 -22.77 -47.82 114.00
CA GLU G 653 -21.57 -47.27 113.39
C GLU G 653 -21.73 -45.77 113.14
N CYS G 654 -22.83 -45.37 112.51
CA CYS G 654 -23.11 -43.94 112.36
C CYS G 654 -23.42 -43.29 113.69
N CYS G 655 -23.81 -44.07 114.70
CA CYS G 655 -24.03 -43.50 116.03
C CYS G 655 -22.75 -42.93 116.62
N PHE G 656 -21.60 -43.52 116.30
CA PHE G 656 -20.32 -42.95 116.74
C PHE G 656 -20.16 -41.53 116.22
N ASP G 657 -20.35 -41.34 114.91
CA ASP G 657 -20.25 -40.00 114.34
C ASP G 657 -21.34 -39.08 114.84
N ILE G 658 -22.53 -39.62 115.14
CA ILE G 658 -23.60 -38.81 115.71
C ILE G 658 -23.19 -38.29 117.08
N SER G 659 -22.57 -39.14 117.90
CA SER G 659 -22.07 -38.70 119.20
C SER G 659 -20.98 -37.66 119.03
N LEU G 660 -20.10 -37.85 118.04
CA LEU G 660 -19.08 -36.83 117.78
C LEU G 660 -19.72 -35.50 117.42
N VAL G 661 -20.75 -35.52 116.58
CA VAL G 661 -21.44 -34.29 116.21
C VAL G 661 -22.08 -33.65 117.44
N LEU G 662 -22.73 -34.46 118.28
CA LEU G 662 -23.37 -33.93 119.48
C LEU G 662 -22.36 -33.28 120.40
N SER G 663 -21.19 -33.90 120.56
CA SER G 663 -20.16 -33.35 121.45
C SER G 663 -19.44 -32.16 120.85
N SER G 664 -19.37 -32.04 119.52
CA SER G 664 -18.64 -30.95 118.89
C SER G 664 -19.54 -29.73 118.66
N ASN G 665 -20.60 -29.91 117.89
CA ASN G 665 -21.49 -28.80 117.59
C ASN G 665 -22.24 -28.36 118.85
N GLN G 666 -22.36 -27.04 119.01
CA GLN G 666 -23.10 -26.45 120.13
C GLN G 666 -24.40 -25.81 119.68
N LYS G 667 -24.81 -26.01 118.43
CA LYS G 667 -26.04 -25.45 117.90
C LYS G 667 -27.19 -26.45 117.88
N LEU G 668 -26.89 -27.75 117.84
CA LEU G 668 -27.95 -28.76 117.78
C LEU G 668 -28.89 -28.60 118.96
N VAL G 669 -30.20 -28.70 118.68
CA VAL G 669 -31.24 -28.46 119.66
C VAL G 669 -32.09 -29.71 119.89
N GLU G 670 -32.45 -30.42 118.83
CA GLU G 670 -33.34 -31.57 118.94
C GLU G 670 -32.89 -32.64 117.95
N LEU G 671 -33.37 -33.86 118.16
CA LEU G 671 -33.02 -34.96 117.27
C LEU G 671 -34.10 -36.03 117.31
N ASP G 672 -34.48 -36.52 116.13
CA ASP G 672 -35.39 -37.64 115.98
C ASP G 672 -34.75 -38.65 115.04
N LEU G 673 -34.55 -39.87 115.53
CA LEU G 673 -33.92 -40.96 114.81
C LEU G 673 -34.82 -42.19 114.78
N SER G 674 -36.12 -41.97 114.57
CA SER G 674 -37.07 -43.06 114.65
C SER G 674 -36.76 -44.13 113.60
N ASP G 675 -36.94 -45.39 113.99
CA ASP G 675 -36.75 -46.53 113.09
C ASP G 675 -35.28 -46.66 112.68
N ASN G 676 -34.38 -46.38 113.61
CA ASN G 676 -32.95 -46.50 113.39
C ASN G 676 -32.42 -47.71 114.12
N ALA G 677 -31.61 -48.53 113.43
CA ALA G 677 -31.02 -49.73 114.03
C ALA G 677 -29.83 -49.35 114.91
N LEU G 678 -30.13 -48.53 115.92
CA LEU G 678 -29.09 -48.06 116.83
C LEU G 678 -28.48 -49.21 117.61
N GLY G 679 -29.32 -50.02 118.26
CA GLY G 679 -28.85 -51.13 119.05
C GLY G 679 -28.24 -50.69 120.37
N ASP G 680 -27.89 -51.66 121.21
CA ASP G 680 -27.25 -51.33 122.48
C ASP G 680 -25.92 -50.64 122.25
N PHE G 681 -25.13 -51.12 121.28
CA PHE G 681 -23.87 -50.46 120.94
C PHE G 681 -24.11 -49.06 120.40
N GLY G 682 -25.14 -48.88 119.59
CA GLY G 682 -25.46 -47.55 119.09
C GLY G 682 -25.79 -46.58 120.21
N ILE G 683 -26.63 -47.01 121.15
CA ILE G 683 -26.96 -46.14 122.28
C ILE G 683 -25.73 -45.90 123.15
N ARG G 684 -24.86 -46.90 123.27
CA ARG G 684 -23.63 -46.73 124.03
C ARG G 684 -22.77 -45.64 123.42
N LEU G 685 -22.62 -45.65 122.09
CA LEU G 685 -21.87 -44.59 121.42
C LEU G 685 -22.57 -43.24 121.57
N LEU G 686 -23.90 -43.23 121.45
CA LEU G 686 -24.66 -41.98 121.50
C LEU G 686 -24.52 -41.30 122.87
N CYS G 687 -24.64 -42.07 123.94
CA CYS G 687 -24.57 -41.49 125.28
C CYS G 687 -23.20 -40.87 125.56
N VAL G 688 -22.15 -41.38 124.91
CA VAL G 688 -20.83 -40.77 125.07
C VAL G 688 -20.86 -39.31 124.64
N GLY G 689 -21.46 -39.03 123.48
CA GLY G 689 -21.63 -37.66 123.06
C GLY G 689 -22.60 -36.89 123.93
N LEU G 690 -23.69 -37.54 124.35
CA LEU G 690 -24.69 -36.86 125.17
C LEU G 690 -24.09 -36.35 126.48
N LYS G 691 -23.24 -37.14 127.12
CA LYS G 691 -22.68 -36.76 128.41
C LYS G 691 -21.56 -35.73 128.28
N HIS G 692 -21.17 -35.36 127.06
CA HIS G 692 -20.18 -34.31 126.88
C HIS G 692 -20.73 -32.98 127.39
N LEU G 693 -19.84 -32.18 127.98
CA LEU G 693 -20.27 -30.90 128.53
C LEU G 693 -20.85 -29.99 127.47
N LEU G 694 -20.37 -30.10 126.23
CA LEU G 694 -20.88 -29.28 125.13
C LEU G 694 -22.19 -29.78 124.57
N CYS G 695 -22.66 -30.94 125.00
CA CYS G 695 -23.93 -31.49 124.53
C CYS G 695 -25.06 -30.54 124.93
N ASN G 696 -25.67 -29.90 123.94
CA ASN G 696 -26.76 -28.96 124.17
C ASN G 696 -28.10 -29.47 123.63
N LEU G 697 -28.19 -30.75 123.29
CA LEU G 697 -29.44 -31.30 122.79
C LEU G 697 -30.50 -31.27 123.89
N LYS G 698 -31.74 -31.03 123.48
CA LYS G 698 -32.87 -30.93 124.41
C LYS G 698 -33.85 -32.08 124.25
N LYS G 699 -34.37 -32.28 123.04
CA LYS G 699 -35.42 -33.28 122.79
C LYS G 699 -34.86 -34.41 121.95
N LEU G 700 -35.16 -35.64 122.36
CA LEU G 700 -34.69 -36.84 121.67
C LEU G 700 -35.86 -37.77 121.42
N TRP G 701 -35.99 -38.22 120.17
CA TRP G 701 -36.94 -39.26 119.79
C TRP G 701 -36.17 -40.46 119.27
N LEU G 702 -36.33 -41.61 119.92
CA LEU G 702 -35.72 -42.86 119.52
C LEU G 702 -36.77 -43.96 119.38
N VAL G 703 -37.99 -43.58 118.98
CA VAL G 703 -39.09 -44.54 118.92
C VAL G 703 -38.75 -45.67 117.96
N SER G 704 -39.09 -46.89 118.35
CA SER G 704 -38.88 -48.07 117.53
C SER G 704 -37.42 -48.19 117.10
N CYS G 705 -36.51 -47.93 118.04
CA CYS G 705 -35.09 -48.02 117.78
C CYS G 705 -34.51 -49.40 118.07
N CYS G 706 -35.36 -50.37 118.40
CA CYS G 706 -34.92 -51.73 118.69
C CYS G 706 -34.06 -51.82 119.95
N LEU G 707 -34.10 -50.79 120.79
CA LEU G 707 -33.30 -50.76 122.00
C LEU G 707 -33.94 -51.63 123.08
N THR G 708 -33.17 -51.87 124.15
CA THR G 708 -33.62 -52.67 125.27
C THR G 708 -33.12 -52.03 126.56
N SER G 709 -33.42 -52.68 127.69
CA SER G 709 -33.02 -52.14 128.98
C SER G 709 -31.52 -52.12 129.16
N ALA G 710 -30.76 -52.83 128.31
CA ALA G 710 -29.31 -52.84 128.44
C ALA G 710 -28.73 -51.44 128.33
N CYS G 711 -29.21 -50.66 127.36
CA CYS G 711 -28.77 -49.28 127.20
C CYS G 711 -29.45 -48.33 128.16
N CYS G 712 -30.43 -48.80 128.94
CA CYS G 712 -31.12 -47.93 129.89
C CYS G 712 -30.17 -47.37 130.93
N GLN G 713 -29.10 -48.10 131.26
CA GLN G 713 -28.11 -47.57 132.19
C GLN G 713 -27.48 -46.30 131.63
N ASP G 714 -27.01 -46.36 130.38
CA ASP G 714 -26.43 -45.18 129.76
C ASP G 714 -27.47 -44.07 129.59
N LEU G 715 -28.71 -44.44 129.26
CA LEU G 715 -29.76 -43.43 129.12
C LEU G 715 -29.97 -42.68 130.43
N ALA G 716 -30.06 -43.41 131.55
CA ALA G 716 -30.22 -42.77 132.85
C ALA G 716 -29.00 -41.93 133.21
N SER G 717 -27.81 -42.43 132.90
CA SER G 717 -26.60 -41.66 133.17
C SER G 717 -26.61 -40.33 132.41
N VAL G 718 -26.99 -40.36 131.12
CA VAL G 718 -27.05 -39.14 130.34
C VAL G 718 -28.14 -38.22 130.87
N LEU G 719 -29.28 -38.79 131.29
CA LEU G 719 -30.35 -37.97 131.84
C LEU G 719 -29.89 -37.25 133.10
N SER G 720 -29.14 -37.94 133.96
CA SER G 720 -28.64 -37.32 135.19
C SER G 720 -27.44 -36.41 134.95
N THR G 721 -26.76 -36.54 133.81
CA THR G 721 -25.57 -35.76 133.54
C THR G 721 -25.85 -34.49 132.74
N SER G 722 -26.48 -34.62 131.57
CA SER G 722 -26.63 -33.48 130.67
C SER G 722 -27.48 -32.38 131.32
N HIS G 723 -27.11 -31.13 131.03
CA HIS G 723 -27.81 -29.97 131.55
C HIS G 723 -28.88 -29.44 130.58
N SER G 724 -28.98 -29.99 129.39
CA SER G 724 -29.93 -29.51 128.39
C SER G 724 -30.94 -30.55 127.95
N LEU G 725 -30.59 -31.83 127.95
CA LEU G 725 -31.53 -32.88 127.56
C LEU G 725 -32.73 -32.88 128.50
N THR G 726 -33.91 -32.55 127.96
CA THR G 726 -35.11 -32.43 128.76
C THR G 726 -36.14 -33.50 128.42
N ARG G 727 -36.54 -33.62 127.16
CA ARG G 727 -37.58 -34.54 126.75
C ARG G 727 -36.97 -35.72 126.01
N LEU G 728 -37.33 -36.93 126.42
CA LEU G 728 -36.86 -38.16 125.78
C LEU G 728 -38.06 -39.07 125.55
N TYR G 729 -38.17 -39.59 124.32
CA TYR G 729 -39.25 -40.50 123.96
C TYR G 729 -38.62 -41.73 123.28
N VAL G 730 -38.53 -42.83 124.02
CA VAL G 730 -37.87 -44.04 123.55
C VAL G 730 -38.85 -45.21 123.46
N GLY G 731 -40.12 -44.94 123.21
CA GLY G 731 -41.11 -46.00 123.10
C GLY G 731 -40.81 -46.97 121.98
N GLU G 732 -41.66 -48.00 121.84
CA GLU G 732 -41.47 -49.02 120.82
C GLU G 732 -40.13 -49.74 120.98
N ASN G 733 -39.65 -49.83 122.22
CA ASN G 733 -38.40 -50.52 122.53
C ASN G 733 -38.63 -51.48 123.69
N ALA G 734 -37.92 -52.60 123.67
CA ALA G 734 -38.07 -53.62 124.71
C ALA G 734 -37.33 -53.21 125.98
N LEU G 735 -37.73 -52.05 126.51
CA LEU G 735 -37.13 -51.56 127.75
C LEU G 735 -37.55 -52.42 128.93
N GLY G 736 -38.84 -52.71 129.05
CA GLY G 736 -39.34 -53.57 130.10
C GLY G 736 -39.44 -52.87 131.44
N ASP G 737 -39.94 -53.62 132.42
CA ASP G 737 -40.05 -53.09 133.78
C ASP G 737 -38.68 -52.78 134.36
N SER G 738 -37.70 -53.64 134.10
CA SER G 738 -36.35 -53.39 134.59
C SER G 738 -35.77 -52.10 133.98
N GLY G 739 -35.96 -51.92 132.68
CA GLY G 739 -35.48 -50.69 132.06
C GLY G 739 -36.18 -49.45 132.58
N VAL G 740 -37.49 -49.55 132.79
CA VAL G 740 -38.24 -48.41 133.33
C VAL G 740 -37.75 -48.08 134.75
N ALA G 741 -37.50 -49.11 135.56
CA ALA G 741 -36.98 -48.87 136.90
C ALA G 741 -35.58 -48.26 136.86
N ILE G 742 -34.74 -48.71 135.93
CA ILE G 742 -33.41 -48.12 135.78
C ILE G 742 -33.52 -46.65 135.41
N LEU G 743 -34.42 -46.32 134.48
CA LEU G 743 -34.61 -44.92 134.12
C LEU G 743 -35.13 -44.12 135.30
N CYS G 744 -36.06 -44.69 136.07
CA CYS G 744 -36.66 -43.98 137.19
C CYS G 744 -35.65 -43.72 138.30
N GLU G 745 -34.74 -44.67 138.53
CA GLU G 745 -33.76 -44.49 139.61
C GLU G 745 -32.92 -43.24 139.40
N LYS G 746 -32.78 -42.79 138.15
CA LYS G 746 -32.07 -41.56 137.83
C LYS G 746 -33.00 -40.37 137.66
N ALA G 747 -34.18 -40.58 137.08
CA ALA G 747 -35.13 -39.50 136.91
C ALA G 747 -35.68 -38.98 138.23
N LYS G 748 -35.64 -39.80 139.29
CA LYS G 748 -36.12 -39.36 140.59
C LYS G 748 -35.32 -38.20 141.13
N ASN G 749 -34.12 -37.97 140.63
CA ASN G 749 -33.32 -36.85 141.09
C ASN G 749 -34.06 -35.55 140.84
N PRO G 750 -34.34 -34.74 141.87
CA PRO G 750 -35.09 -33.50 141.64
C PRO G 750 -34.41 -32.56 140.66
N GLN G 751 -33.08 -32.54 140.63
CA GLN G 751 -32.36 -31.69 139.69
C GLN G 751 -32.47 -32.20 138.26
N CYS G 752 -32.90 -33.44 138.06
CA CYS G 752 -33.02 -33.98 136.71
C CYS G 752 -33.95 -33.12 135.87
N ASN G 753 -33.52 -32.86 134.63
CA ASN G 753 -34.22 -31.93 133.75
C ASN G 753 -35.29 -32.58 132.89
N LEU G 754 -35.51 -33.88 133.01
CA LEU G 754 -36.51 -34.54 132.20
C LEU G 754 -37.89 -33.92 132.46
N GLN G 755 -38.59 -33.57 131.38
CA GLN G 755 -39.88 -32.92 131.48
C GLN G 755 -41.01 -33.78 130.93
N LYS G 756 -40.91 -34.23 129.68
CA LYS G 756 -41.92 -35.08 129.07
C LYS G 756 -41.32 -36.45 128.80
N LEU G 757 -41.94 -37.49 129.35
CA LEU G 757 -41.45 -38.85 129.24
C LEU G 757 -42.45 -39.69 128.46
N GLY G 758 -41.95 -40.37 127.43
CA GLY G 758 -42.77 -41.25 126.62
C GLY G 758 -42.22 -42.66 126.52
N LEU G 759 -43.02 -43.64 126.93
CA LEU G 759 -42.64 -45.04 126.84
C LEU G 759 -43.56 -45.75 125.87
N VAL G 760 -43.79 -45.15 124.71
CA VAL G 760 -44.83 -45.60 123.79
C VAL G 760 -44.67 -47.10 123.54
N ASN G 761 -45.69 -47.87 123.92
CA ASN G 761 -45.70 -49.32 123.72
C ASN G 761 -44.39 -49.95 124.16
N SER G 762 -43.94 -49.57 125.35
CA SER G 762 -42.68 -50.06 125.90
C SER G 762 -42.82 -51.36 126.68
N GLY G 763 -44.01 -51.95 126.70
CA GLY G 763 -44.23 -53.19 127.42
C GLY G 763 -44.05 -53.04 128.92
N LEU G 764 -44.65 -52.00 129.49
CA LEU G 764 -44.52 -51.71 130.92
C LEU G 764 -45.64 -52.40 131.68
N THR G 765 -45.33 -52.85 132.88
CA THR G 765 -46.28 -53.49 133.78
C THR G 765 -46.47 -52.65 135.03
N SER G 766 -47.27 -53.17 135.97
CA SER G 766 -47.55 -52.44 137.20
C SER G 766 -46.33 -52.33 138.10
N VAL G 767 -45.34 -53.20 137.95
CA VAL G 767 -44.17 -53.17 138.83
C VAL G 767 -43.44 -51.84 138.68
N CYS G 768 -43.22 -51.39 137.44
CA CYS G 768 -42.59 -50.11 137.21
C CYS G 768 -43.50 -48.94 137.54
N CYS G 769 -44.78 -49.18 137.80
CA CYS G 769 -45.69 -48.10 138.15
C CYS G 769 -45.28 -47.42 139.46
N SER G 770 -44.87 -48.22 140.45
CA SER G 770 -44.41 -47.63 141.71
C SER G 770 -43.15 -46.80 141.51
N ALA G 771 -42.20 -47.30 140.71
CA ALA G 771 -40.99 -46.53 140.44
C ALA G 771 -41.31 -45.24 139.70
N LEU G 772 -42.25 -45.28 138.75
CA LEU G 772 -42.63 -44.08 138.04
C LEU G 772 -43.34 -43.09 138.96
N SER G 773 -44.15 -43.59 139.90
CA SER G 773 -44.76 -42.71 140.89
C SER G 773 -43.71 -42.06 141.77
N SER G 774 -42.69 -42.83 142.17
CA SER G 774 -41.59 -42.25 142.94
C SER G 774 -40.88 -41.17 142.14
N VAL G 775 -40.65 -41.42 140.85
CA VAL G 775 -40.03 -40.41 139.99
C VAL G 775 -40.90 -39.16 139.93
N LEU G 776 -42.20 -39.34 139.78
CA LEU G 776 -43.11 -38.19 139.74
C LEU G 776 -43.04 -37.39 141.02
N SER G 777 -43.02 -38.07 142.17
CA SER G 777 -43.00 -37.38 143.45
C SER G 777 -41.66 -36.71 143.71
N THR G 778 -40.56 -37.28 143.21
CA THR G 778 -39.23 -36.74 143.50
C THR G 778 -38.82 -35.66 142.50
N ASN G 779 -38.77 -36.00 141.22
CA ASN G 779 -38.45 -35.01 140.19
C ASN G 779 -39.60 -34.02 140.06
N GLN G 780 -39.26 -32.74 140.02
CA GLN G 780 -40.24 -31.66 139.89
C GLN G 780 -40.29 -31.06 138.50
N ASN G 781 -39.55 -31.63 137.54
CA ASN G 781 -39.48 -31.09 136.19
C ASN G 781 -40.29 -31.90 135.18
N LEU G 782 -40.93 -32.98 135.61
CA LEU G 782 -41.74 -33.80 134.69
C LEU G 782 -43.09 -33.15 134.48
N THR G 783 -43.50 -33.04 133.21
CA THR G 783 -44.74 -32.38 132.84
C THR G 783 -45.74 -33.30 132.15
N HIS G 784 -45.30 -34.06 131.15
CA HIS G 784 -46.18 -34.91 130.36
C HIS G 784 -45.69 -36.35 130.42
N LEU G 785 -46.62 -37.29 130.49
CA LEU G 785 -46.30 -38.71 130.60
C LEU G 785 -47.17 -39.51 129.63
N TYR G 786 -46.52 -40.17 128.68
CA TYR G 786 -47.20 -41.07 127.74
C TYR G 786 -46.75 -42.49 128.02
N LEU G 787 -47.72 -43.40 128.21
CA LEU G 787 -47.41 -44.79 128.49
C LEU G 787 -48.25 -45.71 127.61
N ARG G 788 -48.58 -45.25 126.40
CA ARG G 788 -49.42 -46.03 125.51
C ARG G 788 -48.77 -47.36 125.18
N GLY G 789 -49.59 -48.40 125.04
CA GLY G 789 -49.11 -49.73 124.70
C GLY G 789 -48.63 -50.56 125.87
N ASN G 790 -48.83 -50.11 127.10
CA ASN G 790 -48.41 -50.84 128.29
C ASN G 790 -49.64 -51.24 129.09
N THR G 791 -49.78 -52.53 129.36
CA THR G 791 -50.92 -53.05 130.10
C THR G 791 -50.65 -52.95 131.61
N LEU G 792 -50.80 -51.73 132.12
CA LEU G 792 -50.54 -51.48 133.53
C LEU G 792 -51.51 -52.26 134.42
N GLY G 793 -52.79 -52.23 134.08
CA GLY G 793 -53.81 -52.82 134.92
C GLY G 793 -54.27 -51.86 136.00
N ASP G 794 -55.28 -52.32 136.75
CA ASP G 794 -55.84 -51.48 137.82
C ASP G 794 -54.84 -51.28 138.95
N LYS G 795 -54.05 -52.31 139.26
CA LYS G 795 -53.01 -52.14 140.27
C LYS G 795 -52.00 -51.08 139.86
N GLY G 796 -51.56 -51.11 138.61
CA GLY G 796 -50.66 -50.08 138.13
C GLY G 796 -51.30 -48.70 138.11
N ILE G 797 -52.58 -48.64 137.76
CA ILE G 797 -53.29 -47.36 137.76
C ILE G 797 -53.31 -46.78 139.18
N LYS G 798 -53.63 -47.61 140.17
CA LYS G 798 -53.64 -47.13 141.55
C LYS G 798 -52.24 -46.74 142.01
N LEU G 799 -51.22 -47.51 141.60
CA LEU G 799 -49.86 -47.17 141.98
C LEU G 799 -49.46 -45.81 141.43
N LEU G 800 -49.78 -45.55 140.16
CA LEU G 800 -49.49 -44.25 139.57
C LEU G 800 -50.27 -43.14 140.27
N CYS G 801 -51.55 -43.38 140.55
CA CYS G 801 -52.38 -42.39 141.20
C CYS G 801 -51.82 -42.02 142.57
N GLU G 802 -51.31 -43.02 143.31
CA GLU G 802 -50.77 -42.75 144.63
C GLU G 802 -49.69 -41.67 144.58
N GLY G 803 -48.91 -41.62 143.50
CA GLY G 803 -47.87 -40.62 143.35
C GLY G 803 -48.35 -39.33 142.73
N LEU G 804 -49.20 -39.44 141.70
CA LEU G 804 -49.69 -38.23 141.03
C LEU G 804 -50.62 -37.42 141.92
N LEU G 805 -51.24 -38.03 142.92
CA LEU G 805 -52.01 -37.27 143.90
C LEU G 805 -51.11 -36.47 144.83
N HIS G 806 -49.84 -36.84 144.92
CA HIS G 806 -48.92 -36.12 145.78
C HIS G 806 -48.79 -34.67 145.30
N PRO G 807 -48.82 -33.69 146.21
CA PRO G 807 -48.74 -32.29 145.76
C PRO G 807 -47.49 -31.99 144.95
N ASP G 808 -46.38 -32.68 145.22
CA ASP G 808 -45.15 -32.45 144.46
C ASP G 808 -45.31 -32.85 143.00
N CYS G 809 -46.29 -33.67 142.67
CA CYS G 809 -46.51 -34.05 141.27
C CYS G 809 -46.79 -32.82 140.43
N LYS G 810 -46.09 -32.71 139.30
CA LYS G 810 -46.22 -31.55 138.41
C LYS G 810 -46.61 -31.97 137.00
N LEU G 811 -47.17 -33.16 136.83
CA LEU G 811 -47.59 -33.62 135.52
C LEU G 811 -48.75 -32.78 135.00
N GLN G 812 -48.82 -32.61 133.68
CA GLN G 812 -49.87 -31.84 133.04
C GLN G 812 -50.73 -32.67 132.09
N VAL G 813 -50.13 -33.59 131.35
CA VAL G 813 -50.85 -34.44 130.41
C VAL G 813 -50.47 -35.89 130.69
N LEU G 814 -51.47 -36.76 130.71
CA LEU G 814 -51.28 -38.18 130.95
C LEU G 814 -51.99 -38.99 129.88
N GLU G 815 -51.22 -39.71 129.08
CA GLU G 815 -51.76 -40.58 128.03
C GLU G 815 -51.57 -42.03 128.46
N LEU G 816 -52.68 -42.76 128.53
CA LEU G 816 -52.66 -44.15 128.99
C LEU G 816 -53.54 -45.03 128.10
N ASP G 817 -53.57 -44.74 126.80
CA ASP G 817 -54.34 -45.57 125.88
C ASP G 817 -53.64 -46.91 125.67
N ASN G 818 -54.43 -47.94 125.36
CA ASN G 818 -53.92 -49.29 125.18
C ASN G 818 -53.21 -49.77 126.45
N CYS G 819 -53.69 -49.30 127.60
CA CYS G 819 -53.08 -49.62 128.88
C CYS G 819 -53.71 -50.84 129.55
N ASN G 820 -54.71 -51.47 128.94
CA ASN G 820 -55.40 -52.62 129.52
C ASN G 820 -55.95 -52.27 130.90
N LEU G 821 -56.78 -51.22 130.91
CA LEU G 821 -57.37 -50.70 132.14
C LEU G 821 -58.85 -51.11 132.20
N THR G 822 -59.25 -51.65 133.34
CA THR G 822 -60.62 -52.11 133.54
C THR G 822 -61.42 -51.04 134.28
N SER G 823 -62.67 -51.37 134.63
CA SER G 823 -63.52 -50.44 135.35
C SER G 823 -63.06 -50.19 136.78
N HIS G 824 -62.13 -51.01 137.30
CA HIS G 824 -61.67 -50.83 138.67
C HIS G 824 -60.94 -49.49 138.82
N CYS G 825 -60.10 -49.14 137.86
CA CYS G 825 -59.38 -47.87 137.95
C CYS G 825 -60.29 -46.66 137.88
N CYS G 826 -61.61 -46.86 137.79
CA CYS G 826 -62.53 -45.73 137.73
C CYS G 826 -62.45 -44.89 138.99
N TRP G 827 -62.40 -45.53 140.17
CA TRP G 827 -62.31 -44.77 141.41
C TRP G 827 -60.95 -44.11 141.55
N ASP G 828 -59.88 -44.78 141.11
CA ASP G 828 -58.56 -44.15 141.08
C ASP G 828 -58.61 -42.84 140.30
N LEU G 829 -59.18 -42.90 139.09
CA LEU G 829 -59.23 -41.71 138.24
C LEU G 829 -60.18 -40.66 138.79
N SER G 830 -61.27 -41.08 139.43
CA SER G 830 -62.16 -40.11 140.07
C SER G 830 -61.45 -39.37 141.20
N THR G 831 -60.70 -40.09 142.02
CA THR G 831 -59.92 -39.45 143.07
C THR G 831 -58.88 -38.51 142.48
N LEU G 832 -58.22 -38.93 141.40
CA LEU G 832 -57.25 -38.06 140.75
C LEU G 832 -57.90 -36.80 140.22
N LEU G 833 -59.09 -36.92 139.64
CA LEU G 833 -59.79 -35.75 139.13
C LEU G 833 -60.19 -34.83 140.27
N THR G 834 -60.63 -35.40 141.41
CA THR G 834 -61.08 -34.60 142.53
C THR G 834 -59.93 -33.94 143.30
N SER G 835 -58.73 -34.52 143.27
CA SER G 835 -57.62 -34.01 144.06
C SER G 835 -56.54 -33.32 143.23
N SER G 836 -56.00 -34.02 142.22
CA SER G 836 -54.93 -33.50 141.37
C SER G 836 -55.21 -32.06 140.97
N GLN G 837 -54.24 -31.18 141.21
CA GLN G 837 -54.37 -29.75 140.94
C GLN G 837 -53.38 -29.26 139.89
N SER G 838 -52.72 -30.16 139.18
CA SER G 838 -51.71 -29.76 138.21
C SER G 838 -51.98 -30.29 136.80
N LEU G 839 -52.49 -31.52 136.68
CA LEU G 839 -52.72 -32.10 135.37
C LEU G 839 -53.83 -31.36 134.62
N ARG G 840 -53.68 -31.30 133.30
CA ARG G 840 -54.63 -30.59 132.44
C ARG G 840 -55.28 -31.48 131.39
N LYS G 841 -54.62 -32.56 130.96
CA LYS G 841 -55.12 -33.42 129.90
C LYS G 841 -55.00 -34.87 130.34
N LEU G 842 -56.05 -35.65 130.11
CA LEU G 842 -56.05 -37.08 130.41
C LEU G 842 -56.66 -37.82 129.24
N SER G 843 -55.86 -38.64 128.57
CA SER G 843 -56.32 -39.48 127.47
C SER G 843 -56.27 -40.94 127.92
N LEU G 844 -57.40 -41.65 127.78
CA LEU G 844 -57.48 -43.01 128.28
C LEU G 844 -58.22 -43.95 127.32
N GLY G 845 -58.34 -43.58 126.05
CA GLY G 845 -59.09 -44.36 125.10
C GLY G 845 -58.62 -45.80 124.99
N ASN G 846 -59.34 -46.61 124.21
CA ASN G 846 -59.04 -48.03 124.05
C ASN G 846 -59.02 -48.73 125.41
N ASN G 847 -59.96 -48.35 126.26
CA ASN G 847 -60.12 -48.97 127.57
C ASN G 847 -61.61 -49.04 127.90
N ASP G 848 -62.06 -50.22 128.31
CA ASP G 848 -63.48 -50.43 128.61
C ASP G 848 -63.80 -50.04 130.04
N LEU G 849 -63.64 -48.75 130.32
CA LEU G 849 -63.94 -48.24 131.66
C LEU G 849 -65.42 -48.43 131.99
N GLY G 850 -66.29 -48.17 131.03
CA GLY G 850 -67.69 -48.49 131.18
C GLY G 850 -68.57 -47.25 131.33
N ASP G 851 -69.87 -47.45 131.10
CA ASP G 851 -70.83 -46.37 131.28
C ASP G 851 -70.86 -45.92 132.73
N LEU G 852 -70.73 -46.85 133.67
CA LEU G 852 -70.66 -46.46 135.08
C LEU G 852 -69.46 -45.55 135.34
N GLY G 853 -68.29 -45.91 134.79
CA GLY G 853 -67.13 -45.07 134.97
C GLY G 853 -67.30 -43.69 134.35
N VAL G 854 -67.86 -43.64 133.14
CA VAL G 854 -68.06 -42.35 132.48
C VAL G 854 -69.06 -41.50 133.28
N MET G 855 -70.11 -42.12 133.81
CA MET G 855 -71.09 -41.38 134.60
C MET G 855 -70.46 -40.83 135.88
N MET G 856 -69.68 -41.65 136.59
CA MET G 856 -69.03 -41.16 137.80
C MET G 856 -68.05 -40.04 137.48
N PHE G 857 -67.29 -40.19 136.39
CA PHE G 857 -66.35 -39.15 136.01
C PHE G 857 -67.05 -37.85 135.67
N CYS G 858 -68.18 -37.94 134.95
CA CYS G 858 -68.95 -36.73 134.63
C CYS G 858 -69.56 -36.11 135.88
N GLU G 859 -70.01 -36.95 136.81
CA GLU G 859 -70.54 -36.43 138.07
C GLU G 859 -69.48 -35.67 138.84
N VAL G 860 -68.25 -36.18 138.87
CA VAL G 860 -67.16 -35.46 139.51
C VAL G 860 -66.80 -34.21 138.71
N LEU G 861 -66.90 -34.27 137.38
CA LEU G 861 -66.47 -33.17 136.53
C LEU G 861 -67.42 -31.98 136.61
N LYS G 862 -68.72 -32.25 136.81
CA LYS G 862 -69.68 -31.15 136.82
C LYS G 862 -69.39 -30.14 137.93
N GLN G 863 -68.62 -30.54 138.93
CA GLN G 863 -68.15 -29.58 139.93
C GLN G 863 -67.20 -28.58 139.29
N GLN G 864 -67.14 -27.38 139.89
CA GLN G 864 -66.22 -26.35 139.41
C GLN G 864 -64.78 -26.60 139.84
N SER G 865 -64.52 -27.65 140.61
CA SER G 865 -63.19 -27.94 141.13
C SER G 865 -62.30 -28.68 140.15
N CYS G 866 -62.80 -29.02 138.96
CA CYS G 866 -62.01 -29.76 137.98
C CYS G 866 -61.14 -28.79 137.19
N LEU G 867 -59.86 -28.70 137.59
CA LEU G 867 -58.92 -27.83 136.89
C LEU G 867 -58.45 -28.41 135.57
N LEU G 868 -58.64 -29.69 135.33
CA LEU G 868 -58.28 -30.29 134.05
C LEU G 868 -59.14 -29.71 132.94
N GLN G 869 -58.60 -29.71 131.72
CA GLN G 869 -59.29 -29.13 130.58
C GLN G 869 -59.58 -30.11 129.45
N ASN G 870 -58.81 -31.18 129.30
CA ASN G 870 -58.98 -32.10 128.17
C ASN G 870 -59.14 -33.52 128.69
N LEU G 871 -60.15 -34.23 128.19
CA LEU G 871 -60.36 -35.63 128.47
C LEU G 871 -60.64 -36.36 127.16
N GLY G 872 -59.96 -37.49 126.98
CA GLY G 872 -60.11 -38.26 125.75
C GLY G 872 -60.54 -39.69 126.00
N LEU G 873 -61.76 -40.04 125.56
CA LEU G 873 -62.29 -41.38 125.70
C LEU G 873 -62.55 -42.01 124.34
N SER G 874 -61.72 -41.69 123.36
CA SER G 874 -61.91 -42.22 122.01
C SER G 874 -61.73 -43.73 122.01
N GLU G 875 -62.46 -44.40 121.12
CA GLU G 875 -62.53 -45.85 120.98
C GLU G 875 -63.38 -46.47 122.08
N MET G 876 -63.86 -45.70 123.04
CA MET G 876 -64.77 -46.19 124.07
C MET G 876 -66.19 -46.16 123.51
N TYR G 877 -66.87 -47.30 123.60
CA TYR G 877 -68.23 -47.44 123.09
C TYR G 877 -69.22 -47.40 124.25
N PHE G 878 -70.19 -46.50 124.15
CA PHE G 878 -71.17 -46.26 125.21
C PHE G 878 -72.57 -46.34 124.63
N ASN G 879 -73.56 -45.97 125.45
CA ASN G 879 -74.94 -45.98 125.03
C ASN G 879 -75.42 -44.56 124.74
N TYR G 880 -76.68 -44.44 124.30
CA TYR G 880 -77.25 -43.13 124.03
C TYR G 880 -77.30 -42.27 125.28
N GLU G 881 -77.67 -42.88 126.42
CA GLU G 881 -77.71 -42.13 127.67
C GLU G 881 -76.33 -41.58 128.04
N THR G 882 -75.30 -42.42 127.93
CA THR G 882 -73.95 -41.97 128.25
C THR G 882 -73.48 -40.89 127.30
N LYS G 883 -73.79 -41.04 126.00
CA LYS G 883 -73.40 -40.01 125.03
C LYS G 883 -74.09 -38.68 125.35
N SER G 884 -75.39 -38.73 125.68
CA SER G 884 -76.10 -37.51 126.03
C SER G 884 -75.53 -36.87 127.28
N ALA G 885 -75.19 -37.68 128.28
CA ALA G 885 -74.59 -37.13 129.50
C ALA G 885 -73.24 -36.49 129.20
N LEU G 886 -72.43 -37.14 128.36
CA LEU G 886 -71.14 -36.57 128.00
C LEU G 886 -71.31 -35.23 127.28
N GLU G 887 -72.25 -35.16 126.35
CA GLU G 887 -72.50 -33.90 125.64
C GLU G 887 -72.98 -32.82 126.62
N THR G 888 -73.87 -33.19 127.54
CA THR G 888 -74.36 -32.23 128.52
C THR G 888 -73.23 -31.70 129.38
N LEU G 889 -72.33 -32.58 129.83
CA LEU G 889 -71.19 -32.14 130.63
C LEU G 889 -70.28 -31.22 129.82
N GLN G 890 -70.02 -31.58 128.56
CA GLN G 890 -69.13 -30.77 127.73
C GLN G 890 -69.70 -29.38 127.50
N GLU G 891 -71.01 -29.29 127.25
CA GLU G 891 -71.64 -27.99 127.04
C GLU G 891 -71.84 -27.21 128.34
N GLU G 892 -71.94 -27.89 129.48
CA GLU G 892 -72.00 -27.21 130.76
C GLU G 892 -70.64 -26.65 131.16
N LYS G 893 -69.55 -27.30 130.72
CA LYS G 893 -68.19 -26.83 130.96
C LYS G 893 -67.50 -26.68 129.61
N PRO G 894 -67.72 -25.55 128.92
CA PRO G 894 -67.08 -25.38 127.60
C PRO G 894 -65.56 -25.45 127.66
N GLU G 895 -64.95 -24.94 128.74
CA GLU G 895 -63.50 -25.02 128.88
C GLU G 895 -63.03 -26.44 129.14
N LEU G 896 -63.91 -27.32 129.62
CA LEU G 896 -63.60 -28.73 129.81
C LEU G 896 -64.17 -29.51 128.63
N THR G 897 -63.29 -30.11 127.83
CA THR G 897 -63.69 -30.83 126.63
C THR G 897 -63.53 -32.32 126.85
N VAL G 898 -64.49 -33.10 126.36
CA VAL G 898 -64.44 -34.55 126.39
C VAL G 898 -64.62 -35.05 124.97
N VAL G 899 -63.61 -35.73 124.44
CA VAL G 899 -63.61 -36.22 123.07
C VAL G 899 -64.01 -37.68 123.10
N PHE G 900 -65.21 -37.97 122.59
CA PHE G 900 -65.77 -39.32 122.56
C PHE G 900 -66.47 -39.61 121.25
N GLU G 901 -65.97 -39.04 120.15
CA GLU G 901 -66.65 -39.16 118.87
C GLU G 901 -66.67 -40.60 118.39
N PRO G 902 -67.63 -40.94 117.52
CA PRO G 902 -67.81 -42.29 116.97
C PRO G 902 -66.79 -42.61 115.87
N LYS H 1 -1.73 -47.79 18.73
CA LYS H 1 -2.70 -48.64 19.38
C LYS H 1 -3.49 -47.89 20.47
N LYS H 2 -4.81 -47.96 20.37
CA LYS H 2 -5.78 -47.28 21.26
C LYS H 2 -7.21 -47.72 20.96
N ASP H 3 -7.61 -48.87 21.47
CA ASP H 3 -8.91 -49.37 21.08
C ASP H 3 -10.09 -48.61 21.61
N TYR H 4 -10.21 -47.43 21.03
CA TYR H 4 -11.23 -46.45 21.35
C TYR H 4 -12.59 -47.12 21.45
N ARG H 5 -12.80 -48.21 20.70
CA ARG H 5 -13.96 -49.05 20.94
C ARG H 5 -14.01 -49.51 22.39
N LYS H 6 -12.89 -49.96 22.92
CA LYS H 6 -12.85 -50.41 24.31
C LYS H 6 -13.20 -49.28 25.26
N LYS H 7 -12.61 -48.11 25.04
CA LYS H 7 -12.86 -46.98 25.95
C LYS H 7 -14.31 -46.54 25.89
N TYR H 8 -14.87 -46.43 24.69
CA TYR H 8 -16.27 -46.06 24.55
C TYR H 8 -17.19 -47.11 25.17
N ARG H 9 -16.87 -48.39 24.99
CA ARG H 9 -17.67 -49.44 25.60
C ARG H 9 -17.65 -49.31 27.12
N LYS H 10 -16.47 -49.06 27.70
CA LYS H 10 -16.41 -48.88 29.14
C LYS H 10 -17.25 -47.69 29.58
N TYR H 11 -17.14 -46.57 28.87
CA TYR H 11 -17.91 -45.39 29.28
C TYR H 11 -19.41 -45.66 29.21
N VAL H 12 -19.87 -46.26 28.12
CA VAL H 12 -21.29 -46.51 27.96
C VAL H 12 -21.79 -47.50 29.01
N ARG H 13 -21.02 -48.57 29.24
CA ARG H 13 -21.39 -49.54 30.26
C ARG H 13 -21.43 -48.91 31.64
N SER H 14 -20.61 -47.90 31.90
CA SER H 14 -20.67 -47.20 33.17
C SER H 14 -21.87 -46.26 33.26
N ARG H 15 -22.17 -45.55 32.17
CA ARG H 15 -23.22 -44.54 32.19
C ARG H 15 -24.62 -45.09 32.02
N PHE H 16 -24.77 -46.33 31.54
CA PHE H 16 -26.07 -46.90 31.23
C PHE H 16 -26.34 -48.17 32.03
N GLN H 17 -26.06 -48.14 33.33
CA GLN H 17 -26.20 -49.32 34.17
C GLN H 17 -27.14 -49.13 35.35
N CYS H 18 -27.77 -47.97 35.48
CA CYS H 18 -28.67 -47.71 36.59
C CYS H 18 -29.91 -47.01 36.09
N ILE H 19 -31.04 -47.30 36.72
CA ILE H 19 -32.34 -46.79 36.31
C ILE H 19 -32.96 -46.10 37.52
N GLU H 20 -33.04 -44.77 37.48
CA GLU H 20 -33.68 -44.02 38.54
C GLU H 20 -35.18 -43.95 38.32
N ASP H 21 -35.94 -44.32 39.34
CA ASP H 21 -37.40 -44.28 39.26
C ASP H 21 -37.87 -42.84 39.27
N ARG H 22 -39.18 -42.63 39.20
CA ARG H 22 -39.72 -41.27 39.24
C ARG H 22 -39.50 -40.63 40.61
N ASN H 23 -39.85 -41.34 41.67
CA ASN H 23 -39.66 -40.86 43.04
C ASN H 23 -38.40 -41.50 43.61
N ALA H 24 -37.25 -40.97 43.19
CA ALA H 24 -35.96 -41.48 43.63
C ALA H 24 -35.21 -40.36 44.35
N ARG H 25 -35.21 -40.40 45.68
CA ARG H 25 -34.39 -39.47 46.43
C ARG H 25 -32.91 -39.71 46.10
N LEU H 26 -32.11 -38.67 46.29
CA LEU H 26 -30.71 -38.69 45.85
C LEU H 26 -30.06 -40.04 46.13
N GLY H 27 -29.35 -40.55 45.14
CA GLY H 27 -28.59 -41.78 45.27
C GLY H 27 -29.42 -43.01 45.60
N GLU H 28 -30.52 -43.22 44.88
CA GLU H 28 -31.36 -44.40 45.05
C GLU H 28 -31.58 -45.11 43.71
N SER H 29 -30.53 -45.14 42.89
CA SER H 29 -30.61 -45.80 41.59
C SER H 29 -30.67 -47.31 41.77
N VAL H 30 -31.20 -48.00 40.75
CA VAL H 30 -31.38 -49.44 40.76
C VAL H 30 -30.78 -50.01 39.48
N SER H 31 -30.05 -51.11 39.61
CA SER H 31 -29.37 -51.72 38.48
C SER H 31 -30.37 -52.25 37.45
N LEU H 32 -30.07 -52.01 36.17
CA LEU H 32 -30.94 -52.48 35.10
C LEU H 32 -31.03 -54.00 35.09
N ASN H 33 -29.89 -54.67 35.20
CA ASN H 33 -29.89 -56.13 35.20
C ASN H 33 -30.72 -56.70 36.33
N LYS H 34 -30.93 -55.94 37.40
CA LYS H 34 -31.83 -56.38 38.45
C LYS H 34 -33.28 -56.06 38.10
N ARG H 35 -33.59 -54.78 37.90
CA ARG H 35 -34.96 -54.38 37.61
C ARG H 35 -35.16 -54.12 36.12
N TYR H 36 -34.96 -55.18 35.33
CA TYR H 36 -35.33 -55.18 33.92
C TYR H 36 -35.85 -56.55 33.56
N THR H 37 -37.16 -56.64 33.27
CA THR H 37 -37.75 -57.86 32.75
C THR H 37 -37.68 -57.84 31.23
N ARG H 38 -38.37 -58.77 30.57
CA ARG H 38 -38.40 -58.85 29.12
C ARG H 38 -39.82 -58.63 28.64
N LEU H 39 -40.00 -57.67 27.73
CA LEU H 39 -41.33 -57.32 27.24
C LEU H 39 -41.73 -58.28 26.13
N ARG H 40 -42.83 -57.96 25.44
CA ARG H 40 -43.31 -58.71 24.29
C ARG H 40 -43.20 -57.83 23.05
N LEU H 41 -42.48 -58.31 22.05
CA LEU H 41 -42.36 -57.61 20.77
C LEU H 41 -43.01 -58.45 19.68
N ILE H 42 -43.74 -57.78 18.79
CA ILE H 42 -44.45 -58.46 17.72
C ILE H 42 -44.36 -57.62 16.44
N LYS H 43 -44.19 -58.29 15.31
CA LYS H 43 -44.29 -57.61 14.02
C LYS H 43 -45.76 -57.31 13.74
N GLU H 44 -46.13 -56.04 13.81
CA GLU H 44 -47.54 -55.67 13.92
C GLU H 44 -48.34 -56.22 12.75
N HIS H 45 -49.44 -56.89 13.08
CA HIS H 45 -50.43 -57.36 12.13
C HIS H 45 -51.83 -57.12 12.69
N ARG H 46 -52.01 -56.01 13.39
CA ARG H 46 -53.20 -55.77 14.20
C ARG H 46 -54.30 -55.16 13.34
N SER H 47 -55.35 -55.94 13.09
CA SER H 47 -56.50 -55.46 12.34
C SER H 47 -57.41 -54.62 13.24
N GLN H 48 -58.46 -54.06 12.64
CA GLN H 48 -59.37 -53.19 13.37
C GLN H 48 -60.21 -53.98 14.38
N GLN H 49 -60.87 -55.04 13.91
CA GLN H 49 -61.62 -55.89 14.82
C GLN H 49 -60.69 -56.50 15.86
N GLU H 50 -59.48 -56.88 15.45
CA GLU H 50 -58.52 -57.43 16.39
C GLU H 50 -58.20 -56.43 17.49
N ARG H 51 -57.98 -55.16 17.11
CA ARG H 51 -57.67 -54.13 18.09
C ARG H 51 -58.84 -53.93 19.06
N GLU H 52 -60.06 -53.85 18.53
CA GLU H 52 -61.21 -53.62 19.40
C GLU H 52 -61.40 -54.79 20.37
N GLN H 53 -61.29 -56.02 19.86
CA GLN H 53 -61.43 -57.18 20.72
C GLN H 53 -60.32 -57.23 21.76
N GLU H 54 -59.10 -56.86 21.37
CA GLU H 54 -58.01 -56.80 22.35
C GLU H 54 -58.36 -55.82 23.47
N LEU H 55 -58.76 -54.60 23.10
CA LEU H 55 -59.19 -53.64 24.11
C LEU H 55 -60.16 -54.27 25.09
N LEU H 56 -61.31 -54.73 24.57
CA LEU H 56 -62.38 -55.18 25.45
C LEU H 56 -61.98 -56.39 26.29
N ALA H 57 -61.40 -57.41 25.65
CA ALA H 57 -61.05 -58.63 26.37
C ALA H 57 -59.98 -58.36 27.42
N ILE H 58 -58.87 -57.75 27.00
CA ILE H 58 -57.81 -57.41 27.96
C ILE H 58 -58.39 -56.61 29.11
N GLY H 59 -59.40 -55.78 28.83
CA GLY H 59 -60.12 -55.14 29.92
C GLY H 59 -60.77 -56.14 30.83
N LYS H 60 -61.47 -57.11 30.24
CA LYS H 60 -62.16 -58.09 31.07
C LYS H 60 -61.18 -58.88 31.92
N THR H 61 -60.42 -59.80 31.30
CA THR H 61 -59.27 -60.37 31.99
C THR H 61 -58.11 -60.65 31.04
N LYS H 62 -58.42 -60.92 29.78
CA LYS H 62 -57.47 -61.48 28.83
C LYS H 62 -56.55 -62.48 29.50
N THR H 63 -57.11 -63.41 30.28
CA THR H 63 -56.34 -64.40 31.00
C THR H 63 -56.31 -65.75 30.30
N CYS H 64 -56.97 -65.88 29.15
CA CYS H 64 -56.99 -67.15 28.43
C CYS H 64 -55.61 -67.46 27.85
N GLU H 65 -55.34 -68.76 27.69
CA GLU H 65 -54.06 -69.21 27.13
C GLU H 65 -53.98 -68.81 25.67
N SER H 66 -53.16 -67.81 25.37
CA SER H 66 -52.99 -67.31 24.00
C SER H 66 -51.49 -67.15 23.72
N PRO H 67 -50.76 -68.27 23.66
CA PRO H 67 -49.33 -68.17 23.34
C PRO H 67 -49.10 -67.71 21.91
N VAL H 68 -47.94 -67.08 21.69
CA VAL H 68 -47.56 -66.55 20.39
C VAL H 68 -46.09 -66.87 20.13
N SER H 69 -45.66 -66.63 18.90
CA SER H 69 -44.27 -66.82 18.51
C SER H 69 -43.49 -65.54 18.77
N PRO H 70 -42.47 -65.56 19.60
CA PRO H 70 -41.77 -64.31 19.97
C PRO H 70 -40.64 -63.96 19.00
N ILE H 71 -40.35 -62.67 18.95
CA ILE H 71 -39.21 -62.14 18.20
C ILE H 71 -38.04 -61.99 19.15
N LYS H 72 -36.84 -62.27 18.63
CA LYS H 72 -35.63 -62.10 19.41
C LYS H 72 -35.07 -60.70 19.19
N MET H 73 -33.93 -60.42 19.82
CA MET H 73 -33.35 -59.09 19.78
C MET H 73 -32.02 -59.00 19.06
N GLU H 74 -31.21 -60.06 19.07
CA GLU H 74 -29.91 -59.99 18.40
C GLU H 74 -30.05 -59.96 16.89
N LEU H 75 -31.05 -60.65 16.34
CA LEU H 75 -31.27 -60.71 14.90
C LEU H 75 -32.42 -59.80 14.47
N LEU H 76 -32.58 -58.65 15.13
CA LEU H 76 -33.60 -57.70 14.74
C LEU H 76 -33.26 -57.00 13.43
N PHE H 77 -31.98 -56.95 13.06
CA PHE H 77 -31.55 -56.29 11.83
C PHE H 77 -31.25 -57.27 10.70
N ASP H 78 -31.38 -58.57 10.94
CA ASP H 78 -31.06 -59.55 9.91
C ASP H 78 -32.11 -59.54 8.82
N PRO H 79 -31.73 -59.89 7.59
CA PRO H 79 -32.70 -59.88 6.49
C PRO H 79 -33.78 -60.92 6.69
N ASP H 80 -34.97 -60.59 6.20
CA ASP H 80 -36.14 -61.44 6.31
C ASP H 80 -35.87 -62.88 5.91
N ASP H 81 -35.29 -63.06 4.73
CA ASP H 81 -34.99 -64.40 4.23
C ASP H 81 -33.66 -64.91 4.76
N GLU H 82 -32.74 -65.23 3.85
CA GLU H 82 -31.43 -65.73 4.24
C GLU H 82 -30.38 -65.33 3.22
N HIS H 83 -30.82 -64.73 2.12
CA HIS H 83 -29.91 -64.32 1.07
C HIS H 83 -30.32 -62.97 0.49
N SER H 84 -31.12 -62.23 1.25
CA SER H 84 -31.57 -60.91 0.83
C SER H 84 -30.65 -59.85 1.40
N GLU H 85 -31.18 -58.66 1.63
CA GLU H 85 -30.36 -57.60 2.19
C GLU H 85 -30.80 -57.28 3.60
N PRO H 86 -29.84 -57.02 4.49
CA PRO H 86 -30.20 -56.71 5.87
C PRO H 86 -30.93 -55.38 5.96
N VAL H 87 -31.86 -55.29 6.89
CA VAL H 87 -32.64 -54.07 7.08
C VAL H 87 -31.75 -52.97 7.61
N HIS H 88 -32.08 -51.73 7.28
CA HIS H 88 -31.33 -50.57 7.76
C HIS H 88 -32.24 -49.58 8.47
N THR H 89 -33.32 -50.06 9.07
CA THR H 89 -34.10 -49.22 9.96
C THR H 89 -35.13 -50.08 10.68
N VAL H 90 -35.25 -49.86 11.99
CA VAL H 90 -36.27 -50.50 12.81
C VAL H 90 -37.00 -49.40 13.56
N VAL H 91 -38.28 -49.64 13.82
CA VAL H 91 -39.14 -48.65 14.47
C VAL H 91 -39.89 -49.37 15.59
N PHE H 92 -39.43 -49.17 16.82
CA PHE H 92 -40.18 -49.65 17.97
C PHE H 92 -41.33 -48.70 18.25
N GLN H 93 -42.52 -49.25 18.42
CA GLN H 93 -43.68 -48.43 18.72
C GLN H 93 -44.50 -49.11 19.81
N GLY H 94 -44.95 -48.32 20.79
CA GLY H 94 -45.75 -48.84 21.88
C GLY H 94 -46.47 -47.70 22.57
N ALA H 95 -47.31 -48.07 23.53
CA ALA H 95 -48.09 -47.06 24.25
C ALA H 95 -47.17 -46.16 25.05
N ALA H 96 -47.73 -45.14 25.69
CA ALA H 96 -46.92 -44.22 26.48
C ALA H 96 -46.43 -44.91 27.74
N GLY H 97 -45.13 -44.81 28.00
CA GLY H 97 -44.54 -45.49 29.14
C GLY H 97 -44.81 -46.97 29.14
N ILE H 98 -44.26 -47.69 28.17
CA ILE H 98 -44.46 -49.13 28.05
C ILE H 98 -43.11 -49.84 27.99
N GLY H 99 -42.04 -49.07 27.82
CA GLY H 99 -40.71 -49.66 27.86
C GLY H 99 -39.76 -49.30 26.75
N LYS H 100 -40.09 -48.30 25.94
CA LYS H 100 -39.21 -47.95 24.82
C LYS H 100 -37.83 -47.54 25.30
N THR H 101 -37.78 -46.57 26.22
CA THR H 101 -36.49 -46.05 26.65
C THR H 101 -35.72 -47.08 27.46
N ILE H 102 -36.41 -47.84 28.31
CA ILE H 102 -35.72 -48.87 29.08
C ILE H 102 -35.18 -49.94 28.15
N LEU H 103 -35.90 -50.27 27.09
CA LEU H 103 -35.39 -51.25 26.13
C LEU H 103 -34.18 -50.71 25.38
N ALA H 104 -34.20 -49.43 25.01
CA ALA H 104 -33.03 -48.83 24.36
C ALA H 104 -31.83 -48.87 25.30
N ARG H 105 -32.03 -48.53 26.57
CA ARG H 105 -30.94 -48.59 27.53
C ARG H 105 -30.44 -50.03 27.70
N LYS H 106 -31.35 -51.00 27.73
CA LYS H 106 -30.95 -52.39 27.86
C LYS H 106 -30.10 -52.81 26.66
N MET H 107 -30.51 -52.43 25.46
CA MET H 107 -29.70 -52.76 24.28
C MET H 107 -28.33 -52.12 24.38
N MET H 108 -28.28 -50.85 24.79
CA MET H 108 -26.99 -50.17 24.89
C MET H 108 -26.08 -50.86 25.89
N LEU H 109 -26.60 -51.14 27.09
CA LEU H 109 -25.78 -51.75 28.13
C LEU H 109 -25.35 -53.17 27.73
N ASP H 110 -26.25 -53.93 27.12
CA ASP H 110 -25.91 -55.28 26.68
C ASP H 110 -24.82 -55.25 25.62
N TRP H 111 -24.93 -54.33 24.66
CA TRP H 111 -23.88 -54.19 23.67
C TRP H 111 -22.56 -53.84 24.33
N ALA H 112 -22.58 -52.87 25.25
CA ALA H 112 -21.36 -52.45 25.92
C ALA H 112 -20.71 -53.62 26.64
N SER H 113 -21.51 -54.40 27.37
CA SER H 113 -21.00 -55.59 28.03
C SER H 113 -20.60 -56.68 27.04
N GLY H 114 -21.05 -56.59 25.79
CA GLY H 114 -20.74 -57.61 24.81
C GLY H 114 -21.65 -58.81 24.89
N THR H 115 -22.97 -58.57 24.90
CA THR H 115 -23.96 -59.63 24.94
C THR H 115 -24.83 -59.69 23.70
N LEU H 116 -24.73 -58.73 22.80
CA LEU H 116 -25.47 -58.76 21.55
C LEU H 116 -24.84 -57.75 20.59
N TYR H 117 -24.95 -58.04 19.30
CA TYR H 117 -24.34 -57.20 18.27
C TYR H 117 -22.84 -57.07 18.49
N GLN H 118 -22.19 -58.17 18.89
CA GLN H 118 -20.74 -58.17 18.99
C GLN H 118 -20.11 -57.77 17.66
N ASP H 119 -20.58 -58.37 16.58
CA ASP H 119 -20.23 -57.96 15.23
C ASP H 119 -21.27 -56.94 14.75
N ARG H 120 -21.31 -56.67 13.45
CA ARG H 120 -22.33 -55.79 12.88
C ARG H 120 -21.97 -54.32 13.07
N PHE H 121 -22.05 -53.83 14.31
CA PHE H 121 -21.72 -52.44 14.60
C PHE H 121 -21.18 -52.35 16.02
N ASP H 122 -20.43 -51.27 16.26
CA ASP H 122 -19.77 -51.08 17.55
C ASP H 122 -19.84 -49.63 18.03
N TYR H 123 -20.78 -48.84 17.52
CA TYR H 123 -20.87 -47.43 17.90
C TYR H 123 -22.33 -47.02 18.10
N LEU H 124 -23.05 -47.76 18.94
CA LEU H 124 -24.45 -47.44 19.17
C LEU H 124 -24.58 -46.11 19.88
N PHE H 125 -24.81 -45.06 19.10
CA PHE H 125 -24.87 -43.69 19.62
C PHE H 125 -26.29 -43.39 20.07
N TYR H 126 -26.56 -43.56 21.37
CA TYR H 126 -27.87 -43.18 21.89
C TYR H 126 -28.11 -41.69 21.64
N ILE H 127 -29.29 -41.36 21.12
CA ILE H 127 -29.64 -39.98 20.87
C ILE H 127 -31.06 -39.73 21.31
N HIS H 128 -31.23 -39.15 22.50
CA HIS H 128 -32.57 -38.81 22.96
C HIS H 128 -33.12 -37.65 22.15
N CYS H 129 -34.42 -37.69 21.87
CA CYS H 129 -35.03 -36.67 21.03
C CYS H 129 -35.38 -35.42 21.83
N ARG H 130 -35.93 -35.60 23.03
CA ARG H 130 -36.33 -34.45 23.84
C ARG H 130 -35.14 -33.54 24.12
N GLU H 131 -34.01 -34.13 24.52
CA GLU H 131 -32.84 -33.32 24.86
C GLU H 131 -32.34 -32.54 23.66
N VAL H 132 -32.36 -33.14 22.47
CA VAL H 132 -31.81 -32.52 21.27
C VAL H 132 -32.81 -31.47 20.80
N SER H 133 -32.60 -30.22 21.20
CA SER H 133 -33.37 -29.11 20.65
C SER H 133 -32.90 -28.83 19.22
N LEU H 134 -33.85 -28.47 18.37
CA LEU H 134 -33.55 -28.27 16.95
C LEU H 134 -33.80 -26.82 16.55
N VAL H 135 -32.84 -25.94 16.89
CA VAL H 135 -32.81 -24.64 16.25
C VAL H 135 -31.39 -24.22 15.88
N THR H 136 -30.40 -24.67 16.65
CA THR H 136 -29.17 -23.88 16.67
C THR H 136 -28.16 -24.22 15.58
N GLN H 137 -27.39 -25.30 15.75
CA GLN H 137 -26.41 -25.65 14.73
C GLN H 137 -26.08 -27.14 14.67
N ARG H 138 -26.89 -28.02 15.26
CA ARG H 138 -26.46 -29.39 15.51
C ARG H 138 -25.77 -30.02 14.30
N SER H 139 -24.50 -30.38 14.47
CA SER H 139 -23.71 -31.04 13.44
C SER H 139 -23.40 -32.46 13.89
N LEU H 140 -23.37 -33.39 12.93
CA LEU H 140 -23.15 -34.78 13.29
C LEU H 140 -21.88 -34.95 14.10
N GLY H 141 -20.87 -34.11 13.87
CA GLY H 141 -19.68 -34.15 14.71
C GLY H 141 -20.01 -33.92 16.16
N ASP H 142 -20.81 -32.89 16.45
CA ASP H 142 -21.19 -32.60 17.83
C ASP H 142 -22.13 -33.68 18.37
N LEU H 143 -23.03 -34.19 17.53
CA LEU H 143 -23.95 -35.22 17.97
C LEU H 143 -23.25 -36.54 18.27
N ILE H 144 -22.07 -36.77 17.68
CA ILE H 144 -21.27 -37.93 18.04
C ILE H 144 -20.36 -37.62 19.23
N MET H 145 -19.88 -36.39 19.36
CA MET H 145 -19.08 -36.01 20.52
C MET H 145 -19.89 -36.12 21.81
N SER H 146 -21.13 -35.61 21.78
CA SER H 146 -21.94 -35.56 23.00
C SER H 146 -22.02 -36.92 23.66
N CYS H 147 -22.33 -37.95 22.89
CA CYS H 147 -22.30 -39.32 23.40
C CYS H 147 -20.96 -39.98 23.13
N CYS H 148 -19.87 -39.32 23.51
CA CYS H 148 -18.53 -39.86 23.34
C CYS H 148 -17.55 -39.06 24.19
N PRO H 149 -17.30 -39.47 25.43
CA PRO H 149 -16.51 -38.64 26.34
C PRO H 149 -15.05 -38.52 25.92
N ASP H 150 -14.67 -37.35 25.46
CA ASP H 150 -13.29 -37.07 25.07
C ASP H 150 -13.19 -35.61 24.66
N PRO H 151 -12.01 -34.98 24.79
CA PRO H 151 -11.84 -33.66 24.17
C PRO H 151 -12.14 -33.70 22.67
N ASN H 152 -11.79 -34.80 22.03
CA ASN H 152 -12.10 -35.04 20.63
C ASN H 152 -12.16 -36.54 20.36
N PRO H 153 -13.32 -37.06 19.98
CA PRO H 153 -13.41 -38.46 19.59
C PRO H 153 -13.07 -38.62 18.12
N PRO H 154 -12.41 -39.70 17.74
CA PRO H 154 -11.98 -39.81 16.33
C PRO H 154 -13.17 -40.02 15.42
N ILE H 155 -13.59 -38.96 14.74
CA ILE H 155 -14.76 -39.02 13.88
C ILE H 155 -14.38 -39.38 12.45
N HIS H 156 -13.32 -38.79 11.93
CA HIS H 156 -12.86 -39.14 10.58
C HIS H 156 -12.44 -40.60 10.53
N LYS H 157 -12.50 -41.28 11.68
CA LYS H 157 -12.27 -42.72 11.77
C LYS H 157 -13.51 -43.49 12.21
N ILE H 158 -14.33 -42.94 13.10
CA ILE H 158 -15.57 -43.61 13.50
C ILE H 158 -16.56 -43.65 12.34
N VAL H 159 -16.73 -42.51 11.67
CA VAL H 159 -17.75 -42.34 10.64
C VAL H 159 -17.20 -42.76 9.28
N ARG H 160 -16.02 -43.37 9.28
CA ARG H 160 -15.40 -43.85 8.06
C ARG H 160 -15.87 -45.26 7.69
N LYS H 161 -16.75 -45.85 8.48
CA LYS H 161 -17.29 -47.17 8.22
C LYS H 161 -18.76 -47.21 8.64
N PRO H 162 -19.61 -46.35 8.06
CA PRO H 162 -21.02 -46.29 8.50
C PRO H 162 -21.73 -47.63 8.40
N SER H 163 -21.11 -48.60 7.73
CA SER H 163 -21.68 -49.95 7.71
C SER H 163 -21.76 -50.54 9.11
N ARG H 164 -20.91 -50.09 10.02
CA ARG H 164 -20.88 -50.57 11.40
C ARG H 164 -21.24 -49.40 12.31
N ILE H 165 -22.54 -49.18 12.50
CA ILE H 165 -23.01 -48.16 13.42
C ILE H 165 -24.47 -48.45 13.77
N LEU H 166 -24.91 -47.95 14.93
CA LEU H 166 -26.32 -47.90 15.27
C LEU H 166 -26.62 -46.51 15.82
N PHE H 167 -27.82 -46.02 15.51
CA PHE H 167 -28.22 -44.68 15.90
C PHE H 167 -29.48 -44.71 16.73
N LEU H 168 -29.49 -45.55 17.77
CA LEU H 168 -30.61 -45.64 18.69
C LEU H 168 -31.16 -44.26 18.99
N MET H 169 -32.46 -44.08 18.83
CA MET H 169 -33.13 -42.83 19.14
C MET H 169 -34.22 -43.10 20.17
N ASP H 170 -34.97 -42.06 20.51
CA ASP H 170 -36.06 -42.20 21.48
C ASP H 170 -37.05 -41.07 21.37
N GLY H 171 -38.28 -41.33 21.79
CA GLY H 171 -39.34 -40.33 21.83
C GLY H 171 -39.47 -39.50 20.57
N PHE H 172 -39.58 -40.15 19.41
CA PHE H 172 -39.80 -39.39 18.20
C PHE H 172 -41.14 -38.66 18.21
N ASP H 173 -42.05 -39.03 19.12
CA ASP H 173 -43.25 -38.23 19.34
C ASP H 173 -42.93 -36.87 19.92
N GLU H 174 -41.72 -36.67 20.44
CA GLU H 174 -41.31 -35.37 20.94
C GLU H 174 -41.21 -34.33 19.82
N LEU H 175 -41.14 -34.79 18.58
CA LEU H 175 -40.96 -33.91 17.44
C LEU H 175 -41.98 -33.96 16.30
N GLN H 176 -43.14 -34.55 16.56
CA GLN H 176 -44.21 -34.69 15.57
C GLN H 176 -44.49 -33.35 14.95
N GLY H 177 -44.77 -32.39 15.82
CA GLY H 177 -45.01 -31.03 15.42
C GLY H 177 -43.86 -30.52 14.58
N ALA H 178 -42.61 -30.73 15.04
CA ALA H 178 -41.46 -30.31 14.27
C ALA H 178 -41.40 -30.75 12.83
N PHE H 179 -41.91 -31.93 12.44
CA PHE H 179 -41.83 -32.14 10.94
C PHE H 179 -43.06 -31.74 10.09
N ASP H 180 -43.07 -30.57 9.42
CA ASP H 180 -44.31 -30.19 8.75
C ASP H 180 -44.06 -29.80 7.30
N GLU H 181 -43.01 -29.02 7.06
CA GLU H 181 -42.61 -28.60 5.72
C GLU H 181 -41.33 -29.35 5.37
N HIS H 182 -41.31 -29.95 4.18
CA HIS H 182 -40.15 -30.73 3.77
C HIS H 182 -38.95 -29.81 3.63
N ILE H 183 -38.03 -29.85 4.59
CA ILE H 183 -36.88 -28.97 4.56
C ILE H 183 -36.05 -29.27 3.33
N GLY H 184 -35.95 -28.31 2.42
CA GLY H 184 -35.26 -28.49 1.17
C GLY H 184 -33.80 -28.87 1.35
N PRO H 185 -33.08 -28.15 2.21
CA PRO H 185 -31.68 -28.51 2.48
C PRO H 185 -31.59 -29.78 3.29
N LEU H 186 -31.00 -30.82 2.70
CA LEU H 186 -30.77 -32.10 3.36
C LEU H 186 -29.27 -32.38 3.28
N CYS H 187 -28.55 -31.94 4.31
CA CYS H 187 -27.10 -32.11 4.35
C CYS H 187 -26.71 -33.56 4.18
N THR H 188 -25.48 -33.81 3.71
CA THR H 188 -24.97 -35.16 3.55
C THR H 188 -23.54 -35.27 4.09
N ASP H 189 -23.17 -34.38 5.00
CA ASP H 189 -21.83 -34.36 5.58
C ASP H 189 -21.95 -34.23 7.10
N TRP H 190 -20.95 -34.78 7.80
CA TRP H 190 -20.90 -34.72 9.25
C TRP H 190 -19.96 -33.64 9.77
N GLN H 191 -19.38 -32.83 8.89
CA GLN H 191 -18.46 -31.77 9.29
C GLN H 191 -19.02 -30.40 8.94
N LYS H 192 -20.33 -30.23 9.08
CA LYS H 192 -21.00 -28.99 8.70
C LYS H 192 -21.99 -28.57 9.78
N ALA H 193 -22.29 -27.28 9.80
CA ALA H 193 -23.34 -26.75 10.66
C ALA H 193 -24.68 -27.17 10.06
N GLU H 194 -25.23 -28.28 10.55
CA GLU H 194 -26.35 -28.95 9.88
C GLU H 194 -27.71 -28.39 10.29
N ARG H 195 -27.76 -27.37 11.13
CA ARG H 195 -28.96 -26.61 11.44
C ARG H 195 -29.86 -27.31 12.46
N GLY H 196 -29.56 -28.53 12.88
CA GLY H 196 -30.36 -29.17 13.91
C GLY H 196 -31.48 -30.06 13.40
N ASP H 197 -32.68 -29.49 13.30
CA ASP H 197 -33.82 -30.26 12.80
C ASP H 197 -33.56 -30.77 11.39
N ILE H 198 -32.91 -29.97 10.56
CA ILE H 198 -32.57 -30.43 9.21
C ILE H 198 -31.63 -31.61 9.27
N LEU H 199 -30.64 -31.55 10.17
CA LEU H 199 -29.74 -32.69 10.35
C LEU H 199 -30.51 -33.93 10.81
N LEU H 200 -31.46 -33.75 11.71
CA LEU H 200 -32.26 -34.88 12.18
C LEU H 200 -33.06 -35.50 11.04
N SER H 201 -33.68 -34.65 10.22
CA SER H 201 -34.44 -35.17 9.08
C SER H 201 -33.52 -35.90 8.10
N SER H 202 -32.34 -35.34 7.84
CA SER H 202 -31.40 -36.01 6.95
C SER H 202 -30.96 -37.36 7.50
N LEU H 203 -30.70 -37.42 8.81
CA LEU H 203 -30.34 -38.70 9.43
C LEU H 203 -31.48 -39.70 9.29
N ILE H 204 -32.72 -39.26 9.50
CA ILE H 204 -33.86 -40.16 9.38
C ILE H 204 -33.97 -40.67 7.95
N ARG H 205 -33.80 -39.78 6.97
CA ARG H 205 -33.89 -40.17 5.56
C ARG H 205 -32.65 -40.90 5.07
N LYS H 206 -31.60 -41.01 5.89
CA LYS H 206 -30.41 -41.76 5.55
C LYS H 206 -29.56 -41.04 4.49
N LYS H 207 -29.52 -39.72 4.56
CA LYS H 207 -28.56 -38.97 3.77
C LYS H 207 -27.18 -38.98 4.42
N LEU H 208 -27.13 -38.65 5.71
CA LEU H 208 -25.87 -38.77 6.47
C LEU H 208 -25.61 -40.23 6.80
N LEU H 209 -24.46 -40.74 6.38
CA LEU H 209 -24.13 -42.14 6.54
C LEU H 209 -25.27 -43.02 6.01
N PRO H 210 -25.60 -42.89 4.72
CA PRO H 210 -26.77 -43.61 4.20
C PRO H 210 -26.75 -45.10 4.48
N GLU H 211 -25.57 -45.70 4.65
CA GLU H 211 -25.45 -47.10 4.97
C GLU H 211 -25.20 -47.34 6.47
N ALA H 212 -25.55 -46.37 7.30
CA ALA H 212 -25.44 -46.50 8.75
C ALA H 212 -26.79 -46.92 9.30
N SER H 213 -26.82 -48.05 10.01
CA SER H 213 -28.07 -48.59 10.49
C SER H 213 -28.76 -47.61 11.43
N LEU H 214 -30.02 -47.85 11.74
CA LEU H 214 -30.79 -46.93 12.56
C LEU H 214 -31.72 -47.72 13.47
N LEU H 215 -32.34 -47.01 14.40
CA LEU H 215 -33.39 -47.56 15.25
C LEU H 215 -34.13 -46.41 15.92
N ILE H 216 -35.44 -46.36 15.76
CA ILE H 216 -36.24 -45.24 16.24
C ILE H 216 -37.34 -45.80 17.13
N THR H 217 -37.40 -45.32 18.37
CA THR H 217 -38.54 -45.62 19.23
C THR H 217 -39.50 -44.44 19.20
N THR H 218 -40.79 -44.74 19.26
CA THR H 218 -41.75 -43.66 19.15
C THR H 218 -43.12 -44.12 19.62
N ARG H 219 -43.84 -43.20 20.25
CA ARG H 219 -45.24 -43.44 20.56
C ARG H 219 -46.05 -43.48 19.27
N PRO H 220 -47.15 -44.22 19.24
CA PRO H 220 -47.99 -44.27 18.03
C PRO H 220 -48.81 -43.00 17.87
N VAL H 221 -48.14 -41.92 17.47
CA VAL H 221 -48.80 -40.61 17.40
C VAL H 221 -48.54 -39.97 16.04
N ALA H 222 -47.57 -40.48 15.30
CA ALA H 222 -47.22 -39.93 14.00
C ALA H 222 -47.52 -40.91 12.86
N LEU H 223 -46.90 -42.10 12.90
CA LEU H 223 -47.12 -43.14 11.90
C LEU H 223 -47.19 -42.59 10.47
N GLU H 224 -48.27 -41.90 10.13
CA GLU H 224 -48.46 -41.41 8.77
C GLU H 224 -47.33 -40.48 8.34
N LYS H 225 -47.20 -39.34 9.02
CA LYS H 225 -46.16 -38.39 8.64
C LYS H 225 -44.78 -39.02 8.69
N LEU H 226 -44.58 -40.00 9.58
CA LEU H 226 -43.28 -40.67 9.65
C LEU H 226 -43.05 -41.55 8.44
N GLN H 227 -44.10 -42.15 7.89
CA GLN H 227 -43.95 -43.09 6.79
C GLN H 227 -43.41 -42.44 5.52
N HIS H 228 -43.42 -41.12 5.43
CA HIS H 228 -42.83 -40.43 4.29
C HIS H 228 -41.35 -40.17 4.46
N LEU H 229 -40.74 -40.67 5.54
CA LEU H 229 -39.33 -40.47 5.80
C LEU H 229 -38.55 -41.75 6.00
N LEU H 230 -39.22 -42.88 6.23
CA LEU H 230 -38.55 -44.14 6.55
C LEU H 230 -38.20 -44.90 5.28
N ASP H 231 -37.06 -45.59 5.32
CA ASP H 231 -36.60 -46.39 4.19
C ASP H 231 -37.05 -47.84 4.40
N HIS H 232 -38.34 -48.06 4.19
CA HIS H 232 -38.96 -49.37 4.34
C HIS H 232 -38.50 -50.05 5.63
N PRO H 233 -38.77 -49.45 6.79
CA PRO H 233 -38.23 -49.97 8.04
C PRO H 233 -39.06 -51.10 8.60
N ARG H 234 -38.37 -52.07 9.19
CA ARG H 234 -39.01 -53.20 9.84
C ARG H 234 -39.35 -52.76 11.26
N HIS H 235 -40.63 -52.56 11.54
CA HIS H 235 -41.01 -52.03 12.84
C HIS H 235 -41.50 -53.15 13.75
N VAL H 236 -41.37 -52.92 15.05
CA VAL H 236 -41.78 -53.86 16.08
C VAL H 236 -42.68 -53.14 17.08
N GLU H 237 -43.84 -53.72 17.35
CA GLU H 237 -44.75 -53.19 18.35
C GLU H 237 -44.47 -53.85 19.69
N ILE H 238 -44.43 -53.03 20.74
CA ILE H 238 -44.16 -53.48 22.10
C ILE H 238 -45.47 -53.61 22.84
N LEU H 239 -45.54 -54.57 23.75
CA LEU H 239 -46.78 -54.83 24.49
C LEU H 239 -46.63 -54.64 25.98
N GLY H 240 -45.61 -55.23 26.60
CA GLY H 240 -45.39 -55.13 28.02
C GLY H 240 -45.08 -56.50 28.58
N PHE H 241 -45.36 -56.68 29.87
CA PHE H 241 -45.23 -57.98 30.51
C PHE H 241 -46.49 -58.77 30.25
N SER H 242 -46.35 -60.04 29.87
CA SER H 242 -47.50 -60.72 29.30
C SER H 242 -48.45 -61.27 30.35
N GLU H 243 -48.09 -62.37 31.02
CA GLU H 243 -48.89 -62.83 32.16
C GLU H 243 -48.02 -63.28 33.32
N ALA H 244 -46.92 -63.96 33.00
CA ALA H 244 -45.98 -64.42 34.02
C ALA H 244 -44.84 -63.44 34.21
N LYS H 245 -44.56 -62.62 33.20
CA LYS H 245 -43.53 -61.61 33.36
C LYS H 245 -43.87 -60.65 34.50
N ARG H 246 -45.15 -60.45 34.78
CA ARG H 246 -45.55 -59.59 35.90
C ARG H 246 -45.19 -60.24 37.24
N LYS H 247 -45.55 -61.50 37.40
CA LYS H 247 -45.33 -62.21 38.66
C LYS H 247 -43.84 -62.53 38.81
N GLU H 248 -43.08 -62.31 37.74
CA GLU H 248 -41.62 -62.32 37.83
C GLU H 248 -41.04 -60.94 38.10
N TYR H 249 -41.71 -59.89 37.63
CA TYR H 249 -41.29 -58.53 37.94
C TYR H 249 -41.43 -58.22 39.42
N PHE H 250 -42.51 -58.70 40.03
CA PHE H 250 -42.66 -58.50 41.47
C PHE H 250 -41.49 -59.10 42.23
N PHE H 251 -41.02 -60.27 41.79
CA PHE H 251 -39.90 -60.92 42.47
C PHE H 251 -38.58 -60.20 42.22
N LYS H 252 -38.52 -59.27 41.28
CA LYS H 252 -37.35 -58.43 41.11
C LYS H 252 -37.47 -57.08 41.80
N TYR H 253 -38.69 -56.59 41.99
CA TYR H 253 -38.87 -55.33 42.69
C TYR H 253 -38.80 -55.51 44.19
N PHE H 254 -39.45 -56.55 44.71
CA PHE H 254 -39.46 -56.78 46.15
C PHE H 254 -38.29 -57.67 46.57
N SER H 255 -37.93 -57.55 47.84
CA SER H 255 -36.73 -58.19 48.38
C SER H 255 -36.80 -59.71 48.31
N ASP H 256 -37.74 -60.31 49.04
CA ASP H 256 -37.75 -61.75 49.25
C ASP H 256 -39.12 -62.33 48.90
N GLU H 257 -39.22 -63.65 49.04
CA GLU H 257 -40.49 -64.34 48.79
C GLU H 257 -41.56 -63.87 49.77
N ALA H 258 -41.19 -63.70 51.04
CA ALA H 258 -42.17 -63.27 52.04
C ALA H 258 -42.91 -62.02 51.58
N GLN H 259 -42.17 -61.03 51.07
CA GLN H 259 -42.80 -59.86 50.48
C GLN H 259 -43.54 -60.23 49.21
N ALA H 260 -42.81 -60.76 48.22
CA ALA H 260 -43.31 -60.88 46.87
C ALA H 260 -44.62 -61.65 46.80
N ARG H 261 -44.73 -62.75 47.54
CA ARG H 261 -45.93 -63.59 47.45
C ARG H 261 -47.18 -62.79 47.80
N ALA H 262 -47.18 -62.16 48.99
CA ALA H 262 -48.33 -61.38 49.40
C ALA H 262 -48.55 -60.19 48.49
N ALA H 263 -47.46 -59.50 48.11
CA ALA H 263 -47.58 -58.35 47.24
C ALA H 263 -48.28 -58.71 45.94
N PHE H 264 -47.85 -59.81 45.31
CA PHE H 264 -48.49 -60.23 44.06
C PHE H 264 -49.92 -60.64 44.30
N SER H 265 -50.17 -61.49 45.31
CA SER H 265 -51.52 -61.96 45.56
C SER H 265 -52.50 -60.79 45.72
N LEU H 266 -52.06 -59.73 46.42
CA LEU H 266 -52.94 -58.59 46.64
C LEU H 266 -53.44 -58.01 45.32
N ILE H 267 -52.64 -58.10 44.26
CA ILE H 267 -53.03 -57.58 42.95
C ILE H 267 -53.77 -58.64 42.15
N GLN H 268 -53.24 -59.86 42.12
CA GLN H 268 -53.87 -60.93 41.37
C GLN H 268 -55.31 -61.16 41.82
N GLU H 269 -55.63 -60.84 43.07
CA GLU H 269 -57.02 -60.88 43.50
C GLU H 269 -57.87 -59.93 42.66
N ASN H 270 -57.38 -58.71 42.45
CA ASN H 270 -58.08 -57.73 41.61
C ASN H 270 -57.73 -57.97 40.15
N GLU H 271 -58.75 -57.99 39.29
CA GLU H 271 -58.55 -58.31 37.90
C GLU H 271 -58.36 -57.07 37.03
N VAL H 272 -59.19 -56.05 37.24
CA VAL H 272 -59.09 -54.81 36.46
C VAL H 272 -57.67 -54.27 36.52
N LEU H 273 -56.93 -54.64 37.58
CA LEU H 273 -55.53 -54.25 37.70
C LEU H 273 -54.59 -55.29 37.10
N PHE H 274 -54.89 -56.58 37.27
CA PHE H 274 -53.96 -57.58 36.76
C PHE H 274 -53.80 -57.36 35.26
N THR H 275 -54.90 -57.26 34.52
CA THR H 275 -54.80 -56.92 33.11
C THR H 275 -54.02 -55.68 32.68
N MET H 276 -54.39 -54.51 33.22
CA MET H 276 -53.68 -53.28 32.91
C MET H 276 -52.30 -53.23 33.56
N CYS H 277 -51.89 -54.28 34.26
CA CYS H 277 -50.53 -54.37 34.77
C CYS H 277 -49.52 -54.73 33.68
N PHE H 278 -49.93 -54.82 32.42
CA PHE H 278 -48.95 -55.09 31.38
C PHE H 278 -48.08 -53.86 31.12
N ILE H 279 -48.66 -52.68 31.18
CA ILE H 279 -47.89 -51.45 31.07
C ILE H 279 -46.86 -51.46 32.20
N PRO H 280 -45.56 -51.56 31.89
CA PRO H 280 -44.57 -51.65 32.96
C PRO H 280 -44.63 -50.50 33.95
N LEU H 281 -44.90 -49.28 33.45
CA LEU H 281 -45.02 -48.15 34.36
C LEU H 281 -46.20 -48.34 35.30
N VAL H 282 -47.31 -48.88 34.80
CA VAL H 282 -48.48 -49.09 35.63
C VAL H 282 -48.35 -50.31 36.52
N CYS H 283 -47.34 -51.14 36.29
CA CYS H 283 -47.01 -52.19 37.24
C CYS H 283 -46.07 -51.69 38.33
N TRP H 284 -45.11 -50.85 37.96
CA TRP H 284 -44.26 -50.20 38.95
C TRP H 284 -45.08 -49.30 39.88
N ILE H 285 -46.02 -48.53 39.33
CA ILE H 285 -46.84 -47.65 40.14
C ILE H 285 -47.64 -48.43 41.16
N VAL H 286 -47.93 -49.71 40.89
CA VAL H 286 -48.68 -50.53 41.83
C VAL H 286 -47.76 -51.32 42.76
N CYS H 287 -46.52 -51.57 42.36
CA CYS H 287 -45.62 -52.32 43.22
C CYS H 287 -44.93 -51.42 44.24
N THR H 288 -44.56 -50.19 43.86
CA THR H 288 -44.06 -49.24 44.83
C THR H 288 -45.13 -48.88 45.86
N GLY H 289 -46.38 -48.79 45.41
CA GLY H 289 -47.46 -48.53 46.34
C GLY H 289 -47.54 -49.58 47.44
N LEU H 290 -47.34 -50.85 47.08
CA LEU H 290 -47.32 -51.90 48.09
C LEU H 290 -46.03 -51.90 48.89
N LYS H 291 -44.92 -51.51 48.28
CA LYS H 291 -43.66 -51.42 49.02
C LYS H 291 -43.76 -50.41 50.15
N GLN H 292 -44.43 -49.29 49.90
CA GLN H 292 -44.59 -48.28 50.95
C GLN H 292 -45.29 -48.87 52.17
N GLN H 293 -46.43 -49.54 51.96
CA GLN H 293 -47.12 -50.18 53.07
C GLN H 293 -46.26 -51.26 53.72
N MET H 294 -45.54 -52.04 52.92
CA MET H 294 -44.73 -53.11 53.46
C MET H 294 -43.65 -52.59 54.39
N GLU H 295 -43.00 -51.49 54.02
CA GLU H 295 -41.90 -50.94 54.81
C GLU H 295 -42.33 -49.83 55.76
N SER H 296 -43.62 -49.49 55.82
CA SER H 296 -44.12 -48.51 56.77
C SER H 296 -44.87 -49.17 57.92
N GLY H 297 -44.47 -50.38 58.30
CA GLY H 297 -45.10 -51.08 59.40
C GLY H 297 -46.60 -51.20 59.27
N LYS H 298 -47.07 -51.92 58.27
CA LYS H 298 -48.50 -52.12 58.06
C LYS H 298 -48.72 -53.53 57.54
N SER H 299 -49.95 -54.01 57.69
CA SER H 299 -50.34 -55.36 57.30
C SER H 299 -50.90 -55.32 55.88
N LEU H 300 -50.18 -55.95 54.94
CA LEU H 300 -50.69 -56.04 53.57
C LEU H 300 -51.90 -56.96 53.49
N ALA H 301 -51.98 -57.96 54.37
CA ALA H 301 -53.16 -58.83 54.37
C ALA H 301 -54.43 -58.02 54.52
N GLN H 302 -54.38 -56.90 55.24
CA GLN H 302 -55.48 -55.96 55.33
C GLN H 302 -55.26 -54.74 54.45
N THR H 303 -54.16 -54.69 53.69
CA THR H 303 -53.91 -53.55 52.82
C THR H 303 -54.91 -53.52 51.67
N SER H 304 -55.20 -52.31 51.20
CA SER H 304 -56.13 -52.10 50.10
C SER H 304 -55.39 -51.44 48.94
N LYS H 305 -55.75 -51.84 47.72
CA LYS H 305 -55.20 -51.27 46.49
C LYS H 305 -56.38 -50.97 45.57
N THR H 306 -56.93 -49.77 45.70
CA THR H 306 -58.07 -49.37 44.88
C THR H 306 -57.62 -49.14 43.44
N THR H 307 -58.51 -49.49 42.50
CA THR H 307 -58.17 -49.44 41.09
C THR H 307 -58.09 -48.02 40.55
N THR H 308 -58.52 -47.01 41.31
CA THR H 308 -58.50 -45.63 40.84
C THR H 308 -57.24 -44.88 41.24
N ALA H 309 -56.64 -45.23 42.38
CA ALA H 309 -55.38 -44.59 42.77
C ALA H 309 -54.29 -44.88 41.74
N VAL H 310 -54.26 -46.10 41.23
CA VAL H 310 -53.27 -46.45 40.22
C VAL H 310 -53.42 -45.56 39.00
N TYR H 311 -54.66 -45.34 38.55
CA TYR H 311 -54.87 -44.51 37.37
C TYR H 311 -54.56 -43.04 37.67
N VAL H 312 -54.86 -42.57 38.88
CA VAL H 312 -54.52 -41.19 39.21
C VAL H 312 -53.02 -40.98 39.15
N PHE H 313 -52.26 -41.91 39.75
CA PHE H 313 -50.80 -41.79 39.72
C PHE H 313 -50.26 -41.95 38.31
N PHE H 314 -50.86 -42.84 37.51
CA PHE H 314 -50.43 -43.01 36.14
C PHE H 314 -50.62 -41.71 35.35
N LEU H 315 -51.81 -41.12 35.45
CA LEU H 315 -52.08 -39.86 34.78
C LEU H 315 -51.10 -38.79 35.23
N SER H 316 -50.87 -38.68 36.55
CA SER H 316 -49.97 -37.65 37.05
C SER H 316 -48.55 -37.85 36.53
N SER H 317 -48.08 -39.10 36.53
CA SER H 317 -46.75 -39.38 36.02
C SER H 317 -46.63 -39.07 34.54
N LEU H 318 -47.71 -39.31 33.79
CA LEU H 318 -47.65 -39.07 32.35
C LEU H 318 -47.68 -37.58 32.02
N LEU H 319 -48.52 -36.79 32.69
CA LEU H 319 -48.63 -35.39 32.28
C LEU H 319 -47.52 -34.58 32.93
N GLN H 320 -46.28 -35.03 32.79
CA GLN H 320 -45.15 -34.25 33.30
C GLN H 320 -44.98 -32.98 32.48
N PRO H 321 -44.92 -31.81 33.10
CA PRO H 321 -44.68 -30.58 32.32
C PRO H 321 -43.38 -30.68 31.53
N ARG H 322 -43.48 -30.73 30.21
CA ARG H 322 -42.31 -30.82 29.35
C ARG H 322 -41.82 -29.40 29.06
N GLY H 323 -41.30 -28.77 30.10
CA GLY H 323 -40.93 -27.37 30.04
C GLY H 323 -42.10 -26.49 30.39
N GLY H 324 -41.87 -25.48 31.23
CA GLY H 324 -42.96 -24.61 31.64
C GLY H 324 -43.63 -23.96 30.45
N SER H 325 -44.85 -24.38 30.15
CA SER H 325 -45.56 -23.86 28.99
C SER H 325 -47.01 -24.33 28.96
N GLN H 326 -47.94 -23.38 28.82
CA GLN H 326 -49.35 -23.69 28.60
C GLN H 326 -49.90 -24.58 29.71
N GLU H 327 -49.93 -24.04 30.94
CA GLU H 327 -50.67 -24.71 32.00
C GLU H 327 -52.16 -24.73 31.67
N HIS H 328 -52.70 -23.58 31.26
CA HIS H 328 -54.08 -23.53 30.81
C HIS H 328 -54.29 -24.39 29.58
N GLY H 329 -53.30 -24.42 28.69
CA GLY H 329 -53.40 -25.28 27.52
C GLY H 329 -53.48 -26.76 27.90
N LEU H 330 -52.66 -27.18 28.86
CA LEU H 330 -52.70 -28.56 29.32
C LEU H 330 -54.04 -28.87 29.96
N CYS H 331 -54.54 -27.96 30.79
CA CYS H 331 -55.84 -28.19 31.41
C CYS H 331 -56.94 -28.29 30.36
N ALA H 332 -56.92 -27.40 29.37
CA ALA H 332 -57.94 -27.42 28.33
C ALA H 332 -57.85 -28.69 27.49
N HIS H 333 -56.65 -29.12 27.14
CA HIS H 333 -56.53 -30.33 26.33
C HIS H 333 -56.91 -31.57 27.12
N LEU H 334 -56.61 -31.58 28.43
CA LEU H 334 -57.04 -32.70 29.26
C LEU H 334 -58.56 -32.74 29.35
N TRP H 335 -59.20 -31.57 29.50
CA TRP H 335 -60.66 -31.57 29.53
C TRP H 335 -61.25 -31.98 28.19
N GLY H 336 -60.61 -31.58 27.08
CA GLY H 336 -61.10 -31.99 25.78
C GLY H 336 -61.00 -33.49 25.59
N LEU H 337 -59.85 -34.06 25.91
CA LEU H 337 -59.70 -35.52 25.89
C LEU H 337 -60.68 -36.19 26.83
N CYS H 338 -60.99 -35.54 27.96
CA CYS H 338 -61.86 -36.11 28.95
C CYS H 338 -63.30 -36.16 28.43
N SER H 339 -63.76 -35.07 27.83
CA SER H 339 -65.07 -35.06 27.19
C SER H 339 -65.12 -36.04 26.02
N LEU H 340 -63.99 -36.17 25.30
CA LEU H 340 -63.91 -37.19 24.26
C LEU H 340 -64.20 -38.57 24.84
N ALA H 341 -63.52 -38.92 25.93
CA ALA H 341 -63.78 -40.22 26.55
C ALA H 341 -65.23 -40.32 27.01
N ALA H 342 -65.78 -39.25 27.54
CA ALA H 342 -67.15 -39.30 28.06
C ALA H 342 -68.15 -39.58 26.95
N ASP H 343 -68.11 -38.79 25.88
CA ASP H 343 -69.08 -39.00 24.81
C ASP H 343 -68.81 -40.30 24.07
N GLY H 344 -67.56 -40.73 24.00
CA GLY H 344 -67.28 -42.04 23.44
C GLY H 344 -67.90 -43.15 24.25
N ILE H 345 -67.84 -43.05 25.58
CA ILE H 345 -68.44 -44.07 26.42
C ILE H 345 -69.96 -44.03 26.29
N TRP H 346 -70.54 -42.84 26.16
CA TRP H 346 -71.98 -42.75 26.00
C TRP H 346 -72.43 -43.34 24.66
N ASN H 347 -71.68 -43.11 23.58
CA ASN H 347 -72.05 -43.59 22.26
C ASN H 347 -71.39 -44.92 21.91
N GLN H 348 -70.77 -45.59 22.88
CA GLN H 348 -70.09 -46.86 22.64
C GLN H 348 -69.02 -46.72 21.57
N LYS H 349 -68.37 -45.56 21.51
CA LYS H 349 -67.38 -45.26 20.48
C LYS H 349 -66.01 -45.73 20.96
N ILE H 350 -65.76 -47.03 20.77
CA ILE H 350 -64.47 -47.58 21.16
C ILE H 350 -63.34 -46.96 20.35
N LEU H 351 -63.55 -46.82 19.03
CA LEU H 351 -62.53 -46.31 18.13
C LEU H 351 -63.01 -44.98 17.57
N PHE H 352 -62.29 -43.90 17.92
CA PHE H 352 -62.66 -42.57 17.44
C PHE H 352 -62.05 -42.33 16.07
N GLU H 353 -62.33 -41.15 15.51
CA GLU H 353 -61.82 -40.75 14.21
C GLU H 353 -61.39 -39.29 14.27
N GLU H 354 -60.58 -38.90 13.28
CA GLU H 354 -60.07 -37.54 13.25
C GLU H 354 -61.21 -36.52 13.25
N SER H 355 -62.31 -36.84 12.58
CA SER H 355 -63.44 -35.92 12.57
C SER H 355 -63.98 -35.68 13.98
N ASP H 356 -64.12 -36.77 14.76
CA ASP H 356 -64.59 -36.62 16.14
C ASP H 356 -63.57 -35.90 17.00
N LEU H 357 -62.29 -36.20 16.80
CA LEU H 357 -61.24 -35.53 17.58
C LEU H 357 -61.21 -34.04 17.30
N ARG H 358 -61.55 -33.64 16.07
CA ARG H 358 -61.67 -32.21 15.75
C ARG H 358 -62.94 -31.63 16.34
N ASN H 359 -64.06 -32.37 16.25
CA ASN H 359 -65.31 -31.92 16.85
C ASN H 359 -65.10 -31.57 18.31
N HIS H 360 -64.48 -32.48 19.07
CA HIS H 360 -64.06 -32.14 20.41
C HIS H 360 -62.82 -31.25 20.35
N GLY H 361 -62.70 -30.34 21.31
CA GLY H 361 -61.57 -29.44 21.31
C GLY H 361 -60.26 -30.20 21.37
N LEU H 362 -59.69 -30.42 20.19
CA LEU H 362 -58.43 -31.17 20.01
C LEU H 362 -57.90 -31.00 18.59
N GLN H 363 -56.59 -31.09 18.44
CA GLN H 363 -55.96 -30.97 17.14
C GLN H 363 -54.68 -31.79 17.16
N LYS H 364 -53.74 -31.39 17.99
CA LYS H 364 -52.47 -32.10 18.13
C LYS H 364 -52.06 -32.19 19.59
N ALA H 365 -50.88 -31.66 19.93
CA ALA H 365 -50.36 -31.57 21.30
C ALA H 365 -50.29 -32.87 22.09
N ASP H 366 -51.45 -33.41 22.45
CA ASP H 366 -51.46 -34.64 23.20
C ASP H 366 -50.78 -35.68 22.35
N VAL H 367 -49.54 -36.02 22.69
CA VAL H 367 -48.75 -36.99 21.93
C VAL H 367 -49.07 -38.44 22.30
N SER H 368 -50.29 -38.86 21.99
CA SER H 368 -50.76 -40.20 22.25
C SER H 368 -50.46 -40.71 23.65
N ALA H 369 -50.71 -39.92 24.67
CA ALA H 369 -50.44 -40.42 25.99
C ALA H 369 -51.46 -41.53 26.20
N PHE H 370 -52.73 -41.19 26.00
CA PHE H 370 -53.82 -42.15 26.13
C PHE H 370 -54.61 -42.19 24.84
N LEU H 371 -53.89 -41.95 23.74
CA LEU H 371 -54.47 -41.88 22.40
C LEU H 371 -53.42 -42.41 21.43
N ARG H 372 -53.54 -43.68 21.06
CA ARG H 372 -52.59 -44.31 20.16
C ARG H 372 -53.21 -44.38 18.76
N MET H 373 -52.58 -43.70 17.80
CA MET H 373 -53.10 -43.63 16.44
C MET H 373 -52.81 -44.97 15.77
N ASN H 374 -53.74 -45.91 15.94
CA ASN H 374 -53.69 -47.15 15.18
C ASN H 374 -54.47 -46.95 13.88
N LEU H 375 -53.79 -47.11 12.75
CA LEU H 375 -54.33 -46.79 11.44
C LEU H 375 -54.68 -48.08 10.74
N PHE H 376 -55.92 -48.17 10.26
CA PHE H 376 -56.39 -49.38 9.59
C PHE H 376 -56.54 -49.13 8.10
N GLN H 377 -55.98 -50.03 7.30
CA GLN H 377 -56.06 -49.94 5.85
C GLN H 377 -57.22 -50.78 5.36
N LYS H 378 -58.11 -50.17 4.59
CA LYS H 378 -59.23 -50.86 3.97
C LYS H 378 -59.26 -50.53 2.49
N GLU H 379 -59.48 -51.56 1.67
CA GLU H 379 -59.56 -51.37 0.23
C GLU H 379 -58.20 -50.92 -0.32
N VAL H 380 -58.04 -49.61 -0.53
CA VAL H 380 -56.84 -49.09 -1.17
C VAL H 380 -56.05 -48.16 -0.27
N ASP H 381 -56.66 -47.54 0.73
CA ASP H 381 -55.97 -46.60 1.60
C ASP H 381 -56.38 -46.84 3.05
N CYS H 382 -55.51 -46.40 3.96
CA CYS H 382 -55.71 -46.57 5.38
C CYS H 382 -56.10 -45.25 6.04
N GLU H 383 -56.94 -45.35 7.07
CA GLU H 383 -57.44 -44.20 7.81
C GLU H 383 -57.03 -44.27 9.27
N LYS H 384 -57.09 -43.10 9.91
CA LYS H 384 -56.50 -42.86 11.22
C LYS H 384 -57.11 -43.72 12.33
N PHE H 385 -58.39 -43.52 12.61
CA PHE H 385 -59.10 -44.26 13.64
C PHE H 385 -58.35 -44.21 14.98
N TYR H 386 -58.26 -43.00 15.52
CA TYR H 386 -57.70 -42.83 16.86
C TYR H 386 -58.40 -43.72 17.86
N SER H 387 -57.66 -44.13 18.90
CA SER H 387 -58.21 -45.01 19.91
C SER H 387 -57.50 -44.76 21.24
N PHE H 388 -58.19 -45.16 22.31
CA PHE H 388 -57.65 -45.03 23.67
C PHE H 388 -56.79 -46.23 24.00
N ILE H 389 -55.80 -46.01 24.89
CA ILE H 389 -54.93 -47.11 25.28
C ILE H 389 -55.71 -48.29 25.82
N HIS H 390 -56.91 -48.06 26.35
CA HIS H 390 -57.70 -49.15 26.89
C HIS H 390 -59.08 -48.68 27.31
N MET H 391 -60.06 -49.60 27.28
CA MET H 391 -61.44 -49.23 27.57
C MET H 391 -61.60 -48.76 29.01
N THR H 392 -60.93 -49.43 29.95
CA THR H 392 -61.00 -48.98 31.34
C THR H 392 -60.40 -47.58 31.48
N PHE H 393 -59.31 -47.31 30.76
CA PHE H 393 -58.74 -45.97 30.79
C PHE H 393 -59.73 -44.94 30.27
N GLN H 394 -60.43 -45.27 29.18
CA GLN H 394 -61.42 -44.35 28.63
C GLN H 394 -62.56 -44.13 29.62
N GLU H 395 -62.98 -45.18 30.32
CA GLU H 395 -64.02 -45.04 31.33
C GLU H 395 -63.54 -44.12 32.46
N PHE H 396 -62.28 -44.29 32.88
CA PHE H 396 -61.74 -43.41 33.92
C PHE H 396 -61.74 -41.97 33.44
N PHE H 397 -61.40 -41.73 32.18
CA PHE H 397 -61.42 -40.37 31.67
C PHE H 397 -62.84 -39.82 31.60
N ALA H 398 -63.82 -40.67 31.30
CA ALA H 398 -65.21 -40.20 31.34
C ALA H 398 -65.60 -39.80 32.76
N ALA H 399 -65.20 -40.62 33.74
CA ALA H 399 -65.48 -40.28 35.13
C ALA H 399 -64.81 -38.96 35.51
N MET H 400 -63.59 -38.74 35.03
CA MET H 400 -62.93 -37.46 35.28
C MET H 400 -63.64 -36.30 34.61
N TYR H 401 -64.21 -36.54 33.43
CA TYR H 401 -65.02 -35.50 32.79
C TYR H 401 -66.19 -35.11 33.69
N TYR H 402 -66.88 -36.12 34.23
CA TYR H 402 -68.00 -35.83 35.11
C TYR H 402 -67.54 -35.07 36.36
N LEU H 403 -66.48 -35.56 37.01
CA LEU H 403 -66.04 -34.95 38.26
C LEU H 403 -65.55 -33.52 38.04
N LEU H 404 -64.64 -33.33 37.08
CA LEU H 404 -64.06 -32.02 36.83
C LEU H 404 -65.16 -31.00 36.52
N GLU H 405 -64.79 -29.73 36.65
CA GLU H 405 -65.73 -28.63 36.46
C GLU H 405 -65.46 -27.94 35.13
N GLU H 406 -66.51 -27.60 34.39
CA GLU H 406 -66.41 -26.92 33.09
C GLU H 406 -65.43 -25.74 33.03
N LEU H 419 -72.62 -28.56 18.84
CA LEU H 419 -71.91 -29.67 19.46
C LEU H 419 -71.98 -29.60 20.97
N LYS H 420 -72.41 -30.70 21.60
CA LYS H 420 -72.51 -30.78 23.06
C LYS H 420 -72.46 -32.21 23.55
N LEU H 421 -71.54 -32.49 24.46
CA LEU H 421 -71.40 -33.83 25.02
C LEU H 421 -72.49 -34.09 26.06
N PRO H 422 -72.76 -35.37 26.34
CA PRO H 422 -73.78 -35.86 27.27
C PRO H 422 -73.94 -35.00 28.51
N SER H 423 -75.18 -34.61 28.80
CA SER H 423 -75.54 -33.77 29.93
C SER H 423 -74.85 -34.20 31.22
N ARG H 424 -74.12 -33.26 31.82
CA ARG H 424 -73.39 -33.53 33.03
C ARG H 424 -74.25 -33.93 34.21
N ASP H 425 -75.49 -34.38 33.98
CA ASP H 425 -76.26 -34.76 35.15
C ASP H 425 -75.69 -36.03 35.76
N VAL H 426 -75.06 -35.90 36.92
CA VAL H 426 -74.54 -37.07 37.62
C VAL H 426 -75.68 -38.04 37.91
N THR H 427 -76.85 -37.52 38.28
CA THR H 427 -78.00 -38.38 38.51
C THR H 427 -78.42 -39.10 37.22
N VAL H 428 -78.35 -38.40 36.09
CA VAL H 428 -78.71 -39.03 34.82
C VAL H 428 -77.77 -40.18 34.51
N LEU H 429 -76.46 -39.92 34.58
CA LEU H 429 -75.50 -41.01 34.39
C LEU H 429 -75.76 -42.12 35.40
N LEU H 430 -76.20 -41.76 36.60
CA LEU H 430 -76.39 -42.72 37.66
C LEU H 430 -77.53 -43.69 37.33
N GLU H 431 -78.68 -43.16 36.93
CA GLU H 431 -79.77 -44.06 36.57
C GLU H 431 -79.48 -44.81 35.28
N ASN H 432 -78.71 -44.20 34.37
CA ASN H 432 -78.29 -44.93 33.18
C ASN H 432 -77.43 -46.12 33.56
N TYR H 433 -76.71 -45.98 34.66
CA TYR H 433 -75.95 -47.08 35.19
C TYR H 433 -76.92 -48.01 35.97
N GLY H 434 -78.09 -47.48 36.32
CA GLY H 434 -79.07 -48.21 37.09
C GLY H 434 -80.07 -49.11 36.39
N LYS H 435 -80.02 -49.18 35.05
CA LYS H 435 -80.84 -49.99 34.13
C LYS H 435 -80.43 -49.67 32.69
N PHE H 436 -81.43 -49.49 31.83
CA PHE H 436 -81.35 -49.06 30.45
C PHE H 436 -80.22 -49.78 29.72
N GLU H 437 -79.93 -51.01 30.14
CA GLU H 437 -78.95 -51.84 29.45
C GLU H 437 -77.62 -51.12 29.27
N LYS H 438 -77.18 -50.42 30.31
CA LYS H 438 -75.93 -49.68 30.30
C LYS H 438 -74.93 -50.28 31.29
N GLY H 439 -74.82 -51.61 31.28
CA GLY H 439 -73.83 -52.30 32.09
C GLY H 439 -72.45 -51.71 31.91
N TYR H 440 -72.22 -51.06 30.77
CA TYR H 440 -70.98 -50.33 30.54
C TYR H 440 -71.00 -48.93 31.17
N LEU H 441 -71.42 -48.85 32.43
CA LEU H 441 -71.30 -47.64 33.23
C LEU H 441 -70.91 -47.95 34.66
N ILE H 442 -70.88 -49.21 35.06
CA ILE H 442 -70.43 -49.57 36.40
C ILE H 442 -69.03 -49.03 36.63
N PHE H 443 -68.16 -49.17 35.64
CA PHE H 443 -66.77 -48.76 35.81
C PHE H 443 -66.64 -47.24 35.84
N VAL H 444 -67.43 -46.54 35.02
CA VAL H 444 -67.38 -45.09 35.06
C VAL H 444 -67.86 -44.58 36.42
N VAL H 445 -68.93 -45.17 36.95
CA VAL H 445 -69.39 -44.78 38.28
C VAL H 445 -68.34 -45.12 39.34
N ARG H 446 -67.71 -46.28 39.22
CA ARG H 446 -66.68 -46.67 40.18
C ARG H 446 -65.53 -45.67 40.17
N PHE H 447 -65.11 -45.22 38.99
CA PHE H 447 -63.99 -44.29 38.94
C PHE H 447 -64.42 -42.89 39.36
N LEU H 448 -65.68 -42.51 39.14
CA LEU H 448 -66.19 -41.28 39.72
C LEU H 448 -66.11 -41.33 41.25
N PHE H 449 -66.50 -42.46 41.83
CA PHE H 449 -66.40 -42.61 43.29
C PHE H 449 -64.96 -42.57 43.76
N GLY H 450 -64.06 -43.24 43.03
CA GLY H 450 -62.66 -43.16 43.38
C GLY H 450 -62.13 -41.75 43.34
N LEU H 451 -62.58 -40.95 42.38
CA LEU H 451 -62.10 -39.58 42.24
C LEU H 451 -62.70 -38.63 43.25
N VAL H 452 -63.96 -38.84 43.64
CA VAL H 452 -64.65 -37.93 44.55
C VAL H 452 -64.00 -38.02 45.93
N ASN H 453 -63.00 -38.88 46.06
CA ASN H 453 -62.25 -38.99 47.29
C ASN H 453 -61.57 -37.67 47.63
N GLN H 454 -61.61 -37.31 48.93
CA GLN H 454 -61.20 -35.97 49.35
C GLN H 454 -59.72 -35.74 49.13
N GLU H 455 -58.86 -36.55 49.77
CA GLU H 455 -57.43 -36.36 49.57
C GLU H 455 -57.02 -36.63 48.12
N ARG H 456 -57.59 -37.65 47.48
CA ARG H 456 -57.28 -37.87 46.07
C ARG H 456 -57.73 -36.70 45.21
N THR H 457 -58.93 -36.16 45.49
CA THR H 457 -59.41 -35.01 44.74
C THR H 457 -58.47 -33.81 44.92
N SER H 458 -58.03 -33.57 46.15
CA SER H 458 -57.11 -32.48 46.41
C SER H 458 -55.78 -32.69 45.69
N TYR H 459 -55.29 -33.94 45.66
CA TYR H 459 -54.05 -34.21 44.96
C TYR H 459 -54.20 -33.94 43.47
N LEU H 460 -55.32 -34.36 42.89
CA LEU H 460 -55.56 -34.08 41.47
C LEU H 460 -55.66 -32.57 41.23
N GLU H 461 -56.29 -31.85 42.15
CA GLU H 461 -56.38 -30.40 42.03
C GLU H 461 -54.99 -29.77 42.04
N LYS H 462 -54.13 -30.21 42.96
CA LYS H 462 -52.79 -29.65 43.02
C LYS H 462 -51.99 -30.03 41.78
N LYS H 463 -52.28 -31.18 41.18
CA LYS H 463 -51.54 -31.61 40.00
C LYS H 463 -51.96 -30.82 38.76
N LEU H 464 -53.25 -30.57 38.58
CA LEU H 464 -53.77 -30.00 37.34
C LEU H 464 -54.15 -28.52 37.45
N SER H 465 -54.02 -27.92 38.63
CA SER H 465 -54.39 -26.51 38.83
C SER H 465 -55.83 -26.26 38.38
N CYS H 466 -56.75 -27.00 38.99
CA CYS H 466 -58.17 -26.87 38.65
C CYS H 466 -58.99 -27.41 39.81
N LYS H 467 -59.75 -26.53 40.46
CA LYS H 467 -60.54 -26.94 41.61
C LYS H 467 -61.63 -27.92 41.19
N ILE H 468 -62.02 -28.77 42.13
CA ILE H 468 -63.02 -29.81 41.89
C ILE H 468 -64.29 -29.45 42.66
N SER H 469 -65.37 -30.16 42.33
CA SER H 469 -66.67 -29.98 42.97
C SER H 469 -66.90 -31.15 43.91
N GLN H 470 -67.18 -30.86 45.18
CA GLN H 470 -67.42 -31.90 46.17
C GLN H 470 -68.90 -32.21 46.34
N GLN H 471 -69.80 -31.31 45.92
CA GLN H 471 -71.23 -31.57 46.03
C GLN H 471 -71.66 -32.78 45.22
N ILE H 472 -70.85 -33.20 44.24
CA ILE H 472 -71.12 -34.46 43.56
C ILE H 472 -71.05 -35.61 44.56
N ARG H 473 -70.15 -35.50 45.55
CA ARG H 473 -70.10 -36.51 46.59
C ARG H 473 -71.40 -36.59 47.37
N LEU H 474 -71.97 -35.43 47.71
CA LEU H 474 -73.26 -35.44 48.43
C LEU H 474 -74.37 -35.95 47.54
N GLU H 475 -74.33 -35.64 46.24
CA GLU H 475 -75.32 -36.18 45.32
C GLU H 475 -75.23 -37.71 45.27
N LEU H 476 -74.02 -38.25 45.21
CA LEU H 476 -73.86 -39.69 45.22
C LEU H 476 -74.33 -40.28 46.54
N LEU H 477 -74.06 -39.59 47.65
CA LEU H 477 -74.53 -40.04 48.95
C LEU H 477 -76.05 -40.09 48.99
N LYS H 478 -76.71 -39.08 48.43
CA LYS H 478 -78.17 -39.09 48.39
C LYS H 478 -78.70 -40.20 47.49
N TRP H 479 -77.99 -40.49 46.39
CA TRP H 479 -78.38 -41.65 45.58
C TRP H 479 -78.27 -42.94 46.38
N ILE H 480 -77.19 -43.10 47.14
CA ILE H 480 -77.04 -44.30 47.96
C ILE H 480 -78.12 -44.36 49.01
N GLU H 481 -78.50 -43.20 49.55
CA GLU H 481 -79.60 -43.15 50.51
C GLU H 481 -80.91 -43.61 49.86
N VAL H 482 -81.18 -43.18 48.63
CA VAL H 482 -82.38 -43.61 47.93
C VAL H 482 -82.32 -45.11 47.67
N LYS H 483 -81.16 -45.60 47.24
CA LYS H 483 -81.01 -47.03 46.99
C LYS H 483 -81.22 -47.85 48.25
N ALA H 484 -80.76 -47.33 49.40
CA ALA H 484 -80.93 -48.05 50.65
C ALA H 484 -82.36 -47.96 51.17
N LYS H 485 -83.02 -46.84 50.91
CA LYS H 485 -84.40 -46.67 51.33
C LYS H 485 -85.30 -47.25 50.24
N ALA H 486 -84.77 -48.20 49.49
CA ALA H 486 -85.51 -48.83 48.40
C ALA H 486 -85.85 -50.28 48.74
N LYS H 487 -85.58 -50.68 49.97
CA LYS H 487 -85.85 -52.04 50.44
C LYS H 487 -85.34 -53.11 49.50
N LYS H 488 -84.02 -53.20 49.37
CA LYS H 488 -83.37 -54.17 48.50
C LYS H 488 -83.95 -54.14 47.11
N LEU H 489 -83.94 -52.96 46.50
CA LEU H 489 -84.48 -52.78 45.15
C LEU H 489 -83.63 -53.47 44.09
N GLN H 490 -82.35 -53.64 44.40
CA GLN H 490 -81.34 -54.32 43.58
C GLN H 490 -81.57 -54.45 42.07
N ILE H 491 -82.05 -53.38 41.44
CA ILE H 491 -82.28 -53.41 40.01
C ILE H 491 -80.97 -53.72 39.31
N GLN H 492 -79.99 -52.85 39.53
CA GLN H 492 -78.66 -53.01 38.98
C GLN H 492 -77.65 -52.59 40.04
N PRO H 493 -77.74 -51.33 40.46
CA PRO H 493 -76.86 -50.79 41.51
C PRO H 493 -77.16 -51.54 42.80
N SER H 494 -76.95 -52.85 42.79
CA SER H 494 -77.33 -53.70 43.91
C SER H 494 -76.41 -53.46 45.10
N GLN H 495 -76.63 -54.24 46.16
CA GLN H 495 -75.85 -54.06 47.38
C GLN H 495 -74.37 -54.31 47.11
N LEU H 496 -74.04 -55.35 46.35
CA LEU H 496 -72.64 -55.63 46.06
C LEU H 496 -72.02 -54.52 45.21
N GLU H 497 -72.78 -53.99 44.25
CA GLU H 497 -72.26 -52.90 43.44
C GLU H 497 -71.98 -51.67 44.28
N LEU H 498 -72.89 -51.34 45.20
CA LEU H 498 -72.66 -50.19 46.07
C LEU H 498 -71.49 -50.45 47.02
N PHE H 499 -71.32 -51.70 47.48
CA PHE H 499 -70.16 -52.04 48.27
C PHE H 499 -68.88 -51.78 47.49
N TYR H 500 -68.83 -52.21 46.23
CA TYR H 500 -67.65 -51.98 45.41
C TYR H 500 -67.41 -50.49 45.22
N CYS H 501 -68.48 -49.73 44.98
CA CYS H 501 -68.35 -48.29 44.82
C CYS H 501 -67.74 -47.65 46.05
N LEU H 502 -68.28 -47.98 47.23
CA LEU H 502 -67.75 -47.40 48.46
C LEU H 502 -66.32 -47.86 48.73
N TYR H 503 -66.03 -49.12 48.45
CA TYR H 503 -64.67 -49.64 48.61
C TYR H 503 -63.70 -48.80 47.78
N GLU H 504 -64.03 -48.56 46.51
CA GLU H 504 -63.16 -47.72 45.69
C GLU H 504 -63.13 -46.29 46.21
N MET H 505 -64.22 -45.84 46.83
CA MET H 505 -64.22 -44.52 47.44
C MET H 505 -63.16 -44.41 48.53
N GLN H 506 -63.07 -45.43 49.38
CA GLN H 506 -62.04 -45.56 50.40
C GLN H 506 -62.05 -44.42 51.42
N GLU H 507 -63.07 -43.56 51.40
CA GLU H 507 -63.16 -42.47 52.35
C GLU H 507 -63.92 -42.94 53.59
N GLU H 508 -63.21 -42.97 54.73
CA GLU H 508 -63.77 -43.60 55.93
C GLU H 508 -65.05 -42.90 56.38
N ASP H 509 -65.01 -41.58 56.51
CA ASP H 509 -66.17 -40.86 57.01
C ASP H 509 -67.35 -40.99 56.07
N PHE H 510 -67.10 -40.87 54.75
CA PHE H 510 -68.18 -41.04 53.78
C PHE H 510 -68.79 -42.43 53.86
N VAL H 511 -67.94 -43.45 53.99
CA VAL H 511 -68.44 -44.82 54.07
C VAL H 511 -69.30 -44.99 55.32
N GLN H 512 -68.84 -44.47 56.45
CA GLN H 512 -69.64 -44.55 57.68
C GLN H 512 -70.97 -43.86 57.50
N ARG H 513 -70.97 -42.65 56.95
CA ARG H 513 -72.19 -41.88 56.81
C ARG H 513 -73.15 -42.49 55.78
N ALA H 514 -72.64 -43.28 54.83
CA ALA H 514 -73.49 -43.86 53.81
C ALA H 514 -74.01 -45.25 54.16
N MET H 515 -73.21 -46.06 54.87
CA MET H 515 -73.59 -47.43 55.14
C MET H 515 -74.71 -47.55 56.18
N ASP H 516 -75.08 -46.46 56.85
CA ASP H 516 -76.05 -46.52 57.93
C ASP H 516 -77.44 -46.96 57.48
N TYR H 517 -77.73 -46.90 56.18
CA TYR H 517 -79.06 -47.25 55.68
C TYR H 517 -79.18 -48.72 55.28
N PHE H 518 -78.09 -49.47 55.33
CA PHE H 518 -77.98 -50.87 54.94
C PHE H 518 -78.64 -51.91 55.85
N PRO H 519 -78.96 -51.61 57.12
CA PRO H 519 -79.03 -52.67 58.16
C PRO H 519 -79.54 -54.03 57.72
N LYS H 520 -80.49 -54.06 56.78
CA LYS H 520 -80.93 -55.30 56.15
C LYS H 520 -80.10 -55.53 54.91
N ILE H 521 -79.20 -56.52 54.95
CA ILE H 521 -78.24 -56.74 53.88
C ILE H 521 -78.27 -58.21 53.46
N GLU H 522 -78.31 -58.44 52.15
CA GLU H 522 -78.24 -59.78 51.58
C GLU H 522 -77.16 -59.77 50.50
N ILE H 523 -76.07 -60.50 50.72
CA ILE H 523 -74.92 -60.46 49.82
C ILE H 523 -74.42 -61.88 49.61
N ASN H 524 -73.85 -62.12 48.42
CA ASN H 524 -73.22 -63.38 48.09
C ASN H 524 -71.86 -63.11 47.46
N LEU H 525 -70.94 -64.05 47.64
CA LEU H 525 -69.56 -63.89 47.25
C LEU H 525 -69.18 -64.95 46.22
N SER H 526 -68.34 -64.54 45.26
CA SER H 526 -67.81 -65.44 44.25
C SER H 526 -66.32 -65.26 44.00
N THR H 527 -65.70 -64.23 44.56
CA THR H 527 -64.28 -63.98 44.34
C THR H 527 -63.67 -63.32 45.57
N ARG H 528 -62.34 -63.41 45.66
CA ARG H 528 -61.63 -62.76 46.74
C ARG H 528 -61.92 -61.26 46.76
N MET H 529 -62.11 -60.64 45.59
CA MET H 529 -62.48 -59.24 45.57
C MET H 529 -63.83 -59.01 46.24
N ASP H 530 -64.79 -59.91 45.99
CA ASP H 530 -66.07 -59.83 46.69
C ASP H 530 -65.88 -59.97 48.19
N HIS H 531 -65.02 -60.91 48.61
CA HIS H 531 -64.74 -61.07 50.03
C HIS H 531 -64.22 -59.77 50.63
N MET H 532 -63.23 -59.16 49.96
CA MET H 532 -62.63 -57.94 50.50
C MET H 532 -63.64 -56.80 50.55
N VAL H 533 -64.42 -56.63 49.49
CA VAL H 533 -65.39 -55.54 49.45
C VAL H 533 -66.42 -55.72 50.56
N SER H 534 -66.95 -56.93 50.71
CA SER H 534 -67.93 -57.19 51.76
C SER H 534 -67.34 -56.96 53.13
N SER H 535 -66.10 -57.42 53.36
CA SER H 535 -65.47 -57.24 54.66
C SER H 535 -65.31 -55.76 54.98
N PHE H 536 -64.75 -54.98 54.04
CA PHE H 536 -64.54 -53.56 54.31
C PHE H 536 -65.87 -52.84 54.53
N CYS H 537 -66.87 -53.14 53.70
CA CYS H 537 -68.16 -52.47 53.85
C CYS H 537 -68.82 -52.81 55.19
N ILE H 538 -68.76 -54.08 55.60
CA ILE H 538 -69.34 -54.45 56.88
C ILE H 538 -68.59 -53.79 58.03
N GLU H 539 -67.26 -53.77 57.95
CA GLU H 539 -66.48 -53.13 59.00
C GLU H 539 -66.83 -51.65 59.13
N ASN H 540 -67.00 -50.96 58.00
CA ASN H 540 -67.41 -49.57 58.04
C ASN H 540 -68.86 -49.37 58.44
N CYS H 541 -69.69 -50.40 58.27
CA CYS H 541 -71.11 -50.30 58.62
C CYS H 541 -71.27 -50.21 60.13
N HIS H 542 -72.08 -49.25 60.58
CA HIS H 542 -72.37 -49.07 61.99
C HIS H 542 -73.82 -49.35 62.34
N ARG H 543 -74.70 -49.51 61.35
CA ARG H 543 -76.12 -49.70 61.59
C ARG H 543 -76.61 -51.01 60.98
N VAL H 544 -75.88 -52.09 61.21
CA VAL H 544 -76.17 -53.39 60.61
C VAL H 544 -76.78 -54.30 61.64
N GLU H 545 -77.97 -54.83 61.35
CA GLU H 545 -78.60 -55.84 62.19
C GLU H 545 -78.81 -57.16 61.47
N SER H 546 -79.44 -57.17 60.30
CA SER H 546 -79.79 -58.41 59.61
C SER H 546 -78.84 -58.59 58.43
N LEU H 547 -78.15 -59.72 58.39
CA LEU H 547 -77.19 -60.02 57.34
C LEU H 547 -77.37 -61.46 56.87
N SER H 548 -77.49 -61.62 55.55
CA SER H 548 -77.52 -62.93 54.90
C SER H 548 -76.33 -63.02 53.97
N LEU H 549 -75.54 -64.08 54.12
CA LEU H 549 -74.31 -64.25 53.35
C LEU H 549 -74.34 -65.56 52.59
N GLY H 550 -74.02 -65.50 51.30
CA GLY H 550 -73.91 -66.70 50.48
C GLY H 550 -72.52 -66.83 49.86
N PHE H 551 -72.14 -68.04 49.49
CA PHE H 551 -70.82 -68.29 48.93
C PHE H 551 -70.94 -69.20 47.71
N LEU H 552 -70.12 -68.95 46.70
CA LEU H 552 -70.05 -69.81 45.52
C LEU H 552 -68.65 -70.38 45.37
N HIS H 553 -68.58 -71.64 44.96
CA HIS H 553 -67.30 -72.34 44.77
C HIS H 553 -66.63 -72.63 46.10
N THR H 594 -61.86 -70.84 50.46
CA THR H 594 -63.06 -70.53 51.21
C THR H 594 -62.72 -70.05 52.62
N SER H 595 -62.10 -70.93 53.40
CA SER H 595 -61.77 -70.60 54.79
C SER H 595 -60.78 -69.45 54.86
N SER H 596 -59.88 -69.33 53.88
CA SER H 596 -58.87 -68.28 53.92
C SER H 596 -59.51 -66.89 53.91
N PHE H 597 -60.38 -66.64 52.93
CA PHE H 597 -61.08 -65.36 52.87
C PHE H 597 -62.20 -65.30 53.91
N CYS H 598 -62.91 -66.40 54.10
CA CYS H 598 -63.93 -66.46 55.14
C CYS H 598 -63.34 -66.19 56.51
N ARG H 599 -62.08 -66.59 56.72
CA ARG H 599 -61.40 -66.25 57.98
C ARG H 599 -61.54 -64.76 58.28
N GLY H 600 -61.02 -63.91 57.39
CA GLY H 600 -61.09 -62.47 57.57
C GLY H 600 -62.50 -61.93 57.56
N LEU H 601 -63.35 -62.47 56.69
CA LEU H 601 -64.74 -62.00 56.64
C LEU H 601 -65.42 -62.18 57.99
N PHE H 602 -65.36 -63.38 58.54
CA PHE H 602 -66.00 -63.64 59.83
C PHE H 602 -65.27 -62.94 60.96
N SER H 603 -63.95 -62.72 60.83
CA SER H 603 -63.25 -61.92 61.83
C SER H 603 -63.81 -60.51 61.89
N VAL H 604 -64.04 -59.89 60.73
CA VAL H 604 -64.60 -58.55 60.71
C VAL H 604 -66.03 -58.56 61.22
N LEU H 605 -66.80 -59.61 60.88
CA LEU H 605 -68.15 -59.73 61.42
C LEU H 605 -68.13 -59.76 62.93
N SER H 606 -67.27 -60.60 63.51
CA SER H 606 -67.18 -60.69 64.97
C SER H 606 -66.75 -59.36 65.57
N THR H 607 -65.78 -58.68 64.94
CA THR H 607 -65.38 -57.36 65.40
C THR H 607 -66.57 -56.41 65.41
N SER H 608 -67.48 -56.54 64.45
CA SER H 608 -68.68 -55.74 64.44
C SER H 608 -69.47 -55.97 65.72
N GLN H 609 -70.01 -54.89 66.29
CA GLN H 609 -70.68 -54.95 67.58
C GLN H 609 -72.18 -54.66 67.51
N SER H 610 -72.71 -54.30 66.34
CA SER H 610 -74.12 -54.01 66.19
C SER H 610 -74.89 -55.13 65.52
N LEU H 611 -74.26 -56.26 65.22
CA LEU H 611 -74.93 -57.33 64.50
C LEU H 611 -75.93 -58.06 65.39
N THR H 612 -76.98 -58.56 64.75
CA THR H 612 -78.00 -59.35 65.43
C THR H 612 -78.27 -60.69 64.76
N GLU H 613 -78.23 -60.75 63.43
CA GLU H 613 -78.56 -61.96 62.70
C GLU H 613 -77.42 -62.38 61.78
N LEU H 614 -77.35 -63.68 61.51
CA LEU H 614 -76.38 -64.23 60.57
C LEU H 614 -77.04 -65.38 59.83
N ASP H 615 -77.36 -65.19 58.55
CA ASP H 615 -77.99 -66.21 57.73
C ASP H 615 -76.92 -66.84 56.85
N LEU H 616 -76.49 -68.06 57.22
CA LEU H 616 -75.52 -68.81 56.43
C LEU H 616 -76.17 -69.97 55.70
N SER H 617 -77.50 -69.97 55.61
CA SER H 617 -78.23 -71.07 55.00
C SER H 617 -77.87 -71.21 53.52
N ASP H 618 -78.08 -72.41 52.99
CA ASP H 618 -77.80 -72.72 51.59
C ASP H 618 -76.35 -72.42 51.23
N ASN H 619 -75.45 -72.68 52.17
CA ASN H 619 -74.02 -72.49 51.97
C ASN H 619 -73.28 -73.74 52.39
N SER H 620 -72.41 -74.23 51.50
CA SER H 620 -71.62 -75.44 51.78
C SER H 620 -70.37 -75.07 52.57
N LEU H 621 -70.61 -74.69 53.82
CA LEU H 621 -69.51 -74.26 54.68
C LEU H 621 -68.54 -75.40 54.96
N GLY H 622 -69.07 -76.60 55.23
CA GLY H 622 -68.24 -77.74 55.55
C GLY H 622 -67.72 -77.69 56.98
N ASP H 623 -67.07 -78.79 57.36
CA ASP H 623 -66.49 -78.85 58.70
C ASP H 623 -65.42 -77.79 58.93
N PRO H 624 -64.46 -77.58 58.03
CA PRO H 624 -63.49 -76.49 58.25
C PRO H 624 -64.16 -75.14 58.35
N GLY H 625 -65.17 -74.89 57.53
CA GLY H 625 -65.88 -73.63 57.62
C GLY H 625 -66.58 -73.44 58.94
N MET H 626 -67.24 -74.50 59.42
CA MET H 626 -67.90 -74.42 60.72
C MET H 626 -66.90 -74.21 61.85
N ARG H 627 -65.73 -74.86 61.75
CA ARG H 627 -64.70 -74.64 62.76
C ARG H 627 -64.22 -73.18 62.75
N VAL H 628 -64.01 -72.62 61.56
CA VAL H 628 -63.61 -71.22 61.49
C VAL H 628 -64.70 -70.32 62.08
N LEU H 629 -65.96 -70.61 61.75
CA LEU H 629 -67.07 -69.81 62.26
C LEU H 629 -67.14 -69.86 63.78
N CYS H 630 -67.02 -71.06 64.35
CA CYS H 630 -67.10 -71.18 65.81
C CYS H 630 -65.90 -70.50 66.47
N GLU H 631 -64.72 -70.61 65.87
CA GLU H 631 -63.57 -69.89 66.40
C GLU H 631 -63.83 -68.39 66.41
N THR H 632 -64.39 -67.86 65.32
CA THR H 632 -64.71 -66.44 65.28
C THR H 632 -65.76 -66.07 66.33
N LEU H 633 -66.81 -66.89 66.47
CA LEU H 633 -67.86 -66.60 67.43
C LEU H 633 -67.35 -66.65 68.86
N GLN H 634 -66.34 -67.48 69.13
CA GLN H 634 -65.80 -67.59 70.48
C GLN H 634 -65.17 -66.29 70.97
N HIS H 635 -65.05 -65.28 70.12
CA HIS H 635 -64.46 -64.03 70.55
C HIS H 635 -65.33 -63.39 71.63
N PRO H 636 -64.73 -62.85 72.70
CA PRO H 636 -65.54 -62.26 73.77
C PRO H 636 -66.44 -61.13 73.30
N GLY H 637 -66.02 -60.37 72.30
CA GLY H 637 -66.80 -59.27 71.78
C GLY H 637 -67.91 -59.66 70.83
N CYS H 638 -68.08 -60.95 70.56
CA CYS H 638 -69.12 -61.40 69.64
C CYS H 638 -70.48 -60.89 70.11
N ASN H 639 -71.23 -60.27 69.19
CA ASN H 639 -72.55 -59.75 69.48
C ASN H 639 -73.62 -60.42 68.62
N ILE H 640 -73.36 -61.63 68.14
CA ILE H 640 -74.30 -62.33 67.29
C ILE H 640 -75.35 -63.00 68.16
N ARG H 641 -76.63 -62.71 67.90
CA ARG H 641 -77.73 -63.29 68.65
C ARG H 641 -78.41 -64.45 67.96
N ARG H 642 -78.58 -64.37 66.64
CA ARG H 642 -79.24 -65.44 65.88
C ARG H 642 -78.35 -65.85 64.72
N LEU H 643 -78.26 -67.16 64.48
CA LEU H 643 -77.45 -67.68 63.40
C LEU H 643 -78.16 -68.90 62.83
N TRP H 644 -78.57 -68.82 61.56
CA TRP H 644 -79.30 -69.89 60.91
C TRP H 644 -78.37 -70.62 59.94
N LEU H 645 -78.22 -71.94 60.14
CA LEU H 645 -77.25 -72.74 59.41
C LEU H 645 -77.94 -73.84 58.60
N GLY H 646 -79.11 -73.54 58.06
CA GLY H 646 -79.85 -74.52 57.29
C GLY H 646 -79.11 -75.04 56.08
N ARG H 647 -79.04 -76.37 55.95
CA ARG H 647 -78.47 -77.01 54.76
C ARG H 647 -77.05 -76.53 54.48
N CYS H 648 -76.23 -76.45 55.53
CA CYS H 648 -74.86 -75.99 55.43
C CYS H 648 -73.85 -77.11 55.39
N GLY H 649 -74.29 -78.36 55.31
CA GLY H 649 -73.37 -79.48 55.30
C GLY H 649 -72.59 -79.66 56.59
N LEU H 650 -73.25 -79.47 57.73
CA LEU H 650 -72.62 -79.64 59.02
C LEU H 650 -72.82 -81.07 59.54
N SER H 651 -71.95 -81.47 60.46
CA SER H 651 -71.94 -82.87 60.92
C SER H 651 -71.57 -82.90 62.41
N HIS H 652 -71.38 -84.11 62.91
CA HIS H 652 -71.04 -84.29 64.32
C HIS H 652 -69.71 -83.63 64.65
N GLU H 653 -68.72 -83.75 63.75
CA GLU H 653 -67.42 -83.15 64.00
C GLU H 653 -67.55 -81.67 64.31
N CYS H 654 -68.27 -80.93 63.47
CA CYS H 654 -68.54 -79.53 63.76
C CYS H 654 -69.48 -79.39 64.95
N CYS H 655 -70.23 -80.44 65.30
CA CYS H 655 -71.06 -80.38 66.50
C CYS H 655 -70.23 -80.23 67.76
N PHE H 656 -69.02 -80.78 67.79
CA PHE H 656 -68.13 -80.58 68.92
C PHE H 656 -67.84 -79.09 69.13
N ASP H 657 -67.44 -78.41 68.05
CA ASP H 657 -67.18 -76.98 68.15
C ASP H 657 -68.46 -76.18 68.43
N ILE H 658 -69.60 -76.65 67.92
CA ILE H 658 -70.86 -76.00 68.23
C ILE H 658 -71.16 -76.07 69.72
N SER H 659 -70.92 -77.24 70.32
CA SER H 659 -71.10 -77.37 71.77
C SER H 659 -70.12 -76.48 72.52
N LEU H 660 -68.88 -76.39 72.04
CA LEU H 660 -67.93 -75.48 72.67
C LEU H 660 -68.43 -74.04 72.62
N VAL H 661 -68.96 -73.63 71.47
CA VAL H 661 -69.50 -72.27 71.33
C VAL H 661 -70.66 -72.06 72.29
N LEU H 662 -71.56 -73.05 72.37
CA LEU H 662 -72.72 -72.93 73.25
C LEU H 662 -72.28 -72.79 74.70
N SER H 663 -71.27 -73.57 75.12
CA SER H 663 -70.80 -73.52 76.50
C SER H 663 -69.98 -72.27 76.80
N SER H 664 -69.31 -71.69 75.80
CA SER H 664 -68.46 -70.53 76.03
C SER H 664 -69.23 -69.22 75.91
N ASN H 665 -69.82 -68.96 74.75
CA ASN H 665 -70.55 -67.72 74.54
C ASN H 665 -71.81 -67.69 75.40
N GLN H 666 -72.09 -66.53 75.98
CA GLN H 666 -73.29 -66.32 76.78
C GLN H 666 -74.30 -65.41 76.08
N LYS H 667 -74.07 -65.08 74.81
CA LYS H 667 -74.96 -64.23 74.06
C LYS H 667 -75.90 -65.01 73.14
N LEU H 668 -75.53 -66.22 72.74
CA LEU H 668 -76.36 -67.00 71.84
C LEU H 668 -77.76 -67.18 72.43
N VAL H 669 -78.77 -67.01 71.58
CA VAL H 669 -80.17 -67.04 72.00
C VAL H 669 -80.94 -68.18 71.33
N GLU H 670 -80.73 -68.39 70.04
CA GLU H 670 -81.48 -69.37 69.29
C GLU H 670 -80.56 -70.05 68.28
N LEU H 671 -81.00 -71.20 67.78
CA LEU H 671 -80.21 -71.92 66.78
C LEU H 671 -81.12 -72.78 65.92
N ASP H 672 -80.87 -72.75 64.61
CA ASP H 672 -81.54 -73.63 63.66
C ASP H 672 -80.47 -74.27 62.79
N LEU H 673 -80.44 -75.61 62.81
CA LEU H 673 -79.46 -76.41 62.08
C LEU H 673 -80.17 -77.43 61.19
N SER H 674 -81.24 -77.00 60.53
CA SER H 674 -82.04 -77.92 59.75
C SER H 674 -81.22 -78.55 58.63
N ASP H 675 -81.47 -79.84 58.38
CA ASP H 675 -80.81 -80.57 57.31
C ASP H 675 -79.31 -80.71 57.56
N ASN H 676 -78.95 -80.90 58.82
CA ASN H 676 -77.57 -81.10 59.23
C ASN H 676 -77.35 -82.56 59.60
N ALA H 677 -76.27 -83.15 59.08
CA ALA H 677 -75.93 -84.54 59.37
C ALA H 677 -75.30 -84.66 60.76
N LEU H 678 -76.08 -84.25 61.76
CA LEU H 678 -75.60 -84.27 63.14
C LEU H 678 -75.34 -85.70 63.59
N GLY H 679 -76.32 -86.58 63.44
CA GLY H 679 -76.19 -87.96 63.87
C GLY H 679 -76.28 -88.12 65.37
N ASP H 680 -76.29 -89.37 65.84
CA ASP H 680 -76.31 -89.61 67.28
C ASP H 680 -75.07 -89.04 67.94
N PHE H 681 -73.90 -89.22 67.32
CA PHE H 681 -72.68 -88.63 67.86
C PHE H 681 -72.74 -87.12 67.86
N GLY H 682 -73.30 -86.53 66.82
CA GLY H 682 -73.45 -85.08 66.78
C GLY H 682 -74.31 -84.56 67.91
N ILE H 683 -75.45 -85.20 68.13
CA ILE H 683 -76.32 -84.79 69.23
C ILE H 683 -75.65 -85.03 70.57
N ARG H 684 -74.86 -86.12 70.67
CA ARG H 684 -74.12 -86.38 71.91
C ARG H 684 -73.15 -85.25 72.22
N LEU H 685 -72.43 -84.78 71.20
CA LEU H 685 -71.53 -83.64 71.40
C LEU H 685 -72.31 -82.38 71.73
N LEU H 686 -73.44 -82.17 71.04
CA LEU H 686 -74.22 -80.95 71.22
C LEU H 686 -74.77 -80.85 72.65
N CYS H 687 -75.31 -81.94 73.18
CA CYS H 687 -75.89 -81.92 74.51
C CYS H 687 -74.84 -81.61 75.58
N VAL H 688 -73.58 -81.94 75.33
CA VAL H 688 -72.52 -81.61 76.28
C VAL H 688 -72.47 -80.10 76.48
N GLY H 689 -72.48 -79.35 75.39
CA GLY H 689 -72.53 -77.90 75.49
C GLY H 689 -73.85 -77.41 76.06
N LEU H 690 -74.96 -78.03 75.67
CA LEU H 690 -76.27 -77.59 76.15
C LEU H 690 -76.37 -77.68 77.67
N LYS H 691 -75.85 -78.75 78.26
CA LYS H 691 -75.96 -78.94 79.70
C LYS H 691 -74.99 -78.07 80.48
N HIS H 692 -74.11 -77.33 79.82
CA HIS H 692 -73.23 -76.42 80.52
C HIS H 692 -74.03 -75.32 81.20
N LEU H 693 -73.58 -74.90 82.38
CA LEU H 693 -74.29 -73.88 83.13
C LEU H 693 -74.38 -72.57 82.35
N LEU H 694 -73.39 -72.27 81.53
CA LEU H 694 -73.40 -71.05 80.73
C LEU H 694 -74.28 -71.14 79.50
N CYS H 695 -74.81 -72.33 79.19
CA CYS H 695 -75.68 -72.50 78.03
C CYS H 695 -76.93 -71.64 78.21
N ASN H 696 -77.07 -70.60 77.39
CA ASN H 696 -78.21 -69.70 77.46
C ASN H 696 -79.11 -69.81 76.24
N LEU H 697 -78.94 -70.85 75.42
CA LEU H 697 -79.80 -71.03 74.25
C LEU H 697 -81.23 -71.28 74.68
N LYS H 698 -82.17 -70.77 73.88
CA LYS H 698 -83.60 -70.88 74.17
C LYS H 698 -84.32 -71.76 73.17
N LYS H 699 -84.22 -71.44 71.88
CA LYS H 699 -84.96 -72.14 70.84
C LYS H 699 -84.01 -72.93 69.97
N LEU H 700 -84.37 -74.18 69.69
CA LEU H 700 -83.56 -75.08 68.88
C LEU H 700 -84.42 -75.72 67.80
N TRP H 701 -83.94 -75.65 66.56
CA TRP H 701 -84.54 -76.35 65.43
C TRP H 701 -83.52 -77.35 64.88
N LEU H 702 -83.89 -78.63 64.91
CA LEU H 702 -83.07 -79.70 64.36
C LEU H 702 -83.88 -80.55 63.37
N VAL H 703 -84.80 -79.90 62.65
CA VAL H 703 -85.67 -80.62 61.74
C VAL H 703 -84.86 -81.35 60.68
N SER H 704 -85.26 -82.58 60.38
CA SER H 704 -84.62 -83.38 59.34
C SER H 704 -83.12 -83.51 59.60
N CYS H 705 -82.75 -83.73 60.86
CA CYS H 705 -81.37 -83.88 61.26
C CYS H 705 -80.89 -85.33 61.22
N CYS H 706 -81.72 -86.25 60.73
CA CYS H 706 -81.38 -87.66 60.64
C CYS H 706 -81.17 -88.31 62.01
N LEU H 707 -81.66 -87.67 63.07
CA LEU H 707 -81.51 -88.18 64.41
C LEU H 707 -82.50 -89.31 64.67
N THR H 708 -82.28 -90.02 65.78
CA THR H 708 -83.15 -91.13 66.19
C THR H 708 -83.33 -91.08 67.70
N SER H 709 -84.06 -92.05 68.23
CA SER H 709 -84.34 -92.08 69.66
C SER H 709 -83.09 -92.32 70.48
N ALA H 710 -81.97 -92.74 69.86
CA ALA H 710 -80.75 -92.97 70.60
C ALA H 710 -80.28 -91.71 71.30
N CYS H 711 -80.32 -90.57 70.61
CA CYS H 711 -79.95 -89.30 71.20
C CYS H 711 -81.06 -88.70 72.06
N CYS H 712 -82.25 -89.31 72.06
CA CYS H 712 -83.36 -88.78 72.85
C CYS H 712 -83.02 -88.76 74.33
N GLN H 713 -82.18 -89.68 74.80
CA GLN H 713 -81.75 -89.66 76.20
C GLN H 713 -81.02 -88.36 76.52
N ASP H 714 -80.04 -88.00 75.68
CA ASP H 714 -79.32 -86.75 75.89
C ASP H 714 -80.24 -85.54 75.71
N LEU H 715 -81.17 -85.62 74.76
CA LEU H 715 -82.12 -84.52 74.57
C LEU H 715 -82.94 -84.29 75.83
N ALA H 716 -83.48 -85.36 76.40
CA ALA H 716 -84.27 -85.24 77.63
C ALA H 716 -83.40 -84.74 78.78
N SER H 717 -82.16 -85.22 78.87
CA SER H 717 -81.26 -84.76 79.92
C SER H 717 -81.02 -83.26 79.82
N VAL H 718 -80.78 -82.76 78.60
CA VAL H 718 -80.56 -81.34 78.41
C VAL H 718 -81.83 -80.55 78.70
N LEU H 719 -82.99 -81.10 78.32
CA LEU H 719 -84.25 -80.42 78.61
C LEU H 719 -84.47 -80.28 80.10
N SER H 720 -84.14 -81.32 80.87
CA SER H 720 -84.30 -81.27 82.31
C SER H 720 -83.19 -80.49 83.01
N THR H 721 -82.07 -80.27 82.34
CA THR H 721 -80.92 -79.59 82.95
C THR H 721 -80.90 -78.09 82.67
N SER H 722 -80.92 -77.70 81.40
CA SER H 722 -80.73 -76.30 81.04
C SER H 722 -81.85 -75.43 81.61
N HIS H 723 -81.48 -74.21 82.02
CA HIS H 723 -82.42 -73.25 82.57
C HIS H 723 -82.97 -72.28 81.52
N SER H 724 -82.47 -72.32 80.29
CA SER H 724 -82.90 -71.41 79.25
C SER H 724 -83.53 -72.08 78.04
N LEU H 725 -83.12 -73.30 77.71
CA LEU H 725 -83.71 -74.00 76.56
C LEU H 725 -85.19 -74.21 76.80
N THR H 726 -86.02 -73.57 75.96
CA THR H 726 -87.47 -73.62 76.13
C THR H 726 -88.15 -74.35 74.98
N ARG H 727 -87.92 -73.95 73.73
CA ARG H 727 -88.60 -74.52 72.58
C ARG H 727 -87.63 -75.40 71.81
N LEU H 728 -88.06 -76.62 71.50
CA LEU H 728 -87.27 -77.58 70.73
C LEU H 728 -88.15 -78.18 69.66
N TYR H 729 -87.66 -78.19 68.41
CA TYR H 729 -88.39 -78.77 67.29
C TYR H 729 -87.44 -79.72 66.56
N VAL H 730 -87.62 -81.02 66.76
CA VAL H 730 -86.74 -82.04 66.22
C VAL H 730 -87.48 -82.97 65.26
N GLY H 731 -88.52 -82.47 64.59
CA GLY H 731 -89.27 -83.29 63.66
C GLY H 731 -88.43 -83.80 62.52
N GLU H 732 -89.05 -84.60 61.63
CA GLU H 732 -88.35 -85.19 60.50
C GLU H 732 -87.18 -86.07 60.94
N ASN H 733 -87.30 -86.67 62.12
CA ASN H 733 -86.29 -87.56 62.66
C ASN H 733 -86.96 -88.85 63.13
N ALA H 734 -86.24 -89.96 63.00
CA ALA H 734 -86.77 -91.26 63.38
C ALA H 734 -86.72 -91.45 64.90
N LEU H 735 -87.39 -90.53 65.60
CA LEU H 735 -87.46 -90.61 67.05
C LEU H 735 -88.31 -91.80 67.49
N GLY H 736 -89.50 -91.95 66.91
CA GLY H 736 -90.35 -93.08 67.21
C GLY H 736 -91.10 -92.91 68.52
N ASP H 737 -91.94 -93.91 68.79
CA ASP H 737 -92.69 -93.92 70.05
C ASP H 737 -91.76 -94.00 71.25
N SER H 738 -90.70 -94.82 71.14
CA SER H 738 -89.75 -94.93 72.24
C SER H 738 -89.06 -93.59 72.49
N GLY H 739 -88.63 -92.92 71.43
CA GLY H 739 -88.01 -91.61 71.61
C GLY H 739 -88.96 -90.58 72.20
N VAL H 740 -90.22 -90.60 71.75
CA VAL H 740 -91.21 -89.66 72.30
C VAL H 740 -91.43 -89.95 73.78
N ALA H 741 -91.51 -91.22 74.15
CA ALA H 741 -91.68 -91.56 75.56
C ALA H 741 -90.46 -91.14 76.39
N ILE H 742 -89.26 -91.32 75.83
CA ILE H 742 -88.05 -90.88 76.52
C ILE H 742 -88.09 -89.37 76.75
N LEU H 743 -88.48 -88.61 75.72
CA LEU H 743 -88.58 -87.17 75.88
C LEU H 743 -89.64 -86.80 76.91
N CYS H 744 -90.78 -87.51 76.90
CA CYS H 744 -91.87 -87.21 77.82
C CYS H 744 -91.49 -87.50 79.27
N GLU H 745 -90.72 -88.56 79.50
CA GLU H 745 -90.36 -88.92 80.87
C GLU H 745 -89.61 -87.79 81.56
N LYS H 746 -88.94 -86.92 80.78
CA LYS H 746 -88.25 -85.76 81.31
C LYS H 746 -89.08 -84.49 81.21
N ALA H 747 -89.85 -84.33 80.13
CA ALA H 747 -90.69 -83.15 79.99
C ALA H 747 -91.82 -83.11 81.01
N LYS H 748 -92.20 -84.25 81.57
CA LYS H 748 -93.26 -84.28 82.58
C LYS H 748 -92.88 -83.51 83.82
N ASN H 749 -91.59 -83.25 84.04
CA ASN H 749 -91.17 -82.48 85.20
C ASN H 749 -91.82 -81.10 85.17
N PRO H 750 -92.58 -80.72 86.18
CA PRO H 750 -93.23 -79.40 86.15
C PRO H 750 -92.24 -78.25 86.02
N GLN H 751 -91.05 -78.38 86.60
CA GLN H 751 -90.04 -77.33 86.48
C GLN H 751 -89.45 -77.25 85.08
N CYS H 752 -89.66 -78.27 84.24
CA CYS H 752 -89.12 -78.25 82.89
C CYS H 752 -89.62 -77.04 82.13
N ASN H 753 -88.70 -76.39 81.41
CA ASN H 753 -88.97 -75.11 80.76
C ASN H 753 -89.48 -75.26 79.32
N LEU H 754 -89.64 -76.49 78.83
CA LEU H 754 -90.13 -76.67 77.47
C LEU H 754 -91.51 -76.04 77.31
N GLN H 755 -91.66 -75.23 76.26
CA GLN H 755 -92.90 -74.51 76.02
C GLN H 755 -93.59 -74.97 74.74
N LYS H 756 -92.91 -74.93 73.61
CA LYS H 756 -93.47 -75.36 72.32
C LYS H 756 -92.71 -76.59 71.85
N LEU H 757 -93.45 -77.68 71.63
CA LEU H 757 -92.87 -78.95 71.23
C LEU H 757 -93.33 -79.32 69.83
N GLY H 758 -92.38 -79.63 68.95
CA GLY H 758 -92.67 -80.03 67.60
C GLY H 758 -92.05 -81.36 67.22
N LEU H 759 -92.87 -82.31 66.81
CA LEU H 759 -92.40 -83.62 66.38
C LEU H 759 -92.72 -83.81 64.91
N VAL H 760 -92.45 -82.79 64.10
CA VAL H 760 -92.92 -82.74 62.72
C VAL H 760 -92.56 -84.04 62.01
N ASN H 761 -93.58 -84.77 61.57
CA ASN H 761 -93.40 -86.03 60.85
C ASN H 761 -92.39 -86.94 61.54
N SER H 762 -92.56 -87.10 62.85
CA SER H 762 -91.66 -87.88 63.67
C SER H 762 -92.05 -89.35 63.74
N GLY H 763 -93.07 -89.77 63.00
CA GLY H 763 -93.50 -91.16 63.01
C GLY H 763 -94.03 -91.60 64.36
N LEU H 764 -94.89 -90.77 64.96
CA LEU H 764 -95.45 -91.06 66.27
C LEU H 764 -96.76 -91.84 66.13
N THR H 765 -96.99 -92.75 67.07
CA THR H 765 -98.20 -93.55 67.12
C THR H 765 -99.00 -93.22 68.38
N SER H 766 -100.08 -93.96 68.59
CA SER H 766 -100.95 -93.70 69.73
C SER H 766 -100.29 -94.08 71.05
N VAL H 767 -99.28 -94.95 71.03
CA VAL H 767 -98.64 -95.38 72.28
C VAL H 767 -98.01 -94.19 73.00
N CYS H 768 -97.29 -93.34 72.25
CA CYS H 768 -96.71 -92.15 72.84
C CYS H 768 -97.76 -91.09 73.15
N CYS H 769 -98.99 -91.26 72.70
CA CYS H 769 -100.03 -90.28 72.99
C CYS H 769 -100.30 -90.20 74.49
N SER H 770 -100.34 -91.35 75.18
CA SER H 770 -100.55 -91.34 76.62
C SER H 770 -99.40 -90.64 77.34
N ALA H 771 -98.16 -90.92 76.92
CA ALA H 771 -97.01 -90.24 77.54
C ALA H 771 -97.06 -88.75 77.30
N LEU H 772 -97.45 -88.32 76.10
CA LEU H 772 -97.55 -86.90 75.81
C LEU H 772 -98.67 -86.25 76.62
N SER H 773 -99.77 -86.97 76.82
CA SER H 773 -100.84 -86.46 77.69
C SER H 773 -100.35 -86.31 79.12
N SER H 774 -99.57 -87.29 79.61
CA SER H 774 -98.98 -87.17 80.94
C SER H 774 -98.06 -85.96 81.03
N VAL H 775 -97.25 -85.74 79.98
CA VAL H 775 -96.39 -84.56 79.96
C VAL H 775 -97.22 -83.29 80.00
N LEU H 776 -98.30 -83.24 79.23
CA LEU H 776 -99.16 -82.07 79.23
C LEU H 776 -99.74 -81.81 80.62
N SER H 777 -100.19 -82.87 81.29
CA SER H 777 -100.80 -82.70 82.60
C SER H 777 -99.78 -82.35 83.67
N THR H 778 -98.54 -82.82 83.54
CA THR H 778 -97.52 -82.59 84.56
C THR H 778 -96.78 -81.26 84.35
N ASN H 779 -96.13 -81.11 83.21
CA ASN H 779 -95.45 -79.85 82.89
C ASN H 779 -96.47 -78.75 82.65
N GLN H 780 -96.24 -77.60 83.28
CA GLN H 780 -97.14 -76.45 83.15
C GLN H 780 -96.58 -75.37 82.22
N ASN H 781 -95.45 -75.62 81.56
CA ASN H 781 -94.82 -74.63 80.71
C ASN H 781 -95.01 -74.90 79.21
N LEU H 782 -95.71 -75.99 78.86
CA LEU H 782 -95.95 -76.30 77.46
C LEU H 782 -97.10 -75.46 76.93
N THR H 783 -96.89 -74.85 75.76
CA THR H 783 -97.87 -73.95 75.16
C THR H 783 -98.38 -74.42 73.81
N HIS H 784 -97.49 -74.80 72.90
CA HIS H 784 -97.84 -75.18 71.54
C HIS H 784 -97.34 -76.59 71.25
N LEU H 785 -98.14 -77.37 70.54
CA LEU H 785 -97.80 -78.76 70.22
C LEU H 785 -98.07 -79.03 68.75
N TYR H 786 -97.02 -79.36 68.00
CA TYR H 786 -97.13 -79.75 66.61
C TYR H 786 -96.76 -81.23 66.49
N LEU H 787 -97.65 -82.02 65.86
CA LEU H 787 -97.40 -83.44 65.69
C LEU H 787 -97.68 -83.86 64.25
N ARG H 788 -97.46 -82.95 63.30
CA ARG H 788 -97.74 -83.23 61.90
C ARG H 788 -96.91 -84.41 61.41
N GLY H 789 -97.52 -85.22 60.54
CA GLY H 789 -96.85 -86.37 59.97
C GLY H 789 -96.89 -87.63 60.81
N ASN H 790 -97.66 -87.65 61.89
CA ASN H 790 -97.77 -88.82 62.76
C ASN H 790 -99.20 -89.33 62.71
N THR H 791 -99.36 -90.61 62.36
CA THR H 791 -100.68 -91.23 62.25
C THR H 791 -101.12 -91.72 63.63
N LEU H 792 -101.58 -90.77 64.45
CA LEU H 792 -102.01 -91.10 65.80
C LEU H 792 -103.21 -92.03 65.79
N GLY H 793 -104.20 -91.73 64.96
CA GLY H 793 -105.45 -92.46 64.96
C GLY H 793 -106.42 -91.93 66.00
N ASP H 794 -107.62 -92.51 65.98
CA ASP H 794 -108.66 -92.07 66.91
C ASP H 794 -108.30 -92.43 68.35
N LYS H 795 -107.67 -93.58 68.56
CA LYS H 795 -107.22 -93.93 69.91
C LYS H 795 -106.21 -92.93 70.44
N GLY H 796 -105.25 -92.53 69.60
CA GLY H 796 -104.30 -91.50 70.02
C GLY H 796 -104.95 -90.16 70.24
N ILE H 797 -105.94 -89.82 69.41
CA ILE H 797 -106.66 -88.56 69.59
C ILE H 797 -107.35 -88.55 70.95
N LYS H 798 -108.03 -89.64 71.28
CA LYS H 798 -108.70 -89.72 72.58
C LYS H 798 -107.71 -89.69 73.72
N LEU H 799 -106.56 -90.37 73.56
CA LEU H 799 -105.54 -90.36 74.59
C LEU H 799 -105.03 -88.94 74.85
N LEU H 800 -104.76 -88.20 73.79
CA LEU H 800 -104.32 -86.81 73.93
C LEU H 800 -105.41 -85.97 74.58
N CYS H 801 -106.66 -86.15 74.15
CA CYS H 801 -107.76 -85.37 74.69
C CYS H 801 -107.92 -85.61 76.18
N GLU H 802 -107.73 -86.86 76.62
CA GLU H 802 -107.86 -87.16 78.04
C GLU H 802 -106.95 -86.29 78.90
N GLY H 803 -105.78 -85.93 78.38
CA GLY H 803 -104.86 -85.08 79.11
C GLY H 803 -105.09 -83.60 78.89
N LEU H 804 -105.36 -83.21 77.63
CA LEU H 804 -105.58 -81.80 77.34
C LEU H 804 -106.87 -81.26 77.96
N LEU H 805 -107.84 -82.14 78.26
CA LEU H 805 -109.01 -81.70 79.00
C LEU H 805 -108.70 -81.42 80.46
N HIS H 806 -107.58 -81.95 80.96
CA HIS H 806 -107.20 -81.71 82.34
C HIS H 806 -106.97 -80.22 82.57
N PRO H 807 -107.48 -79.64 83.65
CA PRO H 807 -107.31 -78.20 83.87
C PRO H 807 -105.85 -77.77 83.89
N ASP H 808 -104.94 -78.64 84.34
CA ASP H 808 -103.52 -78.29 84.36
C ASP H 808 -102.96 -78.09 82.95
N CYS H 809 -103.63 -78.61 81.93
CA CYS H 809 -103.16 -78.42 80.56
C CYS H 809 -103.12 -76.94 80.22
N LYS H 810 -101.98 -76.49 79.67
CA LYS H 810 -101.79 -75.09 79.33
C LYS H 810 -101.46 -74.90 77.85
N LEU H 811 -101.78 -75.86 77.01
CA LEU H 811 -101.54 -75.75 75.58
C LEU H 811 -102.40 -74.65 74.97
N GLN H 812 -101.86 -74.00 73.95
CA GLN H 812 -102.56 -72.92 73.25
C GLN H 812 -102.83 -73.23 71.78
N VAL H 813 -101.89 -73.87 71.10
CA VAL H 813 -102.04 -74.22 69.69
C VAL H 813 -101.73 -75.70 69.52
N LEU H 814 -102.58 -76.39 68.75
CA LEU H 814 -102.42 -77.83 68.50
C LEU H 814 -102.50 -78.07 67.01
N GLU H 815 -101.40 -78.53 66.42
CA GLU H 815 -101.34 -78.87 65.01
C GLU H 815 -101.26 -80.39 64.87
N LEU H 816 -102.23 -80.97 64.16
CA LEU H 816 -102.34 -82.41 64.00
C LEU H 816 -102.65 -82.79 62.55
N ASP H 817 -102.11 -82.04 61.59
CA ASP H 817 -102.31 -82.38 60.20
C ASP H 817 -101.49 -83.60 59.82
N ASN H 818 -101.99 -84.33 58.82
CA ASN H 818 -101.36 -85.58 58.39
C ASN H 818 -101.27 -86.57 59.55
N CYS H 819 -102.26 -86.52 60.45
CA CYS H 819 -102.28 -87.37 61.62
C CYS H 819 -103.05 -88.66 61.42
N ASN H 820 -103.62 -88.88 60.24
CA ASN H 820 -104.41 -90.08 59.96
C ASN H 820 -105.56 -90.20 60.97
N LEU H 821 -106.38 -89.15 61.01
CA LEU H 821 -107.49 -89.06 61.93
C LEU H 821 -108.80 -89.27 61.18
N THR H 822 -109.65 -90.15 61.71
CA THR H 822 -110.91 -90.49 61.09
C THR H 822 -112.03 -89.69 61.74
N SER H 823 -113.28 -89.98 61.35
CA SER H 823 -114.44 -89.28 61.91
C SER H 823 -114.68 -89.65 63.37
N HIS H 824 -114.05 -90.70 63.88
CA HIS H 824 -114.27 -91.09 65.26
C HIS H 824 -113.79 -90.02 66.23
N CYS H 825 -112.63 -89.42 65.97
CA CYS H 825 -112.11 -88.38 66.83
C CYS H 825 -112.98 -87.12 66.85
N CYS H 826 -114.09 -87.12 66.10
CA CYS H 826 -114.96 -85.95 66.08
C CYS H 826 -115.52 -85.66 67.47
N TRP H 827 -115.96 -86.70 68.19
CA TRP H 827 -116.50 -86.47 69.53
C TRP H 827 -115.41 -86.07 70.50
N ASP H 828 -114.21 -86.65 70.36
CA ASP H 828 -113.08 -86.21 71.17
C ASP H 828 -112.85 -84.72 71.00
N LEU H 829 -112.80 -84.24 69.76
CA LEU H 829 -112.53 -82.84 69.51
C LEU H 829 -113.71 -81.96 69.93
N SER H 830 -114.94 -82.45 69.81
CA SER H 830 -116.09 -81.69 70.29
C SER H 830 -116.03 -81.51 71.81
N THR H 831 -115.67 -82.57 72.53
CA THR H 831 -115.52 -82.47 73.98
C THR H 831 -114.38 -81.52 74.33
N LEU H 832 -113.27 -81.58 73.58
CA LEU H 832 -112.17 -80.65 73.83
C LEU H 832 -112.60 -79.21 73.59
N LEU H 833 -113.38 -78.96 72.53
CA LEU H 833 -113.86 -77.61 72.27
C LEU H 833 -114.81 -77.14 73.37
N THR H 834 -115.67 -78.04 73.86
CA THR H 834 -116.63 -77.66 74.89
C THR H 834 -116.01 -77.47 76.27
N SER H 835 -114.89 -78.14 76.56
CA SER H 835 -114.30 -78.09 77.89
C SER H 835 -113.01 -77.29 77.96
N SER H 836 -112.02 -77.62 77.12
CA SER H 836 -110.73 -76.95 77.11
C SER H 836 -110.89 -75.44 77.20
N GLN H 837 -110.21 -74.84 78.17
CA GLN H 837 -110.29 -73.41 78.45
C GLN H 837 -108.97 -72.68 78.22
N SER H 838 -108.00 -73.33 77.60
CA SER H 838 -106.67 -72.71 77.41
C SER H 838 -106.25 -72.65 75.95
N LEU H 839 -106.55 -73.67 75.15
CA LEU H 839 -106.13 -73.69 73.76
C LEU H 839 -106.82 -72.60 72.96
N ARG H 840 -106.09 -72.06 71.98
CA ARG H 840 -106.60 -70.99 71.13
C ARG H 840 -106.64 -71.33 69.65
N LYS H 841 -105.77 -72.24 69.18
CA LYS H 841 -105.68 -72.58 67.77
C LYS H 841 -105.66 -74.10 67.62
N LEU H 842 -106.45 -74.61 66.67
CA LEU H 842 -106.47 -76.03 66.37
C LEU H 842 -106.44 -76.21 64.85
N SER H 843 -105.36 -76.81 64.35
CA SER H 843 -105.22 -77.12 62.94
C SER H 843 -105.28 -78.63 62.77
N LEU H 844 -106.16 -79.10 61.88
CA LEU H 844 -106.37 -80.53 61.72
C LEU H 844 -106.53 -80.94 60.26
N GLY H 845 -106.07 -80.12 59.32
CA GLY H 845 -106.25 -80.40 57.91
C GLY H 845 -105.69 -81.74 57.48
N ASN H 846 -105.92 -82.11 56.22
CA ASN H 846 -105.48 -83.39 55.68
C ASN H 846 -106.03 -84.54 56.52
N ASN H 847 -107.29 -84.40 56.93
CA ASN H 847 -107.98 -85.44 57.69
C ASN H 847 -109.44 -85.44 57.27
N ASP H 848 -109.95 -86.63 56.94
CA ASP H 848 -111.33 -86.78 56.47
C ASP H 848 -112.30 -86.91 57.65
N LEU H 849 -112.37 -85.84 58.44
CA LEU H 849 -113.28 -85.83 59.58
C LEU H 849 -114.72 -85.96 59.12
N GLY H 850 -115.09 -85.26 58.06
CA GLY H 850 -116.38 -85.44 57.43
C GLY H 850 -117.31 -84.26 57.64
N ASP H 851 -118.34 -84.21 56.79
CA ASP H 851 -119.35 -83.16 56.93
C ASP H 851 -120.07 -83.27 58.26
N LEU H 852 -120.31 -84.51 58.73
CA LEU H 852 -120.93 -84.68 60.04
C LEU H 852 -120.04 -84.09 61.14
N GLY H 853 -118.73 -84.34 61.08
CA GLY H 853 -117.84 -83.77 62.06
C GLY H 853 -117.80 -82.26 62.01
N VAL H 854 -117.75 -81.69 60.80
CA VAL H 854 -117.73 -80.23 60.68
C VAL H 854 -119.02 -79.63 61.21
N MET H 855 -120.16 -80.27 60.93
CA MET H 855 -121.44 -79.78 61.42
C MET H 855 -121.50 -79.83 62.94
N MET H 856 -121.07 -80.94 63.55
CA MET H 856 -121.08 -81.01 65.00
C MET H 856 -120.15 -79.97 65.62
N PHE H 857 -118.97 -79.78 65.01
CA PHE H 857 -118.02 -78.80 65.52
C PHE H 857 -118.59 -77.39 65.42
N CYS H 858 -119.26 -77.07 64.31
CA CYS H 858 -119.87 -75.75 64.17
C CYS H 858 -121.03 -75.57 65.15
N GLU H 859 -121.80 -76.65 65.40
CA GLU H 859 -122.87 -76.57 66.37
C GLU H 859 -122.34 -76.28 67.77
N VAL H 860 -121.22 -76.92 68.13
CA VAL H 860 -120.60 -76.60 69.41
C VAL H 860 -119.99 -75.21 69.40
N LEU H 861 -119.48 -74.76 68.26
CA LEU H 861 -118.79 -73.48 68.19
C LEU H 861 -119.76 -72.30 68.29
N LYS H 862 -120.97 -72.46 67.76
CA LYS H 862 -121.91 -71.35 67.77
C LYS H 862 -122.22 -70.87 69.18
N GLN H 863 -121.97 -71.70 70.18
CA GLN H 863 -122.08 -71.24 71.56
C GLN H 863 -121.01 -70.19 71.86
N GLN H 864 -121.30 -69.33 72.83
CA GLN H 864 -120.36 -68.30 73.25
C GLN H 864 -119.24 -68.86 74.14
N SER H 865 -119.30 -70.15 74.47
CA SER H 865 -118.34 -70.76 75.37
C SER H 865 -117.04 -71.19 74.69
N CYS H 866 -116.92 -70.99 73.38
CA CYS H 866 -115.73 -71.41 72.65
C CYS H 866 -114.67 -70.33 72.78
N LEU H 867 -113.71 -70.53 73.69
CA LEU H 867 -112.62 -69.59 73.89
C LEU H 867 -111.56 -69.68 72.80
N LEU H 868 -111.54 -70.76 72.03
CA LEU H 868 -110.59 -70.87 70.93
C LEU H 868 -110.90 -69.83 69.86
N GLN H 869 -109.86 -69.44 69.12
CA GLN H 869 -110.00 -68.40 68.11
C GLN H 869 -109.67 -68.85 66.70
N ASN H 870 -108.83 -69.86 66.50
CA ASN H 870 -108.42 -70.27 65.17
C ASN H 870 -108.69 -71.75 64.97
N LEU H 871 -109.31 -72.09 63.83
CA LEU H 871 -109.53 -73.47 63.43
C LEU H 871 -109.13 -73.62 61.98
N GLY H 872 -108.37 -74.67 61.68
CA GLY H 872 -107.89 -74.90 60.34
C GLY H 872 -108.28 -76.26 59.79
N LEU H 873 -109.13 -76.28 58.76
CA LEU H 873 -109.57 -77.50 58.12
C LEU H 873 -109.15 -77.54 56.66
N SER H 874 -107.98 -76.97 56.36
CA SER H 874 -107.50 -76.94 54.99
C SER H 874 -107.23 -78.36 54.49
N GLU H 875 -107.44 -78.55 53.18
CA GLU H 875 -107.33 -79.83 52.49
C GLU H 875 -108.55 -80.70 52.75
N MET H 876 -109.46 -80.29 53.63
CA MET H 876 -110.70 -81.02 53.85
C MET H 876 -111.71 -80.62 52.78
N TYR H 877 -112.28 -81.63 52.11
CA TYR H 877 -113.25 -81.40 51.04
C TYR H 877 -114.65 -81.68 51.55
N PHE H 878 -115.54 -80.70 51.39
CA PHE H 878 -116.90 -80.76 51.91
C PHE H 878 -117.87 -80.45 50.78
N ASN H 879 -119.14 -80.29 51.15
CA ASN H 879 -120.19 -79.99 50.19
C ASN H 879 -120.59 -78.51 50.29
N TYR H 880 -121.51 -78.10 49.42
CA TYR H 880 -121.98 -76.72 49.45
C TYR H 880 -122.66 -76.39 50.77
N GLU H 881 -123.45 -77.33 51.30
CA GLU H 881 -124.11 -77.10 52.58
C GLU H 881 -123.10 -76.90 53.70
N THR H 882 -122.07 -77.75 53.75
CA THR H 882 -121.06 -77.62 54.78
C THR H 882 -120.27 -76.32 54.62
N LYS H 883 -119.94 -75.94 53.39
CA LYS H 883 -119.25 -74.67 53.17
C LYS H 883 -120.08 -73.49 53.64
N SER H 884 -121.38 -73.49 53.31
CA SER H 884 -122.26 -72.42 53.73
C SER H 884 -122.37 -72.37 55.25
N ALA H 885 -122.47 -73.53 55.90
CA ALA H 885 -122.53 -73.55 57.36
C ALA H 885 -121.23 -73.01 57.97
N LEU H 886 -120.09 -73.38 57.40
CA LEU H 886 -118.82 -72.87 57.90
C LEU H 886 -118.74 -71.36 57.76
N GLU H 887 -119.15 -70.83 56.60
CA GLU H 887 -119.14 -69.39 56.42
C GLU H 887 -120.09 -68.69 57.40
N THR H 888 -121.27 -69.28 57.62
CA THR H 888 -122.22 -68.69 58.56
C THR H 888 -121.64 -68.66 59.96
N LEU H 889 -120.98 -69.75 60.38
CA LEU H 889 -120.36 -69.77 61.70
C LEU H 889 -119.25 -68.74 61.81
N GLN H 890 -118.42 -68.62 60.76
CA GLN H 890 -117.31 -67.68 60.81
C GLN H 890 -117.82 -66.24 60.91
N GLU H 891 -118.87 -65.91 60.15
CA GLU H 891 -119.43 -64.56 60.20
C GLU H 891 -120.24 -64.31 61.46
N GLU H 892 -120.81 -65.35 62.08
CA GLU H 892 -121.49 -65.19 63.36
C GLU H 892 -120.50 -64.99 64.49
N LYS H 893 -119.30 -65.55 64.37
CA LYS H 893 -118.22 -65.36 65.35
C LYS H 893 -117.01 -64.80 64.62
N PRO H 894 -116.96 -63.48 64.40
CA PRO H 894 -115.81 -62.91 63.69
C PRO H 894 -114.48 -63.18 64.39
N GLU H 895 -114.47 -63.18 65.72
CA GLU H 895 -113.24 -63.48 66.44
C GLU H 895 -112.84 -64.94 66.32
N LEU H 896 -113.79 -65.82 65.99
CA LEU H 896 -113.49 -67.23 65.73
C LEU H 896 -113.42 -67.44 64.22
N THR H 897 -112.23 -67.80 63.74
CA THR H 897 -111.98 -67.97 62.32
C THR H 897 -111.83 -69.45 61.99
N VAL H 898 -112.41 -69.86 60.86
CA VAL H 898 -112.28 -71.22 60.35
C VAL H 898 -111.76 -71.12 58.92
N VAL H 899 -110.57 -71.68 58.70
CA VAL H 899 -109.92 -71.62 57.39
C VAL H 899 -110.19 -72.92 56.67
N PHE H 900 -111.01 -72.86 55.62
CA PHE H 900 -111.39 -74.03 54.83
C PHE H 900 -111.39 -73.71 53.35
N GLU H 901 -110.49 -72.84 52.90
CA GLU H 901 -110.50 -72.39 51.52
C GLU H 901 -110.20 -73.54 50.56
N PRO H 902 -110.64 -73.42 49.30
CA PRO H 902 -110.44 -74.44 48.27
C PRO H 902 -109.03 -74.43 47.69
N LYS I 1 -6.73 -50.76 -3.99
CA LYS I 1 -7.84 -51.67 -4.22
C LYS I 1 -9.07 -51.28 -3.40
N LYS I 2 -10.20 -51.15 -4.08
CA LYS I 2 -11.52 -50.76 -3.53
C LYS I 2 -12.61 -50.88 -4.58
N ASP I 3 -13.12 -52.08 -4.80
CA ASP I 3 -14.07 -52.24 -5.89
C ASP I 3 -15.41 -51.60 -5.68
N TYR I 4 -15.33 -50.29 -5.74
CA TYR I 4 -16.45 -49.39 -5.57
C TYR I 4 -17.65 -49.87 -6.35
N ARG I 5 -17.43 -50.57 -7.46
CA ARG I 5 -18.51 -51.29 -8.11
C ARG I 5 -19.19 -52.24 -7.14
N LYS I 6 -18.39 -53.00 -6.38
CA LYS I 6 -18.96 -53.94 -5.41
C LYS I 6 -19.79 -53.20 -4.36
N LYS I 7 -19.24 -52.10 -3.82
CA LYS I 7 -19.95 -51.38 -2.77
C LYS I 7 -21.25 -50.79 -3.29
N TYR I 8 -21.21 -50.18 -4.48
CA TYR I 8 -22.41 -49.62 -5.07
C TYR I 8 -23.44 -50.70 -5.37
N ARG I 9 -22.98 -51.85 -5.87
CA ARG I 9 -23.90 -52.94 -6.13
C ARG I 9 -24.58 -53.40 -4.85
N LYS I 10 -23.81 -53.52 -3.76
CA LYS I 10 -24.42 -53.90 -2.50
C LYS I 10 -25.46 -52.88 -2.05
N TYR I 11 -25.12 -51.59 -2.14
CA TYR I 11 -26.06 -50.56 -1.71
C TYR I 11 -27.34 -50.60 -2.53
N VAL I 12 -27.21 -50.70 -3.85
CA VAL I 12 -28.39 -50.69 -4.71
C VAL I 12 -29.23 -51.94 -4.46
N ARG I 13 -28.59 -53.09 -4.35
CA ARG I 13 -29.30 -54.33 -4.05
C ARG I 13 -30.02 -54.26 -2.71
N SER I 14 -29.48 -53.53 -1.75
CA SER I 14 -30.16 -53.35 -0.47
C SER I 14 -31.33 -52.37 -0.58
N ARG I 15 -31.15 -51.29 -1.32
CA ARG I 15 -32.16 -50.23 -1.38
C ARG I 15 -33.28 -50.51 -2.37
N PHE I 16 -33.12 -51.46 -3.29
CA PHE I 16 -34.10 -51.71 -4.34
C PHE I 16 -34.60 -53.15 -4.29
N GLN I 17 -34.94 -53.63 -3.10
CA GLN I 17 -35.37 -55.02 -2.94
C GLN I 17 -36.76 -55.17 -2.33
N CYS I 18 -37.46 -54.08 -2.05
CA CYS I 18 -38.78 -54.15 -1.46
C CYS I 18 -39.71 -53.15 -2.15
N ILE I 19 -40.97 -53.53 -2.26
CA ILE I 19 -41.99 -52.75 -2.96
C ILE I 19 -43.13 -52.50 -2.00
N GLU I 20 -43.27 -51.25 -1.56
CA GLU I 20 -44.37 -50.88 -0.68
C GLU I 20 -45.61 -50.56 -1.51
N ASP I 21 -46.72 -51.19 -1.16
CA ASP I 21 -47.98 -50.95 -1.86
C ASP I 21 -48.50 -49.56 -1.50
N ARG I 22 -49.66 -49.20 -2.06
CA ARG I 22 -50.25 -47.89 -1.76
C ARG I 22 -50.71 -47.84 -0.31
N ASN I 23 -51.47 -48.85 0.13
CA ASN I 23 -51.94 -48.93 1.51
C ASN I 23 -51.04 -49.89 2.28
N ALA I 24 -49.87 -49.39 2.65
CA ALA I 24 -48.88 -50.17 3.39
C ALA I 24 -48.63 -49.49 4.73
N ARG I 25 -49.22 -50.03 5.80
CA ARG I 25 -48.90 -49.54 7.13
C ARG I 25 -47.43 -49.81 7.43
N LEU I 26 -46.87 -49.02 8.33
CA LEU I 26 -45.43 -49.05 8.59
C LEU I 26 -44.88 -50.47 8.59
N GLY I 27 -43.76 -50.65 7.90
CA GLY I 27 -43.07 -51.93 7.88
C GLY I 27 -43.86 -53.09 7.30
N GLU I 28 -44.50 -52.88 6.15
CA GLU I 28 -45.24 -53.92 5.45
C GLU I 28 -44.77 -54.05 4.02
N SER I 29 -43.47 -53.90 3.79
CA SER I 29 -42.92 -54.02 2.45
C SER I 29 -42.94 -55.47 1.99
N VAL I 30 -42.90 -55.65 0.66
CA VAL I 30 -42.96 -56.97 0.04
C VAL I 30 -41.80 -57.09 -0.95
N SER I 31 -41.15 -58.24 -0.93
CA SER I 31 -39.98 -58.45 -1.79
C SER I 31 -40.37 -58.44 -3.27
N LEU I 32 -39.54 -57.77 -4.07
CA LEU I 32 -39.80 -57.70 -5.52
C LEU I 32 -39.76 -59.09 -6.14
N ASN I 33 -38.75 -59.89 -5.80
CA ASN I 33 -38.65 -61.23 -6.38
C ASN I 33 -39.85 -62.08 -6.05
N LYS I 34 -40.58 -61.75 -4.98
CA LYS I 34 -41.83 -62.44 -4.69
C LYS I 34 -42.98 -61.85 -5.50
N ARG I 35 -43.25 -60.56 -5.31
CA ARG I 35 -44.37 -59.91 -6.00
C ARG I 35 -43.89 -59.10 -7.20
N TYR I 36 -43.28 -59.81 -8.14
CA TYR I 36 -42.96 -59.24 -9.45
C TYR I 36 -43.16 -60.30 -10.52
N THR I 37 -44.18 -60.12 -11.35
CA THR I 37 -44.40 -60.98 -12.50
C THR I 37 -43.64 -60.40 -13.70
N ARG I 38 -43.89 -60.94 -14.89
CA ARG I 38 -43.25 -60.46 -16.11
C ARG I 38 -44.31 -59.92 -17.05
N LEU I 39 -44.13 -58.68 -17.50
CA LEU I 39 -45.11 -58.02 -18.34
C LEU I 39 -44.89 -58.42 -19.80
N ARG I 40 -45.58 -57.75 -20.71
CA ARG I 40 -45.42 -57.96 -22.15
C ARG I 40 -44.82 -56.70 -22.76
N LEU I 41 -43.69 -56.85 -23.44
CA LEU I 41 -43.06 -55.76 -24.15
C LEU I 41 -43.10 -56.03 -25.65
N ILE I 42 -43.37 -55.01 -26.43
CA ILE I 42 -43.46 -55.15 -27.88
C ILE I 42 -42.87 -53.91 -28.54
N LYS I 43 -42.16 -54.13 -29.65
CA LYS I 43 -41.71 -53.01 -30.48
C LYS I 43 -42.89 -52.45 -31.24
N GLU I 44 -43.35 -51.26 -30.85
CA GLU I 44 -44.68 -50.79 -31.25
C GLU I 44 -44.83 -50.77 -32.76
N HIS I 45 -45.91 -51.38 -33.24
CA HIS I 45 -46.32 -51.34 -34.63
C HIS I 45 -47.83 -51.17 -34.71
N ARG I 46 -48.39 -50.38 -33.80
CA ARG I 46 -49.83 -50.32 -33.57
C ARG I 46 -50.47 -49.31 -34.53
N SER I 47 -51.23 -49.81 -35.50
CA SER I 47 -51.94 -48.95 -36.43
C SER I 47 -53.21 -48.40 -35.79
N GLN I 48 -53.92 -47.54 -36.53
CA GLN I 48 -55.11 -46.90 -36.00
C GLN I 48 -56.26 -47.90 -35.86
N GLN I 49 -56.56 -48.63 -36.94
CA GLN I 49 -57.58 -49.68 -36.86
C GLN I 49 -57.19 -50.74 -35.84
N GLU I 50 -55.90 -51.07 -35.78
CA GLU I 50 -55.44 -52.04 -34.80
C GLU I 50 -55.71 -51.56 -33.39
N ARG I 51 -55.44 -50.29 -33.11
CA ARG I 51 -55.68 -49.73 -31.78
C ARG I 51 -57.17 -49.77 -31.44
N GLU I 52 -58.02 -49.36 -32.38
CA GLU I 52 -59.45 -49.34 -32.11
C GLU I 52 -59.97 -50.75 -31.85
N GLN I 53 -59.56 -51.70 -32.69
CA GLN I 53 -60.00 -53.08 -32.50
C GLN I 53 -59.49 -53.64 -31.18
N GLU I 54 -58.25 -53.31 -30.81
CA GLU I 54 -57.73 -53.73 -29.51
C GLU I 54 -58.62 -53.21 -28.39
N LEU I 55 -58.89 -51.90 -28.39
CA LEU I 55 -59.79 -51.34 -27.40
C LEU I 55 -61.06 -52.18 -27.29
N LEU I 56 -61.81 -52.26 -28.39
CA LEU I 56 -63.14 -52.88 -28.32
C LEU I 56 -63.07 -54.35 -27.94
N ALA I 57 -62.20 -55.13 -28.59
CA ALA I 57 -62.13 -56.55 -28.32
C ALA I 57 -61.67 -56.82 -26.90
N ILE I 58 -60.54 -56.24 -26.49
CA ILE I 58 -60.07 -56.41 -25.12
C ILE I 58 -61.16 -56.03 -24.14
N GLY I 59 -61.98 -55.04 -24.49
CA GLY I 59 -63.15 -54.77 -23.68
C GLY I 59 -64.09 -55.96 -23.63
N LYS I 60 -64.37 -56.56 -24.79
CA LYS I 60 -65.30 -57.68 -24.80
C LYS I 60 -64.75 -58.84 -23.98
N THR I 61 -63.74 -59.55 -24.50
CA THR I 61 -62.99 -60.47 -23.65
C THR I 61 -61.50 -60.51 -24.00
N LYS I 62 -61.19 -60.24 -25.27
CA LYS I 62 -59.87 -60.51 -25.84
C LYS I 62 -59.29 -61.81 -25.26
N THR I 63 -60.09 -62.87 -25.24
CA THR I 63 -59.65 -64.16 -24.69
C THR I 63 -59.21 -65.14 -25.77
N CYS I 64 -59.27 -64.75 -27.04
CA CYS I 64 -58.86 -65.65 -28.11
C CYS I 64 -57.36 -65.89 -28.09
N GLU I 65 -56.95 -67.04 -28.60
CA GLU I 65 -55.55 -67.41 -28.66
C GLU I 65 -54.83 -66.51 -29.66
N SER I 66 -54.04 -65.56 -29.16
CA SER I 66 -53.29 -64.62 -29.99
C SER I 66 -51.85 -64.55 -29.49
N PRO I 67 -51.09 -65.63 -29.63
CA PRO I 67 -49.68 -65.61 -29.23
C PRO I 67 -48.86 -64.67 -30.10
N VAL I 68 -47.78 -64.16 -29.52
CA VAL I 68 -46.88 -63.23 -30.20
C VAL I 68 -45.44 -63.60 -29.88
N SER I 69 -44.51 -62.96 -30.60
CA SER I 69 -43.09 -63.15 -30.36
C SER I 69 -42.61 -62.16 -29.32
N PRO I 70 -42.07 -62.61 -28.19
CA PRO I 70 -41.70 -61.69 -27.12
C PRO I 70 -40.29 -61.13 -27.26
N ILE I 71 -40.09 -59.97 -26.67
CA ILE I 71 -38.78 -59.34 -26.58
C ILE I 71 -38.17 -59.69 -25.23
N LYS I 72 -36.86 -59.89 -25.23
CA LYS I 72 -36.15 -60.18 -23.99
C LYS I 72 -35.65 -58.87 -23.37
N MET I 73 -34.95 -58.98 -22.25
CA MET I 73 -34.51 -57.79 -21.52
C MET I 73 -33.00 -57.62 -21.48
N GLU I 74 -32.21 -58.69 -21.51
CA GLU I 74 -30.76 -58.53 -21.46
C GLU I 74 -30.20 -57.92 -22.73
N LEU I 75 -30.80 -58.23 -23.88
CA LEU I 75 -30.33 -57.72 -25.16
C LEU I 75 -31.21 -56.59 -25.67
N LEU I 76 -31.74 -55.77 -24.77
CA LEU I 76 -32.53 -54.62 -25.18
C LEU I 76 -31.68 -53.54 -25.82
N PHE I 77 -30.39 -53.50 -25.53
CA PHE I 77 -29.49 -52.49 -26.08
C PHE I 77 -28.64 -52.99 -27.23
N ASP I 78 -28.77 -54.27 -27.59
CA ASP I 78 -27.95 -54.82 -28.66
C ASP I 78 -28.40 -54.28 -30.01
N PRO I 79 -27.48 -54.19 -30.96
CA PRO I 79 -27.83 -53.66 -32.29
C PRO I 79 -28.82 -54.57 -33.01
N ASP I 80 -29.66 -53.94 -33.80
CA ASP I 80 -30.70 -54.63 -34.56
C ASP I 80 -30.17 -55.83 -35.32
N ASP I 81 -29.11 -55.63 -36.09
CA ASP I 81 -28.52 -56.71 -36.87
C ASP I 81 -27.55 -57.54 -36.04
N GLU I 82 -26.31 -57.60 -36.50
CA GLU I 82 -25.28 -58.36 -35.79
C GLU I 82 -23.90 -57.75 -36.00
N HIS I 83 -23.84 -56.72 -36.86
CA HIS I 83 -22.58 -56.07 -37.14
C HIS I 83 -22.79 -54.56 -37.28
N SER I 84 -23.88 -54.06 -36.73
CA SER I 84 -24.19 -52.64 -36.77
C SER I 84 -23.71 -51.99 -35.49
N GLU I 85 -24.36 -50.91 -35.08
CA GLU I 85 -23.96 -50.24 -33.86
C GLU I 85 -25.02 -50.43 -32.79
N PRO I 86 -24.58 -50.62 -31.54
CA PRO I 86 -25.55 -50.81 -30.46
C PRO I 86 -26.33 -49.54 -30.21
N VAL I 87 -27.59 -49.68 -29.83
CA VAL I 87 -28.46 -48.54 -29.55
C VAL I 87 -27.98 -47.83 -28.29
N HIS I 88 -28.21 -46.52 -28.24
CA HIS I 88 -27.85 -45.73 -27.08
C HIS I 88 -29.04 -44.97 -26.52
N THR I 89 -30.24 -45.51 -26.70
CA THR I 89 -31.40 -44.98 -26.01
C THR I 89 -32.58 -45.92 -26.21
N VAL I 90 -33.30 -46.18 -25.13
CA VAL I 90 -34.52 -46.96 -25.16
C VAL I 90 -35.59 -46.15 -24.45
N VAL I 91 -36.84 -46.31 -24.90
CA VAL I 91 -37.96 -45.54 -24.38
C VAL I 91 -39.08 -46.52 -24.08
N PHE I 92 -39.25 -46.86 -22.81
CA PHE I 92 -40.41 -47.63 -22.38
C PHE I 92 -41.63 -46.72 -22.31
N GLN I 93 -42.72 -47.17 -22.91
CA GLN I 93 -43.95 -46.39 -22.86
C GLN I 93 -45.12 -47.31 -22.61
N GLY I 94 -46.01 -46.90 -21.71
CA GLY I 94 -47.18 -47.68 -21.39
C GLY I 94 -48.21 -46.81 -20.71
N ALA I 95 -49.38 -47.40 -20.45
CA ALA I 95 -50.47 -46.66 -19.84
C ALA I 95 -50.08 -46.24 -18.42
N ALA I 96 -50.93 -45.46 -17.76
CA ALA I 96 -50.63 -45.01 -16.41
C ALA I 96 -50.72 -46.17 -15.43
N GLY I 97 -49.69 -46.33 -14.61
CA GLY I 97 -49.65 -47.44 -13.69
C GLY I 97 -49.77 -48.78 -14.38
N ILE I 98 -48.79 -49.14 -15.19
CA ILE I 98 -48.82 -50.41 -15.93
C ILE I 98 -47.55 -51.19 -15.65
N GLY I 99 -46.57 -50.55 -15.03
CA GLY I 99 -45.37 -51.27 -14.62
C GLY I 99 -44.05 -50.63 -14.97
N LYS I 100 -44.04 -49.37 -15.39
CA LYS I 100 -42.78 -48.73 -15.77
C LYS I 100 -41.80 -48.71 -14.60
N THR I 101 -42.23 -48.16 -13.46
CA THR I 101 -41.33 -47.99 -12.34
C THR I 101 -40.93 -49.33 -11.74
N ILE I 102 -41.88 -50.26 -11.64
CA ILE I 102 -41.55 -51.58 -11.12
C ILE I 102 -40.56 -52.29 -12.04
N LEU I 103 -40.70 -52.11 -13.35
CA LEU I 103 -39.74 -52.71 -14.27
C LEU I 103 -38.37 -52.07 -14.14
N ALA I 104 -38.31 -50.76 -13.96
CA ALA I 104 -37.02 -50.12 -13.73
C ALA I 104 -36.37 -50.63 -12.45
N ARG I 105 -37.15 -50.78 -11.38
CA ARG I 105 -36.62 -51.32 -10.14
C ARG I 105 -36.15 -52.76 -10.33
N LYS I 106 -36.90 -53.55 -11.09
CA LYS I 106 -36.50 -54.93 -11.35
C LYS I 106 -35.18 -54.98 -12.09
N MET I 107 -35.02 -54.12 -13.11
CA MET I 107 -33.76 -54.08 -13.82
C MET I 107 -32.62 -53.70 -12.89
N MET I 108 -32.84 -52.69 -12.05
CA MET I 108 -31.80 -52.25 -11.13
C MET I 108 -31.39 -53.37 -10.19
N LEU I 109 -32.37 -54.01 -9.55
CA LEU I 109 -32.08 -55.06 -8.59
C LEU I 109 -31.43 -56.27 -9.25
N ASP I 110 -31.90 -56.64 -10.45
CA ASP I 110 -31.30 -57.75 -11.16
C ASP I 110 -29.85 -57.46 -11.53
N TRP I 111 -29.58 -56.24 -12.01
CA TRP I 111 -28.20 -55.87 -12.29
C TRP I 111 -27.35 -55.94 -11.02
N ALA I 112 -27.87 -55.39 -9.92
CA ALA I 112 -27.10 -55.40 -8.67
C ALA I 112 -26.78 -56.83 -8.25
N SER I 113 -27.76 -57.72 -8.31
CA SER I 113 -27.53 -59.12 -8.01
C SER I 113 -26.64 -59.80 -9.04
N GLY I 114 -26.49 -59.21 -10.23
CA GLY I 114 -25.69 -59.81 -11.28
C GLY I 114 -26.46 -60.84 -12.08
N THR I 115 -27.64 -60.46 -12.56
CA THR I 115 -28.48 -61.34 -13.37
C THR I 115 -28.69 -60.83 -14.79
N LEU I 116 -28.25 -59.62 -15.11
CA LEU I 116 -28.33 -59.09 -16.47
C LEU I 116 -27.41 -57.89 -16.56
N TYR I 117 -26.90 -57.66 -17.78
CA TYR I 117 -25.95 -56.58 -18.00
C TYR I 117 -24.72 -56.72 -17.11
N GLN I 118 -24.26 -57.95 -16.93
CA GLN I 118 -23.01 -58.16 -16.20
C GLN I 118 -21.88 -57.38 -16.85
N ASP I 119 -21.77 -57.47 -18.16
CA ASP I 119 -20.88 -56.63 -18.95
C ASP I 119 -21.64 -55.39 -19.40
N ARG I 120 -21.11 -54.65 -20.36
CA ARG I 120 -21.81 -53.50 -20.94
C ARG I 120 -21.68 -52.27 -20.05
N PHE I 121 -22.36 -52.27 -18.91
CA PHE I 121 -22.28 -51.14 -17.99
C PHE I 121 -22.46 -51.64 -16.57
N ASP I 122 -21.97 -50.83 -15.62
CA ASP I 122 -21.99 -51.21 -14.22
C ASP I 122 -22.36 -50.04 -13.30
N TYR I 123 -23.02 -49.02 -13.82
CA TYR I 123 -23.38 -47.85 -13.02
C TYR I 123 -24.80 -47.38 -13.34
N LEU I 124 -25.77 -48.29 -13.26
CA LEU I 124 -27.14 -47.92 -13.59
C LEU I 124 -27.67 -46.93 -12.55
N PHE I 125 -27.59 -45.64 -12.88
CA PHE I 125 -27.97 -44.58 -11.97
C PHE I 125 -29.46 -44.30 -12.11
N TYR I 126 -30.28 -44.91 -11.25
CA TYR I 126 -31.70 -44.59 -11.26
C TYR I 126 -31.91 -43.11 -11.00
N ILE I 127 -32.74 -42.48 -11.82
CA ILE I 127 -33.03 -41.05 -11.65
C ILE I 127 -34.53 -40.83 -11.83
N HIS I 128 -35.25 -40.71 -10.71
CA HIS I 128 -36.67 -40.42 -10.80
C HIS I 128 -36.87 -38.98 -11.25
N CYS I 129 -37.89 -38.76 -12.08
CA CYS I 129 -38.12 -37.43 -12.63
C CYS I 129 -38.89 -36.54 -11.66
N ARG I 130 -39.92 -37.09 -11.00
CA ARG I 130 -40.71 -36.29 -10.09
C ARG I 130 -39.84 -35.69 -8.98
N GLU I 131 -38.97 -36.51 -8.39
CA GLU I 131 -38.15 -36.04 -7.28
C GLU I 131 -37.22 -34.93 -7.72
N VAL I 132 -36.66 -35.04 -8.93
CA VAL I 132 -35.67 -34.08 -9.41
C VAL I 132 -36.41 -32.83 -9.84
N SER I 133 -36.49 -31.85 -8.94
CA SER I 133 -36.99 -30.53 -9.30
C SER I 133 -35.96 -29.80 -10.14
N LEU I 134 -36.43 -29.04 -11.11
CA LEU I 134 -35.55 -28.35 -12.06
C LEU I 134 -35.69 -26.84 -11.92
N VAL I 135 -35.05 -26.27 -10.90
CA VAL I 135 -34.81 -24.84 -10.90
C VAL I 135 -33.41 -24.49 -10.41
N THR I 136 -32.85 -25.31 -9.51
CA THR I 136 -31.83 -24.74 -8.65
C THR I 136 -30.40 -24.76 -9.20
N GLN I 137 -29.73 -25.91 -9.15
CA GLN I 137 -28.36 -25.97 -9.68
C GLN I 137 -27.94 -27.35 -10.15
N ARG I 138 -28.87 -28.30 -10.36
CA ARG I 138 -28.51 -29.70 -10.49
C ARG I 138 -27.30 -29.90 -11.42
N SER I 139 -26.23 -30.45 -10.85
CA SER I 139 -25.01 -30.76 -11.58
C SER I 139 -24.85 -32.27 -11.64
N LEU I 140 -24.31 -32.77 -12.75
CA LEU I 140 -24.20 -34.22 -12.90
C LEU I 140 -23.42 -34.83 -11.74
N GLY I 141 -22.48 -34.09 -11.16
CA GLY I 141 -21.80 -34.58 -9.97
C GLY I 141 -22.77 -34.87 -8.84
N ASP I 142 -23.68 -33.93 -8.57
CA ASP I 142 -24.66 -34.15 -7.52
C ASP I 142 -25.67 -35.22 -7.90
N LEU I 143 -26.04 -35.27 -9.19
CA LEU I 143 -26.99 -36.28 -9.64
C LEU I 143 -26.41 -37.68 -9.58
N ILE I 144 -25.09 -37.81 -9.63
CA ILE I 144 -24.47 -39.11 -9.42
C ILE I 144 -24.22 -39.38 -7.95
N MET I 145 -23.94 -38.34 -7.15
CA MET I 145 -23.78 -38.53 -5.72
C MET I 145 -25.07 -39.00 -5.07
N SER I 146 -26.20 -38.39 -5.45
CA SER I 146 -27.47 -38.69 -4.80
C SER I 146 -27.76 -40.18 -4.82
N CYS I 147 -27.61 -40.81 -5.99
CA CYS I 147 -27.71 -42.27 -6.09
C CYS I 147 -26.35 -42.92 -5.96
N CYS I 148 -25.60 -42.60 -4.91
CA CYS I 148 -24.30 -43.18 -4.66
C CYS I 148 -23.87 -42.88 -3.23
N PRO I 149 -24.19 -43.75 -2.28
CA PRO I 149 -23.95 -43.42 -0.86
C PRO I 149 -22.48 -43.33 -0.51
N ASP I 150 -22.00 -42.11 -0.27
CA ASP I 150 -20.63 -41.87 0.14
C ASP I 150 -20.44 -40.39 0.40
N PRO I 151 -19.51 -40.00 1.27
CA PRO I 151 -19.16 -38.58 1.35
C PRO I 151 -18.75 -38.03 0.01
N ASN I 152 -18.06 -38.84 -0.79
CA ASN I 152 -17.69 -38.50 -2.16
C ASN I 152 -17.53 -39.77 -2.97
N PRO I 153 -18.35 -39.97 -4.00
CA PRO I 153 -18.14 -41.11 -4.89
C PRO I 153 -17.16 -40.75 -5.99
N PRO I 154 -16.32 -41.68 -6.42
CA PRO I 154 -15.30 -41.31 -7.41
C PRO I 154 -15.92 -41.02 -8.76
N ILE I 155 -16.06 -39.75 -9.09
CA ILE I 155 -16.72 -39.33 -10.32
C ILE I 155 -15.71 -39.18 -11.45
N HIS I 156 -14.56 -38.57 -11.17
CA HIS I 156 -13.52 -38.45 -12.19
C HIS I 156 -13.02 -39.82 -12.61
N LYS I 157 -13.54 -40.87 -11.97
CA LYS I 157 -13.29 -42.25 -12.34
C LYS I 157 -14.52 -42.97 -12.84
N ILE I 158 -15.70 -42.70 -12.27
CA ILE I 158 -16.93 -43.32 -12.75
C ILE I 158 -17.29 -42.81 -14.14
N VAL I 159 -17.21 -41.50 -14.34
CA VAL I 159 -17.66 -40.83 -15.55
C VAL I 159 -16.53 -40.78 -16.56
N ARG I 160 -15.43 -41.48 -16.28
CA ARG I 160 -14.30 -41.55 -17.18
C ARG I 160 -14.44 -42.65 -18.23
N LYS I 161 -15.56 -43.38 -18.19
CA LYS I 161 -15.83 -44.43 -19.16
C LYS I 161 -17.31 -44.45 -19.49
N PRO I 162 -17.86 -43.35 -20.01
CA PRO I 162 -19.31 -43.28 -20.25
C PRO I 162 -19.82 -44.39 -21.16
N SER I 163 -18.90 -45.12 -21.80
CA SER I 163 -19.30 -46.28 -22.59
C SER I 163 -19.96 -47.34 -21.73
N ARG I 164 -19.65 -47.36 -20.43
CA ARG I 164 -20.21 -48.32 -19.48
C ARG I 164 -21.03 -47.55 -18.46
N ILE I 165 -22.29 -47.25 -18.80
CA ILE I 165 -23.20 -46.60 -17.88
C ILE I 165 -24.63 -46.82 -18.34
N LEU I 166 -25.58 -46.75 -17.42
CA LEU I 166 -26.99 -46.66 -17.75
C LEU I 166 -27.60 -45.55 -16.90
N PHE I 167 -28.56 -44.85 -17.49
CA PHE I 167 -29.18 -43.70 -16.84
C PHE I 167 -30.68 -43.90 -16.74
N LEU I 168 -31.10 -45.05 -16.22
CA LEU I 168 -32.51 -45.35 -16.01
C LEU I 168 -33.24 -44.12 -15.49
N MET I 169 -34.33 -43.75 -16.13
CA MET I 169 -35.14 -42.63 -15.69
C MET I 169 -36.56 -43.13 -15.44
N ASP I 170 -37.47 -42.21 -15.10
CA ASP I 170 -38.86 -42.58 -14.85
C ASP I 170 -39.76 -41.37 -14.94
N GLY I 171 -41.03 -41.62 -15.25
CA GLY I 171 -42.05 -40.60 -15.31
C GLY I 171 -41.66 -39.35 -16.07
N PHE I 172 -41.19 -39.50 -17.30
CA PHE I 172 -40.89 -38.31 -18.08
C PHE I 172 -42.13 -37.49 -18.39
N ASP I 173 -43.32 -38.06 -18.21
CA ASP I 173 -44.54 -37.27 -18.26
C ASP I 173 -44.62 -36.26 -17.12
N GLU I 174 -43.80 -36.42 -16.08
CA GLU I 174 -43.74 -35.46 -15.00
C GLU I 174 -43.22 -34.10 -15.46
N LEU I 175 -42.57 -34.08 -16.61
CA LEU I 175 -41.96 -32.86 -17.11
C LEU I 175 -42.33 -32.35 -18.51
N GLN I 176 -43.45 -32.86 -19.04
CA GLN I 176 -43.93 -32.49 -20.37
C GLN I 176 -44.00 -30.99 -20.49
N GLY I 177 -44.71 -30.40 -19.53
CA GLY I 177 -44.83 -28.96 -19.44
C GLY I 177 -43.45 -28.33 -19.41
N ALA I 178 -42.56 -28.84 -18.57
CA ALA I 178 -41.20 -28.31 -18.52
C ALA I 178 -40.47 -28.18 -19.83
N PHE I 179 -40.65 -29.06 -20.82
CA PHE I 179 -39.89 -28.72 -22.09
C PHE I 179 -40.62 -27.88 -23.17
N ASP I 180 -40.42 -26.54 -23.27
CA ASP I 180 -41.24 -25.80 -24.21
C ASP I 180 -40.38 -24.92 -25.11
N GLU I 181 -39.40 -24.24 -24.54
CA GLU I 181 -38.47 -23.41 -25.29
C GLU I 181 -37.11 -24.11 -25.30
N HIS I 182 -36.51 -24.23 -26.48
CA HIS I 182 -35.24 -24.93 -26.59
C HIS I 182 -34.17 -24.17 -25.83
N ILE I 183 -33.80 -24.68 -24.65
CA ILE I 183 -32.82 -23.99 -23.82
C ILE I 183 -31.50 -23.93 -24.57
N GLY I 184 -31.07 -22.70 -24.89
CA GLY I 184 -29.87 -22.48 -25.66
C GLY I 184 -28.64 -23.08 -25.02
N PRO I 185 -28.43 -22.82 -23.73
CA PRO I 185 -27.28 -23.41 -23.02
C PRO I 185 -27.49 -24.90 -22.82
N LEU I 186 -26.63 -25.70 -23.43
CA LEU I 186 -26.63 -27.16 -23.28
C LEU I 186 -25.24 -27.56 -22.79
N CYS I 187 -25.09 -27.63 -21.47
CA CYS I 187 -23.81 -27.96 -20.86
C CYS I 187 -23.29 -29.29 -21.39
N THR I 188 -21.97 -29.48 -21.31
CA THR I 188 -21.35 -30.73 -21.74
C THR I 188 -20.32 -31.20 -20.71
N ASP I 189 -20.47 -30.76 -19.46
CA ASP I 189 -19.55 -31.12 -18.39
C ASP I 189 -20.35 -31.54 -17.16
N TRP I 190 -19.75 -32.43 -16.37
CA TRP I 190 -20.36 -32.93 -15.15
C TRP I 190 -19.83 -32.25 -13.89
N GLN I 191 -18.98 -31.24 -14.03
CA GLN I 191 -18.41 -30.52 -12.90
C GLN I 191 -18.85 -29.06 -12.90
N LYS I 192 -20.09 -28.79 -13.30
CA LYS I 192 -20.59 -27.44 -13.43
C LYS I 192 -21.99 -27.34 -12.84
N ALA I 193 -22.36 -26.12 -12.45
CA ALA I 193 -23.72 -25.82 -12.02
C ALA I 193 -24.61 -25.83 -13.26
N GLU I 194 -25.23 -26.97 -13.54
CA GLU I 194 -25.89 -27.21 -14.82
C GLU I 194 -27.31 -26.69 -14.89
N ARG I 195 -27.82 -26.06 -13.84
CA ARG I 195 -29.08 -25.33 -13.83
C ARG I 195 -30.29 -26.24 -13.67
N GLY I 196 -30.12 -27.56 -13.67
CA GLY I 196 -31.26 -28.44 -13.44
C GLY I 196 -31.96 -28.92 -14.69
N ASP I 197 -33.02 -28.22 -15.09
CA ASP I 197 -33.76 -28.62 -16.29
C ASP I 197 -32.86 -28.59 -17.51
N ILE I 198 -31.95 -27.62 -17.60
CA ILE I 198 -31.00 -27.57 -18.71
C ILE I 198 -30.11 -28.80 -18.69
N LEU I 199 -29.63 -29.21 -17.50
CA LEU I 199 -28.85 -30.42 -17.40
C LEU I 199 -29.65 -31.63 -17.85
N LEU I 200 -30.93 -31.69 -17.47
CA LEU I 200 -31.77 -32.81 -17.88
C LEU I 200 -31.91 -32.87 -19.39
N SER I 201 -32.15 -31.72 -20.02
CA SER I 201 -32.27 -31.67 -21.47
C SER I 201 -30.96 -32.09 -22.13
N SER I 202 -29.83 -31.63 -21.60
CA SER I 202 -28.53 -32.01 -22.16
C SER I 202 -28.32 -33.51 -22.04
N LEU I 203 -28.67 -34.10 -20.89
CA LEU I 203 -28.55 -35.54 -20.72
C LEU I 203 -29.42 -36.28 -21.73
N ILE I 204 -30.65 -35.80 -21.93
CA ILE I 204 -31.54 -36.44 -22.88
C ILE I 204 -30.96 -36.37 -24.29
N ARG I 205 -30.42 -35.22 -24.66
CA ARG I 205 -29.84 -35.04 -25.98
C ARG I 205 -28.46 -35.67 -26.12
N LYS I 206 -27.90 -36.19 -25.03
CA LYS I 206 -26.63 -36.91 -25.07
C LYS I 206 -25.44 -35.96 -25.27
N LYS I 207 -25.54 -34.76 -24.68
CA LYS I 207 -24.37 -33.88 -24.61
C LYS I 207 -23.45 -34.31 -23.48
N LEU I 208 -24.00 -34.50 -22.29
CA LEU I 208 -23.23 -35.02 -21.16
C LEU I 208 -23.05 -36.52 -21.34
N LEU I 209 -21.80 -36.98 -21.36
CA LEU I 209 -21.47 -38.37 -21.62
C LEU I 209 -22.18 -38.84 -22.89
N PRO I 210 -21.91 -38.20 -24.03
CA PRO I 210 -22.65 -38.54 -25.25
C PRO I 210 -22.66 -40.01 -25.59
N GLU I 211 -21.65 -40.76 -25.15
CA GLU I 211 -21.59 -42.20 -25.38
C GLU I 211 -22.03 -42.99 -24.16
N ALA I 212 -22.79 -42.37 -23.26
CA ALA I 212 -23.34 -43.04 -22.09
C ALA I 212 -24.77 -43.48 -22.40
N SER I 213 -25.03 -44.78 -22.28
CA SER I 213 -26.33 -45.31 -22.66
C SER I 213 -27.43 -44.67 -21.83
N LEU I 214 -28.68 -44.86 -22.22
CA LEU I 214 -29.80 -44.22 -21.55
C LEU I 214 -30.98 -45.18 -21.53
N LEU I 215 -32.00 -44.81 -20.78
CA LEU I 215 -33.28 -45.50 -20.77
C LEU I 215 -34.32 -44.61 -20.12
N ILE I 216 -35.42 -44.33 -20.81
CA ILE I 216 -36.42 -43.40 -20.35
C ILE I 216 -37.77 -44.11 -20.33
N THR I 217 -38.42 -44.12 -19.17
CA THR I 217 -39.79 -44.58 -19.09
C THR I 217 -40.72 -43.38 -19.09
N THR I 218 -41.88 -43.53 -19.73
CA THR I 218 -42.76 -42.37 -19.82
C THR I 218 -44.15 -42.81 -20.24
N ARG I 219 -45.15 -42.12 -19.70
CA ARG I 219 -46.50 -42.29 -20.15
C ARG I 219 -46.64 -41.74 -21.57
N PRO I 220 -47.55 -42.29 -22.37
CA PRO I 220 -47.74 -41.78 -23.74
C PRO I 220 -48.49 -40.45 -23.75
N VAL I 221 -47.79 -39.39 -23.35
CA VAL I 221 -48.42 -38.08 -23.21
C VAL I 221 -47.62 -37.02 -23.94
N ALA I 222 -46.38 -37.33 -24.30
CA ALA I 222 -45.53 -36.38 -25.00
C ALA I 222 -45.21 -36.81 -26.42
N LEU I 223 -44.60 -37.99 -26.58
CA LEU I 223 -44.27 -38.56 -27.89
C LEU I 223 -43.71 -37.52 -28.86
N GLU I 224 -44.57 -36.62 -29.35
CA GLU I 224 -44.15 -35.65 -30.34
C GLU I 224 -43.02 -34.76 -29.84
N LYS I 225 -43.29 -33.98 -28.80
CA LYS I 225 -42.27 -33.09 -28.27
C LYS I 225 -41.01 -33.85 -27.86
N LEU I 226 -41.17 -35.10 -27.43
CA LEU I 226 -40.01 -35.90 -27.05
C LEU I 226 -39.18 -36.29 -28.27
N GLN I 227 -39.83 -36.52 -29.40
CA GLN I 227 -39.13 -36.99 -30.59
C GLN I 227 -38.12 -35.99 -31.13
N HIS I 228 -38.18 -34.73 -30.70
CA HIS I 228 -37.19 -33.74 -31.10
C HIS I 228 -35.96 -33.74 -30.20
N LEU I 229 -35.88 -34.67 -29.25
CA LEU I 229 -34.75 -34.75 -28.34
C LEU I 229 -34.07 -36.10 -28.32
N LEU I 230 -34.68 -37.15 -28.86
CA LEU I 230 -34.15 -38.50 -28.78
C LEU I 230 -33.22 -38.78 -29.95
N ASP I 231 -32.17 -39.56 -29.69
CA ASP I 231 -31.19 -39.93 -30.70
C ASP I 231 -31.58 -41.28 -31.29
N HIS I 232 -32.62 -41.25 -32.11
CA HIS I 232 -33.15 -42.45 -32.77
C HIS I 232 -33.27 -43.60 -31.78
N PRO I 233 -34.09 -43.46 -30.74
CA PRO I 233 -34.14 -44.46 -29.69
C PRO I 233 -35.06 -45.62 -30.03
N ARG I 234 -34.63 -46.81 -29.62
CA ARG I 234 -35.43 -48.01 -29.81
C ARG I 234 -36.40 -48.09 -28.65
N HIS I 235 -37.68 -47.86 -28.91
CA HIS I 235 -38.65 -47.82 -27.82
C HIS I 235 -39.41 -49.13 -27.74
N VAL I 236 -39.91 -49.41 -26.54
CA VAL I 236 -40.68 -50.62 -26.26
C VAL I 236 -41.98 -50.22 -25.57
N GLU I 237 -43.10 -50.71 -26.08
CA GLU I 237 -44.39 -50.49 -25.47
C GLU I 237 -44.71 -51.63 -24.52
N ILE I 238 -45.21 -51.28 -23.34
CA ILE I 238 -45.54 -52.22 -22.29
C ILE I 238 -47.04 -52.46 -22.33
N LEU I 239 -47.45 -53.67 -21.98
CA LEU I 239 -48.86 -54.04 -22.04
C LEU I 239 -49.42 -54.45 -20.69
N GLY I 240 -48.76 -55.34 -19.97
CA GLY I 240 -49.22 -55.81 -18.69
C GLY I 240 -49.10 -57.31 -18.61
N PHE I 241 -49.93 -57.92 -17.76
CA PHE I 241 -50.01 -59.37 -17.69
C PHE I 241 -50.97 -59.86 -18.76
N SER I 242 -50.56 -60.90 -19.49
CA SER I 242 -51.28 -61.18 -20.73
C SER I 242 -52.57 -61.97 -20.52
N GLU I 243 -52.47 -63.27 -20.23
CA GLU I 243 -53.66 -64.01 -19.84
C GLU I 243 -53.38 -64.97 -18.69
N ALA I 244 -52.22 -65.61 -18.72
CA ALA I 244 -51.82 -66.52 -17.66
C ALA I 244 -50.97 -65.83 -16.62
N LYS I 245 -50.31 -64.73 -16.99
CA LYS I 245 -49.54 -63.98 -16.01
C LYS I 245 -50.42 -63.48 -14.89
N ARG I 246 -51.71 -63.24 -15.15
CA ARG I 246 -52.63 -62.83 -14.09
C ARG I 246 -52.87 -63.96 -13.09
N LYS I 247 -53.18 -65.15 -13.61
CA LYS I 247 -53.50 -66.29 -12.76
C LYS I 247 -52.24 -66.82 -12.11
N GLU I 248 -51.08 -66.31 -12.55
CA GLU I 248 -49.83 -66.53 -11.83
C GLU I 248 -49.53 -65.42 -10.83
N TYR I 249 -49.99 -64.20 -11.09
CA TYR I 249 -49.85 -63.10 -10.13
C TYR I 249 -50.67 -63.36 -8.88
N PHE I 250 -51.87 -63.90 -9.05
CA PHE I 250 -52.67 -64.23 -7.87
C PHE I 250 -51.95 -65.22 -6.97
N PHE I 251 -51.24 -66.19 -7.56
CA PHE I 251 -50.50 -67.16 -6.78
C PHE I 251 -49.27 -66.57 -6.11
N LYS I 252 -48.85 -65.36 -6.50
CA LYS I 252 -47.79 -64.66 -5.78
C LYS I 252 -48.32 -63.67 -4.77
N TYR I 253 -49.52 -63.14 -4.97
CA TYR I 253 -50.08 -62.22 -3.99
C TYR I 253 -50.69 -62.96 -2.81
N PHE I 254 -51.44 -64.03 -3.08
CA PHE I 254 -52.07 -64.77 -2.00
C PHE I 254 -51.17 -65.89 -1.49
N SER I 255 -51.43 -66.29 -0.25
CA SER I 255 -50.57 -67.23 0.47
C SER I 255 -50.50 -68.59 -0.19
N ASP I 256 -51.61 -69.30 -0.26
CA ASP I 256 -51.62 -70.70 -0.65
C ASP I 256 -52.64 -70.95 -1.77
N GLU I 257 -52.70 -72.21 -2.21
CA GLU I 257 -53.66 -72.60 -3.22
C GLU I 257 -55.09 -72.40 -2.74
N ALA I 258 -55.36 -72.76 -1.47
CA ALA I 258 -56.71 -72.62 -0.94
C ALA I 258 -57.24 -71.21 -1.16
N GLN I 259 -56.43 -70.20 -0.86
CA GLN I 259 -56.81 -68.83 -1.17
C GLN I 259 -56.85 -68.60 -2.68
N ALA I 260 -55.71 -68.81 -3.35
CA ALA I 260 -55.54 -68.36 -4.71
C ALA I 260 -56.61 -68.89 -5.64
N ARG I 261 -56.97 -70.17 -5.52
CA ARG I 261 -57.94 -70.76 -6.45
C ARG I 261 -59.26 -70.01 -6.40
N ALA I 262 -59.84 -69.86 -5.21
CA ALA I 262 -61.12 -69.17 -5.09
C ALA I 262 -60.97 -67.70 -5.45
N ALA I 263 -59.89 -67.06 -5.02
CA ALA I 263 -59.67 -65.66 -5.34
C ALA I 263 -59.68 -65.43 -6.84
N PHE I 264 -58.93 -66.25 -7.57
CA PHE I 264 -58.90 -66.11 -9.03
C PHE I 264 -60.26 -66.40 -9.64
N SER I 265 -60.87 -67.52 -9.25
CA SER I 265 -62.16 -67.89 -9.84
C SER I 265 -63.17 -66.76 -9.68
N LEU I 266 -63.19 -66.10 -8.52
CA LEU I 266 -64.14 -65.02 -8.30
C LEU I 266 -64.03 -63.94 -9.37
N ILE I 267 -62.82 -63.72 -9.90
CA ILE I 267 -62.61 -62.72 -10.93
C ILE I 267 -62.84 -63.30 -12.32
N GLN I 268 -62.27 -64.49 -12.57
CA GLN I 268 -62.42 -65.11 -13.87
C GLN I 268 -63.87 -65.31 -14.24
N GLU I 269 -64.76 -65.45 -13.24
CA GLU I 269 -66.17 -65.48 -13.53
C GLU I 269 -66.62 -64.20 -14.21
N ASN I 270 -66.18 -63.05 -13.71
CA ASN I 270 -66.47 -61.75 -14.31
C ASN I 270 -65.49 -61.48 -15.44
N GLU I 271 -66.01 -61.05 -16.59
CA GLU I 271 -65.17 -60.85 -17.75
C GLU I 271 -64.69 -59.41 -17.89
N VAL I 272 -65.59 -58.44 -17.71
CA VAL I 272 -65.24 -57.03 -17.80
C VAL I 272 -64.04 -56.73 -16.92
N LEU I 273 -63.85 -57.53 -15.88
CA LEU I 273 -62.68 -57.40 -15.01
C LEU I 273 -61.51 -58.25 -15.47
N PHE I 274 -61.75 -59.45 -15.98
CA PHE I 274 -60.63 -60.29 -16.36
C PHE I 274 -59.82 -59.56 -17.41
N THR I 275 -60.47 -59.06 -18.46
CA THR I 275 -59.76 -58.23 -19.43
C THR I 275 -58.96 -57.01 -18.95
N MET I 276 -59.62 -56.11 -18.23
CA MET I 276 -58.93 -54.94 -17.69
C MET I 276 -58.00 -55.29 -16.54
N CYS I 277 -57.88 -56.58 -16.19
CA CYS I 277 -56.90 -57.01 -15.21
C CYS I 277 -55.49 -57.06 -15.77
N PHE I 278 -55.27 -56.61 -17.01
CA PHE I 278 -53.90 -56.60 -17.52
C PHE I 278 -53.10 -55.47 -16.87
N ILE I 279 -53.74 -54.34 -16.63
CA ILE I 279 -53.08 -53.26 -15.90
C ILE I 279 -52.67 -53.80 -14.54
N PRO I 280 -51.38 -53.93 -14.25
CA PRO I 280 -50.98 -54.54 -12.97
C PRO I 280 -51.56 -53.84 -11.77
N LEU I 281 -51.66 -52.51 -11.81
CA LEU I 281 -52.25 -51.79 -10.70
C LEU I 281 -53.72 -52.15 -10.53
N VAL I 282 -54.44 -52.33 -11.64
CA VAL I 282 -55.85 -52.70 -11.58
C VAL I 282 -56.04 -54.18 -11.26
N CYS I 283 -54.99 -54.99 -11.32
CA CYS I 283 -55.06 -56.34 -10.80
C CYS I 283 -54.75 -56.40 -9.32
N TRP I 284 -53.79 -55.60 -8.87
CA TRP I 284 -53.53 -55.47 -7.44
C TRP I 284 -54.74 -54.89 -6.70
N ILE I 285 -55.37 -53.86 -7.27
CA ILE I 285 -56.54 -53.26 -6.64
C ILE I 285 -57.66 -54.26 -6.47
N VAL I 286 -57.71 -55.29 -7.30
CA VAL I 286 -58.74 -56.32 -7.19
C VAL I 286 -58.29 -57.51 -6.34
N CYS I 287 -56.99 -57.73 -6.22
CA CYS I 287 -56.53 -58.85 -5.40
C CYS I 287 -56.44 -58.48 -3.92
N THR I 288 -56.01 -57.25 -3.60
CA THR I 288 -56.08 -56.79 -2.22
C THR I 288 -57.52 -56.72 -1.73
N GLY I 289 -58.45 -56.33 -2.61
CA GLY I 289 -59.85 -56.31 -2.24
C GLY I 289 -60.34 -57.67 -1.78
N LEU I 290 -59.90 -58.72 -2.47
CA LEU I 290 -60.28 -60.07 -2.06
C LEU I 290 -59.50 -60.54 -0.84
N LYS I 291 -58.26 -60.07 -0.68
CA LYS I 291 -57.48 -60.41 0.50
C LYS I 291 -58.15 -59.89 1.77
N GLN I 292 -58.71 -58.68 1.70
CA GLN I 292 -59.40 -58.14 2.86
C GLN I 292 -60.54 -59.04 3.32
N GLN I 293 -61.41 -59.46 2.38
CA GLN I 293 -62.49 -60.37 2.73
C GLN I 293 -61.94 -61.70 3.23
N MET I 294 -60.88 -62.21 2.59
CA MET I 294 -60.33 -63.50 2.98
C MET I 294 -59.84 -63.49 4.42
N GLU I 295 -59.16 -62.41 4.83
CA GLU I 295 -58.58 -62.34 6.16
C GLU I 295 -59.48 -61.61 7.17
N SER I 296 -60.67 -61.17 6.78
CA SER I 296 -61.62 -60.57 7.70
C SER I 296 -62.77 -61.51 8.04
N GLY I 297 -62.49 -62.81 8.06
CA GLY I 297 -63.50 -63.80 8.40
C GLY I 297 -64.78 -63.67 7.59
N LYS I 298 -64.68 -63.91 6.29
CA LYS I 298 -65.83 -63.85 5.40
C LYS I 298 -65.70 -64.93 4.34
N SER I 299 -66.84 -65.28 3.75
CA SER I 299 -66.89 -66.33 2.73
C SER I 299 -66.75 -65.71 1.35
N LEU I 300 -65.66 -66.01 0.66
CA LEU I 300 -65.48 -65.53 -0.70
C LEU I 300 -66.45 -66.20 -1.66
N ALA I 301 -66.85 -67.44 -1.38
CA ALA I 301 -67.83 -68.11 -2.22
C ALA I 301 -69.10 -67.26 -2.35
N GLN I 302 -69.44 -66.51 -1.31
CA GLN I 302 -70.53 -65.54 -1.37
C GLN I 302 -70.02 -64.11 -1.52
N THR I 303 -68.71 -63.92 -1.62
CA THR I 303 -68.16 -62.57 -1.79
C THR I 303 -68.53 -62.00 -3.15
N SER I 304 -68.66 -60.68 -3.19
CA SER I 304 -68.99 -59.96 -4.41
C SER I 304 -67.87 -59.01 -4.78
N LYS I 305 -67.60 -58.88 -6.08
CA LYS I 305 -66.59 -57.97 -6.61
C LYS I 305 -67.23 -57.20 -7.75
N THR I 306 -67.87 -56.08 -7.44
CA THR I 306 -68.54 -55.28 -8.45
C THR I 306 -67.51 -54.59 -9.34
N THR I 307 -67.84 -54.45 -10.62
CA THR I 307 -66.91 -53.90 -11.60
C THR I 307 -66.68 -52.42 -11.45
N THR I 308 -67.48 -51.72 -10.63
CA THR I 308 -67.35 -50.28 -10.48
C THR I 308 -66.46 -49.89 -9.30
N ALA I 309 -66.42 -50.70 -8.24
CA ALA I 309 -65.53 -50.41 -7.13
C ALA I 309 -64.07 -50.42 -7.59
N VAL I 310 -63.73 -51.36 -8.46
CA VAL I 310 -62.36 -51.42 -8.96
C VAL I 310 -62.01 -50.12 -9.68
N TYR I 311 -62.92 -49.61 -10.51
CA TYR I 311 -62.63 -48.39 -11.23
C TYR I 311 -62.58 -47.19 -10.30
N VAL I 312 -63.44 -47.16 -9.27
CA VAL I 312 -63.39 -46.06 -8.32
C VAL I 312 -62.04 -46.02 -7.62
N PHE I 313 -61.57 -47.19 -7.15
CA PHE I 313 -60.27 -47.24 -6.49
C PHE I 313 -59.14 -46.93 -7.45
N PHE I 314 -59.24 -47.38 -8.70
CA PHE I 314 -58.22 -47.07 -9.68
C PHE I 314 -58.13 -45.56 -9.91
N LEU I 315 -59.27 -44.92 -10.13
CA LEU I 315 -59.29 -43.47 -10.31
C LEU I 315 -58.71 -42.77 -9.10
N SER I 316 -59.10 -43.19 -7.89
CA SER I 316 -58.61 -42.53 -6.69
C SER I 316 -57.10 -42.69 -6.55
N SER I 317 -56.58 -43.90 -6.83
CA SER I 317 -55.15 -44.12 -6.75
C SER I 317 -54.41 -43.31 -7.79
N LEU I 318 -55.01 -43.11 -8.95
CA LEU I 318 -54.31 -42.36 -10.00
C LEU I 318 -54.29 -40.87 -9.72
N LEU I 319 -55.40 -40.30 -9.24
CA LEU I 319 -55.41 -38.85 -9.08
C LEU I 319 -54.77 -38.46 -7.75
N GLN I 320 -53.57 -38.97 -7.48
CA GLN I 320 -52.87 -38.57 -6.27
C GLN I 320 -52.43 -37.13 -6.38
N PRO I 321 -52.73 -36.28 -5.40
CA PRO I 321 -52.25 -34.89 -5.46
C PRO I 321 -50.74 -34.85 -5.55
N ARG I 322 -50.22 -34.39 -6.68
CA ARG I 322 -48.77 -34.28 -6.88
C ARG I 322 -48.30 -32.92 -6.36
N GLY I 323 -48.36 -32.79 -5.04
CA GLY I 323 -48.10 -31.53 -4.39
C GLY I 323 -49.37 -30.71 -4.28
N GLY I 324 -49.62 -30.11 -3.12
CA GLY I 324 -50.83 -29.35 -2.93
C GLY I 324 -50.93 -28.21 -3.94
N SER I 325 -51.84 -28.36 -4.89
CA SER I 325 -51.98 -27.36 -5.95
C SER I 325 -53.23 -27.60 -6.79
N GLN I 326 -54.05 -26.57 -6.96
CA GLN I 326 -55.18 -26.61 -7.88
C GLN I 326 -56.12 -27.78 -7.56
N GLU I 327 -56.73 -27.73 -6.38
CA GLU I 327 -57.84 -28.65 -6.11
C GLU I 327 -59.00 -28.38 -7.04
N HIS I 328 -59.37 -27.10 -7.17
CA HIS I 328 -60.40 -26.72 -8.13
C HIS I 328 -59.97 -27.04 -9.56
N GLY I 329 -58.68 -26.84 -9.85
CA GLY I 329 -58.18 -27.20 -11.17
C GLY I 329 -58.31 -28.68 -11.46
N LEU I 330 -57.99 -29.53 -10.48
CA LEU I 330 -58.15 -30.97 -10.66
C LEU I 330 -59.61 -31.34 -10.86
N CYS I 331 -60.49 -30.74 -10.05
CA CYS I 331 -61.92 -31.03 -10.22
C CYS I 331 -62.41 -30.60 -11.60
N ALA I 332 -61.99 -29.42 -12.05
CA ALA I 332 -62.44 -28.92 -13.35
C ALA I 332 -61.89 -29.79 -14.48
N HIS I 333 -60.62 -30.20 -14.40
CA HIS I 333 -60.06 -31.02 -15.46
C HIS I 333 -60.68 -32.42 -15.46
N LEU I 334 -61.00 -32.95 -14.28
CA LEU I 334 -61.68 -34.23 -14.23
C LEU I 334 -63.07 -34.13 -14.84
N TRP I 335 -63.80 -33.04 -14.55
CA TRP I 335 -65.11 -32.87 -15.18
C TRP I 335 -64.98 -32.68 -16.69
N GLY I 336 -63.95 -31.97 -17.14
CA GLY I 336 -63.76 -31.81 -18.57
C GLY I 336 -63.48 -33.13 -19.27
N LEU I 337 -62.56 -33.92 -18.71
CA LEU I 337 -62.32 -35.27 -19.21
C LEU I 337 -63.58 -36.11 -19.15
N CYS I 338 -64.40 -35.90 -18.12
CA CYS I 338 -65.59 -36.69 -17.93
C CYS I 338 -66.63 -36.39 -19.00
N SER I 339 -66.84 -35.09 -19.29
CA SER I 339 -67.72 -34.70 -20.39
C SER I 339 -67.15 -35.14 -21.72
N LEU I 340 -65.82 -35.13 -21.87
CA LEU I 340 -65.19 -35.70 -23.05
C LEU I 340 -65.62 -37.15 -23.25
N ALA I 341 -65.50 -37.95 -22.20
CA ALA I 341 -65.92 -39.34 -22.30
C ALA I 341 -67.40 -39.45 -22.62
N ALA I 342 -68.22 -38.59 -22.01
CA ALA I 342 -69.66 -38.67 -22.22
C ALA I 342 -70.03 -38.39 -23.67
N ASP I 343 -69.55 -37.27 -24.22
CA ASP I 343 -69.92 -36.95 -25.59
C ASP I 343 -69.26 -37.91 -26.57
N GLY I 344 -68.07 -38.43 -26.25
CA GLY I 344 -67.48 -39.45 -27.08
C GLY I 344 -68.33 -40.72 -27.12
N ILE I 345 -68.88 -41.12 -25.98
CA ILE I 345 -69.73 -42.30 -25.96
C ILE I 345 -71.02 -42.03 -26.72
N TRP I 346 -71.56 -40.82 -26.63
CA TRP I 346 -72.77 -40.50 -27.37
C TRP I 346 -72.53 -40.50 -28.88
N ASN I 347 -71.39 -39.97 -29.32
CA ASN I 347 -71.07 -39.87 -30.74
C ASN I 347 -70.25 -41.05 -31.25
N GLN I 348 -70.09 -42.09 -30.45
CA GLN I 348 -69.29 -43.26 -30.83
C GLN I 348 -67.86 -42.87 -31.17
N LYS I 349 -67.34 -41.85 -30.47
CA LYS I 349 -66.02 -41.31 -30.76
C LYS I 349 -64.98 -42.08 -29.94
N ILE I 350 -64.57 -43.23 -30.48
CA ILE I 350 -63.57 -44.05 -29.81
C ILE I 350 -62.24 -43.30 -29.72
N LEU I 351 -61.84 -42.66 -30.82
CA LEU I 351 -60.56 -41.98 -30.91
C LEU I 351 -60.81 -40.48 -31.06
N PHE I 352 -60.42 -39.70 -30.05
CA PHE I 352 -60.61 -38.26 -30.09
C PHE I 352 -59.47 -37.59 -30.83
N GLU I 353 -59.56 -36.27 -30.94
CA GLU I 353 -58.53 -35.48 -31.63
C GLU I 353 -58.27 -34.21 -30.83
N GLU I 354 -57.14 -33.58 -31.12
CA GLU I 354 -56.76 -32.38 -30.39
C GLU I 354 -57.85 -31.31 -30.50
N SER I 355 -58.50 -31.21 -31.66
CA SER I 355 -59.57 -30.22 -31.81
C SER I 355 -60.69 -30.48 -30.82
N ASP I 356 -61.11 -31.74 -30.67
CA ASP I 356 -62.16 -32.06 -29.72
C ASP I 356 -61.69 -31.85 -28.28
N LEU I 357 -60.44 -32.20 -27.99
CA LEU I 357 -59.92 -32.00 -26.64
C LEU I 357 -59.87 -30.52 -26.27
N ARG I 358 -59.62 -29.66 -27.27
CA ARG I 358 -59.69 -28.22 -27.02
C ARG I 358 -61.13 -27.74 -26.90
N ASN I 359 -62.02 -28.26 -27.75
CA ASN I 359 -63.44 -27.92 -27.64
C ASN I 359 -63.95 -28.17 -26.23
N HIS I 360 -63.68 -29.35 -25.69
CA HIS I 360 -63.93 -29.60 -24.28
C HIS I 360 -62.87 -28.91 -23.44
N GLY I 361 -63.27 -28.43 -22.26
CA GLY I 361 -62.32 -27.73 -21.41
C GLY I 361 -61.14 -28.61 -21.09
N LEU I 362 -60.07 -28.45 -21.87
CA LEU I 362 -58.83 -29.22 -21.74
C LEU I 362 -57.73 -28.59 -22.58
N GLN I 363 -56.48 -28.78 -22.16
CA GLN I 363 -55.34 -28.27 -22.89
C GLN I 363 -54.15 -29.18 -22.63
N LYS I 364 -53.73 -29.24 -21.37
CA LYS I 364 -52.60 -30.08 -20.97
C LYS I 364 -52.91 -30.76 -19.64
N ALA I 365 -52.11 -30.46 -18.62
CA ALA I 365 -52.28 -30.93 -17.25
C ALA I 365 -52.49 -32.41 -17.13
N ASP I 366 -53.69 -32.89 -17.47
CA ASP I 366 -53.99 -34.32 -17.40
C ASP I 366 -52.98 -35.08 -18.23
N VAL I 367 -51.93 -35.55 -17.56
CA VAL I 367 -50.82 -36.24 -18.20
C VAL I 367 -51.10 -37.71 -18.54
N SER I 368 -52.01 -37.91 -19.47
CA SER I 368 -52.38 -39.24 -19.93
C SER I 368 -52.65 -40.23 -18.82
N ALA I 369 -53.59 -39.92 -17.95
CA ALA I 369 -53.94 -40.85 -16.91
C ALA I 369 -54.83 -41.86 -17.61
N PHE I 370 -55.90 -41.36 -18.23
CA PHE I 370 -56.81 -42.17 -19.01
C PHE I 370 -56.88 -41.61 -20.41
N LEU I 371 -55.75 -41.07 -20.85
CA LEU I 371 -55.65 -40.44 -22.17
C LEU I 371 -54.23 -40.69 -22.69
N ARG I 372 -54.09 -41.71 -23.52
CA ARG I 372 -52.80 -42.06 -24.08
C ARG I 372 -52.71 -41.53 -25.51
N MET I 373 -51.76 -40.63 -25.75
CA MET I 373 -51.60 -40.00 -27.05
C MET I 373 -50.95 -41.01 -27.99
N ASN I 374 -51.78 -41.83 -28.62
CA ASN I 374 -51.31 -42.69 -29.69
C ASN I 374 -51.43 -41.94 -31.01
N LEU I 375 -50.29 -41.75 -31.68
CA LEU I 375 -50.20 -40.89 -32.85
C LEU I 375 -50.10 -41.77 -34.09
N PHE I 376 -50.98 -41.54 -35.06
CA PHE I 376 -51.01 -42.34 -36.27
C PHE I 376 -50.48 -41.54 -37.45
N GLN I 377 -49.56 -42.13 -38.19
CA GLN I 377 -48.97 -41.50 -39.37
C GLN I 377 -49.73 -41.96 -40.60
N LYS I 378 -50.20 -41.00 -41.38
CA LYS I 378 -50.88 -41.29 -42.64
C LYS I 378 -50.25 -40.43 -43.73
N GLU I 379 -50.01 -41.04 -44.89
CA GLU I 379 -49.43 -40.32 -46.01
C GLU I 379 -48.01 -39.86 -45.68
N VAL I 380 -47.86 -38.60 -45.28
CA VAL I 380 -46.54 -38.02 -45.07
C VAL I 380 -46.31 -37.59 -43.63
N ASP I 381 -47.36 -37.33 -42.85
CA ASP I 381 -47.21 -36.86 -41.48
C ASP I 381 -48.21 -37.57 -40.57
N CYS I 382 -47.88 -37.60 -39.29
CA CYS I 382 -48.69 -38.28 -38.28
C CYS I 382 -49.43 -37.26 -37.42
N GLU I 383 -50.64 -37.63 -37.00
CA GLU I 383 -51.50 -36.79 -36.19
C GLU I 383 -51.79 -37.45 -34.85
N LYS I 384 -52.21 -36.61 -33.90
CA LYS I 384 -52.31 -36.94 -32.48
C LYS I 384 -53.28 -38.08 -32.21
N PHE I 385 -54.57 -37.84 -32.46
CA PHE I 385 -55.62 -38.82 -32.22
C PHE I 385 -55.56 -39.37 -30.79
N TYR I 386 -55.81 -38.47 -29.84
CA TYR I 386 -55.93 -38.86 -28.45
C TYR I 386 -56.95 -39.99 -28.29
N SER I 387 -56.73 -40.83 -27.28
CA SER I 387 -57.62 -41.95 -27.04
C SER I 387 -57.62 -42.29 -25.56
N PHE I 388 -58.68 -42.98 -25.14
CA PHE I 388 -58.83 -43.42 -23.77
C PHE I 388 -58.14 -44.76 -23.57
N ILE I 389 -57.68 -45.01 -22.34
CA ILE I 389 -57.00 -46.27 -22.05
C ILE I 389 -57.86 -47.45 -22.42
N HIS I 390 -59.18 -47.30 -22.43
CA HIS I 390 -60.04 -48.42 -22.76
C HIS I 390 -61.50 -47.99 -22.85
N MET I 391 -62.29 -48.71 -23.67
CA MET I 391 -63.67 -48.30 -23.91
C MET I 391 -64.51 -48.39 -22.63
N THR I 392 -64.29 -49.43 -21.83
CA THR I 392 -65.01 -49.53 -20.56
C THR I 392 -64.65 -48.37 -19.64
N PHE I 393 -63.37 -47.98 -19.63
CA PHE I 393 -62.97 -46.82 -18.84
C PHE I 393 -63.68 -45.57 -19.32
N GLN I 394 -63.78 -45.38 -20.63
CA GLN I 394 -64.47 -44.21 -21.15
C GLN I 394 -65.95 -44.23 -20.78
N GLU I 395 -66.57 -45.41 -20.81
CA GLU I 395 -67.96 -45.54 -20.39
C GLU I 395 -68.12 -45.18 -18.92
N PHE I 396 -67.19 -45.63 -18.08
CA PHE I 396 -67.23 -45.27 -16.67
C PHE I 396 -67.13 -43.76 -16.49
N PHE I 397 -66.26 -43.12 -17.28
CA PHE I 397 -66.14 -41.68 -17.17
C PHE I 397 -67.40 -40.98 -17.65
N ALA I 398 -68.08 -41.53 -18.65
CA ALA I 398 -69.37 -40.96 -19.05
C ALA I 398 -70.38 -41.06 -17.93
N ALA I 399 -70.43 -42.22 -17.28
CA ALA I 399 -71.32 -42.40 -16.14
C ALA I 399 -71.00 -41.40 -15.03
N MET I 400 -69.71 -41.16 -14.79
CA MET I 400 -69.32 -40.17 -13.79
C MET I 400 -69.73 -38.77 -14.21
N TYR I 401 -69.68 -38.47 -15.51
CA TYR I 401 -70.19 -37.18 -15.99
C TYR I 401 -71.66 -37.03 -15.64
N TYR I 402 -72.44 -38.07 -15.89
CA TYR I 402 -73.87 -37.99 -15.56
C TYR I 402 -74.07 -37.81 -14.06
N LEU I 403 -73.39 -38.63 -13.25
CA LEU I 403 -73.60 -38.59 -11.80
C LEU I 403 -73.17 -37.25 -11.22
N LEU I 404 -71.95 -36.83 -11.52
CA LEU I 404 -71.41 -35.60 -10.96
C LEU I 404 -72.31 -34.41 -11.30
N GLU I 405 -72.14 -33.33 -10.55
CA GLU I 405 -72.95 -32.14 -10.69
C GLU I 405 -72.15 -31.05 -11.39
N GLU I 406 -72.78 -30.33 -12.32
CA GLU I 406 -72.14 -29.23 -13.07
C GLU I 406 -71.34 -28.24 -12.21
N LEU I 419 -71.08 -24.70 -27.99
CA LEU I 419 -70.65 -26.04 -27.61
C LEU I 419 -71.40 -26.54 -26.38
N LYS I 420 -72.00 -27.72 -26.49
CA LYS I 420 -72.74 -28.32 -25.38
C LYS I 420 -72.83 -29.84 -25.51
N LEU I 421 -72.40 -30.54 -24.47
CA LEU I 421 -72.43 -32.00 -24.48
C LEU I 421 -73.85 -32.48 -24.22
N PRO I 422 -74.14 -33.74 -24.61
CA PRO I 422 -75.43 -34.43 -24.48
C PRO I 422 -76.21 -34.07 -23.23
N SER I 423 -77.46 -33.68 -23.40
CA SER I 423 -78.35 -33.28 -22.31
C SER I 423 -78.29 -34.23 -21.12
N ARG I 424 -77.98 -33.68 -19.96
CA ARG I 424 -77.85 -34.47 -18.75
C ARG I 424 -79.14 -35.17 -18.34
N ASP I 425 -80.10 -35.36 -19.25
CA ASP I 425 -81.29 -36.05 -18.79
C ASP I 425 -80.97 -37.51 -18.53
N VAL I 426 -80.95 -37.90 -17.26
CA VAL I 426 -80.73 -39.29 -16.92
C VAL I 426 -81.80 -40.17 -17.55
N THR I 427 -83.04 -39.69 -17.58
CA THR I 427 -84.11 -40.43 -18.24
C THR I 427 -83.85 -40.56 -19.73
N VAL I 428 -83.32 -39.51 -20.36
CA VAL I 428 -83.02 -39.56 -21.79
C VAL I 428 -81.96 -40.63 -22.07
N LEU I 429 -80.85 -40.57 -21.34
CA LEU I 429 -79.84 -41.62 -21.47
C LEU I 429 -80.44 -42.98 -21.19
N LEU I 430 -81.40 -43.04 -20.28
CA LEU I 430 -82.00 -44.31 -19.88
C LEU I 430 -82.78 -44.93 -21.02
N GLU I 431 -83.66 -44.15 -21.65
CA GLU I 431 -84.41 -44.73 -22.77
C GLU I 431 -83.51 -44.96 -23.98
N ASN I 432 -82.46 -44.16 -24.14
CA ASN I 432 -81.49 -44.44 -25.20
C ASN I 432 -80.81 -45.78 -24.97
N TYR I 433 -80.68 -46.15 -23.70
CA TYR I 433 -80.17 -47.46 -23.35
C TYR I 433 -81.31 -48.48 -23.54
N GLY I 434 -82.55 -47.99 -23.54
CA GLY I 434 -83.72 -48.84 -23.64
C GLY I 434 -84.23 -49.29 -24.99
N LYS I 435 -83.57 -48.85 -26.08
CA LYS I 435 -83.85 -49.15 -27.51
C LYS I 435 -82.84 -48.36 -28.36
N PHE I 436 -83.35 -47.76 -29.43
CA PHE I 436 -82.67 -46.86 -30.36
C PHE I 436 -81.29 -47.38 -30.72
N GLU I 437 -81.13 -48.71 -30.72
CA GLU I 437 -79.89 -49.34 -31.16
C GLU I 437 -78.69 -48.76 -30.44
N LYS I 438 -78.82 -48.55 -29.14
CA LYS I 438 -77.75 -48.02 -28.30
C LYS I 438 -77.28 -49.06 -27.29
N GLY I 439 -77.07 -50.29 -27.76
CA GLY I 439 -76.52 -51.34 -26.93
C GLY I 439 -75.25 -50.91 -26.24
N TYR I 440 -74.58 -49.90 -26.80
CA TYR I 440 -73.42 -49.28 -26.16
C TYR I 440 -73.82 -48.24 -25.13
N LEU I 441 -74.78 -48.58 -24.27
CA LEU I 441 -75.11 -47.78 -23.09
C LEU I 441 -75.40 -48.64 -21.88
N ILE I 442 -75.47 -49.96 -22.04
CA ILE I 442 -75.66 -50.84 -20.89
C ILE I 442 -74.56 -50.59 -19.86
N PHE I 443 -73.31 -50.46 -20.35
CA PHE I 443 -72.19 -50.31 -19.42
C PHE I 443 -72.19 -48.94 -18.76
N VAL I 444 -72.56 -47.89 -19.50
CA VAL I 444 -72.65 -46.57 -18.88
C VAL I 444 -73.71 -46.56 -17.80
N VAL I 445 -74.87 -47.17 -18.08
CA VAL I 445 -75.92 -47.26 -17.06
C VAL I 445 -75.44 -48.09 -15.87
N ARG I 446 -74.74 -49.19 -16.13
CA ARG I 446 -74.23 -50.02 -15.05
C ARG I 446 -73.29 -49.24 -14.15
N PHE I 447 -72.41 -48.43 -14.75
CA PHE I 447 -71.45 -47.68 -13.94
C PHE I 447 -72.13 -46.50 -13.24
N LEU I 448 -73.16 -45.93 -13.84
CA LEU I 448 -73.97 -44.95 -13.12
C LEU I 448 -74.60 -45.57 -11.87
N PHE I 449 -75.12 -46.78 -12.01
CA PHE I 449 -75.68 -47.47 -10.84
C PHE I 449 -74.62 -47.78 -9.81
N GLY I 450 -73.45 -48.24 -10.25
CA GLY I 450 -72.37 -48.46 -9.31
C GLY I 450 -71.98 -47.21 -8.57
N LEU I 451 -72.00 -46.06 -9.25
CA LEU I 451 -71.59 -44.80 -8.63
C LEU I 451 -72.67 -44.24 -7.70
N VAL I 452 -73.94 -44.43 -8.03
CA VAL I 452 -75.03 -43.84 -7.25
C VAL I 452 -75.07 -44.51 -5.87
N ASN I 453 -74.18 -45.47 -5.66
CA ASN I 453 -74.07 -46.12 -4.36
C ASN I 453 -73.71 -45.11 -3.27
N GLN I 454 -74.36 -45.26 -2.11
CA GLN I 454 -74.29 -44.23 -1.08
C GLN I 454 -72.89 -44.12 -0.50
N GLU I 455 -72.36 -45.20 0.08
CA GLU I 455 -71.01 -45.13 0.63
C GLU I 455 -69.97 -44.88 -0.46
N ARG I 456 -70.11 -45.51 -1.63
CA ARG I 456 -69.18 -45.22 -2.72
C ARG I 456 -69.27 -43.77 -3.17
N THR I 457 -70.50 -43.24 -3.26
CA THR I 457 -70.66 -41.84 -3.64
C THR I 457 -70.00 -40.92 -2.62
N SER I 458 -70.18 -41.21 -1.34
CA SER I 458 -69.55 -40.41 -0.29
C SER I 458 -68.04 -40.49 -0.36
N TYR I 459 -67.50 -41.69 -0.65
CA TYR I 459 -66.06 -41.82 -0.77
C TYR I 459 -65.54 -41.01 -1.94
N LEU I 460 -66.24 -41.04 -3.07
CA LEU I 460 -65.83 -40.23 -4.22
C LEU I 460 -65.91 -38.74 -3.88
N GLU I 461 -66.94 -38.35 -3.14
CA GLU I 461 -67.06 -36.95 -2.71
C GLU I 461 -65.88 -36.54 -1.84
N LYS I 462 -65.51 -37.39 -0.89
CA LYS I 462 -64.37 -37.05 -0.03
C LYS I 462 -63.08 -37.04 -0.82
N LYS I 463 -62.99 -37.85 -1.88
CA LYS I 463 -61.76 -37.89 -2.68
C LYS I 463 -61.62 -36.64 -3.55
N LEU I 464 -62.71 -36.19 -4.18
CA LEU I 464 -62.64 -35.15 -5.19
C LEU I 464 -63.13 -33.78 -4.71
N SER I 465 -63.59 -33.68 -3.47
CA SER I 465 -64.12 -32.42 -2.92
C SER I 465 -65.21 -31.85 -3.83
N CYS I 466 -66.25 -32.65 -4.05
CA CYS I 466 -67.36 -32.24 -4.89
C CYS I 466 -68.58 -33.06 -4.52
N LYS I 467 -69.61 -32.41 -3.99
CA LYS I 467 -70.81 -33.11 -3.57
C LYS I 467 -71.52 -33.74 -4.78
N ILE I 468 -72.23 -34.82 -4.52
CA ILE I 468 -72.93 -35.57 -5.55
C ILE I 468 -74.44 -35.38 -5.36
N SER I 469 -75.21 -35.78 -6.37
CA SER I 469 -76.66 -35.70 -6.36
C SER I 469 -77.21 -37.10 -6.16
N GLN I 470 -78.06 -37.27 -5.14
CA GLN I 470 -78.64 -38.56 -4.85
C GLN I 470 -80.01 -38.74 -5.50
N GLN I 471 -80.68 -37.65 -5.88
CA GLN I 471 -81.98 -37.76 -6.53
C GLN I 471 -81.91 -38.52 -7.84
N ILE I 472 -80.72 -38.63 -8.43
CA ILE I 472 -80.57 -39.52 -9.59
C ILE I 472 -80.88 -40.95 -9.19
N ARG I 473 -80.54 -41.33 -7.95
CA ARG I 473 -80.89 -42.65 -7.47
C ARG I 473 -82.40 -42.86 -7.45
N LEU I 474 -83.15 -41.86 -6.98
CA LEU I 474 -84.60 -41.97 -6.97
C LEU I 474 -85.16 -41.98 -8.39
N GLU I 475 -84.55 -41.21 -9.29
CA GLU I 475 -84.98 -41.26 -10.69
C GLU I 475 -84.77 -42.65 -11.28
N LEU I 476 -83.63 -43.27 -11.00
CA LEU I 476 -83.39 -44.63 -11.47
C LEU I 476 -84.37 -45.61 -10.83
N LEU I 477 -84.67 -45.41 -9.56
CA LEU I 477 -85.65 -46.26 -8.89
C LEU I 477 -87.02 -46.13 -9.54
N LYS I 478 -87.42 -44.92 -9.91
CA LYS I 478 -88.70 -44.74 -10.59
C LYS I 478 -88.68 -45.36 -11.97
N TRP I 479 -87.54 -45.31 -12.66
CA TRP I 479 -87.43 -46.02 -13.94
C TRP I 479 -87.61 -47.52 -13.74
N ILE I 480 -86.98 -48.08 -12.71
CA ILE I 480 -87.13 -49.51 -12.44
C ILE I 480 -88.58 -49.82 -12.08
N GLU I 481 -89.24 -48.92 -11.38
CA GLU I 481 -90.66 -49.10 -11.08
C GLU I 481 -91.49 -49.13 -12.35
N VAL I 482 -91.20 -48.23 -13.29
CA VAL I 482 -91.91 -48.23 -14.58
C VAL I 482 -91.65 -49.53 -15.33
N LYS I 483 -90.39 -49.95 -15.36
CA LYS I 483 -90.04 -51.19 -16.04
C LYS I 483 -90.74 -52.39 -15.42
N ALA I 484 -90.89 -52.40 -14.09
CA ALA I 484 -91.56 -53.51 -13.43
C ALA I 484 -93.08 -53.45 -13.61
N LYS I 485 -93.62 -52.24 -13.67
CA LYS I 485 -95.04 -52.07 -13.89
C LYS I 485 -95.31 -52.09 -15.39
N ALA I 486 -94.42 -52.74 -16.14
CA ALA I 486 -94.54 -52.85 -17.58
C ALA I 486 -94.90 -54.26 -18.02
N LYS I 487 -95.19 -55.12 -17.05
CA LYS I 487 -95.56 -56.51 -17.32
C LYS I 487 -94.60 -57.21 -18.27
N LYS I 488 -93.36 -57.40 -17.80
CA LYS I 488 -92.32 -58.04 -18.60
C LYS I 488 -92.21 -57.43 -19.99
N LEU I 489 -92.00 -56.12 -20.02
CA LEU I 489 -91.88 -55.39 -21.28
C LEU I 489 -90.60 -55.73 -22.03
N GLN I 490 -89.59 -56.14 -21.26
CA GLN I 490 -88.28 -56.58 -21.71
C GLN I 490 -87.77 -56.13 -23.10
N ILE I 491 -87.98 -54.86 -23.43
CA ILE I 491 -87.53 -54.32 -24.71
C ILE I 491 -86.03 -54.52 -24.80
N GLN I 492 -85.32 -53.90 -23.86
CA GLN I 492 -83.87 -54.00 -23.77
C GLN I 492 -83.47 -54.10 -22.31
N PRO I 493 -83.88 -53.11 -21.52
CA PRO I 493 -83.60 -53.10 -20.07
C PRO I 493 -84.40 -54.24 -19.45
N SER I 494 -84.11 -55.47 -19.87
CA SER I 494 -84.90 -56.61 -19.46
C SER I 494 -84.64 -56.96 -17.99
N GLN I 495 -85.27 -58.04 -17.53
CA GLN I 495 -85.14 -58.42 -16.13
C GLN I 495 -83.69 -58.72 -15.78
N LEU I 496 -82.98 -59.44 -16.65
CA LEU I 496 -81.58 -59.75 -16.38
C LEU I 496 -80.73 -58.49 -16.36
N GLU I 497 -81.00 -57.55 -17.28
CA GLU I 497 -80.24 -56.30 -17.29
C GLU I 497 -80.47 -55.53 -16.00
N LEU I 498 -81.71 -55.45 -15.53
CA LEU I 498 -81.98 -54.75 -14.28
C LEU I 498 -81.35 -55.48 -13.09
N PHE I 499 -81.33 -56.82 -13.14
CA PHE I 499 -80.63 -57.56 -12.10
C PHE I 499 -79.16 -57.20 -12.06
N TYR I 500 -78.52 -57.13 -13.23
CA TYR I 500 -77.11 -56.74 -13.28
C TYR I 500 -76.91 -55.33 -12.76
N CYS I 501 -77.80 -54.41 -13.14
CA CYS I 501 -77.71 -53.04 -12.66
C CYS I 501 -77.78 -52.98 -11.14
N LEU I 502 -78.76 -53.66 -10.55
CA LEU I 502 -78.91 -53.65 -9.09
C LEU I 502 -77.72 -54.34 -8.42
N TYR I 503 -77.25 -55.44 -9.00
CA TYR I 503 -76.07 -56.12 -8.47
C TYR I 503 -74.89 -55.16 -8.38
N GLU I 504 -74.63 -54.43 -9.47
CA GLU I 504 -73.54 -53.46 -9.42
C GLU I 504 -73.86 -52.34 -8.45
N MET I 505 -75.13 -52.02 -8.25
CA MET I 505 -75.51 -51.04 -7.25
C MET I 505 -75.06 -51.47 -5.85
N GLN I 506 -75.30 -52.73 -5.52
CA GLN I 506 -74.84 -53.36 -4.27
C GLN I 506 -75.38 -52.68 -3.03
N GLU I 507 -76.35 -51.77 -3.16
CA GLU I 507 -76.94 -51.10 -2.01
C GLU I 507 -78.13 -51.91 -1.52
N GLU I 508 -78.04 -52.44 -0.31
CA GLU I 508 -79.02 -53.40 0.17
C GLU I 508 -80.42 -52.78 0.24
N ASP I 509 -80.53 -51.61 0.88
CA ASP I 509 -81.84 -51.00 1.05
C ASP I 509 -82.45 -50.62 -0.31
N PHE I 510 -81.64 -50.06 -1.21
CA PHE I 510 -82.14 -49.72 -2.53
C PHE I 510 -82.62 -50.95 -3.27
N VAL I 511 -81.85 -52.04 -3.19
CA VAL I 511 -82.25 -53.28 -3.87
C VAL I 511 -83.57 -53.80 -3.31
N GLN I 512 -83.71 -53.80 -1.98
CA GLN I 512 -84.97 -54.24 -1.38
C GLN I 512 -86.12 -53.38 -1.86
N ARG I 513 -85.95 -52.06 -1.83
CA ARG I 513 -87.02 -51.15 -2.20
C ARG I 513 -87.36 -51.21 -3.68
N ALA I 514 -86.43 -51.65 -4.53
CA ALA I 514 -86.67 -51.70 -5.96
C ALA I 514 -87.19 -53.05 -6.43
N MET I 515 -86.75 -54.15 -5.82
CA MET I 515 -87.13 -55.47 -6.29
C MET I 515 -88.58 -55.83 -6.00
N ASP I 516 -89.29 -55.03 -5.20
CA ASP I 516 -90.63 -55.38 -4.78
C ASP I 516 -91.64 -55.45 -5.94
N TYR I 517 -91.31 -54.88 -7.10
CA TYR I 517 -92.24 -54.85 -8.23
C TYR I 517 -92.06 -56.04 -9.16
N PHE I 518 -91.06 -56.89 -8.93
CA PHE I 518 -90.69 -58.05 -9.73
C PHE I 518 -91.61 -59.26 -9.70
N PRO I 519 -92.50 -59.43 -8.68
CA PRO I 519 -92.96 -60.77 -8.28
C PRO I 519 -93.12 -61.80 -9.39
N LYS I 520 -93.53 -61.36 -10.57
CA LYS I 520 -93.56 -62.22 -11.75
C LYS I 520 -92.23 -62.07 -12.49
N ILE I 521 -91.39 -63.10 -12.45
CA ILE I 521 -90.03 -63.02 -12.96
C ILE I 521 -89.77 -64.22 -13.87
N GLU I 522 -89.19 -63.94 -15.04
CA GLU I 522 -88.77 -64.97 -15.99
C GLU I 522 -87.32 -64.68 -16.39
N ILE I 523 -86.41 -65.56 -16.00
CA ILE I 523 -84.98 -65.33 -16.21
C ILE I 523 -84.33 -66.62 -16.70
N ASN I 524 -83.28 -66.46 -17.50
CA ASN I 524 -82.48 -67.58 -17.97
C ASN I 524 -81.00 -67.25 -17.77
N LEU I 525 -80.21 -68.29 -17.58
CA LEU I 525 -78.81 -68.17 -17.22
C LEU I 525 -77.93 -68.80 -18.29
N SER I 526 -76.78 -68.17 -18.54
CA SER I 526 -75.79 -68.68 -19.47
C SER I 526 -74.36 -68.60 -18.94
N THR I 527 -74.13 -67.93 -17.81
CA THR I 527 -72.79 -67.79 -17.27
C THR I 527 -72.85 -67.71 -15.75
N ARG I 528 -71.71 -67.98 -15.12
CA ARG I 528 -71.62 -67.87 -13.68
C ARG I 528 -71.99 -66.47 -13.20
N MET I 529 -71.68 -65.44 -14.00
CA MET I 529 -72.08 -64.09 -13.65
C MET I 529 -73.61 -63.97 -13.61
N ASP I 530 -74.28 -64.59 -14.59
CA ASP I 530 -75.73 -64.63 -14.56
C ASP I 530 -76.25 -65.35 -13.32
N HIS I 531 -75.61 -66.46 -12.96
CA HIS I 531 -76.00 -67.17 -11.75
C HIS I 531 -75.89 -66.26 -10.53
N MET I 532 -74.76 -65.58 -10.39
CA MET I 532 -74.55 -64.72 -9.22
C MET I 532 -75.54 -63.57 -9.20
N VAL I 533 -75.77 -62.93 -10.34
CA VAL I 533 -76.70 -61.79 -10.37
C VAL I 533 -78.10 -62.25 -10.01
N SER I 534 -78.55 -63.36 -10.58
CA SER I 534 -79.88 -63.86 -10.27
C SER I 534 -79.99 -64.23 -8.80
N SER I 535 -78.97 -64.89 -8.26
CA SER I 535 -79.01 -65.27 -6.85
C SER I 535 -79.11 -64.06 -5.94
N PHE I 536 -78.25 -63.06 -6.16
CA PHE I 536 -78.29 -61.88 -5.31
C PHE I 536 -79.61 -61.14 -5.43
N CYS I 537 -80.10 -60.99 -6.67
CA CYS I 537 -81.36 -60.27 -6.87
C CYS I 537 -82.52 -61.00 -6.20
N ILE I 538 -82.58 -62.33 -6.33
CA ILE I 538 -83.66 -63.09 -5.71
C ILE I 538 -83.55 -62.99 -4.19
N GLU I 539 -82.34 -63.10 -3.65
CA GLU I 539 -82.17 -63.00 -2.21
C GLU I 539 -82.64 -61.65 -1.69
N ASN I 540 -82.33 -60.57 -2.41
CA ASN I 540 -82.80 -59.25 -2.02
C ASN I 540 -84.28 -59.06 -2.28
N CYS I 541 -84.88 -59.84 -3.17
CA CYS I 541 -86.30 -59.70 -3.48
C CYS I 541 -87.14 -60.16 -2.31
N HIS I 542 -88.13 -59.35 -1.93
CA HIS I 542 -89.04 -59.67 -0.84
C HIS I 542 -90.47 -59.89 -1.31
N ARG I 543 -90.78 -59.57 -2.57
CA ARG I 543 -92.14 -59.66 -3.07
C ARG I 543 -92.21 -60.58 -4.28
N VAL I 544 -91.59 -61.75 -4.19
CA VAL I 544 -91.48 -62.68 -5.31
C VAL I 544 -92.43 -63.85 -5.10
N GLU I 545 -93.32 -64.07 -6.06
CA GLU I 545 -94.19 -65.24 -6.06
C GLU I 545 -93.95 -66.17 -7.23
N SER I 546 -93.99 -65.67 -8.47
CA SER I 546 -93.89 -66.50 -9.66
C SER I 546 -92.50 -66.35 -10.27
N LEU I 547 -91.80 -67.46 -10.42
CA LEU I 547 -90.45 -67.46 -10.96
C LEU I 547 -90.29 -68.58 -11.97
N SER I 548 -89.79 -68.23 -13.15
CA SER I 548 -89.43 -69.19 -14.19
C SER I 548 -87.93 -69.06 -14.45
N LEU I 549 -87.23 -70.18 -14.40
CA LEU I 549 -85.78 -70.20 -14.53
C LEU I 549 -85.36 -71.13 -15.66
N GLY I 550 -84.50 -70.62 -16.54
CA GLY I 550 -83.95 -71.43 -17.61
C GLY I 550 -82.43 -71.50 -17.55
N PHE I 551 -81.83 -72.52 -18.15
CA PHE I 551 -80.38 -72.68 -18.12
C PHE I 551 -79.88 -73.06 -19.50
N LEU I 552 -78.70 -72.55 -19.86
CA LEU I 552 -78.05 -72.91 -21.11
C LEU I 552 -76.70 -73.54 -20.83
N HIS I 553 -76.37 -74.57 -21.61
CA HIS I 553 -75.10 -75.28 -21.47
C HIS I 553 -75.08 -76.13 -20.20
N THR I 594 -72.94 -76.67 -13.88
CA THR I 594 -74.37 -76.52 -13.67
C THR I 594 -74.75 -76.64 -12.20
N SER I 595 -74.49 -77.82 -11.63
CA SER I 595 -74.85 -78.06 -10.24
C SER I 595 -74.07 -77.16 -9.29
N SER I 596 -72.85 -76.79 -9.65
CA SER I 596 -72.04 -75.96 -8.76
C SER I 596 -72.70 -74.59 -8.52
N PHE I 597 -73.04 -73.89 -9.61
CA PHE I 597 -73.73 -72.61 -9.47
C PHE I 597 -75.21 -72.81 -9.10
N CYS I 598 -75.85 -73.81 -9.69
CA CYS I 598 -77.22 -74.13 -9.32
C CYS I 598 -77.33 -74.46 -7.84
N ARG I 599 -76.28 -75.06 -7.26
CA ARG I 599 -76.28 -75.29 -5.83
C ARG I 599 -76.64 -74.01 -5.07
N GLY I 600 -75.84 -72.96 -5.24
CA GLY I 600 -76.07 -71.71 -4.57
C GLY I 600 -77.36 -71.03 -4.99
N LEU I 601 -77.69 -71.10 -6.28
CA LEU I 601 -78.92 -70.49 -6.75
C LEU I 601 -80.13 -71.07 -6.04
N PHE I 602 -80.26 -72.40 -6.03
CA PHE I 602 -81.38 -73.03 -5.36
C PHE I 602 -81.29 -72.90 -3.85
N SER I 603 -80.09 -72.80 -3.29
CA SER I 603 -79.97 -72.53 -1.87
C SER I 603 -80.60 -71.18 -1.51
N VAL I 604 -80.30 -70.16 -2.31
CA VAL I 604 -80.90 -68.84 -2.07
C VAL I 604 -82.41 -68.88 -2.29
N LEU I 605 -82.85 -69.63 -3.31
CA LEU I 605 -84.29 -69.77 -3.54
C LEU I 605 -84.96 -70.37 -2.30
N SER I 606 -84.40 -71.46 -1.78
CA SER I 606 -84.96 -72.09 -0.59
C SER I 606 -84.95 -71.15 0.60
N THR I 607 -83.85 -70.41 0.78
CA THR I 607 -83.80 -69.40 1.84
C THR I 607 -84.93 -68.39 1.68
N SER I 608 -85.28 -68.05 0.44
CA SER I 608 -86.42 -67.16 0.21
C SER I 608 -87.69 -67.76 0.81
N GLN I 609 -88.49 -66.92 1.44
CA GLN I 609 -89.67 -67.36 2.17
C GLN I 609 -90.98 -66.90 1.56
N SER I 610 -90.95 -66.07 0.52
CA SER I 610 -92.16 -65.58 -0.12
C SER I 610 -92.47 -66.27 -1.44
N LEU I 611 -91.68 -67.26 -1.83
CA LEU I 611 -91.87 -67.91 -3.12
C LEU I 611 -93.12 -68.79 -3.13
N THR I 612 -93.73 -68.90 -4.30
CA THR I 612 -94.89 -69.75 -4.51
C THR I 612 -94.72 -70.71 -5.68
N GLU I 613 -94.08 -70.27 -6.76
CA GLU I 613 -93.96 -71.08 -7.97
C GLU I 613 -92.50 -71.25 -8.37
N LEU I 614 -92.22 -72.35 -9.06
CA LEU I 614 -90.90 -72.62 -9.60
C LEU I 614 -91.07 -73.33 -10.94
N ASP I 615 -90.79 -72.64 -12.03
CA ASP I 615 -90.90 -73.20 -13.37
C ASP I 615 -89.50 -73.58 -13.85
N LEU I 616 -89.21 -74.89 -13.84
CA LEU I 616 -87.93 -75.40 -14.32
C LEU I 616 -88.10 -76.12 -15.66
N SER I 617 -89.24 -75.93 -16.33
CA SER I 617 -89.53 -76.63 -17.56
C SER I 617 -88.54 -76.25 -18.66
N ASP I 618 -88.39 -77.13 -19.63
CA ASP I 618 -87.49 -76.92 -20.77
C ASP I 618 -86.06 -76.69 -20.30
N ASN I 619 -85.67 -77.39 -19.24
CA ASN I 619 -84.32 -77.30 -18.69
C ASN I 619 -83.76 -78.70 -18.50
N SER I 620 -82.55 -78.92 -19.02
CA SER I 620 -81.90 -80.24 -18.92
C SER I 620 -81.17 -80.34 -17.57
N LEU I 621 -81.98 -80.42 -16.51
CA LEU I 621 -81.42 -80.48 -15.17
C LEU I 621 -80.61 -81.75 -14.96
N GLY I 622 -81.12 -82.88 -15.43
CA GLY I 622 -80.46 -84.17 -15.25
C GLY I 622 -80.64 -84.71 -13.84
N ASP I 623 -80.16 -85.94 -13.65
CA ASP I 623 -80.25 -86.57 -12.34
C ASP I 623 -79.47 -85.81 -11.27
N PRO I 624 -78.22 -85.40 -11.49
CA PRO I 624 -77.54 -84.59 -10.47
C PRO I 624 -78.27 -83.29 -10.16
N GLY I 625 -78.82 -82.63 -11.18
CA GLY I 625 -79.58 -81.42 -10.94
C GLY I 625 -80.82 -81.66 -10.10
N MET I 626 -81.55 -82.73 -10.42
CA MET I 626 -82.73 -83.07 -9.63
C MET I 626 -82.37 -83.41 -8.20
N ARG I 627 -81.24 -84.11 -8.00
CA ARG I 627 -80.80 -84.40 -6.65
C ARG I 627 -80.46 -83.13 -5.89
N VAL I 628 -79.78 -82.18 -6.53
CA VAL I 628 -79.50 -80.91 -5.88
C VAL I 628 -80.78 -80.18 -5.54
N LEU I 629 -81.74 -80.18 -6.47
CA LEU I 629 -83.01 -79.49 -6.25
C LEU I 629 -83.76 -80.10 -5.08
N CYS I 630 -83.83 -81.43 -5.01
CA CYS I 630 -84.56 -82.07 -3.91
C CYS I 630 -83.85 -81.84 -2.58
N GLU I 631 -82.50 -81.86 -2.59
CA GLU I 631 -81.78 -81.52 -1.37
C GLU I 631 -82.13 -80.11 -0.90
N THR I 632 -82.17 -79.16 -1.82
CA THR I 632 -82.52 -77.79 -1.45
C THR I 632 -83.96 -77.72 -0.93
N LEU I 633 -84.89 -78.40 -1.59
CA LEU I 633 -86.29 -78.37 -1.17
C LEU I 633 -86.49 -79.02 0.19
N GLN I 634 -85.64 -80.00 0.54
CA GLN I 634 -85.77 -80.66 1.83
C GLN I 634 -85.53 -79.73 3.00
N HIS I 635 -85.10 -78.50 2.76
CA HIS I 635 -84.87 -77.56 3.85
C HIS I 635 -86.18 -77.28 4.58
N PRO I 636 -86.15 -77.26 5.92
CA PRO I 636 -87.41 -77.00 6.66
C PRO I 636 -88.07 -75.70 6.30
N GLY I 637 -87.29 -74.67 5.98
CA GLY I 637 -87.84 -73.37 5.63
C GLY I 637 -88.36 -73.24 4.23
N CYS I 638 -88.29 -74.30 3.43
CA CYS I 638 -88.77 -74.25 2.06
C CYS I 638 -90.23 -73.81 2.02
N ASN I 639 -90.51 -72.80 1.19
CA ASN I 639 -91.86 -72.27 1.03
C ASN I 639 -92.37 -72.44 -0.40
N ILE I 640 -91.84 -73.40 -1.13
CA ILE I 640 -92.24 -73.63 -2.51
C ILE I 640 -93.53 -74.44 -2.53
N ARG I 641 -94.55 -73.92 -3.20
CA ARG I 641 -95.84 -74.61 -3.29
C ARG I 641 -96.04 -75.34 -4.61
N ARG I 642 -95.61 -74.75 -5.72
CA ARG I 642 -95.76 -75.37 -7.03
C ARG I 642 -94.43 -75.43 -7.74
N LEU I 643 -94.15 -76.56 -8.39
CA LEU I 643 -92.89 -76.74 -9.11
C LEU I 643 -93.17 -77.56 -10.36
N TRP I 644 -92.98 -76.96 -11.53
CA TRP I 644 -93.25 -77.62 -12.80
C TRP I 644 -91.94 -78.04 -13.45
N LEU I 645 -91.80 -79.34 -13.73
CA LEU I 645 -90.55 -79.92 -14.20
C LEU I 645 -90.72 -80.55 -15.57
N GLY I 646 -91.54 -79.94 -16.42
CA GLY I 646 -91.78 -80.48 -17.74
C GLY I 646 -90.54 -80.59 -18.60
N ARG I 647 -90.31 -81.77 -19.19
CA ARG I 647 -89.23 -81.98 -20.14
C ARG I 647 -87.87 -81.61 -19.55
N CYS I 648 -87.63 -82.02 -18.31
CA CYS I 648 -86.39 -81.71 -17.61
C CYS I 648 -85.40 -82.86 -17.62
N GLY I 649 -85.67 -83.92 -18.37
CA GLY I 649 -84.76 -85.06 -18.38
C GLY I 649 -84.66 -85.80 -17.07
N LEU I 650 -85.77 -85.97 -16.37
CA LEU I 650 -85.77 -86.69 -15.10
C LEU I 650 -86.09 -88.16 -15.33
N SER I 651 -85.72 -89.00 -14.35
CA SER I 651 -85.82 -90.43 -14.51
C SER I 651 -86.16 -91.06 -13.16
N HIS I 652 -86.15 -92.39 -13.13
CA HIS I 652 -86.46 -93.12 -11.90
C HIS I 652 -85.48 -92.79 -10.80
N GLU I 653 -84.19 -92.69 -11.13
CA GLU I 653 -83.18 -92.39 -10.12
C GLU I 653 -83.54 -91.12 -9.35
N CYS I 654 -83.85 -90.04 -10.08
CA CYS I 654 -84.33 -88.83 -9.42
C CYS I 654 -85.71 -89.03 -8.81
N CYS I 655 -86.46 -90.04 -9.27
CA CYS I 655 -87.75 -90.33 -8.65
C CYS I 655 -87.60 -90.76 -7.20
N PHE I 656 -86.49 -91.43 -6.86
CA PHE I 656 -86.24 -91.76 -5.46
C PHE I 656 -86.18 -90.50 -4.60
N ASP I 657 -85.38 -89.52 -5.03
CA ASP I 657 -85.29 -88.27 -4.28
C ASP I 657 -86.60 -87.50 -4.32
N ILE I 658 -87.35 -87.62 -5.41
CA ILE I 658 -88.66 -86.96 -5.48
C ILE I 658 -89.59 -87.55 -4.43
N SER I 659 -89.59 -88.88 -4.28
CA SER I 659 -90.38 -89.52 -3.25
C SER I 659 -89.92 -89.09 -1.86
N LEU I 660 -88.61 -88.99 -1.66
CA LEU I 660 -88.10 -88.49 -0.37
C LEU I 660 -88.62 -87.09 -0.09
N VAL I 661 -88.61 -86.22 -1.10
CA VAL I 661 -89.12 -84.86 -0.93
C VAL I 661 -90.60 -84.88 -0.59
N LEU I 662 -91.36 -85.71 -1.30
CA LEU I 662 -92.81 -85.80 -1.05
C LEU I 662 -93.09 -86.25 0.37
N SER I 663 -92.33 -87.24 0.85
CA SER I 663 -92.54 -87.76 2.19
C SER I 663 -92.03 -86.83 3.28
N SER I 664 -91.02 -86.01 2.99
CA SER I 664 -90.45 -85.12 4.01
C SER I 664 -91.18 -83.78 4.07
N ASN I 665 -91.19 -83.05 2.96
CA ASN I 665 -91.82 -81.73 2.95
C ASN I 665 -93.34 -81.88 3.09
N GLN I 666 -93.93 -81.00 3.89
CA GLN I 666 -95.38 -80.95 4.08
C GLN I 666 -96.01 -79.74 3.43
N LYS I 667 -95.26 -78.99 2.63
CA LYS I 667 -95.77 -77.81 1.94
C LYS I 667 -96.13 -78.08 0.48
N LEU I 668 -95.54 -79.09 -0.13
CA LEU I 668 -95.81 -79.37 -1.54
C LEU I 668 -97.30 -79.60 -1.75
N VAL I 669 -97.83 -79.00 -2.82
CA VAL I 669 -99.26 -79.03 -3.11
C VAL I 669 -99.56 -79.74 -4.43
N GLU I 670 -98.78 -79.46 -5.47
CA GLU I 670 -99.03 -80.01 -6.79
C GLU I 670 -97.71 -80.36 -7.45
N LEU I 671 -97.79 -81.18 -8.50
CA LEU I 671 -96.59 -81.56 -9.22
C LEU I 671 -96.94 -81.93 -10.66
N ASP I 672 -96.13 -81.44 -11.60
CA ASP I 672 -96.23 -81.81 -13.01
C ASP I 672 -94.84 -82.21 -13.48
N LEU I 673 -94.73 -83.45 -13.97
CA LEU I 673 -93.48 -84.04 -14.43
C LEU I 673 -93.63 -84.56 -15.85
N SER I 674 -94.31 -83.79 -16.70
CA SER I 674 -94.61 -84.25 -18.05
C SER I 674 -93.31 -84.51 -18.83
N ASP I 675 -93.34 -85.58 -19.63
CA ASP I 675 -92.21 -85.94 -20.49
C ASP I 675 -90.99 -86.33 -19.67
N ASN I 676 -91.23 -87.02 -18.56
CA ASN I 676 -90.18 -87.52 -17.69
C ASN I 676 -90.04 -89.03 -17.86
N ALA I 677 -88.81 -89.50 -18.02
CA ALA I 677 -88.54 -90.93 -18.18
C ALA I 677 -88.61 -91.63 -16.82
N LEU I 678 -89.78 -91.53 -16.20
CA LEU I 678 -89.99 -92.13 -14.88
C LEU I 678 -89.85 -93.65 -14.95
N GLY I 679 -90.59 -94.27 -15.85
CA GLY I 679 -90.57 -95.72 -15.96
C GLY I 679 -91.33 -96.41 -14.85
N ASP I 680 -91.46 -97.73 -14.96
CA ASP I 680 -92.12 -98.49 -13.90
C ASP I 680 -91.36 -98.37 -12.58
N PHE I 681 -90.03 -98.43 -12.64
CA PHE I 681 -89.22 -98.24 -11.43
C PHE I 681 -89.39 -96.84 -10.87
N GLY I 682 -89.45 -95.84 -11.75
CA GLY I 682 -89.66 -94.47 -11.28
C GLY I 682 -90.98 -94.31 -10.56
N ILE I 683 -92.06 -94.86 -11.13
CA ILE I 683 -93.36 -94.79 -10.47
C ILE I 683 -93.35 -95.59 -9.17
N ARG I 684 -92.62 -96.71 -9.16
CA ARG I 684 -92.50 -97.50 -7.94
C ARG I 684 -91.86 -96.69 -6.82
N LEU I 685 -90.79 -95.97 -7.14
CA LEU I 685 -90.16 -95.11 -6.14
C LEU I 685 -91.10 -93.97 -5.74
N LEU I 686 -91.80 -93.38 -6.71
CA LEU I 686 -92.66 -92.24 -6.44
C LEU I 686 -93.80 -92.60 -5.50
N CYS I 687 -94.44 -93.76 -5.73
CA CYS I 687 -95.57 -94.15 -4.90
C CYS I 687 -95.15 -94.39 -3.46
N VAL I 688 -93.88 -94.76 -3.22
CA VAL I 688 -93.41 -94.93 -1.86
C VAL I 688 -93.55 -93.63 -1.09
N GLY I 689 -93.11 -92.52 -1.69
CA GLY I 689 -93.32 -91.22 -1.07
C GLY I 689 -94.77 -90.82 -1.00
N LEU I 690 -95.54 -91.13 -2.06
CA LEU I 690 -96.95 -90.73 -2.08
C LEU I 690 -97.73 -91.37 -0.93
N LYS I 691 -97.46 -92.64 -0.64
CA LYS I 691 -98.20 -93.34 0.41
C LYS I 691 -97.75 -92.95 1.82
N HIS I 692 -96.72 -92.13 1.95
CA HIS I 692 -96.32 -91.64 3.26
C HIS I 692 -97.41 -90.78 3.87
N LEU I 693 -97.57 -90.91 5.19
CA LEU I 693 -98.62 -90.16 5.89
C LEU I 693 -98.44 -88.66 5.71
N LEU I 694 -97.21 -88.19 5.60
CA LEU I 694 -96.93 -86.77 5.42
C LEU I 694 -97.15 -86.29 3.99
N CYS I 695 -97.40 -87.20 3.05
CA CYS I 695 -97.64 -86.82 1.67
C CYS I 695 -98.89 -85.96 1.59
N ASN I 696 -98.71 -84.68 1.25
CA ASN I 696 -99.82 -83.73 1.15
C ASN I 696 -100.06 -83.28 -0.29
N LEU I 697 -99.46 -83.94 -1.27
CA LEU I 697 -99.67 -83.58 -2.65
C LEU I 697 -101.13 -83.80 -3.04
N LYS I 698 -101.64 -82.91 -3.91
CA LYS I 698 -103.03 -82.97 -4.35
C LYS I 698 -103.15 -83.31 -5.83
N LYS I 699 -102.50 -82.54 -6.71
CA LYS I 699 -102.64 -82.71 -8.15
C LYS I 699 -101.33 -83.24 -8.73
N LEU I 700 -101.45 -84.24 -9.60
CA LEU I 700 -100.29 -84.86 -10.24
C LEU I 700 -100.53 -84.94 -11.74
N TRP I 701 -99.53 -84.48 -12.50
CA TRP I 701 -99.51 -84.63 -13.95
C TRP I 701 -98.29 -85.47 -14.32
N LEU I 702 -98.54 -86.62 -14.97
CA LEU I 702 -97.49 -87.50 -15.45
C LEU I 702 -97.69 -87.80 -16.94
N VAL I 703 -98.22 -86.83 -17.69
CA VAL I 703 -98.55 -87.05 -19.08
C VAL I 703 -97.29 -87.42 -19.86
N SER I 704 -97.42 -88.40 -20.76
CA SER I 704 -96.32 -88.84 -21.61
C SER I 704 -95.09 -89.22 -20.79
N CYS I 705 -95.34 -89.94 -19.69
CA CYS I 705 -94.27 -90.39 -18.81
C CYS I 705 -93.73 -91.76 -19.18
N CYS I 706 -94.19 -92.33 -20.30
CA CYS I 706 -93.74 -93.63 -20.77
C CYS I 706 -94.13 -94.76 -19.82
N LEU I 707 -95.10 -94.51 -18.93
CA LEU I 707 -95.53 -95.50 -17.98
C LEU I 707 -96.46 -96.52 -18.65
N THR I 708 -96.71 -97.61 -17.92
CA THR I 708 -97.59 -98.68 -18.40
C THR I 708 -98.44 -99.17 -17.24
N SER I 709 -99.27 -100.18 -17.51
CA SER I 709 -100.16 -100.72 -16.48
C SER I 709 -99.40 -101.38 -15.35
N ALA I 710 -98.10 -101.66 -15.53
CA ALA I 710 -97.34 -102.30 -14.47
C ALA I 710 -97.32 -101.46 -13.21
N CYS I 711 -97.13 -100.15 -13.35
CA CYS I 711 -97.16 -99.24 -12.22
C CYS I 711 -98.58 -98.87 -11.80
N CYS I 712 -99.59 -99.29 -12.55
CA CYS I 712 -100.97 -98.98 -12.20
C CYS I 712 -101.34 -99.54 -10.84
N GLN I 713 -100.74 -100.66 -10.45
CA GLN I 713 -101.00 -101.21 -9.12
C GLN I 713 -100.59 -100.22 -8.04
N ASP I 714 -99.37 -99.70 -8.14
CA ASP I 714 -98.91 -98.71 -7.16
C ASP I 714 -99.73 -97.43 -7.26
N LEU I 715 -100.12 -97.03 -8.47
CA LEU I 715 -100.94 -95.84 -8.62
C LEU I 715 -102.27 -95.99 -7.88
N ALA I 716 -102.93 -97.13 -8.07
CA ALA I 716 -104.20 -97.38 -7.37
C ALA I 716 -103.99 -97.45 -5.86
N SER I 717 -102.89 -98.08 -5.43
CA SER I 717 -102.60 -98.15 -4.00
C SER I 717 -102.45 -96.76 -3.41
N VAL I 718 -101.71 -95.88 -4.08
CA VAL I 718 -101.53 -94.52 -3.59
C VAL I 718 -102.84 -93.76 -3.62
N LEU I 719 -103.66 -93.98 -4.65
CA LEU I 719 -104.96 -93.32 -4.72
C LEU I 719 -105.84 -93.72 -3.55
N SER I 720 -105.83 -95.01 -3.19
CA SER I 720 -106.63 -95.48 -2.07
C SER I 720 -106.02 -95.15 -0.72
N THR I 721 -104.72 -94.83 -0.67
CA THR I 721 -104.04 -94.55 0.58
C THR I 721 -104.00 -93.07 0.94
N SER I 722 -103.46 -92.24 0.06
CA SER I 722 -103.23 -90.84 0.39
C SER I 722 -104.53 -90.12 0.69
N HIS I 723 -104.48 -89.20 1.65
CA HIS I 723 -105.64 -88.40 2.05
C HIS I 723 -105.71 -87.06 1.34
N SER I 724 -104.71 -86.70 0.54
CA SER I 724 -104.67 -85.41 -0.14
C SER I 724 -104.64 -85.51 -1.65
N LEU I 725 -104.04 -86.55 -2.21
CA LEU I 725 -103.99 -86.71 -3.66
C LEU I 725 -105.41 -86.81 -4.22
N THR I 726 -105.81 -85.82 -5.02
CA THR I 726 -107.17 -85.75 -5.55
C THR I 726 -107.20 -85.91 -7.06
N ARG I 727 -106.46 -85.10 -7.81
CA ARG I 727 -106.50 -85.13 -9.27
C ARG I 727 -105.22 -85.76 -9.80
N LEU I 728 -105.37 -86.73 -10.71
CA LEU I 728 -104.26 -87.40 -11.34
C LEU I 728 -104.51 -87.46 -12.84
N TYR I 729 -103.51 -87.07 -13.63
CA TYR I 729 -103.60 -87.09 -15.09
C TYR I 729 -102.36 -87.80 -15.62
N VAL I 730 -102.53 -89.06 -16.03
CA VAL I 730 -101.42 -89.89 -16.48
C VAL I 730 -101.59 -90.31 -17.93
N GLY I 731 -102.24 -89.47 -18.75
CA GLY I 731 -102.43 -89.79 -20.15
C GLY I 731 -101.12 -89.94 -20.91
N GLU I 732 -101.22 -90.27 -22.19
CA GLU I 732 -100.03 -90.47 -23.03
C GLU I 732 -99.14 -91.59 -22.49
N ASN I 733 -99.74 -92.57 -21.82
CA ASN I 733 -99.03 -93.71 -21.27
C ASN I 733 -99.74 -94.98 -21.68
N ALA I 734 -98.97 -96.05 -21.90
CA ALA I 734 -99.52 -97.34 -22.33
C ALA I 734 -100.16 -98.07 -21.14
N LEU I 735 -101.14 -97.41 -20.53
CA LEU I 735 -101.86 -98.01 -19.42
C LEU I 735 -102.72 -99.17 -19.90
N GLY I 736 -103.50 -98.94 -20.96
CA GLY I 736 -104.32 -99.99 -21.53
C GLY I 736 -105.59 -100.25 -20.73
N ASP I 737 -106.39 -101.17 -21.27
CA ASP I 737 -107.63 -101.55 -20.59
C ASP I 737 -107.34 -102.19 -19.24
N SER I 738 -106.29 -103.03 -19.17
CA SER I 738 -105.94 -103.65 -17.90
C SER I 738 -105.53 -102.60 -16.88
N GLY I 739 -104.72 -101.62 -17.28
CA GLY I 739 -104.34 -100.56 -16.37
C GLY I 739 -105.52 -99.73 -15.91
N VAL I 740 -106.44 -99.42 -16.83
CA VAL I 740 -107.62 -98.65 -16.48
C VAL I 740 -108.48 -99.43 -15.48
N ALA I 741 -108.64 -100.74 -15.70
CA ALA I 741 -109.40 -101.56 -14.77
C ALA I 741 -108.72 -101.63 -13.41
N ILE I 742 -107.39 -101.71 -13.39
CA ILE I 742 -106.66 -101.72 -12.12
C ILE I 742 -106.89 -100.41 -11.37
N LEU I 743 -106.83 -99.28 -12.09
CA LEU I 743 -107.10 -97.99 -11.45
C LEU I 743 -108.54 -97.92 -10.95
N CYS I 744 -109.48 -98.44 -11.73
CA CYS I 744 -110.90 -98.36 -11.35
C CYS I 744 -111.19 -99.22 -10.13
N GLU I 745 -110.55 -100.38 -10.01
CA GLU I 745 -110.82 -101.25 -8.88
C GLU I 745 -110.54 -100.55 -7.55
N LYS I 746 -109.66 -99.56 -7.56
CA LYS I 746 -109.37 -98.77 -6.37
C LYS I 746 -110.15 -97.46 -6.33
N ALA I 747 -110.36 -96.81 -7.48
CA ALA I 747 -111.12 -95.57 -7.52
C ALA I 747 -112.58 -95.79 -7.17
N LYS I 748 -113.10 -97.01 -7.33
CA LYS I 748 -114.49 -97.28 -6.99
C LYS I 748 -114.78 -97.07 -5.52
N ASN I 749 -113.75 -97.07 -4.67
CA ASN I 749 -113.95 -96.85 -3.26
C ASN I 749 -114.60 -95.49 -3.04
N PRO I 750 -115.78 -95.42 -2.41
CA PRO I 750 -116.43 -94.11 -2.22
C PRO I 750 -115.57 -93.13 -1.45
N GLN I 751 -114.77 -93.60 -0.50
CA GLN I 751 -113.90 -92.71 0.26
C GLN I 751 -112.73 -92.19 -0.58
N CYS I 752 -112.48 -92.79 -1.74
CA CYS I 752 -111.38 -92.34 -2.58
C CYS I 752 -111.55 -90.87 -2.95
N ASN I 753 -110.46 -90.12 -2.88
CA ASN I 753 -110.50 -88.67 -3.05
C ASN I 753 -110.29 -88.22 -4.48
N LEU I 754 -110.13 -89.15 -5.43
CA LEU I 754 -109.92 -88.74 -6.82
C LEU I 754 -111.11 -87.93 -7.31
N GLN I 755 -110.83 -86.79 -7.92
CA GLN I 755 -111.88 -85.88 -8.39
C GLN I 755 -111.88 -85.75 -9.91
N LYS I 756 -110.76 -85.37 -10.52
CA LYS I 756 -110.64 -85.22 -11.96
C LYS I 756 -109.67 -86.27 -12.49
N LEU I 757 -110.14 -87.10 -13.40
CA LEU I 757 -109.36 -88.21 -13.96
C LEU I 757 -109.11 -87.95 -15.44
N GLY I 758 -107.84 -88.03 -15.84
CA GLY I 758 -107.47 -87.86 -17.23
C GLY I 758 -106.64 -89.01 -17.76
N LEU I 759 -107.12 -89.64 -18.82
CA LEU I 759 -106.42 -90.74 -19.47
C LEU I 759 -106.03 -90.34 -20.88
N VAL I 760 -105.48 -89.12 -21.01
CA VAL I 760 -105.28 -88.51 -22.33
C VAL I 760 -104.54 -89.48 -23.23
N ASN I 761 -105.20 -89.87 -24.33
CA ASN I 761 -104.62 -90.78 -25.33
C ASN I 761 -103.99 -92.00 -24.65
N SER I 762 -104.72 -92.61 -23.73
CA SER I 762 -104.23 -93.75 -22.97
C SER I 762 -104.51 -95.08 -23.66
N GLY I 763 -105.05 -95.06 -24.87
CA GLY I 763 -105.34 -96.29 -25.59
C GLY I 763 -106.40 -97.14 -24.91
N LEU I 764 -107.48 -96.51 -24.48
CA LEU I 764 -108.56 -97.19 -23.78
C LEU I 764 -109.60 -97.70 -24.76
N THR I 765 -110.17 -98.86 -24.46
CA THR I 765 -111.21 -99.47 -25.26
C THR I 765 -112.51 -99.53 -24.47
N SER I 766 -113.52 -100.17 -25.07
CA SER I 766 -114.83 -100.27 -24.43
C SER I 766 -114.82 -101.18 -23.21
N VAL I 767 -113.85 -102.09 -23.11
CA VAL I 767 -113.83 -103.02 -21.99
C VAL I 767 -113.67 -102.26 -20.67
N CYS I 768 -112.76 -101.30 -20.63
CA CYS I 768 -112.59 -100.49 -19.43
C CYS I 768 -113.73 -99.50 -19.23
N CYS I 769 -114.61 -99.35 -20.22
CA CYS I 769 -115.74 -98.43 -20.07
C CYS I 769 -116.67 -98.88 -18.94
N SER I 770 -116.93 -100.19 -18.84
CA SER I 770 -117.77 -100.69 -17.77
C SER I 770 -117.13 -100.45 -16.40
N ALA I 771 -115.82 -100.69 -16.30
CA ALA I 771 -115.13 -100.46 -15.03
C ALA I 771 -115.16 -98.97 -14.67
N LEU I 772 -114.99 -98.09 -15.66
CA LEU I 772 -115.05 -96.66 -15.39
C LEU I 772 -116.45 -96.24 -14.97
N SER I 773 -117.48 -96.84 -15.58
CA SER I 773 -118.85 -96.57 -15.15
C SER I 773 -119.08 -97.03 -13.72
N SER I 774 -118.54 -98.19 -13.36
CA SER I 774 -118.64 -98.64 -11.98
C SER I 774 -117.93 -97.68 -11.02
N VAL I 775 -116.76 -97.18 -11.43
CA VAL I 775 -116.06 -96.19 -10.62
C VAL I 775 -116.90 -94.94 -10.45
N LEU I 776 -117.53 -94.48 -11.54
CA LEU I 776 -118.37 -93.29 -11.46
C LEU I 776 -119.54 -93.50 -10.51
N SER I 777 -120.16 -94.68 -10.58
CA SER I 777 -121.31 -94.95 -9.72
C SER I 777 -120.91 -95.13 -8.26
N THR I 778 -119.71 -95.66 -8.00
CA THR I 778 -119.30 -95.96 -6.64
C THR I 778 -118.65 -94.74 -5.96
N ASN I 779 -117.55 -94.25 -6.54
CA ASN I 779 -116.90 -93.06 -6.01
C ASN I 779 -117.77 -91.83 -6.23
N GLN I 780 -117.93 -91.03 -5.18
CA GLN I 780 -118.74 -89.82 -5.25
C GLN I 780 -117.90 -88.55 -5.33
N ASN I 781 -116.58 -88.67 -5.45
CA ASN I 781 -115.70 -87.51 -5.50
C ASN I 781 -115.19 -87.19 -6.89
N LEU I 782 -115.55 -87.97 -7.91
CA LEU I 782 -115.11 -87.71 -9.26
C LEU I 782 -115.95 -86.59 -9.89
N THR I 783 -115.28 -85.63 -10.50
CA THR I 783 -115.94 -84.47 -11.08
C THR I 783 -115.74 -84.34 -12.58
N HIS I 784 -114.51 -84.44 -13.06
CA HIS I 784 -114.19 -84.25 -14.47
C HIS I 784 -113.50 -85.50 -15.01
N LEU I 785 -113.83 -85.85 -16.26
CA LEU I 785 -113.30 -87.06 -16.89
C LEU I 785 -112.85 -86.72 -18.30
N TYR I 786 -111.56 -86.88 -18.57
CA TYR I 786 -111.00 -86.71 -19.90
C TYR I 786 -110.51 -88.06 -20.40
N LEU I 787 -110.95 -88.45 -21.60
CA LEU I 787 -110.56 -89.72 -22.18
C LEU I 787 -110.13 -89.54 -23.63
N ARG I 788 -109.55 -88.37 -23.95
CA ARG I 788 -109.16 -88.08 -25.31
C ARG I 788 -108.12 -89.09 -25.80
N GLY I 789 -108.21 -89.44 -27.08
CA GLY I 789 -107.26 -90.36 -27.68
C GLY I 789 -107.59 -91.83 -27.52
N ASN I 790 -108.76 -92.16 -26.99
CA ASN I 790 -109.18 -93.54 -26.79
C ASN I 790 -110.39 -93.82 -27.66
N THR I 791 -110.29 -94.86 -28.50
CA THR I 791 -111.37 -95.23 -29.41
C THR I 791 -112.35 -96.15 -28.68
N LEU I 792 -113.19 -95.52 -27.86
CA LEU I 792 -114.17 -96.27 -27.08
C LEU I 792 -115.16 -96.98 -27.99
N GLY I 793 -115.69 -96.28 -28.98
CA GLY I 793 -116.74 -96.81 -29.82
C GLY I 793 -118.12 -96.59 -29.20
N ASP I 794 -119.13 -96.97 -29.97
CA ASP I 794 -120.51 -96.80 -29.51
C ASP I 794 -120.82 -97.70 -28.32
N LYS I 795 -120.27 -98.91 -28.31
CA LYS I 795 -120.47 -99.79 -27.16
C LYS I 795 -119.88 -99.18 -25.90
N GLY I 796 -118.67 -98.62 -25.99
CA GLY I 796 -118.08 -97.95 -24.84
C GLY I 796 -118.86 -96.72 -24.43
N ILE I 797 -119.39 -95.97 -25.41
CA ILE I 797 -120.20 -94.80 -25.10
C ILE I 797 -121.43 -95.21 -24.31
N LYS I 798 -122.12 -96.26 -24.76
CA LYS I 798 -123.29 -96.74 -24.05
C LYS I 798 -122.92 -97.26 -22.65
N LEU I 799 -121.78 -97.94 -22.55
CA LEU I 799 -121.35 -98.45 -21.24
C LEU I 799 -121.12 -97.30 -20.27
N LEU I 800 -120.44 -96.25 -20.73
CA LEU I 800 -120.21 -95.08 -19.88
C LEU I 800 -121.54 -94.41 -19.52
N CYS I 801 -122.43 -94.27 -20.50
CA CYS I 801 -123.72 -93.63 -20.24
C CYS I 801 -124.52 -94.39 -19.19
N GLU I 802 -124.46 -95.72 -19.23
CA GLU I 802 -125.19 -96.52 -18.27
C GLU I 802 -124.84 -96.13 -16.83
N GLY I 803 -123.59 -95.74 -16.59
CA GLY I 803 -123.17 -95.36 -15.27
C GLY I 803 -123.37 -93.88 -14.98
N LEU I 804 -123.07 -93.03 -15.96
CA LEU I 804 -123.23 -91.59 -15.75
C LEU I 804 -124.69 -91.18 -15.62
N LEU I 805 -125.63 -91.97 -16.15
CA LEU I 805 -127.04 -91.70 -15.90
C LEU I 805 -127.44 -92.04 -14.47
N HIS I 806 -126.64 -92.83 -13.77
CA HIS I 806 -126.95 -93.17 -12.40
C HIS I 806 -126.95 -91.90 -11.54
N PRO I 807 -127.93 -91.73 -10.66
CA PRO I 807 -127.97 -90.50 -9.86
C PRO I 807 -126.72 -90.29 -9.02
N ASP I 808 -126.06 -91.36 -8.59
CA ASP I 808 -124.83 -91.21 -7.82
C ASP I 808 -123.71 -90.57 -8.63
N CYS I 809 -123.80 -90.59 -9.95
CA CYS I 809 -122.77 -89.96 -10.77
C CYS I 809 -122.69 -88.48 -10.46
N LYS I 810 -121.47 -87.99 -10.24
CA LYS I 810 -121.23 -86.60 -9.88
C LYS I 810 -120.28 -85.91 -10.85
N LEU I 811 -120.13 -86.45 -12.06
CA LEU I 811 -119.26 -85.83 -13.06
C LEU I 811 -119.83 -84.49 -13.50
N GLN I 812 -118.93 -83.58 -13.85
CA GLN I 812 -119.31 -82.25 -14.31
C GLN I 812 -118.86 -81.95 -15.73
N VAL I 813 -117.67 -82.40 -16.12
CA VAL I 813 -117.14 -82.18 -17.46
C VAL I 813 -116.69 -83.52 -18.03
N LEU I 814 -117.04 -83.77 -19.29
CA LEU I 814 -116.68 -85.01 -19.97
C LEU I 814 -116.06 -84.67 -21.31
N GLU I 815 -114.78 -85.00 -21.49
CA GLU I 815 -114.06 -84.80 -22.73
C GLU I 815 -113.83 -86.16 -23.38
N LEU I 816 -114.33 -86.31 -24.61
CA LEU I 816 -114.25 -87.57 -25.35
C LEU I 816 -113.84 -87.34 -26.80
N ASP I 817 -112.98 -86.35 -27.05
CA ASP I 817 -112.49 -86.12 -28.40
C ASP I 817 -111.51 -87.21 -28.81
N ASN I 818 -111.45 -87.45 -30.12
CA ASN I 818 -110.61 -88.52 -30.67
C ASN I 818 -110.99 -89.86 -30.07
N CYS I 819 -112.27 -90.03 -29.77
CA CYS I 819 -112.77 -91.25 -29.14
C CYS I 819 -113.27 -92.28 -30.15
N ASN I 820 -113.22 -91.97 -31.45
CA ASN I 820 -113.71 -92.87 -32.48
C ASN I 820 -115.19 -93.23 -32.22
N LEU I 821 -116.01 -92.18 -32.15
CA LEU I 821 -117.42 -92.30 -31.86
C LEU I 821 -118.23 -92.07 -33.13
N THR I 822 -119.16 -92.97 -33.42
CA THR I 822 -119.97 -92.90 -34.61
C THR I 822 -121.32 -92.27 -34.28
N SER I 823 -122.23 -92.25 -35.26
CA SER I 823 -123.56 -91.68 -35.06
C SER I 823 -124.42 -92.53 -34.12
N HIS I 824 -124.01 -93.76 -33.83
CA HIS I 824 -124.81 -94.62 -32.95
C HIS I 824 -124.90 -94.04 -31.55
N CYS I 825 -123.79 -93.53 -31.02
CA CYS I 825 -123.79 -92.95 -29.68
C CYS I 825 -124.66 -91.70 -29.58
N CYS I 826 -125.31 -91.29 -30.67
CA CYS I 826 -126.16 -90.11 -30.62
C CYS I 826 -127.31 -90.29 -29.65
N TRP I 827 -127.95 -91.46 -29.66
CA TRP I 827 -129.06 -91.68 -28.73
C TRP I 827 -128.55 -91.81 -27.29
N ASP I 828 -127.39 -92.43 -27.11
CA ASP I 828 -126.77 -92.45 -25.78
C ASP I 828 -126.61 -91.05 -25.24
N LEU I 829 -126.02 -90.16 -26.05
CA LEU I 829 -125.77 -88.80 -25.59
C LEU I 829 -127.07 -88.02 -25.42
N SER I 830 -128.08 -88.27 -26.26
CA SER I 830 -129.37 -87.62 -26.08
C SER I 830 -130.01 -88.03 -24.76
N THR I 831 -129.95 -89.32 -24.43
CA THR I 831 -130.48 -89.78 -23.14
C THR I 831 -129.69 -89.15 -21.99
N LEU I 832 -128.37 -89.07 -22.12
CA LEU I 832 -127.57 -88.44 -21.09
C LEU I 832 -127.95 -86.98 -20.91
N LEU I 833 -128.17 -86.26 -22.02
CA LEU I 833 -128.57 -84.87 -21.92
C LEU I 833 -129.94 -84.72 -21.27
N THR I 834 -130.87 -85.63 -21.60
CA THR I 834 -132.23 -85.56 -21.05
C THR I 834 -132.31 -85.98 -19.59
N SER I 835 -131.39 -86.82 -19.11
CA SER I 835 -131.47 -87.35 -17.76
C SER I 835 -130.42 -86.79 -16.82
N SER I 836 -129.14 -86.89 -17.19
CA SER I 836 -128.04 -86.42 -16.36
C SER I 836 -128.33 -85.05 -15.77
N GLN I 837 -128.20 -84.94 -14.45
CA GLN I 837 -128.49 -83.72 -13.73
C GLN I 837 -127.27 -83.12 -13.04
N SER I 838 -126.08 -83.59 -13.36
CA SER I 838 -124.87 -83.12 -12.70
C SER I 838 -123.83 -82.57 -13.66
N LEU I 839 -123.67 -83.17 -14.83
CA LEU I 839 -122.65 -82.73 -15.77
C LEU I 839 -122.97 -81.34 -16.31
N ARG I 840 -121.93 -80.56 -16.59
CA ARG I 840 -122.06 -79.19 -17.08
C ARG I 840 -121.41 -78.96 -18.43
N LYS I 841 -120.36 -79.72 -18.76
CA LYS I 841 -119.60 -79.53 -20.01
C LYS I 841 -119.42 -80.87 -20.70
N LEU I 842 -119.65 -80.89 -22.01
CA LEU I 842 -119.44 -82.08 -22.82
C LEU I 842 -118.70 -81.69 -24.09
N SER I 843 -117.48 -82.18 -24.25
CA SER I 843 -116.69 -81.96 -25.45
C SER I 843 -116.56 -83.28 -26.20
N LEU I 844 -116.91 -83.27 -27.49
CA LEU I 844 -116.93 -84.51 -28.26
C LEU I 844 -116.37 -84.33 -29.67
N GLY I 845 -115.60 -83.27 -29.91
CA GLY I 845 -115.10 -82.99 -31.24
C GLY I 845 -114.31 -84.12 -31.85
N ASN I 846 -113.92 -83.96 -33.12
CA ASN I 846 -113.19 -84.99 -33.85
C ASN I 846 -113.97 -86.31 -33.86
N ASN I 847 -115.30 -86.18 -34.02
CA ASN I 847 -116.17 -87.33 -34.13
C ASN I 847 -117.28 -87.01 -35.12
N ASP I 848 -117.51 -87.92 -36.06
CA ASP I 848 -118.50 -87.72 -37.11
C ASP I 848 -119.89 -88.16 -36.64
N LEU I 849 -120.38 -87.46 -35.62
CA LEU I 849 -121.71 -87.77 -35.10
C LEU I 849 -122.78 -87.55 -36.16
N GLY I 850 -122.67 -86.46 -36.91
CA GLY I 850 -123.52 -86.25 -38.06
C GLY I 850 -124.52 -85.13 -37.86
N ASP I 851 -125.05 -84.64 -38.98
CA ASP I 851 -126.09 -83.60 -38.92
C ASP I 851 -127.33 -84.12 -38.20
N LEU I 852 -127.67 -85.39 -38.40
CA LEU I 852 -128.79 -85.97 -37.67
C LEU I 852 -128.55 -85.94 -36.17
N GLY I 853 -127.34 -86.31 -35.73
CA GLY I 853 -127.03 -86.25 -34.32
C GLY I 853 -127.08 -84.85 -33.77
N VAL I 854 -126.53 -83.89 -34.50
CA VAL I 854 -126.56 -82.50 -34.03
C VAL I 854 -127.99 -82.00 -33.94
N MET I 855 -128.83 -82.35 -34.93
CA MET I 855 -130.22 -81.92 -34.91
C MET I 855 -130.96 -82.52 -33.72
N MET I 856 -130.78 -83.82 -33.46
CA MET I 856 -131.44 -84.43 -32.33
C MET I 856 -130.96 -83.82 -31.01
N PHE I 857 -129.66 -83.55 -30.91
CA PHE I 857 -129.12 -82.95 -29.69
C PHE I 857 -129.68 -81.55 -29.48
N CYS I 858 -129.78 -80.76 -30.55
CA CYS I 858 -130.36 -79.42 -30.44
C CYS I 858 -131.85 -79.49 -30.08
N GLU I 859 -132.56 -80.47 -30.65
CA GLU I 859 -133.97 -80.64 -30.31
C GLU I 859 -134.14 -80.95 -28.83
N VAL I 860 -133.28 -81.81 -28.28
CA VAL I 860 -133.33 -82.08 -26.85
C VAL I 860 -132.89 -80.86 -26.05
N LEU I 861 -131.93 -80.08 -26.57
CA LEU I 861 -131.38 -78.96 -25.83
C LEU I 861 -132.36 -77.80 -25.73
N LYS I 862 -133.20 -77.60 -26.75
CA LYS I 862 -134.10 -76.47 -26.74
C LYS I 862 -135.06 -76.51 -25.55
N GLN I 863 -135.24 -77.68 -24.94
CA GLN I 863 -135.99 -77.76 -23.70
C GLN I 863 -135.25 -77.03 -22.58
N GLN I 864 -136.01 -76.56 -21.59
CA GLN I 864 -135.43 -75.90 -20.44
C GLN I 864 -134.81 -76.87 -19.45
N SER I 865 -134.92 -78.18 -19.69
CA SER I 865 -134.43 -79.19 -18.77
C SER I 865 -132.94 -79.48 -18.91
N CYS I 866 -132.25 -78.82 -19.84
CA CYS I 866 -130.83 -79.07 -20.07
C CYS I 866 -130.03 -78.25 -19.07
N LEU I 867 -129.58 -78.89 -17.99
CA LEU I 867 -128.77 -78.22 -16.98
C LEU I 867 -127.32 -78.03 -17.42
N LEU I 868 -126.87 -78.74 -18.45
CA LEU I 868 -125.53 -78.55 -18.97
C LEU I 868 -125.39 -77.15 -19.56
N GLN I 869 -124.15 -76.64 -19.56
CA GLN I 869 -123.89 -75.29 -20.03
C GLN I 869 -122.92 -75.21 -21.21
N ASN I 870 -122.03 -76.17 -21.38
CA ASN I 870 -121.02 -76.10 -22.43
C ASN I 870 -121.07 -77.36 -23.28
N LEU I 871 -121.08 -77.17 -24.60
CA LEU I 871 -121.00 -78.27 -25.56
C LEU I 871 -119.96 -77.92 -26.62
N GLY I 872 -119.08 -78.86 -26.92
CA GLY I 872 -118.04 -78.63 -27.88
C GLY I 872 -118.03 -79.63 -29.02
N LEU I 873 -118.32 -79.17 -30.25
CA LEU I 873 -118.35 -80.01 -31.43
C LEU I 873 -117.30 -79.55 -32.44
N SER I 874 -116.17 -79.05 -31.94
CA SER I 874 -115.12 -78.57 -32.83
C SER I 874 -114.55 -79.72 -33.66
N GLU I 875 -114.13 -79.38 -34.88
CA GLU I 875 -113.63 -80.31 -35.89
C GLU I 875 -114.77 -81.07 -36.55
N MET I 876 -116.01 -80.91 -36.09
CA MET I 876 -117.16 -81.52 -36.74
C MET I 876 -117.60 -80.64 -37.90
N TYR I 877 -117.74 -81.24 -39.08
CA TYR I 877 -118.12 -80.52 -40.28
C TYR I 877 -119.57 -80.80 -40.60
N PHE I 878 -120.35 -79.74 -40.76
CA PHE I 878 -121.79 -79.83 -40.96
C PHE I 878 -122.18 -79.00 -42.19
N ASN I 879 -123.48 -78.84 -42.40
CA ASN I 879 -123.99 -78.08 -43.52
C ASN I 879 -124.49 -76.71 -43.05
N TYR I 880 -124.95 -75.90 -44.00
CA TYR I 880 -125.47 -74.57 -43.66
C TYR I 880 -126.69 -74.69 -42.76
N GLU I 881 -127.58 -75.65 -43.05
CA GLU I 881 -128.76 -75.85 -42.22
C GLU I 881 -128.38 -76.20 -40.78
N THR I 882 -127.44 -77.12 -40.62
CA THR I 882 -127.01 -77.50 -39.27
C THR I 882 -126.33 -76.35 -38.55
N LYS I 883 -125.51 -75.57 -39.26
CA LYS I 883 -124.88 -74.41 -38.64
C LYS I 883 -125.92 -73.39 -38.18
N SER I 884 -126.92 -73.13 -39.03
CA SER I 884 -127.97 -72.19 -38.66
C SER I 884 -128.75 -72.69 -37.46
N ALA I 885 -129.07 -73.99 -37.42
CA ALA I 885 -129.77 -74.55 -36.28
C ALA I 885 -128.94 -74.43 -35.00
N LEU I 886 -127.64 -74.69 -35.10
CA LEU I 886 -126.77 -74.56 -33.94
C LEU I 886 -126.74 -73.12 -33.44
N GLU I 887 -126.62 -72.16 -34.35
CA GLU I 887 -126.62 -70.76 -33.94
C GLU I 887 -127.97 -70.38 -33.30
N THR I 888 -129.07 -70.86 -33.87
CA THR I 888 -130.38 -70.55 -33.30
C THR I 888 -130.51 -71.12 -31.90
N LEU I 889 -130.04 -72.36 -31.69
CA LEU I 889 -130.09 -72.94 -30.35
C LEU I 889 -129.21 -72.16 -29.38
N GLN I 890 -128.01 -71.76 -29.80
CA GLN I 890 -127.12 -71.05 -28.91
C GLN I 890 -127.71 -69.70 -28.52
N GLU I 891 -128.33 -68.99 -29.46
CA GLU I 891 -128.94 -67.70 -29.15
C GLU I 891 -130.25 -67.84 -28.39
N GLU I 892 -130.96 -68.95 -28.55
CA GLU I 892 -132.16 -69.20 -27.75
C GLU I 892 -131.81 -69.56 -26.31
N LYS I 893 -130.64 -70.16 -26.09
CA LYS I 893 -130.16 -70.49 -24.76
C LYS I 893 -128.78 -69.84 -24.59
N PRO I 894 -128.73 -68.56 -24.24
CA PRO I 894 -127.42 -67.90 -24.09
C PRO I 894 -126.55 -68.57 -23.04
N GLU I 895 -127.14 -69.07 -21.95
CA GLU I 895 -126.36 -69.76 -20.93
C GLU I 895 -125.83 -71.10 -21.42
N LEU I 896 -126.46 -71.68 -22.45
CA LEU I 896 -125.99 -72.91 -23.07
C LEU I 896 -125.23 -72.55 -24.33
N THR I 897 -123.93 -72.85 -24.34
CA THR I 897 -123.05 -72.51 -25.45
C THR I 897 -122.66 -73.76 -26.20
N VAL I 898 -122.64 -73.65 -27.53
CA VAL I 898 -122.20 -74.73 -28.41
C VAL I 898 -121.09 -74.17 -29.30
N VAL I 899 -119.89 -74.74 -29.17
CA VAL I 899 -118.73 -74.27 -29.90
C VAL I 899 -118.55 -75.17 -31.11
N PHE I 900 -118.80 -74.62 -32.31
CA PHE I 900 -118.70 -75.37 -33.56
C PHE I 900 -118.05 -74.52 -34.65
N GLU I 901 -117.10 -73.66 -34.27
CA GLU I 901 -116.51 -72.73 -35.22
C GLU I 901 -115.73 -73.46 -36.30
N PRO I 902 -115.56 -72.84 -37.48
CA PRO I 902 -114.85 -73.42 -38.62
C PRO I 902 -113.33 -73.37 -38.45
N LYS J 1 -0.64 -44.45 -25.71
CA LYS J 1 -1.46 -45.07 -26.74
C LYS J 1 -2.95 -44.88 -26.47
N LYS J 2 -3.65 -44.37 -27.49
CA LYS J 2 -5.10 -44.05 -27.47
C LYS J 2 -5.58 -43.64 -28.86
N ASP J 3 -5.87 -44.60 -29.72
CA ASP J 3 -6.20 -44.24 -31.08
C ASP J 3 -7.51 -43.56 -31.26
N TYR J 4 -7.51 -42.34 -30.77
CA TYR J 4 -8.65 -41.44 -30.78
C TYR J 4 -9.33 -41.46 -32.14
N ARG J 5 -8.57 -41.72 -33.21
CA ARG J 5 -9.19 -42.01 -34.49
C ARG J 5 -10.17 -43.17 -34.37
N LYS J 6 -9.76 -44.25 -33.69
CA LYS J 6 -10.63 -45.40 -33.52
C LYS J 6 -11.89 -45.01 -32.75
N LYS J 7 -11.73 -44.27 -31.65
CA LYS J 7 -12.89 -43.91 -30.84
C LYS J 7 -13.85 -43.00 -31.61
N TYR J 8 -13.31 -42.02 -32.32
CA TYR J 8 -14.15 -41.14 -33.12
C TYR J 8 -14.85 -41.90 -34.23
N ARG J 9 -14.14 -42.82 -34.88
CA ARG J 9 -14.76 -43.63 -35.91
C ARG J 9 -15.91 -44.44 -35.35
N LYS J 10 -15.73 -45.04 -34.18
CA LYS J 10 -16.80 -45.80 -33.56
C LYS J 10 -18.00 -44.90 -33.28
N TYR J 11 -17.74 -43.72 -32.71
CA TYR J 11 -18.85 -42.83 -32.38
C TYR J 11 -19.61 -42.41 -33.63
N VAL J 12 -18.89 -42.01 -34.68
CA VAL J 12 -19.56 -41.56 -35.90
C VAL J 12 -20.33 -42.70 -36.55
N ARG J 13 -19.73 -43.88 -36.61
CA ARG J 13 -20.42 -45.04 -37.16
C ARG J 13 -21.66 -45.39 -36.38
N SER J 14 -21.66 -45.14 -35.07
CA SER J 14 -22.86 -45.36 -34.27
C SER J 14 -23.91 -44.29 -34.50
N ARG J 15 -23.51 -43.03 -34.60
CA ARG J 15 -24.44 -41.92 -34.69
C ARG J 15 -24.99 -41.68 -36.10
N PHE J 16 -24.35 -42.22 -37.13
CA PHE J 16 -24.72 -41.95 -38.51
C PHE J 16 -25.09 -43.23 -39.26
N GLN J 17 -25.90 -44.08 -38.63
CA GLN J 17 -26.26 -45.37 -39.22
C GLN J 17 -27.75 -45.57 -39.41
N CYS J 18 -28.58 -44.59 -39.07
CA CYS J 18 -30.02 -44.71 -39.20
C CYS J 18 -30.59 -43.43 -39.80
N ILE J 19 -31.65 -43.60 -40.59
CA ILE J 19 -32.28 -42.49 -41.31
C ILE J 19 -33.74 -42.48 -40.94
N GLU J 20 -34.16 -41.48 -40.17
CA GLU J 20 -35.56 -41.33 -39.81
C GLU J 20 -36.30 -40.58 -40.90
N ASP J 21 -37.42 -41.15 -41.35
CA ASP J 21 -38.22 -40.53 -42.39
C ASP J 21 -38.95 -39.32 -41.80
N ARG J 22 -39.75 -38.63 -42.63
CA ARG J 22 -40.50 -37.49 -42.13
C ARG J 22 -41.57 -37.92 -41.15
N ASN J 23 -42.37 -38.92 -41.52
CA ASN J 23 -43.42 -39.46 -40.65
C ASN J 23 -42.89 -40.73 -39.99
N ALA J 24 -42.07 -40.55 -38.97
CA ALA J 24 -41.47 -41.66 -38.23
C ALA J 24 -41.90 -41.55 -36.78
N ARG J 25 -42.87 -42.38 -36.39
CA ARG J 25 -43.22 -42.47 -34.97
C ARG J 25 -42.03 -43.00 -34.19
N LEU J 26 -42.00 -42.68 -32.90
CA LEU J 26 -40.83 -42.96 -32.06
C LEU J 26 -40.26 -44.34 -32.37
N GLY J 27 -38.93 -44.39 -32.50
CA GLY J 27 -38.23 -45.63 -32.71
C GLY J 27 -38.59 -46.39 -33.96
N GLU J 28 -38.64 -45.69 -35.10
CA GLU J 28 -38.91 -46.32 -36.39
C GLU J 28 -37.83 -45.96 -37.40
N SER J 29 -36.59 -45.89 -36.94
CA SER J 29 -35.48 -45.56 -37.83
C SER J 29 -35.18 -46.72 -38.77
N VAL J 30 -34.54 -46.40 -39.89
CA VAL J 30 -34.21 -47.37 -40.93
C VAL J 30 -32.73 -47.25 -41.27
N SER J 31 -32.07 -48.40 -41.41
CA SER J 31 -30.64 -48.41 -41.66
C SER J 31 -30.31 -47.80 -43.02
N LEU J 32 -29.25 -46.99 -43.05
CA LEU J 32 -28.83 -46.36 -44.30
C LEU J 32 -28.42 -47.41 -45.33
N ASN J 33 -27.61 -48.39 -44.91
CA ASN J 33 -27.17 -49.42 -45.84
C ASN J 33 -28.34 -50.19 -46.44
N LYS J 34 -29.49 -50.19 -45.78
CA LYS J 34 -30.68 -50.79 -46.37
C LYS J 34 -31.38 -49.81 -47.30
N ARG J 35 -31.80 -48.66 -46.77
CA ARG J 35 -32.53 -47.68 -47.57
C ARG J 35 -31.60 -46.54 -48.02
N TYR J 36 -30.58 -46.91 -48.79
CA TYR J 36 -29.75 -45.93 -49.49
C TYR J 36 -29.38 -46.50 -50.84
N THR J 37 -29.90 -45.90 -51.91
CA THR J 37 -29.51 -46.23 -53.26
C THR J 37 -28.34 -45.35 -53.67
N ARG J 38 -27.98 -45.36 -54.96
CA ARG J 38 -26.89 -44.55 -55.48
C ARG J 38 -27.44 -43.58 -56.50
N LEU J 39 -27.17 -42.30 -56.30
CA LEU J 39 -27.70 -41.26 -57.17
C LEU J 39 -26.81 -41.11 -58.41
N ARG J 40 -27.05 -40.07 -59.20
CA ARG J 40 -26.25 -39.75 -60.36
C ARG J 40 -25.53 -38.43 -60.12
N LEU J 41 -24.21 -38.45 -60.22
CA LEU J 41 -23.39 -37.25 -60.09
C LEU J 41 -22.72 -36.96 -61.42
N ILE J 42 -22.69 -35.68 -61.78
CA ILE J 42 -22.10 -35.26 -63.06
C ILE J 42 -21.36 -33.94 -62.86
N LYS J 43 -20.21 -33.81 -63.52
CA LYS J 43 -19.50 -32.53 -63.55
C LYS J 43 -20.26 -31.59 -64.49
N GLU J 44 -20.93 -30.59 -63.92
CA GLU J 44 -21.94 -29.85 -64.65
C GLU J 44 -21.39 -29.25 -65.94
N HIS J 45 -22.10 -29.51 -67.04
CA HIS J 45 -21.84 -28.90 -68.33
C HIS J 45 -23.15 -28.53 -69.00
N ARG J 46 -24.12 -28.08 -68.20
CA ARG J 46 -25.50 -27.95 -68.64
C ARG J 46 -25.70 -26.59 -69.30
N SER J 47 -25.90 -26.60 -70.62
CA SER J 47 -26.17 -25.37 -71.37
C SER J 47 -27.63 -24.96 -71.20
N GLN J 48 -27.98 -23.81 -71.78
CA GLN J 48 -29.33 -23.28 -71.64
C GLN J 48 -30.34 -24.11 -72.42
N GLN J 49 -30.06 -24.35 -73.70
CA GLN J 49 -30.93 -25.21 -74.50
C GLN J 49 -30.98 -26.61 -73.90
N GLU J 50 -29.83 -27.10 -73.41
CA GLU J 50 -29.80 -28.41 -72.78
C GLU J 50 -30.72 -28.46 -71.57
N ARG J 51 -30.69 -27.42 -70.74
CA ARG J 51 -31.55 -27.38 -69.57
C ARG J 51 -33.02 -27.35 -69.96
N GLU J 52 -33.38 -26.53 -70.95
CA GLU J 52 -34.78 -26.44 -71.35
C GLU J 52 -35.27 -27.78 -71.91
N GLN J 53 -34.45 -28.39 -72.77
CA GLN J 53 -34.84 -29.68 -73.35
C GLN J 53 -34.93 -30.74 -72.27
N GLU J 54 -34.03 -30.72 -71.29
CA GLU J 54 -34.13 -31.65 -70.18
C GLU J 54 -35.46 -31.49 -69.46
N LEU J 55 -35.79 -30.25 -69.07
CA LEU J 55 -37.09 -30.00 -68.46
C LEU J 55 -38.21 -30.66 -69.26
N LEU J 56 -38.36 -30.25 -70.51
CA LEU J 56 -39.54 -30.67 -71.28
C LEU J 56 -39.54 -32.18 -71.51
N ALA J 57 -38.42 -32.75 -71.95
CA ALA J 57 -38.38 -34.19 -72.24
C ALA J 57 -38.60 -35.02 -70.98
N ILE J 58 -37.82 -34.76 -69.94
CA ILE J 58 -38.01 -35.48 -68.68
C ILE J 58 -39.45 -35.36 -68.23
N GLY J 59 -40.09 -34.22 -68.50
CA GLY J 59 -41.52 -34.14 -68.26
C GLY J 59 -42.29 -35.15 -69.09
N LYS J 60 -41.98 -35.23 -70.38
CA LYS J 60 -42.71 -36.15 -71.24
C LYS J 60 -42.52 -37.59 -70.77
N THR J 61 -41.34 -38.17 -71.01
CA THR J 61 -41.00 -39.42 -70.34
C THR J 61 -39.52 -39.50 -69.99
N LYS J 62 -38.68 -38.82 -70.78
CA LYS J 62 -37.23 -39.02 -70.75
C LYS J 62 -36.89 -40.49 -70.52
N THR J 63 -37.53 -41.38 -71.27
CA THR J 63 -37.30 -42.82 -71.12
C THR J 63 -36.35 -43.38 -72.19
N CYS J 64 -35.85 -42.54 -73.08
CA CYS J 64 -34.94 -43.01 -74.12
C CYS J 64 -33.60 -43.42 -73.53
N GLU J 65 -32.93 -44.34 -74.21
CA GLU J 65 -31.62 -44.82 -73.76
C GLU J 65 -30.60 -43.71 -73.91
N SER J 66 -30.19 -43.12 -72.78
CA SER J 66 -29.22 -42.04 -72.76
C SER J 66 -28.17 -42.32 -71.69
N PRO J 67 -27.35 -43.35 -71.90
CA PRO J 67 -26.29 -43.65 -70.92
C PRO J 67 -25.22 -42.56 -70.91
N VAL J 68 -24.56 -42.43 -69.76
CA VAL J 68 -23.53 -41.43 -69.56
C VAL J 68 -22.36 -42.06 -68.80
N SER J 69 -21.26 -41.31 -68.72
CA SER J 69 -20.08 -41.75 -67.98
C SER J 69 -20.20 -41.28 -66.54
N PRO J 70 -20.20 -42.18 -65.56
CA PRO J 70 -20.43 -41.77 -64.17
C PRO J 70 -19.14 -41.38 -63.45
N ILE J 71 -19.32 -40.54 -62.44
CA ILE J 71 -18.25 -40.15 -61.53
C ILE J 71 -18.29 -41.04 -60.30
N LYS J 72 -17.11 -41.40 -59.80
CA LYS J 72 -17.02 -42.20 -58.59
C LYS J 72 -16.96 -41.29 -57.37
N MET J 73 -16.83 -41.88 -56.18
CA MET J 73 -16.84 -41.12 -54.95
C MET J 73 -15.55 -41.15 -54.18
N GLU J 74 -14.75 -42.21 -54.27
CA GLU J 74 -13.51 -42.27 -53.51
C GLU J 74 -12.47 -41.30 -54.06
N LEU J 75 -12.45 -41.08 -55.38
CA LEU J 75 -11.49 -40.20 -56.02
C LEU J 75 -12.13 -38.86 -56.39
N LEU J 76 -13.06 -38.38 -55.56
CA LEU J 76 -13.66 -37.08 -55.81
C LEU J 76 -12.69 -35.93 -55.53
N PHE J 77 -11.66 -36.16 -54.72
CA PHE J 77 -10.70 -35.13 -54.37
C PHE J 77 -9.38 -35.27 -55.13
N ASP J 78 -9.24 -36.30 -55.96
CA ASP J 78 -8.00 -36.51 -56.67
C ASP J 78 -7.80 -35.46 -57.77
N PRO J 79 -6.56 -35.12 -58.09
CA PRO J 79 -6.32 -34.11 -59.11
C PRO J 79 -6.80 -34.55 -60.48
N ASP J 80 -7.23 -33.57 -61.26
CA ASP J 80 -7.76 -33.81 -62.60
C ASP J 80 -6.87 -34.70 -63.44
N ASP J 81 -5.59 -34.35 -63.52
CA ASP J 81 -4.63 -35.13 -64.30
C ASP J 81 -4.09 -36.31 -63.51
N GLU J 82 -2.78 -36.35 -63.35
CA GLU J 82 -2.13 -37.43 -62.62
C GLU J 82 -0.86 -36.95 -61.94
N HIS J 83 -0.48 -35.70 -62.21
CA HIS J 83 0.71 -35.13 -61.63
C HIS J 83 0.50 -33.67 -61.26
N SER J 84 -0.77 -33.29 -61.11
CA SER J 84 -1.11 -31.93 -60.73
C SER J 84 -1.32 -31.86 -59.23
N GLU J 85 -2.16 -30.94 -58.78
CA GLU J 85 -2.41 -30.82 -57.35
C GLU J 85 -3.82 -31.27 -57.02
N PRO J 86 -3.98 -31.98 -55.90
CA PRO J 86 -5.31 -32.43 -55.52
C PRO J 86 -6.22 -31.25 -55.17
N VAL J 87 -7.50 -31.39 -55.49
CA VAL J 87 -8.47 -30.33 -55.22
C VAL J 87 -8.66 -30.20 -53.71
N HIS J 88 -8.99 -28.99 -53.27
CA HIS J 88 -9.24 -28.74 -51.85
C HIS J 88 -10.61 -28.10 -51.64
N THR J 89 -11.56 -28.38 -52.54
CA THR J 89 -12.94 -28.02 -52.28
C THR J 89 -13.83 -28.67 -53.33
N VAL J 90 -14.94 -29.24 -52.87
CA VAL J 90 -15.96 -29.79 -53.74
C VAL J 90 -17.29 -29.18 -53.33
N VAL J 91 -18.18 -29.01 -54.31
CA VAL J 91 -19.47 -28.36 -54.09
C VAL J 91 -20.53 -29.25 -54.73
N PHE J 92 -21.24 -30.01 -53.90
CA PHE J 92 -22.40 -30.75 -54.37
C PHE J 92 -23.57 -29.79 -54.50
N GLN J 93 -24.25 -29.85 -55.64
CA GLN J 93 -25.42 -29.00 -55.85
C GLN J 93 -26.51 -29.80 -56.52
N GLY J 94 -27.74 -29.66 -56.03
CA GLY J 94 -28.87 -30.36 -56.59
C GLY J 94 -30.16 -29.68 -56.16
N ALA J 95 -31.27 -30.18 -56.70
CA ALA J 95 -32.56 -29.60 -56.39
C ALA J 95 -32.89 -29.79 -54.91
N ALA J 96 -34.00 -29.22 -54.47
CA ALA J 96 -34.38 -29.34 -53.06
C ALA J 96 -34.82 -30.76 -52.76
N GLY J 97 -34.27 -31.34 -51.70
CA GLY J 97 -34.57 -32.71 -51.35
C GLY J 97 -34.29 -33.67 -52.48
N ILE J 98 -33.02 -33.81 -52.85
CA ILE J 98 -32.62 -34.70 -53.94
C ILE J 98 -31.56 -35.67 -53.45
N GLY J 99 -31.02 -35.44 -52.26
CA GLY J 99 -30.09 -36.39 -51.69
C GLY J 99 -28.80 -35.83 -51.13
N LYS J 100 -28.69 -34.51 -50.97
CA LYS J 100 -27.45 -33.94 -50.49
C LYS J 100 -27.10 -34.46 -49.10
N THR J 101 -28.04 -34.33 -48.16
CA THR J 101 -27.76 -34.69 -46.78
C THR J 101 -27.58 -36.20 -46.64
N ILE J 102 -28.40 -36.98 -47.34
CA ILE J 102 -28.25 -38.43 -47.27
C ILE J 102 -26.92 -38.86 -47.85
N LEU J 103 -26.46 -38.19 -48.90
CA LEU J 103 -25.15 -38.51 -49.46
C LEU J 103 -24.04 -38.14 -48.49
N ALA J 104 -24.16 -37.01 -47.81
CA ALA J 104 -23.16 -36.65 -46.80
C ALA J 104 -23.12 -37.68 -45.69
N ARG J 105 -24.29 -38.11 -45.22
CA ARG J 105 -24.35 -39.14 -44.18
C ARG J 105 -23.75 -40.44 -44.68
N LYS J 106 -24.02 -40.80 -45.95
CA LYS J 106 -23.45 -42.03 -46.50
C LYS J 106 -21.93 -41.95 -46.53
N MET J 107 -21.39 -40.81 -46.95
CA MET J 107 -19.95 -40.65 -46.96
C MET J 107 -19.38 -40.77 -45.55
N MET J 108 -20.03 -40.13 -44.58
CA MET J 108 -19.55 -40.19 -43.20
C MET J 108 -19.54 -41.63 -42.69
N LEU J 109 -20.67 -42.34 -42.86
CA LEU J 109 -20.76 -43.70 -42.35
C LEU J 109 -19.80 -44.64 -43.07
N ASP J 110 -19.64 -44.47 -44.38
CA ASP J 110 -18.71 -45.31 -45.12
C ASP J 110 -17.29 -45.07 -44.67
N TRP J 111 -16.91 -43.81 -44.46
CA TRP J 111 -15.58 -43.53 -43.93
C TRP J 111 -15.40 -44.17 -42.56
N ALA J 112 -16.40 -44.01 -41.68
CA ALA J 112 -16.28 -44.57 -40.34
C ALA J 112 -16.08 -46.08 -40.39
N SER J 113 -16.87 -46.76 -41.23
CA SER J 113 -16.70 -48.19 -41.42
C SER J 113 -15.40 -48.54 -42.12
N GLY J 114 -14.76 -47.57 -42.79
CA GLY J 114 -13.53 -47.83 -43.51
C GLY J 114 -13.78 -48.38 -44.90
N THR J 115 -14.65 -47.72 -45.68
CA THR J 115 -14.95 -48.12 -47.04
C THR J 115 -14.53 -47.10 -48.09
N LEU J 116 -14.08 -45.92 -47.68
CA LEU J 116 -13.58 -44.92 -48.61
C LEU J 116 -12.80 -43.89 -47.82
N TYR J 117 -11.81 -43.28 -48.48
CA TYR J 117 -10.93 -42.31 -47.83
C TYR J 117 -10.24 -42.93 -46.62
N GLN J 118 -9.83 -44.19 -46.74
CA GLN J 118 -9.04 -44.80 -45.67
C GLN J 118 -7.79 -43.97 -45.39
N ASP J 119 -7.09 -43.58 -46.45
CA ASP J 119 -5.99 -42.62 -46.36
C ASP J 119 -6.56 -41.22 -46.59
N ARG J 120 -5.70 -40.24 -46.85
CA ARG J 120 -6.13 -38.89 -47.19
C ARG J 120 -6.51 -38.10 -45.94
N PHE J 121 -7.63 -38.44 -45.31
CA PHE J 121 -8.06 -37.75 -44.11
C PHE J 121 -8.83 -38.72 -43.22
N ASP J 122 -8.89 -38.38 -41.94
CA ASP J 122 -9.51 -39.25 -40.95
C ASP J 122 -10.34 -38.47 -39.93
N TYR J 123 -10.76 -37.26 -40.25
CA TYR J 123 -11.52 -36.44 -39.30
C TYR J 123 -12.67 -35.72 -40.01
N LEU J 124 -13.50 -36.47 -40.73
CA LEU J 124 -14.59 -35.84 -41.46
C LEU J 124 -15.60 -35.26 -40.48
N PHE J 125 -15.48 -33.96 -40.21
CA PHE J 125 -16.31 -33.28 -39.23
C PHE J 125 -17.58 -32.79 -39.92
N TYR J 126 -18.66 -33.57 -39.81
CA TYR J 126 -19.94 -33.11 -40.33
C TYR J 126 -20.34 -31.82 -39.64
N ILE J 127 -20.75 -30.83 -40.42
CA ILE J 127 -21.19 -29.55 -39.87
C ILE J 127 -22.45 -29.10 -40.59
N HIS J 128 -23.61 -29.32 -39.97
CA HIS J 128 -24.84 -28.85 -40.56
C HIS J 128 -24.93 -27.33 -40.46
N CYS J 129 -25.47 -26.71 -41.51
CA CYS J 129 -25.51 -25.25 -41.54
C CYS J 129 -26.70 -24.69 -40.75
N ARG J 130 -27.86 -25.32 -40.88
CA ARG J 130 -29.04 -24.83 -40.19
C ARG J 130 -28.82 -24.80 -38.68
N GLU J 131 -28.26 -25.88 -38.13
CA GLU J 131 -28.07 -25.95 -36.69
C GLU J 131 -27.11 -24.87 -36.20
N VAL J 132 -26.06 -24.60 -36.97
CA VAL J 132 -25.03 -23.65 -36.56
C VAL J 132 -25.58 -22.24 -36.75
N SER J 133 -26.13 -21.67 -35.69
CA SER J 133 -26.50 -20.27 -35.70
C SER J 133 -25.25 -19.40 -35.63
N LEU J 134 -25.28 -18.28 -36.34
CA LEU J 134 -24.12 -17.41 -36.44
C LEU J 134 -24.40 -16.04 -35.82
N VAL J 135 -24.35 -15.98 -34.49
CA VAL J 135 -24.23 -14.69 -33.84
C VAL J 135 -23.24 -14.72 -32.68
N THR J 136 -23.09 -15.87 -32.02
CA THR J 136 -22.60 -15.78 -30.64
C THR J 136 -21.09 -15.76 -30.47
N GLN J 137 -20.44 -16.93 -30.57
CA GLN J 137 -18.99 -16.95 -30.42
C GLN J 137 -18.29 -18.10 -31.14
N ARG J 138 -18.96 -18.77 -32.08
CA ARG J 138 -18.48 -20.06 -32.57
C ARG J 138 -16.98 -20.05 -32.85
N SER J 139 -16.25 -20.89 -32.14
CA SER J 139 -14.81 -21.05 -32.31
C SER J 139 -14.54 -22.44 -32.85
N LEU J 140 -13.52 -22.54 -33.72
CA LEU J 140 -13.25 -23.84 -34.33
C LEU J 140 -13.04 -24.92 -33.29
N GLY J 141 -12.52 -24.56 -32.11
CA GLY J 141 -12.42 -25.55 -31.05
C GLY J 141 -13.78 -26.12 -30.67
N ASP J 142 -14.78 -25.24 -30.49
CA ASP J 142 -16.11 -25.72 -30.16
C ASP J 142 -16.76 -26.44 -31.33
N LEU J 143 -16.51 -25.97 -32.56
CA LEU J 143 -17.07 -26.61 -33.73
C LEU J 143 -16.48 -27.99 -33.97
N ILE J 144 -15.28 -28.25 -33.47
CA ILE J 144 -14.72 -29.60 -33.52
C ILE J 144 -15.15 -30.43 -32.31
N MET J 145 -15.35 -29.81 -31.15
CA MET J 145 -15.84 -30.53 -29.99
C MET J 145 -17.25 -31.06 -30.23
N SER J 146 -18.12 -30.21 -30.78
CA SER J 146 -19.53 -30.58 -30.95
C SER J 146 -19.66 -31.91 -31.66
N CYS J 147 -18.96 -32.07 -32.79
CA CYS J 147 -18.90 -33.36 -33.47
C CYS J 147 -17.71 -34.18 -33.02
N CYS J 148 -17.54 -34.36 -31.71
CA CYS J 148 -16.46 -35.14 -31.15
C CYS J 148 -16.75 -35.45 -29.69
N PRO J 149 -17.40 -36.56 -29.40
CA PRO J 149 -17.86 -36.81 -28.01
C PRO J 149 -16.72 -37.03 -27.04
N ASP J 150 -16.49 -36.06 -26.17
CA ASP J 150 -15.48 -36.16 -25.14
C ASP J 150 -15.54 -34.91 -24.27
N PRO J 151 -15.12 -34.99 -23.00
CA PRO J 151 -14.96 -33.75 -22.24
C PRO J 151 -14.01 -32.78 -22.93
N ASN J 152 -12.99 -33.32 -23.59
CA ASN J 152 -12.05 -32.54 -24.40
C ASN J 152 -11.46 -33.44 -25.47
N PRO J 153 -11.70 -33.14 -26.74
CA PRO J 153 -11.03 -33.88 -27.81
C PRO J 153 -9.69 -33.25 -28.13
N PRO J 154 -8.68 -34.05 -28.46
CA PRO J 154 -7.35 -33.47 -28.66
C PRO J 154 -7.32 -32.63 -29.92
N ILE J 155 -7.38 -31.31 -29.76
CA ILE J 155 -7.42 -30.39 -30.89
C ILE J 155 -6.03 -29.95 -31.30
N HIS J 156 -5.18 -29.63 -30.33
CA HIS J 156 -3.79 -29.26 -30.64
C HIS J 156 -3.07 -30.43 -31.28
N LYS J 157 -3.75 -31.57 -31.40
CA LYS J 157 -3.26 -32.73 -32.12
C LYS J 157 -4.08 -33.06 -33.36
N ILE J 158 -5.40 -32.88 -33.32
CA ILE J 158 -6.23 -33.14 -34.49
C ILE J 158 -5.96 -32.10 -35.57
N VAL J 159 -5.88 -30.83 -35.19
CA VAL J 159 -5.78 -29.72 -36.12
C VAL J 159 -4.32 -29.42 -36.41
N ARG J 160 -3.43 -30.31 -35.97
CA ARG J 160 -2.00 -30.17 -36.22
C ARG J 160 -1.58 -30.78 -37.55
N LYS J 161 -2.52 -31.33 -38.30
CA LYS J 161 -2.26 -31.91 -39.61
C LYS J 161 -3.44 -31.62 -40.54
N PRO J 162 -3.76 -30.35 -40.78
CA PRO J 162 -4.94 -30.03 -41.60
C PRO J 162 -4.89 -30.66 -42.98
N SER J 163 -3.73 -31.20 -43.37
CA SER J 163 -3.66 -31.92 -44.63
C SER J 163 -4.57 -33.14 -44.63
N ARG J 164 -4.87 -33.68 -43.45
CA ARG J 164 -5.74 -34.85 -43.31
C ARG J 164 -6.98 -34.42 -42.55
N ILE J 165 -7.96 -33.88 -43.27
CA ILE J 165 -9.24 -33.51 -42.68
C ILE J 165 -10.29 -33.37 -43.78
N LEU J 166 -11.55 -33.53 -43.42
CA LEU J 166 -12.66 -33.15 -44.28
C LEU J 166 -13.67 -32.38 -43.45
N PHE J 167 -14.30 -31.40 -44.08
CA PHE J 167 -15.22 -30.52 -43.38
C PHE J 167 -16.59 -30.55 -44.05
N LEU J 168 -17.11 -31.76 -44.25
CA LEU J 168 -18.44 -31.94 -44.82
C LEU J 168 -19.42 -30.92 -44.24
N MET J 169 -20.12 -30.22 -45.11
CA MET J 169 -21.12 -29.25 -44.69
C MET J 169 -22.46 -29.63 -45.31
N ASP J 170 -23.48 -28.81 -45.08
CA ASP J 170 -24.79 -29.07 -45.64
C ASP J 170 -25.64 -27.82 -45.65
N GLY J 171 -26.62 -27.79 -46.56
CA GLY J 171 -27.57 -26.70 -46.66
C GLY J 171 -26.96 -25.32 -46.63
N PHE J 172 -25.97 -25.05 -47.48
CA PHE J 172 -25.43 -23.70 -47.53
C PHE J 172 -26.45 -22.69 -48.01
N ASP J 173 -27.54 -23.14 -48.61
CA ASP J 173 -28.67 -22.25 -48.89
C ASP J 173 -29.33 -21.74 -47.61
N GLU J 174 -29.06 -22.37 -46.46
CA GLU J 174 -29.57 -21.88 -45.20
C GLU J 174 -28.99 -20.53 -44.82
N LEU J 175 -27.88 -20.15 -45.45
CA LEU J 175 -27.20 -18.92 -45.11
C LEU J 175 -26.92 -17.89 -46.22
N GLN J 176 -27.65 -18.02 -47.34
CA GLN J 176 -27.49 -17.14 -48.50
C GLN J 176 -27.61 -15.70 -48.03
N GLY J 177 -28.70 -15.43 -47.35
CA GLY J 177 -28.96 -14.13 -46.79
C GLY J 177 -27.80 -13.72 -45.90
N ALA J 178 -27.35 -14.60 -45.02
CA ALA J 178 -26.20 -14.30 -44.16
C ALA J 178 -24.96 -13.78 -44.86
N PHE J 179 -24.61 -14.19 -46.09
CA PHE J 179 -23.39 -13.49 -46.63
C PHE J 179 -23.62 -12.24 -47.51
N ASP J 180 -23.47 -11.00 -46.99
CA ASP J 180 -23.83 -9.86 -47.83
C ASP J 180 -22.71 -8.83 -47.85
N GLU J 181 -22.15 -8.52 -46.69
CA GLU J 181 -21.04 -7.59 -46.56
C GLU J 181 -19.79 -8.39 -46.23
N HIS J 182 -18.70 -8.13 -46.97
CA HIS J 182 -17.48 -8.89 -46.76
C HIS J 182 -16.92 -8.61 -45.37
N ILE J 183 -17.09 -9.55 -44.45
CA ILE J 183 -16.65 -9.35 -43.08
C ILE J 183 -15.14 -9.15 -43.07
N GLY J 184 -14.69 -7.96 -42.67
CA GLY J 184 -13.30 -7.62 -42.68
C GLY J 184 -12.45 -8.55 -41.84
N PRO J 185 -12.88 -8.81 -40.60
CA PRO J 185 -12.14 -9.75 -39.75
C PRO J 185 -12.31 -11.18 -40.25
N LEU J 186 -11.21 -11.80 -40.67
CA LEU J 186 -11.18 -13.19 -41.12
C LEU J 186 -10.15 -13.91 -40.25
N CYS J 187 -10.61 -14.47 -39.14
CA CYS J 187 -9.72 -15.15 -38.21
C CYS J 187 -8.92 -16.25 -38.91
N THR J 188 -7.78 -16.61 -38.35
CA THR J 188 -6.94 -17.68 -38.89
C THR J 188 -6.47 -18.62 -37.78
N ASP J 189 -7.20 -18.66 -36.66
CA ASP J 189 -6.84 -19.49 -35.53
C ASP J 189 -8.07 -20.24 -35.05
N TRP J 190 -7.84 -21.42 -34.48
CA TRP J 190 -8.92 -22.27 -33.96
C TRP J 190 -9.06 -22.17 -32.45
N GLN J 191 -8.30 -21.29 -31.80
CA GLN J 191 -8.37 -21.12 -30.35
C GLN J 191 -8.86 -19.71 -29.98
N LYS J 192 -9.79 -19.18 -30.76
CA LYS J 192 -10.27 -17.83 -30.56
C LYS J 192 -11.79 -17.79 -30.67
N ALA J 193 -12.38 -16.76 -30.05
CA ALA J 193 -13.80 -16.49 -30.20
C ALA J 193 -14.04 -15.93 -31.60
N GLU J 194 -14.38 -16.81 -32.54
CA GLU J 194 -14.35 -16.47 -33.95
C GLU J 194 -15.63 -15.79 -34.45
N ARG J 195 -16.60 -15.54 -33.57
CA ARG J 195 -17.78 -14.73 -33.84
C ARG J 195 -18.87 -15.48 -34.61
N GLY J 196 -18.62 -16.72 -35.05
CA GLY J 196 -19.67 -17.47 -35.69
C GLY J 196 -19.70 -17.38 -37.20
N ASP J 197 -20.51 -16.46 -37.73
CA ASP J 197 -20.58 -16.29 -39.18
C ASP J 197 -19.23 -15.91 -39.76
N ILE J 198 -18.46 -15.09 -39.05
CA ILE J 198 -17.11 -14.76 -39.51
C ILE J 198 -16.24 -16.00 -39.57
N LEU J 199 -16.33 -16.87 -38.56
CA LEU J 199 -15.60 -18.12 -38.59
C LEU J 199 -16.02 -18.98 -39.77
N LEU J 200 -17.32 -19.02 -40.06
CA LEU J 200 -17.80 -19.80 -41.19
C LEU J 200 -17.24 -19.27 -42.51
N SER J 201 -17.25 -17.95 -42.68
CA SER J 201 -16.69 -17.35 -43.88
C SER J 201 -15.21 -17.63 -44.00
N SER J 202 -14.48 -17.56 -42.89
CA SER J 202 -13.05 -17.85 -42.92
C SER J 202 -12.81 -19.30 -43.30
N LEU J 203 -13.60 -20.23 -42.74
CA LEU J 203 -13.47 -21.63 -43.11
C LEU J 203 -13.74 -21.83 -44.60
N ILE J 204 -14.77 -21.17 -45.12
CA ILE J 204 -15.08 -21.30 -46.54
C ILE J 204 -13.93 -20.78 -47.39
N ARG J 205 -13.36 -19.64 -47.01
CA ARG J 205 -12.26 -19.06 -47.76
C ARG J 205 -10.93 -19.76 -47.50
N LYS J 206 -10.89 -20.70 -46.57
CA LYS J 206 -9.69 -21.50 -46.31
C LYS J 206 -8.62 -20.69 -45.57
N LYS J 207 -9.04 -19.80 -44.69
CA LYS J 207 -8.10 -19.15 -43.77
C LYS J 207 -7.77 -20.08 -42.60
N LEU J 208 -8.80 -20.63 -41.96
CA LEU J 208 -8.59 -21.62 -40.91
C LEU J 208 -8.23 -22.97 -41.55
N LEU J 209 -7.08 -23.51 -41.18
CA LEU J 209 -6.58 -24.74 -41.78
C LEU J 209 -6.60 -24.62 -43.31
N PRO J 210 -5.88 -23.65 -43.87
CA PRO J 210 -5.96 -23.40 -45.31
C PRO J 210 -5.72 -24.64 -46.16
N GLU J 211 -4.96 -25.61 -45.65
CA GLU J 211 -4.70 -26.85 -46.35
C GLU J 211 -5.60 -27.98 -45.87
N ALA J 212 -6.73 -27.66 -45.24
CA ALA J 212 -7.69 -28.65 -44.79
C ALA J 212 -8.78 -28.77 -45.84
N SER J 213 -8.99 -29.98 -46.36
CA SER J 213 -9.94 -30.17 -47.45
C SER J 213 -11.34 -29.76 -47.01
N LEU J 214 -12.26 -29.65 -47.96
CA LEU J 214 -13.60 -29.18 -47.67
C LEU J 214 -14.59 -29.92 -48.55
N LEU J 215 -15.87 -29.74 -48.24
CA LEU J 215 -16.96 -30.22 -49.08
C LEU J 215 -18.24 -29.52 -48.66
N ILE J 216 -18.92 -28.89 -49.61
CA ILE J 216 -20.09 -28.07 -49.32
C ILE J 216 -21.24 -28.57 -50.17
N THR J 217 -22.34 -28.94 -49.54
CA THR J 217 -23.56 -29.23 -50.26
C THR J 217 -24.47 -28.01 -50.21
N THR J 218 -25.20 -27.78 -51.30
CA THR J 218 -26.02 -26.57 -51.31
C THR J 218 -27.03 -26.66 -52.44
N ARG J 219 -28.21 -26.11 -52.18
CA ARG J 219 -29.21 -25.93 -53.22
C ARG J 219 -28.72 -24.88 -54.21
N PRO J 220 -29.13 -24.98 -55.47
CA PRO J 220 -28.70 -23.98 -56.47
C PRO J 220 -29.46 -22.67 -56.30
N VAL J 221 -29.10 -21.92 -55.26
CA VAL J 221 -29.81 -20.70 -54.93
C VAL J 221 -28.84 -19.54 -54.75
N ALA J 222 -27.55 -19.83 -54.63
CA ALA J 222 -26.54 -18.80 -54.43
C ALA J 222 -25.58 -18.72 -55.62
N LEU J 223 -24.89 -19.81 -55.92
CA LEU J 223 -23.96 -19.88 -57.05
C LEU J 223 -23.10 -18.64 -57.19
N GLU J 224 -23.70 -17.52 -57.63
CA GLU J 224 -22.94 -16.30 -57.88
C GLU J 224 -22.23 -15.81 -56.62
N LYS J 225 -23.00 -15.45 -55.59
CA LYS J 225 -22.39 -14.94 -54.37
C LYS J 225 -21.41 -15.94 -53.77
N LEU J 226 -21.66 -17.24 -53.98
CA LEU J 226 -20.75 -18.25 -53.45
C LEU J 226 -19.43 -18.27 -54.23
N GLN J 227 -19.47 -17.96 -55.53
CA GLN J 227 -18.28 -18.04 -56.36
C GLN J 227 -17.20 -17.04 -55.96
N HIS J 228 -17.54 -16.03 -55.14
CA HIS J 228 -16.55 -15.08 -54.65
C HIS J 228 -15.87 -15.58 -53.38
N LEU J 229 -16.16 -16.80 -52.94
CA LEU J 229 -15.57 -17.34 -51.73
C LEU J 229 -14.88 -18.68 -51.93
N LEU J 230 -15.10 -19.36 -53.04
CA LEU J 230 -14.57 -20.69 -53.26
C LEU J 230 -13.19 -20.62 -53.90
N ASP J 231 -12.33 -21.57 -53.51
CA ASP J 231 -10.97 -21.65 -54.05
C ASP J 231 -10.95 -22.64 -55.22
N HIS J 232 -11.51 -22.18 -56.34
CA HIS J 232 -11.59 -22.97 -57.56
C HIS J 232 -12.08 -24.39 -57.25
N PRO J 233 -13.29 -24.54 -56.72
CA PRO J 233 -13.73 -25.85 -56.27
C PRO J 233 -14.32 -26.67 -57.40
N ARG J 234 -14.04 -27.97 -57.35
CA ARG J 234 -14.58 -28.93 -58.31
C ARG J 234 -15.97 -29.31 -57.84
N HIS J 235 -17.01 -28.85 -58.53
CA HIS J 235 -18.36 -29.10 -58.06
C HIS J 235 -18.99 -30.25 -58.84
N VAL J 236 -19.96 -30.89 -58.19
CA VAL J 236 -20.68 -32.02 -58.77
C VAL J 236 -22.17 -31.76 -58.63
N GLU J 237 -22.89 -31.89 -59.74
CA GLU J 237 -24.34 -31.76 -59.72
C GLU J 237 -24.97 -33.13 -59.54
N ILE J 238 -25.98 -33.17 -58.66
CA ILE J 238 -26.69 -34.40 -58.33
C ILE J 238 -27.99 -34.42 -59.12
N LEU J 239 -28.42 -35.63 -59.50
CA LEU J 239 -29.63 -35.78 -60.30
C LEU J 239 -30.71 -36.58 -59.61
N GLY J 240 -30.39 -37.75 -59.07
CA GLY J 240 -31.34 -38.60 -58.42
C GLY J 240 -31.17 -40.03 -58.89
N PHE J 241 -32.25 -40.81 -58.80
CA PHE J 241 -32.26 -42.16 -59.33
C PHE J 241 -32.58 -42.09 -60.82
N SER J 242 -31.82 -42.83 -61.63
CA SER J 242 -31.88 -42.55 -63.06
C SER J 242 -33.06 -43.20 -63.76
N GLU J 243 -33.02 -44.51 -63.99
CA GLU J 243 -34.19 -45.20 -64.49
C GLU J 243 -34.41 -46.54 -63.79
N ALA J 244 -33.31 -47.26 -63.55
CA ALA J 244 -33.38 -48.54 -62.87
C ALA J 244 -33.14 -48.39 -61.37
N LYS J 245 -32.47 -47.32 -60.97
CA LYS J 245 -32.27 -47.08 -59.54
C LYS J 245 -33.60 -46.93 -58.82
N ARG J 246 -34.65 -46.47 -59.52
CA ARG J 246 -35.98 -46.37 -58.91
C ARG J 246 -36.56 -47.76 -58.65
N LYS J 247 -36.52 -48.62 -59.66
CA LYS J 247 -37.11 -49.95 -59.55
C LYS J 247 -36.25 -50.83 -58.67
N GLU J 248 -35.06 -50.34 -58.31
CA GLU J 248 -34.27 -50.95 -57.27
C GLU J 248 -34.52 -50.34 -55.89
N TYR J 249 -34.90 -49.06 -55.84
CA TYR J 249 -35.29 -48.43 -54.58
C TYR J 249 -36.57 -49.02 -54.03
N PHE J 250 -37.52 -49.33 -54.92
CA PHE J 250 -38.73 -49.97 -54.44
C PHE J 250 -38.43 -51.30 -53.76
N PHE J 251 -37.47 -52.06 -54.30
CA PHE J 251 -37.10 -53.34 -53.71
C PHE J 251 -36.36 -53.18 -52.40
N LYS J 252 -35.90 -51.98 -52.05
CA LYS J 252 -35.33 -51.73 -50.75
C LYS J 252 -36.32 -51.13 -49.77
N TYR J 253 -37.34 -50.42 -50.26
CA TYR J 253 -38.34 -49.86 -49.37
C TYR J 253 -39.37 -50.92 -48.97
N PHE J 254 -39.84 -51.71 -49.93
CA PHE J 254 -40.85 -52.72 -49.63
C PHE J 254 -40.20 -54.04 -49.24
N SER J 255 -40.96 -54.85 -48.51
CA SER J 255 -40.46 -56.07 -47.90
C SER J 255 -39.99 -57.10 -48.93
N ASP J 256 -40.91 -57.59 -49.76
CA ASP J 256 -40.64 -58.74 -50.61
C ASP J 256 -41.02 -58.44 -52.06
N GLU J 257 -40.78 -59.42 -52.93
CA GLU J 257 -41.15 -59.27 -54.33
C GLU J 257 -42.66 -59.12 -54.49
N ALA J 258 -43.45 -59.87 -53.73
CA ALA J 258 -44.89 -59.79 -53.84
C ALA J 258 -45.37 -58.35 -53.71
N GLN J 259 -44.84 -57.63 -52.72
CA GLN J 259 -45.14 -56.21 -52.61
C GLN J 259 -44.51 -55.43 -53.76
N ALA J 260 -43.18 -55.51 -53.88
CA ALA J 260 -42.43 -54.60 -54.74
C ALA J 260 -42.93 -54.62 -56.17
N ARG J 261 -43.22 -55.81 -56.72
CA ARG J 261 -43.61 -55.88 -58.12
C ARG J 261 -44.86 -55.05 -58.39
N ALA J 262 -45.92 -55.30 -57.63
CA ALA J 262 -47.16 -54.55 -57.83
C ALA J 262 -46.97 -53.07 -57.50
N ALA J 263 -46.25 -52.78 -56.42
CA ALA J 263 -46.01 -51.40 -56.04
C ALA J 263 -45.35 -50.63 -57.17
N PHE J 264 -44.30 -51.19 -57.76
CA PHE J 264 -43.62 -50.53 -58.86
C PHE J 264 -44.53 -50.41 -60.07
N SER J 265 -45.17 -51.52 -60.46
CA SER J 265 -46.02 -51.49 -61.64
C SER J 265 -47.07 -50.39 -61.54
N LEU J 266 -47.65 -50.21 -60.35
CA LEU J 266 -48.67 -49.18 -60.18
C LEU J 266 -48.17 -47.80 -60.58
N ILE J 267 -46.88 -47.54 -60.39
CA ILE J 267 -46.29 -46.26 -60.76
C ILE J 267 -45.82 -46.26 -62.20
N GLN J 268 -45.12 -47.31 -62.60
CA GLN J 268 -44.61 -47.40 -63.97
C GLN J 268 -45.73 -47.28 -64.99
N GLU J 269 -46.94 -47.67 -64.62
CA GLU J 269 -48.08 -47.42 -65.50
C GLU J 269 -48.25 -45.92 -65.76
N ASN J 270 -48.16 -45.11 -64.71
CA ASN J 270 -48.25 -43.66 -64.82
C ASN J 270 -46.88 -43.11 -65.20
N GLU J 271 -46.86 -42.22 -66.20
CA GLU J 271 -45.58 -41.70 -66.69
C GLU J 271 -45.20 -40.38 -66.04
N VAL J 272 -46.15 -39.46 -65.91
CA VAL J 272 -45.88 -38.15 -65.30
C VAL J 272 -45.25 -38.35 -63.94
N LEU J 273 -45.49 -39.50 -63.32
CA LEU J 273 -44.87 -39.83 -62.04
C LEU J 273 -43.55 -40.59 -62.21
N PHE J 274 -43.45 -41.48 -63.19
CA PHE J 274 -42.25 -42.23 -63.32
C PHE J 274 -41.08 -41.27 -63.54
N THR J 275 -41.21 -40.35 -64.49
CA THR J 275 -40.22 -39.29 -64.63
C THR J 275 -39.80 -38.46 -63.44
N MET J 276 -40.76 -37.82 -62.78
CA MET J 276 -40.48 -37.03 -61.60
C MET J 276 -40.16 -37.90 -60.39
N CYS J 277 -40.13 -39.21 -60.54
CA CYS J 277 -39.65 -40.09 -59.48
C CYS J 277 -38.15 -40.09 -59.33
N PHE J 278 -37.42 -39.25 -60.07
CA PHE J 278 -35.98 -39.21 -59.86
C PHE J 278 -35.64 -38.51 -58.55
N ILE J 279 -36.39 -37.47 -58.20
CA ILE J 279 -36.21 -36.83 -56.91
C ILE J 279 -36.44 -37.89 -55.83
N PRO J 280 -35.41 -38.27 -55.07
CA PRO J 280 -35.59 -39.35 -54.09
C PRO J 280 -36.71 -39.08 -53.10
N LEU J 281 -36.86 -37.83 -52.68
CA LEU J 281 -37.94 -37.51 -51.76
C LEU J 281 -39.30 -37.74 -52.42
N VAL J 282 -39.42 -37.41 -53.71
CA VAL J 282 -40.68 -37.60 -54.42
C VAL J 282 -40.89 -39.05 -54.82
N CYS J 283 -39.88 -39.90 -54.71
CA CYS J 283 -40.07 -41.33 -54.84
C CYS J 283 -40.47 -41.97 -53.52
N TRP J 284 -39.88 -41.51 -52.42
CA TRP J 284 -40.31 -41.96 -51.11
C TRP J 284 -41.75 -41.56 -50.82
N ILE J 285 -42.13 -40.33 -51.17
CA ILE J 285 -43.49 -39.87 -50.94
C ILE J 285 -44.50 -40.73 -51.68
N VAL J 286 -44.09 -41.36 -52.78
CA VAL J 286 -44.99 -42.22 -53.54
C VAL J 286 -44.90 -43.68 -53.11
N CYS J 287 -43.78 -44.09 -52.52
CA CYS J 287 -43.66 -45.48 -52.08
C CYS J 287 -44.29 -45.69 -50.71
N THR J 288 -44.14 -44.74 -49.79
CA THR J 288 -44.86 -44.82 -48.52
C THR J 288 -46.37 -44.76 -48.74
N GLY J 289 -46.81 -43.96 -49.70
CA GLY J 289 -48.23 -43.92 -50.01
C GLY J 289 -48.77 -45.28 -50.40
N LEU J 290 -48.01 -46.05 -51.16
CA LEU J 290 -48.43 -47.39 -51.51
C LEU J 290 -48.25 -48.37 -50.35
N LYS J 291 -47.25 -48.15 -49.50
CA LYS J 291 -47.08 -49.00 -48.33
C LYS J 291 -48.28 -48.91 -47.40
N GLN J 292 -48.84 -47.70 -47.25
CA GLN J 292 -50.02 -47.55 -46.39
C GLN J 292 -51.17 -48.42 -46.88
N GLN J 293 -51.49 -48.35 -48.18
CA GLN J 293 -52.54 -49.20 -48.73
C GLN J 293 -52.19 -50.67 -48.60
N MET J 294 -50.92 -51.02 -48.84
CA MET J 294 -50.53 -52.42 -48.78
C MET J 294 -50.74 -53.00 -47.38
N GLU J 295 -50.40 -52.25 -46.34
CA GLU J 295 -50.51 -52.74 -44.98
C GLU J 295 -51.80 -52.35 -44.28
N SER J 296 -52.71 -51.64 -44.96
CA SER J 296 -54.02 -51.32 -44.40
C SER J 296 -55.13 -52.18 -45.00
N GLY J 297 -54.80 -53.42 -45.35
CA GLY J 297 -55.79 -54.33 -45.91
C GLY J 297 -56.56 -53.77 -47.08
N LYS J 298 -55.86 -53.51 -48.19
CA LYS J 298 -56.49 -53.00 -49.39
C LYS J 298 -55.81 -53.60 -50.61
N SER J 299 -56.53 -53.57 -51.73
CA SER J 299 -56.05 -54.16 -52.98
C SER J 299 -55.33 -53.08 -53.79
N LEU J 300 -54.02 -53.25 -53.97
CA LEU J 300 -53.28 -52.32 -54.81
C LEU J 300 -53.66 -52.46 -56.29
N ALA J 301 -54.06 -53.66 -56.71
CA ALA J 301 -54.51 -53.84 -58.08
C ALA J 301 -55.62 -52.86 -58.43
N GLN J 302 -56.46 -52.52 -57.46
CA GLN J 302 -57.45 -51.48 -57.61
C GLN J 302 -57.04 -50.17 -56.96
N THR J 303 -55.84 -50.10 -56.37
CA THR J 303 -55.38 -48.88 -55.75
C THR J 303 -55.14 -47.79 -56.79
N SER J 304 -55.31 -46.55 -56.38
CA SER J 304 -55.11 -45.39 -57.24
C SER J 304 -54.01 -44.51 -56.67
N LYS J 305 -53.19 -43.94 -57.56
CA LYS J 305 -52.11 -43.03 -57.19
C LYS J 305 -52.22 -41.81 -58.11
N THR J 306 -53.01 -40.83 -57.71
CA THR J 306 -53.18 -39.63 -58.52
C THR J 306 -51.92 -38.79 -58.51
N THR J 307 -51.64 -38.14 -59.65
CA THR J 307 -50.40 -37.39 -59.81
C THR J 307 -50.38 -36.10 -59.01
N THR J 308 -51.51 -35.67 -58.45
CA THR J 308 -51.55 -34.42 -57.71
C THR J 308 -51.34 -34.60 -56.21
N ALA J 309 -51.72 -35.75 -55.65
CA ALA J 309 -51.46 -35.99 -54.24
C ALA J 309 -49.96 -36.00 -53.98
N VAL J 310 -49.19 -36.60 -54.88
CA VAL J 310 -47.74 -36.62 -54.71
C VAL J 310 -47.19 -35.20 -54.63
N TYR J 311 -47.66 -34.32 -55.51
CA TYR J 311 -47.15 -32.95 -55.50
C TYR J 311 -47.62 -32.20 -54.26
N VAL J 312 -48.84 -32.46 -53.80
CA VAL J 312 -49.31 -31.80 -52.58
C VAL J 312 -48.44 -32.19 -51.41
N PHE J 313 -48.15 -33.49 -51.27
CA PHE J 313 -47.31 -33.94 -50.16
C PHE J 313 -45.88 -33.42 -50.33
N PHE J 314 -45.37 -33.37 -51.56
CA PHE J 314 -44.03 -32.83 -51.78
C PHE J 314 -43.95 -31.38 -51.35
N LEU J 315 -44.91 -30.57 -51.79
CA LEU J 315 -44.95 -29.17 -51.39
C LEU J 315 -45.03 -29.03 -49.87
N SER J 316 -45.91 -29.82 -49.23
CA SER J 316 -46.06 -29.73 -47.79
C SER J 316 -44.76 -30.11 -47.07
N SER J 317 -44.10 -31.16 -47.52
CA SER J 317 -42.85 -31.58 -46.91
C SER J 317 -41.77 -30.53 -47.10
N LEU J 318 -41.78 -29.84 -48.24
CA LEU J 318 -40.74 -28.85 -48.50
C LEU J 318 -40.96 -27.58 -47.67
N LEU J 319 -42.20 -27.10 -47.56
CA LEU J 319 -42.38 -25.82 -46.88
C LEU J 319 -42.44 -26.04 -45.37
N GLN J 320 -41.47 -26.74 -44.82
CA GLN J 320 -41.42 -26.92 -43.38
C GLN J 320 -41.07 -25.59 -42.72
N PRO J 321 -41.85 -25.15 -41.74
CA PRO J 321 -41.50 -23.91 -41.03
C PRO J 321 -40.11 -24.01 -40.40
N ARG J 322 -39.17 -23.23 -40.93
CA ARG J 322 -37.80 -23.21 -40.41
C ARG J 322 -37.71 -22.22 -39.25
N GLY J 323 -38.37 -22.59 -38.16
CA GLY J 323 -38.53 -21.69 -37.03
C GLY J 323 -39.76 -20.83 -37.20
N GLY J 324 -40.56 -20.69 -36.13
CA GLY J 324 -41.77 -19.90 -36.22
C GLY J 324 -41.48 -18.48 -36.66
N SER J 325 -41.83 -18.14 -37.89
CA SER J 325 -41.56 -16.82 -38.41
C SER J 325 -42.26 -16.58 -39.75
N GLN J 326 -42.99 -15.47 -39.85
CA GLN J 326 -43.58 -15.03 -41.12
C GLN J 326 -44.46 -16.11 -41.72
N GLU J 327 -45.55 -16.44 -41.02
CA GLU J 327 -46.59 -17.25 -41.65
C GLU J 327 -47.22 -16.52 -42.81
N HIS J 328 -47.58 -15.25 -42.59
CA HIS J 328 -48.08 -14.42 -43.68
C HIS J 328 -47.03 -14.23 -44.75
N GLY J 329 -45.76 -14.09 -44.36
CA GLY J 329 -44.70 -13.99 -45.33
C GLY J 329 -44.58 -15.24 -46.20
N LEU J 330 -44.69 -16.42 -45.59
CA LEU J 330 -44.64 -17.66 -46.35
C LEU J 330 -45.82 -17.75 -47.30
N CYS J 331 -47.02 -17.40 -46.82
CA CYS J 331 -48.19 -17.43 -47.69
C CYS J 331 -48.02 -16.47 -48.87
N ALA J 332 -47.54 -15.26 -48.60
CA ALA J 332 -47.36 -14.26 -49.66
C ALA J 332 -46.30 -14.70 -50.66
N HIS J 333 -45.19 -15.27 -50.18
CA HIS J 333 -44.16 -15.70 -51.12
C HIS J 333 -44.61 -16.91 -51.92
N LEU J 334 -45.40 -17.80 -51.32
CA LEU J 334 -45.93 -18.92 -52.07
C LEU J 334 -46.90 -18.43 -53.14
N TRP J 335 -47.75 -17.45 -52.81
CA TRP J 335 -48.63 -16.91 -53.83
C TRP J 335 -47.85 -16.18 -54.93
N GLY J 336 -46.78 -15.48 -54.57
CA GLY J 336 -45.97 -14.82 -55.58
C GLY J 336 -45.32 -15.81 -56.53
N LEU J 337 -44.70 -16.86 -55.97
CA LEU J 337 -44.16 -17.94 -56.78
C LEU J 337 -45.25 -18.59 -57.61
N CYS J 338 -46.46 -18.68 -57.06
CA CYS J 338 -47.55 -19.34 -57.74
C CYS J 338 -48.01 -18.54 -58.96
N SER J 339 -48.16 -17.22 -58.78
CA SER J 339 -48.46 -16.34 -59.91
C SER J 339 -47.32 -16.33 -60.91
N LEU J 340 -46.08 -16.43 -60.44
CA LEU J 340 -44.94 -16.57 -61.33
C LEU J 340 -45.13 -17.78 -62.24
N ALA J 341 -45.45 -18.93 -61.64
CA ALA J 341 -45.67 -20.13 -62.44
C ALA J 341 -46.84 -19.93 -63.41
N ALA J 342 -47.90 -19.26 -62.94
CA ALA J 342 -49.08 -19.09 -63.79
C ALA J 342 -48.77 -18.24 -65.03
N ASP J 343 -48.17 -17.07 -64.82
CA ASP J 343 -47.90 -16.22 -65.97
C ASP J 343 -46.80 -16.81 -66.85
N GLY J 344 -45.85 -17.56 -66.25
CA GLY J 344 -44.89 -18.27 -67.06
C GLY J 344 -45.52 -19.30 -67.95
N ILE J 345 -46.51 -20.03 -67.42
CA ILE J 345 -47.19 -21.03 -68.24
C ILE J 345 -48.01 -20.35 -69.32
N TRP J 346 -48.62 -19.20 -69.02
CA TRP J 346 -49.37 -18.49 -70.04
C TRP J 346 -48.48 -17.96 -71.15
N ASN J 347 -47.29 -17.45 -70.80
CA ASN J 347 -46.37 -16.87 -71.78
C ASN J 347 -45.33 -17.86 -72.26
N GLN J 348 -45.48 -19.14 -71.95
CA GLN J 348 -44.52 -20.17 -72.35
C GLN J 348 -43.12 -19.84 -71.83
N LYS J 349 -43.05 -19.22 -70.66
CA LYS J 349 -41.77 -18.78 -70.09
C LYS J 349 -41.17 -19.91 -69.27
N ILE J 350 -40.49 -20.82 -69.96
CA ILE J 350 -39.85 -21.94 -69.29
C ILE J 350 -38.77 -21.44 -68.35
N LEU J 351 -37.95 -20.50 -68.80
CA LEU J 351 -36.82 -19.98 -68.04
C LEU J 351 -37.08 -18.52 -67.71
N PHE J 352 -37.25 -18.22 -66.42
CA PHE J 352 -37.50 -16.86 -65.97
C PHE J 352 -36.19 -16.10 -65.81
N GLU J 353 -36.30 -14.83 -65.44
CA GLU J 353 -35.15 -13.98 -65.24
C GLU J 353 -35.37 -13.13 -63.99
N GLU J 354 -34.27 -12.58 -63.47
CA GLU J 354 -34.35 -11.78 -62.25
C GLU J 354 -35.33 -10.62 -62.41
N SER J 355 -35.39 -10.03 -63.61
CA SER J 355 -36.34 -8.94 -63.83
C SER J 355 -37.78 -9.41 -63.62
N ASP J 356 -38.13 -10.58 -64.16
CA ASP J 356 -39.47 -11.11 -63.98
C ASP J 356 -39.73 -11.50 -62.53
N LEU J 357 -38.72 -12.08 -61.87
CA LEU J 357 -38.89 -12.45 -60.47
C LEU J 357 -39.10 -11.24 -59.59
N ARG J 358 -38.50 -10.10 -59.95
CA ARG J 358 -38.77 -8.86 -59.23
C ARG J 358 -40.14 -8.30 -59.59
N ASN J 359 -40.51 -8.36 -60.87
CA ASN J 359 -41.84 -7.91 -61.29
C ASN J 359 -42.91 -8.60 -60.46
N HIS J 360 -42.84 -9.92 -60.37
CA HIS J 360 -43.68 -10.64 -59.43
C HIS J 360 -43.17 -10.45 -58.01
N GLY J 361 -44.09 -10.40 -57.05
CA GLY J 361 -43.68 -10.18 -55.67
C GLY J 361 -42.72 -11.26 -55.21
N LEU J 362 -41.43 -10.95 -55.32
CA LEU J 362 -40.33 -11.85 -54.96
C LEU J 362 -39.01 -11.08 -54.91
N GLN J 363 -38.09 -11.57 -54.10
CA GLN J 363 -36.78 -10.95 -53.97
C GLN J 363 -35.78 -12.03 -53.58
N LYS J 364 -35.97 -12.60 -52.41
CA LYS J 364 -35.10 -13.67 -51.91
C LYS J 364 -35.92 -14.75 -51.22
N ALA J 365 -35.69 -14.94 -49.93
CA ALA J 365 -36.44 -15.87 -49.07
C ALA J 365 -36.58 -17.25 -49.63
N ASP J 366 -37.46 -17.42 -50.62
CA ASP J 366 -37.67 -18.72 -51.25
C ASP J 366 -36.33 -19.23 -51.77
N VAL J 367 -35.69 -20.04 -50.95
CA VAL J 367 -34.36 -20.58 -51.28
C VAL J 367 -34.37 -21.76 -52.24
N SER J 368 -34.76 -21.48 -53.47
CA SER J 368 -34.79 -22.47 -54.53
C SER J 368 -35.46 -23.78 -54.15
N ALA J 369 -36.68 -23.71 -53.67
CA ALA J 369 -37.39 -24.93 -53.35
C ALA J 369 -37.78 -25.50 -54.70
N PHE J 370 -38.47 -24.70 -55.49
CA PHE J 370 -38.88 -25.05 -56.84
C PHE J 370 -38.33 -24.01 -57.79
N LEU J 371 -37.18 -23.46 -57.42
CA LEU J 371 -36.54 -22.40 -58.20
C LEU J 371 -35.03 -22.60 -58.09
N ARG J 372 -34.45 -23.25 -59.09
CA ARG J 372 -33.01 -23.52 -59.10
C ARG J 372 -32.33 -22.52 -60.02
N MET J 373 -31.45 -21.70 -59.44
CA MET J 373 -30.75 -20.65 -60.19
C MET J 373 -29.68 -21.32 -61.04
N ASN J 374 -30.08 -21.74 -62.23
CA ASN J 374 -29.11 -22.18 -63.22
C ASN J 374 -28.67 -20.99 -64.06
N LEU J 375 -27.37 -20.70 -64.02
CA LEU J 375 -26.81 -19.49 -64.61
C LEU J 375 -26.10 -19.85 -65.90
N PHE J 376 -26.46 -19.17 -66.98
CA PHE J 376 -25.88 -19.46 -68.29
C PHE J 376 -24.93 -18.34 -68.69
N GLN J 377 -23.72 -18.73 -69.12
CA GLN J 377 -22.72 -17.78 -69.56
C GLN J 377 -22.79 -17.65 -71.07
N LYS J 378 -22.93 -16.42 -71.56
CA LYS J 378 -22.94 -16.13 -72.98
C LYS J 378 -21.94 -15.00 -73.25
N GLU J 379 -21.17 -15.17 -74.32
CA GLU J 379 -20.18 -14.16 -74.69
C GLU J 379 -19.11 -14.02 -73.62
N VAL J 380 -19.25 -13.04 -72.74
CA VAL J 380 -18.21 -12.74 -71.76
C VAL J 380 -18.69 -12.90 -70.33
N ASP J 381 -19.99 -12.83 -70.06
CA ASP J 381 -20.51 -12.93 -68.71
C ASP J 381 -21.76 -13.79 -68.69
N CYS J 382 -22.05 -14.34 -67.52
CA CYS J 382 -23.18 -15.24 -67.33
C CYS J 382 -24.31 -14.54 -66.57
N GLU J 383 -25.53 -14.89 -66.91
CA GLU J 383 -26.73 -14.32 -66.31
C GLU J 383 -27.55 -15.39 -65.60
N LYS J 384 -28.42 -14.91 -64.70
CA LYS J 384 -29.12 -15.74 -63.73
C LYS J 384 -30.04 -16.76 -64.37
N PHE J 385 -31.08 -16.30 -65.06
CA PHE J 385 -32.05 -17.18 -65.71
C PHE J 385 -32.61 -18.21 -64.73
N TYR J 386 -33.33 -17.71 -63.72
CA TYR J 386 -34.04 -18.58 -62.80
C TYR J 386 -34.94 -19.55 -63.55
N SER J 387 -35.15 -20.72 -62.96
CA SER J 387 -35.97 -21.75 -63.60
C SER J 387 -36.61 -22.62 -62.53
N PHE J 388 -37.70 -23.28 -62.93
CA PHE J 388 -38.43 -24.17 -62.05
C PHE J 388 -37.81 -25.57 -62.10
N ILE J 389 -37.94 -26.31 -60.99
CA ILE J 389 -37.39 -27.65 -60.94
C ILE J 389 -37.90 -28.51 -62.08
N HIS J 390 -39.08 -28.19 -62.61
CA HIS J 390 -39.62 -29.01 -63.70
C HIS J 390 -40.90 -28.40 -64.25
N MET J 391 -41.17 -28.66 -65.53
CA MET J 391 -42.33 -28.04 -66.19
C MET J 391 -43.64 -28.49 -65.56
N THR J 392 -43.75 -29.78 -65.22
CA THR J 392 -44.95 -30.26 -64.54
C THR J 392 -45.13 -29.57 -63.19
N PHE J 393 -44.03 -29.37 -62.47
CA PHE J 393 -44.10 -28.64 -61.21
C PHE J 393 -44.62 -27.23 -61.43
N GLN J 394 -44.12 -26.56 -62.46
CA GLN J 394 -44.57 -25.20 -62.74
C GLN J 394 -46.06 -25.18 -63.11
N GLU J 395 -46.51 -26.19 -63.86
CA GLU J 395 -47.92 -26.29 -64.19
C GLU J 395 -48.76 -26.49 -62.93
N PHE J 396 -48.28 -27.33 -62.00
CA PHE J 396 -48.99 -27.52 -60.75
C PHE J 396 -49.08 -26.21 -59.98
N PHE J 397 -48.00 -25.43 -59.98
CA PHE J 397 -48.04 -24.15 -59.29
C PHE J 397 -49.00 -23.19 -59.97
N ALA J 398 -49.10 -23.23 -61.30
CA ALA J 398 -50.10 -22.40 -61.97
C ALA J 398 -51.51 -22.81 -61.56
N ALA J 399 -51.76 -24.10 -61.48
CA ALA J 399 -53.06 -24.59 -61.02
C ALA J 399 -53.34 -24.12 -59.60
N MET J 400 -52.33 -24.14 -58.74
CA MET J 400 -52.50 -23.64 -57.39
C MET J 400 -52.77 -22.15 -57.37
N TYR J 401 -52.16 -21.40 -58.29
CA TYR J 401 -52.48 -19.98 -58.40
C TYR J 401 -53.96 -19.79 -58.71
N TYR J 402 -54.47 -20.56 -59.66
CA TYR J 402 -55.89 -20.44 -59.99
C TYR J 402 -56.77 -20.81 -58.81
N LEU J 403 -56.47 -21.95 -58.18
CA LEU J 403 -57.33 -22.42 -57.08
C LEU J 403 -57.29 -21.45 -55.89
N LEU J 404 -56.10 -21.10 -55.43
CA LEU J 404 -55.96 -20.24 -54.27
C LEU J 404 -56.68 -18.91 -54.49
N GLU J 405 -56.96 -18.22 -53.39
CA GLU J 405 -57.70 -16.97 -53.41
C GLU J 405 -56.75 -15.80 -53.20
N GLU J 406 -56.93 -14.72 -53.96
CA GLU J 406 -56.10 -13.51 -53.84
C GLU J 406 -55.86 -13.01 -52.42
N LEU J 419 -48.68 -3.92 -63.71
CA LEU J 419 -48.39 -5.34 -63.73
C LEU J 419 -49.58 -6.16 -63.26
N LYS J 420 -49.97 -7.15 -64.07
CA LYS J 420 -51.10 -8.01 -63.74
C LYS J 420 -51.01 -9.36 -64.46
N LEU J 421 -51.04 -10.45 -63.70
CA LEU J 421 -50.98 -11.78 -64.28
C LEU J 421 -52.31 -12.16 -64.89
N PRO J 422 -52.31 -13.13 -65.82
CA PRO J 422 -53.47 -13.65 -66.55
C PRO J 422 -54.75 -13.71 -65.73
N SER J 423 -55.82 -13.13 -66.29
CA SER J 423 -57.13 -13.07 -65.65
C SER J 423 -57.55 -14.38 -65.03
N ARG J 424 -57.84 -14.34 -63.74
CA ARG J 424 -58.22 -15.54 -63.00
C ARG J 424 -59.50 -16.19 -63.51
N ASP J 425 -59.93 -15.91 -64.74
CA ASP J 425 -61.15 -16.58 -65.17
C ASP J 425 -60.88 -18.05 -65.38
N VAL J 426 -61.41 -18.89 -64.48
CA VAL J 426 -61.27 -20.32 -64.65
C VAL J 426 -61.87 -20.77 -65.97
N THR J 427 -63.00 -20.17 -66.36
CA THR J 427 -63.59 -20.48 -67.65
C THR J 427 -62.68 -20.08 -68.80
N VAL J 428 -62.00 -18.94 -68.66
CA VAL J 428 -61.08 -18.50 -69.72
C VAL J 428 -59.94 -19.49 -69.88
N LEU J 429 -59.29 -19.84 -68.77
CA LEU J 429 -58.25 -20.88 -68.82
C LEU J 429 -58.82 -22.16 -69.40
N LEU J 430 -60.08 -22.44 -69.10
CA LEU J 430 -60.71 -23.69 -69.53
C LEU J 430 -60.85 -23.75 -71.05
N GLU J 431 -61.39 -22.68 -71.65
CA GLU J 431 -61.50 -22.71 -73.11
C GLU J 431 -60.15 -22.59 -73.78
N ASN J 432 -59.19 -21.91 -73.13
CA ASN J 432 -57.83 -21.89 -73.66
C ASN J 432 -57.24 -23.29 -73.69
N TYR J 433 -57.68 -24.12 -72.76
CA TYR J 433 -57.30 -25.51 -72.74
C TYR J 433 -58.17 -26.26 -73.78
N GLY J 434 -59.30 -25.64 -74.16
CA GLY J 434 -60.23 -26.23 -75.09
C GLY J 434 -60.02 -26.10 -76.58
N LYS J 435 -58.97 -25.37 -77.00
CA LYS J 435 -58.54 -25.10 -78.39
C LYS J 435 -57.31 -24.17 -78.34
N PHE J 436 -57.33 -23.16 -79.20
CA PHE J 436 -56.37 -22.06 -79.29
C PHE J 436 -54.94 -22.58 -79.17
N GLU J 437 -54.71 -23.81 -79.62
CA GLU J 437 -53.37 -24.38 -79.66
C GLU J 437 -52.66 -24.26 -78.32
N LYS J 438 -53.38 -24.54 -77.25
CA LYS J 438 -52.86 -24.48 -75.89
C LYS J 438 -52.82 -25.87 -75.26
N GLY J 439 -52.34 -26.85 -76.02
CA GLY J 439 -52.16 -28.19 -75.51
C GLY J 439 -51.37 -28.20 -74.22
N TYR J 440 -50.59 -27.15 -73.99
CA TYR J 440 -49.90 -26.95 -72.72
C TYR J 440 -50.79 -26.32 -71.66
N LEU J 441 -52.01 -26.84 -71.52
CA LEU J 441 -52.89 -26.51 -70.41
C LEU J 441 -53.65 -27.72 -69.89
N ILE J 442 -53.54 -28.87 -70.55
CA ILE J 442 -54.17 -30.08 -70.04
C ILE J 442 -53.67 -30.36 -68.63
N PHE J 443 -52.36 -30.21 -68.41
CA PHE J 443 -51.79 -30.55 -67.11
C PHE J 443 -52.19 -29.53 -66.05
N VAL J 444 -52.26 -28.24 -66.41
CA VAL J 444 -52.70 -27.24 -65.44
C VAL J 444 -54.15 -27.52 -65.04
N VAL J 445 -55.00 -27.85 -66.00
CA VAL J 445 -56.38 -28.17 -65.68
C VAL J 445 -56.45 -29.43 -64.82
N ARG J 446 -55.63 -30.43 -65.16
CA ARG J 446 -55.61 -31.66 -64.37
C ARG J 446 -55.23 -31.39 -62.92
N PHE J 447 -54.24 -30.53 -62.70
CA PHE J 447 -53.81 -30.25 -61.34
C PHE J 447 -54.81 -29.35 -60.62
N LEU J 448 -55.49 -28.47 -61.34
CA LEU J 448 -56.61 -27.74 -60.74
C LEU J 448 -57.68 -28.70 -60.25
N PHE J 449 -58.01 -29.71 -61.05
CA PHE J 449 -58.99 -30.70 -60.63
C PHE J 449 -58.49 -31.50 -59.43
N GLY J 450 -57.23 -31.89 -59.45
CA GLY J 450 -56.67 -32.58 -58.30
C GLY J 450 -56.74 -31.75 -57.03
N LEU J 451 -56.53 -30.44 -57.16
CA LEU J 451 -56.55 -29.56 -55.99
C LEU J 451 -57.96 -29.26 -55.50
N VAL J 452 -58.93 -29.15 -56.41
CA VAL J 452 -60.29 -28.78 -56.03
C VAL J 452 -60.91 -29.90 -55.20
N ASN J 453 -60.15 -30.97 -54.99
CA ASN J 453 -60.59 -32.07 -54.15
C ASN J 453 -60.84 -31.58 -52.72
N GLN J 454 -61.93 -32.07 -52.12
CA GLN J 454 -62.41 -31.53 -50.86
C GLN J 454 -61.43 -31.80 -49.73
N GLU J 455 -61.16 -33.06 -49.43
CA GLU J 455 -60.21 -33.37 -48.36
C GLU J 455 -58.81 -32.87 -48.68
N ARG J 456 -58.36 -32.99 -49.94
CA ARG J 456 -57.06 -32.43 -50.30
C ARG J 456 -57.04 -30.92 -50.14
N THR J 457 -58.12 -30.25 -50.56
CA THR J 457 -58.19 -28.80 -50.41
C THR J 457 -58.14 -28.40 -48.94
N SER J 458 -58.85 -29.13 -48.09
CA SER J 458 -58.83 -28.85 -46.66
C SER J 458 -57.44 -29.08 -46.07
N TYR J 459 -56.76 -30.14 -46.52
CA TYR J 459 -55.41 -30.40 -46.04
C TYR J 459 -54.46 -29.27 -46.44
N LEU J 460 -54.57 -28.79 -47.68
CA LEU J 460 -53.75 -27.67 -48.10
C LEU J 460 -54.08 -26.41 -47.30
N GLU J 461 -55.36 -26.20 -47.00
CA GLU J 461 -55.75 -25.06 -46.18
C GLU J 461 -55.12 -25.15 -44.79
N LYS J 462 -55.18 -26.33 -44.18
CA LYS J 462 -54.58 -26.47 -42.85
C LYS J 462 -53.07 -26.32 -42.91
N LYS J 463 -52.45 -26.67 -44.03
CA LYS J 463 -51.00 -26.56 -44.15
C LYS J 463 -50.57 -25.11 -44.32
N LEU J 464 -51.28 -24.34 -45.15
CA LEU J 464 -50.83 -23.01 -45.53
C LEU J 464 -51.58 -21.88 -44.83
N SER J 465 -52.57 -22.18 -43.99
CA SER J 465 -53.35 -21.16 -43.31
C SER J 465 -53.95 -20.16 -44.30
N CYS J 466 -54.73 -20.70 -45.25
CA CYS J 466 -55.36 -19.88 -46.27
C CYS J 466 -56.56 -20.64 -46.82
N LYS J 467 -57.75 -20.11 -46.60
CA LYS J 467 -58.96 -20.77 -47.07
C LYS J 467 -58.99 -20.81 -48.60
N ILE J 468 -59.69 -21.82 -49.12
CA ILE J 468 -59.79 -22.04 -50.55
C ILE J 468 -61.21 -21.76 -50.99
N SER J 469 -61.40 -21.66 -52.31
CA SER J 469 -62.70 -21.42 -52.91
C SER J 469 -63.19 -22.73 -53.53
N GLN J 470 -64.39 -23.16 -53.14
CA GLN J 470 -64.96 -24.39 -53.67
C GLN J 470 -65.87 -24.14 -54.87
N GLN J 471 -66.36 -22.92 -55.06
CA GLN J 471 -67.22 -22.63 -56.20
C GLN J 471 -66.50 -22.85 -57.52
N ILE J 472 -65.17 -22.86 -57.52
CA ILE J 472 -64.45 -23.27 -58.72
C ILE J 472 -64.80 -24.71 -59.09
N ARG J 473 -65.05 -25.54 -58.09
CA ARG J 473 -65.48 -26.91 -58.36
C ARG J 473 -66.81 -26.92 -59.09
N LEU J 474 -67.76 -26.09 -58.66
CA LEU J 474 -69.05 -26.03 -59.35
C LEU J 474 -68.91 -25.44 -60.74
N GLU J 475 -68.00 -24.48 -60.91
CA GLU J 475 -67.74 -23.95 -62.25
C GLU J 475 -67.20 -25.04 -63.17
N LEU J 476 -66.26 -25.84 -62.67
CA LEU J 476 -65.74 -26.95 -63.47
C LEU J 476 -66.83 -27.96 -63.76
N LEU J 477 -67.70 -28.23 -62.78
CA LEU J 477 -68.82 -29.14 -63.01
C LEU J 477 -69.74 -28.62 -64.10
N LYS J 478 -70.01 -27.32 -64.11
CA LYS J 478 -70.85 -26.74 -65.16
C LYS J 478 -70.16 -26.81 -66.51
N TRP J 479 -68.83 -26.63 -66.54
CA TRP J 479 -68.11 -26.83 -67.79
C TRP J 479 -68.26 -28.26 -68.29
N ILE J 480 -68.14 -29.23 -67.38
CA ILE J 480 -68.29 -30.63 -67.79
C ILE J 480 -69.71 -30.89 -68.26
N GLU J 481 -70.68 -30.23 -67.64
CA GLU J 481 -72.07 -30.34 -68.09
C GLU J 481 -72.23 -29.80 -69.51
N VAL J 482 -71.60 -28.65 -69.80
CA VAL J 482 -71.66 -28.10 -71.14
C VAL J 482 -70.98 -29.04 -72.14
N LYS J 483 -69.82 -29.58 -71.76
CA LYS J 483 -69.11 -30.50 -72.64
C LYS J 483 -69.93 -31.75 -72.91
N ALA J 484 -70.67 -32.23 -71.91
CA ALA J 484 -71.50 -33.43 -72.10
C ALA J 484 -72.76 -33.12 -72.88
N LYS J 485 -73.30 -31.92 -72.72
CA LYS J 485 -74.48 -31.52 -73.46
C LYS J 485 -74.03 -30.95 -74.80
N ALA J 486 -72.86 -31.38 -75.26
CA ALA J 486 -72.30 -30.92 -76.52
C ALA J 486 -72.31 -32.01 -77.58
N LYS J 487 -72.96 -33.13 -77.26
CA LYS J 487 -73.07 -34.28 -78.17
C LYS J 487 -71.74 -34.68 -78.78
N LYS J 488 -70.83 -35.17 -77.93
CA LYS J 488 -69.50 -35.59 -78.35
C LYS J 488 -68.82 -34.53 -79.20
N LEU J 489 -68.71 -33.33 -78.63
CA LEU J 489 -68.09 -32.20 -79.32
C LEU J 489 -66.58 -32.39 -79.48
N GLN J 490 -65.99 -33.18 -78.57
CA GLN J 490 -64.58 -33.57 -78.55
C GLN J 490 -63.55 -32.66 -79.25
N ILE J 491 -63.70 -31.35 -79.07
CA ILE J 491 -62.78 -30.40 -79.68
C ILE J 491 -61.37 -30.72 -79.19
N GLN J 492 -61.20 -30.64 -77.88
CA GLN J 492 -59.93 -30.96 -77.24
C GLN J 492 -60.26 -31.65 -75.92
N PRO J 493 -61.01 -30.96 -75.07
CA PRO J 493 -61.43 -31.53 -73.78
C PRO J 493 -62.34 -32.71 -74.06
N SER J 494 -61.82 -33.72 -74.75
CA SER J 494 -62.63 -34.83 -75.21
C SER J 494 -63.04 -35.72 -74.04
N GLN J 495 -63.74 -36.81 -74.36
CA GLN J 495 -64.23 -37.71 -73.31
C GLN J 495 -63.08 -38.29 -72.50
N LEU J 496 -62.00 -38.70 -73.17
CA LEU J 496 -60.86 -39.26 -72.44
C LEU J 496 -60.19 -38.20 -71.57
N GLU J 497 -60.08 -36.97 -72.07
CA GLU J 497 -59.50 -35.91 -71.26
C GLU J 497 -60.34 -35.63 -70.02
N LEU J 498 -61.66 -35.60 -70.17
CA LEU J 498 -62.51 -35.39 -69.00
C LEU J 498 -62.45 -36.57 -68.05
N PHE J 499 -62.32 -37.80 -68.58
CA PHE J 499 -62.11 -38.95 -67.72
C PHE J 499 -60.85 -38.80 -66.90
N TYR J 500 -59.75 -38.37 -67.53
CA TYR J 500 -58.50 -38.16 -66.79
C TYR J 500 -58.67 -37.09 -65.74
N CYS J 501 -59.35 -36.00 -66.10
CA CYS J 501 -59.58 -34.92 -65.14
C CYS J 501 -60.34 -35.43 -63.92
N LEU J 502 -61.44 -36.15 -64.14
CA LEU J 502 -62.21 -36.66 -63.01
C LEU J 502 -61.42 -37.69 -62.21
N TYR J 503 -60.66 -38.54 -62.89
CA TYR J 503 -59.81 -39.51 -62.21
C TYR J 503 -58.88 -38.81 -61.24
N GLU J 504 -58.19 -37.76 -61.72
CA GLU J 504 -57.32 -37.01 -60.82
C GLU J 504 -58.11 -36.30 -59.74
N MET J 505 -59.36 -35.93 -60.03
CA MET J 505 -60.22 -35.35 -59.01
C MET J 505 -60.43 -36.32 -57.85
N GLN J 506 -60.70 -37.58 -58.17
CA GLN J 506 -60.82 -38.66 -57.20
C GLN J 506 -61.92 -38.44 -56.17
N GLU J 507 -62.77 -37.44 -56.36
CA GLU J 507 -63.87 -37.19 -55.42
C GLU J 507 -65.09 -37.97 -55.88
N GLU J 508 -65.51 -38.92 -55.05
CA GLU J 508 -66.55 -39.86 -55.48
C GLU J 508 -67.85 -39.15 -55.80
N ASP J 509 -68.33 -38.30 -54.88
CA ASP J 509 -69.62 -37.64 -55.10
C ASP J 509 -69.57 -36.72 -56.31
N PHE J 510 -68.48 -35.98 -56.47
CA PHE J 510 -68.35 -35.10 -57.63
C PHE J 510 -68.34 -35.91 -58.92
N VAL J 511 -67.63 -37.03 -58.93
CA VAL J 511 -67.59 -37.86 -60.13
C VAL J 511 -68.97 -38.40 -60.46
N GLN J 512 -69.71 -38.88 -59.45
CA GLN J 512 -71.06 -39.36 -59.69
C GLN J 512 -71.93 -38.25 -60.26
N ARG J 513 -71.88 -37.06 -59.65
CA ARG J 513 -72.74 -35.96 -60.07
C ARG J 513 -72.35 -35.43 -61.46
N ALA J 514 -71.11 -35.63 -61.88
CA ALA J 514 -70.67 -35.11 -63.18
C ALA J 514 -70.83 -36.12 -64.32
N MET J 515 -70.63 -37.41 -64.04
CA MET J 515 -70.66 -38.41 -65.11
C MET J 515 -72.06 -38.68 -65.65
N ASP J 516 -73.10 -38.16 -65.01
CA ASP J 516 -74.47 -38.48 -65.40
C ASP J 516 -74.83 -37.99 -66.80
N TYR J 517 -74.06 -37.08 -67.38
CA TYR J 517 -74.36 -36.52 -68.69
C TYR J 517 -73.71 -37.28 -69.84
N PHE J 518 -72.86 -38.27 -69.52
CA PHE J 518 -72.09 -39.09 -70.45
C PHE J 518 -72.84 -40.11 -71.30
N PRO J 519 -74.08 -40.53 -70.93
CA PRO J 519 -74.57 -41.86 -71.33
C PRO J 519 -74.14 -42.38 -72.70
N LYS J 520 -74.00 -41.48 -73.68
CA LYS J 520 -73.42 -41.83 -74.97
C LYS J 520 -71.92 -41.57 -74.92
N ILE J 521 -71.13 -42.64 -74.90
CA ILE J 521 -69.69 -42.54 -74.69
C ILE J 521 -68.95 -43.33 -75.77
N GLU J 522 -67.93 -42.71 -76.34
CA GLU J 522 -67.06 -43.35 -77.33
C GLU J 522 -65.62 -43.12 -76.89
N ILE J 523 -64.92 -44.18 -76.51
CA ILE J 523 -63.57 -44.06 -75.96
C ILE J 523 -62.68 -45.14 -76.56
N ASN J 524 -61.40 -44.82 -76.67
CA ASN J 524 -60.39 -45.77 -77.13
C ASN J 524 -59.20 -45.72 -76.19
N LEU J 525 -58.51 -46.84 -76.09
CA LEU J 525 -57.44 -47.02 -75.13
C LEU J 525 -56.12 -47.31 -75.84
N SER J 526 -55.04 -46.76 -75.29
CA SER J 526 -53.69 -47.02 -75.80
C SER J 526 -52.68 -47.31 -74.71
N THR J 527 -53.03 -47.14 -73.44
CA THR J 527 -52.09 -47.37 -72.34
C THR J 527 -52.84 -47.86 -71.11
N ARG J 528 -52.09 -48.48 -70.20
CA ARG J 528 -52.68 -48.91 -68.94
C ARG J 528 -53.32 -47.76 -68.19
N MET J 529 -52.75 -46.55 -68.31
CA MET J 529 -53.37 -45.40 -67.68
C MET J 529 -54.74 -45.12 -68.29
N ASP J 530 -54.85 -45.25 -69.61
CA ASP J 530 -56.16 -45.12 -70.25
C ASP J 530 -57.12 -46.18 -69.73
N HIS J 531 -56.64 -47.42 -69.60
CA HIS J 531 -57.49 -48.48 -69.06
C HIS J 531 -58.01 -48.10 -67.68
N MET J 532 -57.12 -47.65 -66.81
CA MET J 532 -57.52 -47.33 -65.43
C MET J 532 -58.50 -46.15 -65.41
N VAL J 533 -58.23 -45.11 -66.19
CA VAL J 533 -59.11 -43.95 -66.20
C VAL J 533 -60.50 -44.33 -66.70
N SER J 534 -60.55 -45.09 -67.79
CA SER J 534 -61.84 -45.52 -68.33
C SER J 534 -62.58 -46.38 -67.33
N SER J 535 -61.87 -47.31 -66.67
CA SER J 535 -62.52 -48.20 -65.71
C SER J 535 -63.11 -47.40 -64.56
N PHE J 536 -62.32 -46.50 -63.97
CA PHE J 536 -62.81 -45.72 -62.83
C PHE J 536 -63.99 -44.84 -63.25
N CYS J 537 -63.88 -44.18 -64.40
CA CYS J 537 -64.95 -43.31 -64.85
C CYS J 537 -66.23 -44.08 -65.10
N ILE J 538 -66.13 -45.25 -65.75
CA ILE J 538 -67.32 -46.05 -66.01
C ILE J 538 -67.92 -46.54 -64.70
N GLU J 539 -67.08 -46.99 -63.76
CA GLU J 539 -67.59 -47.45 -62.47
C GLU J 539 -68.34 -46.34 -61.75
N ASN J 540 -67.80 -45.11 -61.78
CA ASN J 540 -68.50 -43.99 -61.17
C ASN J 540 -69.72 -43.53 -61.96
N CYS J 541 -69.79 -43.85 -63.25
CA CYS J 541 -70.91 -43.45 -64.09
C CYS J 541 -72.16 -44.21 -63.68
N HIS J 542 -73.27 -43.48 -63.50
CA HIS J 542 -74.55 -44.08 -63.15
C HIS J 542 -75.59 -43.94 -64.24
N ARG J 543 -75.32 -43.14 -65.28
CA ARG J 543 -76.30 -42.87 -66.33
C ARG J 543 -75.74 -43.27 -67.69
N VAL J 544 -75.15 -44.46 -67.79
CA VAL J 544 -74.47 -44.90 -69.00
C VAL J 544 -75.34 -45.94 -69.71
N GLU J 545 -75.67 -45.68 -70.97
CA GLU J 545 -76.37 -46.66 -71.80
C GLU J 545 -75.56 -47.10 -73.01
N SER J 546 -75.06 -46.18 -73.82
CA SER J 546 -74.38 -46.52 -75.06
C SER J 546 -72.89 -46.31 -74.88
N LEU J 547 -72.11 -47.37 -75.12
CA LEU J 547 -70.66 -47.32 -74.95
C LEU J 547 -69.98 -47.99 -76.14
N SER J 548 -69.02 -47.29 -76.74
CA SER J 548 -68.17 -47.83 -77.78
C SER J 548 -66.74 -47.79 -77.29
N LEU J 549 -66.05 -48.93 -77.36
CA LEU J 549 -64.71 -49.06 -76.82
C LEU J 549 -63.76 -49.56 -77.91
N GLY J 550 -62.63 -48.87 -78.04
CA GLY J 550 -61.59 -49.28 -78.98
C GLY J 550 -60.27 -49.54 -78.28
N PHE J 551 -59.39 -50.33 -78.89
CA PHE J 551 -58.11 -50.67 -78.28
C PHE J 551 -57.01 -50.56 -79.33
N LEU J 552 -55.83 -50.09 -78.90
CA LEU J 552 -54.66 -50.04 -79.76
C LEU J 552 -53.54 -50.88 -79.17
N HIS J 553 -52.82 -51.57 -80.06
CA HIS J 553 -51.71 -52.43 -79.65
C HIS J 553 -52.22 -53.69 -78.95
N THR J 594 -53.16 -56.79 -73.08
CA THR J 594 -54.53 -56.55 -73.49
C THR J 594 -55.52 -57.17 -72.51
N SER J 595 -55.48 -58.50 -72.39
CA SER J 595 -56.41 -59.19 -71.52
C SER J 595 -56.22 -58.81 -70.06
N SER J 596 -54.98 -58.49 -69.66
CA SER J 596 -54.73 -58.14 -68.26
C SER J 596 -55.51 -56.90 -67.85
N PHE J 597 -55.38 -55.81 -68.60
CA PHE J 597 -56.14 -54.60 -68.30
C PHE J 597 -57.60 -54.75 -68.73
N CYS J 598 -57.84 -55.38 -69.88
CA CYS J 598 -59.20 -55.63 -70.31
C CYS J 598 -59.95 -56.49 -69.30
N ARG J 599 -59.24 -57.37 -68.59
CA ARG J 599 -59.87 -58.11 -67.51
C ARG J 599 -60.62 -57.18 -66.57
N GLY J 600 -59.90 -56.25 -65.95
CA GLY J 600 -60.52 -55.31 -65.02
C GLY J 600 -61.51 -54.38 -65.68
N LEU J 601 -61.21 -53.93 -66.90
CA LEU J 601 -62.13 -53.04 -67.60
C LEU J 601 -63.49 -53.70 -67.77
N PHE J 602 -63.51 -54.91 -68.32
CA PHE J 602 -64.77 -55.61 -68.54
C PHE J 602 -65.39 -56.05 -67.21
N SER J 603 -64.58 -56.31 -66.19
CA SER J 603 -65.15 -56.61 -64.89
C SER J 603 -65.95 -55.43 -64.36
N VAL J 604 -65.40 -54.22 -64.49
CA VAL J 604 -66.12 -53.03 -64.05
C VAL J 604 -67.35 -52.80 -64.92
N LEU J 605 -67.24 -53.05 -66.23
CA LEU J 605 -68.40 -52.94 -67.09
C LEU J 605 -69.52 -53.88 -66.62
N SER J 606 -69.19 -55.14 -66.37
CA SER J 606 -70.19 -56.09 -65.91
C SER J 606 -70.78 -55.66 -64.57
N THR J 607 -69.94 -55.18 -63.66
CA THR J 607 -70.45 -54.65 -62.40
C THR J 607 -71.44 -53.53 -62.63
N SER J 608 -71.22 -52.71 -63.66
CA SER J 608 -72.18 -51.68 -64.01
C SER J 608 -73.54 -52.31 -64.31
N GLN J 609 -74.60 -51.66 -63.84
CA GLN J 609 -75.95 -52.20 -63.94
C GLN J 609 -76.87 -51.40 -64.85
N SER J 610 -76.42 -50.25 -65.35
CA SER J 610 -77.23 -49.42 -66.22
C SER J 610 -76.87 -49.53 -67.69
N LEU J 611 -75.91 -50.39 -68.04
CA LEU J 611 -75.46 -50.48 -69.42
C LEU J 611 -76.51 -51.13 -70.31
N THR J 612 -76.50 -50.74 -71.57
CA THR J 612 -77.38 -51.31 -72.59
C THR J 612 -76.63 -51.77 -73.84
N GLU J 613 -75.60 -51.05 -74.25
CA GLU J 613 -74.89 -51.35 -75.48
C GLU J 613 -73.40 -51.52 -75.22
N LEU J 614 -72.77 -52.32 -76.08
CA LEU J 614 -71.32 -52.53 -76.03
C LEU J 614 -70.82 -52.67 -77.46
N ASP J 615 -70.12 -51.66 -77.95
CA ASP J 615 -69.57 -51.66 -79.31
C ASP J 615 -68.09 -52.00 -79.22
N LEU J 616 -67.74 -53.25 -79.59
CA LEU J 616 -66.35 -53.68 -79.61
C LEU J 616 -65.85 -53.84 -81.04
N SER J 617 -66.56 -53.27 -82.01
CA SER J 617 -66.21 -53.42 -83.41
C SER J 617 -64.86 -52.78 -83.72
N ASP J 618 -64.22 -53.25 -84.78
CA ASP J 618 -62.93 -52.73 -85.22
C ASP J 618 -61.88 -52.87 -84.11
N ASN J 619 -61.97 -53.96 -83.34
CA ASN J 619 -61.03 -54.24 -82.27
C ASN J 619 -60.52 -55.66 -82.41
N SER J 620 -59.20 -55.82 -82.38
CA SER J 620 -58.57 -57.14 -82.51
C SER J 620 -58.53 -57.82 -81.14
N LEU J 621 -59.72 -58.20 -80.67
CA LEU J 621 -59.83 -58.82 -79.35
C LEU J 621 -59.12 -60.16 -79.31
N GLY J 622 -59.28 -60.97 -80.36
CA GLY J 622 -58.68 -62.28 -80.40
C GLY J 622 -59.45 -63.29 -79.55
N ASP J 623 -59.02 -64.55 -79.65
CA ASP J 623 -59.66 -65.61 -78.88
C ASP J 623 -59.51 -65.40 -77.37
N PRO J 624 -58.32 -65.08 -76.84
CA PRO J 624 -58.24 -64.80 -75.40
C PRO J 624 -59.12 -63.64 -74.97
N GLY J 625 -59.18 -62.59 -75.79
CA GLY J 625 -60.05 -61.47 -75.47
C GLY J 625 -61.51 -61.86 -75.44
N MET J 626 -61.95 -62.65 -76.43
CA MET J 626 -63.33 -63.10 -76.44
C MET J 626 -63.63 -64.00 -75.25
N ARG J 627 -62.68 -64.84 -74.87
CA ARG J 627 -62.88 -65.67 -73.68
C ARG J 627 -63.03 -64.82 -72.42
N VAL J 628 -62.18 -63.79 -72.28
CA VAL J 628 -62.31 -62.90 -71.14
C VAL J 628 -63.67 -62.20 -71.16
N LEU J 629 -64.09 -61.74 -72.33
CA LEU J 629 -65.36 -61.04 -72.45
C LEU J 629 -66.53 -61.94 -72.08
N CYS J 630 -66.53 -63.18 -72.56
CA CYS J 630 -67.63 -64.09 -72.24
C CYS J 630 -67.61 -64.46 -70.76
N GLU J 631 -66.42 -64.63 -70.18
CA GLU J 631 -66.35 -64.86 -68.74
C GLU J 631 -66.96 -63.70 -67.98
N THR J 632 -66.65 -62.46 -68.38
CA THR J 632 -67.24 -61.31 -67.71
C THR J 632 -68.76 -61.26 -67.89
N LEU J 633 -69.23 -61.53 -69.11
CA LEU J 633 -70.66 -61.49 -69.37
C LEU J 633 -71.40 -62.58 -68.60
N GLN J 634 -70.75 -63.71 -68.32
CA GLN J 634 -71.40 -64.79 -67.59
C GLN J 634 -71.79 -64.39 -66.17
N HIS J 635 -71.38 -63.21 -65.71
CA HIS J 635 -71.74 -62.79 -64.37
C HIS J 635 -73.25 -62.65 -64.25
N PRO J 636 -73.85 -63.13 -63.15
CA PRO J 636 -75.31 -63.03 -63.01
C PRO J 636 -75.83 -61.60 -63.08
N GLY J 637 -75.06 -60.63 -62.61
CA GLY J 637 -75.48 -59.24 -62.63
C GLY J 637 -75.31 -58.53 -63.95
N CYS J 638 -74.81 -59.23 -64.97
CA CYS J 638 -74.62 -58.61 -66.28
C CYS J 638 -75.92 -58.02 -66.79
N ASN J 639 -75.87 -56.75 -67.20
CA ASN J 639 -77.03 -56.05 -67.72
C ASN J 639 -76.83 -55.60 -69.16
N ILE J 640 -75.95 -56.28 -69.90
CA ILE J 640 -75.67 -55.93 -71.29
C ILE J 640 -76.74 -56.53 -72.18
N ARG J 641 -77.38 -55.68 -72.98
CA ARG J 641 -78.44 -56.11 -73.88
C ARG J 641 -77.98 -56.27 -75.32
N ARG J 642 -77.12 -55.38 -75.81
CA ARG J 642 -76.62 -55.44 -77.17
C ARG J 642 -75.10 -55.38 -77.17
N LEU J 643 -74.48 -56.22 -78.02
CA LEU J 643 -73.03 -56.26 -78.11
C LEU J 643 -72.66 -56.53 -79.56
N TRP J 644 -72.00 -55.55 -80.19
CA TRP J 644 -71.61 -55.66 -81.59
C TRP J 644 -70.13 -55.96 -81.70
N LEU J 645 -69.78 -57.08 -82.36
CA LEU J 645 -68.42 -57.59 -82.41
C LEU J 645 -67.90 -57.64 -83.84
N GLY J 646 -68.29 -56.66 -84.65
CA GLY J 646 -67.86 -56.63 -86.03
C GLY J 646 -66.36 -56.56 -86.22
N ARG J 647 -65.81 -57.46 -87.05
CA ARG J 647 -64.40 -57.43 -87.42
C ARG J 647 -63.49 -57.46 -86.20
N CYS J 648 -63.82 -58.33 -85.25
CA CYS J 648 -63.06 -58.46 -84.00
C CYS J 648 -62.09 -59.63 -84.01
N GLY J 649 -61.92 -60.30 -85.14
CA GLY J 649 -61.02 -61.44 -85.19
C GLY J 649 -61.48 -62.63 -84.36
N LEU J 650 -62.78 -62.91 -84.37
CA LEU J 650 -63.31 -64.04 -83.62
C LEU J 650 -63.38 -65.28 -84.50
N SER J 651 -63.43 -66.44 -83.87
CA SER J 651 -63.35 -67.71 -84.60
C SER J 651 -64.22 -68.74 -83.89
N HIS J 652 -64.13 -69.99 -84.37
CA HIS J 652 -64.92 -71.08 -83.80
C HIS J 652 -64.56 -71.30 -82.34
N GLU J 653 -63.29 -71.22 -82.00
CA GLU J 653 -62.86 -71.44 -80.62
C GLU J 653 -63.62 -70.52 -79.68
N CYS J 654 -63.64 -69.22 -79.98
CA CYS J 654 -64.45 -68.30 -79.20
C CYS J 654 -65.93 -68.54 -79.40
N CYS J 655 -66.32 -69.22 -80.48
CA CYS J 655 -67.73 -69.55 -80.67
C CYS J 655 -68.23 -70.51 -79.60
N PHE J 656 -67.36 -71.38 -79.08
CA PHE J 656 -67.74 -72.24 -77.96
C PHE J 656 -68.16 -71.40 -76.76
N ASP J 657 -67.34 -70.44 -76.36
CA ASP J 657 -67.68 -69.58 -75.24
C ASP J 657 -68.88 -68.69 -75.56
N ILE J 658 -69.04 -68.30 -76.82
CA ILE J 658 -70.21 -67.53 -77.21
C ILE J 658 -71.48 -68.35 -77.01
N SER J 659 -71.45 -69.63 -77.39
CA SER J 659 -72.59 -70.51 -77.14
C SER J 659 -72.83 -70.68 -75.66
N LEU J 660 -71.76 -70.81 -74.87
CA LEU J 660 -71.94 -70.90 -73.42
C LEU J 660 -72.63 -69.65 -72.89
N VAL J 661 -72.22 -68.47 -73.36
CA VAL J 661 -72.84 -67.23 -72.92
C VAL J 661 -74.31 -67.20 -73.32
N LEU J 662 -74.61 -67.61 -74.55
CA LEU J 662 -75.99 -67.60 -75.02
C LEU J 662 -76.85 -68.53 -74.18
N SER J 663 -76.33 -69.71 -73.83
CA SER J 663 -77.08 -70.66 -73.02
C SER J 663 -77.20 -70.26 -71.56
N SER J 664 -76.23 -69.51 -71.03
CA SER J 664 -76.25 -69.15 -69.62
C SER J 664 -77.01 -67.86 -69.38
N ASN J 665 -76.57 -66.76 -70.00
CA ASN J 665 -77.22 -65.47 -69.79
C ASN J 665 -78.62 -65.48 -70.39
N GLN J 666 -79.57 -64.89 -69.67
CA GLN J 666 -80.94 -64.75 -70.14
C GLN J 666 -81.29 -63.31 -70.50
N LYS J 667 -80.31 -62.42 -70.51
CA LYS J 667 -80.53 -61.02 -70.85
C LYS J 667 -80.18 -60.68 -72.29
N LEU J 668 -79.30 -61.45 -72.92
CA LEU J 668 -78.89 -61.16 -74.28
C LEU J 668 -80.10 -61.11 -75.20
N VAL J 669 -80.12 -60.10 -76.08
CA VAL J 669 -81.26 -59.84 -76.95
C VAL J 669 -80.88 -59.97 -78.42
N GLU J 670 -79.72 -59.43 -78.81
CA GLU J 670 -79.31 -59.40 -80.21
C GLU J 670 -77.81 -59.64 -80.30
N LEU J 671 -77.35 -60.00 -81.49
CA LEU J 671 -75.93 -60.23 -81.69
C LEU J 671 -75.56 -59.99 -83.16
N ASP J 672 -74.45 -59.29 -83.37
CA ASP J 672 -73.87 -59.10 -84.69
C ASP J 672 -72.39 -59.45 -84.61
N LEU J 673 -71.99 -60.43 -85.43
CA LEU J 673 -70.63 -60.94 -85.47
C LEU J 673 -70.08 -60.87 -86.89
N SER J 674 -70.35 -59.77 -87.58
CA SER J 674 -69.97 -59.66 -88.99
C SER J 674 -68.46 -59.76 -89.15
N ASP J 675 -68.04 -60.44 -90.22
CA ASP J 675 -66.62 -60.57 -90.54
C ASP J 675 -65.88 -61.39 -89.49
N ASN J 676 -66.55 -62.42 -88.97
CA ASN J 676 -65.97 -63.32 -87.99
C ASN J 676 -65.68 -64.66 -88.65
N ALA J 677 -64.47 -65.19 -88.40
CA ALA J 677 -64.06 -66.47 -88.96
C ALA J 677 -64.69 -67.62 -88.16
N LEU J 678 -66.03 -67.61 -88.14
CA LEU J 678 -66.76 -68.64 -87.39
C LEU J 678 -66.51 -70.02 -87.97
N GLY J 679 -66.72 -70.17 -89.27
CA GLY J 679 -66.54 -71.46 -89.91
C GLY J 679 -67.67 -72.43 -89.61
N ASP J 680 -67.65 -73.60 -90.27
CA ASP J 680 -68.66 -74.60 -89.99
C ASP J 680 -68.59 -75.07 -88.54
N PHE J 681 -67.38 -75.27 -88.01
CA PHE J 681 -67.23 -75.64 -86.62
C PHE J 681 -67.72 -74.53 -85.69
N GLY J 682 -67.45 -73.28 -86.05
CA GLY J 682 -67.94 -72.17 -85.24
C GLY J 682 -69.46 -72.13 -85.18
N ILE J 683 -70.11 -72.30 -86.33
CA ILE J 683 -71.57 -72.32 -86.34
C ILE J 683 -72.10 -73.54 -85.60
N ARG J 684 -71.38 -74.67 -85.69
CA ARG J 684 -71.78 -75.86 -84.95
C ARG J 684 -71.78 -75.61 -83.46
N LEU J 685 -70.73 -74.95 -82.95
CA LEU J 685 -70.69 -74.60 -81.54
C LEU J 685 -71.77 -73.59 -81.19
N LEU J 686 -72.00 -72.61 -82.07
CA LEU J 686 -72.97 -71.56 -81.79
C LEU J 686 -74.38 -72.11 -81.67
N CYS J 687 -74.77 -73.00 -82.58
CA CYS J 687 -76.11 -73.55 -82.57
C CYS J 687 -76.38 -74.36 -81.31
N VAL J 688 -75.34 -74.93 -80.70
CA VAL J 688 -75.53 -75.64 -79.45
C VAL J 688 -76.09 -74.71 -78.39
N GLY J 689 -75.51 -73.53 -78.26
CA GLY J 689 -76.06 -72.54 -77.35
C GLY J 689 -77.42 -72.01 -77.79
N LEU J 690 -77.59 -71.82 -79.10
CA LEU J 690 -78.86 -71.29 -79.59
C LEU J 690 -80.02 -72.21 -79.25
N LYS J 691 -79.83 -73.52 -79.38
CA LYS J 691 -80.92 -74.46 -79.13
C LYS J 691 -81.20 -74.68 -77.64
N HIS J 692 -80.39 -74.09 -76.76
CA HIS J 692 -80.67 -74.18 -75.34
C HIS J 692 -81.98 -73.48 -74.99
N LEU J 693 -82.71 -74.07 -74.04
CA LEU J 693 -84.00 -73.52 -73.67
C LEU J 693 -83.87 -72.09 -73.15
N LEU J 694 -82.75 -71.76 -72.51
CA LEU J 694 -82.53 -70.42 -71.99
C LEU J 694 -82.11 -69.42 -73.06
N CYS J 695 -81.84 -69.88 -74.28
CA CYS J 695 -81.45 -68.99 -75.36
C CYS J 695 -82.58 -68.02 -75.65
N ASN J 696 -82.36 -66.73 -75.34
CA ASN J 696 -83.37 -65.70 -75.57
C ASN J 696 -82.95 -64.71 -76.65
N LEU J 697 -81.93 -65.04 -77.44
CA LEU J 697 -81.51 -64.15 -78.52
C LEU J 697 -82.62 -64.04 -79.57
N LYS J 698 -82.74 -62.84 -80.15
CA LYS J 698 -83.77 -62.57 -81.14
C LYS J 698 -83.17 -62.32 -82.53
N LYS J 699 -82.26 -61.37 -82.65
CA LYS J 699 -81.71 -60.97 -83.95
C LYS J 699 -80.25 -61.38 -84.04
N LEU J 700 -79.89 -61.98 -85.18
CA LEU J 700 -78.54 -62.44 -85.43
C LEU J 700 -78.05 -61.93 -86.77
N TRP J 701 -76.86 -61.34 -86.78
CA TRP J 701 -76.16 -60.95 -88.00
C TRP J 701 -74.85 -61.72 -88.08
N LEU J 702 -74.71 -62.51 -89.14
CA LEU J 702 -73.48 -63.26 -89.41
C LEU J 702 -72.97 -62.98 -90.82
N VAL J 703 -73.17 -61.73 -91.29
CA VAL J 703 -72.80 -61.39 -92.65
C VAL J 703 -71.31 -61.58 -92.87
N SER J 704 -70.95 -62.14 -94.03
CA SER J 704 -69.56 -62.34 -94.39
C SER J 704 -68.82 -63.15 -93.33
N CYS J 705 -69.48 -64.19 -92.82
CA CYS J 705 -68.91 -65.06 -91.80
C CYS J 705 -68.16 -66.25 -92.40
N CYS J 706 -68.02 -66.30 -93.72
CA CYS J 706 -67.32 -67.39 -94.41
C CYS J 706 -68.01 -68.73 -94.24
N LEU J 707 -69.29 -68.71 -93.86
CA LEU J 707 -70.05 -69.93 -93.67
C LEU J 707 -70.49 -70.51 -95.01
N THR J 708 -70.97 -71.75 -94.96
CA THR J 708 -71.46 -72.45 -96.13
C THR J 708 -72.71 -73.24 -95.76
N SER J 709 -73.26 -73.97 -96.74
CA SER J 709 -74.48 -74.74 -96.51
C SER J 709 -74.27 -75.86 -95.50
N ALA J 710 -73.02 -76.21 -95.18
CA ALA J 710 -72.77 -77.29 -94.24
C ALA J 710 -73.40 -76.98 -92.88
N CYS J 711 -73.25 -75.74 -92.41
CA CYS J 711 -73.85 -75.32 -91.15
C CYS J 711 -75.32 -74.97 -91.30
N CYS J 712 -75.85 -74.96 -92.52
CA CYS J 712 -77.26 -74.63 -92.73
C CYS J 712 -78.18 -75.62 -92.02
N GLN J 713 -77.74 -76.87 -91.86
CA GLN J 713 -78.53 -77.84 -91.11
C GLN J 713 -78.73 -77.38 -89.67
N ASP J 714 -77.63 -77.00 -89.00
CA ASP J 714 -77.74 -76.50 -87.64
C ASP J 714 -78.51 -75.19 -87.59
N LEU J 715 -78.34 -74.34 -88.59
CA LEU J 715 -79.09 -73.08 -88.61
C LEU J 715 -80.59 -73.34 -88.67
N ALA J 716 -81.01 -74.25 -89.54
CA ALA J 716 -82.43 -74.58 -89.64
C ALA J 716 -82.93 -75.24 -88.36
N SER J 717 -82.11 -76.10 -87.76
CA SER J 717 -82.50 -76.72 -86.50
C SER J 717 -82.73 -75.68 -85.42
N VAL J 718 -81.82 -74.71 -85.31
CA VAL J 718 -81.98 -73.67 -84.30
C VAL J 718 -83.19 -72.80 -84.62
N LEU J 719 -83.43 -72.53 -85.90
CA LEU J 719 -84.59 -71.73 -86.28
C LEU J 719 -85.88 -72.44 -85.88
N SER J 720 -85.95 -73.75 -86.07
CA SER J 720 -87.14 -74.51 -85.70
C SER J 720 -87.22 -74.78 -84.21
N THR J 721 -86.13 -74.65 -83.47
CA THR J 721 -86.11 -74.95 -82.05
C THR J 721 -86.33 -73.73 -81.16
N SER J 722 -85.51 -72.69 -81.33
CA SER J 722 -85.56 -71.55 -80.41
C SER J 722 -86.90 -70.85 -80.48
N HIS J 723 -87.35 -70.36 -79.33
CA HIS J 723 -88.62 -69.64 -79.21
C HIS J 723 -88.45 -68.13 -79.30
N SER J 724 -87.22 -67.62 -79.37
CA SER J 724 -86.97 -66.19 -79.41
C SER J 724 -86.24 -65.72 -80.65
N LEU J 725 -85.38 -66.55 -81.24
CA LEU J 725 -84.68 -66.15 -82.46
C LEU J 725 -85.67 -65.88 -83.57
N THR J 726 -85.73 -64.61 -84.01
CA THR J 726 -86.70 -64.19 -85.01
C THR J 726 -86.04 -63.78 -86.32
N ARG J 727 -85.10 -62.84 -86.28
CA ARG J 727 -84.46 -62.32 -87.49
C ARG J 727 -83.04 -62.86 -87.60
N LEU J 728 -82.70 -63.39 -88.77
CA LEU J 728 -81.38 -63.90 -89.06
C LEU J 728 -80.91 -63.37 -90.41
N TYR J 729 -79.70 -62.84 -90.44
CA TYR J 729 -79.12 -62.31 -91.68
C TYR J 729 -77.72 -62.91 -91.83
N VAL J 730 -77.59 -63.89 -92.72
CA VAL J 730 -76.35 -64.63 -92.90
C VAL J 730 -75.80 -64.45 -94.32
N GLY J 731 -76.07 -63.30 -94.95
CA GLY J 731 -75.58 -63.05 -96.29
C GLY J 731 -74.07 -63.06 -96.38
N GLU J 732 -73.54 -62.88 -97.59
CA GLU J 732 -72.10 -62.89 -97.82
C GLU J 732 -71.47 -64.23 -97.41
N ASN J 733 -72.24 -65.31 -97.52
CA ASN J 733 -71.78 -66.65 -97.19
C ASN J 733 -72.14 -67.58 -98.33
N ALA J 734 -71.29 -68.58 -98.58
CA ALA J 734 -71.49 -69.52 -99.66
C ALA J 734 -72.53 -70.57 -99.27
N LEU J 735 -73.73 -70.07 -98.95
CA LEU J 735 -74.83 -70.96 -98.59
C LEU J 735 -75.31 -71.75 -99.82
N GLY J 736 -75.53 -71.05 -100.93
CA GLY J 736 -75.93 -71.71 -102.17
C GLY J 736 -77.40 -72.08 -102.18
N ASP J 737 -77.81 -72.64 -103.33
CA ASP J 737 -79.19 -73.10 -103.47
C ASP J 737 -79.50 -74.22 -102.49
N SER J 738 -78.54 -75.15 -102.30
CA SER J 738 -78.76 -76.24 -101.35
C SER J 738 -78.94 -75.69 -99.93
N GLY J 739 -78.10 -74.73 -99.53
CA GLY J 739 -78.25 -74.14 -98.21
C GLY J 739 -79.57 -73.40 -98.05
N VAL J 740 -79.98 -72.67 -99.08
CA VAL J 740 -81.25 -71.96 -99.03
C VAL J 740 -82.41 -72.94 -98.91
N ALA J 741 -82.35 -74.05 -99.65
CA ALA J 741 -83.40 -75.06 -99.55
C ALA J 741 -83.41 -75.70 -98.17
N ILE J 742 -82.23 -75.96 -97.60
CA ILE J 742 -82.17 -76.51 -96.25
C ILE J 742 -82.81 -75.56 -95.24
N LEU J 743 -82.50 -74.27 -95.36
CA LEU J 743 -83.11 -73.28 -94.47
C LEU J 743 -84.62 -73.24 -94.67
N CYS J 744 -85.08 -73.30 -95.92
CA CYS J 744 -86.50 -73.21 -96.22
C CYS J 744 -87.27 -74.41 -95.69
N GLU J 745 -86.67 -75.61 -95.75
CA GLU J 745 -87.37 -76.81 -95.29
C GLU J 745 -87.76 -76.68 -93.82
N LYS J 746 -87.05 -75.87 -93.05
CA LYS J 746 -87.39 -75.61 -91.65
C LYS J 746 -88.19 -74.33 -91.47
N ALA J 747 -87.89 -73.29 -92.25
CA ALA J 747 -88.64 -72.04 -92.14
C ALA J 747 -90.09 -72.19 -92.59
N LYS J 748 -90.38 -73.19 -93.42
CA LYS J 748 -91.75 -73.41 -93.88
C LYS J 748 -92.70 -73.73 -92.72
N ASN J 749 -92.16 -74.16 -91.58
CA ASN J 749 -93.01 -74.47 -90.44
C ASN J 749 -93.78 -73.22 -90.03
N PRO J 750 -95.11 -73.25 -90.02
CA PRO J 750 -95.86 -72.04 -89.65
C PRO J 750 -95.52 -71.52 -88.26
N GLN J 751 -95.21 -72.40 -87.32
CA GLN J 751 -94.83 -71.97 -85.98
C GLN J 751 -93.46 -71.31 -85.94
N CYS J 752 -92.67 -71.46 -87.00
CA CYS J 752 -91.34 -70.87 -87.02
C CYS J 752 -91.43 -69.36 -86.83
N ASN J 753 -90.55 -68.82 -86.00
CA ASN J 753 -90.60 -67.42 -85.60
C ASN J 753 -89.79 -66.50 -86.49
N LEU J 754 -89.15 -67.01 -87.54
CA LEU J 754 -88.37 -66.16 -88.42
C LEU J 754 -89.26 -65.08 -89.04
N GLN J 755 -88.81 -63.83 -88.97
CA GLN J 755 -89.58 -62.70 -89.46
C GLN J 755 -88.90 -62.01 -90.65
N LYS J 756 -87.66 -61.58 -90.49
CA LYS J 756 -86.91 -60.92 -91.56
C LYS J 756 -85.74 -61.81 -91.94
N LEU J 757 -85.68 -62.17 -93.22
CA LEU J 757 -84.66 -63.06 -93.74
C LEU J 757 -83.78 -62.32 -94.74
N GLY J 758 -82.47 -62.38 -94.53
CA GLY J 758 -81.52 -61.77 -95.42
C GLY J 758 -80.46 -62.72 -95.93
N LEU J 759 -80.36 -62.85 -97.25
CA LEU J 759 -79.36 -63.70 -97.87
C LEU J 759 -78.41 -62.85 -98.68
N VAL J 760 -77.94 -61.75 -98.09
CA VAL J 760 -77.21 -60.73 -98.82
C VAL J 760 -76.08 -61.37 -99.61
N ASN J 761 -76.14 -61.24 -100.93
CA ASN J 761 -75.11 -61.78 -101.83
C ASN J 761 -74.76 -63.22 -101.47
N SER J 762 -75.79 -64.05 -101.29
CA SER J 762 -75.62 -65.43 -100.89
C SER J 762 -75.47 -66.37 -102.08
N GLY J 763 -75.40 -65.84 -103.30
CA GLY J 763 -75.25 -66.67 -104.48
C GLY J 763 -76.44 -67.58 -104.72
N LEU J 764 -77.65 -67.02 -104.62
CA LEU J 764 -78.87 -67.79 -104.79
C LEU J 764 -79.31 -67.77 -106.25
N THR J 765 -79.87 -68.88 -106.69
CA THR J 765 -80.39 -69.03 -108.05
C THR J 765 -81.90 -69.22 -108.01
N SER J 766 -82.48 -69.46 -109.18
CA SER J 766 -83.92 -69.63 -109.28
C SER J 766 -84.41 -70.93 -108.64
N VAL J 767 -83.53 -71.92 -108.48
CA VAL J 767 -83.95 -73.20 -107.91
C VAL J 767 -84.47 -73.01 -106.50
N CYS J 768 -83.74 -72.24 -105.68
CA CYS J 768 -84.19 -71.97 -104.33
C CYS J 768 -85.36 -70.99 -104.30
N CYS J 769 -85.71 -70.38 -105.43
CA CYS J 769 -86.84 -69.47 -105.46
C CYS J 769 -88.14 -70.18 -105.13
N SER J 770 -88.33 -71.39 -105.66
CA SER J 770 -89.54 -72.16 -105.36
C SER J 770 -89.60 -72.53 -103.88
N ALA J 771 -88.47 -72.94 -103.30
CA ALA J 771 -88.45 -73.26 -101.88
C ALA J 771 -88.74 -72.04 -101.02
N LEU J 772 -88.21 -70.88 -101.42
CA LEU J 772 -88.48 -69.65 -100.67
C LEU J 772 -89.94 -69.24 -100.81
N SER J 773 -90.54 -69.46 -101.98
CA SER J 773 -91.97 -69.20 -102.13
C SER J 773 -92.79 -70.13 -101.25
N SER J 774 -92.39 -71.40 -101.16
CA SER J 774 -93.07 -72.32 -100.27
C SER J 774 -92.95 -71.86 -98.82
N VAL J 775 -91.76 -71.40 -98.43
CA VAL J 775 -91.58 -70.87 -97.09
C VAL J 775 -92.49 -69.68 -96.84
N LEU J 776 -92.57 -68.78 -97.82
CA LEU J 776 -93.44 -67.61 -97.68
C LEU J 776 -94.89 -68.03 -97.51
N SER J 777 -95.35 -69.01 -98.29
CA SER J 777 -96.74 -69.44 -98.21
C SER J 777 -97.03 -70.20 -96.92
N THR J 778 -96.05 -70.92 -96.39
CA THR J 778 -96.27 -71.75 -95.21
C THR J 778 -96.08 -70.97 -93.91
N ASN J 779 -94.89 -70.41 -93.70
CA ASN J 779 -94.62 -69.60 -92.52
C ASN J 779 -95.39 -68.29 -92.62
N GLN J 780 -96.07 -67.91 -91.54
CA GLN J 780 -96.84 -66.68 -91.48
C GLN J 780 -96.14 -65.58 -90.69
N ASN J 781 -94.91 -65.81 -90.25
CA ASN J 781 -94.18 -64.82 -89.44
C ASN J 781 -93.11 -64.07 -90.22
N LEU J 782 -92.93 -64.37 -91.50
CA LEU J 782 -91.94 -63.68 -92.31
C LEU J 782 -92.47 -62.32 -92.75
N THR J 783 -91.67 -61.28 -92.58
CA THR J 783 -92.08 -59.92 -92.90
C THR J 783 -91.22 -59.26 -93.97
N HIS J 784 -89.90 -59.33 -93.86
CA HIS J 784 -88.99 -58.67 -94.79
C HIS J 784 -88.05 -59.69 -95.40
N LEU J 785 -87.75 -59.52 -96.69
CA LEU J 785 -86.90 -60.45 -97.42
C LEU J 785 -85.89 -59.68 -98.25
N TYR J 786 -84.61 -59.87 -97.95
CA TYR J 786 -83.51 -59.29 -98.70
C TYR J 786 -82.76 -60.41 -99.42
N LEU J 787 -82.59 -60.27 -100.73
CA LEU J 787 -81.89 -61.27 -101.52
C LEU J 787 -80.85 -60.61 -102.43
N ARG J 788 -80.28 -59.49 -101.99
CA ARG J 788 -79.33 -58.76 -102.80
C ARG J 788 -78.11 -59.63 -103.12
N GLY J 789 -77.58 -59.46 -104.33
CA GLY J 789 -76.41 -60.21 -104.75
C GLY J 789 -76.67 -61.57 -105.33
N ASN J 790 -77.94 -61.93 -105.55
CA ASN J 790 -78.31 -63.24 -106.10
C ASN J 790 -78.97 -63.03 -107.45
N THR J 791 -78.42 -63.68 -108.48
CA THR J 791 -78.94 -63.56 -109.84
C THR J 791 -80.08 -64.56 -110.04
N LEU J 792 -81.25 -64.19 -109.51
CA LEU J 792 -82.41 -65.05 -109.60
C LEU J 792 -82.83 -65.25 -111.05
N GLY J 793 -82.89 -64.17 -111.81
CA GLY J 793 -83.42 -64.23 -113.17
C GLY J 793 -84.93 -64.09 -113.20
N ASP J 794 -85.46 -64.04 -114.42
CA ASP J 794 -86.90 -63.88 -114.59
C ASP J 794 -87.65 -65.11 -114.11
N LYS J 795 -87.09 -66.30 -114.32
CA LYS J 795 -87.72 -67.51 -113.82
C LYS J 795 -87.81 -67.49 -112.29
N GLY J 796 -86.74 -67.08 -111.63
CA GLY J 796 -86.79 -66.95 -110.17
C GLY J 796 -87.75 -65.88 -109.71
N ILE J 797 -87.82 -64.77 -110.46
CA ILE J 797 -88.76 -63.71 -110.11
C ILE J 797 -90.20 -64.24 -110.17
N LYS J 798 -90.52 -64.96 -111.25
CA LYS J 798 -91.86 -65.53 -111.37
C LYS J 798 -92.13 -66.56 -110.29
N LEU J 799 -91.12 -67.38 -109.95
CA LEU J 799 -91.29 -68.37 -108.90
C LEU J 799 -91.60 -67.71 -107.57
N LEU J 800 -90.87 -66.65 -107.23
CA LEU J 800 -91.13 -65.92 -106.00
C LEU J 800 -92.52 -65.28 -106.04
N CYS J 801 -92.88 -64.67 -107.17
CA CYS J 801 -94.18 -64.03 -107.29
C CYS J 801 -95.31 -65.02 -107.09
N GLU J 802 -95.15 -66.24 -107.61
CA GLU J 802 -96.20 -67.25 -107.45
C GLU J 802 -96.55 -67.47 -106.00
N GLY J 803 -95.57 -67.35 -105.09
CA GLY J 803 -95.83 -67.53 -103.68
C GLY J 803 -96.25 -66.25 -102.97
N LEU J 804 -95.60 -65.14 -103.31
CA LEU J 804 -95.93 -63.87 -102.66
C LEU J 804 -97.32 -63.37 -103.04
N LEU J 805 -97.86 -63.80 -104.19
CA LEU J 805 -99.24 -63.48 -104.51
C LEU J 805 -100.22 -64.26 -103.66
N HIS J 806 -99.77 -65.35 -103.04
CA HIS J 806 -100.65 -66.14 -102.20
C HIS J 806 -101.12 -65.29 -101.02
N PRO J 807 -102.41 -65.34 -100.68
CA PRO J 807 -102.91 -64.51 -99.57
C PRO J 807 -102.18 -64.76 -98.26
N ASP J 808 -101.71 -66.00 -98.03
CA ASP J 808 -100.99 -66.29 -96.80
C ASP J 808 -99.66 -65.53 -96.71
N CYS J 809 -99.14 -65.05 -97.83
CA CYS J 809 -97.90 -64.28 -97.81
C CYS J 809 -98.07 -63.04 -96.93
N LYS J 810 -97.12 -62.83 -96.03
CA LYS J 810 -97.16 -61.70 -95.10
C LYS J 810 -95.93 -60.82 -95.20
N LEU J 811 -95.21 -60.89 -96.31
CA LEU J 811 -94.03 -60.06 -96.50
C LEU J 811 -94.42 -58.59 -96.60
N GLN J 812 -93.52 -57.72 -96.13
CA GLN J 812 -93.74 -56.28 -96.16
C GLN J 812 -92.72 -55.53 -97.00
N VAL J 813 -91.46 -55.93 -96.96
CA VAL J 813 -90.40 -55.30 -97.73
C VAL J 813 -89.64 -56.38 -98.50
N LEU J 814 -89.36 -56.09 -99.77
CA LEU J 814 -88.64 -57.03 -100.64
C LEU J 814 -87.51 -56.28 -101.32
N GLU J 815 -86.28 -56.69 -101.02
CA GLU J 815 -85.08 -56.12 -101.62
C GLU J 815 -84.49 -57.15 -102.58
N LEU J 816 -84.36 -56.78 -103.85
CA LEU J 816 -83.87 -57.67 -104.89
C LEU J 816 -82.87 -56.97 -105.80
N ASP J 817 -82.06 -56.07 -105.24
CA ASP J 817 -81.03 -55.40 -106.02
C ASP J 817 -79.89 -56.38 -106.35
N ASN J 818 -79.22 -56.12 -107.47
CA ASN J 818 -78.16 -57.00 -107.95
C ASN J 818 -78.67 -58.41 -108.15
N CYS J 819 -79.94 -58.53 -108.54
CA CYS J 819 -80.58 -59.83 -108.72
C CYS J 819 -80.50 -60.34 -110.16
N ASN J 820 -79.88 -59.58 -111.06
CA ASN J 820 -79.79 -59.97 -112.47
C ASN J 820 -81.18 -60.21 -113.05
N LEU J 821 -82.02 -59.18 -112.95
CA LEU J 821 -83.41 -59.24 -113.40
C LEU J 821 -83.55 -58.45 -114.69
N THR J 822 -84.19 -59.06 -115.68
CA THR J 822 -84.38 -58.46 -116.98
C THR J 822 -85.77 -57.85 -117.07
N SER J 823 -86.12 -57.35 -118.26
CA SER J 823 -87.44 -56.75 -118.47
C SER J 823 -88.57 -57.77 -118.42
N HIS J 824 -88.26 -59.07 -118.48
CA HIS J 824 -89.31 -60.08 -118.45
C HIS J 824 -90.06 -60.07 -117.13
N CYS J 825 -89.35 -59.92 -116.01
CA CYS J 825 -90.00 -59.89 -114.71
C CYS J 825 -90.91 -58.68 -114.53
N CYS J 826 -91.01 -57.80 -115.55
CA CYS J 826 -91.87 -56.63 -115.43
C CYS J 826 -93.32 -57.03 -115.22
N TRP J 827 -93.81 -58.03 -115.96
CA TRP J 827 -95.20 -58.45 -115.78
C TRP J 827 -95.40 -59.16 -114.45
N ASP J 828 -94.41 -59.94 -114.02
CA ASP J 828 -94.46 -60.53 -112.68
C ASP J 828 -94.66 -59.46 -111.63
N LEU J 829 -93.84 -58.40 -111.68
CA LEU J 829 -93.92 -57.36 -110.68
C LEU J 829 -95.19 -56.53 -110.82
N SER J 830 -95.69 -56.34 -112.04
CA SER J 830 -96.96 -55.65 -112.22
C SER J 830 -98.10 -56.44 -111.59
N THR J 831 -98.12 -57.76 -111.80
CA THR J 831 -99.13 -58.59 -111.17
C THR J 831 -99.00 -58.55 -109.65
N LEU J 832 -97.77 -58.58 -109.14
CA LEU J 832 -97.58 -58.48 -107.69
C LEU J 832 -98.09 -57.15 -107.16
N LEU J 833 -97.84 -56.06 -107.88
CA LEU J 833 -98.34 -54.75 -107.45
C LEU J 833 -99.86 -54.71 -107.47
N THR J 834 -100.47 -55.31 -108.50
CA THR J 834 -101.92 -55.29 -108.62
C THR J 834 -102.64 -56.20 -107.64
N SER J 835 -101.98 -57.27 -107.17
CA SER J 835 -102.64 -58.25 -106.32
C SER J 835 -102.16 -58.21 -104.88
N SER J 836 -100.85 -58.32 -104.65
CA SER J 836 -100.28 -58.32 -103.31
C SER J 836 -100.89 -57.24 -102.43
N GLN J 837 -101.39 -57.65 -101.26
CA GLN J 837 -102.07 -56.75 -100.33
C GLN J 837 -101.34 -56.60 -99.00
N SER J 838 -100.10 -57.07 -98.92
CA SER J 838 -99.37 -57.02 -97.66
C SER J 838 -98.04 -56.27 -97.76
N LEU J 839 -97.32 -56.42 -98.87
CA LEU J 839 -96.03 -55.78 -99.02
C LEU J 839 -96.16 -54.26 -99.06
N ARG J 840 -95.16 -53.57 -98.52
CA ARG J 840 -95.15 -52.11 -98.45
C ARG J 840 -93.96 -51.47 -99.15
N LYS J 841 -92.83 -52.17 -99.27
CA LYS J 841 -91.62 -51.62 -99.86
C LYS J 841 -91.04 -52.62 -100.85
N LEU J 842 -90.65 -52.12 -102.03
CA LEU J 842 -90.01 -52.94 -103.05
C LEU J 842 -88.80 -52.20 -103.60
N SER J 843 -87.62 -52.73 -103.37
CA SER J 843 -86.38 -52.18 -103.90
C SER J 843 -85.84 -53.13 -104.95
N LEU J 844 -85.56 -52.61 -106.16
CA LEU J 844 -85.14 -53.45 -107.27
C LEU J 844 -84.01 -52.83 -108.09
N GLY J 845 -83.29 -51.86 -107.53
CA GLY J 845 -82.26 -51.16 -108.29
C GLY J 845 -81.20 -52.07 -108.86
N ASN J 846 -80.29 -51.51 -109.65
CA ASN J 846 -79.24 -52.26 -110.31
C ASN J 846 -79.85 -53.38 -111.18
N ASN J 847 -80.95 -53.04 -111.85
CA ASN J 847 -81.60 -53.96 -112.76
C ASN J 847 -82.17 -53.17 -113.93
N ASP J 848 -81.87 -53.62 -115.15
CA ASP J 848 -82.29 -52.93 -116.36
C ASP J 848 -83.70 -53.35 -116.77
N LEU J 849 -84.66 -53.03 -115.89
CA LEU J 849 -86.06 -53.35 -116.18
C LEU J 849 -86.53 -52.62 -117.43
N GLY J 850 -86.17 -51.36 -117.57
CA GLY J 850 -86.41 -50.63 -118.80
C GLY J 850 -87.47 -49.56 -118.63
N ASP J 851 -87.47 -48.63 -119.60
CA ASP J 851 -88.49 -47.58 -119.62
C ASP J 851 -89.88 -48.17 -119.78
N LEU J 852 -90.01 -49.24 -120.59
CA LEU J 852 -91.30 -49.90 -120.72
C LEU J 852 -91.77 -50.46 -119.38
N GLY J 853 -90.86 -51.10 -118.63
CA GLY J 853 -91.24 -51.62 -117.34
C GLY J 853 -91.63 -50.52 -116.36
N VAL J 854 -90.87 -49.43 -116.34
CA VAL J 854 -91.21 -48.32 -115.44
C VAL J 854 -92.55 -47.72 -115.82
N MET J 855 -92.83 -47.58 -117.12
CA MET J 855 -94.10 -47.03 -117.56
C MET J 855 -95.26 -47.93 -117.16
N MET J 856 -95.12 -49.24 -117.36
CA MET J 856 -96.19 -50.15 -116.97
C MET J 856 -96.40 -50.13 -115.46
N PHE J 857 -95.31 -50.08 -114.70
CA PHE J 857 -95.42 -50.05 -113.25
C PHE J 857 -96.11 -48.77 -112.78
N CYS J 858 -95.78 -47.63 -113.39
CA CYS J 858 -96.44 -46.38 -113.04
C CYS J 858 -97.90 -46.38 -113.44
N GLU J 859 -98.22 -47.01 -114.59
CA GLU J 859 -99.60 -47.12 -115.01
C GLU J 859 -100.41 -47.93 -114.01
N VAL J 860 -99.83 -49.02 -113.51
CA VAL J 860 -100.52 -49.80 -112.48
C VAL J 860 -100.57 -49.03 -111.16
N LEU J 861 -99.54 -48.23 -110.87
CA LEU J 861 -99.46 -47.54 -109.59
C LEU J 861 -100.46 -46.39 -109.49
N LYS J 862 -100.75 -45.73 -110.62
CA LYS J 862 -101.65 -44.57 -110.58
C LYS J 862 -103.02 -44.95 -110.06
N GLN J 863 -103.38 -46.23 -110.09
CA GLN J 863 -104.61 -46.69 -109.45
C GLN J 863 -104.51 -46.51 -107.94
N GLN J 864 -105.67 -46.36 -107.29
CA GLN J 864 -105.72 -46.23 -105.85
C GLN J 864 -105.55 -47.58 -105.14
N SER J 865 -105.45 -48.67 -105.89
CA SER J 865 -105.37 -50.01 -105.31
C SER J 865 -103.96 -50.40 -104.88
N CYS J 866 -102.97 -49.54 -105.08
CA CYS J 866 -101.59 -49.85 -104.72
C CYS J 866 -101.38 -49.56 -103.24
N LEU J 867 -101.43 -50.61 -102.42
CA LEU J 867 -101.21 -50.46 -100.99
C LEU J 867 -99.75 -50.29 -100.62
N LEU J 868 -98.83 -50.61 -101.53
CA LEU J 868 -97.41 -50.40 -101.28
C LEU J 868 -97.11 -48.91 -101.15
N GLN J 869 -96.06 -48.59 -100.41
CA GLN J 869 -95.69 -47.20 -100.15
C GLN J 869 -94.31 -46.81 -100.65
N ASN J 870 -93.37 -47.73 -100.76
CA ASN J 870 -92.00 -47.40 -101.14
C ASN J 870 -91.56 -48.23 -102.33
N LEU J 871 -91.00 -47.57 -103.34
CA LEU J 871 -90.41 -48.23 -104.49
C LEU J 871 -89.04 -47.64 -104.75
N GLY J 872 -88.06 -48.50 -104.97
CA GLY J 872 -86.70 -48.05 -105.20
C GLY J 872 -86.11 -48.55 -106.51
N LEU J 873 -85.85 -47.64 -107.44
CA LEU J 873 -85.27 -47.97 -108.73
C LEU J 873 -83.91 -47.29 -108.91
N SER J 874 -83.17 -47.15 -107.81
CA SER J 874 -81.87 -46.50 -107.88
C SER J 874 -80.91 -47.31 -108.75
N GLU J 875 -80.00 -46.61 -109.42
CA GLU J 875 -79.03 -47.14 -110.37
C GLU J 875 -79.69 -47.48 -111.69
N MET J 876 -81.01 -47.34 -111.81
CA MET J 876 -81.70 -47.52 -113.08
C MET J 876 -81.62 -46.22 -113.88
N TYR J 877 -81.16 -46.33 -115.13
CA TYR J 877 -81.00 -45.17 -116.00
C TYR J 877 -82.14 -45.14 -117.01
N PHE J 878 -82.84 -44.01 -117.07
CA PHE J 878 -84.01 -43.84 -117.91
C PHE J 878 -83.85 -42.58 -118.76
N ASN J 879 -84.92 -42.21 -119.44
CA ASN J 879 -84.92 -41.03 -120.29
C ASN J 879 -85.68 -39.88 -119.60
N TYR J 880 -85.70 -38.73 -120.26
CA TYR J 880 -86.42 -37.58 -119.71
C TYR J 880 -87.91 -37.87 -119.58
N GLU J 881 -88.49 -38.55 -120.57
CA GLU J 881 -89.90 -38.89 -120.50
C GLU J 881 -90.19 -39.79 -119.30
N THR J 882 -89.36 -40.81 -119.10
CA THR J 882 -89.57 -41.72 -117.98
C THR J 882 -89.38 -41.00 -116.65
N LYS J 883 -88.38 -40.12 -116.56
CA LYS J 883 -88.18 -39.36 -115.33
C LYS J 883 -89.38 -38.47 -115.03
N SER J 884 -89.90 -37.79 -116.06
CA SER J 884 -91.07 -36.94 -115.86
C SER J 884 -92.28 -37.75 -115.43
N ALA J 885 -92.47 -38.93 -116.04
CA ALA J 885 -93.59 -39.79 -115.64
C ALA J 885 -93.44 -40.24 -114.19
N LEU J 886 -92.22 -40.60 -113.79
CA LEU J 886 -91.99 -41.02 -112.42
C LEU J 886 -92.29 -39.89 -111.44
N GLU J 887 -91.83 -38.67 -111.76
CA GLU J 887 -92.12 -37.54 -110.90
C GLU J 887 -93.63 -37.26 -110.82
N THR J 888 -94.31 -37.36 -111.96
CA THR J 888 -95.76 -37.14 -111.96
C THR J 888 -96.48 -38.17 -111.11
N LEU J 889 -96.07 -39.44 -111.20
CA LEU J 889 -96.67 -40.47 -110.37
C LEU J 889 -96.40 -40.21 -108.88
N GLN J 890 -95.16 -39.83 -108.55
CA GLN J 890 -94.82 -39.61 -107.15
C GLN J 890 -95.63 -38.44 -106.58
N GLU J 891 -95.79 -37.36 -107.35
CA GLU J 891 -96.57 -36.22 -106.87
C GLU J 891 -98.06 -36.47 -106.89
N GLU J 892 -98.55 -37.36 -107.76
CA GLU J 892 -99.95 -37.74 -107.74
C GLU J 892 -100.27 -38.65 -106.56
N LYS J 893 -99.30 -39.43 -106.10
CA LYS J 893 -99.45 -40.28 -104.92
C LYS J 893 -98.35 -39.92 -103.93
N PRO J 894 -98.54 -38.86 -103.13
CA PRO J 894 -97.50 -38.47 -102.18
C PRO J 894 -97.15 -39.58 -101.19
N GLU J 895 -98.14 -40.37 -100.76
CA GLU J 895 -97.86 -41.47 -99.86
C GLU J 895 -97.09 -42.59 -100.54
N LEU J 896 -97.14 -42.67 -101.87
CA LEU J 896 -96.35 -43.63 -102.64
C LEU J 896 -95.12 -42.93 -103.18
N THR J 897 -93.95 -43.35 -102.72
CA THR J 897 -92.68 -42.72 -103.10
C THR J 897 -91.91 -43.64 -104.03
N VAL J 898 -91.29 -43.05 -105.04
CA VAL J 898 -90.42 -43.77 -105.97
C VAL J 898 -89.08 -43.05 -105.98
N VAL J 899 -88.03 -43.76 -105.56
CA VAL J 899 -86.70 -43.20 -105.46
C VAL J 899 -85.93 -43.61 -106.71
N PHE J 900 -85.64 -42.63 -107.58
CA PHE J 900 -84.94 -42.85 -108.83
C PHE J 900 -83.92 -41.75 -109.10
N GLU J 901 -83.32 -41.21 -108.04
CA GLU J 901 -82.43 -40.07 -108.19
C GLU J 901 -81.19 -40.44 -109.00
N PRO J 902 -80.55 -39.44 -109.64
CA PRO J 902 -79.35 -39.63 -110.47
C PRO J 902 -78.09 -39.83 -109.64
N LYS K 1 6.68 -17.35 -159.54
CA LYS K 1 7.51 -16.37 -160.23
C LYS K 1 8.78 -16.08 -159.44
N ALA K 2 9.26 -14.85 -159.53
CA ALA K 2 10.50 -14.41 -158.88
C ALA K 2 10.14 -13.34 -157.85
N LEU K 3 9.89 -13.77 -156.62
CA LEU K 3 9.64 -12.82 -155.53
C LEU K 3 10.91 -12.04 -155.23
N ARG K 4 10.72 -10.84 -154.70
CA ARG K 4 11.85 -9.99 -154.36
C ARG K 4 12.77 -10.72 -153.39
N PRO K 5 14.09 -10.58 -153.50
CA PRO K 5 15.00 -11.31 -152.62
C PRO K 5 14.69 -11.04 -151.16
N ASP K 6 14.69 -12.10 -150.35
CA ASP K 6 14.40 -12.01 -148.92
C ASP K 6 15.72 -11.95 -148.18
N MET K 7 16.35 -10.77 -148.22
CA MET K 7 17.63 -10.54 -147.57
C MET K 7 17.47 -9.72 -146.29
N GLY K 8 16.85 -8.55 -146.37
CA GLY K 8 16.65 -7.70 -145.21
C GLY K 8 15.23 -7.82 -144.66
N TYR K 9 14.97 -7.00 -143.64
CA TYR K 9 13.66 -6.95 -143.00
C TYR K 9 12.74 -5.90 -143.59
N ASN K 10 13.17 -5.20 -144.63
CA ASN K 10 12.39 -4.13 -145.27
C ASN K 10 12.18 -4.51 -146.73
N THR K 11 11.13 -5.29 -146.99
CA THR K 11 10.78 -5.70 -148.34
C THR K 11 9.43 -6.40 -148.36
N LEU K 12 8.64 -6.16 -149.41
CA LEU K 12 7.31 -6.77 -149.48
C LEU K 12 7.39 -8.28 -149.65
N ALA K 13 8.40 -8.77 -150.37
CA ALA K 13 8.52 -10.21 -150.57
C ALA K 13 8.66 -10.95 -149.25
N ASN K 14 9.17 -10.26 -148.24
CA ASN K 14 9.30 -10.85 -146.93
C ASN K 14 7.98 -10.82 -146.15
N PHE K 15 6.86 -10.49 -146.78
CA PHE K 15 5.56 -10.41 -146.13
C PHE K 15 4.50 -11.06 -147.01
N ARG K 16 3.61 -11.81 -146.37
CA ARG K 16 2.49 -12.48 -147.03
C ARG K 16 1.20 -11.93 -146.48
N ILE K 17 0.45 -11.22 -147.33
CA ILE K 17 -0.78 -10.54 -146.90
C ILE K 17 -1.88 -11.60 -146.78
N GLU K 18 -2.19 -12.01 -145.55
CA GLU K 18 -3.28 -12.95 -145.33
C GLU K 18 -4.62 -12.34 -145.73
N LYS K 19 -4.86 -11.08 -145.37
CA LYS K 19 -6.09 -10.39 -145.69
C LYS K 19 -5.89 -8.90 -145.40
N LYS K 20 -6.93 -8.11 -145.68
CA LYS K 20 -6.92 -6.68 -145.44
C LYS K 20 -7.69 -6.41 -144.16
N ILE K 21 -6.98 -6.00 -143.10
CA ILE K 21 -7.64 -5.74 -141.83
C ILE K 21 -8.57 -4.54 -141.95
N GLY K 22 -8.17 -3.54 -142.72
CA GLY K 22 -8.99 -2.36 -142.93
C GLY K 22 -8.43 -1.52 -144.05
N ARG K 23 -9.18 -0.49 -144.41
CA ARG K 23 -8.77 0.41 -145.48
C ARG K 23 -9.22 1.82 -145.10
N GLY K 24 -8.31 2.59 -144.49
CA GLY K 24 -8.58 3.96 -144.17
C GLY K 24 -8.24 4.90 -145.32
N GLN K 25 -8.71 6.14 -145.20
CA GLN K 25 -8.46 7.12 -146.25
C GLN K 25 -6.96 7.42 -146.39
N PHE K 26 -6.21 7.32 -145.31
CA PHE K 26 -4.79 7.65 -145.31
C PHE K 26 -3.89 6.42 -145.46
N SER K 27 -4.33 5.26 -144.99
CA SER K 27 -3.50 4.06 -145.01
C SER K 27 -4.37 2.83 -145.24
N GLU K 28 -3.73 1.79 -145.76
CA GLU K 28 -4.35 0.47 -145.91
C GLU K 28 -3.53 -0.54 -145.12
N VAL K 29 -4.20 -1.29 -144.24
CA VAL K 29 -3.54 -2.19 -143.29
C VAL K 29 -3.88 -3.62 -143.67
N TYR K 30 -2.86 -4.47 -143.76
CA TYR K 30 -3.04 -5.87 -144.10
C TYR K 30 -2.34 -6.73 -143.07
N ARG K 31 -2.84 -7.96 -142.91
CA ARG K 31 -2.28 -8.92 -141.95
C ARG K 31 -1.16 -9.68 -142.65
N ALA K 32 0.05 -9.13 -142.56
CA ALA K 32 1.20 -9.71 -143.24
C ALA K 32 1.89 -10.74 -142.35
N ALA K 33 2.75 -11.55 -142.96
CA ALA K 33 3.50 -12.58 -142.25
C ALA K 33 4.97 -12.49 -142.67
N CYS K 34 5.84 -12.18 -141.71
CA CYS K 34 7.26 -12.03 -142.00
C CYS K 34 7.85 -13.38 -142.38
N LEU K 35 8.13 -13.56 -143.67
CA LEU K 35 8.67 -14.83 -144.14
C LEU K 35 10.03 -15.12 -143.51
N LEU K 36 10.90 -14.11 -143.43
CA LEU K 36 12.22 -14.32 -142.86
C LEU K 36 12.13 -14.73 -141.39
N ASP K 37 11.27 -14.05 -140.63
CA ASP K 37 11.11 -14.35 -139.21
C ASP K 37 10.03 -15.41 -138.98
N GLY K 38 8.81 -15.15 -139.45
CA GLY K 38 7.72 -16.10 -139.31
C GLY K 38 6.71 -15.73 -138.26
N VAL K 39 6.38 -14.44 -138.15
CA VAL K 39 5.38 -13.98 -137.20
C VAL K 39 4.35 -13.12 -137.93
N PRO K 40 3.08 -13.11 -137.51
CA PRO K 40 2.08 -12.27 -138.17
C PRO K 40 2.12 -10.84 -137.65
N VAL K 41 2.46 -9.90 -138.52
CA VAL K 41 2.51 -8.49 -138.18
C VAL K 41 1.48 -7.76 -139.04
N ALA K 42 1.38 -6.46 -138.81
CA ALA K 42 0.48 -5.57 -139.56
C ALA K 42 1.32 -4.73 -140.50
N LEU K 43 1.02 -4.80 -141.79
CA LEU K 43 1.70 -4.02 -142.82
C LEU K 43 0.76 -2.89 -143.24
N LYS K 44 1.14 -1.65 -142.93
CA LYS K 44 0.38 -0.47 -143.29
C LYS K 44 1.06 0.24 -144.44
N LYS K 45 0.31 0.53 -145.49
CA LYS K 45 0.85 1.20 -146.67
C LYS K 45 0.09 2.51 -146.91
N VAL K 46 0.84 3.57 -147.18
CA VAL K 46 0.29 4.88 -147.48
C VAL K 46 0.88 5.35 -148.79
N GLN K 47 0.04 5.89 -149.67
CA GLN K 47 0.49 6.42 -150.95
C GLN K 47 1.20 7.75 -150.73
N ILE K 48 2.52 7.70 -150.53
CA ILE K 48 3.28 8.91 -150.24
C ILE K 48 3.24 9.85 -151.44
N PHE K 49 3.20 9.29 -152.66
CA PHE K 49 3.24 10.11 -153.86
C PHE K 49 2.10 11.12 -153.91
N ASP K 50 0.91 10.73 -153.45
CA ASP K 50 -0.23 11.64 -153.50
C ASP K 50 0.04 12.90 -152.68
N LEU K 51 0.07 12.77 -151.36
CA LEU K 51 0.39 13.89 -150.47
C LEU K 51 1.88 13.92 -150.14
N MET K 52 2.72 13.92 -151.17
CA MET K 52 4.16 13.98 -151.03
C MET K 52 4.65 15.33 -151.55
N ASP K 53 4.77 16.29 -150.64
CA ASP K 53 5.32 17.60 -150.96
C ASP K 53 6.84 17.65 -150.85
N ALA K 54 7.47 16.54 -150.43
CA ALA K 54 8.91 16.41 -150.25
C ALA K 54 9.42 17.19 -149.04
N LYS K 55 8.57 17.96 -148.36
CA LYS K 55 8.95 18.66 -147.14
C LYS K 55 8.39 18.01 -145.88
N ALA K 56 7.43 17.10 -146.03
CA ALA K 56 6.83 16.38 -144.91
C ALA K 56 7.18 14.91 -144.86
N ARG K 57 7.26 14.24 -146.02
CA ARG K 57 7.52 12.81 -146.04
C ARG K 57 8.92 12.48 -145.51
N ALA K 58 9.92 13.29 -145.87
CA ALA K 58 11.28 13.04 -145.40
C ALA K 58 11.35 13.14 -143.89
N ASP K 59 10.77 14.20 -143.32
CA ASP K 59 10.75 14.34 -141.87
C ASP K 59 9.92 13.23 -141.22
N CYS K 60 8.84 12.81 -141.88
CA CYS K 60 8.03 11.73 -141.34
C CYS K 60 8.83 10.44 -141.23
N ILE K 61 9.60 10.11 -142.28
CA ILE K 61 10.44 8.92 -142.22
C ILE K 61 11.52 9.08 -141.16
N LYS K 62 12.13 10.27 -141.09
CA LYS K 62 13.19 10.48 -140.11
C LYS K 62 12.67 10.29 -138.69
N GLU K 63 11.48 10.81 -138.40
CA GLU K 63 10.91 10.69 -137.07
C GLU K 63 10.40 9.28 -136.79
N ILE K 64 9.75 8.64 -137.77
CA ILE K 64 9.26 7.29 -137.57
C ILE K 64 10.41 6.31 -137.44
N ASP K 65 11.62 6.69 -137.87
CA ASP K 65 12.80 5.92 -137.51
C ASP K 65 12.90 5.78 -136.01
N LEU K 66 12.40 6.78 -135.27
CA LEU K 66 12.19 6.65 -133.83
C LEU K 66 10.75 6.22 -133.58
N LEU K 67 10.58 5.05 -132.97
CA LEU K 67 9.28 4.44 -132.81
C LEU K 67 9.46 2.98 -132.42
N LYS K 68 10.38 2.28 -133.11
CA LYS K 68 10.79 0.97 -132.65
C LYS K 68 11.44 1.06 -131.27
N GLN K 69 12.23 2.12 -131.05
CA GLN K 69 12.79 2.35 -129.72
C GLN K 69 11.72 2.66 -128.69
N LEU K 70 10.52 3.06 -129.13
CA LEU K 70 9.42 3.31 -128.20
C LEU K 70 8.90 1.98 -127.68
N ASN K 71 9.41 1.53 -126.54
CA ASN K 71 9.08 0.24 -125.96
C ASN K 71 8.22 0.49 -124.71
N HIS K 72 6.91 0.32 -124.85
CA HIS K 72 5.98 0.44 -123.74
C HIS K 72 4.97 -0.69 -123.83
N PRO K 73 4.53 -1.25 -122.70
CA PRO K 73 3.57 -2.36 -122.75
C PRO K 73 2.23 -1.96 -123.35
N ASN K 74 1.90 -0.67 -123.39
CA ASN K 74 0.59 -0.20 -123.82
C ASN K 74 0.64 0.54 -125.15
N VAL K 75 1.73 0.40 -125.90
CA VAL K 75 1.89 1.06 -127.19
C VAL K 75 2.22 0.01 -128.23
N ILE K 76 1.62 0.14 -129.42
CA ILE K 76 1.88 -0.79 -130.50
C ILE K 76 3.37 -0.82 -130.80
N LYS K 77 3.88 -2.02 -131.07
CA LYS K 77 5.30 -2.20 -131.36
C LYS K 77 5.58 -1.83 -132.82
N TYR K 78 6.55 -0.95 -133.03
CA TYR K 78 6.95 -0.54 -134.37
C TYR K 78 8.11 -1.43 -134.82
N TYR K 79 7.86 -2.22 -135.87
CA TYR K 79 8.88 -3.16 -136.35
C TYR K 79 9.69 -2.55 -137.50
N ALA K 80 9.04 -2.14 -138.58
CA ALA K 80 9.74 -1.67 -139.76
C ALA K 80 9.08 -0.41 -140.30
N SER K 81 9.88 0.38 -141.02
CA SER K 81 9.37 1.58 -141.69
C SER K 81 10.24 1.83 -142.91
N PHE K 82 9.74 1.48 -144.09
CA PHE K 82 10.52 1.59 -145.31
C PHE K 82 9.62 2.07 -146.45
N ILE K 83 10.17 2.09 -147.66
CA ILE K 83 9.45 2.52 -148.85
C ILE K 83 9.54 1.42 -149.90
N GLU K 84 8.39 1.03 -150.44
CA GLU K 84 8.33 0.01 -151.48
C GLU K 84 6.99 0.09 -152.17
N ASP K 85 6.96 -0.30 -153.44
CA ASP K 85 5.74 -0.28 -154.26
C ASP K 85 5.22 1.15 -154.43
N ASN K 86 6.12 2.13 -154.44
CA ASN K 86 5.76 3.54 -154.59
C ASN K 86 4.89 4.02 -153.43
N GLU K 87 5.01 3.36 -152.28
CA GLU K 87 4.25 3.75 -151.10
C GLU K 87 5.01 3.29 -149.87
N LEU K 88 4.65 3.85 -148.72
CA LEU K 88 5.31 3.48 -147.48
C LEU K 88 4.91 2.06 -147.08
N ASN K 89 5.73 1.48 -146.20
CA ASN K 89 5.47 0.14 -145.65
C ASN K 89 5.89 0.15 -144.20
N ILE K 90 4.91 0.02 -143.30
CA ILE K 90 5.14 0.07 -141.87
C ILE K 90 4.75 -1.28 -141.28
N VAL K 91 5.69 -1.93 -140.61
CA VAL K 91 5.48 -3.22 -139.97
C VAL K 91 5.29 -2.96 -138.48
N LEU K 92 4.14 -3.37 -137.95
CA LEU K 92 3.79 -3.14 -136.56
C LEU K 92 3.19 -4.42 -135.98
N GLU K 93 2.85 -4.38 -134.69
CA GLU K 93 2.16 -5.48 -134.06
C GLU K 93 0.70 -5.53 -134.54
N LEU K 94 0.13 -6.73 -134.53
CA LEU K 94 -1.22 -6.96 -134.99
C LEU K 94 -2.12 -7.32 -133.80
N ALA K 95 -3.21 -6.57 -133.63
CA ALA K 95 -4.21 -6.84 -132.61
C ALA K 95 -5.57 -6.72 -133.28
N ASP K 96 -6.04 -7.84 -133.83
CA ASP K 96 -7.30 -7.84 -134.58
C ASP K 96 -8.50 -7.98 -133.66
N ALA K 97 -8.46 -8.95 -132.74
CA ALA K 97 -9.58 -9.14 -131.82
C ALA K 97 -9.83 -7.89 -130.98
N GLY K 98 -8.77 -7.13 -130.68
CA GLY K 98 -8.90 -5.93 -129.89
C GLY K 98 -8.94 -4.67 -130.74
N ASP K 99 -10.13 -4.09 -130.89
CA ASP K 99 -10.28 -2.87 -131.68
C ASP K 99 -11.51 -2.14 -131.14
N LEU K 100 -11.28 -1.05 -130.41
CA LEU K 100 -12.40 -0.33 -129.81
C LEU K 100 -13.44 0.08 -130.83
N SER K 101 -13.03 0.32 -132.08
CA SER K 101 -13.98 0.69 -133.11
C SER K 101 -15.02 -0.40 -133.30
N ARG K 102 -14.60 -1.66 -133.37
CA ARG K 102 -15.53 -2.77 -133.48
C ARG K 102 -16.21 -3.08 -132.15
N MET K 103 -15.50 -2.90 -131.04
CA MET K 103 -16.09 -3.18 -129.73
C MET K 103 -17.29 -2.28 -129.47
N ILE K 104 -17.18 -0.99 -129.81
CA ILE K 104 -18.29 -0.07 -129.59
C ILE K 104 -19.49 -0.47 -130.42
N LYS K 105 -19.27 -0.83 -131.69
CA LYS K 105 -20.37 -1.27 -132.54
C LYS K 105 -21.02 -2.52 -132.00
N HIS K 106 -20.21 -3.49 -131.55
CA HIS K 106 -20.77 -4.72 -131.00
C HIS K 106 -21.59 -4.44 -129.75
N PHE K 107 -21.09 -3.57 -128.86
CA PHE K 107 -21.80 -3.29 -127.62
C PHE K 107 -23.08 -2.51 -127.90
N LYS K 108 -23.08 -1.62 -128.91
CA LYS K 108 -24.29 -0.88 -129.25
C LYS K 108 -25.43 -1.81 -129.62
N LYS K 109 -25.14 -3.03 -130.07
CA LYS K 109 -26.19 -3.99 -130.36
C LYS K 109 -27.01 -4.30 -129.12
N GLN K 110 -26.33 -4.49 -127.99
CA GLN K 110 -27.02 -4.72 -126.72
C GLN K 110 -27.39 -3.39 -126.08
N LYS K 111 -28.56 -3.37 -125.42
CA LYS K 111 -29.01 -2.14 -124.77
C LYS K 111 -28.05 -1.72 -123.66
N ARG K 112 -27.59 -2.69 -122.86
CA ARG K 112 -26.63 -2.38 -121.81
C ARG K 112 -25.31 -1.95 -122.42
N LEU K 113 -24.67 -0.98 -121.79
CA LEU K 113 -23.42 -0.39 -122.28
C LEU K 113 -22.27 -0.77 -121.35
N ILE K 114 -21.08 -0.30 -121.70
CA ILE K 114 -19.84 -0.79 -121.10
C ILE K 114 -19.77 -0.42 -119.63
N PRO K 115 -18.98 -1.13 -118.82
CA PRO K 115 -18.91 -0.83 -117.38
C PRO K 115 -17.81 0.15 -117.02
N GLU K 116 -18.09 0.92 -115.96
CA GLU K 116 -17.11 1.87 -115.45
C GLU K 116 -15.81 1.18 -115.07
N ARG K 117 -15.90 -0.02 -114.49
CA ARG K 117 -14.69 -0.74 -114.09
C ARG K 117 -13.80 -1.03 -115.29
N THR K 118 -14.39 -1.57 -116.36
CA THR K 118 -13.59 -1.90 -117.54
C THR K 118 -13.02 -0.65 -118.20
N VAL K 119 -13.83 0.42 -118.30
CA VAL K 119 -13.31 1.63 -118.93
C VAL K 119 -12.16 2.19 -118.10
N TRP K 120 -12.26 2.16 -116.77
CA TRP K 120 -11.16 2.63 -115.93
C TRP K 120 -9.92 1.75 -116.12
N LYS K 121 -10.12 0.43 -116.18
CA LYS K 121 -8.99 -0.48 -116.34
C LYS K 121 -8.25 -0.23 -117.64
N TYR K 122 -8.99 0.11 -118.69
CA TYR K 122 -8.33 0.44 -119.96
C TYR K 122 -7.73 1.84 -119.95
N PHE K 123 -8.41 2.78 -119.28
CA PHE K 123 -7.99 4.17 -119.31
C PHE K 123 -6.72 4.38 -118.50
N VAL K 124 -6.51 3.61 -117.44
CA VAL K 124 -5.26 3.73 -116.70
C VAL K 124 -4.08 3.39 -117.60
N GLN K 125 -4.19 2.32 -118.37
CA GLN K 125 -3.13 1.94 -119.30
C GLN K 125 -2.96 3.00 -120.39
N LEU K 126 -4.08 3.53 -120.91
CA LEU K 126 -3.97 4.58 -121.91
C LEU K 126 -3.22 5.79 -121.36
N CYS K 127 -3.55 6.21 -120.14
CA CYS K 127 -2.86 7.33 -119.52
C CYS K 127 -1.38 7.02 -119.30
N SER K 128 -1.07 5.79 -118.89
CA SER K 128 0.32 5.41 -118.70
C SER K 128 1.09 5.56 -120.00
N ALA K 129 0.53 5.06 -121.10
CA ALA K 129 1.20 5.18 -122.39
C ALA K 129 1.37 6.64 -122.79
N LEU K 130 0.31 7.44 -122.65
CA LEU K 130 0.37 8.83 -123.04
C LEU K 130 1.44 9.57 -122.25
N GLU K 131 1.48 9.36 -120.93
CA GLU K 131 2.48 10.01 -120.10
C GLU K 131 3.88 9.54 -120.46
N HIS K 132 4.05 8.24 -120.71
CA HIS K 132 5.38 7.73 -121.02
C HIS K 132 5.91 8.35 -122.31
N MET K 133 5.06 8.48 -123.33
CA MET K 133 5.55 9.06 -124.58
C MET K 133 5.68 10.58 -124.49
N HIS K 134 4.81 11.24 -123.72
CA HIS K 134 4.89 12.69 -123.60
C HIS K 134 6.15 13.10 -122.84
N SER K 135 6.51 12.35 -121.80
CA SER K 135 7.71 12.66 -121.04
C SER K 135 8.96 12.64 -121.91
N ARG K 136 8.91 11.96 -123.06
CA ARG K 136 9.97 11.99 -124.05
C ARG K 136 9.68 12.97 -125.18
N ARG K 137 8.69 13.86 -125.00
CA ARG K 137 8.32 14.89 -125.96
C ARG K 137 7.63 14.34 -127.20
N VAL K 138 7.26 13.06 -127.21
CA VAL K 138 6.59 12.43 -128.34
C VAL K 138 5.11 12.36 -128.05
N MET K 139 4.30 12.63 -129.07
CA MET K 139 2.86 12.77 -128.92
C MET K 139 2.14 11.82 -129.86
N HIS K 140 0.92 11.44 -129.48
CA HIS K 140 0.04 10.68 -130.37
C HIS K 140 -0.69 11.68 -131.26
N ARG K 141 -0.45 11.62 -132.56
CA ARG K 141 -1.04 12.59 -133.48
C ARG K 141 -2.56 12.53 -133.45
N ASP K 142 -3.12 11.33 -133.48
CA ASP K 142 -4.57 11.14 -133.46
C ASP K 142 -4.90 9.96 -132.57
N ILE K 143 -5.75 10.20 -131.56
CA ILE K 143 -6.18 9.17 -130.63
C ILE K 143 -7.65 8.91 -130.90
N LYS K 144 -7.99 7.68 -131.26
CA LYS K 144 -9.35 7.33 -131.66
C LYS K 144 -9.61 5.88 -131.28
N PRO K 145 -10.89 5.50 -131.12
CA PRO K 145 -11.18 4.09 -130.84
C PRO K 145 -10.68 3.15 -131.93
N ALA K 146 -10.77 3.58 -133.19
CA ALA K 146 -10.29 2.76 -134.30
C ALA K 146 -8.78 2.58 -134.29
N ASN K 147 -8.04 3.42 -133.56
CA ASN K 147 -6.60 3.30 -133.45
C ASN K 147 -6.13 2.97 -132.04
N VAL K 148 -7.05 2.64 -131.14
CA VAL K 148 -6.72 2.10 -129.84
C VAL K 148 -7.07 0.61 -129.86
N PHE K 149 -6.07 -0.24 -129.61
CA PHE K 149 -6.24 -1.69 -129.65
C PHE K 149 -6.02 -2.27 -128.27
N ILE K 150 -6.73 -3.37 -127.99
CA ILE K 150 -6.53 -4.13 -126.76
C ILE K 150 -6.12 -5.55 -127.12
N THR K 151 -5.89 -6.38 -126.11
CA THR K 151 -5.51 -7.78 -126.31
C THR K 151 -6.37 -8.67 -125.42
N ALA K 152 -6.22 -9.97 -125.62
CA ALA K 152 -6.99 -10.94 -124.83
C ALA K 152 -6.63 -10.83 -123.36
N THR K 153 -5.36 -10.59 -123.04
CA THR K 153 -4.91 -10.49 -121.66
C THR K 153 -5.48 -9.27 -120.94
N GLY K 154 -6.08 -8.33 -121.65
CA GLY K 154 -6.62 -7.12 -121.06
C GLY K 154 -5.75 -5.89 -121.19
N VAL K 155 -4.64 -5.98 -121.92
CA VAL K 155 -3.75 -4.84 -122.10
C VAL K 155 -4.26 -3.99 -123.27
N VAL K 156 -4.06 -2.69 -123.17
CA VAL K 156 -4.50 -1.72 -124.17
C VAL K 156 -3.28 -1.21 -124.91
N LYS K 157 -3.22 -1.45 -126.21
CA LYS K 157 -2.11 -1.03 -127.06
C LYS K 157 -2.53 0.17 -127.90
N LEU K 158 -1.73 1.23 -127.82
CA LEU K 158 -2.00 2.44 -128.59
C LEU K 158 -1.56 2.24 -130.04
N GLY K 159 -2.45 2.56 -130.98
CA GLY K 159 -2.20 2.31 -132.37
C GLY K 159 -1.24 3.31 -132.99
N ASP K 160 -0.96 3.09 -134.27
CA ASP K 160 -0.02 3.93 -134.99
C ASP K 160 -0.60 5.33 -135.18
N LEU K 161 0.20 6.35 -134.86
CA LEU K 161 -0.24 7.73 -135.01
C LEU K 161 -0.32 8.10 -136.48
N GLY K 162 -1.40 8.79 -136.85
CA GLY K 162 -1.60 9.21 -138.23
C GLY K 162 -0.68 10.36 -138.62
N THR K 180 -10.34 15.51 -142.63
CA THR K 180 -10.68 15.90 -141.28
C THR K 180 -10.43 14.74 -140.31
N PRO K 181 -9.81 15.00 -139.17
CA PRO K 181 -9.53 13.92 -138.22
C PRO K 181 -10.78 13.52 -137.44
N TYR K 182 -10.65 12.41 -136.70
CA TYR K 182 -11.76 11.94 -135.88
C TYR K 182 -12.12 12.97 -134.82
N TYR K 183 -11.12 13.58 -134.19
CA TYR K 183 -11.33 14.58 -133.15
C TYR K 183 -10.63 15.87 -133.56
N MET K 184 -11.41 16.96 -133.61
CA MET K 184 -10.87 18.27 -133.97
C MET K 184 -10.44 18.99 -132.69
N SER K 185 -9.15 19.23 -132.56
CA SER K 185 -8.65 19.88 -131.36
C SER K 185 -9.09 21.34 -131.32
N PRO K 186 -9.29 21.90 -130.11
CA PRO K 186 -9.55 23.35 -130.04
C PRO K 186 -8.41 24.18 -130.60
N GLU K 187 -7.17 23.69 -130.50
CA GLU K 187 -6.05 24.35 -131.16
C GLU K 187 -6.05 24.12 -132.66
N ARG K 188 -6.56 22.98 -133.12
CA ARG K 188 -6.76 22.81 -134.57
C ARG K 188 -7.76 23.81 -135.10
N ILE K 189 -8.92 23.92 -134.45
CA ILE K 189 -9.83 25.03 -134.74
C ILE K 189 -9.14 26.34 -134.36
N HIS K 190 -9.31 27.36 -135.19
CA HIS K 190 -8.49 28.56 -135.08
C HIS K 190 -7.02 28.15 -135.11
N GLU K 191 -6.64 27.47 -136.18
CA GLU K 191 -5.39 26.71 -136.21
C GLU K 191 -4.21 27.55 -135.77
N ASN K 192 -3.53 27.08 -134.72
CA ASN K 192 -2.27 27.66 -134.27
C ASN K 192 -1.19 26.63 -133.97
N GLY K 193 -1.53 25.35 -133.90
CA GLY K 193 -0.55 24.33 -133.58
C GLY K 193 -1.22 23.15 -132.91
N TYR K 194 -0.40 22.22 -132.45
CA TYR K 194 -0.86 21.00 -131.78
C TYR K 194 -0.07 20.87 -130.48
N ASN K 195 -0.71 21.24 -129.37
CA ASN K 195 -0.06 21.27 -128.06
C ASN K 195 -0.23 19.94 -127.33
N PHE K 196 0.50 19.80 -126.23
CA PHE K 196 0.33 18.62 -125.38
C PHE K 196 -1.10 18.47 -124.89
N LYS K 197 -1.84 19.58 -124.79
CA LYS K 197 -3.22 19.53 -124.33
C LYS K 197 -4.18 19.09 -125.43
N SER K 198 -3.75 19.13 -126.70
CA SER K 198 -4.55 18.52 -127.75
C SER K 198 -4.69 17.02 -127.54
N ASP K 199 -3.61 16.37 -127.10
CA ASP K 199 -3.68 14.95 -126.77
C ASP K 199 -4.63 14.73 -125.60
N ILE K 200 -4.63 15.63 -124.62
CA ILE K 200 -5.56 15.50 -123.49
C ILE K 200 -7.00 15.63 -123.99
N TRP K 201 -7.26 16.57 -124.90
CA TRP K 201 -8.60 16.72 -125.46
C TRP K 201 -9.02 15.46 -126.20
N SER K 202 -8.11 14.92 -127.02
CA SER K 202 -8.43 13.70 -127.76
C SER K 202 -8.70 12.54 -126.81
N LEU K 203 -7.93 12.45 -125.73
CA LEU K 203 -8.13 11.38 -124.76
C LEU K 203 -9.46 11.54 -124.03
N GLY K 204 -9.84 12.77 -123.69
CA GLY K 204 -11.13 12.99 -123.07
C GLY K 204 -12.28 12.65 -124.01
N CYS K 205 -12.15 13.03 -125.28
CA CYS K 205 -13.16 12.65 -126.26
C CYS K 205 -13.22 11.13 -126.43
N LEU K 206 -12.07 10.46 -126.35
CA LEU K 206 -12.05 9.00 -126.40
C LEU K 206 -12.76 8.40 -125.19
N LEU K 207 -12.54 8.99 -124.01
CA LEU K 207 -13.26 8.54 -122.82
C LEU K 207 -14.77 8.69 -123.03
N TYR K 208 -15.19 9.84 -123.57
CA TYR K 208 -16.61 10.04 -123.84
C TYR K 208 -17.14 9.02 -124.84
N GLU K 209 -16.35 8.72 -125.88
CA GLU K 209 -16.77 7.75 -126.88
C GLU K 209 -16.90 6.36 -126.27
N MET K 210 -15.95 5.95 -125.43
CA MET K 210 -16.06 4.69 -124.75
C MET K 210 -17.28 4.67 -123.84
N ALA K 211 -17.54 5.79 -123.15
CA ALA K 211 -18.63 5.84 -122.19
C ALA K 211 -19.99 5.72 -122.87
N ALA K 212 -20.22 6.50 -123.93
CA ALA K 212 -21.52 6.60 -124.56
C ALA K 212 -21.63 5.80 -125.85
N LEU K 213 -20.62 5.01 -126.19
CA LEU K 213 -20.54 4.30 -127.46
C LEU K 213 -20.45 5.26 -128.65
N GLN K 214 -20.32 6.55 -128.41
CA GLN K 214 -20.38 7.55 -129.47
C GLN K 214 -19.61 8.79 -129.06
N SER K 215 -19.06 9.49 -130.05
CA SER K 215 -18.26 10.67 -129.81
C SER K 215 -19.12 11.81 -129.26
N PRO K 216 -18.51 12.76 -128.55
CA PRO K 216 -19.28 13.87 -127.96
C PRO K 216 -19.75 14.92 -128.94
N PHE K 217 -19.60 14.72 -130.25
CA PHE K 217 -20.00 15.69 -131.25
C PHE K 217 -20.77 15.03 -132.38
N TYR K 218 -21.75 14.20 -132.01
CA TYR K 218 -22.68 13.58 -132.95
C TYR K 218 -23.98 14.39 -132.99
N GLY K 219 -24.59 14.44 -134.16
CA GLY K 219 -25.84 15.14 -134.31
C GLY K 219 -26.33 15.07 -135.75
N ASP K 220 -27.58 15.47 -135.93
CA ASP K 220 -28.17 15.48 -137.27
C ASP K 220 -27.48 16.50 -138.16
N LYS K 221 -27.15 17.68 -137.61
CA LYS K 221 -26.47 18.70 -138.38
C LYS K 221 -25.01 18.31 -138.60
N MET K 222 -24.74 17.69 -139.74
CA MET K 222 -23.39 17.21 -140.05
C MET K 222 -22.56 18.23 -140.81
N ASN K 223 -22.86 19.53 -140.66
CA ASN K 223 -22.11 20.55 -141.38
C ASN K 223 -20.91 21.02 -140.57
N LEU K 224 -19.84 21.36 -141.30
CA LEU K 224 -18.56 21.67 -140.66
C LEU K 224 -18.70 22.86 -139.73
N TYR K 225 -19.40 23.91 -140.15
CA TYR K 225 -19.54 25.08 -139.31
C TYR K 225 -20.31 24.76 -138.03
N SER K 226 -21.39 23.98 -138.15
CA SER K 226 -22.17 23.63 -136.98
C SER K 226 -21.32 22.85 -135.98
N LEU K 227 -20.59 21.83 -136.45
CA LEU K 227 -19.79 21.05 -135.53
C LEU K 227 -18.62 21.85 -134.97
N CYS K 228 -18.04 22.76 -135.76
CA CYS K 228 -16.96 23.60 -135.26
C CYS K 228 -17.45 24.52 -134.15
N LYS K 229 -18.62 25.12 -134.32
CA LYS K 229 -19.17 25.96 -133.26
C LYS K 229 -19.58 25.12 -132.06
N LYS K 230 -20.01 23.88 -132.29
CA LYS K 230 -20.29 22.97 -131.18
C LYS K 230 -19.03 22.74 -130.36
N ILE K 231 -17.91 22.48 -131.02
CA ILE K 231 -16.64 22.30 -130.31
C ILE K 231 -16.26 23.59 -129.58
N GLU K 232 -16.43 24.74 -130.24
CA GLU K 232 -16.07 26.01 -129.63
C GLU K 232 -16.86 26.26 -128.36
N GLN K 233 -18.18 26.02 -128.41
CA GLN K 233 -19.02 26.24 -127.24
C GLN K 233 -18.88 25.14 -126.19
N CYS K 234 -18.33 23.98 -126.57
CA CYS K 234 -18.11 22.88 -125.64
C CYS K 234 -19.41 22.45 -124.98
N ASP K 235 -20.40 22.19 -125.82
CA ASP K 235 -21.72 21.74 -125.38
C ASP K 235 -21.93 20.31 -125.88
N TYR K 236 -22.11 19.38 -124.95
CA TYR K 236 -22.34 17.98 -125.26
C TYR K 236 -23.36 17.42 -124.28
N PRO K 237 -24.12 16.40 -124.67
CA PRO K 237 -24.98 15.70 -123.74
C PRO K 237 -24.25 14.98 -122.60
N PRO K 238 -24.23 15.53 -121.39
CA PRO K 238 -23.53 14.83 -120.32
C PRO K 238 -23.78 13.34 -120.22
N LEU K 239 -22.72 12.62 -119.87
CA LEU K 239 -22.80 11.17 -119.81
C LEU K 239 -23.82 10.77 -118.75
N PRO K 240 -24.43 9.59 -118.89
CA PRO K 240 -25.49 9.19 -117.95
C PRO K 240 -24.97 9.20 -116.51
N SER K 241 -25.50 10.13 -115.71
CA SER K 241 -25.08 10.24 -114.32
C SER K 241 -25.42 8.99 -113.53
N ASP K 242 -26.61 8.43 -113.74
CA ASP K 242 -27.06 7.25 -113.01
C ASP K 242 -26.51 5.96 -113.60
N HIS K 243 -25.47 6.04 -114.42
CA HIS K 243 -24.69 4.85 -114.76
C HIS K 243 -23.19 5.09 -114.79
N TYR K 244 -22.73 6.33 -114.97
CA TYR K 244 -21.32 6.67 -114.90
C TYR K 244 -21.05 7.57 -113.71
N SER K 245 -19.80 7.58 -113.27
CA SER K 245 -19.42 8.23 -112.03
C SER K 245 -19.29 9.74 -112.18
N GLU K 246 -19.48 10.44 -111.06
CA GLU K 246 -19.38 11.90 -111.06
C GLU K 246 -17.95 12.34 -111.34
N GLU K 247 -16.97 11.71 -110.68
CA GLU K 247 -15.58 12.13 -110.88
C GLU K 247 -15.15 11.86 -112.32
N LEU K 248 -15.62 10.77 -112.92
CA LEU K 248 -15.28 10.49 -114.31
C LEU K 248 -15.97 11.48 -115.26
N ARG K 249 -17.25 11.77 -114.99
CA ARG K 249 -17.98 12.72 -115.83
C ARG K 249 -17.38 14.11 -115.75
N GLN K 250 -16.76 14.47 -114.63
CA GLN K 250 -16.09 15.75 -114.51
C GLN K 250 -14.67 15.72 -115.06
N LEU K 251 -13.98 14.58 -114.96
CA LEU K 251 -12.66 14.45 -115.56
C LEU K 251 -12.75 14.59 -117.07
N VAL K 252 -13.76 13.97 -117.69
CA VAL K 252 -13.94 14.13 -119.13
C VAL K 252 -14.22 15.58 -119.47
N ASN K 253 -15.01 16.26 -118.63
CA ASN K 253 -15.29 17.67 -118.87
C ASN K 253 -14.02 18.52 -118.80
N MET K 254 -13.17 18.27 -117.80
CA MET K 254 -11.91 19.01 -117.71
C MET K 254 -11.02 18.73 -118.91
N CYS K 255 -10.92 17.46 -119.33
CA CYS K 255 -10.12 17.14 -120.50
C CYS K 255 -10.70 17.72 -121.78
N ILE K 256 -12.01 17.96 -121.81
CA ILE K 256 -12.67 18.56 -122.97
C ILE K 256 -12.99 20.01 -122.65
N ASN K 257 -12.08 20.92 -123.01
CA ASN K 257 -12.22 22.33 -122.68
C ASN K 257 -11.61 23.17 -123.79
N PRO K 258 -12.23 24.29 -124.18
CA PRO K 258 -11.61 25.16 -125.19
C PRO K 258 -10.26 25.71 -124.76
N ASP K 259 -10.10 26.01 -123.48
CA ASP K 259 -8.85 26.59 -123.00
C ASP K 259 -7.75 25.54 -122.99
N PRO K 260 -6.58 25.81 -123.58
CA PRO K 260 -5.51 24.79 -123.56
C PRO K 260 -5.11 24.37 -122.16
N GLU K 261 -4.79 25.32 -121.29
CA GLU K 261 -4.36 25.00 -119.94
C GLU K 261 -5.50 24.51 -119.06
N LYS K 262 -6.75 24.68 -119.48
CA LYS K 262 -7.86 24.14 -118.71
C LYS K 262 -7.80 22.61 -118.65
N ARG K 263 -7.27 21.98 -119.70
CA ARG K 263 -7.16 20.53 -119.71
C ARG K 263 -6.10 20.09 -118.71
N PRO K 264 -6.41 19.18 -117.79
CA PRO K 264 -5.40 18.72 -116.83
C PRO K 264 -4.25 17.99 -117.54
N ASP K 265 -3.07 18.08 -116.94
CA ASP K 265 -1.87 17.55 -117.57
C ASP K 265 -1.92 16.03 -117.62
N VAL K 266 -1.06 15.46 -118.48
CA VAL K 266 -1.06 14.01 -118.66
C VAL K 266 -0.77 13.29 -117.35
N THR K 267 0.18 13.80 -116.57
CA THR K 267 0.48 13.17 -115.28
C THR K 267 -0.72 13.26 -114.35
N TYR K 268 -1.43 14.39 -114.36
CA TYR K 268 -2.60 14.54 -113.51
C TYR K 268 -3.67 13.52 -113.87
N VAL K 269 -3.98 13.40 -115.15
CA VAL K 269 -5.02 12.46 -115.57
C VAL K 269 -4.57 11.02 -115.27
N TYR K 270 -3.28 10.74 -115.46
CA TYR K 270 -2.78 9.40 -115.15
C TYR K 270 -2.91 9.09 -113.67
N ASP K 271 -2.59 10.06 -112.80
CA ASP K 271 -2.68 9.83 -111.37
C ASP K 271 -4.13 9.59 -110.94
N VAL K 272 -5.06 10.39 -111.45
CA VAL K 272 -6.46 10.17 -111.10
C VAL K 272 -6.94 8.82 -111.62
N ALA K 273 -6.54 8.46 -112.84
CA ALA K 273 -6.90 7.15 -113.38
C ALA K 273 -6.37 6.04 -112.50
N LYS K 274 -5.13 6.17 -112.02
CA LYS K 274 -4.56 5.14 -111.16
C LYS K 274 -5.33 5.04 -109.86
N ARG K 275 -5.64 6.19 -109.23
CA ARG K 275 -6.32 6.16 -107.94
C ARG K 275 -7.74 5.62 -108.08
N MET K 276 -8.37 5.77 -109.25
CA MET K 276 -9.66 5.12 -109.48
C MET K 276 -9.51 3.63 -109.79
N HIS K 277 -8.47 3.22 -110.50
CA HIS K 277 -8.32 1.80 -110.78
C HIS K 277 -8.03 1.04 -109.51
N ALA K 278 -7.34 1.68 -108.56
CA ALA K 278 -7.08 1.07 -107.27
C ALA K 278 -8.37 0.82 -106.49
N LYS L 1 79.53 42.46 -132.81
CA LYS L 1 80.51 43.52 -132.63
C LYS L 1 81.27 43.34 -131.32
N ALA L 2 81.65 44.47 -130.70
CA ALA L 2 82.41 44.48 -129.46
C ALA L 2 81.55 45.13 -128.37
N LEU L 3 80.81 44.30 -127.65
CA LEU L 3 80.03 44.79 -126.52
C LEU L 3 80.97 45.26 -125.42
N ARG L 4 80.48 46.18 -124.60
CA ARG L 4 81.27 46.70 -123.51
C ARG L 4 81.70 45.56 -122.59
N PRO L 5 82.92 45.60 -122.05
CA PRO L 5 83.38 44.48 -121.21
C PRO L 5 82.43 44.23 -120.05
N ASP L 6 82.14 42.95 -119.81
CA ASP L 6 81.23 42.52 -118.75
C ASP L 6 82.07 42.16 -117.53
N MET L 7 82.55 43.19 -116.84
CA MET L 7 83.38 43.01 -115.65
C MET L 7 82.61 43.30 -114.37
N GLY L 8 82.01 44.49 -114.26
CA GLY L 8 81.25 44.86 -113.09
C GLY L 8 79.75 44.70 -113.31
N TYR L 9 78.99 45.12 -112.30
CA TYR L 9 77.54 45.06 -112.33
C TYR L 9 76.91 46.36 -112.81
N ASN L 10 77.72 47.35 -113.21
CA ASN L 10 77.23 48.65 -113.65
C ASN L 10 77.72 48.88 -115.07
N THR L 11 76.96 48.37 -116.05
CA THR L 11 77.30 48.54 -117.46
C THR L 11 76.15 48.06 -118.33
N LEU L 12 75.90 48.76 -119.45
CA LEU L 12 74.80 48.39 -120.33
C LEU L 12 75.06 47.05 -121.00
N ALA L 13 76.32 46.75 -121.34
CA ALA L 13 76.62 45.48 -121.99
C ALA L 13 76.19 44.29 -121.14
N ASN L 14 76.14 44.50 -119.83
CA ASN L 14 75.69 43.45 -118.94
C ASN L 14 74.17 43.34 -118.89
N PHE L 15 73.44 44.01 -119.78
CA PHE L 15 71.99 43.98 -119.80
C PHE L 15 71.49 43.84 -121.21
N ARG L 16 70.46 43.01 -121.37
CA ARG L 16 69.82 42.76 -122.67
C ARG L 16 68.37 43.22 -122.57
N ILE L 17 68.03 44.27 -123.32
CA ILE L 17 66.71 44.89 -123.25
C ILE L 17 65.75 43.99 -124.05
N GLU L 18 64.95 43.20 -123.34
CA GLU L 18 63.95 42.37 -124.01
C GLU L 18 62.90 43.24 -124.69
N LYS L 19 62.43 44.28 -124.01
CA LYS L 19 61.43 45.19 -124.57
C LYS L 19 61.37 46.42 -123.67
N LYS L 20 60.52 47.37 -124.05
CA LYS L 20 60.31 48.61 -123.31
C LYS L 20 59.02 48.46 -122.51
N ILE L 21 59.16 48.36 -121.18
CA ILE L 21 57.98 48.21 -120.33
C ILE L 21 57.11 49.46 -120.39
N GLY L 22 57.75 50.63 -120.45
CA GLY L 22 57.03 51.88 -120.52
C GLY L 22 57.98 53.00 -120.87
N ARG L 23 57.40 54.17 -121.09
CA ARG L 23 58.18 55.36 -121.44
C ARG L 23 57.52 56.57 -120.79
N GLY L 24 57.98 56.94 -119.60
CA GLY L 24 57.50 58.13 -118.93
C GLY L 24 58.26 59.37 -119.36
N GLN L 25 57.70 60.53 -118.99
CA GLN L 25 58.32 61.79 -119.35
C GLN L 25 59.70 61.95 -118.70
N PHE L 26 59.89 61.36 -117.52
CA PHE L 26 61.13 61.50 -116.76
C PHE L 26 62.09 60.33 -116.97
N SER L 27 61.57 59.13 -117.22
CA SER L 27 62.40 57.94 -117.33
C SER L 27 61.82 57.00 -118.37
N GLU L 28 62.69 56.14 -118.91
CA GLU L 28 62.30 55.06 -119.81
C GLU L 28 62.74 53.74 -119.19
N VAL L 29 61.80 52.81 -119.06
CA VAL L 29 62.03 51.55 -118.35
C VAL L 29 61.99 50.41 -119.35
N TYR L 30 63.00 49.54 -119.29
CA TYR L 30 63.11 48.40 -120.19
C TYR L 30 63.32 47.13 -119.37
N ARG L 31 62.89 46.00 -119.94
CA ARG L 31 63.02 44.71 -119.28
C ARG L 31 64.40 44.14 -119.64
N ALA L 32 65.40 44.47 -118.83
CA ALA L 32 66.76 44.06 -119.09
C ALA L 32 67.05 42.70 -118.45
N ALA L 33 68.14 42.08 -118.88
CA ALA L 33 68.56 40.78 -118.37
C ALA L 33 70.04 40.85 -118.02
N CYS L 34 70.37 40.68 -116.74
CA CYS L 34 71.75 40.76 -116.29
C CYS L 34 72.53 39.59 -116.86
N LEU L 35 73.40 39.87 -117.86
CA LEU L 35 74.18 38.81 -118.48
C LEU L 35 75.12 38.15 -117.48
N LEU L 36 75.78 38.95 -116.65
CA LEU L 36 76.72 38.39 -115.68
C LEU L 36 76.01 37.49 -114.69
N ASP L 37 74.85 37.92 -114.19
CA ASP L 37 74.08 37.15 -113.22
C ASP L 37 73.10 36.20 -113.92
N GLY L 38 72.20 36.77 -114.73
CA GLY L 38 71.25 35.96 -115.47
C GLY L 38 69.84 36.02 -114.92
N VAL L 39 69.40 37.21 -114.49
CA VAL L 39 68.04 37.39 -113.97
C VAL L 39 67.41 38.57 -114.70
N PRO L 40 66.09 38.57 -114.91
CA PRO L 40 65.42 39.71 -115.57
C PRO L 40 65.12 40.83 -114.58
N VAL L 41 65.76 41.97 -114.78
CA VAL L 41 65.55 43.14 -113.95
C VAL L 41 64.96 44.25 -114.81
N ALA L 42 64.68 45.39 -114.17
CA ALA L 42 64.16 46.58 -114.84
C ALA L 42 65.27 47.61 -114.91
N LEU L 43 65.59 48.06 -116.12
CA LEU L 43 66.60 49.08 -116.35
C LEU L 43 65.88 50.39 -116.68
N LYS L 44 66.00 51.36 -115.79
CA LYS L 44 65.39 52.68 -115.96
C LYS L 44 66.47 53.69 -116.31
N LYS L 45 66.26 54.43 -117.38
CA LYS L 45 67.21 55.43 -117.85
C LYS L 45 66.55 56.80 -117.87
N VAL L 46 67.27 57.79 -117.35
CA VAL L 46 66.82 59.18 -117.34
C VAL L 46 67.91 60.04 -117.97
N GLN L 47 67.51 60.95 -118.84
CA GLN L 47 68.46 61.86 -119.48
C GLN L 47 68.90 62.93 -118.48
N ILE L 48 69.98 62.65 -117.75
CA ILE L 48 70.45 63.58 -116.72
C ILE L 48 70.89 64.89 -117.35
N PHE L 49 71.43 64.83 -118.57
CA PHE L 49 71.96 66.03 -119.21
C PHE L 49 70.89 67.11 -119.36
N ASP L 50 69.66 66.71 -119.67
CA ASP L 50 68.60 67.70 -119.86
C ASP L 50 68.38 68.53 -118.60
N LEU L 51 67.82 67.92 -117.56
CA LEU L 51 67.62 68.57 -116.26
C LEU L 51 68.80 68.31 -115.34
N MET L 52 70.01 68.59 -115.80
CA MET L 52 71.23 68.43 -115.01
C MET L 52 71.79 69.81 -114.71
N ASP L 53 71.42 70.35 -113.55
CA ASP L 53 71.97 71.61 -113.06
C ASP L 53 73.26 71.43 -112.29
N ALA L 54 73.72 70.19 -112.09
CA ALA L 54 74.92 69.83 -111.35
C ALA L 54 74.78 70.05 -109.85
N LYS L 55 73.66 70.60 -109.38
CA LYS L 55 73.40 70.74 -107.96
C LYS L 55 72.37 69.74 -107.44
N ALA L 56 71.66 69.06 -108.33
CA ALA L 56 70.66 68.06 -107.96
C ALA L 56 71.06 66.65 -108.33
N ARG L 57 71.70 66.46 -109.49
CA ARG L 57 72.05 65.11 -109.94
C ARG L 57 73.07 64.45 -109.02
N ALA L 58 74.06 65.21 -108.56
CA ALA L 58 75.08 64.65 -107.68
C ALA L 58 74.45 64.16 -106.37
N ASP L 59 73.60 65.00 -105.76
CA ASP L 59 72.92 64.60 -104.54
C ASP L 59 71.97 63.43 -104.81
N CYS L 60 71.34 63.41 -105.98
CA CYS L 60 70.45 62.31 -106.32
C CYS L 60 71.21 60.99 -106.37
N ILE L 61 72.38 60.98 -107.01
CA ILE L 61 73.19 59.77 -107.04
C ILE L 61 73.66 59.40 -105.65
N LYS L 62 74.09 60.39 -104.86
CA LYS L 62 74.58 60.10 -103.52
C LYS L 62 73.49 59.46 -102.67
N GLU L 63 72.26 59.98 -102.75
CA GLU L 63 71.15 59.42 -101.97
C GLU L 63 70.68 58.08 -102.51
N ILE L 64 70.58 57.93 -103.84
CA ILE L 64 70.16 56.67 -104.42
C ILE L 64 71.20 55.58 -104.18
N ASP L 65 72.43 55.96 -103.85
CA ASP L 65 73.39 54.98 -103.33
C ASP L 65 72.80 54.27 -102.11
N LEU L 66 71.95 54.97 -101.36
CA LEU L 66 71.13 54.36 -100.34
C LEU L 66 69.77 54.04 -100.93
N LEU L 67 69.43 52.75 -100.96
CA LEU L 67 68.23 52.27 -101.64
C LEU L 67 68.32 50.76 -101.80
N LYS L 68 69.49 50.28 -102.22
CA LYS L 68 69.74 48.84 -102.17
C LYS L 68 69.70 48.35 -100.74
N GLN L 69 70.22 49.14 -99.79
CA GLN L 69 70.11 48.80 -98.38
C GLN L 69 68.68 48.82 -97.90
N LEU L 70 67.78 49.49 -98.62
CA LEU L 70 66.36 49.50 -98.27
C LEU L 70 65.75 48.14 -98.59
N ASN L 71 65.72 47.25 -97.61
CA ASN L 71 65.25 45.88 -97.78
C ASN L 71 63.92 45.74 -97.05
N HIS L 72 62.82 45.79 -97.81
CA HIS L 72 61.49 45.59 -97.27
C HIS L 72 60.71 44.70 -98.23
N PRO L 73 59.85 43.82 -97.71
CA PRO L 73 59.09 42.93 -98.61
C PRO L 73 58.15 43.66 -99.54
N ASN L 74 57.78 44.91 -99.21
CA ASN L 74 56.77 45.66 -99.96
C ASN L 74 57.37 46.82 -100.74
N VAL L 75 58.69 46.85 -100.92
CA VAL L 75 59.36 47.92 -101.64
C VAL L 75 60.21 47.30 -102.75
N ILE L 76 60.19 47.94 -103.92
CA ILE L 76 60.98 47.45 -105.04
C ILE L 76 62.44 47.36 -104.64
N LYS L 77 63.11 46.29 -105.08
CA LYS L 77 64.51 46.08 -104.77
C LYS L 77 65.39 46.93 -105.68
N TYR L 78 66.29 47.70 -105.09
CA TYR L 78 67.22 48.54 -105.84
C TYR L 78 68.51 47.75 -106.03
N TYR L 79 68.83 47.43 -107.30
CA TYR L 79 70.01 46.64 -107.60
C TYR L 79 71.21 47.53 -107.94
N ALA L 80 71.08 48.39 -108.94
CA ALA L 80 72.21 49.18 -109.41
C ALA L 80 71.78 50.61 -109.65
N SER L 81 72.75 51.53 -109.58
CA SER L 81 72.53 52.94 -109.90
C SER L 81 73.84 53.52 -110.41
N PHE L 82 73.95 53.70 -111.72
CA PHE L 82 75.18 54.16 -112.33
C PHE L 82 74.85 55.13 -113.46
N ILE L 83 75.89 55.54 -114.19
CA ILE L 83 75.76 56.46 -115.31
C ILE L 83 76.39 55.82 -116.54
N GLU L 84 75.64 55.81 -117.64
CA GLU L 84 76.13 55.26 -118.90
C GLU L 84 75.23 55.74 -120.02
N ASP L 85 75.82 55.86 -121.22
CA ASP L 85 75.10 56.32 -122.40
C ASP L 85 74.61 57.76 -122.23
N ASN L 86 75.35 58.56 -121.45
CA ASN L 86 74.99 59.96 -121.21
C ASN L 86 73.66 60.07 -120.47
N GLU L 87 73.30 59.03 -119.73
CA GLU L 87 72.06 59.03 -118.95
C GLU L 87 72.22 58.05 -117.80
N LEU L 88 71.33 58.19 -116.82
CA LEU L 88 71.39 57.31 -115.67
C LEU L 88 70.96 55.90 -116.05
N ASN L 89 71.32 54.94 -115.20
CA ASN L 89 70.95 53.53 -115.39
C ASN L 89 70.66 52.95 -114.02
N ILE L 90 69.40 52.61 -113.77
CA ILE L 90 68.95 52.09 -112.48
C ILE L 90 68.42 50.69 -112.70
N VAL L 91 69.02 49.73 -112.00
CA VAL L 91 68.62 48.33 -112.06
C VAL L 91 67.77 48.04 -110.83
N LEU L 92 66.54 47.60 -111.07
CA LEU L 92 65.57 47.33 -110.00
C LEU L 92 64.87 46.00 -110.29
N GLU L 93 63.99 45.60 -109.39
CA GLU L 93 63.17 44.42 -109.61
C GLU L 93 62.09 44.72 -110.65
N LEU L 94 61.66 43.68 -111.35
CA LEU L 94 60.68 43.80 -112.41
C LEU L 94 59.38 43.13 -111.99
N ALA L 95 58.29 43.88 -112.04
CA ALA L 95 56.94 43.37 -111.76
C ALA L 95 56.02 43.88 -112.87
N ASP L 96 55.93 43.11 -113.95
CA ASP L 96 55.15 43.53 -115.11
C ASP L 96 53.67 43.21 -114.94
N ALA L 97 53.37 41.96 -114.56
CA ALA L 97 51.97 41.57 -114.38
C ALA L 97 51.28 42.44 -113.33
N GLY L 98 52.03 42.90 -112.33
CA GLY L 98 51.47 43.74 -111.29
C GLY L 98 51.73 45.21 -111.50
N ASP L 99 50.71 45.94 -111.93
CA ASP L 99 50.83 47.38 -112.16
C ASP L 99 49.45 47.99 -112.00
N LEU L 100 49.24 48.70 -110.88
CA LEU L 100 47.93 49.26 -110.61
C LEU L 100 47.44 50.14 -111.75
N SER L 101 48.36 50.78 -112.48
CA SER L 101 47.94 51.62 -113.61
C SER L 101 47.17 50.81 -114.64
N ARG L 102 47.68 49.62 -114.98
CA ARG L 102 46.98 48.74 -115.91
C ARG L 102 45.80 48.03 -115.25
N MET L 103 45.91 47.71 -113.97
CA MET L 103 44.82 47.03 -113.28
C MET L 103 43.56 47.91 -113.25
N ILE L 104 43.73 49.20 -112.99
CA ILE L 104 42.58 50.10 -112.94
C ILE L 104 41.91 50.17 -114.30
N LYS L 105 42.70 50.30 -115.36
CA LYS L 105 42.14 50.34 -116.71
C LYS L 105 41.41 49.05 -117.04
N HIS L 106 42.00 47.91 -116.69
CA HIS L 106 41.33 46.63 -116.96
C HIS L 106 40.03 46.51 -116.20
N PHE L 107 40.00 46.92 -114.94
CA PHE L 107 38.79 46.81 -114.13
C PHE L 107 37.72 47.78 -114.62
N LYS L 108 38.12 48.96 -115.10
CA LYS L 108 37.14 49.91 -115.63
C LYS L 108 36.35 49.34 -116.80
N LYS L 109 36.92 48.34 -117.49
CA LYS L 109 36.17 47.69 -118.56
C LYS L 109 34.91 47.04 -118.03
N GLN L 110 35.00 46.36 -116.89
CA GLN L 110 33.84 45.76 -116.26
C GLN L 110 33.13 46.78 -115.38
N LYS L 111 31.80 46.71 -115.36
CA LYS L 111 31.01 47.64 -114.57
C LYS L 111 31.34 47.49 -113.09
N ARG L 112 31.45 46.26 -112.60
CA ARG L 112 31.81 46.03 -111.21
C ARG L 112 33.24 46.50 -110.95
N LEU L 113 33.45 47.09 -109.78
CA LEU L 113 34.73 47.67 -109.40
C LEU L 113 35.37 46.85 -108.30
N ILE L 114 36.55 47.28 -107.86
CA ILE L 114 37.42 46.46 -107.01
C ILE L 114 36.78 46.24 -105.65
N PRO L 115 37.17 45.19 -104.92
CA PRO L 115 36.56 44.93 -103.61
C PRO L 115 37.31 45.56 -102.45
N GLU L 116 36.53 45.90 -101.42
CA GLU L 116 37.10 46.48 -100.21
C GLU L 116 38.14 45.56 -99.59
N ARG L 117 37.89 44.25 -99.62
CA ARG L 117 38.82 43.30 -99.03
C ARG L 117 40.18 43.37 -99.72
N THR L 118 40.19 43.35 -101.07
CA THR L 118 41.45 43.39 -101.79
C THR L 118 42.16 44.72 -101.59
N VAL L 119 41.42 45.83 -101.62
CA VAL L 119 42.07 47.12 -101.44
C VAL L 119 42.69 47.21 -100.05
N TRP L 120 41.99 46.69 -99.02
CA TRP L 120 42.57 46.68 -97.69
C TRP L 120 43.81 45.79 -97.62
N LYS L 121 43.75 44.63 -98.27
CA LYS L 121 44.90 43.72 -98.23
C LYS L 121 46.12 44.35 -98.87
N TYR L 122 45.93 45.13 -99.92
CA TYR L 122 47.05 45.83 -100.54
C TYR L 122 47.48 47.04 -99.72
N PHE L 123 46.51 47.74 -99.13
CA PHE L 123 46.79 48.98 -98.43
C PHE L 123 47.55 48.74 -97.13
N VAL L 124 47.31 47.61 -96.46
CA VAL L 124 48.09 47.30 -95.27
C VAL L 124 49.56 47.18 -95.61
N GLN L 125 49.88 46.50 -96.70
CA GLN L 125 51.27 46.38 -97.12
C GLN L 125 51.85 47.74 -97.52
N LEU L 126 51.05 48.54 -98.23
CA LEU L 126 51.51 49.88 -98.61
C LEU L 126 51.85 50.71 -97.37
N CYS L 127 50.97 50.67 -96.36
CA CYS L 127 51.23 51.39 -95.12
C CYS L 127 52.46 50.85 -94.41
N SER L 128 52.63 49.53 -94.41
CA SER L 128 53.82 48.95 -93.78
C SER L 128 55.09 49.48 -94.44
N ALA L 129 55.13 49.50 -95.77
CA ALA L 129 56.29 50.01 -96.48
C ALA L 129 56.53 51.48 -96.17
N LEU L 130 55.46 52.28 -96.22
CA LEU L 130 55.60 53.71 -95.97
C LEU L 130 56.14 53.97 -94.57
N GLU L 131 55.58 53.28 -93.57
CA GLU L 131 56.05 53.46 -92.20
C GLU L 131 57.50 53.00 -92.05
N HIS L 132 57.85 51.87 -92.67
CA HIS L 132 59.21 51.36 -92.55
C HIS L 132 60.22 52.36 -93.11
N MET L 133 59.92 52.95 -94.27
CA MET L 133 60.87 53.90 -94.84
C MET L 133 60.84 55.25 -94.13
N HIS L 134 59.67 55.67 -93.64
CA HIS L 134 59.58 56.95 -92.94
C HIS L 134 60.33 56.90 -91.61
N SER L 135 60.24 55.77 -90.91
CA SER L 135 60.95 55.64 -89.64
C SER L 135 62.44 55.81 -89.80
N ARG L 136 62.97 55.61 -91.00
CA ARG L 136 64.36 55.89 -91.33
C ARG L 136 64.53 57.24 -92.01
N ARG L 137 63.51 58.10 -91.96
CA ARG L 137 63.54 59.46 -92.51
C ARG L 137 63.53 59.49 -94.03
N VAL L 138 63.29 58.36 -94.68
CA VAL L 138 63.26 58.28 -96.14
C VAL L 138 61.81 58.28 -96.59
N MET L 139 61.53 59.00 -97.67
CA MET L 139 60.17 59.23 -98.13
C MET L 139 60.03 58.79 -99.58
N HIS L 140 58.80 58.44 -99.96
CA HIS L 140 58.48 58.18 -101.35
C HIS L 140 58.14 59.52 -102.02
N ARG L 141 58.96 59.91 -102.99
CA ARG L 141 58.78 61.23 -103.61
C ARG L 141 57.42 61.33 -104.29
N ASP L 142 57.01 60.30 -105.02
CA ASP L 142 55.73 60.29 -105.72
C ASP L 142 55.11 58.90 -105.60
N ILE L 143 53.89 58.85 -105.06
CA ILE L 143 53.16 57.60 -104.89
C ILE L 143 51.98 57.63 -105.86
N LYS L 144 51.94 56.68 -106.78
CA LYS L 144 50.93 56.66 -107.83
C LYS L 144 50.64 55.21 -108.20
N PRO L 145 49.46 54.94 -108.77
CA PRO L 145 49.17 53.57 -109.22
C PRO L 145 50.17 53.06 -110.24
N ALA L 146 50.63 53.93 -111.14
CA ALA L 146 51.61 53.54 -112.15
C ALA L 146 52.97 53.20 -111.54
N ASN L 147 53.24 53.61 -110.30
CA ASN L 147 54.49 53.30 -109.62
C ASN L 147 54.28 52.41 -108.39
N VAL L 148 53.08 51.89 -108.19
CA VAL L 148 52.82 50.85 -107.20
C VAL L 148 52.63 49.54 -107.94
N PHE L 149 53.46 48.55 -107.62
CA PHE L 149 53.43 47.25 -108.28
C PHE L 149 53.05 46.17 -107.29
N ILE L 150 52.38 45.13 -107.79
CA ILE L 150 52.04 43.96 -107.00
C ILE L 150 52.68 42.73 -107.66
N THR L 151 52.48 41.56 -107.06
CA THR L 151 53.01 40.31 -107.59
C THR L 151 51.91 39.26 -107.59
N ALA L 152 52.22 38.10 -108.19
CA ALA L 152 51.26 37.02 -108.25
C ALA L 152 50.90 36.53 -106.85
N THR L 153 51.87 36.49 -105.94
CA THR L 153 51.64 36.01 -104.59
C THR L 153 50.72 36.93 -103.79
N GLY L 154 50.44 38.14 -104.27
CA GLY L 154 49.60 39.09 -103.57
C GLY L 154 50.35 40.17 -102.82
N VAL L 155 51.68 40.22 -102.95
CA VAL L 155 52.47 41.24 -102.28
C VAL L 155 52.47 42.51 -103.11
N VAL L 156 52.52 43.66 -102.44
CA VAL L 156 52.51 44.97 -103.08
C VAL L 156 53.90 45.57 -102.94
N LYS L 157 54.54 45.84 -104.07
CA LYS L 157 55.89 46.40 -104.11
C LYS L 157 55.82 47.87 -104.50
N LEU L 158 56.42 48.73 -103.69
CA LEU L 158 56.44 50.16 -103.97
C LEU L 158 57.50 50.46 -105.02
N GLY L 159 57.10 51.21 -106.06
CA GLY L 159 57.98 51.47 -107.18
C GLY L 159 59.04 52.52 -106.87
N ASP L 160 59.88 52.75 -107.87
CA ASP L 160 60.97 53.69 -107.71
C ASP L 160 60.45 55.12 -107.58
N LEU L 161 60.94 55.84 -106.58
CA LEU L 161 60.52 57.22 -106.37
C LEU L 161 61.09 58.12 -107.45
N GLY L 162 60.25 59.01 -107.97
CA GLY L 162 60.66 59.95 -109.00
C GLY L 162 61.57 61.04 -108.48
N THR L 180 54.43 68.39 -114.04
CA THR L 180 53.49 68.28 -112.93
C THR L 180 53.35 66.82 -112.49
N PRO L 181 53.37 66.57 -111.18
CA PRO L 181 53.27 65.19 -110.70
C PRO L 181 51.83 64.68 -110.78
N TYR L 182 51.70 63.36 -110.55
CA TYR L 182 50.37 62.76 -110.56
C TYR L 182 49.49 63.34 -109.45
N TYR L 183 50.06 63.56 -108.28
CA TYR L 183 49.33 64.11 -107.14
C TYR L 183 50.04 65.38 -106.68
N MET L 184 49.31 66.49 -106.64
CA MET L 184 49.85 67.77 -106.19
C MET L 184 49.59 67.89 -104.69
N SER L 185 50.68 67.92 -103.92
CA SER L 185 50.54 68.01 -102.47
C SER L 185 50.01 69.40 -102.07
N PRO L 186 49.26 69.50 -100.98
CA PRO L 186 48.89 70.83 -100.47
C PRO L 186 50.10 71.66 -100.11
N GLU L 187 51.19 71.04 -99.66
CA GLU L 187 52.43 71.76 -99.45
C GLU L 187 53.13 72.12 -100.76
N ARG L 188 52.97 71.29 -101.79
CA ARG L 188 53.46 71.68 -103.11
C ARG L 188 52.73 72.93 -103.61
N ILE L 189 51.40 72.93 -103.55
CA ILE L 189 50.64 74.15 -103.76
C ILE L 189 50.98 75.14 -102.64
N HIS L 190 51.14 76.41 -103.00
CA HIS L 190 51.74 77.38 -102.09
C HIS L 190 53.08 76.84 -101.62
N GLU L 191 53.96 76.58 -102.58
CA GLU L 191 55.14 75.75 -102.36
C GLU L 191 55.93 76.22 -101.14
N ASN L 192 56.09 75.31 -100.17
CA ASN L 192 56.97 75.54 -99.03
C ASN L 192 57.86 74.35 -98.71
N GLY L 193 57.63 73.18 -99.29
CA GLY L 193 58.42 72.00 -98.99
C GLY L 193 57.61 70.75 -99.21
N TYR L 194 58.20 69.63 -98.81
CA TYR L 194 57.58 68.32 -98.94
C TYR L 194 57.69 67.61 -97.59
N ASN L 195 56.60 67.62 -96.83
CA ASN L 195 56.58 67.09 -95.47
C ASN L 195 56.20 65.61 -95.47
N PHE L 196 56.36 64.98 -94.30
CA PHE L 196 55.92 63.60 -94.13
C PHE L 196 54.43 63.45 -94.43
N LYS L 197 53.65 64.52 -94.24
CA LYS L 197 52.21 64.46 -94.51
C LYS L 197 51.89 64.56 -95.99
N SER L 198 52.84 65.02 -96.81
CA SER L 198 52.65 64.95 -98.25
C SER L 198 52.54 63.51 -98.72
N ASP L 199 53.35 62.62 -98.13
CA ASP L 199 53.23 61.20 -98.44
C ASP L 199 51.87 60.66 -98.01
N ILE L 200 51.37 61.13 -96.86
CA ILE L 200 50.04 60.71 -96.40
C ILE L 200 48.98 61.17 -97.39
N TRP L 201 49.09 62.41 -97.88
CA TRP L 201 48.14 62.91 -98.86
C TRP L 201 48.20 62.07 -100.14
N SER L 202 49.40 61.77 -100.61
CA SER L 202 49.54 60.96 -101.83
C SER L 202 48.95 59.57 -101.62
N LEU L 203 49.16 59.00 -100.44
CA LEU L 203 48.62 57.68 -100.15
C LEU L 203 47.10 57.70 -100.08
N GLY L 204 46.52 58.75 -99.50
CA GLY L 204 45.07 58.87 -99.49
C GLY L 204 44.49 59.04 -100.88
N CYS L 205 45.16 59.84 -101.72
CA CYS L 205 44.74 59.98 -103.10
C CYS L 205 44.86 58.66 -103.85
N LEU L 206 45.90 57.88 -103.53
CA LEU L 206 46.03 56.55 -104.12
C LEU L 206 44.91 55.63 -103.67
N LEU L 207 44.52 55.71 -102.40
CA LEU L 207 43.38 54.93 -101.93
C LEU L 207 42.13 55.32 -102.71
N TYR L 208 41.91 56.63 -102.90
CA TYR L 208 40.75 57.07 -103.66
C TYR L 208 40.81 56.57 -105.11
N GLU L 209 41.99 56.59 -105.71
CA GLU L 209 42.15 56.12 -107.08
C GLU L 209 41.86 54.62 -107.17
N MET L 210 42.36 53.84 -106.23
CA MET L 210 42.03 52.42 -106.21
C MET L 210 40.54 52.21 -106.02
N ALA L 211 39.92 53.01 -105.15
CA ALA L 211 38.51 52.83 -104.82
C ALA L 211 37.61 53.13 -106.02
N ALA L 212 37.84 54.27 -106.68
CA ALA L 212 36.95 54.75 -107.73
C ALA L 212 37.50 54.51 -109.14
N LEU L 213 38.61 53.78 -109.27
CA LEU L 213 39.30 53.59 -110.54
C LEU L 213 39.85 54.90 -111.10
N GLN L 214 39.76 56.00 -110.34
CA GLN L 214 40.13 57.31 -110.85
C GLN L 214 40.54 58.22 -109.70
N SER L 215 41.42 59.17 -110.00
CA SER L 215 41.94 60.07 -108.99
C SER L 215 40.85 61.01 -108.49
N PRO L 216 41.00 61.56 -107.28
CA PRO L 216 39.97 62.44 -106.72
C PRO L 216 39.91 63.84 -107.32
N PHE L 217 40.66 64.12 -108.40
CA PHE L 217 40.68 65.44 -109.01
C PHE L 217 40.54 65.33 -110.52
N TYR L 218 39.58 64.54 -110.97
CA TYR L 218 39.22 64.44 -112.38
C TYR L 218 38.02 65.34 -112.67
N GLY L 219 38.01 65.89 -113.88
CA GLY L 219 36.91 66.74 -114.29
C GLY L 219 37.13 67.26 -115.69
N ASP L 220 36.06 67.85 -116.25
CA ASP L 220 36.14 68.42 -117.58
C ASP L 220 37.09 69.61 -117.61
N LYS L 221 37.05 70.45 -116.57
CA LYS L 221 37.93 71.61 -116.49
C LYS L 221 39.35 71.16 -116.18
N MET L 222 40.16 70.97 -117.22
CA MET L 222 41.53 70.49 -117.07
C MET L 222 42.53 71.63 -116.91
N ASN L 223 42.11 72.79 -116.43
CA ASN L 223 43.03 73.92 -116.30
C ASN L 223 43.69 73.91 -114.92
N LEU L 224 44.95 74.37 -114.91
CA LEU L 224 45.77 74.27 -113.72
C LEU L 224 45.15 75.03 -112.55
N TYR L 225 44.65 76.25 -112.82
CA TYR L 225 44.06 77.04 -111.75
C TYR L 225 42.82 76.34 -111.17
N SER L 226 41.97 75.80 -112.04
CA SER L 226 40.77 75.11 -111.57
C SER L 226 41.13 73.93 -110.69
N LEU L 227 42.07 73.09 -111.14
CA LEU L 227 42.42 71.93 -110.33
C LEU L 227 43.15 72.32 -109.05
N CYS L 228 43.96 73.39 -109.09
CA CYS L 228 44.63 73.86 -107.88
C CYS L 228 43.63 74.33 -106.84
N LYS L 229 42.62 75.10 -107.28
CA LYS L 229 41.60 75.54 -106.34
C LYS L 229 40.75 74.37 -105.87
N LYS L 230 40.56 73.35 -106.72
CA LYS L 230 39.87 72.15 -106.28
C LYS L 230 40.64 71.47 -105.15
N ILE L 231 41.96 71.35 -105.29
CA ILE L 231 42.78 70.79 -104.23
C ILE L 231 42.69 71.66 -102.98
N GLU L 232 42.75 72.97 -103.15
CA GLU L 232 42.72 73.87 -101.99
C GLU L 232 41.41 73.73 -101.23
N GLN L 233 40.29 73.67 -101.93
CA GLN L 233 38.99 73.54 -101.28
C GLN L 233 38.72 72.12 -100.79
N CYS L 234 39.47 71.13 -101.30
CA CYS L 234 39.33 69.75 -100.86
C CYS L 234 37.90 69.24 -101.07
N ASP L 235 37.41 69.43 -102.29
CA ASP L 235 36.08 69.01 -102.69
C ASP L 235 36.21 67.90 -103.73
N TYR L 236 35.70 66.72 -103.41
CA TYR L 236 35.73 65.58 -104.30
C TYR L 236 34.42 64.82 -104.18
N PRO L 237 34.00 64.10 -105.22
CA PRO L 237 32.83 63.22 -105.04
C PRO L 237 33.05 62.05 -104.15
N PRO L 238 32.45 62.09 -102.95
CA PRO L 238 32.64 60.98 -101.95
C PRO L 238 32.52 59.60 -102.63
N LEU L 239 33.35 58.68 -102.15
CA LEU L 239 33.35 57.33 -102.69
C LEU L 239 31.99 56.68 -102.44
N PRO L 240 31.59 55.73 -103.28
CA PRO L 240 30.26 55.12 -103.13
C PRO L 240 30.07 54.55 -101.74
N SER L 241 29.17 55.16 -100.97
CA SER L 241 28.92 54.69 -99.61
C SER L 241 28.33 53.29 -99.60
N ASP L 242 27.42 52.99 -100.51
CA ASP L 242 26.76 51.69 -100.58
C ASP L 242 27.62 50.65 -101.30
N HIS L 243 28.92 50.91 -101.47
CA HIS L 243 29.84 49.84 -101.86
C HIS L 243 31.17 49.91 -101.13
N TYR L 244 31.58 51.05 -100.60
CA TYR L 244 32.78 51.19 -99.79
C TYR L 244 32.40 51.55 -98.35
N SER L 245 33.33 51.25 -97.44
CA SER L 245 33.05 51.33 -96.01
C SER L 245 33.13 52.76 -95.51
N GLU L 246 32.40 53.02 -94.42
CA GLU L 246 32.39 54.35 -93.82
C GLU L 246 33.76 54.69 -93.23
N GLU L 247 34.38 53.76 -92.51
CA GLU L 247 35.67 54.05 -91.90
C GLU L 247 36.72 54.30 -92.97
N LEU L 248 36.66 53.57 -94.09
CA LEU L 248 37.61 53.80 -95.17
C LEU L 248 37.35 55.13 -95.86
N ARG L 249 36.07 55.46 -96.11
CA ARG L 249 35.73 56.72 -96.75
C ARG L 249 36.14 57.90 -95.88
N GLN L 250 36.15 57.74 -94.56
CA GLN L 250 36.61 58.81 -93.68
C GLN L 250 38.12 58.81 -93.50
N LEU L 251 38.76 57.65 -93.56
CA LEU L 251 40.22 57.60 -93.51
C LEU L 251 40.81 58.30 -94.72
N VAL L 252 40.24 58.07 -95.91
CA VAL L 252 40.72 58.78 -97.09
C VAL L 252 40.51 60.28 -96.94
N ASN L 253 39.39 60.68 -96.34
CA ASN L 253 39.14 62.10 -96.12
C ASN L 253 40.18 62.71 -95.18
N MET L 254 40.50 62.02 -94.09
CA MET L 254 41.53 62.52 -93.18
C MET L 254 42.88 62.61 -93.88
N CYS L 255 43.25 61.59 -94.64
CA CYS L 255 44.52 61.62 -95.36
C CYS L 255 44.54 62.70 -96.44
N ILE L 256 43.37 63.09 -96.95
CA ILE L 256 43.26 64.14 -97.95
C ILE L 256 42.73 65.40 -97.27
N ASN L 257 43.64 66.27 -96.82
CA ASN L 257 43.26 67.46 -96.07
C ASN L 257 44.26 68.58 -96.38
N PRO L 258 43.79 69.82 -96.55
CA PRO L 258 44.74 70.92 -96.75
C PRO L 258 45.71 71.11 -95.60
N ASP L 259 45.25 70.89 -94.36
CA ASP L 259 46.11 71.11 -93.20
C ASP L 259 47.16 70.01 -93.12
N PRO L 260 48.44 70.35 -92.97
CA PRO L 260 49.46 69.28 -92.88
C PRO L 260 49.21 68.32 -91.72
N GLU L 261 49.03 68.84 -90.51
CA GLU L 261 48.83 67.98 -89.35
C GLU L 261 47.45 67.34 -89.32
N LYS L 262 46.52 67.81 -90.16
CA LYS L 262 45.22 67.14 -90.24
C LYS L 262 45.36 65.70 -90.74
N ARG L 263 46.34 65.46 -91.60
CA ARG L 263 46.55 64.11 -92.11
C ARG L 263 47.08 63.21 -91.00
N PRO L 264 46.44 62.06 -90.74
CA PRO L 264 46.96 61.17 -89.69
C PRO L 264 48.33 60.63 -90.04
N ASP L 265 49.12 60.36 -89.00
CA ASP L 265 50.50 59.96 -89.18
C ASP L 265 50.59 58.58 -89.83
N VAL L 266 51.78 58.27 -90.36
CA VAL L 266 51.97 57.01 -91.07
C VAL L 266 51.68 55.83 -90.15
N THR L 267 52.15 55.89 -88.90
CA THR L 267 51.87 54.81 -87.96
C THR L 267 50.38 54.68 -87.70
N TYR L 268 49.68 55.81 -87.59
CA TYR L 268 48.23 55.77 -87.36
C TYR L 268 47.52 55.08 -88.52
N VAL L 269 47.83 55.48 -89.75
CA VAL L 269 47.17 54.89 -90.91
C VAL L 269 47.53 53.41 -91.02
N TYR L 270 48.78 53.06 -90.71
CA TYR L 270 49.19 51.67 -90.75
C TYR L 270 48.42 50.84 -89.72
N ASP L 271 48.25 51.37 -88.51
CA ASP L 271 47.53 50.64 -87.47
C ASP L 271 46.07 50.43 -87.85
N VAL L 272 45.41 51.46 -88.38
CA VAL L 272 44.02 51.29 -88.79
C VAL L 272 43.93 50.29 -89.95
N ALA L 273 44.87 50.37 -90.90
CA ALA L 273 44.87 49.41 -91.99
C ALA L 273 45.03 47.99 -91.48
N LYS L 274 45.90 47.79 -90.49
CA LYS L 274 46.10 46.47 -89.93
C LYS L 274 44.83 45.96 -89.25
N ARG L 275 44.19 46.83 -88.45
CA ARG L 275 43.01 46.40 -87.71
C ARG L 275 41.84 46.11 -88.65
N MET L 276 41.80 46.76 -89.82
CA MET L 276 40.80 46.39 -90.82
C MET L 276 41.17 45.13 -91.57
N HIS L 277 42.46 44.89 -91.86
CA HIS L 277 42.82 43.67 -92.57
C HIS L 277 42.57 42.46 -91.69
N ALA L 278 42.71 42.63 -90.38
CA ALA L 278 42.39 41.54 -89.45
C ALA L 278 40.91 41.18 -89.49
N LYS M 1 127.87 79.01 -56.24
CA LYS M 1 128.60 79.80 -55.26
C LYS M 1 128.71 79.06 -53.93
N ALA M 2 128.70 79.82 -52.84
CA ALA M 2 128.83 79.28 -51.49
C ALA M 2 127.53 79.57 -50.73
N LEU M 3 126.60 78.63 -50.78
CA LEU M 3 125.38 78.75 -50.01
C LEU M 3 125.68 78.66 -48.52
N ARG M 4 124.82 79.28 -47.71
CA ARG M 4 125.02 79.25 -46.28
C ARG M 4 125.06 77.81 -45.79
N PRO M 5 125.89 77.49 -44.80
CA PRO M 5 126.00 76.09 -44.35
C PRO M 5 124.65 75.55 -43.92
N ASP M 6 124.37 74.31 -44.35
CA ASP M 6 123.11 73.64 -44.04
C ASP M 6 123.34 72.75 -42.82
N MET M 7 123.39 73.38 -41.65
CA MET M 7 123.62 72.68 -40.40
C MET M 7 122.34 72.57 -39.58
N GLY M 8 121.68 73.69 -39.29
CA GLY M 8 120.45 73.69 -38.52
C GLY M 8 119.22 73.81 -39.41
N TYR M 9 118.07 73.90 -38.76
CA TYR M 9 116.79 74.04 -39.43
C TYR M 9 116.36 75.49 -39.61
N ASN M 10 117.20 76.45 -39.19
CA ASN M 10 116.88 77.87 -39.26
C ASN M 10 117.94 78.55 -40.12
N THR M 11 117.72 78.53 -41.44
CA THR M 11 118.64 79.17 -42.37
C THR M 11 118.04 79.20 -43.77
N LEU M 12 118.27 80.29 -44.52
CA LEU M 12 117.71 80.39 -45.85
C LEU M 12 118.32 79.39 -46.82
N ALA M 13 119.61 79.08 -46.64
CA ALA M 13 120.26 78.12 -47.53
C ALA M 13 119.58 76.76 -47.49
N ASN M 14 118.92 76.47 -46.37
CA ASN M 14 118.21 75.23 -46.23
C ASN M 14 116.83 75.29 -46.90
N PHE M 15 116.52 76.33 -47.66
CA PHE M 15 115.24 76.49 -48.33
C PHE M 15 115.43 76.94 -49.76
N ARG M 16 114.64 76.36 -50.66
CA ARG M 16 114.66 76.69 -52.09
C ARG M 16 113.30 77.26 -52.46
N ILE M 17 113.26 78.54 -52.82
CA ILE M 17 112.01 79.24 -53.12
C ILE M 17 111.58 78.82 -54.52
N GLU M 18 110.59 77.92 -54.59
CA GLU M 18 110.05 77.54 -55.89
C GLU M 18 109.36 78.71 -56.58
N LYS M 19 108.57 79.48 -55.82
CA LYS M 19 107.87 80.64 -56.35
C LYS M 19 107.34 81.45 -55.18
N LYS M 20 106.69 82.57 -55.49
CA LYS M 20 106.09 83.45 -54.49
C LYS M 20 104.59 83.18 -54.46
N ILE M 21 104.13 82.58 -53.36
CA ILE M 21 102.71 82.26 -53.24
C ILE M 21 101.89 83.54 -53.18
N GLY M 22 102.40 84.56 -52.50
CA GLY M 22 101.70 85.83 -52.39
C GLY M 22 102.64 86.88 -51.83
N ARG M 23 102.15 88.11 -51.81
CA ARG M 23 102.93 89.24 -51.29
C ARG M 23 101.96 90.18 -50.60
N GLY M 24 101.83 90.02 -49.27
CA GLY M 24 101.03 90.93 -48.48
C GLY M 24 101.81 92.15 -48.03
N GLN M 25 101.08 93.14 -47.52
CA GLN M 25 101.72 94.36 -47.06
C GLN M 25 102.64 94.10 -45.87
N PHE M 26 102.32 93.09 -45.05
CA PHE M 26 103.08 92.79 -43.84
C PHE M 26 104.10 91.67 -44.05
N SER M 27 103.82 90.73 -44.94
CA SER M 27 104.70 89.57 -45.13
C SER M 27 104.70 89.16 -46.59
N GLU M 28 105.77 88.47 -46.98
CA GLU M 28 105.89 87.85 -48.29
C GLU M 28 106.09 86.36 -48.10
N VAL M 29 105.25 85.56 -48.77
CA VAL M 29 105.22 84.11 -48.58
C VAL M 29 105.71 83.44 -49.86
N TYR M 30 106.64 82.50 -49.70
CA TYR M 30 107.20 81.77 -50.82
C TYR M 30 107.11 80.27 -50.55
N ARG M 31 107.05 79.49 -51.63
CA ARG M 31 106.97 78.04 -51.54
C ARG M 31 108.38 77.49 -51.46
N ALA M 32 108.88 77.37 -50.23
CA ALA M 32 110.25 76.92 -50.01
C ALA M 32 110.31 75.40 -49.89
N ALA M 33 111.51 74.86 -50.01
CA ALA M 33 111.74 73.42 -49.90
C ALA M 33 112.91 73.18 -48.96
N CYS M 34 112.64 72.51 -47.84
CA CYS M 34 113.67 72.25 -46.83
C CYS M 34 114.70 71.29 -47.41
N LEU M 35 115.89 71.81 -47.74
CA LEU M 35 116.93 70.98 -48.32
C LEU M 35 117.37 69.88 -47.35
N LEU M 36 117.54 70.23 -46.08
CA LEU M 36 117.98 69.24 -45.10
C LEU M 36 116.96 68.12 -44.95
N ASP M 37 115.67 68.49 -44.87
CA ASP M 37 114.60 67.49 -44.72
C ASP M 37 114.10 67.01 -46.08
N GLY M 38 113.62 67.93 -46.91
CA GLY M 38 113.15 67.58 -48.24
C GLY M 38 111.64 67.60 -48.37
N VAL M 39 111.00 68.58 -47.75
CA VAL M 39 109.54 68.74 -47.86
C VAL M 39 109.22 70.17 -48.28
N PRO M 40 108.13 70.40 -49.02
CA PRO M 40 107.77 71.78 -49.41
C PRO M 40 106.98 72.47 -48.30
N VAL M 41 107.56 73.52 -47.74
CA VAL M 41 106.94 74.32 -46.70
C VAL M 41 106.72 75.73 -47.23
N ALA M 42 106.11 76.56 -46.40
CA ALA M 42 105.88 77.97 -46.72
C ALA M 42 106.83 78.81 -45.89
N LEU M 43 107.63 79.64 -46.56
CA LEU M 43 108.56 80.55 -45.91
C LEU M 43 108.00 81.96 -45.99
N LYS M 44 107.63 82.51 -44.83
CA LYS M 44 107.08 83.86 -44.74
C LYS M 44 108.15 84.79 -44.16
N LYS M 45 108.38 85.90 -44.84
CA LYS M 45 109.39 86.88 -44.42
C LYS M 45 108.71 88.22 -44.20
N VAL M 46 109.06 88.86 -43.08
CA VAL M 46 108.57 90.19 -42.73
C VAL M 46 109.76 91.08 -42.44
N GLN M 47 109.75 92.29 -42.97
CA GLN M 47 110.82 93.25 -42.72
C GLN M 47 110.70 93.81 -41.31
N ILE M 48 111.35 93.15 -40.35
CA ILE M 48 111.25 93.56 -38.95
C ILE M 48 111.84 94.96 -38.77
N PHE M 49 112.87 95.28 -39.56
CA PHE M 49 113.55 96.57 -39.38
C PHE M 49 112.60 97.74 -39.55
N ASP M 50 111.65 97.65 -40.50
CA ASP M 50 110.73 98.75 -40.73
C ASP M 50 109.93 99.07 -39.47
N LEU M 51 109.00 98.19 -39.11
CA LEU M 51 108.21 98.34 -37.89
C LEU M 51 108.85 97.60 -36.73
N MET M 52 110.13 97.90 -36.46
CA MET M 52 110.88 97.30 -35.37
C MET M 52 111.16 98.40 -34.34
N ASP M 53 110.27 98.51 -33.35
CA ASP M 53 110.46 99.42 -32.23
C ASP M 53 111.28 98.81 -31.10
N ALA M 54 111.67 97.54 -31.22
CA ALA M 54 112.45 96.79 -30.24
C ALA M 54 111.63 96.45 -28.99
N LYS M 55 110.39 96.92 -28.89
CA LYS M 55 109.51 96.55 -27.79
C LYS M 55 108.43 95.56 -28.19
N ALA M 56 108.23 95.36 -29.50
CA ALA M 56 107.24 94.42 -30.00
C ALA M 56 107.85 93.21 -30.68
N ARG M 57 108.96 93.38 -31.42
CA ARG M 57 109.55 92.27 -32.16
C ARG M 57 110.09 91.19 -31.21
N ALA M 58 110.73 91.61 -30.11
CA ALA M 58 111.27 90.64 -29.17
C ALA M 58 110.16 89.78 -28.58
N ASP M 59 109.09 90.42 -28.12
CA ASP M 59 107.95 89.67 -27.58
C ASP M 59 107.29 88.82 -28.66
N CYS M 60 107.26 89.31 -29.89
CA CYS M 60 106.69 88.53 -30.98
C CYS M 60 107.46 87.25 -31.20
N ILE M 61 108.80 87.34 -31.21
CA ILE M 61 109.61 86.13 -31.36
C ILE M 61 109.44 85.21 -30.16
N LYS M 62 109.40 85.79 -28.95
CA LYS M 62 109.25 84.97 -27.75
C LYS M 62 107.94 84.19 -27.78
N GLU M 63 106.86 84.85 -28.20
CA GLU M 63 105.56 84.18 -28.25
C GLU M 63 105.46 83.20 -29.41
N ILE M 64 105.97 83.57 -30.58
CA ILE M 64 105.94 82.67 -31.73
C ILE M 64 106.82 81.46 -31.51
N ASP M 65 107.76 81.53 -30.55
CA ASP M 65 108.43 80.32 -30.09
C ASP M 65 107.41 79.30 -29.63
N LEU M 66 106.27 79.76 -29.12
CA LEU M 66 105.12 78.91 -28.87
C LEU M 66 104.19 79.00 -30.08
N LEU M 67 103.98 77.87 -30.74
CA LEU M 67 103.24 77.82 -32.00
C LEU M 67 103.50 76.48 -32.68
N LYS M 68 104.76 76.05 -32.70
CA LYS M 68 105.06 74.68 -33.10
C LYS M 68 104.40 73.70 -32.15
N GLN M 69 104.40 74.01 -30.84
CA GLN M 69 103.70 73.19 -29.87
C GLN M 69 102.19 73.20 -30.10
N LEU M 70 101.67 74.20 -30.82
CA LEU M 70 100.25 74.24 -31.14
C LEU M 70 99.94 73.19 -32.20
N ASN M 71 99.52 72.00 -31.74
CA ASN M 71 99.27 70.86 -32.62
C ASN M 71 97.76 70.62 -32.66
N HIS M 72 97.12 71.08 -33.73
CA HIS M 72 95.71 70.87 -33.96
C HIS M 72 95.49 70.50 -35.42
N PRO M 73 94.55 69.59 -35.71
CA PRO M 73 94.34 69.20 -37.11
C PRO M 73 93.86 70.33 -37.99
N ASN M 74 93.30 71.41 -37.41
CA ASN M 74 92.70 72.48 -38.17
C ASN M 74 93.50 73.79 -38.09
N VAL M 75 94.75 73.71 -37.66
CA VAL M 75 95.61 74.88 -37.53
C VAL M 75 96.90 74.62 -38.30
N ILE M 76 97.37 75.65 -39.03
CA ILE M 76 98.60 75.51 -39.78
C ILE M 76 99.74 75.11 -38.86
N LYS M 77 100.60 74.22 -39.34
CA LYS M 77 101.72 73.74 -38.55
C LYS M 77 102.86 74.74 -38.60
N TYR M 78 103.35 75.13 -37.42
CA TYR M 78 104.46 76.07 -37.31
C TYR M 78 105.76 75.27 -37.20
N TYR M 79 106.61 75.40 -38.21
CA TYR M 79 107.86 74.65 -38.25
C TYR M 79 109.02 75.44 -37.66
N ALA M 80 109.30 76.62 -38.21
CA ALA M 80 110.47 77.38 -37.80
C ALA M 80 110.11 78.85 -37.63
N SER M 81 110.88 79.54 -36.80
CA SER M 81 110.73 80.99 -36.60
C SER M 81 112.09 81.55 -36.22
N PHE M 82 112.76 82.19 -37.18
CA PHE M 82 114.10 82.70 -36.95
C PHE M 82 114.26 84.04 -37.64
N ILE M 83 115.48 84.57 -37.62
CA ILE M 83 115.81 85.85 -38.24
C ILE M 83 116.95 85.64 -39.22
N GLU M 84 116.79 86.12 -40.45
CA GLU M 84 117.81 86.02 -41.46
C GLU M 84 117.49 87.00 -42.59
N ASP M 85 118.54 87.48 -43.26
CA ASP M 85 118.40 88.44 -44.35
C ASP M 85 117.80 89.76 -43.87
N ASN M 86 118.06 90.11 -42.62
CA ASN M 86 117.54 91.36 -42.03
C ASN M 86 116.01 91.34 -41.96
N GLU M 87 115.42 90.16 -41.92
CA GLU M 87 113.97 90.02 -41.83
C GLU M 87 113.66 88.68 -41.20
N LEU M 88 112.42 88.53 -40.72
CA LEU M 88 112.01 87.28 -40.11
C LEU M 88 111.88 86.18 -41.15
N ASN M 89 111.90 84.94 -40.68
CA ASN M 89 111.73 83.76 -41.53
C ASN M 89 110.90 82.76 -40.76
N ILE M 90 109.69 82.50 -41.25
CA ILE M 90 108.74 81.61 -40.59
C ILE M 90 108.47 80.45 -41.53
N VAL M 91 108.75 79.24 -41.08
CA VAL M 91 108.50 78.02 -41.84
C VAL M 91 107.22 77.39 -41.32
N LEU M 92 106.25 77.22 -42.22
CA LEU M 92 104.93 76.70 -41.88
C LEU M 92 104.53 75.67 -42.92
N GLU M 93 103.35 75.07 -42.72
CA GLU M 93 102.79 74.17 -43.72
C GLU M 93 102.28 74.96 -44.92
N LEU M 94 102.27 74.31 -46.07
CA LEU M 94 101.86 74.93 -47.33
C LEU M 94 100.56 74.32 -47.80
N ALA M 95 99.55 75.16 -48.03
CA ALA M 95 98.26 74.74 -48.58
C ALA M 95 97.90 75.73 -49.68
N ASP M 96 98.35 75.44 -50.90
CA ASP M 96 98.15 76.36 -52.02
C ASP M 96 96.78 76.17 -52.65
N ALA M 97 96.40 74.93 -52.95
CA ALA M 97 95.11 74.67 -53.56
C ALA M 97 93.97 75.15 -52.67
N GLY M 98 94.16 75.11 -51.36
CA GLY M 98 93.15 75.57 -50.43
C GLY M 98 93.37 76.97 -49.93
N ASP M 99 92.61 77.93 -50.45
CA ASP M 99 92.74 79.32 -50.02
C ASP M 99 91.39 79.99 -50.25
N LEU M 100 90.66 80.26 -49.16
CA LEU M 100 89.33 80.83 -49.30
C LEU M 100 89.34 82.12 -50.10
N SER M 101 90.45 82.88 -50.05
CA SER M 101 90.53 84.12 -50.82
C SER M 101 90.36 83.84 -52.31
N ARG M 102 91.03 82.81 -52.81
CA ARG M 102 90.88 82.44 -54.22
C ARG M 102 89.58 81.68 -54.47
N MET M 103 89.13 80.89 -53.50
CA MET M 103 87.88 80.14 -53.68
C MET M 103 86.69 81.09 -53.87
N ILE M 104 86.64 82.16 -53.07
CA ILE M 104 85.54 83.12 -53.19
C ILE M 104 85.55 83.77 -54.56
N LYS M 105 86.73 84.18 -55.04
CA LYS M 105 86.82 84.78 -56.36
C LYS M 105 86.40 83.81 -57.45
N HIS M 106 86.83 82.56 -57.34
CA HIS M 106 86.45 81.56 -58.34
C HIS M 106 84.94 81.33 -58.34
N PHE M 107 84.34 81.23 -57.15
CA PHE M 107 82.90 80.99 -57.08
C PHE M 107 82.10 82.19 -57.56
N LYS M 108 82.59 83.41 -57.33
CA LYS M 108 81.90 84.59 -57.81
C LYS M 108 81.76 84.59 -59.33
N LYS M 109 82.63 83.86 -60.04
CA LYS M 109 82.49 83.75 -61.49
C LYS M 109 81.16 83.11 -61.85
N GLN M 110 80.79 82.05 -61.14
CA GLN M 110 79.50 81.40 -61.36
C GLN M 110 78.41 82.11 -60.57
N LYS M 111 77.22 82.18 -61.17
CA LYS M 111 76.10 82.84 -60.49
C LYS M 111 75.74 82.12 -59.20
N ARG M 112 75.71 80.79 -59.23
CA ARG M 112 75.41 80.03 -58.04
C ARG M 112 76.54 80.19 -57.02
N LEU M 113 76.17 80.27 -55.75
CA LEU M 113 77.11 80.51 -54.65
C LEU M 113 77.24 79.25 -53.80
N ILE M 114 78.07 79.35 -52.76
CA ILE M 114 78.52 78.18 -52.02
C ILE M 114 77.35 77.55 -51.26
N PRO M 115 77.44 76.27 -50.90
CA PRO M 115 76.34 75.61 -50.20
C PRO M 115 76.44 75.67 -48.69
N GLU M 116 75.26 75.69 -48.06
CA GLU M 116 75.20 75.71 -46.60
C GLU M 116 75.92 74.51 -46.01
N ARG M 117 75.78 73.34 -46.65
CA ARG M 117 76.42 72.14 -46.13
C ARG M 117 77.93 72.30 -46.07
N THR M 118 78.53 72.77 -47.17
CA THR M 118 79.98 72.93 -47.20
C THR M 118 80.44 73.99 -46.21
N VAL M 119 79.73 75.12 -46.13
CA VAL M 119 80.14 76.16 -45.19
C VAL M 119 80.06 75.65 -43.77
N TRP M 120 79.02 74.87 -43.44
CA TRP M 120 78.93 74.29 -42.10
C TRP M 120 80.06 73.31 -41.84
N LYS M 121 80.39 72.48 -42.84
CA LYS M 121 81.45 71.49 -42.68
C LYS M 121 82.78 72.16 -42.42
N TYR M 122 83.03 73.30 -43.06
CA TYR M 122 84.27 74.04 -42.80
C TYR M 122 84.21 74.80 -41.49
N PHE M 123 83.02 75.33 -41.15
CA PHE M 123 82.88 76.18 -39.98
C PHE M 123 83.01 75.39 -38.69
N VAL M 124 82.56 74.13 -38.69
CA VAL M 124 82.73 73.31 -37.50
C VAL M 124 84.21 73.15 -37.17
N GLN M 125 85.04 72.88 -38.19
CA GLN M 125 86.47 72.76 -37.96
C GLN M 125 87.07 74.09 -37.53
N LEU M 126 86.63 75.20 -38.14
CA LEU M 126 87.13 76.51 -37.72
C LEU M 126 86.82 76.77 -36.25
N CYS M 127 85.60 76.46 -35.82
CA CYS M 127 85.22 76.63 -34.43
C CYS M 127 86.04 75.73 -33.52
N SER M 128 86.28 74.49 -33.95
CA SER M 128 87.09 73.58 -33.15
C SER M 128 88.48 74.16 -32.93
N ALA M 129 89.11 74.67 -34.00
CA ALA M 129 90.43 75.26 -33.86
C ALA M 129 90.41 76.47 -32.95
N LEU M 130 89.42 77.35 -33.14
CA LEU M 130 89.34 78.56 -32.33
C LEU M 130 89.19 78.22 -30.86
N GLU M 131 88.29 77.28 -30.55
CA GLU M 131 88.09 76.88 -29.16
C GLU M 131 89.34 76.23 -28.59
N HIS M 132 90.01 75.37 -29.37
CA HIS M 132 91.19 74.70 -28.88
C HIS M 132 92.28 75.69 -28.52
N MET M 133 92.49 76.71 -29.35
CA MET M 133 93.54 77.68 -29.04
C MET M 133 93.10 78.66 -27.96
N HIS M 134 91.82 79.01 -27.91
CA HIS M 134 91.35 79.94 -26.88
C HIS M 134 91.42 79.31 -25.50
N SER M 135 91.10 78.02 -25.40
CA SER M 135 91.18 77.34 -24.10
C SER M 135 92.57 77.39 -23.51
N ARG M 136 93.60 77.59 -24.36
CA ARG M 136 94.96 77.79 -23.90
C ARG M 136 95.34 79.27 -23.86
N ARG M 137 94.35 80.16 -23.93
CA ARG M 137 94.53 81.61 -23.84
C ARG M 137 95.19 82.21 -25.07
N VAL M 138 95.34 81.44 -26.15
CA VAL M 138 95.98 81.91 -27.37
C VAL M 138 94.88 82.25 -28.37
N MET M 139 95.07 83.35 -29.09
CA MET M 139 94.04 83.89 -29.96
C MET M 139 94.60 84.04 -31.38
N HIS M 140 93.69 84.01 -32.36
CA HIS M 140 94.04 84.33 -33.73
C HIS M 140 93.96 85.84 -33.91
N ARG M 141 95.09 86.47 -34.18
CA ARG M 141 95.13 87.93 -34.27
C ARG M 141 94.21 88.44 -35.37
N ASP M 142 94.24 87.82 -36.54
CA ASP M 142 93.41 88.22 -37.67
C ASP M 142 92.89 86.98 -38.36
N ILE M 143 91.57 86.88 -38.48
CA ILE M 143 90.91 85.76 -39.15
C ILE M 143 90.29 86.29 -40.44
N LYS M 144 90.72 85.74 -41.57
CA LYS M 144 90.31 86.24 -42.87
C LYS M 144 90.29 85.08 -43.85
N PRO M 145 89.52 85.20 -44.94
CA PRO M 145 89.54 84.13 -45.96
C PRO M 145 90.92 83.92 -46.56
N ALA M 146 91.68 85.00 -46.74
CA ALA M 146 93.03 84.89 -47.28
C ALA M 146 93.99 84.18 -46.35
N ASN M 147 93.64 84.08 -45.06
CA ASN M 147 94.48 83.38 -44.08
C ASN M 147 93.81 82.15 -43.52
N VAL M 148 92.68 81.72 -44.08
CA VAL M 148 92.07 80.44 -43.77
C VAL M 148 92.31 79.52 -44.97
N PHE M 149 92.98 78.40 -44.74
CA PHE M 149 93.34 77.45 -45.78
C PHE M 149 92.61 76.13 -45.55
N ILE M 150 92.30 75.45 -46.66
CA ILE M 150 91.73 74.10 -46.61
C ILE M 150 92.66 73.15 -47.34
N THR M 151 92.29 71.87 -47.39
CA THR M 151 93.08 70.85 -48.07
C THR M 151 92.17 70.02 -48.95
N ALA M 152 92.79 69.15 -49.75
CA ALA M 152 92.02 68.28 -50.65
C ALA M 152 91.11 67.36 -49.85
N THR M 153 91.57 66.86 -48.70
CA THR M 153 90.79 65.95 -47.89
C THR M 153 89.56 66.61 -47.28
N GLY M 154 89.45 67.93 -47.33
CA GLY M 154 88.32 68.64 -46.76
C GLY M 154 88.59 69.27 -45.40
N VAL M 155 89.82 69.21 -44.91
CA VAL M 155 90.17 69.81 -43.63
C VAL M 155 90.47 71.29 -43.82
N VAL M 156 90.13 72.09 -42.80
CA VAL M 156 90.33 73.53 -42.83
C VAL M 156 91.46 73.87 -41.87
N LYS M 157 92.54 74.46 -42.41
CA LYS M 157 93.71 74.82 -41.64
C LYS M 157 93.73 76.33 -41.43
N LEU M 158 93.84 76.75 -40.17
CA LEU M 158 93.90 78.16 -39.84
C LEU M 158 95.29 78.71 -40.12
N GLY M 159 95.36 79.82 -40.85
CA GLY M 159 96.62 80.37 -41.27
C GLY M 159 97.37 81.10 -40.16
N ASP M 160 98.55 81.59 -40.52
CA ASP M 160 99.40 82.27 -39.55
C ASP M 160 98.78 83.59 -39.13
N LEU M 161 98.73 83.83 -37.82
CA LEU M 161 98.17 85.06 -37.30
C LEU M 161 99.10 86.23 -37.59
N GLY M 162 98.52 87.34 -38.03
CA GLY M 162 99.30 88.54 -38.34
C GLY M 162 99.81 89.23 -37.09
N THR M 180 95.45 98.92 -41.89
CA THR M 180 94.11 98.53 -41.44
C THR M 180 93.89 97.04 -41.71
N PRO M 181 93.34 96.32 -40.73
CA PRO M 181 93.12 94.88 -40.91
C PRO M 181 91.92 94.61 -41.80
N TYR M 182 91.76 93.34 -42.17
CA TYR M 182 90.63 92.94 -42.99
C TYR M 182 89.32 93.17 -42.26
N TYR M 183 89.28 92.87 -40.96
CA TYR M 183 88.08 93.04 -40.14
C TYR M 183 88.43 93.95 -38.96
N MET M 184 87.69 95.04 -38.82
CA MET M 184 87.89 95.99 -37.73
C MET M 184 86.99 95.59 -36.57
N SER M 185 87.60 95.19 -35.45
CA SER M 185 86.83 94.76 -34.30
C SER M 185 86.10 95.95 -33.68
N PRO M 186 84.93 95.71 -33.08
CA PRO M 186 84.29 96.79 -32.31
C PRO M 186 85.15 97.30 -31.17
N GLU M 187 85.97 96.42 -30.57
CA GLU M 187 86.94 96.86 -29.58
C GLU M 187 88.11 97.58 -30.21
N ARG M 188 88.49 97.23 -31.44
CA ARG M 188 89.49 98.02 -32.14
C ARG M 188 88.99 99.44 -32.38
N ILE M 189 87.78 99.58 -32.92
CA ILE M 189 87.11 100.88 -32.95
C ILE M 189 86.86 101.32 -31.51
N HIS M 190 87.07 102.61 -31.25
CA HIS M 190 87.14 103.09 -29.87
C HIS M 190 88.16 102.26 -29.10
N GLU M 191 89.40 102.27 -29.61
CA GLU M 191 90.39 101.27 -29.23
C GLU M 191 90.53 101.17 -27.72
N ASN M 192 90.31 99.95 -27.22
CA ASN M 192 90.56 99.63 -25.82
C ASN M 192 91.28 98.31 -25.62
N GLY M 193 91.41 97.48 -26.64
CA GLY M 193 92.06 96.19 -26.50
C GLY M 193 91.50 95.21 -27.52
N TYR M 194 91.94 93.96 -27.38
CA TYR M 194 91.52 92.87 -28.26
C TYR M 194 91.06 91.71 -27.38
N ASN M 195 89.75 91.56 -27.23
CA ASN M 195 89.16 90.57 -26.33
C ASN M 195 88.91 89.26 -27.07
N PHE M 196 88.57 88.23 -26.30
CA PHE M 196 88.19 86.94 -26.88
C PHE M 196 87.00 87.10 -27.82
N LYS M 197 86.16 88.10 -27.61
CA LYS M 197 85.00 88.32 -28.47
C LYS M 197 85.37 89.01 -29.77
N SER M 198 86.55 89.62 -29.86
CA SER M 198 87.02 90.12 -31.14
C SER M 198 87.22 88.97 -32.13
N ASP M 199 87.75 87.84 -31.63
CA ASP M 199 87.86 86.66 -32.48
C ASP M 199 86.49 86.17 -32.92
N ILE M 200 85.49 86.23 -32.03
CA ILE M 200 84.14 85.83 -32.40
C ILE M 200 83.60 86.76 -33.49
N TRP M 201 83.84 88.06 -33.36
CA TRP M 201 83.40 89.00 -34.38
C TRP M 201 84.07 88.70 -35.72
N SER M 202 85.39 88.46 -35.69
CA SER M 202 86.10 88.15 -36.93
C SER M 202 85.58 86.86 -37.56
N LEU M 203 85.26 85.86 -36.72
CA LEU M 203 84.74 84.61 -37.24
C LEU M 203 83.35 84.79 -37.83
N GLY M 204 82.51 85.61 -37.21
CA GLY M 204 81.20 85.89 -37.78
C GLY M 204 81.30 86.63 -39.10
N CYS M 205 82.22 87.60 -39.18
CA CYS M 205 82.44 88.29 -40.44
C CYS M 205 82.97 87.33 -41.50
N LEU M 206 83.81 86.38 -41.09
CA LEU M 206 84.28 85.35 -42.03
C LEU M 206 83.14 84.47 -42.51
N LEU M 207 82.22 84.12 -41.61
CA LEU M 207 81.03 83.38 -42.02
C LEU M 207 80.23 84.17 -43.05
N TYR M 208 80.05 85.47 -42.80
CA TYR M 208 79.33 86.31 -43.75
C TYR M 208 80.06 86.37 -45.08
N GLU M 209 81.38 86.47 -45.05
CA GLU M 209 82.15 86.52 -46.28
C GLU M 209 82.03 85.22 -47.07
N MET M 210 82.10 84.08 -46.38
CA MET M 210 81.90 82.81 -47.05
C MET M 210 80.49 82.73 -47.63
N ALA M 211 79.51 83.21 -46.89
CA ALA M 211 78.12 83.09 -47.30
C ALA M 211 77.83 83.93 -48.55
N ALA M 212 78.26 85.20 -48.55
CA ALA M 212 77.90 86.13 -49.60
C ALA M 212 79.02 86.36 -50.61
N LEU M 213 80.12 85.62 -50.50
CA LEU M 213 81.33 85.83 -51.31
C LEU M 213 81.98 87.17 -51.03
N GLN M 214 81.49 87.92 -50.03
CA GLN M 214 81.96 89.27 -49.78
C GLN M 214 81.76 89.62 -48.31
N SER M 215 82.62 90.50 -47.81
CA SER M 215 82.57 90.90 -46.41
C SER M 215 81.31 91.72 -46.12
N PRO M 216 80.87 91.75 -44.86
CA PRO M 216 79.65 92.47 -44.51
C PRO M 216 79.79 93.99 -44.48
N PHE M 217 80.91 94.55 -44.92
CA PHE M 217 81.12 95.99 -44.91
C PHE M 217 81.68 96.47 -46.24
N TYR M 218 81.06 96.03 -47.32
CA TYR M 218 81.38 96.51 -48.67
C TYR M 218 80.40 97.58 -49.08
N GLY M 219 80.88 98.55 -49.86
CA GLY M 219 80.02 99.62 -50.34
C GLY M 219 80.81 100.59 -51.19
N ASP M 220 80.08 101.46 -51.88
CA ASP M 220 80.71 102.47 -52.71
C ASP M 220 81.49 103.47 -51.86
N LYS M 221 80.94 103.86 -50.71
CA LYS M 221 81.62 104.79 -49.82
C LYS M 221 82.77 104.09 -49.12
N MET M 222 83.97 104.21 -49.68
CA MET M 222 85.15 103.55 -49.15
C MET M 222 85.91 104.41 -48.14
N ASN M 223 85.25 105.36 -47.50
CA ASN M 223 85.93 106.23 -46.55
C ASN M 223 85.92 105.63 -45.14
N LEU M 224 87.00 105.89 -44.42
CA LEU M 224 87.20 105.26 -43.12
C LEU M 224 86.08 105.61 -42.14
N TYR M 225 85.68 106.88 -42.11
CA TYR M 225 84.62 107.29 -41.20
C TYR M 225 83.31 106.58 -41.54
N SER M 226 82.96 106.50 -42.82
CA SER M 226 81.72 105.85 -43.22
C SER M 226 81.73 104.38 -42.80
N LEU M 227 82.83 103.67 -43.09
CA LEU M 227 82.85 102.26 -42.72
C LEU M 227 82.91 102.06 -41.21
N CYS M 228 83.57 102.95 -40.48
CA CYS M 228 83.61 102.86 -39.03
C CYS M 228 82.22 103.04 -38.43
N LYS M 229 81.47 104.02 -38.93
CA LYS M 229 80.11 104.19 -38.43
C LYS M 229 79.21 103.04 -38.88
N LYS M 230 79.49 102.45 -40.04
CA LYS M 230 78.75 101.25 -40.46
C LYS M 230 78.97 100.12 -39.46
N ILE M 231 80.22 99.91 -39.05
CA ILE M 231 80.51 98.90 -38.05
C ILE M 231 79.82 99.24 -36.73
N GLU M 232 79.87 100.50 -36.32
CA GLU M 232 79.27 100.91 -35.06
C GLU M 232 77.76 100.65 -35.06
N GLN M 233 77.08 101.00 -36.15
CA GLN M 233 75.64 100.79 -36.23
C GLN M 233 75.28 99.33 -36.49
N CYS M 234 76.23 98.52 -36.96
CA CYS M 234 76.00 97.10 -37.20
C CYS M 234 74.85 96.89 -38.19
N ASP M 235 74.95 97.58 -39.32
CA ASP M 235 73.96 97.49 -40.39
C ASP M 235 74.62 96.85 -41.61
N TYR M 236 74.09 95.70 -42.03
CA TYR M 236 74.59 94.98 -43.17
C TYR M 236 73.41 94.38 -43.93
N PRO M 237 73.56 94.17 -45.23
CA PRO M 237 72.51 93.45 -45.98
C PRO M 237 72.34 91.99 -45.58
N PRO M 238 71.28 91.66 -44.83
CA PRO M 238 71.10 90.27 -44.42
C PRO M 238 71.35 89.24 -45.51
N LEU M 239 71.95 88.11 -45.11
CA LEU M 239 72.27 87.08 -46.07
C LEU M 239 70.99 86.54 -46.71
N PRO M 240 71.07 86.02 -47.93
CA PRO M 240 69.85 85.57 -48.63
C PRO M 240 69.09 84.55 -47.79
N SER M 241 67.90 84.93 -47.33
CA SER M 241 67.11 84.04 -46.51
C SER M 241 66.67 82.81 -47.29
N ASP M 242 66.28 82.98 -48.55
CA ASP M 242 65.81 81.88 -49.38
C ASP M 242 66.95 81.09 -50.01
N HIS M 243 68.18 81.24 -49.49
CA HIS M 243 69.24 80.30 -49.81
C HIS M 243 70.10 79.92 -48.61
N TYR M 244 70.15 80.73 -47.56
CA TYR M 244 70.85 80.40 -46.32
C TYR M 244 69.86 80.25 -45.18
N SER M 245 70.29 79.52 -44.16
CA SER M 245 69.40 79.11 -43.09
C SER M 245 69.15 80.23 -42.08
N GLU M 246 68.00 80.14 -41.42
CA GLU M 246 67.64 81.15 -40.42
C GLU M 246 68.58 81.08 -39.21
N GLU M 247 68.87 79.88 -38.72
CA GLU M 247 69.73 79.77 -37.55
C GLU M 247 71.13 80.27 -37.87
N LEU M 248 71.62 80.02 -39.08
CA LEU M 248 72.93 80.51 -39.47
C LEU M 248 72.93 82.03 -39.63
N ARG M 249 71.88 82.57 -40.25
CA ARG M 249 71.78 84.01 -40.44
C ARG M 249 71.67 84.73 -39.11
N GLN M 250 71.11 84.09 -38.09
CA GLN M 250 71.06 84.68 -36.76
C GLN M 250 72.33 84.44 -35.96
N LEU M 251 73.01 83.31 -36.17
CA LEU M 251 74.28 83.08 -35.52
C LEU M 251 75.32 84.11 -35.97
N VAL M 252 75.34 84.41 -37.27
CA VAL M 252 76.25 85.44 -37.77
C VAL M 252 75.90 86.78 -37.15
N ASN M 253 74.60 87.07 -36.99
CA ASN M 253 74.20 88.33 -36.37
C ASN M 253 74.67 88.41 -34.93
N MET M 254 74.51 87.32 -34.16
CA MET M 254 74.98 87.33 -32.78
C MET M 254 76.50 87.50 -32.72
N CYS M 255 77.24 86.80 -33.58
CA CYS M 255 78.69 86.96 -33.60
C CYS M 255 79.11 88.35 -34.05
N ILE M 256 78.28 89.04 -34.83
CA ILE M 256 78.57 90.39 -35.28
C ILE M 256 77.71 91.36 -34.48
N ASN M 257 78.26 91.88 -33.38
CA ASN M 257 77.52 92.75 -32.47
C ASN M 257 78.46 93.77 -31.86
N PRO M 258 78.04 95.04 -31.72
CA PRO M 258 78.92 96.00 -31.06
C PRO M 258 79.25 95.63 -29.62
N ASP M 259 78.31 95.03 -28.91
CA ASP M 259 78.54 94.70 -27.51
C ASP M 259 79.51 93.53 -27.39
N PRO M 260 80.57 93.63 -26.59
CA PRO M 260 81.50 92.48 -26.49
C PRO M 260 80.83 91.21 -26.02
N GLU M 261 80.09 91.25 -24.91
CA GLU M 261 79.45 90.06 -24.38
C GLU M 261 78.25 89.62 -25.20
N LYS M 262 77.76 90.46 -26.11
CA LYS M 262 76.68 90.05 -27.00
C LYS M 262 77.12 88.90 -27.89
N ARG M 263 78.39 88.86 -28.26
CA ARG M 263 78.90 87.79 -29.12
C ARG M 263 78.92 86.49 -28.33
N PRO M 264 78.32 85.41 -28.84
CA PRO M 264 78.37 84.14 -28.11
C PRO M 264 79.79 83.61 -27.99
N ASP M 265 80.03 82.87 -26.92
CA ASP M 265 81.37 82.41 -26.62
C ASP M 265 81.83 81.37 -27.63
N VAL M 266 83.15 81.14 -27.66
CA VAL M 266 83.72 80.23 -28.64
C VAL M 266 83.13 78.82 -28.48
N THR M 267 82.99 78.36 -27.23
CA THR M 267 82.38 77.05 -27.01
C THR M 267 80.94 77.01 -27.49
N TYR M 268 80.19 78.10 -27.28
CA TYR M 268 78.81 78.15 -27.73
C TYR M 268 78.72 78.02 -29.25
N VAL M 269 79.53 78.82 -29.96
CA VAL M 269 79.49 78.78 -31.42
C VAL M 269 79.96 77.42 -31.92
N TYR M 270 80.95 76.83 -31.25
CA TYR M 270 81.43 75.51 -31.65
C TYR M 270 80.33 74.46 -31.47
N ASP M 271 79.60 74.52 -30.35
CA ASP M 271 78.55 73.55 -30.10
C ASP M 271 77.43 73.67 -31.13
N VAL M 272 77.02 74.90 -31.45
CA VAL M 272 75.97 75.06 -32.46
C VAL M 272 76.46 74.58 -33.81
N ALA M 273 77.71 74.89 -34.16
CA ALA M 273 78.28 74.42 -35.41
C ALA M 273 78.27 72.90 -35.47
N LYS M 274 78.63 72.25 -34.36
CA LYS M 274 78.64 70.79 -34.33
C LYS M 274 77.24 70.23 -34.52
N ARG M 275 76.25 70.81 -33.82
CA ARG M 275 74.89 70.28 -33.89
C ARG M 275 74.29 70.50 -35.28
N MET M 276 74.73 71.54 -36.00
CA MET M 276 74.31 71.70 -37.39
C MET M 276 75.07 70.76 -38.34
N HIS M 277 76.35 70.51 -38.09
CA HIS M 277 77.07 69.60 -38.99
C HIS M 277 76.52 68.19 -38.85
N ALA M 278 76.05 67.84 -37.65
CA ALA M 278 75.42 66.52 -37.45
C ALA M 278 74.15 66.40 -38.27
N LYS N 1 133.51 78.26 42.05
CA LYS N 1 133.65 78.56 43.47
C LYS N 1 133.17 77.40 44.33
N ALA N 2 132.61 77.72 45.50
CA ALA N 2 132.13 76.73 46.45
C ALA N 2 130.62 76.88 46.59
N LEU N 3 129.88 76.13 45.78
CA LEU N 3 128.43 76.13 45.90
C LEU N 3 128.01 75.48 47.21
N ARG N 4 126.84 75.87 47.70
CA ARG N 4 126.34 75.31 48.96
C ARG N 4 126.24 73.80 48.84
N PRO N 5 126.55 73.06 49.90
CA PRO N 5 126.53 71.59 49.81
C PRO N 5 125.17 71.09 49.35
N ASP N 6 125.19 70.12 48.42
CA ASP N 6 123.98 69.54 47.86
C ASP N 6 123.67 68.26 48.62
N MET N 7 123.14 68.43 49.83
CA MET N 7 122.80 67.31 50.70
C MET N 7 121.30 67.06 50.74
N GLY N 8 120.51 68.08 51.09
CA GLY N 8 119.07 67.96 51.15
C GLY N 8 118.40 68.52 49.92
N TYR N 9 117.06 68.52 49.97
CA TYR N 9 116.24 69.04 48.89
C TYR N 9 115.85 70.49 49.09
N ASN N 10 116.33 71.14 50.15
CA ASN N 10 115.99 72.52 50.46
C ASN N 10 117.29 73.33 50.50
N THR N 11 117.70 73.81 49.32
CA THR N 11 118.91 74.62 49.21
C THR N 11 119.02 75.20 47.81
N LEU N 12 119.51 76.44 47.71
CA LEU N 12 119.62 77.08 46.41
C LEU N 12 120.67 76.42 45.54
N ALA N 13 121.75 75.92 46.14
CA ALA N 13 122.80 75.26 45.36
C ALA N 13 122.27 74.07 44.59
N ASN N 14 121.19 73.48 45.10
CA ASN N 14 120.57 72.36 44.43
C ASN N 14 119.65 72.82 43.29
N PHE N 15 119.67 74.09 42.91
CA PHE N 15 118.83 74.63 41.85
C PHE N 15 119.65 75.53 40.94
N ARG N 16 119.40 75.39 39.63
CA ARG N 16 120.06 76.20 38.61
C ARG N 16 118.99 77.01 37.88
N ILE N 17 119.04 78.34 38.06
CA ILE N 17 118.03 79.24 37.50
C ILE N 17 118.32 79.40 36.01
N GLU N 18 117.54 78.71 35.17
CA GLU N 18 117.69 78.87 33.73
C GLU N 18 117.32 80.28 33.29
N LYS N 19 116.23 80.82 33.83
CA LYS N 19 115.78 82.16 33.51
C LYS N 19 114.71 82.57 34.51
N LYS N 20 114.21 83.79 34.38
CA LYS N 20 113.17 84.34 35.23
C LYS N 20 111.84 84.25 34.49
N ILE N 21 110.96 83.35 34.95
CA ILE N 21 109.67 83.19 34.29
C ILE N 21 108.83 84.45 34.44
N GLY N 22 108.90 85.10 35.59
CA GLY N 22 108.17 86.32 35.82
C GLY N 22 108.66 86.98 37.10
N ARG N 23 108.14 88.19 37.34
CA ARG N 23 108.52 88.96 38.52
C ARG N 23 107.29 89.71 39.00
N GLY N 24 106.57 89.11 39.95
CA GLY N 24 105.43 89.76 40.57
C GLY N 24 105.84 90.63 41.74
N GLN N 25 104.89 91.47 42.18
CA GLN N 25 105.17 92.36 43.29
C GLN N 25 105.44 91.59 44.58
N PHE N 26 104.84 90.42 44.73
CA PHE N 26 104.98 89.62 45.95
C PHE N 26 106.03 88.53 45.84
N SER N 27 106.27 88.00 44.64
CA SER N 27 107.20 86.89 44.46
C SER N 27 107.91 87.02 43.12
N GLU N 28 109.08 86.39 43.04
CA GLU N 28 109.84 86.27 41.80
C GLU N 28 110.02 84.78 41.50
N VAL N 29 109.64 84.38 40.29
CA VAL N 29 109.61 82.97 39.90
C VAL N 29 110.68 82.74 38.83
N TYR N 30 111.49 81.71 39.04
CA TYR N 30 112.56 81.35 38.11
C TYR N 30 112.44 79.88 37.75
N ARG N 31 112.94 79.55 36.55
CA ARG N 31 112.91 78.17 36.05
C ARG N 31 114.16 77.46 36.56
N ALA N 32 114.05 76.86 37.74
CA ALA N 32 115.18 76.20 38.37
C ALA N 32 115.27 74.75 37.95
N ALA N 33 116.43 74.14 38.20
CA ALA N 33 116.67 72.74 37.85
C ALA N 33 117.28 72.04 39.07
N CYS N 34 116.56 71.06 39.61
CA CYS N 34 117.02 70.34 40.79
C CYS N 34 118.26 69.53 40.45
N LEU N 35 119.43 70.00 40.91
CA LEU N 35 120.68 69.30 40.61
C LEU N 35 120.68 67.89 41.19
N LEU N 36 120.22 67.75 42.44
CA LEU N 36 120.21 66.44 43.07
C LEU N 36 119.31 65.47 42.32
N ASP N 37 118.12 65.93 41.92
CA ASP N 37 117.17 65.08 41.20
C ASP N 37 117.39 65.17 39.69
N GLY N 38 117.29 66.38 39.14
CA GLY N 38 117.51 66.57 37.72
C GLY N 38 116.24 66.81 36.93
N VAL N 39 115.31 67.58 37.50
CA VAL N 39 114.08 67.93 36.81
C VAL N 39 113.89 69.44 36.86
N PRO N 40 113.26 70.06 35.84
CA PRO N 40 113.03 71.51 35.87
C PRO N 40 111.78 71.85 36.66
N VAL N 41 111.97 72.57 37.77
CA VAL N 41 110.87 73.01 38.62
C VAL N 41 110.85 74.53 38.60
N ALA N 42 109.87 75.10 39.32
CA ALA N 42 109.72 76.53 39.46
C ALA N 42 110.12 76.91 40.88
N LEU N 43 111.08 77.83 40.99
CA LEU N 43 111.56 78.33 42.28
C LEU N 43 111.00 79.73 42.47
N LYS N 44 110.11 79.89 43.44
CA LYS N 44 109.50 81.16 43.77
C LYS N 44 110.11 81.69 45.06
N LYS N 45 110.56 82.94 45.02
CA LYS N 45 111.19 83.58 46.16
C LYS N 45 110.41 84.83 46.54
N VAL N 46 110.16 85.00 47.84
CA VAL N 46 109.48 86.16 48.38
C VAL N 46 110.34 86.74 49.49
N GLN N 47 110.48 88.06 49.49
CA GLN N 47 111.26 88.74 50.53
C GLN N 47 110.47 88.77 51.83
N ILE N 48 110.64 87.75 52.67
CA ILE N 48 109.87 87.65 53.91
C ILE N 48 110.23 88.81 54.83
N PHE N 49 111.47 89.27 54.79
CA PHE N 49 111.91 90.31 55.70
C PHE N 49 111.08 91.58 55.56
N ASP N 50 110.68 91.93 54.34
CA ASP N 50 109.91 93.15 54.13
C ASP N 50 108.60 93.10 54.90
N LEU N 51 107.67 92.27 54.46
CA LEU N 51 106.39 92.07 55.15
C LEU N 51 106.46 90.90 56.12
N MET N 52 107.46 90.93 57.01
CA MET N 52 107.64 89.90 58.03
C MET N 52 107.34 90.52 59.39
N ASP N 53 106.10 90.38 59.83
CA ASP N 53 105.69 90.81 61.16
C ASP N 53 105.93 89.75 62.23
N ALA N 54 106.41 88.57 61.84
CA ALA N 54 106.69 87.43 62.72
C ALA N 54 105.41 86.77 63.24
N LYS N 55 104.23 87.32 62.93
CA LYS N 55 102.98 86.70 63.30
C LYS N 55 102.27 86.05 62.12
N ALA N 56 102.71 86.34 60.89
CA ALA N 56 102.13 85.76 59.69
C ALA N 56 103.06 84.80 58.97
N ARG N 57 104.37 85.10 58.93
CA ARG N 57 105.30 84.25 58.19
C ARG N 57 105.41 82.86 58.82
N ALA N 58 105.44 82.78 60.15
CA ALA N 58 105.55 81.49 60.80
C ALA N 58 104.34 80.61 60.47
N ASP N 59 103.14 81.17 60.59
CA ASP N 59 101.93 80.43 60.24
C ASP N 59 101.90 80.09 58.76
N CYS N 60 102.41 80.98 57.91
CA CYS N 60 102.46 80.71 56.48
C CYS N 60 103.34 79.50 56.19
N ILE N 61 104.51 79.44 56.81
CA ILE N 61 105.39 78.27 56.62
C ILE N 61 104.72 77.01 57.18
N LYS N 62 104.11 77.12 58.36
CA LYS N 62 103.47 75.95 58.96
C LYS N 62 102.37 75.41 58.07
N GLU N 63 101.56 76.28 57.48
CA GLU N 63 100.48 75.84 56.61
C GLU N 63 100.99 75.35 55.25
N ILE N 64 101.97 76.05 54.67
CA ILE N 64 102.53 75.62 53.39
C ILE N 64 103.28 74.31 53.53
N ASP N 65 103.66 73.93 54.76
CA ASP N 65 104.12 72.57 54.99
C ASP N 65 103.06 71.57 54.53
N LEU N 66 101.79 71.95 54.60
CA LEU N 66 100.72 71.21 53.97
C LEU N 66 100.45 71.83 52.60
N LEU N 67 100.65 71.04 51.55
CA LEU N 67 100.58 71.53 50.18
C LEU N 67 101.19 70.49 49.25
N LYS N 68 102.35 69.95 49.65
CA LYS N 68 102.89 68.79 48.96
C LYS N 68 101.92 67.61 49.07
N GLN N 69 101.30 67.45 50.24
CA GLN N 69 100.28 66.42 50.42
C GLN N 69 99.05 66.69 49.56
N LEU N 70 98.87 67.93 49.10
CA LEU N 70 97.76 68.26 48.21
C LEU N 70 98.04 67.68 46.83
N ASN N 71 97.54 66.48 46.57
CA ASN N 71 97.80 65.75 45.33
C ASN N 71 96.50 65.72 44.52
N HIS N 72 96.41 66.60 43.54
CA HIS N 72 95.26 66.65 42.63
C HIS N 72 95.78 66.84 41.21
N PRO N 73 95.15 66.22 40.22
CA PRO N 73 95.63 66.37 38.84
C PRO N 73 95.55 67.79 38.32
N ASN N 74 94.72 68.65 38.93
CA ASN N 74 94.46 69.99 38.43
C ASN N 74 95.05 71.07 39.33
N VAL N 75 95.96 70.71 40.23
CA VAL N 75 96.59 71.66 41.15
C VAL N 75 98.10 71.53 41.01
N ILE N 76 98.79 72.68 41.02
CA ILE N 76 100.24 72.67 40.90
C ILE N 76 100.83 71.84 42.03
N LYS N 77 101.86 71.07 41.69
CA LYS N 77 102.53 70.21 42.67
C LYS N 77 103.49 71.03 43.52
N TYR N 78 103.34 70.93 44.84
CA TYR N 78 104.22 71.63 45.78
C TYR N 78 105.37 70.69 46.15
N TYR N 79 106.59 71.07 45.76
CA TYR N 79 107.76 70.24 46.03
C TYR N 79 108.46 70.63 47.32
N ALA N 80 108.89 71.88 47.44
CA ALA N 80 109.68 72.31 48.58
C ALA N 80 109.18 73.66 49.09
N SER N 81 109.44 73.91 50.37
CA SER N 81 109.12 75.21 50.98
C SER N 81 110.12 75.44 52.12
N PHE N 82 111.10 76.29 51.88
CA PHE N 82 112.16 76.51 52.86
C PHE N 82 112.53 78.00 52.85
N ILE N 83 113.58 78.33 53.62
CA ILE N 83 114.07 79.70 53.74
C ILE N 83 115.55 79.71 53.38
N GLU N 84 115.92 80.61 52.48
CA GLU N 84 117.32 80.76 52.08
C GLU N 84 117.50 82.10 51.39
N ASP N 85 118.71 82.66 51.49
CA ASP N 85 119.02 83.95 50.88
C ASP N 85 118.19 85.07 51.48
N ASN N 86 117.81 84.93 52.75
CA ASN N 86 117.01 85.93 53.45
C ASN N 86 115.62 86.08 52.81
N GLU N 87 115.15 85.03 52.14
CA GLU N 87 113.85 85.05 51.51
C GLU N 87 113.35 83.61 51.39
N LEU N 88 112.06 83.46 51.16
CA LEU N 88 111.48 82.14 51.03
C LEU N 88 111.93 81.50 49.72
N ASN N 89 111.80 80.17 49.65
CA ASN N 89 112.13 79.40 48.46
C ASN N 89 111.09 78.29 48.33
N ILE N 90 110.26 78.37 47.30
CA ILE N 90 109.18 77.42 47.06
C ILE N 90 109.45 76.71 45.75
N VAL N 91 109.56 75.38 45.80
CA VAL N 91 109.77 74.55 44.64
C VAL N 91 108.44 73.94 44.25
N LEU N 92 108.01 74.22 43.01
CA LEU N 92 106.72 73.76 42.50
C LEU N 92 106.91 73.22 41.09
N GLU N 93 105.82 72.74 40.50
CA GLU N 93 105.84 72.31 39.11
C GLU N 93 105.88 73.53 38.20
N LEU N 94 106.47 73.34 37.02
CA LEU N 94 106.65 74.41 36.04
C LEU N 94 105.75 74.15 34.83
N ALA N 95 104.91 75.14 34.51
CA ALA N 95 104.05 75.09 33.32
C ALA N 95 104.18 76.45 32.62
N ASP N 96 105.16 76.55 31.72
CA ASP N 96 105.45 77.82 31.06
C ASP N 96 104.54 78.02 29.86
N ALA N 97 104.44 77.03 28.99
CA ALA N 97 103.58 77.16 27.81
C ALA N 97 102.14 77.42 28.19
N GLY N 98 101.70 76.90 29.34
CA GLY N 98 100.35 77.11 29.80
C GLY N 98 100.23 78.21 30.82
N ASP N 99 99.72 79.37 30.41
CA ASP N 99 99.55 80.51 31.31
C ASP N 99 98.42 81.37 30.77
N LEU N 100 97.26 81.32 31.42
CA LEU N 100 96.11 82.05 30.92
C LEU N 100 96.41 83.54 30.74
N SER N 101 97.32 84.08 31.56
CA SER N 101 97.67 85.50 31.42
C SER N 101 98.23 85.78 30.03
N ARG N 102 99.12 84.93 29.54
CA ARG N 102 99.66 85.10 28.20
C ARG N 102 98.68 84.64 27.13
N MET N 103 97.88 83.61 27.42
CA MET N 103 96.90 83.14 26.45
C MET N 103 95.89 84.21 26.10
N ILE N 104 95.40 84.93 27.11
CA ILE N 104 94.42 85.99 26.87
C ILE N 104 95.02 87.08 26.00
N LYS N 105 96.26 87.49 26.29
CA LYS N 105 96.92 88.51 25.48
C LYS N 105 97.11 88.03 24.05
N HIS N 106 97.52 86.78 23.87
CA HIS N 106 97.71 86.26 22.52
C HIS N 106 96.39 86.22 21.76
N PHE N 107 95.32 85.79 22.41
CA PHE N 107 94.03 85.70 21.73
C PHE N 107 93.47 87.07 21.42
N LYS N 108 93.72 88.06 22.28
CA LYS N 108 93.25 89.42 22.00
C LYS N 108 93.84 89.97 20.70
N LYS N 109 94.98 89.44 20.25
CA LYS N 109 95.53 89.87 18.97
C LYS N 109 94.57 89.54 17.84
N GLN N 110 93.97 88.36 17.87
CA GLN N 110 92.99 87.99 16.87
C GLN N 110 91.61 88.49 17.27
N LYS N 111 90.82 88.92 16.27
CA LYS N 111 89.48 89.42 16.57
C LYS N 111 88.61 88.34 17.18
N ARG N 112 88.68 87.12 16.65
CA ARG N 112 87.91 86.02 17.22
C ARG N 112 88.43 85.68 18.60
N LEU N 113 87.51 85.35 19.51
CA LEU N 113 87.82 85.08 20.90
C LEU N 113 87.62 83.60 21.20
N ILE N 114 87.87 83.23 22.45
CA ILE N 114 87.99 81.82 22.84
C ILE N 114 86.65 81.11 22.69
N PRO N 115 86.64 79.79 22.56
CA PRO N 115 85.38 79.06 22.38
C PRO N 115 84.77 78.57 23.68
N GLU N 116 83.43 78.52 23.67
CA GLU N 116 82.69 78.03 24.83
C GLU N 116 83.13 76.61 25.20
N ARG N 117 83.39 75.77 24.19
CA ARG N 117 83.78 74.40 24.46
C ARG N 117 85.09 74.34 25.25
N THR N 118 86.09 75.09 24.81
CA THR N 118 87.38 75.08 25.50
C THR N 118 87.26 75.66 26.90
N VAL N 119 86.52 76.77 27.05
CA VAL N 119 86.38 77.36 28.38
C VAL N 119 85.68 76.39 29.32
N TRP N 120 84.66 75.67 28.83
CA TRP N 120 84.00 74.68 29.67
C TRP N 120 84.95 73.54 30.03
N LYS N 121 85.75 73.08 29.05
CA LYS N 121 86.66 71.98 29.31
C LYS N 121 87.69 72.36 30.38
N TYR N 122 88.13 73.61 30.38
CA TYR N 122 89.06 74.06 31.41
C TYR N 122 88.35 74.31 32.74
N PHE N 123 87.11 74.82 32.67
CA PHE N 123 86.39 75.22 33.87
C PHE N 123 85.94 74.01 34.68
N VAL N 124 85.64 72.89 34.02
CA VAL N 124 85.29 71.69 34.77
C VAL N 124 86.46 71.25 35.65
N GLN N 125 87.67 71.27 35.09
CA GLN N 125 88.84 70.91 35.88
C GLN N 125 89.10 71.92 37.00
N LEU N 126 88.91 73.21 36.70
CA LEU N 126 89.08 74.22 37.75
C LEU N 126 88.10 73.98 38.90
N CYS N 127 86.84 73.69 38.57
CA CYS N 127 85.85 73.41 39.61
C CYS N 127 86.21 72.15 40.38
N SER N 128 86.70 71.12 39.69
CA SER N 128 87.11 69.91 40.38
C SER N 128 88.20 70.20 41.40
N ALA N 129 89.21 70.98 41.00
CA ALA N 129 90.29 71.31 41.92
C ALA N 129 89.77 72.13 43.11
N LEU N 130 88.93 73.12 42.82
CA LEU N 130 88.41 73.97 43.88
C LEU N 130 87.60 73.15 44.89
N GLU N 131 86.73 72.27 44.39
CA GLU N 131 85.93 71.44 45.28
C GLU N 131 86.81 70.48 46.07
N HIS N 132 87.81 69.89 45.42
CA HIS N 132 88.68 68.94 46.12
C HIS N 132 89.41 69.63 47.27
N MET N 133 89.92 70.83 47.05
CA MET N 133 90.65 71.50 48.13
C MET N 133 89.70 72.08 49.18
N HIS N 134 88.51 72.54 48.77
CA HIS N 134 87.56 73.10 49.73
C HIS N 134 87.02 72.02 50.65
N SER N 135 86.77 70.82 50.12
CA SER N 135 86.27 69.73 50.95
C SER N 135 87.24 69.40 52.09
N ARG N 136 88.52 69.76 51.94
CA ARG N 136 89.50 69.63 53.00
C ARG N 136 89.72 70.94 53.74
N ARG N 137 88.82 71.91 53.57
CA ARG N 137 88.85 73.20 54.26
C ARG N 137 89.97 74.11 53.77
N VAL N 138 90.66 73.76 52.69
CA VAL N 138 91.75 74.55 52.15
C VAL N 138 91.23 75.35 50.96
N MET N 139 91.66 76.61 50.86
CA MET N 139 91.12 77.54 49.89
C MET N 139 92.25 78.11 49.04
N HIS N 140 91.91 78.53 47.83
CA HIS N 140 92.83 79.27 46.98
C HIS N 140 92.74 80.75 47.36
N ARG N 141 93.84 81.30 47.88
CA ARG N 141 93.81 82.68 48.36
C ARG N 141 93.47 83.64 47.23
N ASP N 142 94.09 83.47 46.06
CA ASP N 142 93.85 84.35 44.92
C ASP N 142 93.79 83.49 43.66
N ILE N 143 92.69 83.60 42.93
CA ILE N 143 92.49 82.87 41.68
C ILE N 143 92.51 83.89 40.55
N LYS N 144 93.45 83.73 39.63
CA LYS N 144 93.64 84.70 38.55
C LYS N 144 94.17 83.97 37.32
N PRO N 145 93.98 84.56 36.14
CA PRO N 145 94.54 83.92 34.93
C PRO N 145 96.05 83.77 35.00
N ALA N 146 96.74 84.75 35.58
CA ALA N 146 98.19 84.67 35.71
C ALA N 146 98.65 83.57 36.66
N ASN N 147 97.75 83.07 37.51
CA ASN N 147 98.08 81.98 38.43
C ASN N 147 97.30 80.71 38.12
N VAL N 148 96.60 80.65 37.00
CA VAL N 148 96.00 79.42 36.51
C VAL N 148 96.83 78.96 35.31
N PHE N 149 97.38 77.75 35.39
CA PHE N 149 98.23 77.20 34.35
C PHE N 149 97.58 75.98 33.72
N ILE N 150 97.86 75.77 32.43
CA ILE N 150 97.41 74.58 31.72
C ILE N 150 98.64 73.84 31.20
N THR N 151 98.42 72.72 30.53
CA THR N 151 99.50 71.91 29.96
C THR N 151 99.15 71.56 28.52
N ALA N 152 100.12 70.96 27.84
CA ALA N 152 99.91 70.55 26.45
C ALA N 152 98.80 69.52 26.33
N THR N 153 98.71 68.61 27.30
CA THR N 153 97.69 67.57 27.27
C THR N 153 96.28 68.11 27.45
N GLY N 154 96.12 69.37 27.86
CA GLY N 154 94.82 69.96 28.07
C GLY N 154 94.39 70.03 29.52
N VAL N 155 95.25 69.66 30.46
CA VAL N 155 94.91 69.72 31.88
C VAL N 155 95.18 71.13 32.39
N VAL N 156 94.37 71.56 33.36
CA VAL N 156 94.46 72.88 33.95
C VAL N 156 95.01 72.72 35.36
N LYS N 157 96.15 73.33 35.63
CA LYS N 157 96.82 73.26 36.93
C LYS N 157 96.64 74.58 37.66
N LEU N 158 96.13 74.52 38.89
CA LEU N 158 95.93 75.71 39.69
C LEU N 158 97.25 76.15 40.30
N GLY N 159 97.58 77.43 40.15
CA GLY N 159 98.87 77.95 40.58
C GLY N 159 98.96 78.14 42.08
N ASP N 160 100.13 78.58 42.50
CA ASP N 160 100.40 78.76 43.92
C ASP N 160 99.57 79.92 44.48
N LEU N 161 98.90 79.68 45.60
CA LEU N 161 98.09 80.71 46.22
C LEU N 161 98.97 81.79 46.83
N GLY N 162 98.60 83.05 46.62
CA GLY N 162 99.35 84.17 47.16
C GLY N 162 99.17 84.33 48.65
N THR N 180 96.93 95.52 46.33
CA THR N 180 95.57 95.16 45.95
C THR N 180 95.59 93.90 45.09
N PRO N 181 94.70 92.94 45.36
CA PRO N 181 94.69 91.70 44.59
C PRO N 181 94.04 91.91 43.22
N TYR N 182 94.16 90.87 42.38
CA TYR N 182 93.56 90.92 41.06
C TYR N 182 92.05 91.03 41.15
N TYR N 183 91.44 90.30 42.07
CA TYR N 183 89.99 90.31 42.27
C TYR N 183 89.70 90.70 43.71
N MET N 184 88.90 91.75 43.89
CA MET N 184 88.51 92.23 45.22
C MET N 184 87.21 91.55 45.60
N SER N 185 87.25 90.71 46.64
CA SER N 185 86.07 90.00 47.06
C SER N 185 85.05 90.97 47.68
N PRO N 186 83.75 90.68 47.55
CA PRO N 186 82.77 91.49 48.28
C PRO N 186 82.96 91.45 49.78
N GLU N 187 83.47 90.33 50.31
CA GLU N 187 83.83 90.27 51.72
C GLU N 187 85.12 91.03 52.02
N ARG N 188 86.05 91.09 51.05
CA ARG N 188 87.21 91.97 51.21
C ARG N 188 86.78 93.42 51.32
N ILE N 189 85.95 93.88 50.39
CA ILE N 189 85.29 95.17 50.54
C ILE N 189 84.37 95.11 51.75
N HIS N 190 84.37 96.19 52.53
CA HIS N 190 83.75 96.15 53.87
C HIS N 190 84.36 94.98 54.65
N GLU N 191 85.68 95.02 54.79
CA GLU N 191 86.45 93.85 55.19
C GLU N 191 85.87 93.19 56.44
N ASN N 192 85.52 91.91 56.31
CA ASN N 192 85.11 91.09 57.44
C ASN N 192 85.74 89.71 57.45
N GLY N 193 86.38 89.29 56.37
CA GLY N 193 86.98 87.97 56.30
C GLY N 193 87.02 87.49 54.86
N TYR N 194 87.41 86.22 54.72
CA TYR N 194 87.52 85.57 53.42
C TYR N 194 86.79 84.23 53.49
N ASN N 195 85.57 84.20 52.96
CA ASN N 195 84.69 83.04 53.07
C ASN N 195 84.90 82.10 51.87
N PHE N 196 84.30 80.91 51.97
CA PHE N 196 84.32 79.98 50.85
C PHE N 196 83.70 80.59 49.61
N LYS N 197 82.78 81.54 49.77
CA LYS N 197 82.14 82.18 48.63
C LYS N 197 83.03 83.24 47.99
N SER N 198 84.08 83.69 48.68
CA SER N 198 85.05 84.56 48.03
C SER N 198 85.77 83.81 46.91
N ASP N 199 86.08 82.53 47.12
CA ASP N 199 86.65 81.72 46.06
C ASP N 199 85.67 81.58 44.90
N ILE N 200 84.38 81.45 45.19
CA ILE N 200 83.37 81.37 44.14
C ILE N 200 83.34 82.67 43.34
N TRP N 201 83.41 83.80 44.03
CA TRP N 201 83.44 85.09 43.34
C TRP N 201 84.67 85.21 42.45
N SER N 202 85.83 84.81 42.98
CA SER N 202 87.06 84.88 42.18
C SER N 202 86.97 83.96 40.97
N LEU N 203 86.37 82.78 41.14
CA LEU N 203 86.22 81.86 40.03
C LEU N 203 85.26 82.40 38.97
N GLY N 204 84.17 83.04 39.40
CA GLY N 204 83.27 83.65 38.45
C GLY N 204 83.92 84.80 37.69
N CYS N 205 84.71 85.61 38.40
CA CYS N 205 85.44 86.68 37.73
C CYS N 205 86.47 86.09 36.75
N LEU N 206 87.08 84.96 37.11
CA LEU N 206 87.99 84.29 36.20
C LEU N 206 87.26 83.78 34.96
N LEU N 207 86.05 83.25 35.15
CA LEU N 207 85.24 82.84 34.00
C LEU N 207 84.96 84.03 33.10
N TYR N 208 84.60 85.16 33.69
CA TYR N 208 84.34 86.37 32.90
C TYR N 208 85.61 86.80 32.16
N GLU N 209 86.76 86.73 32.83
CA GLU N 209 88.01 87.11 32.19
C GLU N 209 88.35 86.21 31.03
N MET N 210 88.17 84.90 31.20
CA MET N 210 88.38 83.98 30.10
C MET N 210 87.41 84.27 28.96
N ALA N 211 86.16 84.58 29.30
CA ALA N 211 85.14 84.78 28.29
C ALA N 211 85.41 86.03 27.45
N ALA N 212 85.70 87.14 28.11
CA ALA N 212 85.82 88.43 27.42
C ALA N 212 87.26 88.87 27.21
N LEU N 213 88.24 88.00 27.51
CA LEU N 213 89.65 88.34 27.48
C LEU N 213 90.02 89.42 28.50
N GLN N 214 89.08 89.82 29.36
CA GLN N 214 89.29 90.93 30.27
C GLN N 214 88.40 90.76 31.50
N SER N 215 88.87 91.31 32.62
CA SER N 215 88.16 91.19 33.89
C SER N 215 86.87 91.99 33.85
N PRO N 216 85.89 91.62 34.68
CA PRO N 216 84.60 92.32 34.69
C PRO N 216 84.61 93.70 35.31
N PHE N 217 85.76 94.25 35.67
CA PHE N 217 85.86 95.56 36.31
C PHE N 217 86.94 96.41 35.66
N TYR N 218 86.92 96.45 34.34
CA TYR N 218 87.79 97.32 33.56
C TYR N 218 87.05 98.60 33.17
N GLY N 219 87.78 99.70 33.11
CA GLY N 219 87.18 100.95 32.72
C GLY N 219 88.21 102.07 32.75
N ASP N 220 87.82 103.21 32.17
CA ASP N 220 88.70 104.37 32.16
C ASP N 220 88.94 104.90 33.56
N LYS N 221 87.89 104.92 34.39
CA LYS N 221 88.02 105.39 35.76
C LYS N 221 88.75 104.36 36.60
N MET N 222 90.07 104.53 36.73
CA MET N 222 90.91 103.59 37.45
C MET N 222 91.06 103.95 38.92
N ASN N 223 90.11 104.67 39.51
CA ASN N 223 90.22 105.07 40.90
C ASN N 223 89.59 104.02 41.82
N LEU N 224 90.20 103.89 43.00
CA LEU N 224 89.82 102.81 43.91
C LEU N 224 88.36 102.94 44.32
N TYR N 225 87.90 104.14 44.63
CA TYR N 225 86.51 104.32 45.04
C TYR N 225 85.55 103.95 43.92
N SER N 226 85.85 104.36 42.69
CA SER N 226 84.99 104.04 41.56
C SER N 226 84.89 102.53 41.37
N LEU N 227 86.03 101.84 41.37
CA LEU N 227 85.98 100.40 41.16
C LEU N 227 85.33 99.68 42.34
N CYS N 228 85.53 100.17 43.56
CA CYS N 228 84.90 99.56 44.73
C CYS N 228 83.38 99.68 44.65
N LYS N 229 82.89 100.86 44.26
CA LYS N 229 81.44 101.01 44.11
C LYS N 229 80.93 100.20 42.93
N LYS N 230 81.75 100.03 41.89
CA LYS N 230 81.37 99.16 40.79
C LYS N 230 81.17 97.72 41.28
N ILE N 231 82.10 97.23 42.11
CA ILE N 231 81.95 95.91 42.68
C ILE N 231 80.71 95.84 43.56
N GLU N 232 80.49 96.88 44.38
CA GLU N 232 79.34 96.87 45.28
C GLU N 232 78.04 96.81 44.50
N GLN N 233 77.91 97.60 43.44
CA GLN N 233 76.69 97.60 42.64
C GLN N 233 76.58 96.39 41.72
N CYS N 234 77.69 95.69 41.48
CA CYS N 234 77.69 94.47 40.67
C CYS N 234 77.14 94.76 39.27
N ASP N 235 77.71 95.79 38.64
CA ASP N 235 77.34 96.20 37.29
C ASP N 235 78.52 95.95 36.36
N TYR N 236 78.33 95.10 35.37
CA TYR N 236 79.35 94.77 34.39
C TYR N 236 78.69 94.62 33.02
N PRO N 237 79.44 94.88 31.95
CA PRO N 237 78.91 94.58 30.61
C PRO N 237 78.67 93.11 30.33
N PRO N 238 77.41 92.67 30.33
CA PRO N 238 77.15 91.24 30.07
C PRO N 238 77.94 90.65 28.92
N LEU N 239 78.34 89.40 29.10
CA LEU N 239 79.14 88.73 28.09
C LEU N 239 78.34 88.61 26.80
N PRO N 240 79.01 88.55 25.65
CA PRO N 240 78.28 88.52 24.37
C PRO N 240 77.29 87.36 24.33
N SER N 241 76.01 87.69 24.31
CA SER N 241 74.97 86.67 24.29
C SER N 241 75.03 85.86 23.00
N ASP N 242 75.26 86.52 21.86
CA ASP N 242 75.30 85.84 20.57
C ASP N 242 76.65 85.19 20.30
N HIS N 243 77.47 85.00 21.33
CA HIS N 243 78.62 84.10 21.20
C HIS N 243 78.86 83.24 22.43
N TYR N 244 78.36 83.62 23.61
CA TYR N 244 78.43 82.79 24.81
C TYR N 244 77.03 82.36 25.23
N SER N 245 76.98 81.28 26.00
CA SER N 245 75.73 80.62 26.31
C SER N 245 74.98 81.34 27.42
N GLU N 246 73.64 81.16 27.41
CA GLU N 246 72.80 81.78 28.43
C GLU N 246 73.08 81.19 29.80
N GLU N 247 73.18 79.86 29.90
CA GLU N 247 73.42 79.24 31.20
C GLU N 247 74.77 79.65 31.76
N LEU N 248 75.77 79.79 30.89
CA LEU N 248 77.09 80.23 31.36
C LEU N 248 77.05 81.69 31.78
N ARG N 249 76.38 82.54 31.00
CA ARG N 249 76.29 83.96 31.33
C ARG N 249 75.53 84.18 32.64
N GLN N 250 74.60 83.28 32.97
CA GLN N 250 73.90 83.38 34.24
C GLN N 250 74.67 82.72 35.38
N LEU N 251 75.44 81.66 35.10
CA LEU N 251 76.28 81.07 36.13
C LEU N 251 77.33 82.06 36.60
N VAL N 252 77.94 82.79 35.66
CA VAL N 252 78.92 83.82 36.05
C VAL N 252 78.23 84.89 36.89
N ASN N 253 77.00 85.25 36.54
CA ASN N 253 76.27 86.25 37.31
C ASN N 253 76.01 85.76 38.74
N MET N 254 75.58 84.50 38.88
CA MET N 254 75.36 83.96 40.22
C MET N 254 76.67 83.93 41.02
N CYS N 255 77.76 83.50 40.40
CA CYS N 255 79.04 83.47 41.10
C CYS N 255 79.54 84.87 41.43
N ILE N 256 79.12 85.88 40.68
CA ILE N 256 79.49 87.27 40.93
C ILE N 256 78.30 87.98 41.55
N ASN N 257 78.24 88.02 42.89
CA ASN N 257 77.12 88.59 43.60
C ASN N 257 77.60 89.21 44.90
N PRO N 258 77.08 90.39 45.29
CA PRO N 258 77.50 90.95 46.59
C PRO N 258 77.15 90.06 47.76
N ASP N 259 76.02 89.36 47.70
CA ASP N 259 75.59 88.53 48.82
C ASP N 259 76.47 87.29 48.92
N PRO N 260 77.02 86.98 50.10
CA PRO N 260 77.87 85.78 50.18
C PRO N 260 77.15 84.50 49.79
N GLU N 261 75.98 84.24 50.38
CA GLU N 261 75.24 83.02 50.08
C GLU N 261 74.59 83.04 48.70
N LYS N 262 74.52 84.21 48.05
CA LYS N 262 74.00 84.26 46.68
C LYS N 262 74.89 83.45 45.74
N ARG N 263 76.18 83.41 45.99
CA ARG N 263 77.09 82.64 45.14
C ARG N 263 76.83 81.15 45.32
N PRO N 264 76.61 80.40 44.24
CA PRO N 264 76.38 78.96 44.40
C PRO N 264 77.62 78.26 44.93
N ASP N 265 77.39 77.16 45.64
CA ASP N 265 78.47 76.48 46.33
C ASP N 265 79.41 75.81 45.33
N VAL N 266 80.60 75.45 45.82
CA VAL N 266 81.61 74.87 44.94
C VAL N 266 81.11 73.59 44.30
N THR N 267 80.42 72.74 45.08
CA THR N 267 79.88 71.52 44.50
C THR N 267 78.82 71.82 43.45
N TYR N 268 78.00 72.84 43.68
CA TYR N 268 76.98 73.20 42.70
C TYR N 268 77.62 73.64 41.38
N VAL N 269 78.61 74.53 41.46
CA VAL N 269 79.25 75.01 40.25
C VAL N 269 79.98 73.87 39.55
N TYR N 270 80.60 72.98 40.33
CA TYR N 270 81.28 71.83 39.73
C TYR N 270 80.30 70.92 39.00
N ASP N 271 79.14 70.68 39.61
CA ASP N 271 78.15 69.81 38.97
C ASP N 271 77.63 70.41 37.67
N VAL N 272 77.33 71.72 37.68
CA VAL N 272 76.86 72.34 36.44
C VAL N 272 77.96 72.32 35.39
N ALA N 273 79.20 72.59 35.79
CA ALA N 273 80.31 72.51 34.85
C ALA N 273 80.43 71.12 34.25
N LYS N 274 80.28 70.09 35.07
CA LYS N 274 80.37 68.72 34.57
C LYS N 274 79.24 68.44 33.57
N ARG N 275 78.01 68.84 33.91
CA ARG N 275 76.88 68.54 33.03
C ARG N 275 76.97 69.31 31.72
N MET N 276 77.63 70.47 31.73
CA MET N 276 77.90 71.15 30.45
C MET N 276 79.06 70.53 29.68
N HIS N 277 80.10 70.05 30.37
CA HIS N 277 81.21 69.44 29.63
C HIS N 277 80.75 68.15 28.98
N ALA N 278 79.80 67.45 29.62
CA ALA N 278 79.24 66.24 29.02
C ALA N 278 78.50 66.56 27.72
N LYS O 1 95.00 42.10 122.99
CA LYS O 1 94.47 41.83 124.31
C LYS O 1 93.77 40.48 124.36
N ALA O 2 92.74 40.37 125.18
CA ALA O 2 91.98 39.15 125.36
C ALA O 2 90.55 39.38 124.87
N LEU O 3 90.30 39.08 123.60
CA LEU O 3 88.96 39.16 123.05
C LEU O 3 88.07 38.11 123.69
N ARG O 4 86.77 38.39 123.72
CA ARG O 4 85.83 37.45 124.31
C ARG O 4 85.93 36.10 123.59
N PRO O 5 85.79 34.98 124.30
CA PRO O 5 85.95 33.68 123.65
C PRO O 5 84.98 33.52 122.48
N ASP O 6 85.51 32.99 121.38
CA ASP O 6 84.72 32.79 120.16
C ASP O 6 84.23 31.34 120.15
N MET O 7 83.20 31.09 120.97
CA MET O 7 82.62 29.76 121.09
C MET O 7 81.28 29.66 120.36
N GLY O 8 80.33 30.54 120.69
CA GLY O 8 79.03 30.55 120.06
C GLY O 8 78.92 31.61 118.98
N TYR O 9 77.71 31.71 118.43
CA TYR O 9 77.41 32.68 117.39
C TYR O 9 76.84 33.98 117.94
N ASN O 10 76.73 34.12 119.25
CA ASN O 10 76.17 35.30 119.90
C ASN O 10 77.24 35.90 120.80
N THR O 11 78.09 36.76 120.22
CA THR O 11 79.14 37.43 120.98
C THR O 11 79.80 38.49 120.12
N LEU O 12 80.16 39.62 120.72
CA LEU O 12 80.79 40.70 119.95
C LEU O 12 82.18 40.31 119.46
N ALA O 13 82.92 39.52 120.24
CA ALA O 13 84.26 39.12 119.81
C ALA O 13 84.22 38.36 118.48
N ASN O 14 83.09 37.74 118.20
CA ASN O 14 82.93 37.03 116.96
C ASN O 14 82.58 37.96 115.80
N PHE O 15 82.65 39.28 115.99
CA PHE O 15 82.32 40.25 114.97
C PHE O 15 83.37 41.36 114.92
N ARG O 16 83.74 41.76 113.71
CA ARG O 16 84.71 42.82 113.48
C ARG O 16 84.00 43.96 112.74
N ILE O 17 83.85 45.10 113.40
CA ILE O 17 83.11 46.23 112.85
C ILE O 17 84.01 46.92 111.83
N GLU O 18 83.74 46.68 110.54
CA GLU O 18 84.49 47.37 109.50
C GLU O 18 84.23 48.87 109.52
N LYS O 19 82.98 49.26 109.70
CA LYS O 19 82.60 50.67 109.74
C LYS O 19 81.16 50.75 110.25
N LYS O 20 80.67 51.99 110.39
CA LYS O 20 79.31 52.26 110.83
C LYS O 20 78.46 52.58 109.61
N ILE O 21 77.55 51.68 109.25
CA ILE O 21 76.71 51.90 108.08
C ILE O 21 75.79 53.09 108.32
N GLY O 22 75.29 53.22 109.54
CA GLY O 22 74.41 54.34 109.87
C GLY O 22 74.23 54.41 111.38
N ARG O 23 73.55 55.47 111.81
CA ARG O 23 73.29 55.69 113.22
C ARG O 23 71.91 56.31 113.36
N GLY O 24 70.91 55.47 113.59
CA GLY O 24 69.56 55.95 113.83
C GLY O 24 69.32 56.26 115.30
N GLN O 25 68.21 56.95 115.56
CA GLN O 25 67.88 57.32 116.94
C GLN O 25 67.63 56.09 117.80
N PHE O 26 67.13 55.01 117.21
CA PHE O 26 66.80 53.80 117.94
C PHE O 26 67.88 52.74 117.90
N SER O 27 68.67 52.69 116.83
CA SER O 27 69.68 51.65 116.67
C SER O 27 70.89 52.21 115.95
N GLU O 28 72.03 51.55 116.16
CA GLU O 28 73.26 51.84 115.43
C GLU O 28 73.70 50.58 114.70
N VAL O 29 73.93 50.70 113.40
CA VAL O 29 74.20 49.56 112.52
C VAL O 29 75.64 49.65 112.04
N TYR O 30 76.37 48.54 112.17
CA TYR O 30 77.77 48.47 111.75
C TYR O 30 77.96 47.27 110.84
N ARG O 31 78.95 47.37 109.96
CA ARG O 31 79.28 46.30 109.01
C ARG O 31 80.24 45.33 109.71
N ALA O 32 79.67 44.34 110.38
CA ALA O 32 80.46 43.39 111.15
C ALA O 32 80.86 42.21 110.28
N ALA O 33 81.83 41.44 110.76
CA ALA O 33 82.33 40.26 110.05
C ALA O 33 82.40 39.10 111.04
N CYS O 34 81.60 38.05 110.78
CA CYS O 34 81.56 36.89 111.67
C CYS O 34 82.89 36.16 111.63
N LEU O 35 83.68 36.30 112.68
CA LEU O 35 84.99 35.66 112.72
C LEU O 35 84.87 34.14 112.67
N LEU O 36 83.93 33.57 113.42
CA LEU O 36 83.76 32.12 113.42
C LEU O 36 83.37 31.61 112.04
N ASP O 37 82.44 32.30 111.37
CA ASP O 37 81.98 31.89 110.04
C ASP O 37 82.83 32.53 108.94
N GLY O 38 82.89 33.86 108.91
CA GLY O 38 83.69 34.56 107.94
C GLY O 38 82.89 35.21 106.83
N VAL O 39 81.74 35.79 107.18
CA VAL O 39 80.90 36.49 106.21
C VAL O 39 80.59 37.88 106.74
N PRO O 40 80.41 38.89 105.88
CA PRO O 40 80.07 40.24 106.35
C PRO O 40 78.57 40.37 106.58
N VAL O 41 78.19 40.58 107.84
CA VAL O 41 76.80 40.77 108.21
C VAL O 41 76.63 42.18 108.79
N ALA O 42 75.40 42.52 109.14
CA ALA O 42 75.07 43.80 109.74
C ALA O 42 74.77 43.57 111.22
N LEU O 43 75.49 44.27 112.09
CA LEU O 43 75.31 44.19 113.53
C LEU O 43 74.59 45.47 113.98
N LYS O 44 73.35 45.31 114.43
CA LYS O 44 72.55 46.43 114.92
C LYS O 44 72.48 46.36 116.44
N LYS O 45 72.78 47.48 117.09
CA LYS O 45 72.79 47.57 118.54
C LYS O 45 71.82 48.65 118.99
N VAL O 46 71.00 48.33 119.99
CA VAL O 46 70.04 49.26 120.57
C VAL O 46 70.27 49.28 122.08
N GLN O 47 70.28 50.48 122.65
CA GLN O 47 70.46 50.63 124.10
C GLN O 47 69.17 50.24 124.81
N ILE O 48 69.05 48.96 125.17
CA ILE O 48 67.83 48.48 125.80
C ILE O 48 67.62 49.15 127.16
N PHE O 49 68.72 49.47 127.85
CA PHE O 49 68.62 50.03 129.19
C PHE O 49 67.82 51.34 129.19
N ASP O 50 67.98 52.17 128.16
CA ASP O 50 67.26 53.44 128.12
C ASP O 50 65.76 53.23 128.14
N LEU O 51 65.20 52.72 127.05
CA LEU O 51 63.78 52.40 126.97
C LEU O 51 63.52 50.94 127.35
N MET O 52 64.00 50.53 128.51
CA MET O 52 63.82 49.18 129.04
C MET O 52 62.88 49.26 130.25
N ASP O 53 61.59 49.08 130.01
CA ASP O 53 60.61 49.01 131.07
C ASP O 53 60.44 47.60 131.63
N ALA O 54 61.15 46.62 131.08
CA ALA O 54 61.11 45.21 131.47
C ALA O 54 59.81 44.53 131.08
N LYS O 55 58.84 45.26 130.52
CA LYS O 55 57.60 44.67 130.03
C LYS O 55 57.56 44.60 128.51
N ALA O 56 58.46 45.29 127.81
CA ALA O 56 58.53 45.28 126.36
C ALA O 56 59.78 44.58 125.82
N ARG O 57 60.92 44.74 126.48
CA ARG O 57 62.16 44.15 125.97
C ARG O 57 62.11 42.63 125.99
N ALA O 58 61.55 42.04 127.05
CA ALA O 58 61.47 40.59 127.12
C ALA O 58 60.62 40.03 126.00
N ASP O 59 59.45 40.62 125.78
CA ASP O 59 58.59 40.17 124.67
C ASP O 59 59.25 40.44 123.33
N CYS O 60 60.01 41.53 123.22
CA CYS O 60 60.71 41.82 121.96
C CYS O 60 61.72 40.74 121.65
N ILE O 61 62.50 40.32 122.66
CA ILE O 61 63.46 39.25 122.44
C ILE O 61 62.74 37.94 122.12
N LYS O 62 61.65 37.65 122.84
CA LYS O 62 60.93 36.41 122.60
C LYS O 62 60.39 36.36 121.18
N GLU O 63 59.85 37.47 120.68
CA GLU O 63 59.31 37.50 119.32
C GLU O 63 60.41 37.51 118.27
N ILE O 64 61.48 38.28 118.49
CA ILE O 64 62.58 38.33 117.53
C ILE O 64 63.31 36.99 117.48
N ASP O 65 63.14 36.14 118.50
CA ASP O 65 63.57 34.76 118.37
C ASP O 65 62.92 34.11 117.14
N LEU O 66 61.72 34.56 116.79
CA LEU O 66 61.11 34.23 115.51
C LEU O 66 61.41 35.35 114.53
N LEU O 67 62.13 35.00 113.45
CA LEU O 67 62.64 35.98 112.50
C LEU O 67 63.69 35.32 111.62
N LYS O 68 64.59 34.56 112.25
CA LYS O 68 65.48 33.71 111.47
C LYS O 68 64.68 32.67 110.69
N GLN O 69 63.62 32.14 111.31
CA GLN O 69 62.73 31.23 110.61
C GLN O 69 61.98 31.92 109.46
N LEU O 70 61.90 33.25 109.50
CA LEU O 70 61.28 34.00 108.40
C LEU O 70 62.18 33.97 107.19
N ASN O 71 61.97 33.00 106.30
CA ASN O 71 62.81 32.80 105.12
C ASN O 71 62.01 33.21 103.88
N HIS O 72 62.29 34.41 103.37
CA HIS O 72 61.66 34.90 102.16
C HIS O 72 62.73 35.56 101.30
N PRO O 73 62.66 35.43 99.98
CA PRO O 73 63.68 36.06 99.13
C PRO O 73 63.71 37.57 99.22
N ASN O 74 62.62 38.20 99.69
CA ASN O 74 62.49 39.65 99.68
C ASN O 74 62.52 40.24 101.09
N VAL O 75 62.97 39.47 102.08
CA VAL O 75 63.04 39.93 103.46
C VAL O 75 64.47 39.73 103.96
N ILE O 76 64.97 40.71 104.71
CA ILE O 76 66.32 40.61 105.26
C ILE O 76 66.43 39.36 106.10
N LYS O 77 67.57 38.68 106.01
CA LYS O 77 67.80 37.46 106.76
C LYS O 77 68.21 37.80 108.18
N TYR O 78 67.51 37.21 109.15
CA TYR O 78 67.82 37.40 110.57
C TYR O 78 68.76 36.30 111.02
N TYR O 79 69.98 36.67 111.39
CA TYR O 79 70.99 35.69 111.79
C TYR O 79 71.00 35.48 113.31
N ALA O 80 71.23 36.56 114.07
CA ALA O 80 71.39 36.43 115.51
C ALA O 80 70.60 37.52 116.22
N SER O 81 70.24 37.25 117.47
CA SER O 81 69.57 38.23 118.32
C SER O 81 69.93 37.91 119.76
N PHE O 82 70.85 38.69 120.35
CA PHE O 82 71.34 38.42 121.69
C PHE O 82 71.53 39.75 122.42
N ILE O 83 72.10 39.67 123.62
CA ILE O 83 72.36 40.83 124.46
C ILE O 83 73.84 40.84 124.83
N GLU O 84 74.50 41.97 124.61
CA GLU O 84 75.90 42.12 124.96
C GLU O 84 76.24 43.61 124.98
N ASP O 85 77.22 43.96 125.81
CA ASP O 85 77.66 45.34 125.96
C ASP O 85 76.54 46.23 126.51
N ASN O 86 75.66 45.65 127.32
CA ASN O 86 74.55 46.38 127.92
C ASN O 86 73.58 46.90 126.85
N GLU O 87 73.56 46.23 125.69
CA GLU O 87 72.67 46.62 124.61
C GLU O 87 72.42 45.39 123.75
N LEU O 88 71.36 45.47 122.93
CA LEU O 88 71.04 44.35 122.06
C LEU O 88 72.06 44.23 120.94
N ASN O 89 72.09 43.04 120.33
CA ASN O 89 72.98 42.76 119.21
C ASN O 89 72.22 41.89 118.23
N ILE O 90 71.93 42.43 117.05
CA ILE O 90 71.15 41.75 116.03
C ILE O 90 72.03 41.58 114.80
N VAL O 91 72.22 40.34 114.38
CA VAL O 91 73.02 40.00 113.21
C VAL O 91 72.05 39.71 112.07
N LEU O 92 72.19 40.48 110.99
CA LEU O 92 71.30 40.38 109.83
C LEU O 92 72.14 40.40 108.56
N GLU O 93 71.47 40.28 107.41
CA GLU O 93 72.15 40.42 106.14
C GLU O 93 72.48 41.89 105.88
N LEU O 94 73.55 42.11 105.10
CA LEU O 94 74.03 43.45 104.80
C LEU O 94 73.79 43.76 103.33
N ALA O 95 73.09 44.88 103.07
CA ALA O 95 72.85 45.37 101.72
C ALA O 95 73.16 46.87 101.72
N ASP O 96 74.42 47.21 101.47
CA ASP O 96 74.85 48.60 101.54
C ASP O 96 74.55 49.35 100.25
N ALA O 97 74.93 48.76 99.11
CA ALA O 97 74.69 49.42 97.83
C ALA O 97 73.20 49.66 97.61
N GLY O 98 72.35 48.78 98.14
CA GLY O 98 70.92 48.93 97.99
C GLY O 98 70.26 49.56 99.20
N ASP O 99 69.89 50.84 99.08
CA ASP O 99 69.23 51.54 100.19
C ASP O 99 68.39 52.65 99.57
N LEU O 100 67.07 52.48 99.57
CA LEU O 100 66.19 53.45 98.94
C LEU O 100 66.41 54.84 99.51
N SER O 101 66.81 54.96 100.77
CA SER O 101 67.06 56.27 101.36
C SER O 101 68.13 57.01 100.58
N ARG O 102 69.23 56.32 100.25
CA ARG O 102 70.29 56.93 99.47
C ARG O 102 69.93 57.02 97.99
N MET O 103 69.18 56.05 97.48
CA MET O 103 68.78 56.07 96.07
C MET O 103 67.93 57.29 95.77
N ILE O 104 66.98 57.63 96.64
CA ILE O 104 66.12 58.78 96.42
C ILE O 104 66.94 60.05 96.39
N LYS O 105 67.88 60.20 97.34
CA LYS O 105 68.74 61.38 97.37
C LYS O 105 69.58 61.48 96.10
N HIS O 106 70.14 60.35 95.66
CA HIS O 106 70.95 60.37 94.44
C HIS O 106 70.12 60.75 93.22
N PHE O 107 68.90 60.21 93.12
CA PHE O 107 68.07 60.51 91.97
C PHE O 107 67.58 61.96 91.99
N LYS O 108 67.33 62.50 93.18
CA LYS O 108 66.92 63.91 93.28
C LYS O 108 67.96 64.85 92.69
N LYS O 109 69.22 64.43 92.63
CA LYS O 109 70.25 65.24 91.99
C LYS O 109 69.93 65.49 90.52
N GLN O 110 69.48 64.44 89.83
CA GLN O 110 69.08 64.59 88.44
C GLN O 110 67.62 65.03 88.35
N LYS O 111 67.33 65.87 87.36
CA LYS O 111 65.95 66.35 87.20
C LYS O 111 65.01 65.20 86.90
N ARG O 112 65.40 64.28 86.03
CA ARG O 112 64.57 63.13 85.73
C ARG O 112 64.44 62.23 86.96
N LEU O 113 63.26 61.67 87.16
CA LEU O 113 62.94 60.87 88.33
C LEU O 113 62.76 59.40 87.91
N ILE O 114 62.47 58.56 88.89
CA ILE O 114 62.54 57.11 88.72
C ILE O 114 61.47 56.64 87.73
N PRO O 115 61.64 55.48 87.11
CA PRO O 115 60.66 54.99 86.13
C PRO O 115 59.58 54.11 86.74
N GLU O 116 58.39 54.19 86.12
CA GLU O 116 57.28 53.37 86.54
C GLU O 116 57.62 51.88 86.49
N ARG O 117 58.37 51.47 85.47
CA ARG O 117 58.72 50.06 85.33
C ARG O 117 59.55 49.60 86.52
N THR O 118 60.58 50.35 86.90
CA THR O 118 61.43 49.95 88.01
C THR O 118 60.65 49.97 89.32
N VAL O 119 59.81 51.00 89.55
CA VAL O 119 59.06 51.04 90.79
C VAL O 119 58.11 49.86 90.87
N TRP O 120 57.48 49.49 89.76
CA TRP O 120 56.60 48.31 89.76
C TRP O 120 57.39 47.04 90.03
N LYS O 121 58.57 46.91 89.42
CA LYS O 121 59.38 45.71 89.61
C LYS O 121 59.80 45.55 91.06
N TYR O 122 60.07 46.66 91.75
CA TYR O 122 60.41 46.59 93.17
C TYR O 122 59.15 46.38 94.02
N PHE O 123 58.04 47.00 93.62
CA PHE O 123 56.83 46.97 94.44
C PHE O 123 56.18 45.60 94.44
N VAL O 124 56.30 44.85 93.34
CA VAL O 124 55.77 43.49 93.32
C VAL O 124 56.47 42.65 94.38
N GLN O 125 57.79 42.75 94.47
CA GLN O 125 58.52 42.01 95.49
C GLN O 125 58.16 42.50 96.89
N LEU O 126 58.02 43.81 97.07
CA LEU O 126 57.60 44.31 98.38
C LEU O 126 56.25 43.75 98.79
N CYS O 127 55.29 43.73 97.86
CA CYS O 127 53.98 43.17 98.17
C CYS O 127 54.07 41.68 98.46
N SER O 128 54.91 40.96 97.72
CA SER O 128 55.08 39.53 97.99
C SER O 128 55.57 39.31 99.41
N ALA O 129 56.59 40.07 99.82
CA ALA O 129 57.11 39.94 101.18
C ALA O 129 56.04 40.28 102.22
N LEU O 130 55.33 41.38 102.01
CA LEU O 130 54.31 41.81 102.98
C LEU O 130 53.24 40.75 103.11
N GLU O 131 52.76 40.21 101.98
CA GLU O 131 51.73 39.18 102.03
C GLU O 131 52.25 37.92 102.70
N HIS O 132 53.48 37.53 102.39
CA HIS O 132 54.03 36.31 102.97
C HIS O 132 54.12 36.42 104.48
N MET O 133 54.56 37.56 105.00
CA MET O 133 54.67 37.69 106.46
C MET O 133 53.31 37.92 107.11
N HIS O 134 52.39 38.61 106.43
CA HIS O 134 51.07 38.84 107.01
C HIS O 134 50.27 37.55 107.10
N SER O 135 50.39 36.68 106.10
CA SER O 135 49.68 35.41 106.15
C SER O 135 50.08 34.58 107.35
N ARG O 136 51.24 34.84 107.93
CA ARG O 136 51.67 34.22 109.18
C ARG O 136 51.42 35.12 110.39
N ARG O 137 50.60 36.17 110.22
CA ARG O 137 50.21 37.09 111.28
C ARG O 137 51.34 38.00 111.73
N VAL O 138 52.46 38.03 111.02
CA VAL O 138 53.61 38.86 111.37
C VAL O 138 53.58 40.09 110.49
N MET O 139 53.91 41.25 111.07
CA MET O 139 53.77 42.53 110.40
C MET O 139 55.10 43.27 110.43
N HIS O 140 55.29 44.15 109.46
CA HIS O 140 56.43 45.06 109.46
C HIS O 140 56.05 46.28 110.30
N ARG O 141 56.75 46.48 111.42
CA ARG O 141 56.39 47.57 112.32
C ARG O 141 56.50 48.93 111.63
N ASP O 142 57.57 49.16 110.89
CA ASP O 142 57.80 50.41 110.18
C ASP O 142 58.37 50.12 108.81
N ILE O 143 57.70 50.59 107.77
CA ILE O 143 58.14 50.42 106.40
C ILE O 143 58.57 51.80 105.88
N LYS O 144 59.82 51.92 105.48
CA LYS O 144 60.38 53.20 105.08
C LYS O 144 61.46 52.95 104.03
N PRO O 145 61.76 53.95 103.20
CA PRO O 145 62.85 53.78 102.23
C PRO O 145 64.19 53.47 102.88
N ALA O 146 64.46 54.08 104.03
CA ALA O 146 65.70 53.83 104.76
C ALA O 146 65.79 52.41 105.29
N ASN O 147 64.66 51.70 105.40
CA ASN O 147 64.65 50.32 105.88
C ASN O 147 64.20 49.34 104.80
N VAL O 148 64.07 49.79 103.55
CA VAL O 148 63.87 48.90 102.41
C VAL O 148 65.18 48.86 101.63
N PHE O 149 65.74 47.67 101.47
CA PHE O 149 67.01 47.47 100.79
C PHE O 149 66.81 46.65 99.53
N ILE O 150 67.65 46.93 98.54
CA ILE O 150 67.68 46.15 97.30
C ILE O 150 69.07 45.55 97.13
N THR O 151 69.27 44.80 96.06
CA THR O 151 70.55 44.17 95.77
C THR O 151 70.92 44.43 94.30
N ALA O 152 72.14 44.05 93.94
CA ALA O 152 72.60 44.23 92.57
C ALA O 152 71.75 43.43 91.60
N THR O 153 71.32 42.22 91.99
CA THR O 153 70.52 41.38 91.12
C THR O 153 69.13 41.95 90.85
N GLY O 154 68.70 42.96 91.59
CA GLY O 154 67.39 43.55 91.41
C GLY O 154 66.36 43.11 92.43
N VAL O 155 66.75 42.32 93.43
CA VAL O 155 65.82 41.87 94.46
C VAL O 155 65.69 42.93 95.53
N VAL O 156 64.51 43.03 96.12
CA VAL O 156 64.21 44.02 97.15
C VAL O 156 64.09 43.28 98.48
N LYS O 157 64.94 43.62 99.43
CA LYS O 157 64.96 43.00 100.75
C LYS O 157 64.36 43.96 101.78
N LEU O 158 63.38 43.48 102.52
CA LEU O 158 62.73 44.28 103.55
C LEU O 158 63.61 44.33 104.79
N GLY O 159 63.85 45.53 105.31
CA GLY O 159 64.76 45.71 106.42
C GLY O 159 64.16 45.31 107.75
N ASP O 160 64.99 45.44 108.79
CA ASP O 160 64.58 45.05 110.12
C ASP O 160 63.49 45.97 110.64
N LEU O 161 62.43 45.39 111.17
CA LEU O 161 61.33 46.18 111.72
C LEU O 161 61.74 46.84 113.02
N GLY O 162 61.39 48.12 113.16
CA GLY O 162 61.72 48.87 114.36
C GLY O 162 60.89 48.46 115.56
N THR O 180 58.91 59.85 116.98
CA THR O 180 57.90 59.80 115.93
C THR O 180 58.41 58.96 114.76
N PRO O 181 57.58 58.07 114.23
CA PRO O 181 58.01 57.22 113.11
C PRO O 181 58.02 58.00 111.80
N TYR O 182 58.60 57.35 110.78
CA TYR O 182 58.65 57.96 109.45
C TYR O 182 57.24 58.18 108.91
N TYR O 183 56.35 57.21 109.10
CA TYR O 183 54.98 57.28 108.63
C TYR O 183 54.04 57.12 109.82
N MET O 184 53.16 58.10 110.02
CA MET O 184 52.19 58.06 111.10
C MET O 184 50.91 57.42 110.58
N SER O 185 50.57 56.25 111.13
CA SER O 185 49.38 55.55 110.67
C SER O 185 48.12 56.30 111.10
N PRO O 186 47.04 56.21 110.31
CA PRO O 186 45.77 56.77 110.77
C PRO O 186 45.29 56.14 112.06
N GLU O 187 45.60 54.85 112.30
CA GLU O 187 45.31 54.23 113.57
C GLU O 187 46.26 54.68 114.67
N ARG O 188 47.50 55.02 114.32
CA ARG O 188 48.40 55.65 115.29
C ARG O 188 47.83 56.99 115.75
N ILE O 189 47.46 57.84 114.81
CA ILE O 189 46.70 59.04 115.14
C ILE O 189 45.35 58.60 115.70
N HIS O 190 44.89 59.30 116.74
CA HIS O 190 43.76 58.81 117.53
C HIS O 190 44.06 57.39 117.98
N GLU O 191 45.17 57.24 118.70
CA GLU O 191 45.78 55.93 118.91
C GLU O 191 44.79 54.91 119.42
N ASN O 192 44.64 53.82 118.67
CA ASN O 192 43.84 52.67 119.10
C ASN O 192 44.54 51.34 118.85
N GLY O 193 45.62 51.30 118.10
CA GLY O 193 46.30 50.06 117.79
C GLY O 193 47.02 50.16 116.45
N TYR O 194 47.54 49.02 116.03
CA TYR O 194 48.27 48.90 114.76
C TYR O 194 47.70 47.72 113.99
N ASN O 195 46.86 48.00 113.01
CA ASN O 195 46.14 46.98 112.27
C ASN O 195 46.92 46.56 111.03
N PHE O 196 46.46 45.48 110.40
CA PHE O 196 47.05 45.05 109.14
C PHE O 196 47.00 46.15 108.08
N LYS O 197 46.02 47.05 108.17
CA LYS O 197 45.90 48.14 107.21
C LYS O 197 46.88 49.27 107.49
N SER O 198 47.47 49.33 108.68
CA SER O 198 48.55 50.27 108.92
C SER O 198 49.75 49.95 108.04
N ASP O 199 50.04 48.66 107.86
CA ASP O 199 51.10 48.26 106.93
C ASP O 199 50.75 48.68 105.51
N ILE O 200 49.47 48.56 105.12
CA ILE O 200 49.05 48.99 103.80
C ILE O 200 49.26 50.50 103.64
N TRP O 201 48.91 51.27 104.66
CA TRP O 201 49.13 52.71 104.61
C TRP O 201 50.61 53.04 104.47
N SER O 202 51.45 52.36 105.26
CA SER O 202 52.88 52.61 105.18
C SER O 202 53.42 52.24 103.80
N LEU O 203 52.92 51.14 103.23
CA LEU O 203 53.37 50.74 101.90
C LEU O 203 52.92 51.73 100.84
N GLY O 204 51.70 52.26 100.95
CA GLY O 204 51.27 53.28 100.01
C GLY O 204 52.08 54.56 100.12
N CYS O 205 52.39 54.96 101.36
CA CYS O 205 53.25 56.12 101.54
C CYS O 205 54.64 55.86 100.99
N LEU O 206 55.13 54.62 101.10
CA LEU O 206 56.41 54.27 100.51
C LEU O 206 56.35 54.35 98.98
N LEU O 207 55.23 53.90 98.40
CA LEU O 207 55.06 54.04 96.96
C LEU O 207 55.10 55.51 96.56
N TYR O 208 54.41 56.36 97.32
CA TYR O 208 54.44 57.79 97.02
C TYR O 208 55.85 58.35 97.15
N GLU O 209 56.58 57.92 98.17
CA GLU O 209 57.95 58.40 98.36
C GLU O 209 58.84 57.97 97.21
N MET O 210 58.73 56.72 96.77
CA MET O 210 59.49 56.28 95.61
C MET O 210 59.10 57.08 94.38
N ALA O 211 57.80 57.34 94.22
CA ALA O 211 57.31 58.02 93.02
C ALA O 211 57.82 59.45 92.93
N ALA O 212 57.69 60.21 94.02
CA ALA O 212 57.97 61.65 94.03
C ALA O 212 59.33 61.98 94.65
N LEU O 213 60.14 60.98 94.99
CA LEU O 213 61.38 61.17 95.73
C LEU O 213 61.16 61.73 97.12
N GLN O 214 59.90 61.86 97.56
CA GLN O 214 59.59 62.51 98.82
C GLN O 214 58.27 61.97 99.36
N SER O 215 58.15 62.00 100.69
CA SER O 215 56.97 61.47 101.35
C SER O 215 55.75 62.35 101.06
N PRO O 216 54.54 61.79 101.17
CA PRO O 216 53.33 62.56 100.87
C PRO O 216 52.93 63.58 101.92
N PHE O 217 53.77 63.83 102.93
CA PHE O 217 53.44 64.78 103.99
C PHE O 217 54.62 65.71 104.27
N TYR O 218 55.19 66.26 103.19
CA TYR O 218 56.23 67.27 103.28
C TYR O 218 55.62 68.65 103.13
N GLY O 219 56.20 69.63 103.82
CA GLY O 219 55.72 71.00 103.73
C GLY O 219 56.53 71.90 104.63
N ASP O 220 56.33 73.21 104.43
CA ASP O 220 57.02 74.19 105.24
C ASP O 220 56.56 74.13 106.70
N LYS O 221 55.26 73.93 106.91
CA LYS O 221 54.73 73.83 108.27
C LYS O 221 55.11 72.49 108.88
N MET O 222 56.21 72.46 109.63
CA MET O 222 56.72 71.24 110.23
C MET O 222 56.18 70.99 111.62
N ASN O 223 55.01 71.53 111.96
CA ASN O 223 54.46 71.35 113.28
C ASN O 223 53.58 70.10 113.35
N LEU O 224 53.61 69.47 114.52
CA LEU O 224 52.96 68.17 114.69
C LEU O 224 51.47 68.25 114.42
N TYR O 225 50.82 69.30 114.93
CA TYR O 225 49.38 69.43 114.72
C TYR O 225 49.06 69.61 113.25
N SER O 226 49.83 70.44 112.54
CA SER O 226 49.58 70.66 111.12
C SER O 226 49.72 69.35 110.35
N LEU O 227 50.79 68.61 110.58
CA LEU O 227 50.97 67.36 109.84
C LEU O 227 49.95 66.31 110.23
N CYS O 228 49.54 66.28 111.50
CA CYS O 228 48.51 65.33 111.94
C CYS O 228 47.18 65.62 111.25
N LYS O 229 46.80 66.90 111.17
CA LYS O 229 45.56 67.23 110.46
C LYS O 229 45.70 67.00 108.97
N LYS O 230 46.91 67.16 108.42
CA LYS O 230 47.13 66.81 107.02
C LYS O 230 46.87 65.33 106.79
N ILE O 231 47.38 64.47 107.68
CA ILE O 231 47.11 63.05 107.58
C ILE O 231 45.63 62.77 107.72
N GLU O 232 44.97 63.42 108.67
CA GLU O 232 43.55 63.19 108.90
C GLU O 232 42.73 63.55 107.67
N GLN O 233 43.01 64.70 107.05
CA GLN O 233 42.28 65.13 105.87
C GLN O 233 42.69 64.37 104.61
N CYS O 234 43.86 63.71 104.63
CA CYS O 234 44.33 62.91 103.51
C CYS O 234 44.43 63.76 102.25
N ASP O 235 45.13 64.89 102.38
CA ASP O 235 45.35 65.82 101.28
C ASP O 235 46.83 65.84 100.95
N TYR O 236 47.18 65.45 99.73
CA TYR O 236 48.56 65.42 99.27
C TYR O 236 48.58 65.87 97.81
N PRO O 237 49.71 66.44 97.35
CA PRO O 237 49.85 66.74 95.93
C PRO O 237 49.89 65.51 95.02
N PRO O 238 48.80 65.23 94.30
CA PRO O 238 48.80 64.05 93.44
C PRO O 238 50.08 63.86 92.62
N LEU O 239 50.48 62.60 92.46
CA LEU O 239 51.70 62.30 91.74
C LEU O 239 51.56 62.76 90.29
N PRO O 240 52.67 63.08 89.63
CA PRO O 240 52.59 63.61 88.26
C PRO O 240 51.83 62.66 87.34
N SER O 241 50.66 63.10 86.89
CA SER O 241 49.84 62.26 86.02
C SER O 241 50.53 62.00 84.69
N ASP O 242 51.17 63.02 84.12
CA ASP O 242 51.85 62.88 82.83
C ASP O 242 53.23 62.26 82.95
N HIS O 243 53.53 61.62 84.09
CA HIS O 243 54.69 60.73 84.14
C HIS O 243 54.44 59.45 84.91
N TYR O 244 53.44 59.39 85.79
CA TYR O 244 53.05 58.17 86.48
C TYR O 244 51.65 57.75 86.04
N SER O 245 51.37 56.46 86.23
CA SER O 245 50.17 55.86 85.67
C SER O 245 48.94 56.16 86.52
N GLU O 246 47.78 56.13 85.86
CA GLU O 246 46.52 56.39 86.55
C GLU O 246 46.21 55.30 87.57
N GLU O 247 46.38 54.03 87.17
CA GLU O 247 46.07 52.95 88.10
C GLU O 247 46.99 52.98 89.30
N LEU O 248 48.26 53.33 89.10
CA LEU O 248 49.18 53.43 90.23
C LEU O 248 48.84 54.63 91.12
N ARG O 249 48.51 55.77 90.51
CA ARG O 249 48.15 56.95 91.28
C ARG O 249 46.88 56.72 92.09
N GLN O 250 45.99 55.86 91.61
CA GLN O 250 44.78 55.53 92.36
C GLN O 250 45.02 54.42 93.38
N LEU O 251 45.93 53.49 93.09
CA LEU O 251 46.28 52.46 94.06
C LEU O 251 46.93 53.09 95.29
N VAL O 252 47.82 54.06 95.08
CA VAL O 252 48.42 54.76 96.22
C VAL O 252 47.34 55.49 97.01
N ASN O 253 46.36 56.08 96.31
CA ASN O 253 45.28 56.77 97.00
C ASN O 253 44.47 55.81 97.86
N MET O 254 44.14 54.63 97.31
CA MET O 254 43.40 53.65 98.09
C MET O 254 44.21 53.18 99.30
N CYS O 255 45.50 52.91 99.11
CA CYS O 255 46.34 52.50 100.23
C CYS O 255 46.50 53.61 101.26
N ILE O 256 46.37 54.88 100.84
CA ILE O 256 46.47 56.00 101.75
C ILE O 256 45.06 56.55 102.01
N ASN O 257 44.42 56.07 103.08
CA ASN O 257 43.05 56.44 103.38
C ASN O 257 42.86 56.47 104.89
N PRO O 258 42.12 57.44 105.43
CA PRO O 258 41.85 57.43 106.87
C PRO O 258 41.10 56.19 107.34
N ASP O 259 40.19 55.68 106.51
CA ASP O 259 39.39 54.53 106.92
C ASP O 259 40.25 53.27 106.92
N PRO O 260 40.26 52.48 107.99
CA PRO O 260 41.08 51.26 107.97
C PRO O 260 40.72 50.30 106.84
N GLU O 261 39.44 49.95 106.71
CA GLU O 261 39.02 49.01 105.66
C GLU O 261 39.05 49.64 104.27
N LYS O 262 39.16 50.96 104.16
CA LYS O 262 39.31 51.57 102.85
C LYS O 262 40.58 51.11 102.16
N ARG O 263 41.63 50.85 102.92
CA ARG O 263 42.88 50.39 102.33
C ARG O 263 42.71 48.97 101.79
N PRO O 264 43.05 48.71 100.52
CA PRO O 264 42.91 47.35 100.00
C PRO O 264 43.85 46.39 100.71
N ASP O 265 43.42 45.12 100.78
CA ASP O 265 44.14 44.13 101.54
C ASP O 265 45.48 43.81 100.89
N VAL O 266 46.36 43.18 101.67
CA VAL O 266 47.71 42.88 101.18
C VAL O 266 47.65 42.01 99.94
N THR O 267 46.79 40.99 99.95
CA THR O 267 46.65 40.13 98.78
C THR O 267 46.16 40.92 97.57
N TYR O 268 45.23 41.85 97.78
CA TYR O 268 44.72 42.66 96.69
C TYR O 268 45.83 43.50 96.06
N VAL O 269 46.60 44.19 96.91
CA VAL O 269 47.67 45.04 96.39
C VAL O 269 48.74 44.18 95.71
N TYR O 270 49.02 43.00 96.27
CA TYR O 270 49.99 42.11 95.64
C TYR O 270 49.52 41.65 94.28
N ASP O 271 48.24 41.31 94.15
CA ASP O 271 47.71 40.84 92.87
C ASP O 271 47.76 41.95 91.81
N VAL O 272 47.38 43.18 92.19
CA VAL O 272 47.45 44.27 91.22
C VAL O 272 48.90 44.54 90.84
N ALA O 273 49.81 44.51 91.82
CA ALA O 273 51.22 44.71 91.52
C ALA O 273 51.72 43.64 90.55
N LYS O 274 51.31 42.39 90.75
CA LYS O 274 51.73 41.32 89.85
C LYS O 274 51.20 41.55 88.43
N ARG O 275 49.92 41.90 88.32
CA ARG O 275 49.32 42.07 87.00
C ARG O 275 49.91 43.27 86.27
N MET O 276 50.39 44.28 87.01
CA MET O 276 51.12 45.36 86.36
C MET O 276 52.56 44.97 86.01
N HIS O 277 53.23 44.17 86.84
CA HIS O 277 54.59 43.79 86.50
C HIS O 277 54.59 42.89 85.26
N ALA O 278 53.53 42.09 85.09
CA ALA O 278 53.39 41.27 83.90
C ALA O 278 53.29 42.13 82.64
N LYS P 1 23.94 -19.46 157.69
CA LYS P 1 22.86 -20.12 158.40
C LYS P 1 22.29 -21.28 157.60
N ALA P 2 20.99 -21.52 157.75
CA ALA P 2 20.28 -22.61 157.08
C ALA P 2 19.25 -22.01 156.13
N LEU P 3 19.66 -21.79 154.89
CA LEU P 3 18.72 -21.31 153.87
C LEU P 3 17.69 -22.39 153.57
N ARG P 4 16.51 -21.95 153.12
CA ARG P 4 15.45 -22.90 152.81
C ARG P 4 15.94 -23.88 151.75
N PRO P 5 15.54 -25.15 151.82
CA PRO P 5 16.04 -26.14 150.87
C PRO P 5 15.75 -25.72 149.44
N ASP P 6 16.75 -25.88 148.57
CA ASP P 6 16.65 -25.51 147.16
C ASP P 6 16.28 -26.76 146.37
N MET P 7 15.01 -27.15 146.46
CA MET P 7 14.50 -28.32 145.78
C MET P 7 13.66 -27.95 144.57
N GLY P 8 12.63 -27.14 144.74
CA GLY P 8 11.78 -26.70 143.65
C GLY P 8 12.14 -25.33 143.13
N TYR P 9 11.33 -24.86 142.19
CA TYR P 9 11.51 -23.54 141.60
C TYR P 9 10.68 -22.45 142.28
N ASN P 10 9.97 -22.80 143.36
CA ASN P 10 9.11 -21.86 144.09
C ASN P 10 9.59 -21.79 145.52
N THR P 11 10.58 -20.93 145.77
CA THR P 11 11.12 -20.74 147.11
C THR P 11 12.07 -19.53 147.13
N LEU P 12 12.04 -18.77 148.22
CA LEU P 12 12.90 -17.58 148.30
C LEU P 12 14.37 -17.97 148.38
N ALA P 13 14.70 -19.08 149.03
CA ALA P 13 16.10 -19.49 149.14
C ALA P 13 16.73 -19.69 147.77
N ASN P 14 15.90 -20.01 146.78
CA ASN P 14 16.38 -20.18 145.43
C ASN P 14 16.56 -18.84 144.71
N PHE P 15 16.47 -17.72 145.41
CA PHE P 15 16.61 -16.40 144.81
C PHE P 15 17.51 -15.52 145.68
N ARG P 16 18.38 -14.76 145.02
CA ARG P 16 19.29 -13.84 145.68
C ARG P 16 18.97 -12.42 145.22
N ILE P 17 18.46 -11.59 146.12
CA ILE P 17 18.02 -10.24 145.80
C ILE P 17 19.25 -9.37 145.65
N GLU P 18 19.64 -9.08 144.40
CA GLU P 18 20.76 -8.17 144.17
C GLU P 18 20.45 -6.76 144.66
N LYS P 19 19.23 -6.28 144.38
CA LYS P 19 18.82 -4.95 144.80
C LYS P 19 17.31 -4.85 144.60
N LYS P 20 16.75 -3.69 144.96
CA LYS P 20 15.33 -3.42 144.81
C LYS P 20 15.14 -2.54 143.58
N ILE P 21 14.55 -3.11 142.53
CA ILE P 21 14.34 -2.36 141.30
C ILE P 21 13.36 -1.23 141.53
N GLY P 22 12.34 -1.46 142.34
CA GLY P 22 11.35 -0.44 142.65
C GLY P 22 10.50 -0.90 143.80
N ARG P 23 9.64 0.02 144.25
CA ARG P 23 8.74 -0.26 145.37
C ARG P 23 7.43 0.46 145.09
N GLY P 24 6.47 -0.24 144.50
CA GLY P 24 5.15 0.29 144.28
C GLY P 24 4.23 0.09 145.47
N GLN P 25 3.10 0.78 145.45
CA GLN P 25 2.14 0.67 146.55
C GLN P 25 1.58 -0.74 146.65
N PHE P 26 1.47 -1.45 145.53
CA PHE P 26 0.88 -2.78 145.51
C PHE P 26 1.91 -3.90 145.55
N SER P 27 3.11 -3.67 145.02
CA SER P 27 4.13 -4.71 144.93
C SER P 27 5.51 -4.11 145.12
N GLU P 28 6.44 -4.96 145.54
CA GLU P 28 7.85 -4.61 145.63
C GLU P 28 8.65 -5.56 144.75
N VAL P 29 9.46 -5.00 143.85
CA VAL P 29 10.16 -5.77 142.83
C VAL P 29 11.65 -5.73 143.12
N TYR P 30 12.28 -6.89 143.12
CA TYR P 30 13.72 -7.01 143.38
C TYR P 30 14.37 -7.81 142.26
N ARG P 31 15.66 -7.54 142.05
CA ARG P 31 16.44 -8.23 141.02
C ARG P 31 17.00 -9.50 141.62
N ALA P 32 16.23 -10.58 141.52
CA ALA P 32 16.61 -11.85 142.12
C ALA P 32 17.44 -12.68 141.15
N ALA P 33 18.10 -13.71 141.67
CA ALA P 33 18.93 -14.60 140.87
C ALA P 33 18.58 -16.04 141.24
N CYS P 34 18.06 -16.79 140.27
CA CYS P 34 17.66 -18.17 140.51
C CYS P 34 18.89 -19.03 140.79
N LEU P 35 19.07 -19.39 142.06
CA LEU P 35 20.25 -20.19 142.42
C LEU P 35 20.23 -21.55 141.73
N LEU P 36 19.07 -22.20 141.68
CA LEU P 36 18.99 -23.51 141.05
C LEU P 36 19.33 -23.43 139.56
N ASP P 37 18.79 -22.42 138.88
CA ASP P 37 19.04 -22.25 137.45
C ASP P 37 20.26 -21.38 137.19
N GLY P 38 20.26 -20.16 137.71
CA GLY P 38 21.40 -19.27 137.57
C GLY P 38 21.18 -18.15 136.57
N VAL P 39 19.97 -17.58 136.56
CA VAL P 39 19.66 -16.46 135.67
C VAL P 39 19.06 -15.33 136.50
N PRO P 40 19.27 -14.06 136.12
CA PRO P 40 18.67 -12.95 136.87
C PRO P 40 17.24 -12.69 136.43
N VAL P 41 16.30 -12.90 137.36
CA VAL P 41 14.89 -12.66 137.11
C VAL P 41 14.42 -11.54 138.04
N ALA P 42 13.14 -11.18 137.90
CA ALA P 42 12.51 -10.18 138.74
C ALA P 42 11.56 -10.89 139.70
N LEU P 43 11.76 -10.67 140.99
CA LEU P 43 10.91 -11.23 142.04
C LEU P 43 10.02 -10.13 142.58
N LYS P 44 8.72 -10.25 142.33
CA LYS P 44 7.73 -9.29 142.79
C LYS P 44 6.95 -9.89 143.96
N LYS P 45 6.87 -9.15 145.06
CA LYS P 45 6.18 -9.60 146.25
C LYS P 45 5.06 -8.62 146.59
N VAL P 46 3.88 -9.17 146.90
CA VAL P 46 2.73 -8.38 147.31
C VAL P 46 2.22 -8.95 148.63
N GLN P 47 1.90 -8.06 149.57
CA GLN P 47 1.37 -8.47 150.86
C GLN P 47 -0.08 -8.91 150.70
N ILE P 48 -0.29 -10.20 150.44
CA ILE P 48 -1.65 -10.69 150.21
C ILE P 48 -2.49 -10.55 151.47
N PHE P 49 -1.86 -10.65 152.64
CA PHE P 49 -2.62 -10.60 153.90
C PHE P 49 -3.38 -9.30 154.05
N ASP P 50 -2.80 -8.17 153.61
CA ASP P 50 -3.47 -6.89 153.76
C ASP P 50 -4.80 -6.88 153.01
N LEU P 51 -4.75 -6.86 151.69
CA LEU P 51 -5.96 -6.93 150.86
C LEU P 51 -6.29 -8.36 150.48
N MET P 52 -6.39 -9.23 151.47
CA MET P 52 -6.74 -10.64 151.28
C MET P 52 -8.13 -10.88 151.87
N ASP P 53 -9.15 -10.77 151.02
CA ASP P 53 -10.51 -11.08 151.40
C ASP P 53 -10.85 -12.56 151.24
N ALA P 54 -9.93 -13.36 150.73
CA ALA P 54 -10.08 -14.79 150.48
C ALA P 54 -11.01 -15.09 149.32
N LYS P 55 -11.63 -14.07 148.71
CA LYS P 55 -12.46 -14.25 147.52
C LYS P 55 -11.79 -13.76 146.25
N ALA P 56 -10.70 -13.01 146.37
CA ALA P 56 -9.95 -12.49 145.24
C ALA P 56 -8.57 -13.12 145.09
N ARG P 57 -7.88 -13.38 146.19
CA ARG P 57 -6.51 -13.91 146.11
C ARG P 57 -6.49 -15.31 145.51
N ALA P 58 -7.46 -16.16 145.89
CA ALA P 58 -7.50 -17.51 145.35
C ALA P 58 -7.68 -17.49 143.83
N ASP P 59 -8.65 -16.70 143.36
CA ASP P 59 -8.86 -16.59 141.93
C ASP P 59 -7.66 -15.95 141.24
N CYS P 60 -6.99 -15.00 141.90
CA CYS P 60 -5.81 -14.38 141.34
C CYS P 60 -4.71 -15.41 141.11
N ILE P 61 -4.47 -16.27 142.11
CA ILE P 61 -3.47 -17.32 141.95
C ILE P 61 -3.89 -18.30 140.86
N LYS P 62 -5.18 -18.67 140.84
CA LYS P 62 -5.64 -19.63 139.83
C LYS P 62 -5.44 -19.08 138.43
N GLU P 63 -5.74 -17.80 138.22
CA GLU P 63 -5.58 -17.20 136.90
C GLU P 63 -4.12 -16.95 136.55
N ILE P 64 -3.32 -16.48 137.51
CA ILE P 64 -1.90 -16.26 137.25
C ILE P 64 -1.17 -17.57 137.01
N ASP P 65 -1.76 -18.69 137.43
CA ASP P 65 -1.24 -19.98 136.97
C ASP P 65 -1.21 -20.03 135.45
N LEU P 66 -2.13 -19.32 134.80
CA LEU P 66 -2.06 -19.07 133.37
C LEU P 66 -1.37 -17.72 133.15
N LEU P 67 -0.22 -17.75 132.47
CA LEU P 67 0.62 -16.58 132.31
C LEU P 67 2.00 -17.01 131.82
N LYS P 68 2.53 -18.08 132.43
CA LYS P 68 3.73 -18.71 131.88
C LYS P 68 3.43 -19.26 130.50
N GLN P 69 2.24 -19.83 130.31
CA GLN P 69 1.82 -20.28 128.98
C GLN P 69 1.66 -19.11 128.01
N LEU P 70 1.52 -17.88 128.51
CA LEU P 70 1.44 -16.72 127.65
C LEU P 70 2.82 -16.42 127.06
N ASN P 71 3.09 -16.96 125.87
CA ASN P 71 4.40 -16.84 125.22
C ASN P 71 4.26 -15.90 124.03
N HIS P 72 4.68 -14.66 124.21
CA HIS P 72 4.67 -13.66 123.14
C HIS P 72 5.99 -12.90 123.20
N PRO P 73 6.56 -12.52 122.04
CA PRO P 73 7.82 -11.79 122.07
C PRO P 73 7.73 -10.43 122.74
N ASN P 74 6.53 -9.86 122.87
CA ASN P 74 6.34 -8.51 123.37
C ASN P 74 5.68 -8.48 124.75
N VAL P 75 5.65 -9.61 125.45
CA VAL P 75 5.04 -9.71 126.77
C VAL P 75 6.06 -10.28 127.74
N ILE P 76 6.11 -9.72 128.95
CA ILE P 76 7.05 -10.22 129.96
C ILE P 76 6.81 -11.69 130.20
N LYS P 77 7.90 -12.44 130.37
CA LYS P 77 7.80 -13.88 130.60
C LYS P 77 7.49 -14.15 132.06
N TYR P 78 6.44 -14.94 132.30
CA TYR P 78 6.03 -15.32 133.65
C TYR P 78 6.71 -16.63 134.00
N TYR P 79 7.59 -16.60 134.99
CA TYR P 79 8.33 -17.80 135.39
C TYR P 79 7.65 -18.54 136.53
N ALA P 80 7.44 -17.87 137.67
CA ALA P 80 6.90 -18.53 138.85
C ALA P 80 5.83 -17.67 139.49
N SER P 81 4.93 -18.33 140.23
CA SER P 81 3.89 -17.64 140.99
C SER P 81 3.55 -18.52 142.19
N PHE P 82 4.05 -18.14 143.37
CA PHE P 82 3.86 -18.95 144.57
C PHE P 82 3.63 -18.02 145.76
N ILE P 83 3.57 -18.62 146.94
CA ILE P 83 3.35 -17.89 148.20
C ILE P 83 4.47 -18.23 149.16
N GLU P 84 5.11 -17.20 149.72
CA GLU P 84 6.17 -17.40 150.69
C GLU P 84 6.38 -16.09 151.44
N ASP P 85 6.85 -16.21 152.69
CA ASP P 85 7.10 -15.05 153.54
C ASP P 85 5.81 -14.28 153.83
N ASN P 86 4.68 -14.97 153.86
CA ASN P 86 3.38 -14.36 154.12
C ASN P 86 3.01 -13.35 153.03
N GLU P 87 3.57 -13.54 151.83
CA GLU P 87 3.27 -12.67 150.71
C GLU P 87 3.51 -13.44 149.42
N LEU P 88 2.96 -12.93 148.32
CA LEU P 88 3.14 -13.59 147.04
C LEU P 88 4.58 -13.44 146.55
N ASN P 89 4.94 -14.30 145.61
CA ASN P 89 6.27 -14.29 145.00
C ASN P 89 6.10 -14.63 143.53
N ILE P 90 6.37 -13.65 142.66
CA ILE P 90 6.19 -13.79 141.23
C ILE P 90 7.56 -13.63 140.58
N VAL P 91 7.98 -14.65 139.84
CA VAL P 91 9.24 -14.65 139.12
C VAL P 91 8.95 -14.36 137.65
N LEU P 92 9.54 -13.27 137.14
CA LEU P 92 9.31 -12.81 135.78
C LEU P 92 10.65 -12.45 135.14
N GLU P 93 10.60 -12.04 133.87
CA GLU P 93 11.78 -11.55 133.20
C GLU P 93 12.14 -10.15 133.72
N LEU P 94 13.42 -9.82 133.66
CA LEU P 94 13.93 -8.55 134.15
C LEU P 94 14.39 -7.69 133.00
N ALA P 95 13.85 -6.47 132.91
CA ALA P 95 14.25 -5.49 131.89
C ALA P 95 14.45 -4.16 132.63
N ASP P 96 15.66 -3.94 133.12
CA ASP P 96 15.94 -2.74 133.92
C ASP P 96 16.25 -1.54 133.03
N ALA P 97 17.15 -1.71 132.06
CA ALA P 97 17.49 -0.61 131.17
C ALA P 97 16.27 -0.10 130.42
N GLY P 98 15.32 -0.97 130.13
CA GLY P 98 14.12 -0.57 129.42
C GLY P 98 12.94 -0.34 130.34
N ASP P 99 12.61 0.92 130.59
CA ASP P 99 11.49 1.28 131.44
C ASP P 99 10.98 2.64 131.00
N LEU P 100 9.82 2.66 130.34
CA LEU P 100 9.29 3.91 129.82
C LEU P 100 9.16 4.97 130.91
N SER P 101 8.90 4.54 132.16
CA SER P 101 8.78 5.51 133.25
C SER P 101 10.07 6.32 133.41
N ARG P 102 11.22 5.64 133.37
CA ARG P 102 12.50 6.35 133.45
C ARG P 102 12.86 7.01 132.13
N MET P 103 12.49 6.40 131.00
CA MET P 103 12.80 7.00 129.71
C MET P 103 12.14 8.36 129.54
N ILE P 104 10.87 8.48 129.96
CA ILE P 104 10.16 9.75 129.83
C ILE P 104 10.84 10.81 130.69
N LYS P 105 11.21 10.46 131.92
CA LYS P 105 11.90 11.42 132.78
C LYS P 105 13.23 11.85 132.19
N HIS P 106 13.99 10.89 131.65
CA HIS P 106 15.27 11.23 131.03
C HIS P 106 15.09 12.15 129.84
N PHE P 107 14.10 11.86 128.99
CA PHE P 107 13.89 12.69 127.81
C PHE P 107 13.38 14.07 128.18
N LYS P 108 12.57 14.19 129.23
CA LYS P 108 12.11 15.50 129.67
C LYS P 108 13.25 16.43 130.03
N LYS P 109 14.41 15.88 130.38
CA LYS P 109 15.57 16.72 130.65
C LYS P 109 15.96 17.53 129.42
N GLN P 110 15.96 16.88 128.25
CA GLN P 110 16.24 17.57 127.01
C GLN P 110 14.98 18.22 126.46
N LYS P 111 15.14 19.40 125.86
CA LYS P 111 13.99 20.11 125.30
C LYS P 111 13.34 19.29 124.18
N ARG P 112 14.15 18.70 123.30
CA ARG P 112 13.61 17.87 122.24
C ARG P 112 12.97 16.62 122.82
N LEU P 113 11.85 16.20 122.23
CA LEU P 113 11.06 15.08 122.72
C LEU P 113 11.17 13.91 121.73
N ILE P 114 10.49 12.82 122.06
CA ILE P 114 10.70 11.54 121.39
C ILE P 114 10.24 11.62 119.93
N PRO P 115 10.74 10.76 119.06
CA PRO P 115 10.36 10.82 117.65
C PRO P 115 9.17 9.93 117.30
N GLU P 116 8.42 10.40 116.30
CA GLU P 116 7.26 9.65 115.82
C GLU P 116 7.67 8.26 115.35
N ARG P 117 8.83 8.15 114.70
CA ARG P 117 9.27 6.85 114.20
C ARG P 117 9.46 5.86 115.35
N THR P 118 10.15 6.28 116.41
CA THR P 118 10.40 5.38 117.53
C THR P 118 9.09 5.03 118.25
N VAL P 119 8.21 6.01 118.45
CA VAL P 119 6.96 5.71 119.13
C VAL P 119 6.13 4.72 118.30
N TRP P 120 6.12 4.89 116.98
CA TRP P 120 5.40 3.93 116.13
C TRP P 120 6.03 2.55 116.20
N LYS P 121 7.37 2.48 116.20
CA LYS P 121 8.05 1.19 116.25
C LYS P 121 7.73 0.45 117.54
N TYR P 122 7.60 1.19 118.65
CA TYR P 122 7.23 0.55 119.91
C TYR P 122 5.73 0.23 119.95
N PHE P 123 4.91 1.10 119.37
CA PHE P 123 3.47 0.96 119.47
C PHE P 123 2.97 -0.21 118.64
N VAL P 124 3.62 -0.51 117.52
CA VAL P 124 3.22 -1.69 116.74
C VAL P 124 3.38 -2.95 117.58
N GLN P 125 4.50 -3.07 118.28
CA GLN P 125 4.71 -4.23 119.15
C GLN P 125 3.70 -4.25 120.29
N LEU P 126 3.43 -3.09 120.88
CA LEU P 126 2.43 -3.03 121.94
C LEU P 126 1.07 -3.51 121.46
N CYS P 127 0.65 -3.05 120.27
CA CYS P 127 -0.60 -3.49 119.70
C CYS P 127 -0.60 -4.98 119.40
N SER P 128 0.52 -5.49 118.90
CA SER P 128 0.61 -6.93 118.64
C SER P 128 0.39 -7.72 119.91
N ALA P 129 1.05 -7.32 121.00
CA ALA P 129 0.88 -8.02 122.27
C ALA P 129 -0.55 -7.93 122.77
N LEU P 130 -1.14 -6.73 122.70
CA LEU P 130 -2.51 -6.55 123.19
C LEU P 130 -3.48 -7.41 122.40
N GLU P 131 -3.35 -7.43 121.07
CA GLU P 131 -4.23 -8.24 120.25
C GLU P 131 -4.03 -9.72 120.53
N HIS P 132 -2.77 -10.15 120.68
CA HIS P 132 -2.49 -11.56 120.91
C HIS P 132 -3.14 -12.03 122.21
N MET P 133 -3.04 -11.22 123.28
CA MET P 133 -3.64 -11.64 124.54
C MET P 133 -5.16 -11.48 124.55
N HIS P 134 -5.68 -10.47 123.85
CA HIS P 134 -7.13 -10.27 123.81
C HIS P 134 -7.81 -11.38 123.03
N SER P 135 -7.20 -11.83 121.94
CA SER P 135 -7.78 -12.91 121.15
C SER P 135 -7.96 -14.18 121.99
N ARG P 136 -7.21 -14.32 123.08
CA ARG P 136 -7.40 -15.40 124.04
C ARG P 136 -8.23 -14.98 125.23
N ARG P 137 -8.92 -13.84 125.15
CA ARG P 137 -9.81 -13.31 126.18
C ARG P 137 -9.07 -12.81 127.41
N VAL P 138 -7.75 -12.69 127.35
CA VAL P 138 -6.94 -12.21 128.47
C VAL P 138 -6.60 -10.76 128.23
N MET P 139 -6.65 -9.96 129.30
CA MET P 139 -6.51 -8.52 129.19
C MET P 139 -5.39 -8.04 130.11
N HIS P 140 -4.81 -6.90 129.75
CA HIS P 140 -3.85 -6.23 130.62
C HIS P 140 -4.64 -5.35 131.60
N ARG P 141 -4.55 -5.67 132.89
CA ARG P 141 -5.35 -4.95 133.88
C ARG P 141 -5.00 -3.47 133.90
N ASP P 142 -3.71 -3.14 133.88
CA ASP P 142 -3.24 -1.76 133.91
C ASP P 142 -2.08 -1.61 132.94
N ILE P 143 -2.20 -0.70 131.99
CA ILE P 143 -1.16 -0.41 131.01
C ILE P 143 -0.60 0.97 131.33
N LYS P 144 0.68 1.04 131.62
CA LYS P 144 1.31 2.29 132.04
C LYS P 144 2.75 2.29 131.59
N PRO P 145 3.37 3.47 131.44
CA PRO P 145 4.79 3.50 131.08
C PRO P 145 5.68 2.79 132.10
N ALA P 146 5.34 2.89 133.38
CA ALA P 146 6.11 2.22 134.42
C ALA P 146 6.00 0.70 134.34
N ASN P 147 4.99 0.18 133.65
CA ASN P 147 4.83 -1.26 133.48
C ASN P 147 4.98 -1.71 132.04
N VAL P 148 5.43 -0.83 131.14
CA VAL P 148 5.84 -1.19 129.80
C VAL P 148 7.35 -1.13 129.73
N PHE P 149 7.98 -2.26 129.40
CA PHE P 149 9.43 -2.37 129.35
C PHE P 149 9.89 -2.63 127.93
N ILE P 150 11.09 -2.14 127.61
CA ILE P 150 11.73 -2.41 126.33
C ILE P 150 13.06 -3.10 126.58
N THR P 151 13.78 -3.44 125.51
CA THR P 151 15.08 -4.08 125.60
C THR P 151 16.07 -3.37 124.70
N ALA P 152 17.34 -3.76 124.82
CA ALA P 152 18.38 -3.17 123.99
C ALA P 152 18.12 -3.42 122.51
N THR P 153 17.62 -4.61 122.17
CA THR P 153 17.37 -4.96 120.78
C THR P 153 16.25 -4.14 120.16
N GLY P 154 15.46 -3.41 120.96
CA GLY P 154 14.36 -2.61 120.45
C GLY P 154 12.99 -3.24 120.63
N VAL P 155 12.91 -4.39 121.30
CA VAL P 155 11.63 -5.05 121.54
C VAL P 155 10.96 -4.44 122.76
N VAL P 156 9.63 -4.39 122.74
CA VAL P 156 8.84 -3.82 123.82
C VAL P 156 8.14 -4.96 124.54
N LYS P 157 8.43 -5.12 125.83
CA LYS P 157 7.86 -6.17 126.66
C LYS P 157 6.81 -5.58 127.58
N LEU P 158 5.60 -6.16 127.55
CA LEU P 158 4.53 -5.70 128.40
C LEU P 158 4.71 -6.24 129.81
N GLY P 159 4.62 -5.34 130.80
CA GLY P 159 4.89 -5.71 132.18
C GLY P 159 3.76 -6.49 132.82
N ASP P 160 3.99 -6.86 134.07
CA ASP P 160 3.02 -7.66 134.80
C ASP P 160 1.78 -6.83 135.11
N LEU P 161 0.61 -7.42 134.82
CA LEU P 161 -0.65 -6.73 135.08
C LEU P 161 -0.92 -6.65 136.57
N GLY P 162 -1.36 -5.48 137.02
CA GLY P 162 -1.67 -5.27 138.43
C GLY P 162 -2.94 -5.96 138.86
N THR P 180 -5.91 4.28 143.54
CA THR P 180 -6.30 4.75 142.23
C THR P 180 -5.27 4.35 141.18
N PRO P 181 -5.70 3.83 140.03
CA PRO P 181 -4.75 3.41 139.01
C PRO P 181 -4.17 4.59 138.25
N TYR P 182 -3.14 4.29 137.45
CA TYR P 182 -2.52 5.32 136.64
C TYR P 182 -3.51 5.93 135.65
N TYR P 183 -4.33 5.09 135.03
CA TYR P 183 -5.33 5.53 134.06
C TYR P 183 -6.70 5.08 134.53
N MET P 184 -7.62 6.04 134.67
CA MET P 184 -8.99 5.75 135.10
C MET P 184 -9.84 5.53 133.85
N SER P 185 -10.34 4.31 133.68
CA SER P 185 -11.14 3.99 132.51
C SER P 185 -12.49 4.72 132.58
N PRO P 186 -13.06 5.08 131.42
CA PRO P 186 -14.43 5.60 131.44
C PRO P 186 -15.43 4.62 132.02
N GLU P 187 -15.20 3.32 131.85
CA GLU P 187 -16.03 2.32 132.50
C GLU P 187 -15.72 2.19 133.98
N ARG P 188 -14.48 2.45 134.40
CA ARG P 188 -14.18 2.55 135.82
C ARG P 188 -14.96 3.69 136.46
N ILE P 189 -14.89 4.88 135.86
CA ILE P 189 -15.77 5.98 136.26
C ILE P 189 -17.20 5.56 135.93
N HIS P 190 -18.13 5.89 136.82
CA HIS P 190 -19.47 5.31 136.77
C HIS P 190 -19.35 3.79 136.71
N GLU P 191 -18.70 3.24 137.73
CA GLU P 191 -18.19 1.87 137.67
C GLU P 191 -19.27 0.89 137.23
N ASN P 192 -18.99 0.18 136.13
CA ASN P 192 -19.83 -0.92 135.67
C ASN P 192 -19.05 -2.15 135.27
N GLY P 193 -17.73 -2.07 135.13
CA GLY P 193 -16.93 -3.20 134.71
C GLY P 193 -15.68 -2.73 134.00
N TYR P 194 -14.96 -3.70 133.44
CA TYR P 194 -13.71 -3.45 132.72
C TYR P 194 -13.81 -4.18 131.38
N ASN P 195 -14.10 -3.43 130.32
CA ASN P 195 -14.33 -3.99 128.99
C ASN P 195 -13.04 -4.05 128.19
N PHE P 196 -13.10 -4.73 127.05
CA PHE P 196 -11.96 -4.76 126.14
C PHE P 196 -11.57 -3.36 125.69
N LYS P 197 -12.52 -2.42 125.69
CA LYS P 197 -12.23 -1.05 125.27
C LYS P 197 -11.54 -0.25 126.38
N SER P 198 -11.59 -0.73 127.63
CA SER P 198 -10.80 -0.10 128.68
C SER P 198 -9.31 -0.24 128.38
N ASP P 199 -8.91 -1.41 127.86
CA ASP P 199 -7.52 -1.59 127.43
C ASP P 199 -7.17 -0.63 126.30
N ILE P 200 -8.11 -0.42 125.37
CA ILE P 200 -7.88 0.53 124.28
C ILE P 200 -7.70 1.93 124.83
N TRP P 201 -8.52 2.31 125.80
CA TRP P 201 -8.37 3.64 126.42
C TRP P 201 -7.02 3.77 127.10
N SER P 202 -6.62 2.75 127.85
CA SER P 202 -5.33 2.79 128.53
C SER P 202 -4.19 2.88 127.52
N LEU P 203 -4.30 2.15 126.40
CA LEU P 203 -3.27 2.20 125.37
C LEU P 203 -3.21 3.57 124.70
N GLY P 204 -4.36 4.18 124.46
CA GLY P 204 -4.37 5.53 123.91
C GLY P 204 -3.75 6.55 124.86
N CYS P 205 -4.08 6.42 126.14
CA CYS P 205 -3.46 7.30 127.14
C CYS P 205 -1.95 7.06 127.21
N LEU P 206 -1.52 5.81 127.05
CA LEU P 206 -0.10 5.52 127.00
C LEU P 206 0.55 6.14 125.78
N LEU P 207 -0.13 6.10 124.63
CA LEU P 207 0.39 6.79 123.45
C LEU P 207 0.54 8.29 123.73
N TYR P 208 -0.46 8.89 124.35
CA TYR P 208 -0.38 10.31 124.68
C TYR P 208 0.78 10.58 125.64
N GLU P 209 0.98 9.70 126.62
CA GLU P 209 2.07 9.87 127.58
C GLU P 209 3.41 9.77 126.88
N MET P 210 3.58 8.79 125.99
CA MET P 210 4.82 8.70 125.22
C MET P 210 5.01 9.94 124.37
N ALA P 211 3.93 10.45 123.77
CA ALA P 211 4.03 11.56 122.85
C ALA P 211 4.44 12.85 123.57
N ALA P 212 3.79 13.16 124.68
CA ALA P 212 3.97 14.43 125.36
C ALA P 212 4.85 14.33 126.61
N LEU P 213 5.45 13.16 126.86
CA LEU P 213 6.20 12.89 128.08
C LEU P 213 5.32 12.93 129.32
N GLN P 214 4.00 13.06 129.16
CA GLN P 214 3.10 13.25 130.29
C GLN P 214 1.71 12.75 129.93
N SER P 215 0.98 12.30 130.94
CA SER P 215 -0.35 11.76 130.74
C SER P 215 -1.33 12.84 130.30
N PRO P 216 -2.41 12.46 129.63
CA PRO P 216 -3.39 13.45 129.13
C PRO P 216 -4.28 14.07 130.20
N PHE P 217 -4.03 13.82 131.49
CA PHE P 217 -4.85 14.35 132.57
C PHE P 217 -3.99 14.92 133.67
N TYR P 218 -3.01 15.74 133.28
CA TYR P 218 -2.18 16.49 134.22
C TYR P 218 -2.72 17.90 134.35
N GLY P 219 -2.58 18.46 135.55
CA GLY P 219 -3.03 19.83 135.80
C GLY P 219 -2.78 20.20 137.23
N ASP P 220 -2.91 21.52 137.49
CA ASP P 220 -2.74 22.02 138.85
C ASP P 220 -3.83 21.50 139.77
N LYS P 221 -5.07 21.43 139.29
CA LYS P 221 -6.17 20.91 140.10
C LYS P 221 -6.05 19.41 140.24
N MET P 222 -5.43 18.95 141.33
CA MET P 222 -5.20 17.54 141.56
C MET P 222 -6.33 16.87 142.35
N ASN P 223 -7.54 17.43 142.29
CA ASN P 223 -8.65 16.85 143.05
C ASN P 223 -9.38 15.80 142.22
N LEU P 224 -9.88 14.78 142.92
CA LEU P 224 -10.47 13.62 142.27
C LEU P 224 -11.67 14.01 141.41
N TYR P 225 -12.53 14.88 141.94
CA TYR P 225 -13.71 15.30 141.17
C TYR P 225 -13.30 16.04 139.90
N SER P 226 -12.33 16.95 140.02
CA SER P 226 -11.89 17.69 138.85
C SER P 226 -11.34 16.77 137.78
N LEU P 227 -10.47 15.84 138.16
CA LEU P 227 -9.91 14.94 137.15
C LEU P 227 -10.95 13.98 136.60
N CYS P 228 -11.91 13.54 137.43
CA CYS P 228 -12.96 12.67 136.95
C CYS P 228 -13.83 13.37 135.92
N LYS P 229 -14.19 14.64 136.17
CA LYS P 229 -14.96 15.38 135.18
C LYS P 229 -14.12 15.68 133.95
N LYS P 230 -12.81 15.86 134.11
CA LYS P 230 -11.94 16.02 132.96
C LYS P 230 -11.99 14.77 132.07
N ILE P 231 -11.92 13.59 132.68
CA ILE P 231 -12.03 12.35 131.92
C ILE P 231 -13.40 12.26 131.26
N GLU P 232 -14.46 12.61 131.99
CA GLU P 232 -15.81 12.51 131.44
C GLU P 232 -15.98 13.42 130.22
N GLN P 233 -15.48 14.65 130.31
CA GLN P 233 -15.59 15.59 129.18
C GLN P 233 -14.61 15.28 128.07
N CYS P 234 -13.56 14.51 128.35
CA CYS P 234 -12.57 14.11 127.34
C CYS P 234 -11.93 15.35 126.71
N ASP P 235 -11.44 16.23 127.57
CA ASP P 235 -10.76 17.46 127.15
C ASP P 235 -9.30 17.38 127.56
N TYR P 236 -8.41 17.42 126.58
CA TYR P 236 -6.98 17.37 126.82
C TYR P 236 -6.28 18.31 125.83
N PRO P 237 -5.11 18.83 126.20
CA PRO P 237 -4.33 19.61 125.23
C PRO P 237 -3.84 18.79 124.05
N PRO P 238 -4.41 18.98 122.85
CA PRO P 238 -3.95 18.18 121.71
C PRO P 238 -2.44 18.13 121.55
N LEU P 239 -1.95 16.97 121.11
CA LEU P 239 -0.52 16.78 120.96
C LEU P 239 0.02 17.76 119.91
N PRO P 240 1.30 18.13 120.01
CA PRO P 240 1.84 19.13 119.08
C PRO P 240 1.64 18.69 117.63
N SER P 241 0.81 19.44 116.91
CA SER P 241 0.53 19.10 115.52
C SER P 241 1.78 19.24 114.66
N ASP P 242 2.57 20.30 114.88
CA ASP P 242 3.77 20.55 114.10
C ASP P 242 4.97 19.73 114.58
N HIS P 243 4.72 18.68 115.37
CA HIS P 243 5.77 17.68 115.59
C HIS P 243 5.24 16.25 115.59
N TYR P 244 3.95 16.02 115.83
CA TYR P 244 3.34 14.71 115.73
C TYR P 244 2.33 14.69 114.59
N SER P 245 2.06 13.47 114.11
CA SER P 245 1.29 13.29 112.89
C SER P 245 -0.21 13.44 113.14
N GLU P 246 -0.92 13.82 112.07
CA GLU P 246 -2.37 13.99 112.16
C GLU P 246 -3.07 12.66 112.42
N GLU P 247 -2.67 11.61 111.68
CA GLU P 247 -3.33 10.32 111.86
C GLU P 247 -3.08 9.77 113.25
N LEU P 248 -1.89 9.99 113.80
CA LEU P 248 -1.60 9.54 115.17
C LEU P 248 -2.39 10.37 116.19
N ARG P 249 -2.44 11.68 115.99
CA ARG P 249 -3.18 12.54 116.91
C ARG P 249 -4.66 12.22 116.90
N GLN P 250 -5.19 11.73 115.78
CA GLN P 250 -6.59 11.33 115.72
C GLN P 250 -6.79 9.90 116.21
N LEU P 251 -5.81 9.01 116.01
CA LEU P 251 -5.91 7.67 116.56
C LEU P 251 -5.95 7.71 118.09
N VAL P 252 -5.12 8.55 118.70
CA VAL P 252 -5.15 8.69 120.14
C VAL P 252 -6.51 9.22 120.58
N ASN P 253 -7.07 10.17 119.81
CA ASN P 253 -8.38 10.70 120.16
C ASN P 253 -9.45 9.62 120.10
N MET P 254 -9.44 8.79 119.05
CA MET P 254 -10.41 7.70 118.97
C MET P 254 -10.23 6.71 120.11
N CYS P 255 -8.99 6.35 120.44
CA CYS P 255 -8.77 5.45 121.56
C CYS P 255 -9.16 6.07 122.89
N ILE P 256 -9.14 7.39 122.99
CA ILE P 256 -9.53 8.10 124.21
C ILE P 256 -10.91 8.71 123.99
N ASN P 257 -11.96 7.96 124.38
CA ASN P 257 -13.33 8.39 124.15
C ASN P 257 -14.22 7.89 125.28
N PRO P 258 -15.16 8.71 125.77
CA PRO P 258 -16.08 8.20 126.81
C PRO P 258 -16.90 7.01 126.35
N ASP P 259 -17.29 6.97 125.08
CA ASP P 259 -18.14 5.88 124.61
C ASP P 259 -17.31 4.60 124.50
N PRO P 260 -17.78 3.47 125.05
CA PRO P 260 -16.98 2.24 124.93
C PRO P 260 -16.72 1.83 123.49
N GLU P 261 -17.77 1.74 122.67
CA GLU P 261 -17.61 1.32 121.28
C GLU P 261 -16.96 2.38 120.42
N LYS P 262 -16.86 3.62 120.89
CA LYS P 262 -16.16 4.65 120.14
C LYS P 262 -14.68 4.29 119.98
N ARG P 263 -14.10 3.62 120.96
CA ARG P 263 -12.70 3.23 120.88
C ARG P 263 -12.54 2.15 119.81
N PRO P 264 -11.63 2.33 118.85
CA PRO P 264 -11.43 1.29 117.84
C PRO P 264 -10.90 0.01 118.45
N ASP P 265 -11.24 -1.11 117.81
CA ASP P 265 -10.92 -2.41 118.37
C ASP P 265 -9.41 -2.66 118.32
N VAL P 266 -8.98 -3.66 119.10
CA VAL P 266 -7.54 -3.95 119.20
C VAL P 266 -6.97 -4.29 117.83
N THR P 267 -7.69 -5.10 117.05
CA THR P 267 -7.20 -5.45 115.72
C THR P 267 -7.12 -4.21 114.84
N TYR P 268 -8.08 -3.30 114.95
CA TYR P 268 -8.06 -2.08 114.15
C TYR P 268 -6.83 -1.24 114.47
N VAL P 269 -6.58 -1.03 115.77
CA VAL P 269 -5.43 -0.21 116.17
C VAL P 269 -4.13 -0.90 115.76
N TYR P 270 -4.09 -2.23 115.88
CA TYR P 270 -2.89 -2.97 115.47
C TYR P 270 -2.65 -2.82 113.97
N ASP P 271 -3.70 -2.91 113.17
CA ASP P 271 -3.54 -2.79 111.72
C ASP P 271 -3.06 -1.40 111.33
N VAL P 272 -3.63 -0.35 111.93
CA VAL P 272 -3.17 1.00 111.61
C VAL P 272 -1.72 1.18 112.07
N ALA P 273 -1.38 0.66 113.24
CA ALA P 273 0.01 0.75 113.71
C ALA P 273 0.95 0.06 112.74
N LYS P 274 0.55 -1.11 112.23
CA LYS P 274 1.40 -1.83 111.29
C LYS P 274 1.58 -1.03 110.01
N ARG P 275 0.49 -0.48 109.47
CA ARG P 275 0.57 0.25 108.21
C ARG P 275 1.38 1.53 108.35
N MET P 276 1.41 2.11 109.56
CA MET P 276 2.31 3.25 109.78
C MET P 276 3.76 2.81 110.00
N HIS P 277 3.99 1.68 110.65
CA HIS P 277 5.38 1.25 110.83
C HIS P 277 6.00 0.87 109.50
N ALA P 278 5.18 0.36 108.58
CA ALA P 278 5.66 0.06 107.23
C ALA P 278 6.12 1.32 106.50
N LYS Q 1 -49.29 -79.28 131.08
CA LYS Q 1 -50.54 -80.03 130.93
C LYS Q 1 -50.59 -80.73 129.58
N ALA Q 2 -51.80 -80.85 129.03
CA ALA Q 2 -52.04 -81.53 127.76
C ALA Q 2 -52.56 -80.50 126.76
N LEU Q 3 -51.65 -79.89 126.01
CA LEU Q 3 -52.04 -78.97 124.96
C LEU Q 3 -52.75 -79.73 123.84
N ARG Q 4 -53.62 -79.02 123.12
CA ARG Q 4 -54.35 -79.65 122.03
C ARG Q 4 -53.37 -80.23 121.02
N PRO Q 5 -53.68 -81.38 120.42
CA PRO Q 5 -52.72 -82.01 119.49
C PRO Q 5 -52.35 -81.06 118.36
N ASP Q 6 -51.06 -81.01 118.05
CA ASP Q 6 -50.53 -80.15 117.00
C ASP Q 6 -50.41 -80.96 115.72
N MET Q 7 -51.55 -81.20 115.08
CA MET Q 7 -51.62 -81.97 113.85
C MET Q 7 -51.82 -81.10 112.63
N GLY Q 8 -52.87 -80.27 112.63
CA GLY Q 8 -53.15 -79.39 111.53
C GLY Q 8 -52.69 -77.96 111.80
N TYR Q 9 -53.01 -77.08 110.84
CA TYR Q 9 -52.67 -75.67 110.94
C TYR Q 9 -53.78 -74.83 111.54
N ASN Q 10 -54.89 -75.45 111.96
CA ASN Q 10 -56.04 -74.74 112.52
C ASN Q 10 -56.28 -75.26 113.93
N THR Q 11 -55.57 -74.67 114.90
CA THR Q 11 -55.72 -75.05 116.30
C THR Q 11 -54.97 -74.07 117.19
N LEU Q 12 -55.54 -73.75 118.36
CA LEU Q 12 -54.89 -72.80 119.25
C LEU Q 12 -53.60 -73.35 119.84
N ALA Q 13 -53.53 -74.65 120.08
CA ALA Q 13 -52.31 -75.24 120.63
C ALA Q 13 -51.11 -75.00 119.72
N ASN Q 14 -51.38 -74.83 118.44
CA ASN Q 14 -50.31 -74.56 117.50
C ASN Q 14 -49.93 -73.08 117.50
N PHE Q 15 -50.40 -72.29 118.46
CA PHE Q 15 -50.08 -70.88 118.54
C PHE Q 15 -49.75 -70.49 119.97
N ARG Q 16 -48.72 -69.65 120.12
CA ARG Q 16 -48.27 -69.15 121.41
C ARG Q 16 -48.43 -67.63 121.43
N ILE Q 17 -49.36 -67.14 122.25
CA ILE Q 17 -49.69 -65.72 122.30
C ILE Q 17 -48.59 -65.00 123.07
N GLU Q 18 -47.70 -64.33 122.34
CA GLU Q 18 -46.65 -63.55 122.99
C GLU Q 18 -47.25 -62.38 123.77
N LYS Q 19 -48.22 -61.69 123.20
CA LYS Q 19 -48.87 -60.56 123.85
C LYS Q 19 -50.13 -60.21 123.05
N LYS Q 20 -50.86 -59.22 123.53
CA LYS Q 20 -52.07 -58.73 122.89
C LYS Q 20 -51.73 -57.46 122.13
N ILE Q 21 -51.73 -57.53 120.80
CA ILE Q 21 -51.40 -56.36 120.00
C ILE Q 21 -52.45 -55.27 120.17
N GLY Q 22 -53.71 -55.68 120.28
CA GLY Q 22 -54.79 -54.72 120.48
C GLY Q 22 -56.06 -55.46 120.86
N ARG Q 23 -57.08 -54.67 121.19
CA ARG Q 23 -58.38 -55.24 121.58
C ARG Q 23 -59.46 -54.30 121.05
N GLY Q 24 -59.99 -54.63 119.87
CA GLY Q 24 -61.09 -53.88 119.31
C GLY Q 24 -62.44 -54.41 119.78
N GLN Q 25 -63.48 -53.61 119.52
CA GLN Q 25 -64.82 -54.00 119.94
C GLN Q 25 -65.28 -55.28 119.24
N PHE Q 26 -64.81 -55.51 118.02
CA PHE Q 26 -65.24 -56.66 117.22
C PHE Q 26 -64.27 -57.83 117.29
N SER Q 27 -62.98 -57.56 117.49
CA SER Q 27 -61.98 -58.62 117.48
C SER Q 27 -60.87 -58.30 118.48
N GLU Q 28 -60.18 -59.34 118.92
CA GLU Q 28 -58.99 -59.23 119.75
C GLU Q 28 -57.82 -59.88 119.03
N VAL Q 29 -56.73 -59.14 118.87
CA VAL Q 29 -55.59 -59.56 118.07
C VAL Q 29 -54.41 -59.80 119.00
N TYR Q 30 -53.76 -60.96 118.83
CA TYR Q 30 -52.61 -61.33 119.64
C TYR Q 30 -51.46 -61.74 118.72
N ARG Q 31 -50.24 -61.57 119.23
CA ARG Q 31 -49.03 -61.92 118.49
C ARG Q 31 -48.73 -63.39 118.74
N ALA Q 32 -49.30 -64.26 117.91
CA ALA Q 32 -49.15 -65.70 118.08
C ALA Q 32 -47.91 -66.20 117.34
N ALA Q 33 -47.50 -67.42 117.68
CA ALA Q 33 -46.34 -68.05 117.06
C ALA Q 33 -46.73 -69.47 116.65
N CYS Q 34 -46.69 -69.75 115.35
CA CYS Q 34 -47.08 -71.06 114.84
C CYS Q 34 -46.05 -72.10 115.29
N LEU Q 35 -46.44 -72.93 116.27
CA LEU Q 35 -45.52 -73.94 116.79
C LEU Q 35 -45.12 -74.94 115.71
N LEU Q 36 -46.08 -75.38 114.90
CA LEU Q 36 -45.77 -76.35 113.86
C LEU Q 36 -44.81 -75.77 112.83
N ASP Q 37 -45.03 -74.53 112.42
CA ASP Q 37 -44.18 -73.88 111.43
C ASP Q 37 -43.03 -73.13 112.11
N GLY Q 38 -43.35 -72.19 113.00
CA GLY Q 38 -42.33 -71.46 113.72
C GLY Q 38 -42.14 -70.03 113.23
N VAL Q 39 -43.24 -69.35 112.90
CA VAL Q 39 -43.19 -67.96 112.46
C VAL Q 39 -44.17 -67.15 113.30
N PRO Q 40 -43.89 -65.86 113.57
CA PRO Q 40 -44.84 -65.03 114.34
C PRO Q 40 -45.93 -64.46 113.44
N VAL Q 41 -47.17 -64.88 113.69
CA VAL Q 41 -48.32 -64.40 112.95
C VAL Q 41 -49.24 -63.65 113.90
N ALA Q 42 -50.32 -63.12 113.36
CA ALA Q 42 -51.35 -62.42 114.13
C ALA Q 42 -52.57 -63.31 114.23
N LEU Q 43 -53.01 -63.60 115.45
CA LEU Q 43 -54.20 -64.40 115.71
C LEU Q 43 -55.31 -63.47 116.16
N LYS Q 44 -56.34 -63.33 115.32
CA LYS Q 44 -57.49 -62.50 115.62
C LYS Q 44 -58.68 -63.39 115.98
N LYS Q 45 -59.31 -63.09 117.12
CA LYS Q 45 -60.43 -63.85 117.62
C LYS Q 45 -61.65 -62.95 117.75
N VAL Q 46 -62.79 -63.42 117.27
CA VAL Q 46 -64.05 -62.72 117.38
C VAL Q 46 -65.08 -63.65 118.02
N GLN Q 47 -65.84 -63.13 118.98
CA GLN Q 47 -66.89 -63.93 119.62
C GLN Q 47 -68.07 -64.09 118.68
N ILE Q 48 -68.06 -65.16 117.88
CA ILE Q 48 -69.12 -65.37 116.91
C ILE Q 48 -70.45 -65.59 117.61
N PHE Q 49 -70.43 -66.20 118.80
CA PHE Q 49 -71.67 -66.52 119.49
C PHE Q 49 -72.50 -65.27 119.77
N ASP Q 50 -71.85 -64.16 120.10
CA ASP Q 50 -72.60 -62.94 120.40
C ASP Q 50 -73.44 -62.50 119.21
N LEU Q 51 -72.79 -62.00 118.17
CA LEU Q 51 -73.48 -61.61 116.93
C LEU Q 51 -73.50 -62.76 115.93
N MET Q 52 -73.99 -63.92 116.36
CA MET Q 52 -74.12 -65.10 115.52
C MET Q 52 -75.61 -65.36 115.28
N ASP Q 53 -76.12 -64.83 114.18
CA ASP Q 53 -77.50 -65.09 113.75
C ASP Q 53 -77.62 -66.35 112.91
N ALA Q 54 -76.51 -67.03 112.61
CA ALA Q 54 -76.44 -68.24 111.80
C ALA Q 54 -76.72 -67.96 110.33
N LYS Q 55 -77.05 -66.74 109.95
CA LYS Q 55 -77.23 -66.38 108.54
C LYS Q 55 -76.08 -65.54 108.00
N ALA Q 56 -75.22 -65.02 108.87
CA ALA Q 56 -74.07 -64.21 108.48
C ALA Q 56 -72.74 -64.90 108.74
N ARG Q 57 -72.61 -65.64 109.85
CA ARG Q 57 -71.34 -66.26 110.19
C ARG Q 57 -70.95 -67.33 109.18
N ALA Q 58 -71.92 -68.13 108.73
CA ALA Q 58 -71.62 -69.19 107.77
C ALA Q 58 -71.09 -68.59 106.46
N ASP Q 59 -71.79 -67.57 105.94
CA ASP Q 59 -71.32 -66.91 104.74
C ASP Q 59 -69.99 -66.22 104.95
N CYS Q 60 -69.76 -65.68 106.16
CA CYS Q 60 -68.48 -65.04 106.46
C CYS Q 60 -67.34 -66.03 106.38
N ILE Q 61 -67.53 -67.22 106.96
CA ILE Q 61 -66.51 -68.25 106.89
C ILE Q 61 -66.32 -68.71 105.44
N LYS Q 62 -67.42 -68.89 104.71
CA LYS Q 62 -67.31 -69.35 103.33
C LYS Q 62 -66.52 -68.35 102.48
N GLU Q 63 -66.77 -67.06 102.67
CA GLU Q 63 -66.07 -66.04 101.89
C GLU Q 63 -64.63 -65.86 102.36
N ILE Q 64 -64.39 -65.87 103.67
CA ILE Q 64 -63.03 -65.74 104.18
C ILE Q 64 -62.19 -66.95 103.82
N ASP Q 65 -62.82 -68.07 103.46
CA ASP Q 65 -62.08 -69.16 102.84
C ASP Q 65 -61.34 -68.65 101.60
N LEU Q 66 -61.91 -67.65 100.94
CA LEU Q 66 -61.20 -66.91 99.91
C LEU Q 66 -60.58 -65.66 100.54
N LEU Q 67 -59.26 -65.58 100.50
CA LEU Q 67 -58.51 -64.55 101.19
C LEU Q 67 -57.04 -64.94 101.24
N LYS Q 68 -56.77 -66.20 101.58
CA LYS Q 68 -55.43 -66.73 101.42
C LYS Q 68 -55.01 -66.70 99.95
N GLN Q 69 -55.94 -67.00 99.05
CA GLN Q 69 -55.68 -66.88 97.63
C GLN Q 69 -55.44 -65.44 97.21
N LEU Q 70 -55.88 -64.47 98.02
CA LEU Q 70 -55.62 -63.06 97.73
C LEU Q 70 -54.16 -62.75 97.98
N ASN Q 71 -53.34 -62.84 96.94
CA ASN Q 71 -51.90 -62.65 97.03
C ASN Q 71 -51.54 -61.33 96.36
N HIS Q 72 -51.33 -60.30 97.17
CA HIS Q 72 -50.91 -58.99 96.68
C HIS Q 72 -49.82 -58.46 97.60
N PRO Q 73 -48.81 -57.77 97.07
CA PRO Q 73 -47.74 -57.24 97.93
C PRO Q 73 -48.23 -56.23 98.95
N ASN Q 74 -49.39 -55.61 98.73
CA ASN Q 74 -49.87 -54.52 99.57
C ASN Q 74 -51.08 -54.92 100.40
N VAL Q 75 -51.37 -56.21 100.53
CA VAL Q 75 -52.51 -56.71 101.28
C VAL Q 75 -52.00 -57.72 102.31
N ILE Q 76 -52.55 -57.64 103.52
CA ILE Q 76 -52.15 -58.58 104.57
C ILE Q 76 -52.38 -60.00 104.10
N LYS Q 77 -51.45 -60.88 104.43
CA LYS Q 77 -51.53 -62.28 104.04
C LYS Q 77 -52.48 -63.04 104.97
N TYR Q 78 -53.45 -63.72 104.40
CA TYR Q 78 -54.41 -64.52 105.17
C TYR Q 78 -53.88 -65.95 105.25
N TYR Q 79 -53.56 -66.39 106.47
CA TYR Q 79 -53.01 -67.72 106.67
C TYR Q 79 -54.09 -68.74 107.01
N ALA Q 80 -54.84 -68.51 108.08
CA ALA Q 80 -55.80 -69.49 108.56
C ALA Q 80 -57.11 -68.80 108.92
N SER Q 81 -58.20 -69.57 108.87
CA SER Q 81 -59.52 -69.09 109.28
C SER Q 81 -60.32 -70.29 109.77
N PHE Q 82 -60.44 -70.44 111.09
CA PHE Q 82 -61.10 -71.59 111.67
C PHE Q 82 -61.91 -71.15 112.88
N ILE Q 83 -62.48 -72.12 113.59
CA ILE Q 83 -63.30 -71.88 114.77
C ILE Q 83 -62.71 -72.69 115.93
N GLU Q 84 -62.48 -72.02 117.06
CA GLU Q 84 -61.97 -72.67 118.24
C GLU Q 84 -62.20 -71.77 119.44
N ASP Q 85 -62.36 -72.40 120.62
CA ASP Q 85 -62.60 -71.67 121.86
C ASP Q 85 -63.92 -70.90 121.81
N ASN Q 86 -64.89 -71.42 121.07
CA ASN Q 86 -66.20 -70.79 120.93
C ASN Q 86 -66.10 -69.42 120.26
N GLU Q 87 -65.05 -69.22 119.47
CA GLU Q 87 -64.86 -67.97 118.75
C GLU Q 87 -63.99 -68.25 117.52
N LEU Q 88 -64.02 -67.30 116.59
CA LEU Q 88 -63.23 -67.46 115.39
C LEU Q 88 -61.74 -67.32 115.69
N ASN Q 89 -60.92 -67.83 114.76
CA ASN Q 89 -59.47 -67.75 114.86
C ASN Q 89 -58.92 -67.50 113.47
N ILE Q 90 -58.36 -66.32 113.26
CA ILE Q 90 -57.84 -65.89 111.96
C ILE Q 90 -56.35 -65.67 112.10
N VAL Q 91 -55.56 -66.40 111.30
CA VAL Q 91 -54.11 -66.29 111.29
C VAL Q 91 -53.73 -65.44 110.09
N LEU Q 92 -53.04 -64.33 110.34
CA LEU Q 92 -52.65 -63.38 109.31
C LEU Q 92 -51.19 -62.98 109.53
N GLU Q 93 -50.69 -62.14 108.64
CA GLU Q 93 -49.35 -61.57 108.81
C GLU Q 93 -49.38 -60.52 109.92
N LEU Q 94 -48.23 -60.34 110.57
CA LEU Q 94 -48.09 -59.41 111.68
C LEU Q 94 -47.20 -58.25 111.27
N ALA Q 95 -47.72 -57.03 111.42
CA ALA Q 95 -46.97 -55.79 111.15
C ALA Q 95 -47.22 -54.87 112.34
N ASP Q 96 -46.38 -54.98 113.37
CA ASP Q 96 -46.58 -54.20 114.58
C ASP Q 96 -45.97 -52.81 114.46
N ALA Q 97 -44.72 -52.73 114.01
CA ALA Q 97 -44.07 -51.43 113.86
C ALA Q 97 -44.85 -50.53 112.90
N GLY Q 98 -45.51 -51.11 111.91
CA GLY Q 98 -46.27 -50.34 110.95
C GLY Q 98 -47.75 -50.33 111.26
N ASP Q 99 -48.24 -49.21 111.79
CA ASP Q 99 -49.65 -49.05 112.11
C ASP Q 99 -49.99 -47.58 112.04
N LEU Q 100 -50.72 -47.17 111.00
CA LEU Q 100 -51.02 -45.76 110.82
C LEU Q 100 -51.71 -45.17 112.04
N SER Q 101 -52.48 -45.99 112.78
CA SER Q 101 -53.15 -45.48 113.97
C SER Q 101 -52.14 -44.94 114.97
N ARG Q 102 -51.06 -45.70 115.21
CA ARG Q 102 -50.01 -45.23 116.11
C ARG Q 102 -49.13 -44.18 115.46
N MET Q 103 -48.90 -44.28 114.14
CA MET Q 103 -48.07 -43.30 113.46
C MET Q 103 -48.67 -41.90 113.55
N ILE Q 104 -49.99 -41.79 113.37
CA ILE Q 104 -50.64 -40.48 113.43
C ILE Q 104 -50.50 -39.89 114.83
N LYS Q 105 -50.71 -40.72 115.86
CA LYS Q 105 -50.57 -40.23 117.23
C LYS Q 105 -49.14 -39.78 117.51
N HIS Q 106 -48.16 -40.56 117.04
CA HIS Q 106 -46.76 -40.18 117.25
C HIS Q 106 -46.43 -38.87 116.55
N PHE Q 107 -46.91 -38.70 115.31
CA PHE Q 107 -46.61 -37.48 114.57
C PHE Q 107 -47.31 -36.27 115.16
N LYS Q 108 -48.52 -36.46 115.70
CA LYS Q 108 -49.23 -35.35 116.34
C LYS Q 108 -48.43 -34.77 117.49
N LYS Q 109 -47.53 -35.54 118.10
CA LYS Q 109 -46.68 -35.01 119.15
C LYS Q 109 -45.82 -33.86 118.63
N GLN Q 110 -45.25 -34.03 117.45
CA GLN Q 110 -44.47 -32.97 116.82
C GLN Q 110 -45.38 -32.02 116.06
N LYS Q 111 -45.04 -30.73 116.09
CA LYS Q 111 -45.85 -29.74 115.40
C LYS Q 111 -45.86 -30.00 113.89
N ARG Q 112 -44.71 -30.32 113.32
CA ARG Q 112 -44.64 -30.63 111.90
C ARG Q 112 -45.40 -31.92 111.61
N LEU Q 113 -46.08 -31.95 110.47
CA LEU Q 113 -46.93 -33.07 110.09
C LEU Q 113 -46.30 -33.80 108.90
N ILE Q 114 -46.99 -34.85 108.44
CA ILE Q 114 -46.41 -35.82 107.51
C ILE Q 114 -46.15 -35.15 106.15
N PRO Q 115 -45.25 -35.69 105.34
CA PRO Q 115 -44.95 -35.07 104.05
C PRO Q 115 -45.79 -35.62 102.90
N GLU Q 116 -46.03 -34.72 101.93
CA GLU Q 116 -46.77 -35.10 100.73
C GLU Q 116 -46.11 -36.27 100.01
N ARG Q 117 -44.78 -36.27 99.97
CA ARG Q 117 -44.06 -37.35 99.27
C ARG Q 117 -44.37 -38.70 99.91
N THR Q 118 -44.26 -38.78 101.23
CA THR Q 118 -44.51 -40.05 101.91
C THR Q 118 -45.97 -40.49 101.77
N VAL Q 119 -46.90 -39.54 101.91
CA VAL Q 119 -48.31 -39.92 101.78
C VAL Q 119 -48.60 -40.42 100.38
N TRP Q 120 -48.01 -39.79 99.36
CA TRP Q 120 -48.20 -40.27 97.99
C TRP Q 120 -47.58 -41.66 97.81
N LYS Q 121 -46.39 -41.87 98.38
CA LYS Q 121 -45.73 -43.16 98.23
C LYS Q 121 -46.55 -44.28 98.86
N TYR Q 122 -47.22 -43.99 99.98
CA TYR Q 122 -48.08 -45.00 100.59
C TYR Q 122 -49.41 -45.13 99.83
N PHE Q 123 -49.93 -44.02 99.33
CA PHE Q 123 -51.24 -44.01 98.71
C PHE Q 123 -51.23 -44.73 97.36
N VAL Q 124 -50.12 -44.68 96.64
CA VAL Q 124 -50.04 -45.42 95.38
C VAL Q 124 -50.20 -46.91 95.65
N GLN Q 125 -49.52 -47.42 96.68
CA GLN Q 125 -49.67 -48.83 97.03
C GLN Q 125 -51.08 -49.15 97.51
N LEU Q 126 -51.67 -48.25 98.29
CA LEU Q 126 -53.05 -48.47 98.74
C LEU Q 126 -53.99 -48.56 97.54
N CYS Q 127 -53.84 -47.66 96.58
CA CYS Q 127 -54.68 -47.70 95.38
C CYS Q 127 -54.44 -48.97 94.58
N SER Q 128 -53.17 -49.40 94.49
CA SER Q 128 -52.88 -50.64 93.77
C SER Q 128 -53.61 -51.81 94.40
N ALA Q 129 -53.55 -51.91 95.73
CA ALA Q 129 -54.24 -53.00 96.42
C ALA Q 129 -55.75 -52.92 96.21
N LEU Q 130 -56.31 -51.72 96.35
CA LEU Q 130 -57.75 -51.56 96.20
C LEU Q 130 -58.20 -51.97 94.80
N GLU Q 131 -57.47 -51.51 93.78
CA GLU Q 131 -57.82 -51.86 92.40
C GLU Q 131 -57.67 -53.35 92.16
N HIS Q 132 -56.60 -53.95 92.68
CA HIS Q 132 -56.38 -55.37 92.46
C HIS Q 132 -57.51 -56.20 93.05
N MET Q 133 -57.96 -55.86 94.26
CA MET Q 133 -59.05 -56.64 94.86
C MET Q 133 -60.40 -56.30 94.25
N HIS Q 134 -60.61 -55.05 93.84
CA HIS Q 134 -61.89 -54.67 93.23
C HIS Q 134 -62.07 -55.34 91.88
N SER Q 135 -60.99 -55.44 91.09
CA SER Q 135 -61.07 -56.08 89.78
C SER Q 135 -61.54 -57.52 89.90
N ARG Q 136 -61.37 -58.14 91.07
CA ARG Q 136 -61.89 -59.47 91.34
C ARG Q 136 -63.22 -59.42 92.10
N ARG Q 137 -63.86 -58.25 92.16
CA ARG Q 137 -65.16 -58.04 92.79
C ARG Q 137 -65.10 -58.10 94.31
N VAL Q 138 -63.90 -58.13 94.90
CA VAL Q 138 -63.73 -58.20 96.35
C VAL Q 138 -63.41 -56.81 96.86
N MET Q 139 -64.00 -56.45 98.00
CA MET Q 139 -63.94 -55.10 98.53
C MET Q 139 -63.39 -55.13 99.95
N HIS Q 140 -62.78 -54.02 100.35
CA HIS Q 140 -62.38 -53.82 101.75
C HIS Q 140 -63.58 -53.28 102.51
N ARG Q 141 -64.07 -54.06 103.48
CA ARG Q 141 -65.28 -53.66 104.20
C ARG Q 141 -65.07 -52.34 104.93
N ASP Q 142 -63.94 -52.19 105.62
CA ASP Q 142 -63.64 -50.98 106.37
C ASP Q 142 -62.17 -50.63 106.17
N ILE Q 143 -61.91 -49.43 105.69
CA ILE Q 143 -60.55 -48.93 105.47
C ILE Q 143 -60.30 -47.83 106.49
N LYS Q 144 -59.29 -48.03 107.33
CA LYS Q 144 -59.01 -47.12 108.43
C LYS Q 144 -57.52 -47.12 108.71
N PRO Q 145 -56.99 -46.05 109.31
CA PRO Q 145 -55.56 -46.06 109.68
C PRO Q 145 -55.20 -47.19 110.61
N ALA Q 146 -56.09 -47.54 111.54
CA ALA Q 146 -55.84 -48.63 112.48
C ALA Q 146 -55.81 -49.99 111.79
N ASN Q 147 -56.34 -50.09 110.58
CA ASN Q 147 -56.32 -51.34 109.82
C ASN Q 147 -55.49 -51.23 108.55
N VAL Q 148 -54.75 -50.16 108.37
CA VAL Q 148 -53.75 -50.05 107.32
C VAL Q 148 -52.37 -50.16 107.98
N PHE Q 149 -51.59 -51.15 107.55
CA PHE Q 149 -50.27 -51.41 108.12
C PHE Q 149 -49.20 -51.18 107.07
N ILE Q 150 -48.03 -50.76 107.54
CA ILE Q 150 -46.85 -50.62 106.68
C ILE Q 150 -45.74 -51.51 107.22
N THR Q 151 -44.59 -51.52 106.55
CA THR Q 151 -43.45 -52.30 106.96
C THR Q 151 -42.19 -51.43 106.94
N ALA Q 152 -41.10 -52.00 107.44
CA ALA Q 152 -39.84 -51.27 107.47
C ALA Q 152 -39.36 -50.92 106.06
N THR Q 153 -39.58 -51.84 105.11
CA THR Q 153 -39.15 -51.62 103.74
C THR Q 153 -39.91 -50.50 103.04
N GLY Q 154 -41.01 -50.03 103.62
CA GLY Q 154 -41.80 -48.98 103.02
C GLY Q 154 -43.06 -49.46 102.32
N VAL Q 155 -43.37 -50.75 102.39
CA VAL Q 155 -44.57 -51.29 101.76
C VAL Q 155 -45.76 -51.10 102.68
N VAL Q 156 -46.93 -50.88 102.08
CA VAL Q 156 -48.17 -50.65 102.82
C VAL Q 156 -49.05 -51.89 102.66
N LYS Q 157 -49.36 -52.54 103.77
CA LYS Q 157 -50.18 -53.74 103.78
C LYS Q 157 -51.57 -53.41 104.29
N LEU Q 158 -52.58 -53.79 103.51
CA LEU Q 158 -53.98 -53.54 103.89
C LEU Q 158 -54.42 -54.57 104.92
N GLY Q 159 -55.01 -54.11 106.01
CA GLY Q 159 -55.38 -54.97 107.11
C GLY Q 159 -56.62 -55.79 106.83
N ASP Q 160 -56.96 -56.63 107.80
CA ASP Q 160 -58.11 -57.52 107.66
C ASP Q 160 -59.41 -56.71 107.66
N LEU Q 161 -60.27 -57.00 106.69
CA LEU Q 161 -61.55 -56.31 106.60
C LEU Q 161 -62.48 -56.75 107.71
N GLY Q 162 -63.16 -55.78 108.33
CA GLY Q 162 -64.08 -56.05 109.40
C GLY Q 162 -65.37 -56.70 108.92
N THR Q 180 -70.81 -48.60 115.27
CA THR Q 180 -70.59 -47.63 114.20
C THR Q 180 -69.16 -47.75 113.67
N PRO Q 181 -68.99 -47.75 112.36
CA PRO Q 181 -67.65 -47.89 111.78
C PRO Q 181 -66.86 -46.59 111.89
N TYR Q 182 -65.56 -46.70 111.57
CA TYR Q 182 -64.71 -45.53 111.59
C TYR Q 182 -65.17 -44.49 110.57
N TYR Q 183 -65.56 -44.94 109.39
CA TYR Q 183 -66.03 -44.04 108.33
C TYR Q 183 -67.43 -44.47 107.93
N MET Q 184 -68.38 -43.54 107.99
CA MET Q 184 -69.76 -43.79 107.61
C MET Q 184 -69.93 -43.44 106.14
N SER Q 185 -70.22 -44.43 105.32
CA SER Q 185 -70.36 -44.20 103.89
C SER Q 185 -71.64 -43.39 103.61
N PRO Q 186 -71.64 -42.58 102.57
CA PRO Q 186 -72.90 -41.93 102.16
C PRO Q 186 -73.99 -42.93 101.81
N GLU Q 187 -73.62 -44.09 101.27
CA GLU Q 187 -74.59 -45.16 101.05
C GLU Q 187 -74.99 -45.85 102.35
N ARG Q 188 -74.10 -45.90 103.34
CA ARG Q 188 -74.50 -46.39 104.66
C ARG Q 188 -75.55 -45.46 105.27
N ILE Q 189 -75.28 -44.15 105.27
CA ILE Q 189 -76.32 -43.18 105.60
C ILE Q 189 -77.42 -43.27 104.54
N HIS Q 190 -78.67 -43.19 104.98
CA HIS Q 190 -79.79 -43.54 104.11
C HIS Q 190 -79.55 -44.93 103.54
N GLU Q 191 -79.41 -45.90 104.45
CA GLU Q 191 -78.85 -47.20 104.11
C GLU Q 191 -79.54 -47.81 102.90
N ASN Q 192 -78.74 -48.10 101.87
CA ASN Q 192 -79.20 -48.85 100.70
C ASN Q 192 -78.23 -49.93 100.25
N GLY Q 193 -77.02 -49.96 100.76
CA GLY Q 193 -76.04 -50.96 100.35
C GLY Q 193 -74.64 -50.40 100.51
N TYR Q 194 -73.68 -51.19 100.02
CA TYR Q 194 -72.26 -50.84 100.08
C TYR Q 194 -71.68 -51.02 98.68
N ASN Q 195 -71.50 -49.90 97.98
CA ASN Q 195 -71.07 -49.91 96.59
C ASN Q 195 -69.55 -49.82 96.49
N PHE Q 196 -69.03 -50.03 95.28
CA PHE Q 196 -67.60 -49.86 95.04
C PHE Q 196 -67.15 -48.45 95.38
N LYS Q 197 -68.04 -47.46 95.31
CA LYS Q 197 -67.69 -46.08 95.63
C LYS Q 197 -67.64 -45.84 97.13
N SER Q 198 -68.22 -46.72 97.94
CA SER Q 198 -68.04 -46.62 99.38
C SER Q 198 -66.57 -46.83 99.76
N ASP Q 199 -65.90 -47.76 99.08
CA ASP Q 199 -64.46 -47.93 99.28
C ASP Q 199 -63.71 -46.69 98.87
N ILE Q 200 -64.13 -46.04 97.78
CA ILE Q 200 -63.48 -44.79 97.36
C ILE Q 200 -63.66 -43.72 98.43
N TRP Q 201 -64.87 -43.61 98.99
CA TRP Q 201 -65.11 -42.65 100.05
C TRP Q 201 -64.23 -42.94 101.26
N SER Q 202 -64.15 -44.20 101.66
CA SER Q 202 -63.31 -44.56 102.80
C SER Q 202 -61.85 -44.25 102.53
N LEU Q 203 -61.40 -44.49 101.30
CA LEU Q 203 -60.00 -44.20 100.94
C LEU Q 203 -59.73 -42.71 100.95
N GLY Q 204 -60.68 -41.90 100.47
CA GLY Q 204 -60.52 -40.46 100.53
C GLY Q 204 -60.48 -39.94 101.95
N CYS Q 205 -61.35 -40.49 102.81
CA CYS Q 205 -61.32 -40.12 104.22
C CYS Q 205 -60.00 -40.55 104.86
N LEU Q 206 -59.46 -41.69 104.45
CA LEU Q 206 -58.16 -42.13 104.94
C LEU Q 206 -57.06 -41.17 104.48
N LEU Q 207 -57.14 -40.71 103.24
CA LEU Q 207 -56.18 -39.70 102.77
C LEU Q 207 -56.27 -38.45 103.62
N TYR Q 208 -57.49 -38.00 103.91
CA TYR Q 208 -57.66 -36.82 104.76
C TYR Q 208 -57.09 -37.05 106.15
N GLU Q 209 -57.31 -38.25 106.70
CA GLU Q 209 -56.79 -38.57 108.02
C GLU Q 209 -55.27 -38.57 108.03
N MET Q 210 -54.65 -39.17 107.01
CA MET Q 210 -53.20 -39.12 106.91
C MET Q 210 -52.71 -37.69 106.77
N ALA Q 211 -53.43 -36.88 105.98
CA ALA Q 211 -52.99 -35.52 105.72
C ALA Q 211 -53.04 -34.65 106.96
N ALA Q 212 -54.16 -34.68 107.70
CA ALA Q 212 -54.39 -33.79 108.81
C ALA Q 212 -54.17 -34.44 110.17
N LEU Q 213 -53.67 -35.68 110.20
CA LEU Q 213 -53.56 -36.46 111.42
C LEU Q 213 -54.91 -36.78 112.05
N GLN Q 214 -56.01 -36.43 111.39
CA GLN Q 214 -57.33 -36.57 111.97
C GLN Q 214 -58.37 -36.73 110.85
N SER Q 215 -59.46 -37.42 111.18
CA SER Q 215 -60.51 -37.71 110.21
C SER Q 215 -61.24 -36.42 109.83
N PRO Q 216 -61.88 -36.39 108.66
CA PRO Q 216 -62.57 -35.18 108.20
C PRO Q 216 -63.89 -34.89 108.91
N PHE Q 217 -64.24 -35.63 109.96
CA PHE Q 217 -65.50 -35.43 110.67
C PHE Q 217 -65.28 -35.41 112.17
N TYR Q 218 -64.29 -34.62 112.60
CA TYR Q 218 -64.04 -34.38 114.02
C TYR Q 218 -64.67 -33.05 114.42
N GLY Q 219 -65.13 -33.00 115.66
CA GLY Q 219 -65.72 -31.77 116.18
C GLY Q 219 -66.19 -31.97 117.60
N ASP Q 220 -66.52 -30.84 118.24
CA ASP Q 220 -67.02 -30.89 119.61
C ASP Q 220 -68.37 -31.59 119.68
N LYS Q 221 -69.24 -31.32 118.71
CA LYS Q 221 -70.55 -31.96 118.67
C LYS Q 221 -70.42 -33.42 118.27
N MET Q 222 -70.33 -34.30 119.25
CA MET Q 222 -70.15 -35.73 119.01
C MET Q 222 -71.46 -36.49 118.88
N ASN Q 223 -72.55 -35.82 118.52
CA ASN Q 223 -73.83 -36.49 118.41
C ASN Q 223 -74.04 -37.07 117.01
N LEU Q 224 -74.74 -38.20 116.98
CA LEU Q 224 -74.88 -38.97 115.74
C LEU Q 224 -75.57 -38.15 114.66
N TYR Q 225 -76.64 -37.43 115.03
CA TYR Q 225 -77.36 -36.63 114.04
C TYR Q 225 -76.47 -35.53 113.49
N SER Q 226 -75.71 -34.84 114.34
CA SER Q 226 -74.85 -33.78 113.88
C SER Q 226 -73.81 -34.31 112.91
N LEU Q 227 -73.15 -35.41 113.25
CA LEU Q 227 -72.13 -35.94 112.36
C LEU Q 227 -72.73 -36.52 111.07
N CYS Q 228 -73.93 -37.10 111.15
CA CYS Q 228 -74.59 -37.60 109.95
C CYS Q 228 -74.93 -36.46 109.00
N LYS Q 229 -75.45 -35.35 109.52
CA LYS Q 229 -75.74 -34.21 108.66
C LYS Q 229 -74.44 -33.58 108.15
N LYS Q 230 -73.37 -33.64 108.94
CA LYS Q 230 -72.07 -33.18 108.44
C LYS Q 230 -71.63 -33.99 107.23
N ILE Q 231 -71.77 -35.31 107.32
CA ILE Q 231 -71.44 -36.17 106.18
C ILE Q 231 -72.34 -35.84 104.99
N GLU Q 232 -73.65 -35.66 105.25
CA GLU Q 232 -74.57 -35.39 104.17
C GLU Q 232 -74.23 -34.09 103.44
N GLN Q 233 -73.90 -33.03 104.20
CA GLN Q 233 -73.56 -31.75 103.60
C GLN Q 233 -72.14 -31.75 103.02
N CYS Q 234 -71.30 -32.69 103.42
CA CYS Q 234 -69.94 -32.80 102.90
C CYS Q 234 -69.16 -31.51 103.13
N ASP Q 235 -69.18 -31.07 104.39
CA ASP Q 235 -68.47 -29.86 104.81
C ASP Q 235 -67.36 -30.26 105.78
N TYR Q 236 -66.11 -29.98 105.39
CA TYR Q 236 -64.95 -30.29 106.20
C TYR Q 236 -63.95 -29.15 106.07
N PRO Q 237 -63.11 -28.93 107.09
CA PRO Q 237 -62.02 -27.96 106.95
C PRO Q 237 -60.97 -28.32 105.91
N PRO Q 238 -60.97 -27.68 104.75
CA PRO Q 238 -59.98 -28.02 103.73
C PRO Q 238 -58.56 -28.21 104.26
N LEU Q 239 -57.85 -29.18 103.68
CA LEU Q 239 -56.50 -29.46 104.13
C LEU Q 239 -55.61 -28.25 103.89
N PRO Q 240 -54.54 -28.09 104.68
CA PRO Q 240 -53.70 -26.90 104.55
C PRO Q 240 -53.18 -26.75 103.13
N SER Q 241 -53.65 -25.69 102.45
CA SER Q 241 -53.22 -25.47 101.07
C SER Q 241 -51.73 -25.16 100.98
N ASP Q 242 -51.21 -24.37 101.91
CA ASP Q 242 -49.80 -24.00 101.92
C ASP Q 242 -48.91 -25.07 102.52
N HIS Q 243 -49.41 -26.31 102.66
CA HIS Q 243 -48.53 -27.44 102.94
C HIS Q 243 -48.90 -28.69 102.15
N TYR Q 244 -50.14 -28.83 101.68
CA TYR Q 244 -50.55 -29.94 100.83
C TYR Q 244 -50.91 -29.42 99.44
N SER Q 245 -50.86 -30.33 98.47
CA SER Q 245 -50.97 -29.96 97.07
C SER Q 245 -52.42 -29.73 96.67
N GLU Q 246 -52.58 -28.90 95.62
CA GLU Q 246 -53.92 -28.61 95.12
C GLU Q 246 -54.57 -29.85 94.50
N GLU Q 247 -53.81 -30.58 93.68
CA GLU Q 247 -54.39 -31.76 93.05
C GLU Q 247 -54.78 -32.80 94.09
N LEU Q 248 -53.98 -32.95 95.14
CA LEU Q 248 -54.33 -33.90 96.21
C LEU Q 248 -55.54 -33.42 96.99
N ARG Q 249 -55.59 -32.12 97.31
CA ARG Q 249 -56.72 -31.58 98.06
C ARG Q 249 -58.01 -31.70 97.26
N GLN Q 250 -57.93 -31.67 95.93
CA GLN Q 250 -59.12 -31.85 95.10
C GLN Q 250 -59.43 -33.32 94.86
N LEU Q 251 -58.41 -34.19 94.81
CA LEU Q 251 -58.66 -35.62 94.70
C LEU Q 251 -59.40 -36.14 95.93
N VAL Q 252 -58.99 -35.68 97.12
CA VAL Q 252 -59.70 -36.08 98.33
C VAL Q 252 -61.14 -35.57 98.29
N ASN Q 253 -61.35 -34.36 97.77
CA ASN Q 253 -62.71 -33.84 97.66
C ASN Q 253 -63.55 -34.68 96.72
N MET Q 254 -63.00 -35.07 95.57
CA MET Q 254 -63.75 -35.92 94.65
C MET Q 254 -64.07 -37.27 95.28
N CYS Q 255 -63.09 -37.88 95.97
CA CYS Q 255 -63.34 -39.15 96.63
C CYS Q 255 -64.34 -39.02 97.77
N ILE Q 256 -64.46 -37.83 98.36
CA ILE Q 256 -65.41 -37.58 99.43
C ILE Q 256 -66.58 -36.78 98.87
N ASN Q 257 -67.63 -37.47 98.44
CA ASN Q 257 -68.77 -36.83 97.80
C ASN Q 257 -70.04 -37.60 98.14
N PRO Q 258 -71.15 -36.90 98.42
CA PRO Q 258 -72.40 -37.64 98.65
C PRO Q 258 -72.84 -38.48 97.47
N ASP Q 259 -72.62 -38.00 96.25
CA ASP Q 259 -73.06 -38.74 95.07
C ASP Q 259 -72.21 -39.98 94.86
N PRO Q 260 -72.80 -41.16 94.67
CA PRO Q 260 -71.96 -42.35 94.47
C PRO Q 260 -71.05 -42.24 93.27
N GLU Q 261 -71.59 -41.90 92.10
CA GLU Q 261 -70.78 -41.79 90.89
C GLU Q 261 -69.87 -40.57 90.88
N LYS Q 262 -70.09 -39.61 91.79
CA LYS Q 262 -69.18 -38.47 91.87
C LYS Q 262 -67.78 -38.92 92.26
N ARG Q 263 -67.67 -39.97 93.06
CA ARG Q 263 -66.37 -40.47 93.47
C ARG Q 263 -65.65 -41.10 92.27
N PRO Q 264 -64.43 -40.69 91.97
CA PRO Q 264 -63.72 -41.31 90.84
C PRO Q 264 -63.44 -42.78 91.09
N ASP Q 265 -63.39 -43.54 90.00
CA ASP Q 265 -63.27 -44.98 90.09
C ASP Q 265 -61.89 -45.38 90.64
N VAL Q 266 -61.79 -46.63 91.09
CA VAL Q 266 -60.57 -47.11 91.70
C VAL Q 266 -59.40 -47.00 90.72
N THR Q 267 -59.64 -47.38 89.46
CA THR Q 267 -58.57 -47.27 88.47
C THR Q 267 -58.16 -45.81 88.25
N TYR Q 268 -59.14 -44.89 88.26
CA TYR Q 268 -58.82 -43.48 88.09
C TYR Q 268 -57.94 -42.97 89.22
N VAL Q 269 -58.33 -43.27 90.47
CA VAL Q 269 -57.54 -42.80 91.61
C VAL Q 269 -56.17 -43.45 91.60
N TYR Q 270 -56.09 -44.72 91.21
CA TYR Q 270 -54.79 -45.40 91.13
C TYR Q 270 -53.89 -44.75 90.09
N ASP Q 271 -54.46 -44.41 88.92
CA ASP Q 271 -53.66 -43.80 87.87
C ASP Q 271 -53.14 -42.42 88.30
N VAL Q 272 -53.99 -41.61 88.92
CA VAL Q 272 -53.52 -40.30 89.39
C VAL Q 272 -52.46 -40.47 90.47
N ALA Q 273 -52.66 -41.42 91.38
CA ALA Q 273 -51.67 -41.68 92.41
C ALA Q 273 -50.33 -42.08 91.78
N LYS Q 274 -50.37 -42.92 90.75
CA LYS Q 274 -49.14 -43.34 90.09
C LYS Q 274 -48.44 -42.16 89.44
N ARG Q 275 -49.20 -41.32 88.72
CA ARG Q 275 -48.60 -40.20 88.01
C ARG Q 275 -48.03 -39.17 88.98
N MET Q 276 -48.60 -39.07 90.20
CA MET Q 276 -47.98 -38.21 91.21
C MET Q 276 -46.77 -38.88 91.86
N HIS Q 277 -46.78 -40.19 92.07
CA HIS Q 277 -45.61 -40.81 92.67
C HIS Q 277 -44.42 -40.75 91.73
N ALA Q 278 -44.69 -40.78 90.42
CA ALA Q 278 -43.62 -40.64 89.43
C ALA Q 278 -42.98 -39.27 89.52
N LYS R 1 -97.06 -115.87 54.04
CA LYS R 1 -98.04 -116.38 53.07
C LYS R 1 -97.43 -116.51 51.69
N ALA R 2 -98.25 -116.31 50.66
CA ALA R 2 -97.82 -116.44 49.26
C ALA R 2 -97.93 -115.06 48.60
N LEU R 3 -96.83 -114.31 48.63
CA LEU R 3 -96.79 -113.03 47.94
C LEU R 3 -96.85 -113.24 46.44
N ARG R 4 -97.36 -112.24 45.73
CA ARG R 4 -97.47 -112.33 44.29
C ARG R 4 -96.09 -112.59 43.68
N PRO R 5 -95.99 -113.41 42.63
CA PRO R 5 -94.67 -113.73 42.07
C PRO R 5 -93.91 -112.47 41.67
N ASP R 6 -92.63 -112.43 42.02
CA ASP R 6 -91.77 -111.29 41.72
C ASP R 6 -91.01 -111.58 40.43
N MET R 7 -91.72 -111.45 39.31
CA MET R 7 -91.15 -111.71 37.99
C MET R 7 -90.86 -110.42 37.24
N GLY R 8 -91.87 -109.56 37.08
CA GLY R 8 -91.71 -108.30 36.39
C GLY R 8 -91.54 -107.12 37.35
N TYR R 9 -91.47 -105.94 36.77
CA TYR R 9 -91.34 -104.70 37.52
C TYR R 9 -92.67 -104.03 37.82
N ASN R 10 -93.78 -104.66 37.44
CA ASN R 10 -95.12 -104.10 37.65
C ASN R 10 -95.92 -105.09 38.49
N THR R 11 -95.77 -104.97 39.81
CA THR R 11 -96.51 -105.83 40.75
C THR R 11 -96.33 -105.32 42.17
N LEU R 12 -97.39 -105.42 42.98
CA LEU R 12 -97.30 -104.93 44.36
C LEU R 12 -96.36 -105.77 45.20
N ALA R 13 -96.30 -107.08 44.93
CA ALA R 13 -95.42 -107.95 45.71
C ALA R 13 -93.96 -107.51 45.60
N ASN R 14 -93.64 -106.85 44.50
CA ASN R 14 -92.29 -106.34 44.31
C ASN R 14 -92.07 -105.02 45.05
N PHE R 15 -92.99 -104.60 45.90
CA PHE R 15 -92.87 -103.36 46.65
C PHE R 15 -93.25 -103.56 48.11
N ARG R 16 -92.48 -102.95 49.00
CA ARG R 16 -92.71 -103.01 50.44
C ARG R 16 -92.99 -101.60 50.94
N ILE R 17 -94.23 -101.36 51.38
CA ILE R 17 -94.66 -100.04 51.80
C ILE R 17 -94.09 -99.77 53.19
N GLU R 18 -93.03 -98.96 53.26
CA GLU R 18 -92.46 -98.58 54.54
C GLU R 18 -93.45 -97.74 55.35
N LYS R 19 -94.11 -96.80 54.71
CA LYS R 19 -95.09 -95.94 55.37
C LYS R 19 -95.86 -95.19 54.29
N LYS R 20 -96.83 -94.38 54.72
CA LYS R 20 -97.65 -93.57 53.84
C LYS R 20 -97.13 -92.15 53.85
N ILE R 21 -96.52 -91.72 52.75
CA ILE R 21 -95.96 -90.37 52.69
C ILE R 21 -97.08 -89.34 52.76
N GLY R 22 -98.21 -89.62 52.14
CA GLY R 22 -99.34 -88.72 52.17
C GLY R 22 -100.58 -89.41 51.64
N ARG R 23 -101.70 -88.70 51.75
CA ARG R 23 -102.98 -89.24 51.28
C ARG R 23 -103.78 -88.08 50.70
N GLY R 24 -103.70 -87.89 49.38
CA GLY R 24 -104.49 -86.89 48.72
C GLY R 24 -105.85 -87.41 48.30
N GLN R 25 -106.73 -86.49 47.92
CA GLN R 25 -108.08 -86.88 47.52
C GLN R 25 -108.07 -87.74 46.27
N PHE R 26 -107.08 -87.54 45.39
CA PHE R 26 -106.99 -88.27 44.13
C PHE R 26 -106.07 -89.46 44.18
N SER R 27 -105.03 -89.43 45.01
CA SER R 27 -104.03 -90.50 45.06
C SER R 27 -103.54 -90.68 46.49
N GLU R 28 -103.03 -91.87 46.76
CA GLU R 28 -102.36 -92.19 48.01
C GLU R 28 -100.93 -92.64 47.70
N VAL R 29 -99.97 -92.00 48.35
CA VAL R 29 -98.54 -92.20 48.05
C VAL R 29 -97.89 -92.89 49.24
N TYR R 30 -97.14 -93.96 48.96
CA TYR R 30 -96.44 -94.71 49.99
C TYR R 30 -94.99 -94.86 49.60
N ARG R 31 -94.14 -95.01 50.62
CA ARG R 31 -92.69 -95.18 50.42
C ARG R 31 -92.41 -96.66 50.22
N ALA R 32 -92.46 -97.09 48.97
CA ALA R 32 -92.29 -98.49 48.63
C ALA R 32 -90.82 -98.81 48.39
N ALA R 33 -90.49 -100.09 48.40
CA ALA R 33 -89.12 -100.56 48.18
C ALA R 33 -89.17 -101.68 47.14
N CYS R 34 -88.52 -101.46 45.99
CA CYS R 34 -88.52 -102.45 44.92
C CYS R 34 -87.72 -103.67 45.36
N LEU R 35 -88.43 -104.76 45.67
CA LEU R 35 -87.76 -105.98 46.12
C LEU R 35 -86.83 -106.54 45.05
N LEU R 36 -87.29 -106.55 43.79
CA LEU R 36 -86.46 -107.09 42.71
C LEU R 36 -85.19 -106.26 42.54
N ASP R 37 -85.31 -104.94 42.56
CA ASP R 37 -84.16 -104.06 42.40
C ASP R 37 -83.51 -103.73 43.74
N GLY R 38 -84.28 -103.16 44.66
CA GLY R 38 -83.75 -102.85 45.98
C GLY R 38 -83.50 -101.37 46.20
N VAL R 39 -84.38 -100.52 45.70
CA VAL R 39 -84.26 -99.07 45.89
C VAL R 39 -85.59 -98.54 46.44
N PRO R 40 -85.58 -97.48 47.26
CA PRO R 40 -86.82 -96.91 47.76
C PRO R 40 -87.44 -95.94 46.76
N VAL R 41 -88.62 -96.29 46.25
CA VAL R 41 -89.35 -95.46 45.32
C VAL R 41 -90.67 -95.05 45.97
N ALA R 42 -91.44 -94.25 45.24
CA ALA R 42 -92.75 -93.79 45.67
C ALA R 42 -93.81 -94.52 44.86
N LEU R 43 -94.72 -95.20 45.56
CA LEU R 43 -95.82 -95.93 44.94
C LEU R 43 -97.09 -95.12 45.15
N LYS R 44 -97.65 -94.59 44.07
CA LYS R 44 -98.89 -93.82 44.10
C LYS R 44 -100.02 -94.66 43.54
N LYS R 45 -101.11 -94.75 44.29
CA LYS R 45 -102.27 -95.53 43.89
C LYS R 45 -103.50 -94.62 43.82
N VAL R 46 -104.26 -94.77 42.73
CA VAL R 46 -105.49 -94.03 42.51
C VAL R 46 -106.60 -95.04 42.23
N GLN R 47 -107.76 -94.83 42.85
CA GLN R 47 -108.91 -95.71 42.62
C GLN R 47 -109.53 -95.40 41.26
N ILE R 48 -109.06 -96.09 40.22
CA ILE R 48 -109.54 -95.82 38.87
C ILE R 48 -111.02 -96.15 38.76
N PHE R 49 -111.48 -97.15 39.50
CA PHE R 49 -112.87 -97.58 39.39
C PHE R 49 -113.85 -96.46 39.71
N ASP R 50 -113.52 -95.61 40.69
CA ASP R 50 -114.42 -94.53 41.06
C ASP R 50 -114.68 -93.60 39.88
N LEU R 51 -113.67 -92.82 39.51
CA LEU R 51 -113.76 -91.93 38.34
C LEU R 51 -113.22 -92.62 37.09
N MET R 52 -113.76 -93.80 36.79
CA MET R 52 -113.38 -94.55 35.60
C MET R 52 -114.58 -94.58 34.65
N ASP R 53 -114.59 -93.62 33.72
CA ASP R 53 -115.60 -93.57 32.67
C ASP R 53 -115.22 -94.41 31.46
N ALA R 54 -114.04 -95.02 31.46
CA ALA R 54 -113.50 -95.84 30.37
C ALA R 54 -113.11 -95.02 29.15
N LYS R 55 -113.35 -93.71 29.16
CA LYS R 55 -112.90 -92.84 28.08
C LYS R 55 -111.71 -91.97 28.46
N ALA R 56 -111.39 -91.90 29.75
CA ALA R 56 -110.26 -91.12 30.24
C ALA R 56 -109.14 -91.98 30.79
N ARG R 57 -109.45 -93.09 31.48
CA ARG R 57 -108.42 -93.91 32.09
C ARG R 57 -107.52 -94.57 31.03
N ALA R 58 -108.12 -95.05 29.94
CA ALA R 58 -107.32 -95.69 28.89
C ALA R 58 -106.32 -94.70 28.30
N ASP R 59 -106.79 -93.51 27.95
CA ASP R 59 -105.89 -92.49 27.42
C ASP R 59 -104.87 -92.06 28.46
N CYS R 60 -105.25 -92.02 29.74
CA CYS R 60 -104.32 -91.67 30.79
C CYS R 60 -103.18 -92.68 30.86
N ILE R 61 -103.51 -93.97 30.81
CA ILE R 61 -102.47 -94.99 30.81
C ILE R 61 -101.61 -94.89 29.56
N LYS R 62 -102.25 -94.69 28.40
CA LYS R 62 -101.49 -94.60 27.16
C LYS R 62 -100.49 -93.45 27.19
N GLU R 63 -100.91 -92.29 27.71
CA GLU R 63 -100.02 -91.14 27.79
C GLU R 63 -98.96 -91.29 28.88
N ILE R 64 -99.34 -91.81 30.05
CA ILE R 64 -98.38 -92.01 31.12
C ILE R 64 -97.36 -93.07 30.75
N ASP R 65 -97.66 -93.91 29.76
CA ASP R 65 -96.63 -94.75 29.17
C ASP R 65 -95.47 -93.90 28.69
N LEU R 66 -95.76 -92.68 28.27
CA LEU R 66 -94.73 -91.67 28.03
C LEU R 66 -94.57 -90.82 29.29
N LEU R 67 -93.38 -90.86 29.88
CA LEU R 67 -93.11 -90.23 31.17
C LEU R 67 -91.80 -90.75 31.72
N LYS R 68 -91.60 -92.07 31.64
CA LYS R 68 -90.29 -92.63 31.92
C LYS R 68 -89.27 -92.09 30.93
N GLN R 69 -89.67 -91.96 29.65
CA GLN R 69 -88.79 -91.33 28.66
C GLN R 69 -88.53 -89.86 28.97
N LEU R 70 -89.36 -89.23 29.79
CA LEU R 70 -89.13 -87.85 30.19
C LEU R 70 -87.97 -87.80 31.17
N ASN R 71 -86.76 -87.58 30.66
CA ASN R 71 -85.53 -87.58 31.46
C ASN R 71 -85.03 -86.14 31.57
N HIS R 72 -85.29 -85.51 32.71
CA HIS R 72 -84.82 -84.17 32.99
C HIS R 72 -84.31 -84.12 34.42
N PRO R 73 -83.23 -83.38 34.69
CA PRO R 73 -82.72 -83.32 36.08
C PRO R 73 -83.70 -82.72 37.07
N ASN R 74 -84.68 -81.95 36.60
CA ASN R 74 -85.58 -81.21 37.47
C ASN R 74 -87.01 -81.77 37.45
N VAL R 75 -87.19 -82.99 36.94
CA VAL R 75 -88.51 -83.62 36.86
C VAL R 75 -88.43 -84.98 37.54
N ILE R 76 -89.47 -85.32 38.31
CA ILE R 76 -89.50 -86.60 38.99
C ILE R 76 -89.38 -87.72 37.97
N LYS R 77 -88.62 -88.75 38.33
CA LYS R 77 -88.39 -89.88 37.45
C LYS R 77 -89.59 -90.84 37.51
N TYR R 78 -90.14 -91.16 36.34
CA TYR R 78 -91.26 -92.09 36.23
C TYR R 78 -90.72 -93.49 36.01
N TYR R 79 -90.94 -94.38 36.97
CA TYR R 79 -90.41 -95.74 36.88
C TYR R 79 -91.43 -96.71 36.29
N ALA R 80 -92.61 -96.82 36.92
CA ALA R 80 -93.60 -97.79 36.50
C ALA R 80 -94.99 -97.17 36.47
N SER R 81 -95.86 -97.76 35.65
CA SER R 81 -97.25 -97.34 35.58
C SER R 81 -98.08 -98.55 35.17
N PHE R 82 -98.77 -99.17 36.13
CA PHE R 82 -99.51 -100.39 35.86
C PHE R 82 -100.82 -100.35 36.66
N ILE R 83 -101.56 -101.46 36.62
CA ILE R 83 -102.84 -101.60 37.30
C ILE R 83 -102.77 -102.83 38.20
N GLU R 84 -103.13 -102.65 39.47
CA GLU R 84 -103.15 -103.76 40.42
C GLU R 84 -103.97 -103.34 41.62
N ASP R 85 -104.59 -104.33 42.27
CA ASP R 85 -105.42 -104.11 43.45
C ASP R 85 -106.64 -103.25 43.10
N ASN R 86 -107.13 -103.36 41.87
CA ASN R 86 -108.29 -102.60 41.41
C ASN R 86 -108.01 -101.09 41.42
N GLU R 87 -106.74 -100.72 41.32
CA GLU R 87 -106.35 -99.32 41.31
C GLU R 87 -105.02 -99.19 40.59
N LEU R 88 -104.69 -97.97 40.17
CA LEU R 88 -103.44 -97.75 39.49
C LEU R 88 -102.26 -97.89 40.45
N ASN R 89 -101.08 -98.08 39.87
CA ASN R 89 -99.84 -98.19 40.64
C ASN R 89 -98.75 -97.49 39.85
N ILE R 90 -98.25 -96.37 40.37
CA ILE R 90 -97.24 -95.56 39.70
C ILE R 90 -96.00 -95.55 40.57
N VAL R 91 -94.89 -96.00 40.01
CA VAL R 91 -93.59 -96.03 40.67
C VAL R 91 -92.78 -94.84 40.19
N LEU R 92 -92.39 -93.97 41.13
CA LEU R 92 -91.66 -92.75 40.81
C LEU R 92 -90.50 -92.60 41.79
N GLU R 93 -89.72 -91.54 41.61
CA GLU R 93 -88.66 -91.21 42.57
C GLU R 93 -89.28 -90.65 43.84
N LEU R 94 -88.57 -90.84 44.95
CA LEU R 94 -89.02 -90.42 46.27
C LEU R 94 -88.15 -89.27 46.77
N ALA R 95 -88.78 -88.15 47.12
CA ALA R 95 -88.10 -86.99 47.69
C ALA R 95 -88.94 -86.54 48.89
N ASP R 96 -88.65 -87.12 50.06
CA ASP R 96 -89.43 -86.84 51.26
C ASP R 96 -88.96 -85.57 51.94
N ALA R 97 -87.66 -85.44 52.17
CA ALA R 97 -87.13 -84.25 52.83
C ALA R 97 -87.46 -82.99 52.04
N GLY R 98 -87.55 -83.10 50.72
CA GLY R 98 -87.86 -81.95 49.88
C GLY R 98 -89.32 -81.90 49.48
N ASP R 99 -90.09 -81.02 50.11
CA ASP R 99 -91.51 -80.87 49.80
C ASP R 99 -91.91 -79.44 50.15
N LEU R 100 -92.12 -78.61 49.12
CA LEU R 100 -92.44 -77.21 49.37
C LEU R 100 -93.66 -77.05 50.27
N SER R 101 -94.59 -78.01 50.22
CA SER R 101 -95.76 -77.92 51.08
C SER R 101 -95.37 -77.90 52.55
N ARG R 102 -94.45 -78.78 52.95
CA ARG R 102 -93.96 -78.80 54.32
C ARG R 102 -92.97 -77.67 54.58
N MET R 103 -92.18 -77.28 53.58
CA MET R 103 -91.21 -76.20 53.77
C MET R 103 -91.92 -74.89 54.09
N ILE R 104 -93.01 -74.60 53.39
CA ILE R 104 -93.73 -73.35 53.64
C ILE R 104 -94.28 -73.34 55.06
N LYS R 105 -94.87 -74.46 55.50
CA LYS R 105 -95.40 -74.53 56.85
C LYS R 105 -94.29 -74.37 57.88
N HIS R 106 -93.14 -75.00 57.67
CA HIS R 106 -92.03 -74.87 58.60
C HIS R 106 -91.53 -73.43 58.67
N PHE R 107 -91.42 -72.78 57.51
CA PHE R 107 -90.92 -71.40 57.50
C PHE R 107 -91.92 -70.43 58.12
N LYS R 108 -93.22 -70.69 57.95
CA LYS R 108 -94.23 -69.84 58.56
C LYS R 108 -94.11 -69.80 60.08
N LYS R 109 -93.50 -70.83 60.67
CA LYS R 109 -93.26 -70.81 62.12
C LYS R 109 -92.37 -69.65 62.51
N GLN R 110 -91.31 -69.41 61.73
CA GLN R 110 -90.43 -68.28 61.97
C GLN R 110 -90.98 -67.03 61.31
N LYS R 111 -90.81 -65.89 61.97
CA LYS R 111 -91.30 -64.63 61.42
C LYS R 111 -90.61 -64.31 60.09
N ARG R 112 -89.30 -64.51 60.02
CA ARG R 112 -88.57 -64.28 58.78
C ARG R 112 -89.00 -65.29 57.73
N LEU R 113 -89.11 -64.82 56.48
CA LEU R 113 -89.58 -65.63 55.36
C LEU R 113 -88.43 -65.92 54.41
N ILE R 114 -88.73 -66.65 53.34
CA ILE R 114 -87.72 -67.24 52.48
C ILE R 114 -86.94 -66.15 51.74
N PRO R 115 -85.72 -66.44 51.28
CA PRO R 115 -84.93 -65.41 50.59
C PRO R 115 -85.11 -65.41 49.09
N GLU R 116 -84.97 -64.20 48.53
CA GLU R 116 -85.07 -64.04 47.08
C GLU R 116 -84.05 -64.91 46.36
N ARG R 117 -82.84 -65.02 46.91
CA ARG R 117 -81.81 -65.82 46.26
C ARG R 117 -82.24 -67.28 46.14
N THR R 118 -82.73 -67.86 47.23
CA THR R 118 -83.15 -69.26 47.20
C THR R 118 -84.34 -69.46 46.27
N VAL R 119 -85.32 -68.55 46.32
CA VAL R 119 -86.48 -68.72 45.45
C VAL R 119 -86.05 -68.64 43.98
N TRP R 120 -85.13 -67.72 43.66
CA TRP R 120 -84.64 -67.64 42.28
C TRP R 120 -83.89 -68.91 41.89
N LYS R 121 -83.07 -69.44 42.80
CA LYS R 121 -82.30 -70.64 42.50
C LYS R 121 -83.21 -71.83 42.22
N TYR R 122 -84.34 -71.91 42.93
CA TYR R 122 -85.29 -72.99 42.67
C TYR R 122 -86.13 -72.69 41.41
N PHE R 123 -86.45 -71.42 41.19
CA PHE R 123 -87.34 -71.05 40.09
C PHE R 123 -86.67 -71.22 38.75
N VAL R 124 -85.35 -71.01 38.68
CA VAL R 124 -84.66 -71.24 37.41
C VAL R 124 -84.79 -72.70 36.99
N GLN R 125 -84.60 -73.62 37.94
CA GLN R 125 -84.76 -75.04 37.64
C GLN R 125 -86.20 -75.37 37.27
N LEU R 126 -87.17 -74.78 37.99
CA LEU R 126 -88.57 -75.01 37.64
C LEU R 126 -88.86 -74.57 36.22
N CYS R 127 -88.38 -73.38 35.84
CA CYS R 127 -88.58 -72.90 34.49
C CYS R 127 -87.89 -73.80 33.46
N SER R 128 -86.68 -74.27 33.78
CA SER R 128 -86.00 -75.18 32.87
C SER R 128 -86.82 -76.42 32.62
N ALA R 129 -87.36 -77.02 33.69
CA ALA R 129 -88.19 -78.22 33.53
C ALA R 129 -89.44 -77.92 32.71
N LEU R 130 -90.12 -76.81 33.03
CA LEU R 130 -91.35 -76.47 32.31
C LEU R 130 -91.08 -76.27 30.83
N GLU R 131 -90.01 -75.53 30.50
CA GLU R 131 -89.67 -75.31 29.09
C GLU R 131 -89.30 -76.61 28.40
N HIS R 132 -88.52 -77.47 29.09
CA HIS R 132 -88.10 -78.73 28.47
C HIS R 132 -89.31 -79.59 28.14
N MET R 133 -90.28 -79.69 29.04
CA MET R 133 -91.45 -80.52 28.75
C MET R 133 -92.41 -79.85 27.76
N HIS R 134 -92.52 -78.52 27.81
CA HIS R 134 -93.42 -77.83 26.89
C HIS R 134 -92.90 -77.92 25.45
N SER R 135 -91.58 -77.81 25.27
CA SER R 135 -91.02 -77.91 23.93
C SER R 135 -91.34 -79.25 23.27
N ARG R 136 -91.68 -80.26 24.06
CA ARG R 136 -92.15 -81.55 23.56
C ARG R 136 -93.67 -81.65 23.60
N ARG R 137 -94.37 -80.53 23.80
CA ARG R 137 -95.83 -80.45 23.82
C ARG R 137 -96.45 -81.08 25.05
N VAL R 138 -95.66 -81.44 26.04
CA VAL R 138 -96.15 -82.07 27.27
C VAL R 138 -96.21 -80.99 28.36
N MET R 139 -97.27 -81.04 29.15
CA MET R 139 -97.57 -79.99 30.12
C MET R 139 -97.73 -80.61 31.50
N HIS R 140 -97.47 -79.79 32.52
CA HIS R 140 -97.75 -80.17 33.90
C HIS R 140 -99.20 -79.84 34.20
N ARG R 141 -100.01 -80.86 34.46
CA ARG R 141 -101.44 -80.65 34.66
C ARG R 141 -101.71 -79.73 35.84
N ASP R 142 -101.02 -79.95 36.96
CA ASP R 142 -101.20 -79.14 38.16
C ASP R 142 -99.84 -78.89 38.79
N ILE R 143 -99.49 -77.63 38.97
CA ILE R 143 -98.23 -77.21 39.58
C ILE R 143 -98.56 -76.61 40.93
N LYS R 144 -98.03 -77.20 41.99
CA LYS R 144 -98.35 -76.79 43.35
C LYS R 144 -97.14 -77.04 44.24
N PRO R 145 -97.04 -76.34 45.37
CA PRO R 145 -95.93 -76.62 46.30
C PRO R 145 -95.93 -78.04 46.80
N ALA R 146 -97.11 -78.62 47.04
CA ALA R 146 -97.21 -80.01 47.49
C ALA R 146 -96.75 -81.00 46.44
N ASN R 147 -96.68 -80.60 45.18
CA ASN R 147 -96.21 -81.47 44.10
C ASN R 147 -94.90 -80.99 43.47
N VAL R 148 -94.26 -79.99 44.07
CA VAL R 148 -92.90 -79.60 43.69
C VAL R 148 -91.98 -80.08 44.81
N PHE R 149 -91.01 -80.91 44.44
CA PHE R 149 -90.06 -81.49 45.40
C PHE R 149 -88.65 -81.00 45.11
N ILE R 150 -87.86 -80.89 46.17
CA ILE R 150 -86.44 -80.56 46.05
C ILE R 150 -85.62 -81.69 46.65
N THR R 151 -84.29 -81.56 46.63
CA THR R 151 -83.39 -82.55 47.18
C THR R 151 -82.35 -81.86 48.04
N ALA R 152 -81.55 -82.68 48.74
CA ALA R 152 -80.51 -82.13 49.60
C ALA R 152 -79.49 -81.34 48.79
N THR R 153 -79.16 -81.81 47.58
CA THR R 153 -78.18 -81.14 46.74
C THR R 153 -78.65 -79.77 46.26
N GLY R 154 -79.93 -79.44 46.41
CA GLY R 154 -80.46 -78.18 45.96
C GLY R 154 -81.22 -78.23 44.65
N VAL R 155 -81.41 -79.42 44.08
CA VAL R 155 -82.14 -79.56 42.83
C VAL R 155 -83.63 -79.62 43.12
N VAL R 156 -84.42 -79.08 42.19
CA VAL R 156 -85.88 -79.02 42.32
C VAL R 156 -86.47 -80.02 41.33
N LYS R 157 -87.21 -81.00 41.85
CA LYS R 157 -87.83 -82.04 41.05
C LYS R 157 -89.33 -81.78 40.95
N LEU R 158 -89.83 -81.74 39.73
CA LEU R 158 -91.26 -81.53 39.51
C LEU R 158 -92.03 -82.81 39.75
N GLY R 159 -93.09 -82.73 40.56
CA GLY R 159 -93.83 -83.91 40.96
C GLY R 159 -94.74 -84.43 39.87
N ASP R 160 -95.41 -85.54 40.20
CA ASP R 160 -96.29 -86.19 39.24
C ASP R 160 -97.51 -85.32 38.95
N LEU R 161 -97.82 -85.14 37.67
CA LEU R 161 -98.97 -84.34 37.28
C LEU R 161 -100.26 -85.07 37.60
N GLY R 162 -101.23 -84.34 38.16
CA GLY R 162 -102.50 -84.92 38.52
C GLY R 162 -103.38 -85.20 37.32
N THR R 180 -111.79 -79.57 43.07
CA THR R 180 -111.19 -78.29 42.66
C THR R 180 -109.67 -78.35 42.83
N PRO R 181 -108.92 -77.88 41.83
CA PRO R 181 -107.46 -77.92 41.91
C PRO R 181 -106.92 -76.83 42.84
N TYR R 182 -105.62 -76.94 43.13
CA TYR R 182 -104.97 -75.95 43.96
C TYR R 182 -105.02 -74.56 43.33
N TYR R 183 -104.79 -74.50 42.01
CA TYR R 183 -104.81 -73.24 41.27
C TYR R 183 -105.84 -73.34 40.16
N MET R 184 -106.79 -72.42 40.15
CA MET R 184 -107.83 -72.37 39.12
C MET R 184 -107.35 -71.48 37.99
N SER R 185 -107.14 -72.07 36.81
CA SER R 185 -106.66 -71.30 35.67
C SER R 185 -107.74 -70.34 35.19
N PRO R 186 -107.34 -69.19 34.64
CA PRO R 186 -108.34 -68.32 33.99
C PRO R 186 -109.06 -69.01 32.84
N GLU R 187 -108.38 -69.92 32.14
CA GLU R 187 -109.05 -70.73 31.13
C GLU R 187 -109.93 -71.81 31.74
N ARG R 188 -109.57 -72.31 32.92
CA ARG R 188 -110.48 -73.20 33.64
C ARG R 188 -111.77 -72.48 34.01
N ILE R 189 -111.66 -71.31 34.61
CA ILE R 189 -112.81 -70.42 34.78
C ILE R 189 -113.30 -70.01 33.40
N HIS R 190 -114.61 -69.97 33.22
CA HIS R 190 -115.19 -69.85 31.89
C HIS R 190 -114.60 -70.96 31.01
N GLU R 191 -114.81 -72.20 31.44
CA GLU R 191 -114.04 -73.33 30.93
C GLU R 191 -114.05 -73.39 29.42
N ASN R 192 -112.85 -73.34 28.82
CA ASN R 192 -112.67 -73.54 27.40
C ASN R 192 -111.52 -74.48 27.06
N GLY R 193 -110.66 -74.82 28.01
CA GLY R 193 -109.52 -75.67 27.74
C GLY R 193 -108.39 -75.36 28.70
N TYR R 194 -107.24 -75.98 28.44
CA TYR R 194 -106.05 -75.83 29.26
C TYR R 194 -104.88 -75.53 28.31
N ASN R 195 -104.51 -74.25 28.23
CA ASN R 195 -103.50 -73.78 27.30
C ASN R 195 -102.11 -73.82 27.94
N PHE R 196 -101.09 -73.61 27.10
CA PHE R 196 -99.73 -73.49 27.61
C PHE R 196 -99.59 -72.37 28.62
N LYS R 197 -100.45 -71.35 28.53
CA LYS R 197 -100.40 -70.22 29.46
C LYS R 197 -101.06 -70.56 30.80
N SER R 198 -101.86 -71.62 30.86
CA SER R 198 -102.35 -72.09 32.16
C SER R 198 -101.20 -72.56 33.03
N ASP R 199 -100.21 -73.24 32.43
CA ASP R 199 -99.02 -73.61 33.18
C ASP R 199 -98.26 -72.38 33.65
N ILE R 200 -98.20 -71.33 32.82
CA ILE R 200 -97.55 -70.10 33.23
C ILE R 200 -98.28 -69.48 34.43
N TRP R 201 -99.61 -69.47 34.38
CA TRP R 201 -100.39 -68.95 35.50
C TRP R 201 -100.13 -69.76 36.77
N SER R 202 -100.12 -71.09 36.65
CA SER R 202 -99.86 -71.93 37.81
C SER R 202 -98.46 -71.67 38.37
N LEU R 203 -97.50 -71.49 37.48
CA LEU R 203 -96.12 -71.22 37.92
C LEU R 203 -96.02 -69.87 38.61
N GLY R 204 -96.72 -68.85 38.09
CA GLY R 204 -96.72 -67.56 38.76
C GLY R 204 -97.37 -67.62 40.12
N CYS R 205 -98.48 -68.35 40.23
CA CYS R 205 -99.12 -68.55 41.53
C CYS R 205 -98.19 -69.30 42.48
N LEU R 206 -97.43 -70.27 41.95
CA LEU R 206 -96.46 -70.97 42.77
C LEU R 206 -95.36 -70.03 43.24
N LEU R 207 -94.91 -69.12 42.38
CA LEU R 207 -93.94 -68.12 42.80
C LEU R 207 -94.50 -67.27 43.92
N TYR R 208 -95.76 -66.84 43.78
CA TYR R 208 -96.40 -66.05 44.83
C TYR R 208 -96.49 -66.84 46.13
N GLU R 209 -96.84 -68.13 46.03
CA GLU R 209 -96.94 -68.97 47.22
C GLU R 209 -95.59 -69.13 47.91
N MET R 210 -94.53 -69.35 47.13
CA MET R 210 -93.19 -69.42 47.72
C MET R 210 -92.83 -68.09 48.36
N ALA R 211 -93.18 -66.98 47.70
CA ALA R 211 -92.79 -65.67 48.19
C ALA R 211 -93.48 -65.32 49.51
N ALA R 212 -94.79 -65.51 49.59
CA ALA R 212 -95.58 -65.08 50.73
C ALA R 212 -95.94 -66.22 51.68
N LEU R 213 -95.40 -67.41 51.47
CA LEU R 213 -95.78 -68.61 52.22
C LEU R 213 -97.24 -69.00 52.00
N GLN R 214 -97.94 -68.32 51.10
CA GLN R 214 -99.37 -68.54 50.93
C GLN R 214 -99.78 -68.17 49.51
N SER R 215 -100.83 -68.82 49.02
CA SER R 215 -101.30 -68.63 47.67
C SER R 215 -101.90 -67.22 47.50
N PRO R 216 -101.93 -66.70 46.28
CA PRO R 216 -102.45 -65.35 46.05
C PRO R 216 -103.97 -65.21 46.14
N PHE R 217 -104.69 -66.25 46.56
CA PHE R 217 -106.15 -66.21 46.64
C PHE R 217 -106.63 -66.76 47.98
N TYR R 218 -106.01 -66.31 49.05
CA TYR R 218 -106.44 -66.63 50.41
C TYR R 218 -107.30 -65.49 50.96
N GLY R 219 -108.28 -65.87 51.78
CA GLY R 219 -109.14 -64.87 52.39
C GLY R 219 -110.18 -65.53 53.26
N ASP R 220 -110.86 -64.71 54.06
CA ASP R 220 -111.91 -65.21 54.93
C ASP R 220 -113.09 -65.73 54.12
N LYS R 221 -113.44 -65.05 53.03
CA LYS R 221 -114.54 -65.49 52.19
C LYS R 221 -114.10 -66.70 51.38
N MET R 222 -114.40 -67.91 51.87
CA MET R 222 -114.00 -69.14 51.23
C MET R 222 -115.04 -69.67 50.25
N ASN R 223 -115.90 -68.81 49.72
CA ASN R 223 -116.94 -69.26 48.81
C ASN R 223 -116.45 -69.25 47.37
N LEU R 224 -116.95 -70.22 46.60
CA LEU R 224 -116.45 -70.45 45.25
C LEU R 224 -116.66 -69.22 44.37
N TYR R 225 -117.83 -68.60 44.46
CA TYR R 225 -118.10 -67.42 43.63
C TYR R 225 -117.15 -66.28 43.98
N SER R 226 -116.93 -66.04 45.28
CA SER R 226 -116.04 -64.98 45.70
C SER R 226 -114.64 -65.20 45.16
N LEU R 227 -114.11 -66.42 45.34
CA LEU R 227 -112.75 -66.67 44.86
C LEU R 227 -112.66 -66.65 43.34
N CYS R 228 -113.72 -67.10 42.64
CA CYS R 228 -113.71 -67.06 41.19
C CYS R 228 -113.68 -65.62 40.69
N LYS R 229 -114.48 -64.75 41.30
CA LYS R 229 -114.44 -63.34 40.89
C LYS R 229 -113.13 -62.69 41.30
N LYS R 230 -112.51 -63.15 42.39
CA LYS R 230 -111.18 -62.66 42.75
C LYS R 230 -110.18 -63.00 41.66
N ILE R 231 -110.23 -64.25 41.17
CA ILE R 231 -109.35 -64.64 40.07
C ILE R 231 -109.65 -63.81 38.82
N GLU R 232 -110.93 -63.60 38.52
CA GLU R 232 -111.29 -62.86 37.32
C GLU R 232 -110.77 -61.44 37.38
N GLN R 233 -110.92 -60.77 38.53
CA GLN R 233 -110.45 -59.40 38.68
C GLN R 233 -108.94 -59.32 38.85
N CYS R 234 -108.29 -60.42 39.20
CA CYS R 234 -106.83 -60.46 39.33
C CYS R 234 -106.36 -59.43 40.37
N ASP R 235 -106.97 -59.49 41.55
CA ASP R 235 -106.64 -58.60 42.66
C ASP R 235 -106.04 -59.44 43.78
N TYR R 236 -104.80 -59.16 44.13
CA TYR R 236 -104.10 -59.86 45.20
C TYR R 236 -103.25 -58.85 45.98
N PRO R 237 -102.98 -59.12 47.25
CA PRO R 237 -102.03 -58.27 47.98
C PRO R 237 -100.60 -58.31 47.51
N PRO R 238 -100.15 -57.31 46.75
CA PRO R 238 -98.76 -57.34 46.27
C PRO R 238 -97.73 -57.83 47.25
N LEU R 239 -96.76 -58.58 46.74
CA LEU R 239 -95.72 -59.14 47.60
C LEU R 239 -94.94 -58.02 48.26
N PRO R 240 -94.36 -58.28 49.44
CA PRO R 240 -93.65 -57.20 50.16
C PRO R 240 -92.56 -56.59 49.29
N SER R 241 -92.77 -55.32 48.93
CA SER R 241 -91.79 -54.63 48.09
C SER R 241 -90.46 -54.47 48.79
N ASP R 242 -90.47 -54.14 50.08
CA ASP R 242 -89.26 -53.93 50.85
C ASP R 242 -88.64 -55.23 51.34
N HIS R 243 -89.04 -56.37 50.77
CA HIS R 243 -88.29 -57.61 50.96
C HIS R 243 -88.16 -58.43 49.69
N TYR R 244 -89.03 -58.27 48.70
CA TYR R 244 -88.91 -58.93 47.41
C TYR R 244 -88.66 -57.90 46.31
N SER R 245 -88.09 -58.38 45.21
CA SER R 245 -87.60 -57.52 44.17
C SER R 245 -88.72 -57.00 43.27
N GLU R 246 -88.48 -55.84 42.66
CA GLU R 246 -89.46 -55.24 41.76
C GLU R 246 -89.65 -56.10 40.50
N GLU R 247 -88.55 -56.55 39.90
CA GLU R 247 -88.68 -57.34 38.69
C GLU R 247 -89.39 -58.66 38.96
N LEU R 248 -89.15 -59.26 40.13
CA LEU R 248 -89.85 -60.49 40.48
C LEU R 248 -91.32 -60.23 40.76
N ARG R 249 -91.62 -59.15 41.48
CA ARG R 249 -93.02 -58.81 41.77
C ARG R 249 -93.79 -58.49 40.51
N GLN R 250 -93.12 -57.98 39.48
CA GLN R 250 -93.79 -57.73 38.21
C GLN R 250 -93.83 -58.97 37.32
N LEU R 251 -92.82 -59.85 37.41
CA LEU R 251 -92.88 -61.10 36.67
C LEU R 251 -94.03 -61.96 37.14
N VAL R 252 -94.25 -62.02 38.46
CA VAL R 252 -95.39 -62.77 38.98
C VAL R 252 -96.69 -62.16 38.49
N ASN R 253 -96.75 -60.82 38.43
CA ASN R 253 -97.95 -60.16 37.93
C ASN R 253 -98.21 -60.51 36.47
N MET R 254 -97.17 -60.50 35.64
CA MET R 254 -97.35 -60.87 34.24
C MET R 254 -97.80 -62.32 34.10
N CYS R 255 -97.18 -63.22 34.87
CA CYS R 255 -97.59 -64.62 34.82
C CYS R 255 -99.00 -64.83 35.35
N ILE R 256 -99.48 -63.94 36.23
CA ILE R 256 -100.83 -64.01 36.76
C ILE R 256 -101.68 -62.95 36.09
N ASN R 257 -102.36 -63.33 35.00
CA ASN R 257 -103.14 -62.39 34.22
C ASN R 257 -104.36 -63.10 33.63
N PRO R 258 -105.53 -62.46 33.62
CA PRO R 258 -106.69 -63.10 32.97
C PRO R 258 -106.47 -63.40 31.50
N ASP R 259 -105.76 -62.53 30.78
CA ASP R 259 -105.58 -62.71 29.35
C ASP R 259 -104.60 -63.87 29.11
N PRO R 260 -104.94 -64.83 28.25
CA PRO R 260 -104.00 -65.94 28.01
C PRO R 260 -102.65 -65.47 27.48
N GLU R 261 -102.64 -64.66 26.42
CA GLU R 261 -101.39 -64.20 25.84
C GLU R 261 -100.68 -63.16 26.70
N LYS R 262 -101.37 -62.59 27.69
CA LYS R 262 -100.71 -61.66 28.59
C LYS R 262 -99.60 -62.35 29.37
N ARG R 263 -99.77 -63.63 29.67
CA ARG R 263 -98.75 -64.37 30.41
C ARG R 263 -97.52 -64.58 29.52
N PRO R 264 -96.33 -64.21 29.98
CA PRO R 264 -95.14 -64.42 29.14
C PRO R 264 -94.88 -65.90 28.91
N ASP R 265 -94.26 -66.20 27.78
CA ASP R 265 -94.08 -67.58 27.37
C ASP R 265 -93.06 -68.28 28.27
N VAL R 266 -93.08 -69.62 28.21
CA VAL R 266 -92.21 -70.40 29.08
C VAL R 266 -90.75 -70.05 28.84
N THR R 267 -90.35 -69.90 27.57
CA THR R 267 -88.97 -69.54 27.28
C THR R 267 -88.64 -68.16 27.84
N TYR R 268 -89.58 -67.21 27.75
CA TYR R 268 -89.36 -65.88 28.28
C TYR R 268 -89.12 -65.92 29.79
N VAL R 269 -90.00 -66.62 30.51
CA VAL R 269 -89.86 -66.69 31.97
C VAL R 269 -88.56 -67.42 32.33
N TYR R 270 -88.22 -68.46 31.58
CA TYR R 270 -86.97 -69.18 31.84
C TYR R 270 -85.77 -68.27 31.63
N ASP R 271 -85.77 -67.47 30.57
CA ASP R 271 -84.64 -66.58 30.30
C ASP R 271 -84.49 -65.54 31.39
N VAL R 272 -85.61 -64.93 31.83
CA VAL R 272 -85.50 -63.95 32.91
C VAL R 272 -85.03 -64.60 34.19
N ALA R 273 -85.54 -65.80 34.49
CA ALA R 273 -85.09 -66.52 35.67
C ALA R 273 -83.60 -66.79 35.61
N LYS R 274 -83.08 -67.18 34.44
CA LYS R 274 -81.67 -67.44 34.30
C LYS R 274 -80.85 -66.16 34.52
N ARG R 275 -81.28 -65.05 33.92
CA ARG R 275 -80.52 -63.82 34.03
C ARG R 275 -80.55 -63.28 35.46
N MET R 276 -81.60 -63.59 36.22
CA MET R 276 -81.58 -63.24 37.65
C MET R 276 -80.73 -64.20 38.47
N HIS R 277 -80.73 -65.50 38.14
CA HIS R 277 -79.90 -66.42 38.91
C HIS R 277 -78.43 -66.12 38.70
N ALA R 278 -78.08 -65.64 37.51
CA ALA R 278 -76.70 -65.24 37.24
C ALA R 278 -76.29 -64.06 38.12
N LYS S 1 -103.31 -115.17 -44.80
CA LYS S 1 -103.72 -115.14 -46.19
C LYS S 1 -102.52 -114.81 -47.10
N ALA S 2 -102.80 -114.12 -48.20
CA ALA S 2 -101.78 -113.76 -49.19
C ALA S 2 -101.65 -112.24 -49.22
N LEU S 3 -100.74 -111.71 -48.42
CA LEU S 3 -100.46 -110.28 -48.44
C LEU S 3 -99.82 -109.89 -49.76
N ARG S 4 -100.00 -108.64 -50.14
CA ARG S 4 -99.43 -108.16 -51.39
C ARG S 4 -97.92 -108.36 -51.38
N PRO S 5 -97.31 -108.71 -52.51
CA PRO S 5 -95.86 -108.97 -52.52
C PRO S 5 -95.08 -107.76 -52.00
N ASP S 6 -94.10 -108.05 -51.15
CA ASP S 6 -93.27 -107.01 -50.55
C ASP S 6 -91.99 -106.89 -51.37
N MET S 7 -92.11 -106.24 -52.54
CA MET S 7 -91.00 -106.06 -53.45
C MET S 7 -90.48 -104.62 -53.42
N GLY S 8 -91.34 -103.64 -53.64
CA GLY S 8 -90.96 -102.24 -53.61
C GLY S 8 -91.31 -101.57 -52.29
N TYR S 9 -91.05 -100.26 -52.26
CA TYR S 9 -91.35 -99.44 -51.09
C TYR S 9 -92.70 -98.77 -51.17
N ASN S 10 -93.49 -99.03 -52.21
CA ASN S 10 -94.80 -98.42 -52.41
C ASN S 10 -95.84 -99.53 -52.47
N THR S 11 -96.32 -99.96 -51.30
CA THR S 11 -97.34 -101.00 -51.22
C THR S 11 -97.87 -101.11 -49.79
N LEU S 12 -99.16 -101.35 -49.63
CA LEU S 12 -99.74 -101.43 -48.30
C LEU S 12 -99.25 -102.67 -47.55
N ALA S 13 -98.99 -103.77 -48.25
CA ALA S 13 -98.51 -104.98 -47.60
C ALA S 13 -97.20 -104.73 -46.86
N ASN S 14 -96.44 -103.75 -47.35
CA ASN S 14 -95.18 -103.41 -46.71
C ASN S 14 -95.40 -102.51 -45.49
N PHE S 15 -96.62 -102.32 -45.03
CA PHE S 15 -96.94 -101.49 -43.89
C PHE S 15 -97.92 -102.18 -42.96
N ARG S 16 -97.68 -102.06 -41.65
CA ARG S 16 -98.53 -102.64 -40.62
C ARG S 16 -99.09 -101.51 -39.77
N ILE S 17 -100.40 -101.28 -39.86
CA ILE S 17 -101.06 -100.17 -39.19
C ILE S 17 -101.19 -100.54 -37.71
N GLU S 18 -100.32 -99.97 -36.86
CA GLU S 18 -100.43 -100.20 -35.43
C GLU S 18 -101.72 -99.60 -34.88
N LYS S 19 -102.07 -98.40 -35.31
CA LYS S 19 -103.29 -97.73 -34.85
C LYS S 19 -103.53 -96.53 -35.77
N LYS S 20 -104.63 -95.83 -35.50
CA LYS S 20 -105.01 -94.63 -36.25
C LYS S 20 -104.63 -93.41 -35.43
N ILE S 21 -103.61 -92.68 -35.90
CA ILE S 21 -103.16 -91.50 -35.16
C ILE S 21 -104.24 -90.42 -35.17
N GLY S 22 -104.96 -90.29 -36.28
CA GLY S 22 -106.03 -89.32 -36.39
C GLY S 22 -106.84 -89.58 -37.63
N ARG S 23 -107.93 -88.83 -37.75
CA ARG S 23 -108.82 -88.97 -38.91
C ARG S 23 -109.34 -87.57 -39.25
N GLY S 24 -108.68 -86.91 -40.20
CA GLY S 24 -109.14 -85.64 -40.69
C GLY S 24 -110.12 -85.77 -41.82
N GLN S 25 -110.79 -84.65 -42.14
CA GLN S 25 -111.78 -84.67 -43.21
C GLN S 25 -111.15 -84.98 -44.55
N PHE S 26 -109.88 -84.61 -44.75
CA PHE S 26 -109.20 -84.79 -46.02
C PHE S 26 -108.33 -86.05 -46.05
N SER S 27 -107.79 -86.47 -44.91
CA SER S 27 -106.87 -87.60 -44.88
C SER S 27 -107.06 -88.37 -43.58
N GLU S 28 -106.66 -89.64 -43.62
CA GLU S 28 -106.62 -90.51 -42.44
C GLU S 28 -105.19 -90.99 -42.26
N VAL S 29 -104.65 -90.79 -41.06
CA VAL S 29 -103.25 -91.05 -40.76
C VAL S 29 -103.16 -92.22 -39.79
N TYR S 30 -102.31 -93.18 -40.11
CA TYR S 30 -102.11 -94.37 -39.28
C TYR S 30 -100.63 -94.57 -39.01
N ARG S 31 -100.34 -95.20 -37.88
CA ARG S 31 -98.96 -95.48 -37.48
C ARG S 31 -98.53 -96.78 -38.12
N ALA S 32 -97.98 -96.70 -39.32
CA ALA S 32 -97.59 -97.88 -40.08
C ALA S 32 -96.15 -98.28 -39.75
N ALA S 33 -95.80 -99.50 -40.12
CA ALA S 33 -94.45 -100.03 -39.90
C ALA S 33 -93.95 -100.65 -41.18
N CYS S 34 -92.88 -100.10 -41.74
CA CYS S 34 -92.33 -100.58 -43.00
C CYS S 34 -91.76 -101.99 -42.79
N LEU S 35 -92.45 -103.00 -43.30
CA LEU S 35 -91.99 -104.38 -43.12
C LEU S 35 -90.65 -104.60 -43.81
N LEU S 36 -90.49 -104.08 -45.03
CA LEU S 36 -89.23 -104.28 -45.75
C LEU S 36 -88.07 -103.62 -45.00
N ASP S 37 -88.27 -102.40 -44.50
CA ASP S 37 -87.22 -101.69 -43.78
C ASP S 37 -87.26 -102.00 -42.29
N GLY S 38 -88.40 -101.72 -41.64
CA GLY S 38 -88.56 -102.01 -40.23
C GLY S 38 -88.51 -100.79 -39.35
N VAL S 39 -89.12 -99.69 -39.80
CA VAL S 39 -89.19 -98.46 -39.01
C VAL S 39 -90.64 -98.00 -38.93
N PRO S 40 -91.06 -97.35 -37.85
CA PRO S 40 -92.44 -96.85 -37.76
C PRO S 40 -92.58 -95.50 -38.44
N VAL S 41 -93.37 -95.47 -39.50
CA VAL S 41 -93.65 -94.24 -40.24
C VAL S 41 -95.15 -93.93 -40.13
N ALA S 42 -95.54 -92.82 -40.73
CA ALA S 42 -96.93 -92.39 -40.78
C ALA S 42 -97.46 -92.60 -42.18
N LEU S 43 -98.55 -93.36 -42.30
CA LEU S 43 -99.20 -93.63 -43.56
C LEU S 43 -100.48 -92.81 -43.62
N LYS S 44 -100.50 -91.84 -44.53
CA LYS S 44 -101.66 -90.97 -44.73
C LYS S 44 -102.37 -91.37 -46.02
N LYS S 45 -103.68 -91.58 -45.92
CA LYS S 45 -104.48 -91.99 -47.06
C LYS S 45 -105.58 -90.97 -47.30
N VAL S 46 -105.76 -90.59 -48.56
CA VAL S 46 -106.81 -89.66 -48.98
C VAL S 46 -107.60 -90.31 -50.10
N GLN S 47 -108.93 -90.21 -50.02
CA GLN S 47 -109.79 -90.76 -51.06
C GLN S 47 -109.74 -89.87 -52.30
N ILE S 48 -108.81 -90.17 -53.21
CA ILE S 48 -108.65 -89.34 -54.40
C ILE S 48 -109.90 -89.40 -55.27
N PHE S 49 -110.59 -90.55 -55.27
CA PHE S 49 -111.74 -90.71 -56.14
C PHE S 49 -112.82 -89.67 -55.86
N ASP S 50 -113.02 -89.31 -54.59
CA ASP S 50 -114.06 -88.34 -54.25
C ASP S 50 -113.80 -87.00 -54.94
N LEU S 51 -112.78 -86.29 -54.48
CA LEU S 51 -112.38 -85.01 -55.10
C LEU S 51 -111.30 -85.23 -56.15
N MET S 52 -111.56 -86.13 -57.10
CA MET S 52 -110.65 -86.42 -58.20
C MET S 52 -111.27 -85.91 -59.50
N ASP S 53 -110.92 -84.68 -59.86
CA ASP S 53 -111.35 -84.09 -61.13
C ASP S 53 -110.41 -84.44 -62.29
N ALA S 54 -109.32 -85.17 -62.02
CA ALA S 54 -108.31 -85.58 -62.98
C ALA S 54 -107.45 -84.41 -63.46
N LYS S 55 -107.74 -83.19 -63.04
CA LYS S 55 -106.91 -82.04 -63.36
C LYS S 55 -106.07 -81.56 -62.18
N ALA S 56 -106.37 -82.03 -60.98
CA ALA S 56 -105.63 -81.67 -59.78
C ALA S 56 -104.83 -82.82 -59.19
N ARG S 57 -105.37 -84.04 -59.22
CA ARG S 57 -104.68 -85.17 -58.60
C ARG S 57 -103.37 -85.49 -59.32
N ALA S 58 -103.36 -85.43 -60.65
CA ALA S 58 -102.15 -85.72 -61.40
C ALA S 58 -101.05 -84.73 -61.06
N ASP S 59 -101.38 -83.43 -61.05
CA ASP S 59 -100.39 -82.43 -60.68
C ASP S 59 -99.98 -82.58 -59.22
N CYS S 60 -100.91 -82.98 -58.36
CA CYS S 60 -100.57 -83.19 -56.95
C CYS S 60 -99.53 -84.30 -56.80
N ILE S 61 -99.73 -85.41 -57.51
CA ILE S 61 -98.74 -86.49 -57.45
C ILE S 61 -97.41 -86.03 -58.05
N LYS S 62 -97.47 -85.31 -59.18
CA LYS S 62 -96.23 -84.87 -59.81
C LYS S 62 -95.43 -83.95 -58.89
N GLU S 63 -96.11 -83.05 -58.18
CA GLU S 63 -95.41 -82.14 -57.28
C GLU S 63 -94.96 -82.84 -56.00
N ILE S 64 -95.81 -83.71 -55.43
CA ILE S 64 -95.42 -84.43 -54.23
C ILE S 64 -94.29 -85.40 -54.51
N ASP S 65 -94.06 -85.76 -55.78
CA ASP S 65 -92.83 -86.44 -56.13
C ASP S 65 -91.62 -85.63 -55.67
N LEU S 66 -91.76 -84.31 -55.64
CA LEU S 66 -90.79 -83.44 -54.98
C LEU S 66 -91.27 -83.16 -53.57
N LEU S 67 -90.47 -83.59 -52.58
CA LEU S 67 -90.87 -83.54 -51.18
C LEU S 67 -89.92 -84.42 -50.37
N LYS S 68 -89.63 -85.61 -50.88
CA LYS S 68 -88.55 -86.41 -50.31
C LYS S 68 -87.22 -85.68 -50.44
N GLN S 69 -87.01 -85.01 -51.58
CA GLN S 69 -85.82 -84.18 -51.75
C GLN S 69 -85.80 -83.00 -50.80
N LEU S 70 -86.96 -82.62 -50.25
CA LEU S 70 -87.01 -81.54 -49.26
C LEU S 70 -86.42 -82.03 -47.94
N ASN S 71 -85.13 -81.79 -47.75
CA ASN S 71 -84.41 -82.27 -46.57
C ASN S 71 -84.08 -81.07 -45.68
N HIS S 72 -84.88 -80.88 -44.63
CA HIS S 72 -84.66 -79.84 -43.66
C HIS S 72 -84.86 -80.41 -42.26
N PRO S 73 -84.07 -79.98 -41.28
CA PRO S 73 -84.24 -80.53 -39.92
C PRO S 73 -85.59 -80.22 -39.30
N ASN S 74 -86.30 -79.20 -39.80
CA ASN S 74 -87.54 -78.74 -39.19
C ASN S 74 -88.77 -79.05 -40.06
N VAL S 75 -88.64 -79.94 -41.03
CA VAL S 75 -89.72 -80.31 -41.93
C VAL S 75 -89.89 -81.82 -41.89
N ILE S 76 -91.14 -82.28 -41.86
CA ILE S 76 -91.41 -83.71 -41.85
C ILE S 76 -90.77 -84.36 -43.06
N LYS S 77 -90.20 -85.54 -42.85
CA LYS S 77 -89.54 -86.27 -43.93
C LYS S 77 -90.57 -87.00 -44.78
N TYR S 78 -90.52 -86.78 -46.09
CA TYR S 78 -91.41 -87.43 -47.03
C TYR S 78 -90.74 -88.69 -47.54
N TYR S 79 -91.32 -89.86 -47.22
CA TYR S 79 -90.73 -91.13 -47.61
C TYR S 79 -91.33 -91.65 -48.92
N ALA S 80 -92.65 -91.83 -48.98
CA ALA S 80 -93.28 -92.43 -50.14
C ALA S 80 -94.54 -91.66 -50.52
N SER S 81 -94.90 -91.76 -51.79
CA SER S 81 -96.15 -91.17 -52.29
C SER S 81 -96.62 -92.00 -53.47
N PHE S 82 -97.63 -92.83 -53.24
CA PHE S 82 -98.11 -93.75 -54.27
C PHE S 82 -99.63 -93.84 -54.20
N ILE S 83 -100.20 -94.73 -54.99
CA ILE S 83 -101.64 -94.95 -55.05
C ILE S 83 -101.92 -96.42 -54.79
N GLU S 84 -102.83 -96.70 -53.86
CA GLU S 84 -103.21 -98.07 -53.55
C GLU S 84 -104.52 -98.04 -52.77
N ASP S 85 -105.30 -99.11 -52.92
CA ASP S 85 -106.59 -99.23 -52.25
C ASP S 85 -107.57 -98.16 -52.71
N ASN S 86 -107.44 -97.71 -53.96
CA ASN S 86 -108.30 -96.68 -54.53
C ASN S 86 -108.15 -95.35 -53.79
N GLU S 87 -106.99 -95.14 -53.17
CA GLU S 87 -106.72 -93.91 -52.45
C GLU S 87 -105.22 -93.70 -52.40
N LEU S 88 -104.81 -92.48 -52.09
CA LEU S 88 -103.39 -92.18 -52.01
C LEU S 88 -102.77 -92.83 -50.78
N ASN S 89 -101.45 -92.95 -50.80
CA ASN S 89 -100.69 -93.51 -49.69
C ASN S 89 -99.40 -92.72 -49.57
N ILE S 90 -99.25 -91.97 -48.48
CA ILE S 90 -98.11 -91.10 -48.25
C ILE S 90 -97.40 -91.60 -47.01
N VAL S 91 -96.12 -91.95 -47.15
CA VAL S 91 -95.28 -92.42 -46.06
C VAL S 91 -94.41 -91.24 -45.63
N LEU S 92 -94.53 -90.86 -44.36
CA LEU S 92 -93.81 -89.73 -43.79
C LEU S 92 -93.23 -90.13 -42.44
N GLU S 93 -92.52 -89.19 -41.81
CA GLU S 93 -92.03 -89.40 -40.46
C GLU S 93 -93.18 -89.29 -39.46
N LEU S 94 -93.04 -89.99 -38.35
CA LEU S 94 -94.07 -90.04 -37.31
C LEU S 94 -93.58 -89.30 -36.06
N ALA S 95 -94.37 -88.33 -35.61
CA ALA S 95 -94.10 -87.58 -34.38
C ALA S 95 -95.41 -87.51 -33.61
N ASP S 96 -95.64 -88.52 -32.77
CA ASP S 96 -96.91 -88.62 -32.04
C ASP S 96 -96.88 -87.78 -30.77
N ALA S 97 -95.82 -87.94 -29.96
CA ALA S 97 -95.72 -87.16 -28.73
C ALA S 97 -95.74 -85.67 -29.00
N GLY S 98 -95.20 -85.25 -30.14
CA GLY S 98 -95.17 -83.84 -30.49
C GLY S 98 -96.28 -83.44 -31.44
N ASP S 99 -97.30 -82.77 -30.91
CA ASP S 99 -98.43 -82.32 -31.72
C ASP S 99 -99.03 -81.09 -31.04
N LEU S 100 -98.79 -79.92 -31.62
CA LEU S 100 -99.27 -78.68 -31.00
C LEU S 100 -100.77 -78.73 -30.74
N SER S 101 -101.52 -79.45 -31.58
CA SER S 101 -102.97 -79.54 -31.37
C SER S 101 -103.28 -80.14 -30.00
N ARG S 102 -102.59 -81.21 -29.63
CA ARG S 102 -102.78 -81.81 -28.32
C ARG S 102 -102.08 -81.02 -27.22
N MET S 103 -100.94 -80.40 -27.53
CA MET S 103 -100.23 -79.62 -26.52
C MET S 103 -101.07 -78.44 -26.05
N ILE S 104 -101.75 -77.75 -26.96
CA ILE S 104 -102.59 -76.61 -26.58
C ILE S 104 -103.71 -77.06 -25.68
N LYS S 105 -104.36 -78.18 -26.03
CA LYS S 105 -105.45 -78.69 -25.19
C LYS S 105 -104.95 -79.08 -23.81
N HIS S 106 -103.78 -79.74 -23.75
CA HIS S 106 -103.23 -80.13 -22.46
C HIS S 106 -102.91 -78.90 -21.61
N PHE S 107 -102.31 -77.87 -22.23
CA PHE S 107 -101.93 -76.68 -21.46
C PHE S 107 -103.17 -75.90 -21.01
N LYS S 108 -104.23 -75.89 -21.83
CA LYS S 108 -105.45 -75.21 -21.42
C LYS S 108 -106.03 -75.77 -20.14
N LYS S 109 -105.70 -77.03 -19.81
CA LYS S 109 -106.16 -77.59 -18.54
C LYS S 109 -105.60 -76.80 -17.36
N GLN S 110 -104.32 -76.43 -17.43
CA GLN S 110 -103.71 -75.60 -16.39
C GLN S 110 -103.97 -74.13 -16.67
N LYS S 111 -104.19 -73.37 -15.60
CA LYS S 111 -104.44 -71.93 -15.76
C LYS S 111 -103.24 -71.23 -16.40
N ARG S 112 -102.03 -71.57 -15.95
CA ARG S 112 -100.84 -70.98 -16.55
C ARG S 112 -100.68 -71.45 -17.99
N LEU S 113 -100.23 -70.53 -18.85
CA LEU S 113 -100.11 -70.77 -20.28
C LEU S 113 -98.63 -70.84 -20.66
N ILE S 114 -98.38 -71.05 -21.95
CA ILE S 114 -97.05 -71.40 -22.44
C ILE S 114 -96.08 -70.23 -22.25
N PRO S 115 -94.78 -70.49 -22.21
CA PRO S 115 -93.82 -69.39 -22.00
C PRO S 115 -93.29 -68.80 -23.29
N GLU S 116 -92.98 -67.49 -23.19
CA GLU S 116 -92.42 -66.78 -24.33
C GLU S 116 -91.13 -67.44 -24.82
N ARG S 117 -90.31 -67.92 -23.90
CA ARG S 117 -89.05 -68.54 -24.28
C ARG S 117 -89.29 -69.77 -25.16
N THR S 118 -90.20 -70.64 -24.73
CA THR S 118 -90.46 -71.86 -25.50
C THR S 118 -91.10 -71.52 -26.85
N VAL S 119 -92.04 -70.58 -26.88
CA VAL S 119 -92.67 -70.24 -28.15
C VAL S 119 -91.63 -69.66 -29.10
N TRP S 120 -90.72 -68.83 -28.60
CA TRP S 120 -89.66 -68.31 -29.46
C TRP S 120 -88.74 -69.42 -29.96
N LYS S 121 -88.39 -70.35 -29.08
CA LYS S 121 -87.50 -71.44 -29.47
C LYS S 121 -88.13 -72.30 -30.57
N TYR S 122 -89.45 -72.50 -30.52
CA TYR S 122 -90.11 -73.25 -31.57
C TYR S 122 -90.29 -72.39 -32.83
N PHE S 123 -90.56 -71.09 -32.64
CA PHE S 123 -90.88 -70.21 -33.77
C PHE S 123 -89.65 -69.95 -34.63
N VAL S 124 -88.46 -69.91 -34.03
CA VAL S 124 -87.25 -69.72 -34.83
C VAL S 124 -87.10 -70.88 -35.81
N GLN S 125 -87.31 -72.11 -35.34
CA GLN S 125 -87.23 -73.28 -36.23
C GLN S 125 -88.33 -73.23 -37.28
N LEU S 126 -89.55 -72.83 -36.89
CA LEU S 126 -90.62 -72.73 -37.86
C LEU S 126 -90.27 -71.73 -38.97
N CYS S 127 -89.72 -70.58 -38.59
CA CYS S 127 -89.32 -69.58 -39.57
C CYS S 127 -88.19 -70.11 -40.45
N SER S 128 -87.24 -70.84 -39.86
CA SER S 128 -86.16 -71.41 -40.65
C SER S 128 -86.71 -72.35 -41.72
N ALA S 129 -87.65 -73.22 -41.34
CA ALA S 129 -88.23 -74.14 -42.31
C ALA S 129 -88.99 -73.39 -43.38
N LEU S 130 -89.80 -72.40 -42.98
CA LEU S 130 -90.58 -71.65 -43.95
C LEU S 130 -89.69 -70.93 -44.95
N GLU S 131 -88.63 -70.28 -44.46
CA GLU S 131 -87.70 -69.59 -45.35
C GLU S 131 -86.98 -70.57 -46.26
N HIS S 132 -86.56 -71.71 -45.73
CA HIS S 132 -85.84 -72.68 -46.53
C HIS S 132 -86.69 -73.18 -47.69
N MET S 133 -87.97 -73.48 -47.41
CA MET S 133 -88.83 -73.98 -48.50
C MET S 133 -89.27 -72.86 -49.43
N HIS S 134 -89.47 -71.64 -48.92
CA HIS S 134 -89.89 -70.54 -49.77
C HIS S 134 -88.78 -70.13 -50.74
N SER S 135 -87.53 -70.16 -50.28
CA SER S 135 -86.41 -69.81 -51.14
C SER S 135 -86.33 -70.74 -52.35
N ARG S 136 -86.92 -71.92 -52.27
CA ARG S 136 -87.04 -72.83 -53.39
C ARG S 136 -88.41 -72.75 -54.06
N ARG S 137 -89.18 -71.70 -53.76
CA ARG S 137 -90.48 -71.43 -54.36
C ARG S 137 -91.56 -72.39 -53.88
N VAL S 138 -91.29 -73.21 -52.87
CA VAL S 138 -92.25 -74.17 -52.36
C VAL S 138 -92.86 -73.61 -51.09
N MET S 139 -94.17 -73.80 -50.94
CA MET S 139 -94.93 -73.18 -49.87
C MET S 139 -95.66 -74.24 -49.05
N HIS S 140 -95.94 -73.92 -47.79
CA HIS S 140 -96.79 -74.76 -46.97
C HIS S 140 -98.25 -74.36 -47.22
N ARG S 141 -99.02 -75.30 -47.78
CA ARG S 141 -100.40 -74.98 -48.16
C ARG S 141 -101.22 -74.55 -46.96
N ASP S 142 -101.11 -75.27 -45.84
CA ASP S 142 -101.85 -74.97 -44.63
C ASP S 142 -100.93 -75.17 -43.43
N ILE S 143 -100.78 -74.13 -42.62
CA ILE S 143 -99.96 -74.16 -41.41
C ILE S 143 -100.91 -74.08 -40.22
N LYS S 144 -100.89 -75.10 -39.37
CA LYS S 144 -101.81 -75.19 -38.26
C LYS S 144 -101.13 -75.94 -37.12
N PRO S 145 -101.60 -75.73 -35.88
CA PRO S 145 -101.02 -76.49 -34.76
C PRO S 145 -101.16 -77.99 -34.94
N ALA S 146 -102.28 -78.45 -35.49
CA ALA S 146 -102.50 -79.87 -35.72
C ALA S 146 -101.56 -80.44 -36.77
N ASN S 147 -100.93 -79.60 -37.60
CA ASN S 147 -99.99 -80.05 -38.60
C ASN S 147 -98.57 -79.55 -38.34
N VAL S 148 -98.32 -78.95 -37.18
CA VAL S 148 -96.97 -78.65 -36.73
C VAL S 148 -96.62 -79.63 -35.63
N PHE S 149 -95.55 -80.39 -35.82
CA PHE S 149 -95.11 -81.41 -34.88
C PHE S 149 -93.75 -81.04 -34.30
N ILE S 150 -93.53 -81.46 -33.06
CA ILE S 150 -92.24 -81.30 -32.40
C ILE S 150 -91.72 -82.67 -32.00
N THR S 151 -90.54 -82.72 -31.40
CA THR S 151 -89.93 -83.97 -30.96
C THR S 151 -89.43 -83.81 -29.52
N ALA S 152 -88.99 -84.92 -28.95
CA ALA S 152 -88.49 -84.90 -27.58
C ALA S 152 -87.25 -84.01 -27.47
N THR S 153 -86.39 -84.02 -28.49
CA THR S 153 -85.18 -83.22 -28.47
C THR S 153 -85.45 -81.73 -28.51
N GLY S 154 -86.67 -81.31 -28.81
CA GLY S 154 -87.02 -79.90 -28.90
C GLY S 154 -87.08 -79.35 -30.31
N VAL S 155 -86.93 -80.20 -31.33
CA VAL S 155 -87.01 -79.75 -32.71
C VAL S 155 -88.47 -79.70 -33.15
N VAL S 156 -88.78 -78.75 -34.03
CA VAL S 156 -90.13 -78.55 -34.54
C VAL S 156 -90.16 -79.00 -35.99
N LYS S 157 -90.98 -80.00 -36.29
CA LYS S 157 -91.12 -80.55 -37.62
C LYS S 157 -92.42 -80.08 -38.25
N LEU S 158 -92.32 -79.50 -39.44
CA LEU S 158 -93.50 -79.02 -40.16
C LEU S 158 -94.22 -80.19 -40.82
N GLY S 159 -95.53 -80.28 -40.60
CA GLY S 159 -96.31 -81.41 -41.07
C GLY S 159 -96.59 -81.34 -42.55
N ASP S 160 -97.27 -82.39 -43.03
CA ASP S 160 -97.58 -82.50 -44.45
C ASP S 160 -98.58 -81.43 -44.86
N LEU S 161 -98.28 -80.74 -45.96
CA LEU S 161 -99.18 -79.70 -46.45
C LEU S 161 -100.43 -80.31 -47.05
N GLY S 162 -101.58 -79.73 -46.72
CA GLY S 162 -102.85 -80.20 -47.23
C GLY S 162 -103.05 -79.90 -48.69
N THR S 180 -113.46 -75.79 -45.47
CA THR S 180 -112.84 -74.55 -45.03
C THR S 180 -111.55 -74.87 -44.26
N PRO S 181 -110.47 -74.16 -44.54
CA PRO S 181 -109.20 -74.43 -43.85
C PRO S 181 -109.20 -73.87 -42.43
N TYR S 182 -108.17 -74.26 -41.68
CA TYR S 182 -108.03 -73.76 -40.32
C TYR S 182 -107.85 -72.24 -40.31
N TYR S 183 -107.06 -71.71 -41.23
CA TYR S 183 -106.81 -70.27 -41.32
C TYR S 183 -107.22 -69.81 -42.72
N MET S 184 -108.11 -68.81 -42.76
CA MET S 184 -108.57 -68.24 -44.03
C MET S 184 -107.67 -67.06 -44.38
N SER S 185 -106.93 -67.18 -45.47
CA SER S 185 -106.02 -66.12 -45.87
C SER S 185 -106.82 -64.90 -46.35
N PRO S 186 -106.28 -63.69 -46.15
CA PRO S 186 -106.92 -62.51 -46.76
C PRO S 186 -106.99 -62.61 -48.27
N GLU S 187 -106.02 -63.26 -48.91
CA GLU S 187 -106.12 -63.52 -50.34
C GLU S 187 -107.12 -64.62 -50.66
N ARG S 188 -107.31 -65.59 -49.76
CA ARG S 188 -108.39 -66.55 -49.94
C ARG S 188 -109.75 -65.85 -49.92
N ILE S 189 -109.98 -65.02 -48.90
CA ILE S 189 -111.13 -64.13 -48.92
C ILE S 189 -110.97 -63.15 -50.07
N HIS S 190 -112.06 -62.87 -50.78
CA HIS S 190 -111.98 -62.18 -52.06
C HIS S 190 -110.99 -62.92 -52.96
N GLU S 191 -111.29 -64.20 -53.19
CA GLU S 191 -110.32 -65.14 -53.72
C GLU S 191 -109.63 -64.61 -54.96
N ASN S 192 -108.30 -64.51 -54.90
CA ASN S 192 -107.48 -64.18 -56.06
C ASN S 192 -106.25 -65.06 -56.20
N GLY S 193 -105.90 -65.85 -55.19
CA GLY S 193 -104.71 -66.68 -55.25
C GLY S 193 -104.17 -66.92 -53.87
N TYR S 194 -103.00 -67.55 -53.83
CA TYR S 194 -102.31 -67.88 -52.58
C TYR S 194 -100.86 -67.41 -52.71
N ASN S 195 -100.56 -66.26 -52.10
CA ASN S 195 -99.27 -65.61 -52.23
C ASN S 195 -98.32 -66.08 -51.12
N PHE S 196 -97.05 -65.70 -51.26
CA PHE S 196 -96.07 -65.98 -50.22
C PHE S 196 -96.48 -65.35 -48.88
N LYS S 197 -97.25 -64.28 -48.92
CA LYS S 197 -97.70 -63.62 -47.70
C LYS S 197 -98.87 -64.34 -47.04
N SER S 198 -99.55 -65.22 -47.77
CA SER S 198 -100.55 -66.07 -47.13
C SER S 198 -99.90 -66.99 -46.10
N ASP S 199 -98.70 -67.52 -46.44
CA ASP S 199 -97.96 -68.32 -45.46
C ASP S 199 -97.58 -67.47 -44.26
N ILE S 200 -97.21 -66.21 -44.48
CA ILE S 200 -96.89 -65.32 -43.36
C ILE S 200 -98.11 -65.11 -42.48
N TRP S 201 -99.28 -64.91 -43.09
CA TRP S 201 -100.50 -64.75 -42.32
C TRP S 201 -100.81 -66.01 -41.51
N SER S 202 -100.67 -67.18 -42.14
CA SER S 202 -100.92 -68.42 -41.42
C SER S 202 -99.95 -68.60 -40.27
N LEU S 203 -98.68 -68.22 -40.48
CA LEU S 203 -97.69 -68.34 -39.42
C LEU S 203 -97.97 -67.37 -38.28
N GLY S 204 -98.42 -66.16 -38.59
CA GLY S 204 -98.80 -65.23 -37.54
C GLY S 204 -100.00 -65.71 -36.75
N CYS S 205 -100.99 -66.27 -37.45
CA CYS S 205 -102.14 -66.85 -36.76
C CYS S 205 -101.71 -68.04 -35.90
N LEU S 206 -100.73 -68.82 -36.37
CA LEU S 206 -100.20 -69.91 -35.56
C LEU S 206 -99.49 -69.38 -34.32
N LEU S 207 -98.75 -68.28 -34.47
CA LEU S 207 -98.13 -67.66 -33.30
C LEU S 207 -99.19 -67.23 -32.30
N TYR S 208 -100.27 -66.62 -32.78
CA TYR S 208 -101.35 -66.21 -31.90
C TYR S 208 -101.99 -67.42 -31.22
N GLU S 209 -102.17 -68.51 -31.96
CA GLU S 209 -102.76 -69.72 -31.39
C GLU S 209 -101.86 -70.30 -30.31
N MET S 210 -100.55 -70.35 -30.56
CA MET S 210 -99.63 -70.83 -29.54
C MET S 210 -99.67 -69.91 -28.33
N ALA S 211 -99.75 -68.60 -28.56
CA ALA S 211 -99.70 -67.63 -27.47
C ALA S 211 -100.93 -67.73 -26.57
N ALA S 212 -102.12 -67.76 -27.16
CA ALA S 212 -103.36 -67.69 -26.41
C ALA S 212 -104.05 -69.04 -26.25
N LEU S 213 -103.41 -70.13 -26.67
CA LEU S 213 -104.02 -71.46 -26.72
C LEU S 213 -105.19 -71.53 -27.68
N GLN S 214 -105.45 -70.47 -28.45
CA GLN S 214 -106.63 -70.41 -29.29
C GLN S 214 -106.37 -69.47 -30.47
N SER S 215 -107.04 -69.74 -31.59
CA SER S 215 -106.86 -68.97 -32.80
C SER S 215 -107.40 -67.55 -32.62
N PRO S 216 -106.90 -66.61 -33.42
CA PRO S 216 -107.34 -65.21 -33.29
C PRO S 216 -108.73 -64.91 -33.82
N PHE S 217 -109.51 -65.92 -34.22
CA PHE S 217 -110.84 -65.71 -34.77
C PHE S 217 -111.85 -66.66 -34.13
N TYR S 218 -111.81 -66.74 -32.81
CA TYR S 218 -112.79 -67.49 -32.03
C TYR S 218 -113.86 -66.55 -31.51
N GLY S 219 -115.09 -67.06 -31.42
CA GLY S 219 -116.19 -66.27 -30.91
C GLY S 219 -117.47 -67.07 -30.93
N ASP S 220 -118.48 -66.53 -30.25
CA ASP S 220 -119.78 -67.17 -30.22
C ASP S 220 -120.43 -67.18 -31.59
N LYS S 221 -120.30 -66.10 -32.34
CA LYS S 221 -120.86 -66.03 -33.69
C LYS S 221 -120.04 -66.88 -34.63
N MET S 222 -120.46 -68.13 -34.84
CA MET S 222 -119.74 -69.07 -35.69
C MET S 222 -120.19 -69.04 -37.14
N ASN S 223 -120.77 -67.92 -37.60
CA ASN S 223 -121.25 -67.85 -38.97
C ASN S 223 -120.15 -67.37 -39.91
N LEU S 224 -120.20 -67.89 -41.14
CA LEU S 224 -119.13 -67.65 -42.11
C LEU S 224 -118.98 -66.16 -42.40
N TYR S 225 -120.10 -65.46 -42.59
CA TYR S 225 -120.03 -64.04 -42.90
C TYR S 225 -119.41 -63.26 -41.74
N SER S 226 -119.82 -63.57 -40.51
CA SER S 226 -119.27 -62.87 -39.36
C SER S 226 -117.76 -63.07 -39.27
N LEU S 227 -117.31 -64.31 -39.38
CA LEU S 227 -115.87 -64.55 -39.27
C LEU S 227 -115.10 -63.97 -40.46
N CYS S 228 -115.69 -63.97 -41.65
CA CYS S 228 -115.04 -63.37 -42.81
C CYS S 228 -114.87 -61.87 -42.62
N LYS S 229 -115.91 -61.19 -42.13
CA LYS S 229 -115.77 -59.76 -41.87
C LYS S 229 -114.82 -59.50 -40.71
N LYS S 230 -114.74 -60.42 -39.75
CA LYS S 230 -113.75 -60.30 -38.68
C LYS S 230 -112.34 -60.33 -39.26
N ILE S 231 -112.08 -61.27 -40.17
CA ILE S 231 -110.78 -61.33 -40.82
C ILE S 231 -110.53 -60.06 -41.63
N GLU S 232 -111.55 -59.58 -42.35
CA GLU S 232 -111.37 -58.39 -43.18
C GLU S 232 -111.01 -57.18 -42.33
N GLN S 233 -111.71 -56.99 -41.20
CA GLN S 233 -111.43 -55.86 -40.33
C GLN S 233 -110.17 -56.05 -39.49
N CYS S 234 -109.69 -57.29 -39.37
CA CYS S 234 -108.46 -57.57 -38.64
C CYS S 234 -108.55 -57.09 -37.19
N ASP S 235 -109.64 -57.52 -36.53
CA ASP S 235 -109.89 -57.17 -35.13
C ASP S 235 -109.83 -58.44 -34.31
N TYR S 236 -108.90 -58.49 -33.36
CA TYR S 236 -108.72 -59.63 -32.49
C TYR S 236 -108.37 -59.13 -31.09
N PRO S 237 -108.70 -59.90 -30.05
CA PRO S 237 -108.25 -59.53 -28.70
C PRO S 237 -106.75 -59.59 -28.51
N PRO S 238 -106.06 -58.44 -28.46
CA PRO S 238 -104.61 -58.46 -28.28
C PRO S 238 -104.11 -59.44 -27.23
N LEU S 239 -102.97 -60.06 -27.52
CA LEU S 239 -102.42 -61.04 -26.61
C LEU S 239 -102.07 -60.38 -25.28
N PRO S 240 -102.07 -61.14 -24.19
CA PRO S 240 -101.84 -60.52 -22.86
C PRO S 240 -100.51 -59.78 -22.84
N SER S 241 -100.60 -58.46 -22.71
CA SER S 241 -99.39 -57.64 -22.69
C SER S 241 -98.53 -57.95 -21.47
N ASP S 242 -99.16 -58.14 -20.30
CA ASP S 242 -98.43 -58.40 -19.07
C ASP S 242 -98.04 -59.87 -18.93
N HIS S 243 -98.07 -60.63 -20.03
CA HIS S 243 -97.41 -61.94 -20.03
C HIS S 243 -96.66 -62.23 -21.33
N TYR S 244 -97.00 -61.58 -22.45
CA TYR S 244 -96.28 -61.71 -23.70
C TYR S 244 -95.61 -60.39 -24.06
N SER S 245 -94.58 -60.49 -24.89
CA SER S 245 -93.71 -59.36 -25.17
C SER S 245 -94.34 -58.39 -26.17
N GLU S 246 -93.91 -57.13 -26.09
CA GLU S 246 -94.40 -56.11 -27.01
C GLU S 246 -93.95 -56.39 -28.44
N GLU S 247 -92.68 -56.72 -28.63
CA GLU S 247 -92.19 -56.96 -29.98
C GLU S 247 -92.89 -58.17 -30.60
N LEU S 248 -93.16 -59.20 -29.79
CA LEU S 248 -93.87 -60.36 -30.32
C LEU S 248 -95.32 -60.03 -30.63
N ARG S 249 -95.98 -59.27 -29.75
CA ARG S 249 -97.37 -58.89 -29.98
C ARG S 249 -97.51 -58.01 -31.21
N GLN S 250 -96.47 -57.24 -31.54
CA GLN S 250 -96.50 -56.44 -32.76
C GLN S 250 -96.06 -57.22 -33.99
N LEU S 251 -95.17 -58.19 -33.82
CA LEU S 251 -94.80 -59.05 -34.95
C LEU S 251 -96.00 -59.86 -35.42
N VAL S 252 -96.79 -60.39 -34.48
CA VAL S 252 -97.99 -61.12 -34.86
C VAL S 252 -98.96 -60.19 -35.57
N ASN S 253 -99.05 -58.94 -35.12
CA ASN S 253 -99.94 -57.98 -35.77
C ASN S 253 -99.49 -57.71 -37.21
N MET S 254 -98.19 -57.51 -37.41
CA MET S 254 -97.68 -57.30 -38.77
C MET S 254 -97.94 -58.52 -39.65
N CYS S 255 -97.69 -59.71 -39.14
CA CYS S 255 -97.95 -60.92 -39.91
C CYS S 255 -99.44 -61.12 -40.18
N ILE S 256 -100.30 -60.58 -39.33
CA ILE S 256 -101.75 -60.67 -39.52
C ILE S 256 -102.26 -59.32 -40.01
N ASN S 257 -102.35 -59.15 -41.33
CA ASN S 257 -102.74 -57.89 -41.93
C ASN S 257 -103.51 -58.15 -43.21
N PRO S 258 -104.59 -57.39 -43.47
CA PRO S 258 -105.29 -57.58 -44.76
C PRO S 258 -104.41 -57.31 -45.97
N ASP S 259 -103.51 -56.35 -45.88
CA ASP S 259 -102.67 -55.99 -47.03
C ASP S 259 -101.64 -57.09 -47.27
N PRO S 260 -101.50 -57.60 -48.50
CA PRO S 260 -100.48 -58.65 -48.71
C PRO S 260 -99.07 -58.20 -48.37
N GLU S 261 -98.63 -57.06 -48.90
CA GLU S 261 -97.27 -56.59 -48.63
C GLU S 261 -97.10 -56.05 -47.21
N LYS S 262 -98.19 -55.82 -46.48
CA LYS S 262 -98.06 -55.40 -45.09
C LYS S 262 -97.39 -56.49 -44.26
N ARG S 263 -97.60 -57.75 -44.60
CA ARG S 263 -96.99 -58.85 -43.87
C ARG S 263 -95.49 -58.87 -44.12
N PRO S 264 -94.65 -58.86 -43.09
CA PRO S 264 -93.20 -58.91 -43.33
C PRO S 264 -92.78 -60.21 -43.99
N ASP S 265 -91.71 -60.13 -44.76
CA ASP S 265 -91.27 -61.26 -45.57
C ASP S 265 -90.75 -62.38 -44.67
N VAL S 266 -90.65 -63.58 -45.27
CA VAL S 266 -90.23 -64.74 -44.50
C VAL S 266 -88.84 -64.54 -43.91
N THR S 267 -87.92 -63.96 -44.70
CA THR S 267 -86.59 -63.71 -44.19
C THR S 267 -86.63 -62.71 -43.03
N TYR S 268 -87.47 -61.68 -43.15
CA TYR S 268 -87.59 -60.69 -42.08
C TYR S 268 -88.06 -61.34 -40.78
N VAL S 269 -89.14 -62.14 -40.86
CA VAL S 269 -89.66 -62.77 -39.66
C VAL S 269 -88.64 -63.77 -39.09
N TYR S 270 -87.93 -64.48 -39.97
CA TYR S 270 -86.90 -65.39 -39.50
C TYR S 270 -85.78 -64.66 -38.77
N ASP S 271 -85.35 -63.52 -39.31
CA ASP S 271 -84.28 -62.76 -38.68
C ASP S 271 -84.70 -62.24 -37.32
N VAL S 272 -85.92 -61.70 -37.21
CA VAL S 272 -86.38 -61.22 -35.90
C VAL S 272 -86.50 -62.38 -34.92
N ALA S 273 -87.03 -63.52 -35.38
CA ALA S 273 -87.12 -64.70 -34.53
C ALA S 273 -85.74 -65.12 -34.03
N LYS S 274 -84.74 -65.09 -34.90
CA LYS S 274 -83.39 -65.47 -34.50
C LYS S 274 -82.85 -64.51 -33.46
N ARG S 275 -83.02 -63.20 -33.69
CA ARG S 275 -82.47 -62.21 -32.77
C ARG S 275 -83.16 -62.27 -31.41
N MET S 276 -84.43 -62.70 -31.38
CA MET S 276 -85.08 -62.92 -30.09
C MET S 276 -84.65 -64.24 -29.44
N HIS S 277 -84.42 -65.30 -30.23
CA HIS S 277 -83.99 -66.54 -29.61
C HIS S 277 -82.59 -66.39 -29.01
N ALA S 278 -81.77 -65.55 -29.63
CA ALA S 278 -80.44 -65.26 -29.08
C ALA S 278 -80.54 -64.58 -27.72
N LYS T 1 -63.74 -78.68 -124.55
CA LYS T 1 -63.41 -78.12 -125.85
C LYS T 1 -61.95 -77.66 -125.91
N ALA T 2 -61.70 -76.61 -126.68
CA ALA T 2 -60.35 -76.07 -126.86
C ALA T 2 -60.33 -74.65 -126.28
N LEU T 3 -59.95 -74.55 -125.01
CA LEU T 3 -59.78 -73.25 -124.39
C LEU T 3 -58.59 -72.52 -125.01
N ARG T 4 -58.64 -71.19 -124.95
CA ARG T 4 -57.58 -70.39 -125.52
C ARG T 4 -56.25 -70.76 -124.86
N PRO T 5 -55.14 -70.79 -125.61
CA PRO T 5 -53.87 -71.21 -125.02
C PRO T 5 -53.51 -70.36 -123.81
N ASP T 6 -53.05 -71.04 -122.76
CA ASP T 6 -52.67 -70.38 -121.51
C ASP T 6 -51.17 -70.15 -121.51
N MET T 7 -50.76 -69.14 -122.28
CA MET T 7 -49.35 -68.78 -122.42
C MET T 7 -49.00 -67.53 -121.64
N GLY T 8 -49.70 -66.42 -121.87
CA GLY T 8 -49.46 -65.19 -121.16
C GLY T 8 -50.45 -64.96 -120.03
N TYR T 9 -50.33 -63.79 -119.41
CA TYR T 9 -51.19 -63.39 -118.32
C TYR T 9 -52.39 -62.56 -118.78
N ASN T 10 -52.54 -62.36 -120.09
CA ASN T 10 -53.63 -61.55 -120.66
C ASN T 10 -54.44 -62.44 -121.59
N THR T 11 -55.40 -63.17 -121.03
CA THR T 11 -56.27 -64.04 -121.81
C THR T 11 -57.42 -64.56 -120.95
N LEU T 12 -58.61 -64.68 -121.53
CA LEU T 12 -59.75 -65.15 -120.76
C LEU T 12 -59.61 -66.60 -120.36
N ALA T 13 -58.98 -67.43 -121.21
CA ALA T 13 -58.81 -68.84 -120.88
C ALA T 13 -58.03 -69.02 -119.58
N ASN T 14 -57.20 -68.04 -119.27
CA ASN T 14 -56.43 -68.07 -118.04
C ASN T 14 -57.26 -67.65 -116.83
N PHE T 15 -58.58 -67.48 -116.98
CA PHE T 15 -59.44 -67.05 -115.90
C PHE T 15 -60.72 -67.88 -115.87
N ARG T 16 -61.14 -68.24 -114.66
CA ARG T 16 -62.36 -69.03 -114.44
C ARG T 16 -63.32 -68.19 -113.62
N ILE T 17 -64.44 -67.80 -114.23
CA ILE T 17 -65.41 -66.91 -113.60
C ILE T 17 -66.22 -67.74 -112.61
N GLU T 18 -65.91 -67.60 -111.32
CA GLU T 18 -66.68 -68.29 -110.29
C GLU T 18 -68.11 -67.76 -110.24
N LYS T 19 -68.29 -66.45 -110.32
CA LYS T 19 -69.60 -65.83 -110.29
C LYS T 19 -69.45 -64.37 -110.71
N LYS T 20 -70.57 -63.66 -110.77
CA LYS T 20 -70.61 -62.25 -111.13
C LYS T 20 -70.75 -61.43 -109.85
N ILE T 21 -69.68 -60.72 -109.48
CA ILE T 21 -69.72 -59.93 -108.26
C ILE T 21 -70.73 -58.80 -108.39
N GLY T 22 -70.81 -58.20 -109.57
CA GLY T 22 -71.77 -57.13 -109.81
C GLY T 22 -71.85 -56.84 -111.29
N ARG T 23 -72.78 -55.97 -111.64
CA ARG T 23 -72.99 -55.58 -113.04
C ARG T 23 -73.36 -54.11 -113.07
N GLY T 24 -72.36 -53.25 -113.28
CA GLY T 24 -72.60 -51.83 -113.42
C GLY T 24 -72.90 -51.45 -114.87
N GLN T 25 -73.39 -50.22 -115.03
CA GLN T 25 -73.74 -49.75 -116.36
C GLN T 25 -72.51 -49.66 -117.27
N PHE T 26 -71.34 -49.40 -116.69
CA PHE T 26 -70.11 -49.23 -117.45
C PHE T 26 -69.26 -50.48 -117.52
N SER T 27 -69.32 -51.35 -116.49
CA SER T 27 -68.47 -52.52 -116.43
C SER T 27 -69.22 -53.66 -115.75
N GLU T 28 -68.78 -54.88 -116.05
CA GLU T 28 -69.26 -56.09 -115.40
C GLU T 28 -68.07 -56.78 -114.74
N VAL T 29 -68.19 -57.07 -113.44
CA VAL T 29 -67.10 -57.59 -112.63
C VAL T 29 -67.43 -59.03 -112.23
N TYR T 30 -66.47 -59.93 -112.44
CA TYR T 30 -66.64 -61.34 -112.11
C TYR T 30 -65.46 -61.79 -111.26
N ARG T 31 -65.71 -62.81 -110.43
CA ARG T 31 -64.69 -63.37 -109.55
C ARG T 31 -63.93 -64.43 -110.33
N ALA T 32 -62.87 -64.01 -111.01
CA ALA T 32 -62.09 -64.91 -111.85
C ALA T 32 -60.98 -65.57 -111.05
N ALA T 33 -60.40 -66.62 -111.62
CA ALA T 33 -59.32 -67.36 -110.99
C ALA T 33 -58.22 -67.56 -112.02
N CYS T 34 -57.04 -66.99 -111.76
CA CYS T 34 -55.91 -67.09 -112.69
C CYS T 34 -55.43 -68.53 -112.75
N LEU T 35 -55.74 -69.22 -113.86
CA LEU T 35 -55.34 -70.62 -113.99
C LEU T 35 -53.82 -70.76 -113.98
N LEU T 36 -53.11 -69.88 -114.69
CA LEU T 36 -51.66 -69.98 -114.75
C LEU T 36 -51.05 -69.77 -113.37
N ASP T 37 -51.54 -68.78 -112.62
CA ASP T 37 -51.02 -68.49 -111.29
C ASP T 37 -51.77 -69.28 -110.22
N GLY T 38 -53.09 -69.10 -110.14
CA GLY T 38 -53.90 -69.83 -109.18
C GLY T 38 -54.36 -69.00 -108.01
N VAL T 39 -54.73 -67.75 -108.27
CA VAL T 39 -55.25 -66.86 -107.22
C VAL T 39 -56.57 -66.27 -107.68
N PRO T 40 -57.51 -65.98 -106.77
CA PRO T 40 -58.79 -65.38 -107.17
C PRO T 40 -58.67 -63.87 -107.31
N VAL T 41 -58.85 -63.37 -108.54
CA VAL T 41 -58.79 -61.95 -108.82
C VAL T 41 -60.16 -61.51 -109.33
N ALA T 42 -60.29 -60.22 -109.60
CA ALA T 42 -61.51 -59.63 -110.13
C ALA T 42 -61.27 -59.28 -111.60
N LEU T 43 -62.12 -59.82 -112.48
CA LEU T 43 -62.05 -59.55 -113.90
C LEU T 43 -63.18 -58.60 -114.26
N LYS T 44 -62.84 -57.38 -114.66
CA LYS T 44 -63.80 -56.37 -115.05
C LYS T 44 -63.76 -56.20 -116.56
N LYS T 45 -64.93 -56.28 -117.19
CA LYS T 45 -65.06 -56.17 -118.63
C LYS T 45 -65.97 -55.00 -118.98
N VAL T 46 -65.53 -54.18 -119.94
CA VAL T 46 -66.29 -53.05 -120.44
C VAL T 46 -66.39 -53.18 -121.95
N GLN T 47 -67.60 -52.95 -122.48
CA GLN T 47 -67.81 -53.00 -123.92
C GLN T 47 -67.23 -51.75 -124.58
N ILE T 48 -65.96 -51.84 -124.98
CA ILE T 48 -65.28 -50.68 -125.55
C ILE T 48 -65.94 -50.28 -126.87
N PHE T 49 -66.48 -51.26 -127.61
CA PHE T 49 -67.05 -50.97 -128.91
C PHE T 49 -68.19 -49.96 -128.83
N ASP T 50 -69.00 -50.03 -127.77
CA ASP T 50 -70.13 -49.12 -127.65
C ASP T 50 -69.65 -47.67 -127.59
N LEU T 51 -69.03 -47.27 -126.49
CA LEU T 51 -68.45 -45.93 -126.35
C LEU T 51 -66.98 -45.92 -126.76
N MET T 52 -66.71 -46.39 -127.96
CA MET T 52 -65.35 -46.41 -128.52
C MET T 52 -65.31 -45.41 -129.68
N ASP T 53 -64.88 -44.18 -129.37
CA ASP T 53 -64.68 -43.15 -130.37
C ASP T 53 -63.28 -43.21 -130.99
N ALA T 54 -62.42 -44.11 -130.51
CA ALA T 54 -61.04 -44.29 -130.96
C ALA T 54 -60.13 -43.15 -130.51
N LYS T 55 -60.66 -42.12 -129.87
CA LYS T 55 -59.84 -41.04 -129.33
C LYS T 55 -59.72 -41.09 -127.81
N ALA T 56 -60.53 -41.91 -127.15
CA ALA T 56 -60.51 -42.07 -125.70
C ALA T 56 -60.02 -43.44 -125.27
N ARG T 57 -60.40 -44.50 -125.98
CA ARG T 57 -60.02 -45.86 -125.56
C ARG T 57 -58.52 -46.06 -125.64
N ALA T 58 -57.87 -45.55 -126.69
CA ALA T 58 -56.44 -45.74 -126.82
C ALA T 58 -55.69 -45.07 -125.67
N ASP T 59 -56.06 -43.81 -125.36
CA ASP T 59 -55.45 -43.14 -124.23
C ASP T 59 -55.78 -43.82 -122.91
N CYS T 60 -56.99 -44.37 -122.80
CA CYS T 60 -57.37 -45.08 -121.58
C CYS T 60 -56.47 -46.30 -121.37
N ILE T 61 -56.23 -47.07 -122.43
CA ILE T 61 -55.33 -48.22 -122.31
C ILE T 61 -53.91 -47.75 -122.00
N LYS T 62 -53.45 -46.70 -122.67
CA LYS T 62 -52.10 -46.21 -122.43
C LYS T 62 -51.90 -45.79 -120.99
N GLU T 63 -52.89 -45.09 -120.42
CA GLU T 63 -52.78 -44.65 -119.03
C GLU T 63 -52.97 -45.79 -118.03
N ILE T 64 -53.92 -46.69 -118.29
CA ILE T 64 -54.13 -47.82 -117.40
C ILE T 64 -52.95 -48.77 -117.43
N ASP T 65 -52.11 -48.69 -118.47
CA ASP T 65 -50.81 -49.37 -118.42
C ASP T 65 -50.04 -48.92 -117.19
N LEU T 66 -50.25 -47.69 -116.76
CA LEU T 66 -49.79 -47.22 -115.46
C LEU T 66 -50.91 -47.39 -114.44
N LEU T 67 -50.66 -48.22 -113.44
CA LEU T 67 -51.69 -48.60 -112.48
C LEU T 67 -51.20 -49.81 -111.68
N LYS T 68 -50.64 -50.79 -112.39
CA LYS T 68 -49.93 -51.86 -111.69
C LYS T 68 -48.74 -51.30 -110.92
N GLN T 69 -48.05 -50.32 -111.49
CA GLN T 69 -46.98 -49.64 -110.77
C GLN T 69 -47.50 -48.86 -109.57
N LEU T 70 -48.80 -48.56 -109.54
CA LEU T 70 -49.39 -47.88 -108.39
C LEU T 70 -49.49 -48.85 -107.23
N ASN T 71 -48.48 -48.87 -106.36
CA ASN T 71 -48.38 -49.80 -105.25
C ASN T 71 -48.60 -49.02 -103.95
N HIS T 72 -49.82 -49.11 -103.41
CA HIS T 72 -50.16 -48.49 -102.15
C HIS T 72 -50.99 -49.48 -101.33
N PRO T 73 -50.81 -49.51 -100.00
CA PRO T 73 -51.58 -50.47 -99.19
C PRO T 73 -53.07 -50.22 -99.22
N ASN T 74 -53.52 -49.02 -99.60
CA ASN T 74 -54.92 -48.63 -99.53
C ASN T 74 -55.55 -48.47 -100.92
N VAL T 75 -54.90 -48.98 -101.95
CA VAL T 75 -55.40 -48.88 -103.33
C VAL T 75 -55.46 -50.29 -103.92
N ILE T 76 -56.55 -50.56 -104.65
CA ILE T 76 -56.70 -51.87 -105.28
C ILE T 76 -55.51 -52.14 -106.19
N LYS T 77 -55.05 -53.39 -106.17
CA LYS T 77 -53.91 -53.78 -106.98
C LYS T 77 -54.34 -54.04 -108.41
N TYR T 78 -53.67 -53.40 -109.37
CA TYR T 78 -53.95 -53.56 -110.78
C TYR T 78 -53.04 -54.66 -111.33
N TYR T 79 -53.64 -55.77 -111.76
CA TYR T 79 -52.86 -56.90 -112.25
C TYR T 79 -52.71 -56.87 -113.77
N ALA T 80 -53.83 -56.85 -114.50
CA ALA T 80 -53.77 -56.93 -115.96
C ALA T 80 -54.73 -55.93 -116.58
N SER T 81 -54.43 -55.54 -117.82
CA SER T 81 -55.30 -54.66 -118.59
C SER T 81 -55.09 -54.98 -120.06
N PHE T 82 -56.03 -55.70 -120.66
CA PHE T 82 -55.89 -56.15 -122.04
C PHE T 82 -57.26 -56.07 -122.73
N ILE T 83 -57.31 -56.56 -123.97
CA ILE T 83 -58.53 -56.56 -124.77
C ILE T 83 -58.80 -57.98 -125.22
N GLU T 84 -60.03 -58.45 -125.01
CA GLU T 84 -60.44 -59.78 -125.42
C GLU T 84 -61.95 -59.85 -125.41
N ASP T 85 -62.49 -60.70 -126.28
CA ASP T 85 -63.94 -60.88 -126.40
C ASP T 85 -64.63 -59.59 -126.84
N ASN T 86 -63.93 -58.78 -127.63
CA ASN T 86 -64.47 -57.52 -128.12
C ASN T 86 -64.78 -56.54 -126.99
N GLU T 87 -64.09 -56.70 -125.86
CA GLU T 87 -64.27 -55.84 -124.71
C GLU T 87 -63.00 -55.85 -123.89
N LEU T 88 -62.87 -54.86 -123.01
CA LEU T 88 -61.68 -54.79 -122.17
C LEU T 88 -61.71 -55.89 -121.12
N ASN T 89 -60.54 -56.17 -120.54
CA ASN T 89 -60.38 -57.16 -119.50
C ASN T 89 -59.36 -56.63 -118.51
N ILE T 90 -59.82 -56.32 -117.30
CA ILE T 90 -58.98 -55.74 -116.25
C ILE T 90 -58.93 -56.72 -115.09
N VAL T 91 -57.73 -57.15 -114.73
CA VAL T 91 -57.50 -58.06 -113.62
C VAL T 91 -57.02 -57.23 -112.44
N LEU T 92 -57.76 -57.30 -111.33
CA LEU T 92 -57.48 -56.51 -110.13
C LEU T 92 -57.62 -57.41 -108.92
N GLU T 93 -57.35 -56.86 -107.74
CA GLU T 93 -57.57 -57.57 -106.49
C GLU T 93 -59.06 -57.66 -106.20
N LEU T 94 -59.45 -58.71 -105.48
CA LEU T 94 -60.84 -58.98 -105.16
C LEU T 94 -61.06 -58.78 -103.66
N ALA T 95 -62.03 -57.93 -103.32
CA ALA T 95 -62.44 -57.68 -101.93
C ALA T 95 -63.96 -57.72 -101.90
N ASP T 96 -64.52 -58.92 -101.70
CA ASP T 96 -65.96 -59.10 -101.75
C ASP T 96 -66.60 -58.75 -100.42
N ALA T 97 -66.06 -59.30 -99.32
CA ALA T 97 -66.62 -59.02 -98.00
C ALA T 97 -66.60 -57.54 -97.69
N GLY T 98 -65.60 -56.82 -98.21
CA GLY T 98 -65.49 -55.39 -97.97
C GLY T 98 -66.03 -54.56 -99.12
N ASP T 99 -67.21 -53.99 -98.93
CA ASP T 99 -67.82 -53.15 -99.96
C ASP T 99 -68.75 -52.16 -99.26
N LEU T 100 -68.34 -50.89 -99.19
CA LEU T 100 -69.13 -49.91 -98.47
C LEU T 100 -70.55 -49.83 -98.99
N SER T 101 -70.77 -50.13 -100.28
CA SER T 101 -72.12 -50.10 -100.82
C SER T 101 -73.03 -51.08 -100.08
N ARG T 102 -72.53 -52.30 -99.84
CA ARG T 102 -73.30 -53.28 -99.10
C ARG T 102 -73.28 -53.00 -97.60
N MET T 103 -72.18 -52.47 -97.09
CA MET T 103 -72.09 -52.17 -95.66
C MET T 103 -73.13 -51.13 -95.25
N ILE T 104 -73.31 -50.09 -96.07
CA ILE T 104 -74.28 -49.06 -95.74
C ILE T 104 -75.69 -49.64 -95.72
N LYS T 105 -76.02 -50.48 -96.70
CA LYS T 105 -77.34 -51.11 -96.73
C LYS T 105 -77.54 -52.01 -95.53
N HIS T 106 -76.53 -52.78 -95.15
CA HIS T 106 -76.65 -53.65 -93.99
C HIS T 106 -76.85 -52.84 -92.72
N PHE T 107 -76.10 -51.76 -92.56
CA PHE T 107 -76.21 -50.95 -91.35
C PHE T 107 -77.55 -50.21 -91.29
N LYS T 108 -78.08 -49.80 -92.44
CA LYS T 108 -79.38 -49.14 -92.46
C LYS T 108 -80.47 -50.04 -91.90
N LYS T 109 -80.29 -51.36 -91.92
CA LYS T 109 -81.26 -52.26 -91.32
C LYS T 109 -81.40 -51.99 -89.83
N GLN T 110 -80.27 -51.79 -89.14
CA GLN T 110 -80.30 -51.45 -87.72
C GLN T 110 -80.47 -49.95 -87.54
N LYS T 111 -81.22 -49.58 -86.51
CA LYS T 111 -81.45 -48.15 -86.24
C LYS T 111 -80.14 -47.43 -85.94
N ARG T 112 -79.28 -48.04 -85.13
CA ARG T 112 -77.99 -47.45 -84.83
C ARG T 112 -77.12 -47.41 -86.08
N LEU T 113 -76.37 -46.32 -86.23
CA LEU T 113 -75.55 -46.08 -87.40
C LEU T 113 -74.07 -46.19 -87.04
N ILE T 114 -73.21 -45.98 -88.03
CA ILE T 114 -71.79 -46.31 -87.93
C ILE T 114 -71.12 -45.41 -86.90
N PRO T 115 -69.98 -45.82 -86.34
CA PRO T 115 -69.31 -45.00 -85.32
C PRO T 115 -68.26 -44.06 -85.90
N GLU T 116 -68.11 -42.92 -85.20
CA GLU T 116 -67.12 -41.93 -85.60
C GLU T 116 -65.72 -42.54 -85.62
N ARG T 117 -65.42 -43.41 -84.65
CA ARG T 117 -64.10 -44.02 -84.60
C ARG T 117 -63.81 -44.83 -85.86
N THR T 118 -64.76 -45.69 -86.25
CA THR T 118 -64.54 -46.52 -87.43
C THR T 118 -64.45 -45.67 -88.70
N VAL T 119 -65.33 -44.65 -88.83
CA VAL T 119 -65.27 -43.83 -90.03
C VAL T 119 -63.93 -43.10 -90.11
N TRP T 120 -63.43 -42.60 -88.97
CA TRP T 120 -62.12 -41.95 -88.96
C TRP T 120 -61.01 -42.93 -89.33
N LYS T 121 -61.08 -44.16 -88.79
CA LYS T 121 -60.06 -45.15 -89.08
C LYS T 121 -60.01 -45.49 -90.56
N TYR T 122 -61.17 -45.53 -91.21
CA TYR T 122 -61.19 -45.78 -92.65
C TYR T 122 -60.80 -44.53 -93.44
N PHE T 123 -61.19 -43.36 -92.96
CA PHE T 123 -60.98 -42.12 -93.69
C PHE T 123 -59.51 -41.73 -93.71
N VAL T 124 -58.76 -42.04 -92.65
CA VAL T 124 -57.33 -41.76 -92.66
C VAL T 124 -56.64 -42.52 -93.78
N GLN T 125 -56.99 -43.80 -93.95
CA GLN T 125 -56.42 -44.58 -95.03
C GLN T 125 -56.87 -44.06 -96.40
N LEU T 126 -58.14 -43.67 -96.51
CA LEU T 126 -58.61 -43.09 -97.77
C LEU T 126 -57.83 -41.84 -98.13
N CYS T 127 -57.61 -40.96 -97.15
CA CYS T 127 -56.83 -39.75 -97.40
C CYS T 127 -55.40 -40.08 -97.76
N SER T 128 -54.81 -41.07 -97.09
CA SER T 128 -53.45 -41.48 -97.43
C SER T 128 -53.35 -41.92 -98.88
N ALA T 129 -54.30 -42.74 -99.33
CA ALA T 129 -54.29 -43.19 -100.71
C ALA T 129 -54.47 -42.02 -101.67
N LEU T 130 -55.42 -41.14 -101.38
CA LEU T 130 -55.68 -40.02 -102.27
C LEU T 130 -54.46 -39.13 -102.38
N GLU T 131 -53.82 -38.82 -101.26
CA GLU T 131 -52.62 -37.98 -101.29
C GLU T 131 -51.49 -38.67 -102.03
N HIS T 132 -51.31 -39.98 -101.80
CA HIS T 132 -50.22 -40.70 -102.46
C HIS T 132 -50.39 -40.66 -103.98
N MET T 133 -51.61 -40.87 -104.47
CA MET T 133 -51.80 -40.86 -105.92
C MET T 133 -51.80 -39.44 -106.49
N HIS T 134 -52.29 -38.46 -105.73
CA HIS T 134 -52.31 -37.09 -106.22
C HIS T 134 -50.90 -36.52 -106.33
N SER T 135 -50.04 -36.85 -105.36
CA SER T 135 -48.66 -36.38 -105.41
C SER T 135 -47.95 -36.84 -106.68
N ARG T 136 -48.43 -37.90 -107.31
CA ARG T 136 -47.93 -38.35 -108.60
C ARG T 136 -48.80 -37.86 -109.75
N ARG T 137 -49.69 -36.89 -109.51
CA ARG T 137 -50.55 -36.27 -110.51
C ARG T 137 -51.66 -37.19 -110.98
N VAL T 138 -51.86 -38.34 -110.34
CA VAL T 138 -52.89 -39.30 -110.72
C VAL T 138 -54.08 -39.13 -109.78
N MET T 139 -55.29 -39.20 -110.34
CA MET T 139 -56.50 -38.88 -109.62
C MET T 139 -57.47 -40.06 -109.69
N HIS T 140 -58.35 -40.16 -108.70
CA HIS T 140 -59.45 -41.11 -108.74
C HIS T 140 -60.61 -40.47 -109.50
N ARG T 141 -60.96 -41.06 -110.64
CA ARG T 141 -61.99 -40.45 -111.48
C ARG T 141 -63.32 -40.36 -110.75
N ASP T 142 -63.71 -41.43 -110.06
CA ASP T 142 -64.98 -41.46 -109.34
C ASP T 142 -64.76 -42.17 -108.00
N ILE T 143 -65.07 -41.49 -106.91
CA ILE T 143 -64.94 -42.05 -105.57
C ILE T 143 -66.35 -42.25 -105.02
N LYS T 144 -66.68 -43.50 -104.69
CA LYS T 144 -68.03 -43.85 -104.27
C LYS T 144 -67.94 -45.01 -103.29
N PRO T 145 -68.96 -45.19 -102.44
CA PRO T 145 -68.96 -46.36 -101.55
C PRO T 145 -68.90 -47.68 -102.29
N ALA T 146 -69.58 -47.77 -103.44
CA ALA T 146 -69.58 -48.99 -104.23
C ALA T 146 -68.21 -49.28 -104.83
N ASN T 147 -67.32 -48.29 -104.90
CA ASN T 147 -65.97 -48.49 -105.42
C ASN T 147 -64.90 -48.29 -104.36
N VAL T 148 -65.28 -48.16 -103.09
CA VAL T 148 -64.34 -48.20 -101.98
C VAL T 148 -64.51 -49.53 -101.27
N PHE T 149 -63.43 -50.31 -101.20
CA PHE T 149 -63.45 -51.63 -100.60
C PHE T 149 -62.57 -51.66 -99.36
N ILE T 150 -62.96 -52.50 -98.40
CA ILE T 150 -62.16 -52.73 -97.20
C ILE T 150 -61.82 -54.22 -97.14
N THR T 151 -61.08 -54.61 -96.11
CA THR T 151 -60.69 -56.01 -95.91
C THR T 151 -60.96 -56.41 -94.46
N ALA T 152 -60.79 -57.71 -94.19
CA ALA T 152 -61.01 -58.21 -92.84
C ALA T 152 -60.05 -57.58 -91.84
N THR T 153 -58.80 -57.34 -92.26
CA THR T 153 -57.80 -56.76 -91.39
C THR T 153 -58.10 -55.32 -91.01
N GLY T 154 -59.05 -54.66 -91.69
CA GLY T 154 -59.38 -53.29 -91.41
C GLY T 154 -58.80 -52.29 -92.39
N VAL T 155 -58.13 -52.75 -93.43
CA VAL T 155 -57.54 -51.84 -94.43
C VAL T 155 -58.60 -51.47 -95.45
N VAL T 156 -58.51 -50.25 -95.97
CA VAL T 156 -59.45 -49.72 -96.95
C VAL T 156 -58.74 -49.63 -98.29
N LYS T 157 -59.26 -50.36 -99.28
CA LYS T 157 -58.68 -50.40 -100.61
C LYS T 157 -59.54 -49.59 -101.56
N LEU T 158 -58.92 -48.65 -102.27
CA LEU T 158 -59.63 -47.81 -103.22
C LEU T 158 -59.86 -48.59 -104.52
N GLY T 159 -61.10 -48.58 -104.99
CA GLY T 159 -61.48 -49.37 -106.14
C GLY T 159 -61.01 -48.77 -107.45
N ASP T 160 -61.31 -49.50 -108.53
CA ASP T 160 -60.88 -49.08 -109.87
C ASP T 160 -61.63 -47.82 -110.28
N LEU T 161 -60.87 -46.83 -110.77
CA LEU T 161 -61.47 -45.58 -111.22
C LEU T 161 -62.24 -45.80 -112.52
N GLY T 162 -63.43 -45.22 -112.59
CA GLY T 162 -64.27 -45.34 -113.77
C GLY T 162 -63.76 -44.51 -114.94
N THR T 180 -74.65 -40.48 -115.80
CA THR T 180 -74.38 -39.56 -114.71
C THR T 180 -73.62 -40.29 -113.59
N PRO T 181 -72.58 -39.66 -113.05
CA PRO T 181 -71.79 -40.30 -111.99
C PRO T 181 -72.52 -40.27 -110.66
N TYR T 182 -71.95 -41.01 -109.69
CA TYR T 182 -72.53 -41.03 -108.35
C TYR T 182 -72.48 -39.65 -107.72
N TYR T 183 -71.37 -38.93 -107.90
CA TYR T 183 -71.19 -37.60 -107.35
C TYR T 183 -70.90 -36.63 -108.48
N MET T 184 -71.71 -35.58 -108.59
CA MET T 184 -71.53 -34.56 -109.63
C MET T 184 -70.65 -33.45 -109.05
N SER T 185 -69.46 -33.28 -109.62
CA SER T 185 -68.55 -32.27 -109.14
C SER T 185 -69.08 -30.87 -109.45
N PRO T 186 -68.78 -29.88 -108.61
CA PRO T 186 -69.11 -28.51 -108.99
C PRO T 186 -68.44 -28.06 -110.27
N GLU T 187 -67.24 -28.58 -110.56
CA GLU T 187 -66.61 -28.31 -111.85
C GLU T 187 -67.26 -29.11 -112.97
N ARG T 188 -67.80 -30.29 -112.69
CA ARG T 188 -68.59 -30.99 -113.68
C ARG T 188 -69.83 -30.19 -114.06
N ILE T 189 -70.59 -29.72 -113.06
CA ILE T 189 -71.63 -28.74 -113.30
C ILE T 189 -70.99 -27.46 -113.80
N HIS T 190 -71.62 -26.82 -114.79
CA HIS T 190 -70.96 -25.76 -115.53
C HIS T 190 -69.62 -26.26 -116.05
N GLU T 191 -69.69 -27.33 -116.84
CA GLU T 191 -68.53 -28.16 -117.13
C GLU T 191 -67.35 -27.32 -117.63
N ASN T 192 -66.23 -27.41 -116.90
CA ASN T 192 -64.97 -26.81 -117.33
C ASN T 192 -63.78 -27.73 -117.18
N GLY T 193 -63.92 -28.86 -116.48
CA GLY T 193 -62.80 -29.76 -116.27
C GLY T 193 -62.99 -30.53 -114.98
N TYR T 194 -61.94 -31.27 -114.62
CA TYR T 194 -61.93 -32.09 -113.41
C TYR T 194 -60.64 -31.79 -112.66
N ASN T 195 -60.74 -30.96 -111.62
CA ASN T 195 -59.60 -30.48 -110.87
C ASN T 195 -59.28 -31.42 -109.69
N PHE T 196 -58.11 -31.18 -109.07
CA PHE T 196 -57.77 -31.92 -107.87
C PHE T 196 -58.80 -31.74 -106.77
N LYS T 197 -59.52 -30.62 -106.78
CA LYS T 197 -60.54 -30.37 -105.77
C LYS T 197 -61.84 -31.11 -106.06
N SER T 198 -62.03 -31.60 -107.28
CA SER T 198 -63.16 -32.49 -107.54
C SER T 198 -63.03 -33.78 -106.74
N ASP T 199 -61.81 -34.30 -106.63
CA ASP T 199 -61.58 -35.47 -105.78
C ASP T 199 -61.88 -35.15 -104.32
N ILE T 200 -61.53 -33.94 -103.88
CA ILE T 200 -61.84 -33.53 -102.51
C ILE T 200 -63.35 -33.48 -102.30
N TRP T 201 -64.08 -32.94 -103.27
CA TRP T 201 -65.54 -32.91 -103.19
C TRP T 201 -66.11 -34.31 -103.12
N SER T 202 -65.63 -35.20 -103.98
CA SER T 202 -66.12 -36.58 -103.96
C SER T 202 -65.82 -37.26 -102.64
N LEU T 203 -64.64 -36.99 -102.08
CA LEU T 203 -64.28 -37.59 -100.79
C LEU T 203 -65.15 -37.05 -99.67
N GLY T 204 -65.46 -35.75 -99.70
CA GLY T 204 -66.35 -35.20 -98.69
C GLY T 204 -67.75 -35.77 -98.80
N CYS T 205 -68.25 -35.92 -100.03
CA CYS T 205 -69.54 -36.56 -100.23
C CYS T 205 -69.51 -38.00 -99.75
N LEU T 206 -68.39 -38.70 -99.96
CA LEU T 206 -68.25 -40.06 -99.44
C LEU T 206 -68.27 -40.07 -97.92
N LEU T 207 -67.62 -39.10 -97.28
CA LEU T 207 -67.68 -38.98 -95.83
C LEU T 207 -69.12 -38.79 -95.39
N TYR T 208 -69.86 -37.92 -96.07
CA TYR T 208 -71.26 -37.71 -95.72
C TYR T 208 -72.07 -38.99 -95.90
N GLU T 209 -71.80 -39.73 -96.98
CA GLU T 209 -72.52 -40.98 -97.23
C GLU T 209 -72.22 -42.00 -96.15
N MET T 210 -70.97 -42.13 -95.75
CA MET T 210 -70.63 -43.03 -94.65
C MET T 210 -71.31 -42.59 -93.37
N ALA T 211 -71.34 -41.27 -93.13
CA ALA T 211 -71.89 -40.76 -91.88
C ALA T 211 -73.38 -40.99 -91.78
N ALA T 212 -74.14 -40.67 -92.82
CA ALA T 212 -75.59 -40.70 -92.78
C ALA T 212 -76.19 -41.93 -93.47
N LEU T 213 -75.36 -42.88 -93.89
CA LEU T 213 -75.78 -44.03 -94.68
C LEU T 213 -76.34 -43.62 -96.05
N GLN T 214 -76.25 -42.34 -96.41
CA GLN T 214 -76.87 -41.84 -97.62
C GLN T 214 -76.13 -40.60 -98.11
N SER T 215 -76.15 -40.39 -99.42
CA SER T 215 -75.46 -39.28 -100.05
C SER T 215 -76.09 -37.95 -99.65
N PRO T 216 -75.34 -36.85 -99.71
CA PRO T 216 -75.86 -35.55 -99.31
C PRO T 216 -76.83 -34.91 -100.29
N PHE T 217 -77.26 -35.62 -101.33
CA PHE T 217 -78.16 -35.07 -102.34
C PHE T 217 -79.29 -36.05 -102.64
N TYR T 218 -79.91 -36.58 -101.59
CA TYR T 218 -81.09 -37.42 -101.70
C TYR T 218 -82.34 -36.59 -101.45
N GLY T 219 -83.41 -36.94 -102.14
CA GLY T 219 -84.67 -36.24 -101.97
C GLY T 219 -85.73 -36.82 -102.88
N ASP T 220 -86.97 -36.41 -102.62
CA ASP T 220 -88.09 -36.87 -103.43
C ASP T 220 -87.98 -36.33 -104.86
N LYS T 221 -87.57 -35.07 -105.01
CA LYS T 221 -87.41 -34.47 -106.33
C LYS T 221 -86.18 -35.06 -107.01
N MET T 222 -86.36 -36.09 -107.82
CA MET T 222 -85.27 -36.77 -108.50
C MET T 222 -84.97 -36.19 -109.87
N ASN T 223 -85.30 -34.93 -110.11
CA ASN T 223 -85.06 -34.33 -111.41
C ASN T 223 -83.69 -33.69 -111.48
N LEU T 224 -83.09 -33.75 -112.68
CA LEU T 224 -81.71 -33.34 -112.86
C LEU T 224 -81.52 -31.86 -112.50
N TYR T 225 -82.45 -31.01 -112.93
CA TYR T 225 -82.32 -29.59 -112.63
C TYR T 225 -82.39 -29.33 -111.13
N SER T 226 -83.33 -29.99 -110.45
CA SER T 226 -83.46 -29.80 -109.01
C SER T 226 -82.18 -30.21 -108.29
N LEU T 227 -81.65 -31.38 -108.61
CA LEU T 227 -80.43 -31.82 -107.93
C LEU T 227 -79.22 -30.97 -108.31
N CYS T 228 -79.16 -30.49 -109.56
CA CYS T 228 -78.06 -29.63 -109.96
C CYS T 228 -78.10 -28.31 -109.19
N LYS T 229 -79.27 -27.72 -109.04
CA LYS T 229 -79.37 -26.49 -108.26
C LYS T 229 -79.12 -26.76 -106.78
N LYS T 230 -79.47 -27.96 -106.30
CA LYS T 230 -79.13 -28.33 -104.93
C LYS T 230 -77.62 -28.35 -104.74
N ILE T 231 -76.89 -28.94 -105.69
CA ILE T 231 -75.44 -28.94 -105.62
C ILE T 231 -74.90 -27.50 -105.68
N GLU T 232 -75.46 -26.69 -106.58
CA GLU T 232 -74.99 -25.32 -106.74
C GLU T 232 -75.16 -24.53 -105.45
N GLN T 233 -76.32 -24.65 -104.80
CA GLN T 233 -76.58 -23.92 -103.57
C GLN T 233 -75.87 -24.55 -102.37
N CYS T 234 -75.43 -25.81 -102.48
CA CYS T 234 -74.69 -26.47 -101.41
C CYS T 234 -75.52 -26.51 -100.12
N ASP T 235 -76.76 -26.98 -100.25
CA ASP T 235 -77.68 -27.11 -99.13
C ASP T 235 -77.95 -28.59 -98.89
N TYR T 236 -77.60 -29.07 -97.71
CA TYR T 236 -77.79 -30.46 -97.32
C TYR T 236 -78.20 -30.50 -95.86
N PRO T 237 -78.95 -31.53 -95.45
CA PRO T 237 -79.22 -31.71 -94.02
C PRO T 237 -78.01 -32.02 -93.16
N PRO T 238 -77.51 -31.05 -92.40
CA PRO T 238 -76.32 -31.31 -91.57
C PRO T 238 -76.34 -32.65 -90.85
N LEU T 239 -75.17 -33.27 -90.75
CA LEU T 239 -75.07 -34.56 -90.11
C LEU T 239 -75.46 -34.45 -88.64
N PRO T 240 -75.95 -35.52 -88.03
CA PRO T 240 -76.42 -35.43 -86.64
C PRO T 240 -75.32 -34.91 -85.73
N SER T 241 -75.54 -33.71 -85.19
CA SER T 241 -74.55 -33.12 -84.31
C SER T 241 -74.37 -33.92 -83.03
N ASP T 242 -75.47 -34.41 -82.45
CA ASP T 242 -75.42 -35.17 -81.22
C ASP T 242 -75.06 -36.63 -81.44
N HIS T 243 -74.51 -36.97 -82.61
CA HIS T 243 -73.84 -38.26 -82.78
C HIS T 243 -72.56 -38.19 -83.57
N TYR T 244 -72.35 -37.16 -84.40
CA TYR T 244 -71.09 -36.94 -85.10
C TYR T 244 -70.42 -35.67 -84.60
N SER T 245 -69.11 -35.61 -84.82
CA SER T 245 -68.29 -34.58 -84.23
C SER T 245 -68.40 -33.25 -84.99
N GLU T 246 -68.14 -32.16 -84.27
CA GLU T 246 -68.19 -30.84 -84.88
C GLU T 246 -67.09 -30.66 -85.91
N GLU T 247 -65.87 -31.07 -85.58
CA GLU T 247 -64.76 -30.90 -86.52
C GLU T 247 -65.00 -31.72 -87.78
N LEU T 248 -65.56 -32.92 -87.64
CA LEU T 248 -65.86 -33.74 -88.81
C LEU T 248 -66.99 -33.13 -89.63
N ARG T 249 -68.05 -32.65 -88.95
CA ARG T 249 -69.16 -32.04 -89.66
C ARG T 249 -68.74 -30.79 -90.40
N GLN T 250 -67.72 -30.09 -89.91
CA GLN T 250 -67.20 -28.92 -90.61
C GLN T 250 -66.18 -29.29 -91.67
N LEU T 251 -65.41 -30.35 -91.47
CA LEU T 251 -64.50 -30.82 -92.50
C LEU T 251 -65.26 -31.27 -93.74
N VAL T 252 -66.37 -31.99 -93.55
CA VAL T 252 -67.19 -32.38 -94.68
C VAL T 252 -67.75 -31.15 -95.39
N ASN T 253 -68.13 -30.13 -94.61
CA ASN T 253 -68.64 -28.90 -95.22
C ASN T 253 -67.57 -28.21 -96.06
N MET T 254 -66.34 -28.12 -95.53
CA MET T 254 -65.26 -27.52 -96.31
C MET T 254 -64.98 -28.32 -97.58
N CYS T 255 -64.94 -29.65 -97.47
CA CYS T 255 -64.72 -30.48 -98.66
C CYS T 255 -65.87 -30.38 -99.66
N ILE T 256 -67.07 -30.06 -99.19
CA ILE T 256 -68.24 -29.89 -100.05
C ILE T 256 -68.53 -28.41 -100.21
N ASN T 257 -67.97 -27.80 -101.25
CA ASN T 257 -68.10 -26.36 -101.46
C ASN T 257 -68.13 -26.06 -102.95
N PRO T 258 -68.98 -25.14 -103.41
CA PRO T 258 -68.96 -24.79 -104.84
C PRO T 258 -67.62 -24.23 -105.31
N ASP T 259 -66.93 -23.48 -104.46
CA ASP T 259 -65.67 -22.87 -104.86
C ASP T 259 -64.59 -23.94 -104.95
N PRO T 260 -63.83 -24.00 -106.06
CA PRO T 260 -62.78 -25.03 -106.13
C PRO T 260 -61.75 -24.92 -105.02
N GLU T 261 -61.16 -23.73 -104.82
CA GLU T 261 -60.15 -23.55 -103.80
C GLU T 261 -60.72 -23.56 -102.39
N LYS T 262 -62.05 -23.45 -102.23
CA LYS T 262 -62.63 -23.56 -100.90
C LYS T 262 -62.38 -24.94 -100.31
N ARG T 263 -62.32 -25.97 -101.13
CA ARG T 263 -62.09 -27.32 -100.65
C ARG T 263 -60.65 -27.43 -100.15
N PRO T 264 -60.42 -27.89 -98.91
CA PRO T 264 -59.04 -28.02 -98.43
C PRO T 264 -58.28 -29.07 -99.23
N ASP T 265 -56.96 -28.87 -99.31
CA ASP T 265 -56.13 -29.70 -100.17
C ASP T 265 -56.04 -31.11 -99.60
N VAL T 266 -55.60 -32.04 -100.46
CA VAL T 266 -55.53 -33.44 -100.06
C VAL T 266 -54.61 -33.63 -98.86
N THR T 267 -53.47 -32.94 -98.85
CA THR T 267 -52.56 -33.05 -97.71
C THR T 267 -53.22 -32.50 -96.45
N TYR T 268 -53.96 -31.40 -96.57
CA TYR T 268 -54.65 -30.83 -95.41
C TYR T 268 -55.65 -31.82 -94.82
N VAL T 269 -56.50 -32.39 -95.68
CA VAL T 269 -57.50 -33.33 -95.19
C VAL T 269 -56.83 -34.56 -94.61
N TYR T 270 -55.74 -35.02 -95.23
CA TYR T 270 -55.02 -36.17 -94.69
C TYR T 270 -54.44 -35.88 -93.32
N ASP T 271 -53.86 -34.68 -93.14
CA ASP T 271 -53.29 -34.33 -91.85
C ASP T 271 -54.35 -34.26 -90.76
N VAL T 272 -55.50 -33.64 -91.06
CA VAL T 272 -56.56 -33.57 -90.06
C VAL T 272 -57.07 -34.98 -89.75
N ALA T 273 -57.23 -35.82 -90.77
CA ALA T 273 -57.67 -37.19 -90.54
C ALA T 273 -56.68 -37.92 -89.65
N LYS T 274 -55.39 -37.72 -89.87
CA LYS T 274 -54.38 -38.39 -89.05
C LYS T 274 -54.47 -37.91 -87.60
N ARG T 275 -54.59 -36.60 -87.40
CA ARG T 275 -54.62 -36.05 -86.04
C ARG T 275 -55.88 -36.48 -85.30
N MET T 276 -56.97 -36.73 -86.02
CA MET T 276 -58.16 -37.31 -85.37
C MET T 276 -58.01 -38.80 -85.12
N HIS T 277 -57.37 -39.55 -86.02
CA HIS T 277 -57.22 -40.98 -85.77
C HIS T 277 -56.30 -41.21 -84.58
N ALA T 278 -55.33 -40.32 -84.37
CA ALA T 278 -54.46 -40.41 -83.21
C ALA T 278 -55.25 -40.23 -81.92
PG AGS U . -5.06 -5.84 -65.35
S1G AGS U . -6.70 -4.83 -64.61
O2G AGS U . -4.03 -6.30 -64.20
O3G AGS U . -4.39 -5.04 -66.40
PB AGS U . -4.32 -8.09 -66.15
O1B AGS U . -3.24 -7.28 -66.79
O2B AGS U . -4.06 -8.73 -64.81
O3B AGS U . -5.58 -7.16 -66.00
PA AGS U . -3.99 -10.48 -67.21
O1A AGS U . -4.16 -11.06 -65.85
O2A AGS U . -2.62 -10.09 -67.71
O3A AGS U . -4.82 -9.14 -67.20
O5' AGS U . -4.70 -11.41 -68.28
C5' AGS U . -6.12 -11.55 -68.24
C4' AGS U . -6.61 -12.58 -69.23
O4' AGS U . -5.72 -12.72 -70.34
C3' AGS U . -6.73 -13.95 -68.61
O3' AGS U . -8.07 -14.17 -68.15
C2' AGS U . -6.33 -14.92 -69.69
O2' AGS U . -7.46 -15.44 -70.37
C1' AGS U . -5.55 -14.09 -70.67
N9 AGS U . -4.14 -14.41 -70.48
C8 AGS U . -3.31 -13.83 -69.60
N7 AGS U . -2.08 -14.37 -69.68
C5 AGS U . -2.10 -15.30 -70.64
C6 AGS U . -1.14 -16.22 -71.22
N6 AGS U . 0.14 -16.25 -70.79
N1 AGS U . -1.55 -17.03 -72.19
C2 AGS U . -2.82 -17.01 -72.62
N3 AGS U . -3.75 -16.19 -72.12
C4 AGS U . -3.46 -15.32 -71.16
MG MG V . -1.81 -7.52 -63.82
PG AGS W . 25.61 19.54 -57.38
S1G AGS W . 23.76 20.38 -57.13
O2G AGS W . 26.04 18.56 -56.18
O3G AGS W . 26.63 20.57 -57.63
PB AGS W . 26.80 17.67 -58.57
O1B AGS W . 27.99 18.52 -58.30
O2B AGS W . 26.47 16.55 -57.62
O3B AGS W . 25.54 18.61 -58.65
PA AGS W . 27.74 15.83 -60.20
O1A AGS W . 27.00 14.80 -59.40
O2A AGS W . 29.15 16.20 -59.85
O3A AGS W . 26.89 17.15 -60.05
O5' AGS W . 27.66 15.45 -61.74
C5' AGS W . 26.38 15.47 -62.38
C4' AGS W . 26.47 14.95 -63.81
O4' AGS W . 27.77 15.12 -64.36
C3' AGS W . 26.17 13.46 -63.87
O3' AGS W . 24.79 13.25 -64.18
C2' AGS W . 27.09 12.94 -64.95
O2' AGS W . 26.43 12.84 -66.21
C1' AGS W . 28.17 13.97 -65.08
N9 AGS W . 29.37 13.44 -64.42
C8 AGS W . 29.65 13.54 -63.12
N7 AGS W . 30.82 12.94 -62.84
C5 AGS W . 31.31 12.44 -63.98
C6 AGS W . 32.49 11.69 -64.39
N6 AGS W . 33.42 11.36 -63.47
N1 AGS W . 32.61 11.36 -65.67
C2 AGS W . 31.69 11.69 -66.56
N3 AGS W . 30.57 12.37 -66.27
C4 AGS W . 30.34 12.77 -65.01
MG MG X . 27.92 17.03 -55.36
PG AGS Y . 47.47 36.31 -27.56
S1G AGS Y . 45.64 37.21 -27.85
O2G AGS Y . 47.36 34.91 -26.78
O3G AGS Y . 48.40 37.24 -26.92
PB AGS Y . 49.18 34.89 -28.71
O1B AGS Y . 50.05 35.44 -27.65
O2B AGS Y . 48.54 33.55 -28.53
O3B AGS Y . 48.04 35.95 -28.98
PA AGS Y . 50.89 33.69 -30.32
O1A AGS Y . 49.94 32.54 -30.40
O2A AGS Y . 51.96 33.74 -29.27
O3A AGS Y . 49.98 34.96 -30.07
O5' AGS Y . 51.54 33.93 -31.76
C5' AGS Y . 50.71 34.33 -32.83
C4' AGS Y . 51.47 34.37 -34.15
O4' AGS Y . 52.86 34.59 -33.95
C3' AGS Y . 51.33 33.07 -34.91
O3' AGS Y . 50.26 33.15 -35.85
C2' AGS Y . 52.68 32.88 -35.57
O2' AGS Y . 52.66 33.33 -36.91
C1' AGS Y . 53.62 33.75 -34.79
N9 AGS Y . 54.42 32.87 -33.94
C8 AGS Y . 54.07 32.45 -32.72
N7 AGS Y . 55.04 31.65 -32.21
C5 AGS Y . 56.01 31.56 -33.11
C6 AGS Y . 57.29 30.88 -33.19
N6 AGS Y . 57.74 30.12 -32.18
N1 AGS Y . 58.02 31.03 -34.31
C2 AGS Y . 57.58 31.78 -35.31
N3 AGS Y . 56.40 32.43 -35.30
C4 AGS Y . 55.60 32.36 -34.24
MG MG Z . 48.76 32.97 -25.87
PG AGS AA . 52.16 38.06 12.72
S1G AGS AA . 50.60 39.22 12.02
O2G AGS AA . 51.80 36.50 12.78
O3G AGS AA . 52.64 38.56 14.02
PB AGS AA . 54.30 36.98 12.00
O1B AGS AA . 54.56 36.98 13.48
O2B AGS AA . 53.74 35.74 11.35
O3B AGS AA . 53.35 38.18 11.69
PA AGS AA . 56.63 36.26 11.00
O1A AGS AA . 55.91 35.35 10.07
O2A AGS AA . 57.11 35.79 12.35
O3A AGS AA . 55.63 37.44 11.29
O5' AGS AA . 57.85 36.95 10.22
C5' AGS AA . 57.56 37.81 9.15
C4' AGS AA . 58.83 38.26 8.43
O4' AGS AA . 59.97 38.21 9.29
C3' AGS AA . 59.15 37.35 7.26
O3' AGS AA . 58.63 37.90 6.04
C2' AGS AA . 60.67 37.26 7.24
O2' AGS AA . 61.23 38.18 6.32
C1' AGS AA . 61.09 37.66 8.63
N9 AGS AA . 61.47 36.44 9.33
C8 AGS AA . 60.65 35.64 10.00
N7 AGS AA . 61.31 34.60 10.53
C5 AGS AA . 62.59 34.73 10.20
C6 AGS AA . 63.83 33.99 10.45
N6 AGS AA . 63.81 32.86 11.17
N1 AGS AA . 64.96 34.46 9.92
C2 AGS AA . 64.97 35.58 9.20
N3 AGS AA . 63.89 36.31 8.94
C4 AGS AA . 62.69 35.94 9.41
MG MG BA . 52.77 34.20 13.39
PG AGS CA . 37.91 24.14 48.08
S1G AGS CA . 36.76 25.65 47.26
O2G AGS CA . 37.67 22.72 47.36
O3G AGS CA . 37.70 24.07 49.53
PB AGS CA . 40.21 23.16 48.04
O1B AGS CA . 39.77 22.59 49.34
O2B AGS CA . 40.09 22.34 46.79
O3B AGS CA . 39.41 24.50 47.82
PA AGS CA . 42.78 22.61 47.99
O1A AGS CA . 42.62 22.18 46.55
O2A AGS CA . 42.62 21.61 49.09
O3A AGS CA . 41.68 23.70 48.22
O5' AGS CA . 44.17 23.37 48.16
C5' AGS CA . 44.35 24.61 47.49
C4' AGS CA . 45.77 25.13 47.65
O4' AGS CA . 46.38 24.63 48.83
C3' AGS CA . 46.65 24.70 46.49
O3' AGS CA . 46.69 25.72 45.49
C2' AGS CA . 48.00 24.44 47.11
O2' AGS CA . 48.86 25.56 46.98
C1' AGS CA . 47.72 24.25 48.58
N9 AGS CA . 47.82 22.81 48.85
C8 AGS CA . 46.84 21.92 48.71
N7 AGS CA . 47.26 20.68 49.05
C5 AGS CA . 48.54 20.78 49.40
C6 AGS CA . 49.57 19.86 49.86
N6 AGS CA . 49.31 18.55 50.01
N1 AGS CA . 50.79 20.34 50.11
C2 AGS CA . 51.05 21.65 49.97
N3 AGS CA . 50.15 22.55 49.56
C4 AGS CA . 48.90 22.18 49.26
MG MG DA . 38.41 20.27 47.41
PG AGS EA . 10.13 -0.16 65.01
S1G AGS EA . 9.37 1.67 64.43
O2G AGS EA . 10.34 -1.17 63.78
O3G AGS EA . 9.29 -0.75 66.06
PB AGS EA . 12.26 -1.32 65.62
O1B AGS EA . 11.31 -2.28 66.25
O2B AGS EA . 12.77 -1.60 64.24
O3B AGS EA . 11.55 0.09 65.60
PA AGS EA . 14.60 -2.12 66.51
O1A AGS EA . 15.14 -1.95 65.13
O2A AGS EA . 14.02 -3.43 66.96
O3A AGS EA . 13.44 -1.07 66.63
O5' AGS EA . 15.71 -1.63 67.57
C5' AGS EA . 16.09 -0.27 67.58
C4' AGS EA . 17.24 -0.02 68.53
O4' AGS EA . 17.28 -0.99 69.58
C3' AGS EA . 18.57 -0.09 67.83
O3' AGS EA . 19.00 1.22 67.42
C2' AGS EA . 19.51 -0.71 68.83
O2' AGS EA . 20.26 0.27 69.53
C1' AGS EA . 18.61 -1.41 69.81
N9 AGS EA . 18.68 -2.85 69.53
C8 AGS EA . 17.92 -3.50 68.64
N7 AGS EA . 18.24 -4.81 68.62
C5 AGS EA . 19.21 -5.00 69.51
C6 AGS EA . 19.98 -6.14 69.98
N6 AGS EA . 19.77 -7.37 69.48
N1 AGS EA . 20.90 -5.94 70.92
C2 AGS EA . 21.12 -4.71 71.42
N3 AGS EA . 20.45 -3.62 71.04
C4 AGS EA . 19.49 -3.70 70.10
MG MG FA . 11.15 -3.53 63.21
PG AGS GA . -20.53 -25.53 57.06
S1G AGS GA . -21.06 -23.55 56.95
O2G AGS GA . -19.72 -26.04 55.76
O3G AGS GA . -21.72 -26.37 57.32
PB AGS GA . -18.84 -27.09 58.05
O1B AGS GA . -19.90 -28.09 57.78
O2B AGS GA . -17.74 -26.89 57.06
O3B AGS GA . -19.55 -25.69 58.27
PA AGS GA . -17.11 -28.43 59.51
O1A AGS GA . -16.01 -27.82 58.69
O2A AGS GA . -17.73 -29.73 59.11
O3A AGS GA . -18.27 -27.36 59.50
O5' AGS GA . -16.64 -28.50 61.03
C5' AGS GA . -16.41 -27.29 61.73
C4' AGS GA . -15.84 -27.56 63.13
O4' AGS GA . -16.20 -28.84 63.61
C3' AGS GA . -14.31 -27.52 63.11
O3' AGS GA . -13.85 -26.22 63.48
C2' AGS GA . -13.90 -28.58 64.10
O2' AGS GA . -13.62 -28.03 65.38
C1' AGS GA . -15.10 -29.48 64.24
N9 AGS GA . -14.81 -30.70 63.48
C8 AGS GA . -15.03 -30.89 62.17
N7 AGS GA . -14.66 -32.12 61.80
C5 AGS GA . -14.19 -32.75 62.87
C6 AGS GA . -13.63 -34.07 63.16
N6 AGS GA . -13.51 -34.98 62.19
N1 AGS GA . -13.26 -34.32 64.41
C2 AGS GA . -13.37 -33.41 65.38
N3 AGS GA . -13.87 -32.19 65.18
C4 AGS GA . -14.29 -31.81 63.97
MG MG HA . -18.58 -28.09 54.76
PG AGS IA . -42.40 -42.30 27.23
S1G AGS IA . -42.96 -40.37 27.68
O2G AGS IA . -41.06 -42.38 26.37
O3G AGS IA . -43.51 -43.03 26.60
PB AGS IA . -41.24 -44.30 28.20
O1B AGS IA . -41.99 -45.00 27.11
O2B AGS IA . -39.81 -43.88 27.96
O3B AGS IA . -42.07 -43.02 28.59
PA AGS IA . -40.26 -46.29 29.63
O1A AGS IA . -38.96 -45.55 29.69
O2A AGS IA . -40.56 -47.26 28.53
O3A AGS IA . -41.36 -45.17 29.51
O5' AGS IA . -40.54 -46.98 31.04
C5' AGS IA . -40.73 -46.16 32.18
C4' AGS IA . -40.84 -46.98 33.46
O4' AGS IA . -41.29 -48.30 33.19
C3' AGS IA . -39.49 -47.12 34.13
O3' AGS IA . -39.33 -46.12 35.14
C2' AGS IA . -39.50 -48.51 34.71
O2' AGS IA . -39.87 -48.51 36.08
C1' AGS IA . -40.56 -49.26 33.94
N9 AGS IA . -39.87 -50.13 32.99
C8 AGS IA . -39.47 -49.78 31.77
N7 AGS IA . -38.87 -50.83 31.15
C5 AGS IA . -38.91 -51.85 31.99
C6 AGS IA . -38.45 -53.24 31.97
N6 AGS IA . -37.83 -53.74 30.88
N1 AGS IA . -38.67 -54.00 33.05
C2 AGS IA . -39.28 -53.50 34.12
N3 AGS IA . -39.71 -52.25 34.22
C4 AGS IA . -39.55 -51.39 33.20
MG MG JA . -39.43 -44.03 25.25
PG AGS KA . -47.09 -44.06 -13.05
S1G AGS KA . -47.93 -42.38 -12.20
O2G AGS KA . -45.50 -43.97 -13.20
O3G AGS KA . -47.74 -44.35 -14.35
PB AGS KA . -46.37 -46.40 -12.52
O1B AGS KA . -46.49 -46.55 -14.00
O2B AGS KA . -45.03 -46.08 -11.93
O3B AGS KA . -47.37 -45.26 -12.08
PA AGS KA . -46.02 -48.87 -11.69
O1A AGS KA . -44.94 -48.37 -10.79
O2A AGS KA . -45.70 -49.32 -13.09
O3A AGS KA . -47.02 -47.66 -11.86
O5' AGS KA . -46.85 -50.00 -10.95
C5' AGS KA . -47.59 -49.64 -9.79
C4' AGS KA . -48.21 -50.87 -9.13
O4' AGS KA . -48.41 -51.93 -10.05
C3' AGS KA . -47.32 -51.40 -8.02
O3' AGS KA . -47.70 -50.88 -6.76
C2' AGS KA . -47.48 -52.90 -8.10
O2' AGS KA . -48.44 -53.36 -7.16
C1' AGS KA . -48.03 -53.17 -9.48
N9 AGS KA . -46.93 -53.70 -10.28
C8 AGS KA . -46.04 -52.98 -10.96
N7 AGS KA . -45.16 -53.79 -11.59
C5 AGS KA . -45.49 -55.04 -11.32
C6 AGS KA . -44.98 -56.35 -11.68
N6 AGS KA . -43.90 -56.49 -12.48
N1 AGS KA . -45.61 -57.43 -11.19
C2 AGS KA . -46.68 -57.30 -10.40
N3 AGS KA . -47.19 -56.12 -10.03
C4 AGS KA . -46.66 -54.98 -10.45
MG MG LA . -43.44 -45.27 -14.00
PG AGS MA . -32.83 -30.13 -48.41
S1G AGS MA . -34.07 -28.80 -47.44
O2G AGS MA . -31.36 -30.18 -47.78
O3G AGS MA . -32.80 -29.84 -49.86
PB AGS MA . -32.26 -32.56 -48.56
O1B AGS MA . -31.69 -32.14 -49.87
O2B AGS MA . -31.36 -32.66 -47.36
O3B AGS MA . -33.44 -31.57 -48.21
PA AGS MA . -32.16 -35.19 -48.68
O1A AGS MA . -31.64 -35.20 -47.27
O2A AGS MA . -31.21 -35.13 -49.84
O3A AGS MA . -33.06 -33.90 -48.79
O5' AGS MA . -33.16 -36.42 -48.88
C5' AGS MA . -34.37 -36.43 -48.14
C4' AGS MA . -35.14 -37.73 -48.34
O4' AGS MA . -34.82 -38.34 -49.59
C3' AGS MA . -34.80 -38.74 -47.26
O3' AGS MA . -35.76 -38.67 -46.20
C2' AGS MA . -34.82 -40.07 -47.97
O2' AGS MA . -36.06 -40.73 -47.82
C1' AGS MA . -34.66 -39.74 -49.43
N9 AGS MA . -33.28 -40.06 -49.80
C8 AGS MA . -32.22 -39.24 -49.67
N7 AGS MA . -31.10 -39.86 -50.10
C5 AGS MA . -31.44 -41.07 -50.52
C6 AGS MA . -30.73 -42.21 -51.08
N6 AGS MA . -29.40 -42.17 -51.30
N1 AGS MA . -31.43 -43.31 -51.37
C2 AGS MA . -32.75 -43.36 -51.16
N3 AGS MA . -33.46 -42.35 -50.64
C4 AGS MA . -32.86 -41.20 -50.31
MG MG NA . -29.07 -31.32 -48.02
#